data_8X9Z
#
_entry.id   8X9Z
#
_cell.length_a   1.00
_cell.length_b   1.00
_cell.length_c   1.00
_cell.angle_alpha   90.00
_cell.angle_beta   90.00
_cell.angle_gamma   90.00
#
_symmetry.space_group_name_H-M   'P 1'
#
loop_
_entity.id
_entity.type
_entity.pdbx_description
1 polymer 'Major capsid protein'
2 polymer 'Major capsid protein'
3 polymer 'Major capsid protein'
4 polymer 'Small capsomere-interacting protein'
5 polymer CVC1
6 polymer 'Capsid vertex component 2'
7 polymer 'Capsid vertex component 2'
8 polymer 'Large tegument protein deneddylase'
9 polymer Tri2A
10 polymer Tri2A
11 polymer Tri1
#
loop_
_entity_poly.entity_id
_entity_poly.type
_entity_poly.pdbx_seq_one_letter_code
_entity_poly.pdbx_strand_id
1 'polypeptide(L)'
;PAGIIPTGNVLSTIEVCAHRCIFDFFKQIRSDDNSLYSAQFDILLGTYCNTLNFVRFLELGLSVACICTKFPELAYVRDG
VIQFEVQQPMIARDGPHPVDQPVHNYMVKRIHKRSLSAAFAIASEALSLLSNTYVDGTEIDSSLRIRAIQQMARNLRTVL
DSFERGTADQLLGVLLEKAPPLSLLSPINKFQPEGHLNRVARAALLSDLKRRVCADMFFMTRHAREPRLISAYLSDMVSC
TQPSVMVSRITHTNTRGRQVDGVLVTTATLKRQLLQGILQIDDTAADVPVTYGEMVLQGTNLVTALVMGKAVRGMDDVAR
HLLDITDPNTLNIPSIPPQSNSDSTTAGLPVNARVPADLVIVGDKLVFLEALERRVYQATRVAYPLIGNIDITFIMPMGV
FQANSMDRYTRHAGDFSTVSEQDPRQFPPQGIFFYNKDGILTQLTLRDAMGTICHSSLLDVEATLVALRQQHLDRQCYFG
VYVAEGTEDTLDVQMGRFMETWADMMPHHPHWVNEHLTILQFIAPSNPRLRFELNPAFDFFVAPGDVDLPGPQRPPEAMP
TVNATLRIINGNIPVPLCPISFRDCRGTQLGLGRHTMTPATIKAVKDTFEDRAYPTIFYMLEAVIHGNERNFCALLRLLT
QCIRGYWEQSHRVAFVNNFHMLMYITTYLGNGELPEVCINIYRDLLQHVRALRQTITDFTIQGEGHNGETSEALNNILTD
DTFIAPILWDCDALIYRDEAARDRLPAIRVSGRNGYQALHFVDMAGHNFQRRDNVLIHGRPVRGDTGQAIPITPHHDREW
GILSKIYYYIVIPAFSRGSCCTMGVRYDRLYPALQAVIVPEIPADEEAPTTPEDPRHPLHAHQLVPNSLNVYFHNAHLTV
DGDALLTLQELMGDMAERTTAILVSSAPDAGAATATTRNMRIYDGALYHGLIMMAYQAYDETIATGTFFYPVPVNPLFAC
PEHLASLRGMTNARRVLAKMVPPIPPFLGANHHATIRQPVAYHVTHSKSDFNTLTYSLLGGYFKFTPISLTHQLRTGFHP
GIAFTVVRQDRFATEQLLYAERASESYFVGQIQVHHHDAIGGVNFTLTQPRAHVDLGVGYTAVCATAALRCPLTDMGNTA
QNLFFSRGGVPMLHDNVTESLRRITASGGRLNPTEPLPIFGGLRPATSAGIARGQASVCEFVAMPVSTDLQYFRTACNPR
GRASGMLYMGDRDADIEAIMFDHTQSDVAYTDRATLNPWASQKHSYGDRLYNGTYNLTGASPIYSPCFKFFTPAEVNTNC
NTLDRLLMEAKAVASQSSTDTEYQFKRPPGSTEMTQDPCGLFQEAYPPLCSSDAAMLRTAHAGETGADEVHLAQYLIRDA
SPLRGCLPL
;
A,F,G,H,I
2 'polypeptide(L)'
;IPAGIIPTGNVLSTIEVCAHRCIFDFFKQIRSDDNSLYSAQFDILLGTYCNTLNFVRFLELGLSVACICTKFPELAYVRD
GVIQFEVQQPMIARDGPHPVDQPVHNYMVKRIHKRSLSAAFAIASEALSLLSNTYVDGTEIDSSLRIRAIQQMARNLRTV
SDSFERGTADQLLGVLLEKAPPLSLLSPINKFQPEGHLNRVARAALLSDLKRRVCADMFFMTRHAREPRLISAYLSDMVS
CTQPSVMVSRITHTNTRGRQVDGVLVTTATLKRQLLQGILQIDDTAADVPVTYGEMVLQGTNLVTALVMGKAVRGMDDVA
RHLLDITDPNTLNIPSIPPQSNSDSTTAGLPVNARVPADLVIVGDKLVFLEALERRVYQATRVAYPLIGNIDITFIMPMG
VFQANSMDRYTRHAGDFSTVSEQDPRQFPPQGIFFYNKDGILTQLTLRDAMGTICHSSLLDVEATLVALRQQHLDRQCYF
GVYVAEGTEDTLDVQMGRFMETWADMMPHHPHWVNEHLTILQFIAPSNPRLRFELNPAFDFFVAPGDVDLPGPQRPPEAM
PTVNATLRIINGNIPVPLCPISFRDCRGTQLGLGRHTMTPATIKAVKDTFEDRAYPTIFYMLEAVIHGNERNFCALLRLL
TQCIRGYWEQSHRVAFVNNFHMLMYITTYLGNGELPEVCINIYRDLLQHVRALRQTITDFTIQGEGHNGETSEALNNILT
DDTFIAPILWDCDALIYRDEAARDRLPAIRVSGRNGYQALHFVDMAGHNFQRRDNVLIHGRPVRGDTGQAIPITPHHDRE
WGILSKIYYYIVIPAFSRGSCCTMGVRYDRLYPALQAVIVPEIPADEEAPTTPEDPRHPLHAHQLVPNSLNVYFHNAHLT
VDGDALLTLQELMGDMAERTTAILVSSAPDAGAATATTRNMRIYDGALYHGLIMMAYQAYDETIATGTFFYPVPVNPLFA
CPEHLASLRGMTNARRVLAKMVPPIPPFLGANHHATIRQPVAYHVTHSKSDFNTLTYSLLGGYFKFTPISLTHQLRTGFH
PGIAFTVVRQDRFATEQLLYAERASESYFVGQIQVHHHDAIGGVNFTLTQPRAHVDLGVGYTAVCATAALRCPLTDMGNT
AQNLFFSRGGVPMLHDNVTESLRRITASGGRLNPTEPLPIFGGLRPATSAGIARGQASVCEFVAMPVSTDLQYFRTACNP
RGRASGMLYMGDRDADIEAIMFDHTQSDVAYTDRATLNPWASQKHSYGDRLYNGTYNLTGASPIYSPCFKFFTPAEVNTN
CNTLDRLLMEAKAVASQSSTDTEYQFKRPPGSTEMTQDPCGLFQEAYPPLCSSDAAMLRTAHAGETGADEVHLAQYLIRD
ASPLRGCLPL
;
E
3 'polypeptide(L)'
;NIPAGIIPTGNVLSTIEVCAHRCIFDFFKQIRSDDNSLYSAQFDILLGTYCNTLNFVRFLELGLSVACICTKFPELAYVR
DGVIQFEVQQPMIARDGPHPVDQPVHNYMVKRIHKRSLSAAFAIASEALSLLSNTYVDGTEIDSSLRIRAIQQMARNLRT
VSDSFERGTADQLLGVLLEKAPPLSLLSPINKFQPEGHLNRVARAALLSDLKRRVCADMFFMTRHAREPRLISAYLSDMV
SCTQPSVMVSRITHTNTRGRQVDGVLVTTATLKRQLLQGILQIDDTAADVPVTYGEMVLQGTNLVTALVMGKAVRGMDDV
ARHLLDITDPNTLNIPSIPPQSNSDSTTAGLPVNARVPADLVIVGDKLVFLEALERRVYQATRVAYPLIGNIDITFIMPM
GVFQANSMDRYTRHAGDFSTVSEQDPRQFPPQGIFFYNKDGILTQLTLRDAMGTICHSSLLDVEATLVALRQQHLDRQCY
FGVYVAEGTEDTLDVQMGRFMETWADMMPHHPHWVNEHLTILQFIAPSNPRLRFELNPAFDFFVAPGDVDLPGPQRPPEA
MPTVNATLRIINGNIPVPLCPISFRDCRGTQLGLGRHTMTPATIKAVKDTFEDRAYPTIFYMLEAVIHGNERNFCALLRL
LTQCIRGYWEQSHRVAFVNNFHMLMYITTYLGNGELPEVCINIYRDLLQHVRALRQTITDFTIQGEGHNGETSEALNNIL
TDDTFIAPILWDCDALIYRDEAARDRLPAIRVSGRNGYQALHFVDMAGHNFQRRDNVLIHGRPVRGDTGQAIPITPHHDR
EWGILSKIYYYIVIPAFSRGSCCTMGVRYDRLYPALQAVIVPEIPADEEAPTTPEDPRHPLHAHQLVPNSLNVYFHNAHL
TVDGDALLTLQELMGDMAERTTAILVSSAPDAGAATATTRNMRIYDGALYHGLIMMAYQAYDETIATGTFFYPVPVNPLF
ACPEHLASLRGMTNARRVLAKMVPPIPPFLGANHHATIRQPVAYHVTHSKSDFNTLTYSLLGGYFKFTPISLTHQLRTGF
HPGIAFTVVRQDRFATEQLLYAERASESYFVGQIQVHHHDAIGGVNFTLTQPRAHVDLGVGYTAVCATAALRCPLTDMGN
TAQNLFFSRGGVPMLHDNVTESLRRITASGGRLNPTEPLPIFGGLRPATSAGIARGQASVCEFVAMPVSTDLQYFRTACN
PRGRASGMLYMGDRDADIEAIMFDHTQSDVAYTDRATLNPWASQKHSYGDRLYNGTYNLTGASPIYSPCFKFFTPAEVNT
NCNTLDRLLMEAKAVASQSSTDTEYQFKRPPGSTEMTQDPCGLFQEAYPPLCSSDAAMLRTAHAGETGADEVHLAQYLIR
DASPLRGCLPL
;
J
4 'polypeptide(L)'
;SNPTTFSVEAIAAYTPVALIRLLNASGPLQPGHRVDIADARSIYTVGAAASAARARANHNANTIRRTAMFAETDPMTWLR
PTVGLRRTFNPRII
;
L,R,X,d,e,f
5 'polypeptide(L)'
;MNAHLANEVQYDLGHPSSLVHVIISSECLAAAGIPLAALMRANFQVEIQTRAHATGDCTPWCTAFAAYVPADAVGELLAP
VVPAHPGLLPRASSAGGLFVSLPVVCDAQGVYDPYAVAALRLAWGSGASCARVILFSYDELVPPNTRYAADSTRIMRVCR
HLCRYVALLGAAAPPAAKEAAAHLSMGLPPISPEEQLTAPGGDTTAAQDVSIAQENEEILALVQRRSLVEWLDRGWEALA
GGDRPDWLWSRRSISVVLRHHYGTKQRFVVVSYENSVAWGGRRARPPLLSSALATALTEACAAERVVRPHQLSPAGQAEL
LLRFPALEVPLRHPRPVLPPFDIAAEVAFTARIHLACLRALGQAIRAALQGGPRISQRLRYDFGPDQRAWLGEVTRRFPI
LLENLMRAVEGTAPDAFFHTAYALAVLAHLGGRVVPLGDDLPARFADSDGHYVFDYYSTSGDTLRLNNRPIAVAMDEQSK
CRFMEAPRRVCEQYLPGESYAYLCLGFNRRLCGIVVFPGGFAFTINIAAYLSLSDPVARAAVLRFCRKVS
;
k
6 'polypeptide(L)'
;MDPYCPFDALDVWEHRRFIVADSRNFITPEFPRDFWMSPVFNLPRETAAEQVVVLQAQRTAAAAALENAAMQAAELPVDI
ERRLRPIERNVHEI
;
l
7 'polypeptide(L)' WEHRRFIVADSRNFITPEFPRDFWMSPVFNLPRETAAEQVVVLQAQRTAAAAALENAAMQAAELPVDIERRLRPIERNVH m
8 'polypeptide(L)' QRTGRSALAVLIRACYRLQQQLQRTRRALLHHSDAVLTSLHHVRMLL n,o
9 'polypeptide(L)'
;AMPFEIEVLLPGELSPAETSALQKCEGKIITFSTLRHRASLVDIALSSYYINGAPPDTLSLLEAYRMRFAAVITRVIPGK
LLAHAIGVGTPTPGLFIQNTSPVDLCNGDYICLLPPVYGSADSIRLDSVGLEIVFPLTIPQTLMREIIAKVVARAVEDLN
LMFSINEGCLLILALIPRLLALLIPRLLALVTREAAQLIHPEAPMLMLPIYETISSWISTSSRLGDTLGTRAILRVCVFD
GPSTVHPGDRTAVIQV
;
P,a
10 'polypeptide(L)'
;AMPFEIEVLLPGEISPAETSALQKCEGKIITFSTLRHRASLVDIALSSYYINGAPPDTLSLLEAYRMRFAAVITRVIPGK
LLAHAIGVGTPTPGLFIQNTSPVDLCNGDYICLLPPVFGSADEIRLDSVGLEIVFPLTIPQTLMREIIAKVVARAVERTA
ADVICYNGRRYELETNLQHRDGSDAAIRTLVLNLMFSINEGTTLILTLITRLLRFPIYEAISSWISTSSRLGDTLGTRAI
LRVCVFDGPSTVHPGDRTAVIQV
;
V,b
11 'polypeptide(L)'
;FKSTTQLIQQVSLTDFFRPDIEHAGSTVLILRHPTDLPALARHRAPPGRQTERLAEAWGQLLEASRAYVTSLSFIAACRA
EEYTDKQAAEANRTAIVSAYGCSRMGARLIRFSECLRAMVQCHVFPHRFISFFGSLLEYTIQDNLCNITAVAKGPQEAAR
TDKTSTRRVTANIPACVFWDVDKDLHLSADGLKHVFLVFVYTQRRQREGVRLHLALSQLNEQCFGRGIGFLLGARICMYA
AYTLIGTIPSESVRYTRRMERFGGYNVPTIWLEGVVWGGTNTWNEC
;
c,h
#
# COMPACT_ATOMS: atom_id res chain seq x y z
N PRO A 1 90.58 31.83 -28.36
CA PRO A 1 91.18 33.19 -28.28
C PRO A 1 90.62 34.56 -28.65
N ALA A 2 91.51 35.57 -28.61
CA ALA A 2 91.23 37.02 -28.63
C ALA A 2 90.67 37.59 -27.31
N GLY A 3 91.49 37.69 -26.25
CA GLY A 3 91.07 38.50 -25.10
C GLY A 3 91.56 38.18 -23.68
N ILE A 4 92.08 36.99 -23.37
CA ILE A 4 92.67 36.79 -22.03
C ILE A 4 93.89 35.85 -22.14
N ILE A 5 94.53 35.56 -21.00
CA ILE A 5 95.90 35.02 -21.04
C ILE A 5 95.89 33.49 -21.08
N PRO A 6 96.34 32.88 -22.18
CA PRO A 6 96.53 31.42 -22.22
C PRO A 6 97.93 31.00 -21.82
N THR A 7 98.26 29.75 -22.15
CA THR A 7 99.61 29.23 -21.91
C THR A 7 100.57 29.53 -23.07
N GLY A 8 100.11 29.42 -24.31
CA GLY A 8 101.01 29.45 -25.45
C GLY A 8 100.59 30.40 -26.55
N ASN A 9 101.59 31.00 -27.21
CA ASN A 9 101.35 31.99 -28.27
C ASN A 9 101.16 31.31 -29.63
N VAL A 10 100.48 31.99 -30.54
CA VAL A 10 100.34 31.49 -31.90
C VAL A 10 101.51 31.98 -32.74
N LEU A 11 102.68 31.41 -32.48
CA LEU A 11 103.63 30.96 -33.47
C LEU A 11 103.74 29.45 -33.29
N SER A 12 104.73 28.84 -33.93
CA SER A 12 104.65 27.47 -34.41
C SER A 12 103.71 27.49 -35.60
N THR A 13 103.64 28.69 -36.14
CA THR A 13 103.19 28.95 -37.49
C THR A 13 104.39 28.69 -38.37
N ILE A 14 105.22 27.72 -37.95
CA ILE A 14 105.97 26.99 -38.95
C ILE A 14 104.87 26.78 -39.93
N GLU A 15 104.97 27.43 -41.08
CA GLU A 15 104.13 26.99 -42.16
C GLU A 15 102.66 27.47 -41.90
N VAL A 16 102.01 28.13 -42.89
CA VAL A 16 100.60 28.53 -42.80
C VAL A 16 99.56 27.59 -43.47
N CYS A 17 99.47 27.34 -44.82
CA CYS A 17 98.23 26.60 -45.16
C CYS A 17 98.09 25.92 -46.57
N ALA A 18 97.89 24.58 -46.65
CA ALA A 18 97.14 23.92 -47.76
C ALA A 18 96.49 22.56 -47.36
N HIS A 19 96.44 22.18 -46.05
CA HIS A 19 95.82 20.89 -45.60
C HIS A 19 94.67 21.08 -44.61
N ARG A 20 94.27 19.90 -44.10
CA ARG A 20 93.03 19.75 -43.36
C ARG A 20 93.16 19.14 -41.95
N CYS A 21 93.68 17.89 -41.82
CA CYS A 21 92.97 16.89 -40.95
C CYS A 21 93.26 16.91 -39.37
N ILE A 22 94.32 17.14 -38.59
CA ILE A 22 94.33 16.61 -37.22
C ILE A 22 93.95 17.63 -36.14
N PHE A 23 92.93 17.28 -35.34
CA PHE A 23 91.97 18.20 -34.72
C PHE A 23 90.99 18.66 -35.79
N ASP A 24 90.02 19.51 -35.44
CA ASP A 24 88.72 19.27 -36.04
C ASP A 24 87.77 20.45 -36.33
N PHE A 25 88.21 21.59 -36.90
CA PHE A 25 87.24 22.49 -37.56
C PHE A 25 87.94 23.37 -38.59
N PHE A 26 87.89 23.01 -39.88
CA PHE A 26 88.84 23.48 -40.88
C PHE A 26 88.28 24.50 -41.85
N LYS A 27 89.06 25.59 -42.05
CA LYS A 27 89.06 26.50 -43.19
C LYS A 27 90.13 27.58 -42.97
N GLN A 28 90.34 28.47 -43.95
CA GLN A 28 91.55 29.30 -44.00
C GLN A 28 91.25 30.78 -44.12
N ILE A 29 92.16 31.63 -43.61
CA ILE A 29 92.06 33.08 -43.73
C ILE A 29 92.63 33.53 -45.08
N ARG A 30 91.73 33.95 -45.99
CA ARG A 30 92.18 34.59 -47.23
C ARG A 30 91.73 36.06 -47.31
N SER A 31 90.43 36.31 -47.41
CA SER A 31 89.98 37.70 -47.58
C SER A 31 89.12 38.21 -46.43
N ASP A 32 87.91 37.67 -46.22
CA ASP A 32 87.20 37.71 -44.95
C ASP A 32 85.80 37.13 -45.12
N ASP A 33 85.19 36.74 -44.00
CA ASP A 33 83.77 36.40 -43.98
C ASP A 33 83.06 37.48 -43.18
N ASN A 34 81.73 37.36 -43.02
CA ASN A 34 80.89 38.53 -42.72
C ASN A 34 80.30 38.54 -41.31
N SER A 35 81.03 38.07 -40.30
CA SER A 35 80.49 37.90 -38.95
C SER A 35 81.50 38.14 -37.81
N LEU A 36 82.05 39.35 -37.54
CA LEU A 36 83.33 39.65 -36.80
C LEU A 36 83.56 39.20 -35.32
N TYR A 37 82.71 39.48 -34.32
CA TYR A 37 83.04 39.29 -32.88
C TYR A 37 82.04 38.37 -32.13
N SER A 38 82.54 37.24 -31.57
CA SER A 38 81.69 36.11 -31.16
C SER A 38 81.32 36.09 -29.70
N ALA A 39 80.03 35.81 -29.45
CA ALA A 39 79.45 35.43 -28.16
C ALA A 39 78.09 34.74 -28.35
N GLN A 40 77.98 33.44 -28.13
CA GLN A 40 76.71 32.76 -28.43
C GLN A 40 76.32 31.79 -27.32
N PHE A 41 75.44 32.21 -26.40
CA PHE A 41 75.23 31.40 -25.19
C PHE A 41 74.06 31.87 -24.34
N ASP A 42 73.63 30.97 -23.44
CA ASP A 42 72.28 30.94 -22.91
C ASP A 42 72.15 30.04 -21.67
N ILE A 43 71.84 30.63 -20.51
CA ILE A 43 71.56 29.91 -19.28
C ILE A 43 70.66 30.80 -18.39
N LEU A 44 70.69 30.50 -17.09
CA LEU A 44 69.56 30.33 -16.19
C LEU A 44 69.48 31.39 -15.08
N LEU A 45 68.62 32.42 -15.21
CA LEU A 45 68.55 33.61 -14.33
C LEU A 45 68.10 33.39 -12.86
N GLY A 46 68.94 33.67 -11.83
CA GLY A 46 68.41 33.97 -10.49
C GLY A 46 68.83 33.25 -9.19
N THR A 47 69.33 33.98 -8.17
CA THR A 47 69.96 33.39 -6.98
C THR A 47 69.00 33.28 -5.80
N TYR A 48 68.89 32.06 -5.23
CA TYR A 48 68.17 31.78 -4.00
C TYR A 48 68.25 30.29 -3.66
N CYS A 49 67.63 29.87 -2.53
CA CYS A 49 67.00 28.54 -2.41
C CYS A 49 66.29 28.29 -1.08
N ASN A 50 65.74 27.06 -0.94
CA ASN A 50 64.73 26.67 0.05
C ASN A 50 65.36 25.91 1.20
N THR A 51 64.74 26.06 2.36
CA THR A 51 64.94 25.18 3.49
C THR A 51 63.60 24.70 4.02
N LEU A 52 63.50 23.39 4.24
CA LEU A 52 62.26 22.78 4.67
C LEU A 52 61.91 23.49 5.95
N ASN A 53 60.63 23.75 6.09
CA ASN A 53 60.16 24.88 6.87
C ASN A 53 60.53 24.76 8.35
N PHE A 54 61.26 25.74 8.87
CA PHE A 54 61.94 25.59 10.15
C PHE A 54 61.86 26.82 11.10
N VAL A 55 60.79 26.89 11.92
CA VAL A 55 60.78 27.51 13.25
C VAL A 55 59.87 26.68 14.18
N ARG A 56 60.24 26.60 15.46
CA ARG A 56 60.44 25.35 16.19
C ARG A 56 59.25 24.62 16.82
N PHE A 57 59.63 23.73 17.75
CA PHE A 57 58.78 22.84 18.52
C PHE A 57 57.54 23.53 19.02
N LEU A 58 57.68 24.79 19.43
CA LEU A 58 56.61 25.44 20.16
C LEU A 58 56.12 26.69 19.48
N GLU A 59 55.21 26.55 18.50
CA GLU A 59 54.57 27.75 17.96
C GLU A 59 53.07 27.62 17.61
N LEU A 60 52.35 26.50 17.87
CA LEU A 60 50.91 26.71 18.15
C LEU A 60 50.32 25.94 19.35
N GLY A 61 50.10 24.61 19.20
CA GLY A 61 49.11 23.97 20.08
C GLY A 61 49.06 22.45 20.33
N LEU A 62 50.18 21.71 20.50
CA LEU A 62 50.14 20.24 20.23
C LEU A 62 50.16 19.24 21.41
N SER A 63 50.52 19.60 22.64
CA SER A 63 50.92 18.53 23.56
C SER A 63 49.82 18.06 24.54
N VAL A 64 48.64 17.65 24.09
CA VAL A 64 47.82 16.84 24.99
C VAL A 64 47.06 15.73 24.30
N ALA A 65 47.51 15.27 23.16
CA ALA A 65 47.23 13.87 22.97
C ALA A 65 47.72 13.08 24.18
N CYS A 66 48.93 13.37 24.61
CA CYS A 66 49.64 12.81 25.74
C CYS A 66 49.37 13.53 27.06
N ILE A 67 50.01 13.00 28.11
CA ILE A 67 50.67 13.72 29.22
C ILE A 67 52.11 13.25 29.11
N CYS A 68 52.97 13.41 30.10
CA CYS A 68 54.17 12.57 30.05
C CYS A 68 54.60 11.88 31.33
N THR A 69 55.55 10.98 31.08
CA THR A 69 56.80 10.79 31.79
C THR A 69 57.80 10.39 30.70
N LYS A 70 59.04 10.90 30.80
CA LYS A 70 60.10 10.45 29.91
C LYS A 70 60.34 8.97 30.16
N PHE A 71 61.30 8.38 29.44
CA PHE A 71 61.55 6.95 29.53
C PHE A 71 62.88 6.61 28.87
N PRO A 72 64.00 7.17 29.36
CA PRO A 72 65.26 7.02 28.60
C PRO A 72 65.95 5.67 28.66
N GLU A 73 66.10 5.09 29.85
CA GLU A 73 67.10 4.06 30.14
C GLU A 73 66.86 2.77 29.35
N LEU A 74 65.78 2.76 28.57
CA LEU A 74 64.92 1.61 28.25
C LEU A 74 65.52 0.22 28.33
N ALA A 75 65.13 -0.67 27.40
CA ALA A 75 65.57 -2.05 27.34
C ALA A 75 65.07 -2.96 28.47
N TYR A 76 63.77 -2.98 28.82
CA TYR A 76 63.34 -4.14 29.63
C TYR A 76 61.88 -4.66 29.49
N VAL A 77 60.91 -3.99 28.84
CA VAL A 77 59.50 -4.39 29.00
C VAL A 77 58.93 -4.94 27.70
N ARG A 78 57.84 -5.74 27.79
CA ARG A 78 56.89 -5.76 26.68
C ARG A 78 55.49 -5.33 27.11
N ASP A 79 54.88 -6.05 28.06
CA ASP A 79 53.48 -5.76 28.36
C ASP A 79 53.32 -5.70 29.88
N GLY A 80 54.20 -4.89 30.50
CA GLY A 80 54.34 -4.76 31.94
C GLY A 80 53.10 -4.25 32.67
N VAL A 81 53.32 -3.48 33.74
CA VAL A 81 52.21 -3.06 34.57
C VAL A 81 52.08 -1.55 34.51
N ILE A 82 51.01 -1.08 35.14
CA ILE A 82 50.84 0.27 35.67
C ILE A 82 49.56 0.20 36.47
N GLN A 83 49.46 0.96 37.53
CA GLN A 83 48.38 0.68 38.45
C GLN A 83 47.63 1.90 38.90
N PHE A 84 46.71 1.61 39.79
CA PHE A 84 46.15 2.49 40.79
C PHE A 84 45.55 1.50 41.77
N GLU A 85 44.98 1.96 42.88
CA GLU A 85 44.50 1.02 43.92
C GLU A 85 43.12 1.31 44.52
N VAL A 86 42.16 1.88 43.74
CA VAL A 86 40.76 1.99 44.18
C VAL A 86 39.72 1.92 43.02
N GLN A 87 38.43 2.14 43.36
CA GLN A 87 37.24 1.58 42.67
C GLN A 87 36.04 2.59 42.63
N GLN A 88 34.80 2.14 42.35
CA GLN A 88 33.80 3.19 41.94
C GLN A 88 32.49 3.25 42.74
N PRO A 89 31.97 4.46 43.03
CA PRO A 89 30.95 4.67 44.11
C PRO A 89 29.80 3.67 44.23
N MET A 90 29.17 3.60 45.44
CA MET A 90 28.38 2.47 45.99
C MET A 90 27.17 2.76 46.90
N ILE A 91 27.16 2.09 48.09
CA ILE A 91 26.01 1.63 48.93
C ILE A 91 25.76 2.36 50.34
N ALA A 92 24.91 3.49 50.38
CA ALA A 92 23.83 3.95 51.36
C ALA A 92 22.38 4.48 50.85
N ARG A 93 21.78 4.03 49.64
CA ARG A 93 20.34 3.70 49.14
C ARG A 93 20.08 2.19 48.77
N ASP A 94 19.12 1.50 49.44
CA ASP A 94 18.90 0.02 49.39
C ASP A 94 17.46 -0.36 49.81
N GLY A 95 17.32 -1.37 50.67
CA GLY A 95 16.20 -1.48 51.60
C GLY A 95 16.71 -1.60 53.03
N PRO A 96 16.42 -2.65 53.68
CA PRO A 96 17.52 -3.46 54.19
C PRO A 96 17.93 -4.44 53.08
N HIS A 97 18.58 -3.91 52.04
CA HIS A 97 18.64 -4.47 50.70
C HIS A 97 19.10 -5.91 50.67
N PRO A 98 18.77 -6.69 49.64
CA PRO A 98 19.49 -7.95 49.41
C PRO A 98 20.98 -7.73 49.17
N VAL A 99 21.79 -8.70 49.60
CA VAL A 99 23.24 -8.55 49.57
C VAL A 99 23.80 -8.64 48.16
N ASP A 100 24.79 -7.81 47.91
CA ASP A 100 25.83 -7.99 46.91
C ASP A 100 27.16 -8.17 47.64
N GLN A 101 28.29 -8.22 46.91
CA GLN A 101 29.52 -8.76 47.49
C GLN A 101 30.71 -7.82 47.20
N PRO A 102 31.75 -7.81 48.06
CA PRO A 102 32.46 -6.55 48.41
C PRO A 102 32.98 -5.58 47.36
N VAL A 103 33.43 -4.42 47.84
CA VAL A 103 33.67 -3.16 47.12
C VAL A 103 34.97 -3.23 46.32
N HIS A 104 35.87 -4.11 46.74
CA HIS A 104 37.28 -3.73 46.90
C HIS A 104 38.21 -4.50 46.00
N ASN A 105 37.89 -4.60 44.73
CA ASN A 105 38.87 -5.11 43.79
C ASN A 105 39.37 -3.99 42.89
N TYR A 106 40.48 -4.23 42.22
CA TYR A 106 41.14 -3.22 41.41
C TYR A 106 41.42 -3.89 40.07
N MET A 107 40.47 -3.72 39.16
CA MET A 107 40.48 -4.42 37.89
C MET A 107 41.77 -4.17 37.10
N VAL A 108 42.00 -5.05 36.11
CA VAL A 108 43.33 -5.21 35.53
C VAL A 108 43.33 -4.92 34.05
N LYS A 109 44.53 -4.68 33.51
CA LYS A 109 44.71 -4.06 32.19
C LYS A 109 46.01 -4.48 31.48
N ARG A 110 46.46 -3.62 30.54
CA ARG A 110 46.94 -4.01 29.22
C ARG A 110 48.13 -3.23 28.68
N ILE A 111 48.91 -3.84 27.75
CA ILE A 111 50.01 -3.09 27.10
C ILE A 111 50.26 -3.52 25.66
N HIS A 112 50.81 -2.59 24.85
CA HIS A 112 51.30 -2.84 23.48
C HIS A 112 52.82 -2.95 23.36
N LYS A 113 53.27 -3.07 22.11
CA LYS A 113 54.63 -2.79 21.64
C LYS A 113 54.58 -2.61 20.11
N ARG A 114 55.76 -2.57 19.44
CA ARG A 114 55.98 -3.10 18.08
C ARG A 114 57.10 -2.36 17.34
N SER A 115 56.74 -1.27 16.67
CA SER A 115 57.59 -0.66 15.66
C SER A 115 57.04 0.70 15.25
N LEU A 116 57.84 1.48 14.52
CA LEU A 116 57.44 2.55 13.62
C LEU A 116 58.69 3.00 12.85
N SER A 117 58.76 2.76 11.54
CA SER A 117 60.06 2.75 10.84
C SER A 117 60.23 3.87 9.81
N ALA A 118 61.49 4.24 9.56
CA ALA A 118 61.80 5.28 8.58
C ALA A 118 63.27 5.28 8.18
N ALA A 119 63.52 5.30 6.87
CA ALA A 119 64.88 5.21 6.33
C ALA A 119 65.34 6.50 5.68
N PHE A 120 66.59 6.45 5.20
CA PHE A 120 67.33 7.54 4.57
C PHE A 120 68.53 7.04 3.77
N ALA A 121 68.35 6.75 2.48
CA ALA A 121 69.28 5.82 1.80
C ALA A 121 70.40 6.51 1.03
N ILE A 122 71.64 6.29 1.47
CA ILE A 122 72.81 6.97 0.92
C ILE A 122 73.49 6.03 -0.05
N ALA A 123 73.65 6.45 -1.31
CA ALA A 123 74.15 5.54 -2.33
C ALA A 123 75.61 5.15 -2.09
N SER A 124 76.04 4.10 -2.80
CA SER A 124 77.47 3.78 -2.80
C SER A 124 78.26 4.94 -3.35
N GLU A 125 77.78 5.52 -4.44
CA GLU A 125 78.61 6.55 -5.03
C GLU A 125 79.01 7.58 -3.98
N ALA A 126 78.33 7.59 -2.76
CA ALA A 126 78.10 8.75 -1.84
C ALA A 126 79.06 8.87 -0.60
N LEU A 127 79.48 7.77 0.00
CA LEU A 127 80.33 7.88 1.20
C LEU A 127 81.86 7.94 0.91
N SER A 128 82.36 7.48 -0.26
CA SER A 128 83.83 7.70 -0.49
C SER A 128 84.13 9.11 -0.85
N LEU A 129 83.43 9.69 -1.86
CA LEU A 129 83.80 11.11 -1.82
C LEU A 129 83.34 11.73 -0.49
N LEU A 130 82.65 10.93 0.40
CA LEU A 130 82.79 11.19 1.84
C LEU A 130 83.91 10.47 2.61
N SER A 131 85.11 10.21 2.06
CA SER A 131 86.23 9.99 2.97
C SER A 131 87.51 10.70 2.58
N ASN A 132 88.35 11.07 3.56
CA ASN A 132 89.40 12.04 3.31
C ASN A 132 90.68 11.36 2.82
N THR A 133 91.31 10.54 3.67
CA THR A 133 92.74 10.23 3.59
C THR A 133 93.59 11.48 3.43
N TYR A 134 93.02 12.62 3.81
CA TYR A 134 93.59 13.94 3.49
C TYR A 134 93.94 14.06 2.01
N VAL A 135 93.41 13.14 1.21
CA VAL A 135 93.49 13.28 -0.25
C VAL A 135 92.81 14.55 -0.73
N ASP A 136 92.10 15.27 0.13
CA ASP A 136 91.27 16.36 -0.33
C ASP A 136 91.72 17.62 0.41
N GLY A 137 91.51 18.80 -0.18
CA GLY A 137 92.20 20.00 0.25
C GLY A 137 93.02 20.61 -0.89
N THR A 138 92.48 20.50 -2.10
CA THR A 138 93.28 20.17 -3.26
C THR A 138 92.56 20.55 -4.58
N GLU A 139 92.67 21.75 -5.14
CA GLU A 139 91.48 22.52 -5.56
C GLU A 139 90.30 21.83 -6.36
N ILE A 140 90.06 20.48 -6.36
CA ILE A 140 88.74 20.02 -6.92
C ILE A 140 87.84 19.19 -5.93
N ASP A 141 87.80 19.54 -4.60
CA ASP A 141 86.85 19.07 -3.58
C ASP A 141 86.10 20.15 -2.65
N SER A 142 86.58 21.40 -2.44
CA SER A 142 86.05 22.34 -1.43
C SER A 142 84.82 23.17 -1.86
N SER A 143 84.78 23.68 -3.08
CA SER A 143 83.71 24.63 -3.40
C SER A 143 82.38 23.91 -3.67
N LEU A 144 82.37 23.04 -4.67
CA LEU A 144 81.21 22.17 -4.84
C LEU A 144 81.00 21.34 -3.58
N ARG A 145 82.07 21.16 -2.77
CA ARG A 145 81.87 20.86 -1.35
C ARG A 145 80.77 21.69 -0.70
N ILE A 146 80.81 23.02 -0.83
CA ILE A 146 79.72 23.82 -0.22
C ILE A 146 78.36 23.49 -0.83
N ARG A 147 78.22 23.64 -2.15
CA ARG A 147 76.93 23.33 -2.80
C ARG A 147 76.36 22.03 -2.24
N ALA A 148 77.25 21.10 -2.00
CA ALA A 148 76.82 19.84 -1.49
C ALA A 148 76.45 19.90 -0.03
N ILE A 149 77.24 20.66 0.77
CA ILE A 149 76.90 20.79 2.17
C ILE A 149 75.42 20.88 2.18
N GLN A 150 74.91 21.81 1.38
CA GLN A 150 73.48 21.92 1.24
C GLN A 150 72.89 20.53 1.13
N GLN A 151 73.16 19.79 0.07
CA GLN A 151 72.28 18.62 0.06
C GLN A 151 72.37 17.78 1.37
N MET A 152 73.37 17.05 1.70
CA MET A 152 72.71 16.17 2.69
C MET A 152 72.65 16.65 4.15
N ALA A 153 72.48 17.99 4.41
CA ALA A 153 71.86 18.28 5.75
C ALA A 153 70.36 18.71 5.80
N ARG A 154 69.56 18.67 4.66
CA ARG A 154 68.05 18.57 4.87
C ARG A 154 67.45 17.09 4.92
N ASN A 155 68.08 16.05 4.41
CA ASN A 155 67.58 14.68 4.85
C ASN A 155 68.38 13.85 6.00
N LEU A 156 69.73 13.71 6.15
CA LEU A 156 70.08 13.09 7.49
C LEU A 156 69.43 13.79 8.77
N ARG A 157 69.42 15.12 8.98
CA ARG A 157 68.44 15.44 10.02
C ARG A 157 67.01 15.19 9.47
N THR A 158 66.90 14.39 8.36
CA THR A 158 66.02 13.21 8.52
C THR A 158 66.02 12.88 9.94
N VAL A 159 67.22 12.63 10.45
CA VAL A 159 67.40 12.35 11.88
C VAL A 159 66.61 13.41 12.63
N LEU A 160 66.21 14.46 11.91
CA LEU A 160 65.09 15.30 12.44
C LEU A 160 64.02 15.83 11.43
N ASP A 161 63.26 14.97 10.68
CA ASP A 161 61.80 15.30 10.43
C ASP A 161 60.86 14.05 10.45
N SER A 162 61.41 12.80 10.64
CA SER A 162 60.58 11.57 10.95
C SER A 162 60.43 11.13 12.47
N PHE A 163 60.84 11.88 13.49
CA PHE A 163 60.27 11.74 14.85
C PHE A 163 59.10 12.74 15.24
N GLU A 164 59.52 13.97 15.49
CA GLU A 164 58.66 15.04 15.96
C GLU A 164 57.80 15.59 14.84
N ARG A 165 57.53 14.81 13.78
CA ARG A 165 56.18 14.78 13.23
C ARG A 165 55.57 13.36 13.33
N GLY A 166 56.14 12.41 14.13
CA GLY A 166 55.56 11.07 14.27
C GLY A 166 54.15 10.86 14.60
N THR A 167 53.51 11.82 15.17
CA THR A 167 52.20 11.20 15.50
C THR A 167 50.83 11.97 15.14
N ALA A 168 50.49 12.27 13.76
CA ALA A 168 49.23 12.45 12.90
C ALA A 168 48.75 11.17 12.04
N ASP A 169 49.69 10.24 11.47
CA ASP A 169 49.51 8.73 11.17
C ASP A 169 49.83 7.57 12.35
N GLN A 170 50.60 7.79 13.49
CA GLN A 170 50.39 6.88 14.69
C GLN A 170 49.18 7.23 15.66
N LEU A 171 49.14 8.41 16.31
CA LEU A 171 48.01 8.44 17.24
C LEU A 171 46.62 8.42 16.51
N LEU A 172 46.27 9.23 15.45
CA LEU A 172 44.94 8.96 14.88
C LEU A 172 44.74 7.46 14.70
N GLY A 173 45.83 6.64 14.84
CA GLY A 173 45.63 5.36 15.56
C GLY A 173 44.59 5.40 16.69
N VAL A 174 44.74 6.29 17.73
CA VAL A 174 43.71 6.18 18.88
C VAL A 174 42.36 6.35 18.34
N LEU A 175 42.18 7.51 17.69
CA LEU A 175 40.79 7.83 17.35
C LEU A 175 40.44 7.11 16.10
N LEU A 176 41.23 6.08 15.91
CA LEU A 176 40.87 4.85 15.27
C LEU A 176 40.58 3.72 16.29
N GLU A 177 41.25 3.69 17.48
CA GLU A 177 41.37 2.36 18.11
C GLU A 177 41.47 2.18 19.67
N LYS A 178 40.81 2.93 20.58
CA LYS A 178 40.06 2.31 21.73
C LYS A 178 38.84 3.10 22.32
N ALA A 179 38.07 3.88 21.56
CA ALA A 179 36.80 4.49 22.00
C ALA A 179 36.03 5.09 20.81
N PRO A 180 35.30 4.32 20.03
CA PRO A 180 34.66 4.78 18.85
C PRO A 180 33.41 5.60 19.11
N PRO A 181 32.51 5.69 18.12
CA PRO A 181 31.48 6.71 18.13
C PRO A 181 30.27 6.78 19.10
N LEU A 182 29.28 7.64 18.69
CA LEU A 182 28.41 8.42 19.62
C LEU A 182 27.36 7.53 20.23
N SER A 183 27.18 6.39 19.54
CA SER A 183 26.27 5.26 19.76
C SER A 183 26.68 4.38 20.89
N LEU A 184 27.60 4.83 21.72
CA LEU A 184 27.08 5.07 23.04
C LEU A 184 26.97 6.52 23.45
N LEU A 185 27.98 7.23 23.89
CA LEU A 185 27.63 7.85 25.17
C LEU A 185 27.25 9.32 25.09
N SER A 186 26.44 9.81 24.11
CA SER A 186 26.42 11.29 24.01
C SER A 186 25.78 12.13 25.16
N PRO A 187 24.46 12.41 25.26
CA PRO A 187 23.96 13.12 26.48
C PRO A 187 23.68 12.29 27.71
N ILE A 188 24.63 12.09 28.62
CA ILE A 188 24.39 10.99 29.55
C ILE A 188 23.78 11.44 30.89
N ASN A 189 24.61 11.60 31.90
CA ASN A 189 24.41 11.76 33.34
C ASN A 189 23.71 10.59 34.11
N LYS A 190 23.01 9.60 33.51
CA LYS A 190 22.05 8.87 34.37
C LYS A 190 21.52 7.46 34.03
N PHE A 191 21.31 7.09 32.77
CA PHE A 191 20.91 5.76 32.25
C PHE A 191 22.04 4.75 32.26
N GLN A 192 23.10 4.91 33.03
CA GLN A 192 23.87 3.71 33.26
C GLN A 192 24.87 3.96 34.35
N PRO A 193 24.43 4.03 35.55
CA PRO A 193 25.25 3.53 36.65
C PRO A 193 25.58 2.05 36.47
N GLU A 194 25.10 1.47 35.38
CA GLU A 194 24.21 0.34 35.46
C GLU A 194 24.54 -0.81 34.51
N GLY A 195 23.56 -1.63 34.12
CA GLY A 195 23.41 -3.03 34.45
C GLY A 195 21.97 -3.28 34.89
N HIS A 196 21.75 -3.59 36.17
CA HIS A 196 20.55 -4.28 36.69
C HIS A 196 19.26 -3.69 36.15
N LEU A 197 19.33 -2.81 35.16
CA LEU A 197 18.15 -2.85 34.36
C LEU A 197 18.09 -4.19 33.68
N ASN A 198 17.29 -4.99 34.32
CA ASN A 198 16.95 -6.38 34.17
C ASN A 198 15.97 -6.50 32.99
N ARG A 199 14.74 -7.11 32.99
CA ARG A 199 13.90 -7.23 31.76
C ARG A 199 13.00 -6.00 31.28
N VAL A 200 12.53 -5.05 32.18
CA VAL A 200 11.81 -3.76 31.82
C VAL A 200 12.67 -2.58 31.24
N ALA A 201 13.71 -2.05 31.90
CA ALA A 201 14.31 -0.78 31.43
C ALA A 201 15.63 -0.91 30.60
N ARG A 202 16.09 -2.15 30.31
CA ARG A 202 17.18 -2.48 29.37
C ARG A 202 16.72 -2.86 27.88
N ALA A 203 15.43 -3.28 27.63
CA ALA A 203 14.94 -3.30 26.20
C ALA A 203 14.40 -1.95 25.62
N ALA A 204 13.77 -1.02 26.38
CA ALA A 204 13.42 0.24 25.62
C ALA A 204 14.20 1.59 25.90
N LEU A 205 15.23 1.74 26.76
CA LEU A 205 16.24 2.79 26.46
C LEU A 205 17.14 2.47 25.24
N LEU A 206 17.82 1.31 25.12
CA LEU A 206 18.51 1.32 23.81
C LEU A 206 17.45 1.26 22.66
N SER A 207 16.16 0.98 23.01
CA SER A 207 15.08 1.54 22.19
C SER A 207 15.18 3.04 22.09
N ASP A 208 15.73 3.66 23.12
CA ASP A 208 16.34 4.97 22.87
C ASP A 208 17.70 4.96 22.17
N LEU A 209 18.09 3.86 21.49
CA LEU A 209 19.40 3.88 20.77
C LEU A 209 19.39 3.84 19.17
N LYS A 210 18.31 3.42 18.55
CA LYS A 210 18.10 3.68 17.07
C LYS A 210 17.32 4.98 16.60
N ARG A 211 16.32 5.56 17.33
CA ARG A 211 15.92 6.99 17.04
C ARG A 211 17.09 7.94 16.96
N ARG A 212 17.74 8.27 18.08
CA ARG A 212 18.88 9.09 17.83
C ARG A 212 19.92 8.20 17.14
N VAL A 213 19.48 7.10 16.47
CA VAL A 213 20.02 6.79 15.13
C VAL A 213 19.10 7.17 13.92
N CYS A 214 17.80 7.51 14.10
CA CYS A 214 16.97 7.82 12.91
C CYS A 214 15.97 8.99 13.00
N ALA A 215 16.33 10.18 13.44
CA ALA A 215 15.96 11.45 12.80
C ALA A 215 17.13 12.45 12.74
N ASP A 216 17.69 12.87 13.88
CA ASP A 216 18.54 14.07 14.06
C ASP A 216 20.02 13.81 14.39
N MET A 217 20.90 13.87 13.36
CA MET A 217 22.31 14.29 13.47
C MET A 217 22.81 15.09 12.26
N PHE A 218 22.13 15.13 11.10
CA PHE A 218 22.46 16.02 9.94
C PHE A 218 21.94 17.43 10.22
N PHE A 219 22.26 17.96 11.39
CA PHE A 219 21.41 19.01 11.90
C PHE A 219 21.93 20.39 11.53
N MET A 220 23.11 20.50 10.93
CA MET A 220 23.42 21.70 10.16
C MET A 220 23.95 21.44 8.77
N THR A 221 23.36 20.54 7.96
CA THR A 221 23.93 20.10 6.69
C THR A 221 23.09 20.39 5.45
N ARG A 222 21.81 20.63 5.66
CA ARG A 222 20.67 20.37 4.83
C ARG A 222 20.07 21.54 4.05
N HIS A 223 19.46 22.49 4.76
CA HIS A 223 18.76 23.63 4.16
C HIS A 223 19.47 24.94 4.49
N ALA A 224 18.96 26.08 4.04
CA ALA A 224 19.59 27.32 4.47
C ALA A 224 18.91 27.90 5.72
N ARG A 225 18.18 27.08 6.49
CA ARG A 225 17.04 27.65 7.21
C ARG A 225 17.21 27.78 8.73
N GLU A 226 17.41 26.69 9.49
CA GLU A 226 16.93 26.64 10.87
C GLU A 226 18.04 26.52 11.91
N PRO A 227 18.47 27.61 12.53
CA PRO A 227 19.90 27.76 12.88
C PRO A 227 20.32 27.53 14.34
N ARG A 228 20.54 28.58 15.17
CA ARG A 228 21.46 28.81 16.30
C ARG A 228 21.51 27.82 17.50
N LEU A 229 20.55 26.91 17.72
CA LEU A 229 20.50 26.19 19.03
C LEU A 229 21.70 25.26 19.33
N ILE A 230 22.64 25.89 20.02
CA ILE A 230 23.81 25.27 20.59
C ILE A 230 23.31 24.09 21.42
N SER A 231 21.97 24.01 21.66
CA SER A 231 21.28 23.23 22.70
C SER A 231 21.59 21.71 22.74
N ALA A 232 20.96 20.84 21.89
CA ALA A 232 21.18 19.37 21.82
C ALA A 232 22.01 18.79 20.59
N TYR A 233 22.26 19.49 19.42
CA TYR A 233 23.42 18.99 18.56
C TYR A 233 24.82 19.41 19.13
N LEU A 234 25.41 20.88 19.02
CA LEU A 234 26.42 21.89 19.83
C LEU A 234 26.46 21.95 21.54
N SER A 235 25.35 22.32 22.36
CA SER A 235 25.40 22.61 23.86
C SER A 235 24.78 21.56 24.85
N ASP A 236 24.95 20.22 24.63
CA ASP A 236 24.60 19.02 25.45
C ASP A 236 25.75 17.89 25.61
N MET A 237 26.80 17.68 24.68
CA MET A 237 27.94 16.78 25.12
C MET A 237 29.49 17.21 24.93
N VAL A 238 30.06 18.36 25.40
CA VAL A 238 31.51 18.22 26.08
C VAL A 238 31.68 18.09 27.67
N SER A 239 30.90 18.73 28.58
CA SER A 239 30.67 18.32 30.03
C SER A 239 29.27 17.66 30.48
N CYS A 240 28.41 16.70 29.84
CA CYS A 240 27.83 15.61 30.64
C CYS A 240 27.81 14.17 29.92
N THR A 241 28.96 13.67 29.31
CA THR A 241 29.60 12.33 29.13
C THR A 241 31.18 12.16 29.24
N GLN A 242 31.90 12.63 30.35
CA GLN A 242 33.20 12.56 31.13
C GLN A 242 34.70 12.33 30.77
N PRO A 243 35.63 12.72 31.80
CA PRO A 243 37.13 12.59 31.82
C PRO A 243 37.91 11.48 32.57
N SER A 244 39.26 11.72 32.84
CA SER A 244 40.25 11.08 33.78
C SER A 244 41.27 12.15 34.34
N VAL A 245 42.40 11.72 35.00
CA VAL A 245 43.00 12.19 36.30
C VAL A 245 43.23 13.69 36.63
N MET A 246 43.24 14.10 37.97
CA MET A 246 43.05 15.42 38.68
C MET A 246 44.18 16.14 39.42
N VAL A 247 45.01 16.95 38.73
CA VAL A 247 45.69 18.11 39.36
C VAL A 247 46.15 19.13 38.29
N SER A 248 46.89 20.19 38.69
CA SER A 248 47.21 21.24 37.69
C SER A 248 48.71 21.48 37.52
N ARG A 249 49.33 20.83 36.51
CA ARG A 249 50.68 21.20 36.02
C ARG A 249 50.68 21.67 34.59
N ILE A 250 50.10 20.90 33.71
CA ILE A 250 49.91 21.39 32.37
C ILE A 250 48.47 21.25 31.96
N THR A 251 47.77 22.37 32.11
CA THR A 251 46.37 22.65 32.01
C THR A 251 46.23 24.17 31.78
N HIS A 252 45.98 24.61 30.51
CA HIS A 252 46.08 26.03 30.18
C HIS A 252 45.02 26.84 30.87
N THR A 253 44.90 28.12 30.44
CA THR A 253 43.83 29.00 30.89
C THR A 253 43.38 29.96 29.77
N ASN A 254 42.54 30.94 30.16
CA ASN A 254 42.37 32.29 29.58
C ASN A 254 43.34 33.18 30.38
N THR A 255 43.12 34.47 30.69
CA THR A 255 44.32 35.22 31.13
C THR A 255 44.22 35.94 32.53
N ARG A 256 43.73 35.29 33.62
CA ARG A 256 43.94 35.77 35.02
C ARG A 256 44.01 34.68 36.18
N GLY A 257 44.39 33.37 35.94
CA GLY A 257 44.53 32.22 36.93
C GLY A 257 44.07 30.70 36.82
N ARG A 258 43.94 29.99 35.63
CA ARG A 258 42.90 28.94 35.38
C ARG A 258 43.27 27.62 34.61
N GLN A 259 43.13 26.43 35.20
CA GLN A 259 43.52 25.17 34.51
C GLN A 259 42.53 24.61 33.43
N VAL A 260 43.00 23.65 32.53
CA VAL A 260 42.25 23.02 31.39
C VAL A 260 42.04 21.49 31.34
N ASP A 261 41.31 20.94 30.27
CA ASP A 261 40.88 19.54 30.07
C ASP A 261 40.73 18.87 28.66
N GLY A 262 41.02 19.46 27.49
CA GLY A 262 40.52 18.81 26.26
C GLY A 262 41.28 18.99 24.94
N VAL A 263 40.70 18.46 23.79
CA VAL A 263 41.36 18.37 22.46
C VAL A 263 40.43 18.43 21.21
N LEU A 264 41.00 18.24 19.96
CA LEU A 264 40.37 17.76 18.69
C LEU A 264 41.44 17.74 17.56
N VAL A 265 41.19 17.13 16.33
CA VAL A 265 42.14 17.26 15.18
C VAL A 265 41.61 16.97 13.75
N THR A 266 41.71 17.97 12.84
CA THR A 266 41.94 17.90 11.33
C THR A 266 42.01 19.34 10.73
N THR A 267 41.23 19.69 9.64
CA THR A 267 41.39 20.57 8.42
C THR A 267 40.30 21.70 8.19
N ALA A 268 39.77 21.94 6.94
CA ALA A 268 39.58 23.28 6.29
C ALA A 268 38.15 23.98 6.30
N THR A 269 36.98 23.30 6.10
CA THR A 269 35.83 24.14 5.66
C THR A 269 34.81 24.58 6.78
N LEU A 270 34.57 23.82 7.89
CA LEU A 270 33.63 24.34 8.95
C LEU A 270 34.19 25.28 10.05
N LYS A 271 35.28 25.01 10.78
CA LYS A 271 35.68 26.05 11.75
C LYS A 271 35.96 27.36 11.02
N ARG A 272 36.89 27.45 10.05
CA ARG A 272 36.76 28.85 9.77
C ARG A 272 35.44 29.00 9.00
N GLN A 273 34.41 27.92 9.09
CA GLN A 273 32.94 27.85 8.57
C GLN A 273 31.77 27.87 9.60
N LEU A 274 31.78 28.86 10.49
CA LEU A 274 30.66 29.77 10.95
C LEU A 274 31.17 31.23 11.27
N LEU A 275 32.36 31.69 10.72
CA LEU A 275 32.85 33.09 10.50
C LEU A 275 32.30 33.74 9.30
N GLN A 276 32.46 33.07 8.18
CA GLN A 276 31.49 33.59 7.25
C GLN A 276 30.06 33.27 7.75
N GLY A 277 29.91 32.56 8.90
CA GLY A 277 28.64 32.46 9.65
C GLY A 277 28.21 33.00 11.04
N ILE A 278 28.86 32.64 12.18
CA ILE A 278 28.31 32.82 13.56
C ILE A 278 29.13 33.46 14.71
N LEU A 279 30.44 33.19 14.86
CA LEU A 279 31.15 33.24 16.16
C LEU A 279 31.48 34.69 16.64
N GLN A 280 32.60 34.90 17.39
CA GLN A 280 33.05 36.23 17.89
C GLN A 280 34.57 36.41 17.77
N ILE A 281 35.18 37.48 18.41
CA ILE A 281 36.65 37.77 18.44
C ILE A 281 37.00 38.75 19.58
N ASP A 282 38.17 38.59 20.28
CA ASP A 282 38.61 39.80 21.04
C ASP A 282 40.09 40.28 20.99
N ASP A 283 41.06 39.63 21.68
CA ASP A 283 42.06 40.40 22.46
C ASP A 283 43.52 40.05 22.13
N THR A 284 44.45 40.45 23.03
CA THR A 284 45.90 40.58 22.80
C THR A 284 46.86 40.11 23.93
N ALA A 285 46.77 38.88 24.47
CA ALA A 285 47.74 38.38 25.48
C ALA A 285 48.17 36.92 25.21
N ALA A 286 48.96 36.33 26.14
CA ALA A 286 49.30 34.89 26.13
C ALA A 286 50.22 34.44 27.27
N ASP A 287 50.19 33.11 27.56
CA ASP A 287 51.00 32.42 28.59
C ASP A 287 50.82 30.90 28.55
N VAL A 288 51.92 30.15 28.78
CA VAL A 288 52.06 28.74 29.27
C VAL A 288 53.48 28.28 29.53
N PRO A 289 53.75 27.52 30.60
CA PRO A 289 55.07 26.94 30.80
C PRO A 289 55.80 26.44 29.58
N VAL A 290 57.12 26.61 29.67
CA VAL A 290 58.11 25.92 28.84
C VAL A 290 58.93 24.92 29.63
N THR A 291 58.32 24.19 30.56
CA THR A 291 58.96 23.01 31.12
C THR A 291 57.98 21.83 31.09
N ASN A 352 56.91 30.06 30.39
CA ASN A 352 55.96 30.36 29.30
C ASN A 352 56.64 30.45 27.90
N ALA A 353 55.82 30.43 26.79
CA ALA A 353 56.27 30.32 25.37
C ALA A 353 55.55 31.32 24.44
N ARG A 354 56.05 31.53 23.19
CA ARG A 354 55.69 32.71 22.34
C ARG A 354 55.08 32.42 20.95
N VAL A 355 53.84 32.90 20.67
CA VAL A 355 53.23 33.16 19.33
C VAL A 355 51.74 33.61 19.41
N PRO A 356 50.99 34.13 18.32
CA PRO A 356 49.51 34.27 18.38
C PRO A 356 48.67 33.34 17.50
N ALA A 357 47.40 33.07 17.92
CA ALA A 357 46.26 32.56 17.10
C ALA A 357 45.03 32.19 17.97
N ASP A 358 43.84 32.11 17.33
CA ASP A 358 42.46 32.20 17.89
C ASP A 358 42.03 31.35 19.11
N LEU A 359 40.86 31.70 19.80
CA LEU A 359 40.26 30.92 20.92
C LEU A 359 38.74 31.05 21.28
N VAL A 360 37.87 30.17 20.77
CA VAL A 360 36.40 30.24 20.99
C VAL A 360 36.00 29.72 22.42
N ILE A 361 34.88 30.20 22.99
CA ILE A 361 34.47 29.77 24.34
C ILE A 361 33.00 29.38 24.45
N VAL A 362 32.64 28.08 24.32
CA VAL A 362 31.26 27.63 24.63
C VAL A 362 31.00 27.17 26.05
N GLY A 363 29.72 27.30 26.41
CA GLY A 363 29.03 26.63 27.49
C GLY A 363 29.74 26.73 28.81
N ASP A 364 30.29 25.61 29.23
CA ASP A 364 31.49 25.70 30.04
C ASP A 364 32.71 25.75 29.12
N LYS A 365 32.98 24.72 28.35
CA LYS A 365 34.30 24.57 27.79
C LYS A 365 34.53 25.45 26.55
N LEU A 366 35.34 26.53 26.73
CA LEU A 366 36.03 27.29 25.68
C LEU A 366 36.82 26.40 24.75
N VAL A 367 37.46 27.01 23.78
CA VAL A 367 38.04 26.33 22.63
C VAL A 367 38.75 27.37 21.72
N PHE A 368 39.90 27.09 21.13
CA PHE A 368 40.58 28.14 20.35
C PHE A 368 39.74 28.29 19.06
N LEU A 369 40.33 28.44 17.86
CA LEU A 369 39.52 28.12 16.63
C LEU A 369 40.32 27.32 15.56
N GLU A 370 40.26 25.93 15.59
CA GLU A 370 41.28 24.91 15.13
C GLU A 370 41.04 24.09 13.91
N ALA A 371 42.02 24.17 13.05
CA ALA A 371 42.64 23.06 12.40
C ALA A 371 44.13 23.33 12.39
N LEU A 372 44.98 22.60 13.12
CA LEU A 372 46.28 23.21 13.37
C LEU A 372 46.94 23.90 12.15
N GLU A 373 46.89 25.26 12.11
CA GLU A 373 46.90 26.07 10.88
C GLU A 373 47.75 25.55 9.75
N ARG A 374 48.94 25.17 10.09
CA ARG A 374 49.75 24.62 9.05
C ARG A 374 49.89 23.12 9.23
N ARG A 375 50.53 22.72 10.33
CA ARG A 375 51.86 22.12 10.27
C ARG A 375 51.90 20.65 9.79
N VAL A 376 52.16 20.45 8.46
CA VAL A 376 53.11 19.56 7.74
C VAL A 376 52.93 19.77 6.19
N TYR A 377 51.78 19.30 5.62
CA TYR A 377 51.28 19.25 4.20
C TYR A 377 52.37 19.07 3.16
N GLN A 378 52.98 17.88 3.13
CA GLN A 378 53.55 17.31 1.91
C GLN A 378 53.09 15.88 1.73
N ALA A 379 51.79 15.62 1.93
CA ALA A 379 51.05 14.44 1.45
C ALA A 379 51.91 13.21 1.35
N THR A 380 52.67 12.99 2.39
CA THR A 380 53.65 11.93 2.49
C THR A 380 53.08 10.62 1.94
N ARG A 381 53.97 9.79 1.35
CA ARG A 381 53.58 8.58 0.62
C ARG A 381 52.79 7.62 1.49
N VAL A 382 52.53 8.01 2.73
CA VAL A 382 51.93 7.21 3.77
C VAL A 382 50.52 7.70 4.11
N ALA A 383 49.59 6.75 4.25
CA ALA A 383 48.18 7.05 4.40
C ALA A 383 47.85 7.43 5.84
N TYR A 384 46.53 7.54 6.12
CA TYR A 384 46.08 8.35 7.23
C TYR A 384 44.54 8.19 7.31
N PRO A 385 43.95 7.70 8.50
CA PRO A 385 42.74 6.80 8.50
C PRO A 385 41.46 7.53 8.18
N LEU A 386 40.22 7.01 8.32
CA LEU A 386 39.00 7.70 8.79
C LEU A 386 38.06 8.43 7.75
N ILE A 387 38.24 8.34 6.42
CA ILE A 387 37.26 8.60 5.33
C ILE A 387 36.95 7.43 4.38
N GLY A 388 37.99 6.75 3.90
CA GLY A 388 37.95 5.69 2.93
C GLY A 388 36.65 4.92 3.07
N ASN A 389 36.01 4.80 1.94
CA ASN A 389 34.57 4.83 1.91
C ASN A 389 34.02 3.55 2.56
N ILE A 390 32.70 3.41 2.57
CA ILE A 390 31.90 3.01 3.73
C ILE A 390 30.95 1.81 3.47
N ASP A 391 30.06 1.44 4.45
CA ASP A 391 29.09 0.31 4.22
C ASP A 391 27.85 0.25 5.13
N ILE A 392 26.69 0.75 4.69
CA ILE A 392 25.45 0.89 5.50
C ILE A 392 24.24 0.64 4.61
N THR A 393 23.01 0.75 5.14
CA THR A 393 21.80 0.23 4.48
C THR A 393 20.60 1.20 4.35
N PHE A 394 20.09 1.38 3.10
CA PHE A 394 18.70 1.78 2.76
C PHE A 394 18.23 0.63 1.81
N ILE A 395 16.95 0.16 1.80
CA ILE A 395 16.69 -1.05 0.96
C ILE A 395 15.50 -0.99 -0.02
N MET A 396 15.75 -1.04 -1.35
CA MET A 396 14.72 -0.64 -2.44
C MET A 396 13.73 -1.60 -3.11
N PRO A 397 12.49 -1.74 -2.67
CA PRO A 397 11.57 -2.71 -3.31
C PRO A 397 11.16 -2.43 -4.75
N MET A 398 10.98 -3.49 -5.56
CA MET A 398 10.66 -3.28 -6.97
C MET A 398 9.86 -4.38 -7.66
N GLY A 399 8.80 -4.92 -7.11
CA GLY A 399 8.13 -5.69 -8.12
C GLY A 399 6.63 -5.82 -8.19
N VAL A 400 5.93 -5.61 -7.09
CA VAL A 400 4.61 -6.21 -7.04
C VAL A 400 3.60 -5.38 -7.79
N PHE A 401 2.41 -5.95 -7.93
CA PHE A 401 1.21 -5.17 -7.76
C PHE A 401 0.40 -5.83 -6.69
N GLN A 402 0.25 -5.13 -5.61
CA GLN A 402 -0.67 -5.47 -4.56
C GLN A 402 -1.93 -5.94 -5.17
N ALA A 403 -2.32 -7.12 -4.84
CA ALA A 403 -3.70 -7.36 -5.03
C ALA A 403 -4.49 -6.86 -3.85
N ASN A 404 -4.50 -5.56 -3.64
CA ASN A 404 -5.43 -5.04 -2.68
C ASN A 404 -6.83 -5.36 -3.08
N SER A 405 -7.73 -5.07 -2.17
CA SER A 405 -8.60 -3.98 -2.52
C SER A 405 -8.99 -3.12 -1.34
N MET A 406 -8.13 -2.85 -0.31
CA MET A 406 -8.40 -2.14 0.98
C MET A 406 -8.35 -0.61 1.08
N ASP A 407 -7.41 0.10 0.51
CA ASP A 407 -7.18 1.39 1.14
C ASP A 407 -7.26 2.60 0.20
N ARG A 408 -8.41 2.85 -0.45
CA ARG A 408 -8.53 3.34 -1.84
C ARG A 408 -7.69 4.61 -2.10
N TYR A 409 -7.04 5.20 -1.07
CA TYR A 409 -7.17 6.65 -0.87
C TYR A 409 -6.44 7.57 -1.85
N THR A 410 -6.32 8.86 -1.48
CA THR A 410 -6.25 9.95 -2.45
C THR A 410 -5.61 11.29 -2.09
N ARG A 411 -4.87 11.87 -3.06
CA ARG A 411 -4.80 13.33 -3.22
C ARG A 411 -4.57 13.81 -4.67
N HIS A 412 -5.51 13.61 -5.61
CA HIS A 412 -5.90 14.68 -6.57
C HIS A 412 -6.97 14.21 -7.55
N ALA A 413 -7.45 15.19 -8.34
CA ALA A 413 -8.89 15.36 -8.43
C ALA A 413 -9.73 14.91 -9.62
N GLY A 414 -10.07 15.86 -10.49
CA GLY A 414 -11.02 15.67 -11.58
C GLY A 414 -10.54 16.67 -12.59
N ASP A 415 -9.54 17.39 -12.10
CA ASP A 415 -8.47 17.91 -12.93
C ASP A 415 -8.02 16.81 -13.88
N PHE A 416 -8.23 15.56 -13.51
CA PHE A 416 -7.38 14.50 -13.98
C PHE A 416 -8.16 13.16 -14.25
N SER A 417 -7.87 12.38 -15.34
CA SER A 417 -7.79 10.92 -15.56
C SER A 417 -6.71 10.38 -16.64
N THR A 418 -6.96 10.41 -18.01
CA THR A 418 -5.95 10.65 -19.14
C THR A 418 -6.23 11.50 -20.43
N VAL A 419 -7.12 11.12 -21.40
CA VAL A 419 -7.77 12.03 -22.40
C VAL A 419 -9.31 11.85 -22.56
N SER A 420 -9.79 10.65 -22.91
CA SER A 420 -11.17 10.33 -23.32
C SER A 420 -12.07 9.88 -22.14
N GLU A 421 -12.98 8.92 -22.44
CA GLU A 421 -14.14 8.62 -21.59
C GLU A 421 -13.81 7.84 -20.30
N GLN A 422 -13.38 6.58 -20.39
CA GLN A 422 -13.44 5.65 -19.25
C GLN A 422 -12.19 5.76 -18.37
N ASP A 423 -12.36 5.57 -17.05
CA ASP A 423 -11.29 5.93 -16.09
C ASP A 423 -10.54 4.75 -15.48
N PRO A 424 -9.65 4.07 -16.23
CA PRO A 424 -8.49 3.35 -15.68
C PRO A 424 -7.14 4.09 -15.62
N ARG A 425 -6.88 4.83 -14.53
CA ARG A 425 -5.46 4.96 -14.21
C ARG A 425 -4.96 4.03 -13.13
N GLN A 426 -4.90 2.74 -13.40
CA GLN A 426 -4.59 1.74 -12.40
C GLN A 426 -3.30 1.02 -12.76
N PHE A 427 -2.22 1.75 -13.08
CA PHE A 427 -0.94 1.07 -13.28
C PHE A 427 -0.27 0.88 -11.93
N PRO A 428 0.02 -0.34 -11.56
CA PRO A 428 1.10 -0.56 -10.64
C PRO A 428 2.45 -0.63 -11.33
N PRO A 429 3.52 -1.02 -10.64
CA PRO A 429 4.87 -0.58 -11.00
C PRO A 429 5.82 -1.61 -11.64
N GLN A 430 6.60 -1.20 -12.72
CA GLN A 430 7.43 -2.07 -13.63
C GLN A 430 8.96 -2.11 -13.61
N GLY A 431 9.64 -1.00 -13.39
CA GLY A 431 11.08 -0.92 -13.19
C GLY A 431 11.33 0.53 -13.53
N ILE A 432 12.57 1.01 -13.36
CA ILE A 432 12.87 2.31 -12.76
C ILE A 432 13.81 3.22 -13.54
N PHE A 433 13.26 4.29 -14.15
CA PHE A 433 13.94 5.51 -14.61
C PHE A 433 14.62 6.16 -13.42
N PHE A 434 15.94 6.21 -13.38
CA PHE A 434 16.50 6.86 -12.22
C PHE A 434 17.72 7.69 -12.59
N TYR A 435 18.05 8.63 -11.73
CA TYR A 435 19.05 9.65 -12.03
C TYR A 435 20.44 9.08 -11.76
N ASN A 436 21.42 9.96 -11.64
CA ASN A 436 22.86 9.69 -11.58
C ASN A 436 23.51 10.91 -10.85
N LYS A 437 24.71 11.40 -11.22
CA LYS A 437 25.23 12.60 -10.52
C LYS A 437 24.52 13.90 -10.86
N ASP A 438 24.71 14.45 -12.09
CA ASP A 438 24.65 15.90 -12.22
C ASP A 438 23.75 16.44 -13.34
N GLY A 439 22.58 15.84 -13.57
CA GLY A 439 21.75 16.16 -14.71
C GLY A 439 20.96 15.01 -15.32
N ILE A 440 21.37 13.74 -15.15
CA ILE A 440 21.13 12.61 -16.06
C ILE A 440 20.48 11.41 -15.35
N LEU A 441 19.40 10.89 -15.91
CA LEU A 441 18.80 9.66 -15.37
C LEU A 441 19.31 8.44 -16.14
N THR A 442 19.36 7.27 -15.45
CA THR A 442 19.48 5.95 -16.07
C THR A 442 18.40 5.03 -15.50
N GLN A 443 18.18 3.84 -16.08
CA GLN A 443 16.94 3.16 -15.68
C GLN A 443 17.12 1.72 -15.24
N LEU A 444 16.75 1.51 -13.97
CA LEU A 444 16.68 0.20 -13.33
C LEU A 444 15.34 -0.39 -13.62
N THR A 445 14.76 -0.01 -14.72
CA THR A 445 13.81 -0.96 -15.22
C THR A 445 14.77 -2.00 -15.79
N LEU A 446 14.26 -3.17 -16.13
CA LEU A 446 14.87 -4.36 -15.58
C LEU A 446 15.60 -5.21 -16.62
N ARG A 447 15.72 -4.62 -17.82
CA ARG A 447 15.15 -5.16 -19.06
C ARG A 447 15.92 -6.32 -19.61
N ASP A 448 17.03 -6.59 -19.00
CA ASP A 448 17.41 -7.96 -18.91
C ASP A 448 16.68 -8.65 -17.78
N ALA A 449 15.87 -9.72 -18.01
CA ALA A 449 15.07 -10.42 -16.97
C ALA A 449 15.86 -10.71 -15.72
N MET A 450 16.97 -9.93 -15.63
CA MET A 450 18.13 -10.79 -15.68
C MET A 450 18.96 -10.60 -14.44
N GLY A 451 18.31 -10.55 -13.29
CA GLY A 451 18.96 -10.64 -11.99
C GLY A 451 18.80 -11.98 -11.31
N THR A 452 17.95 -12.08 -10.33
CA THR A 452 17.54 -13.33 -9.77
C THR A 452 16.03 -13.48 -9.80
N ILE A 453 15.44 -14.31 -10.69
CA ILE A 453 14.85 -15.37 -9.74
C ILE A 453 15.02 -16.93 -9.90
N CYS A 454 14.50 -17.60 -10.94
CA CYS A 454 14.26 -19.07 -11.04
C CYS A 454 15.31 -20.01 -10.48
N HIS A 455 16.59 -19.63 -10.46
CA HIS A 455 17.84 -20.34 -10.67
C HIS A 455 17.74 -21.83 -10.28
N SER A 456 18.66 -22.73 -10.80
CA SER A 456 18.71 -24.23 -10.71
C SER A 456 19.51 -24.87 -9.53
N SER A 457 20.82 -24.61 -9.34
CA SER A 457 21.70 -25.35 -8.42
C SER A 457 21.30 -25.35 -6.95
N LEU A 458 20.06 -24.97 -6.63
CA LEU A 458 19.38 -25.69 -5.56
C LEU A 458 19.03 -27.04 -6.16
N LEU A 459 19.70 -27.36 -7.27
CA LEU A 459 19.78 -28.71 -7.74
C LEU A 459 20.57 -29.43 -6.68
N ASP A 460 20.04 -29.35 -5.47
CA ASP A 460 20.96 -29.58 -4.42
C ASP A 460 20.03 -29.96 -3.26
N VAL A 461 19.62 -31.24 -3.12
CA VAL A 461 18.67 -31.63 -2.07
C VAL A 461 19.14 -32.83 -1.19
N GLU A 462 20.40 -32.84 -0.68
CA GLU A 462 20.82 -33.73 0.44
C GLU A 462 21.08 -33.00 1.81
N ALA A 463 21.51 -31.71 1.85
CA ALA A 463 21.96 -31.03 3.08
C ALA A 463 20.89 -30.17 3.81
N THR A 464 20.11 -29.36 3.14
CA THR A 464 19.17 -28.61 3.99
C THR A 464 18.18 -29.56 4.63
N LEU A 465 17.50 -30.37 3.86
CA LEU A 465 16.80 -31.41 4.56
C LEU A 465 17.81 -32.35 5.28
N VAL A 466 19.16 -32.09 5.25
CA VAL A 466 19.99 -32.34 6.47
C VAL A 466 19.50 -31.39 7.56
N ALA A 467 18.44 -30.69 7.25
CA ALA A 467 17.46 -30.37 8.30
C ALA A 467 16.05 -30.87 7.93
N LEU A 468 15.95 -31.97 7.17
CA LEU A 468 14.68 -32.79 7.08
C LEU A 468 14.75 -34.37 7.10
N ARG A 469 15.83 -35.03 7.60
CA ARG A 469 15.78 -36.42 8.18
C ARG A 469 16.26 -36.63 9.66
N GLN A 470 16.21 -35.66 10.60
CA GLN A 470 16.57 -35.78 12.04
C GLN A 470 15.75 -34.91 13.05
N GLN A 471 14.54 -34.42 12.71
CA GLN A 471 13.53 -33.74 13.54
C GLN A 471 12.16 -34.11 12.95
N HIS A 472 11.02 -33.54 13.31
CA HIS A 472 9.89 -34.45 13.06
C HIS A 472 8.57 -33.70 12.89
N LEU A 473 7.71 -34.25 12.03
CA LEU A 473 6.59 -33.59 11.36
C LEU A 473 5.33 -33.79 12.20
N ASP A 474 4.15 -33.62 11.57
CA ASP A 474 2.91 -34.22 12.07
C ASP A 474 2.32 -35.16 11.00
N ARG A 475 1.88 -36.34 11.44
CA ARG A 475 1.74 -37.49 10.54
C ARG A 475 0.69 -37.21 9.51
N GLN A 476 1.03 -37.28 8.25
CA GLN A 476 -0.08 -37.46 7.35
C GLN A 476 0.09 -38.75 6.54
N CYS A 477 -1.04 -39.30 6.12
CA CYS A 477 -1.26 -40.68 6.48
C CYS A 477 -1.77 -41.48 5.27
N TYR A 478 -2.29 -42.69 5.50
CA TYR A 478 -1.90 -43.83 4.67
C TYR A 478 -2.99 -44.52 3.85
N PHE A 479 -4.28 -44.30 4.14
CA PHE A 479 -5.18 -44.20 3.01
C PHE A 479 -5.21 -42.76 2.57
N GLY A 480 -4.34 -41.99 3.16
CA GLY A 480 -4.14 -40.70 2.63
C GLY A 480 -3.61 -40.64 1.26
N VAL A 481 -3.53 -41.75 0.55
CA VAL A 481 -2.65 -41.81 -0.60
C VAL A 481 -2.87 -42.84 -1.70
N TYR A 482 -3.66 -42.60 -2.76
CA TYR A 482 -4.00 -43.75 -3.61
C TYR A 482 -4.36 -43.37 -5.05
N VAL A 483 -3.52 -43.79 -6.03
CA VAL A 483 -3.78 -44.01 -7.48
C VAL A 483 -2.75 -44.95 -8.17
N ALA A 484 -3.13 -46.23 -8.50
CA ALA A 484 -2.15 -47.30 -8.88
C ALA A 484 -2.67 -48.41 -9.83
N GLU A 485 -1.96 -49.57 -9.80
CA GLU A 485 -2.17 -50.79 -10.62
C GLU A 485 -3.09 -51.82 -9.97
N GLY A 486 -3.80 -52.55 -10.84
CA GLY A 486 -4.96 -53.37 -10.51
C GLY A 486 -4.99 -54.62 -9.64
N THR A 487 -6.23 -55.08 -9.41
CA THR A 487 -6.57 -56.30 -8.69
C THR A 487 -7.67 -57.13 -9.36
N GLU A 488 -7.81 -57.03 -10.69
CA GLU A 488 -8.82 -57.77 -11.44
C GLU A 488 -10.23 -57.50 -10.88
N ASP A 489 -10.62 -56.23 -10.98
CA ASP A 489 -11.84 -55.68 -10.40
C ASP A 489 -12.49 -54.79 -11.47
N THR A 490 -13.58 -54.09 -11.18
CA THR A 490 -14.38 -53.61 -12.31
C THR A 490 -14.95 -52.15 -12.28
N LEU A 491 -15.44 -51.59 -11.15
CA LEU A 491 -16.35 -50.42 -10.82
C LEU A 491 -17.94 -50.60 -10.64
N ASP A 492 -18.43 -51.40 -9.63
CA ASP A 492 -19.69 -51.49 -8.81
C ASP A 492 -19.43 -51.85 -7.32
N VAL A 493 -18.43 -52.68 -7.00
CA VAL A 493 -18.33 -53.10 -5.59
C VAL A 493 -17.27 -52.31 -4.76
N GLN A 494 -15.92 -52.58 -4.84
CA GLN A 494 -15.01 -51.99 -3.80
C GLN A 494 -15.31 -50.50 -3.66
N MET A 495 -15.87 -50.07 -4.73
CA MET A 495 -16.58 -48.87 -5.03
C MET A 495 -17.35 -48.17 -3.86
N GLY A 496 -18.63 -48.36 -3.77
CA GLY A 496 -19.45 -47.33 -3.08
C GLY A 496 -19.97 -47.96 -1.85
N ARG A 497 -19.81 -49.20 -1.84
CA ARG A 497 -19.41 -49.32 -0.53
C ARG A 497 -17.95 -48.84 -0.44
N PHE A 498 -17.37 -47.72 -1.22
CA PHE A 498 -16.06 -46.83 -1.10
C PHE A 498 -15.78 -45.98 0.16
N MET A 499 -16.66 -45.11 0.50
CA MET A 499 -16.49 -44.53 1.89
C MET A 499 -16.29 -45.59 3.03
N GLU A 500 -17.14 -46.68 3.21
CA GLU A 500 -16.87 -47.59 4.40
C GLU A 500 -15.42 -47.79 4.60
N THR A 501 -14.77 -48.40 3.62
CA THR A 501 -13.33 -48.53 3.90
C THR A 501 -12.58 -47.20 3.74
N TRP A 502 -13.28 -46.08 3.38
CA TRP A 502 -12.77 -44.79 3.86
C TRP A 502 -13.35 -44.49 5.26
N ALA A 503 -13.71 -45.56 6.01
CA ALA A 503 -13.63 -45.57 7.48
C ALA A 503 -13.04 -46.87 7.98
N ASP A 504 -11.92 -47.26 7.42
CA ASP A 504 -10.81 -47.61 8.28
C ASP A 504 -10.08 -46.30 8.60
N MET A 505 -10.85 -45.22 8.81
CA MET A 505 -10.55 -43.94 8.23
C MET A 505 -11.28 -42.75 8.89
N MET A 506 -11.60 -41.70 8.12
CA MET A 506 -11.50 -40.29 8.47
C MET A 506 -12.70 -39.49 9.00
N PRO A 507 -12.91 -39.35 10.32
CA PRO A 507 -13.41 -38.06 10.89
C PRO A 507 -12.48 -37.22 11.81
N HIS A 508 -11.29 -36.77 11.41
CA HIS A 508 -10.57 -35.71 12.13
C HIS A 508 -10.36 -34.54 11.21
N HIS A 509 -11.00 -33.50 11.52
CA HIS A 509 -11.34 -32.70 10.40
C HIS A 509 -10.12 -31.87 9.94
N PRO A 510 -9.58 -32.18 8.77
CA PRO A 510 -8.96 -31.17 7.92
C PRO A 510 -7.81 -30.26 8.36
N HIS A 511 -6.59 -30.57 7.84
CA HIS A 511 -5.44 -29.74 8.22
C HIS A 511 -4.88 -28.91 7.11
N TRP A 512 -4.32 -29.47 6.06
CA TRP A 512 -3.95 -28.41 5.21
C TRP A 512 -5.12 -28.10 4.36
N VAL A 513 -6.22 -28.72 4.75
CA VAL A 513 -7.52 -28.27 4.39
C VAL A 513 -7.58 -26.80 4.28
N ASN A 514 -6.80 -26.11 5.06
CA ASN A 514 -6.93 -24.71 4.84
C ASN A 514 -6.78 -24.33 3.34
N GLU A 515 -7.95 -23.89 2.74
CA GLU A 515 -8.19 -23.02 1.57
C GLU A 515 -9.37 -21.94 1.60
N HIS A 516 -9.78 -21.21 2.70
CA HIS A 516 -10.76 -20.07 2.60
C HIS A 516 -10.82 -18.96 3.72
N LEU A 517 -10.33 -17.68 3.53
CA LEU A 517 -10.53 -16.45 4.38
C LEU A 517 -9.97 -15.14 3.76
N THR A 518 -9.21 -14.34 4.57
CA THR A 518 -8.23 -13.28 4.11
C THR A 518 -6.78 -13.59 4.63
N ILE A 519 -5.84 -12.65 4.83
CA ILE A 519 -4.38 -13.01 4.85
C ILE A 519 -3.83 -13.77 6.09
N LEU A 520 -4.65 -13.97 7.13
CA LEU A 520 -3.95 -14.60 8.24
C LEU A 520 -4.73 -15.70 9.09
N GLN A 521 -4.63 -17.04 8.68
CA GLN A 521 -4.27 -18.25 9.51
C GLN A 521 -3.29 -19.30 8.80
N PHE A 522 -2.31 -18.82 7.97
CA PHE A 522 -0.97 -19.34 7.50
C PHE A 522 0.23 -18.31 7.31
N ILE A 523 0.13 -17.00 7.74
CA ILE A 523 1.22 -15.98 8.06
C ILE A 523 1.37 -15.35 9.56
N ALA A 524 0.77 -15.88 10.70
CA ALA A 524 1.01 -15.53 12.15
C ALA A 524 1.80 -16.60 12.97
N PRO A 525 2.05 -16.43 14.29
CA PRO A 525 3.31 -17.05 14.81
C PRO A 525 3.46 -18.54 15.35
N SER A 526 2.47 -19.38 15.75
CA SER A 526 3.00 -20.65 16.37
C SER A 526 2.17 -21.94 16.20
N ASN A 527 2.43 -22.80 15.20
CA ASN A 527 1.35 -23.66 14.66
C ASN A 527 1.76 -25.14 14.46
N PRO A 528 0.89 -26.14 14.72
CA PRO A 528 1.12 -27.50 14.25
C PRO A 528 1.34 -27.67 12.80
N ARG A 529 0.39 -27.40 11.94
CA ARG A 529 0.83 -27.85 10.64
C ARG A 529 1.57 -26.82 9.81
N LEU A 530 2.67 -26.22 10.23
CA LEU A 530 3.63 -25.98 9.17
C LEU A 530 4.99 -26.51 9.61
N ARG A 531 5.52 -27.55 8.91
CA ARG A 531 6.84 -28.08 8.52
C ARG A 531 6.89 -28.76 7.13
N PHE A 532 5.87 -28.57 6.25
CA PHE A 532 5.64 -29.19 4.93
C PHE A 532 5.72 -28.34 3.64
N GLU A 533 4.90 -27.34 3.44
CA GLU A 533 4.51 -26.92 2.08
C GLU A 533 5.67 -26.17 1.42
N LEU A 534 6.75 -26.90 1.05
CA LEU A 534 8.05 -26.23 1.09
C LEU A 534 8.65 -25.57 -0.14
N ASN A 535 9.33 -26.34 -1.07
CA ASN A 535 10.65 -25.77 -1.52
C ASN A 535 10.58 -25.15 -2.93
N PRO A 536 11.63 -24.53 -3.52
CA PRO A 536 11.55 -24.33 -4.97
C PRO A 536 12.41 -25.34 -5.69
N ALA A 537 13.25 -26.10 -4.98
CA ALA A 537 13.14 -27.48 -5.31
C ALA A 537 12.01 -28.06 -4.56
N PHE A 538 12.26 -28.93 -3.63
CA PHE A 538 11.45 -30.11 -3.80
C PHE A 538 10.12 -30.10 -3.08
N ASP A 539 9.22 -30.89 -3.68
CA ASP A 539 7.81 -30.58 -3.83
C ASP A 539 7.05 -31.57 -3.01
N PHE A 540 7.45 -31.68 -1.79
CA PHE A 540 7.21 -32.83 -0.96
C PHE A 540 5.67 -33.02 -0.88
N PHE A 541 5.16 -34.24 -0.60
CA PHE A 541 3.71 -34.51 -0.37
C PHE A 541 3.54 -35.77 0.47
N VAL A 542 2.33 -36.39 0.51
CA VAL A 542 2.09 -37.53 1.41
C VAL A 542 2.37 -38.87 0.74
N ALA A 543 2.71 -39.88 1.54
CA ALA A 543 2.60 -41.30 1.23
C ALA A 543 3.30 -42.09 2.32
N PRO A 544 3.17 -43.42 2.30
CA PRO A 544 3.75 -44.24 3.38
C PRO A 544 5.23 -44.36 3.18
N GLY A 545 5.84 -45.28 3.94
CA GLY A 545 7.26 -45.52 3.84
C GLY A 545 7.57 -46.10 2.47
N ASP A 546 7.11 -45.37 1.45
CA ASP A 546 7.06 -45.83 0.07
C ASP A 546 6.92 -47.33 0.05
N VAL A 547 5.81 -47.83 0.55
CA VAL A 547 5.35 -49.06 -0.05
C VAL A 547 5.28 -48.65 -1.50
N ASP A 548 5.81 -49.49 -2.38
CA ASP A 548 6.01 -49.12 -3.77
C ASP A 548 4.71 -48.60 -4.41
N LEU A 549 4.80 -48.04 -5.64
CA LEU A 549 3.71 -47.09 -5.89
C LEU A 549 3.47 -46.86 -7.39
N PRO A 550 2.66 -47.66 -8.15
CA PRO A 550 1.44 -48.49 -8.26
C PRO A 550 1.25 -50.03 -8.10
N GLY A 551 0.20 -50.47 -7.39
CA GLY A 551 -0.08 -51.88 -7.22
C GLY A 551 -1.09 -52.25 -6.13
N PRO A 552 -0.77 -53.29 -5.34
CA PRO A 552 -1.77 -54.22 -4.78
C PRO A 552 -2.65 -53.69 -3.64
N GLN A 553 -3.25 -54.62 -2.88
CA GLN A 553 -4.46 -54.26 -2.14
C GLN A 553 -4.22 -54.21 -0.61
N ARG A 554 -3.42 -55.09 -0.01
CA ARG A 554 -3.49 -55.13 1.47
C ARG A 554 -2.17 -54.72 2.14
N PRO A 555 -2.04 -53.48 2.63
CA PRO A 555 -0.68 -53.00 3.06
C PRO A 555 -0.42 -52.99 4.56
N PRO A 556 0.87 -52.92 4.96
CA PRO A 556 1.31 -52.83 6.38
C PRO A 556 1.36 -51.41 6.97
N GLU A 557 2.14 -51.22 8.07
CA GLU A 557 2.49 -49.90 8.64
C GLU A 557 3.77 -49.91 9.51
N ALA A 558 4.95 -49.46 9.01
CA ALA A 558 6.03 -49.21 10.00
C ALA A 558 6.82 -47.90 9.87
N MET A 559 7.65 -47.72 8.80
CA MET A 559 8.98 -47.03 8.99
C MET A 559 9.66 -46.40 7.74
N PRO A 560 10.12 -45.12 7.79
CA PRO A 560 10.56 -44.43 6.56
C PRO A 560 11.35 -43.11 6.70
N THR A 561 11.06 -42.13 5.77
CA THR A 561 12.03 -41.19 5.10
C THR A 561 11.58 -39.71 4.96
N VAL A 562 12.33 -38.92 4.11
CA VAL A 562 12.04 -37.51 3.77
C VAL A 562 12.17 -37.27 2.25
N ASN A 563 11.73 -36.07 1.76
CA ASN A 563 10.74 -35.94 0.67
C ASN A 563 11.08 -35.17 -0.61
N ALA A 564 10.09 -35.24 -1.57
CA ALA A 564 9.70 -34.27 -2.63
C ALA A 564 8.52 -34.82 -3.41
N THR A 565 7.79 -33.98 -4.21
CA THR A 565 7.07 -34.48 -5.40
C THR A 565 6.28 -33.42 -6.22
N LEU A 566 6.41 -33.52 -7.56
CA LEU A 566 6.21 -32.54 -8.66
C LEU A 566 4.81 -31.91 -8.89
N ARG A 567 4.75 -30.81 -9.70
CA ARG A 567 3.52 -30.06 -10.08
C ARG A 567 3.80 -28.89 -11.07
N ILE A 568 2.85 -28.54 -11.98
CA ILE A 568 3.15 -27.83 -13.27
C ILE A 568 2.14 -26.69 -13.68
N ILE A 569 1.73 -25.64 -12.79
CA ILE A 569 0.94 -24.45 -13.24
C ILE A 569 1.60 -23.17 -12.78
N ASN A 570 0.90 -22.02 -12.79
CA ASN A 570 0.75 -21.36 -11.50
C ASN A 570 -0.67 -21.41 -10.99
N GLY A 571 -1.67 -21.00 -11.75
CA GLY A 571 -2.52 -19.89 -11.34
C GLY A 571 -2.75 -19.73 -9.85
N ASN A 572 -1.81 -20.11 -8.98
CA ASN A 572 -2.31 -20.47 -7.67
C ASN A 572 -1.43 -20.13 -6.44
N ILE A 573 -0.60 -19.06 -6.32
CA ILE A 573 0.32 -18.73 -5.17
C ILE A 573 -0.40 -18.66 -3.82
N PRO A 574 0.15 -19.23 -2.70
CA PRO A 574 -0.67 -19.84 -1.62
C PRO A 574 -1.72 -18.92 -1.05
N VAL A 575 -2.08 -19.03 0.21
CA VAL A 575 -3.47 -18.60 0.43
C VAL A 575 -3.98 -17.36 1.14
N PRO A 576 -3.46 -16.11 0.99
CA PRO A 576 -4.31 -14.92 1.14
C PRO A 576 -3.61 -13.58 0.86
N LEU A 577 -2.54 -13.53 0.06
CA LEU A 577 -1.68 -12.35 -0.03
C LEU A 577 -2.40 -11.10 -0.47
N CYS A 578 -3.73 -11.17 -0.64
CA CYS A 578 -4.46 -10.19 -1.45
C CYS A 578 -5.99 -10.35 -1.62
N PRO A 579 -6.83 -9.41 -1.21
CA PRO A 579 -8.28 -9.74 -1.35
C PRO A 579 -9.25 -9.14 -2.43
N ILE A 580 -8.92 -8.26 -3.42
CA ILE A 580 -9.69 -8.32 -4.72
C ILE A 580 -8.78 -8.17 -6.01
N SER A 581 -7.80 -7.27 -5.98
CA SER A 581 -7.50 -6.60 -7.23
C SER A 581 -6.95 -7.53 -8.34
N PHE A 582 -6.12 -8.56 -8.08
CA PHE A 582 -4.92 -8.85 -8.92
C PHE A 582 -5.21 -9.61 -10.28
N ARG A 583 -6.08 -10.65 -10.30
CA ARG A 583 -6.56 -11.39 -11.48
C ARG A 583 -7.86 -10.84 -12.02
N ASP A 584 -8.89 -10.55 -11.19
CA ASP A 584 -9.88 -10.04 -12.13
C ASP A 584 -9.43 -8.64 -12.35
N CYS A 585 -8.31 -8.45 -11.70
CA CYS A 585 -7.39 -7.54 -12.25
C CYS A 585 -6.97 -8.01 -13.61
N ARG A 586 -6.19 -9.09 -13.78
CA ARG A 586 -5.82 -9.39 -15.18
C ARG A 586 -7.04 -9.34 -16.11
N GLY A 587 -8.22 -9.02 -15.50
CA GLY A 587 -9.46 -8.62 -16.16
C GLY A 587 -9.79 -7.11 -16.30
N THR A 588 -8.99 -6.18 -15.74
CA THR A 588 -9.13 -4.78 -16.23
C THR A 588 -7.86 -4.11 -16.96
N GLN A 589 -6.56 -4.59 -16.75
CA GLN A 589 -5.25 -4.43 -17.57
C GLN A 589 -4.87 -5.41 -18.77
N LEU A 590 -5.28 -6.72 -18.85
CA LEU A 590 -5.09 -7.46 -20.12
C LEU A 590 -6.08 -7.08 -21.28
N GLY A 591 -7.40 -7.14 -21.15
CA GLY A 591 -8.23 -6.65 -22.29
C GLY A 591 -8.84 -5.24 -22.49
N LEU A 592 -8.28 -4.37 -23.37
CA LEU A 592 -8.75 -2.98 -23.53
C LEU A 592 -9.89 -2.84 -24.53
N GLY A 593 -9.55 -2.96 -25.81
CA GLY A 593 -10.36 -2.51 -26.91
C GLY A 593 -10.49 -3.72 -27.81
N ARG A 594 -9.91 -4.79 -27.30
CA ARG A 594 -10.59 -6.05 -27.39
C ARG A 594 -11.78 -5.94 -26.44
N HIS A 595 -12.84 -5.36 -27.01
CA HIS A 595 -13.54 -4.21 -26.43
C HIS A 595 -14.73 -4.58 -25.54
N THR A 596 -15.56 -3.59 -25.23
CA THR A 596 -16.49 -3.75 -24.12
C THR A 596 -17.93 -3.87 -24.63
N MET A 597 -18.85 -4.01 -23.67
CA MET A 597 -20.13 -4.70 -23.86
C MET A 597 -21.41 -4.03 -23.34
N THR A 598 -22.55 -4.76 -23.47
CA THR A 598 -23.79 -4.32 -24.16
C THR A 598 -24.94 -5.38 -24.02
N PRO A 599 -26.08 -5.30 -24.75
CA PRO A 599 -27.19 -6.30 -24.50
C PRO A 599 -27.23 -7.74 -25.17
N ALA A 600 -26.83 -7.99 -26.43
CA ALA A 600 -27.32 -9.16 -27.19
C ALA A 600 -26.43 -10.45 -27.14
N THR A 601 -25.12 -10.37 -26.92
CA THR A 601 -24.36 -11.64 -26.93
C THR A 601 -24.07 -12.18 -25.53
N ILE A 602 -23.52 -11.41 -24.61
CA ILE A 602 -23.71 -11.83 -23.24
C ILE A 602 -25.20 -11.75 -22.86
N LYS A 603 -26.05 -11.22 -23.79
CA LYS A 603 -27.36 -11.82 -23.87
C LYS A 603 -27.10 -13.26 -24.02
N ALA A 604 -26.57 -13.68 -25.15
CA ALA A 604 -26.35 -15.11 -25.29
C ALA A 604 -25.76 -15.70 -24.00
N VAL A 605 -25.37 -14.81 -23.00
CA VAL A 605 -24.80 -15.15 -21.64
C VAL A 605 -25.86 -15.34 -20.43
N LYS A 606 -26.70 -14.40 -19.99
CA LYS A 606 -27.43 -14.66 -18.68
C LYS A 606 -28.43 -15.89 -18.57
N ASP A 607 -29.24 -16.30 -19.65
CA ASP A 607 -30.33 -17.44 -19.39
C ASP A 607 -30.10 -19.06 -19.99
N THR A 608 -28.86 -19.56 -20.96
CA THR A 608 -27.84 -20.77 -21.08
C THR A 608 -26.53 -21.02 -20.08
N PHE A 609 -25.98 -20.14 -19.10
CA PHE A 609 -25.35 -20.66 -17.78
C PHE A 609 -25.76 -19.98 -16.37
N GLU A 610 -27.08 -19.68 -15.99
CA GLU A 610 -27.44 -19.65 -14.50
C GLU A 610 -28.48 -20.52 -13.66
N ASP A 611 -29.83 -20.48 -13.90
CA ASP A 611 -30.98 -21.01 -13.08
C ASP A 611 -31.38 -22.47 -13.23
N ARG A 612 -32.69 -22.75 -13.33
CA ARG A 612 -33.20 -24.09 -13.08
C ARG A 612 -34.12 -24.75 -14.12
N ALA A 613 -33.74 -24.89 -15.40
CA ALA A 613 -34.63 -25.62 -16.32
C ALA A 613 -34.00 -26.50 -17.46
N TYR A 614 -33.68 -27.86 -17.26
CA TYR A 614 -33.00 -28.88 -18.15
C TYR A 614 -33.63 -30.29 -18.49
N PRO A 615 -33.10 -30.95 -19.56
CA PRO A 615 -33.56 -32.19 -20.23
C PRO A 615 -33.29 -33.65 -19.78
N THR A 616 -33.60 -34.65 -20.74
CA THR A 616 -33.33 -36.13 -20.89
C THR A 616 -33.34 -36.93 -22.29
N ILE A 617 -34.09 -36.67 -23.37
CA ILE A 617 -33.82 -37.65 -24.46
C ILE A 617 -32.96 -37.13 -25.63
N PHE A 618 -32.99 -35.84 -26.02
CA PHE A 618 -31.83 -35.47 -26.86
C PHE A 618 -30.59 -35.84 -26.11
N TYR A 619 -30.76 -36.25 -24.86
CA TYR A 619 -29.75 -37.10 -24.30
C TYR A 619 -29.54 -38.25 -25.23
N MET A 620 -30.60 -39.03 -25.44
CA MET A 620 -30.40 -40.03 -26.50
C MET A 620 -29.74 -39.49 -27.75
N LEU A 621 -30.08 -38.28 -28.12
CA LEU A 621 -29.74 -37.88 -29.46
C LEU A 621 -28.29 -37.41 -29.50
N GLU A 622 -27.77 -37.00 -28.34
CA GLU A 622 -26.36 -36.70 -28.21
C GLU A 622 -25.49 -37.95 -28.34
N ALA A 623 -26.01 -39.15 -27.98
CA ALA A 623 -25.22 -40.34 -28.38
C ALA A 623 -25.67 -40.82 -29.72
N VAL A 624 -26.67 -40.16 -30.24
CA VAL A 624 -26.76 -40.10 -31.68
C VAL A 624 -25.90 -38.94 -32.15
N ILE A 625 -24.79 -38.64 -31.40
CA ILE A 625 -23.97 -37.46 -31.75
C ILE A 625 -22.40 -37.59 -31.65
N HIS A 626 -21.80 -38.65 -31.09
CA HIS A 626 -20.70 -38.36 -30.14
C HIS A 626 -19.27 -38.35 -30.76
N GLY A 627 -18.98 -37.59 -31.81
CA GLY A 627 -17.54 -37.27 -31.94
C GLY A 627 -16.62 -37.49 -33.14
N ASN A 628 -16.63 -38.65 -33.79
CA ASN A 628 -15.73 -38.93 -34.91
C ASN A 628 -16.37 -39.22 -36.26
N GLU A 629 -16.51 -38.17 -37.05
CA GLU A 629 -16.88 -38.23 -38.47
C GLU A 629 -18.40 -38.49 -38.70
N ARG A 630 -19.01 -39.15 -37.85
CA ARG A 630 -19.57 -40.25 -38.53
C ARG A 630 -20.81 -39.89 -39.57
N ASN A 631 -21.23 -40.85 -40.47
CA ASN A 631 -22.21 -40.85 -41.61
C ASN A 631 -23.49 -40.13 -41.37
N PHE A 632 -23.92 -40.07 -40.12
CA PHE A 632 -24.71 -38.92 -39.77
C PHE A 632 -24.04 -37.71 -40.38
N CYS A 633 -22.81 -37.81 -41.00
CA CYS A 633 -22.58 -36.59 -41.76
C CYS A 633 -23.49 -36.32 -43.00
N ALA A 634 -24.73 -36.86 -43.12
CA ALA A 634 -25.54 -36.68 -44.35
C ALA A 634 -27.05 -36.39 -44.29
N LEU A 635 -27.64 -35.65 -43.35
CA LEU A 635 -29.11 -35.51 -43.37
C LEU A 635 -29.55 -34.34 -42.48
N LEU A 636 -30.85 -33.96 -42.44
CA LEU A 636 -31.18 -32.62 -41.88
C LEU A 636 -32.44 -32.51 -40.98
N ARG A 637 -33.50 -33.27 -41.23
CA ARG A 637 -34.80 -32.68 -40.88
C ARG A 637 -35.22 -32.83 -39.40
N LEU A 638 -34.59 -33.71 -38.61
CA LEU A 638 -35.12 -33.92 -37.25
C LEU A 638 -34.84 -32.74 -36.36
N LEU A 639 -33.58 -32.38 -36.20
CA LEU A 639 -33.45 -31.14 -35.49
C LEU A 639 -33.93 -29.98 -36.34
N THR A 640 -33.99 -30.11 -37.68
CA THR A 640 -34.72 -29.07 -38.42
C THR A 640 -36.01 -28.68 -37.70
N GLN A 641 -36.82 -29.66 -37.34
CA GLN A 641 -38.04 -29.25 -36.69
C GLN A 641 -37.90 -29.18 -35.16
N CYS A 642 -36.76 -29.64 -34.61
CA CYS A 642 -36.40 -29.19 -33.25
C CYS A 642 -36.44 -27.69 -33.20
N ILE A 643 -35.66 -27.03 -34.06
CA ILE A 643 -35.89 -25.60 -34.30
C ILE A 643 -37.36 -25.25 -34.38
N ARG A 644 -38.06 -25.88 -35.34
CA ARG A 644 -39.30 -25.30 -35.86
C ARG A 644 -40.32 -25.17 -34.75
N GLY A 645 -40.12 -25.88 -33.66
CA GLY A 645 -40.93 -25.60 -32.49
C GLY A 645 -40.15 -25.06 -31.31
N TYR A 646 -38.83 -24.94 -31.44
CA TYR A 646 -38.08 -25.10 -30.19
C TYR A 646 -37.11 -23.98 -29.87
N TRP A 647 -37.09 -22.86 -30.59
CA TRP A 647 -36.43 -21.78 -29.83
C TRP A 647 -37.52 -21.10 -29.07
N GLU A 648 -38.71 -21.22 -29.59
CA GLU A 648 -39.85 -20.64 -28.93
C GLU A 648 -40.13 -21.40 -27.65
N GLN A 649 -39.15 -21.42 -26.77
CA GLN A 649 -39.50 -21.99 -25.50
C GLN A 649 -39.37 -21.15 -24.23
N SER A 650 -38.19 -20.76 -23.70
CA SER A 650 -37.93 -19.81 -22.61
C SER A 650 -36.46 -19.35 -22.40
N HIS A 651 -35.74 -18.86 -23.37
CA HIS A 651 -34.37 -18.34 -23.13
C HIS A 651 -33.38 -19.30 -22.48
N ARG A 652 -33.56 -20.60 -22.50
CA ARG A 652 -32.58 -21.47 -21.83
C ARG A 652 -32.56 -22.88 -22.39
N VAL A 653 -31.72 -23.12 -23.38
CA VAL A 653 -31.71 -24.46 -23.91
C VAL A 653 -30.27 -24.91 -24.13
N ALA A 654 -30.11 -26.02 -24.81
CA ALA A 654 -29.19 -27.08 -24.47
C ALA A 654 -27.72 -26.82 -24.66
N PHE A 655 -27.01 -27.92 -24.39
CA PHE A 655 -25.71 -28.20 -24.92
C PHE A 655 -24.78 -27.03 -24.83
N VAL A 656 -24.28 -26.68 -23.65
CA VAL A 656 -23.11 -25.81 -23.61
C VAL A 656 -22.04 -26.23 -22.61
N ASN A 657 -21.83 -27.52 -22.32
CA ASN A 657 -20.59 -27.86 -21.62
C ASN A 657 -19.78 -28.88 -22.38
N ASN A 658 -20.43 -29.72 -23.14
CA ASN A 658 -19.79 -30.85 -23.80
C ASN A 658 -18.76 -30.35 -24.82
N PHE A 659 -18.18 -31.27 -25.63
CA PHE A 659 -17.10 -30.83 -26.52
C PHE A 659 -17.19 -31.47 -27.94
N HIS A 660 -18.32 -32.11 -28.29
CA HIS A 660 -18.77 -32.30 -29.69
C HIS A 660 -20.26 -32.09 -29.95
N MET A 661 -20.69 -30.85 -30.30
CA MET A 661 -22.01 -30.54 -30.86
C MET A 661 -21.97 -29.74 -32.12
N LEU A 662 -20.83 -29.23 -32.51
CA LEU A 662 -20.87 -28.42 -33.69
C LEU A 662 -19.70 -28.46 -34.76
N MET A 663 -18.86 -29.47 -34.97
CA MET A 663 -17.67 -29.15 -35.80
C MET A 663 -17.92 -29.06 -37.32
N TYR A 664 -18.18 -30.18 -37.99
CA TYR A 664 -18.01 -30.06 -39.44
C TYR A 664 -19.14 -29.27 -40.07
N ILE A 665 -20.22 -29.06 -39.32
CA ILE A 665 -21.26 -28.18 -39.82
C ILE A 665 -20.71 -26.78 -40.05
N THR A 666 -20.19 -26.08 -39.03
CA THR A 666 -19.66 -24.77 -39.46
C THR A 666 -18.32 -24.95 -40.15
N THR A 667 -18.03 -26.17 -40.57
CA THR A 667 -17.06 -26.21 -41.67
C THR A 667 -17.73 -25.99 -43.03
N TYR A 668 -18.90 -26.60 -43.32
CA TYR A 668 -19.26 -26.52 -44.75
C TYR A 668 -20.11 -25.29 -45.08
N LEU A 669 -21.35 -25.19 -44.53
CA LEU A 669 -22.41 -24.33 -45.18
C LEU A 669 -22.73 -23.01 -44.49
N GLY A 670 -22.33 -21.90 -45.09
CA GLY A 670 -22.72 -20.68 -44.41
C GLY A 670 -23.78 -19.77 -45.01
N ASN A 671 -24.77 -20.31 -45.73
CA ASN A 671 -25.64 -19.43 -46.50
C ASN A 671 -27.15 -19.64 -46.32
N GLY A 672 -27.67 -20.86 -46.15
CA GLY A 672 -29.12 -21.04 -46.28
C GLY A 672 -30.10 -21.81 -45.38
N GLU A 673 -30.02 -21.79 -44.04
CA GLU A 673 -30.92 -22.58 -43.19
C GLU A 673 -31.58 -21.74 -42.07
N LEU A 674 -30.87 -20.71 -41.51
CA LEU A 674 -31.05 -20.13 -40.17
C LEU A 674 -31.02 -18.56 -40.12
N PRO A 675 -31.60 -17.94 -39.06
CA PRO A 675 -31.99 -16.49 -39.02
C PRO A 675 -30.93 -15.40 -38.63
N GLU A 676 -31.26 -14.41 -37.71
CA GLU A 676 -30.21 -13.48 -37.16
C GLU A 676 -30.23 -13.09 -35.57
N VAL A 677 -30.95 -13.79 -34.63
CA VAL A 677 -30.62 -13.85 -33.16
C VAL A 677 -30.48 -15.32 -32.55
N CYS A 678 -30.16 -16.34 -33.40
CA CYS A 678 -29.66 -17.74 -33.25
C CYS A 678 -28.43 -18.06 -34.27
N ILE A 679 -28.36 -17.48 -35.78
CA ILE A 679 -27.30 -16.77 -36.95
C ILE A 679 -26.08 -15.63 -36.58
N ASN A 680 -26.28 -14.55 -35.72
CA ASN A 680 -25.08 -13.78 -35.21
C ASN A 680 -24.37 -14.01 -33.77
N ILE A 681 -24.66 -15.06 -32.82
CA ILE A 681 -23.85 -15.40 -31.54
C ILE A 681 -22.76 -16.55 -31.49
N TYR A 682 -22.62 -17.52 -32.45
CA TYR A 682 -21.20 -18.07 -32.81
C TYR A 682 -20.20 -17.33 -33.86
N ARG A 683 -20.57 -16.42 -34.88
CA ARG A 683 -19.53 -15.55 -35.57
C ARG A 683 -18.92 -14.32 -34.80
N ASP A 684 -19.75 -13.33 -34.34
CA ASP A 684 -19.07 -12.19 -33.70
C ASP A 684 -18.35 -12.53 -32.37
N LEU A 685 -18.82 -13.52 -31.55
CA LEU A 685 -17.89 -14.08 -30.60
C LEU A 685 -17.06 -15.20 -31.28
N LEU A 686 -17.04 -15.36 -32.70
CA LEU A 686 -16.01 -16.19 -33.47
C LEU A 686 -14.57 -15.63 -33.54
N GLN A 687 -14.33 -14.49 -34.15
CA GLN A 687 -12.89 -14.11 -34.26
C GLN A 687 -12.41 -13.03 -33.25
N HIS A 688 -12.97 -12.91 -32.03
CA HIS A 688 -11.94 -12.58 -31.01
C HIS A 688 -11.62 -13.72 -30.02
N VAL A 689 -12.04 -14.98 -30.20
CA VAL A 689 -11.10 -16.01 -29.74
C VAL A 689 -10.38 -16.57 -30.93
N ARG A 690 -10.74 -16.14 -32.13
CA ARG A 690 -9.68 -16.15 -33.11
C ARG A 690 -8.98 -14.75 -33.20
N ALA A 691 -9.47 -13.76 -32.48
CA ALA A 691 -8.55 -12.69 -32.10
C ALA A 691 -8.00 -12.95 -30.70
N LEU A 692 -8.45 -14.02 -30.08
CA LEU A 692 -7.57 -14.67 -29.14
C LEU A 692 -6.52 -15.48 -29.89
N ARG A 693 -6.81 -15.98 -31.10
CA ARG A 693 -5.69 -16.29 -32.00
C ARG A 693 -4.84 -15.08 -32.12
N GLN A 694 -5.47 -13.93 -32.04
CA GLN A 694 -4.67 -12.73 -31.91
C GLN A 694 -4.15 -12.51 -30.45
N THR A 695 -4.61 -13.33 -29.46
CA THR A 695 -4.15 -13.10 -28.06
C THR A 695 -3.53 -14.32 -27.29
N ILE A 696 -3.06 -15.44 -27.93
CA ILE A 696 -1.93 -16.31 -27.42
C ILE A 696 -0.93 -16.87 -28.52
N THR A 697 -0.70 -16.14 -29.66
CA THR A 697 0.64 -16.02 -30.30
C THR A 697 1.02 -14.55 -30.82
N ASP A 698 0.56 -13.41 -30.19
CA ASP A 698 1.24 -12.09 -30.27
C ASP A 698 2.41 -11.96 -29.29
N PHE A 699 2.12 -11.62 -28.03
CA PHE A 699 3.18 -11.11 -27.17
C PHE A 699 4.19 -12.18 -26.80
N THR A 700 4.74 -12.92 -27.76
CA THR A 700 6.12 -13.38 -27.67
C THR A 700 6.54 -13.67 -29.12
N ILE A 701 7.32 -14.74 -29.38
CA ILE A 701 8.66 -14.42 -29.84
C ILE A 701 9.12 -15.38 -30.99
N GLN A 702 9.66 -14.79 -32.11
CA GLN A 702 10.21 -15.26 -33.42
C GLN A 702 11.67 -14.77 -33.79
N GLY A 703 12.66 -15.74 -33.88
CA GLY A 703 14.14 -15.66 -33.66
C GLY A 703 14.98 -16.82 -32.98
N GLU A 704 14.49 -17.62 -31.96
CA GLU A 704 15.33 -18.62 -31.18
C GLU A 704 14.57 -19.69 -30.31
N GLY A 705 14.72 -20.98 -30.64
CA GLY A 705 13.92 -22.10 -30.08
C GLY A 705 14.70 -23.38 -29.81
N HIS A 706 14.06 -24.45 -29.22
CA HIS A 706 14.77 -25.34 -28.27
C HIS A 706 14.30 -26.77 -28.01
N ASN A 707 14.98 -27.77 -28.58
CA ASN A 707 14.96 -29.19 -28.12
C ASN A 707 13.86 -30.09 -28.72
N GLY A 708 13.27 -29.75 -29.85
CA GLY A 708 12.50 -30.72 -30.62
C GLY A 708 11.27 -31.35 -29.96
N GLU A 709 10.20 -30.58 -29.74
CA GLU A 709 8.86 -31.07 -29.40
C GLU A 709 7.84 -30.15 -30.06
N THR A 710 7.17 -30.62 -31.12
CA THR A 710 6.43 -29.69 -31.96
C THR A 710 7.10 -28.31 -31.95
N SER A 711 6.68 -27.41 -31.04
CA SER A 711 7.30 -26.10 -31.06
C SER A 711 7.51 -25.42 -29.72
N GLU A 712 8.10 -24.25 -29.77
CA GLU A 712 9.49 -24.16 -29.36
C GLU A 712 9.78 -25.05 -28.16
N ALA A 713 9.14 -26.23 -28.11
CA ALA A 713 8.70 -26.87 -26.89
C ALA A 713 9.83 -27.20 -26.00
N LEU A 714 10.35 -26.17 -25.46
CA LEU A 714 10.07 -26.13 -24.08
C LEU A 714 8.63 -25.67 -23.79
N ASN A 715 7.86 -25.01 -24.70
CA ASN A 715 6.88 -24.17 -23.94
C ASN A 715 6.70 -23.91 -22.44
N ASN A 716 5.41 -23.72 -22.04
CA ASN A 716 5.01 -23.22 -20.72
C ASN A 716 3.62 -23.79 -20.32
N ILE A 717 2.52 -23.02 -20.16
CA ILE A 717 1.18 -23.63 -20.02
C ILE A 717 0.12 -23.10 -21.01
N LEU A 718 0.38 -23.10 -22.33
CA LEU A 718 -0.68 -23.30 -23.36
C LEU A 718 -0.31 -24.04 -24.70
N THR A 719 0.95 -24.25 -25.19
CA THR A 719 1.14 -24.45 -26.65
C THR A 719 2.01 -25.68 -27.21
N ASP A 720 2.71 -26.53 -26.40
CA ASP A 720 3.74 -27.55 -26.83
C ASP A 720 3.33 -29.03 -26.98
N ASP A 721 4.20 -29.97 -26.50
CA ASP A 721 4.01 -31.43 -26.66
C ASP A 721 3.95 -32.31 -25.39
N THR A 722 3.47 -31.78 -24.24
CA THR A 722 3.03 -32.55 -23.04
C THR A 722 1.69 -32.08 -22.41
N PHE A 723 0.65 -31.91 -23.20
CA PHE A 723 -0.70 -31.76 -22.70
C PHE A 723 -1.65 -32.58 -23.60
N ILE A 724 -1.99 -33.80 -23.17
CA ILE A 724 -3.08 -34.62 -23.68
C ILE A 724 -3.56 -35.28 -22.42
N ALA A 725 -4.72 -35.90 -22.44
CA ALA A 725 -5.52 -35.50 -21.35
C ALA A 725 -6.70 -36.40 -21.06
N PRO A 726 -7.59 -36.03 -20.10
CA PRO A 726 -8.92 -36.59 -20.19
C PRO A 726 -9.42 -36.44 -21.56
N ILE A 727 -8.70 -35.75 -22.46
CA ILE A 727 -9.29 -35.40 -23.72
C ILE A 727 -9.85 -36.70 -24.20
N LEU A 728 -11.15 -36.96 -23.85
CA LEU A 728 -11.91 -38.06 -24.43
C LEU A 728 -13.30 -37.79 -25.20
N TRP A 729 -13.36 -36.82 -26.35
CA TRP A 729 -13.92 -36.44 -27.79
C TRP A 729 -13.03 -36.84 -29.09
N ASP A 730 -12.70 -36.04 -30.16
CA ASP A 730 -12.46 -36.66 -31.50
C ASP A 730 -11.16 -37.48 -31.83
N CYS A 731 -10.01 -36.90 -32.37
CA CYS A 731 -8.71 -37.68 -32.47
C CYS A 731 -7.36 -36.94 -32.71
N ASP A 732 -6.45 -36.77 -31.71
CA ASP A 732 -5.01 -36.51 -32.01
C ASP A 732 -3.97 -36.84 -30.88
N ALA A 733 -4.32 -36.85 -29.59
CA ALA A 733 -3.34 -36.42 -28.57
C ALA A 733 -2.68 -37.54 -27.67
N LEU A 734 -3.32 -38.69 -27.40
CA LEU A 734 -2.65 -39.67 -26.51
C LEU A 734 -1.51 -40.34 -27.22
N ILE A 735 -1.70 -40.79 -28.42
CA ILE A 735 -0.50 -41.09 -29.13
C ILE A 735 0.13 -39.77 -29.62
N TYR A 736 -0.47 -38.56 -29.36
CA TYR A 736 0.43 -37.39 -29.29
C TYR A 736 1.53 -37.66 -28.30
N ARG A 737 1.20 -38.44 -27.27
CA ARG A 737 2.15 -39.14 -26.42
C ARG A 737 2.88 -40.27 -27.13
N ASP A 738 2.45 -40.65 -28.31
CA ASP A 738 3.19 -41.79 -28.88
C ASP A 738 3.53 -41.78 -30.41
N GLU A 739 3.53 -40.64 -31.18
CA GLU A 739 4.25 -40.43 -32.46
C GLU A 739 4.90 -38.96 -32.65
N ALA A 740 5.23 -38.10 -31.61
CA ALA A 740 6.37 -37.14 -31.61
C ALA A 740 7.62 -37.58 -30.75
N ALA A 741 8.88 -37.56 -31.30
CA ALA A 741 10.29 -37.95 -30.91
C ALA A 741 11.34 -37.15 -30.07
N ARG A 742 12.25 -37.89 -29.34
CA ARG A 742 13.44 -37.62 -28.49
C ARG A 742 13.67 -37.29 -26.97
N ASP A 743 13.13 -38.02 -25.85
CA ASP A 743 13.73 -37.70 -24.51
C ASP A 743 14.25 -38.81 -23.52
N ARG A 744 13.40 -39.73 -22.96
CA ARG A 744 13.54 -40.48 -21.65
C ARG A 744 13.16 -41.99 -21.61
N LEU A 745 12.79 -42.63 -20.38
CA LEU A 745 12.52 -44.10 -20.11
C LEU A 745 11.34 -44.59 -19.23
N PRO A 746 10.47 -45.48 -19.72
CA PRO A 746 9.01 -45.49 -19.45
C PRO A 746 8.30 -46.36 -18.41
N ALA A 747 6.96 -46.12 -18.31
CA ALA A 747 5.89 -47.03 -17.85
C ALA A 747 4.50 -46.35 -17.86
N ILE A 748 3.40 -47.16 -17.86
CA ILE A 748 2.00 -46.68 -17.79
C ILE A 748 1.14 -47.71 -17.03
N ARG A 749 -0.20 -47.49 -17.00
CA ARG A 749 -1.20 -48.52 -16.71
C ARG A 749 -2.43 -48.36 -17.60
N VAL A 750 -3.26 -49.41 -17.73
CA VAL A 750 -4.63 -49.30 -18.28
C VAL A 750 -5.61 -49.78 -17.23
N SER A 751 -5.15 -49.96 -16.02
CA SER A 751 -6.06 -50.43 -15.02
C SER A 751 -6.80 -51.64 -15.57
N GLY A 752 -6.01 -52.53 -16.19
CA GLY A 752 -6.48 -53.55 -17.11
C GLY A 752 -5.36 -54.50 -17.54
N ARG A 753 -5.38 -55.00 -18.76
CA ARG A 753 -4.21 -55.65 -19.36
C ARG A 753 -3.87 -54.99 -20.68
N ASN A 754 -3.09 -55.69 -21.50
CA ASN A 754 -2.27 -55.03 -22.50
C ASN A 754 -1.54 -55.88 -23.53
N GLY A 755 -0.90 -55.16 -24.47
CA GLY A 755 -0.28 -55.36 -25.77
C GLY A 755 -0.76 -54.28 -26.73
N TYR A 756 0.18 -53.66 -27.45
CA TYR A 756 -0.21 -52.59 -28.38
C TYR A 756 0.23 -52.89 -29.80
N GLN A 757 -0.71 -52.74 -30.74
CA GLN A 757 -0.53 -53.11 -32.13
C GLN A 757 -0.91 -52.02 -33.13
N ALA A 758 -1.96 -51.25 -32.87
CA ALA A 758 -2.53 -50.29 -33.81
C ALA A 758 -3.14 -51.00 -35.02
N LEU A 759 -3.86 -52.08 -34.72
CA LEU A 759 -4.58 -52.87 -35.72
C LEU A 759 -5.91 -52.18 -35.79
N HIS A 760 -6.93 -52.88 -36.33
CA HIS A 760 -8.30 -52.78 -35.82
C HIS A 760 -9.33 -53.66 -36.58
N PHE A 761 -10.63 -53.54 -36.23
CA PHE A 761 -11.84 -54.31 -36.66
C PHE A 761 -11.97 -55.68 -35.99
N VAL A 762 -12.40 -55.58 -34.76
CA VAL A 762 -13.32 -56.54 -34.19
C VAL A 762 -14.63 -56.41 -34.96
N ASP A 763 -15.27 -57.54 -35.22
CA ASP A 763 -16.32 -57.65 -36.21
C ASP A 763 -17.62 -58.12 -35.58
N MET A 764 -18.62 -58.38 -36.43
CA MET A 764 -20.04 -58.41 -36.05
C MET A 764 -20.27 -59.09 -34.70
N ALA A 765 -19.31 -59.90 -34.25
CA ALA A 765 -19.51 -60.78 -33.10
C ALA A 765 -19.24 -60.06 -31.78
N GLY A 766 -19.54 -58.75 -31.70
CA GLY A 766 -19.14 -57.95 -30.55
C GLY A 766 -20.05 -56.91 -29.91
N HIS A 767 -21.36 -57.15 -29.74
CA HIS A 767 -22.18 -56.08 -29.16
C HIS A 767 -21.96 -55.96 -27.65
N ASN A 768 -21.56 -57.04 -26.98
CA ASN A 768 -20.52 -56.94 -25.96
C ASN A 768 -20.96 -56.22 -24.65
N PHE A 769 -21.73 -56.92 -23.77
CA PHE A 769 -22.31 -56.25 -22.58
C PHE A 769 -22.01 -56.82 -21.15
N GLN A 770 -21.13 -57.85 -20.92
CA GLN A 770 -20.45 -58.40 -19.66
C GLN A 770 -19.24 -59.33 -19.91
N ARG A 771 -17.98 -58.82 -19.91
CA ARG A 771 -16.85 -59.79 -20.18
C ARG A 771 -15.49 -59.10 -19.86
N ARG A 772 -14.42 -59.39 -20.67
CA ARG A 772 -13.05 -59.05 -20.27
C ARG A 772 -11.93 -58.52 -21.26
N ASP A 773 -12.00 -57.37 -22.02
CA ASP A 773 -10.86 -56.84 -22.81
C ASP A 773 -10.70 -55.24 -22.96
N ASN A 774 -9.43 -54.67 -23.23
CA ASN A 774 -8.95 -53.27 -23.56
C ASN A 774 -8.05 -52.99 -24.85
N VAL A 775 -8.52 -53.21 -26.12
CA VAL A 775 -7.97 -52.80 -27.45
C VAL A 775 -8.85 -51.73 -28.14
N LEU A 776 -8.26 -50.78 -28.88
CA LEU A 776 -8.91 -49.51 -29.23
C LEU A 776 -9.67 -49.52 -30.57
N ILE A 777 -10.95 -49.17 -30.53
CA ILE A 777 -11.81 -49.16 -31.73
C ILE A 777 -11.44 -48.00 -32.65
N HIS A 778 -11.63 -48.17 -33.95
CA HIS A 778 -11.50 -47.00 -34.83
C HIS A 778 -12.76 -46.72 -35.73
N GLY A 779 -13.15 -47.48 -36.76
CA GLY A 779 -14.45 -47.22 -37.37
C GLY A 779 -14.53 -45.96 -38.26
N ARG A 780 -15.02 -46.16 -39.57
CA ARG A 780 -14.79 -45.96 -41.04
C ARG A 780 -13.76 -44.85 -41.37
N PRO A 781 -12.80 -45.12 -42.30
CA PRO A 781 -11.81 -44.13 -42.81
C PRO A 781 -11.92 -43.64 -44.28
N VAL A 782 -11.63 -42.33 -44.54
CA VAL A 782 -11.79 -41.61 -45.84
C VAL A 782 -10.56 -41.57 -46.72
N ARG A 783 -9.57 -40.80 -46.29
CA ARG A 783 -8.28 -40.70 -46.97
C ARG A 783 -7.36 -41.61 -46.18
N GLY A 784 -7.98 -42.15 -45.14
CA GLY A 784 -7.83 -43.54 -44.81
C GLY A 784 -8.71 -44.32 -45.76
N ASP A 785 -9.27 -45.40 -45.25
CA ASP A 785 -9.83 -46.37 -46.14
C ASP A 785 -10.52 -47.46 -45.28
N THR A 786 -11.76 -47.92 -45.60
CA THR A 786 -12.63 -48.67 -44.65
C THR A 786 -12.41 -50.17 -44.47
N GLY A 787 -13.09 -50.79 -43.51
CA GLY A 787 -12.87 -52.22 -43.39
C GLY A 787 -12.30 -52.69 -42.05
N GLN A 788 -11.00 -53.03 -42.10
CA GLN A 788 -10.23 -53.69 -41.05
C GLN A 788 -8.93 -52.98 -40.67
N ALA A 789 -8.22 -52.40 -41.63
CA ALA A 789 -6.77 -52.28 -41.51
C ALA A 789 -6.26 -50.95 -41.03
N ILE A 790 -6.68 -49.85 -41.64
CA ILE A 790 -5.70 -48.89 -42.13
C ILE A 790 -4.81 -48.37 -41.01
N PRO A 791 -3.74 -47.67 -41.35
CA PRO A 791 -2.90 -47.11 -40.32
C PRO A 791 -3.66 -46.18 -39.35
N ILE A 792 -3.07 -45.97 -38.15
CA ILE A 792 -3.66 -45.13 -37.10
C ILE A 792 -2.72 -43.99 -36.73
N THR A 793 -3.01 -42.75 -37.18
CA THR A 793 -2.40 -41.46 -36.86
C THR A 793 -3.57 -40.62 -36.29
N PRO A 794 -3.43 -39.34 -35.90
CA PRO A 794 -4.62 -38.63 -35.44
C PRO A 794 -5.64 -38.53 -36.56
N HIS A 795 -6.93 -38.47 -36.21
CA HIS A 795 -7.92 -38.19 -37.25
C HIS A 795 -7.48 -37.03 -38.08
N HIS A 796 -7.39 -35.88 -37.46
CA HIS A 796 -7.07 -34.71 -38.22
C HIS A 796 -5.87 -34.16 -37.46
N ASP A 797 -5.55 -32.91 -37.66
CA ASP A 797 -4.21 -32.44 -37.77
C ASP A 797 -3.59 -32.13 -36.41
N ARG A 798 -2.71 -31.11 -36.43
CA ARG A 798 -2.07 -30.55 -35.23
C ARG A 798 -2.30 -29.00 -35.07
N GLU A 799 -3.61 -28.51 -35.08
CA GLU A 799 -4.06 -27.20 -34.52
C GLU A 799 -5.42 -27.29 -33.69
N TRP A 800 -6.41 -28.10 -34.10
CA TRP A 800 -7.74 -28.15 -33.45
C TRP A 800 -7.85 -29.03 -32.20
N GLY A 801 -7.63 -30.33 -32.30
CA GLY A 801 -7.97 -31.18 -31.16
C GLY A 801 -7.23 -30.76 -29.90
N ILE A 802 -6.01 -30.34 -30.06
CA ILE A 802 -5.44 -29.70 -28.90
C ILE A 802 -6.20 -28.37 -28.63
N LEU A 803 -6.68 -27.63 -29.69
CA LEU A 803 -7.70 -26.57 -29.45
C LEU A 803 -8.69 -26.97 -28.36
N SER A 804 -9.25 -28.15 -28.50
CA SER A 804 -9.88 -28.79 -27.36
C SER A 804 -9.11 -28.47 -26.10
N LYS A 805 -7.84 -28.77 -26.07
CA LYS A 805 -7.31 -29.10 -24.75
C LYS A 805 -6.82 -27.86 -23.93
N ILE A 806 -6.41 -26.77 -24.57
CA ILE A 806 -6.19 -25.56 -23.72
C ILE A 806 -7.51 -24.97 -23.26
N TYR A 807 -8.31 -24.47 -24.18
CA TYR A 807 -9.29 -23.53 -23.62
C TYR A 807 -10.25 -24.34 -22.76
N TYR A 808 -10.09 -25.71 -22.94
CA TYR A 808 -10.18 -26.67 -21.87
C TYR A 808 -9.52 -26.16 -20.68
N TYR A 809 -8.24 -25.96 -20.67
CA TYR A 809 -7.91 -25.38 -19.38
C TYR A 809 -8.39 -23.93 -19.24
N ILE A 810 -9.61 -23.65 -19.75
CA ILE A 810 -10.33 -22.37 -19.92
C ILE A 810 -11.99 -22.46 -19.70
N VAL A 811 -13.03 -21.33 -19.77
CA VAL A 811 -14.41 -20.51 -19.21
C VAL A 811 -15.95 -21.19 -19.06
N ILE A 812 -16.27 -22.52 -18.63
CA ILE A 812 -17.65 -23.06 -18.50
C ILE A 812 -18.25 -23.01 -17.07
N PRO A 813 -17.63 -23.59 -16.01
CA PRO A 813 -18.27 -23.60 -14.71
C PRO A 813 -18.61 -22.33 -14.16
N ALA A 814 -17.54 -21.63 -13.94
CA ALA A 814 -17.71 -20.30 -13.54
C ALA A 814 -18.76 -19.67 -14.45
N PHE A 815 -18.98 -20.16 -15.68
CA PHE A 815 -20.20 -19.68 -16.33
C PHE A 815 -21.43 -20.08 -15.53
N SER A 816 -21.47 -21.33 -15.08
CA SER A 816 -22.72 -22.07 -14.95
C SER A 816 -23.50 -21.82 -13.67
N ARG A 817 -23.28 -20.69 -12.97
CA ARG A 817 -23.53 -20.62 -11.53
C ARG A 817 -22.76 -21.77 -10.89
N GLY A 818 -21.91 -22.37 -11.69
CA GLY A 818 -21.65 -23.76 -11.49
C GLY A 818 -22.86 -24.58 -11.14
N SER A 819 -23.97 -24.39 -11.76
CA SER A 819 -25.13 -24.95 -11.07
C SER A 819 -25.17 -26.48 -10.95
N CYS A 820 -24.19 -27.22 -11.45
CA CYS A 820 -24.37 -28.55 -12.06
C CYS A 820 -23.53 -29.70 -11.41
N CYS A 821 -23.62 -30.98 -11.88
CA CYS A 821 -22.62 -32.04 -11.54
C CYS A 821 -22.88 -33.46 -12.06
N THR A 822 -21.92 -34.36 -11.78
CA THR A 822 -21.64 -35.50 -12.62
C THR A 822 -21.38 -36.76 -11.78
N MET A 823 -21.02 -37.87 -12.43
CA MET A 823 -21.39 -39.19 -11.93
C MET A 823 -20.71 -40.28 -12.75
N GLY A 824 -21.53 -41.29 -13.18
CA GLY A 824 -21.32 -42.01 -14.43
C GLY A 824 -22.67 -42.46 -15.06
N VAL A 825 -22.64 -43.28 -16.12
CA VAL A 825 -23.89 -43.93 -16.65
C VAL A 825 -23.71 -45.37 -17.16
N ARG A 826 -24.78 -45.91 -17.70
CA ARG A 826 -25.00 -47.34 -17.83
C ARG A 826 -25.77 -47.55 -19.17
N TYR A 827 -25.73 -48.78 -19.74
CA TYR A 827 -25.79 -48.95 -21.21
C TYR A 827 -26.72 -50.08 -21.78
N ASP A 828 -27.63 -50.76 -21.01
CA ASP A 828 -28.70 -51.63 -21.59
C ASP A 828 -30.23 -51.15 -21.43
N ARG A 829 -30.57 -49.85 -21.68
CA ARG A 829 -31.87 -49.11 -21.75
C ARG A 829 -31.92 -47.70 -22.47
N LEU A 830 -31.28 -47.48 -23.68
CA LEU A 830 -30.43 -46.29 -24.14
C LEU A 830 -29.06 -46.75 -25.02
N TYR A 831 -28.30 -48.24 -24.97
CA TYR A 831 -28.65 -49.68 -25.52
C TYR A 831 -30.34 -50.21 -25.29
N PRO A 832 -31.05 -50.93 -26.22
CA PRO A 832 -32.53 -50.64 -26.99
C PRO A 832 -34.20 -51.09 -26.85
N ALA A 833 -35.24 -50.13 -26.58
CA ALA A 833 -36.69 -49.84 -26.94
C ALA A 833 -37.04 -48.54 -27.83
N LEU A 834 -36.10 -47.82 -28.60
CA LEU A 834 -36.14 -46.82 -29.74
C LEU A 834 -35.71 -47.26 -31.19
N GLN A 835 -34.82 -48.27 -31.43
CA GLN A 835 -34.57 -48.99 -32.72
C GLN A 835 -35.46 -50.26 -32.96
N ALA A 836 -36.31 -50.38 -33.97
CA ALA A 836 -37.76 -50.79 -33.96
C ALA A 836 -38.61 -51.64 -32.96
N VAL A 837 -39.63 -51.01 -32.27
CA VAL A 837 -41.10 -50.99 -32.57
C VAL A 837 -41.88 -49.66 -32.15
N ILE A 838 -41.72 -48.48 -32.89
CA ILE A 838 -42.54 -47.25 -33.25
C ILE A 838 -42.46 -46.57 -34.70
N VAL A 839 -42.58 -47.31 -35.84
CA VAL A 839 -43.27 -47.10 -37.16
C VAL A 839 -43.98 -48.40 -37.65
N PRO A 840 -45.35 -48.39 -38.05
CA PRO A 840 -46.06 -49.65 -38.33
C PRO A 840 -46.73 -49.71 -39.71
N GLU A 841 -47.89 -49.04 -39.82
CA GLU A 841 -48.64 -48.76 -41.04
C GLU A 841 -49.38 -47.43 -40.85
N ILE A 842 -49.09 -46.46 -41.72
CA ILE A 842 -49.93 -45.26 -41.86
C ILE A 842 -50.79 -45.38 -43.11
N PRO A 843 -51.86 -44.61 -43.24
CA PRO A 843 -52.28 -44.15 -44.57
C PRO A 843 -51.53 -42.87 -44.96
N ALA A 844 -50.31 -43.05 -45.47
CA ALA A 844 -49.41 -41.91 -45.64
C ALA A 844 -49.75 -41.04 -46.83
N ASP A 845 -48.85 -40.09 -47.07
CA ASP A 845 -48.83 -39.28 -48.28
C ASP A 845 -50.12 -38.48 -48.48
N GLU A 846 -50.29 -37.49 -47.61
CA GLU A 846 -51.25 -36.41 -47.74
C GLU A 846 -50.55 -35.14 -47.30
N GLU A 847 -50.85 -34.00 -47.93
CA GLU A 847 -49.84 -32.97 -48.20
C GLU A 847 -49.20 -32.33 -46.96
N ALA A 848 -48.34 -31.32 -47.19
CA ALA A 848 -47.20 -30.93 -46.31
C ALA A 848 -47.53 -30.64 -44.85
N PRO A 849 -46.70 -31.08 -43.89
CA PRO A 849 -47.05 -31.04 -42.46
C PRO A 849 -46.61 -29.77 -41.73
N THR A 850 -47.55 -29.13 -41.00
CA THR A 850 -47.20 -27.89 -40.29
C THR A 850 -47.40 -27.87 -38.77
N THR A 851 -48.69 -27.94 -38.20
CA THR A 851 -48.83 -27.23 -36.91
C THR A 851 -49.61 -28.03 -35.86
N PRO A 852 -49.27 -27.93 -34.57
CA PRO A 852 -49.47 -29.02 -33.60
C PRO A 852 -50.82 -29.11 -32.88
N GLU A 853 -51.87 -29.72 -33.41
CA GLU A 853 -52.95 -30.17 -32.52
C GLU A 853 -53.62 -31.48 -32.96
N ASP A 854 -52.75 -32.67 -33.41
CA ASP A 854 -53.89 -33.50 -33.82
C ASP A 854 -53.70 -34.98 -33.58
N PRO A 855 -54.78 -35.72 -33.86
CA PRO A 855 -54.66 -37.16 -34.08
C PRO A 855 -53.61 -37.57 -35.09
N ARG A 856 -52.95 -36.67 -35.82
CA ARG A 856 -51.79 -37.22 -36.51
C ARG A 856 -50.51 -37.05 -35.73
N HIS A 857 -49.73 -36.01 -35.93
CA HIS A 857 -48.27 -36.20 -35.98
C HIS A 857 -47.68 -36.88 -34.74
N PRO A 858 -46.54 -37.57 -34.82
CA PRO A 858 -46.28 -38.67 -33.82
C PRO A 858 -45.92 -38.36 -32.34
N LEU A 859 -46.87 -38.04 -31.39
CA LEU A 859 -46.82 -38.28 -29.91
C LEU A 859 -48.22 -38.26 -29.16
N HIS A 860 -48.88 -39.40 -28.80
CA HIS A 860 -50.35 -39.53 -29.03
C HIS A 860 -51.09 -40.28 -27.86
N ALA A 861 -52.18 -41.09 -28.07
CA ALA A 861 -52.86 -41.73 -26.89
C ALA A 861 -53.25 -43.28 -26.90
N HIS A 862 -52.85 -44.13 -27.89
CA HIS A 862 -52.71 -45.60 -27.77
C HIS A 862 -51.44 -46.20 -28.47
N GLN A 863 -50.20 -45.66 -28.23
CA GLN A 863 -48.83 -46.14 -28.48
C GLN A 863 -47.73 -45.72 -27.40
N LEU A 864 -48.13 -45.55 -26.09
CA LEU A 864 -47.49 -45.35 -24.72
C LEU A 864 -48.43 -45.81 -23.61
N VAL A 865 -48.06 -46.85 -22.87
CA VAL A 865 -48.57 -46.91 -21.50
C VAL A 865 -47.31 -47.46 -20.84
N PRO A 866 -47.22 -47.83 -19.55
CA PRO A 866 -45.89 -48.17 -19.03
C PRO A 866 -45.09 -49.18 -19.85
N ASN A 867 -43.82 -49.23 -19.46
CA ASN A 867 -42.91 -50.29 -19.81
C ASN A 867 -42.38 -50.25 -21.25
N SER A 868 -41.75 -49.12 -21.56
CA SER A 868 -40.60 -48.99 -22.44
C SER A 868 -40.45 -47.51 -22.81
N LEU A 869 -40.95 -47.08 -23.98
CA LEU A 869 -40.07 -46.08 -24.56
C LEU A 869 -40.77 -44.71 -24.81
N ASN A 870 -41.93 -44.37 -24.05
CA ASN A 870 -42.83 -43.20 -24.39
C ASN A 870 -42.97 -41.84 -23.45
N VAL A 871 -42.29 -41.54 -22.24
CA VAL A 871 -42.17 -40.07 -21.71
C VAL A 871 -40.70 -39.25 -21.29
N TYR A 872 -39.42 -39.28 -22.03
CA TYR A 872 -38.28 -38.24 -22.41
C TYR A 872 -37.94 -37.87 -24.10
N PHE A 873 -38.22 -38.78 -25.35
CA PHE A 873 -38.90 -38.57 -26.79
C PHE A 873 -40.55 -38.79 -26.95
N HIS A 874 -41.52 -39.12 -25.86
CA HIS A 874 -42.91 -38.47 -25.51
C HIS A 874 -43.19 -37.69 -24.06
N ASN A 875 -42.30 -37.41 -23.00
CA ASN A 875 -42.53 -36.17 -22.15
C ASN A 875 -42.78 -34.89 -22.88
N ALA A 876 -41.76 -34.29 -23.51
CA ALA A 876 -41.67 -32.83 -23.62
C ALA A 876 -41.58 -32.27 -25.07
N HIS A 877 -42.52 -32.63 -25.96
CA HIS A 877 -43.11 -31.91 -27.15
C HIS A 877 -42.13 -30.93 -27.77
N LEU A 878 -40.86 -31.18 -27.51
CA LEU A 878 -39.98 -31.37 -28.64
C LEU A 878 -40.66 -32.39 -29.53
N THR A 879 -41.02 -31.96 -30.72
CA THR A 879 -41.67 -32.80 -31.69
C THR A 879 -41.14 -32.50 -33.09
N VAL A 880 -41.19 -33.51 -33.92
CA VAL A 880 -40.13 -33.87 -34.84
C VAL A 880 -40.76 -34.23 -36.18
N ASP A 881 -40.12 -35.11 -36.91
CA ASP A 881 -40.61 -35.39 -38.25
C ASP A 881 -40.48 -36.93 -38.49
N GLY A 882 -40.69 -37.44 -39.72
CA GLY A 882 -40.84 -38.90 -39.98
C GLY A 882 -39.59 -39.74 -40.28
N ASP A 883 -38.52 -39.16 -40.99
CA ASP A 883 -37.33 -39.91 -41.49
C ASP A 883 -36.07 -40.04 -40.53
N ALA A 884 -35.75 -39.14 -39.60
CA ALA A 884 -34.51 -39.26 -38.79
C ALA A 884 -34.45 -40.42 -37.76
N LEU A 885 -35.52 -40.66 -36.95
CA LEU A 885 -35.53 -41.66 -35.88
C LEU A 885 -36.23 -43.02 -36.22
N LEU A 886 -37.09 -43.18 -37.28
CA LEU A 886 -37.26 -44.62 -37.58
C LEU A 886 -36.00 -45.29 -38.12
N THR A 887 -35.58 -45.03 -39.39
CA THR A 887 -35.23 -46.24 -40.20
C THR A 887 -33.87 -46.85 -39.90
N LEU A 888 -33.57 -48.01 -40.57
CA LEU A 888 -32.73 -49.08 -39.98
C LEU A 888 -31.33 -49.35 -40.63
N GLN A 889 -30.97 -48.74 -41.83
CA GLN A 889 -29.57 -48.72 -42.40
C GLN A 889 -28.81 -47.32 -42.65
N GLU A 890 -29.08 -46.16 -41.92
CA GLU A 890 -28.28 -44.96 -41.46
C GLU A 890 -28.64 -44.29 -40.04
N LEU A 891 -29.18 -45.01 -38.96
CA LEU A 891 -28.58 -45.10 -37.56
C LEU A 891 -28.36 -46.57 -36.88
N MET A 892 -28.49 -47.82 -37.50
CA MET A 892 -27.86 -49.02 -36.86
C MET A 892 -26.31 -49.05 -36.84
N GLY A 893 -25.52 -49.41 -37.85
CA GLY A 893 -24.17 -48.79 -37.94
C GLY A 893 -23.28 -48.81 -36.69
N ASP A 894 -23.34 -47.72 -35.85
CA ASP A 894 -22.40 -47.25 -34.81
C ASP A 894 -22.95 -47.07 -33.34
N MET A 895 -22.64 -48.05 -32.43
CA MET A 895 -23.16 -48.43 -31.09
C MET A 895 -22.23 -48.25 -29.88
N ALA A 896 -21.32 -49.22 -29.69
CA ALA A 896 -20.98 -49.68 -28.33
C ALA A 896 -19.69 -50.51 -28.23
N GLU A 897 -18.62 -50.04 -27.55
CA GLU A 897 -17.71 -50.94 -26.82
C GLU A 897 -16.83 -50.21 -25.76
N ARG A 898 -17.04 -48.91 -25.55
CA ARG A 898 -16.68 -47.94 -24.49
C ARG A 898 -15.39 -48.26 -23.75
N THR A 899 -15.46 -48.16 -22.41
CA THR A 899 -14.50 -47.36 -21.64
C THR A 899 -13.37 -48.03 -20.87
N THR A 900 -12.72 -49.05 -21.43
CA THR A 900 -11.49 -49.47 -20.76
C THR A 900 -10.37 -48.50 -21.14
N ALA A 901 -9.24 -48.44 -20.39
CA ALA A 901 -8.46 -47.20 -20.40
C ALA A 901 -7.17 -47.12 -19.57
N ILE A 902 -6.30 -46.15 -19.91
CA ILE A 902 -4.83 -46.19 -19.79
C ILE A 902 -4.35 -45.20 -18.71
N LEU A 903 -3.26 -45.49 -17.95
CA LEU A 903 -2.93 -44.67 -16.74
C LEU A 903 -1.47 -44.09 -16.78
N VAL A 904 -1.35 -42.72 -16.88
CA VAL A 904 -0.32 -41.89 -17.57
C VAL A 904 0.99 -41.82 -16.80
N SER A 905 2.03 -41.34 -17.46
CA SER A 905 3.30 -41.01 -16.83
C SER A 905 3.79 -39.65 -17.29
N SER A 906 2.86 -38.74 -17.59
CA SER A 906 3.05 -37.54 -18.39
C SER A 906 4.37 -36.85 -18.06
N ALA A 907 4.92 -36.14 -19.04
CA ALA A 907 6.21 -35.48 -18.96
C ALA A 907 6.16 -34.08 -19.47
N PRO A 908 5.99 -33.09 -18.60
CA PRO A 908 6.02 -31.71 -19.09
C PRO A 908 7.32 -31.50 -19.83
N ASP A 909 7.48 -30.33 -20.40
CA ASP A 909 8.30 -30.24 -21.59
C ASP A 909 9.79 -30.26 -21.20
N ALA A 910 10.61 -29.46 -21.86
CA ALA A 910 12.00 -29.53 -21.44
C ALA A 910 12.32 -28.83 -20.09
N GLY A 911 11.67 -29.17 -18.96
CA GLY A 911 12.01 -28.55 -17.66
C GLY A 911 12.43 -29.47 -16.49
N ALA A 912 12.39 -30.84 -16.66
CA ALA A 912 13.07 -31.89 -15.86
C ALA A 912 14.30 -32.61 -16.54
N ALA A 913 15.43 -31.89 -16.76
CA ALA A 913 16.84 -32.28 -16.95
C ALA A 913 17.83 -31.48 -16.04
N THR A 914 17.90 -31.88 -14.74
CA THR A 914 18.79 -31.75 -13.57
C THR A 914 18.29 -32.68 -12.43
N ALA A 915 19.14 -33.49 -11.82
CA ALA A 915 18.76 -34.89 -11.64
C ALA A 915 17.52 -35.12 -10.78
N THR A 916 16.36 -34.60 -11.16
CA THR A 916 15.20 -34.94 -10.34
C THR A 916 14.46 -36.20 -10.76
N THR A 917 13.88 -36.29 -11.96
CA THR A 917 12.61 -36.99 -12.16
C THR A 917 12.50 -38.14 -13.18
N ARG A 918 13.32 -39.21 -13.18
CA ARG A 918 13.05 -40.25 -14.21
C ARG A 918 11.84 -41.05 -13.81
N ASN A 919 11.98 -41.80 -12.74
CA ASN A 919 10.84 -42.46 -12.13
C ASN A 919 10.09 -41.49 -11.26
N MET A 920 10.41 -40.20 -11.37
CA MET A 920 9.64 -39.18 -10.67
C MET A 920 8.54 -38.71 -11.60
N ARG A 921 8.04 -39.62 -12.39
CA ARG A 921 6.98 -39.58 -13.38
C ARG A 921 5.84 -38.63 -13.00
N ILE A 922 5.17 -38.08 -14.02
CA ILE A 922 3.91 -37.42 -13.70
C ILE A 922 2.76 -38.19 -14.37
N TYR A 923 2.12 -39.09 -13.63
CA TYR A 923 0.69 -39.28 -13.88
C TYR A 923 0.05 -37.91 -13.79
N ASP A 924 -1.06 -37.78 -14.51
CA ASP A 924 -1.97 -36.66 -14.52
C ASP A 924 -3.06 -37.10 -15.49
N GLY A 925 -4.34 -36.98 -15.10
CA GLY A 925 -5.33 -38.00 -15.40
C GLY A 925 -6.52 -37.75 -16.30
N ALA A 926 -6.92 -38.84 -16.95
CA ALA A 926 -7.59 -38.83 -18.24
C ALA A 926 -8.76 -39.81 -18.23
N LEU A 927 -9.48 -39.81 -19.35
CA LEU A 927 -10.83 -40.37 -19.47
C LEU A 927 -10.75 -41.61 -20.38
N TYR A 928 -11.67 -42.66 -20.34
CA TYR A 928 -11.87 -43.44 -21.60
C TYR A 928 -13.10 -44.32 -21.92
N HIS A 929 -14.33 -44.00 -21.53
CA HIS A 929 -15.51 -43.84 -22.48
C HIS A 929 -16.77 -43.48 -21.71
N GLY A 930 -17.22 -42.20 -21.69
CA GLY A 930 -18.31 -41.72 -20.82
C GLY A 930 -19.63 -41.28 -21.52
N LEU A 931 -20.09 -40.06 -21.18
CA LEU A 931 -21.31 -39.50 -21.79
C LEU A 931 -21.29 -37.97 -21.56
N ILE A 932 -22.39 -37.18 -21.59
CA ILE A 932 -22.37 -35.80 -20.96
C ILE A 932 -23.57 -35.28 -20.16
N MET A 933 -23.53 -35.42 -18.81
CA MET A 933 -24.58 -34.86 -17.94
C MET A 933 -23.99 -34.11 -16.75
N MET A 934 -24.80 -33.23 -16.20
CA MET A 934 -24.69 -32.75 -14.85
C MET A 934 -26.01 -32.30 -14.26
N ALA A 935 -27.19 -32.69 -14.77
CA ALA A 935 -28.33 -31.77 -14.61
C ALA A 935 -29.29 -32.07 -13.47
N TYR A 936 -29.61 -30.99 -12.75
CA TYR A 936 -30.41 -31.02 -11.54
C TYR A 936 -31.81 -31.15 -11.95
N GLN A 937 -32.07 -32.10 -12.80
CA GLN A 937 -33.45 -32.43 -12.94
C GLN A 937 -33.81 -33.08 -11.61
N ALA A 938 -33.69 -32.28 -10.53
CA ALA A 938 -33.57 -32.79 -9.17
C ALA A 938 -34.87 -33.14 -8.53
N TYR A 939 -35.55 -32.11 -8.11
CA TYR A 939 -36.92 -32.14 -7.74
C TYR A 939 -37.74 -32.29 -8.97
N ASP A 940 -37.95 -33.50 -9.43
CA ASP A 940 -38.20 -33.55 -10.86
C ASP A 940 -38.96 -34.75 -11.36
N GLU A 941 -40.08 -35.08 -10.77
CA GLU A 941 -40.39 -36.47 -10.44
C GLU A 941 -40.22 -37.52 -11.57
N THR A 942 -39.27 -37.37 -12.52
CA THR A 942 -38.88 -38.51 -13.37
C THR A 942 -37.89 -39.55 -12.78
N ILE A 943 -36.63 -39.22 -12.52
CA ILE A 943 -35.59 -40.21 -12.20
C ILE A 943 -35.69 -40.63 -10.75
N ALA A 944 -36.46 -41.68 -10.46
CA ALA A 944 -37.05 -41.83 -9.13
C ALA A 944 -36.03 -42.18 -8.08
N THR A 945 -35.19 -41.20 -7.77
CA THR A 945 -34.00 -41.54 -7.04
C THR A 945 -33.27 -42.60 -7.86
N GLY A 946 -33.63 -42.70 -9.15
CA GLY A 946 -32.81 -43.61 -9.90
C GLY A 946 -33.26 -44.33 -11.17
N THR A 947 -33.22 -45.74 -11.26
CA THR A 947 -32.29 -46.94 -11.57
C THR A 947 -31.04 -46.89 -12.47
N PHE A 948 -31.09 -46.52 -13.74
CA PHE A 948 -30.01 -46.85 -14.69
C PHE A 948 -28.57 -46.63 -14.18
N PHE A 949 -28.14 -45.38 -13.83
CA PHE A 949 -26.74 -44.89 -13.96
C PHE A 949 -26.01 -44.49 -12.65
N TYR A 950 -24.64 -44.58 -12.63
CA TYR A 950 -23.76 -44.75 -11.45
C TYR A 950 -22.71 -43.63 -11.45
N PRO A 951 -21.79 -43.60 -10.47
CA PRO A 951 -20.72 -42.58 -10.42
C PRO A 951 -19.31 -43.01 -10.83
N VAL A 952 -18.56 -42.05 -11.38
CA VAL A 952 -17.16 -42.25 -11.76
C VAL A 952 -16.51 -40.87 -11.61
N PRO A 953 -15.75 -40.63 -10.53
CA PRO A 953 -15.42 -39.27 -10.04
C PRO A 953 -14.02 -38.65 -9.93
N VAL A 954 -13.21 -38.43 -10.99
CA VAL A 954 -11.93 -37.71 -10.77
C VAL A 954 -11.54 -36.78 -11.91
N ASN A 955 -11.24 -35.58 -11.59
CA ASN A 955 -10.21 -34.76 -12.21
C ASN A 955 -10.36 -33.77 -11.07
N PRO A 956 -9.73 -32.60 -11.09
CA PRO A 956 -10.04 -31.53 -10.16
C PRO A 956 -10.45 -30.08 -10.54
N LEU A 957 -11.15 -29.83 -11.68
CA LEU A 957 -12.16 -28.73 -11.79
C LEU A 957 -13.64 -29.18 -11.73
N PHE A 958 -14.16 -29.84 -12.73
CA PHE A 958 -15.59 -30.06 -12.83
C PHE A 958 -16.15 -30.93 -11.71
N ALA A 959 -16.42 -30.33 -10.53
CA ALA A 959 -17.22 -30.94 -9.46
C ALA A 959 -18.33 -29.98 -8.96
N CYS A 960 -19.00 -30.23 -7.85
CA CYS A 960 -20.39 -29.79 -7.73
C CYS A 960 -21.07 -29.76 -6.35
N PRO A 961 -21.54 -28.61 -5.77
CA PRO A 961 -22.15 -28.67 -4.38
C PRO A 961 -23.69 -28.81 -4.11
N GLU A 962 -24.39 -30.00 -4.09
CA GLU A 962 -25.37 -30.45 -3.03
C GLU A 962 -25.55 -31.99 -2.87
N HIS A 963 -24.54 -32.82 -2.57
CA HIS A 963 -24.49 -33.95 -3.47
C HIS A 963 -25.52 -34.94 -3.03
N LEU A 964 -25.56 -35.18 -1.75
CA LEU A 964 -25.63 -36.53 -1.24
C LEU A 964 -26.98 -37.15 -1.47
N ALA A 965 -27.36 -37.35 -2.76
CA ALA A 965 -28.74 -37.57 -3.23
C ALA A 965 -28.90 -38.68 -4.30
N SER A 966 -27.84 -39.10 -5.03
CA SER A 966 -27.89 -40.03 -6.18
C SER A 966 -27.12 -41.36 -6.06
N LEU A 967 -25.95 -41.45 -5.43
CA LEU A 967 -25.28 -42.73 -5.14
C LEU A 967 -25.40 -43.13 -3.69
N ARG A 968 -25.64 -44.41 -3.41
CA ARG A 968 -26.23 -44.74 -2.12
C ARG A 968 -26.10 -46.20 -1.70
N GLY A 969 -27.06 -46.64 -0.88
CA GLY A 969 -27.17 -47.96 -0.27
C GLY A 969 -27.63 -48.03 1.18
N MET A 970 -28.22 -46.95 1.72
CA MET A 970 -28.11 -46.63 3.15
C MET A 970 -28.93 -45.38 3.55
N THR A 971 -28.42 -44.56 4.53
CA THR A 971 -29.17 -43.40 5.08
C THR A 971 -28.57 -41.94 4.95
N ASN A 972 -27.36 -41.64 5.54
CA ASN A 972 -26.81 -40.25 5.65
C ASN A 972 -25.28 -40.10 5.34
N ALA A 973 -24.76 -40.65 4.23
CA ALA A 973 -23.34 -41.05 4.18
C ALA A 973 -22.33 -40.01 3.67
N ARG A 974 -22.31 -39.70 2.37
CA ARG A 974 -21.08 -39.12 1.82
C ARG A 974 -20.88 -37.68 2.29
N ARG A 975 -21.92 -37.07 2.75
CA ARG A 975 -21.65 -35.71 3.14
C ARG A 975 -21.10 -35.61 4.57
N VAL A 976 -21.77 -36.15 5.64
CA VAL A 976 -21.19 -35.67 6.94
C VAL A 976 -19.88 -36.35 7.22
N LEU A 977 -19.26 -36.92 6.22
CA LEU A 977 -17.82 -36.56 6.31
C LEU A 977 -17.23 -35.96 5.03
N ALA A 978 -18.04 -35.30 4.21
CA ALA A 978 -17.41 -34.61 3.10
C ALA A 978 -17.93 -33.21 2.78
N LYS A 979 -18.13 -32.24 3.74
CA LYS A 979 -18.54 -30.79 3.49
C LYS A 979 -17.68 -29.62 2.88
N MET A 980 -16.41 -29.65 2.50
CA MET A 980 -15.80 -28.40 1.98
C MET A 980 -15.04 -28.49 0.63
N VAL A 981 -14.39 -29.63 0.29
CA VAL A 981 -13.74 -29.89 -1.01
C VAL A 981 -13.96 -31.41 -1.14
N PRO A 982 -14.89 -31.97 -1.93
CA PRO A 982 -15.81 -33.19 -1.50
C PRO A 982 -15.06 -34.51 -1.29
N PRO A 983 -15.61 -35.80 -1.37
CA PRO A 983 -14.81 -36.94 -0.82
C PRO A 983 -13.89 -37.66 -1.82
N ILE A 984 -12.58 -37.77 -1.48
CA ILE A 984 -11.46 -38.25 -2.33
C ILE A 984 -11.12 -39.74 -2.41
N PRO A 985 -10.39 -40.12 -3.47
CA PRO A 985 -10.31 -41.43 -3.98
C PRO A 985 -9.05 -42.18 -3.62
N PRO A 986 -8.96 -43.44 -4.04
CA PRO A 986 -7.75 -43.88 -4.75
C PRO A 986 -7.53 -43.41 -6.22
N PHE A 987 -7.91 -44.18 -7.27
CA PHE A 987 -6.89 -44.45 -8.32
C PHE A 987 -7.11 -43.97 -9.78
N LEU A 988 -6.74 -42.76 -10.18
CA LEU A 988 -6.46 -42.56 -11.59
C LEU A 988 -5.33 -41.57 -11.77
N GLY A 989 -4.26 -41.69 -11.02
CA GLY A 989 -3.52 -40.47 -10.88
C GLY A 989 -4.28 -39.62 -9.89
N ALA A 990 -3.60 -39.11 -8.89
CA ALA A 990 -4.38 -38.48 -7.84
C ALA A 990 -4.67 -37.04 -8.20
N ASN A 991 -5.91 -36.60 -7.96
CA ASN A 991 -6.17 -35.16 -7.92
C ASN A 991 -4.95 -34.48 -7.33
N HIS A 992 -4.30 -35.14 -6.35
CA HIS A 992 -2.91 -34.94 -5.92
C HIS A 992 -1.91 -35.21 -7.02
N HIS A 993 -1.46 -36.40 -7.18
CA HIS A 993 -0.03 -36.53 -7.15
C HIS A 993 0.74 -35.47 -8.02
N ALA A 994 0.15 -34.65 -8.95
CA ALA A 994 0.84 -33.56 -9.75
C ALA A 994 0.59 -32.08 -9.27
N THR A 995 0.06 -31.19 -10.20
CA THR A 995 -0.22 -29.70 -10.25
C THR A 995 -1.67 -29.03 -9.86
N ILE A 996 -2.77 -29.71 -9.25
CA ILE A 996 -4.29 -29.46 -9.12
C ILE A 996 -4.88 -29.49 -7.72
N ARG A 997 -5.46 -28.45 -7.23
CA ARG A 997 -6.19 -28.68 -5.98
C ARG A 997 -7.64 -28.22 -6.20
N GLN A 998 -8.18 -27.31 -5.36
CA GLN A 998 -9.58 -26.90 -5.55
C GLN A 998 -9.80 -25.47 -6.14
N PRO A 999 -9.32 -25.17 -7.41
CA PRO A 999 -8.59 -23.91 -7.86
C PRO A 999 -9.32 -22.46 -8.50
N VAL A 1000 -10.24 -22.43 -9.58
CA VAL A 1000 -11.44 -21.57 -9.94
C VAL A 1000 -12.77 -21.72 -9.04
N ALA A 1001 -13.30 -22.89 -8.61
CA ALA A 1001 -14.35 -22.83 -7.54
C ALA A 1001 -14.05 -22.01 -6.30
N TYR A 1002 -13.17 -22.47 -5.40
CA TYR A 1002 -13.20 -21.94 -4.05
C TYR A 1002 -12.11 -20.85 -3.68
N HIS A 1003 -11.41 -20.14 -4.63
CA HIS A 1003 -10.96 -18.78 -4.21
C HIS A 1003 -11.64 -17.64 -4.93
N VAL A 1004 -12.57 -17.87 -5.85
CA VAL A 1004 -13.41 -16.65 -5.99
C VAL A 1004 -14.87 -17.02 -6.01
N THR A 1005 -15.11 -18.31 -5.77
CA THR A 1005 -16.16 -18.65 -4.84
C THR A 1005 -16.04 -17.77 -3.64
N HIS A 1006 -15.04 -16.84 -3.61
CA HIS A 1006 -15.17 -15.78 -2.64
C HIS A 1006 -14.85 -14.40 -3.21
N SER A 1007 -14.56 -14.29 -4.52
CA SER A 1007 -14.53 -12.99 -5.18
C SER A 1007 -14.79 -12.92 -6.69
N LYS A 1008 -16.04 -13.04 -7.12
CA LYS A 1008 -16.42 -13.31 -8.52
C LYS A 1008 -16.56 -12.07 -9.34
N SER A 1009 -15.47 -11.34 -9.51
CA SER A 1009 -15.54 -9.93 -9.87
C SER A 1009 -16.66 -9.59 -10.84
N ASP A 1010 -16.95 -10.45 -11.78
CA ASP A 1010 -17.53 -9.91 -12.99
C ASP A 1010 -18.15 -11.05 -13.77
N PHE A 1011 -19.09 -10.71 -14.66
CA PHE A 1011 -19.19 -11.46 -15.90
C PHE A 1011 -17.81 -11.76 -16.45
N ASN A 1012 -16.91 -10.79 -16.31
CA ASN A 1012 -16.00 -10.47 -17.39
C ASN A 1012 -14.55 -10.20 -16.95
N THR A 1013 -14.33 -9.34 -15.94
CA THR A 1013 -12.94 -9.12 -15.55
C THR A 1013 -12.33 -10.41 -15.05
N LEU A 1014 -13.14 -11.13 -14.23
CA LEU A 1014 -13.13 -12.60 -14.05
C LEU A 1014 -12.85 -13.28 -15.36
N THR A 1015 -13.17 -12.59 -16.41
CA THR A 1015 -12.76 -13.19 -17.61
C THR A 1015 -11.68 -12.40 -18.37
N TYR A 1016 -10.80 -11.60 -17.76
CA TYR A 1016 -9.59 -11.30 -18.59
C TYR A 1016 -8.29 -11.98 -18.10
N SER A 1017 -8.19 -12.21 -16.82
CA SER A 1017 -7.04 -13.02 -16.33
C SER A 1017 -7.05 -14.59 -16.67
N LEU A 1018 -8.24 -15.31 -16.73
CA LEU A 1018 -8.43 -16.76 -17.05
C LEU A 1018 -7.90 -17.00 -18.43
N LEU A 1019 -8.38 -16.28 -19.47
CA LEU A 1019 -7.51 -16.46 -20.62
C LEU A 1019 -6.10 -15.99 -20.25
N GLY A 1020 -5.94 -15.45 -19.05
CA GLY A 1020 -4.59 -15.63 -18.57
C GLY A 1020 -4.21 -16.58 -17.44
N GLY A 1021 -4.88 -17.72 -17.12
CA GLY A 1021 -4.66 -18.29 -15.75
C GLY A 1021 -3.68 -19.44 -15.34
N TYR A 1022 -2.42 -19.57 -15.91
CA TYR A 1022 -1.38 -20.65 -15.58
C TYR A 1022 0.19 -20.41 -15.48
N PHE A 1023 0.74 -19.33 -14.78
CA PHE A 1023 2.21 -18.94 -14.66
C PHE A 1023 3.20 -19.84 -13.91
N LYS A 1024 4.52 -19.56 -14.03
CA LYS A 1024 5.58 -20.40 -13.44
C LYS A 1024 6.99 -19.73 -13.54
N PHE A 1025 8.08 -20.51 -13.30
CA PHE A 1025 9.49 -20.06 -13.07
C PHE A 1025 10.61 -20.86 -13.79
N THR A 1026 10.67 -20.91 -15.12
CA THR A 1026 11.69 -21.67 -15.89
C THR A 1026 12.72 -20.76 -16.66
N PRO A 1027 13.68 -21.32 -17.51
CA PRO A 1027 14.61 -20.50 -18.43
C PRO A 1027 14.22 -20.05 -19.93
N ILE A 1028 13.41 -20.78 -20.76
CA ILE A 1028 12.92 -20.21 -22.04
C ILE A 1028 11.50 -19.53 -22.00
N SER A 1029 10.52 -20.04 -21.21
CA SER A 1029 9.16 -19.46 -21.12
C SER A 1029 8.91 -18.46 -19.95
N LEU A 1030 9.51 -18.63 -18.77
CA LEU A 1030 9.38 -17.59 -17.74
C LEU A 1030 10.02 -16.22 -18.11
N THR A 1031 11.30 -16.14 -18.58
CA THR A 1031 11.64 -14.87 -19.24
C THR A 1031 10.94 -14.75 -20.57
N HIS A 1032 10.18 -15.76 -21.04
CA HIS A 1032 9.10 -15.29 -21.86
C HIS A 1032 8.43 -14.22 -21.07
N GLN A 1033 7.71 -14.60 -20.07
CA GLN A 1033 7.03 -13.51 -19.41
C GLN A 1033 8.05 -12.63 -18.68
N LEU A 1034 9.34 -12.69 -19.11
CA LEU A 1034 10.38 -11.75 -18.66
C LEU A 1034 11.29 -11.14 -19.75
N ARG A 1035 10.93 -11.10 -21.04
CA ARG A 1035 11.77 -10.32 -21.97
C ARG A 1035 11.03 -9.67 -23.15
N THR A 1036 9.75 -9.95 -23.39
CA THR A 1036 9.08 -9.37 -24.60
C THR A 1036 7.98 -8.33 -24.35
N GLY A 1037 7.15 -8.46 -23.30
CA GLY A 1037 5.81 -7.86 -23.20
C GLY A 1037 4.79 -8.55 -22.29
N PHE A 1038 5.02 -9.80 -21.83
CA PHE A 1038 4.11 -10.50 -20.90
C PHE A 1038 4.89 -10.98 -19.66
N HIS A 1039 4.21 -11.41 -18.58
CA HIS A 1039 4.67 -11.04 -17.23
C HIS A 1039 4.26 -11.86 -15.97
N PRO A 1040 5.21 -12.46 -15.17
CA PRO A 1040 4.90 -13.67 -14.36
C PRO A 1040 4.40 -13.44 -12.95
N GLY A 1041 3.79 -14.46 -12.36
CA GLY A 1041 3.40 -14.28 -10.98
C GLY A 1041 4.58 -14.24 -10.03
N ILE A 1042 5.66 -13.61 -10.46
CA ILE A 1042 6.68 -13.08 -9.56
C ILE A 1042 6.83 -11.62 -9.92
N ALA A 1043 7.81 -10.95 -9.30
CA ALA A 1043 8.50 -9.80 -9.87
C ALA A 1043 9.61 -9.49 -8.88
N PHE A 1044 10.17 -8.28 -8.98
CA PHE A 1044 11.60 -8.05 -8.78
C PHE A 1044 11.81 -6.96 -7.72
N THR A 1045 13.05 -6.44 -7.53
CA THR A 1045 13.25 -5.24 -6.67
C THR A 1045 14.58 -4.49 -6.72
N VAL A 1046 14.66 -3.41 -7.46
CA VAL A 1046 15.95 -2.79 -7.73
C VAL A 1046 16.69 -2.49 -6.44
N VAL A 1047 18.01 -2.64 -6.51
CA VAL A 1047 19.02 -1.92 -5.74
C VAL A 1047 20.31 -1.74 -6.53
N ARG A 1048 21.36 -1.45 -5.79
CA ARG A 1048 22.80 -1.46 -6.08
C ARG A 1048 23.54 -1.48 -4.78
N GLN A 1049 24.70 -0.87 -4.78
CA GLN A 1049 25.50 -0.68 -3.57
C GLN A 1049 26.40 0.56 -3.69
N ASP A 1050 25.80 1.68 -3.38
CA ASP A 1050 26.00 2.97 -4.01
C ASP A 1050 27.08 3.71 -3.22
N ARG A 1051 27.17 5.07 -3.26
CA ARG A 1051 28.30 5.70 -2.53
C ARG A 1051 28.02 7.04 -1.75
N PHE A 1052 28.30 7.06 -0.39
CA PHE A 1052 28.14 8.14 0.64
C PHE A 1052 29.40 8.29 1.52
N ALA A 1053 29.41 9.08 2.66
CA ALA A 1053 30.38 8.79 3.77
C ALA A 1053 30.34 9.65 5.05
N THR A 1054 31.38 9.42 5.89
CA THR A 1054 31.69 10.07 7.16
C THR A 1054 33.20 10.32 7.29
N GLU A 1055 33.65 10.83 8.43
CA GLU A 1055 35.04 11.25 8.58
C GLU A 1055 35.34 11.38 10.07
N GLN A 1056 36.38 12.12 10.49
CA GLN A 1056 36.73 12.22 11.91
C GLN A 1056 37.55 13.49 12.25
N LEU A 1057 37.45 13.93 13.51
CA LEU A 1057 38.14 15.08 14.11
C LEU A 1057 38.09 15.21 15.65
N LEU A 1058 38.96 14.57 16.47
CA LEU A 1058 38.38 14.16 17.76
C LEU A 1058 38.47 15.26 18.80
N TYR A 1059 38.73 14.93 20.04
CA TYR A 1059 39.08 15.82 21.14
C TYR A 1059 40.03 15.07 22.05
N ALA A 1060 41.09 14.49 21.51
CA ALA A 1060 41.90 13.51 22.24
C ALA A 1060 42.43 14.03 23.58
N GLU A 1061 41.70 14.95 24.25
CA GLU A 1061 41.57 14.82 25.69
C GLU A 1061 42.69 15.59 26.46
N ARG A 1062 42.57 15.94 27.77
CA ARG A 1062 43.70 16.37 28.66
C ARG A 1062 44.19 15.33 29.69
N ALA A 1063 43.27 14.67 30.42
CA ALA A 1063 43.54 13.49 31.26
C ALA A 1063 42.60 12.27 30.98
N SER A 1064 42.89 11.44 29.92
CA SER A 1064 42.91 9.97 29.60
C SER A 1064 44.18 9.44 28.84
N GLU A 1065 44.74 10.10 27.74
CA GLU A 1065 45.56 9.67 26.56
C GLU A 1065 47.07 10.10 26.45
N SER A 1066 47.99 9.25 25.78
CA SER A 1066 49.45 9.07 26.14
C SER A 1066 50.61 8.83 25.16
N TYR A 1067 51.77 8.50 25.83
CA TYR A 1067 53.05 7.86 25.45
C TYR A 1067 53.97 7.69 26.73
N PHE A 1068 55.35 7.52 26.64
CA PHE A 1068 56.45 7.71 27.68
C PHE A 1068 57.86 8.02 27.06
N VAL A 1069 58.42 9.28 27.21
CA VAL A 1069 59.42 9.98 26.31
C VAL A 1069 60.86 9.41 26.31
N GLY A 1070 61.70 9.71 25.24
CA GLY A 1070 62.92 8.94 24.93
C GLY A 1070 63.91 9.09 23.74
N GLN A 1071 63.89 8.08 22.84
CA GLN A 1071 65.00 7.26 22.27
C GLN A 1071 65.51 7.58 20.87
N ILE A 1072 66.74 7.10 20.60
CA ILE A 1072 67.15 6.70 19.25
C ILE A 1072 68.13 5.52 19.33
N GLN A 1073 67.81 4.40 18.67
CA GLN A 1073 68.71 3.24 18.70
C GLN A 1073 68.47 2.38 17.47
N VAL A 1074 69.48 1.59 17.04
CA VAL A 1074 69.69 1.23 15.64
C VAL A 1074 69.93 -0.27 15.41
N HIS A 1075 69.49 -0.81 14.24
CA HIS A 1075 69.86 -2.13 13.68
C HIS A 1075 69.32 -2.36 12.26
N HIS A 1076 70.19 -2.78 11.29
CA HIS A 1076 69.97 -2.51 9.85
C HIS A 1076 69.27 -3.62 9.05
N HIS A 1077 69.18 -3.45 7.70
CA HIS A 1077 68.37 -4.31 6.81
C HIS A 1077 68.74 -4.18 5.33
N ASP A 1078 69.11 -5.30 4.68
CA ASP A 1078 69.82 -5.30 3.38
C ASP A 1078 68.93 -5.05 2.16
N ALA A 1079 69.57 -4.51 1.12
CA ALA A 1079 69.04 -4.49 -0.25
C ALA A 1079 70.18 -4.12 -1.24
N ILE A 1080 69.80 -3.52 -2.38
CA ILE A 1080 70.62 -3.48 -3.60
C ILE A 1080 71.74 -2.42 -3.54
N GLY A 1081 71.42 -1.15 -3.21
CA GLY A 1081 72.32 -0.05 -3.57
C GLY A 1081 73.04 0.90 -2.60
N GLY A 1082 72.48 1.27 -1.45
CA GLY A 1082 73.07 2.36 -0.65
C GLY A 1082 73.58 2.03 0.76
N VAL A 1083 73.84 3.01 1.64
CA VAL A 1083 74.58 2.80 2.90
C VAL A 1083 74.20 3.85 3.99
N ASN A 1084 73.79 3.36 5.18
CA ASN A 1084 73.03 4.16 6.16
C ASN A 1084 73.19 3.62 7.60
N PHE A 1085 72.11 3.73 8.41
CA PHE A 1085 71.88 3.10 9.72
C PHE A 1085 70.78 2.04 9.67
N THR A 1086 70.11 1.82 10.82
CA THR A 1086 68.68 1.47 10.90
C THR A 1086 68.18 1.52 12.34
N LEU A 1087 67.28 2.44 12.65
CA LEU A 1087 67.15 3.00 14.00
C LEU A 1087 65.94 2.43 14.76
N THR A 1088 66.20 1.38 15.58
CA THR A 1088 65.21 0.50 16.20
C THR A 1088 64.87 0.90 17.65
N GLN A 1089 64.00 1.87 17.84
CA GLN A 1089 63.64 2.47 19.14
C GLN A 1089 62.17 2.24 19.46
N PRO A 1090 61.65 2.56 20.65
CA PRO A 1090 60.22 2.34 20.94
C PRO A 1090 59.31 3.57 21.11
N ARG A 1091 58.03 3.45 20.64
CA ARG A 1091 56.91 4.30 21.11
C ARG A 1091 55.58 3.56 20.91
N ALA A 1092 54.49 4.10 21.52
CA ALA A 1092 53.79 3.55 22.68
C ALA A 1092 52.40 2.86 22.54
N HIS A 1093 51.99 1.99 23.55
CA HIS A 1093 50.65 1.79 24.19
C HIS A 1093 50.59 0.84 25.44
N VAL A 1094 50.24 1.42 26.64
CA VAL A 1094 50.05 0.79 27.97
C VAL A 1094 49.18 1.61 28.94
N ASP A 1095 48.02 1.09 29.33
CA ASP A 1095 46.94 1.88 29.96
C ASP A 1095 47.08 2.47 31.41
N LEU A 1096 46.73 3.79 31.61
CA LEU A 1096 46.31 4.66 32.80
C LEU A 1096 45.27 5.81 32.52
N GLY A 1097 44.05 5.60 32.01
CA GLY A 1097 43.07 6.67 31.84
C GLY A 1097 41.65 6.10 31.90
N VAL A 1098 40.71 6.90 32.43
CA VAL A 1098 39.49 6.36 33.04
C VAL A 1098 38.61 5.61 32.03
N GLY A 1099 39.02 5.58 30.77
CA GLY A 1099 38.46 4.52 29.96
C GLY A 1099 37.94 4.95 28.60
N TYR A 1100 36.65 4.74 28.36
CA TYR A 1100 36.10 4.91 27.03
C TYR A 1100 36.11 6.40 26.72
N THR A 1101 37.12 6.89 26.01
CA THR A 1101 37.36 8.33 25.96
C THR A 1101 37.47 8.91 24.55
N ALA A 1102 36.45 8.75 23.71
CA ALA A 1102 36.35 9.44 22.43
C ALA A 1102 34.92 9.79 22.07
N VAL A 1103 34.56 11.07 22.16
CA VAL A 1103 33.23 11.46 22.61
C VAL A 1103 32.59 12.33 21.52
N CYS A 1104 32.77 11.95 20.25
CA CYS A 1104 33.00 12.93 19.21
C CYS A 1104 31.71 13.51 18.66
N ALA A 1105 31.84 14.69 18.04
CA ALA A 1105 30.83 15.41 17.27
C ALA A 1105 31.28 15.46 15.81
N THR A 1106 30.39 15.41 14.79
CA THR A 1106 30.90 15.43 13.41
C THR A 1106 29.98 16.04 12.33
N ALA A 1107 30.59 16.61 11.26
CA ALA A 1107 30.00 17.78 10.59
C ALA A 1107 29.70 17.74 9.09
N ALA A 1108 30.66 17.59 8.17
CA ALA A 1108 30.41 18.19 6.84
C ALA A 1108 31.10 17.43 5.70
N LEU A 1109 30.38 17.09 4.62
CA LEU A 1109 30.55 15.84 3.85
C LEU A 1109 31.32 16.02 2.57
N ARG A 1110 31.15 15.07 1.69
CA ARG A 1110 31.30 15.41 0.30
C ARG A 1110 30.00 14.86 -0.37
N CYS A 1111 29.93 14.58 -1.68
CA CYS A 1111 28.71 14.00 -2.25
C CYS A 1111 29.07 12.84 -3.20
N PRO A 1112 28.12 11.93 -3.50
CA PRO A 1112 28.43 10.50 -3.78
C PRO A 1112 29.68 10.02 -4.52
N LEU A 1113 29.92 8.70 -4.55
CA LEU A 1113 31.09 8.19 -5.27
C LEU A 1113 30.88 6.85 -6.00
N THR A 1114 29.74 6.64 -6.65
CA THR A 1114 29.62 5.71 -7.78
C THR A 1114 28.74 6.24 -8.92
N ASP A 1115 28.23 5.34 -9.76
CA ASP A 1115 27.43 5.70 -10.94
C ASP A 1115 25.97 5.88 -10.54
N MET A 1116 25.03 5.68 -11.47
CA MET A 1116 23.68 5.20 -11.11
C MET A 1116 23.17 4.16 -12.10
N GLY A 1117 22.69 3.00 -11.56
CA GLY A 1117 22.70 1.82 -12.37
C GLY A 1117 21.77 0.68 -12.17
N ASN A 1118 21.73 -0.10 -13.27
CA ASN A 1118 20.59 -0.94 -13.59
C ASN A 1118 20.78 -2.01 -14.66
N THR A 1119 21.43 -3.16 -14.41
CA THR A 1119 21.56 -4.15 -15.48
C THR A 1119 21.95 -5.55 -15.03
N ALA A 1120 20.97 -6.47 -14.99
CA ALA A 1120 21.24 -7.86 -15.38
C ALA A 1120 22.22 -8.63 -14.50
N GLN A 1121 21.74 -9.22 -13.41
CA GLN A 1121 22.61 -10.00 -12.52
C GLN A 1121 23.15 -11.20 -13.29
N ASN A 1122 24.35 -11.06 -13.86
CA ASN A 1122 25.00 -12.16 -14.58
C ASN A 1122 26.32 -12.53 -13.88
N LEU A 1123 26.46 -13.84 -13.62
CA LEU A 1123 26.19 -14.33 -12.27
C LEU A 1123 27.12 -15.55 -11.58
N PHE A 1124 27.20 -16.93 -12.12
CA PHE A 1124 27.83 -18.33 -12.13
C PHE A 1124 28.91 -18.63 -13.25
N PHE A 1125 28.89 -18.13 -14.50
CA PHE A 1125 29.97 -18.03 -15.52
C PHE A 1125 30.70 -19.30 -15.83
N SER A 1126 30.27 -20.45 -15.37
CA SER A 1126 31.30 -21.35 -14.93
C SER A 1126 30.73 -22.69 -14.43
N ARG A 1127 31.25 -23.75 -15.11
CA ARG A 1127 31.14 -25.21 -14.98
C ARG A 1127 31.03 -25.68 -13.55
N GLY A 1128 29.82 -26.11 -13.19
CA GLY A 1128 29.71 -26.87 -11.97
C GLY A 1128 28.61 -26.44 -11.04
N GLY A 1129 28.40 -25.15 -10.82
CA GLY A 1129 27.29 -24.74 -10.00
C GLY A 1129 26.01 -25.26 -10.58
N VAL A 1130 25.43 -26.26 -9.91
CA VAL A 1130 24.88 -27.45 -10.56
C VAL A 1130 24.21 -27.01 -11.84
N PRO A 1131 24.71 -27.45 -12.99
CA PRO A 1131 24.22 -26.93 -14.27
C PRO A 1131 22.90 -27.58 -14.65
N MET A 1132 22.50 -27.36 -15.89
CA MET A 1132 21.44 -28.18 -16.46
C MET A 1132 22.03 -29.48 -16.99
N LEU A 1133 21.17 -30.37 -17.49
CA LEU A 1133 21.60 -31.75 -17.70
C LEU A 1133 22.49 -31.91 -18.94
N HIS A 1134 22.38 -31.02 -19.90
CA HIS A 1134 22.73 -31.29 -21.29
C HIS A 1134 23.74 -30.26 -21.79
N ASP A 1135 23.70 -29.89 -23.09
CA ASP A 1135 24.52 -28.74 -23.55
C ASP A 1135 23.79 -27.67 -24.39
N ASN A 1136 22.90 -28.02 -25.36
CA ASN A 1136 22.69 -27.05 -26.43
C ASN A 1136 21.42 -26.18 -26.24
N VAL A 1137 20.40 -26.65 -25.55
CA VAL A 1137 19.23 -25.78 -25.34
C VAL A 1137 19.57 -24.61 -24.42
N THR A 1138 20.14 -24.89 -23.25
CA THR A 1138 20.63 -23.79 -22.44
C THR A 1138 21.88 -23.18 -23.08
N GLU A 1139 22.50 -23.83 -24.09
CA GLU A 1139 23.42 -23.09 -24.95
C GLU A 1139 22.71 -21.97 -25.70
N SER A 1140 21.60 -22.28 -26.33
CA SER A 1140 20.78 -21.19 -26.80
C SER A 1140 20.45 -20.25 -25.66
N LEU A 1141 20.39 -20.75 -24.43
CA LEU A 1141 20.29 -19.84 -23.30
C LEU A 1141 21.57 -19.04 -23.12
N ARG A 1142 22.67 -19.44 -23.76
CA ARG A 1142 23.59 -18.39 -24.15
C ARG A 1142 22.76 -17.36 -24.90
N ARG A 1143 22.25 -17.79 -26.05
CA ARG A 1143 21.60 -16.85 -26.96
C ARG A 1143 20.36 -16.28 -26.30
N ILE A 1144 20.31 -16.42 -24.97
CA ILE A 1144 19.34 -15.78 -24.11
C ILE A 1144 20.03 -15.01 -23.00
N THR A 1145 21.36 -15.15 -22.90
CA THR A 1145 22.01 -14.41 -21.82
C THR A 1145 23.22 -13.54 -22.27
N ALA A 1146 23.18 -13.00 -23.50
CA ALA A 1146 23.91 -11.76 -23.90
C ALA A 1146 23.11 -10.77 -24.79
N SER A 1147 22.01 -10.17 -24.31
CA SER A 1147 21.34 -9.07 -24.98
C SER A 1147 20.50 -8.23 -24.01
N GLY A 1148 20.83 -6.94 -23.89
CA GLY A 1148 19.85 -5.99 -23.36
C GLY A 1148 20.08 -5.39 -21.98
N GLY A 1149 21.30 -4.98 -21.63
CA GLY A 1149 21.58 -4.51 -20.29
C GLY A 1149 23.00 -4.00 -20.20
N ARG A 1150 23.72 -4.50 -19.19
CA ARG A 1150 25.16 -4.32 -19.12
C ARG A 1150 25.91 -5.45 -18.47
N LEU A 1151 26.30 -6.52 -19.19
CA LEU A 1151 27.50 -7.29 -18.86
C LEU A 1151 27.85 -8.34 -19.92
N ASN A 1152 28.90 -8.08 -20.71
CA ASN A 1152 29.10 -8.66 -22.04
C ASN A 1152 29.69 -10.07 -21.94
N PRO A 1153 29.02 -11.06 -22.55
CA PRO A 1153 29.04 -12.45 -22.05
C PRO A 1153 30.36 -13.21 -22.19
N THR A 1154 30.50 -14.26 -21.37
CA THR A 1154 31.66 -15.17 -21.43
C THR A 1154 31.78 -15.87 -22.75
N GLU A 1155 32.97 -16.42 -23.03
CA GLU A 1155 33.22 -17.82 -22.69
C GLU A 1155 34.57 -18.38 -23.14
N PRO A 1156 35.72 -17.72 -22.91
CA PRO A 1156 36.93 -17.99 -23.74
C PRO A 1156 37.37 -19.46 -23.99
N LEU A 1157 37.18 -20.40 -23.05
CA LEU A 1157 37.91 -21.68 -22.83
C LEU A 1157 39.36 -21.46 -22.40
N PRO A 1158 39.62 -20.70 -21.30
CA PRO A 1158 40.94 -20.73 -20.66
C PRO A 1158 40.93 -21.59 -19.41
N ILE A 1159 42.10 -21.78 -18.77
CA ILE A 1159 42.13 -22.42 -17.46
C ILE A 1159 42.76 -21.48 -16.42
N PHE A 1160 42.95 -22.02 -15.20
CA PHE A 1160 43.55 -21.31 -14.05
C PHE A 1160 42.67 -20.18 -13.49
N GLY A 1161 41.56 -20.58 -12.84
CA GLY A 1161 40.82 -19.64 -12.00
C GLY A 1161 39.33 -19.95 -11.89
N GLY A 1162 38.50 -18.96 -12.31
CA GLY A 1162 37.05 -18.88 -12.40
C GLY A 1162 36.37 -18.63 -13.77
N LEU A 1163 37.03 -17.94 -14.73
CA LEU A 1163 36.77 -17.87 -16.21
C LEU A 1163 36.80 -16.41 -16.72
N ARG A 1164 37.82 -16.09 -17.56
CA ARG A 1164 38.29 -14.71 -17.85
C ARG A 1164 37.42 -13.81 -18.74
N PRO A 1165 37.53 -12.48 -18.53
CA PRO A 1165 36.56 -11.50 -19.05
C PRO A 1165 36.95 -10.67 -20.28
N ALA A 1166 35.98 -9.84 -20.74
CA ALA A 1166 36.23 -8.66 -21.57
C ALA A 1166 34.99 -7.72 -21.62
N THR A 1167 35.19 -6.45 -21.24
CA THR A 1167 34.17 -5.39 -21.30
C THR A 1167 34.84 -4.04 -21.52
N SER A 1168 34.13 -2.96 -21.20
CA SER A 1168 34.78 -1.66 -21.06
C SER A 1168 35.38 -1.46 -19.68
N ALA A 1169 36.64 -1.04 -19.62
CA ALA A 1169 37.33 -0.86 -18.36
C ALA A 1169 37.18 0.60 -17.89
N GLY A 1170 36.33 1.36 -18.58
CA GLY A 1170 35.97 2.68 -18.11
C GLY A 1170 34.54 3.06 -18.39
N ILE A 1171 33.87 3.64 -17.39
CA ILE A 1171 32.41 3.56 -17.30
C ILE A 1171 31.82 4.95 -17.06
N ALA A 1172 30.52 4.97 -16.74
CA ALA A 1172 29.66 6.15 -16.82
C ALA A 1172 29.82 7.12 -15.67
N ARG A 1173 29.53 6.70 -14.43
CA ARG A 1173 29.36 7.77 -13.45
C ARG A 1173 29.92 7.50 -12.05
N GLY A 1174 30.52 6.35 -11.80
CA GLY A 1174 31.37 6.18 -10.63
C GLY A 1174 31.35 4.77 -10.09
N GLN A 1175 31.90 4.64 -8.89
CA GLN A 1175 32.52 3.43 -8.36
C GLN A 1175 31.54 2.27 -8.16
N ALA A 1176 31.90 1.31 -7.34
CA ALA A 1176 31.25 0.01 -7.46
C ALA A 1176 30.03 -0.12 -6.54
N SER A 1177 29.13 -1.05 -6.89
CA SER A 1177 27.85 -1.29 -6.21
C SER A 1177 27.29 -2.67 -6.55
N VAL A 1178 26.38 -3.22 -5.70
CA VAL A 1178 25.99 -4.63 -5.75
C VAL A 1178 24.66 -4.84 -5.00
N CYS A 1179 23.67 -5.57 -5.58
CA CYS A 1179 22.25 -5.52 -5.16
C CYS A 1179 21.80 -6.86 -4.60
N GLU A 1180 20.83 -6.88 -3.67
CA GLU A 1180 20.55 -8.11 -2.92
C GLU A 1180 19.08 -8.54 -2.83
N PHE A 1181 18.36 -8.66 -3.95
CA PHE A 1181 16.92 -8.45 -3.83
C PHE A 1181 16.39 -9.74 -3.20
N VAL A 1182 15.12 -9.77 -2.70
CA VAL A 1182 14.39 -10.95 -2.15
C VAL A 1182 12.87 -10.71 -2.29
N ALA A 1183 12.14 -11.59 -3.00
CA ALA A 1183 10.93 -11.18 -3.77
C ALA A 1183 9.71 -10.63 -3.01
N MET A 1184 9.58 -9.27 -2.92
CA MET A 1184 8.73 -8.80 -1.84
C MET A 1184 7.25 -8.63 -2.20
N PRO A 1185 6.39 -8.13 -1.28
CA PRO A 1185 5.03 -8.64 -1.24
C PRO A 1185 3.95 -7.80 -1.96
N VAL A 1186 2.96 -8.48 -2.62
CA VAL A 1186 1.86 -7.76 -3.27
C VAL A 1186 0.87 -7.26 -2.21
N SER A 1187 0.01 -8.07 -1.55
CA SER A 1187 -0.93 -7.34 -0.66
C SER A 1187 -1.41 -7.89 0.70
N THR A 1188 -0.66 -7.54 1.76
CA THR A 1188 -1.12 -7.47 3.16
C THR A 1188 -0.73 -6.15 3.79
N ASP A 1189 0.44 -5.63 3.40
CA ASP A 1189 1.11 -4.53 4.10
C ASP A 1189 1.86 -3.43 3.29
N LEU A 1190 1.48 -2.11 3.37
CA LEU A 1190 2.37 -0.92 3.18
C LEU A 1190 2.31 0.13 4.37
N GLN A 1191 2.64 -0.32 5.63
CA GLN A 1191 3.10 0.32 6.88
C GLN A 1191 4.41 -0.36 7.61
N TYR A 1192 5.05 -1.51 7.11
CA TYR A 1192 6.46 -2.20 7.00
C TYR A 1192 7.34 -2.22 5.53
N PHE A 1193 6.83 -1.67 4.12
CA PHE A 1193 6.83 -0.38 3.11
C PHE A 1193 6.54 1.16 3.71
N ARG A 1194 5.68 1.46 4.89
CA ARG A 1194 5.75 2.33 6.20
C ARG A 1194 6.62 1.87 7.45
N THR A 1195 6.86 0.59 7.87
CA THR A 1195 8.03 0.32 8.78
C THR A 1195 9.27 -0.34 8.12
N ALA A 1196 10.48 0.15 8.44
CA ALA A 1196 11.69 0.06 7.59
C ALA A 1196 13.00 -0.34 8.25
N CYS A 1197 13.94 -0.72 7.39
CA CYS A 1197 14.77 -1.83 7.79
C CYS A 1197 15.70 -2.44 6.74
N ASN A 1198 16.71 -3.16 7.24
CA ASN A 1198 17.45 -4.30 6.76
C ASN A 1198 16.48 -5.15 6.00
N PRO A 1199 16.84 -5.80 4.90
CA PRO A 1199 15.95 -6.86 4.43
C PRO A 1199 15.60 -7.82 5.54
N ARG A 1200 16.59 -8.34 6.27
CA ARG A 1200 16.53 -9.74 6.69
C ARG A 1200 15.18 -10.10 7.33
N GLY A 1201 14.65 -9.29 8.26
CA GLY A 1201 13.22 -9.24 8.54
C GLY A 1201 12.67 -9.43 9.96
N ARG A 1202 13.11 -10.44 10.71
CA ARG A 1202 12.77 -10.57 12.12
C ARG A 1202 13.90 -11.28 12.85
N ALA A 1203 14.07 -10.97 14.12
CA ALA A 1203 15.36 -10.93 14.79
C ALA A 1203 16.23 -12.20 14.73
N SER A 1204 17.54 -11.99 14.54
CA SER A 1204 18.63 -12.95 14.78
C SER A 1204 19.84 -12.32 15.53
N GLY A 1205 20.50 -11.28 14.95
CA GLY A 1205 21.42 -10.27 15.55
C GLY A 1205 22.41 -10.52 16.68
N MET A 1206 22.62 -9.56 17.61
CA MET A 1206 23.36 -9.98 18.80
C MET A 1206 22.93 -9.35 20.13
N LEU A 1207 22.20 -8.22 20.21
CA LEU A 1207 22.41 -7.33 21.38
C LEU A 1207 22.08 -7.83 22.79
N TYR A 1208 20.82 -7.86 23.18
CA TYR A 1208 20.34 -8.13 24.54
C TYR A 1208 20.69 -9.57 24.79
N MET A 1209 21.59 -9.88 25.69
CA MET A 1209 21.91 -11.29 25.86
C MET A 1209 21.54 -11.72 27.26
N GLY A 1210 21.46 -13.03 27.45
CA GLY A 1210 21.64 -13.60 28.76
C GLY A 1210 20.72 -14.71 29.20
N ASP A 1211 19.51 -14.87 28.66
CA ASP A 1211 18.54 -15.64 29.43
C ASP A 1211 18.57 -17.11 29.09
N ARG A 1212 19.43 -17.46 28.14
CA ARG A 1212 20.35 -18.57 28.29
C ARG A 1212 21.12 -18.71 26.97
N ASP A 1213 22.33 -19.22 27.05
CA ASP A 1213 23.38 -18.81 26.12
C ASP A 1213 23.83 -19.87 25.12
N ALA A 1214 24.12 -21.08 25.55
CA ALA A 1214 25.05 -21.94 24.81
C ALA A 1214 24.38 -22.76 23.70
N ASP A 1215 23.05 -22.66 23.58
CA ASP A 1215 22.37 -23.43 22.53
C ASP A 1215 22.43 -22.78 21.17
N ILE A 1216 23.63 -22.42 20.70
CA ILE A 1216 23.83 -21.59 19.50
C ILE A 1216 23.18 -22.23 18.26
N GLU A 1217 22.15 -23.07 18.47
CA GLU A 1217 21.54 -23.74 17.33
C GLU A 1217 20.05 -23.38 17.07
N ALA A 1218 19.34 -22.61 17.92
CA ALA A 1218 17.88 -22.78 17.82
C ALA A 1218 17.05 -21.47 17.86
N ILE A 1219 17.68 -20.30 17.70
CA ILE A 1219 17.04 -18.96 17.67
C ILE A 1219 16.73 -18.34 16.13
N MET A 1220 17.71 -18.26 15.06
CA MET A 1220 17.77 -18.36 13.54
C MET A 1220 18.69 -19.58 12.94
N PHE A 1221 18.58 -20.92 13.46
CA PHE A 1221 18.47 -22.42 13.14
C PHE A 1221 17.46 -23.39 13.94
N ASP A 1222 16.49 -23.04 14.90
CA ASP A 1222 15.38 -23.94 15.43
C ASP A 1222 14.22 -23.20 16.20
N HIS A 1223 13.32 -23.90 16.99
CA HIS A 1223 12.26 -23.33 17.92
C HIS A 1223 11.35 -24.28 18.77
N THR A 1224 10.36 -23.70 19.58
CA THR A 1224 9.32 -24.44 20.39
C THR A 1224 7.91 -23.76 20.70
N GLN A 1225 7.47 -22.63 20.07
CA GLN A 1225 6.29 -21.76 20.36
C GLN A 1225 6.01 -20.80 19.17
N SER A 1226 5.89 -19.46 19.41
CA SER A 1226 5.67 -18.39 18.38
C SER A 1226 6.85 -17.94 17.44
N ASP A 1227 7.72 -17.00 17.89
CA ASP A 1227 8.44 -16.12 16.94
C ASP A 1227 9.73 -15.47 17.52
N VAL A 1228 10.27 -14.43 16.87
CA VAL A 1228 10.74 -13.28 17.62
C VAL A 1228 10.12 -11.99 17.15
N ALA A 1229 10.41 -11.56 15.93
CA ALA A 1229 10.71 -10.15 15.97
C ALA A 1229 9.52 -9.30 16.32
N TYR A 1230 8.37 -9.52 15.78
CA TYR A 1230 7.53 -8.34 15.60
C TYR A 1230 6.03 -8.51 15.96
N THR A 1231 5.70 -8.67 17.23
CA THR A 1231 4.67 -9.61 17.72
C THR A 1231 3.18 -9.50 17.42
N ASP A 1232 2.64 -9.99 16.28
CA ASP A 1232 1.58 -10.97 16.43
C ASP A 1232 1.41 -11.87 15.20
N ARG A 1233 2.31 -11.85 14.22
CA ARG A 1233 2.09 -12.64 13.01
C ARG A 1233 3.37 -13.14 12.35
N ALA A 1234 3.56 -14.47 12.37
CA ALA A 1234 4.80 -15.10 11.88
C ALA A 1234 4.95 -15.00 10.40
N THR A 1235 4.24 -14.05 9.77
CA THR A 1235 4.61 -13.69 8.43
C THR A 1235 3.85 -12.46 7.99
N LEU A 1236 4.26 -11.86 6.86
CA LEU A 1236 3.29 -11.15 6.05
C LEU A 1236 3.11 -11.82 4.70
N ASN A 1237 4.19 -11.97 3.95
CA ASN A 1237 4.10 -12.77 2.73
C ASN A 1237 4.86 -14.08 2.93
N PRO A 1238 4.22 -15.17 2.61
CA PRO A 1238 4.28 -16.39 3.39
C PRO A 1238 5.44 -17.28 3.75
N TRP A 1239 6.42 -17.47 2.92
CA TRP A 1239 6.57 -18.89 2.66
C TRP A 1239 7.66 -19.59 3.47
N ALA A 1240 8.40 -19.00 4.46
CA ALA A 1240 9.47 -19.88 4.97
C ALA A 1240 10.31 -19.42 6.20
N SER A 1241 10.17 -19.97 7.44
CA SER A 1241 11.26 -19.47 8.33
C SER A 1241 11.93 -20.27 9.52
N GLN A 1242 12.74 -21.32 9.23
CA GLN A 1242 13.74 -22.07 10.01
C GLN A 1242 15.05 -22.25 9.18
N LYS A 1243 15.69 -23.42 9.30
CA LYS A 1243 17.07 -23.69 8.85
C LYS A 1243 17.44 -23.39 7.35
N HIS A 1244 17.25 -24.30 6.32
CA HIS A 1244 18.34 -24.34 5.30
C HIS A 1244 18.16 -24.39 3.73
N SER A 1245 17.03 -24.31 3.00
CA SER A 1245 17.19 -25.00 1.67
C SER A 1245 17.70 -24.15 0.54
N TYR A 1246 16.80 -23.35 0.00
CA TYR A 1246 17.23 -22.15 -0.64
C TYR A 1246 17.40 -21.11 0.43
N GLY A 1247 17.26 -21.59 1.71
CA GLY A 1247 16.94 -20.77 2.90
C GLY A 1247 18.07 -20.26 3.80
N ASP A 1248 19.17 -21.01 3.92
CA ASP A 1248 20.29 -20.63 4.78
C ASP A 1248 21.51 -20.09 3.98
N ARG A 1249 22.09 -20.89 3.05
CA ARG A 1249 23.14 -20.42 2.12
C ARG A 1249 22.83 -19.11 1.40
N LEU A 1250 21.60 -18.91 0.87
CA LEU A 1250 21.52 -17.80 -0.04
C LEU A 1250 21.77 -16.55 0.78
N TYR A 1251 22.27 -16.67 2.05
CA TYR A 1251 23.24 -15.76 2.65
C TYR A 1251 24.26 -16.35 3.66
N ASN A 1252 24.30 -17.68 3.99
CA ASN A 1252 25.08 -18.18 5.17
C ASN A 1252 26.47 -18.84 5.07
N GLY A 1253 26.79 -19.52 6.21
CA GLY A 1253 28.14 -20.04 6.52
C GLY A 1253 28.31 -21.46 7.08
N THR A 1254 27.76 -22.52 6.43
CA THR A 1254 28.17 -23.93 6.72
C THR A 1254 28.38 -24.90 5.51
N TYR A 1255 27.90 -24.64 4.25
CA TYR A 1255 28.00 -25.52 3.05
C TYR A 1255 28.26 -24.84 1.66
N ASN A 1256 28.08 -23.50 1.46
CA ASN A 1256 28.72 -22.60 0.43
C ASN A 1256 28.46 -22.86 -1.06
N LEU A 1257 27.38 -22.31 -1.62
CA LEU A 1257 27.40 -22.18 -3.08
C LEU A 1257 27.10 -20.76 -3.59
N THR A 1258 27.74 -19.73 -3.05
CA THR A 1258 28.11 -18.62 -3.92
C THR A 1258 29.43 -18.95 -4.57
N GLY A 1259 29.48 -19.09 -5.89
CA GLY A 1259 30.26 -20.18 -6.45
C GLY A 1259 31.75 -19.92 -6.36
N ALA A 1260 32.44 -19.89 -7.48
CA ALA A 1260 33.84 -20.24 -7.32
C ALA A 1260 34.69 -19.18 -6.66
N SER A 1261 35.13 -18.18 -7.37
CA SER A 1261 36.51 -17.79 -7.10
C SER A 1261 36.66 -16.65 -6.07
N PRO A 1262 36.38 -15.37 -6.39
CA PRO A 1262 36.52 -14.30 -5.38
C PRO A 1262 35.27 -13.41 -5.02
N ILE A 1263 34.36 -13.80 -4.13
CA ILE A 1263 33.17 -13.04 -3.69
C ILE A 1263 33.36 -11.67 -3.02
N TYR A 1264 33.05 -10.57 -3.74
CA TYR A 1264 32.46 -9.37 -3.11
C TYR A 1264 31.41 -8.67 -3.96
N SER A 1265 30.19 -9.07 -3.75
CA SER A 1265 29.00 -8.26 -3.78
C SER A 1265 28.34 -8.74 -2.51
N PRO A 1266 28.53 -8.14 -1.34
CA PRO A 1266 28.60 -8.95 -0.10
C PRO A 1266 27.28 -9.25 0.60
N CYS A 1267 26.88 -10.51 0.86
CA CYS A 1267 26.20 -10.82 2.12
C CYS A 1267 26.30 -12.24 2.62
N PHE A 1268 27.50 -12.82 2.67
CA PHE A 1268 27.74 -13.95 3.57
C PHE A 1268 27.39 -13.65 5.02
N LYS A 1269 28.12 -12.74 5.65
CA LYS A 1269 27.83 -12.51 7.04
C LYS A 1269 26.64 -11.57 7.18
N PHE A 1270 25.73 -11.65 6.19
CA PHE A 1270 24.33 -11.27 6.28
C PHE A 1270 23.37 -12.45 6.29
N PHE A 1271 23.67 -13.56 6.95
CA PHE A 1271 22.52 -14.38 7.24
C PHE A 1271 22.34 -14.77 8.71
N THR A 1272 23.39 -15.18 9.46
CA THR A 1272 23.13 -15.70 10.82
C THR A 1272 23.77 -15.01 12.03
N PRO A 1273 23.90 -13.69 12.06
CA PRO A 1273 24.71 -12.84 13.00
C PRO A 1273 26.02 -13.12 13.79
N ALA A 1274 27.37 -12.95 13.48
CA ALA A 1274 28.70 -13.74 13.49
C ALA A 1274 29.17 -14.99 14.40
N GLU A 1275 29.15 -15.01 15.77
CA GLU A 1275 28.94 -16.18 16.73
C GLU A 1275 29.09 -15.66 18.20
N VAL A 1276 28.30 -15.99 19.22
CA VAL A 1276 28.23 -14.95 20.31
C VAL A 1276 29.12 -15.17 21.59
N ASN A 1277 29.44 -14.05 22.35
CA ASN A 1277 30.64 -13.85 23.24
C ASN A 1277 30.50 -14.03 24.77
N THR A 1278 31.59 -13.69 25.54
CA THR A 1278 32.00 -14.29 26.84
C THR A 1278 31.35 -13.78 28.13
N ASN A 1279 31.68 -12.58 28.62
CA ASN A 1279 31.59 -12.31 30.06
C ASN A 1279 30.96 -10.95 30.33
N CYS A 1280 29.78 -10.73 29.77
CA CYS A 1280 29.54 -9.51 29.05
C CYS A 1280 28.08 -9.31 28.65
N ASN A 1281 27.30 -8.42 29.26
CA ASN A 1281 26.01 -8.50 28.61
C ASN A 1281 25.15 -7.20 28.47
N THR A 1282 25.80 -6.01 28.48
CA THR A 1282 25.36 -4.96 27.53
C THR A 1282 26.54 -4.32 26.77
N LEU A 1283 27.56 -3.79 27.52
CA LEU A 1283 28.42 -2.69 27.06
C LEU A 1283 29.76 -3.11 26.43
N ASP A 1284 30.33 -4.29 26.80
CA ASP A 1284 31.64 -4.75 26.23
C ASP A 1284 31.56 -5.56 24.89
N ARG A 1285 30.56 -6.41 24.60
CA ARG A 1285 30.59 -7.20 23.34
C ARG A 1285 29.69 -6.70 22.14
N LEU A 1286 28.51 -6.07 22.36
CA LEU A 1286 27.87 -5.38 21.21
C LEU A 1286 28.70 -4.24 20.58
N LEU A 1287 29.30 -3.31 21.36
CA LEU A 1287 30.23 -2.48 20.63
C LEU A 1287 31.55 -3.23 20.33
N MET A 1288 31.91 -4.35 21.05
CA MET A 1288 33.02 -5.15 20.52
C MET A 1288 32.83 -5.40 19.05
N GLU A 1289 31.61 -5.54 18.59
CA GLU A 1289 31.60 -5.28 17.16
C GLU A 1289 30.56 -4.30 16.73
N ALA A 1290 30.37 -3.22 17.50
CA ALA A 1290 29.72 -2.05 16.91
C ALA A 1290 30.75 -1.03 16.44
N LYS A 1291 32.04 -1.36 16.51
CA LYS A 1291 32.97 -0.72 15.59
C LYS A 1291 33.31 -1.69 14.45
N ALA A 1292 33.66 -2.97 14.71
CA ALA A 1292 34.02 -3.75 13.51
C ALA A 1292 33.73 -5.25 13.33
N VAL A 1293 33.46 -5.65 12.05
CA VAL A 1293 33.50 -6.98 11.44
C VAL A 1293 34.34 -6.78 10.16
N ALA A 1294 34.32 -7.71 9.17
CA ALA A 1294 35.35 -7.81 8.11
C ALA A 1294 35.20 -6.81 6.92
N SER A 1295 36.13 -6.93 5.91
CA SER A 1295 36.53 -5.90 4.91
C SER A 1295 36.34 -6.30 3.44
N GLN A 1296 35.79 -5.37 2.60
CA GLN A 1296 35.35 -5.88 1.30
C GLN A 1296 35.24 -5.05 -0.03
N SER A 1297 35.82 -3.85 -0.30
CA SER A 1297 35.64 -3.32 -1.70
C SER A 1297 36.82 -2.51 -2.26
N SER A 1298 36.65 -1.55 -3.20
CA SER A 1298 37.81 -1.01 -3.93
C SER A 1298 37.68 0.42 -4.52
N THR A 1299 38.84 1.05 -4.88
CA THR A 1299 38.98 2.42 -5.42
C THR A 1299 39.95 2.68 -6.61
N ASP A 1300 41.21 2.15 -6.69
CA ASP A 1300 42.22 2.60 -7.71
C ASP A 1300 42.68 1.62 -8.84
N THR A 1301 42.68 0.28 -8.70
CA THR A 1301 42.78 -0.66 -9.84
C THR A 1301 41.94 -1.96 -9.66
N GLU A 1302 40.65 -1.98 -10.08
CA GLU A 1302 39.70 -3.00 -9.62
C GLU A 1302 38.73 -3.56 -10.66
N TYR A 1303 38.89 -4.76 -11.22
CA TYR A 1303 37.67 -5.27 -11.85
C TYR A 1303 37.01 -6.27 -10.92
N GLN A 1304 37.70 -6.54 -9.83
CA GLN A 1304 37.16 -6.29 -8.51
C GLN A 1304 36.12 -7.37 -8.07
N PHE A 1305 36.69 -8.43 -7.47
CA PHE A 1305 36.27 -9.69 -6.81
C PHE A 1305 35.57 -9.68 -5.38
N LYS A 1306 36.37 -9.62 -4.27
CA LYS A 1306 36.10 -9.94 -2.82
C LYS A 1306 36.91 -9.12 -1.75
N ARG A 1307 36.71 -7.79 -1.52
CA ARG A 1307 37.80 -7.03 -0.75
C ARG A 1307 39.22 -7.10 -1.34
N PRO A 1308 39.71 -6.09 -2.08
CA PRO A 1308 40.80 -6.30 -3.08
C PRO A 1308 41.95 -7.15 -2.59
N PRO A 1309 42.72 -7.72 -3.51
CA PRO A 1309 43.94 -8.41 -3.08
C PRO A 1309 44.92 -7.42 -2.49
N GLY A 1310 44.65 -7.08 -1.22
CA GLY A 1310 45.47 -6.28 -0.34
C GLY A 1310 44.76 -5.16 0.38
N SER A 1311 43.95 -4.34 -0.29
CA SER A 1311 43.63 -3.01 0.21
C SER A 1311 42.66 -3.02 1.39
N THR A 1312 42.77 -2.00 2.26
CA THR A 1312 41.85 -1.81 3.39
C THR A 1312 42.21 -0.37 3.85
N GLU A 1313 41.43 0.31 4.77
CA GLU A 1313 41.51 1.78 5.03
C GLU A 1313 41.07 2.25 6.45
N MET A 1314 42.02 2.48 7.42
CA MET A 1314 41.85 2.39 8.91
C MET A 1314 40.59 3.05 9.54
N THR A 1315 39.68 2.21 10.14
CA THR A 1315 38.56 2.57 11.09
C THR A 1315 37.63 1.38 11.44
N GLN A 1316 36.35 1.70 11.69
CA GLN A 1316 35.27 0.83 12.17
C GLN A 1316 34.86 -0.25 11.15
N ASP A 1317 33.76 -0.95 11.40
CA ASP A 1317 33.02 -1.72 10.38
C ASP A 1317 31.61 -1.22 10.20
N PRO A 1318 31.22 -0.91 8.99
CA PRO A 1318 29.93 -0.28 8.78
C PRO A 1318 28.84 -1.32 8.74
N CYS A 1319 27.65 -0.82 9.02
CA CYS A 1319 26.39 -1.51 9.01
C CYS A 1319 26.60 -2.94 9.51
N GLY A 1320 27.42 -3.05 10.55
CA GLY A 1320 27.61 -4.27 11.31
C GLY A 1320 27.21 -3.99 12.74
N LEU A 1321 26.52 -2.84 12.94
CA LEU A 1321 26.33 -2.22 14.23
C LEU A 1321 24.83 -1.96 14.59
N PHE A 1322 23.97 -1.52 13.65
CA PHE A 1322 22.53 -1.20 13.80
C PHE A 1322 21.52 -1.93 12.91
N GLN A 1323 21.88 -2.84 12.02
CA GLN A 1323 21.01 -3.85 11.35
C GLN A 1323 19.73 -3.44 10.61
N GLU A 1324 19.61 -2.25 10.00
CA GLU A 1324 18.44 -2.04 9.10
C GLU A 1324 18.60 -0.94 8.05
N ALA A 1325 17.44 -0.48 7.48
CA ALA A 1325 17.36 0.39 6.28
C ALA A 1325 15.95 0.95 6.00
N TYR A 1326 15.74 2.30 5.97
CA TYR A 1326 14.35 2.84 5.84
C TYR A 1326 14.05 3.36 4.41
N PRO A 1327 12.80 3.79 4.09
CA PRO A 1327 12.43 4.20 2.68
C PRO A 1327 12.19 5.70 2.46
N PRO A 1328 12.29 6.14 1.18
CA PRO A 1328 12.73 7.49 0.78
C PRO A 1328 11.71 8.52 0.31
N LEU A 1329 12.16 9.80 0.06
CA LEU A 1329 11.31 10.91 -0.49
C LEU A 1329 11.24 10.94 -1.99
N CYS A 1330 10.45 10.11 -2.57
CA CYS A 1330 11.01 9.42 -3.68
C CYS A 1330 10.47 10.27 -4.83
N SER A 1331 10.54 9.83 -6.09
CA SER A 1331 9.60 10.36 -7.09
C SER A 1331 9.84 9.69 -8.42
N SER A 1332 8.78 9.63 -9.23
CA SER A 1332 8.84 9.59 -10.68
C SER A 1332 7.73 8.80 -11.36
N ASP A 1333 6.51 9.32 -11.50
CA ASP A 1333 5.50 8.76 -12.41
C ASP A 1333 5.23 9.76 -13.52
N ALA A 1334 4.62 9.30 -14.61
CA ALA A 1334 3.97 10.24 -15.49
C ALA A 1334 3.04 11.08 -14.68
N ALA A 1335 2.43 10.47 -13.69
CA ALA A 1335 1.67 11.20 -12.70
C ALA A 1335 2.55 11.79 -11.61
N MET A 1336 3.79 11.29 -11.45
CA MET A 1336 4.61 11.77 -10.34
C MET A 1336 6.13 11.86 -10.60
N LEU A 1337 6.57 12.14 -11.85
CA LEU A 1337 8.00 12.43 -12.12
C LEU A 1337 8.29 13.81 -12.68
N ARG A 1338 8.80 14.72 -11.86
CA ARG A 1338 10.00 15.48 -12.16
C ARG A 1338 10.15 16.50 -11.06
N THR A 1339 11.15 17.36 -11.21
CA THR A 1339 11.02 18.66 -10.60
C THR A 1339 10.45 19.62 -11.64
N ALA A 1340 9.42 20.34 -11.22
CA ALA A 1340 9.07 21.61 -11.83
C ALA A 1340 9.25 22.69 -10.80
N HIS A 1341 9.56 22.25 -9.58
CA HIS A 1341 9.27 23.08 -8.43
C HIS A 1341 10.54 23.28 -7.53
N ALA A 1342 11.37 22.26 -7.25
CA ALA A 1342 12.78 22.45 -6.72
C ALA A 1342 12.89 22.97 -5.28
N GLY A 1343 12.84 22.04 -4.29
CA GLY A 1343 12.55 22.27 -2.85
C GLY A 1343 11.74 21.13 -2.15
N GLU A 1344 10.47 21.36 -1.76
CA GLU A 1344 9.50 20.29 -1.46
C GLU A 1344 8.08 20.58 -2.04
N THR A 1345 7.64 19.74 -3.00
CA THR A 1345 6.57 20.05 -3.95
C THR A 1345 5.17 19.78 -3.43
N GLY A 1346 4.25 19.75 -4.40
CA GLY A 1346 2.94 19.20 -4.17
C GLY A 1346 3.03 17.84 -3.51
N ALA A 1347 1.88 17.37 -3.05
CA ALA A 1347 1.91 16.54 -1.87
C ALA A 1347 0.93 15.38 -1.75
N ASP A 1348 0.40 14.81 -2.84
CA ASP A 1348 -0.53 13.69 -2.76
C ASP A 1348 -0.03 12.60 -1.80
N GLU A 1349 -0.94 11.75 -1.28
CA GLU A 1349 -0.41 10.59 -0.55
C GLU A 1349 -1.15 9.24 -0.65
N VAL A 1350 -2.09 9.03 -1.58
CA VAL A 1350 -2.14 7.84 -2.47
C VAL A 1350 -3.23 8.11 -3.47
N HIS A 1351 -3.34 7.26 -4.50
CA HIS A 1351 -4.55 7.48 -5.26
C HIS A 1351 -5.27 6.17 -5.67
N LEU A 1352 -4.65 5.25 -6.41
CA LEU A 1352 -5.05 3.84 -6.43
C LEU A 1352 -3.90 2.87 -6.21
N ALA A 1353 -3.10 2.65 -7.28
CA ALA A 1353 -2.10 1.60 -7.45
C ALA A 1353 -0.85 1.91 -8.31
N GLN A 1354 -0.39 3.15 -8.57
CA GLN A 1354 0.93 3.64 -9.01
C GLN A 1354 1.58 4.49 -7.94
N TYR A 1355 2.78 4.21 -7.42
CA TYR A 1355 3.16 4.91 -6.19
C TYR A 1355 4.20 5.99 -6.38
N LEU A 1356 4.47 6.65 -5.25
CA LEU A 1356 5.68 7.41 -5.01
C LEU A 1356 6.00 7.01 -3.59
N ILE A 1357 6.87 7.74 -2.90
CA ILE A 1357 7.50 7.33 -1.65
C ILE A 1357 8.15 8.56 -1.00
N ARG A 1358 8.00 8.78 0.33
CA ARG A 1358 8.73 9.92 0.90
C ARG A 1358 9.59 9.56 2.11
N ASP A 1359 10.54 10.45 2.39
CA ASP A 1359 11.85 10.19 2.99
C ASP A 1359 11.84 9.46 4.34
N ALA A 1360 12.98 8.88 4.80
CA ALA A 1360 13.12 8.49 6.23
C ALA A 1360 14.52 8.40 6.87
N SER A 1361 15.48 9.29 6.53
CA SER A 1361 16.93 9.07 6.76
C SER A 1361 17.77 10.34 6.54
N PRO A 1362 19.11 10.20 6.41
CA PRO A 1362 19.98 11.36 6.48
C PRO A 1362 19.41 12.77 6.29
N LEU A 1363 18.69 13.14 5.24
CA LEU A 1363 18.63 14.59 4.96
C LEU A 1363 17.24 15.12 4.60
N ARG A 1364 16.64 15.83 5.55
CA ARG A 1364 15.41 16.55 5.23
C ARG A 1364 15.60 17.58 4.12
N GLY A 1365 16.82 17.73 3.62
CA GLY A 1365 17.14 18.74 2.64
C GLY A 1365 18.33 18.52 1.75
N CYS A 1366 18.64 17.31 1.28
CA CYS A 1366 19.66 17.23 0.24
C CYS A 1366 19.09 16.56 -1.02
N LEU A 1367 19.60 16.90 -2.25
CA LEU A 1367 19.01 17.11 -3.61
C LEU A 1367 18.35 18.43 -4.05
N PRO A 1368 19.07 19.54 -4.37
CA PRO A 1368 18.41 20.65 -5.09
C PRO A 1368 18.78 20.69 -6.57
N LEU A 1369 17.79 20.61 -7.46
CA LEU A 1369 18.12 21.05 -8.83
C LEU A 1369 17.46 22.37 -9.15
N ILE B 1 42.60 -1.10 65.65
CA ILE B 1 43.21 -0.38 64.51
C ILE B 1 43.71 1.05 64.73
N PRO B 2 44.89 1.46 64.07
CA PRO B 2 45.44 2.81 64.07
C PRO B 2 45.04 3.62 62.85
N ALA B 3 43.77 3.93 62.68
CA ALA B 3 43.56 4.80 61.54
C ALA B 3 42.66 5.92 62.00
N GLY B 4 43.20 6.93 62.69
CA GLY B 4 42.30 7.83 63.38
C GLY B 4 42.72 9.28 63.54
N ILE B 5 43.94 9.63 63.20
CA ILE B 5 44.23 11.03 62.92
C ILE B 5 44.38 11.06 61.41
N ILE B 6 43.30 11.37 60.69
CA ILE B 6 43.22 10.67 59.42
C ILE B 6 42.29 11.45 58.48
N PRO B 7 42.43 11.33 57.14
CA PRO B 7 42.33 12.54 56.29
C PRO B 7 41.00 13.27 56.41
N THR B 8 41.08 14.59 56.26
CA THR B 8 39.96 15.51 56.45
C THR B 8 39.84 16.39 55.22
N GLY B 9 40.06 15.82 54.05
CA GLY B 9 40.06 16.58 52.83
C GLY B 9 40.55 15.72 51.68
N ASN B 10 41.18 16.37 50.71
CA ASN B 10 41.65 15.69 49.52
C ASN B 10 43.01 15.08 49.78
N VAL B 11 43.04 13.79 49.98
CA VAL B 11 44.22 13.13 50.49
C VAL B 11 45.28 13.15 49.38
N LEU B 12 46.41 13.83 49.61
CA LEU B 12 47.34 14.25 48.54
C LEU B 12 48.72 13.61 48.66
N SER B 13 48.85 12.37 48.20
CA SER B 13 50.17 11.76 48.04
C SER B 13 50.15 10.84 46.83
N THR B 14 50.87 9.74 46.94
CA THR B 14 51.44 9.03 45.80
C THR B 14 50.63 7.75 45.43
N ILE B 15 51.12 6.89 44.51
CA ILE B 15 50.33 5.72 44.03
C ILE B 15 51.21 4.58 43.51
N GLU B 16 51.13 3.37 44.10
CA GLU B 16 52.11 2.30 43.86
C GLU B 16 51.85 1.41 42.63
N VAL B 17 52.92 1.15 41.77
CA VAL B 17 52.99 -0.02 40.87
C VAL B 17 54.45 -0.37 40.51
N CYS B 18 54.66 -1.39 39.65
CA CYS B 18 55.70 -2.42 39.76
C CYS B 18 56.52 -2.71 38.47
N ILE B 23 57.71 -2.10 38.30
CA ILE B 23 58.59 -2.43 37.16
C ILE B 23 59.21 -3.81 37.27
N PHE B 26 58.67 -4.76 36.50
CA PHE B 26 58.94 -6.19 36.74
C PHE B 26 60.36 -6.56 36.31
N PHE B 27 61.32 -6.54 37.23
CA PHE B 27 62.54 -7.29 36.91
C PHE B 27 62.31 -8.79 37.07
N ARG B 57 31.29 19.27 49.07
CA ARG B 57 31.23 19.51 50.49
C ARG B 57 29.79 19.72 51.04
N PHE B 58 29.62 20.16 52.34
CA PHE B 58 28.29 20.58 52.87
C PHE B 58 28.18 21.92 53.74
N LEU B 59 29.19 22.83 53.76
CA LEU B 59 29.17 24.30 54.04
C LEU B 59 28.78 25.20 52.87
N GLU B 60 29.68 25.33 51.86
CA GLU B 60 29.75 26.44 50.90
C GLU B 60 28.94 26.25 49.61
N LEU B 61 28.43 25.05 49.41
CA LEU B 61 27.65 24.63 48.27
C LEU B 61 26.34 25.28 48.41
N GLY B 62 25.39 24.60 47.82
CA GLY B 62 24.24 24.39 48.62
C GLY B 62 23.80 22.96 48.73
N LEU B 63 23.53 22.50 49.93
CA LEU B 63 22.51 21.48 49.99
C LEU B 63 21.73 21.63 51.29
N SER B 64 21.94 22.76 52.02
CA SER B 64 21.19 23.03 53.24
C SER B 64 21.28 24.49 53.79
N VAL B 65 20.17 25.27 53.87
CA VAL B 65 19.83 26.12 55.05
C VAL B 65 18.37 25.98 55.52
N ALA B 66 17.43 25.53 54.69
CA ALA B 66 16.05 25.33 55.17
C ALA B 66 15.91 24.19 56.15
N CYS B 67 16.37 24.31 57.38
CA CYS B 67 16.07 23.42 58.49
C CYS B 67 16.30 24.27 59.72
N ILE B 68 16.31 23.66 60.91
CA ILE B 68 16.62 24.44 62.09
C ILE B 68 17.58 23.66 62.97
N CYS B 69 18.58 24.39 63.48
CA CYS B 69 19.48 23.94 64.53
C CYS B 69 18.72 23.89 65.87
N THR B 70 18.27 22.68 66.25
CA THR B 70 17.86 22.31 67.61
C THR B 70 18.31 20.86 67.81
N LYS B 71 18.14 20.26 69.01
CA LYS B 71 19.20 19.34 69.46
C LYS B 71 18.85 17.96 70.10
N PHE B 72 19.38 16.85 69.47
CA PHE B 72 19.41 15.45 70.00
C PHE B 72 20.23 14.41 69.20
N PRO B 73 21.52 14.14 69.54
CA PRO B 73 22.30 13.28 68.63
C PRO B 73 22.03 11.85 68.86
N GLU B 74 22.70 11.28 69.85
CA GLU B 74 21.94 10.36 70.62
C GLU B 74 20.55 10.92 70.84
N LEU B 75 19.70 10.25 70.09
CA LEU B 75 18.33 10.66 69.87
C LEU B 75 17.41 10.24 70.97
N ALA B 76 17.26 8.94 71.15
CA ALA B 76 15.97 8.47 71.57
C ALA B 76 15.94 7.97 73.00
N TYR B 77 16.83 8.41 73.87
CA TYR B 77 16.42 8.38 75.26
C TYR B 77 15.20 9.28 75.34
N VAL B 78 15.16 10.24 74.43
CA VAL B 78 13.95 10.76 73.82
C VAL B 78 13.10 9.60 73.34
N ARG B 79 12.03 9.35 74.04
CA ARG B 79 10.89 8.71 73.42
C ARG B 79 10.29 9.59 72.33
N ASP B 80 9.99 10.84 72.65
CA ASP B 80 8.60 11.24 72.54
C ASP B 80 8.28 12.66 72.10
N GLY B 81 7.92 12.80 70.83
CA GLY B 81 7.60 14.11 70.25
C GLY B 81 6.31 14.13 69.46
N VAL B 82 5.34 14.92 69.94
CA VAL B 82 4.18 15.32 69.14
C VAL B 82 4.23 16.83 69.25
N ILE B 83 4.96 17.48 68.34
CA ILE B 83 5.27 18.87 68.65
C ILE B 83 4.57 19.76 67.63
N GLN B 84 4.03 20.89 68.13
CA GLN B 84 3.04 21.67 67.41
C GLN B 84 3.05 23.14 67.81
N PHE B 85 2.10 23.90 67.26
CA PHE B 85 2.11 25.35 67.38
C PHE B 85 0.75 25.78 66.86
N GLU B 86 0.21 26.87 67.40
CA GLU B 86 -1.14 27.26 67.05
C GLU B 86 -1.15 28.18 65.84
N VAL B 87 -2.35 28.64 65.51
CA VAL B 87 -2.59 29.94 64.92
C VAL B 87 -3.77 30.52 65.67
N GLN B 88 -3.72 31.80 66.00
CA GLN B 88 -4.90 32.42 66.58
C GLN B 88 -5.68 33.01 65.43
N GLN B 89 -6.86 32.92 65.51
CA GLN B 89 -7.41 33.79 64.50
C GLN B 89 -8.27 34.86 65.15
N PRO B 90 -8.12 36.05 64.67
CA PRO B 90 -8.81 37.21 65.26
C PRO B 90 -10.27 37.44 64.89
N MET B 91 -10.78 38.57 65.37
CA MET B 91 -12.14 39.02 65.09
C MET B 91 -12.25 39.49 63.65
N ILE B 92 -12.82 38.64 62.79
CA ILE B 92 -13.74 39.11 61.73
C ILE B 92 -15.20 39.21 62.12
N ALA B 93 -15.75 40.35 61.75
CA ALA B 93 -17.09 40.45 61.21
C ALA B 93 -17.01 41.33 59.95
N ARG B 94 -17.99 41.21 59.06
CA ARG B 94 -18.03 41.84 57.75
C ARG B 94 -18.34 43.31 57.89
N ASP B 95 -18.86 43.92 56.84
CA ASP B 95 -19.79 45.02 57.00
C ASP B 95 -21.07 44.67 56.26
N GLY B 96 -22.19 44.78 56.97
CA GLY B 96 -23.45 44.26 56.49
C GLY B 96 -24.01 43.23 57.45
N PRO B 97 -25.29 42.96 57.33
CA PRO B 97 -26.01 42.12 58.30
C PRO B 97 -25.81 40.61 58.13
N HIS B 98 -24.61 40.14 58.47
CA HIS B 98 -24.23 38.77 58.15
C HIS B 98 -23.66 38.07 59.39
N PRO B 99 -23.49 36.74 59.38
CA PRO B 99 -23.67 35.96 60.61
C PRO B 99 -22.48 35.94 61.55
N VAL B 100 -22.58 35.06 62.54
CA VAL B 100 -21.61 34.92 63.62
C VAL B 100 -20.24 34.54 63.08
N ASP B 101 -19.20 35.07 63.73
CA ASP B 101 -17.81 34.78 63.45
C ASP B 101 -16.94 35.34 64.57
N GLN B 102 -15.91 34.56 64.93
CA GLN B 102 -15.37 34.54 66.28
C GLN B 102 -13.88 34.81 66.28
N PRO B 103 -13.30 35.17 67.42
CA PRO B 103 -11.84 35.10 67.50
C PRO B 103 -11.47 33.65 67.75
N VAL B 104 -11.09 32.97 66.69
CA VAL B 104 -11.02 31.51 66.68
C VAL B 104 -9.56 31.10 66.78
N HIS B 105 -9.30 29.82 66.98
CA HIS B 105 -7.96 29.32 67.25
C HIS B 105 -7.79 27.93 66.66
N ASN B 106 -6.55 27.50 66.51
CA ASN B 106 -6.27 26.15 66.04
C ASN B 106 -5.04 25.60 66.74
N TYR B 107 -5.23 24.57 67.55
CA TYR B 107 -4.15 23.79 68.12
C TYR B 107 -4.18 22.41 67.45
N MET B 108 -3.37 21.44 67.92
CA MET B 108 -2.94 20.38 67.01
C MET B 108 -2.50 19.06 67.69
N VAL B 109 -2.95 17.89 67.13
CA VAL B 109 -2.64 16.50 67.60
C VAL B 109 -2.45 15.52 66.41
N LYS B 110 -1.71 14.39 66.63
CA LYS B 110 -0.55 14.00 65.80
C LYS B 110 -0.43 12.50 65.29
N ARG B 111 0.42 12.22 64.22
CA ARG B 111 1.11 10.95 63.72
C ARG B 111 2.28 11.17 62.66
N ILE B 112 3.42 10.38 62.73
CA ILE B 112 4.70 10.54 61.94
C ILE B 112 5.48 9.20 61.68
N HIS B 113 6.33 9.15 60.62
CA HIS B 113 6.93 7.91 60.02
C HIS B 113 8.48 7.76 60.18
N LYS B 114 9.07 6.60 59.74
CA LYS B 114 10.53 6.29 59.64
C LYS B 114 10.82 4.90 59.00
N ARG B 115 12.11 4.58 58.55
CA ARG B 115 12.40 3.48 57.53
C ARG B 115 13.73 2.61 57.64
N SER B 116 13.96 1.52 58.45
CA SER B 116 15.23 1.02 59.11
C SER B 116 16.57 1.01 58.29
N LEU B 117 17.86 1.03 58.97
CA LEU B 117 19.22 1.23 58.34
C LEU B 117 20.47 0.31 58.42
N SER B 118 21.51 0.79 57.65
CA SER B 118 22.99 0.75 57.74
C SER B 118 23.66 1.38 56.48
N ALA B 119 25.01 1.22 56.28
CA ALA B 119 25.71 1.51 54.99
C ALA B 119 27.02 0.71 54.86
N ALA B 120 27.53 0.42 53.59
CA ALA B 120 28.22 -0.85 53.17
C ALA B 120 29.73 -0.96 52.90
N PHE B 121 30.21 -2.22 53.06
CA PHE B 121 31.32 -2.94 52.39
C PHE B 121 31.46 -4.28 53.16
N ALA B 122 32.17 -5.33 52.68
CA ALA B 122 32.39 -6.56 53.49
C ALA B 122 33.43 -7.54 52.91
N ILE B 123 34.54 -7.81 53.64
CA ILE B 123 35.64 -8.72 53.23
C ILE B 123 36.03 -9.62 54.41
N ALA B 124 37.18 -10.29 54.29
CA ALA B 124 37.75 -11.47 54.95
C ALA B 124 38.60 -11.17 56.19
N SER B 125 39.41 -12.17 56.59
CA SER B 125 39.77 -12.43 57.99
C SER B 125 41.07 -11.78 58.45
N GLU B 126 41.46 -10.66 57.85
CA GLU B 126 42.71 -10.01 58.26
C GLU B 126 42.81 -9.85 59.77
N ALA B 127 41.68 -9.56 60.43
CA ALA B 127 41.72 -9.00 61.78
C ALA B 127 42.60 -9.82 62.68
N LEU B 128 42.09 -10.96 63.14
CA LEU B 128 42.90 -11.85 63.94
C LEU B 128 44.05 -12.38 63.12
N SER B 129 43.78 -12.64 61.81
CA SER B 129 44.67 -13.44 60.98
C SER B 129 46.10 -12.95 61.10
N LEU B 130 46.28 -11.65 61.30
CA LEU B 130 47.56 -11.22 61.87
C LEU B 130 47.38 -10.14 62.94
N LEU B 131 46.30 -10.21 63.71
CA LEU B 131 46.19 -9.46 64.95
C LEU B 131 46.77 -10.23 66.11
N SER B 132 47.28 -11.41 65.85
CA SER B 132 47.97 -12.11 66.92
C SER B 132 49.32 -11.50 67.33
N ASN B 133 49.80 -10.33 66.82
CA ASN B 133 51.16 -9.96 67.20
C ASN B 133 51.24 -8.87 68.29
N THR B 134 51.43 -7.59 67.89
CA THR B 134 51.36 -6.40 68.78
C THR B 134 52.49 -6.20 69.85
N TYR B 135 53.78 -6.13 69.43
CA TYR B 135 55.05 -5.81 70.23
C TYR B 135 55.96 -6.96 70.79
N VAL B 136 56.08 -8.15 70.14
CA VAL B 136 57.26 -9.07 70.19
C VAL B 136 57.76 -9.71 68.87
N ASP B 137 56.89 -10.50 68.22
CA ASP B 137 57.02 -11.42 67.06
C ASP B 137 56.67 -10.96 65.63
N GLY B 138 57.71 -10.91 64.78
CA GLY B 138 57.62 -10.23 63.50
C GLY B 138 58.74 -9.24 63.27
N THR B 139 59.95 -9.67 63.57
CA THR B 139 61.06 -8.78 63.87
C THR B 139 61.65 -8.08 62.63
N GLU B 140 61.80 -8.80 61.51
CA GLU B 140 62.74 -8.31 60.50
C GLU B 140 62.06 -7.60 59.33
N ILE B 141 61.24 -8.31 58.56
CA ILE B 141 61.15 -7.91 57.15
C ILE B 141 59.71 -7.84 56.60
N ASP B 142 58.71 -7.44 57.40
CA ASP B 142 57.41 -7.21 56.75
C ASP B 142 57.31 -5.82 56.15
N SER B 143 58.32 -5.40 55.39
CA SER B 143 58.35 -4.01 54.93
C SER B 143 57.09 -3.68 54.15
N SER B 144 56.93 -4.28 52.97
CA SER B 144 55.78 -3.96 52.14
C SER B 144 54.49 -4.42 52.79
N LEU B 145 54.57 -5.35 53.74
CA LEU B 145 53.38 -5.66 54.49
C LEU B 145 52.81 -4.40 55.13
N ARG B 146 53.56 -3.72 55.98
CA ARG B 146 52.88 -2.55 56.51
C ARG B 146 52.91 -1.37 55.56
N ILE B 147 53.90 -1.31 54.69
CA ILE B 147 53.86 -0.35 53.60
C ILE B 147 52.48 -0.34 52.92
N ARG B 148 52.00 -1.53 52.47
CA ARG B 148 50.70 -1.76 51.82
C ARG B 148 49.60 -1.83 52.89
N ALA B 149 50.05 -1.81 54.18
CA ALA B 149 49.16 -1.67 55.34
C ALA B 149 48.73 -0.24 55.64
N ILE B 150 49.51 0.88 55.21
CA ILE B 150 49.26 2.38 55.47
C ILE B 150 48.27 3.08 54.48
N GLN B 151 48.62 3.09 53.19
CA GLN B 151 47.69 3.73 52.23
C GLN B 151 46.22 3.12 52.16
N GLN B 152 45.87 1.73 52.05
CA GLN B 152 44.50 1.13 51.72
C GLN B 152 43.28 1.02 52.81
N MET B 153 43.35 1.25 54.22
CA MET B 153 42.01 1.88 54.87
C MET B 153 41.82 3.48 55.15
N ALA B 154 42.74 4.48 54.77
CA ALA B 154 42.38 5.94 54.67
C ALA B 154 41.43 6.34 53.49
N ARG B 155 41.41 5.59 52.37
CA ARG B 155 40.44 5.86 51.24
C ARG B 155 39.06 5.16 51.23
N ASN B 156 38.80 3.98 51.90
CA ASN B 156 37.35 3.50 52.12
C ASN B 156 36.77 3.29 53.69
N LEU B 157 37.27 3.95 54.92
CA LEU B 157 36.67 4.74 56.17
C LEU B 157 36.80 6.43 56.35
N ARG B 158 37.66 7.44 55.54
CA ARG B 158 37.49 8.71 54.56
C ARG B 158 36.38 8.64 53.33
N THR B 159 36.44 7.64 52.30
CA THR B 159 35.23 7.02 51.60
C THR B 159 34.52 5.67 52.11
N VAL B 160 34.95 4.82 53.13
CA VAL B 160 33.86 4.00 53.88
C VAL B 160 33.73 4.20 55.48
N SER B 161 33.65 5.47 55.98
CA SER B 161 32.70 6.00 56.95
C SER B 161 31.99 7.37 56.54
N ASP B 162 32.06 7.93 55.27
CA ASP B 162 31.14 8.97 54.78
C ASP B 162 30.03 8.45 53.82
N SER B 163 29.61 7.18 53.92
CA SER B 163 28.32 6.75 53.29
C SER B 163 27.06 7.37 53.86
N PHE B 164 26.88 7.50 55.17
CA PHE B 164 25.68 8.27 55.52
C PHE B 164 25.90 9.72 55.13
N GLU B 165 27.18 10.07 54.97
CA GLU B 165 27.64 11.17 54.12
C GLU B 165 27.54 10.72 52.68
N ARG B 166 26.87 9.62 52.45
CA ARG B 166 26.02 9.38 51.29
C ARG B 166 24.67 8.82 51.76
N GLY B 167 24.08 9.37 52.84
CA GLY B 167 22.81 8.96 53.43
C GLY B 167 21.78 10.02 53.84
N THR B 168 22.23 11.30 53.90
CA THR B 168 21.45 12.38 54.54
C THR B 168 20.67 13.37 53.55
N ALA B 169 20.94 13.36 52.17
CA ALA B 169 19.98 13.89 51.09
C ALA B 169 18.84 12.94 50.54
N ASP B 170 18.96 11.63 50.37
CA ASP B 170 17.83 10.80 49.91
C ASP B 170 16.88 10.11 50.96
N GLN B 171 17.05 10.24 52.28
CA GLN B 171 15.79 10.09 53.05
C GLN B 171 15.03 11.43 53.51
N LEU B 172 15.56 12.72 53.22
CA LEU B 172 14.66 13.94 53.27
C LEU B 172 14.02 14.58 51.90
N LEU B 173 14.21 14.07 50.61
CA LEU B 173 13.08 13.88 49.52
C LEU B 173 12.61 12.31 49.05
N GLY B 174 12.58 11.17 49.92
CA GLY B 174 11.63 9.96 50.03
C GLY B 174 10.39 9.95 51.03
N VAL B 175 10.31 10.76 52.20
CA VAL B 175 8.97 11.57 52.51
C VAL B 175 8.92 13.32 52.67
N LEU B 176 10.03 14.33 52.20
CA LEU B 176 10.21 15.56 51.17
C LEU B 176 10.21 15.32 49.51
N LEU B 177 10.52 14.07 48.88
CA LEU B 177 9.86 13.37 47.68
C LEU B 177 9.03 12.00 47.93
N GLU B 178 8.38 11.70 49.13
CA GLU B 178 7.20 10.80 49.35
C GLU B 178 6.11 11.27 50.45
N LYS B 179 5.90 12.60 50.71
CA LYS B 179 4.74 13.31 51.27
C LYS B 179 4.40 14.66 50.56
N ALA B 180 4.48 14.78 49.21
CA ALA B 180 4.08 15.96 48.30
C ALA B 180 3.78 15.79 46.80
N PRO B 181 2.52 15.59 46.39
CA PRO B 181 2.20 15.41 44.98
C PRO B 181 1.97 16.72 44.21
N PRO B 182 1.23 16.66 43.08
CA PRO B 182 1.24 17.66 42.01
C PRO B 182 0.45 19.02 41.93
N LEU B 183 0.63 19.76 40.76
CA LEU B 183 0.76 21.25 40.61
C LEU B 183 -0.48 22.08 40.26
N SER B 184 -1.01 21.80 39.06
CA SER B 184 -1.85 22.79 38.39
C SER B 184 -2.83 23.30 39.38
N LEU B 185 -3.16 22.41 40.29
CA LEU B 185 -3.77 22.83 41.51
C LEU B 185 -2.85 22.90 42.70
N LEU B 186 -1.87 23.78 42.66
CA LEU B 186 -1.84 24.83 43.65
C LEU B 186 -2.44 26.07 43.04
N SER B 187 -2.08 26.34 41.79
CA SER B 187 -2.16 27.76 41.37
C SER B 187 -3.47 28.45 41.77
N PRO B 188 -4.63 27.81 41.71
CA PRO B 188 -5.77 28.47 42.34
C PRO B 188 -5.95 28.18 43.85
N ILE B 189 -5.00 27.50 44.51
CA ILE B 189 -4.78 27.69 45.96
C ILE B 189 -4.37 29.13 46.22
N ASN B 190 -4.27 29.91 45.16
CA ASN B 190 -4.52 31.34 45.32
C ASN B 190 -5.28 31.92 44.16
N LYS B 191 -6.13 31.13 43.53
CA LYS B 191 -7.30 31.90 43.10
C LYS B 191 -8.71 31.32 43.38
N PHE B 192 -8.97 30.56 44.47
CA PHE B 192 -10.40 30.25 44.73
C PHE B 192 -10.81 29.92 46.21
N GLN B 193 -10.31 30.59 47.30
CA GLN B 193 -10.63 30.29 48.71
C GLN B 193 -10.09 31.18 49.88
N PRO B 194 -10.54 32.49 50.11
CA PRO B 194 -10.26 33.15 51.42
C PRO B 194 -11.33 33.23 52.53
N GLU B 195 -12.63 33.34 52.18
CA GLU B 195 -13.81 33.66 53.01
C GLU B 195 -14.81 32.54 53.27
N GLY B 196 -15.53 32.11 52.21
CA GLY B 196 -16.38 30.93 52.09
C GLY B 196 -17.74 30.98 52.77
N HIS B 197 -17.92 29.94 53.59
CA HIS B 197 -19.21 29.35 53.95
C HIS B 197 -20.06 29.14 52.70
N LEU B 198 -19.51 28.36 51.79
CA LEU B 198 -20.16 28.15 50.51
C LEU B 198 -21.02 26.89 50.52
N ASN B 199 -21.79 26.78 49.46
CA ASN B 199 -22.92 25.88 49.30
C ASN B 199 -22.54 24.71 48.30
N ARG B 200 -23.44 24.26 47.35
CA ARG B 200 -23.13 23.22 46.32
C ARG B 200 -22.79 23.71 44.85
N VAL B 201 -22.61 25.09 44.58
CA VAL B 201 -21.90 25.85 43.44
C VAL B 201 -20.28 25.81 43.40
N ALA B 202 -19.44 26.06 44.39
CA ALA B 202 -17.95 25.82 44.19
C ALA B 202 -17.43 24.34 43.86
N ARG B 203 -17.48 23.34 44.80
CA ARG B 203 -16.87 21.98 44.64
C ARG B 203 -17.71 20.89 43.85
N ALA B 204 -19.08 20.86 43.98
CA ALA B 204 -19.82 20.12 42.94
C ALA B 204 -19.48 20.76 41.60
N ALA B 205 -18.99 21.98 41.65
CA ALA B 205 -18.03 21.93 40.65
C ALA B 205 -16.66 22.21 41.15
N LEU B 206 -16.02 21.19 41.87
CA LEU B 206 -14.56 20.80 42.01
C LEU B 206 -13.95 19.92 40.85
N LEU B 207 -14.79 19.00 40.24
CA LEU B 207 -14.56 18.32 38.84
C LEU B 207 -15.00 19.10 37.44
N SER B 208 -16.21 19.91 37.27
CA SER B 208 -16.56 21.06 36.27
C SER B 208 -15.77 22.47 36.20
N ASP B 209 -15.33 23.28 37.25
CA ASP B 209 -14.15 24.27 37.02
C ASP B 209 -12.63 23.69 37.12
N LEU B 210 -12.20 23.12 38.26
CA LEU B 210 -10.84 22.55 38.34
C LEU B 210 -10.45 21.74 37.08
N LYS B 211 -11.20 20.72 36.73
CA LYS B 211 -10.81 19.87 35.62
C LYS B 211 -10.75 20.68 34.28
N ARG B 212 -11.08 22.03 34.31
CA ARG B 212 -10.21 22.91 33.49
C ARG B 212 -8.84 22.45 33.66
N ARG B 213 -8.47 22.53 34.93
CA ARG B 213 -7.13 22.07 35.28
C ARG B 213 -7.01 20.61 34.91
N VAL B 214 -8.08 20.11 34.31
CA VAL B 214 -8.02 18.89 33.51
C VAL B 214 -8.15 19.15 31.99
N CYS B 215 -7.93 20.39 31.45
CA CYS B 215 -7.76 20.24 29.97
C CYS B 215 -6.82 21.23 29.15
N ALA B 216 -5.97 22.12 29.70
CA ALA B 216 -5.13 22.99 28.78
C ALA B 216 -3.58 22.94 28.83
N ASP B 217 -2.91 23.18 29.98
CA ASP B 217 -1.47 23.62 29.89
C ASP B 217 -0.50 23.29 31.06
N MET B 218 0.75 22.81 30.72
CA MET B 218 1.08 21.38 30.74
C MET B 218 2.35 20.75 31.38
N PHE B 219 3.44 20.32 30.60
CA PHE B 219 4.83 19.74 31.00
C PHE B 219 5.91 20.39 30.13
N PHE B 220 6.81 21.22 30.69
CA PHE B 220 7.50 22.24 29.89
C PHE B 220 7.90 21.78 28.48
N MET B 221 9.08 21.16 28.26
CA MET B 221 10.01 21.86 27.34
C MET B 221 9.82 21.75 25.82
N THR B 222 9.99 20.59 25.19
CA THR B 222 10.66 20.73 23.89
C THR B 222 9.95 20.18 22.64
N ARG B 223 8.69 20.55 22.36
CA ARG B 223 8.21 20.49 20.97
C ARG B 223 8.12 21.86 20.29
N HIS B 224 7.31 22.77 20.82
CA HIS B 224 7.22 24.12 20.27
C HIS B 224 8.43 24.92 20.72
N ALA B 225 9.46 24.88 19.89
CA ALA B 225 10.75 25.43 20.28
C ALA B 225 10.71 26.95 20.28
N ARG B 226 9.52 27.54 20.46
CA ARG B 226 9.32 28.87 19.91
C ARG B 226 8.49 29.86 20.73
N GLU B 227 8.56 30.00 22.08
CA GLU B 227 7.66 30.94 22.78
C GLU B 227 8.03 31.50 24.19
N PRO B 228 8.56 32.76 24.27
CA PRO B 228 8.60 33.59 25.54
C PRO B 228 7.61 34.88 25.85
N ARG B 229 6.25 34.80 26.04
CA ARG B 229 5.44 35.63 26.99
C ARG B 229 4.29 34.88 27.78
N LEU B 230 4.14 33.51 27.74
CA LEU B 230 3.28 32.68 28.64
C LEU B 230 4.03 31.53 29.43
N ILE B 231 5.04 30.85 28.85
CA ILE B 231 5.94 29.89 29.58
C ILE B 231 6.46 30.46 30.88
N SER B 232 6.35 31.69 31.03
CA SER B 232 6.33 31.92 32.40
C SER B 232 4.99 32.57 32.77
N ALA B 233 3.74 32.05 32.32
CA ALA B 233 2.29 32.18 32.86
C ALA B 233 1.79 31.11 33.94
N TYR B 234 2.33 29.79 34.01
CA TYR B 234 2.62 28.80 35.19
C TYR B 234 4.18 28.48 35.72
N LEU B 235 5.44 28.65 34.96
CA LEU B 235 6.81 29.27 35.37
C LEU B 235 6.86 30.68 36.14
N SER B 236 6.54 32.09 35.55
CA SER B 236 6.22 33.60 36.14
C SER B 236 4.81 33.97 37.06
N ASP B 237 3.94 32.90 37.55
CA ASP B 237 2.80 32.63 38.53
C ASP B 237 2.70 31.15 39.27
N MET B 238 3.74 30.21 39.39
CA MET B 238 3.70 29.08 40.43
C MET B 238 4.75 29.13 41.65
N VAL B 239 6.07 29.63 41.47
CA VAL B 239 7.18 30.05 42.48
C VAL B 239 6.87 31.10 43.63
N SER B 240 6.13 32.21 43.45
CA SER B 240 5.93 33.11 44.65
C SER B 240 4.55 33.80 44.80
N CYS B 241 3.69 33.54 45.84
CA CYS B 241 2.24 33.82 45.69
C CYS B 241 1.31 34.44 46.77
N THR B 242 1.43 34.19 48.10
CA THR B 242 0.28 34.45 49.01
C THR B 242 0.70 34.84 50.43
N GLN B 243 -0.28 34.64 51.44
CA GLN B 243 -0.34 34.91 52.87
C GLN B 243 0.99 34.68 53.58
N PRO B 244 1.26 35.40 54.68
CA PRO B 244 2.58 35.33 55.29
C PRO B 244 2.52 34.42 56.49
N SER B 245 3.66 34.13 57.08
CA SER B 245 3.77 33.84 58.50
C SER B 245 5.16 34.30 58.93
N VAL B 246 5.58 33.84 60.10
CA VAL B 246 6.59 34.55 60.86
C VAL B 246 8.03 34.33 60.35
N MET B 247 8.88 35.34 60.59
CA MET B 247 10.33 35.25 60.46
C MET B 247 11.01 35.78 61.72
N VAL B 248 11.96 35.08 62.32
CA VAL B 248 12.83 35.70 63.32
C VAL B 248 14.17 34.97 63.39
N SER B 249 15.25 35.74 63.25
CA SER B 249 16.58 35.37 63.68
C SER B 249 17.49 36.57 63.45
N ARG B 250 18.79 36.36 63.66
CA ARG B 250 19.75 37.44 63.69
C ARG B 250 19.87 38.17 62.35
N ILE B 251 20.32 37.50 61.29
CA ILE B 251 20.89 38.18 60.12
C ILE B 251 20.94 37.25 58.92
N THR B 252 20.96 37.83 57.70
CA THR B 252 22.15 37.90 56.81
C THR B 252 21.98 37.39 55.37
N HIS B 253 21.42 36.19 55.15
CA HIS B 253 21.40 35.49 53.84
C HIS B 253 20.75 36.19 52.63
N THR B 254 21.50 36.39 51.51
CA THR B 254 20.99 37.10 50.31
C THR B 254 21.83 36.84 49.05
N ASN B 255 21.83 37.86 48.13
CA ASN B 255 22.94 38.45 47.33
C ASN B 255 23.79 39.44 48.15
N THR B 256 24.59 40.38 47.59
CA THR B 256 25.84 40.81 48.28
C THR B 256 25.84 42.22 48.99
N ARG B 257 24.85 42.57 49.84
CA ARG B 257 24.73 43.94 50.45
C ARG B 257 24.00 44.05 51.87
N GLY B 258 23.28 42.98 52.40
CA GLY B 258 22.42 42.84 53.65
C GLY B 258 21.20 42.00 54.20
N ARG B 259 20.37 41.07 53.58
CA ARG B 259 19.12 40.53 54.26
C ARG B 259 18.36 39.29 53.61
N GLN B 260 17.65 38.47 54.46
CA GLN B 260 17.47 36.97 54.45
C GLN B 260 16.37 36.30 53.57
N VAL B 261 16.21 34.92 53.73
CA VAL B 261 16.09 33.75 52.77
C VAL B 261 15.05 32.58 52.81
N ASP B 262 15.50 31.31 52.36
CA ASP B 262 14.93 30.41 51.29
C ASP B 262 15.16 28.87 51.42
N GLY B 263 14.90 28.00 50.41
CA GLY B 263 14.79 26.51 50.59
C GLY B 263 15.57 25.52 49.68
N VAL B 264 14.88 24.43 49.20
CA VAL B 264 15.49 23.14 48.78
C VAL B 264 14.82 22.42 47.57
N LEU B 265 15.55 21.43 46.94
CA LEU B 265 15.70 21.30 45.47
C LEU B 265 15.99 19.87 44.92
N VAL B 266 15.73 19.57 43.58
CA VAL B 266 16.21 18.36 42.86
C VAL B 266 15.90 18.33 41.33
N THR B 267 16.75 17.70 40.48
CA THR B 267 16.52 16.73 39.30
C THR B 267 17.88 16.40 38.62
N THR B 268 17.92 16.15 37.29
CA THR B 268 19.17 15.97 36.48
C THR B 268 19.23 17.04 35.37
N ALA B 269 19.85 16.77 34.15
CA ALA B 269 20.99 17.50 33.46
C ALA B 269 20.71 18.58 32.33
N THR B 270 19.76 18.37 31.42
CA THR B 270 19.79 19.20 30.22
C THR B 270 19.12 20.60 30.44
N LEU B 271 18.07 20.71 31.30
CA LEU B 271 17.39 22.00 31.70
C LEU B 271 18.29 23.15 32.17
N LYS B 272 19.25 22.92 33.09
CA LYS B 272 20.38 23.85 33.15
C LYS B 272 20.84 24.11 31.75
N ARG B 273 20.88 23.07 30.96
CA ARG B 273 21.34 23.73 29.79
C ARG B 273 20.24 24.49 29.04
N GLN B 274 18.86 24.51 29.50
CA GLN B 274 17.76 25.40 28.87
C GLN B 274 16.99 26.39 29.76
N LEU B 275 17.66 27.34 30.35
CA LEU B 275 17.51 28.83 30.16
C LEU B 275 18.92 29.58 30.08
N LEU B 276 19.97 28.99 29.26
CA LEU B 276 21.33 29.37 28.67
C LEU B 276 21.36 29.82 27.26
N GLN B 277 20.74 29.15 26.29
CA GLN B 277 21.06 29.90 25.04
C GLN B 277 20.45 31.35 25.01
N GLY B 278 19.12 31.57 25.25
CA GLY B 278 18.55 32.96 25.05
C GLY B 278 17.37 33.77 25.70
N ILE B 279 17.07 33.67 27.02
CA ILE B 279 16.00 34.31 27.83
C ILE B 279 16.43 34.91 29.22
N LEU B 280 17.04 34.12 30.11
CA LEU B 280 17.50 34.53 31.44
C LEU B 280 18.96 35.02 31.37
N GLN B 281 19.67 35.20 32.52
CA GLN B 281 21.16 35.15 32.58
C GLN B 281 21.80 35.63 33.90
N ILE B 282 23.14 35.51 33.97
CA ILE B 282 23.94 35.47 35.20
C ILE B 282 23.63 36.65 36.13
N ASP B 283 23.80 36.48 37.46
CA ASP B 283 22.96 37.36 38.28
C ASP B 283 23.40 37.92 39.68
N ASP B 284 24.48 37.49 40.36
CA ASP B 284 25.08 38.13 41.57
C ASP B 284 26.29 37.41 42.15
N THR B 285 27.14 38.20 42.86
CA THR B 285 28.61 38.17 42.71
C THR B 285 29.46 37.70 43.89
N ALA B 286 29.21 38.08 45.15
CA ALA B 286 30.21 37.83 46.21
C ALA B 286 29.59 37.68 47.59
N ALA B 287 29.98 36.63 48.30
CA ALA B 287 29.17 36.18 49.42
C ALA B 287 29.97 35.83 50.67
N ASP B 288 29.68 36.54 51.76
CA ASP B 288 30.31 36.33 53.06
C ASP B 288 29.49 35.34 53.88
N VAL B 289 29.65 34.04 53.66
CA VAL B 289 28.58 33.16 54.16
C VAL B 289 29.14 32.05 55.04
N PRO B 290 28.46 31.68 56.12
CA PRO B 290 29.08 31.05 57.30
C PRO B 290 29.85 29.73 57.14
N VAL B 291 30.06 28.97 58.24
CA VAL B 291 30.92 27.78 58.14
C VAL B 291 30.46 26.52 58.90
N THR B 292 29.53 26.53 59.87
CA THR B 292 29.37 25.31 60.70
C THR B 292 27.98 24.97 61.25
N TYR B 293 27.97 23.92 62.12
CA TYR B 293 26.75 23.30 62.66
C TYR B 293 26.32 23.76 64.05
N GLY B 294 27.05 23.32 65.10
CA GLY B 294 26.41 23.18 66.41
C GLY B 294 27.07 22.36 67.53
N GLU B 295 26.66 22.58 68.80
CA GLU B 295 27.05 21.76 69.97
C GLU B 295 26.26 22.22 71.21
N MET B 296 26.54 21.63 72.40
CA MET B 296 25.65 21.98 73.53
C MET B 296 26.15 21.50 74.92
N VAL B 297 25.72 22.20 76.03
CA VAL B 297 26.28 22.07 77.40
C VAL B 297 25.24 22.13 78.57
N LEU B 298 24.98 20.92 79.19
CA LEU B 298 24.07 20.51 80.29
C LEU B 298 24.63 19.44 81.27
N GLN B 299 24.54 19.68 82.61
CA GLN B 299 24.44 18.60 83.63
C GLN B 299 24.28 19.13 85.08
N GLY B 300 23.24 18.65 85.81
CA GLY B 300 22.71 19.28 87.04
C GLY B 300 21.20 19.16 87.36
N THR B 301 20.47 20.29 87.52
CA THR B 301 19.09 20.22 88.04
C THR B 301 18.02 20.18 86.93
N ASN B 302 18.39 20.44 85.71
CA ASN B 302 17.29 20.62 84.76
C ASN B 302 16.98 19.29 84.07
N LEU B 303 17.96 18.58 83.58
CA LEU B 303 17.65 17.16 83.51
C LEU B 303 17.51 16.56 84.92
N VAL B 304 17.80 17.28 86.06
CA VAL B 304 17.15 16.64 87.22
C VAL B 304 15.70 16.48 86.88
N THR B 305 15.11 17.46 86.18
CA THR B 305 13.84 17.13 85.53
C THR B 305 13.95 15.88 84.64
N ALA B 306 15.15 15.63 84.03
CA ALA B 306 15.29 14.61 82.95
C ALA B 306 16.43 13.55 83.10
N LEU B 307 16.61 12.87 84.25
CA LEU B 307 17.05 11.45 84.38
C LEU B 307 16.35 10.64 85.52
N VAL B 308 15.47 11.21 86.36
CA VAL B 308 14.53 10.33 87.14
C VAL B 308 12.99 10.56 87.01
N MET B 309 12.41 11.37 86.10
CA MET B 309 10.96 11.17 86.17
C MET B 309 10.35 10.92 84.79
N GLY B 310 10.51 11.81 83.80
CA GLY B 310 10.48 11.46 82.37
C GLY B 310 9.37 11.94 81.40
N LYS B 311 9.57 13.11 80.78
CA LYS B 311 8.99 13.61 79.53
C LYS B 311 10.11 14.44 78.92
N ALA B 312 9.77 15.43 78.10
CA ALA B 312 10.80 16.40 77.78
C ALA B 312 10.24 17.65 77.15
N VAL B 313 10.44 18.78 77.84
CA VAL B 313 10.07 20.09 77.33
C VAL B 313 11.36 20.79 76.95
N ARG B 314 11.25 21.69 75.96
CA ARG B 314 12.27 22.66 75.60
C ARG B 314 12.82 23.40 76.78
N ASN B 353 31.26 33.03 57.97
CA ASN B 353 31.37 33.32 56.55
C ASN B 353 32.48 32.52 55.85
N ALA B 354 32.22 32.05 54.63
CA ALA B 354 33.20 31.35 53.81
C ALA B 354 32.81 31.40 52.34
N ARG B 355 33.41 32.34 51.61
CA ARG B 355 33.00 32.74 50.25
C ARG B 355 32.81 31.51 49.35
N VAL B 356 31.91 31.60 48.38
CA VAL B 356 31.67 30.62 47.31
C VAL B 356 30.66 31.23 46.35
N PRO B 357 30.87 31.16 45.05
CA PRO B 357 29.71 31.05 44.17
C PRO B 357 29.12 29.64 44.23
N ALA B 358 28.04 29.53 44.97
CA ALA B 358 26.94 28.62 44.69
C ALA B 358 25.75 29.56 44.58
N ASP B 359 25.53 30.09 43.38
CA ASP B 359 25.16 31.49 43.22
C ASP B 359 23.90 31.73 42.39
N LEU B 360 23.67 32.99 42.03
CA LEU B 360 22.34 33.57 42.13
C LEU B 360 21.67 33.78 40.79
N VAL B 361 20.48 33.20 40.61
CA VAL B 361 19.70 33.45 39.41
C VAL B 361 18.52 34.34 39.92
N ILE B 362 17.48 34.67 39.14
CA ILE B 362 16.41 35.55 39.69
C ILE B 362 15.05 35.21 39.03
N VAL B 363 13.92 35.20 39.81
CA VAL B 363 12.58 34.76 39.33
C VAL B 363 11.37 35.57 39.87
N GLY B 364 10.81 36.57 39.09
CA GLY B 364 9.91 37.68 39.57
C GLY B 364 10.45 39.15 39.67
N ASP B 365 10.79 39.70 40.91
CA ASP B 365 11.92 40.62 41.27
C ASP B 365 12.64 40.23 42.61
N LYS B 366 13.63 39.27 42.61
CA LYS B 366 14.16 38.42 43.73
C LYS B 366 15.66 38.53 43.57
N LEU B 367 16.31 37.42 43.95
CA LEU B 367 17.08 36.56 43.04
C LEU B 367 16.67 35.08 43.13
N VAL B 368 17.15 34.26 42.24
CA VAL B 368 17.00 32.82 42.37
C VAL B 368 18.40 32.28 42.16
N PHE B 369 18.56 30.98 42.08
CA PHE B 369 19.91 30.48 41.92
C PHE B 369 19.84 29.15 41.15
N LEU B 370 20.87 28.84 40.33
CA LEU B 370 20.85 27.57 39.55
C LEU B 370 22.24 27.04 39.17
N GLU B 371 22.74 26.08 39.95
CA GLU B 371 23.80 25.13 39.58
C GLU B 371 23.69 23.93 40.55
N ALA B 372 23.02 22.82 40.09
CA ALA B 372 22.20 21.79 40.82
C ALA B 372 22.67 20.39 40.63
N LEU B 373 22.15 19.54 41.49
CA LEU B 373 22.93 18.39 41.87
C LEU B 373 23.02 17.40 40.73
N GLU B 374 24.06 17.58 39.92
CA GLU B 374 24.75 16.48 39.26
C GLU B 374 26.25 16.57 39.29
N ARG B 375 26.85 17.43 40.13
CA ARG B 375 28.30 17.55 40.30
C ARG B 375 28.91 16.98 41.60
N ARG B 376 28.38 16.01 42.36
CA ARG B 376 28.99 15.66 43.66
C ARG B 376 28.95 14.16 44.09
N VAL B 377 27.99 13.30 43.66
CA VAL B 377 27.84 11.97 44.28
C VAL B 377 27.57 10.81 43.29
N TYR B 378 28.34 9.74 43.51
CA TYR B 378 28.11 8.31 43.22
C TYR B 378 28.17 7.86 41.74
N GLN B 379 29.32 7.44 41.22
CA GLN B 379 29.42 6.77 39.93
C GLN B 379 29.65 5.24 39.98
N ALA B 380 29.14 4.52 38.96
CA ALA B 380 29.64 3.22 38.44
C ALA B 380 29.51 2.02 39.40
N THR B 381 28.28 1.68 39.78
CA THR B 381 27.91 0.30 40.14
C THR B 381 26.39 0.16 40.24
N ARG B 382 25.93 -0.84 41.00
CA ARG B 382 24.96 -1.82 40.53
C ARG B 382 23.59 -1.96 41.27
N VAL B 383 22.89 -0.92 41.82
CA VAL B 383 21.46 -1.11 42.21
C VAL B 383 20.63 0.21 42.24
N ALA B 384 19.33 0.13 42.62
CA ALA B 384 18.27 1.10 42.24
C ALA B 384 17.28 1.50 43.35
N TYR B 385 16.24 2.33 42.95
CA TYR B 385 15.60 3.33 43.83
C TYR B 385 14.33 4.02 43.23
N PRO B 386 13.60 5.00 44.01
CA PRO B 386 12.40 5.77 43.55
C PRO B 386 12.40 6.44 42.18
N LEU B 387 11.91 7.67 41.99
CA LEU B 387 12.56 8.54 40.99
C LEU B 387 11.82 9.07 39.69
N ILE B 388 12.01 8.63 38.40
CA ILE B 388 11.39 8.76 37.03
C ILE B 388 10.38 7.61 36.73
N GLY B 389 10.88 6.37 36.65
CA GLY B 389 10.22 5.26 35.99
C GLY B 389 8.75 5.02 36.31
N ASN B 390 8.16 4.17 35.47
CA ASN B 390 6.95 4.28 34.65
C ASN B 390 5.59 4.21 35.35
N ILE B 391 4.54 4.69 34.61
CA ILE B 391 3.34 5.25 35.23
C ILE B 391 2.11 5.21 34.31
N ASP B 392 1.01 4.60 34.78
CA ASP B 392 -0.16 4.32 33.94
C ASP B 392 -1.52 4.75 34.49
N ILE B 393 -2.13 5.73 33.82
CA ILE B 393 -3.54 6.12 33.91
C ILE B 393 -4.37 5.03 33.25
N THR B 394 -5.70 5.15 33.22
CA THR B 394 -6.51 4.40 32.26
C THR B 394 -7.04 5.29 31.18
N PHE B 395 -7.18 4.76 29.97
CA PHE B 395 -8.29 5.24 29.18
C PHE B 395 -9.17 4.04 28.81
N ILE B 396 -10.13 4.34 27.95
CA ILE B 396 -11.14 3.48 27.32
C ILE B 396 -10.76 3.21 25.85
N MET B 397 -11.51 2.34 25.07
CA MET B 397 -11.45 2.41 23.47
C MET B 397 -12.15 1.61 22.32
N PRO B 398 -13.36 1.99 21.82
CA PRO B 398 -13.63 1.91 20.35
C PRO B 398 -13.65 0.65 19.47
N MET B 399 -14.52 0.61 18.38
CA MET B 399 -14.30 -0.14 17.09
C MET B 399 -14.67 0.53 15.75
N GLY B 400 -15.79 1.30 15.56
CA GLY B 400 -16.10 2.24 14.42
C GLY B 400 -17.07 3.50 14.51
N VAL B 401 -17.40 4.09 15.69
CA VAL B 401 -18.79 4.44 16.15
C VAL B 401 -19.58 5.38 15.24
N PHE B 402 -20.90 5.51 15.55
CA PHE B 402 -22.02 5.67 14.60
C PHE B 402 -22.88 6.95 14.65
N GLN B 403 -22.82 7.78 15.68
CA GLN B 403 -23.84 8.86 15.80
C GLN B 403 -25.21 8.25 16.03
N ALA B 404 -26.21 9.08 16.34
CA ALA B 404 -27.58 8.71 16.06
C ALA B 404 -28.33 9.82 15.36
N ASN B 405 -28.31 11.00 15.95
CA ASN B 405 -29.25 12.05 15.61
C ASN B 405 -29.12 12.54 14.17
N SER B 406 -30.18 12.26 13.38
CA SER B 406 -30.09 12.29 11.92
C SER B 406 -29.97 13.73 11.40
N MET B 407 -28.74 14.26 11.36
CA MET B 407 -28.56 15.70 11.22
C MET B 407 -27.36 16.07 10.35
N ASP B 408 -26.73 15.08 9.71
CA ASP B 408 -25.44 15.29 9.06
C ASP B 408 -25.41 14.87 7.60
N ARG B 409 -26.23 15.41 6.70
CA ARG B 409 -25.94 15.17 5.28
C ARG B 409 -25.39 16.44 4.59
N TYR B 410 -24.14 16.79 4.93
CA TYR B 410 -23.39 17.93 4.40
C TYR B 410 -22.18 17.59 3.51
N THR B 411 -21.47 18.62 3.00
CA THR B 411 -20.45 18.51 1.93
C THR B 411 -19.61 19.79 1.74
N ARG B 412 -18.31 19.65 1.35
CA ARG B 412 -17.45 20.84 1.24
C ARG B 412 -16.60 20.95 -0.05
N HIS B 413 -16.05 19.86 -0.64
CA HIS B 413 -15.10 19.90 -1.79
C HIS B 413 -14.93 18.53 -2.47
N ALA B 414 -15.32 18.29 -3.75
CA ALA B 414 -15.73 16.89 -3.98
C ALA B 414 -15.95 16.36 -5.42
N GLY B 415 -15.48 15.10 -5.69
CA GLY B 415 -16.05 14.01 -6.53
C GLY B 415 -15.79 12.58 -5.97
N ASP B 416 -16.77 11.77 -5.46
CA ASP B 416 -16.48 10.92 -4.28
C ASP B 416 -16.30 9.42 -4.52
N PHE B 417 -16.23 8.62 -3.41
CA PHE B 417 -15.60 7.28 -3.36
C PHE B 417 -16.51 6.45 -4.25
N SER B 418 -16.48 6.80 -5.51
CA SER B 418 -17.50 6.48 -6.47
C SER B 418 -16.89 6.51 -7.85
N THR B 419 -17.36 5.60 -8.68
CA THR B 419 -16.76 5.36 -9.96
C THR B 419 -17.75 5.72 -11.04
N VAL B 420 -17.45 5.25 -12.25
CA VAL B 420 -18.44 5.14 -13.29
C VAL B 420 -19.77 4.55 -12.78
N SER B 421 -19.75 3.76 -11.70
CA SER B 421 -20.98 3.11 -11.25
C SER B 421 -21.20 3.20 -9.73
N GLU B 422 -22.16 2.39 -9.25
CA GLU B 422 -23.05 2.89 -8.21
C GLU B 422 -22.71 2.49 -6.76
N GLN B 423 -22.79 1.23 -6.33
CA GLN B 423 -22.86 1.02 -4.89
C GLN B 423 -22.18 -0.27 -4.37
N ASP B 424 -20.93 -0.51 -4.71
CA ASP B 424 -20.12 -1.49 -3.99
C ASP B 424 -19.60 -0.78 -2.73
N PRO B 425 -18.59 -1.33 -1.95
CA PRO B 425 -18.53 -0.87 -0.54
C PRO B 425 -18.35 0.63 -0.21
N ARG B 426 -19.22 1.53 -0.72
CA ARG B 426 -19.31 2.95 -0.27
C ARG B 426 -20.68 3.64 -0.17
N GLN B 427 -21.63 3.21 0.68
CA GLN B 427 -22.39 4.17 1.51
C GLN B 427 -22.45 3.68 2.96
N PHE B 428 -21.39 3.00 3.41
CA PHE B 428 -21.46 1.78 4.20
C PHE B 428 -20.73 1.98 5.54
N PRO B 429 -20.52 0.93 6.36
CA PRO B 429 -19.85 1.15 7.66
C PRO B 429 -18.36 1.40 7.50
N PRO B 430 -17.78 2.18 8.41
CA PRO B 430 -16.34 2.40 8.44
C PRO B 430 -15.50 1.17 8.54
N GLN B 431 -14.19 1.36 8.56
CA GLN B 431 -13.30 0.39 9.16
C GLN B 431 -12.71 0.89 10.48
N GLY B 432 -13.12 0.27 11.60
CA GLY B 432 -12.39 -0.60 12.55
C GLY B 432 -11.28 -0.12 13.45
N ILE B 433 -10.28 -1.00 13.62
CA ILE B 433 -9.13 -0.81 14.51
C ILE B 433 -7.82 -1.16 13.77
N PHE B 434 -6.74 -0.37 14.03
CA PHE B 434 -5.37 -0.39 13.43
C PHE B 434 -4.42 0.27 14.47
N PHE B 435 -3.15 0.56 14.15
CA PHE B 435 -2.55 1.68 14.90
C PHE B 435 -1.34 2.34 14.23
N TYR B 436 -0.56 3.04 15.06
CA TYR B 436 0.67 3.69 14.64
C TYR B 436 1.72 3.77 15.77
N ASN B 437 2.56 2.72 15.94
CA ASN B 437 3.48 2.39 17.05
C ASN B 437 4.69 3.37 17.11
N LYS B 438 5.97 2.99 17.36
CA LYS B 438 6.98 3.86 18.05
C LYS B 438 7.30 5.25 17.41
N ASP B 439 7.95 5.33 16.23
CA ASP B 439 8.77 6.48 15.76
C ASP B 439 8.41 7.11 14.39
N GLY B 440 7.22 6.93 13.79
CA GLY B 440 6.75 7.69 12.62
C GLY B 440 5.91 7.06 11.48
N ILE B 441 5.47 5.78 11.53
CA ILE B 441 4.99 5.04 10.34
C ILE B 441 3.94 3.94 10.62
N LEU B 442 2.65 4.26 10.41
CA LEU B 442 1.42 3.71 11.06
C LEU B 442 1.16 2.18 10.95
N THR B 443 0.12 1.58 11.68
CA THR B 443 -0.06 0.08 11.75
C THR B 443 -1.51 -0.41 11.65
N GLN B 444 -1.69 -1.65 11.17
CA GLN B 444 -3.00 -2.26 10.92
C GLN B 444 -3.60 -2.76 12.24
N LEU B 445 -4.93 -3.05 12.30
CA LEU B 445 -5.62 -3.95 13.25
C LEU B 445 -6.97 -4.50 12.69
N THR B 446 -7.02 -5.01 11.43
CA THR B 446 -8.29 -5.26 10.69
C THR B 446 -9.28 -6.34 11.16
N LEU B 447 -8.91 -7.63 11.15
CA LEU B 447 -9.87 -8.75 11.21
C LEU B 447 -9.38 -10.10 11.84
N ARG B 448 -8.98 -10.26 13.14
CA ARG B 448 -8.53 -11.63 13.48
C ARG B 448 -8.90 -12.22 14.87
N ASP B 449 -9.04 -11.48 15.98
CA ASP B 449 -9.09 -12.27 17.24
C ASP B 449 -10.14 -11.92 18.29
N ALA B 450 -11.18 -12.71 18.50
CA ALA B 450 -11.58 -12.75 19.90
C ALA B 450 -11.93 -14.15 20.37
N MET B 451 -11.13 -15.11 19.96
CA MET B 451 -11.42 -16.49 20.22
C MET B 451 -10.37 -17.22 21.03
N GLY B 452 -9.65 -16.57 21.94
CA GLY B 452 -9.20 -17.30 23.11
C GLY B 452 -10.02 -16.96 24.32
N THR B 453 -11.26 -16.53 24.08
CA THR B 453 -11.74 -15.27 24.63
C THR B 453 -13.18 -15.21 25.20
N ILE B 454 -14.32 -15.32 24.47
CA ILE B 454 -15.62 -15.25 25.24
C ILE B 454 -16.52 -16.50 25.12
N CYS B 455 -16.01 -17.65 24.69
CA CYS B 455 -16.61 -18.97 24.91
C CYS B 455 -16.80 -19.21 26.38
N HIS B 456 -16.64 -18.14 27.07
CA HIS B 456 -16.29 -17.81 28.39
C HIS B 456 -17.32 -18.51 29.32
N SER B 457 -17.00 -18.68 30.62
CA SER B 457 -17.87 -19.29 31.64
C SER B 457 -18.71 -18.28 32.48
N SER B 458 -18.21 -17.33 33.25
CA SER B 458 -19.15 -16.57 34.07
C SER B 458 -20.09 -15.64 33.28
N LEU B 459 -20.95 -16.15 32.37
CA LEU B 459 -22.10 -15.37 31.88
C LEU B 459 -23.43 -16.04 32.09
N LEU B 460 -23.60 -17.28 31.60
CA LEU B 460 -24.67 -18.07 32.16
C LEU B 460 -24.28 -17.86 33.59
N ASP B 461 -25.20 -17.46 34.42
CA ASP B 461 -24.64 -16.91 35.61
C ASP B 461 -25.48 -17.24 36.82
N VAL B 462 -26.57 -18.01 36.76
CA VAL B 462 -27.50 -17.94 37.89
C VAL B 462 -27.17 -18.77 39.14
N GLU B 463 -26.36 -18.23 40.08
CA GLU B 463 -26.53 -18.42 41.54
C GLU B 463 -26.56 -17.08 42.29
N ALA B 464 -25.43 -16.37 42.29
CA ALA B 464 -25.04 -15.51 43.41
C ALA B 464 -25.35 -14.03 43.17
N THR B 465 -25.56 -13.64 41.93
CA THR B 465 -25.79 -12.24 41.62
C THR B 465 -27.22 -11.80 41.95
N LEU B 466 -28.19 -12.34 41.20
CA LEU B 466 -29.56 -12.32 41.67
C LEU B 466 -29.58 -12.63 43.17
N VAL B 467 -28.88 -13.73 43.62
CA VAL B 467 -28.74 -13.95 45.08
C VAL B 467 -28.52 -12.66 45.85
N ALA B 468 -27.52 -11.89 45.46
CA ALA B 468 -27.16 -10.76 46.27
C ALA B 468 -28.24 -9.68 46.21
N LEU B 469 -29.23 -9.87 45.34
CA LEU B 469 -30.40 -8.98 45.52
C LEU B 469 -31.74 -9.73 45.72
N ARG B 470 -31.81 -10.76 46.60
CA ARG B 470 -33.08 -11.46 46.99
C ARG B 470 -34.37 -10.70 47.18
N GLN B 471 -34.53 -9.90 48.25
CA GLN B 471 -35.70 -10.09 49.13
C GLN B 471 -36.82 -9.07 49.02
N GLN B 472 -37.16 -8.53 47.85
CA GLN B 472 -38.09 -7.43 47.99
C GLN B 472 -39.56 -7.80 47.77
N HIS B 473 -39.96 -7.61 46.54
CA HIS B 473 -41.29 -7.30 46.11
C HIS B 473 -41.08 -6.79 44.68
N LEU B 474 -41.50 -7.49 43.64
CA LEU B 474 -40.95 -7.07 42.34
C LEU B 474 -41.92 -6.10 41.71
N ASP B 475 -41.38 -5.00 41.16
CA ASP B 475 -42.09 -3.79 40.78
C ASP B 475 -43.22 -4.10 39.84
N ARG B 476 -44.04 -3.08 39.57
CA ARG B 476 -45.35 -3.40 39.00
C ARG B 476 -45.12 -4.24 37.78
N GLN B 477 -45.37 -5.53 37.93
CA GLN B 477 -45.37 -6.39 36.78
C GLN B 477 -45.98 -7.73 37.13
N CYS B 478 -46.90 -8.11 36.27
CA CYS B 478 -47.55 -9.40 36.32
C CYS B 478 -47.65 -9.91 34.90
N TYR B 479 -48.36 -11.03 34.74
CA TYR B 479 -48.02 -12.03 33.74
C TYR B 479 -47.40 -11.64 32.45
N PHE B 480 -47.69 -10.49 31.92
CA PHE B 480 -48.54 -10.50 30.74
C PHE B 480 -49.01 -11.93 30.38
N GLY B 481 -48.15 -12.95 30.31
CA GLY B 481 -48.88 -14.22 30.28
C GLY B 481 -48.35 -15.60 30.69
N VAL B 482 -47.28 -15.77 31.47
CA VAL B 482 -46.25 -16.74 31.13
C VAL B 482 -46.59 -18.22 31.27
N TYR B 483 -47.59 -18.60 32.05
CA TYR B 483 -47.99 -19.99 32.30
C TYR B 483 -48.32 -20.78 31.01
N VAL B 484 -48.51 -22.11 31.12
CA VAL B 484 -48.60 -23.04 29.97
C VAL B 484 -49.57 -24.20 30.25
N ALA B 485 -50.00 -24.93 29.18
CA ALA B 485 -50.91 -26.07 29.33
C ALA B 485 -50.93 -27.11 28.16
N GLU B 486 -51.92 -28.05 28.17
CA GLU B 486 -51.87 -29.40 27.54
C GLU B 486 -53.10 -29.90 26.74
N GLY B 487 -53.64 -29.15 25.78
CA GLY B 487 -54.83 -29.59 25.05
C GLY B 487 -55.89 -28.50 25.01
N THR B 488 -57.18 -28.87 25.03
CA THR B 488 -58.14 -28.23 25.95
C THR B 488 -59.43 -29.04 26.17
N GLU B 489 -59.41 -30.37 26.01
CA GLU B 489 -60.63 -31.20 25.98
C GLU B 489 -61.82 -30.48 25.35
N ASP B 490 -61.58 -30.00 24.15
CA ASP B 490 -62.52 -29.26 23.32
C ASP B 490 -62.12 -29.53 21.86
N THR B 491 -62.61 -28.73 20.93
CA THR B 491 -62.58 -29.21 19.55
C THR B 491 -62.13 -28.26 18.35
N LEU B 492 -61.87 -26.86 18.39
CA LEU B 492 -61.68 -25.43 17.68
C LEU B 492 -62.66 -24.15 17.48
N ASP B 493 -63.95 -24.04 17.87
CA ASP B 493 -64.66 -22.75 17.63
C ASP B 493 -65.19 -22.00 18.87
N VAL B 494 -66.06 -22.63 19.66
CA VAL B 494 -66.39 -21.90 20.88
C VAL B 494 -65.09 -21.81 21.71
N GLN B 495 -63.97 -22.28 21.12
CA GLN B 495 -62.65 -21.62 21.19
C GLN B 495 -62.71 -20.12 21.20
N MET B 496 -63.37 -19.60 20.17
CA MET B 496 -63.84 -18.24 20.25
C MET B 496 -64.29 -17.97 21.64
N GLY B 497 -65.30 -18.74 22.12
CA GLY B 497 -66.27 -18.24 23.17
C GLY B 497 -65.80 -18.14 24.65
N ARG B 498 -65.09 -19.20 25.17
CA ARG B 498 -64.49 -19.27 26.56
C ARG B 498 -62.95 -18.75 26.84
N PHE B 499 -61.88 -18.53 25.76
CA PHE B 499 -60.49 -17.82 25.44
C PHE B 499 -60.42 -16.26 25.15
N MET B 500 -61.43 -15.61 24.54
CA MET B 500 -61.46 -14.12 24.69
C MET B 500 -62.40 -13.55 25.86
N GLU B 501 -63.66 -14.08 26.10
CA GLU B 501 -64.55 -13.59 27.18
C GLU B 501 -64.10 -13.96 28.62
N THR B 502 -63.07 -14.79 28.85
CA THR B 502 -62.28 -14.45 30.05
C THR B 502 -61.13 -13.47 29.73
N TRP B 503 -60.81 -13.19 28.42
CA TRP B 503 -60.08 -11.98 28.22
C TRP B 503 -61.12 -10.88 28.19
N ALA B 504 -61.98 -10.83 29.21
CA ALA B 504 -63.25 -10.08 29.26
C ALA B 504 -63.13 -8.61 29.70
N ASP B 505 -62.60 -8.31 30.90
CA ASP B 505 -62.65 -6.97 31.46
C ASP B 505 -61.24 -6.39 31.71
N MET B 506 -60.90 -5.18 31.18
CA MET B 506 -59.55 -4.69 30.79
C MET B 506 -58.80 -4.08 32.00
N MET B 507 -57.46 -4.23 32.12
CA MET B 507 -56.79 -3.72 33.33
C MET B 507 -56.70 -2.19 33.29
N PRO B 508 -55.99 -1.50 34.19
CA PRO B 508 -55.93 -0.03 34.10
C PRO B 508 -54.65 0.66 33.55
N HIS B 509 -53.54 -0.01 33.21
CA HIS B 509 -52.50 0.57 32.30
C HIS B 509 -51.63 -0.58 31.76
N HIS B 510 -51.63 -0.83 30.40
CA HIS B 510 -50.81 -1.98 29.98
C HIS B 510 -49.40 -1.55 29.70
N PRO B 511 -48.55 -2.04 30.58
CA PRO B 511 -47.56 -1.19 31.22
C PRO B 511 -46.11 -1.32 30.78
N HIS B 512 -45.65 -2.54 30.49
CA HIS B 512 -44.20 -2.59 30.42
C HIS B 512 -43.60 -3.51 29.32
N TRP B 513 -44.38 -4.30 28.57
CA TRP B 513 -43.90 -4.82 27.29
C TRP B 513 -44.97 -4.87 26.15
N VAL B 514 -45.19 -3.81 25.36
CA VAL B 514 -45.42 -3.98 23.93
C VAL B 514 -45.27 -2.67 23.06
N ASN B 515 -44.39 -1.71 23.42
CA ASN B 515 -44.08 -0.42 22.71
C ASN B 515 -43.73 -0.68 21.29
N GLU B 516 -43.90 0.35 20.42
CA GLU B 516 -43.28 0.20 19.11
C GLU B 516 -43.00 1.44 18.20
N HIS B 517 -43.21 2.72 18.54
CA HIS B 517 -43.06 3.69 17.43
C HIS B 517 -42.64 5.13 17.76
N LEU B 518 -41.32 5.46 17.71
CA LEU B 518 -40.72 6.80 17.90
C LEU B 518 -39.30 6.85 17.27
N THR B 519 -38.40 7.75 17.67
CA THR B 519 -37.15 7.66 16.89
C THR B 519 -35.89 7.13 17.64
N ILE B 520 -35.29 7.86 18.60
CA ILE B 520 -33.92 7.50 19.05
C ILE B 520 -33.64 7.80 20.55
N LEU B 521 -33.43 9.06 20.86
CA LEU B 521 -33.00 9.33 22.21
C LEU B 521 -34.20 9.33 23.13
N GLN B 522 -35.32 8.79 22.67
CA GLN B 522 -36.16 7.98 23.53
C GLN B 522 -35.72 6.54 23.48
N PHE B 523 -34.45 6.29 23.28
CA PHE B 523 -33.95 5.43 24.32
C PHE B 523 -33.81 6.33 25.51
N ILE B 524 -33.75 7.64 25.26
CA ILE B 524 -33.03 8.33 26.35
C ILE B 524 -33.79 9.40 27.25
N ALA B 525 -35.07 9.29 27.64
CA ALA B 525 -35.57 9.96 28.87
C ALA B 525 -37.00 9.53 29.27
N PRO B 526 -37.18 8.48 30.07
CA PRO B 526 -38.38 7.68 29.91
C PRO B 526 -39.65 8.37 30.30
N SER B 527 -40.40 8.83 29.32
CA SER B 527 -41.84 8.70 29.42
C SER B 527 -42.22 7.31 29.86
N ASN B 528 -41.43 6.34 29.45
CA ASN B 528 -41.99 5.09 29.08
C ASN B 528 -41.04 3.95 29.35
N PRO B 529 -41.54 2.72 29.49
CA PRO B 529 -40.85 1.76 30.34
C PRO B 529 -39.51 1.21 29.86
N ARG B 530 -39.54 0.23 28.94
CA ARG B 530 -38.44 -0.63 28.44
C ARG B 530 -37.09 -0.51 29.20
N LEU B 531 -36.99 -0.39 30.55
CA LEU B 531 -35.63 -0.56 31.06
C LEU B 531 -35.56 -1.28 32.43
N ARG B 532 -36.67 -1.40 33.18
CA ARG B 532 -36.49 -2.40 34.24
C ARG B 532 -37.23 -3.65 33.92
N PHE B 533 -37.30 -3.98 32.64
CA PHE B 533 -37.07 -5.32 32.16
C PHE B 533 -36.11 -5.31 30.98
N GLU B 534 -35.01 -4.53 31.15
CA GLU B 534 -34.04 -4.14 30.13
C GLU B 534 -32.77 -3.57 30.77
N LEU B 535 -31.68 -4.33 30.79
CA LEU B 535 -30.35 -3.88 31.20
C LEU B 535 -29.17 -4.61 30.61
N ASN B 536 -29.31 -5.77 29.94
CA ASN B 536 -28.14 -6.41 29.32
C ASN B 536 -28.36 -7.64 28.46
N PRO B 537 -29.32 -7.96 27.63
CA PRO B 537 -30.08 -9.22 27.81
C PRO B 537 -29.48 -10.44 28.64
N ALA B 538 -28.25 -10.98 28.53
CA ALA B 538 -27.94 -12.43 28.81
C ALA B 538 -28.34 -12.94 30.08
N PHE B 539 -28.48 -12.14 31.06
CA PHE B 539 -29.26 -12.60 32.17
C PHE B 539 -30.21 -11.46 32.27
N ASP B 540 -31.44 -11.82 32.36
CA ASP B 540 -32.54 -10.91 32.11
C ASP B 540 -33.66 -11.83 32.44
N PHE B 541 -34.49 -11.41 33.35
CA PHE B 541 -34.95 -12.33 34.36
C PHE B 541 -36.38 -12.01 34.72
N PHE B 542 -37.32 -12.55 33.99
CA PHE B 542 -38.66 -12.02 34.09
C PHE B 542 -39.22 -12.21 35.49
N VAL B 543 -40.38 -11.60 35.78
CA VAL B 543 -41.30 -12.10 36.80
C VAL B 543 -41.78 -13.46 36.30
N ALA B 544 -42.41 -14.25 37.15
CA ALA B 544 -42.30 -15.66 36.81
C ALA B 544 -43.15 -16.64 37.57
N PRO B 545 -44.44 -16.68 37.38
CA PRO B 545 -45.23 -17.59 38.21
C PRO B 545 -44.85 -19.06 38.02
N GLY B 546 -45.53 -19.95 38.71
CA GLY B 546 -44.85 -21.00 39.46
C GLY B 546 -43.93 -21.91 38.65
N ASP B 547 -42.86 -21.35 38.02
CA ASP B 547 -42.07 -22.08 37.01
C ASP B 547 -43.00 -22.82 36.11
N VAL B 548 -44.16 -22.21 35.87
CA VAL B 548 -45.45 -22.86 36.05
C VAL B 548 -45.26 -24.30 35.67
N ASP B 549 -45.88 -25.22 36.40
CA ASP B 549 -45.64 -26.64 36.15
C ASP B 549 -45.94 -26.90 34.66
N LEU B 550 -45.84 -25.84 33.84
CA LEU B 550 -46.02 -25.85 32.39
C LEU B 550 -45.77 -27.22 31.80
N PRO B 551 -46.73 -27.79 31.06
CA PRO B 551 -48.13 -27.59 30.65
C PRO B 551 -49.25 -28.46 31.30
N GLY B 552 -50.47 -27.89 31.46
CA GLY B 552 -51.68 -28.54 31.95
C GLY B 552 -52.99 -28.12 31.28
N PRO B 553 -54.07 -27.92 32.05
CA PRO B 553 -55.31 -27.29 31.52
C PRO B 553 -55.31 -25.76 31.60
N GLN B 554 -56.52 -25.15 31.68
CA GLN B 554 -56.71 -23.76 31.23
C GLN B 554 -56.93 -22.66 32.32
N ARG B 555 -57.65 -22.90 33.46
CA ARG B 555 -58.35 -21.81 34.23
C ARG B 555 -57.64 -21.26 35.49
N PRO B 556 -57.93 -20.00 35.90
CA PRO B 556 -56.88 -19.05 36.48
C PRO B 556 -56.79 -18.91 37.99
N PRO B 557 -55.56 -19.04 38.57
CA PRO B 557 -55.15 -18.27 39.79
C PRO B 557 -54.28 -17.00 39.57
N GLU B 558 -53.60 -16.56 40.68
CA GLU B 558 -52.86 -15.28 40.81
C GLU B 558 -51.41 -15.52 41.32
N ALA B 559 -50.39 -14.68 40.96
CA ALA B 559 -48.98 -14.98 40.52
C ALA B 559 -47.82 -15.11 41.54
N MET B 560 -47.23 -16.36 41.73
CA MET B 560 -45.89 -16.53 42.44
C MET B 560 -44.73 -17.06 41.60
N PRO B 561 -43.66 -16.29 41.48
CA PRO B 561 -42.37 -16.76 40.96
C PRO B 561 -41.29 -17.22 41.94
N THR B 562 -40.25 -17.88 41.38
CA THR B 562 -38.90 -18.13 41.92
C THR B 562 -37.91 -17.07 41.49
N VAL B 563 -36.69 -17.58 41.28
CA VAL B 563 -35.61 -16.95 40.57
C VAL B 563 -35.34 -17.78 39.29
N ASN B 564 -34.23 -17.51 38.57
CA ASN B 564 -34.21 -17.28 37.13
C ASN B 564 -33.19 -18.07 36.32
N ALA B 565 -33.53 -18.51 35.11
CA ALA B 565 -32.54 -18.75 34.06
C ALA B 565 -33.20 -19.11 32.74
N THR B 566 -32.76 -18.47 31.63
CA THR B 566 -32.98 -18.98 30.26
C THR B 566 -32.41 -17.99 29.23
N LEU B 567 -31.75 -18.49 28.16
CA LEU B 567 -30.65 -17.72 27.53
C LEU B 567 -30.97 -16.97 26.23
N ARG B 568 -31.24 -15.66 26.31
CA ARG B 568 -31.55 -15.01 25.02
C ARG B 568 -30.36 -14.88 24.17
N ILE B 569 -29.91 -15.95 23.55
CA ILE B 569 -28.52 -15.98 23.15
C ILE B 569 -28.20 -14.75 22.29
N ILE B 570 -29.23 -13.88 22.06
CA ILE B 570 -29.25 -12.72 21.17
C ILE B 570 -28.54 -11.45 21.63
N ASN B 571 -27.89 -10.77 20.66
CA ASN B 571 -27.24 -9.51 21.00
C ASN B 571 -27.18 -8.47 19.87
N GLY B 572 -28.08 -8.46 18.89
CA GLY B 572 -27.68 -7.65 17.72
C GLY B 572 -28.70 -6.71 17.16
N ASN B 573 -29.96 -6.84 17.55
CA ASN B 573 -30.73 -5.63 17.60
C ASN B 573 -30.70 -5.05 19.00
N ILE B 574 -29.60 -5.31 19.67
CA ILE B 574 -29.15 -5.38 21.08
C ILE B 574 -29.87 -4.34 21.96
N PRO B 575 -30.20 -4.65 23.24
CA PRO B 575 -31.44 -4.17 23.86
C PRO B 575 -31.55 -2.68 24.22
N VAL B 576 -32.65 -2.15 23.80
CA VAL B 576 -32.38 -1.42 22.59
C VAL B 576 -32.34 0.12 22.61
N PRO B 577 -33.35 0.78 23.16
CA PRO B 577 -34.13 1.73 22.33
C PRO B 577 -33.48 3.00 21.74
N LEU B 578 -32.39 2.90 20.97
CA LEU B 578 -31.72 4.03 20.28
C LEU B 578 -31.44 3.84 18.78
N CYS B 579 -32.41 3.62 17.87
CA CYS B 579 -32.00 3.23 16.51
C CYS B 579 -32.56 3.76 15.19
N PRO B 580 -31.70 3.85 14.15
CA PRO B 580 -32.11 4.05 12.71
C PRO B 580 -31.79 2.89 11.62
N ILE B 581 -32.17 3.04 10.26
CA ILE B 581 -32.02 2.24 8.96
C ILE B 581 -30.83 2.50 7.90
N SER B 582 -29.65 3.11 8.25
CA SER B 582 -28.36 2.95 7.49
C SER B 582 -27.49 1.64 7.77
N PHE B 583 -27.28 1.20 9.01
CA PHE B 583 -26.26 0.18 9.35
C PHE B 583 -26.70 -1.33 9.34
N ARG B 584 -27.97 -1.72 9.17
CA ARG B 584 -28.15 -3.10 8.72
C ARG B 584 -29.12 -3.39 7.52
N ASP B 585 -29.99 -2.43 6.98
CA ASP B 585 -30.07 -2.76 5.54
C ASP B 585 -28.66 -2.55 5.06
N CYS B 586 -27.87 -2.05 6.01
CA CYS B 586 -26.49 -2.02 5.77
C CYS B 586 -25.90 -3.39 5.65
N ARG B 587 -25.92 -4.24 6.70
CA ARG B 587 -25.13 -5.42 6.35
C ARG B 587 -25.59 -5.99 5.05
N GLY B 588 -26.75 -5.55 4.57
CA GLY B 588 -26.92 -5.53 3.13
C GLY B 588 -26.77 -4.21 2.34
N THR B 589 -25.65 -3.49 2.42
CA THR B 589 -25.06 -3.06 1.13
C THR B 589 -23.49 -3.02 1.08
N GLN B 590 -22.72 -3.26 2.20
CA GLN B 590 -21.22 -3.60 2.23
C GLN B 590 -20.79 -5.11 2.46
N LEU B 591 -21.58 -6.02 3.11
CA LEU B 591 -21.20 -7.46 3.23
C LEU B 591 -21.16 -8.22 1.89
N GLY B 592 -22.03 -7.88 0.89
CA GLY B 592 -22.19 -8.44 -0.49
C GLY B 592 -21.72 -7.95 -1.88
N LEU B 593 -20.71 -8.46 -2.62
CA LEU B 593 -20.10 -7.63 -3.70
C LEU B 593 -20.59 -7.90 -5.14
N GLY B 594 -20.42 -9.12 -5.73
CA GLY B 594 -20.69 -9.23 -7.18
C GLY B 594 -21.23 -10.31 -8.15
N ARG B 595 -22.19 -11.20 -7.87
CA ARG B 595 -22.40 -12.41 -8.69
C ARG B 595 -23.72 -12.41 -9.56
N HIS B 596 -24.91 -11.94 -9.07
CA HIS B 596 -26.17 -11.80 -9.87
C HIS B 596 -27.30 -10.92 -9.24
N THR B 597 -27.45 -9.61 -9.66
CA THR B 597 -28.36 -8.61 -9.01
C THR B 597 -29.11 -7.72 -10.04
N MET B 598 -30.14 -6.98 -9.55
CA MET B 598 -31.37 -6.61 -10.30
C MET B 598 -31.54 -5.16 -10.86
N THR B 599 -32.77 -4.87 -11.41
CA THR B 599 -32.94 -4.26 -12.75
C THR B 599 -34.40 -3.88 -13.16
N PRO B 600 -34.70 -3.45 -14.45
CA PRO B 600 -36.10 -3.05 -14.92
C PRO B 600 -37.38 -4.03 -15.04
N ALA B 601 -37.45 -5.04 -15.91
CA ALA B 601 -38.73 -5.77 -16.06
C ALA B 601 -39.27 -6.37 -14.73
N THR B 602 -38.58 -7.38 -14.16
CA THR B 602 -39.18 -8.46 -13.37
C THR B 602 -39.20 -8.26 -11.82
N ILE B 603 -38.37 -7.38 -11.23
CA ILE B 603 -38.45 -7.13 -9.78
C ILE B 603 -39.27 -5.87 -9.48
N LYS B 604 -39.14 -4.75 -10.23
CA LYS B 604 -40.16 -3.81 -9.75
C LYS B 604 -41.35 -4.07 -10.61
N ALA B 605 -41.18 -5.07 -11.47
CA ALA B 605 -42.25 -6.00 -11.54
C ALA B 605 -42.65 -6.36 -10.16
N VAL B 606 -41.77 -7.02 -9.45
CA VAL B 606 -42.19 -7.56 -8.18
C VAL B 606 -42.93 -6.49 -7.36
N LYS B 607 -42.87 -5.21 -7.86
CA LYS B 607 -43.65 -4.00 -7.40
C LYS B 607 -45.05 -3.77 -8.06
N ASP B 608 -45.32 -4.24 -9.31
CA ASP B 608 -46.73 -4.07 -9.79
C ASP B 608 -47.58 -5.38 -10.05
N THR B 609 -47.24 -6.53 -9.43
CA THR B 609 -48.20 -7.63 -8.96
C THR B 609 -48.34 -7.76 -7.42
N PHE B 610 -47.30 -7.87 -6.60
CA PHE B 610 -47.63 -7.94 -5.17
C PHE B 610 -48.31 -6.67 -4.49
N GLU B 611 -48.94 -5.67 -5.17
CA GLU B 611 -49.96 -4.84 -4.37
C GLU B 611 -51.51 -4.80 -4.76
N ASP B 612 -52.32 -5.90 -4.83
CA ASP B 612 -53.82 -5.98 -4.79
C ASP B 612 -54.55 -6.78 -3.68
N ARG B 613 -55.65 -6.20 -3.19
CA ARG B 613 -56.56 -6.67 -2.15
C ARG B 613 -57.89 -7.21 -2.68
N ALA B 614 -57.93 -8.24 -3.53
CA ALA B 614 -59.24 -8.81 -3.87
C ALA B 614 -59.22 -10.29 -4.25
N TYR B 615 -58.37 -11.07 -3.62
CA TYR B 615 -57.96 -12.39 -4.10
C TYR B 615 -58.97 -13.34 -4.74
N PRO B 616 -58.61 -13.95 -5.86
CA PRO B 616 -59.28 -15.12 -6.40
C PRO B 616 -59.63 -16.34 -5.51
N THR B 617 -60.37 -17.30 -6.12
CA THR B 617 -61.07 -18.41 -5.47
C THR B 617 -60.85 -19.91 -6.01
N ILE B 618 -60.77 -20.35 -7.27
CA ILE B 618 -60.48 -21.81 -7.37
C ILE B 618 -59.10 -22.26 -6.87
N PHE B 619 -58.02 -21.88 -7.54
CA PHE B 619 -56.82 -22.73 -7.48
C PHE B 619 -56.16 -22.66 -6.13
N TYR B 620 -56.16 -21.49 -5.50
CA TYR B 620 -55.51 -21.57 -4.25
C TYR B 620 -56.39 -22.37 -3.38
N MET B 621 -57.61 -22.62 -3.86
CA MET B 621 -57.79 -23.95 -3.41
C MET B 621 -57.69 -25.10 -4.48
N LEU B 622 -56.82 -25.10 -5.45
CA LEU B 622 -56.59 -26.49 -5.92
C LEU B 622 -55.57 -27.27 -5.03
N GLU B 623 -54.62 -26.51 -4.53
CA GLU B 623 -53.56 -27.14 -3.74
C GLU B 623 -54.02 -27.45 -2.32
N ALA B 624 -55.35 -27.69 -2.09
CA ALA B 624 -55.82 -28.71 -1.05
C ALA B 624 -56.74 -29.76 -1.57
N VAL B 625 -57.16 -29.70 -2.83
CA VAL B 625 -57.56 -31.07 -3.13
C VAL B 625 -56.45 -32.04 -2.74
N ILE B 626 -55.18 -31.64 -2.72
CA ILE B 626 -54.26 -32.81 -2.75
C ILE B 626 -53.38 -33.12 -1.44
N HIS B 627 -52.58 -32.17 -0.84
CA HIS B 627 -51.48 -32.09 0.31
C HIS B 627 -49.98 -32.36 -0.03
N GLY B 628 -49.50 -31.91 -1.20
CA GLY B 628 -48.11 -31.79 -1.73
C GLY B 628 -47.10 -32.78 -2.31
N ASN B 629 -47.03 -32.90 -3.63
CA ASN B 629 -46.75 -34.09 -4.43
C ASN B 629 -45.29 -34.41 -4.95
N GLU B 630 -44.72 -35.61 -4.58
CA GLU B 630 -43.81 -36.56 -5.31
C GLU B 630 -44.55 -37.80 -6.02
N ARG B 631 -45.33 -38.70 -5.27
CA ARG B 631 -46.31 -39.67 -5.88
C ARG B 631 -47.89 -39.51 -5.58
N ASN B 632 -48.54 -38.26 -5.66
CA ASN B 632 -49.87 -37.82 -6.23
C ASN B 632 -49.76 -36.82 -7.41
N PHE B 633 -49.18 -35.63 -7.32
CA PHE B 633 -48.96 -34.85 -8.56
C PHE B 633 -48.46 -35.64 -9.79
N CYS B 634 -47.87 -36.85 -9.75
CA CYS B 634 -47.99 -37.27 -11.18
C CYS B 634 -49.27 -38.04 -11.66
N ALA B 635 -50.47 -37.38 -11.70
CA ALA B 635 -51.57 -37.47 -12.70
C ALA B 635 -52.37 -36.14 -12.91
N LEU B 636 -51.94 -35.22 -13.85
CA LEU B 636 -52.60 -34.00 -14.37
C LEU B 636 -51.71 -33.12 -15.25
N LEU B 637 -52.27 -32.41 -16.23
CA LEU B 637 -51.65 -31.20 -16.76
C LEU B 637 -52.64 -30.13 -17.22
N ARG B 638 -53.91 -30.41 -17.54
CA ARG B 638 -54.62 -29.44 -18.40
C ARG B 638 -55.38 -28.28 -17.70
N LEU B 639 -56.09 -28.50 -16.58
CA LEU B 639 -56.99 -27.45 -16.07
C LEU B 639 -56.24 -26.26 -15.49
N LEU B 640 -55.56 -26.47 -14.36
CA LEU B 640 -54.87 -25.37 -13.67
C LEU B 640 -54.04 -24.55 -14.62
N THR B 641 -53.05 -25.18 -15.23
CA THR B 641 -52.21 -24.28 -15.93
C THR B 641 -52.97 -23.83 -17.25
N GLN B 642 -53.79 -24.63 -17.92
CA GLN B 642 -54.35 -23.95 -19.10
C GLN B 642 -55.24 -22.77 -18.65
N CYS B 643 -55.57 -22.76 -17.36
CA CYS B 643 -56.44 -21.74 -16.81
C CYS B 643 -55.88 -20.40 -17.14
N ILE B 644 -54.68 -20.19 -16.67
CA ILE B 644 -54.07 -18.89 -16.97
C ILE B 644 -53.34 -18.85 -18.32
N ARG B 645 -53.56 -19.84 -19.18
CA ARG B 645 -53.57 -19.44 -20.61
C ARG B 645 -54.61 -18.37 -20.88
N GLY B 646 -55.85 -18.74 -20.67
CA GLY B 646 -56.87 -17.74 -20.93
C GLY B 646 -56.68 -16.53 -20.04
N TYR B 647 -56.27 -16.77 -18.80
CA TYR B 647 -56.20 -15.72 -17.79
C TYR B 647 -54.94 -14.91 -18.02
N TRP B 648 -54.09 -15.40 -18.93
CA TRP B 648 -53.33 -14.49 -19.76
C TRP B 648 -54.30 -13.54 -20.44
N GLU B 649 -54.98 -13.97 -21.50
CA GLU B 649 -55.10 -13.03 -22.66
C GLU B 649 -55.82 -11.66 -22.46
N GLN B 650 -55.32 -10.63 -21.68
CA GLN B 650 -55.64 -9.18 -21.86
C GLN B 650 -54.48 -8.15 -21.64
N SER B 651 -53.70 -8.14 -20.49
CA SER B 651 -52.48 -7.34 -20.23
C SER B 651 -51.56 -7.70 -19.04
N HIS B 652 -50.35 -8.25 -19.23
CA HIS B 652 -49.18 -8.25 -18.29
C HIS B 652 -49.38 -8.84 -16.87
N ARG B 653 -50.55 -9.42 -16.55
CA ARG B 653 -50.82 -9.89 -15.20
C ARG B 653 -50.37 -11.30 -14.81
N VAL B 654 -49.05 -11.56 -14.78
CA VAL B 654 -48.42 -12.90 -14.77
C VAL B 654 -48.90 -13.78 -13.59
N ALA B 655 -48.42 -15.03 -13.49
CA ALA B 655 -49.06 -15.99 -12.56
C ALA B 655 -48.07 -16.81 -11.73
N PHE B 656 -48.64 -17.67 -10.86
CA PHE B 656 -47.93 -18.77 -10.20
C PHE B 656 -46.57 -18.41 -9.62
N VAL B 657 -46.51 -17.52 -8.65
CA VAL B 657 -45.17 -17.38 -8.08
C VAL B 657 -45.05 -17.43 -6.55
N ASN B 658 -45.60 -16.46 -5.81
CA ASN B 658 -44.93 -15.91 -4.64
C ASN B 658 -44.58 -16.96 -3.60
N ASN B 659 -45.58 -17.55 -2.97
CA ASN B 659 -45.27 -18.56 -2.01
C ASN B 659 -44.88 -19.75 -2.81
N PHE B 660 -44.29 -20.71 -2.15
CA PHE B 660 -43.52 -21.69 -2.86
C PHE B 660 -44.42 -22.40 -3.86
N HIS B 661 -45.65 -22.71 -3.47
CA HIS B 661 -46.48 -23.55 -4.35
C HIS B 661 -46.80 -22.93 -5.71
N MET B 662 -45.83 -22.86 -6.63
CA MET B 662 -45.77 -23.26 -8.04
C MET B 662 -44.43 -23.38 -8.73
N LEU B 663 -43.37 -23.95 -8.11
CA LEU B 663 -42.16 -23.97 -8.90
C LEU B 663 -40.92 -24.93 -8.64
N MET B 664 -40.69 -25.97 -7.79
CA MET B 664 -39.40 -26.59 -8.24
C MET B 664 -39.43 -28.09 -8.65
N TYR B 665 -39.99 -29.06 -7.88
CA TYR B 665 -40.12 -30.38 -8.53
C TYR B 665 -40.70 -30.17 -9.91
N ILE B 666 -41.93 -29.70 -9.90
CA ILE B 666 -42.45 -29.59 -11.21
C ILE B 666 -42.01 -28.26 -11.79
N THR B 667 -41.00 -27.56 -11.18
CA THR B 667 -40.03 -26.84 -12.01
C THR B 667 -38.95 -27.65 -12.65
N THR B 668 -38.75 -28.86 -12.27
CA THR B 668 -37.49 -29.27 -12.81
C THR B 668 -37.74 -30.00 -14.14
N TYR B 669 -38.97 -29.94 -14.66
CA TYR B 669 -39.08 -29.83 -16.17
C TYR B 669 -40.26 -29.14 -16.96
N LEU B 670 -40.89 -27.99 -16.50
CA LEU B 670 -41.89 -27.18 -17.31
C LEU B 670 -41.47 -25.72 -17.56
N GLY B 671 -40.24 -25.45 -17.99
CA GLY B 671 -39.93 -24.07 -18.35
C GLY B 671 -40.17 -23.73 -19.82
N ASN B 672 -41.42 -23.47 -20.22
CA ASN B 672 -41.94 -24.15 -21.40
C ASN B 672 -41.69 -23.58 -22.82
N GLY B 673 -42.62 -22.80 -23.43
CA GLY B 673 -42.78 -22.54 -24.90
C GLY B 673 -44.01 -22.31 -25.84
N GLU B 674 -45.28 -22.82 -25.66
CA GLU B 674 -46.37 -22.49 -26.62
C GLU B 674 -47.03 -21.15 -26.36
N LEU B 675 -46.66 -20.48 -25.35
CA LEU B 675 -47.13 -19.11 -25.28
C LEU B 675 -46.57 -18.23 -26.35
N PRO B 676 -46.89 -16.96 -26.24
CA PRO B 676 -45.86 -15.96 -26.47
C PRO B 676 -44.67 -15.98 -25.50
N GLU B 677 -44.78 -15.45 -24.24
CA GLU B 677 -43.52 -14.75 -24.01
C GLU B 677 -42.83 -14.58 -22.47
N VAL B 678 -43.01 -13.48 -21.54
CA VAL B 678 -42.52 -13.11 -20.12
C VAL B 678 -43.47 -13.53 -18.91
N CYS B 679 -43.24 -14.72 -18.28
CA CYS B 679 -43.77 -15.24 -17.00
C CYS B 679 -42.81 -16.29 -16.28
N ILE B 680 -42.63 -17.52 -16.86
CA ILE B 680 -41.76 -18.62 -16.32
C ILE B 680 -40.30 -18.43 -16.49
N ASN B 681 -39.86 -18.46 -17.73
CA ASN B 681 -38.47 -18.31 -18.07
C ASN B 681 -37.77 -17.42 -17.08
N ILE B 682 -38.40 -16.32 -16.76
CA ILE B 682 -37.81 -15.57 -15.69
C ILE B 682 -38.26 -16.08 -14.33
N TYR B 683 -39.39 -16.82 -14.17
CA TYR B 683 -39.40 -17.62 -12.92
C TYR B 683 -38.04 -18.23 -12.69
N ARG B 684 -37.68 -19.05 -13.63
CA ARG B 684 -36.37 -19.62 -13.64
C ARG B 684 -35.34 -18.53 -13.42
N ASP B 685 -35.72 -17.21 -13.60
CA ASP B 685 -34.86 -16.10 -13.09
C ASP B 685 -35.16 -15.70 -11.59
N LEU B 686 -36.15 -16.37 -10.99
CA LEU B 686 -36.66 -16.18 -9.63
C LEU B 686 -36.02 -17.17 -8.51
N LEU B 687 -35.44 -18.35 -8.86
CA LEU B 687 -34.63 -19.27 -7.95
C LEU B 687 -33.11 -19.16 -8.13
N GLN B 688 -32.48 -19.20 -9.33
CA GLN B 688 -31.00 -18.91 -9.32
C GLN B 688 -30.50 -17.57 -8.70
N HIS B 689 -31.12 -16.35 -8.86
CA HIS B 689 -30.59 -15.28 -7.98
C HIS B 689 -30.49 -15.80 -6.54
N VAL B 690 -31.62 -15.87 -5.83
CA VAL B 690 -31.36 -16.23 -4.45
C VAL B 690 -30.48 -17.56 -4.45
N ARG B 691 -30.66 -18.52 -5.40
CA ARG B 691 -29.78 -19.74 -5.47
C ARG B 691 -28.29 -19.40 -5.35
N ALA B 692 -27.95 -18.19 -5.71
CA ALA B 692 -26.75 -17.64 -5.12
C ALA B 692 -26.82 -17.72 -3.60
N LEU B 693 -27.97 -18.10 -3.02
CA LEU B 693 -27.81 -18.66 -1.64
C LEU B 693 -26.97 -19.79 -1.70
N ARG B 694 -27.47 -20.71 -2.48
CA ARG B 694 -26.88 -22.04 -2.29
C ARG B 694 -25.40 -21.81 -2.23
N GLN B 695 -25.04 -20.71 -2.92
CA GLN B 695 -23.72 -20.10 -3.02
C GLN B 695 -23.39 -19.05 -1.88
N THR B 696 -24.40 -18.63 -1.06
CA THR B 696 -24.13 -17.64 0.02
C THR B 696 -24.57 -17.99 1.48
N ILE B 697 -24.65 -19.27 1.89
CA ILE B 697 -24.36 -19.80 3.28
C ILE B 697 -23.73 -21.23 3.32
N THR B 698 -23.06 -21.69 2.25
CA THR B 698 -21.93 -22.64 2.41
C THR B 698 -20.59 -22.10 1.81
N ASP B 699 -20.35 -20.77 1.80
CA ASP B 699 -18.96 -20.27 1.88
C ASP B 699 -18.66 -19.27 3.05
N PHE B 700 -18.69 -19.70 4.35
CA PHE B 700 -18.04 -19.20 5.59
C PHE B 700 -17.61 -20.24 6.65
N THR B 701 -17.77 -21.55 6.48
CA THR B 701 -17.78 -22.42 7.66
C THR B 701 -16.65 -23.39 7.82
N ILE B 702 -16.66 -23.97 9.02
CA ILE B 702 -15.77 -25.03 9.44
C ILE B 702 -16.54 -26.29 9.71
N GLN B 703 -16.31 -27.23 8.84
CA GLN B 703 -17.15 -28.38 8.76
C GLN B 703 -16.44 -29.53 9.42
N GLY B 704 -17.00 -30.72 9.23
CA GLY B 704 -16.46 -31.93 9.79
C GLY B 704 -16.15 -31.78 11.23
N GLU B 705 -16.59 -30.70 11.84
CA GLU B 705 -16.29 -30.41 13.22
C GLU B 705 -17.13 -31.46 13.92
N GLY B 706 -16.48 -32.59 14.19
CA GLY B 706 -17.10 -33.66 14.90
C GLY B 706 -16.17 -34.51 15.74
N HIS B 707 -16.50 -34.60 17.03
CA HIS B 707 -15.88 -35.53 17.97
C HIS B 707 -17.01 -36.14 18.77
N ASN B 708 -17.23 -37.43 18.53
CA ASN B 708 -18.55 -38.04 18.47
C ASN B 708 -19.21 -37.65 17.14
N GLY B 709 -18.65 -36.64 16.49
CA GLY B 709 -19.03 -36.21 15.15
C GLY B 709 -20.17 -35.22 15.00
N GLU B 710 -20.12 -34.07 15.68
CA GLU B 710 -21.30 -33.19 15.85
C GLU B 710 -21.96 -32.79 14.56
N THR B 711 -23.18 -32.31 14.71
CA THR B 711 -23.64 -31.20 13.93
C THR B 711 -22.64 -30.06 13.96
N SER B 712 -21.83 -30.00 12.91
CA SER B 712 -21.43 -28.68 12.45
C SER B 712 -22.64 -28.06 11.80
N GLU B 713 -23.54 -28.94 11.38
CA GLU B 713 -24.92 -28.66 11.03
C GLU B 713 -25.67 -28.42 12.33
N ALA B 714 -24.90 -28.21 13.37
CA ALA B 714 -25.16 -27.17 14.34
C ALA B 714 -23.84 -26.56 14.75
N LEU B 715 -23.06 -26.08 13.76
CA LEU B 715 -22.01 -25.10 14.05
C LEU B 715 -22.13 -23.82 13.21
N ASN B 716 -22.26 -23.88 11.88
CA ASN B 716 -22.09 -22.59 11.17
C ASN B 716 -23.21 -22.10 10.26
N ASN B 717 -24.25 -22.81 10.04
CA ASN B 717 -25.38 -21.97 9.71
C ASN B 717 -26.67 -22.71 9.90
N ILE B 718 -27.33 -22.46 11.04
CA ILE B 718 -28.65 -22.99 11.19
C ILE B 718 -29.60 -22.16 10.35
N LEU B 719 -29.22 -22.08 9.07
CA LEU B 719 -29.95 -22.50 7.90
C LEU B 719 -29.91 -23.95 7.67
N THR B 720 -28.73 -24.55 7.71
CA THR B 720 -28.47 -25.72 6.89
C THR B 720 -28.98 -27.03 7.49
N ASP B 721 -28.93 -27.25 8.79
CA ASP B 721 -29.37 -28.54 9.32
C ASP B 721 -30.83 -28.83 9.07
N ASP B 722 -31.23 -30.02 9.49
CA ASP B 722 -32.53 -30.56 9.19
C ASP B 722 -33.69 -29.86 9.79
N THR B 723 -33.74 -29.83 11.11
CA THR B 723 -34.96 -30.31 11.72
C THR B 723 -35.87 -29.19 12.18
N PHE B 724 -35.34 -27.96 12.37
CA PHE B 724 -36.19 -26.77 12.43
C PHE B 724 -37.16 -26.91 11.28
N ILE B 725 -38.32 -26.32 11.37
CA ILE B 725 -39.26 -26.47 10.27
C ILE B 725 -40.06 -25.20 10.12
N ALA B 726 -39.73 -24.41 9.13
CA ALA B 726 -39.98 -22.97 9.21
C ALA B 726 -41.49 -22.61 9.27
N PRO B 727 -41.89 -21.34 9.25
CA PRO B 727 -43.22 -20.95 9.80
C PRO B 727 -44.44 -21.84 9.61
N ILE B 728 -44.61 -22.60 8.53
CA ILE B 728 -45.95 -23.10 8.18
C ILE B 728 -45.77 -24.33 7.31
N LEU B 729 -46.54 -25.41 7.55
CA LEU B 729 -45.87 -26.71 7.73
C LEU B 729 -46.05 -27.57 6.45
N TRP B 730 -44.98 -28.34 6.01
CA TRP B 730 -44.86 -28.99 4.68
C TRP B 730 -44.12 -30.39 4.61
N ASP B 731 -43.95 -31.07 3.43
CA ASP B 731 -43.99 -32.56 3.18
C ASP B 731 -43.37 -33.52 4.19
N CYS B 732 -43.35 -34.86 3.94
CA CYS B 732 -43.20 -35.73 5.13
C CYS B 732 -41.78 -36.12 5.55
N ASP B 733 -41.27 -35.63 6.70
CA ASP B 733 -40.22 -36.40 7.37
C ASP B 733 -40.23 -36.32 8.93
N ALA B 734 -41.18 -35.61 9.55
CA ALA B 734 -41.13 -35.29 10.99
C ALA B 734 -40.61 -36.41 11.91
N LEU B 735 -41.25 -37.58 11.81
CA LEU B 735 -41.26 -38.49 12.93
C LEU B 735 -39.90 -39.13 13.03
N ILE B 736 -39.06 -38.83 12.02
CA ILE B 736 -37.80 -39.53 11.95
C ILE B 736 -36.56 -38.59 11.81
N TYR B 737 -36.68 -37.18 11.91
CA TYR B 737 -35.44 -36.32 12.25
C TYR B 737 -35.28 -35.96 13.76
N ARG B 738 -36.33 -36.12 14.60
CA ARG B 738 -36.08 -36.05 16.10
C ARG B 738 -36.08 -37.40 17.03
N ASP B 739 -36.52 -38.67 16.59
CA ASP B 739 -36.09 -40.02 17.12
C ASP B 739 -35.48 -41.10 16.07
N GLU B 740 -34.67 -40.75 14.95
CA GLU B 740 -33.42 -41.38 14.36
C GLU B 740 -32.14 -40.39 14.04
N ALA B 741 -31.94 -39.14 14.66
CA ALA B 741 -30.67 -38.43 14.97
C ALA B 741 -30.17 -38.57 16.45
N ALA B 742 -28.81 -38.81 16.70
CA ALA B 742 -27.79 -39.73 17.35
C ALA B 742 -27.48 -40.59 18.60
N ARG B 743 -28.06 -40.54 19.82
CA ARG B 743 -27.45 -40.83 21.15
C ARG B 743 -27.37 -39.88 22.36
N ASP B 744 -28.19 -38.78 22.48
CA ASP B 744 -28.47 -38.23 23.83
C ASP B 744 -29.87 -37.64 24.05
N ARG B 745 -30.97 -38.28 23.61
CA ARG B 745 -32.26 -37.57 23.57
C ARG B 745 -33.33 -38.28 24.39
N LEU B 746 -34.21 -37.47 25.03
CA LEU B 746 -34.83 -37.75 26.32
C LEU B 746 -36.19 -37.05 26.51
N PRO B 747 -37.18 -37.68 27.13
CA PRO B 747 -38.59 -37.31 26.93
C PRO B 747 -39.10 -35.89 27.18
N ALA B 748 -39.73 -35.31 26.13
CA ALA B 748 -40.95 -34.48 26.23
C ALA B 748 -41.53 -34.18 24.84
N ILE B 749 -42.69 -34.77 24.49
CA ILE B 749 -43.42 -34.55 23.23
C ILE B 749 -44.92 -34.83 23.36
N ARG B 750 -45.76 -34.33 22.43
CA ARG B 750 -47.22 -34.38 22.49
C ARG B 750 -47.77 -34.56 21.08
N VAL B 751 -48.97 -35.15 20.95
CA VAL B 751 -49.90 -34.79 19.86
C VAL B 751 -51.33 -34.96 20.38
N SER B 752 -51.93 -33.99 21.07
CA SER B 752 -53.38 -34.09 21.34
C SER B 752 -53.85 -35.44 21.92
N GLY B 753 -53.60 -35.69 23.20
CA GLY B 753 -54.31 -36.88 23.65
C GLY B 753 -53.58 -37.94 24.41
N ARG B 754 -53.37 -39.08 23.77
CA ARG B 754 -52.73 -40.19 24.46
C ARG B 754 -51.69 -40.83 23.56
N ASN B 755 -51.27 -42.04 23.93
CA ASN B 755 -49.90 -42.46 23.73
C ASN B 755 -49.33 -41.99 22.40
N GLY B 756 -48.41 -41.04 22.48
CA GLY B 756 -47.54 -40.70 21.38
C GLY B 756 -48.26 -40.58 20.06
N TYR B 757 -48.00 -41.58 19.23
CA TYR B 757 -48.78 -42.00 18.06
C TYR B 757 -48.25 -43.42 17.69
N GLN B 758 -49.14 -44.35 17.29
CA GLN B 758 -48.80 -45.79 17.44
C GLN B 758 -48.62 -46.59 16.14
N ALA B 759 -48.85 -46.00 14.97
CA ALA B 759 -48.63 -46.63 13.65
C ALA B 759 -49.63 -47.75 13.37
N LEU B 760 -50.90 -47.38 13.29
CA LEU B 760 -51.85 -48.05 12.40
C LEU B 760 -51.77 -47.27 11.09
N HIS B 761 -52.76 -47.39 10.19
CA HIS B 761 -52.52 -46.94 8.83
C HIS B 761 -53.70 -46.26 8.06
N PHE B 762 -53.52 -44.94 7.72
CA PHE B 762 -53.76 -44.14 6.45
C PHE B 762 -55.09 -44.25 5.74
N VAL B 763 -55.82 -43.29 5.93
CA VAL B 763 -57.02 -43.19 5.15
C VAL B 763 -56.82 -43.42 3.62
N ASP B 764 -57.06 -44.69 3.16
CA ASP B 764 -57.32 -45.20 1.79
C ASP B 764 -58.41 -46.29 1.89
N MET B 765 -58.88 -46.93 0.84
CA MET B 765 -60.31 -47.25 0.62
C MET B 765 -61.14 -47.62 1.89
N ALA B 766 -60.62 -47.45 3.13
CA ALA B 766 -61.40 -47.82 4.34
C ALA B 766 -61.71 -46.65 5.35
N GLY B 767 -62.30 -45.52 4.88
CA GLY B 767 -62.97 -44.20 5.26
C GLY B 767 -64.45 -43.81 5.61
N HIS B 768 -64.96 -44.12 6.83
CA HIS B 768 -65.69 -43.19 7.71
C HIS B 768 -65.01 -42.95 9.13
N ASN B 769 -64.07 -41.93 9.19
CA ASN B 769 -63.40 -40.92 10.11
C ASN B 769 -63.46 -39.39 9.65
N PHE B 770 -64.72 -38.85 9.34
CA PHE B 770 -65.30 -37.46 9.14
C PHE B 770 -66.41 -36.91 10.09
N GLN B 771 -67.19 -37.71 10.86
CA GLN B 771 -67.97 -37.22 12.04
C GLN B 771 -67.88 -38.12 13.30
N ARG B 772 -66.90 -37.72 14.17
CA ARG B 772 -66.32 -38.39 15.35
C ARG B 772 -65.34 -37.36 15.96
N ARG B 773 -64.29 -37.73 16.75
CA ARG B 773 -63.73 -36.68 17.62
C ARG B 773 -62.29 -36.11 17.34
N ASP B 774 -61.16 -36.87 17.28
CA ASP B 774 -59.91 -36.08 17.19
C ASP B 774 -58.80 -36.44 16.14
N ASN B 775 -58.52 -37.73 15.80
CA ASN B 775 -57.12 -38.21 15.62
C ASN B 775 -56.38 -38.29 14.25
N VAL B 776 -56.69 -39.20 13.31
CA VAL B 776 -55.70 -40.13 12.68
C VAL B 776 -54.43 -39.45 12.06
N LEU B 777 -53.24 -40.17 12.04
CA LEU B 777 -51.97 -39.66 11.45
C LEU B 777 -51.43 -40.39 10.24
N ILE B 778 -51.75 -39.89 9.12
CA ILE B 778 -51.54 -40.62 7.90
C ILE B 778 -50.04 -40.49 7.51
N HIS B 779 -49.47 -41.47 6.77
CA HIS B 779 -48.03 -41.38 6.43
C HIS B 779 -47.63 -41.42 4.95
N GLY B 780 -48.00 -42.43 4.16
CA GLY B 780 -47.69 -42.53 2.73
C GLY B 780 -48.03 -43.90 2.14
N ARG B 781 -48.33 -43.93 0.81
CA ARG B 781 -48.75 -45.17 0.14
C ARG B 781 -48.35 -45.30 -1.33
N PRO B 782 -47.06 -45.45 -1.66
CA PRO B 782 -46.59 -45.18 -3.03
C PRO B 782 -47.29 -45.93 -4.15
N VAL B 783 -47.02 -45.43 -5.35
CA VAL B 783 -47.31 -46.17 -6.56
C VAL B 783 -46.46 -47.44 -6.65
N ARG B 784 -45.17 -47.34 -6.33
CA ARG B 784 -44.35 -48.54 -6.13
C ARG B 784 -44.45 -48.96 -4.67
N GLY B 785 -45.56 -49.61 -4.39
CA GLY B 785 -45.84 -50.18 -3.10
C GLY B 785 -46.73 -51.38 -3.28
N ASP B 786 -46.68 -52.29 -2.30
CA ASP B 786 -47.54 -53.45 -2.25
C ASP B 786 -47.62 -53.92 -0.80
N THR B 787 -48.61 -54.77 -0.48
CA THR B 787 -49.34 -54.57 0.77
C THR B 787 -48.58 -54.70 2.10
N GLY B 788 -48.35 -55.89 2.64
CA GLY B 788 -47.79 -55.72 4.02
C GLY B 788 -48.64 -55.05 5.13
N GLN B 789 -47.91 -54.46 6.18
CA GLN B 789 -48.36 -54.00 7.50
C GLN B 789 -47.82 -52.65 8.07
N ALA B 790 -46.57 -52.21 7.77
CA ALA B 790 -45.95 -50.98 8.34
C ALA B 790 -44.84 -50.21 7.50
N ILE B 791 -44.54 -50.47 6.20
CA ILE B 791 -43.29 -50.26 5.35
C ILE B 791 -42.32 -49.20 5.90
N PRO B 792 -40.97 -49.46 5.86
CA PRO B 792 -40.12 -49.27 7.06
C PRO B 792 -39.27 -48.01 7.17
N ILE B 793 -38.70 -47.88 8.38
CA ILE B 793 -37.95 -46.70 8.80
C ILE B 793 -36.63 -46.60 8.04
N THR B 794 -36.40 -45.42 7.49
CA THR B 794 -35.21 -44.77 6.99
C THR B 794 -35.64 -43.39 6.51
N PRO B 795 -34.72 -42.47 6.22
CA PRO B 795 -35.15 -41.14 5.78
C PRO B 795 -36.05 -41.15 4.56
N HIS B 796 -37.14 -40.34 4.61
CA HIS B 796 -37.84 -39.95 3.36
C HIS B 796 -36.89 -39.23 2.46
N HIS B 797 -37.36 -38.36 1.58
CA HIS B 797 -36.39 -37.32 1.37
C HIS B 797 -36.00 -36.80 2.76
N ASP B 798 -34.89 -36.11 2.77
CA ASP B 798 -33.77 -36.43 3.61
C ASP B 798 -33.08 -35.11 3.96
N ARG B 799 -31.77 -34.95 3.77
CA ARG B 799 -31.23 -33.63 4.17
C ARG B 799 -30.58 -32.78 3.03
N GLU B 800 -31.27 -32.46 1.90
CA GLU B 800 -31.16 -31.15 1.19
C GLU B 800 -32.51 -30.38 1.06
N TRP B 801 -33.51 -30.91 0.36
CA TRP B 801 -34.67 -30.07 0.06
C TRP B 801 -35.20 -29.33 1.28
N GLY B 802 -34.60 -29.56 2.46
CA GLY B 802 -35.05 -29.00 3.73
C GLY B 802 -34.66 -27.56 4.03
N ILE B 803 -33.45 -27.11 3.59
CA ILE B 803 -32.97 -25.74 3.89
C ILE B 803 -33.20 -24.72 2.76
N LEU B 804 -33.21 -25.13 1.48
CA LEU B 804 -33.50 -24.08 0.41
C LEU B 804 -35.04 -23.77 0.12
N SER B 805 -35.92 -24.74 -0.09
CA SER B 805 -37.30 -24.29 -0.30
C SER B 805 -37.92 -23.57 0.95
N LYS B 806 -38.06 -24.35 2.03
CA LYS B 806 -38.47 -23.64 3.18
C LYS B 806 -37.49 -22.51 3.40
N ILE B 807 -36.56 -22.16 2.36
CA ILE B 807 -35.56 -21.04 2.41
C ILE B 807 -35.98 -19.78 1.62
N TYR B 808 -37.25 -19.65 1.40
CA TYR B 808 -37.80 -18.26 1.26
C TYR B 808 -38.57 -17.69 2.55
N TYR B 809 -38.55 -18.49 3.72
CA TYR B 809 -39.18 -18.45 5.18
C TYR B 809 -38.26 -17.95 6.12
N TYR B 810 -37.13 -18.00 5.70
CA TYR B 810 -36.63 -16.69 5.77
C TYR B 810 -36.79 -15.92 4.42
N ILE B 811 -36.35 -16.29 3.19
CA ILE B 811 -36.37 -15.23 2.14
C ILE B 811 -37.68 -14.45 1.76
N VAL B 812 -38.58 -14.65 0.74
CA VAL B 812 -39.30 -13.47 0.08
C VAL B 812 -40.79 -13.13 0.55
N ILE B 813 -41.12 -11.75 0.87
CA ILE B 813 -42.46 -11.08 0.51
C ILE B 813 -43.00 -9.82 1.29
N PRO B 814 -43.32 -9.85 2.61
CA PRO B 814 -43.93 -8.63 3.26
C PRO B 814 -43.16 -7.29 3.52
N ALA B 815 -42.32 -6.72 2.59
CA ALA B 815 -41.74 -5.42 2.92
C ALA B 815 -41.48 -4.46 1.76
N PHE B 816 -40.93 -4.91 0.61
CA PHE B 816 -41.31 -4.14 -0.58
C PHE B 816 -42.77 -4.36 -0.71
N SER B 817 -43.18 -5.58 -0.32
CA SER B 817 -44.52 -5.67 0.16
C SER B 817 -44.92 -4.48 1.00
N ARG B 818 -44.23 -4.25 2.11
CA ARG B 818 -44.74 -3.54 3.28
C ARG B 818 -45.71 -4.46 4.03
N GLY B 819 -45.63 -5.75 3.67
CA GLY B 819 -46.31 -6.79 4.42
C GLY B 819 -47.74 -7.19 4.13
N SER B 820 -48.06 -7.95 3.01
CA SER B 820 -49.46 -8.41 2.76
C SER B 820 -49.79 -9.88 3.06
N CYS B 821 -48.90 -10.83 2.81
CA CYS B 821 -49.18 -12.26 3.00
C CYS B 821 -49.72 -12.64 4.39
N CYS B 822 -50.98 -13.12 4.46
CA CYS B 822 -51.48 -13.42 5.80
C CYS B 822 -51.95 -14.91 5.87
N THR B 823 -51.27 -15.74 6.74
CA THR B 823 -51.40 -17.21 7.00
C THR B 823 -52.42 -17.86 7.95
N MET B 824 -53.33 -18.72 7.46
CA MET B 824 -53.99 -19.43 8.55
C MET B 824 -54.10 -20.91 8.27
N GLY B 825 -54.31 -21.67 9.34
CA GLY B 825 -54.70 -23.06 9.24
C GLY B 825 -56.16 -23.16 8.85
N VAL B 826 -56.67 -24.37 8.69
CA VAL B 826 -58.03 -24.50 8.19
C VAL B 826 -58.86 -25.31 9.19
N ARG B 827 -60.14 -25.41 8.88
CA ARG B 827 -60.93 -26.63 9.12
C ARG B 827 -61.42 -26.99 7.73
N TYR B 828 -61.62 -28.29 7.49
CA TYR B 828 -61.67 -28.70 6.11
C TYR B 828 -63.08 -28.97 5.58
N ASP B 829 -64.03 -28.02 5.78
CA ASP B 829 -65.20 -28.16 4.94
C ASP B 829 -65.92 -26.85 4.41
N ARG B 830 -65.52 -26.38 3.13
CA ARG B 830 -66.19 -26.18 1.78
C ARG B 830 -65.43 -26.70 0.46
N LEU B 831 -64.34 -27.54 0.54
CA LEU B 831 -63.58 -28.38 -0.43
C LEU B 831 -63.55 -29.93 -0.08
N TYR B 832 -63.41 -30.38 1.26
CA TYR B 832 -63.54 -31.75 1.83
C TYR B 832 -64.90 -32.45 2.26
N PRO B 833 -66.00 -31.80 2.84
CA PRO B 833 -67.46 -32.17 2.48
C PRO B 833 -68.57 -31.25 1.72
N ALA B 834 -68.45 -30.63 0.48
CA ALA B 834 -69.61 -30.04 -0.27
C ALA B 834 -69.51 -29.62 -1.78
N LEU B 835 -68.52 -29.93 -2.65
CA LEU B 835 -68.26 -29.10 -3.86
C LEU B 835 -68.96 -29.51 -5.22
N GLN B 836 -70.31 -29.64 -5.33
CA GLN B 836 -71.03 -30.29 -6.49
C GLN B 836 -71.68 -29.37 -7.52
N ALA B 837 -71.79 -29.83 -8.79
CA ALA B 837 -73.08 -30.19 -9.44
C ALA B 837 -72.86 -30.73 -10.87
N VAL B 838 -73.66 -31.73 -11.26
CA VAL B 838 -73.38 -32.68 -12.34
C VAL B 838 -74.33 -32.55 -13.55
N ILE B 839 -73.99 -31.72 -14.56
CA ILE B 839 -74.99 -31.47 -15.61
C ILE B 839 -74.59 -31.50 -17.12
N VAL B 840 -73.30 -31.53 -17.48
CA VAL B 840 -73.00 -31.20 -18.91
C VAL B 840 -73.40 -32.36 -19.82
N PRO B 841 -73.35 -32.20 -21.15
CA PRO B 841 -73.07 -33.35 -22.01
C PRO B 841 -71.56 -33.55 -22.18
N GLU B 842 -71.23 -34.75 -22.65
CA GLU B 842 -69.84 -35.11 -22.94
C GLU B 842 -69.20 -33.96 -23.69
N ILE B 843 -67.92 -33.72 -23.45
CA ILE B 843 -67.17 -33.19 -24.57
C ILE B 843 -67.63 -33.85 -25.85
N PRO B 844 -68.00 -33.10 -26.88
CA PRO B 844 -68.69 -33.70 -28.00
C PRO B 844 -67.86 -34.82 -28.61
N ALA B 845 -68.53 -35.59 -29.46
CA ALA B 845 -68.11 -36.92 -29.78
C ALA B 845 -66.96 -36.96 -30.76
N ASP B 846 -65.80 -37.35 -30.24
CA ASP B 846 -64.71 -37.93 -31.02
C ASP B 846 -63.99 -36.91 -31.91
N GLU B 847 -63.74 -35.69 -31.39
CA GLU B 847 -62.79 -34.76 -32.01
C GLU B 847 -62.16 -33.76 -31.05
N GLU B 848 -61.64 -32.69 -31.64
CA GLU B 848 -60.47 -31.96 -31.16
C GLU B 848 -60.80 -30.97 -30.05
N ALA B 849 -59.84 -30.05 -29.79
CA ALA B 849 -60.01 -29.11 -28.69
C ALA B 849 -59.09 -27.89 -28.80
N PRO B 850 -59.36 -26.95 -29.71
CA PRO B 850 -58.74 -25.61 -29.61
C PRO B 850 -59.48 -24.66 -28.66
N THR B 851 -59.20 -23.35 -28.77
CA THR B 851 -59.29 -22.39 -27.66
C THR B 851 -60.41 -21.34 -27.73
N THR B 852 -60.59 -20.61 -28.84
CA THR B 852 -61.14 -19.23 -28.84
C THR B 852 -62.56 -19.14 -28.23
N PRO B 853 -62.94 -18.01 -27.62
CA PRO B 853 -64.17 -17.94 -26.79
C PRO B 853 -65.46 -17.38 -27.41
N GLU B 854 -66.44 -18.11 -28.03
CA GLU B 854 -67.67 -17.31 -28.31
C GLU B 854 -69.05 -17.78 -27.77
N ASP B 855 -69.80 -18.92 -28.35
CA ASP B 855 -71.26 -18.70 -28.21
C ASP B 855 -72.02 -19.99 -27.77
N PRO B 856 -73.35 -19.99 -27.67
CA PRO B 856 -74.02 -20.87 -26.67
C PRO B 856 -74.10 -22.40 -26.90
N ARG B 857 -73.48 -23.26 -26.06
CA ARG B 857 -73.98 -24.64 -25.94
C ARG B 857 -73.59 -25.43 -24.66
N HIS B 858 -73.10 -24.82 -23.58
CA HIS B 858 -71.91 -25.43 -22.96
C HIS B 858 -71.95 -25.54 -21.42
N PRO B 859 -70.89 -26.12 -20.78
CA PRO B 859 -70.82 -26.18 -19.29
C PRO B 859 -70.50 -24.88 -18.57
N LEU B 860 -69.31 -24.33 -18.82
CA LEU B 860 -68.92 -22.95 -18.51
C LEU B 860 -69.77 -21.92 -19.22
N HIS B 861 -70.71 -22.41 -19.99
CA HIS B 861 -71.86 -21.72 -20.52
C HIS B 861 -73.01 -21.88 -19.55
N ALA B 862 -73.86 -20.86 -19.49
CA ALA B 862 -74.81 -20.94 -18.40
C ALA B 862 -75.86 -22.00 -18.64
N HIS B 863 -75.98 -22.54 -19.88
CA HIS B 863 -76.72 -23.80 -20.05
C HIS B 863 -76.25 -24.79 -19.03
N GLN B 864 -75.10 -24.52 -18.41
CA GLN B 864 -74.71 -25.04 -17.11
C GLN B 864 -74.09 -23.97 -16.20
N LEU B 865 -74.75 -22.82 -15.94
CA LEU B 865 -74.26 -21.84 -14.95
C LEU B 865 -75.39 -20.97 -14.38
N VAL B 866 -76.21 -21.40 -13.42
CA VAL B 866 -76.95 -20.34 -12.70
C VAL B 866 -76.45 -20.05 -11.27
N PRO B 867 -76.62 -20.94 -10.28
CA PRO B 867 -75.59 -21.10 -9.25
C PRO B 867 -75.76 -22.43 -8.54
N ASN B 868 -74.75 -23.29 -8.66
CA ASN B 868 -74.71 -24.66 -8.15
C ASN B 868 -73.99 -25.58 -9.11
N SER B 869 -72.69 -25.67 -8.93
CA SER B 869 -71.90 -26.66 -9.62
C SER B 869 -70.46 -26.38 -9.30
N LEU B 870 -69.86 -25.75 -10.29
CA LEU B 870 -68.63 -25.01 -10.12
C LEU B 870 -68.57 -23.90 -11.17
N ASN B 871 -69.62 -23.68 -11.94
CA ASN B 871 -69.41 -23.06 -13.23
C ASN B 871 -69.75 -21.56 -13.27
N VAL B 872 -70.99 -21.16 -12.96
CA VAL B 872 -71.15 -19.71 -13.07
C VAL B 872 -70.32 -19.08 -11.97
N TYR B 873 -70.24 -19.84 -10.84
CA TYR B 873 -69.19 -19.85 -9.81
C TYR B 873 -67.94 -19.36 -10.35
N PHE B 874 -67.63 -19.94 -11.38
CA PHE B 874 -66.31 -20.11 -11.78
C PHE B 874 -65.55 -18.71 -12.39
N HIS B 875 -66.08 -17.90 -13.54
CA HIS B 875 -66.11 -16.60 -14.54
C HIS B 875 -66.48 -15.16 -14.18
N ASN B 876 -66.74 -14.78 -12.98
CA ASN B 876 -66.48 -13.36 -12.65
C ASN B 876 -65.44 -12.61 -13.57
N ALA B 877 -64.45 -13.27 -14.30
CA ALA B 877 -63.32 -12.43 -14.82
C ALA B 877 -63.10 -12.23 -16.37
N HIS B 878 -62.47 -13.15 -17.19
CA HIS B 878 -62.74 -13.37 -18.67
C HIS B 878 -61.94 -14.52 -19.34
N LEU B 879 -62.61 -15.69 -19.67
CA LEU B 879 -61.93 -16.98 -19.97
C LEU B 879 -62.88 -18.11 -20.50
N THR B 880 -62.39 -19.40 -20.53
CA THR B 880 -63.09 -20.61 -21.07
C THR B 880 -62.84 -21.87 -20.22
N VAL B 881 -63.36 -23.09 -20.62
CA VAL B 881 -62.92 -24.43 -20.15
C VAL B 881 -63.08 -25.51 -21.25
N ASP B 882 -63.18 -26.81 -20.82
CA ASP B 882 -62.64 -27.95 -21.60
C ASP B 882 -63.47 -29.28 -21.32
N GLY B 883 -62.96 -30.54 -21.53
CA GLY B 883 -63.48 -31.93 -21.19
C GLY B 883 -62.89 -32.99 -20.16
N ASP B 884 -61.51 -33.24 -20.11
CA ASP B 884 -60.86 -34.07 -19.05
C ASP B 884 -60.28 -33.35 -17.74
N ALA B 885 -60.10 -32.01 -17.70
CA ALA B 885 -59.53 -31.28 -16.55
C ALA B 885 -60.48 -30.68 -15.45
N LEU B 886 -61.79 -30.45 -15.70
CA LEU B 886 -62.84 -30.19 -14.69
C LEU B 886 -63.83 -31.33 -14.43
N LEU B 887 -64.38 -32.06 -15.46
CA LEU B 887 -65.09 -33.28 -15.10
C LEU B 887 -64.12 -34.15 -14.32
N THR B 888 -62.88 -33.67 -14.19
CA THR B 888 -61.94 -34.17 -13.24
C THR B 888 -62.47 -34.81 -11.98
N LEU B 889 -63.36 -34.17 -11.22
CA LEU B 889 -63.35 -34.47 -9.80
C LEU B 889 -63.45 -35.98 -9.57
N GLN B 890 -63.67 -36.71 -10.69
CA GLN B 890 -63.77 -38.17 -10.73
C GLN B 890 -62.71 -38.90 -11.63
N GLU B 891 -61.41 -38.45 -11.68
CA GLU B 891 -60.24 -39.38 -11.81
C GLU B 891 -58.91 -38.94 -11.09
N LEU B 892 -58.96 -37.96 -10.17
CA LEU B 892 -57.99 -37.71 -9.01
C LEU B 892 -58.57 -37.55 -7.55
N MET B 893 -59.61 -36.71 -7.28
CA MET B 893 -59.73 -35.98 -6.01
C MET B 893 -59.15 -36.62 -4.75
N GLY B 894 -59.43 -37.88 -4.46
CA GLY B 894 -60.00 -38.17 -3.15
C GLY B 894 -59.08 -37.94 -1.98
N ASP B 895 -58.71 -36.68 -1.74
CA ASP B 895 -58.38 -36.22 -0.40
C ASP B 895 -59.48 -35.35 0.19
N MET B 896 -60.64 -35.95 0.44
CA MET B 896 -61.48 -35.41 1.49
C MET B 896 -60.74 -35.31 2.80
N ALA B 897 -61.30 -34.61 3.77
CA ALA B 897 -60.74 -34.70 5.11
C ALA B 897 -61.49 -33.89 6.13
N GLU B 898 -60.85 -33.80 7.29
CA GLU B 898 -61.48 -33.27 8.46
C GLU B 898 -61.01 -31.84 8.73
N ARG B 899 -59.73 -31.68 9.09
CA ARG B 899 -59.19 -30.39 9.51
C ARG B 899 -57.69 -30.55 9.87
N THR B 900 -57.21 -29.81 10.89
CA THR B 900 -55.91 -29.13 10.74
C THR B 900 -54.85 -29.45 11.90
N THR B 901 -54.21 -30.67 11.90
CA THR B 901 -53.65 -31.40 13.10
C THR B 901 -52.45 -30.76 13.79
N ALA B 902 -51.85 -31.51 14.78
CA ALA B 902 -50.43 -31.34 15.16
C ALA B 902 -49.85 -32.03 16.46
N ILE B 903 -48.52 -32.02 16.59
CA ILE B 903 -47.67 -32.85 17.47
C ILE B 903 -46.83 -31.99 18.44
N LEU B 904 -47.30 -31.73 19.67
CA LEU B 904 -46.68 -30.69 20.50
C LEU B 904 -45.47 -31.19 21.31
N VAL B 905 -44.41 -30.40 21.41
CA VAL B 905 -43.11 -30.83 21.97
C VAL B 905 -42.02 -29.74 22.13
N SER B 906 -40.94 -30.04 22.90
CA SER B 906 -40.21 -29.07 23.74
C SER B 906 -38.74 -28.60 23.51
N SER B 907 -38.21 -28.24 22.31
CA SER B 907 -36.81 -28.43 21.77
C SER B 907 -35.61 -28.18 22.69
N ALA B 908 -34.48 -28.85 22.38
CA ALA B 908 -33.58 -29.55 23.32
C ALA B 908 -32.16 -28.98 23.47
N PRO B 909 -31.46 -29.41 24.54
CA PRO B 909 -30.37 -28.60 25.11
C PRO B 909 -29.26 -28.15 24.18
N ASP B 910 -28.89 -26.90 24.37
CA ASP B 910 -27.60 -26.44 23.92
C ASP B 910 -26.55 -27.08 24.83
N ALA B 911 -25.49 -27.60 24.20
CA ALA B 911 -24.87 -28.81 24.74
C ALA B 911 -23.54 -28.60 25.47
N GLY B 912 -22.60 -27.77 24.99
CA GLY B 912 -21.28 -27.83 25.63
C GLY B 912 -20.60 -26.48 25.83
N ALA B 913 -21.37 -25.39 25.85
CA ALA B 913 -20.93 -24.00 25.92
C ALA B 913 -21.38 -23.33 27.19
N ALA B 914 -21.11 -23.95 28.28
CA ALA B 914 -22.04 -24.91 28.79
C ALA B 914 -22.85 -24.35 29.95
N THR B 915 -24.07 -24.89 30.16
CA THR B 915 -24.64 -25.03 31.50
C THR B 915 -25.95 -25.92 31.45
N ALA B 916 -26.22 -26.77 32.48
CA ALA B 916 -27.45 -27.61 32.45
C ALA B 916 -28.18 -27.79 33.80
N THR B 917 -27.47 -28.01 34.93
CA THR B 917 -28.04 -28.63 36.16
C THR B 917 -29.30 -27.97 36.74
N THR B 918 -29.58 -26.70 36.48
CA THR B 918 -30.99 -26.33 36.62
C THR B 918 -31.76 -26.79 35.40
N ARG B 919 -32.60 -27.82 35.53
CA ARG B 919 -32.79 -28.73 34.42
C ARG B 919 -34.20 -28.71 33.87
N ASN B 920 -35.19 -28.78 34.75
CA ASN B 920 -36.52 -29.25 34.40
C ASN B 920 -37.26 -28.32 33.43
N MET B 921 -36.73 -27.14 33.14
CA MET B 921 -37.47 -26.17 32.33
C MET B 921 -36.86 -26.08 30.93
N ARG B 922 -37.40 -26.90 30.02
CA ARG B 922 -36.90 -27.15 28.67
C ARG B 922 -37.46 -26.10 27.68
N ILE B 923 -36.95 -26.03 26.42
CA ILE B 923 -37.37 -24.98 25.48
C ILE B 923 -38.18 -25.58 24.30
N TYR B 924 -39.51 -25.52 24.36
CA TYR B 924 -40.34 -26.15 23.31
C TYR B 924 -40.16 -25.48 21.96
N ASP B 925 -40.72 -26.06 20.89
CA ASP B 925 -40.95 -25.23 19.70
C ASP B 925 -41.75 -25.95 18.61
N GLY B 926 -42.60 -25.17 17.92
CA GLY B 926 -43.89 -25.61 17.46
C GLY B 926 -43.97 -26.26 16.09
N ALA B 927 -45.21 -26.32 15.55
CA ALA B 927 -45.51 -26.52 14.12
C ALA B 927 -47.02 -26.65 13.82
N LEU B 928 -47.42 -26.47 12.51
CA LEU B 928 -48.79 -26.72 11.98
C LEU B 928 -48.84 -26.71 10.42
N TYR B 929 -49.72 -27.59 9.77
CA TYR B 929 -49.62 -28.55 8.61
C TYR B 929 -50.83 -28.77 7.65
N HIS B 930 -51.93 -27.90 7.63
CA HIS B 930 -53.09 -28.00 6.59
C HIS B 930 -53.92 -26.71 6.43
N GLY B 931 -53.33 -25.52 6.30
CA GLY B 931 -54.12 -24.30 6.24
C GLY B 931 -53.83 -23.39 5.05
N LEU B 932 -53.55 -22.13 5.31
CA LEU B 932 -53.43 -21.25 4.16
C LEU B 932 -52.63 -20.02 4.55
N ILE B 933 -52.32 -19.18 3.56
CA ILE B 933 -51.89 -17.79 3.77
C ILE B 933 -52.57 -16.92 2.76
N MET B 934 -52.60 -15.62 3.04
CA MET B 934 -53.37 -14.70 2.25
C MET B 934 -52.90 -13.25 2.42
N MET B 935 -52.78 -12.48 1.31
CA MET B 935 -52.29 -11.08 1.37
C MET B 935 -53.30 -10.00 1.79
N ALA B 936 -54.24 -9.65 0.89
CA ALA B 936 -55.24 -8.60 1.03
C ALA B 936 -56.34 -8.87 -0.01
N TYR B 937 -57.61 -8.69 0.37
CA TYR B 937 -58.81 -9.14 -0.37
C TYR B 937 -59.98 -8.18 -0.15
N GLN B 938 -61.21 -8.66 -0.30
CA GLN B 938 -62.35 -7.74 -0.23
C GLN B 938 -63.56 -8.22 0.64
N ALA B 939 -63.86 -7.48 1.78
CA ALA B 939 -64.78 -7.76 2.93
C ALA B 939 -65.85 -6.72 3.31
N TYR B 940 -65.84 -5.51 2.77
CA TYR B 940 -66.97 -4.58 2.87
C TYR B 940 -67.74 -4.65 1.56
N ASP B 941 -68.73 -5.52 1.52
CA ASP B 941 -68.39 -6.88 1.13
C ASP B 941 -69.37 -7.11 -0.04
N GLU B 942 -69.01 -7.65 -1.27
CA GLU B 942 -70.04 -8.15 -2.25
C GLU B 942 -69.75 -9.32 -3.26
N THR B 943 -68.91 -10.36 -2.99
CA THR B 943 -69.03 -11.65 -3.69
C THR B 943 -68.81 -12.96 -2.86
N ILE B 944 -68.39 -12.96 -1.59
CA ILE B 944 -67.90 -14.19 -0.93
C ILE B 944 -68.38 -14.29 0.51
N ALA B 945 -68.32 -15.49 1.09
CA ALA B 945 -69.21 -15.88 2.17
C ALA B 945 -68.65 -15.62 3.57
N THR B 946 -69.34 -16.21 4.57
CA THR B 946 -68.79 -16.40 5.92
C THR B 946 -69.46 -17.60 6.60
N GLY B 947 -68.68 -18.36 7.37
CA GLY B 947 -69.24 -19.44 8.16
C GLY B 947 -69.14 -20.80 7.52
N THR B 948 -68.25 -20.96 6.55
CA THR B 948 -68.09 -22.26 5.91
C THR B 948 -66.62 -22.70 5.81
N PHE B 949 -65.77 -21.88 5.19
CA PHE B 949 -64.37 -22.26 5.00
C PHE B 949 -63.33 -21.15 5.18
N PHE B 950 -63.25 -20.48 6.33
CA PHE B 950 -62.13 -19.61 6.67
C PHE B 950 -62.10 -19.29 8.16
N TYR B 951 -60.95 -18.84 8.67
CA TYR B 951 -60.93 -18.30 10.03
C TYR B 951 -59.61 -17.64 10.40
N PRO B 952 -59.65 -16.48 11.08
CA PRO B 952 -58.44 -15.90 11.65
C PRO B 952 -57.52 -16.79 12.47
N VAL B 953 -56.32 -16.26 12.56
CA VAL B 953 -55.00 -16.72 12.95
C VAL B 953 -54.25 -15.40 12.87
N PRO B 954 -53.35 -15.06 13.79
CA PRO B 954 -52.30 -14.06 13.53
C PRO B 954 -50.83 -14.52 13.52
N VAL B 955 -50.39 -15.47 12.65
CA VAL B 955 -49.39 -16.47 13.07
C VAL B 955 -48.34 -17.01 12.09
N ASN B 956 -47.10 -16.45 12.16
CA ASN B 956 -45.77 -16.89 12.66
C ASN B 956 -44.73 -15.80 12.41
N PRO B 957 -44.08 -15.24 13.40
CA PRO B 957 -43.75 -13.81 13.28
C PRO B 957 -42.65 -13.38 12.28
N LEU B 958 -42.88 -13.29 10.95
CA LEU B 958 -42.42 -12.05 10.32
C LEU B 958 -43.29 -11.54 9.17
N PHE B 959 -44.57 -11.29 9.42
CA PHE B 959 -45.48 -10.58 8.51
C PHE B 959 -46.19 -9.40 9.16
N ALA B 960 -46.70 -8.40 8.44
CA ALA B 960 -47.52 -7.39 9.14
C ALA B 960 -48.88 -7.15 8.48
N CYS B 961 -49.98 -7.67 9.07
CA CYS B 961 -51.29 -7.63 8.38
C CYS B 961 -52.28 -6.68 9.00
N PRO B 962 -52.41 -5.45 8.53
CA PRO B 962 -53.47 -4.60 9.08
C PRO B 962 -54.92 -4.91 8.71
N GLU B 963 -55.29 -5.73 7.72
CA GLU B 963 -56.68 -5.65 7.25
C GLU B 963 -57.51 -6.95 7.21
N HIS B 964 -57.69 -7.71 8.29
CA HIS B 964 -58.78 -8.68 8.24
C HIS B 964 -60.01 -8.33 9.06
N LEU B 965 -60.48 -7.11 9.01
CA LEU B 965 -61.53 -6.65 9.91
C LEU B 965 -62.84 -7.40 9.86
N ALA B 966 -62.89 -8.72 9.60
CA ALA B 966 -64.23 -9.24 9.44
C ALA B 966 -64.46 -10.75 9.82
N SER B 967 -64.86 -11.08 11.10
CA SER B 967 -64.89 -12.49 11.59
C SER B 967 -66.25 -12.99 12.15
N LEU B 968 -66.73 -12.43 13.29
CA LEU B 968 -67.54 -13.16 14.30
C LEU B 968 -68.44 -12.28 15.24
N ARG B 969 -69.78 -12.18 14.98
CA ARG B 969 -70.73 -11.14 15.46
C ARG B 969 -71.81 -11.55 16.48
N GLY B 970 -72.26 -10.51 17.21
CA GLY B 970 -73.18 -10.32 18.33
C GLY B 970 -72.46 -9.85 19.60
N MET B 971 -72.24 -8.52 19.75
CA MET B 971 -71.48 -7.95 20.87
C MET B 971 -71.31 -6.42 20.74
N THR B 972 -70.37 -5.86 21.53
CA THR B 972 -70.03 -4.44 21.77
C THR B 972 -69.24 -3.81 20.61
N ASN B 973 -68.34 -2.85 20.93
CA ASN B 973 -67.53 -2.18 19.89
C ASN B 973 -66.00 -2.37 20.07
N ALA B 974 -65.58 -3.51 20.64
CA ALA B 974 -64.49 -3.56 21.63
C ALA B 974 -63.07 -3.55 21.04
N ARG B 975 -62.83 -4.25 19.91
CA ARG B 975 -61.48 -4.77 19.66
C ARG B 975 -60.70 -3.98 18.59
N ARG B 976 -61.39 -3.21 17.64
CA ARG B 976 -60.79 -2.24 16.62
C ARG B 976 -60.59 -0.73 17.06
N VAL B 977 -61.54 0.00 17.82
CA VAL B 977 -61.11 1.37 18.38
C VAL B 977 -60.88 1.57 20.02
N LEU B 978 -60.66 0.49 20.93
CA LEU B 978 -59.96 0.42 22.25
C LEU B 978 -58.48 -0.10 22.22
N ALA B 979 -58.04 -1.20 21.49
CA ALA B 979 -56.56 -1.34 21.47
C ALA B 979 -55.89 -1.49 20.07
N LYS B 980 -56.11 -0.57 19.06
CA LYS B 980 -55.10 -0.57 17.99
C LYS B 980 -53.70 -0.63 18.53
N MET B 981 -53.51 -0.48 19.82
CA MET B 981 -52.33 -1.08 20.39
C MET B 981 -52.31 -2.55 20.08
N VAL B 982 -53.09 -3.32 20.83
CA VAL B 982 -53.00 -4.79 20.85
C VAL B 982 -54.14 -5.50 20.14
N PRO B 983 -53.80 -6.15 19.03
CA PRO B 983 -54.73 -6.98 18.25
C PRO B 983 -54.82 -8.39 18.83
N PRO B 984 -55.33 -9.42 18.03
CA PRO B 984 -55.34 -10.81 18.53
C PRO B 984 -54.11 -11.65 18.22
N ILE B 985 -53.82 -12.60 19.12
CA ILE B 985 -53.15 -13.87 18.95
C ILE B 985 -53.85 -14.72 20.01
N PRO B 986 -53.53 -15.98 20.17
CA PRO B 986 -53.40 -16.61 21.47
C PRO B 986 -51.93 -16.85 21.84
N PRO B 987 -51.59 -17.54 22.93
CA PRO B 987 -50.19 -18.00 23.23
C PRO B 987 -49.65 -19.49 23.21
N PHE B 988 -50.29 -20.64 22.86
CA PHE B 988 -49.43 -21.82 23.07
C PHE B 988 -48.80 -22.53 21.87
N LEU B 989 -49.27 -22.61 20.62
CA LEU B 989 -48.40 -23.44 19.77
C LEU B 989 -47.09 -22.74 19.56
N GLY B 990 -46.42 -22.52 20.66
CA GLY B 990 -45.75 -21.29 20.91
C GLY B 990 -46.66 -20.21 21.47
N ALA B 991 -46.14 -19.53 22.45
CA ALA B 991 -46.36 -18.11 22.57
C ALA B 991 -45.23 -17.47 21.83
N ASN B 992 -45.46 -16.61 20.86
CA ASN B 992 -44.31 -15.94 20.25
C ASN B 992 -43.47 -15.26 21.33
N HIS B 993 -43.93 -15.30 22.57
CA HIS B 993 -42.93 -15.39 23.60
C HIS B 993 -42.20 -16.68 23.51
N HIS B 994 -42.85 -17.76 23.89
CA HIS B 994 -42.22 -19.05 23.75
C HIS B 994 -42.06 -19.41 22.27
N ALA B 995 -42.90 -18.87 21.36
CA ALA B 995 -42.81 -19.01 19.91
C ALA B 995 -42.17 -17.84 19.21
N THR B 996 -41.03 -17.45 19.71
CA THR B 996 -40.55 -16.11 19.51
C THR B 996 -40.10 -15.80 18.09
N ILE B 997 -40.97 -15.55 17.13
CA ILE B 997 -40.39 -15.01 15.91
C ILE B 997 -40.64 -13.49 15.94
N ARG B 998 -40.04 -12.74 15.00
CA ARG B 998 -39.75 -11.31 15.21
C ARG B 998 -40.95 -10.42 14.81
N GLN B 999 -40.84 -9.11 15.01
CA GLN B 999 -41.83 -8.20 14.41
C GLN B 999 -41.13 -7.18 13.49
N PRO B 1000 -40.02 -7.58 12.83
CA PRO B 1000 -39.16 -6.56 12.27
C PRO B 1000 -39.91 -5.84 11.24
N VAL B 1001 -40.23 -6.63 10.26
CA VAL B 1001 -40.84 -6.04 9.12
C VAL B 1001 -42.06 -5.27 9.56
N ALA B 1002 -42.60 -5.56 10.75
CA ALA B 1002 -43.83 -4.88 11.15
C ALA B 1002 -43.74 -3.35 11.08
N TYR B 1003 -43.02 -2.65 11.97
CA TYR B 1003 -43.15 -1.16 11.71
C TYR B 1003 -42.33 -0.79 10.56
N HIS B 1004 -41.18 -1.38 10.39
CA HIS B 1004 -40.48 -0.58 9.41
C HIS B 1004 -41.08 -0.91 8.05
N VAL B 1005 -41.92 -1.97 7.97
CA VAL B 1005 -42.89 -2.20 6.88
C VAL B 1005 -44.19 -1.47 7.17
N THR B 1006 -44.24 -0.78 8.27
CA THR B 1006 -44.95 0.47 8.32
C THR B 1006 -44.04 1.62 8.72
N HIS B 1007 -42.64 1.54 8.43
CA HIS B 1007 -41.65 2.63 8.13
C HIS B 1007 -40.25 2.23 7.52
N SER B 1008 -40.02 1.97 6.19
CA SER B 1008 -38.71 1.76 5.45
C SER B 1008 -38.65 1.82 3.89
N LYS B 1009 -38.10 2.90 3.23
CA LYS B 1009 -37.98 2.98 1.72
C LYS B 1009 -36.86 3.94 1.13
N SER B 1010 -35.74 3.38 0.60
CA SER B 1010 -34.81 4.05 -0.34
C SER B 1010 -34.43 3.23 -1.58
N ASP B 1011 -34.17 1.90 -1.46
CA ASP B 1011 -33.70 0.96 -2.51
C ASP B 1011 -34.48 -0.38 -2.40
N PHE B 1012 -35.11 -0.83 -3.51
CA PHE B 1012 -36.24 -1.75 -3.62
C PHE B 1012 -35.87 -3.12 -3.20
N ASN B 1013 -34.70 -3.25 -2.63
CA ASN B 1013 -34.15 -4.56 -2.40
C ASN B 1013 -33.27 -4.55 -1.15
N THR B 1014 -33.20 -3.38 -0.51
CA THR B 1014 -32.37 -3.21 0.67
C THR B 1014 -33.03 -3.68 1.95
N LEU B 1015 -34.34 -3.70 2.02
CA LEU B 1015 -34.92 -4.31 3.21
C LEU B 1015 -34.68 -5.80 3.22
N THR B 1016 -34.59 -6.40 2.04
CA THR B 1016 -34.01 -7.71 2.01
C THR B 1016 -32.65 -7.63 2.66
N TYR B 1017 -31.86 -6.68 2.22
CA TYR B 1017 -30.62 -6.51 2.97
C TYR B 1017 -30.87 -6.39 4.49
N SER B 1018 -32.09 -6.10 4.88
CA SER B 1018 -32.27 -6.26 6.31
C SER B 1018 -32.71 -7.67 6.66
N LEU B 1019 -32.97 -8.50 5.62
CA LEU B 1019 -33.08 -9.90 5.95
C LEU B 1019 -32.25 -10.96 5.10
N LEU B 1020 -30.87 -10.84 4.97
CA LEU B 1020 -29.80 -11.86 5.40
C LEU B 1020 -28.40 -11.24 5.95
N GLY B 1021 -28.43 -10.27 6.93
CA GLY B 1021 -27.67 -10.39 8.20
C GLY B 1021 -28.30 -9.92 9.57
N GLY B 1022 -29.64 -10.09 9.84
CA GLY B 1022 -30.40 -9.65 11.06
C GLY B 1022 -30.36 -10.45 12.36
N TYR B 1023 -30.58 -11.75 12.33
CA TYR B 1023 -30.50 -12.69 13.47
C TYR B 1023 -29.90 -14.09 13.17
N PHE B 1024 -28.57 -14.21 13.22
CA PHE B 1024 -27.86 -15.48 12.98
C PHE B 1024 -27.68 -16.15 14.31
N LYS B 1025 -26.81 -17.14 14.34
CA LYS B 1025 -26.18 -17.51 15.58
C LYS B 1025 -24.77 -16.99 15.67
N PHE B 1026 -24.57 -16.07 16.56
CA PHE B 1026 -23.58 -16.28 17.57
C PHE B 1026 -24.09 -17.18 18.68
N THR B 1027 -24.53 -18.42 18.52
CA THR B 1027 -24.92 -18.91 19.83
C THR B 1027 -23.61 -19.18 20.59
N PRO B 1028 -23.05 -20.39 20.66
CA PRO B 1028 -21.73 -20.46 21.34
C PRO B 1028 -20.20 -20.66 20.56
N ILE B 1029 -19.68 -21.80 19.73
CA ILE B 1029 -18.73 -22.09 18.46
C ILE B 1029 -19.02 -21.37 17.00
N SER B 1030 -20.25 -20.89 16.61
CA SER B 1030 -20.60 -19.79 15.64
C SER B 1030 -20.37 -18.29 16.07
N LEU B 1031 -20.71 -17.84 17.29
CA LEU B 1031 -20.39 -16.46 17.70
C LEU B 1031 -18.99 -16.05 17.29
N THR B 1032 -17.98 -16.65 17.88
CA THR B 1032 -16.67 -16.43 17.25
C THR B 1032 -16.61 -16.93 15.80
N HIS B 1033 -17.66 -17.56 15.27
CA HIS B 1033 -17.49 -17.82 13.85
C HIS B 1033 -17.28 -16.48 13.22
N GLN B 1034 -18.34 -15.75 13.28
CA GLN B 1034 -18.26 -14.35 13.02
C GLN B 1034 -17.44 -13.72 14.13
N LEU B 1035 -16.50 -14.49 14.66
CA LEU B 1035 -15.18 -13.90 14.93
C LEU B 1035 -14.11 -14.32 13.92
N ARG B 1036 -14.29 -15.42 13.22
CA ARG B 1036 -13.05 -15.94 12.68
C ARG B 1036 -12.83 -15.80 11.19
N THR B 1037 -13.79 -15.40 10.38
CA THR B 1037 -13.24 -15.36 9.01
C THR B 1037 -13.80 -14.46 7.89
N GLY B 1038 -14.74 -13.59 8.07
CA GLY B 1038 -15.34 -12.95 6.93
C GLY B 1038 -16.65 -12.30 7.19
N PHE B 1039 -17.44 -12.79 8.13
CA PHE B 1039 -18.57 -11.98 8.51
C PHE B 1039 -18.23 -11.19 9.77
N HIS B 1040 -17.73 -9.99 9.61
CA HIS B 1040 -17.52 -9.23 10.81
C HIS B 1040 -18.89 -9.06 11.48
N PRO B 1041 -19.01 -9.34 12.79
CA PRO B 1041 -20.02 -10.27 13.28
C PRO B 1041 -21.39 -9.71 13.52
N GLY B 1042 -22.01 -10.25 14.58
CA GLY B 1042 -22.90 -9.47 15.42
C GLY B 1042 -22.27 -8.89 16.68
N ILE B 1043 -20.94 -8.95 16.84
CA ILE B 1043 -20.23 -8.44 18.01
C ILE B 1043 -18.98 -7.71 17.52
N ALA B 1044 -18.16 -7.23 18.41
CA ALA B 1044 -16.88 -6.66 18.03
C ALA B 1044 -16.07 -6.44 19.29
N PHE B 1045 -14.99 -5.66 19.18
CA PHE B 1045 -13.76 -5.86 19.93
C PHE B 1045 -13.19 -4.51 20.32
N THR B 1046 -11.91 -4.46 20.78
CA THR B 1046 -11.16 -3.20 20.83
C THR B 1046 -9.77 -3.20 21.47
N VAL B 1047 -9.29 -1.97 21.72
CA VAL B 1047 -8.05 -1.62 22.40
C VAL B 1047 -8.27 -0.60 23.52
N VAL B 1048 -7.21 -0.43 24.32
CA VAL B 1048 -6.73 0.79 25.01
C VAL B 1048 -5.23 0.65 24.96
N ARG B 1049 -4.52 1.22 25.92
CA ARG B 1049 -3.10 1.35 25.74
C ARG B 1049 -2.36 1.20 27.09
N GLN B 1050 -1.32 0.33 27.19
CA GLN B 1050 -0.44 0.21 28.38
C GLN B 1050 1.04 0.07 28.05
N ASP B 1051 1.93 0.64 28.92
CA ASP B 1051 3.25 1.14 28.50
C ASP B 1051 4.29 1.13 29.64
N ARG B 1052 5.27 2.08 29.55
CA ARG B 1052 6.16 2.54 30.65
C ARG B 1052 6.54 4.05 30.55
N PHE B 1053 6.07 4.96 31.49
CA PHE B 1053 6.01 6.45 31.31
C PHE B 1053 6.85 7.13 32.37
N ALA B 1054 8.06 6.65 32.61
CA ALA B 1054 8.93 7.15 33.69
C ALA B 1054 8.85 8.68 33.96
N THR B 1055 8.90 9.16 35.26
CA THR B 1055 8.85 10.59 35.70
C THR B 1055 9.81 11.10 36.81
N GLU B 1056 10.90 11.80 36.40
CA GLU B 1056 11.87 12.62 37.17
C GLU B 1056 11.37 13.90 37.85
N GLN B 1057 12.27 14.80 38.42
CA GLN B 1057 11.69 15.77 39.39
C GLN B 1057 12.47 17.01 39.95
N LEU B 1058 11.86 18.25 39.84
CA LEU B 1058 12.25 19.66 40.17
C LEU B 1058 11.24 20.42 41.07
N LEU B 1059 11.58 21.19 42.12
CA LEU B 1059 10.42 22.05 42.53
C LEU B 1059 11.05 23.24 43.27
N TYR B 1060 10.24 24.24 43.58
CA TYR B 1060 10.68 25.46 44.25
C TYR B 1060 11.06 25.17 45.71
N ALA B 1061 11.36 26.19 46.55
CA ALA B 1061 11.39 25.96 48.02
C ALA B 1061 11.92 27.10 48.90
N GLU B 1062 11.23 27.40 50.03
CA GLU B 1062 11.59 28.53 50.90
C GLU B 1062 12.36 28.11 52.17
N ARG B 1063 12.52 29.04 53.14
CA ARG B 1063 13.54 29.04 54.21
C ARG B 1063 13.44 27.98 55.32
N ALA B 1064 14.02 28.28 56.49
CA ALA B 1064 14.64 27.28 57.37
C ALA B 1064 13.73 26.79 58.49
N SER B 1065 13.09 25.65 58.22
CA SER B 1065 12.24 24.93 59.17
C SER B 1065 12.23 23.41 58.98
N GLU B 1066 13.19 22.82 58.28
CA GLU B 1066 13.12 21.41 57.87
C GLU B 1066 13.92 20.52 58.83
N SER B 1067 14.04 20.94 60.09
CA SER B 1067 15.27 20.87 60.90
C SER B 1067 16.20 19.66 60.66
N TYR B 1068 17.53 19.92 60.59
CA TYR B 1068 18.62 18.95 60.30
C TYR B 1068 19.67 18.75 61.41
N PHE B 1069 19.62 17.59 62.04
CA PHE B 1069 20.45 17.26 63.20
C PHE B 1069 21.70 16.44 62.81
N VAL B 1070 22.76 16.45 63.65
CA VAL B 1070 24.03 15.72 63.38
C VAL B 1070 24.59 15.05 64.67
N GLY B 1071 25.16 13.80 64.56
CA GLY B 1071 25.40 12.90 65.71
C GLY B 1071 26.38 11.71 65.55
N GLN B 1072 26.11 10.58 66.28
CA GLN B 1072 27.07 9.50 66.56
C GLN B 1072 26.48 8.07 66.50
N ILE B 1073 27.30 7.03 66.81
CA ILE B 1073 27.22 5.71 66.14
C ILE B 1073 27.01 4.46 67.06
N GLN B 1074 25.74 3.97 67.29
CA GLN B 1074 25.39 2.96 68.34
C GLN B 1074 24.99 1.53 67.86
N VAL B 1075 24.68 0.59 68.81
CA VAL B 1075 25.14 -0.82 68.75
C VAL B 1075 24.20 -2.02 69.04
N HIS B 1076 24.86 -3.20 68.98
CA HIS B 1076 24.46 -4.60 69.28
C HIS B 1076 25.75 -5.44 69.16
N HIS B 1077 25.70 -6.77 68.94
CA HIS B 1077 26.81 -7.52 68.31
C HIS B 1077 26.47 -8.97 67.92
N HIS B 1078 27.30 -9.57 67.03
CA HIS B 1078 27.10 -10.90 66.42
C HIS B 1078 28.27 -11.32 65.52
N ASP B 1079 28.32 -12.61 65.13
CA ASP B 1079 29.39 -13.19 64.31
C ASP B 1079 28.81 -14.13 63.22
N ALA B 1080 29.62 -14.48 62.21
CA ALA B 1080 29.05 -15.23 61.06
C ALA B 1080 30.11 -15.95 60.21
N ILE B 1081 29.70 -16.18 58.95
CA ILE B 1081 30.27 -17.17 58.03
C ILE B 1081 31.79 -17.15 58.08
N GLY B 1082 32.37 -16.02 57.75
CA GLY B 1082 33.75 -15.79 58.08
C GLY B 1082 33.74 -14.49 58.83
N GLY B 1083 32.64 -13.73 58.66
CA GLY B 1083 32.56 -12.32 58.99
C GLY B 1083 31.91 -11.87 60.28
N VAL B 1084 32.54 -10.87 60.92
CA VAL B 1084 32.01 -10.06 62.02
C VAL B 1084 32.07 -8.63 61.49
N ASN B 1085 31.78 -7.60 62.33
CA ASN B 1085 31.09 -6.44 61.75
C ASN B 1085 31.04 -5.03 62.47
N PHE B 1086 31.18 -3.81 61.69
CA PHE B 1086 30.44 -2.45 61.72
C PHE B 1086 29.42 -1.90 60.52
N THR B 1087 28.00 -2.54 60.26
CA THR B 1087 26.45 -2.19 60.26
C THR B 1087 25.53 -2.06 61.68
N LEU B 1088 26.00 -1.18 62.83
CA LEU B 1088 25.54 -0.43 64.09
C LEU B 1088 25.07 1.00 63.77
N THR B 1089 24.75 1.88 64.71
CA THR B 1089 24.98 3.35 64.56
C THR B 1089 23.77 4.28 64.82
N GLN B 1090 23.68 5.38 64.06
CA GLN B 1090 23.46 6.75 64.52
C GLN B 1090 22.02 7.24 64.29
N PRO B 1091 21.06 6.82 65.08
CA PRO B 1091 19.66 6.94 64.66
C PRO B 1091 19.01 8.30 64.71
N ARG B 1092 18.00 8.48 63.84
CA ARG B 1092 17.28 9.74 63.73
C ARG B 1092 15.83 9.59 64.17
N ALA B 1093 15.11 10.72 64.05
CA ALA B 1093 13.68 10.86 64.15
C ALA B 1093 13.36 12.25 63.61
N HIS B 1094 12.13 12.71 63.83
CA HIS B 1094 11.64 13.86 63.08
C HIS B 1094 10.23 14.31 63.43
N VAL B 1095 9.84 15.45 62.87
CA VAL B 1095 8.79 16.29 63.40
C VAL B 1095 7.79 16.69 62.33
N ASP B 1096 6.51 16.46 62.61
CA ASP B 1096 5.44 17.03 61.80
C ASP B 1096 4.63 17.99 62.66
N LEU B 1097 5.17 19.19 62.81
CA LEU B 1097 4.38 20.31 63.28
C LEU B 1097 3.86 21.14 62.10
N GLY B 1098 2.61 20.91 61.72
CA GLY B 1098 2.09 21.63 60.58
C GLY B 1098 0.67 22.15 60.70
N VAL B 1099 0.49 23.48 60.67
CA VAL B 1099 -0.84 24.04 60.45
C VAL B 1099 -1.27 23.77 59.01
N GLY B 1100 -0.55 24.34 58.06
CA GLY B 1100 -0.46 23.77 56.75
C GLY B 1100 0.93 23.19 56.66
N TYR B 1101 1.48 23.13 55.47
CA TYR B 1101 2.68 22.37 55.14
C TYR B 1101 3.31 23.13 53.97
N THR B 1102 4.31 22.62 53.23
CA THR B 1102 4.99 23.54 52.28
C THR B 1102 5.71 22.96 51.02
N ALA B 1103 5.10 22.92 49.79
CA ALA B 1103 5.88 22.66 48.53
C ALA B 1103 5.15 22.69 47.17
N VAL B 1104 5.49 23.62 46.22
CA VAL B 1104 4.75 23.86 44.94
C VAL B 1104 5.65 23.84 43.66
N CYS B 1105 5.17 23.28 42.50
CA CYS B 1105 6.05 23.12 41.30
C CYS B 1105 5.40 23.03 39.90
N ALA B 1106 5.89 23.82 38.92
CA ALA B 1106 5.51 23.80 37.49
C ALA B 1106 6.60 23.19 36.59
N THR B 1107 6.21 22.48 35.51
CA THR B 1107 7.00 21.33 35.06
C THR B 1107 7.12 21.12 33.53
N ALA B 1108 7.90 20.08 33.10
CA ALA B 1108 8.96 20.16 32.06
C ALA B 1108 8.81 19.36 30.75
N ALA B 1109 8.04 18.25 30.65
CA ALA B 1109 7.71 17.43 29.43
C ALA B 1109 7.77 15.94 29.76
N LEU B 1110 8.75 15.20 29.21
CA LEU B 1110 9.09 13.83 29.64
C LEU B 1110 10.65 13.50 29.96
N ARG B 1111 11.73 13.45 28.90
CA ARG B 1111 13.22 13.69 28.48
C ARG B 1111 13.42 13.71 26.92
N CYS B 1112 14.29 12.83 26.36
CA CYS B 1112 14.02 12.29 24.98
C CYS B 1112 12.95 11.19 25.11
N PRO B 1113 12.02 10.92 24.13
CA PRO B 1113 10.70 10.27 24.47
C PRO B 1113 10.47 8.72 24.29
N LEU B 1114 9.98 7.97 25.39
CA LEU B 1114 9.93 6.47 25.58
C LEU B 1114 8.60 5.73 25.40
N THR B 1115 8.12 5.41 24.21
CA THR B 1115 6.79 4.84 24.15
C THR B 1115 6.57 3.93 22.87
N ASP B 1116 6.19 2.64 23.10
CA ASP B 1116 6.10 1.45 22.21
C ASP B 1116 4.93 0.42 22.35
N MET B 1117 4.44 -0.10 21.20
CA MET B 1117 3.10 -0.70 21.14
C MET B 1117 2.84 -2.05 20.41
N GLY B 1118 1.77 -2.81 20.77
CA GLY B 1118 0.94 -3.53 19.79
C GLY B 1118 0.30 -4.84 20.29
N ASN B 1119 -0.59 -5.43 19.43
CA ASN B 1119 -1.97 -6.08 19.54
C ASN B 1119 -2.53 -7.54 19.74
N THR B 1120 -3.55 -7.78 20.62
CA THR B 1120 -4.31 -9.04 20.89
C THR B 1120 -5.10 -8.99 22.24
N ALA B 1121 -5.02 -10.07 23.08
CA ALA B 1121 -5.99 -10.59 24.11
C ALA B 1121 -5.73 -10.41 25.65
N GLN B 1122 -6.55 -11.15 26.49
CA GLN B 1122 -6.37 -11.35 27.97
C GLN B 1122 -6.77 -12.76 28.43
N ASN B 1123 -6.50 -13.11 29.74
CA ASN B 1123 -6.57 -14.45 30.38
C ASN B 1123 -7.84 -14.74 31.23
N LEU B 1124 -8.53 -15.90 30.99
CA LEU B 1124 -9.54 -16.49 31.91
C LEU B 1124 -9.72 -18.04 31.93
N PHE B 1125 -8.66 -18.89 32.03
CA PHE B 1125 -8.67 -20.29 32.52
C PHE B 1125 -7.41 -20.77 33.33
N PHE B 1126 -6.41 -19.95 33.66
CA PHE B 1126 -5.26 -20.44 34.44
C PHE B 1126 -5.64 -20.99 35.82
N SER B 1127 -6.86 -20.80 36.33
CA SER B 1127 -7.10 -20.96 37.76
C SER B 1127 -8.57 -21.26 38.07
N ARG B 1128 -8.79 -21.93 39.20
CA ARG B 1128 -9.84 -22.94 39.32
C ARG B 1128 -10.89 -22.60 40.37
N GLY B 1129 -11.90 -23.48 40.47
CA GLY B 1129 -13.10 -23.23 41.25
C GLY B 1129 -14.43 -23.77 40.74
N GLY B 1130 -14.43 -24.50 39.62
CA GLY B 1130 -15.69 -24.85 38.96
C GLY B 1130 -16.15 -26.28 39.18
N VAL B 1131 -16.99 -26.76 38.25
CA VAL B 1131 -17.87 -27.92 38.51
C VAL B 1131 -17.92 -28.85 37.29
N PRO B 1132 -18.24 -30.14 37.48
CA PRO B 1132 -18.08 -31.20 36.43
C PRO B 1132 -19.23 -31.38 35.41
N MET B 1133 -19.27 -32.59 34.78
CA MET B 1133 -18.80 -32.99 33.43
C MET B 1133 -19.70 -33.91 32.49
N LEU B 1134 -20.56 -33.29 31.62
CA LEU B 1134 -21.30 -33.96 30.51
C LEU B 1134 -21.27 -33.27 29.10
N HIS B 1135 -20.18 -32.56 28.70
CA HIS B 1135 -19.55 -32.41 27.36
C HIS B 1135 -18.09 -31.87 27.51
N ASP B 1136 -16.99 -32.55 26.96
CA ASP B 1136 -15.59 -31.98 26.87
C ASP B 1136 -14.93 -31.77 25.48
N ASN B 1137 -14.63 -32.83 24.73
CA ASN B 1137 -13.45 -32.82 23.87
C ASN B 1137 -13.61 -31.89 22.67
N VAL B 1138 -14.67 -31.13 22.59
CA VAL B 1138 -14.69 -30.28 21.42
C VAL B 1138 -14.50 -28.83 21.80
N THR B 1139 -14.92 -28.45 22.96
CA THR B 1139 -14.35 -27.19 23.33
C THR B 1139 -12.84 -27.45 23.59
N GLU B 1140 -12.48 -28.73 23.80
CA GLU B 1140 -11.12 -29.21 23.51
C GLU B 1140 -10.73 -28.92 22.06
N SER B 1141 -11.73 -28.87 21.19
CA SER B 1141 -11.53 -28.06 19.99
C SER B 1141 -11.75 -26.57 20.30
N LEU B 1142 -11.56 -26.07 21.56
CA LEU B 1142 -11.65 -24.60 21.73
C LEU B 1142 -10.57 -23.78 22.59
N ARG B 1143 -9.49 -24.33 23.24
CA ARG B 1143 -8.02 -23.76 23.35
C ARG B 1143 -6.75 -24.64 22.68
N ARG B 1144 -6.84 -26.14 22.20
CA ARG B 1144 -6.77 -27.01 20.84
C ARG B 1144 -7.78 -26.67 19.54
N ILE B 1145 -9.02 -25.96 19.62
CA ILE B 1145 -9.56 -24.91 18.66
C ILE B 1145 -10.06 -23.54 19.35
N THR B 1146 -9.27 -22.81 20.26
CA THR B 1146 -9.50 -21.35 20.52
C THR B 1146 -8.27 -20.41 20.32
N ALA B 1147 -7.10 -20.53 21.03
CA ALA B 1147 -6.45 -19.25 21.48
C ALA B 1147 -5.73 -18.34 20.39
N SER B 1148 -6.43 -17.43 19.65
CA SER B 1148 -6.00 -16.85 18.31
C SER B 1148 -5.18 -15.51 18.25
N GLY B 1149 -4.46 -15.29 17.13
CA GLY B 1149 -3.93 -14.00 16.62
C GLY B 1149 -2.69 -13.27 17.14
N GLY B 1150 -1.66 -13.95 17.65
CA GLY B 1150 -0.49 -13.31 18.25
C GLY B 1150 0.46 -14.42 18.64
N ARG B 1151 1.34 -14.19 19.62
CA ARG B 1151 2.52 -15.04 19.80
C ARG B 1151 2.26 -16.54 20.08
N LEU B 1152 1.83 -16.91 21.29
CA LEU B 1152 2.05 -18.29 21.73
C LEU B 1152 0.84 -18.92 22.43
N ASN B 1153 0.60 -20.22 22.18
CA ASN B 1153 -0.73 -20.76 22.46
C ASN B 1153 -0.72 -22.16 23.08
N PRO B 1154 -1.80 -22.52 23.77
CA PRO B 1154 -1.73 -23.42 24.93
C PRO B 1154 -2.07 -24.89 24.73
N THR B 1155 -2.43 -25.50 25.86
CA THR B 1155 -2.11 -26.85 26.33
C THR B 1155 -3.22 -27.90 26.15
N GLU B 1156 -2.84 -29.19 26.26
CA GLU B 1156 -3.77 -30.30 26.05
C GLU B 1156 -4.45 -31.01 27.26
N PRO B 1157 -3.76 -31.49 28.32
CA PRO B 1157 -4.33 -32.60 29.13
C PRO B 1157 -5.07 -32.26 30.45
N LEU B 1158 -4.87 -31.10 31.09
CA LEU B 1158 -5.62 -30.65 32.28
C LEU B 1158 -5.51 -31.41 33.62
N PRO B 1159 -4.39 -31.30 34.34
CA PRO B 1159 -4.39 -31.52 35.80
C PRO B 1159 -5.00 -30.36 36.60
N ILE B 1160 -4.79 -30.36 37.92
CA ILE B 1160 -5.57 -29.54 38.86
C ILE B 1160 -4.72 -28.71 39.80
N PHE B 1161 -5.28 -27.58 40.24
CA PHE B 1161 -5.08 -26.98 41.57
C PHE B 1161 -3.62 -26.59 41.87
N GLY B 1162 -3.14 -25.52 41.24
CA GLY B 1162 -1.82 -25.04 41.67
C GLY B 1162 -1.52 -23.58 41.44
N GLY B 1163 -0.25 -23.24 41.72
CA GLY B 1163 0.39 -21.93 41.51
C GLY B 1163 1.20 -21.80 40.23
N LEU B 1164 1.52 -22.93 39.60
CA LEU B 1164 1.54 -23.07 38.14
C LEU B 1164 2.72 -22.41 37.40
N ARG B 1165 3.98 -22.76 37.75
CA ARG B 1165 5.13 -22.29 36.96
C ARG B 1165 5.45 -23.25 35.80
N PRO B 1166 5.36 -22.79 34.55
CA PRO B 1166 5.61 -23.70 33.42
C PRO B 1166 6.76 -23.33 32.49
N ALA B 1167 6.40 -23.21 31.21
CA ALA B 1167 7.30 -23.45 30.08
C ALA B 1167 8.14 -22.22 29.73
N THR B 1168 8.70 -22.23 28.51
CA THR B 1168 9.58 -21.18 28.04
C THR B 1168 8.88 -20.25 27.03
N SER B 1169 9.11 -18.93 27.21
CA SER B 1169 8.61 -17.76 26.48
C SER B 1169 9.80 -16.87 26.21
N ALA B 1170 9.55 -15.56 26.11
CA ALA B 1170 10.45 -14.75 25.30
C ALA B 1170 11.01 -13.50 26.05
N GLY B 1171 12.16 -12.99 25.57
CA GLY B 1171 12.87 -11.87 26.20
C GLY B 1171 13.17 -10.73 25.22
N ILE B 1172 13.45 -9.53 25.73
CA ILE B 1172 12.66 -8.33 25.37
C ILE B 1172 13.19 -7.51 24.14
N ALA B 1173 12.25 -7.20 23.18
CA ALA B 1173 12.31 -6.24 22.01
C ALA B 1173 11.17 -5.21 21.76
N ARG B 1174 9.86 -5.58 21.64
CA ARG B 1174 8.86 -4.49 21.85
C ARG B 1174 7.77 -4.47 22.91
N GLY B 1175 6.84 -5.39 22.96
CA GLY B 1175 5.75 -5.14 23.87
C GLY B 1175 5.48 -6.31 24.79
N GLN B 1176 5.86 -6.13 26.06
CA GLN B 1176 5.23 -6.95 27.09
C GLN B 1176 3.76 -6.79 26.90
N ALA B 1177 3.06 -7.92 26.83
CA ALA B 1177 1.84 -7.90 26.08
C ALA B 1177 1.10 -6.63 26.48
N SER B 1178 1.13 -5.65 25.57
CA SER B 1178 0.90 -4.27 25.95
C SER B 1178 -0.58 -3.94 25.94
N VAL B 1179 -1.38 -4.76 26.63
CA VAL B 1179 -2.61 -5.14 25.96
C VAL B 1179 -3.82 -4.73 26.79
N CYS B 1180 -5.00 -5.09 26.30
CA CYS B 1180 -6.24 -4.32 26.38
C CYS B 1180 -6.66 -4.33 27.83
N GLU B 1181 -7.84 -3.85 28.10
CA GLU B 1181 -8.71 -4.48 29.05
C GLU B 1181 -10.12 -3.96 28.81
N PHE B 1182 -10.93 -4.74 28.14
CA PHE B 1182 -12.14 -4.25 27.49
C PHE B 1182 -13.16 -3.63 28.43
N VAL B 1183 -13.59 -2.44 28.07
CA VAL B 1183 -14.89 -1.93 28.43
C VAL B 1183 -15.58 -1.67 27.10
N ALA B 1184 -16.79 -1.15 27.15
CA ALA B 1184 -17.51 -0.87 25.94
C ALA B 1184 -18.70 0.03 26.20
N MET B 1185 -19.12 0.72 25.14
CA MET B 1185 -20.00 1.84 25.41
C MET B 1185 -21.08 1.92 24.33
N PRO B 1186 -22.01 0.95 24.32
CA PRO B 1186 -23.22 1.04 23.50
C PRO B 1186 -23.89 2.43 23.53
N VAL B 1187 -24.91 2.57 22.67
CA VAL B 1187 -24.62 3.17 21.38
C VAL B 1187 -24.81 4.70 21.28
N SER B 1188 -26.04 5.23 21.12
CA SER B 1188 -26.23 6.26 20.07
C SER B 1188 -26.67 7.66 20.55
N THR B 1189 -26.20 8.69 19.81
CA THR B 1189 -26.71 10.08 19.86
C THR B 1189 -26.08 10.91 18.71
N ASP B 1190 -26.21 12.24 18.79
CA ASP B 1190 -25.77 13.34 17.91
C ASP B 1190 -24.29 13.52 17.91
N LEU B 1191 -23.82 14.77 18.14
CA LEU B 1191 -22.40 15.12 17.98
C LEU B 1191 -21.73 15.96 19.15
N GLN B 1192 -21.68 15.58 20.51
CA GLN B 1192 -20.64 16.05 21.52
C GLN B 1192 -19.99 15.15 22.69
N TYR B 1193 -20.49 13.92 23.25
CA TYR B 1193 -19.95 12.92 24.34
C TYR B 1193 -18.73 11.74 24.09
N PHE B 1194 -18.33 11.04 22.80
CA PHE B 1194 -17.16 10.60 21.79
C PHE B 1194 -16.76 11.57 20.46
N ARG B 1195 -17.37 12.86 20.10
CA ARG B 1195 -17.01 14.29 19.64
C ARG B 1195 -16.76 15.55 20.69
N THR B 1196 -16.80 15.53 22.06
CA THR B 1196 -16.31 16.55 23.10
C THR B 1196 -15.76 15.77 24.34
N ALA B 1197 -16.16 16.07 25.55
CA ALA B 1197 -15.75 15.30 26.74
C ALA B 1197 -15.76 13.76 26.48
N CYS B 1198 -14.91 12.89 27.17
CA CYS B 1198 -15.46 11.75 27.98
C CYS B 1198 -14.53 10.45 28.09
N ASN B 1199 -14.96 9.32 28.81
CA ASN B 1199 -14.20 8.29 29.68
C ASN B 1199 -14.88 6.86 29.71
N PRO B 1200 -14.43 5.81 30.50
CA PRO B 1200 -15.01 4.41 30.36
C PRO B 1200 -16.10 3.73 31.26
N ARG B 1201 -16.64 4.22 32.38
CA ARG B 1201 -17.74 3.49 33.01
C ARG B 1201 -18.84 4.37 33.69
N GLY B 1202 -18.79 5.66 33.60
CA GLY B 1202 -19.93 6.45 33.15
C GLY B 1202 -20.48 7.54 33.95
N ARG B 1203 -19.84 8.71 33.91
CA ARG B 1203 -20.37 10.04 33.61
C ARG B 1203 -19.37 10.99 34.23
N ALA B 1204 -19.16 12.19 33.69
CA ALA B 1204 -18.33 13.10 34.47
C ALA B 1204 -19.10 13.41 35.73
N SER B 1205 -18.55 13.04 36.88
CA SER B 1205 -19.43 12.72 37.99
C SER B 1205 -18.77 13.13 39.29
N GLY B 1206 -19.05 12.37 40.32
CA GLY B 1206 -18.45 12.53 41.62
C GLY B 1206 -19.41 12.17 42.73
N MET B 1207 -19.00 11.18 43.51
CA MET B 1207 -19.85 10.51 44.48
C MET B 1207 -20.14 11.37 45.69
N LEU B 1208 -19.49 12.50 45.81
CA LEU B 1208 -19.69 13.44 46.90
C LEU B 1208 -19.08 12.97 48.22
N TYR B 1209 -17.80 12.61 48.15
CA TYR B 1209 -16.77 13.00 49.11
C TYR B 1209 -17.26 13.52 50.46
N MET B 1210 -17.02 14.82 50.73
CA MET B 1210 -17.33 15.47 52.02
C MET B 1210 -18.09 16.77 51.82
N GLY B 1211 -19.30 16.83 52.35
CA GLY B 1211 -20.35 17.73 51.90
C GLY B 1211 -21.60 17.49 52.71
N ASP B 1212 -22.71 17.22 51.99
CA ASP B 1212 -23.97 16.93 52.65
C ASP B 1212 -23.85 15.81 53.69
N ARG B 1213 -23.40 14.60 53.30
CA ARG B 1213 -23.05 13.53 54.25
C ARG B 1213 -22.46 12.29 53.56
N ASP B 1214 -21.89 11.26 54.32
CA ASP B 1214 -21.32 9.96 53.81
C ASP B 1214 -21.96 8.63 54.27
N ALA B 1215 -23.29 8.45 54.15
CA ALA B 1215 -24.06 7.22 54.01
C ALA B 1215 -25.18 7.32 52.96
N ASP B 1216 -24.92 8.01 51.84
CA ASP B 1216 -25.56 7.95 50.53
C ASP B 1216 -24.56 7.65 49.36
N ILE B 1217 -24.26 6.34 49.05
CA ILE B 1217 -23.66 5.86 47.80
C ILE B 1217 -24.35 4.56 47.19
N GLU B 1218 -25.64 4.21 47.63
CA GLU B 1218 -26.80 3.49 46.93
C GLU B 1218 -27.92 4.29 46.04
N ALA B 1219 -28.38 5.64 46.22
CA ALA B 1219 -28.93 6.63 45.13
C ALA B 1219 -28.23 8.13 44.84
N ILE B 1220 -26.82 8.43 45.10
CA ILE B 1220 -25.55 9.05 44.43
C ILE B 1220 -24.40 7.99 43.96
N MET B 1221 -24.11 6.75 44.66
CA MET B 1221 -23.51 5.53 43.95
C MET B 1221 -24.31 4.12 43.83
N PHE B 1222 -25.68 3.91 44.07
CA PHE B 1222 -26.47 2.68 43.62
C PHE B 1222 -27.98 2.73 43.17
N ASP B 1223 -28.94 3.69 43.43
CA ASP B 1223 -30.36 3.36 43.07
C ASP B 1223 -31.11 4.27 42.06
N HIS B 1224 -31.56 5.51 42.41
CA HIS B 1224 -31.84 6.71 41.56
C HIS B 1224 -32.75 7.82 42.19
N THR B 1225 -32.55 9.14 41.86
CA THR B 1225 -33.57 10.22 42.02
C THR B 1225 -33.67 11.25 40.83
N GLN B 1226 -32.56 11.78 40.24
CA GLN B 1226 -32.52 12.93 39.28
C GLN B 1226 -31.77 12.70 37.92
N SER B 1227 -31.40 13.82 37.22
CA SER B 1227 -30.66 13.91 35.92
C SER B 1227 -29.13 13.90 36.14
N ASP B 1228 -28.27 14.12 35.09
CA ASP B 1228 -26.87 13.57 34.96
C ASP B 1228 -25.67 14.28 35.52
N VAL B 1229 -24.81 13.50 36.19
CA VAL B 1229 -23.79 14.16 36.96
C VAL B 1229 -22.81 14.83 35.98
N ALA B 1230 -22.73 14.31 34.75
CA ALA B 1230 -22.39 15.22 33.68
C ALA B 1230 -23.49 15.35 32.65
N TYR B 1231 -23.62 14.39 31.75
CA TYR B 1231 -24.28 14.61 30.46
C TYR B 1231 -25.76 14.39 30.55
N THR B 1232 -26.43 15.28 31.25
CA THR B 1232 -27.87 15.20 31.10
C THR B 1232 -28.41 15.94 29.89
N ASP B 1233 -28.41 15.16 28.81
CA ASP B 1233 -28.96 15.38 27.48
C ASP B 1233 -29.76 14.13 27.08
N ARG B 1234 -29.66 13.07 27.91
CA ARG B 1234 -30.00 11.67 27.67
C ARG B 1234 -29.45 10.97 28.94
N ALA B 1235 -29.82 9.73 29.52
CA ALA B 1235 -29.66 9.26 31.00
C ALA B 1235 -28.33 8.58 31.59
N THR B 1236 -27.63 7.59 30.98
CA THR B 1236 -26.29 7.01 31.39
C THR B 1236 -25.43 6.60 30.15
N LEU B 1237 -24.36 5.77 30.19
CA LEU B 1237 -23.53 5.65 28.93
C LEU B 1237 -24.01 4.60 27.88
N ASN B 1238 -24.11 3.32 28.21
CA ASN B 1238 -24.48 2.36 27.16
C ASN B 1238 -25.61 1.37 27.44
N PRO B 1239 -26.62 1.17 26.59
CA PRO B 1239 -27.94 0.84 27.15
C PRO B 1239 -28.02 -0.28 28.19
N TRP B 1240 -26.93 -0.96 28.58
CA TRP B 1240 -27.15 -2.12 29.44
C TRP B 1240 -26.15 -2.46 30.55
N ALA B 1241 -25.68 -1.53 31.37
CA ALA B 1241 -24.99 -1.84 32.62
C ALA B 1241 -24.71 -0.60 33.44
N SER B 1242 -25.50 -0.38 34.47
CA SER B 1242 -25.43 0.85 35.23
C SER B 1242 -25.90 0.74 36.70
N GLN B 1243 -25.68 -0.40 37.40
CA GLN B 1243 -25.89 -0.68 38.84
C GLN B 1243 -24.96 -1.73 39.47
N LYS B 1244 -25.56 -2.49 40.40
CA LYS B 1244 -24.90 -3.25 41.48
C LYS B 1244 -24.03 -4.44 41.03
N HIS B 1245 -24.62 -5.63 40.70
CA HIS B 1245 -23.92 -6.93 40.79
C HIS B 1245 -23.90 -7.66 39.41
N SER B 1246 -23.63 -7.03 38.28
CA SER B 1246 -23.94 -7.40 36.88
C SER B 1246 -22.76 -8.04 36.06
N TYR B 1247 -22.85 -8.18 34.68
CA TYR B 1247 -22.00 -9.11 33.87
C TYR B 1247 -20.69 -8.55 33.28
N GLY B 1248 -20.70 -7.64 32.32
CA GLY B 1248 -19.47 -7.43 31.55
C GLY B 1248 -18.31 -7.07 32.44
N ASP B 1249 -18.62 -6.33 33.47
CA ASP B 1249 -17.83 -6.27 34.67
C ASP B 1249 -17.97 -7.54 35.56
N ARG B 1250 -18.99 -8.46 35.38
CA ARG B 1250 -18.89 -9.82 36.00
C ARG B 1250 -17.60 -10.42 35.68
N LEU B 1251 -17.00 -9.88 34.69
CA LEU B 1251 -15.59 -10.03 34.63
C LEU B 1251 -14.93 -9.56 35.93
N TYR B 1252 -15.51 -8.66 36.75
CA TYR B 1252 -14.60 -8.01 37.68
C TYR B 1252 -14.73 -8.38 39.18
N ASN B 1253 -15.86 -8.36 39.86
CA ASN B 1253 -15.80 -8.03 41.29
C ASN B 1253 -15.03 -9.06 42.14
N GLY B 1254 -14.76 -8.79 43.43
CA GLY B 1254 -13.62 -9.44 44.09
C GLY B 1254 -13.65 -9.81 45.58
N THR B 1255 -14.73 -10.40 46.11
CA THR B 1255 -14.59 -11.06 47.41
C THR B 1255 -14.36 -12.57 47.27
N TYR B 1256 -15.27 -13.28 46.59
CA TYR B 1256 -15.28 -14.73 46.67
C TYR B 1256 -13.96 -15.38 46.18
N ASN B 1257 -13.54 -15.27 44.91
CA ASN B 1257 -12.29 -15.97 44.56
C ASN B 1257 -11.39 -15.31 43.48
N LEU B 1258 -11.81 -14.24 42.80
CA LEU B 1258 -10.89 -13.80 41.75
C LEU B 1258 -10.09 -12.60 42.25
N THR B 1259 -9.89 -12.55 43.54
CA THR B 1259 -8.61 -12.15 44.09
C THR B 1259 -8.03 -13.34 44.86
N GLY B 1260 -8.40 -14.56 44.45
CA GLY B 1260 -7.93 -15.75 45.16
C GLY B 1260 -7.25 -16.85 44.35
N ALA B 1261 -7.65 -17.07 43.08
CA ALA B 1261 -7.14 -18.17 42.25
C ALA B 1261 -6.29 -17.75 41.02
N SER B 1262 -6.69 -16.73 40.19
CA SER B 1262 -5.83 -16.04 39.15
C SER B 1262 -5.65 -14.54 39.39
N PRO B 1263 -4.48 -14.07 39.87
CA PRO B 1263 -4.43 -12.80 40.61
C PRO B 1263 -4.47 -11.59 39.74
N ILE B 1264 -5.38 -10.73 39.91
CA ILE B 1264 -5.43 -9.68 38.93
C ILE B 1264 -5.88 -8.37 39.54
N TYR B 1265 -4.98 -7.41 39.42
CA TYR B 1265 -5.35 -6.15 38.86
C TYR B 1265 -6.02 -6.50 37.56
N SER B 1266 -7.16 -5.92 37.33
CA SER B 1266 -8.20 -6.76 36.79
C SER B 1266 -9.18 -5.88 36.07
N PRO B 1267 -9.23 -5.86 34.75
CA PRO B 1267 -8.75 -4.66 34.08
C PRO B 1267 -8.60 -3.58 35.07
N CYS B 1268 -9.65 -3.22 35.76
CA CYS B 1268 -9.58 -2.25 36.82
C CYS B 1268 -9.90 -2.74 38.19
N PHE B 1269 -9.11 -2.28 39.14
CA PHE B 1269 -9.27 -2.72 40.50
C PHE B 1269 -9.42 -1.51 41.40
N LYS B 1270 -9.52 -0.31 40.81
CA LYS B 1270 -10.45 0.61 41.42
C LYS B 1270 -11.27 1.46 40.39
N PHE B 1271 -12.02 0.86 39.34
CA PHE B 1271 -13.10 1.48 38.46
C PHE B 1271 -14.66 1.33 38.77
N PHE B 1272 -15.15 0.44 39.69
CA PHE B 1272 -16.47 -0.08 40.18
C PHE B 1272 -16.52 -0.53 41.73
N THR B 1273 -15.45 -0.26 42.76
CA THR B 1273 -14.81 -1.03 44.03
C THR B 1273 -14.87 -0.19 45.24
N PRO B 1274 -15.07 -0.80 46.35
CA PRO B 1274 -14.62 -0.24 47.59
C PRO B 1274 -13.51 0.83 47.48
N ALA B 1275 -13.89 2.03 47.97
CA ALA B 1275 -13.17 3.26 48.34
C ALA B 1275 -13.78 3.80 49.66
N GLU B 1276 -13.49 5.05 50.05
CA GLU B 1276 -13.20 5.33 51.45
C GLU B 1276 -14.19 6.21 52.23
N VAL B 1277 -14.71 5.72 53.41
CA VAL B 1277 -15.06 6.57 54.58
C VAL B 1277 -14.99 5.91 56.00
N ASN B 1278 -13.83 5.96 56.72
CA ASN B 1278 -13.79 5.81 58.20
C ASN B 1278 -12.69 6.57 58.94
N THR B 1279 -11.76 7.29 58.29
CA THR B 1279 -10.81 8.13 59.04
C THR B 1279 -10.44 9.39 58.25
N ASN B 1280 -10.79 10.57 58.78
CA ASN B 1280 -10.25 11.88 58.30
C ASN B 1280 -10.71 12.18 56.86
N CYS B 1281 -11.93 12.80 56.76
CA CYS B 1281 -12.80 12.93 55.54
C CYS B 1281 -13.39 14.33 55.27
N ASN B 1282 -12.72 15.40 55.60
CA ASN B 1282 -13.25 16.77 55.74
C ASN B 1282 -12.96 17.79 54.60
N THR B 1283 -13.83 17.98 53.61
CA THR B 1283 -13.41 18.40 52.25
C THR B 1283 -11.93 18.87 52.06
N LEU B 1284 -11.36 19.82 52.81
CA LEU B 1284 -10.15 20.44 52.26
C LEU B 1284 -8.83 19.75 52.67
N ASP B 1285 -8.45 19.71 53.94
CA ASP B 1285 -7.08 19.25 54.14
C ASP B 1285 -6.95 17.75 53.88
N ARG B 1286 -8.02 17.01 53.66
CA ARG B 1286 -7.64 15.79 53.01
C ARG B 1286 -7.86 15.95 51.53
N LEU B 1287 -8.40 17.10 51.06
CA LEU B 1287 -8.06 17.49 49.69
C LEU B 1287 -6.54 17.57 49.59
N LEU B 1288 -5.92 17.41 50.75
CA LEU B 1288 -4.50 17.11 50.88
C LEU B 1288 -4.29 15.67 51.36
N MET B 1289 -5.39 14.99 51.76
CA MET B 1289 -5.39 13.67 52.41
C MET B 1289 -6.48 12.55 51.96
N GLU B 1290 -6.66 12.14 50.57
CA GLU B 1290 -6.70 10.79 49.85
C GLU B 1290 -6.58 10.64 48.28
N ALA B 1291 -5.42 10.26 47.65
CA ALA B 1291 -5.28 9.49 46.35
C ALA B 1291 -4.10 8.40 46.28
N LYS B 1292 -3.82 7.51 47.29
CA LYS B 1292 -2.47 6.92 47.54
C LYS B 1292 -2.26 5.48 47.12
N ALA B 1293 -1.17 4.96 47.73
CA ALA B 1293 -0.78 3.57 47.86
C ALA B 1293 -1.78 2.71 48.59
N VAL B 1294 -2.18 1.68 47.88
CA VAL B 1294 -2.66 0.47 48.47
C VAL B 1294 -1.87 -0.68 47.87
N ALA B 1295 -2.25 -1.89 48.23
CA ALA B 1295 -1.80 -3.06 47.49
C ALA B 1295 -2.42 -3.05 46.10
N SER B 1296 -1.57 -2.96 45.07
CA SER B 1296 -1.98 -2.30 43.82
C SER B 1296 -1.34 -2.91 42.57
N GLN B 1297 -1.29 -2.09 41.49
CA GLN B 1297 -1.77 -2.43 40.15
C GLN B 1297 -0.76 -2.94 39.11
N SER B 1298 0.16 -2.11 38.62
CA SER B 1298 0.87 -2.23 37.34
C SER B 1298 2.24 -1.54 37.33
N SER B 1299 3.32 -2.27 37.63
CA SER B 1299 4.65 -1.68 37.56
C SER B 1299 5.64 -2.57 36.81
N THR B 1300 6.93 -2.27 36.97
CA THR B 1300 7.97 -2.51 35.97
C THR B 1300 8.48 -3.94 35.93
N ASP B 1301 7.70 -4.93 35.50
CA ASP B 1301 8.33 -6.22 35.67
C ASP B 1301 8.90 -6.90 34.42
N THR B 1302 8.20 -7.69 33.56
CA THR B 1302 8.84 -7.94 32.26
C THR B 1302 7.89 -8.21 31.07
N GLU B 1303 7.00 -9.22 31.17
CA GLU B 1303 6.80 -10.00 29.94
C GLU B 1303 5.32 -10.12 29.52
N TYR B 1304 4.34 -10.43 30.43
CA TYR B 1304 2.92 -10.30 30.06
C TYR B 1304 1.96 -9.67 31.09
N GLN B 1305 2.24 -9.77 32.41
CA GLN B 1305 1.60 -8.98 33.51
C GLN B 1305 0.91 -9.81 34.59
N PHE B 1306 1.66 -10.20 35.64
CA PHE B 1306 1.19 -11.09 36.70
C PHE B 1306 0.41 -10.38 37.80
N LYS B 1307 0.03 -11.14 38.84
CA LYS B 1307 -0.11 -10.59 40.19
C LYS B 1307 0.39 -11.59 41.26
N ARG B 1308 0.01 -11.36 42.53
CA ARG B 1308 0.88 -11.56 43.72
C ARG B 1308 1.76 -12.80 43.75
N PRO B 1309 3.08 -12.64 43.63
CA PRO B 1309 4.00 -13.44 44.42
C PRO B 1309 4.42 -12.68 45.66
N PRO B 1310 5.39 -13.18 46.42
CA PRO B 1310 6.15 -12.29 47.32
C PRO B 1310 7.22 -11.50 46.58
N GLY B 1311 7.57 -10.31 47.11
CA GLY B 1311 8.90 -9.78 46.80
C GLY B 1311 9.09 -8.31 46.44
N SER B 1312 8.05 -7.48 46.27
CA SER B 1312 8.35 -6.16 45.73
C SER B 1312 7.32 -5.06 46.05
N THR B 1313 7.50 -4.33 47.17
CA THR B 1313 6.76 -3.12 47.56
C THR B 1313 7.29 -1.83 47.05
N GLU B 1314 7.33 -1.62 45.75
CA GLU B 1314 7.85 -0.33 45.37
C GLU B 1314 6.62 0.57 45.38
N MET B 1315 6.78 1.84 45.02
CA MET B 1315 5.70 2.81 45.17
C MET B 1315 5.61 3.71 43.93
N THR B 1316 5.28 3.14 42.77
CA THR B 1316 4.82 3.86 41.58
C THR B 1316 3.66 4.75 41.95
N GLN B 1317 3.44 5.72 41.09
CA GLN B 1317 2.28 6.59 41.12
C GLN B 1317 1.20 6.07 40.20
N ASP B 1318 -0.01 6.58 40.40
CA ASP B 1318 -1.12 6.37 39.48
C ASP B 1318 -2.02 7.58 39.45
N PRO B 1319 -1.57 8.71 38.89
CA PRO B 1319 -2.53 9.65 38.41
C PRO B 1319 -3.61 8.83 37.75
N CYS B 1320 -4.82 9.29 37.97
CA CYS B 1320 -5.99 8.50 37.72
C CYS B 1320 -6.21 7.38 38.74
N GLY B 1321 -6.74 7.81 39.92
CA GLY B 1321 -7.43 7.04 40.95
C GLY B 1321 -8.96 7.00 41.24
N LEU B 1322 -9.72 8.13 41.37
CA LEU B 1322 -11.10 8.03 41.90
C LEU B 1322 -12.25 8.89 41.29
N PHE B 1323 -12.13 10.23 40.96
CA PHE B 1323 -13.37 11.00 40.67
C PHE B 1323 -14.08 10.60 39.39
N GLN B 1324 -13.86 11.36 38.26
CA GLN B 1324 -14.56 11.21 36.94
C GLN B 1324 -14.22 12.21 35.79
N GLU B 1325 -13.21 12.01 34.91
CA GLU B 1325 -13.25 12.47 33.49
C GLU B 1325 -11.88 12.32 32.83
N ALA B 1326 -11.80 12.65 31.52
CA ALA B 1326 -10.98 12.00 30.50
C ALA B 1326 -10.05 12.87 29.60
N TYR B 1327 -8.65 12.26 28.94
CA TYR B 1327 -7.54 12.82 28.04
C TYR B 1327 -7.60 12.23 26.60
N PRO B 1328 -6.82 12.68 25.56
CA PRO B 1328 -6.95 12.11 24.10
C PRO B 1328 -5.94 12.59 23.06
N PRO B 1329 -5.53 11.77 22.03
CA PRO B 1329 -5.13 12.26 20.69
C PRO B 1329 -5.94 12.09 19.36
N LEU B 1330 -5.37 12.63 18.23
CA LEU B 1330 -6.02 12.99 16.91
C LEU B 1330 -6.09 11.89 15.82
N CYS B 1331 -7.30 11.54 15.33
CA CYS B 1331 -7.54 10.32 14.54
C CYS B 1331 -8.35 10.49 13.25
N SER B 1332 -8.72 9.35 12.61
CA SER B 1332 -9.34 9.36 11.27
C SER B 1332 -9.88 8.03 10.71
N SER B 1333 -11.10 7.52 10.96
CA SER B 1333 -11.13 6.08 10.57
C SER B 1333 -12.03 5.62 9.43
N ASP B 1334 -12.05 6.32 8.34
CA ASP B 1334 -11.34 5.75 7.21
C ASP B 1334 -10.13 6.62 7.13
N ALA B 1335 -9.01 6.16 7.63
CA ALA B 1335 -7.94 7.10 7.49
C ALA B 1335 -7.51 7.18 6.05
N ALA B 1336 -8.28 6.57 5.16
CA ALA B 1336 -8.45 7.16 3.85
C ALA B 1336 -8.94 8.58 4.04
N MET B 1337 -8.92 9.01 5.29
CA MET B 1337 -8.71 10.36 5.79
C MET B 1337 -7.48 10.49 6.73
N LEU B 1338 -6.35 9.74 6.54
CA LEU B 1338 -5.12 9.87 7.34
C LEU B 1338 -3.94 10.54 6.64
N ARG B 1339 -3.43 10.02 5.52
CA ARG B 1339 -2.11 10.43 5.11
C ARG B 1339 -2.10 11.05 3.71
N THR B 1340 -1.96 12.37 3.66
CA THR B 1340 -1.27 13.06 2.57
C THR B 1340 -0.22 13.97 3.17
N ALA B 1341 0.55 14.65 2.33
CA ALA B 1341 1.91 15.02 2.73
C ALA B 1341 1.96 16.22 3.67
N HIS B 1342 1.86 16.02 5.00
CA HIS B 1342 2.21 17.14 5.86
C HIS B 1342 3.08 16.94 7.13
N ALA B 1343 2.58 16.35 8.26
CA ALA B 1343 3.23 16.28 9.61
C ALA B 1343 3.33 17.61 10.40
N GLY B 1344 2.20 18.08 11.01
CA GLY B 1344 1.96 19.48 11.51
C GLY B 1344 0.55 19.79 12.09
N GLU B 1345 -0.27 20.70 11.46
CA GLU B 1345 -1.76 20.74 11.59
C GLU B 1345 -2.59 20.53 10.25
N THR B 1346 -3.02 19.23 9.90
CA THR B 1346 -3.65 18.60 8.70
C THR B 1346 -5.14 18.21 8.63
N GLY B 1347 -5.59 17.29 9.49
CA GLY B 1347 -6.97 16.88 9.48
C GLY B 1347 -7.74 17.32 10.70
N ALA B 1348 -8.72 18.21 10.48
CA ALA B 1348 -9.53 18.77 11.57
C ALA B 1348 -11.00 19.01 11.28
N ASP B 1349 -11.49 18.79 10.06
CA ASP B 1349 -12.92 18.93 9.86
C ASP B 1349 -13.56 17.57 9.72
N GLU B 1350 -14.36 17.25 10.71
CA GLU B 1350 -14.25 16.09 11.58
C GLU B 1350 -14.02 14.75 10.87
N VAL B 1351 -13.98 14.73 9.55
CA VAL B 1351 -14.84 13.77 8.88
C VAL B 1351 -14.46 13.76 7.37
N HIS B 1352 -14.39 12.61 6.58
CA HIS B 1352 -14.72 12.69 5.09
C HIS B 1352 -15.87 11.89 4.33
N LEU B 1353 -15.98 10.53 4.22
CA LEU B 1353 -17.29 10.03 3.78
C LEU B 1353 -18.02 9.14 4.80
N ALA B 1354 -17.80 7.80 4.97
CA ALA B 1354 -18.64 7.08 5.95
C ALA B 1354 -17.96 6.03 6.84
N GLN B 1355 -17.41 6.46 7.95
CA GLN B 1355 -16.21 5.93 8.57
C GLN B 1355 -16.19 6.60 9.95
N TYR B 1356 -15.02 6.84 10.60
CA TYR B 1356 -15.08 7.59 11.86
C TYR B 1356 -13.71 8.18 12.28
N LEU B 1357 -13.61 9.52 12.37
CA LEU B 1357 -12.31 10.22 12.23
C LEU B 1357 -11.70 10.88 13.45
N ILE B 1358 -11.60 10.15 14.55
CA ILE B 1358 -11.43 10.59 15.95
C ILE B 1358 -10.35 11.68 16.10
N ARG B 1359 -10.31 12.41 17.24
CA ARG B 1359 -9.14 13.30 17.40
C ARG B 1359 -8.79 13.58 18.89
N ASP B 1360 -8.26 14.78 19.15
CA ASP B 1360 -6.95 15.08 19.73
C ASP B 1360 -7.04 15.97 20.95
N ALA B 1361 -7.04 15.46 22.17
CA ALA B 1361 -6.98 16.48 23.22
C ALA B 1361 -6.31 16.11 24.54
N SER B 1362 -5.38 15.16 24.59
CA SER B 1362 -4.48 14.93 25.73
C SER B 1362 -3.31 15.90 25.49
N PRO B 1363 -2.14 15.74 26.13
CA PRO B 1363 -1.21 16.89 26.17
C PRO B 1363 -0.43 17.40 24.91
N LEU B 1364 0.53 16.66 24.35
CA LEU B 1364 1.70 17.24 23.67
C LEU B 1364 1.36 17.66 22.23
N ARG B 1365 1.45 18.91 21.81
CA ARG B 1365 1.04 19.14 20.41
C ARG B 1365 1.96 18.47 19.40
N GLY B 1366 3.14 19.05 19.17
CA GLY B 1366 3.81 19.02 17.89
C GLY B 1366 5.27 18.61 17.86
N CYS B 1367 5.63 17.58 18.62
CA CYS B 1367 7.03 17.22 18.85
C CYS B 1367 7.61 16.53 17.63
N LEU B 1368 8.79 15.90 17.82
CA LEU B 1368 9.05 14.58 17.23
C LEU B 1368 8.32 14.41 15.90
N PRO B 1369 8.85 14.94 14.80
CA PRO B 1369 8.16 14.78 13.52
C PRO B 1369 7.94 13.32 13.19
N LEU B 1370 6.84 13.03 12.48
CA LEU B 1370 6.36 11.67 12.19
C LEU B 1370 7.49 10.74 11.79
N PRO C 1 12.76 1.60 89.55
CA PRO C 1 14.19 1.80 89.79
C PRO C 1 14.59 3.28 89.78
N ALA C 2 13.95 4.07 90.63
CA ALA C 2 14.24 5.48 90.68
C ALA C 2 15.70 5.72 91.07
N GLY C 3 16.37 6.57 90.28
CA GLY C 3 17.77 6.86 90.52
C GLY C 3 17.98 8.01 91.47
N ILE C 4 16.88 8.56 91.99
CA ILE C 4 16.98 9.72 92.85
C ILE C 4 17.65 9.33 94.18
N ILE C 5 18.24 10.31 94.84
CA ILE C 5 18.87 10.06 96.14
C ILE C 5 17.81 9.59 97.13
N PRO C 6 18.04 8.53 97.88
CA PRO C 6 17.03 8.07 98.85
C PRO C 6 16.78 9.13 99.91
N THR C 7 15.54 9.17 100.39
CA THR C 7 15.18 10.15 101.41
C THR C 7 15.52 9.64 102.81
N GLY C 8 15.08 8.44 103.15
CA GLY C 8 15.33 7.89 104.47
C GLY C 8 15.69 6.42 104.38
N ASN C 9 16.36 5.95 105.43
CA ASN C 9 16.77 4.57 105.53
C ASN C 9 15.68 3.75 106.21
N VAL C 10 15.40 2.58 105.68
CA VAL C 10 14.38 1.70 106.24
C VAL C 10 15.04 0.76 107.24
N LEU C 11 14.56 0.79 108.48
CA LEU C 11 15.14 0.01 109.57
C LEU C 11 14.38 -1.30 109.78
N SER C 12 14.33 -2.13 108.75
CA SER C 12 13.58 -3.38 108.85
C SER C 12 14.15 -4.36 107.83
N THR C 13 14.77 -5.43 108.33
CA THR C 13 15.33 -6.49 107.49
C THR C 13 14.46 -7.71 107.68
N ILE C 14 13.41 -7.82 106.87
CA ILE C 14 12.50 -8.97 106.88
C ILE C 14 12.22 -9.34 105.43
N GLU C 15 11.87 -10.60 105.22
CA GLU C 15 11.58 -11.08 103.87
C GLU C 15 10.29 -10.45 103.37
N VAL C 16 10.42 -9.35 102.63
CA VAL C 16 9.26 -8.66 102.10
C VAL C 16 8.49 -9.52 101.12
N CYS C 17 9.12 -10.57 100.58
CA CYS C 17 8.42 -11.47 99.67
C CYS C 17 7.22 -12.12 100.36
N ALA C 18 7.25 -12.24 101.68
CA ALA C 18 6.12 -12.80 102.40
C ALA C 18 4.90 -11.91 102.27
N HIS C 19 5.05 -10.61 102.50
CA HIS C 19 3.91 -9.69 102.51
C HIS C 19 3.70 -9.03 101.14
N ARG C 20 3.63 -9.85 100.09
CA ARG C 20 3.38 -9.29 98.77
C ARG C 20 1.92 -8.88 98.58
N CYS C 21 1.05 -9.22 99.53
CA CYS C 21 -0.36 -8.85 99.42
C CYS C 21 -0.62 -7.39 99.73
N ILE C 22 0.37 -6.65 100.20
CA ILE C 22 0.20 -5.22 100.42
C ILE C 22 1.11 -4.51 99.41
N PHE C 23 1.13 -3.18 99.47
CA PHE C 23 1.76 -2.33 98.47
C PHE C 23 0.91 -2.36 97.21
N ASP C 24 1.46 -1.89 96.10
CA ASP C 24 0.69 -1.89 94.86
C ASP C 24 1.46 -2.55 93.75
N PHE C 25 2.79 -2.45 93.80
CA PHE C 25 3.64 -2.97 92.74
C PHE C 25 4.82 -3.69 93.39
N PHE C 26 5.17 -4.85 92.85
CA PHE C 26 6.13 -5.73 93.49
C PHE C 26 6.95 -6.44 92.42
N LYS C 27 8.24 -6.10 92.34
CA LYS C 27 9.20 -6.82 91.52
C LYS C 27 10.42 -7.20 92.34
N GLN C 28 10.82 -8.46 92.20
CA GLN C 28 12.04 -8.97 92.79
C GLN C 28 13.00 -9.31 91.67
N ILE C 29 14.16 -8.74 91.70
CA ILE C 29 15.24 -9.15 90.82
C ILE C 29 16.27 -9.89 91.66
N ARG C 30 16.74 -11.03 91.14
CA ARG C 30 17.63 -11.86 91.94
C ARG C 30 18.98 -11.17 92.14
N SER C 31 19.68 -10.87 91.05
CA SER C 31 20.94 -10.15 91.14
C SER C 31 20.89 -8.82 90.42
N ASP C 32 20.49 -8.81 89.15
CA ASP C 32 20.36 -7.59 88.37
C ASP C 32 19.58 -7.92 87.12
N ASP C 33 19.00 -6.90 86.51
CA ASP C 33 18.25 -7.06 85.29
C ASP C 33 18.52 -5.87 84.38
N ASN C 34 18.35 -6.08 83.08
CA ASN C 34 18.50 -4.99 82.13
C ASN C 34 17.27 -4.08 82.11
N SER C 35 16.18 -4.48 82.76
CA SER C 35 15.05 -3.57 82.94
C SER C 35 15.44 -2.37 83.78
N LEU C 36 16.52 -2.48 84.55
CA LEU C 36 17.02 -1.35 85.32
C LEU C 36 17.46 -0.21 84.41
N TYR C 37 17.83 -0.51 83.17
CA TYR C 37 18.49 0.45 82.30
C TYR C 37 17.61 0.71 81.08
N SER C 38 16.81 1.79 81.16
CA SER C 38 15.97 2.24 80.05
C SER C 38 15.59 3.69 80.27
N ALA C 39 16.19 4.59 79.48
CA ALA C 39 16.13 6.03 79.77
C ALA C 39 15.10 6.80 78.95
N GLN C 40 14.03 6.14 78.53
CA GLN C 40 12.98 6.71 77.69
C GLN C 40 12.35 8.00 78.25
N PHE C 41 12.31 9.08 77.47
CA PHE C 41 11.63 10.31 77.90
C PHE C 41 11.12 11.10 76.69
N ASP C 42 10.40 12.21 76.95
CA ASP C 42 9.29 12.61 76.08
C ASP C 42 9.33 14.06 75.59
N ILE C 43 9.79 14.25 74.36
CA ILE C 43 10.29 15.53 73.85
C ILE C 43 9.25 16.57 73.49
N LEU C 44 9.56 17.80 73.90
CA LEU C 44 9.07 19.02 73.28
C LEU C 44 10.17 19.67 72.45
N LEU C 45 9.77 20.53 71.50
CA LEU C 45 10.68 21.38 70.74
C LEU C 45 10.27 22.88 70.69
N GLY C 46 9.38 23.36 71.55
CA GLY C 46 9.58 24.78 71.79
C GLY C 46 8.34 25.60 71.51
N THR C 47 8.53 26.93 71.50
CA THR C 47 7.44 27.84 71.21
C THR C 47 7.51 28.33 69.77
N TYR C 48 6.37 28.32 69.10
CA TYR C 48 6.27 28.89 67.76
C TYR C 48 5.07 29.85 67.69
N CYS C 49 5.29 31.00 67.04
CA CYS C 49 4.50 32.23 67.16
C CYS C 49 4.81 33.26 66.07
N ASN C 50 3.90 34.23 65.91
CA ASN C 50 4.16 35.46 65.19
C ASN C 50 3.42 36.64 65.84
N THR C 51 3.69 37.83 65.35
CA THR C 51 2.88 38.98 65.71
C THR C 51 1.72 39.04 64.74
N LEU C 52 0.53 39.34 65.24
CA LEU C 52 -0.59 39.59 64.36
C LEU C 52 -0.27 40.86 63.59
N ASN C 53 -0.31 40.80 62.26
CA ASN C 53 0.13 41.94 61.46
C ASN C 53 -0.93 43.04 61.52
N PHE C 54 -0.75 43.92 62.50
CA PHE C 54 -1.69 45.01 62.75
C PHE C 54 -1.67 45.97 61.59
N VAL C 55 -2.84 46.25 61.03
CA VAL C 55 -2.97 47.23 59.98
C VAL C 55 -3.73 48.40 60.55
N ARG C 56 -3.10 49.57 60.53
CA ARG C 56 -3.80 50.79 60.86
C ARG C 56 -4.43 51.34 59.60
N PHE C 57 -5.62 51.91 59.74
CA PHE C 57 -6.38 52.29 58.56
C PHE C 57 -5.62 53.31 57.71
N LEU C 58 -4.90 54.22 58.36
CA LEU C 58 -4.26 55.31 57.63
C LEU C 58 -3.16 54.79 56.72
N GLU C 59 -2.36 53.84 57.18
CA GLU C 59 -1.27 53.29 56.39
C GLU C 59 -1.74 52.57 55.14
N LEU C 60 -3.00 52.13 55.11
CA LEU C 60 -3.51 51.57 53.87
C LEU C 60 -3.65 52.67 52.83
N GLY C 61 -3.61 52.27 51.56
CA GLY C 61 -3.77 53.21 50.49
C GLY C 61 -5.21 53.65 50.34
N LEU C 62 -6.11 52.93 51.01
CA LEU C 62 -7.53 53.28 50.93
C LEU C 62 -7.86 54.55 51.68
N SER C 63 -7.03 54.94 52.66
CA SER C 63 -7.35 56.09 53.49
C SER C 63 -7.40 57.39 52.71
N VAL C 64 -6.80 57.42 51.51
CA VAL C 64 -6.80 58.65 50.73
C VAL C 64 -8.19 58.95 50.20
N ALA C 65 -9.08 57.97 50.19
CA ALA C 65 -10.42 58.14 49.63
C ALA C 65 -11.43 58.65 50.64
N CYS C 66 -11.01 58.94 51.87
CA CYS C 66 -11.96 59.41 52.87
C CYS C 66 -11.29 60.40 53.80
N ILE C 67 -12.10 61.29 54.37
CA ILE C 67 -11.66 62.21 55.40
C ILE C 67 -12.28 61.76 56.72
N CYS C 68 -11.47 61.14 57.57
CA CYS C 68 -11.95 60.65 58.85
C CYS C 68 -12.07 61.80 59.84
N THR C 69 -13.12 61.76 60.64
CA THR C 69 -13.34 62.77 61.67
C THR C 69 -14.18 62.15 62.78
N LYS C 70 -13.67 62.23 64.01
CA LYS C 70 -14.42 61.66 65.12
C LYS C 70 -15.49 62.64 65.58
N PHE C 71 -16.54 62.08 66.16
CA PHE C 71 -17.71 62.86 66.53
C PHE C 71 -18.44 62.11 67.63
N PRO C 72 -18.17 62.44 68.90
CA PRO C 72 -18.70 61.61 69.99
C PRO C 72 -20.21 61.48 70.00
N GLU C 73 -20.95 62.54 69.67
CA GLU C 73 -22.41 62.47 69.81
C GLU C 73 -23.09 62.05 68.52
N LEU C 74 -22.59 60.98 67.90
CA LEU C 74 -23.18 60.53 66.65
C LEU C 74 -24.44 59.71 66.88
N ALA C 75 -24.72 59.31 68.12
CA ALA C 75 -25.97 58.65 68.41
C ALA C 75 -27.14 59.61 68.53
N TYR C 76 -26.87 60.93 68.58
CA TYR C 76 -27.91 61.92 68.81
C TYR C 76 -28.39 62.60 67.55
N VAL C 77 -27.58 62.62 66.49
CA VAL C 77 -27.92 63.39 65.30
C VAL C 77 -29.12 62.73 64.62
N ARG C 78 -30.28 63.39 64.70
CA ARG C 78 -31.47 62.87 64.04
C ARG C 78 -31.30 62.90 62.53
N ASP C 79 -30.74 63.98 61.99
CA ASP C 79 -30.52 64.09 60.56
C ASP C 79 -29.47 65.15 60.32
N GLY C 80 -28.32 64.76 59.80
CA GLY C 80 -27.24 65.69 59.46
C GLY C 80 -27.29 65.98 57.96
N VAL C 81 -27.02 67.23 57.61
CA VAL C 81 -27.12 67.66 56.23
C VAL C 81 -25.84 68.36 55.82
N ILE C 82 -25.55 68.32 54.53
CA ILE C 82 -24.45 69.04 53.92
C ILE C 82 -25.02 69.86 52.76
N GLN C 83 -24.35 70.94 52.42
CA GLN C 83 -24.89 71.87 51.44
C GLN C 83 -23.89 72.18 50.34
N PHE C 84 -24.38 72.80 49.27
CA PHE C 84 -23.56 73.17 48.13
C PHE C 84 -24.12 74.41 47.47
N GLU C 85 -23.25 75.25 46.93
CA GLU C 85 -23.65 76.43 46.15
C GLU C 85 -22.69 76.55 44.98
N VAL C 86 -23.12 76.14 43.80
CA VAL C 86 -22.26 76.10 42.61
C VAL C 86 -22.84 77.04 41.57
N GLN C 87 -21.99 77.90 41.01
CA GLN C 87 -22.37 78.78 39.92
C GLN C 87 -21.63 78.38 38.65
N GLN C 88 -22.08 78.93 37.53
CA GLN C 88 -21.57 78.52 36.24
C GLN C 88 -21.21 79.73 35.38
N PRO C 89 -20.22 79.59 34.49
CA PRO C 89 -19.81 80.71 33.63
C PRO C 89 -20.74 80.93 32.46
N MET C 90 -20.41 81.88 31.58
CA MET C 90 -21.30 82.25 30.49
C MET C 90 -20.50 82.61 29.25
N ILE C 91 -21.10 82.36 28.09
CA ILE C 91 -20.63 82.87 26.81
C ILE C 91 -21.63 83.88 26.29
N ALA C 92 -21.15 85.05 25.88
CA ALA C 92 -22.00 86.05 25.24
C ALA C 92 -21.89 85.91 23.73
N ARG C 93 -23.03 85.77 23.06
CA ARG C 93 -23.07 85.63 21.62
C ARG C 93 -24.09 86.59 21.03
N ASP C 94 -24.19 86.58 19.71
CA ASP C 94 -25.12 87.43 18.98
C ASP C 94 -25.99 86.58 18.07
N GLY C 95 -26.72 87.24 17.19
CA GLY C 95 -27.58 86.56 16.25
C GLY C 95 -28.94 86.32 16.85
N PRO C 96 -29.74 85.49 16.19
CA PRO C 96 -31.10 85.21 16.63
C PRO C 96 -31.16 84.21 17.79
N HIS C 97 -30.32 84.42 18.78
CA HIS C 97 -30.23 83.57 19.94
C HIS C 97 -30.75 84.32 21.16
N PRO C 98 -31.55 83.69 22.01
CA PRO C 98 -31.97 84.35 23.24
C PRO C 98 -30.76 84.72 24.07
N VAL C 99 -30.77 85.92 24.63
CA VAL C 99 -29.69 86.33 25.51
C VAL C 99 -29.78 85.51 26.78
N ASP C 100 -28.68 84.86 27.14
CA ASP C 100 -28.68 83.97 28.29
C ASP C 100 -28.30 84.74 29.55
N GLN C 101 -28.83 84.28 30.67
CA GLN C 101 -28.60 84.86 31.98
C GLN C 101 -28.04 83.79 32.90
N PRO C 102 -27.10 84.16 33.78
CA PRO C 102 -26.35 83.14 34.51
C PRO C 102 -27.21 82.39 35.50
N VAL C 103 -26.74 81.19 35.86
CA VAL C 103 -27.49 80.27 36.69
C VAL C 103 -26.68 79.96 37.95
N HIS C 104 -27.39 79.79 39.07
CA HIS C 104 -26.83 79.27 40.29
C HIS C 104 -27.52 77.96 40.64
N ASN C 105 -26.75 77.03 41.21
CA ASN C 105 -27.29 75.75 41.62
C ASN C 105 -27.06 75.55 43.11
N TYR C 106 -28.07 75.00 43.78
CA TYR C 106 -28.01 74.67 45.19
C TYR C 106 -28.29 73.20 45.36
N MET C 107 -27.48 72.52 46.16
CA MET C 107 -27.64 71.10 46.40
C MET C 107 -27.60 70.84 47.90
N VAL C 108 -28.33 69.82 48.34
CA VAL C 108 -28.34 69.41 49.74
C VAL C 108 -28.26 67.90 49.81
N LYS C 109 -27.30 67.38 50.57
CA LYS C 109 -27.14 65.95 50.78
C LYS C 109 -27.19 65.66 52.28
N ARG C 110 -27.72 64.49 52.61
CA ARG C 110 -27.96 64.10 53.99
C ARG C 110 -27.08 62.93 54.37
N ILE C 111 -26.70 62.87 55.64
CA ILE C 111 -25.79 61.84 56.09
C ILE C 111 -26.52 60.51 56.24
N HIS C 112 -25.76 59.42 56.13
CA HIS C 112 -26.28 58.07 56.26
C HIS C 112 -25.54 57.38 57.39
N LYS C 113 -26.27 56.65 58.22
CA LYS C 113 -25.71 56.11 59.46
C LYS C 113 -25.44 54.62 59.34
N ARG C 114 -24.26 54.21 59.82
CA ARG C 114 -23.91 52.81 59.95
C ARG C 114 -23.24 52.63 61.30
N SER C 115 -22.80 51.42 61.59
CA SER C 115 -22.10 51.14 62.83
C SER C 115 -21.29 49.85 62.71
N LEU C 116 -20.41 49.64 63.67
CA LEU C 116 -19.53 48.47 63.71
C LEU C 116 -19.51 47.88 65.10
N SER C 117 -19.51 46.55 65.19
CA SER C 117 -19.47 45.86 66.47
C SER C 117 -18.56 44.65 66.40
N ALA C 118 -18.15 44.18 67.57
CA ALA C 118 -17.38 42.95 67.68
C ALA C 118 -17.61 42.38 69.07
N ALA C 119 -17.43 41.07 69.19
CA ALA C 119 -17.71 40.36 70.43
C ALA C 119 -16.42 39.91 71.09
N PHE C 120 -16.54 39.57 72.36
CA PHE C 120 -15.37 39.35 73.20
C PHE C 120 -15.83 38.60 74.44
N ALA C 121 -15.38 37.36 74.61
CA ALA C 121 -15.86 36.54 75.70
C ALA C 121 -14.73 36.13 76.63
N ILE C 122 -15.08 35.89 77.89
CA ILE C 122 -14.19 35.26 78.86
C ILE C 122 -14.97 34.16 79.55
N ALA C 123 -14.33 33.00 79.70
CA ALA C 123 -14.99 31.83 80.26
C ALA C 123 -15.13 31.95 81.76
N SER C 124 -16.05 31.16 82.33
CA SER C 124 -16.33 31.25 83.77
C SER C 124 -15.10 30.93 84.59
N GLU C 125 -14.31 29.96 84.13
CA GLU C 125 -13.06 29.64 84.80
C GLU C 125 -12.19 30.88 84.95
N ALA C 126 -11.95 31.56 83.83
CA ALA C 126 -11.10 32.74 83.83
C ALA C 126 -11.73 33.88 84.63
N LEU C 127 -13.04 34.03 84.52
CA LEU C 127 -13.71 35.10 85.26
C LEU C 127 -13.56 34.90 86.75
N SER C 128 -13.73 33.67 87.22
CA SER C 128 -13.58 33.39 88.64
C SER C 128 -12.13 33.60 89.07
N LEU C 129 -11.16 33.21 88.23
CA LEU C 129 -9.78 33.47 88.58
C LEU C 129 -9.51 34.97 88.70
N LEU C 130 -10.04 35.76 87.76
CA LEU C 130 -9.76 37.19 87.76
C LEU C 130 -10.44 37.92 88.92
N SER C 131 -11.63 37.48 89.30
CA SER C 131 -12.36 38.19 90.35
C SER C 131 -11.69 38.03 91.71
N ASN C 132 -10.71 37.15 91.85
CA ASN C 132 -9.97 36.97 93.10
C ASN C 132 -10.92 36.61 94.24
N THR C 133 -11.83 35.68 93.96
CA THR C 133 -12.76 35.22 94.98
C THR C 133 -12.22 33.99 95.70
N TYR C 134 -11.66 33.04 94.95
CA TYR C 134 -11.24 31.75 95.47
C TYR C 134 -9.73 31.57 95.42
N VAL C 135 -8.98 32.64 95.69
CA VAL C 135 -7.53 32.53 95.72
C VAL C 135 -7.12 31.81 97.01
N ASP C 136 -6.18 30.88 96.89
CA ASP C 136 -5.64 30.17 98.03
C ASP C 136 -4.29 30.72 98.47
N GLY C 137 -3.80 31.77 97.83
CA GLY C 137 -2.52 32.33 98.21
C GLY C 137 -1.36 31.39 97.97
N THR C 138 -1.38 30.65 96.87
CA THR C 138 -0.31 29.74 96.52
C THR C 138 0.11 30.01 95.08
N GLU C 139 1.35 29.60 94.76
CA GLU C 139 1.88 29.83 93.43
C GLU C 139 1.06 29.16 92.34
N ILE C 140 0.46 28.01 92.62
CA ILE C 140 -0.19 27.23 91.57
C ILE C 140 -1.35 28.00 90.95
N ASP C 141 -2.01 28.87 91.72
CA ASP C 141 -3.06 29.70 91.14
C ASP C 141 -2.54 31.00 90.54
N SER C 142 -1.36 31.46 90.95
CA SER C 142 -0.80 32.63 90.29
C SER C 142 -0.54 32.36 88.82
N SER C 143 -0.05 31.17 88.49
CA SER C 143 0.17 30.82 87.10
C SER C 143 -1.13 30.78 86.33
N LEU C 144 -2.18 30.21 86.91
CA LEU C 144 -3.47 30.16 86.22
C LEU C 144 -4.04 31.55 86.02
N ARG C 145 -3.93 32.41 87.03
CA ARG C 145 -4.44 33.77 86.88
C ARG C 145 -3.67 34.52 85.81
N ILE C 146 -2.36 34.33 85.75
CA ILE C 146 -1.57 34.97 84.71
C ILE C 146 -1.98 34.46 83.33
N ARG C 147 -2.26 33.15 83.23
CA ARG C 147 -2.73 32.61 81.96
C ARG C 147 -4.07 33.23 81.56
N ALA C 148 -4.98 33.40 82.52
CA ALA C 148 -6.27 34.02 82.23
C ALA C 148 -6.08 35.46 81.76
N ILE C 149 -5.19 36.20 82.42
CA ILE C 149 -4.92 37.57 82.00
C ILE C 149 -4.34 37.60 80.59
N GLN C 150 -3.42 36.68 80.30
CA GLN C 150 -2.84 36.64 78.96
C GLN C 150 -3.87 36.30 77.91
N GLN C 151 -4.85 35.47 78.25
CA GLN C 151 -5.91 35.18 77.29
C GLN C 151 -6.81 36.38 77.07
N MET C 152 -7.19 37.06 78.16
CA MET C 152 -7.90 38.32 78.05
C MET C 152 -7.16 39.27 77.12
N ALA C 153 -5.84 39.35 77.27
CA ALA C 153 -5.04 40.20 76.39
C ALA C 153 -5.10 39.75 74.95
N ARG C 154 -4.80 38.48 74.71
CA ARG C 154 -4.67 37.98 73.36
C ARG C 154 -6.01 38.05 72.64
N ASN C 155 -7.08 38.27 73.39
CA ASN C 155 -8.39 38.48 72.77
C ASN C 155 -8.71 39.96 72.58
N LEU C 156 -8.61 40.75 73.67
CA LEU C 156 -8.95 42.16 73.63
C LEU C 156 -8.11 42.91 72.59
N ARG C 157 -6.85 42.49 72.46
CA ARG C 157 -6.07 42.90 71.31
C ARG C 157 -6.89 43.00 70.07
N THR C 158 -7.35 41.86 69.62
CA THR C 158 -7.70 41.84 68.23
C THR C 158 -9.14 42.20 68.06
N VAL C 159 -9.92 42.09 69.13
CA VAL C 159 -11.25 42.66 69.07
C VAL C 159 -11.16 44.18 68.91
N LEU C 160 -10.07 44.81 69.36
CA LEU C 160 -10.00 46.24 69.12
C LEU C 160 -9.24 46.57 67.82
N ASP C 161 -8.24 45.76 67.46
CA ASP C 161 -7.62 45.90 66.13
C ASP C 161 -8.65 45.73 65.03
N SER C 162 -9.73 45.02 65.35
CA SER C 162 -10.74 44.68 64.37
C SER C 162 -11.42 45.92 63.79
N PHE C 163 -11.70 46.93 64.60
CA PHE C 163 -12.38 48.11 64.07
C PHE C 163 -11.54 48.82 63.01
N GLU C 164 -10.24 48.99 63.28
CA GLU C 164 -9.39 49.58 62.25
C GLU C 164 -9.36 48.71 61.02
N ARG C 165 -9.27 47.40 61.18
CA ARG C 165 -9.21 46.60 59.96
C ARG C 165 -10.58 46.47 59.30
N GLY C 166 -11.63 46.95 59.95
CA GLY C 166 -12.97 46.87 59.39
C GLY C 166 -13.46 48.12 58.69
N THR C 167 -12.91 49.27 59.09
CA THR C 167 -13.24 50.50 58.38
C THR C 167 -12.92 50.38 56.89
N ALA C 168 -11.83 49.69 56.55
CA ALA C 168 -11.50 49.49 55.14
C ALA C 168 -12.59 48.71 54.43
N ASP C 169 -13.12 47.67 55.09
CA ASP C 169 -14.19 46.91 54.47
C ASP C 169 -15.43 47.76 54.27
N GLN C 170 -15.75 48.60 55.25
CA GLN C 170 -16.88 49.51 55.09
C GLN C 170 -16.69 50.44 53.89
N LEU C 171 -15.50 51.01 53.76
CA LEU C 171 -15.26 51.91 52.64
C LEU C 171 -15.37 51.18 51.31
N LEU C 172 -14.83 49.97 51.22
CA LEU C 172 -15.01 49.22 49.98
C LEU C 172 -16.47 48.97 49.70
N GLY C 173 -17.24 48.60 50.72
CA GLY C 173 -18.66 48.35 50.50
C GLY C 173 -19.37 49.57 49.94
N VAL C 174 -19.15 50.73 50.56
CA VAL C 174 -19.86 51.93 50.11
C VAL C 174 -19.38 52.35 48.73
N LEU C 175 -18.09 52.23 48.46
CA LEU C 175 -17.59 52.66 47.16
C LEU C 175 -18.08 51.75 46.04
N LEU C 176 -18.11 50.44 46.27
CA LEU C 176 -18.71 49.55 45.29
C LEU C 176 -20.17 49.87 45.06
N GLU C 177 -20.93 50.13 46.13
CA GLU C 177 -22.33 50.48 45.94
C GLU C 177 -22.48 51.80 45.20
N LYS C 178 -21.49 52.68 45.27
CA LYS C 178 -21.60 54.05 44.76
C LYS C 178 -21.32 54.18 43.27
N ALA C 179 -20.47 53.34 42.69
CA ALA C 179 -19.86 53.63 41.41
C ALA C 179 -20.69 53.10 40.25
N PRO C 180 -21.07 53.96 39.30
CA PRO C 180 -21.64 53.47 38.04
C PRO C 180 -20.56 52.84 37.18
N PRO C 181 -20.92 51.90 36.31
CA PRO C 181 -19.90 51.22 35.50
C PRO C 181 -19.22 52.18 34.53
N LEU C 182 -17.93 51.90 34.28
CA LEU C 182 -17.18 52.69 33.31
C LEU C 182 -17.78 52.60 31.93
N SER C 183 -18.22 51.41 31.52
CA SER C 183 -18.69 51.21 30.15
C SER C 183 -19.88 52.10 29.83
N LEU C 184 -20.57 52.61 30.84
CA LEU C 184 -21.68 53.53 30.61
C LEU C 184 -21.35 54.96 30.98
N LEU C 185 -20.42 55.18 31.91
CA LEU C 185 -20.07 56.55 32.27
C LEU C 185 -19.20 57.19 31.21
N SER C 186 -18.28 56.43 30.63
CA SER C 186 -17.35 57.02 29.67
C SER C 186 -18.04 57.62 28.45
N PRO C 187 -18.90 56.91 27.71
CA PRO C 187 -19.53 57.54 26.55
C PRO C 187 -20.47 58.68 26.91
N ILE C 188 -21.00 58.71 28.13
CA ILE C 188 -21.91 59.78 28.51
C ILE C 188 -21.16 61.10 28.56
N ASN C 189 -19.99 61.13 29.20
CA ASN C 189 -19.30 62.39 29.41
C ASN C 189 -18.38 62.79 28.26
N LYS C 190 -18.00 61.87 27.38
CA LYS C 190 -17.21 62.23 26.21
C LYS C 190 -18.08 62.62 25.02
N PHE C 191 -18.95 61.72 24.55
CA PHE C 191 -19.73 62.00 23.36
C PHE C 191 -20.81 63.05 23.58
N GLN C 192 -21.13 63.38 24.82
CA GLN C 192 -22.20 64.34 25.08
C GLN C 192 -21.65 65.56 25.83
N PRO C 193 -21.65 66.74 25.22
CA PRO C 193 -21.03 67.91 25.87
C PRO C 193 -21.68 68.43 27.14
N GLU C 194 -22.94 68.87 27.06
CA GLU C 194 -23.51 69.69 28.13
C GLU C 194 -24.73 69.07 28.82
N GLY C 195 -25.80 68.81 28.09
CA GLY C 195 -26.98 68.20 28.65
C GLY C 195 -28.23 68.68 27.94
N HIS C 196 -29.37 68.09 28.33
CA HIS C 196 -30.67 68.43 27.78
C HIS C 196 -30.71 68.22 26.27
N LEU C 197 -30.58 66.95 25.88
CA LEU C 197 -30.46 66.61 24.47
C LEU C 197 -31.83 66.38 23.84
N ASN C 198 -31.88 66.52 22.52
CA ASN C 198 -33.06 66.17 21.77
C ASN C 198 -33.11 64.66 21.57
N ARG C 199 -34.18 64.20 20.91
CA ARG C 199 -34.39 62.77 20.75
C ARG C 199 -33.27 62.12 19.96
N VAL C 200 -32.90 62.71 18.83
CA VAL C 200 -31.99 62.06 17.90
C VAL C 200 -30.62 61.84 18.54
N ALA C 201 -30.11 62.88 19.21
CA ALA C 201 -28.81 62.74 19.88
C ALA C 201 -28.87 61.65 20.94
N ARG C 202 -29.97 61.59 21.69
CA ARG C 202 -30.10 60.55 22.71
C ARG C 202 -30.11 59.17 22.09
N ALA C 203 -30.82 58.98 20.98
CA ALA C 203 -30.85 57.66 20.34
C ALA C 203 -29.48 57.26 19.84
N ALA C 204 -28.77 58.19 19.17
CA ALA C 204 -27.44 57.87 18.68
C ALA C 204 -26.50 57.53 19.83
N LEU C 205 -26.57 58.32 20.91
CA LEU C 205 -25.77 58.03 22.09
C LEU C 205 -26.11 56.66 22.66
N LEU C 206 -27.38 56.30 22.64
CA LEU C 206 -27.82 55.02 23.19
C LEU C 206 -27.24 53.87 22.39
N SER C 207 -27.31 53.94 21.06
CA SER C 207 -26.74 52.87 20.24
C SER C 207 -25.24 52.78 20.44
N ASP C 208 -24.56 53.92 20.49
CA ASP C 208 -23.12 53.90 20.73
C ASP C 208 -22.81 53.28 22.08
N LEU C 209 -23.60 53.60 23.10
CA LEU C 209 -23.40 53.06 24.43
C LEU C 209 -23.59 51.55 24.46
N LYS C 210 -24.62 51.06 23.78
CA LYS C 210 -24.84 49.62 23.71
C LYS C 210 -23.66 48.92 23.06
N ARG C 211 -23.16 49.48 21.96
CA ARG C 211 -22.00 48.89 21.31
C ARG C 211 -20.80 48.87 22.27
N ARG C 212 -20.59 49.97 22.98
CA ARG C 212 -19.44 50.06 23.87
C ARG C 212 -19.53 49.03 24.99
N VAL C 213 -20.71 48.88 25.60
CA VAL C 213 -20.83 47.93 26.69
C VAL C 213 -20.74 46.50 26.21
N CYS C 214 -21.18 46.23 24.97
CA CYS C 214 -20.98 44.88 24.44
C CYS C 214 -19.52 44.60 24.16
N ALA C 215 -18.75 45.62 23.77
CA ALA C 215 -17.34 45.41 23.47
C ALA C 215 -16.48 45.43 24.73
N ASP C 216 -16.55 46.54 25.48
CA ASP C 216 -15.66 46.77 26.62
C ASP C 216 -16.25 46.10 27.86
N MET C 217 -16.07 44.78 27.95
CA MET C 217 -16.66 43.99 29.01
C MET C 217 -15.67 43.24 29.89
N PHE C 218 -14.76 42.49 29.30
CA PHE C 218 -13.81 41.67 30.04
C PHE C 218 -12.40 42.08 29.70
N PHE C 219 -12.18 43.39 29.79
CA PHE C 219 -11.11 43.99 29.01
C PHE C 219 -9.75 43.44 29.41
N MET C 220 -9.61 43.01 30.66
CA MET C 220 -8.37 42.49 31.24
C MET C 220 -8.06 41.06 30.84
N THR C 221 -8.99 40.33 30.26
CA THR C 221 -8.72 38.98 29.82
C THR C 221 -8.86 38.81 28.32
N ARG C 222 -9.46 39.76 27.63
CA ARG C 222 -9.55 39.70 26.18
C ARG C 222 -8.31 40.30 25.53
N HIS C 223 -8.01 41.55 25.84
CA HIS C 223 -6.83 42.22 25.32
C HIS C 223 -5.67 42.12 26.30
N ALA C 224 -5.38 40.89 26.74
CA ALA C 224 -4.28 40.68 27.65
C ALA C 224 -2.93 40.79 26.96
N ARG C 225 -2.91 40.69 25.63
CA ARG C 225 -1.65 40.66 24.89
C ARG C 225 -1.19 42.04 24.43
N GLU C 226 -1.93 43.10 24.71
CA GLU C 226 -1.52 44.44 24.27
C GLU C 226 -1.31 45.34 25.48
N PRO C 227 -0.11 45.39 26.05
CA PRO C 227 0.14 46.25 27.20
C PRO C 227 -0.07 47.74 26.92
N ARG C 228 0.15 48.21 25.70
CA ARG C 228 0.05 49.65 25.45
C ARG C 228 -1.40 50.12 25.43
N LEU C 229 -2.32 49.31 24.92
CA LEU C 229 -3.71 49.71 24.88
C LEU C 229 -4.33 49.64 26.27
N ILE C 230 -3.80 48.77 27.12
CA ILE C 230 -4.25 48.70 28.51
C ILE C 230 -4.04 50.03 29.20
N SER C 231 -2.81 50.55 29.12
CA SER C 231 -2.54 51.89 29.63
C SER C 231 -3.34 52.94 28.90
N ALA C 232 -3.80 52.64 27.68
CA ALA C 232 -4.54 53.61 26.90
C ALA C 232 -5.96 53.82 27.39
N TYR C 233 -6.59 52.81 28.00
CA TYR C 233 -7.91 53.10 28.55
C TYR C 233 -7.91 53.23 30.07
N LEU C 234 -6.88 52.74 30.76
CA LEU C 234 -6.79 53.09 32.18
C LEU C 234 -6.76 54.61 32.34
N SER C 235 -5.99 55.29 31.50
CA SER C 235 -5.98 56.74 31.52
C SER C 235 -7.34 57.32 31.20
N ASP C 236 -8.13 56.63 30.37
CA ASP C 236 -9.50 57.08 30.14
C ASP C 236 -10.35 56.93 31.39
N MET C 237 -10.16 55.84 32.12
CA MET C 237 -10.92 55.63 33.34
C MET C 237 -10.57 56.68 34.39
N VAL C 238 -9.29 57.01 34.54
CA VAL C 238 -8.88 57.98 35.55
C VAL C 238 -9.41 59.36 35.21
N SER C 239 -9.41 59.72 33.93
CA SER C 239 -9.83 61.06 33.52
C SER C 239 -11.30 61.13 33.19
N CYS C 240 -12.13 60.24 33.74
CA CYS C 240 -13.56 60.26 33.50
C CYS C 240 -14.39 60.59 34.74
N THR C 241 -13.75 60.74 35.90
CA THR C 241 -14.45 61.07 37.13
C THR C 241 -14.22 62.53 37.50
N GLN C 242 -15.24 63.15 38.03
CA GLN C 242 -15.03 64.54 38.43
C GLN C 242 -14.34 64.60 39.79
N PRO C 243 -13.52 65.63 40.02
CA PRO C 243 -12.89 65.78 41.33
C PRO C 243 -13.88 66.19 42.41
N SER C 244 -13.42 66.22 43.64
CA SER C 244 -14.24 66.56 44.79
C SER C 244 -13.61 67.74 45.52
N VAL C 245 -14.15 68.05 46.69
CA VAL C 245 -13.78 69.28 47.38
C VAL C 245 -12.27 69.31 47.65
N MET C 246 -11.72 70.53 47.70
CA MET C 246 -10.29 70.73 47.85
C MET C 246 -9.95 71.29 49.22
N VAL C 247 -10.68 70.88 50.27
CA VAL C 247 -10.43 71.36 51.63
C VAL C 247 -9.53 70.34 52.33
N SER C 248 -8.39 70.81 52.82
CA SER C 248 -7.41 69.95 53.48
C SER C 248 -6.28 70.83 53.98
N ARG C 249 -5.48 70.27 54.88
CA ARG C 249 -4.23 70.88 55.33
C ARG C 249 -3.03 70.03 54.98
N ILE C 250 -3.04 68.75 55.33
CA ILE C 250 -1.98 67.81 55.00
C ILE C 250 -2.61 66.63 54.27
N THR C 251 -2.00 66.24 53.16
CA THR C 251 -2.58 65.25 52.28
C THR C 251 -1.57 64.14 52.00
N HIS C 252 -2.03 63.12 51.28
CA HIS C 252 -1.18 62.01 50.89
C HIS C 252 -0.27 62.46 49.74
N THR C 253 1.04 62.39 49.96
CA THR C 253 2.01 62.80 48.95
C THR C 253 3.09 61.74 48.84
N ASN C 254 3.85 61.81 47.76
CA ASN C 254 5.00 60.94 47.57
C ASN C 254 6.23 61.61 48.20
N THR C 255 7.39 60.97 48.05
CA THR C 255 8.61 61.51 48.66
C THR C 255 8.99 62.85 48.04
N ARG C 256 8.82 63.01 46.74
CA ARG C 256 9.15 64.28 46.10
C ARG C 256 8.31 65.41 46.66
N GLY C 257 7.02 65.16 46.86
CA GLY C 257 6.12 66.17 47.39
C GLY C 257 4.85 66.32 46.57
N ARG C 258 4.79 65.63 45.43
CA ARG C 258 3.63 65.71 44.57
C ARG C 258 2.43 65.05 45.24
N GLN C 259 1.30 65.73 45.24
CA GLN C 259 0.10 65.21 45.88
C GLN C 259 -0.52 64.11 45.03
N VAL C 260 -1.04 63.08 45.69
CA VAL C 260 -1.71 62.01 44.95
C VAL C 260 -3.11 62.46 44.59
N ASP C 261 -3.75 61.70 43.70
CA ASP C 261 -5.03 62.09 43.16
C ASP C 261 -6.10 61.02 43.22
N GLY C 262 -5.82 59.86 43.80
CA GLY C 262 -6.83 58.84 43.90
C GLY C 262 -6.24 57.50 44.29
N VAL C 263 -7.14 56.53 44.42
CA VAL C 263 -6.79 55.17 44.79
C VAL C 263 -7.48 54.22 43.82
N LEU C 264 -6.77 53.17 43.41
CA LEU C 264 -7.25 52.25 42.40
C LEU C 264 -7.16 50.84 42.96
N VAL C 265 -8.30 50.29 43.37
CA VAL C 265 -8.36 49.02 44.09
C VAL C 265 -8.54 47.88 43.10
N THR C 266 -7.79 46.80 43.29
CA THR C 266 -7.81 45.67 42.38
C THR C 266 -7.86 44.38 43.17
N THR C 267 -7.74 43.27 42.45
CA THR C 267 -7.39 41.98 43.02
C THR C 267 -5.91 41.72 42.76
N ALA C 268 -5.30 40.92 43.65
CA ALA C 268 -3.85 40.74 43.60
C ALA C 268 -3.37 40.35 42.21
N THR C 269 -4.09 39.45 41.54
CA THR C 269 -3.71 39.07 40.17
C THR C 269 -3.72 40.28 39.26
N LEU C 270 -4.78 41.09 39.36
CA LEU C 270 -4.86 42.30 38.55
C LEU C 270 -3.73 43.27 38.89
N LYS C 271 -3.46 43.47 40.18
CA LYS C 271 -2.36 44.36 40.55
C LYS C 271 -1.07 43.91 39.91
N ARG C 272 -0.82 42.62 39.90
CA ARG C 272 0.42 42.14 39.32
C ARG C 272 0.44 42.31 37.81
N GLN C 273 -0.69 42.06 37.13
CA GLN C 273 -0.70 42.26 35.69
C GLN C 273 -0.44 43.72 35.34
N LEU C 274 -1.02 44.65 36.08
CA LEU C 274 -0.74 46.06 35.84
C LEU C 274 0.71 46.41 36.14
N LEU C 275 1.27 45.88 37.22
CA LEU C 275 2.64 46.25 37.56
C LEU C 275 3.67 45.61 36.64
N GLN C 276 3.34 44.50 36.00
CA GLN C 276 4.37 43.76 35.26
C GLN C 276 4.92 44.58 34.11
N GLY C 277 4.07 45.01 33.19
CA GLY C 277 4.57 45.74 32.05
C GLY C 277 3.70 46.88 31.56
N ILE C 278 2.58 47.14 32.23
CA ILE C 278 1.60 48.07 31.70
C ILE C 278 1.82 49.46 32.26
N LEU C 279 1.66 49.61 33.57
CA LEU C 279 1.85 50.89 34.23
C LEU C 279 3.29 51.02 34.71
N GLN C 280 3.75 52.25 34.82
CA GLN C 280 5.11 52.53 35.23
C GLN C 280 5.12 53.06 36.66
N ILE C 281 6.00 52.48 37.48
CA ILE C 281 6.09 52.89 38.88
C ILE C 281 6.58 54.33 38.96
N ASP C 282 5.98 55.09 39.87
CA ASP C 282 6.44 56.45 40.15
C ASP C 282 7.23 56.54 41.44
N ASP C 283 6.77 55.86 42.49
CA ASP C 283 7.48 55.84 43.76
C ASP C 283 7.00 54.64 44.55
N THR C 284 7.89 54.12 45.40
CA THR C 284 7.58 52.96 46.22
C THR C 284 7.31 53.31 47.67
N ALA C 285 7.36 54.59 48.02
CA ALA C 285 7.06 55.05 49.37
C ALA C 285 6.11 56.23 49.28
N ALA C 286 5.42 56.51 50.38
CA ALA C 286 4.41 57.56 50.38
C ALA C 286 4.42 58.28 51.71
N ASP C 287 3.93 59.52 51.70
CA ASP C 287 3.74 60.31 52.90
C ASP C 287 2.26 60.28 53.26
N VAL C 288 1.96 59.83 54.47
CA VAL C 288 0.58 59.58 54.88
C VAL C 288 0.28 60.36 56.15
N PRO C 289 -0.84 61.07 56.22
CA PRO C 289 -1.19 61.78 57.44
C PRO C 289 -1.38 60.82 58.59
N VAL C 290 -1.00 61.27 59.79
CA VAL C 290 -1.04 60.45 60.99
C VAL C 290 -1.91 61.05 62.08
N THR C 291 -2.99 61.73 61.72
CA THR C 291 -3.95 62.25 62.69
C THR C 291 -5.30 62.43 62.02
N TYR C 292 -6.36 62.30 62.82
CA TYR C 292 -7.71 62.46 62.28
C TYR C 292 -8.08 63.92 62.12
N GLY C 293 -8.10 64.65 63.23
CA GLY C 293 -8.66 65.99 63.24
C GLY C 293 -10.08 65.91 63.74
N GLU C 294 -10.29 66.25 65.00
CA GLU C 294 -11.57 66.06 65.65
C GLU C 294 -12.36 67.36 65.67
N MET C 295 -13.60 67.24 66.13
CA MET C 295 -14.42 68.41 66.39
C MET C 295 -15.42 68.04 67.47
N VAL C 296 -15.68 68.98 68.37
CA VAL C 296 -16.59 68.78 69.48
C VAL C 296 -17.47 70.01 69.61
N LEU C 297 -18.75 69.77 69.90
CA LEU C 297 -19.69 70.85 70.09
C LEU C 297 -19.53 71.40 71.51
N GLN C 298 -19.39 72.71 71.62
CA GLN C 298 -19.15 73.33 72.91
C GLN C 298 -19.57 74.79 72.84
N GLY C 299 -19.78 75.38 74.02
CA GLY C 299 -20.18 76.77 74.10
C GLY C 299 -21.51 77.04 73.43
N THR C 300 -21.51 78.02 72.52
CA THR C 300 -22.76 78.40 71.87
C THR C 300 -23.36 77.25 71.06
N ASN C 301 -22.52 76.40 70.48
CA ASN C 301 -23.02 75.22 69.79
C ASN C 301 -23.77 74.32 70.76
N LEU C 302 -23.19 74.08 71.94
CA LEU C 302 -23.84 73.24 72.94
C LEU C 302 -25.16 73.86 73.38
N VAL C 303 -25.17 75.18 73.60
CA VAL C 303 -26.41 75.84 74.02
C VAL C 303 -27.49 75.67 72.96
N THR C 304 -27.12 75.88 71.69
CA THR C 304 -28.09 75.74 70.62
C THR C 304 -28.60 74.31 70.53
N ALA C 305 -27.71 73.33 70.66
CA ALA C 305 -28.12 71.94 70.60
C ALA C 305 -29.08 71.59 71.73
N LEU C 306 -28.81 72.09 72.94
CA LEU C 306 -29.65 71.75 74.08
C LEU C 306 -31.00 72.45 74.02
N VAL C 307 -31.05 73.69 73.56
CA VAL C 307 -32.30 74.46 73.63
C VAL C 307 -33.06 74.35 72.31
N MET C 308 -32.46 74.87 71.24
CA MET C 308 -33.15 74.90 69.96
C MET C 308 -33.24 73.52 69.33
N GLY C 309 -32.21 72.71 69.49
CA GLY C 309 -32.14 71.41 68.85
C GLY C 309 -31.36 71.38 67.55
N LYS C 310 -30.56 72.40 67.28
CA LYS C 310 -29.79 72.47 66.05
C LYS C 310 -28.36 72.89 66.38
N ALA C 311 -27.47 72.67 65.44
CA ALA C 311 -26.09 73.14 65.56
C ALA C 311 -25.46 73.13 64.18
N VAL C 312 -24.34 73.84 64.04
CA VAL C 312 -23.58 73.85 62.81
C VAL C 312 -22.11 73.69 63.16
N ARG C 313 -21.31 73.29 62.17
CA ARG C 313 -19.87 73.24 62.37
C ARG C 313 -19.30 74.65 62.40
N ASN C 352 3.57 64.10 59.40
CA ASN C 352 3.38 63.02 58.45
C ASN C 352 4.31 61.87 58.78
N ALA C 353 4.02 60.71 58.21
CA ALA C 353 4.82 59.51 58.46
C ALA C 353 5.09 58.80 57.14
N ARG C 354 6.29 58.21 57.05
CA ARG C 354 6.66 57.44 55.88
C ARG C 354 5.99 56.07 55.94
N VAL C 355 5.43 55.65 54.81
CA VAL C 355 4.72 54.38 54.75
C VAL C 355 5.04 53.69 53.42
N PRO C 356 5.35 52.40 53.43
CA PRO C 356 5.65 51.68 52.19
C PRO C 356 4.37 51.32 51.44
N ALA C 357 4.21 51.91 50.26
CA ALA C 357 3.11 51.57 49.37
C ALA C 357 3.52 51.92 47.96
N ASP C 358 2.89 51.28 46.98
CA ASP C 358 3.25 51.47 45.59
C ASP C 358 2.35 52.50 44.91
N LEU C 359 2.96 53.42 44.19
CA LEU C 359 2.26 54.52 43.54
C LEU C 359 2.61 54.49 42.06
N VAL C 360 1.60 54.38 41.22
CA VAL C 360 1.79 54.28 39.78
C VAL C 360 1.23 55.54 39.14
N ILE C 361 1.99 56.10 38.19
CA ILE C 361 1.51 57.27 37.47
C ILE C 361 0.79 56.81 36.22
N VAL C 362 -0.46 57.22 36.09
CA VAL C 362 -1.28 56.89 34.92
C VAL C 362 -1.88 58.19 34.39
N GLY C 363 -1.84 58.34 33.06
CA GLY C 363 -2.28 59.60 32.48
C GLY C 363 -1.42 60.73 32.99
N ASP C 364 -1.98 61.55 33.88
CA ASP C 364 -1.23 62.63 34.51
C ASP C 364 -1.42 62.65 36.02
N LYS C 365 -2.08 61.63 36.56
CA LYS C 365 -2.45 61.61 37.97
C LYS C 365 -1.69 60.51 38.69
N LEU C 366 -1.11 60.86 39.82
CA LEU C 366 -0.43 59.88 40.66
C LEU C 366 -1.47 59.26 41.57
N VAL C 367 -1.71 57.96 41.40
CA VAL C 367 -2.75 57.25 42.14
C VAL C 367 -2.13 56.10 42.93
N PHE C 368 -2.66 55.87 44.13
CA PHE C 368 -2.32 54.67 44.86
C PHE C 368 -2.79 53.45 44.08
N LEU C 369 -2.03 52.37 44.17
CA LEU C 369 -2.41 51.11 43.53
C LEU C 369 -2.52 50.08 44.64
N GLU C 370 -3.67 50.05 45.29
CA GLU C 370 -3.90 49.21 46.45
C GLU C 370 -4.65 47.96 46.01
N ALA C 371 -4.17 46.81 46.47
CA ALA C 371 -4.77 45.51 46.19
C ALA C 371 -5.04 44.79 47.49
N LEU C 372 -5.70 45.49 48.42
CA LEU C 372 -5.81 44.97 49.77
C LEU C 372 -6.64 43.71 49.78
N GLU C 373 -5.92 42.59 49.79
CA GLU C 373 -6.45 41.25 49.96
C GLU C 373 -5.64 40.46 50.95
N ARG C 374 -4.43 40.91 51.22
CA ARG C 374 -3.39 40.30 52.02
C ARG C 374 -3.38 40.84 53.43
N ARG C 375 -3.27 42.16 53.57
CA ARG C 375 -3.31 42.79 54.88
C ARG C 375 -4.68 42.62 55.53
N VAL C 376 -5.73 42.70 54.73
CA VAL C 376 -7.10 42.67 55.23
C VAL C 376 -7.83 41.57 54.48
N TYR C 377 -8.93 41.10 55.06
CA TYR C 377 -9.78 40.07 54.48
C TYR C 377 -9.10 38.72 54.42
N GLN C 378 -8.10 38.46 55.26
CA GLN C 378 -7.16 37.40 54.99
C GLN C 378 -7.37 36.20 55.90
N ALA C 379 -7.30 35.00 55.31
CA ALA C 379 -7.33 33.74 56.06
C ALA C 379 -8.51 33.66 57.01
N THR C 380 -9.72 33.86 56.48
CA THR C 380 -10.83 34.25 57.32
C THR C 380 -12.18 34.04 56.64
N ARG C 381 -13.16 34.81 57.11
CA ARG C 381 -14.53 34.64 56.67
C ARG C 381 -15.21 35.89 56.12
N VAL C 382 -14.50 36.82 55.44
CA VAL C 382 -15.15 37.99 54.85
C VAL C 382 -15.06 38.01 53.34
N ALA C 383 -16.16 38.43 52.72
CA ALA C 383 -16.27 38.51 51.27
C ALA C 383 -15.42 39.64 50.73
N TYR C 384 -14.33 39.26 50.11
CA TYR C 384 -13.57 40.28 49.41
C TYR C 384 -14.41 40.77 48.25
N PRO C 385 -14.84 42.03 48.24
CA PRO C 385 -15.62 42.51 47.10
C PRO C 385 -14.73 42.57 45.88
N LEU C 386 -15.23 43.11 44.78
CA LEU C 386 -14.54 43.07 43.48
C LEU C 386 -14.49 41.66 42.92
N ILE C 387 -15.37 40.78 43.38
CA ILE C 387 -15.49 39.43 42.81
C ILE C 387 -16.95 39.20 42.44
N GLY C 388 -17.67 40.28 42.19
CA GLY C 388 -19.10 40.16 41.91
C GLY C 388 -19.36 39.36 40.65
N ASN C 389 -20.62 39.02 40.47
CA ASN C 389 -21.06 38.18 39.37
C ASN C 389 -21.90 38.99 38.39
N ILE C 390 -21.94 38.51 37.15
CA ILE C 390 -22.77 39.14 36.14
C ILE C 390 -23.67 38.07 35.54
N ASP C 391 -24.77 38.52 34.95
CA ASP C 391 -25.77 37.63 34.38
C ASP C 391 -25.94 37.97 32.91
N ILE C 392 -25.81 36.96 32.06
CA ILE C 392 -25.95 37.10 30.62
C ILE C 392 -26.98 36.08 30.16
N THR C 393 -27.91 36.52 29.31
CA THR C 393 -28.96 35.65 28.81
C THR C 393 -28.74 35.38 27.33
N PHE C 394 -28.70 34.11 26.96
CA PHE C 394 -28.50 33.71 25.58
C PHE C 394 -29.82 33.30 24.94
N ILE C 395 -29.94 33.53 23.65
CA ILE C 395 -31.15 33.27 22.89
C ILE C 395 -30.80 32.56 21.60
N MET C 396 -31.66 31.61 21.20
CA MET C 396 -31.39 30.76 20.05
C MET C 396 -32.72 30.34 19.44
N PRO C 397 -32.86 30.41 18.11
CA PRO C 397 -34.05 29.88 17.47
C PRO C 397 -33.86 28.42 17.07
N MET C 398 -34.96 27.68 17.05
CA MET C 398 -34.90 26.23 16.91
C MET C 398 -35.52 25.71 15.63
N GLY C 399 -36.79 25.97 15.40
CA GLY C 399 -37.47 25.35 14.27
C GLY C 399 -37.59 26.27 13.09
N VAL C 400 -36.84 27.37 13.11
CA VAL C 400 -36.98 28.39 12.07
C VAL C 400 -36.64 27.77 10.73
N PHE C 401 -37.51 27.99 9.76
CA PHE C 401 -37.36 27.47 8.41
C PHE C 401 -37.36 28.64 7.45
N GLN C 402 -36.28 28.77 6.67
CA GLN C 402 -36.14 29.90 5.76
C GLN C 402 -37.11 29.71 4.60
N ALA C 403 -38.24 30.42 4.67
CA ALA C 403 -39.30 30.21 3.69
C ALA C 403 -38.87 30.61 2.29
N ASN C 404 -38.17 31.74 2.15
CA ASN C 404 -37.88 32.26 0.82
C ASN C 404 -36.96 31.31 0.06
N SER C 405 -37.33 31.03 -1.19
CA SER C 405 -36.61 30.05 -1.99
C SER C 405 -35.20 30.49 -2.32
N MET C 406 -34.96 31.80 -2.47
CA MET C 406 -33.62 32.27 -2.75
C MET C 406 -32.69 32.07 -1.56
N ASP C 407 -33.24 32.00 -0.35
CA ASP C 407 -32.40 31.81 0.84
C ASP C 407 -31.94 30.38 1.00
N ARG C 408 -32.53 29.44 0.27
CA ARG C 408 -32.13 28.03 0.36
C ARG C 408 -31.10 27.74 -0.73
N TYR C 409 -30.04 28.53 -0.72
CA TYR C 409 -28.94 28.48 -1.67
C TYR C 409 -27.74 27.80 -1.03
N THR C 410 -27.02 27.03 -1.84
CA THR C 410 -25.80 26.37 -1.38
C THR C 410 -24.59 26.98 -2.07
N ARG C 411 -23.47 27.07 -1.35
CA ARG C 411 -22.39 27.97 -1.74
C ARG C 411 -21.55 27.40 -2.87
N HIS C 412 -21.72 26.13 -3.20
CA HIS C 412 -21.16 25.51 -4.38
C HIS C 412 -22.15 24.46 -4.87
N ALA C 413 -21.69 23.55 -5.72
CA ALA C 413 -22.63 22.62 -6.32
C ALA C 413 -23.37 21.86 -5.24
N GLY C 414 -22.69 20.97 -4.54
CA GLY C 414 -23.17 20.42 -3.29
C GLY C 414 -22.55 20.98 -2.04
N ASP C 415 -22.81 22.20 -1.59
CA ASP C 415 -22.22 22.59 -0.31
C ASP C 415 -23.10 22.26 0.87
N PHE C 416 -23.99 21.28 0.71
CA PHE C 416 -24.19 20.19 1.67
C PHE C 416 -25.08 19.12 1.01
N SER C 417 -24.45 18.05 0.54
CA SER C 417 -25.11 16.99 -0.20
C SER C 417 -24.82 15.62 0.41
N THR C 418 -25.19 14.58 -0.34
CA THR C 418 -25.18 13.22 0.21
C THR C 418 -24.64 12.19 -0.76
N VAL C 419 -24.86 10.92 -0.43
CA VAL C 419 -24.85 9.85 -1.40
C VAL C 419 -26.25 9.29 -1.64
N SER C 420 -27.19 9.52 -0.72
CA SER C 420 -28.55 9.02 -0.88
C SER C 420 -29.26 9.78 -2.01
N GLU C 421 -30.38 9.21 -2.46
CA GLU C 421 -31.10 9.80 -3.58
C GLU C 421 -31.74 11.13 -3.21
N GLN C 422 -32.13 11.31 -1.94
CA GLN C 422 -32.76 12.55 -1.50
C GLN C 422 -31.83 13.25 -0.53
N ASP C 423 -31.27 14.38 -0.96
CA ASP C 423 -30.47 15.22 -0.08
C ASP C 423 -31.34 15.82 1.00
N PRO C 424 -31.27 15.34 2.21
CA PRO C 424 -32.20 15.78 3.24
C PRO C 424 -31.77 17.03 3.99
N ARG C 425 -31.04 17.91 3.31
CA ARG C 425 -30.91 19.23 3.85
C ARG C 425 -32.15 20.04 3.56
N GLN C 426 -32.98 19.57 2.63
CA GLN C 426 -34.23 20.21 2.32
C GLN C 426 -35.27 20.02 3.40
N PHE C 427 -35.06 19.07 4.32
CA PHE C 427 -36.09 18.88 5.33
C PHE C 427 -35.91 19.90 6.44
N PRO C 428 -36.99 20.43 6.98
CA PRO C 428 -36.89 21.48 7.97
C PRO C 428 -36.15 20.99 9.20
N PRO C 429 -35.31 21.82 9.80
CA PRO C 429 -34.56 21.42 10.98
C PRO C 429 -35.48 21.24 12.17
N GLN C 430 -35.02 20.41 13.12
CA GLN C 430 -35.81 20.13 14.31
C GLN C 430 -35.01 20.22 15.60
N GLY C 431 -33.76 20.70 15.56
CA GLY C 431 -32.97 20.81 16.75
C GLY C 431 -31.94 21.93 16.62
N ILE C 432 -31.41 22.33 17.76
CA ILE C 432 -30.43 23.39 17.84
C ILE C 432 -29.27 22.89 18.69
N PHE C 433 -28.05 23.24 18.30
CA PHE C 433 -26.84 22.60 18.83
C PHE C 433 -25.85 23.66 19.27
N PHE C 434 -25.66 23.80 20.57
CA PHE C 434 -24.90 24.93 21.10
C PHE C 434 -23.81 24.41 22.01
N TYR C 435 -22.66 25.07 21.98
CA TYR C 435 -21.57 24.76 22.87
C TYR C 435 -21.93 25.06 24.30
N ASN C 436 -21.76 24.06 25.14
CA ASN C 436 -22.14 24.11 26.55
C ASN C 436 -21.17 25.03 27.28
N LYS C 437 -21.35 25.08 28.58
CA LYS C 437 -20.48 25.79 29.50
C LYS C 437 -19.04 25.33 29.36
N ASP C 438 -18.85 24.33 28.54
CA ASP C 438 -17.79 23.36 28.61
C ASP C 438 -17.10 23.11 27.28
N GLY C 439 -17.42 23.90 26.26
CA GLY C 439 -17.05 23.50 24.93
C GLY C 439 -17.84 22.33 24.42
N ILE C 440 -19.12 22.21 24.79
CA ILE C 440 -19.88 21.02 24.49
C ILE C 440 -21.14 21.45 23.73
N LEU C 441 -21.28 21.06 22.47
CA LEU C 441 -22.63 21.04 21.92
C LEU C 441 -23.49 20.17 22.83
N THR C 442 -24.73 20.53 22.96
CA THR C 442 -25.74 19.70 23.55
C THR C 442 -26.96 19.83 22.67
N GLN C 443 -28.02 19.15 23.04
CA GLN C 443 -29.18 19.15 22.17
C GLN C 443 -30.38 19.76 22.83
N LEU C 444 -30.92 20.79 22.20
CA LEU C 444 -32.26 21.26 22.47
C LEU C 444 -33.07 21.00 21.21
N THR C 445 -34.22 20.38 21.38
CA THR C 445 -35.06 19.95 20.27
C THR C 445 -36.48 20.45 20.48
N LEU C 446 -37.32 20.19 19.48
CA LEU C 446 -38.74 20.48 19.65
C LEU C 446 -39.30 19.75 20.85
N ARG C 447 -38.95 18.48 21.01
CA ARG C 447 -39.54 17.66 22.07
C ARG C 447 -39.26 18.21 23.45
N ASP C 448 -38.16 18.93 23.66
CA ASP C 448 -37.95 19.54 24.96
C ASP C 448 -38.95 20.63 25.27
N ALA C 449 -39.58 21.22 24.25
CA ALA C 449 -40.56 22.28 24.48
C ALA C 449 -41.88 21.74 24.98
N MET C 450 -42.04 20.42 25.03
CA MET C 450 -43.28 19.81 25.47
C MET C 450 -43.58 20.13 26.93
N GLY C 451 -42.55 20.41 27.73
CA GLY C 451 -42.78 20.86 29.08
C GLY C 451 -43.43 22.22 29.18
N THR C 452 -43.43 22.98 28.09
CA THR C 452 -44.00 24.32 28.07
C THR C 452 -45.27 24.41 27.24
N ILE C 453 -45.34 23.71 26.12
CA ILE C 453 -46.48 23.87 25.23
C ILE C 453 -47.64 22.92 25.56
N CYS C 454 -47.37 21.70 25.99
CA CYS C 454 -48.41 20.71 26.22
C CYS C 454 -49.11 20.88 27.56
N HIS C 455 -48.79 21.95 28.28
CA HIS C 455 -49.53 22.27 29.48
C HIS C 455 -50.94 22.75 29.11
N SER C 456 -51.81 22.78 30.12
CA SER C 456 -53.17 23.28 29.89
C SER C 456 -53.21 24.78 29.67
N SER C 457 -52.10 25.49 29.89
CA SER C 457 -52.09 26.93 29.71
C SER C 457 -52.34 27.32 28.26
N LEU C 458 -52.13 26.40 27.32
CA LEU C 458 -52.39 26.69 25.92
C LEU C 458 -53.86 26.93 25.63
N LEU C 459 -54.75 26.56 26.56
CA LEU C 459 -56.19 26.70 26.38
C LEU C 459 -56.79 27.51 27.51
N ASP C 460 -56.15 28.64 27.84
CA ASP C 460 -56.62 29.52 28.91
C ASP C 460 -57.05 30.84 28.30
N VAL C 461 -57.81 30.77 27.21
CA VAL C 461 -58.11 31.95 26.40
C VAL C 461 -59.13 32.87 27.04
N GLU C 462 -59.76 32.47 28.14
CA GLU C 462 -60.89 33.22 28.68
C GLU C 462 -60.51 34.66 29.01
N ALA C 463 -59.39 34.85 29.71
CA ALA C 463 -58.96 36.20 30.04
C ALA C 463 -58.70 37.02 28.78
N THR C 464 -58.14 36.39 27.75
CA THR C 464 -57.90 37.09 26.50
C THR C 464 -59.20 37.58 25.89
N LEU C 465 -60.24 36.74 25.89
CA LEU C 465 -61.54 37.17 25.39
C LEU C 465 -62.09 38.34 26.20
N VAL C 466 -61.99 38.25 27.53
CA VAL C 466 -62.51 39.32 28.36
C VAL C 466 -61.81 40.63 28.03
N ALA C 467 -60.48 40.57 27.88
CA ALA C 467 -59.75 41.79 27.55
C ALA C 467 -60.11 42.31 26.16
N LEU C 468 -60.28 41.42 25.19
CA LEU C 468 -60.59 41.86 23.83
C LEU C 468 -61.98 42.46 23.74
N ARG C 469 -62.92 42.00 24.55
CA ARG C 469 -64.28 42.49 24.45
C ARG C 469 -64.42 43.94 24.90
N GLN C 470 -63.39 44.55 25.48
CA GLN C 470 -63.48 45.88 26.05
C GLN C 470 -62.82 46.94 25.17
N GLN C 471 -62.89 46.79 23.86
CA GLN C 471 -62.38 47.81 22.96
C GLN C 471 -63.44 48.18 21.95
N HIS C 472 -63.12 49.14 21.09
CA HIS C 472 -64.06 49.65 20.11
C HIS C 472 -64.20 48.65 18.97
N LEU C 473 -65.43 48.16 18.77
CA LEU C 473 -65.72 47.20 17.71
C LEU C 473 -66.72 47.82 16.74
N ASP C 474 -66.41 47.72 15.45
CA ASP C 474 -67.30 48.21 14.41
C ASP C 474 -68.15 47.07 13.87
N ARG C 475 -69.36 47.42 13.44
CA ARG C 475 -70.27 46.43 12.89
C ARG C 475 -69.71 45.88 11.59
N GLN C 476 -69.44 44.58 11.55
CA GLN C 476 -68.87 43.92 10.39
C GLN C 476 -69.81 42.83 9.91
N CYS C 477 -69.77 42.54 8.62
CA CYS C 477 -70.60 41.48 8.07
C CYS C 477 -70.29 40.16 8.75
N TYR C 478 -71.29 39.28 8.81
CA TYR C 478 -71.14 38.02 9.52
C TYR C 478 -71.24 36.83 8.57
N PHE C 479 -70.67 36.96 7.38
CA PHE C 479 -70.81 35.88 6.41
C PHE C 479 -70.05 34.64 6.83
N GLY C 480 -68.80 34.81 7.23
CA GLY C 480 -67.97 33.66 7.54
C GLY C 480 -68.01 33.19 8.97
N VAL C 481 -68.87 33.77 9.81
CA VAL C 481 -68.82 33.46 11.24
C VAL C 481 -70.21 33.12 11.76
N TYR C 482 -71.15 32.91 10.86
CA TYR C 482 -72.53 32.64 11.23
C TYR C 482 -72.97 31.30 10.67
N VAL C 483 -73.65 30.51 11.49
CA VAL C 483 -74.17 29.21 11.11
C VAL C 483 -75.68 29.20 11.35
N ALA C 484 -76.42 28.84 10.32
CA ALA C 484 -77.88 28.85 10.38
C ALA C 484 -78.39 27.42 10.59
N GLU C 485 -79.71 27.28 10.52
CA GLU C 485 -80.36 25.98 10.56
C GLU C 485 -81.20 25.81 9.30
N GLY C 486 -81.46 24.56 8.96
CA GLY C 486 -82.27 24.28 7.78
C GLY C 486 -83.70 24.74 7.97
N THR C 487 -84.43 24.76 6.85
CA THR C 487 -85.84 25.12 6.86
C THR C 487 -86.67 24.08 6.11
N GLU C 488 -86.24 22.83 6.15
CA GLU C 488 -86.91 21.69 5.52
C GLU C 488 -87.52 22.05 4.17
N ASP C 489 -86.67 22.52 3.28
CA ASP C 489 -87.03 22.77 1.89
C ASP C 489 -86.29 21.78 1.00
N THR C 490 -86.43 21.98 -0.30
CA THR C 490 -85.89 21.05 -1.29
C THR C 490 -84.40 21.23 -1.55
N LEU C 491 -83.70 22.01 -0.72
CA LEU C 491 -82.26 22.25 -0.87
C LEU C 491 -81.96 23.04 -2.13
N ASP C 492 -82.97 23.29 -2.95
CA ASP C 492 -82.82 24.19 -4.08
C ASP C 492 -83.34 25.57 -3.76
N VAL C 493 -84.55 25.62 -3.20
CA VAL C 493 -85.11 26.90 -2.75
C VAL C 493 -84.20 27.51 -1.69
N GLN C 494 -83.62 26.68 -0.82
CA GLN C 494 -82.72 27.20 0.20
C GLN C 494 -81.50 27.86 -0.45
N MET C 495 -80.92 27.22 -1.46
CA MET C 495 -79.77 27.81 -2.12
C MET C 495 -80.15 29.10 -2.84
N GLY C 496 -81.30 29.13 -3.51
CA GLY C 496 -81.73 30.36 -4.14
C GLY C 496 -81.92 31.49 -3.16
N ARG C 497 -82.56 31.20 -2.02
CA ARG C 497 -82.74 32.22 -1.00
C ARG C 497 -81.40 32.70 -0.46
N PHE C 498 -80.47 31.76 -0.25
CA PHE C 498 -79.16 32.16 0.25
C PHE C 498 -78.45 33.06 -0.75
N MET C 499 -78.56 32.75 -2.05
CA MET C 499 -77.93 33.59 -3.05
C MET C 499 -78.53 34.99 -3.03
N GLU C 500 -79.87 35.06 -2.96
CA GLU C 500 -80.53 36.36 -2.94
C GLU C 500 -80.07 37.18 -1.73
N THR C 501 -80.00 36.56 -0.56
CA THR C 501 -79.52 37.27 0.61
C THR C 501 -78.05 37.66 0.46
N TRP C 502 -77.26 36.78 -0.16
CA TRP C 502 -75.83 36.96 -0.28
C TRP C 502 -75.47 38.04 -1.28
N ALA C 503 -76.44 38.48 -2.09
CA ALA C 503 -76.18 39.58 -2.99
C ALA C 503 -75.66 40.81 -2.26
N ASP C 504 -76.09 41.02 -1.01
CA ASP C 504 -75.68 42.19 -0.25
C ASP C 504 -75.39 41.89 1.22
N MET C 505 -75.04 40.66 1.56
CA MET C 505 -74.71 40.37 2.96
C MET C 505 -73.41 41.07 3.34
N MET C 506 -72.43 41.02 2.43
CA MET C 506 -71.11 41.59 2.70
C MET C 506 -71.02 42.97 2.09
N PRO C 507 -70.90 44.02 2.89
CA PRO C 507 -70.62 45.36 2.33
C PRO C 507 -69.14 45.60 2.04
N HIS C 508 -68.28 44.64 2.36
CA HIS C 508 -66.85 44.78 2.13
C HIS C 508 -66.26 43.40 1.87
N HIS C 509 -64.94 43.32 1.92
CA HIS C 509 -64.21 42.08 1.67
C HIS C 509 -63.86 41.41 2.97
N PRO C 510 -64.17 40.12 3.13
CA PRO C 510 -63.88 39.45 4.42
C PRO C 510 -62.40 39.41 4.70
N HIS C 511 -62.06 39.50 5.98
CA HIS C 511 -60.67 39.50 6.43
C HIS C 511 -60.00 38.15 6.28
N TRP C 512 -60.76 37.05 6.32
CA TRP C 512 -60.18 35.71 6.29
C TRP C 512 -59.92 35.20 4.90
N VAL C 513 -60.20 35.98 3.87
CA VAL C 513 -59.85 35.59 2.51
C VAL C 513 -58.44 36.04 2.15
N ASN C 514 -57.97 37.14 2.75
CA ASN C 514 -56.67 37.70 2.41
C ASN C 514 -55.54 36.83 2.99
N GLU C 515 -55.43 35.63 2.44
CA GLU C 515 -54.31 34.75 2.73
C GLU C 515 -53.18 34.88 1.73
N HIS C 516 -53.38 35.64 0.66
CA HIS C 516 -52.32 35.87 -0.32
C HIS C 516 -51.20 36.73 0.23
N LEU C 517 -51.38 37.32 1.41
CA LEU C 517 -50.37 38.21 1.98
C LEU C 517 -49.09 37.44 2.28
N THR C 518 -47.96 38.05 1.93
CA THR C 518 -46.67 37.54 2.34
C THR C 518 -46.40 37.92 3.79
N ILE C 519 -45.38 37.32 4.37
CA ILE C 519 -45.12 37.51 5.80
C ILE C 519 -44.82 38.98 6.13
N LEU C 520 -44.03 39.65 5.28
CA LEU C 520 -43.70 41.05 5.56
C LEU C 520 -44.94 41.92 5.56
N GLN C 521 -45.85 41.71 4.60
CA GLN C 521 -47.07 42.50 4.58
C GLN C 521 -48.00 42.14 5.72
N PHE C 522 -48.03 40.86 6.10
CA PHE C 522 -48.88 40.45 7.22
C PHE C 522 -48.42 41.09 8.52
N ILE C 523 -47.10 41.14 8.74
CA ILE C 523 -46.58 41.67 9.99
C ILE C 523 -46.84 43.18 10.11
N ALA C 524 -46.86 43.88 8.98
CA ALA C 524 -46.87 45.34 8.99
C ALA C 524 -48.07 45.86 9.79
N PRO C 525 -47.90 47.00 10.49
CA PRO C 525 -48.96 47.46 11.38
C PRO C 525 -50.27 47.78 10.70
N SER C 526 -50.25 48.12 9.40
CA SER C 526 -51.47 48.47 8.71
C SER C 526 -52.43 47.30 8.56
N ASN C 527 -51.97 46.08 8.79
CA ASN C 527 -52.83 44.91 8.69
C ASN C 527 -53.87 44.94 9.80
N PRO C 528 -55.17 45.02 9.49
CA PRO C 528 -56.18 45.06 10.55
C PRO C 528 -56.33 43.76 11.31
N ARG C 529 -56.00 42.63 10.69
CA ARG C 529 -56.17 41.35 11.37
C ARG C 529 -55.07 41.06 12.37
N LEU C 530 -54.00 41.85 12.38
CA LEU C 530 -52.84 41.52 13.22
C LEU C 530 -53.22 41.46 14.69
N ARG C 531 -54.03 42.41 15.16
CA ARG C 531 -54.36 42.44 16.59
C ARG C 531 -55.28 41.31 17.01
N PHE C 532 -55.81 40.52 16.08
CA PHE C 532 -56.66 39.38 16.40
C PHE C 532 -55.93 38.05 16.34
N GLU C 533 -54.61 38.05 16.21
CA GLU C 533 -53.83 36.83 16.14
C GLU C 533 -53.01 36.73 17.41
N LEU C 534 -53.54 36.04 18.41
CA LEU C 534 -52.87 35.94 19.70
C LEU C 534 -52.43 34.52 20.04
N ASN C 535 -53.32 33.58 20.10
CA ASN C 535 -52.82 32.26 20.46
C ASN C 535 -52.48 31.50 19.18
N PRO C 536 -51.44 30.65 19.15
CA PRO C 536 -51.34 29.68 18.04
C PRO C 536 -52.44 28.62 17.95
N ALA C 537 -53.32 28.50 18.92
CA ALA C 537 -54.33 27.43 18.86
C ALA C 537 -55.74 28.00 18.89
N PHE C 538 -55.92 29.21 18.36
CA PHE C 538 -57.22 29.84 18.46
C PHE C 538 -57.42 30.79 17.30
N ASP C 539 -58.63 30.84 16.77
CA ASP C 539 -59.02 31.81 15.78
C ASP C 539 -59.99 32.78 16.43
N PHE C 540 -59.67 34.07 16.38
CA PHE C 540 -60.52 35.11 16.94
C PHE C 540 -61.16 35.86 15.79
N PHE C 541 -62.41 36.27 15.97
CA PHE C 541 -63.11 36.98 14.93
C PHE C 541 -64.15 37.89 15.57
N VAL C 542 -64.97 38.50 14.72
CA VAL C 542 -66.07 39.34 15.17
C VAL C 542 -67.36 38.57 14.89
N ALA C 543 -68.14 38.35 15.93
CA ALA C 543 -69.31 37.49 15.87
C ALA C 543 -70.48 38.20 16.50
N PRO C 544 -71.71 37.82 16.15
CA PRO C 544 -72.88 38.53 16.68
C PRO C 544 -73.04 38.24 18.16
N GLY C 545 -73.57 39.20 18.89
CA GLY C 545 -73.82 39.02 20.30
C GLY C 545 -75.05 38.18 20.57
N ASP C 546 -75.11 37.68 21.80
CA ASP C 546 -76.28 37.02 22.39
C ASP C 546 -77.08 36.21 21.36
N VAL C 547 -76.38 35.41 20.57
CA VAL C 547 -77.00 34.51 19.60
C VAL C 547 -76.47 33.11 19.83
N ASP C 548 -77.39 32.15 19.96
CA ASP C 548 -77.02 30.76 20.16
C ASP C 548 -76.95 30.06 18.81
N LEU C 549 -75.76 29.64 18.43
CA LEU C 549 -75.56 28.93 17.18
C LEU C 549 -76.07 27.49 17.31
N PRO C 550 -76.83 26.99 16.33
CA PRO C 550 -77.28 27.72 15.14
C PRO C 550 -78.51 28.57 15.44
N GLY C 551 -78.66 29.68 14.73
CA GLY C 551 -79.77 30.56 14.93
C GLY C 551 -80.75 30.52 13.78
N PRO C 552 -81.59 31.54 13.67
CA PRO C 552 -82.55 31.60 12.57
C PRO C 552 -81.87 31.87 11.24
N GLN C 553 -82.64 31.79 10.15
CA GLN C 553 -82.06 32.01 8.83
C GLN C 553 -81.55 33.44 8.67
N ARG C 554 -82.31 34.41 9.15
CA ARG C 554 -81.88 35.81 9.05
C ARG C 554 -81.10 36.18 10.31
N PRO C 555 -79.86 36.63 10.18
CA PRO C 555 -79.05 36.91 11.37
C PRO C 555 -79.60 38.10 12.14
N PRO C 556 -80.00 37.90 13.38
CA PRO C 556 -80.59 38.99 14.15
C PRO C 556 -79.58 40.08 14.46
N GLU C 557 -80.08 41.30 14.61
CA GLU C 557 -79.22 42.44 14.92
C GLU C 557 -78.82 42.43 16.38
N ALA C 558 -77.52 42.61 16.63
CA ALA C 558 -77.01 42.67 17.98
C ALA C 558 -75.66 43.36 17.99
N MET C 559 -75.25 43.79 19.17
CA MET C 559 -73.92 44.37 19.32
C MET C 559 -72.86 43.32 19.02
N PRO C 560 -71.91 43.62 18.15
CA PRO C 560 -70.88 42.63 17.82
C PRO C 560 -69.91 42.43 18.97
N THR C 561 -69.55 41.17 19.21
CA THR C 561 -68.58 40.79 20.21
C THR C 561 -67.50 39.95 19.56
N VAL C 562 -66.45 39.65 20.31
CA VAL C 562 -65.34 38.85 19.82
C VAL C 562 -65.46 37.46 20.44
N ASN C 563 -65.39 36.44 19.59
CA ASN C 563 -65.46 35.06 20.02
C ASN C 563 -64.16 34.37 19.64
N ALA C 564 -64.01 33.15 20.12
CA ALA C 564 -62.83 32.36 19.81
C ALA C 564 -63.27 30.99 19.34
N THR C 565 -62.47 30.41 18.45
CA THR C 565 -62.73 29.06 17.95
C THR C 565 -61.43 28.28 17.90
N LEU C 566 -61.49 27.03 18.32
CA LEU C 566 -60.31 26.19 18.40
C LEU C 566 -59.84 25.82 17.00
N ARG C 567 -58.53 26.01 16.75
CA ARG C 567 -57.92 25.60 15.49
C ARG C 567 -57.61 24.11 15.59
N ILE C 568 -58.52 23.27 15.10
CA ILE C 568 -58.33 21.84 15.24
C ILE C 568 -57.10 21.37 14.49
N ILE C 569 -56.96 21.80 13.25
CA ILE C 569 -55.90 21.31 12.38
C ILE C 569 -54.74 22.31 12.39
N ASN C 570 -53.52 21.79 12.46
CA ASN C 570 -52.36 22.68 12.44
C ASN C 570 -52.17 23.36 11.10
N GLY C 571 -52.72 22.81 10.02
CA GLY C 571 -52.70 23.47 8.74
C GLY C 571 -53.65 24.62 8.61
N ASN C 572 -54.54 24.79 9.59
CA ASN C 572 -55.45 25.93 9.60
C ASN C 572 -54.74 27.22 9.98
N ILE C 573 -53.49 27.15 10.44
CA ILE C 573 -52.73 28.37 10.73
C ILE C 573 -52.63 29.19 9.45
N PRO C 574 -52.87 30.50 9.50
CA PRO C 574 -52.89 31.28 8.26
C PRO C 574 -51.57 31.17 7.51
N VAL C 575 -51.68 31.14 6.19
CA VAL C 575 -50.56 30.84 5.29
C VAL C 575 -49.34 31.72 5.56
N PRO C 576 -49.47 33.04 5.73
CA PRO C 576 -48.27 33.86 5.91
C PRO C 576 -47.41 33.44 7.09
N LEU C 577 -48.00 32.84 8.12
CA LEU C 577 -47.20 32.34 9.24
C LEU C 577 -46.57 30.99 8.94
N CYS C 578 -47.31 30.10 8.29
CA CYS C 578 -46.82 28.77 7.93
C CYS C 578 -46.92 28.61 6.42
N PRO C 579 -45.86 28.92 5.67
CA PRO C 579 -46.01 29.10 4.23
C PRO C 579 -46.09 27.81 3.44
N ILE C 580 -46.35 27.92 2.14
CA ILE C 580 -46.51 26.75 1.30
C ILE C 580 -45.21 25.97 1.16
N SER C 581 -44.08 26.66 0.99
CA SER C 581 -42.82 25.96 0.77
C SER C 581 -42.48 25.07 1.95
N PHE C 582 -42.68 25.57 3.16
CA PHE C 582 -42.43 24.75 4.35
C PHE C 582 -43.34 23.52 4.37
N ARG C 583 -44.61 23.70 4.01
CA ARG C 583 -45.51 22.56 4.00
C ARG C 583 -45.09 21.53 2.98
N ASP C 584 -44.65 21.98 1.80
CA ASP C 584 -44.21 21.02 0.79
C ASP C 584 -42.95 20.29 1.23
N CYS C 585 -42.04 20.98 1.93
CA CYS C 585 -40.83 20.30 2.37
C CYS C 585 -41.11 19.29 3.48
N ARG C 586 -41.92 19.66 4.47
CA ARG C 586 -42.28 18.67 5.49
C ARG C 586 -43.03 17.51 4.85
N GLY C 587 -43.85 17.78 3.83
CA GLY C 587 -44.52 16.70 3.15
C GLY C 587 -43.55 15.76 2.47
N THR C 588 -42.58 16.32 1.75
CA THR C 588 -41.54 15.48 1.16
C THR C 588 -40.85 14.65 2.23
N GLN C 589 -40.70 15.20 3.43
CA GLN C 589 -40.09 14.43 4.51
C GLN C 589 -40.98 13.26 4.92
N LEU C 590 -42.29 13.48 4.99
CA LEU C 590 -43.18 12.38 5.37
C LEU C 590 -43.10 11.25 4.36
N GLY C 591 -43.27 11.56 3.09
CA GLY C 591 -43.19 10.54 2.06
C GLY C 591 -41.78 10.40 1.53
N LEU C 592 -40.82 10.19 2.43
CA LEU C 592 -39.46 9.93 1.99
C LEU C 592 -39.43 8.70 1.09
N GLY C 593 -40.22 7.70 1.42
CA GLY C 593 -40.35 6.53 0.58
C GLY C 593 -41.69 5.84 0.56
N ARG C 594 -42.76 6.44 1.09
CA ARG C 594 -44.05 5.76 1.02
C ARG C 594 -44.36 5.43 -0.44
N HIS C 595 -45.33 4.55 -0.64
CA HIS C 595 -45.71 4.23 -1.99
C HIS C 595 -46.01 5.49 -2.78
N THR C 596 -45.44 5.59 -3.96
CA THR C 596 -45.69 6.69 -4.86
C THR C 596 -46.47 6.18 -6.05
N MET C 597 -47.12 7.10 -6.76
CA MET C 597 -47.96 6.75 -7.89
C MET C 597 -47.13 6.82 -9.17
N THR C 598 -47.16 5.75 -9.95
CA THR C 598 -46.35 5.67 -11.14
C THR C 598 -46.83 6.72 -12.15
N PRO C 599 -45.94 7.26 -12.99
CA PRO C 599 -46.33 8.40 -13.84
C PRO C 599 -47.51 8.11 -14.75
N ALA C 600 -47.74 6.86 -15.15
CA ALA C 600 -48.88 6.56 -16.02
C ALA C 600 -50.21 6.87 -15.32
N THR C 601 -50.37 6.37 -14.09
CA THR C 601 -51.63 6.62 -13.39
C THR C 601 -51.79 8.10 -13.09
N ILE C 602 -50.71 8.79 -12.76
CA ILE C 602 -50.78 10.22 -12.51
C ILE C 602 -51.27 10.95 -13.74
N LYS C 603 -50.63 10.67 -14.88
CA LYS C 603 -51.01 11.35 -16.11
C LYS C 603 -52.47 11.11 -16.46
N ALA C 604 -52.91 9.85 -16.39
CA ALA C 604 -54.27 9.54 -16.81
C ALA C 604 -55.31 10.12 -15.87
N VAL C 605 -55.08 10.00 -14.56
CA VAL C 605 -56.03 10.57 -13.60
C VAL C 605 -56.11 12.07 -13.76
N LYS C 606 -54.97 12.75 -13.89
CA LYS C 606 -54.99 14.18 -14.09
C LYS C 606 -55.75 14.55 -15.35
N ASP C 607 -55.52 13.79 -16.44
CA ASP C 607 -56.17 14.11 -17.70
C ASP C 607 -57.68 13.95 -17.58
N THR C 608 -58.14 12.92 -16.87
CA THR C 608 -59.57 12.80 -16.61
C THR C 608 -60.09 13.97 -15.79
N PHE C 609 -59.39 14.35 -14.73
CA PHE C 609 -59.87 15.42 -13.87
C PHE C 609 -59.92 16.75 -14.59
N GLU C 610 -59.09 16.92 -15.63
CA GLU C 610 -59.13 18.15 -16.40
C GLU C 610 -59.95 18.03 -17.68
N ASP C 611 -60.66 16.92 -17.85
CA ASP C 611 -61.50 16.74 -19.03
C ASP C 611 -62.78 17.54 -18.86
N ARG C 612 -63.15 18.31 -19.88
CA ARG C 612 -64.40 19.05 -19.85
C ARG C 612 -65.50 18.39 -20.66
N ALA C 613 -65.16 17.42 -21.50
CA ALA C 613 -66.16 16.66 -22.25
C ALA C 613 -66.53 15.36 -21.56
N TYR C 614 -66.34 15.30 -20.24
CA TYR C 614 -66.67 14.10 -19.48
C TYR C 614 -68.15 13.80 -19.66
N PRO C 615 -68.51 12.63 -20.18
CA PRO C 615 -69.91 12.36 -20.49
C PRO C 615 -70.77 12.38 -19.25
N THR C 616 -71.94 13.01 -19.36
CA THR C 616 -72.85 13.08 -18.23
C THR C 616 -73.43 11.73 -17.87
N ILE C 617 -73.30 10.72 -18.74
CA ILE C 617 -73.84 9.41 -18.44
C ILE C 617 -73.22 8.86 -17.17
N PHE C 618 -71.91 9.07 -17.00
CA PHE C 618 -71.25 8.59 -15.79
C PHE C 618 -71.83 9.26 -14.55
N TYR C 619 -72.08 10.57 -14.62
CA TYR C 619 -72.70 11.25 -13.49
C TYR C 619 -74.07 10.67 -13.18
N MET C 620 -74.89 10.45 -14.21
CA MET C 620 -76.22 9.92 -13.96
C MET C 620 -76.16 8.53 -13.36
N LEU C 621 -75.29 7.67 -13.89
CA LEU C 621 -75.18 6.32 -13.37
C LEU C 621 -74.69 6.34 -11.92
N GLU C 622 -73.72 7.20 -11.62
CA GLU C 622 -73.24 7.29 -10.24
C GLU C 622 -74.33 7.83 -9.32
N ALA C 623 -75.23 8.65 -9.85
CA ALA C 623 -76.33 9.15 -9.04
C ALA C 623 -77.36 8.06 -8.77
N VAL C 624 -77.72 7.30 -9.81
CA VAL C 624 -78.76 6.29 -9.66
C VAL C 624 -78.26 5.14 -8.80
N ILE C 625 -77.04 4.68 -9.06
CA ILE C 625 -76.44 3.64 -8.24
C ILE C 625 -76.34 4.10 -6.79
N HIS C 626 -75.96 5.36 -6.59
CA HIS C 626 -75.81 5.97 -5.27
C HIS C 626 -75.03 5.06 -4.32
N GLY C 627 -74.04 4.36 -4.87
CA GLY C 627 -73.14 3.56 -4.08
C GLY C 627 -73.82 2.47 -3.28
N ASN C 628 -74.89 1.90 -3.83
CA ASN C 628 -75.54 0.75 -3.22
C ASN C 628 -74.98 -0.51 -3.85
N GLU C 629 -74.43 -1.38 -3.01
CA GLU C 629 -73.67 -2.51 -3.51
C GLU C 629 -74.56 -3.48 -4.31
N ARG C 630 -75.78 -3.72 -3.83
CA ARG C 630 -76.70 -4.58 -4.57
C ARG C 630 -77.04 -3.97 -5.92
N ASN C 631 -77.08 -2.64 -5.99
CA ASN C 631 -77.30 -1.99 -7.27
C ASN C 631 -76.09 -2.11 -8.18
N PHE C 632 -74.89 -1.94 -7.62
CA PHE C 632 -73.69 -2.01 -8.45
C PHE C 632 -73.50 -3.39 -9.04
N CYS C 633 -73.56 -4.42 -8.21
CA CYS C 633 -73.23 -5.75 -8.71
C CYS C 633 -74.23 -6.26 -9.74
N ALA C 634 -75.37 -5.59 -9.89
CA ALA C 634 -76.33 -5.98 -10.91
C ALA C 634 -75.96 -5.44 -12.28
N LEU C 635 -75.26 -4.31 -12.35
CA LEU C 635 -75.00 -3.62 -13.61
C LEU C 635 -73.59 -3.88 -14.13
N LEU C 636 -72.97 -4.97 -13.69
CA LEU C 636 -71.54 -5.15 -13.97
C LEU C 636 -71.26 -5.23 -15.46
N ARG C 637 -72.14 -5.86 -16.23
CA ARG C 637 -71.91 -5.96 -17.66
C ARG C 637 -71.95 -4.59 -18.31
N LEU C 638 -72.98 -3.80 -17.98
CA LEU C 638 -73.11 -2.48 -18.58
C LEU C 638 -71.97 -1.56 -18.16
N LEU C 639 -71.59 -1.59 -16.88
CA LEU C 639 -70.49 -0.77 -16.42
C LEU C 639 -69.18 -1.19 -17.06
N THR C 640 -68.95 -2.49 -17.20
CA THR C 640 -67.79 -2.98 -17.95
C THR C 640 -67.74 -2.38 -19.34
N GLN C 641 -68.84 -2.50 -20.07
CA GLN C 641 -68.84 -2.01 -21.44
C GLN C 641 -68.61 -0.51 -21.48
N CYS C 642 -69.23 0.22 -20.55
CA CYS C 642 -69.09 1.66 -20.54
C CYS C 642 -67.65 2.07 -20.26
N ILE C 643 -67.00 1.44 -19.28
CA ILE C 643 -65.65 1.86 -18.95
C ILE C 643 -64.68 1.46 -20.07
N ARG C 644 -64.83 0.25 -20.61
CA ARG C 644 -63.96 -0.15 -21.71
C ARG C 644 -64.12 0.79 -22.90
N GLY C 645 -65.35 1.18 -23.20
CA GLY C 645 -65.56 2.12 -24.29
C GLY C 645 -64.93 3.46 -24.01
N TYR C 646 -65.08 3.97 -22.80
CA TYR C 646 -64.53 5.29 -22.49
C TYR C 646 -63.02 5.31 -22.45
N TRP C 647 -62.39 4.24 -21.96
CA TRP C 647 -60.94 4.24 -21.89
C TRP C 647 -60.32 4.01 -23.26
N GLU C 648 -60.64 2.89 -23.90
CA GLU C 648 -59.95 2.57 -25.14
C GLU C 648 -60.49 3.36 -26.32
N GLN C 649 -60.70 4.64 -26.11
CA GLN C 649 -60.79 5.64 -27.16
C GLN C 649 -60.07 6.93 -26.81
N SER C 650 -59.85 7.20 -25.52
CA SER C 650 -59.23 8.44 -25.09
C SER C 650 -58.27 8.26 -23.92
N HIS C 651 -58.02 7.03 -23.47
CA HIS C 651 -57.09 6.74 -22.39
C HIS C 651 -57.41 7.55 -21.14
N ARG C 652 -58.68 7.54 -20.75
CA ARG C 652 -59.11 8.25 -19.56
C ARG C 652 -59.87 7.31 -18.66
N VAL C 653 -59.61 7.40 -17.38
CA VAL C 653 -60.30 6.57 -16.39
C VAL C 653 -61.63 7.22 -16.06
N ALA C 654 -62.66 6.40 -15.92
CA ALA C 654 -63.99 6.88 -15.59
C ALA C 654 -64.36 6.53 -14.16
N PHE C 655 -65.39 7.21 -13.66
CA PHE C 655 -65.98 6.91 -12.35
C PHE C 655 -64.98 7.08 -11.22
N VAL C 656 -64.05 8.03 -11.35
CA VAL C 656 -63.08 8.25 -10.29
C VAL C 656 -63.60 9.22 -9.23
N ASN C 657 -64.69 9.93 -9.50
CA ASN C 657 -65.16 10.95 -8.57
C ASN C 657 -65.64 10.34 -7.26
N ASN C 658 -66.41 9.26 -7.33
CA ASN C 658 -67.04 8.69 -6.13
C ASN C 658 -66.17 7.61 -5.53
N PHE C 659 -66.04 7.66 -4.21
CA PHE C 659 -65.25 6.65 -3.52
C PHE C 659 -65.92 5.28 -3.54
N HIS C 660 -67.24 5.24 -3.62
CA HIS C 660 -67.91 3.95 -3.74
C HIS C 660 -68.03 3.57 -5.20
N MET C 661 -67.36 4.30 -6.07
CA MET C 661 -67.53 3.93 -7.45
C MET C 661 -66.23 3.52 -8.11
N LEU C 662 -65.13 4.24 -7.91
CA LEU C 662 -63.86 3.67 -8.33
C LEU C 662 -63.57 2.41 -7.56
N MET C 663 -64.25 2.23 -6.44
CA MET C 663 -63.93 1.14 -5.53
C MET C 663 -64.58 -0.15 -5.97
N TYR C 664 -65.90 -0.13 -6.13
CA TYR C 664 -66.56 -1.32 -6.65
C TYR C 664 -65.99 -1.70 -8.01
N ILE C 665 -65.57 -0.72 -8.81
CA ILE C 665 -64.87 -1.02 -10.05
C ILE C 665 -63.55 -1.70 -9.76
N THR C 666 -62.76 -1.11 -8.88
CA THR C 666 -61.46 -1.70 -8.56
C THR C 666 -61.64 -2.85 -7.60
N THR C 667 -62.83 -3.44 -7.57
CA THR C 667 -62.98 -4.73 -6.90
C THR C 667 -63.56 -5.77 -7.83
N TYR C 668 -64.51 -5.39 -8.67
CA TYR C 668 -65.15 -6.34 -9.58
C TYR C 668 -64.73 -6.06 -11.01
N LEU C 669 -64.95 -4.84 -11.47
CA LEU C 669 -64.47 -4.51 -12.82
C LEU C 669 -62.99 -4.17 -12.76
N GLY C 670 -62.26 -5.05 -12.09
CA GLY C 670 -60.83 -4.96 -11.92
C GLY C 670 -60.33 -6.38 -11.99
N ASN C 671 -61.21 -7.26 -12.44
CA ASN C 671 -60.91 -8.66 -12.44
C ASN C 671 -60.54 -9.18 -13.81
N GLY C 672 -60.74 -8.38 -14.85
CA GLY C 672 -60.45 -8.82 -16.20
C GLY C 672 -61.44 -8.41 -17.23
N GLU C 673 -62.50 -7.78 -16.76
CA GLU C 673 -63.38 -7.12 -17.69
C GLU C 673 -62.65 -5.98 -18.37
N LEU C 674 -61.73 -5.34 -17.65
CA LEU C 674 -61.09 -4.16 -18.15
C LEU C 674 -59.61 -4.41 -18.42
N PRO C 675 -59.05 -3.76 -19.43
CA PRO C 675 -57.68 -4.04 -19.84
C PRO C 675 -56.66 -3.46 -18.88
N GLU C 676 -55.42 -3.47 -19.37
CA GLU C 676 -54.24 -3.02 -18.64
C GLU C 676 -54.41 -1.81 -17.75
N VAL C 677 -54.57 -0.61 -18.32
CA VAL C 677 -54.23 0.58 -17.58
C VAL C 677 -55.41 1.05 -16.76
N CYS C 678 -56.61 0.74 -17.25
CA CYS C 678 -57.83 1.12 -16.56
C CYS C 678 -57.76 0.74 -15.09
N ILE C 679 -57.77 -0.56 -14.83
CA ILE C 679 -57.85 -0.95 -13.44
C ILE C 679 -56.55 -0.59 -12.75
N ASN C 680 -55.39 -0.94 -13.33
CA ASN C 680 -54.13 -0.62 -12.69
C ASN C 680 -54.07 0.83 -12.24
N ILE C 681 -54.73 1.73 -12.98
CA ILE C 681 -54.87 3.10 -12.51
C ILE C 681 -55.71 3.14 -11.24
N TYR C 682 -56.90 2.53 -11.27
CA TYR C 682 -57.71 2.49 -10.05
C TYR C 682 -56.90 1.97 -8.87
N ARG C 683 -56.07 0.99 -9.16
CA ARG C 683 -55.44 0.21 -8.13
C ARG C 683 -54.26 0.94 -7.53
N ASP C 684 -53.46 1.59 -8.36
CA ASP C 684 -52.41 2.44 -7.82
C ASP C 684 -53.00 3.59 -7.03
N LEU C 685 -54.12 4.16 -7.50
CA LEU C 685 -54.80 5.18 -6.71
C LEU C 685 -55.11 4.67 -5.31
N LEU C 686 -55.76 3.52 -5.23
CA LEU C 686 -56.19 3.04 -3.93
C LEU C 686 -55.01 2.58 -3.07
N GLN C 687 -53.95 2.11 -3.70
CA GLN C 687 -52.73 1.81 -2.96
C GLN C 687 -52.16 3.06 -2.34
N HIS C 688 -52.20 4.17 -3.08
CA HIS C 688 -51.77 5.44 -2.51
C HIS C 688 -52.66 5.81 -1.32
N VAL C 689 -53.96 5.53 -1.43
CA VAL C 689 -54.85 5.81 -0.30
C VAL C 689 -54.42 5.02 0.93
N ARG C 690 -54.11 3.73 0.76
CA ARG C 690 -53.73 2.94 1.92
C ARG C 690 -52.34 3.28 2.42
N ALA C 691 -51.44 3.71 1.54
CA ALA C 691 -50.16 4.21 2.00
C ALA C 691 -50.34 5.46 2.86
N LEU C 692 -51.28 6.32 2.48
CA LEU C 692 -51.58 7.48 3.31
C LEU C 692 -52.19 7.06 4.64
N ARG C 693 -53.05 6.05 4.65
CA ARG C 693 -53.58 5.57 5.92
C ARG C 693 -52.47 5.05 6.81
N GLN C 694 -51.58 4.25 6.25
CA GLN C 694 -50.43 3.80 7.02
C GLN C 694 -49.60 4.99 7.46
N THR C 695 -49.65 6.08 6.70
CA THR C 695 -48.92 7.27 7.10
C THR C 695 -49.56 7.94 8.30
N ILE C 696 -50.89 7.91 8.38
CA ILE C 696 -51.55 8.37 9.59
C ILE C 696 -51.11 7.51 10.77
N THR C 697 -50.94 6.21 10.51
CA THR C 697 -50.51 5.30 11.58
C THR C 697 -49.03 5.49 11.93
N ASP C 698 -48.27 6.18 11.06
CA ASP C 698 -46.88 6.51 11.40
C ASP C 698 -46.75 7.16 12.75
N PHE C 699 -47.25 8.38 12.85
CA PHE C 699 -46.64 9.37 13.70
C PHE C 699 -47.42 9.57 14.96
N THR C 700 -48.35 8.66 15.21
CA THR C 700 -49.14 8.63 16.41
C THR C 700 -48.39 7.85 17.48
N ILE C 701 -48.73 8.08 18.74
CA ILE C 701 -48.29 7.21 19.81
C ILE C 701 -49.51 6.40 20.24
N GLN C 702 -49.59 5.16 19.77
CA GLN C 702 -50.54 4.23 20.32
C GLN C 702 -50.28 4.20 21.81
N GLY C 703 -51.32 4.31 22.60
CA GLY C 703 -50.97 4.45 23.96
C GLY C 703 -51.85 5.33 24.74
N GLU C 704 -52.59 6.19 24.10
CA GLU C 704 -53.27 7.23 24.82
C GLU C 704 -54.69 7.23 24.28
N GLY C 705 -55.49 6.32 24.82
CA GLY C 705 -56.88 6.25 24.45
C GLY C 705 -57.68 6.70 25.65
N HIS C 706 -58.23 7.91 25.55
CA HIS C 706 -58.86 8.57 26.67
C HIS C 706 -60.35 8.74 26.39
N ASN C 707 -61.17 8.26 27.32
CA ASN C 707 -62.62 8.42 27.24
C ASN C 707 -63.17 7.82 25.96
N GLY C 708 -62.77 6.58 25.69
CA GLY C 708 -63.28 5.88 24.51
C GLY C 708 -62.89 6.53 23.21
N GLU C 709 -61.72 7.17 23.16
CA GLU C 709 -61.20 7.79 21.95
C GLU C 709 -59.85 7.15 21.64
N THR C 710 -59.68 6.69 20.41
CA THR C 710 -58.40 6.16 20.01
C THR C 710 -57.29 7.20 20.04
N SER C 711 -56.07 6.71 20.15
CA SER C 711 -54.90 7.56 19.95
C SER C 711 -54.91 8.18 18.56
N GLU C 712 -55.43 7.46 17.57
CA GLU C 712 -55.48 7.99 16.22
C GLU C 712 -56.33 9.26 16.16
N ALA C 713 -57.57 9.19 16.65
CA ALA C 713 -58.45 10.33 16.56
C ALA C 713 -58.02 11.45 17.50
N LEU C 714 -57.29 11.13 18.56
CA LEU C 714 -56.68 12.18 19.35
C LEU C 714 -55.50 12.81 18.65
N ASN C 715 -54.86 12.09 17.73
CA ASN C 715 -53.73 12.62 16.99
C ASN C 715 -54.17 13.30 15.69
N ASN C 716 -54.79 12.54 14.81
CA ASN C 716 -55.11 13.04 13.49
C ASN C 716 -56.59 13.38 13.39
N ILE C 717 -57.02 13.69 12.17
CA ILE C 717 -58.41 14.00 11.89
C ILE C 717 -59.02 13.03 10.88
N LEU C 718 -58.29 12.70 9.83
CA LEU C 718 -58.80 11.73 8.85
C LEU C 718 -59.13 10.40 9.48
N THR C 719 -58.51 10.08 10.61
CA THR C 719 -58.84 8.88 11.36
C THR C 719 -59.76 9.16 12.53
N ASP C 720 -60.33 10.36 12.59
CA ASP C 720 -61.28 10.71 13.64
C ASP C 720 -62.69 10.38 13.17
N ASP C 721 -63.42 9.60 13.97
CA ASP C 721 -64.73 9.14 13.56
C ASP C 721 -65.79 10.21 13.64
N THR C 722 -65.63 11.21 14.50
CA THR C 722 -66.63 12.26 14.60
C THR C 722 -66.72 13.08 13.33
N PHE C 723 -65.59 13.31 12.68
CA PHE C 723 -65.54 14.07 11.44
C PHE C 723 -65.99 13.18 10.29
N ILE C 724 -66.88 13.71 9.45
CA ILE C 724 -67.53 12.90 8.42
C ILE C 724 -67.10 13.37 7.05
N ALA C 725 -67.29 12.49 6.07
CA ALA C 725 -66.90 12.75 4.70
C ALA C 725 -67.74 13.89 4.11
N PRO C 726 -67.25 14.55 3.07
CA PRO C 726 -68.03 15.64 2.46
C PRO C 726 -69.38 15.21 1.93
N ILE C 727 -69.48 14.03 1.32
CA ILE C 727 -70.76 13.52 0.83
C ILE C 727 -70.95 12.11 1.36
N LEU C 728 -72.18 11.78 1.72
CA LEU C 728 -72.51 10.47 2.26
C LEU C 728 -73.41 9.72 1.30
N TRP C 729 -73.08 8.46 1.05
CA TRP C 729 -73.94 7.56 0.30
C TRP C 729 -74.76 6.65 1.18
N ASP C 730 -74.25 6.27 2.35
CA ASP C 730 -74.94 5.38 3.26
C ASP C 730 -74.96 6.00 4.64
N CYS C 731 -75.87 5.50 5.47
CA CYS C 731 -76.06 6.05 6.80
C CYS C 731 -75.07 5.48 7.82
N ASP C 732 -74.14 4.64 7.39
CA ASP C 732 -73.22 4.03 8.35
C ASP C 732 -72.30 5.06 8.98
N ALA C 733 -71.87 6.06 8.21
CA ALA C 733 -70.96 7.07 8.75
C ALA C 733 -71.59 7.80 9.93
N LEU C 734 -72.88 8.14 9.82
CA LEU C 734 -73.57 8.79 10.92
C LEU C 734 -73.62 7.88 12.15
N ILE C 735 -73.87 6.59 11.95
CA ILE C 735 -73.93 5.66 13.08
C ILE C 735 -72.58 5.59 13.77
N TYR C 736 -71.51 5.45 12.99
CA TYR C 736 -70.18 5.39 13.58
C TYR C 736 -69.85 6.67 14.33
N ARG C 737 -70.17 7.82 13.74
CA ARG C 737 -69.90 9.08 14.42
C ARG C 737 -70.68 9.19 15.72
N ASP C 738 -71.97 8.84 15.68
CA ASP C 738 -72.78 8.94 16.88
C ASP C 738 -72.27 8.02 17.98
N GLU C 739 -71.86 6.82 17.63
CA GLU C 739 -71.33 5.91 18.65
C GLU C 739 -69.98 6.40 19.17
N ALA C 740 -69.12 6.91 18.28
CA ALA C 740 -67.74 7.20 18.67
C ALA C 740 -67.67 8.31 19.70
N ALA C 741 -68.42 9.39 19.51
CA ALA C 741 -68.24 10.52 20.41
C ALA C 741 -68.83 10.22 21.77
N ARG C 742 -70.16 10.17 21.86
CA ARG C 742 -70.89 9.67 23.02
C ARG C 742 -70.61 10.50 24.27
N ASP C 743 -69.62 11.37 24.21
CA ASP C 743 -69.25 12.22 25.33
C ASP C 743 -69.11 13.68 24.91
N ARG C 744 -68.56 13.93 23.74
CA ARG C 744 -68.60 15.27 23.15
C ARG C 744 -70.02 15.50 22.66
N LEU C 745 -70.73 16.41 23.32
CA LEU C 745 -72.16 16.60 23.12
C LEU C 745 -72.50 16.71 21.64
N PRO C 746 -73.09 15.68 21.07
CA PRO C 746 -73.36 15.69 19.63
C PRO C 746 -74.76 16.20 19.33
N ALA C 747 -74.94 16.63 18.08
CA ALA C 747 -76.23 17.10 17.61
C ALA C 747 -76.17 17.15 16.09
N ILE C 748 -77.23 16.67 15.46
CA ILE C 748 -77.30 16.59 14.00
C ILE C 748 -78.60 17.23 13.56
N ARG C 749 -78.53 18.03 12.51
CA ARG C 749 -79.70 18.71 11.95
C ARG C 749 -79.82 18.32 10.48
N VAL C 750 -80.89 17.61 10.15
CA VAL C 750 -81.10 17.11 8.80
C VAL C 750 -82.43 17.69 8.33
N SER C 751 -82.35 18.80 7.60
CA SER C 751 -83.52 19.40 6.95
C SER C 751 -84.64 19.65 7.95
N GLY C 752 -84.37 20.54 8.90
CA GLY C 752 -85.37 20.87 9.88
C GLY C 752 -85.16 20.20 11.23
N ARG C 753 -85.91 19.14 11.48
CA ARG C 753 -85.84 18.47 12.77
C ARG C 753 -84.47 17.90 13.03
N ASN C 754 -84.24 17.51 14.29
CA ASN C 754 -82.96 16.95 14.71
C ASN C 754 -83.02 15.44 14.70
N GLY C 755 -81.97 14.82 14.18
CA GLY C 755 -81.91 13.38 14.09
C GLY C 755 -82.41 12.84 12.76
N TYR C 756 -81.97 11.64 12.43
CA TYR C 756 -82.34 10.97 11.20
C TYR C 756 -83.31 9.83 11.51
N GLN C 757 -83.69 9.10 10.48
CA GLN C 757 -84.64 8.00 10.63
C GLN C 757 -84.14 6.70 10.03
N ALA C 758 -83.42 6.76 8.90
CA ALA C 758 -82.80 5.59 8.28
C ALA C 758 -83.84 4.54 7.91
N LEU C 759 -84.70 4.93 6.98
CA LEU C 759 -85.73 4.05 6.43
C LEU C 759 -85.25 3.60 5.06
N HIS C 760 -84.99 2.31 4.90
CA HIS C 760 -84.33 1.81 3.72
C HIS C 760 -85.32 1.08 2.79
N PHE C 761 -84.82 0.74 1.60
CA PHE C 761 -85.53 -0.10 0.64
C PHE C 761 -86.86 0.53 0.20
N VAL C 762 -86.73 1.65 -0.50
CA VAL C 762 -87.88 2.37 -1.04
C VAL C 762 -87.94 2.12 -2.54
N ASP C 763 -88.99 1.44 -2.98
CA ASP C 763 -89.22 1.10 -4.37
C ASP C 763 -90.28 2.01 -4.98
N MET C 764 -90.74 1.65 -6.19
CA MET C 764 -91.74 2.47 -6.89
C MET C 764 -93.00 2.69 -6.08
N ALA C 765 -93.32 1.82 -5.15
CA ALA C 765 -94.55 1.97 -4.37
C ALA C 765 -94.57 3.31 -3.64
N GLY C 766 -93.51 3.60 -2.88
CA GLY C 766 -93.52 4.77 -2.02
C GLY C 766 -92.37 5.73 -2.16
N HIS C 767 -91.93 6.03 -3.39
CA HIS C 767 -90.75 6.85 -3.57
C HIS C 767 -90.94 8.25 -2.99
N ASN C 768 -92.04 8.91 -3.33
CA ASN C 768 -92.44 10.16 -2.69
C ASN C 768 -91.33 11.23 -2.78
N PHE C 769 -91.11 11.67 -4.02
CA PHE C 769 -89.98 12.56 -4.31
C PHE C 769 -89.97 13.79 -3.42
N GLN C 770 -91.12 14.41 -3.20
CA GLN C 770 -91.15 15.65 -2.43
C GLN C 770 -91.36 15.39 -0.93
N ARG C 771 -90.57 14.48 -0.38
CA ARG C 771 -90.63 14.19 1.04
C ARG C 771 -90.00 15.34 1.82
N ARG C 772 -90.67 15.80 2.87
CA ARG C 772 -90.16 16.87 3.71
C ARG C 772 -89.71 16.40 5.08
N ASP C 773 -89.68 15.09 5.31
CA ASP C 773 -89.31 14.59 6.63
C ASP C 773 -87.80 14.60 6.80
N ASN C 774 -87.35 14.05 7.92
CA ASN C 774 -85.94 13.84 8.21
C ASN C 774 -85.56 12.38 8.00
N VAL C 775 -86.12 11.78 6.96
CA VAL C 775 -85.91 10.38 6.67
C VAL C 775 -84.82 10.25 5.62
N LEU C 776 -83.86 9.37 5.86
CA LEU C 776 -82.75 9.14 4.95
C LEU C 776 -82.77 7.70 4.46
N ILE C 777 -82.45 7.52 3.18
CA ILE C 777 -82.44 6.20 2.55
C ILE C 777 -81.13 5.51 2.89
N HIS C 778 -81.23 4.27 3.37
CA HIS C 778 -80.03 3.54 3.76
C HIS C 778 -79.57 2.55 2.68
N GLY C 779 -80.51 2.03 1.90
CA GLY C 779 -80.15 1.07 0.87
C GLY C 779 -80.45 -0.35 1.24
N ARG C 780 -80.57 -1.23 0.26
CA ARG C 780 -80.90 -2.62 0.55
C ARG C 780 -79.68 -3.36 1.06
N PRO C 781 -79.69 -3.84 2.30
CA PRO C 781 -78.56 -4.64 2.77
C PRO C 781 -78.50 -5.96 2.02
N VAL C 782 -77.30 -6.47 1.88
CA VAL C 782 -77.10 -7.81 1.36
C VAL C 782 -77.53 -8.86 2.39
N ARG C 783 -77.39 -8.56 3.67
CA ARG C 783 -77.75 -9.51 4.72
C ARG C 783 -79.08 -9.18 5.39
N GLY C 784 -80.06 -9.94 4.95
CA GLY C 784 -81.18 -10.23 5.81
C GLY C 784 -82.48 -9.90 5.16
N ASP C 785 -83.53 -9.95 5.98
CA ASP C 785 -84.82 -9.41 5.65
C ASP C 785 -84.72 -7.92 5.86
N THR C 786 -85.14 -7.14 4.88
CA THR C 786 -85.19 -5.69 5.05
C THR C 786 -86.11 -5.37 6.22
N GLY C 787 -87.37 -5.79 6.11
CA GLY C 787 -88.29 -5.72 7.21
C GLY C 787 -88.59 -4.30 7.66
N GLN C 788 -89.19 -4.23 8.84
CA GLN C 788 -89.49 -2.95 9.47
C GLN C 788 -88.94 -2.86 10.89
N ALA C 789 -89.05 -3.93 11.67
CA ALA C 789 -88.57 -3.89 13.05
C ALA C 789 -87.06 -4.07 13.13
N ILE C 790 -86.44 -4.61 12.09
CA ILE C 790 -85.00 -4.84 12.14
C ILE C 790 -84.27 -3.51 12.05
N PRO C 791 -83.40 -3.18 13.00
CA PRO C 791 -82.75 -1.86 12.99
C PRO C 791 -81.61 -1.84 11.98
N ILE C 792 -81.10 -0.62 11.76
CA ILE C 792 -80.09 -0.42 10.74
C ILE C 792 -78.73 -0.89 11.27
N THR C 793 -77.93 -1.44 10.39
CA THR C 793 -76.56 -1.82 10.69
C THR C 793 -75.65 -1.26 9.61
N PRO C 794 -74.41 -0.93 9.96
CA PRO C 794 -73.48 -0.41 8.96
C PRO C 794 -73.26 -1.41 7.85
N HIS C 795 -73.17 -0.90 6.62
CA HIS C 795 -72.84 -1.76 5.48
C HIS C 795 -71.40 -2.24 5.57
N HIS C 796 -70.51 -1.39 6.04
CA HIS C 796 -69.08 -1.65 6.04
C HIS C 796 -68.50 -1.25 7.39
N ASP C 797 -67.35 -1.83 7.72
CA ASP C 797 -66.80 -1.57 9.02
C ASP C 797 -66.17 -0.17 9.04
N ARG C 798 -65.54 0.15 10.17
CA ARG C 798 -65.08 1.51 10.44
C ARG C 798 -64.02 1.96 9.43
N GLU C 799 -63.23 1.04 8.89
CA GLU C 799 -62.19 1.44 7.96
C GLU C 799 -62.76 2.11 6.72
N TRP C 800 -64.05 1.89 6.47
CA TRP C 800 -64.75 2.70 5.48
C TRP C 800 -64.58 4.18 5.74
N GLY C 801 -64.86 4.62 6.97
CA GLY C 801 -64.76 6.03 7.26
C GLY C 801 -63.37 6.56 7.03
N ILE C 802 -62.36 5.84 7.51
CA ILE C 802 -60.99 6.33 7.38
C ILE C 802 -60.58 6.43 5.93
N LEU C 803 -60.81 5.36 5.16
CA LEU C 803 -60.39 5.39 3.77
C LEU C 803 -61.16 6.44 2.96
N SER C 804 -62.48 6.52 3.18
CA SER C 804 -63.26 7.50 2.44
C SER C 804 -62.82 8.92 2.76
N LYS C 805 -62.59 9.21 4.04
CA LYS C 805 -62.15 10.54 4.41
C LYS C 805 -60.80 10.86 3.79
N ILE C 806 -59.86 9.92 3.86
CA ILE C 806 -58.53 10.17 3.28
C ILE C 806 -58.65 10.44 1.80
N TYR C 807 -59.40 9.60 1.08
CA TYR C 807 -59.56 9.81 -0.34
C TYR C 807 -60.13 11.19 -0.62
N TYR C 808 -61.34 11.45 -0.11
CA TYR C 808 -62.04 12.68 -0.46
C TYR C 808 -61.27 13.93 -0.06
N TYR C 809 -60.52 13.88 1.04
CA TYR C 809 -59.86 15.08 1.54
C TYR C 809 -58.40 15.20 1.16
N ILE C 810 -57.84 14.21 0.47
CA ILE C 810 -56.47 14.37 0.01
C ILE C 810 -56.37 14.14 -1.48
N VAL C 811 -56.79 12.97 -1.96
CA VAL C 811 -56.53 12.63 -3.34
C VAL C 811 -57.36 13.49 -4.29
N ILE C 812 -58.63 13.70 -3.98
CA ILE C 812 -59.47 14.55 -4.83
C ILE C 812 -58.96 15.99 -4.88
N PRO C 813 -58.73 16.68 -3.75
CA PRO C 813 -58.18 18.03 -3.85
C PRO C 813 -56.79 18.09 -4.45
N ALA C 814 -55.99 17.03 -4.30
CA ALA C 814 -54.65 17.06 -4.88
C ALA C 814 -54.69 17.05 -6.40
N PHE C 815 -55.66 16.37 -6.99
CA PHE C 815 -55.77 16.31 -8.44
C PHE C 815 -56.60 17.45 -9.01
N SER C 816 -57.77 17.68 -8.43
CA SER C 816 -58.65 18.73 -8.94
C SER C 816 -58.03 20.10 -8.74
N ARG C 817 -57.35 20.31 -7.62
CA ARG C 817 -56.78 21.60 -7.27
C ARG C 817 -57.87 22.67 -7.22
N GLY C 818 -58.89 22.39 -6.43
CA GLY C 818 -59.93 23.36 -6.19
C GLY C 818 -60.78 23.71 -7.40
N SER C 819 -60.86 22.83 -8.38
CA SER C 819 -61.76 23.03 -9.50
C SER C 819 -63.04 22.22 -9.39
N CYS C 820 -62.98 21.05 -8.76
CA CYS C 820 -64.16 20.21 -8.59
C CYS C 820 -65.16 20.86 -7.64
N CYS C 821 -66.43 20.60 -7.89
CA CYS C 821 -67.53 21.17 -7.12
C CYS C 821 -68.48 20.07 -6.71
N THR C 822 -69.11 20.22 -5.55
CA THR C 822 -70.01 19.21 -5.04
C THR C 822 -71.45 19.67 -5.22
N MET C 823 -72.30 18.77 -5.72
CA MET C 823 -73.68 19.14 -6.00
C MET C 823 -74.64 18.02 -5.68
N GLY C 824 -75.91 18.41 -5.49
CA GLY C 824 -76.99 17.47 -5.33
C GLY C 824 -77.78 17.34 -6.62
N VAL C 825 -78.43 16.20 -6.76
CA VAL C 825 -79.08 15.82 -8.02
C VAL C 825 -80.57 16.15 -7.94
N ARG C 826 -81.21 16.12 -9.10
CA ARG C 826 -82.65 16.30 -9.21
C ARG C 826 -83.25 14.98 -9.64
N TYR C 827 -83.54 14.12 -8.67
CA TYR C 827 -84.04 12.79 -9.00
C TYR C 827 -85.36 12.86 -9.73
N ASP C 828 -86.26 13.75 -9.30
CA ASP C 828 -87.55 13.89 -9.97
C ASP C 828 -87.40 14.24 -11.45
N ARG C 829 -86.30 14.86 -11.83
CA ARG C 829 -86.04 15.18 -13.23
C ARG C 829 -85.09 14.20 -13.90
N LEU C 830 -84.58 13.22 -13.15
CA LEU C 830 -83.65 12.25 -13.71
C LEU C 830 -84.31 10.92 -13.96
N TYR C 831 -84.97 10.36 -12.95
CA TYR C 831 -85.57 9.03 -13.09
C TYR C 831 -86.52 8.91 -14.26
N PRO C 832 -87.44 9.85 -14.50
CA PRO C 832 -88.29 9.72 -15.69
C PRO C 832 -87.52 9.73 -17.00
N ALA C 833 -86.31 10.29 -17.02
CA ALA C 833 -85.47 10.21 -18.20
C ALA C 833 -84.69 8.91 -18.27
N LEU C 834 -84.77 8.08 -17.24
CA LEU C 834 -84.08 6.80 -17.20
C LEU C 834 -84.98 5.65 -17.61
N GLN C 835 -86.24 5.93 -17.95
CA GLN C 835 -87.23 4.93 -18.29
C GLN C 835 -87.36 4.69 -19.78
N ALA C 836 -86.54 5.33 -20.59
CA ALA C 836 -86.71 5.31 -22.05
C ALA C 836 -85.54 4.55 -22.67
N VAL C 837 -85.66 3.22 -22.76
CA VAL C 837 -84.70 2.38 -23.45
C VAL C 837 -85.39 1.78 -24.66
N ILE C 838 -84.69 1.71 -25.79
CA ILE C 838 -85.32 1.33 -27.05
C ILE C 838 -84.71 0.02 -27.54
N VAL C 839 -84.40 -0.88 -26.60
CA VAL C 839 -83.93 -2.19 -27.02
C VAL C 839 -85.02 -2.87 -27.86
N PRO C 840 -84.71 -3.33 -29.06
CA PRO C 840 -85.72 -3.93 -29.94
C PRO C 840 -86.08 -5.35 -29.49
N GLU C 841 -86.99 -5.95 -30.25
CA GLU C 841 -87.43 -7.32 -30.02
C GLU C 841 -86.64 -8.24 -30.94
N ILE C 842 -85.57 -8.81 -30.42
CA ILE C 842 -84.76 -9.76 -31.20
C ILE C 842 -85.52 -11.08 -31.32
N PRO C 843 -85.59 -11.68 -32.50
CA PRO C 843 -86.25 -12.98 -32.63
C PRO C 843 -85.48 -14.08 -31.93
N ALA C 844 -86.21 -15.12 -31.53
CA ALA C 844 -85.55 -16.29 -30.96
C ALA C 844 -84.75 -17.03 -32.02
N ASP C 845 -83.79 -17.82 -31.56
CA ASP C 845 -82.86 -18.52 -32.44
C ASP C 845 -82.13 -17.54 -33.37
N GLU C 846 -81.75 -16.39 -32.81
CA GLU C 846 -80.99 -15.38 -33.52
C GLU C 846 -79.83 -14.91 -32.66
N GLU C 847 -78.75 -14.48 -33.30
CA GLU C 847 -77.56 -14.05 -32.59
C GLU C 847 -77.67 -12.58 -32.17
N ALA C 848 -77.10 -12.28 -31.01
CA ALA C 848 -77.14 -10.92 -30.51
C ALA C 848 -76.28 -10.02 -31.39
N PRO C 849 -76.82 -8.89 -31.85
CA PRO C 849 -75.98 -7.93 -32.59
C PRO C 849 -74.99 -7.25 -31.65
N THR C 850 -73.71 -7.27 -32.04
CA THR C 850 -72.66 -6.67 -31.24
C THR C 850 -72.21 -5.33 -31.80
N THR C 851 -71.81 -5.31 -33.06
CA THR C 851 -71.43 -4.06 -33.71
C THR C 851 -72.68 -3.20 -33.91
N PRO C 852 -72.55 -1.86 -33.84
CA PRO C 852 -73.70 -0.98 -33.99
C PRO C 852 -74.06 -0.64 -35.42
N GLU C 853 -73.47 -1.28 -36.42
CA GLU C 853 -73.80 -0.97 -37.80
C GLU C 853 -75.08 -1.67 -38.27
N ASP C 854 -75.48 -2.76 -37.62
CA ASP C 854 -76.69 -3.44 -38.03
C ASP C 854 -77.91 -2.82 -37.38
N PRO C 855 -79.07 -2.87 -38.06
CA PRO C 855 -80.28 -2.24 -37.50
C PRO C 855 -80.69 -2.78 -36.15
N ARG C 856 -80.40 -4.05 -35.85
CA ARG C 856 -80.84 -4.65 -34.60
C ARG C 856 -80.11 -4.11 -33.37
N HIS C 857 -79.00 -3.40 -33.57
CA HIS C 857 -78.26 -2.87 -32.43
C HIS C 857 -79.02 -1.73 -31.77
N PRO C 858 -78.95 -1.62 -30.45
CA PRO C 858 -79.70 -0.54 -29.77
C PRO C 858 -79.27 0.85 -30.21
N LEU C 859 -78.04 1.00 -30.70
CA LEU C 859 -77.48 2.31 -31.02
C LEU C 859 -77.56 2.66 -32.49
N HIS C 860 -78.19 1.81 -33.31
CA HIS C 860 -78.36 2.16 -34.71
C HIS C 860 -79.34 3.31 -34.85
N ALA C 861 -79.11 4.15 -35.86
CA ALA C 861 -79.93 5.33 -36.07
C ALA C 861 -81.41 5.00 -36.26
N HIS C 862 -81.74 3.80 -36.75
CA HIS C 862 -83.13 3.45 -36.98
C HIS C 862 -83.94 3.52 -35.69
N GLN C 863 -83.43 2.90 -34.63
CA GLN C 863 -84.08 2.87 -33.34
C GLN C 863 -83.39 3.79 -32.34
N LEU C 864 -82.93 4.94 -32.81
CA LEU C 864 -82.29 5.97 -32.00
C LEU C 864 -83.20 7.19 -32.06
N VAL C 865 -84.17 7.25 -31.15
CA VAL C 865 -85.19 8.28 -31.17
C VAL C 865 -84.89 9.31 -30.10
N PRO C 866 -85.33 10.56 -30.25
CA PRO C 866 -84.98 11.59 -29.28
C PRO C 866 -85.56 11.31 -27.90
N ASN C 867 -84.93 11.90 -26.89
CA ASN C 867 -85.45 11.89 -25.52
C ASN C 867 -85.48 10.49 -24.93
N SER C 868 -84.31 9.85 -24.93
CA SER C 868 -84.19 8.51 -24.42
C SER C 868 -82.77 8.30 -23.90
N LEU C 869 -82.60 7.28 -23.07
CA LEU C 869 -81.25 6.93 -22.68
C LEU C 869 -80.39 6.57 -23.88
N ASN C 870 -81.02 6.12 -24.97
CA ASN C 870 -80.22 5.74 -26.13
C ASN C 870 -79.52 6.94 -26.75
N VAL C 871 -80.21 8.06 -26.90
CA VAL C 871 -79.53 9.23 -27.42
C VAL C 871 -78.47 9.72 -26.45
N TYR C 872 -78.72 9.59 -25.14
CA TYR C 872 -77.70 9.95 -24.17
C TYR C 872 -76.43 9.13 -24.37
N PHE C 873 -76.58 7.81 -24.49
CA PHE C 873 -75.41 6.95 -24.67
C PHE C 873 -74.72 7.20 -26.00
N HIS C 874 -75.48 7.44 -27.06
CA HIS C 874 -74.83 7.77 -28.32
C HIS C 874 -74.13 9.12 -28.24
N ASN C 875 -74.56 9.99 -27.32
CA ASN C 875 -73.87 11.25 -27.14
C ASN C 875 -72.50 11.04 -26.49
N ALA C 876 -72.32 9.95 -25.78
CA ALA C 876 -71.01 9.62 -25.23
C ALA C 876 -70.18 8.76 -26.17
N HIS C 877 -70.74 8.40 -27.33
CA HIS C 877 -70.06 7.54 -28.30
C HIS C 877 -69.60 6.24 -27.65
N LEU C 878 -70.40 5.74 -26.72
CA LEU C 878 -70.15 4.49 -26.03
C LEU C 878 -71.11 3.43 -26.54
N THR C 879 -70.59 2.25 -26.82
CA THR C 879 -71.38 1.15 -27.37
C THR C 879 -71.82 0.23 -26.25
N VAL C 880 -73.12 -0.08 -26.21
CA VAL C 880 -73.68 -0.97 -25.21
C VAL C 880 -74.60 -1.96 -25.91
N ASP C 881 -74.90 -3.05 -25.20
CA ASP C 881 -75.71 -4.12 -25.74
C ASP C 881 -77.14 -4.04 -25.22
N GLY C 882 -78.00 -4.93 -25.72
CA GLY C 882 -79.39 -4.91 -25.30
C GLY C 882 -79.57 -5.19 -23.83
N ASP C 883 -79.05 -6.34 -23.37
CA ASP C 883 -79.21 -6.71 -21.96
C ASP C 883 -78.57 -5.69 -21.03
N ALA C 884 -77.46 -5.08 -21.46
CA ALA C 884 -76.85 -4.02 -20.66
C ALA C 884 -77.86 -2.93 -20.36
N LEU C 885 -78.57 -2.46 -21.38
CA LEU C 885 -79.57 -1.42 -21.15
C LEU C 885 -80.77 -1.94 -20.40
N LEU C 886 -81.18 -3.19 -20.63
CA LEU C 886 -82.31 -3.74 -19.89
C LEU C 886 -82.02 -3.90 -18.41
N THR C 887 -80.74 -3.95 -18.03
CA THR C 887 -80.41 -4.08 -16.62
C THR C 887 -80.84 -2.87 -15.80
N LEU C 888 -81.19 -1.76 -16.44
CA LEU C 888 -81.53 -0.55 -15.72
C LEU C 888 -82.77 -0.74 -14.86
N GLN C 889 -83.78 -1.43 -15.37
CA GLN C 889 -84.98 -1.63 -14.56
C GLN C 889 -84.75 -2.63 -13.43
N GLU C 890 -83.78 -3.52 -13.57
CA GLU C 890 -83.34 -4.31 -12.42
C GLU C 890 -82.73 -3.40 -11.37
N LEU C 891 -81.90 -2.45 -11.81
CA LEU C 891 -81.39 -1.42 -10.92
C LEU C 891 -82.51 -0.68 -10.22
N MET C 892 -83.63 -0.50 -10.90
CA MET C 892 -84.69 0.39 -10.45
C MET C 892 -85.39 -0.10 -9.18
N GLY C 893 -85.17 -1.36 -8.79
CA GLY C 893 -85.83 -1.87 -7.60
C GLY C 893 -85.51 -1.06 -6.36
N ASP C 894 -84.28 -0.56 -6.26
CA ASP C 894 -83.85 0.29 -5.17
C ASP C 894 -83.54 1.68 -5.71
N MET C 895 -84.01 2.71 -5.02
CA MET C 895 -83.94 4.07 -5.51
C MET C 895 -83.39 4.99 -4.44
N ALA C 896 -83.28 6.27 -4.80
CA ALA C 896 -82.98 7.34 -3.86
C ALA C 896 -84.00 8.44 -4.05
N GLU C 897 -84.64 8.87 -2.97
CA GLU C 897 -85.70 9.86 -3.09
C GLU C 897 -85.16 11.22 -3.51
N ARG C 898 -84.33 11.83 -2.68
CA ARG C 898 -83.81 13.15 -2.98
C ARG C 898 -82.58 13.40 -2.13
N THR C 899 -81.80 14.41 -2.53
CA THR C 899 -80.62 14.78 -1.77
C THR C 899 -80.98 15.78 -0.68
N THR C 900 -80.21 15.75 0.41
CA THR C 900 -80.49 16.59 1.55
C THR C 900 -79.18 17.01 2.20
N ALA C 901 -79.24 18.10 2.97
CA ALA C 901 -78.06 18.72 3.55
C ALA C 901 -78.01 18.41 5.04
N ILE C 902 -76.88 17.88 5.49
CA ILE C 902 -76.69 17.46 6.88
C ILE C 902 -75.72 18.42 7.54
N LEU C 903 -76.08 18.90 8.71
CA LEU C 903 -75.20 19.72 9.54
C LEU C 903 -74.98 18.98 10.85
N VAL C 904 -73.73 18.66 11.14
CA VAL C 904 -73.38 17.95 12.37
C VAL C 904 -72.63 18.91 13.28
N SER C 905 -72.63 18.60 14.57
CA SER C 905 -71.96 19.45 15.54
C SER C 905 -71.49 18.60 16.71
N SER C 906 -70.42 19.05 17.35
CA SER C 906 -69.90 18.35 18.52
C SER C 906 -68.92 19.26 19.24
N ALA C 907 -68.72 18.96 20.51
CA ALA C 907 -67.71 19.65 21.28
C ALA C 907 -66.33 19.12 20.91
N PRO C 908 -65.28 19.92 21.09
CA PRO C 908 -63.93 19.45 20.79
C PRO C 908 -63.57 18.26 21.67
N ASP C 909 -62.73 17.40 21.11
CA ASP C 909 -62.50 16.08 21.68
C ASP C 909 -61.86 16.17 23.07
N ALA C 910 -61.72 15.00 23.70
CA ALA C 910 -61.24 14.93 25.07
C ALA C 910 -59.82 15.43 25.22
N GLY C 911 -59.07 15.55 24.13
CA GLY C 911 -57.73 16.09 24.23
C GLY C 911 -57.72 17.55 24.64
N ALA C 912 -58.62 18.35 24.04
CA ALA C 912 -58.66 19.79 24.27
C ALA C 912 -59.94 20.23 24.98
N ALA C 913 -60.60 19.31 25.67
CA ALA C 913 -61.88 19.63 26.31
C ALA C 913 -61.61 20.18 27.71
N THR C 914 -61.39 21.49 27.79
CA THR C 914 -61.26 22.14 29.07
C THR C 914 -62.60 22.77 29.44
N ALA C 915 -62.65 23.44 30.58
CA ALA C 915 -63.91 23.98 31.08
C ALA C 915 -64.47 25.05 30.17
N THR C 916 -63.61 25.71 29.37
CA THR C 916 -64.06 26.82 28.54
C THR C 916 -64.16 26.51 27.06
N THR C 917 -63.55 25.42 26.59
CA THR C 917 -63.64 25.10 25.18
C THR C 917 -64.86 24.23 24.85
N ARG C 918 -65.57 23.71 25.85
CA ARG C 918 -66.76 22.93 25.56
C ARG C 918 -67.82 23.78 24.90
N ASN C 919 -67.88 25.07 25.20
CA ASN C 919 -68.81 25.95 24.51
C ASN C 919 -68.38 26.17 23.06
N MET C 920 -67.08 26.06 22.81
CA MET C 920 -66.48 26.34 21.52
C MET C 920 -66.72 25.17 20.58
N ARG C 921 -67.93 25.07 20.04
CA ARG C 921 -68.34 23.93 19.24
C ARG C 921 -67.85 24.07 17.81
N ILE C 922 -67.81 22.95 17.09
CA ILE C 922 -67.42 22.92 15.68
C ILE C 922 -68.60 22.41 14.87
N TYR C 923 -68.92 23.12 13.80
CA TYR C 923 -69.99 22.75 12.88
C TYR C 923 -69.38 22.50 11.50
N ASP C 924 -69.70 21.36 10.90
CA ASP C 924 -69.31 21.10 9.52
C ASP C 924 -70.44 20.37 8.82
N GLY C 925 -70.57 20.62 7.51
CA GLY C 925 -71.69 20.13 6.74
C GLY C 925 -71.30 18.98 5.82
N ALA C 926 -72.32 18.35 5.26
CA ALA C 926 -72.14 17.27 4.31
C ALA C 926 -73.45 17.06 3.57
N LEU C 927 -73.35 16.49 2.38
CA LEU C 927 -74.49 16.26 1.50
C LEU C 927 -74.84 14.79 1.48
N TYR C 928 -76.12 14.49 1.65
CA TYR C 928 -76.60 13.12 1.49
C TYR C 928 -77.05 12.92 0.06
N HIS C 929 -76.57 11.84 -0.55
CA HIS C 929 -76.93 11.50 -1.93
C HIS C 929 -76.58 12.63 -2.90
N GLY C 930 -75.44 13.26 -2.67
CA GLY C 930 -74.93 14.27 -3.58
C GLY C 930 -73.83 13.71 -4.47
N LEU C 931 -73.31 14.57 -5.33
CA LEU C 931 -72.22 14.20 -6.22
C LEU C 931 -71.11 15.23 -6.15
N ILE C 932 -69.94 14.81 -6.63
CA ILE C 932 -68.80 15.68 -6.84
C ILE C 932 -68.37 15.52 -8.28
N MET C 933 -68.55 16.56 -9.10
CA MET C 933 -68.13 16.43 -10.48
C MET C 933 -66.80 17.14 -10.66
N MET C 934 -66.07 16.72 -11.69
CA MET C 934 -64.69 17.17 -11.86
C MET C 934 -64.58 18.55 -12.47
N ALA C 935 -65.02 18.72 -13.71
CA ALA C 935 -64.87 19.98 -14.41
C ALA C 935 -66.19 20.38 -15.03
N TYR C 936 -66.47 21.68 -15.05
CA TYR C 936 -67.75 22.19 -15.49
C TYR C 936 -67.62 22.78 -16.89
N GLN C 937 -68.48 22.32 -17.79
CA GLN C 937 -68.54 22.81 -19.16
C GLN C 937 -69.81 23.62 -19.32
N ALA C 938 -69.67 24.88 -19.72
CA ALA C 938 -70.80 25.77 -19.87
C ALA C 938 -71.21 25.96 -21.32
N TYR C 939 -70.46 25.37 -22.26
CA TYR C 939 -70.73 25.55 -23.68
C TYR C 939 -71.15 24.25 -24.36
N ASP C 940 -71.49 23.23 -23.57
CA ASP C 940 -72.05 21.99 -24.10
C ASP C 940 -73.57 22.16 -24.12
N GLU C 941 -74.11 22.54 -25.26
CA GLU C 941 -75.52 22.88 -25.36
C GLU C 941 -76.42 21.68 -25.64
N THR C 942 -75.86 20.48 -25.72
CA THR C 942 -76.70 19.31 -25.94
C THR C 942 -77.67 19.08 -24.78
N ILE C 943 -77.32 19.51 -23.58
CA ILE C 943 -78.17 19.36 -22.40
C ILE C 943 -78.39 20.74 -21.80
N ALA C 944 -79.64 21.06 -21.49
CA ALA C 944 -79.95 22.34 -20.88
C ALA C 944 -79.25 22.46 -19.53
N THR C 945 -78.73 23.66 -19.25
CA THR C 945 -77.95 23.87 -18.04
C THR C 945 -78.80 23.65 -16.80
N GLY C 946 -78.21 23.02 -15.80
CA GLY C 946 -78.93 22.74 -14.57
C GLY C 946 -80.14 21.86 -14.75
N THR C 947 -80.09 20.93 -15.70
CA THR C 947 -81.21 20.02 -15.90
C THR C 947 -81.30 19.01 -14.76
N PHE C 948 -80.18 18.41 -14.39
CA PHE C 948 -80.16 17.38 -13.37
C PHE C 948 -79.44 17.79 -12.09
N PHE C 949 -78.47 18.70 -12.16
CA PHE C 949 -77.59 19.00 -11.04
C PHE C 949 -77.65 20.48 -10.70
N TYR C 950 -77.69 20.78 -9.41
CA TYR C 950 -77.64 22.17 -8.98
C TYR C 950 -76.58 22.34 -7.91
N PRO C 951 -75.84 23.44 -7.92
CA PRO C 951 -74.61 23.56 -7.14
C PRO C 951 -74.88 23.86 -5.66
N VAL C 952 -74.35 23.00 -4.79
CA VAL C 952 -74.38 23.20 -3.35
C VAL C 952 -72.98 22.95 -2.81
N PRO C 953 -72.08 23.92 -2.88
CA PRO C 953 -70.70 23.66 -2.45
C PRO C 953 -70.54 23.80 -0.95
N VAL C 954 -70.10 22.73 -0.28
CA VAL C 954 -69.76 22.84 1.13
C VAL C 954 -68.39 22.25 1.45
N ASN C 955 -67.35 23.06 1.26
CA ASN C 955 -66.01 23.10 1.84
C ASN C 955 -65.24 24.23 1.19
N PRO C 956 -64.25 24.79 1.87
CA PRO C 956 -63.30 25.65 1.14
C PRO C 956 -62.55 24.90 0.06
N LEU C 957 -62.36 23.60 0.23
CA LEU C 957 -61.68 22.80 -0.79
C LEU C 957 -62.53 22.66 -2.05
N PHE C 958 -63.84 22.51 -1.90
CA PHE C 958 -64.73 22.21 -3.01
C PHE C 958 -65.52 23.43 -3.48
N ALA C 959 -65.02 24.62 -3.21
CA ALA C 959 -65.66 25.81 -3.77
C ALA C 959 -65.50 25.81 -5.28
N CYS C 960 -66.58 26.18 -5.96
CA CYS C 960 -66.67 26.08 -7.42
C CYS C 960 -67.17 27.38 -8.00
N PRO C 961 -66.28 28.36 -8.21
CA PRO C 961 -66.72 29.65 -8.73
C PRO C 961 -67.38 29.55 -10.10
N GLU C 962 -66.91 28.66 -10.96
CA GLU C 962 -67.49 28.49 -12.29
C GLU C 962 -68.79 27.70 -12.28
N HIS C 963 -68.92 26.71 -11.41
CA HIS C 963 -70.08 25.84 -11.44
C HIS C 963 -71.37 26.57 -11.10
N LEU C 964 -71.28 27.74 -10.45
CA LEU C 964 -72.48 28.45 -10.03
C LEU C 964 -73.33 28.92 -11.19
N ALA C 965 -72.79 28.93 -12.41
CA ALA C 965 -73.60 29.29 -13.56
C ALA C 965 -74.75 28.33 -13.79
N SER C 966 -74.63 27.08 -13.35
CA SER C 966 -75.69 26.10 -13.51
C SER C 966 -76.87 26.35 -12.59
N LEU C 967 -76.72 27.20 -11.59
CA LEU C 967 -77.84 27.55 -10.72
C LEU C 967 -78.83 28.42 -11.46
N ARG C 968 -80.11 28.26 -11.12
CA ARG C 968 -81.16 29.06 -11.74
C ARG C 968 -81.06 30.50 -11.28
N GLY C 969 -81.06 31.43 -12.24
CA GLY C 969 -81.01 32.84 -11.92
C GLY C 969 -79.70 33.30 -11.34
N MET C 970 -78.63 33.25 -12.14
CA MET C 970 -77.33 33.75 -11.75
C MET C 970 -76.99 35.00 -12.56
N THR C 971 -76.57 36.05 -11.85
CA THR C 971 -76.25 37.33 -12.48
C THR C 971 -74.74 37.56 -12.42
N ASN C 972 -74.30 38.52 -13.24
CA ASN C 972 -72.86 38.81 -13.32
C ASN C 972 -72.32 39.31 -11.99
N ALA C 973 -73.10 40.12 -11.28
CA ALA C 973 -72.64 40.63 -9.99
C ALA C 973 -72.40 39.50 -9.01
N ARG C 974 -73.29 38.51 -8.98
CA ARG C 974 -73.12 37.38 -8.08
C ARG C 974 -71.88 36.58 -8.44
N ARG C 975 -71.65 36.35 -9.74
CA ARG C 975 -70.47 35.60 -10.16
C ARG C 975 -69.19 36.35 -9.80
N VAL C 976 -69.14 37.65 -10.06
CA VAL C 976 -67.93 38.41 -9.78
C VAL C 976 -67.72 38.53 -8.28
N LEU C 977 -68.79 38.49 -7.49
CA LEU C 977 -68.63 38.54 -6.04
C LEU C 977 -68.17 37.19 -5.50
N ALA C 978 -68.65 36.09 -6.08
CA ALA C 978 -68.23 34.76 -5.66
C ALA C 978 -66.83 34.43 -6.15
N LYS C 979 -66.31 35.17 -7.13
CA LYS C 979 -64.98 34.91 -7.62
C LYS C 979 -63.93 35.02 -6.51
N MET C 980 -64.15 35.92 -5.56
CA MET C 980 -63.18 36.16 -4.50
C MET C 980 -63.52 35.49 -3.19
N VAL C 981 -64.78 35.20 -2.91
CA VAL C 981 -65.23 34.60 -1.67
C VAL C 981 -65.87 33.26 -2.00
N PRO C 982 -65.45 32.16 -1.37
CA PRO C 982 -66.07 30.87 -1.65
C PRO C 982 -67.47 30.81 -1.07
N PRO C 983 -68.49 30.65 -1.91
CA PRO C 983 -69.88 30.66 -1.43
C PRO C 983 -70.20 29.40 -0.65
N ILE C 984 -70.34 29.54 0.66
CA ILE C 984 -70.74 28.43 1.51
C ILE C 984 -72.02 28.86 2.22
N PRO C 985 -73.13 28.14 2.06
CA PRO C 985 -74.35 28.55 2.73
C PRO C 985 -74.19 28.50 4.23
N PRO C 986 -74.83 29.41 4.96
CA PRO C 986 -74.76 29.37 6.43
C PRO C 986 -75.34 28.11 7.04
N PHE C 987 -76.30 27.46 6.38
CA PHE C 987 -76.87 26.26 6.95
C PHE C 987 -76.01 25.02 6.73
N LEU C 988 -74.83 25.18 6.13
CA LEU C 988 -73.88 24.09 5.95
C LEU C 988 -72.58 24.35 6.68
N GLY C 989 -72.57 25.29 7.61
CA GLY C 989 -71.37 25.62 8.36
C GLY C 989 -70.62 26.78 7.74
N ALA C 990 -69.90 27.50 8.59
CA ALA C 990 -69.15 28.67 8.16
C ALA C 990 -67.66 28.40 8.31
N ASN C 991 -66.86 29.22 7.63
CA ASN C 991 -65.42 29.01 7.60
C ASN C 991 -64.82 29.09 8.99
N HIS C 992 -65.19 30.11 9.76
CA HIS C 992 -64.55 30.28 11.05
C HIS C 992 -65.04 29.29 12.09
N HIS C 993 -66.07 28.50 11.78
CA HIS C 993 -66.53 27.47 12.70
C HIS C 993 -66.26 26.06 12.22
N ALA C 994 -66.00 25.86 10.92
CA ALA C 994 -65.79 24.52 10.41
C ALA C 994 -64.43 23.99 10.84
N THR C 995 -64.11 22.79 10.37
CA THR C 995 -62.80 22.20 10.65
C THR C 995 -61.81 22.49 9.54
N ILE C 996 -62.15 22.12 8.31
CA ILE C 996 -61.33 22.45 7.15
C ILE C 996 -61.60 23.90 6.78
N ARG C 997 -60.59 24.74 6.89
CA ARG C 997 -60.79 26.18 6.77
C ARG C 997 -60.09 26.70 5.52
N GLN C 998 -60.12 28.02 5.36
CA GLN C 998 -59.56 28.63 4.16
C GLN C 998 -58.10 28.29 3.91
N PRO C 999 -57.19 28.34 4.90
CA PRO C 999 -55.77 28.19 4.57
C PRO C 999 -55.42 26.92 3.82
N VAL C 1000 -56.03 25.79 4.17
CA VAL C 1000 -55.70 24.55 3.46
C VAL C 1000 -56.22 24.61 2.03
N ALA C 1001 -57.37 25.26 1.81
CA ALA C 1001 -57.85 25.45 0.45
C ALA C 1001 -56.89 26.30 -0.35
N TYR C 1002 -56.38 27.38 0.25
CA TYR C 1002 -55.40 28.19 -0.46
C TYR C 1002 -54.13 27.39 -0.72
N HIS C 1003 -53.79 26.49 0.19
CA HIS C 1003 -52.62 25.65 -0.01
C HIS C 1003 -52.79 24.73 -1.22
N VAL C 1004 -53.95 24.09 -1.35
CA VAL C 1004 -54.13 23.18 -2.47
C VAL C 1004 -54.26 23.95 -3.77
N THR C 1005 -54.82 25.16 -3.72
CA THR C 1005 -55.10 25.88 -4.95
C THR C 1005 -53.97 26.78 -5.42
N HIS C 1006 -52.88 26.89 -4.66
CA HIS C 1006 -51.80 27.79 -5.03
C HIS C 1006 -50.42 27.18 -4.79
N SER C 1007 -50.34 25.87 -4.75
CA SER C 1007 -49.07 25.18 -4.61
C SER C 1007 -48.78 24.43 -5.90
N LYS C 1008 -47.58 24.62 -6.45
CA LYS C 1008 -47.17 23.96 -7.68
C LYS C 1008 -45.86 23.26 -7.40
N SER C 1009 -45.94 22.06 -6.82
CA SER C 1009 -44.75 21.25 -6.59
C SER C 1009 -44.79 19.93 -7.34
N ASP C 1010 -45.80 19.09 -7.09
CA ASP C 1010 -45.86 17.75 -7.65
C ASP C 1010 -47.22 17.17 -7.28
N PHE C 1011 -47.40 15.88 -7.55
CA PHE C 1011 -48.62 15.20 -7.15
C PHE C 1011 -48.44 14.32 -5.93
N ASN C 1012 -47.39 13.50 -5.87
CA ASN C 1012 -47.15 12.72 -4.66
C ASN C 1012 -46.81 13.61 -3.49
N THR C 1013 -45.84 14.52 -3.67
CA THR C 1013 -45.43 15.38 -2.59
C THR C 1013 -46.58 16.25 -2.11
N LEU C 1014 -47.46 16.67 -3.02
CA LEU C 1014 -48.62 17.44 -2.59
C LEU C 1014 -49.51 16.62 -1.69
N THR C 1015 -49.73 15.34 -2.02
CA THR C 1015 -50.56 14.50 -1.18
C THR C 1015 -49.95 14.31 0.21
N TYR C 1016 -48.64 14.06 0.26
CA TYR C 1016 -48.04 13.87 1.58
C TYR C 1016 -48.04 15.17 2.37
N SER C 1017 -47.83 16.30 1.72
CA SER C 1017 -47.90 17.57 2.42
C SER C 1017 -49.29 17.80 2.97
N LEU C 1018 -50.32 17.52 2.17
CA LEU C 1018 -51.69 17.67 2.65
C LEU C 1018 -51.96 16.77 3.85
N LEU C 1019 -51.46 15.54 3.80
CA LEU C 1019 -51.59 14.66 4.95
C LEU C 1019 -50.89 15.25 6.17
N GLY C 1020 -49.70 15.82 5.96
CA GLY C 1020 -49.02 16.50 7.05
C GLY C 1020 -49.82 17.66 7.59
N GLY C 1021 -50.62 18.29 6.73
CA GLY C 1021 -51.52 19.32 7.22
C GLY C 1021 -52.53 18.77 8.20
N TYR C 1022 -53.16 17.65 7.85
CA TYR C 1022 -54.26 17.10 8.65
C TYR C 1022 -53.72 16.38 9.89
N PHE C 1023 -53.20 17.16 10.81
CA PHE C 1023 -52.77 16.65 12.11
C PHE C 1023 -53.29 17.61 13.17
N LYS C 1024 -53.87 17.08 14.23
CA LYS C 1024 -54.49 17.93 15.24
C LYS C 1024 -53.43 18.75 15.95
N PHE C 1025 -53.86 19.92 16.44
CA PHE C 1025 -52.99 20.77 17.24
C PHE C 1025 -53.40 20.76 18.71
N THR C 1026 -54.18 19.77 19.12
CA THR C 1026 -54.48 19.54 20.51
C THR C 1026 -53.20 19.21 21.29
N PRO C 1027 -53.08 19.67 22.53
CA PRO C 1027 -51.88 19.34 23.31
C PRO C 1027 -51.59 17.85 23.43
N ILE C 1028 -52.62 16.99 23.47
CA ILE C 1028 -52.36 15.57 23.34
C ILE C 1028 -51.70 15.27 22.00
N SER C 1029 -52.23 15.85 20.93
CA SER C 1029 -51.64 15.64 19.61
C SER C 1029 -50.26 16.24 19.54
N LEU C 1030 -50.01 17.34 20.25
CA LEU C 1030 -48.64 17.84 20.34
C LEU C 1030 -47.74 16.81 21.02
N THR C 1031 -48.21 16.17 22.08
CA THR C 1031 -47.43 15.11 22.69
C THR C 1031 -47.08 14.05 21.66
N HIS C 1032 -48.09 13.57 20.94
CA HIS C 1032 -47.87 12.51 19.96
C HIS C 1032 -46.85 12.93 18.90
N GLN C 1033 -47.04 14.11 18.31
CA GLN C 1033 -46.18 14.54 17.22
C GLN C 1033 -44.77 14.86 17.70
N LEU C 1034 -44.66 15.69 18.75
CA LEU C 1034 -43.35 16.06 19.27
C LEU C 1034 -42.55 14.84 19.71
N ARG C 1035 -43.21 13.85 20.30
CA ARG C 1035 -42.47 12.62 20.54
C ARG C 1035 -42.08 11.96 19.22
N THR C 1036 -43.03 11.72 18.33
CA THR C 1036 -42.78 10.80 17.22
C THR C 1036 -41.62 11.25 16.35
N GLY C 1037 -41.42 12.56 16.19
CA GLY C 1037 -40.35 13.03 15.33
C GLY C 1037 -40.90 14.00 14.33
N PHE C 1038 -42.21 14.17 14.37
CA PHE C 1038 -42.92 15.10 13.52
C PHE C 1038 -42.54 16.53 13.88
N HIS C 1039 -42.76 17.44 12.94
CA HIS C 1039 -42.45 18.85 13.16
C HIS C 1039 -43.72 19.68 12.98
N PRO C 1040 -44.47 19.94 14.03
CA PRO C 1040 -45.69 20.74 13.89
C PRO C 1040 -45.33 22.14 13.44
N GLY C 1041 -46.30 22.80 12.80
CA GLY C 1041 -46.03 24.08 12.17
C GLY C 1041 -45.84 25.24 13.11
N ILE C 1042 -44.92 25.11 14.06
CA ILE C 1042 -44.51 26.22 14.91
C ILE C 1042 -43.01 26.12 15.13
N ALA C 1043 -42.44 27.17 15.70
CA ALA C 1043 -41.02 27.20 16.04
C ALA C 1043 -40.86 27.88 17.39
N PHE C 1044 -39.75 27.57 18.05
CA PHE C 1044 -39.50 28.04 19.40
C PHE C 1044 -38.23 28.87 19.45
N THR C 1045 -38.21 29.86 20.34
CA THR C 1045 -37.00 30.58 20.69
C THR C 1045 -36.68 30.32 22.15
N VAL C 1046 -35.45 29.89 22.41
CA VAL C 1046 -35.01 29.54 23.76
C VAL C 1046 -34.34 30.75 24.38
N VAL C 1047 -34.44 30.87 25.70
CA VAL C 1047 -33.74 31.89 26.46
C VAL C 1047 -33.21 31.23 27.72
N ARG C 1048 -31.97 31.54 28.08
CA ARG C 1048 -31.31 30.89 29.20
C ARG C 1048 -30.41 31.89 29.90
N GLN C 1049 -30.51 31.96 31.22
CA GLN C 1049 -29.74 32.92 31.99
C GLN C 1049 -28.53 32.26 32.63
N ASP C 1050 -27.40 32.95 32.60
CA ASP C 1050 -26.13 32.40 33.04
C ASP C 1050 -25.41 33.38 33.95
N ARG C 1051 -24.55 32.85 34.81
CA ARG C 1051 -23.75 33.64 35.72
C ARG C 1051 -22.28 33.41 35.45
N PHE C 1052 -21.47 34.43 35.70
CA PHE C 1052 -20.02 34.35 35.55
C PHE C 1052 -19.37 35.12 36.69
N ALA C 1053 -18.31 34.55 37.26
CA ALA C 1053 -17.58 35.23 38.31
C ALA C 1053 -16.52 36.14 37.69
N THR C 1054 -16.52 37.41 38.08
CA THR C 1054 -15.64 38.39 37.48
C THR C 1054 -14.95 39.20 38.56
N GLU C 1055 -13.68 39.53 38.32
CA GLU C 1055 -12.93 40.40 39.21
C GLU C 1055 -13.03 41.84 38.72
N GLN C 1056 -13.33 42.74 39.65
CA GLN C 1056 -13.66 44.10 39.31
C GLN C 1056 -12.44 45.00 39.43
N LEU C 1057 -12.66 46.29 39.16
CA LEU C 1057 -11.58 47.26 39.09
C LEU C 1057 -12.17 48.62 39.47
N LEU C 1058 -11.78 49.14 40.63
CA LEU C 1058 -12.41 50.33 41.18
C LEU C 1058 -11.41 51.46 41.28
N TYR C 1059 -11.87 52.68 40.98
CA TYR C 1059 -11.09 53.88 41.15
C TYR C 1059 -11.90 54.89 41.95
N ALA C 1060 -11.24 55.71 42.74
CA ALA C 1060 -11.92 56.69 43.57
C ALA C 1060 -10.99 57.88 43.81
N GLU C 1061 -11.57 59.07 43.87
CA GLU C 1061 -10.77 60.27 44.04
C GLU C 1061 -10.50 60.52 45.52
N ARG C 1062 -9.88 61.66 45.82
CA ARG C 1062 -9.43 61.90 47.19
C ARG C 1062 -10.59 62.04 48.17
N ALA C 1063 -11.39 63.08 48.02
CA ALA C 1063 -12.48 63.32 48.97
C ALA C 1063 -13.77 62.69 48.48
N SER C 1064 -13.74 61.37 48.33
CA SER C 1064 -14.92 60.67 47.84
C SER C 1064 -15.97 60.52 48.92
N GLU C 1065 -15.55 60.40 50.17
CA GLU C 1065 -16.50 60.17 51.26
C GLU C 1065 -16.08 60.96 52.48
N SER C 1066 -16.99 61.77 52.99
CA SER C 1066 -16.79 62.44 54.28
C SER C 1066 -17.27 61.49 55.36
N TYR C 1067 -16.35 61.11 56.24
CA TYR C 1067 -16.52 59.92 57.05
C TYR C 1067 -16.43 60.30 58.52
N PHE C 1068 -17.44 59.93 59.29
CA PHE C 1068 -17.59 60.33 60.68
C PHE C 1068 -17.55 59.10 61.59
N VAL C 1069 -16.81 59.20 62.69
CA VAL C 1069 -16.62 58.08 63.62
C VAL C 1069 -17.16 58.48 64.98
N GLY C 1070 -17.93 57.59 65.58
CA GLY C 1070 -18.49 57.81 66.90
C GLY C 1070 -17.56 57.39 68.01
N GLN C 1071 -18.14 57.07 69.17
CA GLN C 1071 -17.39 56.66 70.34
C GLN C 1071 -17.89 55.30 70.81
N ILE C 1072 -16.95 54.39 71.11
CA ILE C 1072 -17.31 53.01 71.38
C ILE C 1072 -18.09 52.90 72.68
N GLN C 1073 -19.00 51.93 72.73
CA GLN C 1073 -19.72 51.63 73.96
C GLN C 1073 -19.93 50.12 74.03
N VAL C 1074 -19.97 49.60 75.26
CA VAL C 1074 -19.88 48.17 75.50
C VAL C 1074 -21.12 47.69 76.22
N HIS C 1075 -21.69 46.59 75.73
CA HIS C 1075 -22.78 45.88 76.39
C HIS C 1075 -22.23 44.59 76.96
N HIS C 1076 -22.36 44.38 78.26
CA HIS C 1076 -21.97 43.10 78.84
C HIS C 1076 -23.18 42.21 78.95
N HIS C 1077 -23.12 41.06 78.29
CA HIS C 1077 -24.25 40.18 78.13
C HIS C 1077 -23.87 38.80 78.67
N ASP C 1078 -24.73 38.22 79.50
CA ASP C 1078 -24.40 36.97 80.15
C ASP C 1078 -24.32 35.84 79.13
N ALA C 1079 -23.55 34.82 79.48
CA ALA C 1079 -23.13 33.79 78.53
C ALA C 1079 -23.35 32.43 79.17
N ILE C 1080 -22.77 31.39 78.58
CA ILE C 1080 -22.96 30.04 79.10
C ILE C 1080 -22.49 29.94 80.54
N GLY C 1081 -21.27 30.39 80.80
CA GLY C 1081 -20.78 30.43 82.18
C GLY C 1081 -20.30 31.80 82.56
N GLY C 1082 -19.90 32.59 81.56
CA GLY C 1082 -19.29 33.88 81.81
C GLY C 1082 -20.05 35.04 81.19
N VAL C 1083 -19.33 35.98 80.62
CA VAL C 1083 -19.92 37.20 80.10
C VAL C 1083 -19.45 37.42 78.67
N ASN C 1084 -20.26 38.16 77.92
CA ASN C 1084 -19.94 38.58 76.56
C ASN C 1084 -19.92 40.09 76.53
N PHE C 1085 -18.80 40.66 76.11
CA PHE C 1085 -18.73 42.09 75.87
C PHE C 1085 -18.86 42.34 74.37
N THR C 1086 -19.83 43.14 74.00
CA THR C 1086 -20.08 43.49 72.60
C THR C 1086 -19.72 44.95 72.42
N LEU C 1087 -18.51 45.21 71.94
CA LEU C 1087 -18.07 46.56 71.65
C LEU C 1087 -18.75 47.02 70.38
N THR C 1088 -19.45 48.15 70.43
CA THR C 1088 -20.13 48.69 69.27
C THR C 1088 -19.76 50.16 69.11
N GLN C 1089 -19.80 50.63 67.86
CA GLN C 1089 -19.40 51.99 67.54
C GLN C 1089 -20.15 52.49 66.31
N PRO C 1090 -20.79 53.65 66.39
CA PRO C 1090 -21.55 54.15 65.24
C PRO C 1090 -20.73 55.09 64.37
N ARG C 1091 -21.10 55.13 63.09
CA ARG C 1091 -20.35 55.92 62.13
C ARG C 1091 -21.27 56.34 60.99
N ALA C 1092 -20.85 57.35 60.24
CA ALA C 1092 -21.68 57.88 59.16
C ALA C 1092 -20.80 58.26 57.97
N HIS C 1093 -21.40 58.22 56.78
CA HIS C 1093 -20.68 58.52 55.55
C HIS C 1093 -21.54 59.41 54.67
N VAL C 1094 -20.86 60.31 53.93
CA VAL C 1094 -21.53 61.28 53.09
C VAL C 1094 -20.78 61.38 51.77
N ASP C 1095 -21.52 61.62 50.68
CA ASP C 1095 -20.94 61.85 49.36
C ASP C 1095 -20.70 63.33 49.18
N LEU C 1096 -19.48 63.78 49.42
CA LEU C 1096 -19.15 65.18 49.21
C LEU C 1096 -18.54 65.43 47.82
N GLY C 1097 -19.21 64.95 46.79
CA GLY C 1097 -18.77 65.16 45.43
C GLY C 1097 -19.91 65.65 44.55
N VAL C 1098 -19.65 66.70 43.79
CA VAL C 1098 -20.69 67.25 42.92
C VAL C 1098 -21.05 66.27 41.82
N GLY C 1099 -20.04 65.70 41.17
CA GLY C 1099 -20.30 64.75 40.10
C GLY C 1099 -20.20 63.31 40.58
N TYR C 1100 -19.52 62.47 39.80
CA TYR C 1100 -19.28 61.09 40.17
C TYR C 1100 -17.81 60.96 40.57
N THR C 1101 -17.56 60.39 41.73
CA THR C 1101 -16.22 60.32 42.28
C THR C 1101 -15.69 58.89 42.35
N ALA C 1102 -16.39 57.93 41.75
CA ALA C 1102 -15.95 56.55 41.80
C ALA C 1102 -16.50 55.80 40.61
N VAL C 1103 -15.63 55.05 39.93
CA VAL C 1103 -16.00 54.32 38.73
C VAL C 1103 -15.48 52.89 38.85
N CYS C 1104 -16.38 51.92 38.74
CA CYS C 1104 -15.99 50.52 38.77
C CYS C 1104 -16.24 49.92 37.39
N ALA C 1105 -15.32 49.06 36.96
CA ALA C 1105 -15.46 48.41 35.67
C ALA C 1105 -15.12 46.94 35.83
N THR C 1106 -16.03 46.07 35.39
CA THR C 1106 -15.73 44.65 35.41
C THR C 1106 -14.53 44.39 34.50
N ALA C 1107 -13.55 43.67 35.02
CA ALA C 1107 -12.23 43.64 34.40
C ALA C 1107 -11.87 42.28 33.83
N ALA C 1108 -11.86 41.25 34.65
CA ALA C 1108 -11.41 39.93 34.21
C ALA C 1108 -12.55 38.94 34.29
N LEU C 1109 -12.55 38.01 33.34
CA LEU C 1109 -13.48 36.89 33.34
C LEU C 1109 -12.85 35.72 34.08
N ARG C 1110 -13.30 35.50 35.30
CA ARG C 1110 -12.99 34.27 36.00
C ARG C 1110 -14.04 33.23 35.64
N CYS C 1111 -14.11 32.18 36.43
CA CYS C 1111 -14.84 30.98 36.07
C CYS C 1111 -16.32 31.26 35.81
N PRO C 1112 -16.89 30.69 34.75
CA PRO C 1112 -18.35 30.61 34.67
C PRO C 1112 -18.89 29.78 35.82
N LEU C 1113 -20.05 30.16 36.30
CA LEU C 1113 -20.50 29.65 37.58
C LEU C 1113 -21.56 28.57 37.38
N THR C 1114 -22.44 28.78 36.43
CA THR C 1114 -23.60 27.95 36.13
C THR C 1114 -23.42 27.25 34.80
N ASP C 1115 -24.26 26.25 34.57
CA ASP C 1115 -24.14 25.36 33.42
C ASP C 1115 -24.91 25.91 32.23
N MET C 1116 -24.26 25.94 31.07
CA MET C 1116 -25.00 26.19 29.84
C MET C 1116 -25.58 24.89 29.30
N GLY C 1117 -26.38 24.20 30.11
CA GLY C 1117 -26.97 22.95 29.73
C GLY C 1117 -28.17 23.12 28.81
N ASN C 1118 -28.76 21.98 28.45
CA ASN C 1118 -29.95 21.94 27.60
C ASN C 1118 -31.13 21.60 28.50
N THR C 1119 -31.85 22.62 28.94
CA THR C 1119 -32.74 22.49 30.10
C THR C 1119 -34.17 22.81 29.73
N ALA C 1120 -35.02 21.78 29.69
CA ALA C 1120 -36.43 22.02 29.46
C ALA C 1120 -37.10 22.46 30.75
N GLN C 1121 -37.63 23.67 30.74
CA GLN C 1121 -38.39 24.15 31.89
C GLN C 1121 -39.70 23.38 31.98
N ASN C 1122 -40.09 23.00 33.19
CA ASN C 1122 -41.29 22.24 33.42
C ASN C 1122 -42.38 23.18 33.92
N LEU C 1123 -43.49 23.24 33.19
CA LEU C 1123 -44.52 24.20 33.54
C LEU C 1123 -45.60 23.60 34.43
N PHE C 1124 -45.47 22.33 34.80
CA PHE C 1124 -46.44 21.68 35.69
C PHE C 1124 -46.22 22.03 37.14
N PHE C 1125 -45.20 22.82 37.44
CA PHE C 1125 -44.98 23.31 38.80
C PHE C 1125 -45.97 24.37 39.21
N SER C 1126 -46.79 24.87 38.29
CA SER C 1126 -47.69 25.97 38.56
C SER C 1126 -49.10 25.45 38.73
N ARG C 1127 -49.78 25.93 39.76
CA ARG C 1127 -51.17 25.58 40.00
C ARG C 1127 -52.02 26.83 40.01
N GLY C 1128 -53.20 26.76 39.41
CA GLY C 1128 -54.09 27.89 39.39
C GLY C 1128 -54.82 28.09 38.08
N GLY C 1129 -54.25 27.62 36.98
CA GLY C 1129 -54.91 27.73 35.70
C GLY C 1129 -56.16 26.87 35.67
N VAL C 1130 -57.00 27.11 34.67
CA VAL C 1130 -58.21 26.33 34.50
C VAL C 1130 -57.82 24.90 34.15
N PRO C 1131 -58.15 23.92 34.98
CA PRO C 1131 -57.71 22.55 34.72
C PRO C 1131 -58.53 21.93 33.60
N MET C 1132 -57.98 20.87 33.02
CA MET C 1132 -58.71 20.18 32.00
C MET C 1132 -59.81 19.32 32.61
N LEU C 1133 -60.85 19.05 31.82
CA LEU C 1133 -62.04 18.40 32.36
C LEU C 1133 -61.74 17.01 32.91
N HIS C 1134 -61.05 16.19 32.14
CA HIS C 1134 -60.77 14.81 32.51
C HIS C 1134 -59.46 14.74 33.27
N ASP C 1135 -59.54 14.45 34.58
CA ASP C 1135 -58.35 14.40 35.39
C ASP C 1135 -57.38 13.32 34.92
N ASN C 1136 -57.90 12.24 34.32
CA ASN C 1136 -57.01 11.20 33.83
C ASN C 1136 -56.10 11.71 32.73
N VAL C 1137 -56.64 12.56 31.84
CA VAL C 1137 -55.82 13.14 30.79
C VAL C 1137 -54.75 14.03 31.38
N THR C 1138 -55.11 14.85 32.38
CA THR C 1138 -54.13 15.70 33.03
C THR C 1138 -53.03 14.87 33.68
N GLU C 1139 -53.40 13.78 34.33
CA GLU C 1139 -52.39 12.93 34.94
C GLU C 1139 -51.45 12.35 33.90
N SER C 1140 -52.01 11.86 32.79
CA SER C 1140 -51.15 11.29 31.74
C SER C 1140 -50.27 12.36 31.11
N LEU C 1141 -50.80 13.57 30.93
CA LEU C 1141 -49.98 14.67 30.44
C LEU C 1141 -48.85 14.99 31.40
N ARG C 1142 -49.12 15.00 32.71
CA ARG C 1142 -48.05 15.28 33.65
C ARG C 1142 -47.01 14.19 33.61
N ARG C 1143 -47.43 12.94 33.44
CA ARG C 1143 -46.46 11.85 33.32
C ARG C 1143 -45.60 12.02 32.08
N ILE C 1144 -46.20 12.41 30.95
CA ILE C 1144 -45.44 12.50 29.72
C ILE C 1144 -44.62 13.80 29.69
N THR C 1145 -44.99 14.77 30.52
CA THR C 1145 -44.23 16.01 30.55
C THR C 1145 -43.05 15.91 31.49
N ALA C 1146 -43.26 15.37 32.70
CA ALA C 1146 -42.16 15.01 33.57
C ALA C 1146 -41.25 14.00 32.88
N SER C 1147 -41.80 13.33 31.88
CA SER C 1147 -41.02 12.50 31.01
C SER C 1147 -40.06 13.33 30.17
N GLY C 1148 -39.02 12.69 29.65
CA GLY C 1148 -38.16 13.39 28.73
C GLY C 1148 -37.42 14.55 29.31
N GLY C 1149 -37.47 14.71 30.62
CA GLY C 1149 -36.96 15.90 31.24
C GLY C 1149 -36.44 15.60 32.63
N ARG C 1150 -35.81 16.60 33.21
CA ARG C 1150 -35.25 16.49 34.55
C ARG C 1150 -36.29 16.82 35.63
N LEU C 1151 -36.76 18.07 35.64
CA LEU C 1151 -37.31 18.69 36.83
C LEU C 1151 -38.81 18.47 36.88
N ASN C 1152 -39.23 17.74 37.89
CA ASN C 1152 -40.54 17.17 37.84
C ASN C 1152 -41.12 17.32 39.23
N PRO C 1153 -42.40 17.63 39.31
CA PRO C 1153 -43.08 17.52 40.60
C PRO C 1153 -42.90 16.12 41.12
N THR C 1154 -42.63 16.02 42.41
CA THR C 1154 -42.41 14.71 43.01
C THR C 1154 -43.67 13.86 42.86
N GLU C 1155 -43.47 12.55 42.77
CA GLU C 1155 -44.56 11.67 42.37
C GLU C 1155 -45.82 11.74 43.26
N PRO C 1156 -45.75 11.85 44.59
CA PRO C 1156 -47.01 11.90 45.35
C PRO C 1156 -47.87 13.11 45.04
N LEU C 1157 -47.29 14.18 44.50
CA LEU C 1157 -47.99 15.43 44.21
C LEU C 1157 -48.62 15.99 45.48
N PRO C 1158 -47.80 16.49 46.43
CA PRO C 1158 -48.35 16.90 47.72
C PRO C 1158 -49.25 18.11 47.59
N ILE C 1159 -50.44 18.04 48.19
CA ILE C 1159 -51.29 19.20 48.36
C ILE C 1159 -50.76 20.05 49.50
N PHE C 1160 -50.94 21.36 49.42
CA PHE C 1160 -50.39 22.31 50.39
C PHE C 1160 -48.88 22.13 50.49
N GLY C 1161 -48.21 22.38 49.37
CA GLY C 1161 -46.77 22.22 49.29
C GLY C 1161 -46.18 23.12 48.22
N GLY C 1162 -44.86 23.25 48.26
CA GLY C 1162 -44.15 24.07 47.29
C GLY C 1162 -43.84 23.34 46.00
N LEU C 1163 -44.17 22.05 45.95
CA LEU C 1163 -43.93 21.22 44.77
C LEU C 1163 -42.47 21.27 44.34
N ARG C 1164 -41.60 21.08 45.31
CA ARG C 1164 -40.17 21.10 45.02
C ARG C 1164 -39.80 19.87 44.17
N PRO C 1165 -38.88 20.02 43.23
CA PRO C 1165 -38.46 18.86 42.43
C PRO C 1165 -37.87 17.79 43.32
N ALA C 1166 -37.92 16.54 42.84
CA ALA C 1166 -37.31 15.44 43.56
C ALA C 1166 -35.90 15.81 43.97
N THR C 1167 -35.68 15.89 45.28
CA THR C 1167 -34.51 16.57 45.79
C THR C 1167 -33.24 15.95 45.22
N SER C 1168 -32.34 16.82 44.80
CA SER C 1168 -31.14 16.41 44.11
C SER C 1168 -30.22 15.67 45.07
N ALA C 1169 -29.55 14.69 44.51
CA ALA C 1169 -28.42 14.02 45.13
C ALA C 1169 -27.20 14.92 44.93
N GLY C 1170 -26.00 14.35 44.87
CA GLY C 1170 -24.79 15.12 44.62
C GLY C 1170 -25.01 16.14 43.52
N ILE C 1171 -24.20 17.19 43.44
CA ILE C 1171 -24.55 18.31 42.57
C ILE C 1171 -23.57 18.37 41.40
N ALA C 1172 -23.78 19.33 40.51
CA ALA C 1172 -23.86 18.98 39.11
C ALA C 1172 -22.59 19.18 38.32
N ARG C 1173 -22.45 20.37 37.74
CA ARG C 1173 -21.20 20.91 37.25
C ARG C 1173 -21.29 22.41 37.21
N GLY C 1174 -22.31 22.93 37.85
CA GLY C 1174 -22.86 24.24 37.61
C GLY C 1174 -24.31 24.19 37.91
N GLN C 1175 -24.81 25.29 38.43
CA GLN C 1175 -26.21 25.37 38.80
C GLN C 1175 -27.06 25.19 37.56
N ALA C 1176 -28.04 24.30 37.63
CA ALA C 1176 -28.89 23.98 36.50
C ALA C 1176 -29.59 25.23 36.00
N SER C 1177 -29.23 25.68 34.80
CA SER C 1177 -29.75 26.92 34.25
C SER C 1177 -30.96 26.64 33.37
N VAL C 1178 -32.14 27.02 33.84
CA VAL C 1178 -33.36 26.65 33.14
C VAL C 1178 -33.49 27.43 31.84
N CYS C 1179 -33.96 26.74 30.81
CA CYS C 1179 -34.18 27.33 29.49
C CYS C 1179 -35.67 27.33 29.21
N GLU C 1180 -36.22 28.52 28.96
CA GLU C 1180 -37.65 28.68 28.70
C GLU C 1180 -37.87 28.77 27.20
N PHE C 1181 -39.01 28.28 26.74
CA PHE C 1181 -39.36 28.28 25.32
C PHE C 1181 -40.51 29.24 25.06
N VAL C 1182 -40.45 29.92 23.93
CA VAL C 1182 -41.50 30.85 23.50
C VAL C 1182 -41.90 30.47 22.08
N ALA C 1183 -43.22 30.41 21.83
CA ALA C 1183 -43.71 30.05 20.51
C ALA C 1183 -43.56 31.22 19.54
N MET C 1184 -43.45 30.89 18.27
CA MET C 1184 -43.21 31.88 17.22
C MET C 1184 -43.41 31.21 15.87
N PRO C 1185 -43.87 31.97 14.87
CA PRO C 1185 -44.19 31.37 13.57
C PRO C 1185 -42.95 30.80 12.90
N VAL C 1186 -43.17 29.78 12.07
CA VAL C 1186 -42.06 29.06 11.45
C VAL C 1186 -41.27 29.98 10.53
N SER C 1187 -41.95 30.71 9.66
CA SER C 1187 -41.27 31.56 8.69
C SER C 1187 -40.93 32.90 9.34
N THR C 1188 -39.95 32.86 10.21
CA THR C 1188 -39.49 34.05 10.88
C THR C 1188 -38.11 34.42 10.38
N ASP C 1189 -37.91 35.70 10.12
CA ASP C 1189 -36.67 36.19 9.53
C ASP C 1189 -35.49 35.79 10.40
N LEU C 1190 -34.67 34.87 9.89
CA LEU C 1190 -33.55 34.36 10.68
C LEU C 1190 -32.53 35.43 10.99
N GLN C 1191 -32.41 36.46 10.15
CA GLN C 1191 -31.40 37.47 10.35
C GLN C 1191 -31.59 38.20 11.68
N TYR C 1192 -32.79 38.13 12.25
CA TYR C 1192 -33.05 38.80 13.52
C TYR C 1192 -32.15 38.29 14.64
N PHE C 1193 -31.86 36.99 14.64
CA PHE C 1193 -31.16 36.38 15.76
C PHE C 1193 -29.64 36.42 15.63
N ARG C 1194 -29.10 36.90 14.51
CA ARG C 1194 -27.65 36.91 14.35
C ARG C 1194 -26.99 38.08 15.06
N THR C 1195 -27.76 38.99 15.64
CA THR C 1195 -27.21 40.08 16.43
C THR C 1195 -27.88 40.07 17.80
N ALA C 1196 -27.62 41.12 18.58
CA ALA C 1196 -28.22 41.25 19.90
C ALA C 1196 -29.70 41.55 19.72
N CYS C 1197 -30.54 40.54 19.87
CA CYS C 1197 -31.96 40.68 19.66
C CYS C 1197 -32.68 40.70 21.00
N ASN C 1198 -34.02 40.72 20.94
CA ASN C 1198 -34.86 40.75 22.12
C ASN C 1198 -35.86 39.60 22.02
N PRO C 1199 -36.01 38.78 23.07
CA PRO C 1199 -36.88 37.61 22.97
C PRO C 1199 -38.34 37.95 22.73
N ARG C 1200 -38.79 39.11 23.18
CA ARG C 1200 -40.19 39.47 23.01
C ARG C 1200 -40.56 39.58 21.54
N GLY C 1201 -39.60 39.87 20.68
CA GLY C 1201 -39.84 40.09 19.29
C GLY C 1201 -40.00 41.55 18.91
N ARG C 1202 -40.41 42.39 19.86
CA ARG C 1202 -40.52 43.82 19.63
C ARG C 1202 -39.71 44.52 20.69
N ALA C 1203 -38.64 45.20 20.27
CA ALA C 1203 -37.76 45.85 21.23
C ALA C 1203 -38.53 46.87 22.04
N SER C 1204 -38.26 46.90 23.34
CA SER C 1204 -38.97 47.77 24.25
C SER C 1204 -37.99 48.28 25.31
N GLY C 1205 -38.53 48.85 26.38
CA GLY C 1205 -37.73 49.34 27.48
C GLY C 1205 -37.98 50.81 27.73
N MET C 1206 -37.38 51.29 28.82
CA MET C 1206 -37.55 52.67 29.24
C MET C 1206 -36.71 53.63 28.41
N LEU C 1207 -35.67 53.13 27.74
CA LEU C 1207 -34.64 53.98 27.18
C LEU C 1207 -35.14 54.88 26.06
N TYR C 1208 -36.40 54.74 25.66
CA TYR C 1208 -36.96 55.44 24.52
C TYR C 1208 -38.07 56.35 25.03
N MET C 1209 -37.80 57.64 25.09
CA MET C 1209 -38.75 58.59 25.67
C MET C 1209 -38.58 59.92 24.95
N GLY C 1210 -39.14 60.99 25.52
CA GLY C 1210 -38.84 62.32 25.03
C GLY C 1210 -39.97 63.32 25.00
N ASP C 1211 -41.21 62.87 24.90
CA ASP C 1211 -42.28 63.84 24.75
C ASP C 1211 -43.32 63.79 25.85
N ARG C 1212 -43.66 62.60 26.34
CA ARG C 1212 -44.70 62.45 27.34
C ARG C 1212 -44.21 61.50 28.42
N ASP C 1213 -45.15 61.06 29.27
CA ASP C 1213 -44.83 60.11 30.32
C ASP C 1213 -45.43 58.74 30.09
N ALA C 1214 -46.62 58.68 29.50
CA ALA C 1214 -47.31 57.42 29.26
C ALA C 1214 -47.01 56.89 27.86
N ASP C 1215 -45.72 56.70 27.58
CA ASP C 1215 -45.26 56.09 26.35
C ASP C 1215 -44.58 54.76 26.59
N ILE C 1216 -44.24 54.45 27.84
CA ILE C 1216 -43.68 53.14 28.15
C ILE C 1216 -44.68 52.03 27.84
N GLU C 1217 -45.98 52.34 27.84
CA GLU C 1217 -46.98 51.37 27.42
C GLU C 1217 -47.21 51.38 25.91
N ALA C 1218 -47.15 52.54 25.26
CA ALA C 1218 -47.33 52.59 23.82
C ALA C 1218 -46.22 51.86 23.09
N ILE C 1219 -44.98 52.02 23.54
CA ILE C 1219 -43.86 51.35 22.88
C ILE C 1219 -44.01 49.84 22.98
N MET C 1220 -44.33 49.35 24.18
CA MET C 1220 -44.18 47.92 24.47
C MET C 1220 -45.42 47.11 24.12
N PHE C 1221 -46.56 47.76 23.84
CA PHE C 1221 -47.75 47.00 23.52
C PHE C 1221 -48.57 47.51 22.35
N ASP C 1222 -48.48 48.78 21.99
CA ASP C 1222 -49.33 49.33 20.93
C ASP C 1222 -48.81 48.83 19.59
N HIS C 1223 -49.67 48.16 18.84
CA HIS C 1223 -49.29 47.58 17.56
C HIS C 1223 -49.89 48.31 16.38
N THR C 1224 -50.47 49.48 16.58
CA THR C 1224 -50.76 50.36 15.46
C THR C 1224 -49.55 51.19 15.07
N GLN C 1225 -48.48 51.12 15.85
CA GLN C 1225 -47.25 51.84 15.57
C GLN C 1225 -46.13 50.85 15.30
N SER C 1226 -45.21 51.24 14.42
CA SER C 1226 -44.14 50.35 14.04
C SER C 1226 -43.21 50.08 15.22
N ASP C 1227 -42.51 48.96 15.14
CA ASP C 1227 -41.45 48.68 16.10
C ASP C 1227 -40.40 49.76 16.04
N VAL C 1228 -39.83 50.08 17.19
CA VAL C 1228 -38.82 51.13 17.24
C VAL C 1228 -37.53 50.69 16.56
N ALA C 1229 -37.03 49.51 16.90
CA ALA C 1229 -35.71 49.11 16.41
C ALA C 1229 -35.75 48.77 14.92
N TYR C 1230 -36.50 47.75 14.54
CA TYR C 1230 -36.67 47.37 13.14
C TYR C 1230 -37.88 48.13 12.64
N THR C 1231 -37.63 49.34 12.14
CA THR C 1231 -38.70 50.29 11.87
C THR C 1231 -39.36 50.08 10.51
N ASP C 1232 -39.75 48.84 10.26
CA ASP C 1232 -40.58 48.58 9.09
C ASP C 1232 -41.68 47.57 9.38
N ARG C 1233 -41.86 47.12 10.61
CA ARG C 1233 -42.79 46.06 10.93
C ARG C 1233 -43.26 46.22 12.36
N ALA C 1234 -44.44 45.67 12.64
CA ALA C 1234 -45.02 45.82 13.97
C ALA C 1234 -44.29 44.99 15.00
N THR C 1235 -44.13 43.70 14.75
CA THR C 1235 -43.44 42.83 15.69
C THR C 1235 -42.93 41.60 14.96
N LEU C 1236 -41.83 41.04 15.45
CA LEU C 1236 -41.25 39.88 14.80
C LEU C 1236 -42.21 38.69 14.84
N ASN C 1237 -42.72 38.36 16.03
CA ASN C 1237 -43.75 37.35 16.13
C ASN C 1237 -44.97 37.95 16.80
N PRO C 1238 -46.17 37.75 16.25
CA PRO C 1238 -47.38 38.24 16.89
C PRO C 1238 -47.95 37.31 17.95
N TRP C 1239 -47.24 36.24 18.30
CA TRP C 1239 -47.70 35.33 19.33
C TRP C 1239 -47.08 35.61 20.68
N ALA C 1240 -46.13 36.53 20.78
CA ALA C 1240 -45.54 36.82 22.09
C ALA C 1240 -45.26 38.30 22.26
N SER C 1241 -46.06 39.17 21.64
CA SER C 1241 -45.82 40.60 21.74
C SER C 1241 -47.05 41.43 22.06
N GLN C 1242 -48.26 40.96 21.81
CA GLN C 1242 -49.43 41.80 22.00
C GLN C 1242 -49.86 41.75 23.46
N LYS C 1243 -50.94 42.47 23.78
CA LYS C 1243 -51.28 42.75 25.16
C LYS C 1243 -51.64 41.47 25.91
N HIS C 1244 -52.30 40.53 25.24
CA HIS C 1244 -52.74 39.31 25.90
C HIS C 1244 -52.45 38.10 25.04
N SER C 1245 -51.35 38.13 24.30
CA SER C 1245 -51.02 36.98 23.49
C SER C 1245 -50.57 35.82 24.37
N TYR C 1246 -50.25 34.72 23.71
CA TYR C 1246 -49.86 33.51 24.43
C TYR C 1246 -48.63 33.73 25.28
N GLY C 1247 -47.55 34.23 24.67
CA GLY C 1247 -46.33 34.46 25.40
C GLY C 1247 -46.50 35.39 26.57
N ASP C 1248 -47.18 36.51 26.37
CA ASP C 1248 -47.41 37.43 27.47
C ASP C 1248 -48.30 36.80 28.53
N ARG C 1249 -49.36 36.12 28.12
CA ARG C 1249 -50.25 35.52 29.11
C ARG C 1249 -49.55 34.45 29.93
N LEU C 1250 -48.46 33.89 29.43
CA LEU C 1250 -47.86 32.79 30.16
C LEU C 1250 -46.68 33.22 31.03
N TYR C 1251 -45.87 34.19 30.58
CA TYR C 1251 -44.67 34.55 31.32
C TYR C 1251 -44.75 35.90 32.03
N ASN C 1252 -45.64 36.79 31.62
CA ASN C 1252 -45.65 38.12 32.21
C ASN C 1252 -45.93 38.06 33.71
N GLY C 1253 -45.12 38.79 34.47
CA GLY C 1253 -45.21 38.72 35.92
C GLY C 1253 -46.44 39.36 36.52
N THR C 1254 -47.11 40.25 35.80
CA THR C 1254 -48.26 40.93 36.40
C THR C 1254 -49.46 40.00 36.50
N TYR C 1255 -49.55 39.00 35.63
CA TYR C 1255 -50.62 38.02 35.74
C TYR C 1255 -50.31 36.94 36.76
N ASN C 1256 -49.03 36.70 37.04
CA ASN C 1256 -48.60 35.77 38.07
C ASN C 1256 -49.18 34.37 37.83
N LEU C 1257 -48.78 33.79 36.71
CA LEU C 1257 -49.25 32.44 36.39
C LEU C 1257 -48.35 31.39 37.02
N THR C 1258 -47.05 31.64 37.08
CA THR C 1258 -46.08 30.69 37.64
C THR C 1258 -45.70 31.08 39.06
N GLY C 1259 -46.65 31.64 39.81
CA GLY C 1259 -46.34 32.09 41.15
C GLY C 1259 -45.90 30.97 42.07
N ALA C 1260 -46.61 29.86 42.05
CA ALA C 1260 -46.26 28.75 42.92
C ALA C 1260 -45.00 28.02 42.47
N SER C 1261 -44.64 28.11 41.20
CA SER C 1261 -43.46 27.40 40.71
C SER C 1261 -42.22 28.05 41.29
N PRO C 1262 -41.37 27.30 41.99
CA PRO C 1262 -40.11 27.88 42.49
C PRO C 1262 -39.05 28.06 41.41
N ILE C 1263 -39.30 27.63 40.19
CA ILE C 1263 -38.32 27.74 39.12
C ILE C 1263 -38.21 29.19 38.67
N TYR C 1264 -36.98 29.68 38.60
CA TYR C 1264 -36.75 30.99 38.02
C TYR C 1264 -37.10 30.96 36.54
N SER C 1265 -37.71 32.03 36.06
CA SER C 1265 -38.03 32.12 34.64
C SER C 1265 -37.10 33.13 33.99
N PRO C 1266 -36.11 32.69 33.20
CA PRO C 1266 -35.11 33.63 32.69
C PRO C 1266 -35.68 34.71 31.79
N CYS C 1267 -36.87 34.51 31.23
CA CYS C 1267 -37.51 35.54 30.42
C CYS C 1267 -38.62 36.25 31.18
N PHE C 1268 -38.55 36.30 32.51
CA PHE C 1268 -39.48 37.11 33.26
C PHE C 1268 -39.14 38.59 33.16
N LYS C 1269 -37.85 38.91 32.99
CA LYS C 1269 -37.43 40.30 32.96
C LYS C 1269 -37.70 40.96 31.63
N PHE C 1270 -37.99 40.20 30.57
CA PHE C 1270 -38.28 40.79 29.29
C PHE C 1270 -39.76 41.07 29.08
N PHE C 1271 -40.64 40.29 29.69
CA PHE C 1271 -42.07 40.45 29.48
C PHE C 1271 -42.76 41.29 30.54
N THR C 1272 -42.04 41.71 31.58
CA THR C 1272 -42.67 42.39 32.70
C THR C 1272 -42.45 43.89 32.60
N PRO C 1273 -43.51 44.70 32.57
CA PRO C 1273 -43.34 46.15 32.51
C PRO C 1273 -42.68 46.66 33.79
N ALA C 1274 -41.56 47.36 33.65
CA ALA C 1274 -40.88 47.89 34.80
C ALA C 1274 -41.61 49.12 35.34
N GLU C 1275 -41.50 49.32 36.65
CA GLU C 1275 -42.08 50.50 37.27
C GLU C 1275 -41.32 51.75 36.82
N VAL C 1276 -42.00 52.88 36.84
CA VAL C 1276 -41.50 54.11 36.24
C VAL C 1276 -41.57 55.27 37.23
N ASN C 1277 -40.52 56.09 37.23
CA ASN C 1277 -40.57 57.45 37.74
C ASN C 1277 -39.87 58.34 36.73
N THR C 1278 -40.61 59.29 36.15
CA THR C 1278 -40.09 60.12 35.07
C THR C 1278 -39.45 61.40 35.56
N ASN C 1279 -39.32 61.59 36.88
CA ASN C 1279 -38.75 62.82 37.40
C ASN C 1279 -37.33 63.03 36.92
N CYS C 1280 -36.51 61.99 36.95
CA CYS C 1280 -35.14 62.09 36.49
C CYS C 1280 -35.06 61.86 34.99
N ASN C 1281 -34.09 62.51 34.35
CA ASN C 1281 -33.90 62.34 32.93
C ASN C 1281 -33.31 60.97 32.63
N THR C 1282 -33.34 60.61 31.34
CA THR C 1282 -33.05 59.23 30.95
C THR C 1282 -31.62 58.83 31.29
N LEU C 1283 -30.65 59.70 31.05
CA LEU C 1283 -29.26 59.33 31.29
C LEU C 1283 -29.00 59.07 32.77
N ASP C 1284 -29.48 59.95 33.64
CA ASP C 1284 -29.29 59.74 35.07
C ASP C 1284 -29.93 58.45 35.52
N ARG C 1285 -31.16 58.19 35.09
CA ARG C 1285 -31.84 56.96 35.48
C ARG C 1285 -31.11 55.73 34.96
N LEU C 1286 -30.57 55.80 33.74
CA LEU C 1286 -29.74 54.72 33.23
C LEU C 1286 -28.56 54.44 34.14
N LEU C 1287 -27.88 55.51 34.58
CA LEU C 1287 -26.78 55.30 35.51
C LEU C 1287 -27.25 54.68 36.82
N MET C 1288 -28.41 55.11 37.31
CA MET C 1288 -28.93 54.55 38.55
C MET C 1288 -29.21 53.06 38.41
N GLU C 1289 -29.80 52.64 37.31
CA GLU C 1289 -30.04 51.22 37.09
C GLU C 1289 -28.77 50.46 36.76
N ALA C 1290 -27.70 51.16 36.41
CA ALA C 1290 -26.49 50.50 35.92
C ALA C 1290 -25.68 49.84 37.01
N LYS C 1291 -25.85 50.24 38.27
CA LYS C 1291 -25.02 49.71 39.34
C LYS C 1291 -25.43 48.27 39.63
N ALA C 1292 -24.79 47.70 40.65
CA ALA C 1292 -25.00 46.29 40.98
C ALA C 1292 -26.39 46.07 41.57
N VAL C 1293 -27.32 45.60 40.73
CA VAL C 1293 -28.66 45.31 41.21
C VAL C 1293 -28.65 44.00 42.00
N ALA C 1294 -29.64 43.84 42.88
CA ALA C 1294 -29.71 42.65 43.72
C ALA C 1294 -29.98 41.42 42.87
N SER C 1295 -29.50 40.26 43.35
CA SER C 1295 -29.61 39.02 42.60
C SER C 1295 -31.06 38.57 42.50
N GLN C 1296 -31.38 37.85 41.43
CA GLN C 1296 -32.71 37.33 41.18
C GLN C 1296 -32.70 35.84 40.92
N SER C 1297 -31.58 35.19 41.21
CA SER C 1297 -31.46 33.75 41.04
C SER C 1297 -31.03 33.16 42.37
N SER C 1298 -30.67 31.88 42.36
CA SER C 1298 -30.39 31.16 43.59
C SER C 1298 -28.91 30.80 43.69
N THR C 1299 -28.34 31.08 44.86
CA THR C 1299 -27.01 30.59 45.19
C THR C 1299 -27.01 29.66 46.39
N ASP C 1300 -28.17 29.16 46.81
CA ASP C 1300 -28.28 28.14 47.85
C ASP C 1300 -29.22 27.01 47.45
N THR C 1301 -29.95 27.15 46.35
CA THR C 1301 -30.84 26.11 45.84
C THR C 1301 -30.46 25.78 44.40
N GLU C 1302 -30.52 24.50 44.03
CA GLU C 1302 -29.69 23.94 42.97
C GLU C 1302 -30.30 23.91 41.57
N TYR C 1303 -31.53 24.32 41.42
CA TYR C 1303 -32.18 24.31 40.12
C TYR C 1303 -32.36 25.71 39.55
N GLN C 1304 -31.58 26.67 40.01
CA GLN C 1304 -31.83 28.07 39.72
C GLN C 1304 -33.28 28.42 40.08
N PHE C 1305 -33.59 28.20 41.34
CA PHE C 1305 -34.91 28.52 41.85
C PHE C 1305 -35.08 30.03 41.95
N LYS C 1306 -36.28 30.44 42.36
CA LYS C 1306 -36.55 31.85 42.58
C LYS C 1306 -35.67 32.39 43.70
N ARG C 1307 -35.47 33.70 43.70
CA ARG C 1307 -34.55 34.31 44.64
C ARG C 1307 -35.01 34.03 46.06
N PRO C 1308 -34.19 33.39 46.89
CA PRO C 1308 -34.63 33.07 48.24
C PRO C 1308 -34.74 34.32 49.09
N PRO C 1309 -35.74 34.40 49.96
CA PRO C 1309 -35.84 35.57 50.84
C PRO C 1309 -34.63 35.70 51.73
N GLY C 1310 -34.21 36.94 51.97
CA GLY C 1310 -33.05 37.22 52.80
C GLY C 1310 -31.72 37.07 52.10
N SER C 1311 -31.70 36.76 50.81
CA SER C 1311 -30.47 36.60 50.06
C SER C 1311 -30.02 37.96 49.52
N THR C 1312 -28.78 38.33 49.79
CA THR C 1312 -28.23 39.64 49.41
C THR C 1312 -26.90 39.43 48.68
N GLU C 1313 -26.97 39.26 47.36
CA GLU C 1313 -25.79 39.23 46.50
C GLU C 1313 -25.90 40.33 45.47
N MET C 1314 -24.87 41.16 45.37
CA MET C 1314 -24.85 42.29 44.46
C MET C 1314 -24.21 41.87 43.14
N THR C 1315 -24.97 42.01 42.06
CA THR C 1315 -24.54 41.53 40.75
C THR C 1315 -24.76 42.61 39.70
N GLN C 1316 -23.67 43.04 39.07
CA GLN C 1316 -23.80 43.88 37.89
C GLN C 1316 -24.55 43.09 36.82
N ASP C 1317 -25.54 43.73 36.20
CA ASP C 1317 -26.48 43.03 35.32
C ASP C 1317 -26.62 43.74 33.98
N PRO C 1318 -25.71 43.49 33.05
CA PRO C 1318 -25.93 43.94 31.67
C PRO C 1318 -27.05 43.12 31.05
N CYS C 1319 -27.42 43.52 29.83
CA CYS C 1319 -28.51 42.89 29.06
C CYS C 1319 -29.76 42.71 29.91
N GLY C 1320 -29.88 43.49 30.98
CA GLY C 1320 -31.07 43.49 31.80
C GLY C 1320 -31.66 44.88 31.84
N LEU C 1321 -30.79 45.89 31.70
CA LEU C 1321 -31.22 47.27 31.59
C LEU C 1321 -31.38 47.71 30.14
N PHE C 1322 -30.92 46.91 29.18
CA PHE C 1322 -31.16 47.18 27.77
C PHE C 1322 -32.23 46.28 27.16
N GLN C 1323 -32.68 45.26 27.89
CA GLN C 1323 -33.66 44.31 27.39
C GLN C 1323 -33.17 43.67 26.09
N GLU C 1324 -32.00 43.06 26.16
CA GLU C 1324 -31.42 42.37 25.02
C GLU C 1324 -30.87 41.02 25.48
N ALA C 1325 -30.72 40.12 24.52
CA ALA C 1325 -30.14 38.80 24.77
C ALA C 1325 -29.11 38.51 23.70
N TYR C 1326 -27.96 38.05 24.10
CA TYR C 1326 -26.89 37.83 23.14
C TYR C 1326 -26.96 36.42 22.60
N PRO C 1327 -26.87 36.22 21.28
CA PRO C 1327 -26.90 34.87 20.74
C PRO C 1327 -25.53 34.22 20.82
N PRO C 1328 -25.44 33.02 21.36
CA PRO C 1328 -24.14 32.36 21.47
C PRO C 1328 -23.83 31.57 20.21
N LEU C 1329 -22.67 30.93 20.16
CA LEU C 1329 -22.33 30.09 19.02
C LEU C 1329 -23.23 28.88 19.01
N CYS C 1330 -24.24 28.90 18.14
CA CYS C 1330 -25.14 27.79 17.99
C CYS C 1330 -25.43 27.59 16.51
N SER C 1331 -25.71 26.34 16.14
CA SER C 1331 -26.09 26.03 14.78
C SER C 1331 -27.26 25.08 14.81
N SER C 1332 -28.18 25.28 13.88
CA SER C 1332 -29.30 24.36 13.70
C SER C 1332 -28.84 22.96 13.37
N ASP C 1333 -27.55 22.75 13.23
CA ASP C 1333 -27.04 21.47 12.81
C ASP C 1333 -25.68 21.27 13.44
N ALA C 1334 -25.42 20.03 13.83
CA ALA C 1334 -24.10 19.62 14.24
C ALA C 1334 -23.10 19.72 13.08
N ALA C 1335 -23.56 20.20 11.92
CA ALA C 1335 -22.76 20.13 10.72
C ALA C 1335 -21.69 21.21 10.66
N MET C 1336 -22.12 22.46 10.55
CA MET C 1336 -21.25 23.56 10.20
C MET C 1336 -20.52 24.09 11.40
N LEU C 1337 -20.77 23.52 12.56
CA LEU C 1337 -20.29 24.09 13.80
C LEU C 1337 -18.77 24.18 13.82
N ARG C 1338 -18.09 23.41 12.98
CA ARG C 1338 -16.67 23.11 13.07
C ARG C 1338 -16.07 22.85 11.70
N THR C 1339 -14.94 23.51 11.39
CA THR C 1339 -14.41 23.59 10.03
C THR C 1339 -12.99 23.07 9.93
N ALA C 1340 -12.39 23.35 8.77
CA ALA C 1340 -11.21 22.64 8.30
C ALA C 1340 -9.91 23.44 8.46
N HIS C 1341 -9.54 23.80 9.71
CA HIS C 1341 -8.17 24.24 9.96
C HIS C 1341 -7.58 23.94 11.34
N ALA C 1342 -8.26 23.23 12.23
CA ALA C 1342 -7.77 22.95 13.59
C ALA C 1342 -7.42 24.24 14.34
N GLY C 1343 -8.45 24.99 14.66
CA GLY C 1343 -8.30 26.34 15.15
C GLY C 1343 -9.70 26.90 15.23
N GLU C 1344 -9.92 28.01 14.53
CA GLU C 1344 -11.25 28.59 14.40
C GLU C 1344 -12.28 27.51 14.10
N THR C 1345 -13.50 27.77 14.57
CA THR C 1345 -14.63 26.89 14.33
C THR C 1345 -15.22 27.14 12.95
N GLY C 1346 -16.26 26.38 12.62
CA GLY C 1346 -16.94 26.57 11.36
C GLY C 1346 -17.52 27.96 11.23
N ALA C 1347 -17.55 28.45 9.99
CA ALA C 1347 -17.99 29.82 9.76
C ALA C 1347 -19.04 29.94 8.66
N ASP C 1348 -19.43 28.84 8.02
CA ASP C 1348 -20.48 28.92 7.02
C ASP C 1348 -21.80 29.27 7.68
N GLU C 1349 -22.46 30.31 7.15
CA GLU C 1349 -23.63 30.87 7.82
C GLU C 1349 -24.88 30.00 7.65
N VAL C 1350 -25.32 29.84 6.41
CA VAL C 1350 -26.51 29.04 6.10
C VAL C 1350 -26.18 28.17 4.90
N HIS C 1351 -26.53 26.89 4.98
CA HIS C 1351 -26.34 26.11 3.77
C HIS C 1351 -27.59 25.89 2.93
N LEU C 1352 -28.56 25.12 3.40
CA LEU C 1352 -29.72 24.95 2.54
C LEU C 1352 -30.98 25.25 3.31
N ALA C 1353 -31.13 24.57 4.44
CA ALA C 1353 -32.18 24.85 5.40
C ALA C 1353 -31.67 24.78 6.81
N GLN C 1354 -30.40 24.46 7.03
CA GLN C 1354 -29.78 24.53 8.33
C GLN C 1354 -29.21 25.93 8.50
N TYR C 1355 -28.60 26.20 9.65
CA TYR C 1355 -28.00 27.52 9.84
C TYR C 1355 -26.99 27.45 10.96
N LEU C 1356 -26.07 28.41 10.95
CA LEU C 1356 -25.06 28.56 12.00
C LEU C 1356 -25.07 30.01 12.44
N ILE C 1357 -25.50 30.24 13.68
CA ILE C 1357 -25.53 31.58 14.23
C ILE C 1357 -24.16 31.85 14.87
N ARG C 1358 -23.37 32.69 14.22
CA ARG C 1358 -22.05 33.01 14.73
C ARG C 1358 -22.18 33.74 16.07
N ASP C 1359 -21.19 33.51 16.94
CA ASP C 1359 -21.25 34.06 18.28
C ASP C 1359 -21.19 35.57 18.26
N ALA C 1360 -22.01 36.21 19.10
CA ALA C 1360 -22.02 37.65 19.25
C ALA C 1360 -22.01 38.09 20.70
N SER C 1361 -21.99 37.16 21.64
CA SER C 1361 -21.96 37.45 23.06
C SER C 1361 -20.61 38.02 23.46
N PRO C 1362 -20.52 38.69 24.60
CA PRO C 1362 -19.20 39.15 25.08
C PRO C 1362 -18.19 38.04 25.29
N LEU C 1363 -18.56 36.77 25.11
CA LEU C 1363 -17.63 35.66 25.27
C LEU C 1363 -17.11 35.23 23.90
N ARG C 1364 -16.41 36.15 23.25
CA ARG C 1364 -15.78 35.86 21.97
C ARG C 1364 -14.38 35.28 22.13
N GLY C 1365 -13.49 35.97 22.83
CA GLY C 1365 -12.12 35.53 23.02
C GLY C 1365 -11.94 34.66 24.24
N CYS C 1366 -13.05 34.30 24.89
CA CYS C 1366 -13.01 33.40 26.03
C CYS C 1366 -13.85 32.17 25.75
N LEU C 1367 -13.91 31.24 26.71
CA LEU C 1367 -14.64 29.99 26.56
C LEU C 1367 -14.21 29.26 25.29
N PRO C 1368 -13.00 28.71 25.26
CA PRO C 1368 -12.50 28.11 24.03
C PRO C 1368 -13.29 26.86 23.64
N LEU C 1369 -12.96 26.32 22.46
CA LEU C 1369 -13.77 25.29 21.87
C LEU C 1369 -13.01 23.96 21.78
N PRO D 1 -37.74 70.88 79.58
CA PRO D 1 -36.63 70.94 80.54
C PRO D 1 -35.33 71.19 79.82
N ALA D 2 -34.81 72.41 79.92
CA ALA D 2 -33.58 72.74 79.23
C ALA D 2 -32.63 73.57 80.08
N GLY D 3 -32.92 73.77 81.36
CA GLY D 3 -32.00 74.40 82.28
C GLY D 3 -31.66 75.85 81.98
N ILE D 4 -32.67 76.65 81.66
CA ILE D 4 -32.50 78.09 81.49
C ILE D 4 -32.80 78.74 82.83
N ILE D 5 -32.05 79.78 83.16
CA ILE D 5 -32.35 80.51 84.40
C ILE D 5 -33.78 81.04 84.32
N PRO D 6 -34.62 80.76 85.30
CA PRO D 6 -36.02 81.20 85.21
C PRO D 6 -36.13 82.70 85.11
N THR D 7 -37.07 83.16 84.27
CA THR D 7 -37.28 84.59 84.10
C THR D 7 -38.02 85.19 85.29
N GLY D 8 -39.01 84.49 85.81
CA GLY D 8 -39.79 85.00 86.92
C GLY D 8 -40.38 83.88 87.74
N ASN D 9 -40.78 84.22 88.96
CA ASN D 9 -41.36 83.25 89.87
C ASN D 9 -42.86 83.14 89.63
N VAL D 10 -43.38 81.92 89.74
CA VAL D 10 -44.81 81.66 89.59
C VAL D 10 -45.42 81.56 90.98
N LEU D 11 -46.49 82.30 91.22
CA LEU D 11 -47.13 82.33 92.51
C LEU D 11 -48.39 81.47 92.52
N SER D 12 -49.01 81.38 93.70
CA SER D 12 -50.27 80.67 93.88
C SER D 12 -50.16 79.21 93.44
N THR D 13 -49.30 78.47 94.14
CA THR D 13 -49.15 77.04 93.89
C THR D 13 -50.47 76.33 94.14
N ILE D 14 -51.07 75.77 93.10
CA ILE D 14 -52.36 75.11 93.17
C ILE D 14 -52.32 73.84 92.32
N GLU D 15 -53.38 73.05 92.40
CA GLU D 15 -53.46 71.81 91.64
C GLU D 15 -53.57 72.15 90.17
N VAL D 16 -52.44 72.13 89.47
CA VAL D 16 -52.44 72.45 88.05
C VAL D 16 -53.18 71.37 87.27
N CYS D 17 -53.10 70.12 87.71
CA CYS D 17 -53.79 69.03 87.03
C CYS D 17 -55.30 69.25 87.00
N ALA D 18 -55.84 70.08 87.89
CA ALA D 18 -57.28 70.29 87.93
C ALA D 18 -57.79 70.87 86.62
N HIS D 19 -57.14 71.93 86.13
CA HIS D 19 -57.55 72.58 84.89
C HIS D 19 -56.41 72.49 83.89
N ARG D 20 -56.37 71.39 83.15
CA ARG D 20 -55.45 71.18 82.06
C ARG D 20 -56.02 71.66 80.73
N CYS D 21 -57.26 72.17 80.72
CA CYS D 21 -57.86 72.62 79.48
C CYS D 21 -57.07 73.77 78.86
N ILE D 22 -56.65 74.73 79.69
CA ILE D 22 -55.78 75.80 79.24
C ILE D 22 -54.40 75.20 78.97
N PHE D 23 -53.52 76.00 78.37
CA PHE D 23 -52.19 75.57 77.91
C PHE D 23 -52.34 74.70 76.68
N ASP D 24 -51.27 74.58 75.90
CA ASP D 24 -51.28 73.74 74.70
C ASP D 24 -50.51 72.45 74.86
N PHE D 25 -49.76 72.30 75.95
CA PHE D 25 -49.08 71.04 76.22
C PHE D 25 -48.90 70.92 77.72
N PHE D 26 -49.29 69.78 78.26
CA PHE D 26 -49.25 69.54 79.70
C PHE D 26 -48.65 68.17 79.95
N LYS D 27 -47.50 68.15 80.62
CA LYS D 27 -46.85 66.89 80.99
C LYS D 27 -46.62 66.89 82.49
N GLN D 28 -47.11 65.87 83.16
CA GLN D 28 -46.98 65.73 84.61
C GLN D 28 -46.17 64.48 84.90
N ILE D 29 -45.01 64.67 85.50
CA ILE D 29 -44.13 63.58 85.87
C ILE D 29 -44.15 63.41 87.38
N ARG D 30 -44.28 62.17 87.84
CA ARG D 30 -44.40 61.91 89.27
C ARG D 30 -43.16 62.34 90.03
N SER D 31 -42.03 61.68 89.77
CA SER D 31 -40.77 62.07 90.38
C SER D 31 -39.71 62.43 89.35
N ASP D 32 -39.49 61.57 88.36
CA ASP D 32 -38.52 61.83 87.32
C ASP D 32 -38.82 60.87 86.17
N ASP D 33 -38.17 61.12 85.04
CA ASP D 33 -38.38 60.28 83.87
C ASP D 33 -37.15 60.35 82.98
N ASN D 34 -36.95 59.29 82.21
CA ASN D 34 -35.90 59.30 81.20
C ASN D 34 -36.16 60.32 80.11
N SER D 35 -37.41 60.77 79.96
CA SER D 35 -37.73 61.73 78.92
C SER D 35 -37.01 63.06 79.12
N LEU D 36 -36.64 63.37 80.36
CA LEU D 36 -35.99 64.64 80.65
C LEU D 36 -34.53 64.61 80.23
N TYR D 37 -34.04 63.43 79.85
CA TYR D 37 -32.61 63.27 79.60
C TYR D 37 -32.35 62.86 78.16
N SER D 38 -33.03 63.50 77.22
CA SER D 38 -32.80 63.28 75.79
C SER D 38 -32.22 64.55 75.19
N ALA D 39 -31.22 64.41 74.34
CA ALA D 39 -30.54 65.55 73.75
C ALA D 39 -30.35 65.36 72.26
N GLN D 40 -31.40 64.94 71.56
CA GLN D 40 -31.31 64.84 70.11
C GLN D 40 -31.17 66.22 69.50
N PHE D 41 -30.40 66.30 68.42
CA PHE D 41 -30.18 67.56 67.74
C PHE D 41 -29.74 67.29 66.32
N ASP D 42 -29.78 68.32 65.48
CA ASP D 42 -29.35 68.25 64.10
C ASP D 42 -28.17 69.19 63.87
N ILE D 43 -27.22 68.74 63.06
CA ILE D 43 -25.97 69.44 62.87
C ILE D 43 -25.72 69.66 61.39
N LEU D 44 -25.26 70.87 61.06
CA LEU D 44 -24.81 71.21 59.71
C LEU D 44 -23.30 71.01 59.64
N LEU D 45 -22.84 70.28 58.64
CA LEU D 45 -21.46 69.86 58.56
C LEU D 45 -20.65 70.73 57.61
N GLY D 46 -21.15 71.88 57.25
CA GLY D 46 -20.41 72.81 56.42
C GLY D 46 -21.05 73.01 55.05
N THR D 47 -20.68 74.10 54.41
CA THR D 47 -21.17 74.43 53.09
C THR D 47 -19.98 74.61 52.15
N TYR D 48 -20.16 74.21 50.90
CA TYR D 48 -19.12 74.31 49.88
C TYR D 48 -19.60 75.21 48.76
N CYS D 49 -18.77 76.18 48.38
CA CYS D 49 -19.09 77.09 47.30
C CYS D 49 -18.02 77.00 46.23
N ASN D 50 -18.43 77.12 44.98
CA ASN D 50 -17.53 76.99 43.84
C ASN D 50 -17.03 78.37 43.45
N THR D 51 -15.72 78.47 43.19
CA THR D 51 -15.12 79.71 42.75
C THR D 51 -14.72 79.57 41.29
N LEU D 52 -15.51 80.16 40.40
CA LEU D 52 -15.18 80.13 38.99
C LEU D 52 -13.88 80.89 38.74
N ASN D 53 -13.10 80.40 37.79
CA ASN D 53 -11.82 81.00 37.43
C ASN D 53 -12.00 81.91 36.23
N PHE D 54 -11.53 83.15 36.37
CA PHE D 54 -11.67 84.15 35.33
C PHE D 54 -10.61 83.91 34.26
N VAL D 55 -11.01 84.03 33.00
CA VAL D 55 -10.12 83.84 31.86
C VAL D 55 -9.96 85.17 31.15
N ARG D 56 -8.71 85.55 30.92
CA ARG D 56 -8.39 86.74 30.15
C ARG D 56 -8.04 86.32 28.74
N PHE D 57 -8.63 87.02 27.76
CA PHE D 57 -8.50 86.58 26.38
C PHE D 57 -7.05 86.58 25.92
N LEU D 58 -6.24 87.51 26.44
CA LEU D 58 -4.86 87.60 25.99
C LEU D 58 -4.07 86.35 26.37
N GLU D 59 -4.30 85.81 27.56
CA GLU D 59 -3.56 84.62 27.98
C GLU D 59 -3.79 83.43 27.06
N LEU D 60 -4.95 83.35 26.41
CA LEU D 60 -5.20 82.25 25.49
C LEU D 60 -4.23 82.29 24.32
N GLY D 61 -3.82 81.11 23.88
CA GLY D 61 -2.96 81.02 22.72
C GLY D 61 -3.60 81.48 21.44
N LEU D 62 -4.92 81.53 21.38
CA LEU D 62 -5.61 82.00 20.19
C LEU D 62 -5.40 83.49 19.95
N SER D 63 -5.00 84.24 20.98
CA SER D 63 -4.82 85.68 20.83
C SER D 63 -3.78 86.03 19.78
N VAL D 64 -2.88 85.09 19.46
CA VAL D 64 -1.83 85.35 18.49
C VAL D 64 -2.38 85.55 17.08
N ALA D 65 -3.64 85.20 16.84
CA ALA D 65 -4.22 85.26 15.52
C ALA D 65 -4.96 86.55 15.23
N CYS D 66 -4.99 87.49 16.18
CA CYS D 66 -5.77 88.69 15.98
C CYS D 66 -5.01 89.90 16.50
N ILE D 67 -5.22 91.04 15.85
CA ILE D 67 -4.66 92.31 16.25
C ILE D 67 -5.78 93.13 16.85
N CYS D 68 -5.94 93.05 18.17
CA CYS D 68 -7.01 93.75 18.86
C CYS D 68 -6.67 95.23 18.99
N THR D 69 -7.72 96.06 18.96
CA THR D 69 -7.55 97.49 19.17
C THR D 69 -8.87 98.12 19.56
N LYS D 70 -8.82 99.05 20.49
CA LYS D 70 -10.01 99.73 20.97
C LYS D 70 -10.40 100.87 20.04
N PHE D 71 -11.69 101.19 20.04
CA PHE D 71 -12.22 102.25 19.20
C PHE D 71 -13.55 102.72 19.77
N PRO D 72 -13.55 103.70 20.67
CA PRO D 72 -14.80 104.04 21.39
C PRO D 72 -15.93 104.46 20.48
N GLU D 73 -15.64 105.17 19.39
CA GLU D 73 -16.71 105.66 18.52
C GLU D 73 -17.00 104.69 17.39
N LEU D 74 -17.20 103.41 17.73
CA LEU D 74 -17.44 102.42 16.70
C LEU D 74 -18.86 102.44 16.18
N ALA D 75 -19.84 102.84 17.00
CA ALA D 75 -21.22 102.81 16.56
C ALA D 75 -21.50 103.82 15.46
N TYR D 76 -20.58 104.74 15.18
CA TYR D 76 -20.78 105.75 14.16
C TYR D 76 -20.07 105.43 12.85
N VAL D 77 -19.50 104.24 12.72
CA VAL D 77 -18.78 103.87 11.50
C VAL D 77 -19.77 103.32 10.49
N ARG D 78 -19.76 103.88 9.29
CA ARG D 78 -20.64 103.40 8.24
C ARG D 78 -20.00 102.26 7.44
N ASP D 79 -18.88 102.53 6.76
CA ASP D 79 -18.19 101.53 5.96
C ASP D 79 -16.69 101.69 6.16
N GLY D 80 -16.12 101.00 7.14
CA GLY D 80 -14.69 101.00 7.33
C GLY D 80 -14.00 100.33 6.16
N VAL D 81 -13.01 101.01 5.60
CA VAL D 81 -12.36 100.59 4.37
C VAL D 81 -10.86 100.47 4.60
N ILE D 82 -10.28 99.39 4.10
CA ILE D 82 -8.84 99.18 4.15
C ILE D 82 -8.34 98.96 2.72
N GLN D 83 -7.09 99.35 2.47
CA GLN D 83 -6.59 99.43 1.11
C GLN D 83 -5.31 98.63 0.94
N PHE D 84 -5.09 98.15 -0.27
CA PHE D 84 -3.87 97.44 -0.64
C PHE D 84 -3.36 97.95 -1.97
N GLU D 85 -2.04 97.94 -2.13
CA GLU D 85 -1.40 98.19 -3.43
C GLU D 85 -0.20 97.25 -3.55
N VAL D 86 -0.28 96.32 -4.49
CA VAL D 86 0.70 95.26 -4.63
C VAL D 86 1.24 95.28 -6.05
N GLN D 87 2.55 95.24 -6.18
CA GLN D 87 3.20 95.15 -7.49
C GLN D 87 3.81 93.77 -7.68
N GLN D 88 3.91 93.37 -8.94
CA GLN D 88 4.43 92.04 -9.23
C GLN D 88 5.70 92.14 -10.05
N PRO D 89 6.58 91.15 -9.96
CA PRO D 89 7.83 91.20 -10.71
C PRO D 89 7.64 90.84 -12.17
N MET D 90 8.72 90.78 -12.94
CA MET D 90 8.66 90.49 -14.35
C MET D 90 9.99 89.93 -14.81
N ILE D 91 9.95 89.02 -15.79
CA ILE D 91 11.16 88.51 -16.42
C ILE D 91 11.08 88.82 -17.90
N ALA D 92 12.24 88.89 -18.55
CA ALA D 92 12.34 89.24 -19.95
C ALA D 92 12.69 88.00 -20.76
N ARG D 93 12.02 87.82 -21.88
CA ARG D 93 12.32 86.74 -22.81
C ARG D 93 12.32 87.26 -24.23
N ASP D 94 12.69 86.39 -25.14
CA ASP D 94 12.78 86.69 -26.57
C ASP D 94 11.94 85.71 -27.35
N GLY D 95 12.09 85.74 -28.67
CA GLY D 95 11.39 84.82 -29.54
C GLY D 95 9.95 85.21 -29.72
N PRO D 96 9.12 84.27 -30.10
CA PRO D 96 7.72 84.56 -30.41
C PRO D 96 6.85 84.71 -29.16
N HIS D 97 7.34 85.46 -28.20
CA HIS D 97 6.58 85.77 -26.99
C HIS D 97 6.33 87.26 -26.95
N PRO D 98 5.12 87.70 -26.66
CA PRO D 98 4.87 89.14 -26.52
C PRO D 98 5.69 89.70 -25.38
N VAL D 99 6.33 90.85 -25.62
CA VAL D 99 7.06 91.50 -24.56
C VAL D 99 6.08 92.00 -23.52
N ASP D 100 6.37 91.73 -22.26
CA ASP D 100 5.44 92.01 -21.18
C ASP D 100 5.85 93.25 -20.39
N GLN D 101 4.88 93.77 -19.63
CA GLN D 101 5.08 94.95 -18.82
C GLN D 101 4.75 94.63 -17.37
N PRO D 102 5.45 95.23 -16.42
CA PRO D 102 5.14 95.00 -15.01
C PRO D 102 3.76 95.52 -14.68
N VAL D 103 3.10 94.83 -13.76
CA VAL D 103 1.71 95.09 -13.43
C VAL D 103 1.62 95.61 -12.00
N HIS D 104 0.54 96.30 -11.69
CA HIS D 104 0.21 96.69 -10.34
C HIS D 104 -1.20 96.22 -10.02
N ASN D 105 -1.43 95.91 -8.75
CA ASN D 105 -2.76 95.54 -8.27
C ASN D 105 -3.15 96.48 -7.14
N TYR D 106 -4.44 96.81 -7.11
CA TYR D 106 -5.01 97.62 -6.04
C TYR D 106 -6.24 96.90 -5.51
N MET D 107 -6.17 96.46 -4.26
CA MET D 107 -7.26 95.73 -3.64
C MET D 107 -7.79 96.52 -2.45
N VAL D 108 -9.11 96.49 -2.27
CA VAL D 108 -9.78 97.22 -1.20
C VAL D 108 -10.75 96.29 -0.49
N LYS D 109 -10.66 96.22 0.83
CA LYS D 109 -11.55 95.42 1.65
C LYS D 109 -12.32 96.33 2.59
N ARG D 110 -13.40 95.80 3.15
CA ARG D 110 -14.26 96.59 4.02
C ARG D 110 -14.53 95.85 5.32
N ILE D 111 -14.89 96.63 6.34
CA ILE D 111 -15.11 96.07 7.67
C ILE D 111 -16.46 95.36 7.72
N HIS D 112 -16.53 94.33 8.55
CA HIS D 112 -17.77 93.64 8.86
C HIS D 112 -18.06 93.80 10.35
N LYS D 113 -19.29 94.20 10.68
CA LYS D 113 -19.65 94.56 12.04
C LYS D 113 -20.46 93.45 12.68
N ARG D 114 -20.18 93.17 13.95
CA ARG D 114 -20.92 92.20 14.74
C ARG D 114 -21.16 92.79 16.13
N SER D 115 -21.63 91.96 17.06
CA SER D 115 -21.94 92.44 18.39
C SER D 115 -21.90 91.29 19.38
N LEU D 116 -21.90 91.65 20.66
CA LEU D 116 -21.97 90.70 21.75
C LEU D 116 -22.94 91.21 22.81
N SER D 117 -23.74 90.30 23.35
CA SER D 117 -24.75 90.65 24.32
C SER D 117 -24.77 89.63 25.44
N ALA D 118 -25.04 90.09 26.66
CA ALA D 118 -25.21 89.22 27.81
C ALA D 118 -26.28 89.80 28.71
N ALA D 119 -26.87 88.95 29.53
CA ALA D 119 -27.99 89.33 30.36
C ALA D 119 -27.59 89.38 31.82
N PHE D 120 -28.48 89.93 32.63
CA PHE D 120 -28.21 90.18 34.03
C PHE D 120 -29.55 90.41 34.72
N ALA D 121 -29.92 89.53 35.65
CA ALA D 121 -31.25 89.55 36.23
C ALA D 121 -31.22 90.05 37.66
N ILE D 122 -32.32 90.69 38.05
CA ILE D 122 -32.55 91.15 39.42
C ILE D 122 -33.98 90.81 39.79
N ALA D 123 -34.15 90.10 40.89
CA ALA D 123 -35.50 89.77 41.33
C ALA D 123 -36.15 90.97 42.01
N SER D 124 -37.48 90.92 42.12
CA SER D 124 -38.23 92.06 42.64
C SER D 124 -37.82 92.40 44.06
N GLU D 125 -37.65 91.37 44.90
CA GLU D 125 -37.28 91.62 46.29
C GLU D 125 -35.94 92.34 46.40
N ALA D 126 -35.02 92.04 45.48
CA ALA D 126 -33.75 92.74 45.47
C ALA D 126 -33.95 94.23 45.24
N LEU D 127 -34.79 94.60 44.28
CA LEU D 127 -35.08 96.00 44.05
C LEU D 127 -35.75 96.63 45.27
N SER D 128 -36.67 95.90 45.89
CA SER D 128 -37.36 96.45 47.05
C SER D 128 -36.38 96.72 48.19
N LEU D 129 -35.43 95.82 48.41
CA LEU D 129 -34.44 96.03 49.46
C LEU D 129 -33.48 97.15 49.10
N LEU D 130 -33.14 97.28 47.82
CA LEU D 130 -32.17 98.30 47.42
C LEU D 130 -32.76 99.70 47.47
N SER D 131 -33.98 99.87 46.99
CA SER D 131 -34.58 101.19 46.95
C SER D 131 -34.90 101.72 48.34
N ASN D 132 -34.83 100.87 49.38
CA ASN D 132 -35.10 101.28 50.76
C ASN D 132 -36.51 101.81 50.90
N THR D 133 -37.40 101.40 50.00
CA THR D 133 -38.78 101.89 50.04
C THR D 133 -39.54 101.31 51.24
N TYR D 134 -39.24 100.06 51.59
CA TYR D 134 -39.97 99.41 52.67
C TYR D 134 -39.00 98.93 53.75
N VAL D 135 -38.07 99.79 54.13
CA VAL D 135 -37.08 99.47 55.16
C VAL D 135 -37.65 99.81 56.53
N ASP D 136 -37.30 98.99 57.52
CA ASP D 136 -37.75 99.21 58.89
C ASP D 136 -36.64 99.62 59.84
N GLY D 137 -35.40 99.69 59.37
CA GLY D 137 -34.29 100.10 60.21
C GLY D 137 -34.00 99.18 61.37
N THR D 138 -33.93 97.89 61.11
CA THR D 138 -33.63 96.89 62.13
C THR D 138 -32.57 95.93 61.58
N GLU D 139 -31.86 95.26 62.49
CA GLU D 139 -30.76 94.41 62.05
C GLU D 139 -31.23 93.22 61.23
N ILE D 140 -32.51 92.89 61.25
CA ILE D 140 -32.98 91.72 60.53
C ILE D 140 -32.87 91.95 59.02
N ASP D 141 -33.21 93.14 58.54
CA ASP D 141 -33.23 93.34 57.10
C ASP D 141 -31.86 93.72 56.55
N SER D 142 -30.93 94.18 57.40
CA SER D 142 -29.59 94.48 56.92
C SER D 142 -28.93 93.23 56.37
N SER D 143 -29.13 92.10 57.03
CA SER D 143 -28.60 90.84 56.51
C SER D 143 -29.22 90.51 55.16
N LEU D 144 -30.53 90.74 55.00
CA LEU D 144 -31.17 90.48 53.72
C LEU D 144 -30.61 91.38 52.63
N ARG D 145 -30.41 92.66 52.95
CA ARG D 145 -29.83 93.58 51.97
C ARG D 145 -28.44 93.14 51.57
N ILE D 146 -27.63 92.71 52.54
CA ILE D 146 -26.28 92.28 52.22
C ILE D 146 -26.30 91.01 51.39
N ARG D 147 -27.25 90.12 51.66
CA ARG D 147 -27.39 88.93 50.82
C ARG D 147 -27.73 89.32 49.39
N ALA D 148 -28.64 90.27 49.22
CA ALA D 148 -29.00 90.72 47.88
C ALA D 148 -27.80 91.33 47.16
N ILE D 149 -27.01 92.13 47.87
CA ILE D 149 -25.87 92.77 47.23
C ILE D 149 -24.80 91.75 46.89
N GLN D 150 -24.59 90.76 47.76
CA GLN D 150 -23.65 89.70 47.42
C GLN D 150 -24.11 88.97 46.16
N GLN D 151 -25.40 88.69 46.06
CA GLN D 151 -25.91 88.07 44.84
C GLN D 151 -25.63 88.94 43.63
N MET D 152 -25.91 90.24 43.75
CA MET D 152 -25.72 91.14 42.62
C MET D 152 -24.27 91.17 42.17
N ALA D 153 -23.34 91.29 43.13
CA ALA D 153 -21.93 91.40 42.77
C ALA D 153 -21.39 90.10 42.19
N ARG D 154 -21.72 88.97 42.84
CA ARG D 154 -21.31 87.67 42.31
C ARG D 154 -21.86 87.45 40.92
N ASN D 155 -23.04 88.02 40.65
CA ASN D 155 -23.63 87.92 39.33
C ASN D 155 -22.88 88.80 38.33
N LEU D 156 -22.61 90.04 38.72
CA LEU D 156 -22.02 90.98 37.79
C LEU D 156 -20.62 90.54 37.39
N ARG D 157 -19.90 89.92 38.33
CA ARG D 157 -18.56 89.43 37.98
C ARG D 157 -18.61 88.47 36.81
N THR D 158 -19.51 87.48 36.87
CA THR D 158 -19.61 86.53 35.77
C THR D 158 -20.12 87.20 34.49
N VAL D 159 -21.04 88.15 34.63
CA VAL D 159 -21.56 88.83 33.44
C VAL D 159 -20.43 89.53 32.70
N LEU D 160 -19.59 90.26 33.45
CA LEU D 160 -18.43 90.90 32.80
C LEU D 160 -17.45 89.88 32.26
N ASP D 161 -17.22 88.80 32.98
CA ASP D 161 -16.33 87.76 32.48
C ASP D 161 -16.82 87.16 31.18
N SER D 162 -18.13 87.18 30.95
CA SER D 162 -18.67 86.54 29.76
C SER D 162 -18.13 87.17 28.48
N PHE D 163 -17.93 88.49 28.48
CA PHE D 163 -17.39 89.12 27.28
C PHE D 163 -15.99 88.62 26.97
N GLU D 164 -15.13 88.54 28.00
CA GLU D 164 -13.81 87.99 27.79
C GLU D 164 -13.88 86.56 27.30
N ARG D 165 -14.74 85.77 27.89
CA ARG D 165 -14.81 84.36 27.51
C ARG D 165 -15.39 84.19 26.11
N GLY D 166 -16.22 85.12 25.65
CA GLY D 166 -16.88 85.00 24.37
C GLY D 166 -16.19 85.66 23.21
N THR D 167 -15.23 86.54 23.46
CA THR D 167 -14.44 87.06 22.35
C THR D 167 -13.72 85.93 21.63
N ALA D 168 -13.20 84.95 22.39
CA ALA D 168 -12.59 83.78 21.79
C ALA D 168 -13.60 83.01 20.95
N ASP D 169 -14.84 82.91 21.44
CA ASP D 169 -15.87 82.22 20.67
C ASP D 169 -16.09 82.91 19.34
N GLN D 170 -16.20 84.23 19.36
CA GLN D 170 -16.42 84.95 18.12
C GLN D 170 -15.24 84.78 17.17
N LEU D 171 -14.02 84.80 17.69
CA LEU D 171 -12.87 84.61 16.82
C LEU D 171 -12.88 83.22 16.18
N LEU D 172 -13.21 82.19 16.96
CA LEU D 172 -13.35 80.87 16.36
C LEU D 172 -14.42 80.86 15.28
N GLY D 173 -15.57 81.49 15.56
CA GLY D 173 -16.63 81.50 14.57
C GLY D 173 -16.20 82.14 13.27
N VAL D 174 -15.55 83.30 13.36
CA VAL D 174 -15.17 84.00 12.14
C VAL D 174 -14.06 83.26 11.40
N LEU D 175 -13.10 82.68 12.14
CA LEU D 175 -12.05 81.92 11.47
C LEU D 175 -12.61 80.70 10.75
N LEU D 176 -13.56 80.00 11.37
CA LEU D 176 -14.23 78.90 10.67
C LEU D 176 -14.96 79.40 9.42
N GLU D 177 -15.68 80.51 9.54
CA GLU D 177 -16.37 81.01 8.36
C GLU D 177 -15.41 81.52 7.29
N LYS D 178 -14.14 81.71 7.62
CA LYS D 178 -13.19 82.25 6.67
C LYS D 178 -12.34 81.19 5.97
N ALA D 179 -12.19 80.00 6.55
CA ALA D 179 -11.19 79.06 6.09
C ALA D 179 -11.74 78.15 5.01
N PRO D 180 -11.16 78.13 3.82
CA PRO D 180 -11.48 77.09 2.84
C PRO D 180 -10.87 75.77 3.23
N PRO D 181 -11.43 74.65 2.79
CA PRO D 181 -10.93 73.34 3.21
C PRO D 181 -9.52 73.09 2.67
N LEU D 182 -8.74 72.33 3.45
CA LEU D 182 -7.39 72.01 3.01
C LEU D 182 -7.39 71.20 1.72
N SER D 183 -8.26 70.20 1.63
CA SER D 183 -8.25 69.29 0.50
C SER D 183 -8.40 70.00 -0.83
N LEU D 184 -9.07 71.16 -0.86
CA LEU D 184 -9.12 71.96 -2.06
C LEU D 184 -7.96 72.95 -2.14
N LEU D 185 -7.64 73.62 -1.04
CA LEU D 185 -6.68 74.71 -1.09
C LEU D 185 -5.29 74.22 -1.50
N SER D 186 -4.89 73.05 -1.00
CA SER D 186 -3.53 72.60 -1.28
C SER D 186 -3.30 72.33 -2.76
N PRO D 187 -4.05 71.46 -3.45
CA PRO D 187 -3.79 71.27 -4.88
C PRO D 187 -3.99 72.52 -5.71
N ILE D 188 -4.97 73.35 -5.38
CA ILE D 188 -5.19 74.57 -6.15
C ILE D 188 -3.96 75.45 -6.11
N ASN D 189 -3.38 75.63 -4.93
CA ASN D 189 -2.20 76.46 -4.77
C ASN D 189 -0.94 75.79 -5.29
N LYS D 190 -1.05 74.61 -5.88
CA LYS D 190 0.10 73.84 -6.32
C LYS D 190 0.11 73.57 -7.82
N PHE D 191 -1.00 73.07 -8.37
CA PHE D 191 -1.01 72.58 -9.74
C PHE D 191 -1.23 73.67 -10.78
N GLN D 192 -1.56 74.89 -10.36
CA GLN D 192 -1.56 76.02 -11.27
C GLN D 192 -0.36 76.88 -10.96
N PRO D 193 0.52 77.13 -11.91
CA PRO D 193 1.68 78.00 -11.62
C PRO D 193 1.26 79.41 -11.28
N GLU D 194 0.52 80.05 -12.19
CA GLU D 194 0.11 81.43 -12.02
C GLU D 194 -1.40 81.61 -12.02
N GLY D 195 -2.09 81.10 -13.03
CA GLY D 195 -3.50 81.29 -13.18
C GLY D 195 -3.83 81.52 -14.63
N HIS D 196 -5.08 81.95 -14.88
CA HIS D 196 -5.60 82.14 -16.23
C HIS D 196 -5.41 80.88 -17.07
N LEU D 197 -5.69 79.74 -16.43
CA LEU D 197 -5.54 78.46 -17.11
C LEU D 197 -6.60 78.29 -18.18
N ASN D 198 -6.26 77.53 -19.21
CA ASN D 198 -7.18 77.22 -20.29
C ASN D 198 -8.15 76.14 -19.82
N ARG D 199 -9.02 75.69 -20.72
CA ARG D 199 -10.04 74.71 -20.33
C ARG D 199 -9.41 73.39 -19.89
N VAL D 200 -8.39 72.93 -20.62
CA VAL D 200 -7.88 71.58 -20.41
C VAL D 200 -7.22 71.46 -19.04
N ALA D 201 -6.34 72.40 -18.70
CA ALA D 201 -5.68 72.35 -17.41
C ALA D 201 -6.70 72.48 -16.29
N ARG D 202 -7.71 73.32 -16.47
CA ARG D 202 -8.76 73.46 -15.47
C ARG D 202 -9.49 72.14 -15.24
N ALA D 203 -9.81 71.44 -16.33
CA ALA D 203 -10.49 70.16 -16.18
C ALA D 203 -9.62 69.14 -15.47
N ALA D 204 -8.33 69.08 -15.82
CA ALA D 204 -7.44 68.14 -15.14
C ALA D 204 -7.36 68.44 -13.65
N LEU D 205 -7.22 69.73 -13.32
CA LEU D 205 -7.20 70.13 -11.91
C LEU D 205 -8.49 69.76 -11.21
N LEU D 206 -9.62 69.90 -11.91
CA LEU D 206 -10.90 69.56 -11.30
C LEU D 206 -10.99 68.08 -10.99
N SER D 207 -10.52 67.23 -11.91
CA SER D 207 -10.52 65.80 -11.64
C SER D 207 -9.62 65.47 -10.46
N ASP D 208 -8.46 66.12 -10.38
CA ASP D 208 -7.58 65.91 -9.23
C ASP D 208 -8.27 66.32 -7.94
N LEU D 209 -8.99 67.44 -7.96
CA LEU D 209 -9.74 67.87 -6.78
C LEU D 209 -10.74 66.82 -6.36
N LYS D 210 -11.47 66.27 -7.32
CA LYS D 210 -12.48 65.26 -6.99
C LYS D 210 -11.84 64.05 -6.32
N ARG D 211 -10.73 63.58 -6.90
CA ARG D 211 -10.05 62.42 -6.32
C ARG D 211 -9.53 62.73 -4.92
N ARG D 212 -8.92 63.90 -4.74
CA ARG D 212 -8.37 64.25 -3.44
C ARG D 212 -9.45 64.32 -2.37
N VAL D 213 -10.58 64.95 -2.68
CA VAL D 213 -11.65 65.05 -1.70
C VAL D 213 -12.20 63.66 -1.37
N CYS D 214 -12.40 62.82 -2.40
CA CYS D 214 -12.89 61.47 -2.13
C CYS D 214 -11.91 60.67 -1.27
N ALA D 215 -10.62 60.97 -1.36
CA ALA D 215 -9.62 60.19 -0.64
C ALA D 215 -9.34 60.74 0.76
N ASP D 216 -8.99 62.02 0.84
CA ASP D 216 -8.43 62.60 2.04
C ASP D 216 -9.49 63.47 2.72
N MET D 217 -10.31 62.85 3.57
CA MET D 217 -11.29 63.64 4.31
C MET D 217 -11.32 63.27 5.79
N PHE D 218 -10.84 62.09 6.15
CA PHE D 218 -10.84 61.65 7.54
C PHE D 218 -9.44 61.24 7.93
N PHE D 219 -8.47 62.09 7.64
CA PHE D 219 -7.11 61.59 7.55
C PHE D 219 -6.36 61.62 8.88
N MET D 220 -7.03 62.01 9.97
CA MET D 220 -6.67 61.71 11.35
C MET D 220 -7.20 60.39 11.92
N THR D 221 -8.14 59.72 11.26
CA THR D 221 -8.66 58.46 11.79
C THR D 221 -8.35 57.27 10.90
N ARG D 222 -8.46 57.42 9.59
CA ARG D 222 -8.14 56.31 8.69
C ARG D 222 -6.67 55.91 8.82
N HIS D 223 -5.76 56.87 8.68
CA HIS D 223 -4.34 56.61 8.84
C HIS D 223 -3.84 56.99 10.23
N ALA D 224 -4.49 56.46 11.26
CA ALA D 224 -4.06 56.74 12.63
C ALA D 224 -2.83 55.95 13.04
N ARG D 225 -2.53 54.86 12.34
CA ARG D 225 -1.42 54.00 12.74
C ARG D 225 -0.09 54.41 12.15
N GLU D 226 -0.05 55.47 11.33
CA GLU D 226 1.20 55.93 10.73
C GLU D 226 1.53 57.32 11.25
N PRO D 227 2.34 57.43 12.31
CA PRO D 227 2.75 58.77 12.77
C PRO D 227 3.44 59.59 11.71
N ARG D 228 4.17 58.96 10.79
CA ARG D 228 4.91 59.76 9.80
C ARG D 228 3.98 60.52 8.87
N LEU D 229 2.89 59.88 8.41
CA LEU D 229 2.00 60.57 7.49
C LEU D 229 1.35 61.78 8.14
N ILE D 230 0.92 61.66 9.40
CA ILE D 230 0.23 62.77 10.05
C ILE D 230 1.14 63.97 10.16
N SER D 231 2.37 63.76 10.62
CA SER D 231 3.34 64.83 10.60
C SER D 231 3.71 65.24 9.17
N ALA D 232 3.44 64.39 8.19
CA ALA D 232 3.75 64.73 6.81
C ALA D 232 2.78 65.74 6.24
N TYR D 233 1.53 65.74 6.70
CA TYR D 233 0.60 66.66 6.06
C TYR D 233 0.20 67.78 6.98
N LEU D 234 0.49 67.64 8.27
CA LEU D 234 0.39 68.82 9.09
C LEU D 234 1.34 69.88 8.55
N SER D 235 2.53 69.47 8.11
CA SER D 235 3.42 70.42 7.47
C SER D 235 2.82 70.96 6.17
N ASP D 236 2.14 70.11 5.40
CA ASP D 236 1.47 70.58 4.19
C ASP D 236 0.41 71.60 4.53
N MET D 237 -0.38 71.34 5.57
CA MET D 237 -1.40 72.30 6.01
C MET D 237 -0.77 73.61 6.41
N VAL D 238 0.31 73.56 7.20
CA VAL D 238 0.91 74.80 7.69
C VAL D 238 1.59 75.56 6.56
N SER D 239 2.38 74.87 5.74
CA SER D 239 3.11 75.55 4.67
C SER D 239 2.32 75.57 3.36
N CYS D 240 1.06 75.98 3.44
CA CYS D 240 0.26 76.22 2.24
C CYS D 240 -0.57 77.48 2.35
N THR D 241 -0.49 78.20 3.45
CA THR D 241 -1.26 79.42 3.68
C THR D 241 -0.33 80.63 3.73
N GLN D 242 -0.72 81.66 3.02
CA GLN D 242 0.07 82.87 2.87
C GLN D 242 0.13 83.65 4.18
N PRO D 243 1.27 84.27 4.48
CA PRO D 243 1.35 85.11 5.68
C PRO D 243 0.57 86.40 5.52
N SER D 244 0.63 87.27 6.51
CA SER D 244 -0.11 88.52 6.50
C SER D 244 0.86 89.69 6.67
N VAL D 245 0.31 90.88 6.88
CA VAL D 245 1.14 92.07 6.99
C VAL D 245 1.98 91.99 8.26
N MET D 246 3.05 92.80 8.28
CA MET D 246 4.08 92.71 9.30
C MET D 246 4.09 93.91 10.24
N VAL D 247 3.10 94.79 10.13
CA VAL D 247 3.03 95.98 10.98
C VAL D 247 2.74 95.56 12.41
N SER D 248 3.72 95.75 13.29
CA SER D 248 3.58 95.38 14.69
C SER D 248 4.79 95.91 15.44
N ARG D 249 4.64 96.00 16.76
CA ARG D 249 5.74 96.38 17.65
C ARG D 249 6.10 95.28 18.62
N ILE D 250 5.13 94.75 19.36
CA ILE D 250 5.34 93.66 20.30
C ILE D 250 4.46 92.50 19.89
N THR D 251 5.05 91.33 19.75
CA THR D 251 4.38 90.15 19.22
C THR D 251 4.51 88.99 20.19
N HIS D 252 3.77 87.93 19.92
CA HIS D 252 3.84 86.70 20.70
C HIS D 252 5.15 86.00 20.39
N THR D 253 5.87 85.62 21.44
CA THR D 253 7.15 84.95 21.29
C THR D 253 7.37 83.98 22.44
N ASN D 254 8.24 83.01 22.20
CA ASN D 254 8.56 82.02 23.21
C ASN D 254 9.57 82.59 24.20
N THR D 255 10.04 81.74 25.11
CA THR D 255 10.98 82.20 26.13
C THR D 255 12.30 82.66 25.51
N ARG D 256 12.82 81.89 24.55
CA ARG D 256 14.11 82.25 23.95
C ARG D 256 14.02 83.58 23.21
N GLY D 257 12.97 83.77 22.43
CA GLY D 257 12.82 85.01 21.69
C GLY D 257 12.39 84.80 20.26
N ARG D 258 12.30 83.56 19.82
CA ARG D 258 11.82 83.27 18.48
C ARG D 258 10.37 83.69 18.34
N GLN D 259 10.03 84.30 17.22
CA GLN D 259 8.68 84.80 17.03
C GLN D 259 7.73 83.67 16.65
N VAL D 260 6.53 83.71 17.21
CA VAL D 260 5.50 82.72 16.92
C VAL D 260 4.98 82.96 15.52
N ASP D 261 4.55 81.91 14.83
CA ASP D 261 4.09 82.03 13.46
C ASP D 261 2.59 81.82 13.27
N GLY D 262 1.92 81.14 14.20
CA GLY D 262 0.50 80.93 14.01
C GLY D 262 -0.11 80.20 15.19
N VAL D 263 -1.38 79.85 15.02
CA VAL D 263 -2.13 79.10 16.01
C VAL D 263 -2.83 77.94 15.31
N LEU D 264 -2.95 76.82 16.01
CA LEU D 264 -3.53 75.59 15.46
C LEU D 264 -4.47 75.04 16.51
N VAL D 265 -5.78 75.26 16.32
CA VAL D 265 -6.77 74.93 17.32
C VAL D 265 -7.39 73.58 16.99
N THR D 266 -7.56 72.75 18.02
CA THR D 266 -8.00 71.37 17.84
C THR D 266 -9.14 71.03 18.78
N THR D 267 -9.49 69.74 18.84
CA THR D 267 -10.28 69.19 19.93
C THR D 267 -9.34 68.55 20.95
N ALA D 268 -9.81 68.46 22.19
CA ALA D 268 -8.96 67.96 23.27
C ALA D 268 -8.38 66.59 22.94
N THR D 269 -9.19 65.68 22.42
CA THR D 269 -8.68 64.37 22.05
C THR D 269 -7.65 64.47 20.94
N LEU D 270 -7.92 65.30 19.94
CA LEU D 270 -6.95 65.51 18.86
C LEU D 270 -5.66 66.11 19.40
N LYS D 271 -5.78 67.04 20.34
CA LYS D 271 -4.58 67.63 20.95
C LYS D 271 -3.76 66.56 21.64
N ARG D 272 -4.41 65.68 22.39
CA ARG D 272 -3.66 64.63 23.07
C ARG D 272 -2.99 63.72 22.06
N GLN D 273 -3.71 63.33 21.00
CA GLN D 273 -3.13 62.43 20.01
C GLN D 273 -1.91 63.05 19.35
N LEU D 274 -2.01 64.32 18.94
CA LEU D 274 -0.87 64.97 18.31
C LEU D 274 0.29 65.14 19.29
N LEU D 275 0.00 65.55 20.52
CA LEU D 275 1.06 65.87 21.46
C LEU D 275 1.72 64.62 22.01
N GLN D 276 1.10 63.47 21.88
CA GLN D 276 1.67 62.27 22.46
C GLN D 276 2.99 61.89 21.80
N GLY D 277 2.98 61.61 20.51
CA GLY D 277 4.20 61.15 19.87
C GLY D 277 4.46 61.63 18.46
N ILE D 278 3.60 62.49 17.94
CA ILE D 278 3.73 62.92 16.55
C ILE D 278 4.53 64.22 16.47
N LEU D 279 4.15 65.20 17.26
CA LEU D 279 4.78 66.51 17.22
C LEU D 279 5.70 66.70 18.42
N GLN D 280 6.71 67.54 18.23
CA GLN D 280 7.74 67.78 19.23
C GLN D 280 7.52 69.13 19.90
N ILE D 281 7.45 69.11 21.23
CA ILE D 281 7.24 70.35 21.99
C ILE D 281 8.52 71.17 21.96
N ASP D 282 8.39 72.47 21.79
CA ASP D 282 9.52 73.38 21.84
C ASP D 282 9.60 74.15 23.15
N ASP D 283 8.46 74.49 23.75
CA ASP D 283 8.46 75.19 25.02
C ASP D 283 7.10 75.01 25.67
N THR D 284 7.01 75.38 26.94
CA THR D 284 5.77 75.34 27.70
C THR D 284 5.35 76.70 28.21
N ALA D 285 6.11 77.75 27.90
CA ALA D 285 5.74 79.11 28.28
C ALA D 285 5.98 80.03 27.10
N ALA D 286 5.25 81.15 27.08
CA ALA D 286 5.35 82.09 25.99
C ALA D 286 5.17 83.51 26.51
N ASP D 287 5.66 84.47 25.74
CA ASP D 287 5.53 85.88 26.05
C ASP D 287 4.37 86.45 25.25
N VAL D 288 3.41 87.04 25.94
CA VAL D 288 2.19 87.52 25.30
C VAL D 288 1.97 88.98 25.64
N PRO D 289 1.68 89.84 24.67
CA PRO D 289 1.40 91.24 24.97
C PRO D 289 0.15 91.36 25.83
N VAL D 290 0.12 92.41 26.65
CA VAL D 290 -0.97 92.59 27.60
C VAL D 290 -1.85 93.79 27.27
N THR D 291 -1.37 94.74 26.47
CA THR D 291 -2.15 95.93 26.16
C THR D 291 -2.77 95.83 24.77
N TYR D 292 -3.78 96.67 24.55
CA TYR D 292 -4.54 96.67 23.30
C TYR D 292 -3.97 97.67 22.30
N GLY D 293 -3.91 98.93 22.68
CA GLY D 293 -3.51 99.98 21.77
C GLY D 293 -4.74 100.73 21.28
N GLU D 294 -5.01 101.87 21.90
CA GLU D 294 -6.23 102.62 21.66
C GLU D 294 -5.96 103.75 20.68
N MET D 295 -6.91 103.96 19.78
CA MET D 295 -6.85 105.11 18.88
C MET D 295 -8.22 105.76 18.83
N VAL D 296 -8.22 107.09 18.76
CA VAL D 296 -9.45 107.88 18.79
C VAL D 296 -9.29 109.03 17.81
N LEU D 297 -10.40 109.64 17.46
CA LEU D 297 -10.43 110.75 16.52
C LEU D 297 -10.51 112.07 17.29
N GLN D 298 -9.71 113.04 16.86
CA GLN D 298 -9.67 114.35 17.50
C GLN D 298 -9.09 115.37 16.54
N GLY D 299 -9.31 116.63 16.85
CA GLY D 299 -8.77 117.72 16.07
C GLY D 299 -9.23 117.73 14.62
N THR D 300 -8.26 117.78 13.70
CA THR D 300 -8.61 117.85 12.28
C THR D 300 -9.39 116.62 11.85
N ASN D 301 -9.07 115.45 12.40
CA ASN D 301 -9.84 114.27 12.07
C ASN D 301 -11.29 114.42 12.51
N LEU D 302 -11.50 114.96 13.71
CA LEU D 302 -12.85 115.16 14.21
C LEU D 302 -13.63 116.13 13.34
N VAL D 303 -13.02 117.27 12.99
CA VAL D 303 -13.75 118.25 12.20
C VAL D 303 -14.06 117.70 10.81
N THR D 304 -13.13 116.93 10.25
CA THR D 304 -13.40 116.31 8.95
C THR D 304 -14.56 115.33 9.04
N ALA D 305 -14.56 114.50 10.08
CA ALA D 305 -15.64 113.52 10.24
C ALA D 305 -16.98 114.20 10.46
N LEU D 306 -16.98 115.37 11.10
CA LEU D 306 -18.25 116.04 11.37
C LEU D 306 -18.77 116.80 10.16
N VAL D 307 -17.92 117.56 9.48
CA VAL D 307 -18.42 118.44 8.42
C VAL D 307 -18.46 117.73 7.06
N MET D 308 -17.53 116.81 6.79
CA MET D 308 -17.49 116.21 5.47
C MET D 308 -17.99 114.77 5.47
N GLY D 309 -17.86 114.07 6.58
CA GLY D 309 -18.37 112.72 6.71
C GLY D 309 -17.37 111.62 6.46
N LYS D 310 -16.08 111.94 6.35
CA LYS D 310 -15.06 110.92 6.13
C LYS D 310 -13.95 111.12 7.16
N ALA D 311 -13.19 110.07 7.39
CA ALA D 311 -12.12 110.12 8.38
C ALA D 311 -11.10 109.04 8.04
N VAL D 312 -9.84 109.29 8.38
CA VAL D 312 -8.77 108.37 8.08
C VAL D 312 -7.79 108.36 9.25
N ARG D 313 -7.22 107.18 9.50
CA ARG D 313 -6.30 106.99 10.61
C ARG D 313 -5.05 107.83 10.41
N ASN D 352 5.47 92.85 28.27
CA ASN D 352 5.11 91.47 28.01
C ASN D 352 4.91 90.74 29.33
N ALA D 353 4.11 89.68 29.27
CA ALA D 353 3.84 88.84 30.42
C ALA D 353 4.07 87.39 30.04
N ARG D 354 4.54 86.60 31.00
CA ARG D 354 4.78 85.18 30.77
C ARG D 354 3.51 84.39 31.08
N VAL D 355 3.07 83.59 30.11
CA VAL D 355 1.82 82.85 30.24
C VAL D 355 2.08 81.37 29.95
N PRO D 356 1.57 80.46 30.76
CA PRO D 356 1.78 79.02 30.52
C PRO D 356 0.92 78.53 29.36
N ALA D 357 1.57 78.15 28.28
CA ALA D 357 0.91 77.53 27.14
C ALA D 357 1.95 76.76 26.35
N ASP D 358 1.51 75.69 25.69
CA ASP D 358 2.42 74.81 24.96
C ASP D 358 2.69 75.35 23.57
N LEU D 359 3.93 75.20 23.11
CA LEU D 359 4.34 75.60 21.78
C LEU D 359 4.93 74.40 21.07
N VAL D 360 4.56 74.23 19.80
CA VAL D 360 4.96 73.07 19.02
C VAL D 360 5.59 73.56 17.72
N ILE D 361 6.52 72.78 17.20
CA ILE D 361 7.17 73.08 15.93
C ILE D 361 6.70 72.06 14.90
N VAL D 362 6.21 72.54 13.77
CA VAL D 362 5.83 71.70 12.65
C VAL D 362 6.46 72.28 11.40
N GLY D 363 6.97 71.41 10.54
CA GLY D 363 7.72 71.88 9.39
C GLY D 363 8.88 72.74 9.83
N ASP D 364 8.77 74.05 9.59
CA ASP D 364 9.82 74.98 9.98
C ASP D 364 9.26 76.20 10.69
N LYS D 365 7.98 76.18 11.05
CA LYS D 365 7.33 77.30 11.71
C LYS D 365 6.82 76.88 13.08
N LEU D 366 7.06 77.74 14.06
CA LEU D 366 6.66 77.50 15.45
C LEU D 366 5.23 77.96 15.64
N VAL D 367 4.39 77.08 16.16
CA VAL D 367 2.95 77.33 16.22
C VAL D 367 2.40 76.98 17.59
N PHE D 368 1.50 77.84 18.08
CA PHE D 368 0.70 77.50 19.24
C PHE D 368 -0.16 76.29 18.93
N LEU D 369 -0.36 75.44 19.92
CA LEU D 369 -1.25 74.30 19.78
C LEU D 369 -2.25 74.42 20.93
N GLU D 370 -3.33 75.14 20.69
CA GLU D 370 -4.35 75.37 21.69
C GLU D 370 -5.56 74.51 21.38
N ALA D 371 -6.11 73.89 22.41
CA ALA D 371 -7.31 73.06 22.32
C ALA D 371 -8.33 73.56 23.32
N LEU D 372 -8.61 74.85 23.27
CA LEU D 372 -9.36 75.51 24.33
C LEU D 372 -10.74 74.91 24.40
N GLU D 373 -10.92 74.02 25.38
CA GLU D 373 -12.19 73.38 25.66
C GLU D 373 -12.50 73.34 27.15
N ARG D 374 -11.49 73.38 28.01
CA ARG D 374 -11.69 73.47 29.44
C ARG D 374 -11.79 74.92 29.90
N ARG D 375 -10.90 75.79 29.42
CA ARG D 375 -10.96 77.19 29.81
C ARG D 375 -12.27 77.82 29.39
N VAL D 376 -12.72 77.52 28.18
CA VAL D 376 -13.95 78.09 27.64
C VAL D 376 -14.79 76.92 27.12
N TYR D 377 -16.11 77.14 27.09
CA TYR D 377 -17.10 76.17 26.63
C TYR D 377 -17.32 75.03 27.62
N GLN D 378 -16.90 75.19 28.87
CA GLN D 378 -17.07 74.15 29.88
C GLN D 378 -18.11 74.59 30.88
N ALA D 379 -19.01 73.68 31.24
CA ALA D 379 -20.07 73.95 32.21
C ALA D 379 -20.94 75.13 31.76
N THR D 380 -21.01 75.33 30.45
CA THR D 380 -21.85 76.35 29.87
C THR D 380 -22.64 75.73 28.72
N ARG D 381 -23.79 76.33 28.43
CA ARG D 381 -24.75 75.69 27.54
C ARG D 381 -24.43 75.88 26.07
N VAL D 382 -23.36 76.58 25.74
CA VAL D 382 -23.01 76.80 24.34
C VAL D 382 -22.23 75.61 23.83
N ALA D 383 -22.51 75.20 22.59
CA ALA D 383 -21.84 74.07 21.98
C ALA D 383 -20.48 74.47 21.46
N TYR D 384 -19.53 73.58 21.60
CA TYR D 384 -18.18 73.83 21.13
C TYR D 384 -18.14 73.75 19.61
N PRO D 385 -17.62 74.77 18.91
CA PRO D 385 -17.39 74.62 17.48
C PRO D 385 -16.28 73.62 17.21
N LEU D 386 -15.89 73.45 15.95
CA LEU D 386 -15.00 72.39 15.49
C LEU D 386 -15.60 71.00 15.69
N ILE D 387 -16.91 70.93 15.94
CA ILE D 387 -17.61 69.65 15.99
C ILE D 387 -18.67 69.67 14.90
N GLY D 388 -18.35 70.34 13.80
CA GLY D 388 -19.32 70.49 12.73
C GLY D 388 -19.70 69.16 12.10
N ASN D 389 -20.71 69.23 11.25
CA ASN D 389 -21.30 68.06 10.62
C ASN D 389 -21.06 68.11 9.12
N ILE D 390 -21.11 66.94 8.49
CA ILE D 390 -20.99 66.85 7.04
C ILE D 390 -22.14 66.01 6.51
N ASP D 391 -22.42 66.18 5.22
CA ASP D 391 -23.53 65.51 4.56
C ASP D 391 -23.03 64.74 3.37
N ILE D 392 -23.34 63.45 3.32
CA ILE D 392 -22.95 62.58 2.23
C ILE D 392 -24.22 61.94 1.68
N THR D 393 -24.35 61.94 0.35
CA THR D 393 -25.52 61.36 -0.30
C THR D 393 -25.14 60.04 -0.95
N PHE D 394 -25.89 58.99 -0.66
CA PHE D 394 -25.65 57.68 -1.21
C PHE D 394 -26.65 57.37 -2.30
N ILE D 395 -26.22 56.66 -3.33
CA ILE D 395 -27.06 56.32 -4.47
C ILE D 395 -26.89 54.84 -4.77
N MET D 396 -28.01 54.15 -5.02
CA MET D 396 -27.99 52.72 -5.26
C MET D 396 -28.99 52.41 -6.37
N PRO D 397 -28.55 51.80 -7.46
CA PRO D 397 -29.51 51.30 -8.45
C PRO D 397 -30.25 50.10 -7.90
N MET D 398 -31.54 50.02 -8.23
CA MET D 398 -32.44 49.17 -7.46
C MET D 398 -33.03 48.02 -8.29
N GLY D 399 -33.66 48.31 -9.41
CA GLY D 399 -34.27 47.24 -10.19
C GLY D 399 -33.55 46.95 -11.49
N VAL D 400 -32.28 47.32 -11.56
CA VAL D 400 -31.54 47.26 -12.83
C VAL D 400 -31.33 45.81 -13.22
N PHE D 401 -31.61 45.50 -14.49
CA PHE D 401 -31.38 44.19 -15.05
C PHE D 401 -30.36 44.30 -16.18
N GLN D 402 -29.25 43.57 -16.06
CA GLN D 402 -28.18 43.62 -17.05
C GLN D 402 -28.67 42.95 -18.32
N ALA D 403 -29.07 43.77 -19.30
CA ALA D 403 -29.78 43.25 -20.47
C ALA D 403 -28.89 42.34 -21.30
N ASN D 404 -27.67 42.76 -21.60
CA ASN D 404 -26.85 42.03 -22.56
C ASN D 404 -26.49 40.66 -22.01
N SER D 405 -26.50 39.67 -22.90
CA SER D 405 -26.33 38.28 -22.48
C SER D 405 -24.92 38.01 -21.97
N MET D 406 -23.92 38.64 -22.57
CA MET D 406 -22.53 38.36 -22.20
C MET D 406 -22.27 38.72 -20.74
N ASP D 407 -23.00 39.68 -20.20
CA ASP D 407 -22.72 40.16 -18.84
C ASP D 407 -23.26 39.22 -17.78
N ARG D 408 -24.25 38.39 -18.12
CA ARG D 408 -24.84 37.48 -17.14
C ARG D 408 -23.99 36.20 -17.08
N TYR D 409 -22.77 36.36 -16.60
CA TYR D 409 -21.82 35.28 -16.47
C TYR D 409 -21.67 34.89 -15.01
N THR D 410 -21.28 33.64 -14.79
CA THR D 410 -20.97 33.14 -13.45
C THR D 410 -19.49 32.81 -13.36
N ARG D 411 -18.86 33.18 -12.24
CA ARG D 411 -17.43 32.98 -12.10
C ARG D 411 -17.08 31.51 -11.93
N HIS D 412 -18.05 30.70 -11.52
CA HIS D 412 -17.88 29.27 -11.40
C HIS D 412 -19.21 28.58 -11.66
N ALA D 413 -19.15 27.32 -12.08
CA ALA D 413 -20.36 26.58 -12.39
C ALA D 413 -21.24 26.40 -11.14
N GLY D 414 -20.71 25.71 -10.14
CA GLY D 414 -21.38 25.59 -8.86
C GLY D 414 -21.08 26.76 -7.95
N ASP D 415 -21.73 27.91 -8.18
CA ASP D 415 -21.47 29.06 -7.32
C ASP D 415 -22.56 29.20 -6.26
N PHE D 416 -23.82 29.28 -6.67
CA PHE D 416 -24.94 29.28 -5.73
C PHE D 416 -26.01 28.36 -6.28
N SER D 417 -25.91 27.07 -5.97
CA SER D 417 -26.86 26.10 -6.47
C SER D 417 -28.05 26.00 -5.52
N THR D 418 -29.11 25.36 -5.98
CA THR D 418 -30.30 25.15 -5.17
C THR D 418 -30.85 23.76 -5.40
N VAL D 419 -32.03 23.50 -4.84
CA VAL D 419 -32.75 22.25 -5.11
C VAL D 419 -33.75 22.40 -6.25
N SER D 420 -34.21 23.62 -6.53
CA SER D 420 -35.19 23.83 -7.59
C SER D 420 -34.59 23.49 -8.95
N GLU D 421 -35.45 23.00 -9.85
CA GLU D 421 -35.00 22.70 -11.20
C GLU D 421 -34.69 23.96 -11.98
N GLN D 422 -35.21 25.11 -11.53
CA GLN D 422 -34.91 26.40 -12.14
C GLN D 422 -34.17 27.26 -11.13
N ASP D 423 -33.02 27.77 -11.52
CA ASP D 423 -32.23 28.60 -10.62
C ASP D 423 -32.97 29.90 -10.35
N PRO D 424 -33.29 30.21 -9.12
CA PRO D 424 -34.04 31.43 -8.81
C PRO D 424 -33.13 32.67 -8.74
N ARG D 425 -32.25 32.79 -9.72
CA ARG D 425 -31.41 33.97 -9.84
C ARG D 425 -31.40 34.55 -11.24
N GLN D 426 -31.80 33.79 -12.25
CA GLN D 426 -31.96 34.36 -13.58
C GLN D 426 -33.07 35.40 -13.60
N PHE D 427 -34.04 35.30 -12.68
CA PHE D 427 -35.14 36.25 -12.67
C PHE D 427 -34.62 37.64 -12.34
N PRO D 428 -35.21 38.67 -12.95
CA PRO D 428 -34.76 40.03 -12.69
C PRO D 428 -34.88 40.37 -11.22
N PRO D 429 -33.90 41.05 -10.65
CA PRO D 429 -33.97 41.38 -9.23
C PRO D 429 -35.05 42.40 -8.95
N GLN D 430 -35.56 42.38 -7.72
CA GLN D 430 -36.58 43.31 -7.31
C GLN D 430 -36.23 44.10 -6.06
N GLY D 431 -35.12 43.80 -5.38
CA GLY D 431 -34.78 44.49 -4.17
C GLY D 431 -33.30 44.80 -4.09
N ILE D 432 -32.96 45.67 -3.15
CA ILE D 432 -31.58 46.03 -2.88
C ILE D 432 -31.31 45.83 -1.38
N PHE D 433 -30.16 45.27 -1.06
CA PHE D 433 -29.78 44.98 0.32
C PHE D 433 -28.55 45.80 0.68
N PHE D 434 -28.61 46.49 1.81
CA PHE D 434 -27.49 47.29 2.26
C PHE D 434 -27.42 47.18 3.77
N TYR D 435 -26.43 47.85 4.36
CA TYR D 435 -26.20 47.80 5.80
C TYR D 435 -26.70 49.06 6.47
N ASN D 436 -27.33 48.87 7.62
CA ASN D 436 -27.89 49.96 8.41
C ASN D 436 -26.77 50.66 9.18
N LYS D 437 -27.13 51.61 10.03
CA LYS D 437 -26.14 52.34 10.81
C LYS D 437 -25.40 51.43 11.76
N ASP D 438 -26.08 50.41 12.29
CA ASP D 438 -25.51 49.53 13.30
C ASP D 438 -25.06 48.20 12.73
N GLY D 439 -24.98 48.06 11.41
CA GLY D 439 -24.65 46.79 10.80
C GLY D 439 -25.84 45.88 10.56
N ILE D 440 -27.04 46.31 10.91
CA ILE D 440 -28.24 45.51 10.70
C ILE D 440 -28.54 45.45 9.20
N LEU D 441 -28.93 44.27 8.73
CA LEU D 441 -29.29 44.12 7.33
C LEU D 441 -30.70 44.63 7.07
N THR D 442 -30.85 45.46 6.05
CA THR D 442 -32.16 46.00 5.67
C THR D 442 -32.32 45.88 4.17
N GLN D 443 -33.57 45.85 3.71
CA GLN D 443 -33.85 45.71 2.29
C GLN D 443 -34.88 46.72 1.83
N LEU D 444 -34.76 47.15 0.59
CA LEU D 444 -35.71 48.04 -0.07
C LEU D 444 -36.30 47.32 -1.27
N THR D 445 -37.58 46.95 -1.17
CA THR D 445 -38.27 46.31 -2.27
C THR D 445 -39.04 47.35 -3.08
N LEU D 446 -39.45 46.96 -4.28
CA LEU D 446 -40.20 47.86 -5.14
C LEU D 446 -41.48 48.34 -4.49
N ARG D 447 -42.01 47.58 -3.52
CA ARG D 447 -43.22 47.99 -2.84
C ARG D 447 -43.07 49.36 -2.20
N ASP D 448 -41.85 49.78 -1.91
CA ASP D 448 -41.64 51.09 -1.31
C ASP D 448 -41.77 52.22 -2.32
N ALA D 449 -41.75 51.92 -3.61
CA ALA D 449 -41.84 52.97 -4.61
C ALA D 449 -43.25 53.51 -4.80
N MET D 450 -44.25 52.85 -4.22
CA MET D 450 -45.63 53.31 -4.39
C MET D 450 -45.83 54.73 -3.90
N GLY D 451 -45.06 55.17 -2.93
CA GLY D 451 -45.18 56.55 -2.50
C GLY D 451 -44.79 57.57 -3.54
N THR D 452 -44.06 57.16 -4.57
CA THR D 452 -43.57 58.10 -5.58
C THR D 452 -44.17 57.85 -6.95
N ILE D 453 -44.23 56.59 -7.40
CA ILE D 453 -44.69 56.33 -8.75
C ILE D 453 -46.20 56.23 -8.85
N CYS D 454 -46.89 55.95 -7.75
CA CYS D 454 -48.33 55.77 -7.74
C CYS D 454 -49.07 57.06 -7.37
N HIS D 455 -48.52 58.20 -7.72
CA HIS D 455 -49.15 59.49 -7.45
C HIS D 455 -49.74 60.06 -8.73
N SER D 456 -50.65 61.01 -8.56
CA SER D 456 -51.24 61.66 -9.73
C SER D 456 -50.21 62.46 -10.50
N SER D 457 -49.03 62.71 -9.92
CA SER D 457 -47.98 63.43 -10.62
C SER D 457 -47.48 62.67 -11.83
N LEU D 458 -47.73 61.36 -11.89
CA LEU D 458 -47.34 60.59 -13.07
C LEU D 458 -48.11 61.01 -14.31
N LEU D 459 -49.24 61.69 -14.14
CA LEU D 459 -50.08 62.10 -15.27
C LEU D 459 -50.27 63.61 -15.26
N ASP D 460 -49.19 64.36 -15.07
CA ASP D 460 -49.26 65.81 -15.05
C ASP D 460 -48.64 66.34 -16.33
N VAL D 461 -48.92 65.67 -17.44
CA VAL D 461 -48.20 65.91 -18.69
C VAL D 461 -48.56 67.25 -19.32
N GLU D 462 -49.52 67.98 -18.77
CA GLU D 462 -50.00 69.19 -19.45
C GLU D 462 -48.89 70.23 -19.59
N ALA D 463 -48.13 70.46 -18.52
CA ALA D 463 -47.07 71.46 -18.59
C ALA D 463 -46.02 71.09 -19.62
N THR D 464 -45.71 69.79 -19.72
CA THR D 464 -44.73 69.35 -20.70
C THR D 464 -45.19 69.66 -22.12
N LEU D 465 -46.48 69.42 -22.41
CA LEU D 465 -47.01 69.79 -23.72
C LEU D 465 -46.93 71.28 -23.95
N VAL D 466 -47.29 72.07 -22.95
CA VAL D 466 -47.27 73.52 -23.12
C VAL D 466 -45.86 73.98 -23.45
N ALA D 467 -44.85 73.37 -22.82
CA ALA D 467 -43.47 73.73 -23.11
C ALA D 467 -43.05 73.26 -24.49
N LEU D 468 -43.40 72.02 -24.85
CA LEU D 468 -42.93 71.45 -26.10
C LEU D 468 -43.53 72.14 -27.31
N ARG D 469 -44.78 72.59 -27.22
CA ARG D 469 -45.46 73.16 -28.36
C ARG D 469 -44.87 74.50 -28.79
N GLN D 470 -43.98 75.09 -27.99
CA GLN D 470 -43.41 76.40 -28.29
C GLN D 470 -42.01 76.30 -28.88
N GLN D 471 -41.74 75.26 -29.66
CA GLN D 471 -40.43 75.08 -30.28
C GLN D 471 -40.60 74.97 -31.79
N HIS D 472 -39.48 74.79 -32.48
CA HIS D 472 -39.51 74.68 -33.93
C HIS D 472 -39.88 73.26 -34.33
N LEU D 473 -40.97 73.12 -35.06
CA LEU D 473 -41.44 71.82 -35.53
C LEU D 473 -41.51 71.84 -37.04
N ASP D 474 -40.96 70.81 -37.67
CA ASP D 474 -40.97 70.70 -39.11
C ASP D 474 -42.14 69.82 -39.57
N ARG D 475 -42.54 70.03 -40.82
CA ARG D 475 -43.70 69.33 -41.38
C ARG D 475 -43.43 67.84 -41.39
N GLN D 476 -44.16 67.10 -40.57
CA GLN D 476 -43.98 65.67 -40.40
C GLN D 476 -45.12 64.90 -41.02
N CYS D 477 -44.79 63.81 -41.70
CA CYS D 477 -45.81 62.98 -42.32
C CYS D 477 -46.72 62.39 -41.26
N TYR D 478 -47.98 62.20 -41.61
CA TYR D 478 -49.00 61.91 -40.62
C TYR D 478 -49.56 60.51 -40.78
N PHE D 479 -48.71 59.56 -41.15
CA PHE D 479 -49.21 58.21 -41.40
C PHE D 479 -49.56 57.49 -40.10
N GLY D 480 -48.70 57.61 -39.10
CA GLY D 480 -48.90 56.86 -37.88
C GLY D 480 -49.65 57.56 -36.78
N VAL D 481 -50.19 58.75 -37.02
CA VAL D 481 -50.78 59.53 -35.94
C VAL D 481 -52.16 60.05 -36.33
N TYR D 482 -52.64 59.67 -37.51
CA TYR D 482 -53.91 60.16 -38.01
C TYR D 482 -54.92 59.03 -38.07
N VAL D 483 -56.16 59.32 -37.70
CA VAL D 483 -57.24 58.35 -37.70
C VAL D 483 -58.40 58.92 -38.51
N ALA D 484 -58.85 58.17 -39.51
CA ALA D 484 -59.89 58.61 -40.42
C ALA D 484 -61.23 57.99 -40.00
N GLU D 485 -62.22 58.17 -40.86
CA GLU D 485 -63.53 57.56 -40.68
C GLU D 485 -63.92 56.80 -41.94
N GLY D 486 -64.78 55.80 -41.76
CA GLY D 486 -65.22 55.02 -42.89
C GLY D 486 -66.04 55.84 -43.87
N THR D 487 -66.13 55.34 -45.10
CA THR D 487 -66.79 56.07 -46.17
C THR D 487 -67.95 55.27 -46.77
N GLU D 488 -68.50 54.31 -46.01
CA GLU D 488 -69.65 53.53 -46.43
C GLU D 488 -69.36 52.82 -47.76
N ASP D 489 -68.43 51.89 -47.71
CA ASP D 489 -68.03 51.16 -48.91
C ASP D 489 -67.84 49.68 -48.60
N THR D 490 -67.23 48.95 -49.53
CA THR D 490 -67.19 47.50 -49.48
C THR D 490 -65.84 46.96 -49.02
N LEU D 491 -65.05 47.77 -48.33
CA LEU D 491 -63.73 47.42 -47.80
C LEU D 491 -62.73 47.09 -48.90
N ASP D 492 -63.12 47.11 -50.17
CA ASP D 492 -62.19 46.89 -51.26
C ASP D 492 -61.77 48.21 -51.89
N VAL D 493 -62.73 49.04 -52.27
CA VAL D 493 -62.40 50.36 -52.80
C VAL D 493 -61.70 51.19 -51.74
N GLN D 494 -62.09 51.03 -50.48
CA GLN D 494 -61.42 51.77 -49.41
C GLN D 494 -59.95 51.36 -49.30
N MET D 495 -59.69 50.05 -49.32
CA MET D 495 -58.31 49.59 -49.26
C MET D 495 -57.52 50.05 -50.47
N GLY D 496 -58.13 50.00 -51.65
CA GLY D 496 -57.44 50.48 -52.84
C GLY D 496 -57.10 51.96 -52.78
N ARG D 497 -58.07 52.77 -52.35
CA ARG D 497 -57.81 54.21 -52.21
C ARG D 497 -56.72 54.46 -51.20
N PHE D 498 -56.72 53.72 -50.09
CA PHE D 498 -55.67 53.89 -49.11
C PHE D 498 -54.31 53.53 -49.70
N MET D 499 -54.24 52.46 -50.48
CA MET D 499 -52.97 52.10 -51.09
C MET D 499 -52.48 53.17 -52.05
N GLU D 500 -53.39 53.70 -52.88
CA GLU D 500 -52.98 54.74 -53.83
C GLU D 500 -52.50 55.97 -53.09
N THR D 501 -53.17 56.34 -52.01
CA THR D 501 -52.73 57.50 -51.25
C THR D 501 -51.37 57.23 -50.58
N TRP D 502 -51.21 56.05 -49.98
CA TRP D 502 -50.01 55.65 -49.27
C TRP D 502 -48.81 55.45 -50.18
N ALA D 503 -49.03 55.27 -51.49
CA ALA D 503 -47.91 55.06 -52.40
C ALA D 503 -46.92 56.21 -52.34
N ASP D 504 -47.42 57.44 -52.26
CA ASP D 504 -46.57 58.63 -52.21
C ASP D 504 -46.76 59.43 -50.93
N MET D 505 -47.62 58.96 -50.02
CA MET D 505 -47.82 59.67 -48.75
C MET D 505 -46.55 59.68 -47.91
N MET D 506 -45.75 58.61 -47.97
CA MET D 506 -44.52 58.53 -47.21
C MET D 506 -43.41 59.28 -47.92
N PRO D 507 -42.89 60.38 -47.36
CA PRO D 507 -41.71 61.03 -47.94
C PRO D 507 -40.40 60.53 -47.36
N HIS D 508 -40.45 59.77 -46.28
CA HIS D 508 -39.25 59.28 -45.61
C HIS D 508 -39.64 58.14 -44.68
N HIS D 509 -38.72 57.74 -43.85
CA HIS D 509 -38.87 56.63 -42.90
C HIS D 509 -39.56 57.12 -41.64
N PRO D 510 -40.72 56.58 -41.29
CA PRO D 510 -41.36 56.96 -40.03
C PRO D 510 -40.49 56.58 -38.84
N HIS D 511 -40.52 57.42 -37.81
CA HIS D 511 -39.61 57.25 -36.68
C HIS D 511 -40.10 56.22 -35.68
N TRP D 512 -41.36 55.84 -35.71
CA TRP D 512 -41.88 54.90 -34.74
C TRP D 512 -41.62 53.45 -35.11
N VAL D 513 -40.99 53.19 -36.24
CA VAL D 513 -40.63 51.84 -36.64
C VAL D 513 -39.15 51.56 -36.41
N ASN D 514 -38.34 52.58 -36.14
CA ASN D 514 -36.92 52.37 -35.82
C ASN D 514 -36.79 51.82 -34.40
N GLU D 515 -37.26 50.59 -34.23
CA GLU D 515 -37.14 49.88 -32.95
C GLU D 515 -35.92 48.98 -32.89
N HIS D 516 -35.22 48.78 -34.00
CA HIS D 516 -34.06 47.92 -34.02
C HIS D 516 -32.86 48.53 -33.33
N LEU D 517 -32.91 49.83 -33.00
CA LEU D 517 -31.77 50.47 -32.37
C LEU D 517 -31.53 49.89 -30.99
N THR D 518 -30.25 49.64 -30.68
CA THR D 518 -29.87 49.20 -29.35
C THR D 518 -29.84 50.39 -28.41
N ILE D 519 -29.62 50.11 -27.12
CA ILE D 519 -29.69 51.15 -26.11
C ILE D 519 -28.64 52.23 -26.36
N LEU D 520 -27.43 51.84 -26.73
CA LEU D 520 -26.38 52.82 -26.97
C LEU D 520 -26.76 53.77 -28.10
N GLN D 521 -27.26 53.23 -29.22
CA GLN D 521 -27.63 54.09 -30.33
C GLN D 521 -28.83 54.96 -29.98
N PHE D 522 -29.78 54.41 -29.23
CA PHE D 522 -30.94 55.18 -28.84
C PHE D 522 -30.55 56.37 -27.96
N ILE D 523 -29.62 56.14 -27.03
CA ILE D 523 -29.21 57.20 -26.11
C ILE D 523 -28.42 58.28 -26.81
N ALA D 524 -27.67 57.94 -27.86
CA ALA D 524 -26.72 58.86 -28.45
C ALA D 524 -27.42 60.12 -28.92
N PRO D 525 -26.76 61.28 -28.87
CA PRO D 525 -27.46 62.54 -29.18
C PRO D 525 -28.03 62.62 -30.57
N SER D 526 -27.48 61.88 -31.53
CA SER D 526 -27.96 61.98 -32.91
C SER D 526 -29.36 61.41 -33.08
N ASN D 527 -29.88 60.73 -32.09
CA ASN D 527 -31.21 60.15 -32.19
C ASN D 527 -32.26 61.25 -32.21
N PRO D 528 -33.08 61.36 -33.26
CA PRO D 528 -34.05 62.45 -33.31
C PRO D 528 -35.26 62.25 -32.43
N ARG D 529 -35.57 61.01 -32.04
CA ARG D 529 -36.70 60.75 -31.15
C ARG D 529 -36.31 60.87 -29.68
N LEU D 530 -35.02 61.05 -29.37
CA LEU D 530 -34.60 61.15 -27.98
C LEU D 530 -35.32 62.30 -27.27
N ARG D 531 -35.46 63.44 -27.94
CA ARG D 531 -36.06 64.60 -27.30
C ARG D 531 -37.51 64.40 -26.93
N PHE D 532 -38.21 63.46 -27.55
CA PHE D 532 -39.64 63.26 -27.31
C PHE D 532 -39.90 62.12 -26.34
N GLU D 533 -38.88 61.55 -25.75
CA GLU D 533 -39.01 60.42 -24.83
C GLU D 533 -38.77 60.98 -23.42
N LEU D 534 -39.85 61.44 -22.77
CA LEU D 534 -39.72 62.08 -21.47
C LEU D 534 -40.39 61.28 -20.37
N ASN D 535 -41.64 60.99 -20.49
CA ASN D 535 -42.36 60.43 -19.38
C ASN D 535 -42.66 58.97 -19.63
N PRO D 536 -42.27 58.05 -18.75
CA PRO D 536 -42.46 56.62 -19.04
C PRO D 536 -43.91 56.19 -19.19
N ALA D 537 -44.88 57.07 -18.95
CA ALA D 537 -46.28 56.73 -19.15
C ALA D 537 -46.94 57.58 -20.22
N PHE D 538 -46.20 58.00 -21.24
CA PHE D 538 -46.75 58.80 -22.33
C PHE D 538 -45.90 58.64 -23.57
N ASP D 539 -46.52 58.86 -24.73
CA ASP D 539 -45.83 58.91 -26.00
C ASP D 539 -46.06 60.27 -26.63
N PHE D 540 -44.98 60.93 -27.04
CA PHE D 540 -45.05 62.25 -27.63
C PHE D 540 -44.67 62.15 -29.10
N PHE D 541 -45.47 62.79 -29.95
CA PHE D 541 -45.23 62.74 -31.38
C PHE D 541 -45.65 64.07 -31.99
N VAL D 542 -45.61 64.12 -33.32
CA VAL D 542 -46.01 65.29 -34.08
C VAL D 542 -47.35 64.99 -34.74
N ALA D 543 -48.33 65.86 -34.55
CA ALA D 543 -49.68 65.62 -35.00
C ALA D 543 -50.24 66.86 -35.67
N PRO D 544 -51.23 66.70 -36.56
CA PRO D 544 -51.77 67.87 -37.26
C PRO D 544 -52.56 68.71 -36.28
N GLY D 545 -52.54 70.02 -36.49
CA GLY D 545 -53.20 70.93 -35.58
C GLY D 545 -54.66 71.15 -35.93
N ASP D 546 -55.46 71.38 -34.89
CA ASP D 546 -56.86 71.75 -35.02
C ASP D 546 -57.64 70.73 -35.86
N VAL D 547 -57.34 69.46 -35.63
CA VAL D 547 -58.05 68.36 -36.30
C VAL D 547 -58.68 67.50 -35.22
N ASP D 548 -59.98 67.28 -35.33
CA ASP D 548 -60.73 66.49 -34.36
C ASP D 548 -60.80 65.05 -34.87
N LEU D 549 -60.01 64.19 -34.27
CA LEU D 549 -60.02 62.79 -34.66
C LEU D 549 -61.32 62.13 -34.23
N PRO D 550 -61.92 61.29 -35.07
CA PRO D 550 -61.48 60.99 -36.43
C PRO D 550 -61.86 62.08 -37.41
N GLY D 551 -61.00 62.34 -38.39
CA GLY D 551 -61.24 63.37 -39.37
C GLY D 551 -61.59 62.82 -40.72
N PRO D 552 -61.56 63.68 -41.74
CA PRO D 552 -61.89 63.24 -43.10
C PRO D 552 -60.80 62.32 -43.64
N GLN D 553 -61.13 61.66 -44.75
CA GLN D 553 -60.20 60.72 -45.35
C GLN D 553 -58.94 61.43 -45.82
N ARG D 554 -59.08 62.59 -46.45
CA ARG D 554 -57.92 63.39 -46.82
C ARG D 554 -57.49 64.22 -45.61
N PRO D 555 -56.24 64.08 -45.15
CA PRO D 555 -55.82 64.79 -43.95
C PRO D 555 -55.58 66.26 -44.23
N PRO D 556 -56.35 67.15 -43.61
CA PRO D 556 -56.23 68.58 -43.92
C PRO D 556 -54.87 69.13 -43.54
N GLU D 557 -54.43 70.12 -44.30
CA GLU D 557 -53.16 70.78 -44.02
C GLU D 557 -53.32 71.75 -42.85
N ALA D 558 -52.35 71.72 -41.93
CA ALA D 558 -52.40 72.58 -40.76
C ALA D 558 -51.00 72.70 -40.18
N MET D 559 -50.85 73.62 -39.26
CA MET D 559 -49.57 73.79 -38.58
C MET D 559 -49.31 72.59 -37.67
N PRO D 560 -48.16 71.94 -37.79
CA PRO D 560 -47.90 70.76 -36.96
C PRO D 560 -47.69 71.13 -35.51
N THR D 561 -48.27 70.33 -34.62
CA THR D 561 -48.13 70.50 -33.19
C THR D 561 -47.73 69.18 -32.56
N VAL D 562 -47.45 69.23 -31.26
CA VAL D 562 -47.02 68.05 -30.51
C VAL D 562 -48.18 67.60 -29.64
N ASN D 563 -48.50 66.32 -29.71
CA ASN D 563 -49.56 65.72 -28.92
C ASN D 563 -48.99 64.59 -28.07
N ALA D 564 -49.76 64.17 -27.08
CA ALA D 564 -49.36 63.11 -26.17
C ALA D 564 -50.42 62.03 -26.16
N THR D 565 -50.01 60.81 -25.87
CA THR D 565 -50.93 59.70 -25.76
C THR D 565 -50.46 58.76 -24.67
N LEU D 566 -51.43 58.19 -23.97
CA LEU D 566 -51.15 57.31 -22.84
C LEU D 566 -50.63 55.97 -23.35
N ARG D 567 -49.61 55.44 -22.66
CA ARG D 567 -49.06 54.12 -22.96
C ARG D 567 -49.75 53.12 -22.06
N ILE D 568 -50.87 52.57 -22.54
CA ILE D 568 -51.72 51.76 -21.68
C ILE D 568 -50.98 50.51 -21.21
N ILE D 569 -50.29 49.85 -22.11
CA ILE D 569 -49.55 48.63 -21.77
C ILE D 569 -48.15 49.02 -21.32
N ASN D 570 -47.56 48.23 -20.43
CA ASN D 570 -46.18 48.50 -20.06
C ASN D 570 -45.22 48.03 -21.13
N GLY D 571 -45.64 47.11 -21.98
CA GLY D 571 -44.80 46.62 -23.06
C GLY D 571 -44.65 47.56 -24.23
N ASN D 572 -45.49 48.59 -24.30
CA ASN D 572 -45.39 49.58 -25.36
C ASN D 572 -44.17 50.47 -25.21
N ILE D 573 -43.47 50.38 -24.08
CA ILE D 573 -42.21 51.10 -23.92
C ILE D 573 -41.26 50.70 -25.04
N PRO D 574 -40.62 51.64 -25.71
CA PRO D 574 -39.79 51.27 -26.86
C PRO D 574 -38.73 50.25 -26.49
N VAL D 575 -38.48 49.32 -27.42
CA VAL D 575 -37.63 48.17 -27.10
C VAL D 575 -36.27 48.56 -26.56
N PRO D 576 -35.56 49.55 -27.09
CA PRO D 576 -34.24 49.87 -26.53
C PRO D 576 -34.27 50.22 -25.05
N LEU D 577 -35.40 50.70 -24.53
CA LEU D 577 -35.48 51.01 -23.11
C LEU D 577 -35.86 49.80 -22.27
N CYS D 578 -36.70 48.91 -22.79
CA CYS D 578 -37.11 47.70 -22.10
C CYS D 578 -36.85 46.53 -23.04
N PRO D 579 -35.67 45.92 -22.98
CA PRO D 579 -35.23 45.04 -24.07
C PRO D 579 -36.01 43.75 -24.18
N ILE D 580 -35.70 42.97 -25.21
CA ILE D 580 -36.36 41.69 -25.40
C ILE D 580 -35.91 40.70 -24.34
N SER D 581 -34.61 40.63 -24.05
CA SER D 581 -34.11 39.60 -23.14
C SER D 581 -34.72 39.75 -21.75
N PHE D 582 -34.84 40.99 -21.27
CA PHE D 582 -35.49 41.20 -19.98
C PHE D 582 -36.93 40.73 -20.02
N ARG D 583 -37.64 41.03 -21.11
CA ARG D 583 -39.02 40.58 -21.21
C ARG D 583 -39.10 39.07 -21.14
N ASP D 584 -38.19 38.38 -21.83
CA ASP D 584 -38.24 36.92 -21.83
C ASP D 584 -37.92 36.34 -20.47
N CYS D 585 -36.92 36.89 -19.76
CA CYS D 585 -36.62 36.38 -18.43
C CYS D 585 -37.77 36.64 -17.47
N ARG D 586 -38.43 37.79 -17.57
CA ARG D 586 -39.61 38.01 -16.74
C ARG D 586 -40.68 36.99 -17.07
N GLY D 587 -40.92 36.74 -18.36
CA GLY D 587 -41.89 35.74 -18.74
C GLY D 587 -41.57 34.38 -18.15
N THR D 588 -40.29 34.00 -18.20
CA THR D 588 -39.88 32.75 -17.57
C THR D 588 -40.21 32.74 -16.10
N GLN D 589 -39.99 33.87 -15.42
CA GLN D 589 -40.34 33.93 -14.00
C GLN D 589 -41.82 33.68 -13.78
N LEU D 590 -42.67 34.30 -14.60
CA LEU D 590 -44.11 34.05 -14.44
C LEU D 590 -44.45 32.58 -14.64
N GLY D 591 -43.94 31.98 -15.70
CA GLY D 591 -44.28 30.60 -16.00
C GLY D 591 -43.36 29.63 -15.29
N LEU D 592 -43.25 29.76 -13.97
CA LEU D 592 -42.37 28.88 -13.23
C LEU D 592 -43.00 27.50 -13.03
N GLY D 593 -44.16 27.46 -12.38
CA GLY D 593 -44.87 26.22 -12.16
C GLY D 593 -46.17 26.07 -12.91
N ARG D 594 -46.52 27.00 -13.78
CA ARG D 594 -47.81 26.94 -14.45
C ARG D 594 -47.80 25.89 -15.55
N HIS D 595 -48.95 25.75 -16.19
CA HIS D 595 -49.13 24.73 -17.22
C HIS D 595 -48.24 25.03 -18.43
N THR D 596 -47.71 23.97 -19.02
CA THR D 596 -46.89 24.08 -20.22
C THR D 596 -47.45 23.14 -21.28
N MET D 597 -47.10 23.42 -22.52
CA MET D 597 -47.60 22.63 -23.65
C MET D 597 -46.65 21.50 -23.97
N THR D 598 -47.19 20.30 -24.10
CA THR D 598 -46.40 19.15 -24.44
C THR D 598 -45.75 19.34 -25.80
N PRO D 599 -44.53 18.83 -25.99
CA PRO D 599 -43.81 19.09 -27.25
C PRO D 599 -44.54 18.61 -28.49
N ALA D 600 -45.36 17.56 -28.39
CA ALA D 600 -46.10 17.10 -29.56
C ALA D 600 -47.05 18.17 -30.08
N THR D 601 -47.80 18.80 -29.17
CA THR D 601 -48.73 19.84 -29.60
C THR D 601 -48.00 21.04 -30.17
N ILE D 602 -46.88 21.42 -29.56
CA ILE D 602 -46.10 22.53 -30.09
C ILE D 602 -45.63 22.22 -31.50
N LYS D 603 -45.12 21.02 -31.71
CA LYS D 603 -44.62 20.64 -33.02
C LYS D 603 -45.74 20.66 -34.05
N ALA D 604 -46.88 20.06 -33.72
CA ALA D 604 -47.98 20.01 -34.69
C ALA D 604 -48.50 21.40 -35.01
N VAL D 605 -48.72 22.23 -33.99
CA VAL D 605 -49.26 23.57 -34.22
C VAL D 605 -48.27 24.41 -35.01
N LYS D 606 -46.99 24.36 -34.66
CA LYS D 606 -46.00 25.12 -35.43
C LYS D 606 -45.98 24.67 -36.87
N ASP D 607 -46.01 23.36 -37.10
CA ASP D 607 -45.94 22.86 -38.46
C ASP D 607 -47.17 23.28 -39.26
N THR D 608 -48.35 23.26 -38.64
CA THR D 608 -49.54 23.70 -39.37
C THR D 608 -49.59 25.21 -39.54
N PHE D 609 -48.91 25.97 -38.70
CA PHE D 609 -48.85 27.42 -38.88
C PHE D 609 -47.87 27.79 -39.99
N GLU D 610 -46.83 26.98 -40.17
CA GLU D 610 -45.88 27.19 -41.25
C GLU D 610 -46.21 26.35 -42.48
N ASP D 611 -47.48 26.03 -42.69
CA ASP D 611 -47.89 25.23 -43.84
C ASP D 611 -48.37 26.16 -44.94
N ARG D 612 -47.58 26.28 -46.01
CA ARG D 612 -47.98 27.10 -47.15
C ARG D 612 -48.92 26.37 -48.09
N ALA D 613 -49.16 25.08 -47.88
CA ALA D 613 -50.08 24.30 -48.70
C ALA D 613 -51.43 24.13 -48.03
N TYR D 614 -51.76 25.00 -47.08
CA TYR D 614 -53.00 24.87 -46.33
C TYR D 614 -54.18 24.92 -47.31
N PRO D 615 -55.07 23.94 -47.28
CA PRO D 615 -56.15 23.90 -48.27
C PRO D 615 -57.16 25.01 -48.02
N THR D 616 -57.52 25.70 -49.10
CA THR D 616 -58.47 26.79 -49.00
C THR D 616 -59.86 26.33 -48.58
N ILE D 617 -60.12 25.02 -48.61
CA ILE D 617 -61.40 24.50 -48.17
C ILE D 617 -61.67 24.92 -46.73
N PHE D 618 -60.66 24.78 -45.87
CA PHE D 618 -60.84 25.14 -44.47
C PHE D 618 -61.16 26.61 -44.31
N TYR D 619 -60.51 27.47 -45.10
CA TYR D 619 -60.83 28.89 -45.04
C TYR D 619 -62.28 29.14 -45.44
N MET D 620 -62.73 28.49 -46.52
CA MET D 620 -64.09 28.71 -46.96
C MET D 620 -65.09 28.26 -45.91
N LEU D 621 -64.87 27.08 -45.32
CA LEU D 621 -65.77 26.61 -44.27
C LEU D 621 -65.75 27.52 -43.06
N GLU D 622 -64.58 28.02 -42.67
CA GLU D 622 -64.51 28.96 -41.57
C GLU D 622 -65.30 30.21 -41.88
N ALA D 623 -65.24 30.68 -43.13
CA ALA D 623 -65.98 31.87 -43.50
C ALA D 623 -67.47 31.64 -43.48
N VAL D 624 -67.94 30.52 -44.03
CA VAL D 624 -69.37 30.28 -44.14
C VAL D 624 -69.97 30.00 -42.77
N ILE D 625 -69.32 29.14 -41.99
CA ILE D 625 -69.84 28.80 -40.68
C ILE D 625 -69.87 30.03 -39.79
N HIS D 626 -68.84 30.87 -39.88
CA HIS D 626 -68.73 32.12 -39.13
C HIS D 626 -69.11 31.94 -37.66
N GLY D 627 -68.70 30.80 -37.10
CA GLY D 627 -68.78 30.59 -35.67
C GLY D 627 -70.17 30.70 -35.09
N ASN D 628 -71.16 30.10 -35.73
CA ASN D 628 -72.51 30.02 -35.21
C ASN D 628 -72.78 28.59 -34.74
N GLU D 629 -73.24 28.46 -33.50
CA GLU D 629 -73.44 27.13 -32.93
C GLU D 629 -74.44 26.33 -33.75
N ARG D 630 -75.52 26.97 -34.17
CA ARG D 630 -76.52 26.30 -34.99
C ARG D 630 -75.98 25.86 -36.34
N ASN D 631 -75.03 26.60 -36.89
CA ASN D 631 -74.43 26.21 -38.16
C ASN D 631 -73.41 25.11 -37.99
N PHE D 632 -72.50 25.26 -37.03
CA PHE D 632 -71.46 24.26 -36.83
C PHE D 632 -72.06 22.93 -36.38
N CYS D 633 -73.05 22.98 -35.47
CA CYS D 633 -73.65 21.74 -34.99
C CYS D 633 -74.53 21.08 -36.03
N ALA D 634 -74.58 21.65 -37.23
CA ALA D 634 -75.26 20.98 -38.31
C ALA D 634 -74.30 20.19 -39.18
N LEU D 635 -73.01 20.44 -39.07
CA LEU D 635 -72.02 19.91 -40.00
C LEU D 635 -70.99 19.02 -39.33
N LEU D 636 -71.35 18.29 -38.27
CA LEU D 636 -70.33 17.52 -37.57
C LEU D 636 -69.75 16.43 -38.45
N ARG D 637 -70.57 15.81 -39.29
CA ARG D 637 -70.06 14.71 -40.09
C ARG D 637 -69.00 15.20 -41.09
N LEU D 638 -69.32 16.26 -41.83
CA LEU D 638 -68.38 16.77 -42.81
C LEU D 638 -67.12 17.32 -42.14
N LEU D 639 -67.27 18.05 -41.03
CA LEU D 639 -66.11 18.56 -40.32
C LEU D 639 -65.25 17.43 -39.78
N THR D 640 -65.87 16.40 -39.22
CA THR D 640 -65.12 15.28 -38.67
C THR D 640 -64.33 14.57 -39.77
N GLN D 641 -64.98 14.31 -40.90
CA GLN D 641 -64.28 13.67 -42.01
C GLN D 641 -63.14 14.54 -42.50
N CYS D 642 -63.37 15.85 -42.61
CA CYS D 642 -62.34 16.75 -43.09
C CYS D 642 -61.13 16.75 -42.16
N ILE D 643 -61.37 16.88 -40.86
CA ILE D 643 -60.27 16.94 -39.90
C ILE D 643 -59.51 15.62 -39.87
N ARG D 644 -60.24 14.50 -39.83
CA ARG D 644 -59.57 13.20 -39.84
C ARG D 644 -58.72 13.04 -41.09
N GLY D 645 -59.26 13.42 -42.26
CA GLY D 645 -58.50 13.30 -43.48
C GLY D 645 -57.26 14.16 -43.49
N TYR D 646 -57.38 15.39 -43.00
CA TYR D 646 -56.22 16.27 -43.01
C TYR D 646 -55.19 15.86 -41.98
N TRP D 647 -55.61 15.18 -40.92
CA TRP D 647 -54.64 14.76 -39.91
C TRP D 647 -53.92 13.49 -40.33
N GLU D 648 -54.68 12.42 -40.60
CA GLU D 648 -54.01 11.16 -40.90
C GLU D 648 -53.57 11.14 -42.35
N GLN D 649 -52.98 12.23 -42.81
CA GLN D 649 -52.18 12.25 -44.03
C GLN D 649 -50.93 13.09 -43.92
N SER D 650 -50.88 14.07 -43.02
CA SER D 650 -49.67 14.86 -42.82
C SER D 650 -49.42 15.24 -41.36
N HIS D 651 -50.23 14.74 -40.42
CA HIS D 651 -50.06 15.00 -38.99
C HIS D 651 -50.03 16.51 -38.71
N ARG D 652 -51.00 17.21 -39.27
CA ARG D 652 -51.14 18.65 -39.07
C ARG D 652 -52.54 18.94 -38.57
N VAL D 653 -52.63 19.71 -37.50
CA VAL D 653 -53.92 20.06 -36.92
C VAL D 653 -54.59 21.10 -37.80
N ALA D 654 -55.91 21.00 -37.93
CA ALA D 654 -56.67 21.91 -38.78
C ALA D 654 -57.60 22.75 -37.94
N PHE D 655 -57.96 23.91 -38.48
CA PHE D 655 -58.93 24.84 -37.91
C PHE D 655 -58.44 25.52 -36.65
N VAL D 656 -57.13 25.53 -36.39
CA VAL D 656 -56.59 26.26 -35.25
C VAL D 656 -56.61 27.75 -35.58
N ASN D 657 -57.09 28.09 -36.77
CA ASN D 657 -57.15 29.48 -37.19
C ASN D 657 -58.13 30.27 -36.33
N ASN D 658 -59.36 29.79 -36.20
CA ASN D 658 -60.39 30.57 -35.55
C ASN D 658 -60.57 30.15 -34.10
N PHE D 659 -60.97 31.11 -33.28
CA PHE D 659 -61.21 30.78 -31.88
C PHE D 659 -62.56 30.11 -31.69
N HIS D 660 -63.60 30.54 -32.40
CA HIS D 660 -64.86 29.80 -32.33
C HIS D 660 -64.80 28.58 -33.24
N MET D 661 -63.71 27.88 -33.19
CA MET D 661 -63.65 26.56 -33.80
C MET D 661 -63.04 25.52 -32.88
N LEU D 662 -62.01 25.88 -32.13
CA LEU D 662 -61.43 24.89 -31.23
C LEU D 662 -62.25 24.79 -29.95
N MET D 663 -62.96 25.84 -29.55
CA MET D 663 -63.93 25.67 -28.48
C MET D 663 -65.05 24.73 -28.92
N TYR D 664 -65.58 24.94 -30.13
CA TYR D 664 -66.63 24.06 -30.61
C TYR D 664 -66.12 22.62 -30.74
N ILE D 665 -64.92 22.44 -31.28
CA ILE D 665 -64.38 21.10 -31.43
C ILE D 665 -64.19 20.46 -30.06
N THR D 666 -63.63 21.20 -29.11
CA THR D 666 -63.41 20.64 -27.78
C THR D 666 -64.73 20.27 -27.11
N THR D 667 -65.76 21.08 -27.29
CA THR D 667 -67.02 20.80 -26.62
C THR D 667 -67.78 19.65 -27.28
N TYR D 668 -67.74 19.57 -28.62
CA TYR D 668 -68.56 18.58 -29.32
C TYR D 668 -67.78 17.38 -29.83
N LEU D 669 -66.76 17.61 -30.65
CA LEU D 669 -66.01 16.50 -31.23
C LEU D 669 -64.93 16.02 -30.27
N GLY D 670 -65.30 15.77 -29.02
CA GLY D 670 -64.31 15.49 -28.01
C GLY D 670 -64.57 14.21 -27.25
N ASN D 671 -65.64 13.50 -27.61
CA ASN D 671 -65.97 12.25 -26.94
C ASN D 671 -65.39 11.03 -27.65
N GLY D 672 -64.76 11.22 -28.80
CA GLY D 672 -64.12 10.11 -29.48
C GLY D 672 -64.35 10.07 -30.98
N GLU D 673 -65.05 11.07 -31.52
CA GLU D 673 -65.27 11.12 -32.96
C GLU D 673 -63.95 11.22 -33.70
N LEU D 674 -63.07 12.06 -33.23
CA LEU D 674 -61.72 12.20 -33.75
C LEU D 674 -60.79 11.20 -33.08
N PRO D 675 -59.64 10.92 -33.68
CA PRO D 675 -58.66 10.05 -33.02
C PRO D 675 -58.20 10.65 -31.70
N GLU D 676 -57.54 9.83 -30.90
CA GLU D 676 -57.14 10.25 -29.57
C GLU D 676 -56.15 11.41 -29.60
N VAL D 677 -55.24 11.44 -30.58
CA VAL D 677 -54.19 12.44 -30.56
C VAL D 677 -54.73 13.84 -30.82
N CYS D 678 -55.61 13.99 -31.82
CA CYS D 678 -56.05 15.33 -32.21
C CYS D 678 -56.78 16.04 -31.08
N ILE D 679 -57.77 15.36 -30.48
CA ILE D 679 -58.50 15.98 -29.39
C ILE D 679 -57.57 16.30 -28.24
N ASN D 680 -56.50 15.51 -28.08
CA ASN D 680 -55.51 15.85 -27.07
C ASN D 680 -54.84 17.17 -27.39
N ILE D 681 -54.51 17.40 -28.65
CA ILE D 681 -53.86 18.66 -29.03
C ILE D 681 -54.81 19.83 -28.78
N TYR D 682 -56.07 19.69 -29.18
CA TYR D 682 -57.02 20.77 -28.96
C TYR D 682 -57.22 21.04 -27.48
N ARG D 683 -57.41 19.97 -26.69
CA ARG D 683 -57.54 20.14 -25.26
C ARG D 683 -56.31 20.81 -24.67
N ASP D 684 -55.14 20.51 -25.22
CA ASP D 684 -53.92 21.10 -24.69
C ASP D 684 -53.89 22.61 -24.96
N LEU D 685 -54.24 23.02 -26.17
CA LEU D 685 -54.29 24.46 -26.44
C LEU D 685 -55.30 25.15 -25.53
N LEU D 686 -56.48 24.53 -25.35
CA LEU D 686 -57.48 25.11 -24.46
C LEU D 686 -56.95 25.23 -23.06
N GLN D 687 -56.30 24.18 -22.58
CA GLN D 687 -55.78 24.19 -21.22
C GLN D 687 -54.74 25.29 -21.06
N HIS D 688 -53.90 25.49 -22.09
CA HIS D 688 -52.92 26.56 -22.00
C HIS D 688 -53.58 27.92 -21.94
N VAL D 689 -54.63 28.14 -22.74
CA VAL D 689 -55.33 29.41 -22.68
C VAL D 689 -55.91 29.65 -21.29
N ARG D 690 -56.54 28.62 -20.72
CA ARG D 690 -57.10 28.77 -19.39
C ARG D 690 -56.02 29.00 -18.34
N ALA D 691 -54.85 28.39 -18.51
CA ALA D 691 -53.75 28.64 -17.58
C ALA D 691 -53.29 30.08 -17.66
N LEU D 692 -53.24 30.65 -18.87
CA LEU D 692 -52.90 32.07 -18.98
C LEU D 692 -53.92 32.94 -18.26
N ARG D 693 -55.21 32.64 -18.44
CA ARG D 693 -56.23 33.41 -17.74
C ARG D 693 -56.06 33.28 -16.23
N GLN D 694 -55.75 32.08 -15.76
CA GLN D 694 -55.52 31.90 -14.34
C GLN D 694 -54.34 32.71 -13.85
N THR D 695 -53.27 32.81 -14.65
CA THR D 695 -52.14 33.64 -14.25
C THR D 695 -52.54 35.10 -14.14
N ILE D 696 -53.34 35.60 -15.09
CA ILE D 696 -53.82 36.97 -14.97
C ILE D 696 -54.57 37.15 -13.65
N THR D 697 -55.44 36.20 -13.32
CA THR D 697 -56.16 36.30 -12.05
C THR D 697 -55.20 36.24 -10.86
N ASP D 698 -54.06 35.55 -11.01
CA ASP D 698 -53.18 35.35 -9.87
C ASP D 698 -52.49 36.64 -9.46
N PHE D 699 -51.93 37.38 -10.41
CA PHE D 699 -51.07 38.51 -10.09
C PHE D 699 -51.83 39.79 -9.85
N THR D 700 -53.14 39.71 -9.64
CA THR D 700 -53.93 40.87 -9.28
C THR D 700 -54.52 40.67 -7.88
N ILE D 701 -55.20 41.70 -7.41
CA ILE D 701 -55.83 41.70 -6.10
C ILE D 701 -57.32 41.93 -6.30
N GLN D 702 -58.13 41.02 -5.79
CA GLN D 702 -59.56 41.10 -6.01
C GLN D 702 -60.20 42.03 -4.98
N GLY D 703 -61.44 42.43 -5.27
CA GLY D 703 -62.22 43.22 -4.35
C GLY D 703 -62.01 44.72 -4.45
N GLU D 704 -61.27 45.20 -5.43
CA GLU D 704 -61.01 46.63 -5.60
C GLU D 704 -61.54 47.05 -6.96
N GLY D 705 -62.78 47.52 -6.99
CA GLY D 705 -63.38 47.98 -8.23
C GLY D 705 -63.90 49.39 -8.12
N HIS D 706 -63.59 50.23 -9.10
CA HIS D 706 -63.97 51.63 -9.07
C HIS D 706 -64.88 51.93 -10.25
N ASN D 707 -66.04 52.50 -9.95
CA ASN D 707 -66.99 52.98 -10.96
C ASN D 707 -67.35 51.86 -11.94
N GLY D 708 -67.82 50.75 -11.38
CA GLY D 708 -68.26 49.63 -12.19
C GLY D 708 -67.18 49.03 -13.06
N GLU D 709 -65.99 48.84 -12.51
CA GLU D 709 -64.86 48.30 -13.27
C GLU D 709 -64.19 47.24 -12.42
N THR D 710 -64.24 45.99 -12.87
CA THR D 710 -63.66 44.91 -12.10
C THR D 710 -62.14 45.04 -12.03
N SER D 711 -61.56 44.47 -10.97
CA SER D 711 -60.15 44.66 -10.72
C SER D 711 -59.29 44.10 -11.85
N GLU D 712 -59.64 42.93 -12.37
CA GLU D 712 -58.88 42.36 -13.48
C GLU D 712 -58.83 43.35 -14.65
N ALA D 713 -59.98 43.91 -15.02
CA ALA D 713 -60.01 44.86 -16.13
C ALA D 713 -59.25 46.14 -15.79
N LEU D 714 -59.08 46.44 -14.51
CA LEU D 714 -58.29 47.59 -14.12
C LEU D 714 -56.80 47.31 -14.14
N ASN D 715 -56.40 46.05 -13.97
CA ASN D 715 -55.01 45.66 -13.98
C ASN D 715 -54.51 45.30 -15.37
N ASN D 716 -55.17 44.37 -16.04
CA ASN D 716 -54.73 43.92 -17.35
C ASN D 716 -55.60 44.54 -18.43
N ILE D 717 -55.34 44.18 -19.68
CA ILE D 717 -56.17 44.57 -20.80
C ILE D 717 -56.88 43.38 -21.42
N LEU D 718 -56.25 42.20 -21.42
CA LEU D 718 -56.91 41.02 -21.95
C LEU D 718 -58.19 40.69 -21.22
N THR D 719 -58.33 41.15 -19.98
CA THR D 719 -59.57 40.97 -19.24
C THR D 719 -60.40 42.25 -19.18
N ASP D 720 -60.13 43.20 -20.07
CA ASP D 720 -60.86 44.44 -20.12
C ASP D 720 -61.90 44.38 -21.22
N ASP D 721 -63.17 44.57 -20.85
CA ASP D 721 -64.23 44.44 -21.84
C ASP D 721 -64.22 45.59 -22.84
N THR D 722 -63.53 46.69 -22.52
CA THR D 722 -63.47 47.80 -23.47
C THR D 722 -62.67 47.41 -24.70
N PHE D 723 -61.65 46.59 -24.53
CA PHE D 723 -60.81 46.16 -25.63
C PHE D 723 -61.44 44.94 -26.31
N ILE D 724 -61.47 44.97 -27.64
CA ILE D 724 -62.15 43.92 -28.41
C ILE D 724 -61.14 43.22 -29.30
N ALA D 725 -61.44 41.96 -29.60
CA ALA D 725 -60.54 41.14 -30.38
C ALA D 725 -60.42 41.68 -31.80
N PRO D 726 -59.33 41.35 -32.50
CA PRO D 726 -59.19 41.81 -33.90
C PRO D 726 -60.29 41.31 -34.80
N ILE D 727 -60.82 40.11 -34.57
CA ILE D 727 -61.85 39.52 -35.40
C ILE D 727 -63.10 39.30 -34.58
N LEU D 728 -64.23 39.78 -35.08
CA LEU D 728 -65.51 39.62 -34.42
C LEU D 728 -66.41 38.77 -35.29
N TRP D 729 -66.95 37.71 -34.71
CA TRP D 729 -67.96 36.89 -35.38
C TRP D 729 -69.37 37.21 -34.91
N ASP D 730 -69.53 37.58 -33.65
CA ASP D 730 -70.84 37.81 -33.07
C ASP D 730 -70.91 39.22 -32.53
N CYS D 731 -72.13 39.64 -32.23
CA CYS D 731 -72.37 40.97 -31.71
C CYS D 731 -72.31 41.01 -30.19
N ASP D 732 -72.05 39.86 -29.55
CA ASP D 732 -72.01 39.83 -28.09
C ASP D 732 -70.88 40.70 -27.54
N ALA D 733 -69.74 40.70 -28.22
CA ALA D 733 -68.60 41.46 -27.74
C ALA D 733 -68.94 42.94 -27.65
N LEU D 734 -69.61 43.48 -28.66
CA LEU D 734 -69.97 44.88 -28.63
C LEU D 734 -70.96 45.19 -27.52
N ILE D 735 -71.92 44.28 -27.28
CA ILE D 735 -72.86 44.50 -26.20
C ILE D 735 -72.14 44.55 -24.86
N TYR D 736 -71.25 43.57 -24.62
CA TYR D 736 -70.50 43.55 -23.37
C TYR D 736 -69.65 44.80 -23.22
N ARG D 737 -69.00 45.23 -24.29
CA ARG D 737 -68.17 46.43 -24.23
C ARG D 737 -69.01 47.65 -23.89
N ASP D 738 -70.10 47.87 -24.63
CA ASP D 738 -70.91 49.06 -24.41
C ASP D 738 -71.52 49.07 -23.03
N GLU D 739 -71.93 47.92 -22.51
CA GLU D 739 -72.49 47.88 -21.18
C GLU D 739 -71.42 48.04 -20.11
N ALA D 740 -70.21 47.55 -20.36
CA ALA D 740 -69.18 47.55 -19.34
C ALA D 740 -68.58 48.93 -19.10
N ALA D 741 -68.33 49.68 -20.18
CA ALA D 741 -67.61 50.94 -19.99
C ALA D 741 -68.50 51.99 -19.36
N ARG D 742 -69.48 52.49 -20.12
CA ARG D 742 -70.60 53.27 -19.60
C ARG D 742 -70.17 54.56 -18.88
N ASP D 743 -68.87 54.77 -18.71
CA ASP D 743 -68.38 55.98 -18.06
C ASP D 743 -67.29 56.66 -18.86
N ARG D 744 -66.39 55.88 -19.46
CA ARG D 744 -65.44 56.40 -20.42
C ARG D 744 -66.15 56.53 -21.76
N LEU D 745 -66.25 57.77 -22.25
CA LEU D 745 -67.09 58.12 -23.39
C LEU D 745 -66.86 57.22 -24.59
N PRO D 746 -67.79 56.32 -24.90
CA PRO D 746 -67.61 55.41 -26.02
C PRO D 746 -68.22 55.95 -27.30
N ALA D 747 -67.77 55.38 -28.41
CA ALA D 747 -68.29 55.73 -29.72
C ALA D 747 -67.81 54.70 -30.72
N ILE D 748 -68.70 54.23 -31.59
CA ILE D 748 -68.41 53.16 -32.54
C ILE D 748 -68.73 53.68 -33.92
N ARG D 749 -67.84 53.44 -34.87
CA ARG D 749 -68.04 53.82 -36.27
C ARG D 749 -68.03 52.56 -37.11
N VAL D 750 -69.16 52.24 -37.73
CA VAL D 750 -69.26 51.04 -38.56
C VAL D 750 -69.57 51.41 -39.99
N SER D 751 -68.53 51.63 -40.79
CA SER D 751 -68.66 51.88 -42.23
C SER D 751 -69.67 53.00 -42.49
N GLY D 752 -69.33 54.18 -41.99
CA GLY D 752 -70.23 55.31 -42.17
C GLY D 752 -70.87 55.79 -40.88
N ARG D 753 -72.15 55.50 -40.72
CA ARG D 753 -72.91 56.02 -39.60
C ARG D 753 -72.37 55.47 -38.28
N ASN D 754 -72.78 56.11 -37.19
CA ASN D 754 -72.32 55.75 -35.86
C ASN D 754 -73.28 54.73 -35.26
N GLY D 755 -72.73 53.76 -34.54
CA GLY D 755 -73.60 52.77 -33.92
C GLY D 755 -73.92 51.64 -34.86
N TYR D 756 -74.25 50.49 -34.27
CA TYR D 756 -74.59 49.30 -35.02
C TYR D 756 -76.08 49.02 -34.90
N GLN D 757 -76.54 48.01 -35.64
CA GLN D 757 -77.97 47.70 -35.70
C GLN D 757 -78.30 46.29 -35.24
N ALA D 758 -77.46 45.31 -35.57
CA ALA D 758 -77.58 43.94 -35.07
C ALA D 758 -78.92 43.31 -35.45
N LEU D 759 -79.10 43.12 -36.75
CA LEU D 759 -80.26 42.42 -37.29
C LEU D 759 -79.83 41.01 -37.68
N HIS D 760 -80.37 40.01 -37.00
CA HIS D 760 -79.95 38.64 -37.21
C HIS D 760 -80.85 37.93 -38.21
N PHE D 761 -80.51 36.67 -38.49
CA PHE D 761 -81.34 35.77 -39.28
C PHE D 761 -81.56 36.29 -40.71
N VAL D 762 -80.47 36.33 -41.46
CA VAL D 762 -80.51 36.70 -42.87
C VAL D 762 -80.45 35.40 -43.68
N ASP D 763 -81.53 35.10 -44.39
CA ASP D 763 -81.70 33.87 -45.13
C ASP D 763 -81.62 34.13 -46.63
N MET D 764 -81.94 33.11 -47.42
CA MET D 764 -81.89 33.24 -48.88
C MET D 764 -82.73 34.38 -49.42
N ALA D 765 -83.89 34.61 -48.83
CA ALA D 765 -84.85 35.54 -49.41
C ALA D 765 -84.28 36.95 -49.51
N GLY D 766 -83.62 37.41 -48.44
CA GLY D 766 -83.20 38.79 -48.38
C GLY D 766 -81.73 39.03 -48.11
N HIS D 767 -80.84 38.26 -48.76
CA HIS D 767 -79.42 38.36 -48.41
C HIS D 767 -78.87 39.76 -48.70
N ASN D 768 -79.07 40.26 -49.92
CA ASN D 768 -78.69 41.63 -50.27
C ASN D 768 -77.20 41.87 -50.00
N PHE D 769 -76.38 41.19 -50.79
CA PHE D 769 -74.93 41.24 -50.59
C PHE D 769 -74.40 42.66 -50.62
N GLN D 770 -75.04 43.55 -51.38
CA GLN D 770 -74.57 44.92 -51.52
C GLN D 770 -75.31 45.84 -50.54
N ARG D 771 -75.15 45.53 -49.26
CA ARG D 771 -75.75 46.33 -48.20
C ARG D 771 -74.80 47.42 -47.77
N ARG D 772 -75.25 48.67 -47.84
CA ARG D 772 -74.43 49.81 -47.47
C ARG D 772 -74.75 50.35 -46.09
N ASP D 773 -75.58 49.66 -45.33
CA ASP D 773 -76.02 50.15 -44.03
C ASP D 773 -74.96 49.84 -42.98
N ASN D 774 -75.30 50.12 -41.72
CA ASN D 774 -74.49 49.76 -40.56
C ASN D 774 -75.08 48.55 -39.84
N VAL D 775 -75.58 47.59 -40.60
CA VAL D 775 -76.24 46.42 -40.04
C VAL D 775 -75.24 45.29 -39.91
N LEU D 776 -75.24 44.64 -38.75
CA LEU D 776 -74.38 43.49 -38.50
C LEU D 776 -75.23 42.27 -38.22
N ILE D 777 -74.86 41.15 -38.84
CA ILE D 777 -75.64 39.92 -38.74
C ILE D 777 -75.22 39.21 -37.45
N HIS D 778 -76.10 39.23 -36.46
CA HIS D 778 -75.79 38.61 -35.18
C HIS D 778 -75.77 37.09 -35.29
N GLY D 779 -76.70 36.51 -36.02
CA GLY D 779 -76.80 35.07 -36.17
C GLY D 779 -77.98 34.50 -35.40
N ARG D 780 -78.22 33.22 -35.68
CA ARG D 780 -79.34 32.53 -35.07
C ARG D 780 -79.03 32.21 -33.62
N PRO D 781 -79.85 32.62 -32.66
CA PRO D 781 -79.65 32.20 -31.28
C PRO D 781 -79.84 30.71 -31.15
N VAL D 782 -79.25 30.14 -30.10
CA VAL D 782 -79.29 28.68 -29.93
C VAL D 782 -80.62 28.25 -29.32
N ARG D 783 -80.87 28.63 -28.08
CA ARG D 783 -82.07 28.23 -27.36
C ARG D 783 -83.08 29.38 -27.29
N GLY D 784 -83.66 29.71 -28.44
CA GLY D 784 -84.62 30.80 -28.42
C GLY D 784 -85.30 30.95 -29.76
N ASP D 785 -86.09 32.01 -29.87
CA ASP D 785 -86.81 32.36 -31.08
C ASP D 785 -86.30 33.71 -31.59
N THR D 786 -85.98 33.77 -32.88
CA THR D 786 -85.44 34.99 -33.46
C THR D 786 -86.44 36.13 -33.37
N GLY D 787 -87.56 36.00 -34.08
CA GLY D 787 -88.54 37.05 -34.08
C GLY D 787 -88.00 38.31 -34.74
N GLN D 788 -88.70 39.40 -34.50
CA GLN D 788 -88.26 40.70 -34.97
C GLN D 788 -88.13 41.73 -33.85
N ALA D 789 -89.08 41.77 -32.92
CA ALA D 789 -89.01 42.73 -31.83
C ALA D 789 -88.16 42.23 -30.67
N ILE D 790 -87.81 40.95 -30.66
CA ILE D 790 -86.99 40.42 -29.57
C ILE D 790 -85.59 41.03 -29.65
N PRO D 791 -85.10 41.65 -28.59
CA PRO D 791 -83.79 42.30 -28.67
C PRO D 791 -82.66 41.29 -28.68
N ILE D 792 -81.52 41.73 -29.19
CA ILE D 792 -80.36 40.85 -29.35
C ILE D 792 -79.84 40.47 -27.97
N THR D 793 -79.43 39.22 -27.84
CA THR D 793 -78.85 38.77 -26.58
C THR D 793 -77.49 38.12 -26.84
N PRO D 794 -76.56 38.23 -25.90
CA PRO D 794 -75.24 37.61 -26.10
C PRO D 794 -75.36 36.10 -26.22
N HIS D 795 -74.53 35.53 -27.11
CA HIS D 795 -74.55 34.09 -27.29
C HIS D 795 -73.84 33.37 -26.15
N HIS D 796 -72.74 33.93 -25.67
CA HIS D 796 -71.90 33.26 -24.70
C HIS D 796 -71.64 34.16 -23.50
N ASP D 797 -71.10 33.55 -22.46
CA ASP D 797 -70.80 34.27 -21.23
C ASP D 797 -69.66 35.25 -21.47
N ARG D 798 -69.47 36.16 -20.50
CA ARG D 798 -68.38 37.13 -20.60
C ARG D 798 -67.03 36.44 -20.67
N GLU D 799 -66.88 35.29 -20.01
CA GLU D 799 -65.60 34.59 -20.00
C GLU D 799 -65.16 34.20 -21.40
N TRP D 800 -66.10 33.91 -22.30
CA TRP D 800 -65.74 33.59 -23.67
C TRP D 800 -64.95 34.71 -24.32
N GLY D 801 -65.37 35.95 -24.10
CA GLY D 801 -64.64 37.08 -24.65
C GLY D 801 -63.22 37.14 -24.15
N ILE D 802 -63.02 36.93 -22.86
CA ILE D 802 -61.67 36.99 -22.29
C ILE D 802 -60.80 35.89 -22.88
N LEU D 803 -61.34 34.67 -22.98
CA LEU D 803 -60.57 33.59 -23.57
C LEU D 803 -60.22 33.90 -25.02
N SER D 804 -61.16 34.48 -25.77
CA SER D 804 -60.90 34.81 -27.16
C SER D 804 -59.79 35.85 -27.27
N LYS D 805 -59.83 36.88 -26.44
CA LYS D 805 -58.79 37.90 -26.47
C LYS D 805 -57.44 37.28 -26.15
N ILE D 806 -57.39 36.45 -25.11
CA ILE D 806 -56.12 35.84 -24.72
C ILE D 806 -55.57 35.04 -25.88
N TYR D 807 -56.42 34.22 -26.50
CA TYR D 807 -56.00 33.41 -27.62
C TYR D 807 -55.43 34.28 -28.73
N TYR D 808 -56.25 35.16 -29.27
CA TYR D 808 -55.85 35.93 -30.46
C TYR D 808 -54.64 36.80 -30.20
N TYR D 809 -54.45 37.27 -28.97
CA TYR D 809 -53.39 38.23 -28.72
C TYR D 809 -52.15 37.62 -28.10
N ILE D 810 -52.17 36.34 -27.76
CA ILE D 810 -50.96 35.71 -27.26
C ILE D 810 -50.60 34.51 -28.11
N VAL D 811 -51.52 33.54 -28.18
CA VAL D 811 -51.15 32.24 -28.74
C VAL D 811 -50.93 32.34 -30.24
N ILE D 812 -51.83 33.03 -30.95
CA ILE D 812 -51.66 33.16 -32.40
C ILE D 812 -50.37 33.88 -32.77
N PRO D 813 -50.05 35.06 -32.21
CA PRO D 813 -48.74 35.65 -32.53
C PRO D 813 -47.58 34.79 -32.11
N ALA D 814 -47.70 34.10 -30.97
CA ALA D 814 -46.57 33.32 -30.46
C ALA D 814 -46.19 32.19 -31.40
N PHE D 815 -47.14 31.68 -32.18
CA PHE D 815 -46.84 30.62 -33.14
C PHE D 815 -46.56 31.18 -34.52
N SER D 816 -47.37 32.14 -34.97
CA SER D 816 -47.19 32.70 -36.30
C SER D 816 -45.91 33.50 -36.40
N ARG D 817 -45.58 34.25 -35.35
CA ARG D 817 -44.43 35.14 -35.35
C ARG D 817 -44.54 36.15 -36.50
N GLY D 818 -45.59 36.95 -36.46
CA GLY D 818 -45.74 38.04 -37.39
C GLY D 818 -45.93 37.65 -38.84
N SER D 819 -46.25 36.38 -39.11
CA SER D 819 -46.51 35.95 -40.47
C SER D 819 -47.99 35.94 -40.82
N CYS D 820 -48.85 35.60 -39.87
CA CYS D 820 -50.27 35.55 -40.13
C CYS D 820 -50.82 36.94 -40.40
N CYS D 821 -51.82 37.00 -41.27
CA CYS D 821 -52.42 38.27 -41.69
C CYS D 821 -53.93 38.15 -41.63
N THR D 822 -54.59 39.26 -41.30
CA THR D 822 -56.04 39.26 -41.17
C THR D 822 -56.68 39.87 -42.41
N MET D 823 -57.74 39.23 -42.91
CA MET D 823 -58.37 39.68 -44.14
C MET D 823 -59.87 39.48 -44.10
N GLY D 824 -60.54 40.09 -45.06
CA GLY D 824 -61.97 39.99 -45.21
C GLY D 824 -62.33 39.22 -46.46
N VAL D 825 -63.51 38.61 -46.43
CA VAL D 825 -63.93 37.68 -47.46
C VAL D 825 -64.80 38.39 -48.47
N ARG D 826 -65.00 37.75 -49.62
CA ARG D 826 -65.86 38.25 -50.68
C ARG D 826 -67.01 37.28 -50.82
N TYR D 827 -68.05 37.48 -50.02
CA TYR D 827 -69.13 36.51 -49.97
C TYR D 827 -69.87 36.40 -51.31
N ASP D 828 -70.10 37.53 -51.98
CA ASP D 828 -70.79 37.49 -53.26
C ASP D 828 -70.03 36.67 -54.30
N ARG D 829 -68.73 36.49 -54.11
CA ARG D 829 -67.93 35.65 -55.00
C ARG D 829 -67.73 34.25 -54.44
N LEU D 830 -68.07 34.03 -53.17
CA LEU D 830 -67.87 32.71 -52.57
C LEU D 830 -69.12 31.85 -52.66
N TYR D 831 -70.27 32.42 -52.29
CA TYR D 831 -71.49 31.61 -52.22
C TYR D 831 -71.86 30.95 -53.54
N PRO D 832 -71.83 31.62 -54.69
CA PRO D 832 -72.09 30.90 -55.94
C PRO D 832 -71.11 29.76 -56.20
N ALA D 833 -69.89 29.85 -55.70
CA ALA D 833 -68.96 28.73 -55.81
C ALA D 833 -69.31 27.59 -54.88
N LEU D 834 -70.28 27.77 -53.99
CA LEU D 834 -70.68 26.74 -53.04
C LEU D 834 -72.00 26.07 -53.43
N GLN D 835 -72.53 26.38 -54.62
CA GLN D 835 -73.78 25.82 -55.07
C GLN D 835 -73.61 24.70 -56.09
N ALA D 836 -72.41 24.20 -56.25
CA ALA D 836 -72.12 23.16 -57.24
C ALA D 836 -71.62 21.92 -56.49
N VAL D 837 -72.55 21.10 -56.04
CA VAL D 837 -72.26 19.82 -55.43
C VAL D 837 -72.80 18.72 -56.36
N ILE D 838 -72.00 17.68 -56.56
CA ILE D 838 -72.27 16.75 -57.64
C ILE D 838 -72.53 15.35 -57.08
N VAL D 839 -73.14 15.28 -55.91
CA VAL D 839 -73.49 14.00 -55.32
C VAL D 839 -74.47 13.28 -56.24
N PRO D 840 -74.29 12.00 -56.52
CA PRO D 840 -75.22 11.27 -57.38
C PRO D 840 -76.45 10.82 -56.60
N GLU D 841 -77.29 10.05 -57.27
CA GLU D 841 -78.47 9.45 -56.65
C GLU D 841 -78.21 7.97 -56.47
N ILE D 842 -78.18 7.53 -55.22
CA ILE D 842 -77.95 6.11 -54.93
C ILE D 842 -79.30 5.40 -54.92
N PRO D 843 -79.44 4.29 -55.65
CA PRO D 843 -80.70 3.53 -55.59
C PRO D 843 -80.97 3.02 -54.18
N ALA D 844 -82.25 2.98 -53.83
CA ALA D 844 -82.64 2.55 -52.51
C ALA D 844 -82.28 1.08 -52.29
N ASP D 845 -82.26 0.68 -51.03
CA ASP D 845 -81.89 -0.68 -50.63
C ASP D 845 -80.49 -1.03 -51.15
N GLU D 846 -79.60 -0.04 -51.15
CA GLU D 846 -78.20 -0.21 -51.52
C GLU D 846 -77.33 0.46 -50.48
N GLU D 847 -76.10 -0.01 -50.37
CA GLU D 847 -75.14 0.57 -49.43
C GLU D 847 -74.37 1.70 -50.10
N ALA D 848 -74.20 2.80 -49.38
CA ALA D 848 -73.47 3.94 -49.91
C ALA D 848 -72.00 3.57 -50.09
N PRO D 849 -71.37 3.98 -51.19
CA PRO D 849 -69.94 3.70 -51.36
C PRO D 849 -69.11 4.50 -50.38
N THR D 850 -68.03 3.88 -49.92
CA THR D 850 -67.12 4.54 -48.97
C THR D 850 -65.81 4.95 -49.63
N THR D 851 -65.11 4.00 -50.24
CA THR D 851 -63.89 4.35 -50.97
C THR D 851 -64.25 5.16 -52.22
N PRO D 852 -63.39 6.09 -52.63
CA PRO D 852 -63.65 6.86 -53.86
C PRO D 852 -63.29 6.15 -55.15
N GLU D 853 -63.01 4.84 -55.10
CA GLU D 853 -62.61 4.14 -56.31
C GLU D 853 -63.78 3.81 -57.23
N ASP D 854 -64.96 3.53 -56.67
CA ASP D 854 -66.09 3.20 -57.52
C ASP D 854 -66.72 4.47 -58.08
N PRO D 855 -67.38 4.38 -59.25
CA PRO D 855 -67.97 5.59 -59.85
C PRO D 855 -69.10 6.20 -59.02
N ARG D 856 -69.72 5.44 -58.12
CA ARG D 856 -70.81 5.99 -57.33
C ARG D 856 -70.35 7.01 -56.31
N HIS D 857 -69.07 7.04 -55.97
CA HIS D 857 -68.57 8.00 -55.00
C HIS D 857 -68.64 9.42 -55.56
N PRO D 858 -68.96 10.42 -54.73
CA PRO D 858 -68.99 11.80 -55.25
C PRO D 858 -67.64 12.29 -55.74
N LEU D 859 -66.55 11.78 -55.19
CA LEU D 859 -65.21 12.25 -55.53
C LEU D 859 -64.53 11.38 -56.58
N HIS D 860 -65.24 10.42 -57.16
CA HIS D 860 -64.68 9.61 -58.22
C HIS D 860 -64.39 10.47 -59.44
N ALA D 861 -63.42 10.03 -60.24
CA ALA D 861 -63.02 10.80 -61.42
C ALA D 861 -64.16 10.94 -62.41
N HIS D 862 -65.17 10.06 -62.35
CA HIS D 862 -66.31 10.20 -63.24
C HIS D 862 -67.12 11.45 -62.91
N GLN D 863 -67.16 11.83 -61.63
CA GLN D 863 -68.00 12.93 -61.19
C GLN D 863 -67.21 14.17 -60.77
N LEU D 864 -66.00 14.34 -61.30
CA LEU D 864 -65.21 15.53 -61.04
C LEU D 864 -65.43 16.49 -62.21
N VAL D 865 -66.57 17.16 -62.20
CA VAL D 865 -66.88 18.15 -63.23
C VAL D 865 -66.19 19.46 -62.87
N PRO D 866 -65.56 20.15 -63.82
CA PRO D 866 -64.84 21.38 -63.49
C PRO D 866 -65.76 22.44 -62.91
N ASN D 867 -65.18 23.30 -62.08
CA ASN D 867 -65.87 24.45 -61.51
C ASN D 867 -67.02 24.01 -60.59
N SER D 868 -66.69 23.19 -59.61
CA SER D 868 -67.68 22.70 -58.68
C SER D 868 -66.99 22.46 -57.34
N LEU D 869 -67.79 22.26 -56.30
CA LEU D 869 -67.21 22.00 -55.00
C LEU D 869 -66.36 20.75 -55.00
N ASN D 870 -66.69 19.78 -55.86
CA ASN D 870 -66.00 18.50 -55.83
C ASN D 870 -64.53 18.67 -56.18
N VAL D 871 -64.21 19.51 -57.17
CA VAL D 871 -62.81 19.73 -57.47
C VAL D 871 -62.12 20.50 -56.35
N TYR D 872 -62.85 21.37 -55.64
CA TYR D 872 -62.29 22.00 -54.46
C TYR D 872 -61.85 20.96 -53.44
N PHE D 873 -62.71 19.99 -53.16
CA PHE D 873 -62.36 18.97 -52.17
C PHE D 873 -61.28 18.04 -52.68
N HIS D 874 -61.28 17.75 -53.98
CA HIS D 874 -60.27 16.83 -54.49
C HIS D 874 -58.91 17.48 -54.58
N ASN D 875 -58.87 18.80 -54.77
CA ASN D 875 -57.59 19.49 -54.80
C ASN D 875 -56.88 19.40 -53.46
N ALA D 876 -57.65 19.28 -52.38
CA ALA D 876 -57.08 19.06 -51.06
C ALA D 876 -56.91 17.58 -50.74
N HIS D 877 -57.25 16.69 -51.68
CA HIS D 877 -57.03 15.26 -51.53
C HIS D 877 -57.67 14.74 -50.25
N LEU D 878 -58.92 15.12 -50.04
CA LEU D 878 -59.72 14.65 -48.91
C LEU D 878 -60.81 13.74 -49.42
N THR D 879 -61.49 13.05 -48.50
CA THR D 879 -62.60 12.17 -48.83
C THR D 879 -63.80 12.55 -48.00
N VAL D 880 -64.95 12.69 -48.65
CA VAL D 880 -66.21 12.99 -47.98
C VAL D 880 -67.31 12.11 -48.58
N ASP D 881 -68.38 11.95 -47.82
CA ASP D 881 -69.51 11.15 -48.26
C ASP D 881 -70.56 12.06 -48.90
N GLY D 882 -71.57 11.46 -49.51
CA GLY D 882 -72.58 12.24 -50.19
C GLY D 882 -73.38 13.13 -49.26
N ASP D 883 -73.85 12.58 -48.14
CA ASP D 883 -74.64 13.37 -47.21
C ASP D 883 -73.81 14.48 -46.58
N ALA D 884 -72.51 14.23 -46.38
CA ALA D 884 -71.64 15.27 -45.85
C ALA D 884 -71.64 16.49 -46.75
N LEU D 885 -71.51 16.27 -48.06
CA LEU D 885 -71.61 17.39 -48.99
C LEU D 885 -73.01 17.96 -49.06
N LEU D 886 -74.03 17.11 -48.89
CA LEU D 886 -75.41 17.59 -48.98
C LEU D 886 -75.79 18.49 -47.80
N THR D 887 -75.09 18.36 -46.67
CA THR D 887 -75.44 19.14 -45.49
C THR D 887 -75.28 20.64 -45.72
N LEU D 888 -74.53 21.03 -46.75
CA LEU D 888 -74.34 22.45 -47.03
C LEU D 888 -75.65 23.17 -47.27
N GLN D 889 -76.65 22.47 -47.80
CA GLN D 889 -77.93 23.12 -48.03
C GLN D 889 -78.55 23.58 -46.72
N GLU D 890 -78.50 22.75 -45.68
CA GLU D 890 -78.99 23.17 -44.39
C GLU D 890 -78.07 24.25 -43.80
N LEU D 891 -76.78 24.15 -44.08
CA LEU D 891 -75.87 25.20 -43.64
C LEU D 891 -76.26 26.55 -44.23
N MET D 892 -76.82 26.53 -45.43
CA MET D 892 -77.16 27.72 -46.19
C MET D 892 -78.32 28.50 -45.58
N GLY D 893 -79.06 27.91 -44.64
CA GLY D 893 -80.19 28.60 -44.06
C GLY D 893 -79.81 29.89 -43.36
N ASP D 894 -78.66 29.89 -42.69
CA ASP D 894 -78.10 31.10 -42.07
C ASP D 894 -76.93 31.56 -42.92
N MET D 895 -76.82 32.87 -43.12
CA MET D 895 -75.83 33.42 -44.02
C MET D 895 -75.14 34.62 -43.39
N ALA D 896 -73.96 34.95 -43.92
CA ALA D 896 -73.24 36.18 -43.59
C ALA D 896 -73.15 37.05 -44.83
N GLU D 897 -73.56 38.31 -44.69
CA GLU D 897 -73.64 39.19 -45.86
C GLU D 897 -72.26 39.55 -46.37
N ARG D 898 -71.49 40.29 -45.58
CA ARG D 898 -70.17 40.74 -46.00
C ARG D 898 -69.41 41.24 -44.78
N THR D 899 -68.10 41.31 -44.91
CA THR D 899 -67.27 41.79 -43.81
C THR D 899 -67.21 43.31 -43.81
N THR D 900 -67.07 43.88 -42.62
CA THR D 900 -67.09 45.33 -42.46
C THR D 900 -66.05 45.73 -41.43
N ALA D 901 -65.66 47.00 -41.49
CA ALA D 901 -64.59 47.54 -40.66
C ALA D 901 -65.20 48.30 -39.49
N ILE D 902 -64.79 47.95 -38.27
CA ILE D 902 -65.30 48.55 -37.05
C ILE D 902 -64.17 49.32 -36.40
N LEU D 903 -64.43 50.57 -36.07
CA LEU D 903 -63.48 51.42 -35.35
C LEU D 903 -64.14 51.85 -34.05
N VAL D 904 -63.66 51.32 -32.92
CA VAL D 904 -64.21 51.65 -31.61
C VAL D 904 -63.28 52.61 -30.91
N SER D 905 -63.86 53.52 -30.15
CA SER D 905 -63.10 54.55 -29.46
C SER D 905 -63.63 54.70 -28.04
N SER D 906 -62.73 55.01 -27.12
CA SER D 906 -63.12 55.21 -25.73
C SER D 906 -62.06 56.03 -25.02
N ALA D 907 -62.47 56.64 -23.92
CA ALA D 907 -61.54 57.35 -23.05
C ALA D 907 -60.84 56.37 -22.14
N PRO D 908 -59.64 56.71 -21.67
CA PRO D 908 -58.91 55.79 -20.78
C PRO D 908 -59.67 55.58 -19.48
N ASP D 909 -59.45 54.41 -18.88
CA ASP D 909 -60.28 53.93 -17.80
C ASP D 909 -60.18 54.81 -16.57
N ALA D 910 -60.97 54.46 -15.56
CA ALA D 910 -61.05 55.27 -14.34
C ALA D 910 -59.75 55.27 -13.56
N GLY D 911 -58.86 54.32 -13.80
CA GLY D 911 -57.58 54.32 -13.09
C GLY D 911 -56.72 55.51 -13.45
N ALA D 912 -56.59 55.81 -14.75
CA ALA D 912 -55.74 56.89 -15.22
C ALA D 912 -56.53 58.07 -15.76
N ALA D 913 -57.72 58.30 -15.22
CA ALA D 913 -58.60 59.35 -15.74
C ALA D 913 -58.40 60.61 -14.89
N THR D 914 -57.55 61.50 -15.37
CA THR D 914 -57.42 62.81 -14.77
C THR D 914 -58.10 63.84 -15.67
N ALA D 915 -58.10 65.10 -15.24
CA ALA D 915 -58.84 66.12 -15.96
C ALA D 915 -58.27 66.35 -17.35
N THR D 916 -57.02 65.95 -17.60
CA THR D 916 -56.41 66.13 -18.91
C THR D 916 -56.18 64.84 -19.68
N THR D 917 -56.18 63.69 -19.00
CA THR D 917 -56.03 62.44 -19.73
C THR D 917 -57.31 62.04 -20.44
N ARG D 918 -58.45 62.52 -19.97
CA ARG D 918 -59.72 62.15 -20.59
C ARG D 918 -59.79 62.59 -22.04
N ASN D 919 -59.02 63.61 -22.43
CA ASN D 919 -59.03 64.05 -23.81
C ASN D 919 -58.23 63.15 -24.74
N MET D 920 -57.22 62.45 -24.24
CA MET D 920 -56.41 61.58 -25.09
C MET D 920 -57.10 60.23 -25.22
N ARG D 921 -57.95 60.10 -26.23
CA ARG D 921 -58.72 58.89 -26.48
C ARG D 921 -57.85 57.84 -27.13
N ILE D 922 -58.34 56.60 -27.14
CA ILE D 922 -57.65 55.49 -27.79
C ILE D 922 -58.55 54.96 -28.90
N TYR D 923 -57.98 54.81 -30.10
CA TYR D 923 -58.70 54.27 -31.24
C TYR D 923 -58.07 52.94 -31.64
N ASP D 924 -58.89 51.92 -31.79
CA ASP D 924 -58.41 50.62 -32.22
C ASP D 924 -59.46 49.96 -33.09
N GLY D 925 -59.01 49.15 -34.03
CA GLY D 925 -59.91 48.60 -35.02
C GLY D 925 -60.17 47.11 -34.89
N ALA D 926 -61.17 46.64 -35.62
CA ALA D 926 -61.50 45.23 -35.68
C ALA D 926 -62.29 44.98 -36.95
N LEU D 927 -62.26 43.73 -37.41
CA LEU D 927 -62.96 43.33 -38.62
C LEU D 927 -64.11 42.41 -38.26
N TYR D 928 -65.32 42.78 -38.67
CA TYR D 928 -66.49 41.94 -38.47
C TYR D 928 -66.55 40.90 -39.57
N HIS D 929 -66.76 39.64 -39.20
CA HIS D 929 -66.79 38.54 -40.15
C HIS D 929 -65.53 38.47 -40.99
N GLY D 930 -64.40 38.81 -40.38
CA GLY D 930 -63.12 38.72 -41.04
C GLY D 930 -62.55 37.31 -40.93
N LEU D 931 -61.30 37.18 -41.38
CA LEU D 931 -60.64 35.89 -41.39
C LEU D 931 -59.14 36.10 -41.36
N ILE D 932 -58.43 35.11 -40.83
CA ILE D 932 -56.97 35.12 -40.73
C ILE D 932 -56.46 33.88 -41.42
N MET D 933 -55.47 34.02 -42.29
CA MET D 933 -54.83 32.81 -42.79
C MET D 933 -53.41 32.75 -42.26
N MET D 934 -52.97 31.54 -41.94
CA MET D 934 -51.70 31.36 -41.26
C MET D 934 -50.54 31.73 -42.15
N ALA D 935 -50.52 31.24 -43.39
CA ALA D 935 -49.42 31.54 -44.29
C ALA D 935 -49.97 31.81 -45.68
N TYR D 936 -49.22 32.60 -46.44
CA TYR D 936 -49.63 33.00 -47.77
C TYR D 936 -48.79 32.29 -48.82
N GLN D 937 -49.44 31.65 -49.78
CA GLN D 937 -48.79 31.02 -50.91
C GLN D 937 -49.09 31.86 -52.13
N ALA D 938 -48.04 32.34 -52.80
CA ALA D 938 -48.20 33.16 -53.99
C ALA D 938 -48.00 32.36 -55.27
N TYR D 939 -47.73 31.06 -55.16
CA TYR D 939 -47.42 30.25 -56.32
C TYR D 939 -48.41 29.12 -56.51
N ASP D 940 -49.54 29.15 -55.81
CA ASP D 940 -50.60 28.17 -56.02
C ASP D 940 -51.45 28.65 -57.19
N GLU D 941 -51.29 28.01 -58.33
CA GLU D 941 -51.94 28.43 -59.56
C GLU D 941 -53.32 27.84 -59.74
N THR D 942 -53.74 26.93 -58.85
CA THR D 942 -55.03 26.29 -59.01
C THR D 942 -56.18 27.27 -58.79
N ILE D 943 -55.94 28.34 -58.04
CA ILE D 943 -56.96 29.34 -57.74
C ILE D 943 -56.39 30.71 -58.09
N ALA D 944 -57.16 31.49 -58.84
CA ALA D 944 -56.74 32.84 -59.17
C ALA D 944 -56.55 33.65 -57.88
N THR D 945 -55.49 34.44 -57.85
CA THR D 945 -55.18 35.21 -56.65
C THR D 945 -56.25 36.26 -56.39
N GLY D 946 -56.61 36.41 -55.12
CA GLY D 946 -57.62 37.39 -54.76
C GLY D 946 -59.03 37.02 -55.15
N THR D 947 -59.30 35.73 -55.40
CA THR D 947 -60.63 35.32 -55.79
C THR D 947 -61.60 35.40 -54.62
N PHE D 948 -61.15 35.04 -53.42
CA PHE D 948 -62.05 34.98 -52.28
C PHE D 948 -61.64 35.87 -51.12
N PHE D 949 -60.36 36.18 -51.00
CA PHE D 949 -59.86 36.92 -49.85
C PHE D 949 -59.01 38.09 -50.32
N TYR D 950 -59.08 39.19 -49.60
CA TYR D 950 -58.27 40.35 -49.89
C TYR D 950 -57.68 40.89 -48.60
N PRO D 951 -56.45 41.42 -48.63
CA PRO D 951 -55.77 41.79 -47.39
C PRO D 951 -56.31 43.10 -46.83
N VAL D 952 -56.78 43.05 -45.59
CA VAL D 952 -57.09 44.24 -44.81
C VAL D 952 -56.47 44.04 -43.43
N PRO D 953 -55.17 44.34 -43.27
CA PRO D 953 -54.49 44.03 -42.00
C PRO D 953 -54.71 45.14 -40.99
N VAL D 954 -55.31 44.81 -39.86
CA VAL D 954 -55.51 45.78 -38.77
C VAL D 954 -54.96 45.19 -37.47
N ASN D 955 -53.65 45.32 -37.31
CA ASN D 955 -52.92 45.28 -36.03
C ASN D 955 -51.44 45.38 -36.37
N PRO D 956 -50.62 45.93 -35.49
CA PRO D 956 -49.17 45.74 -35.66
C PRO D 956 -48.77 44.28 -35.61
N LEU D 957 -49.46 43.45 -34.83
CA LEU D 957 -49.11 42.04 -34.75
C LEU D 957 -49.46 41.29 -36.03
N PHE D 958 -50.61 41.61 -36.62
CA PHE D 958 -51.13 40.88 -37.77
C PHE D 958 -50.78 41.54 -39.09
N ALA D 959 -49.84 42.49 -39.08
CA ALA D 959 -49.37 43.06 -40.33
C ALA D 959 -48.72 41.99 -41.17
N CYS D 960 -48.80 42.17 -42.49
CA CYS D 960 -48.44 41.12 -43.44
C CYS D 960 -47.83 41.73 -44.69
N PRO D 961 -46.51 41.90 -44.72
CA PRO D 961 -45.87 42.46 -45.92
C PRO D 961 -46.02 41.59 -47.14
N GLU D 962 -46.20 40.28 -46.99
CA GLU D 962 -46.26 39.38 -48.13
C GLU D 962 -47.67 39.16 -48.63
N HIS D 963 -48.68 39.36 -47.78
CA HIS D 963 -50.06 39.11 -48.19
C HIS D 963 -50.58 40.15 -49.17
N LEU D 964 -49.92 41.29 -49.28
CA LEU D 964 -50.44 42.35 -50.10
C LEU D 964 -50.41 42.02 -51.59
N ALA D 965 -49.73 40.94 -51.99
CA ALA D 965 -49.78 40.50 -53.37
C ALA D 965 -51.20 40.12 -53.78
N SER D 966 -52.03 39.67 -52.84
CA SER D 966 -53.40 39.32 -53.16
C SER D 966 -54.24 40.53 -53.54
N LEU D 967 -53.83 41.72 -53.13
CA LEU D 967 -54.56 42.93 -53.49
C LEU D 967 -54.47 43.21 -54.98
N ARG D 968 -55.57 43.73 -55.53
CA ARG D 968 -55.64 44.04 -56.95
C ARG D 968 -54.77 45.26 -57.25
N GLY D 969 -53.85 45.10 -58.19
CA GLY D 969 -52.98 46.19 -58.60
C GLY D 969 -51.93 46.53 -57.57
N MET D 970 -50.99 45.61 -57.34
CA MET D 970 -49.87 45.84 -56.43
C MET D 970 -48.57 45.76 -57.21
N THR D 971 -47.72 46.77 -57.03
CA THR D 971 -46.46 46.87 -57.74
C THR D 971 -45.31 46.60 -56.78
N ASN D 972 -44.09 46.66 -57.32
CA ASN D 972 -42.90 46.46 -56.49
C ASN D 972 -42.72 47.60 -55.50
N ALA D 973 -43.07 48.82 -55.89
CA ALA D 973 -42.88 49.97 -55.01
C ALA D 973 -43.72 49.84 -53.75
N ARG D 974 -44.98 49.46 -53.90
CA ARG D 974 -45.84 49.29 -52.73
C ARG D 974 -45.35 48.16 -51.83
N ARG D 975 -44.91 47.05 -52.43
CA ARG D 975 -44.40 45.93 -51.65
C ARG D 975 -43.16 46.34 -50.87
N VAL D 976 -42.24 47.07 -51.50
CA VAL D 976 -41.02 47.45 -50.79
C VAL D 976 -41.33 48.49 -49.72
N LEU D 977 -42.30 49.38 -49.96
CA LEU D 977 -42.69 50.32 -48.92
C LEU D 977 -43.30 49.60 -47.73
N ALA D 978 -44.15 48.60 -47.97
CA ALA D 978 -44.72 47.84 -46.88
C ALA D 978 -43.70 46.95 -46.18
N LYS D 979 -42.61 46.61 -46.87
CA LYS D 979 -41.60 45.75 -46.26
C LYS D 979 -41.00 46.39 -45.02
N MET D 980 -41.01 47.72 -44.94
CA MET D 980 -40.41 48.43 -43.81
C MET D 980 -41.42 48.97 -42.82
N VAL D 981 -42.62 49.34 -43.26
CA VAL D 981 -43.65 49.91 -42.41
C VAL D 981 -44.87 49.01 -42.46
N PRO D 982 -45.46 48.63 -41.32
CA PRO D 982 -46.66 47.79 -41.35
C PRO D 982 -47.84 48.59 -41.88
N PRO D 983 -48.39 48.19 -43.01
CA PRO D 983 -49.48 48.97 -43.62
C PRO D 983 -50.79 48.83 -42.86
N ILE D 984 -51.16 49.88 -42.13
CA ILE D 984 -52.46 49.94 -41.46
C ILE D 984 -53.22 51.10 -42.06
N PRO D 985 -54.47 50.91 -42.51
CA PRO D 985 -55.20 52.02 -43.09
C PRO D 985 -55.66 52.97 -42.00
N PRO D 986 -55.77 54.27 -42.30
CA PRO D 986 -56.15 55.23 -41.26
C PRO D 986 -57.53 55.02 -40.68
N PHE D 987 -58.44 54.37 -41.38
CA PHE D 987 -59.79 54.22 -40.84
C PHE D 987 -59.90 53.07 -39.84
N LEU D 988 -58.79 52.40 -39.52
CA LEU D 988 -58.80 51.38 -38.49
C LEU D 988 -57.85 51.69 -37.34
N GLY D 989 -57.52 52.97 -37.16
CA GLY D 989 -56.66 53.39 -36.07
C GLY D 989 -55.19 53.25 -36.42
N ALA D 990 -54.42 54.27 -36.05
CA ALA D 990 -53.00 54.32 -36.35
C ALA D 990 -52.20 53.80 -35.16
N ASN D 991 -50.90 53.61 -35.39
CA ASN D 991 -50.05 52.99 -34.38
C ASN D 991 -50.01 53.82 -33.10
N HIS D 992 -49.83 55.13 -33.22
CA HIS D 992 -49.61 55.93 -32.03
C HIS D 992 -50.88 56.14 -31.21
N HIS D 993 -52.04 55.76 -31.71
CA HIS D 993 -53.27 55.89 -30.94
C HIS D 993 -53.86 54.57 -30.49
N ALA D 994 -53.39 53.44 -31.03
CA ALA D 994 -53.99 52.15 -30.71
C ALA D 994 -53.46 51.65 -29.36
N THR D 995 -53.99 50.51 -28.94
CA THR D 995 -53.54 49.88 -27.70
C THR D 995 -52.31 49.02 -27.95
N ILE D 996 -52.43 48.04 -28.84
CA ILE D 996 -51.28 47.25 -29.26
C ILE D 996 -50.48 48.09 -30.24
N ARG D 997 -49.22 48.33 -29.93
CA ARG D 997 -48.40 49.24 -30.70
C ARG D 997 -47.23 48.48 -31.33
N GLN D 998 -46.37 49.21 -32.01
CA GLN D 998 -45.25 48.60 -32.70
C GLN D 998 -44.32 47.79 -31.80
N PRO D 999 -43.89 48.28 -30.63
CA PRO D 999 -42.87 47.54 -29.88
C PRO D 999 -43.23 46.11 -29.55
N VAL D 1000 -44.48 45.81 -29.22
CA VAL D 1000 -44.83 44.43 -28.91
C VAL D 1000 -44.75 43.56 -30.15
N ALA D 1001 -45.11 44.11 -31.31
CA ALA D 1001 -44.94 43.38 -32.56
C ALA D 1001 -43.47 43.10 -32.83
N TYR D 1002 -42.61 44.09 -32.59
CA TYR D 1002 -41.19 43.86 -32.73
C TYR D 1002 -40.71 42.80 -31.76
N HIS D 1003 -41.31 42.76 -30.56
CA HIS D 1003 -40.97 41.74 -29.59
C HIS D 1003 -41.30 40.35 -30.10
N VAL D 1004 -42.50 40.18 -30.66
CA VAL D 1004 -42.89 38.84 -31.10
C VAL D 1004 -42.12 38.43 -32.35
N THR D 1005 -41.74 39.38 -33.20
CA THR D 1005 -41.15 39.01 -34.47
C THR D 1005 -39.64 38.84 -34.42
N HIS D 1006 -38.97 39.24 -33.33
CA HIS D 1006 -37.53 39.20 -33.28
C HIS D 1006 -36.99 38.49 -32.06
N SER D 1007 -37.83 37.79 -31.30
CA SER D 1007 -37.38 37.04 -30.15
C SER D 1007 -37.33 35.58 -30.51
N LYS D 1008 -36.18 34.95 -30.28
CA LYS D 1008 -36.00 33.53 -30.55
C LYS D 1008 -35.64 32.88 -29.21
N SER D 1009 -36.65 32.57 -28.42
CA SER D 1009 -36.42 31.95 -27.12
C SER D 1009 -37.07 30.57 -27.01
N ASP D 1010 -38.38 30.47 -27.19
CA ASP D 1010 -39.12 29.24 -26.98
C ASP D 1010 -40.56 29.48 -27.43
N PHE D 1011 -41.44 28.52 -27.14
CA PHE D 1011 -42.86 28.73 -27.38
C PHE D 1011 -43.69 28.80 -26.11
N ASN D 1012 -43.23 28.22 -25.01
CA ASN D 1012 -43.92 28.43 -23.73
C ASN D 1012 -43.51 29.75 -23.12
N THR D 1013 -42.19 29.94 -22.94
CA THR D 1013 -41.70 31.18 -22.37
C THR D 1013 -42.10 32.38 -23.22
N LEU D 1014 -42.23 32.20 -24.53
CA LEU D 1014 -42.70 33.30 -25.36
C LEU D 1014 -44.13 33.68 -25.02
N THR D 1015 -45.00 32.70 -24.83
CA THR D 1015 -46.38 33.00 -24.47
C THR D 1015 -46.45 33.69 -23.12
N TYR D 1016 -45.72 33.18 -22.13
CA TYR D 1016 -45.77 33.84 -20.82
C TYR D 1016 -45.13 35.22 -20.86
N SER D 1017 -44.10 35.41 -21.69
CA SER D 1017 -43.51 36.74 -21.82
C SER D 1017 -44.52 37.72 -22.42
N LEU D 1018 -45.23 37.31 -23.47
CA LEU D 1018 -46.28 38.17 -24.01
C LEU D 1018 -47.33 38.48 -22.96
N LEU D 1019 -47.71 37.48 -22.17
CA LEU D 1019 -48.70 37.72 -21.13
C LEU D 1019 -48.18 38.75 -20.13
N GLY D 1020 -46.92 38.61 -19.72
CA GLY D 1020 -46.33 39.62 -18.86
C GLY D 1020 -46.28 40.98 -19.52
N GLY D 1021 -46.22 41.01 -20.85
CA GLY D 1021 -46.27 42.28 -21.55
C GLY D 1021 -47.56 43.03 -21.29
N TYR D 1022 -48.70 42.34 -21.39
CA TYR D 1022 -50.00 42.99 -21.27
C TYR D 1022 -50.39 43.19 -19.81
N PHE D 1023 -49.79 44.20 -19.19
CA PHE D 1023 -50.22 44.66 -17.88
C PHE D 1023 -50.22 46.18 -17.91
N LYS D 1024 -51.30 46.77 -17.42
CA LYS D 1024 -51.47 48.21 -17.55
C LYS D 1024 -50.38 48.96 -16.78
N PHE D 1025 -50.03 50.13 -17.30
CA PHE D 1025 -49.09 51.02 -16.63
C PHE D 1025 -49.79 52.15 -15.90
N THR D 1026 -51.10 52.08 -15.80
CA THR D 1026 -51.86 52.99 -14.95
C THR D 1026 -51.38 52.88 -13.50
N PRO D 1027 -51.34 53.98 -12.75
CA PRO D 1027 -50.91 53.90 -11.35
C PRO D 1027 -51.69 52.90 -10.51
N ILE D 1028 -52.98 52.69 -10.75
CA ILE D 1028 -53.70 51.65 -10.04
C ILE D 1028 -53.11 50.28 -10.36
N SER D 1029 -52.82 50.05 -11.64
CA SER D 1029 -52.19 48.80 -12.03
C SER D 1029 -50.80 48.66 -11.44
N LEU D 1030 -50.06 49.77 -11.32
CA LEU D 1030 -48.78 49.71 -10.60
C LEU D 1030 -48.99 49.28 -9.16
N THR D 1031 -50.03 49.79 -8.51
CA THR D 1031 -50.31 49.37 -7.14
C THR D 1031 -50.52 47.87 -7.08
N HIS D 1032 -51.37 47.35 -7.97
CA HIS D 1032 -51.67 45.92 -7.97
C HIS D 1032 -50.40 45.11 -8.18
N GLN D 1033 -49.63 45.43 -9.22
CA GLN D 1033 -48.45 44.63 -9.53
C GLN D 1033 -47.41 44.72 -8.43
N LEU D 1034 -47.13 45.92 -7.92
CA LEU D 1034 -46.12 46.06 -6.88
C LEU D 1034 -46.52 45.30 -5.62
N ARG D 1035 -47.79 45.38 -5.22
CA ARG D 1035 -48.21 44.63 -4.06
C ARG D 1035 -48.08 43.13 -4.29
N THR D 1036 -48.45 42.66 -5.49
CA THR D 1036 -48.47 41.21 -5.73
C THR D 1036 -47.07 40.64 -5.76
N GLY D 1037 -46.16 41.25 -6.50
CA GLY D 1037 -44.83 40.69 -6.64
C GLY D 1037 -44.31 40.76 -8.07
N PHE D 1038 -45.10 41.37 -8.95
CA PHE D 1038 -44.68 41.58 -10.31
C PHE D 1038 -43.55 42.62 -10.37
N HIS D 1039 -42.81 42.60 -11.47
CA HIS D 1039 -41.77 43.59 -11.70
C HIS D 1039 -42.08 44.35 -12.98
N PRO D 1040 -42.70 45.53 -12.90
CA PRO D 1040 -43.02 46.27 -14.12
C PRO D 1040 -41.75 46.68 -14.85
N GLY D 1041 -41.91 46.98 -16.13
CA GLY D 1041 -40.76 47.29 -16.97
C GLY D 1041 -40.14 48.63 -16.68
N ILE D 1042 -39.70 48.83 -15.44
CA ILE D 1042 -39.14 50.10 -15.01
C ILE D 1042 -38.20 49.83 -13.85
N ALA D 1043 -37.23 50.72 -13.66
CA ALA D 1043 -36.25 50.57 -12.60
C ALA D 1043 -36.05 51.91 -11.92
N PHE D 1044 -35.59 51.86 -10.67
CA PHE D 1044 -35.44 53.05 -9.86
C PHE D 1044 -34.00 53.22 -9.42
N THR D 1045 -33.63 54.46 -9.14
CA THR D 1045 -32.41 54.78 -8.42
C THR D 1045 -32.78 55.52 -7.15
N VAL D 1046 -32.21 55.10 -6.03
CA VAL D 1046 -32.55 55.64 -4.73
C VAL D 1046 -31.46 56.58 -4.26
N VAL D 1047 -31.85 57.74 -3.75
CA VAL D 1047 -30.92 58.75 -3.27
C VAL D 1047 -31.26 59.04 -1.81
N ARG D 1048 -30.24 59.06 -0.97
CA ARG D 1048 -30.44 59.26 0.46
C ARG D 1048 -29.29 60.09 1.02
N GLN D 1049 -29.62 61.10 1.83
CA GLN D 1049 -28.65 62.01 2.39
C GLN D 1049 -28.41 61.68 3.86
N ASP D 1050 -27.17 61.78 4.29
CA ASP D 1050 -26.76 61.34 5.62
C ASP D 1050 -25.90 62.38 6.31
N ARG D 1051 -26.01 62.42 7.63
CA ARG D 1051 -25.28 63.38 8.45
C ARG D 1051 -24.32 62.66 9.37
N PHE D 1052 -23.08 63.12 9.42
CA PHE D 1052 -22.05 62.54 10.27
C PHE D 1052 -21.40 63.64 11.08
N ALA D 1053 -21.09 63.36 12.34
CA ALA D 1053 -20.41 64.32 13.19
C ALA D 1053 -18.90 64.14 13.08
N THR D 1054 -18.20 65.21 12.75
CA THR D 1054 -16.76 65.16 12.56
C THR D 1054 -16.09 66.21 13.43
N GLU D 1055 -14.84 65.94 13.78
CA GLU D 1055 -14.03 66.89 14.53
C GLU D 1055 -13.06 67.59 13.60
N GLN D 1056 -13.13 68.91 13.59
CA GLN D 1056 -12.40 69.70 12.63
C GLN D 1056 -11.04 70.11 13.18
N LEU D 1057 -10.29 70.84 12.37
CA LEU D 1057 -8.91 71.18 12.66
C LEU D 1057 -8.55 72.44 11.89
N LEU D 1058 -8.27 73.52 12.60
CA LEU D 1058 -8.11 74.83 11.99
C LEU D 1058 -6.73 75.39 12.29
N TYR D 1059 -6.21 76.19 11.36
CA TYR D 1059 -4.91 76.85 11.52
C TYR D 1059 -5.04 78.29 11.03
N ALA D 1060 -4.24 79.18 11.60
CA ALA D 1060 -4.23 80.59 11.22
C ALA D 1060 -2.88 81.20 11.53
N GLU D 1061 -2.52 82.24 10.77
CA GLU D 1061 -1.23 82.89 10.94
C GLU D 1061 -1.28 83.88 12.09
N ARG D 1062 -0.28 84.74 12.15
CA ARG D 1062 -0.18 85.70 13.24
C ARG D 1062 -1.20 86.83 13.09
N ALA D 1063 -1.07 87.65 12.08
CA ALA D 1063 -1.96 88.80 11.94
C ALA D 1063 -3.08 88.51 10.95
N SER D 1064 -3.90 87.51 11.30
CA SER D 1064 -4.96 87.11 10.38
C SER D 1064 -6.09 88.11 10.32
N GLU D 1065 -6.54 88.62 11.46
CA GLU D 1065 -7.70 89.50 11.48
C GLU D 1065 -7.45 90.72 12.35
N SER D 1066 -7.87 91.88 11.86
CA SER D 1066 -7.84 93.10 12.63
C SER D 1066 -9.16 93.23 13.38
N TYR D 1067 -9.10 93.30 14.69
CA TYR D 1067 -10.29 93.23 15.53
C TYR D 1067 -10.47 94.57 16.22
N PHE D 1068 -11.63 95.17 16.04
CA PHE D 1068 -11.96 96.46 16.64
C PHE D 1068 -13.04 96.26 17.70
N VAL D 1069 -12.84 96.87 18.86
CA VAL D 1069 -13.74 96.72 20.00
C VAL D 1069 -14.35 98.07 20.29
N GLY D 1070 -15.67 98.11 20.40
CA GLY D 1070 -16.39 99.32 20.71
C GLY D 1070 -16.53 99.53 22.21
N GLN D 1071 -17.50 100.37 22.57
CA GLN D 1071 -17.76 100.72 23.95
C GLN D 1071 -19.06 100.07 24.40
N ILE D 1072 -19.04 99.48 25.60
CA ILE D 1072 -20.18 98.73 26.10
C ILE D 1072 -21.32 99.67 26.47
N GLN D 1073 -22.55 99.24 26.23
CA GLN D 1073 -23.73 99.99 26.61
C GLN D 1073 -24.71 99.09 27.34
N VAL D 1074 -25.52 99.68 28.20
CA VAL D 1074 -26.42 98.95 29.08
C VAL D 1074 -27.85 99.36 28.77
N HIS D 1075 -28.71 98.36 28.61
CA HIS D 1075 -30.12 98.55 28.30
C HIS D 1075 -30.96 97.82 29.33
N HIS D 1076 -31.81 98.56 30.04
CA HIS D 1076 -32.61 97.97 31.12
C HIS D 1076 -33.98 97.62 30.58
N HIS D 1077 -34.43 96.40 30.88
CA HIS D 1077 -35.70 95.89 30.36
C HIS D 1077 -36.48 95.29 31.52
N ASP D 1078 -37.77 95.59 31.59
CA ASP D 1078 -38.59 95.17 32.72
C ASP D 1078 -39.22 93.81 32.42
N ALA D 1079 -39.07 92.88 33.35
CA ALA D 1079 -39.61 91.54 33.22
C ALA D 1079 -39.76 90.89 34.59
N ILE D 1080 -40.44 89.75 34.61
CA ILE D 1080 -40.78 89.03 35.83
C ILE D 1080 -41.48 90.01 36.76
N GLY D 1081 -40.78 90.48 37.79
CA GLY D 1081 -41.29 91.52 38.64
C GLY D 1081 -40.30 92.65 38.76
N GLY D 1082 -39.04 92.35 38.43
CA GLY D 1082 -37.97 93.31 38.55
C GLY D 1082 -37.49 93.83 37.23
N VAL D 1083 -36.17 93.84 37.02
CA VAL D 1083 -35.58 94.38 35.81
C VAL D 1083 -34.54 93.41 35.27
N ASN D 1084 -34.24 93.55 33.99
CA ASN D 1084 -33.16 92.81 33.35
C ASN D 1084 -32.26 93.79 32.63
N PHE D 1085 -30.98 93.71 32.90
CA PHE D 1085 -30.00 94.51 32.18
C PHE D 1085 -29.38 93.67 31.08
N THR D 1086 -29.43 94.16 29.85
CA THR D 1086 -28.78 93.53 28.72
C THR D 1086 -27.56 94.36 28.38
N LEU D 1087 -26.38 93.80 28.62
CA LEU D 1087 -25.13 94.49 28.33
C LEU D 1087 -24.73 94.15 26.91
N THR D 1088 -24.62 95.16 26.06
CA THR D 1088 -24.28 94.97 24.66
C THR D 1088 -22.99 95.72 24.35
N GLN D 1089 -22.27 95.25 23.35
CA GLN D 1089 -21.00 95.84 22.94
C GLN D 1089 -20.80 95.58 21.46
N PRO D 1090 -20.63 96.61 20.63
CA PRO D 1090 -20.37 96.38 19.22
C PRO D 1090 -18.90 96.19 18.94
N ARG D 1091 -18.62 95.35 17.95
CA ARG D 1091 -17.26 95.04 17.56
C ARG D 1091 -17.26 94.58 16.11
N ALA D 1092 -16.09 94.67 15.49
CA ALA D 1092 -15.99 94.44 14.05
C ALA D 1092 -14.63 93.86 13.72
N HIS D 1093 -14.56 93.20 12.56
CA HIS D 1093 -13.37 92.45 12.17
C HIS D 1093 -13.10 92.63 10.69
N VAL D 1094 -11.83 92.49 10.32
CA VAL D 1094 -11.36 92.61 8.95
C VAL D 1094 -10.36 91.50 8.68
N ASP D 1095 -10.39 90.94 7.47
CA ASP D 1095 -9.43 89.92 7.05
C ASP D 1095 -8.31 90.62 6.29
N LEU D 1096 -7.23 90.95 6.99
CA LEU D 1096 -6.11 91.67 6.37
C LEU D 1096 -5.05 90.73 5.82
N GLY D 1097 -5.47 89.79 5.00
CA GLY D 1097 -4.55 88.86 4.35
C GLY D 1097 -4.74 88.87 2.85
N VAL D 1098 -3.62 88.96 2.13
CA VAL D 1098 -3.70 88.97 0.67
C VAL D 1098 -4.18 87.62 0.15
N GLY D 1099 -3.59 86.54 0.64
CA GLY D 1099 -4.00 85.22 0.22
C GLY D 1099 -5.09 84.66 1.10
N TYR D 1100 -4.99 83.38 1.44
CA TYR D 1100 -5.89 82.74 2.39
C TYR D 1100 -5.14 82.57 3.70
N THR D 1101 -5.75 83.01 4.79
CA THR D 1101 -5.08 83.06 6.08
C THR D 1101 -5.63 82.06 7.08
N ALA D 1102 -6.39 81.06 6.63
CA ALA D 1102 -6.94 80.08 7.54
C ALA D 1102 -7.33 78.84 6.77
N VAL D 1103 -7.05 77.68 7.34
CA VAL D 1103 -7.29 76.40 6.68
C VAL D 1103 -7.93 75.46 7.68
N CYS D 1104 -9.05 74.85 7.30
CA CYS D 1104 -9.71 73.86 8.12
C CYS D 1104 -9.78 72.54 7.36
N ALA D 1105 -9.76 71.44 8.09
CA ALA D 1105 -9.82 70.12 7.48
C ALA D 1105 -10.40 69.14 8.47
N THR D 1106 -11.41 68.40 8.03
CA THR D 1106 -12.00 67.39 8.89
C THR D 1106 -10.95 66.36 9.27
N ALA D 1107 -10.99 65.93 10.52
CA ALA D 1107 -9.97 65.06 11.07
C ALA D 1107 -10.50 63.68 11.46
N ALA D 1108 -11.49 63.64 12.33
CA ALA D 1108 -11.97 62.39 12.89
C ALA D 1108 -13.46 62.24 12.61
N LEU D 1109 -13.95 61.02 12.73
CA LEU D 1109 -15.35 60.70 12.52
C LEU D 1109 -15.95 60.22 13.83
N ARG D 1110 -17.01 60.89 14.28
CA ARG D 1110 -17.73 60.48 15.46
C ARG D 1110 -18.96 59.67 15.03
N CYS D 1111 -19.85 59.39 15.98
CA CYS D 1111 -21.01 58.56 15.70
C CYS D 1111 -21.91 59.22 14.67
N PRO D 1112 -22.36 58.50 13.64
CA PRO D 1112 -23.29 59.09 12.67
C PRO D 1112 -24.61 59.42 13.34
N LEU D 1113 -25.03 60.68 13.21
CA LEU D 1113 -26.27 61.11 13.84
C LEU D 1113 -27.51 60.58 13.15
N THR D 1114 -27.43 60.27 11.86
CA THR D 1114 -28.61 59.86 11.12
C THR D 1114 -28.69 58.34 11.05
N ASP D 1115 -29.76 57.89 10.41
CA ASP D 1115 -30.02 56.47 10.21
C ASP D 1115 -29.88 56.14 8.74
N MET D 1116 -29.16 55.08 8.43
CA MET D 1116 -29.12 54.57 7.05
C MET D 1116 -30.32 53.68 6.79
N GLY D 1117 -31.51 54.16 7.12
CA GLY D 1117 -32.71 53.36 7.11
C GLY D 1117 -33.38 53.30 5.75
N ASN D 1118 -34.60 52.79 5.74
CA ASN D 1118 -35.42 52.67 4.55
C ASN D 1118 -36.78 53.28 4.86
N THR D 1119 -36.89 54.59 4.73
CA THR D 1119 -38.16 55.29 4.91
C THR D 1119 -38.48 55.92 3.55
N ALA D 1120 -39.39 55.29 2.83
CA ALA D 1120 -39.71 55.77 1.50
C ALA D 1120 -40.37 57.13 1.56
N GLN D 1121 -39.89 58.04 0.72
CA GLN D 1121 -40.48 59.37 0.62
C GLN D 1121 -41.91 59.25 0.12
N ASN D 1122 -42.82 59.96 0.77
CA ASN D 1122 -44.24 59.90 0.43
C ASN D 1122 -44.63 61.17 -0.29
N LEU D 1123 -45.10 61.03 -1.53
CA LEU D 1123 -45.45 62.18 -2.34
C LEU D 1123 -46.86 62.69 -2.10
N PHE D 1124 -47.60 62.08 -1.19
CA PHE D 1124 -48.95 62.53 -0.91
C PHE D 1124 -48.99 63.76 -0.01
N PHE D 1125 -47.84 64.24 0.44
CA PHE D 1125 -47.80 65.48 1.19
C PHE D 1125 -47.94 66.70 0.31
N SER D 1126 -47.80 66.56 -0.99
CA SER D 1126 -47.80 67.70 -1.90
C SER D 1126 -49.20 67.92 -2.47
N ARG D 1127 -49.61 69.17 -2.54
CA ARG D 1127 -50.88 69.56 -3.12
C ARG D 1127 -50.63 70.56 -4.23
N GLY D 1128 -51.46 70.50 -5.27
CA GLY D 1128 -51.35 71.45 -6.35
C GLY D 1128 -51.47 70.84 -7.73
N GLY D 1129 -51.01 69.60 -7.89
CA GLY D 1129 -51.12 68.95 -9.18
C GLY D 1129 -52.55 68.71 -9.58
N VAL D 1130 -52.74 68.34 -10.84
CA VAL D 1130 -54.08 68.02 -11.34
C VAL D 1130 -54.55 66.74 -10.67
N PRO D 1131 -55.67 66.77 -9.95
CA PRO D 1131 -56.16 65.59 -9.27
C PRO D 1131 -56.81 64.63 -10.25
N MET D 1132 -56.93 63.38 -9.84
CA MET D 1132 -57.65 62.42 -10.65
C MET D 1132 -59.14 62.73 -10.63
N LEU D 1133 -59.81 62.34 -11.72
CA LEU D 1133 -61.19 62.77 -11.91
C LEU D 1133 -62.10 62.23 -10.81
N HIS D 1134 -61.92 60.96 -10.43
CA HIS D 1134 -62.76 60.33 -9.42
C HIS D 1134 -62.07 60.44 -8.06
N ASP D 1135 -62.76 61.06 -7.10
CA ASP D 1135 -62.17 61.28 -5.78
C ASP D 1135 -61.94 59.98 -5.04
N ASN D 1136 -62.86 59.02 -5.16
CA ASN D 1136 -62.69 57.75 -4.45
C ASN D 1136 -61.42 57.05 -4.90
N VAL D 1137 -61.05 57.19 -6.18
CA VAL D 1137 -59.81 56.58 -6.66
C VAL D 1137 -58.62 57.19 -5.93
N THR D 1138 -58.59 58.52 -5.82
CA THR D 1138 -57.48 59.16 -5.12
C THR D 1138 -57.44 58.74 -3.67
N GLU D 1139 -58.61 58.65 -3.01
CA GLU D 1139 -58.63 58.26 -1.61
C GLU D 1139 -58.12 56.83 -1.43
N SER D 1140 -58.56 55.92 -2.29
CA SER D 1140 -58.09 54.54 -2.19
C SER D 1140 -56.60 54.46 -2.47
N LEU D 1141 -56.11 55.25 -3.42
CA LEU D 1141 -54.70 55.23 -3.74
C LEU D 1141 -53.86 55.74 -2.57
N ARG D 1142 -54.31 56.82 -1.93
CA ARG D 1142 -53.62 57.30 -0.73
C ARG D 1142 -53.64 56.24 0.36
N ARG D 1143 -54.80 55.62 0.57
CA ARG D 1143 -54.93 54.64 1.63
C ARG D 1143 -54.00 53.45 1.41
N ILE D 1144 -53.93 52.97 0.17
CA ILE D 1144 -53.06 51.82 -0.11
C ILE D 1144 -51.60 52.21 -0.03
N THR D 1145 -51.27 53.47 -0.36
CA THR D 1145 -49.90 53.91 -0.18
C THR D 1145 -49.55 53.99 1.30
N ALA D 1146 -50.53 54.31 2.15
CA ALA D 1146 -50.26 54.42 3.58
C ALA D 1146 -49.77 53.10 4.15
N SER D 1147 -50.39 52.00 3.77
CA SER D 1147 -49.94 50.69 4.24
C SER D 1147 -48.54 50.41 3.72
N GLY D 1148 -47.71 49.81 4.57
CA GLY D 1148 -46.35 49.55 4.19
C GLY D 1148 -45.44 50.76 4.20
N GLY D 1149 -45.77 51.78 4.97
CA GLY D 1149 -44.94 52.96 5.08
C GLY D 1149 -44.98 53.51 6.49
N ARG D 1150 -43.98 54.33 6.81
CA ARG D 1150 -43.94 54.93 8.14
C ARG D 1150 -44.59 56.30 8.15
N LEU D 1151 -44.07 57.22 7.34
CA LEU D 1151 -44.52 58.61 7.36
C LEU D 1151 -45.65 58.79 6.37
N ASN D 1152 -46.79 59.25 6.88
CA ASN D 1152 -48.00 59.44 6.08
C ASN D 1152 -48.73 60.65 6.63
N PRO D 1153 -49.52 61.33 5.81
CA PRO D 1153 -50.37 62.39 6.35
C PRO D 1153 -51.34 61.83 7.37
N THR D 1154 -51.63 62.64 8.39
CA THR D 1154 -52.54 62.20 9.43
C THR D 1154 -53.93 61.98 8.85
N GLU D 1155 -54.66 61.05 9.44
CA GLU D 1155 -55.97 60.67 8.89
C GLU D 1155 -56.98 61.81 8.80
N PRO D 1156 -57.08 62.75 9.75
CA PRO D 1156 -58.10 63.81 9.60
C PRO D 1156 -57.91 64.66 8.35
N LEU D 1157 -56.71 64.66 7.77
CA LEU D 1157 -56.39 65.47 6.60
C LEU D 1157 -56.77 66.91 6.87
N PRO D 1158 -56.08 67.58 7.79
CA PRO D 1158 -56.50 68.93 8.19
C PRO D 1158 -56.40 69.90 7.02
N ILE D 1159 -57.54 70.39 6.56
CA ILE D 1159 -57.57 71.51 5.63
C ILE D 1159 -56.99 72.73 6.33
N PHE D 1160 -56.18 73.49 5.60
CA PHE D 1160 -55.36 74.55 6.19
C PHE D 1160 -54.45 73.99 7.28
N GLY D 1161 -53.50 73.16 6.85
CA GLY D 1161 -52.54 72.59 7.77
C GLY D 1161 -51.23 72.32 7.05
N GLY D 1162 -50.25 71.89 7.84
CA GLY D 1162 -48.97 71.49 7.30
C GLY D 1162 -48.92 70.09 6.74
N LEU D 1163 -49.98 69.30 6.93
CA LEU D 1163 -49.98 67.89 6.53
C LEU D 1163 -48.76 67.17 7.10
N ARG D 1164 -48.49 67.43 8.37
CA ARG D 1164 -47.32 66.88 9.02
C ARG D 1164 -47.54 65.40 9.32
N PRO D 1165 -46.49 64.59 9.34
CA PRO D 1165 -46.65 63.19 9.68
C PRO D 1165 -47.02 63.03 11.15
N ALA D 1166 -47.76 61.97 11.44
CA ALA D 1166 -48.17 61.72 12.82
C ALA D 1166 -46.96 61.38 13.67
N THR D 1167 -46.87 62.01 14.83
CA THR D 1167 -45.74 61.74 15.72
C THR D 1167 -45.80 60.32 16.24
N SER D 1168 -44.66 59.82 16.66
CA SER D 1168 -44.53 58.43 17.05
C SER D 1168 -43.98 58.33 18.47
N ALA D 1169 -43.71 57.10 18.90
CA ALA D 1169 -43.14 56.83 20.21
C ALA D 1169 -41.63 57.09 20.15
N GLY D 1170 -40.90 56.58 21.15
CA GLY D 1170 -39.49 56.89 21.24
C GLY D 1170 -38.72 56.46 20.01
N ILE D 1171 -37.59 57.13 19.78
CA ILE D 1171 -36.75 56.87 18.62
C ILE D 1171 -35.69 55.84 18.98
N ALA D 1172 -35.40 54.94 18.04
CA ALA D 1172 -34.53 53.81 18.33
C ALA D 1172 -33.05 54.17 18.20
N ARG D 1173 -32.62 54.52 17.00
CA ARG D 1173 -31.19 54.62 16.76
C ARG D 1173 -30.81 55.84 15.94
N GLY D 1174 -31.64 56.86 15.95
CA GLY D 1174 -31.31 58.13 15.33
C GLY D 1174 -32.40 58.60 14.39
N GLN D 1175 -32.16 59.78 13.84
CA GLN D 1175 -33.10 60.38 12.91
C GLN D 1175 -33.15 59.59 11.61
N ALA D 1176 -34.36 59.26 11.17
CA ALA D 1176 -34.52 58.48 9.95
C ALA D 1176 -34.37 59.39 8.73
N SER D 1177 -33.65 58.90 7.73
CA SER D 1177 -33.37 59.65 6.52
C SER D 1177 -34.24 59.14 5.40
N VAL D 1178 -34.93 60.05 4.73
CA VAL D 1178 -35.83 59.66 3.65
C VAL D 1178 -35.05 59.33 2.41
N CYS D 1179 -35.61 58.47 1.56
CA CYS D 1179 -35.00 58.07 0.30
C CYS D 1179 -35.97 58.39 -0.82
N GLU D 1180 -35.50 59.16 -1.79
CA GLU D 1180 -36.31 59.55 -2.94
C GLU D 1180 -36.00 58.63 -4.11
N PHE D 1181 -37.04 58.23 -4.84
CA PHE D 1181 -36.90 57.31 -5.96
C PHE D 1181 -36.99 58.08 -7.28
N VAL D 1182 -36.09 57.76 -8.20
CA VAL D 1182 -36.09 58.36 -9.54
C VAL D 1182 -36.22 57.24 -10.55
N ALA D 1183 -37.20 57.37 -11.45
CA ALA D 1183 -37.43 56.34 -12.45
C ALA D 1183 -36.32 56.33 -13.49
N MET D 1184 -36.12 55.17 -14.11
CA MET D 1184 -35.08 55.03 -15.12
C MET D 1184 -35.30 53.74 -15.90
N PRO D 1185 -34.80 53.63 -17.12
CA PRO D 1185 -35.00 52.41 -17.90
C PRO D 1185 -34.32 51.21 -17.25
N VAL D 1186 -34.89 50.03 -17.51
CA VAL D 1186 -34.37 48.81 -16.91
C VAL D 1186 -32.97 48.50 -17.44
N SER D 1187 -32.80 48.54 -18.75
CA SER D 1187 -31.50 48.23 -19.35
C SER D 1187 -30.61 49.45 -19.18
N THR D 1188 -30.14 49.63 -17.96
CA THR D 1188 -29.25 50.74 -17.64
C THR D 1188 -27.86 50.19 -17.37
N ASP D 1189 -26.86 50.82 -17.97
CA ASP D 1189 -25.49 50.36 -17.80
C ASP D 1189 -25.15 50.37 -16.32
N LEU D 1190 -24.97 49.19 -15.74
CA LEU D 1190 -24.74 49.08 -14.31
C LEU D 1190 -23.39 49.64 -13.89
N GLN D 1191 -22.40 49.64 -14.79
CA GLN D 1191 -21.06 50.08 -14.41
C GLN D 1191 -21.07 51.53 -13.96
N TYR D 1192 -22.00 52.33 -14.46
CA TYR D 1192 -22.03 53.75 -14.12
C TYR D 1192 -22.22 53.98 -12.62
N PHE D 1193 -22.80 53.02 -11.91
CA PHE D 1193 -23.06 53.19 -10.50
C PHE D 1193 -21.94 52.67 -9.60
N ARG D 1194 -20.89 52.10 -10.16
CA ARG D 1194 -19.80 51.58 -9.34
C ARG D 1194 -18.80 52.65 -8.96
N THR D 1195 -18.96 53.88 -9.44
CA THR D 1195 -18.11 54.97 -9.02
C THR D 1195 -18.98 56.13 -8.57
N ALA D 1196 -18.36 57.27 -8.27
CA ALA D 1196 -19.13 58.44 -7.87
C ALA D 1196 -19.94 58.90 -9.07
N CYS D 1197 -21.25 58.72 -9.00
CA CYS D 1197 -22.14 59.03 -10.11
C CYS D 1197 -23.01 60.24 -9.78
N ASN D 1198 -23.97 60.52 -10.64
CA ASN D 1198 -24.89 61.63 -10.52
C ASN D 1198 -26.30 61.16 -10.80
N PRO D 1199 -27.25 61.35 -9.88
CA PRO D 1199 -28.60 60.79 -10.10
C PRO D 1199 -29.26 61.27 -11.36
N ARG D 1200 -28.99 62.50 -11.79
CA ARG D 1200 -29.63 63.03 -12.98
C ARG D 1200 -29.27 62.23 -14.23
N GLY D 1201 -28.15 61.52 -14.20
CA GLY D 1201 -27.67 60.80 -15.35
C GLY D 1201 -26.75 61.61 -16.25
N ARG D 1202 -26.74 62.92 -16.12
CA ARG D 1202 -25.89 63.77 -16.94
C ARG D 1202 -25.25 64.81 -16.04
N ALA D 1203 -23.92 64.81 -15.98
CA ALA D 1203 -23.23 65.70 -15.06
C ALA D 1203 -23.51 67.15 -15.40
N SER D 1204 -23.62 67.97 -14.37
CA SER D 1204 -23.97 69.38 -14.54
C SER D 1204 -23.13 70.20 -13.57
N GLY D 1205 -23.49 71.48 -13.43
CA GLY D 1205 -22.79 72.36 -12.53
C GLY D 1205 -22.04 73.45 -13.25
N MET D 1206 -21.78 74.56 -12.56
CA MET D 1206 -21.07 75.69 -13.13
C MET D 1206 -19.61 75.37 -13.42
N LEU D 1207 -19.08 74.29 -12.84
CA LEU D 1207 -17.65 74.00 -12.86
C LEU D 1207 -17.08 73.86 -14.26
N TYR D 1208 -17.90 74.01 -15.30
CA TYR D 1208 -17.44 73.92 -16.68
C TYR D 1208 -17.87 75.20 -17.39
N MET D 1209 -16.89 75.96 -17.89
CA MET D 1209 -17.15 77.25 -18.52
C MET D 1209 -15.88 77.67 -19.24
N GLY D 1210 -15.87 78.90 -19.74
CA GLY D 1210 -14.67 79.44 -20.33
C GLY D 1210 -14.87 80.28 -21.58
N ASP D 1211 -16.03 80.16 -22.21
CA ASP D 1211 -16.26 80.84 -23.48
C ASP D 1211 -17.47 81.76 -23.47
N ARG D 1212 -18.55 81.37 -22.80
CA ARG D 1212 -19.77 82.17 -22.78
C ARG D 1212 -20.39 82.06 -21.38
N ASP D 1213 -21.38 82.92 -21.14
CA ASP D 1213 -22.05 82.99 -19.85
C ASP D 1213 -23.26 82.07 -19.75
N ALA D 1214 -24.11 82.06 -20.78
CA ALA D 1214 -25.32 81.24 -20.76
C ALA D 1214 -25.07 79.87 -21.39
N ASP D 1215 -24.02 79.20 -20.93
CA ASP D 1215 -23.71 77.83 -21.33
C ASP D 1215 -23.97 76.83 -20.22
N ILE D 1216 -24.27 77.31 -19.01
CA ILE D 1216 -24.70 76.43 -17.93
C ILE D 1216 -26.01 75.74 -18.27
N GLU D 1217 -26.89 76.41 -19.01
CA GLU D 1217 -28.11 75.78 -19.46
C GLU D 1217 -27.85 74.73 -20.52
N ALA D 1218 -26.91 74.98 -21.44
CA ALA D 1218 -26.60 73.99 -22.46
C ALA D 1218 -26.05 72.71 -21.85
N ILE D 1219 -25.16 72.84 -20.87
CA ILE D 1219 -24.59 71.65 -20.23
C ILE D 1219 -25.68 70.83 -19.56
N MET D 1220 -26.60 71.49 -18.87
CA MET D 1220 -27.49 70.79 -17.97
C MET D 1220 -28.73 70.23 -18.67
N PHE D 1221 -29.13 70.78 -19.80
CA PHE D 1221 -30.35 70.34 -20.46
C PHE D 1221 -30.25 70.09 -21.95
N ASP D 1222 -29.34 70.74 -22.67
CA ASP D 1222 -29.28 70.59 -24.12
C ASP D 1222 -28.77 69.21 -24.47
N HIS D 1223 -29.63 68.40 -25.09
CA HIS D 1223 -29.27 67.04 -25.47
C HIS D 1223 -28.85 66.93 -26.93
N THR D 1224 -28.73 68.04 -27.65
CA THR D 1224 -28.17 67.97 -28.99
C THR D 1224 -26.72 67.54 -28.95
N GLN D 1225 -25.95 68.07 -28.00
CA GLN D 1225 -24.55 67.71 -27.86
C GLN D 1225 -24.38 66.71 -26.72
N SER D 1226 -23.24 66.02 -26.75
CA SER D 1226 -23.03 64.89 -25.86
C SER D 1226 -22.86 65.35 -24.42
N ASP D 1227 -22.89 64.37 -23.52
CA ASP D 1227 -22.62 64.62 -22.12
C ASP D 1227 -21.20 65.10 -21.92
N VAL D 1228 -20.99 65.88 -20.86
CA VAL D 1228 -19.64 66.37 -20.57
C VAL D 1228 -18.75 65.28 -20.03
N ALA D 1229 -19.21 64.48 -19.07
CA ALA D 1229 -18.35 63.51 -18.42
C ALA D 1229 -18.14 62.26 -19.29
N TYR D 1230 -19.23 61.61 -19.68
CA TYR D 1230 -19.17 60.41 -20.52
C TYR D 1230 -19.38 60.86 -21.96
N THR D 1231 -18.28 61.02 -22.67
CA THR D 1231 -18.34 61.69 -23.96
C THR D 1231 -18.68 60.74 -25.10
N ASP D 1232 -19.72 59.94 -24.94
CA ASP D 1232 -20.23 59.14 -26.04
C ASP D 1232 -21.74 59.02 -26.03
N ARG D 1233 -22.43 59.66 -25.10
CA ARG D 1233 -23.87 59.50 -24.98
C ARG D 1233 -24.45 60.78 -24.41
N ALA D 1234 -25.74 61.00 -24.69
CA ALA D 1234 -26.38 62.23 -24.25
C ALA D 1234 -26.70 62.17 -22.76
N THR D 1235 -27.39 61.13 -22.32
CA THR D 1235 -27.76 61.00 -20.92
C THR D 1235 -27.99 59.53 -20.61
N LEU D 1236 -27.76 59.17 -19.35
CA LEU D 1236 -27.94 57.79 -18.95
C LEU D 1236 -29.41 57.40 -19.03
N ASN D 1237 -30.26 58.09 -18.27
CA ASN D 1237 -31.69 57.87 -18.38
C ASN D 1237 -32.36 59.10 -18.95
N PRO D 1238 -33.09 58.98 -20.05
CA PRO D 1238 -33.80 60.14 -20.61
C PRO D 1238 -35.16 60.39 -20.00
N TRP D 1239 -35.45 59.82 -18.84
CA TRP D 1239 -36.70 60.09 -18.14
C TRP D 1239 -36.55 61.12 -17.03
N ALA D 1240 -35.32 61.43 -16.63
CA ALA D 1240 -35.10 62.42 -15.58
C ALA D 1240 -33.94 63.34 -15.93
N SER D 1241 -33.81 63.72 -17.20
CA SER D 1241 -32.70 64.58 -17.60
C SER D 1241 -33.07 65.71 -18.54
N GLN D 1242 -34.17 65.63 -19.28
CA GLN D 1242 -34.51 66.71 -20.19
C GLN D 1242 -35.12 67.89 -19.44
N LYS D 1243 -35.45 68.93 -20.19
CA LYS D 1243 -35.94 70.16 -19.58
C LYS D 1243 -37.24 69.92 -18.82
N HIS D 1244 -38.13 69.12 -19.38
CA HIS D 1244 -39.42 68.87 -18.75
C HIS D 1244 -39.69 67.37 -18.64
N SER D 1245 -38.66 66.59 -18.34
CA SER D 1245 -38.86 65.17 -18.17
C SER D 1245 -39.61 64.90 -16.87
N TYR D 1246 -39.94 63.62 -16.66
CA TYR D 1246 -40.71 63.24 -15.48
C TYR D 1246 -39.96 63.58 -14.20
N GLY D 1247 -38.71 63.13 -14.10
CA GLY D 1247 -37.93 63.44 -12.92
C GLY D 1247 -37.79 64.93 -12.69
N ASP D 1248 -37.48 65.68 -13.74
CA ASP D 1248 -37.30 67.12 -13.58
C ASP D 1248 -38.59 67.79 -13.16
N ARG D 1249 -39.72 67.40 -13.77
CA ARG D 1249 -40.99 67.96 -13.34
C ARG D 1249 -41.33 67.59 -11.91
N LEU D 1250 -40.77 66.50 -11.41
CA LEU D 1250 -41.16 66.01 -10.09
C LEU D 1250 -40.28 66.54 -8.96
N TYR D 1251 -39.03 66.89 -9.25
CA TYR D 1251 -38.07 67.18 -8.20
C TYR D 1251 -37.42 68.56 -8.31
N ASN D 1252 -37.47 69.20 -9.47
CA ASN D 1252 -36.84 70.50 -9.60
C ASN D 1252 -37.51 71.52 -8.69
N GLY D 1253 -36.71 72.40 -8.11
CA GLY D 1253 -37.26 73.41 -7.22
C GLY D 1253 -37.98 74.53 -7.93
N THR D 1254 -37.67 74.77 -9.20
CA THR D 1254 -38.30 75.89 -9.92
C THR D 1254 -39.79 75.65 -10.12
N TYR D 1255 -40.17 74.45 -10.56
CA TYR D 1255 -41.57 74.16 -10.78
C TYR D 1255 -42.34 74.03 -9.48
N ASN D 1256 -41.66 73.76 -8.38
CA ASN D 1256 -42.24 73.84 -7.03
C ASN D 1256 -43.45 72.91 -6.91
N LEU D 1257 -43.21 71.62 -7.10
CA LEU D 1257 -44.28 70.65 -6.99
C LEU D 1257 -44.39 70.05 -5.60
N THR D 1258 -43.26 69.88 -4.93
CA THR D 1258 -43.23 69.29 -3.59
C THR D 1258 -43.19 70.36 -2.51
N GLY D 1259 -43.71 71.55 -2.83
CA GLY D 1259 -43.65 72.65 -1.88
C GLY D 1259 -44.40 72.35 -0.59
N ALA D 1260 -45.61 71.82 -0.70
CA ALA D 1260 -46.42 71.55 0.48
C ALA D 1260 -45.83 70.48 1.38
N SER D 1261 -44.89 69.69 0.88
CA SER D 1261 -44.34 68.59 1.65
C SER D 1261 -43.37 69.12 2.69
N PRO D 1262 -43.58 68.85 3.98
CA PRO D 1262 -42.64 69.32 5.00
C PRO D 1262 -41.41 68.45 5.15
N ILE D 1263 -41.33 67.32 4.47
CA ILE D 1263 -40.16 66.46 4.62
C ILE D 1263 -39.14 66.80 3.54
N TYR D 1264 -37.87 66.55 3.87
CA TYR D 1264 -36.77 66.91 3.02
C TYR D 1264 -36.74 66.04 1.77
N SER D 1265 -36.23 66.59 0.68
CA SER D 1265 -36.07 65.84 -0.56
C SER D 1265 -34.59 65.75 -0.88
N PRO D 1266 -33.93 64.62 -0.61
CA PRO D 1266 -32.47 64.58 -0.70
C PRO D 1266 -31.93 64.84 -2.08
N CYS D 1267 -32.73 64.66 -3.13
CA CYS D 1267 -32.28 64.90 -4.49
C CYS D 1267 -32.68 66.27 -5.00
N PHE D 1268 -33.14 67.16 -4.12
CA PHE D 1268 -33.53 68.49 -4.55
C PHE D 1268 -32.33 69.29 -5.04
N LYS D 1269 -31.16 69.09 -4.44
CA LYS D 1269 -30.01 69.88 -4.84
C LYS D 1269 -29.41 69.42 -6.15
N PHE D 1270 -29.75 68.22 -6.63
CA PHE D 1270 -29.16 67.73 -7.87
C PHE D 1270 -29.88 68.23 -9.11
N PHE D 1271 -31.15 68.60 -9.00
CA PHE D 1271 -31.93 69.00 -10.16
C PHE D 1271 -32.17 70.49 -10.27
N THR D 1272 -31.88 71.25 -9.23
CA THR D 1272 -32.16 72.69 -9.27
C THR D 1272 -30.93 73.43 -9.78
N PRO D 1273 -31.04 74.20 -10.85
CA PRO D 1273 -29.90 74.99 -11.32
C PRO D 1273 -29.63 76.13 -10.35
N ALA D 1274 -28.49 76.05 -9.67
CA ALA D 1274 -28.15 77.07 -8.68
C ALA D 1274 -27.91 78.42 -9.35
N GLU D 1275 -28.33 79.48 -8.68
CA GLU D 1275 -28.10 80.83 -9.17
C GLU D 1275 -26.61 81.13 -9.17
N VAL D 1276 -26.11 81.68 -10.27
CA VAL D 1276 -24.68 81.87 -10.46
C VAL D 1276 -24.42 83.23 -11.10
N ASN D 1277 -23.38 83.90 -10.62
CA ASN D 1277 -22.80 85.05 -11.28
C ASN D 1277 -21.45 84.63 -11.85
N THR D 1278 -21.10 85.13 -13.03
CA THR D 1278 -19.92 84.66 -13.75
C THR D 1278 -18.85 85.71 -13.88
N ASN D 1279 -18.86 86.76 -13.07
CA ASN D 1279 -17.85 87.81 -13.18
C ASN D 1279 -16.48 87.29 -12.80
N CYS D 1280 -16.40 86.51 -11.72
CA CYS D 1280 -15.13 85.98 -11.25
C CYS D 1280 -14.87 84.59 -11.83
N ASN D 1281 -13.62 84.15 -11.73
CA ASN D 1281 -13.22 82.92 -12.38
C ASN D 1281 -13.78 81.72 -11.64
N THR D 1282 -13.58 80.54 -12.23
CA THR D 1282 -14.19 79.33 -11.71
C THR D 1282 -13.59 78.90 -10.38
N LEU D 1283 -12.27 78.97 -10.25
CA LEU D 1283 -11.60 78.43 -9.06
C LEU D 1283 -11.98 79.21 -7.81
N ASP D 1284 -12.01 80.54 -7.89
CA ASP D 1284 -12.41 81.32 -6.73
C ASP D 1284 -13.83 80.95 -6.31
N ARG D 1285 -14.75 80.87 -7.27
CA ARG D 1285 -16.11 80.47 -6.92
C ARG D 1285 -16.14 79.09 -6.28
N LEU D 1286 -15.32 78.18 -6.80
CA LEU D 1286 -15.26 76.84 -6.24
C LEU D 1286 -14.85 76.91 -4.77
N LEU D 1287 -13.88 77.76 -4.45
CA LEU D 1287 -13.50 77.92 -3.05
C LEU D 1287 -14.60 78.58 -2.23
N MET D 1288 -15.32 79.55 -2.81
CA MET D 1288 -16.39 80.21 -2.07
C MET D 1288 -17.50 79.24 -1.71
N GLU D 1289 -17.89 78.39 -2.64
CA GLU D 1289 -18.89 77.39 -2.31
C GLU D 1289 -18.34 76.28 -1.43
N ALA D 1290 -17.02 76.25 -1.23
CA ALA D 1290 -16.40 75.18 -0.45
C ALA D 1290 -16.50 75.38 1.05
N LYS D 1291 -16.84 76.60 1.50
CA LYS D 1291 -16.96 76.84 2.93
C LYS D 1291 -18.12 76.02 3.50
N ALA D 1292 -18.24 76.04 4.82
CA ALA D 1292 -19.31 75.30 5.47
C ALA D 1292 -20.64 75.98 5.19
N VAL D 1293 -21.35 75.54 4.15
CA VAL D 1293 -22.63 76.16 3.81
C VAL D 1293 -23.65 75.84 4.89
N ALA D 1294 -24.66 76.70 5.02
CA ALA D 1294 -25.68 76.52 6.05
C ALA D 1294 -26.48 75.25 5.80
N SER D 1295 -26.94 74.64 6.88
CA SER D 1295 -27.66 73.38 6.81
C SER D 1295 -28.99 73.56 6.09
N GLN D 1296 -29.44 72.48 5.44
CA GLN D 1296 -30.70 72.47 4.71
C GLN D 1296 -31.54 71.27 5.12
N SER D 1297 -31.52 70.97 6.41
CA SER D 1297 -32.34 69.91 6.97
C SER D 1297 -32.65 70.27 8.41
N SER D 1298 -33.13 69.29 9.17
CA SER D 1298 -33.44 69.50 10.58
C SER D 1298 -32.70 68.46 11.41
N THR D 1299 -32.45 68.81 12.67
CA THR D 1299 -31.67 67.95 13.56
C THR D 1299 -32.48 67.37 14.72
N ASP D 1300 -33.40 68.15 15.29
CA ASP D 1300 -34.15 67.70 16.45
C ASP D 1300 -35.40 66.91 16.09
N THR D 1301 -35.74 66.82 14.81
CA THR D 1301 -36.98 66.15 14.41
C THR D 1301 -36.66 64.69 14.11
N GLU D 1302 -37.68 63.84 14.10
CA GLU D 1302 -37.52 62.41 13.89
C GLU D 1302 -37.64 62.01 12.42
N TYR D 1303 -37.80 62.96 11.49
CA TYR D 1303 -38.06 62.57 10.11
C TYR D 1303 -37.32 63.40 9.08
N GLN D 1304 -36.35 64.23 9.48
CA GLN D 1304 -35.55 65.02 8.55
C GLN D 1304 -36.44 65.94 7.70
N PHE D 1305 -37.07 66.88 8.39
CA PHE D 1305 -37.91 67.86 7.72
C PHE D 1305 -37.06 68.88 6.96
N LYS D 1306 -37.74 69.81 6.31
CA LYS D 1306 -37.05 70.89 5.62
C LYS D 1306 -36.35 71.78 6.64
N ARG D 1307 -35.52 72.68 6.12
CA ARG D 1307 -34.76 73.58 6.98
C ARG D 1307 -35.71 74.49 7.73
N PRO D 1308 -35.73 74.45 9.07
CA PRO D 1308 -36.66 75.29 9.82
C PRO D 1308 -36.23 76.74 9.81
N PRO D 1309 -37.18 77.67 9.71
CA PRO D 1309 -36.81 79.10 9.70
C PRO D 1309 -36.10 79.49 10.98
N GLY D 1310 -35.09 80.36 10.83
CA GLY D 1310 -34.36 80.88 11.95
C GLY D 1310 -33.26 79.98 12.51
N SER D 1311 -33.01 78.83 11.89
CA SER D 1311 -31.96 77.93 12.36
C SER D 1311 -30.69 78.20 11.56
N THR D 1312 -29.61 78.54 12.27
CA THR D 1312 -28.33 78.86 11.66
C THR D 1312 -27.30 77.82 12.12
N GLU D 1313 -27.20 76.72 11.39
CA GLU D 1313 -26.21 75.69 11.66
C GLU D 1313 -25.30 75.57 10.45
N MET D 1314 -24.00 75.60 10.70
CA MET D 1314 -23.00 75.73 9.65
C MET D 1314 -22.30 74.39 9.47
N THR D 1315 -22.51 73.75 8.32
CA THR D 1315 -22.03 72.40 8.08
C THR D 1315 -21.30 72.32 6.75
N GLN D 1316 -20.09 71.77 6.75
CA GLN D 1316 -19.39 71.52 5.50
C GLN D 1316 -20.16 70.50 4.67
N ASP D 1317 -20.12 70.66 3.35
CA ASP D 1317 -20.96 69.91 2.43
C ASP D 1317 -20.10 69.48 1.26
N PRO D 1318 -19.55 68.27 1.28
CA PRO D 1318 -18.98 67.71 0.06
C PRO D 1318 -20.06 67.08 -0.80
N CYS D 1319 -19.65 66.63 -1.98
CA CYS D 1319 -20.55 66.03 -2.97
C CYS D 1319 -21.82 66.85 -3.17
N GLY D 1320 -21.74 68.15 -2.86
CA GLY D 1320 -22.82 69.07 -3.13
C GLY D 1320 -22.32 70.18 -4.02
N LEU D 1321 -21.02 70.46 -3.90
CA LEU D 1321 -20.35 71.38 -4.81
C LEU D 1321 -19.78 70.67 -6.03
N PHE D 1322 -19.80 69.34 -6.05
CA PHE D 1322 -19.42 68.58 -7.23
C PHE D 1322 -20.61 67.93 -7.92
N GLN D 1323 -21.81 68.04 -7.35
CA GLN D 1323 -23.01 67.48 -7.94
C GLN D 1323 -22.83 65.98 -8.20
N GLU D 1324 -22.45 65.26 -7.15
CA GLU D 1324 -22.18 63.83 -7.26
C GLU D 1324 -22.60 63.12 -5.99
N ALA D 1325 -22.74 61.81 -6.08
CA ALA D 1325 -23.12 60.97 -4.95
C ALA D 1325 -22.25 59.73 -4.93
N TYR D 1326 -22.00 59.19 -3.75
CA TYR D 1326 -21.13 58.04 -3.60
C TYR D 1326 -21.96 56.79 -3.35
N PRO D 1327 -21.73 55.69 -4.05
CA PRO D 1327 -22.53 54.49 -3.85
C PRO D 1327 -21.99 53.68 -2.69
N PRO D 1328 -22.86 53.26 -1.76
CA PRO D 1328 -22.38 52.48 -0.62
C PRO D 1328 -22.41 51.00 -0.90
N LEU D 1329 -21.95 50.20 0.05
CA LEU D 1329 -21.92 48.75 -0.12
C LEU D 1329 -23.35 48.23 -0.21
N CYS D 1330 -23.76 47.84 -1.41
CA CYS D 1330 -25.11 47.36 -1.64
C CYS D 1330 -25.06 46.14 -2.54
N SER D 1331 -26.10 45.31 -2.45
CA SER D 1331 -26.20 44.14 -3.30
C SER D 1331 -27.64 43.80 -3.55
N SER D 1332 -27.87 43.05 -4.62
CA SER D 1332 -29.21 42.61 -4.94
C SER D 1332 -29.57 41.27 -4.29
N ASP D 1333 -28.66 40.67 -3.55
CA ASP D 1333 -28.98 39.43 -2.86
C ASP D 1333 -28.17 39.34 -1.56
N ALA D 1334 -28.88 39.11 -0.47
CA ALA D 1334 -28.23 39.00 0.83
C ALA D 1334 -27.30 37.80 0.91
N ALA D 1335 -27.42 36.84 0.00
CA ALA D 1335 -26.53 35.69 0.03
C ALA D 1335 -25.08 36.08 -0.24
N MET D 1336 -24.83 36.91 -1.25
CA MET D 1336 -23.46 37.27 -1.57
C MET D 1336 -22.96 38.47 -0.79
N LEU D 1337 -23.82 39.10 0.01
CA LEU D 1337 -23.39 40.24 0.79
C LEU D 1337 -22.37 39.87 1.86
N ARG D 1338 -22.21 38.58 2.15
CA ARG D 1338 -21.28 38.12 3.16
C ARG D 1338 -20.67 36.80 2.71
N THR D 1339 -19.39 36.62 3.01
CA THR D 1339 -18.69 35.38 2.69
C THR D 1339 -18.58 34.51 3.92
N ALA D 1340 -18.33 33.22 3.69
CA ALA D 1340 -18.23 32.25 4.78
C ALA D 1340 -16.77 32.04 5.17
N HIS D 1341 -16.23 33.06 5.85
CA HIS D 1341 -14.86 32.97 6.34
C HIS D 1341 -14.66 33.57 7.73
N ALA D 1342 -15.73 33.99 8.41
CA ALA D 1342 -15.65 34.61 9.73
C ALA D 1342 -14.78 35.88 9.68
N GLY D 1343 -15.23 36.84 8.88
CA GLY D 1343 -14.45 38.04 8.65
C GLY D 1343 -15.05 38.99 7.65
N GLU D 1344 -14.23 39.41 6.69
CA GLU D 1344 -14.64 40.39 5.69
C GLU D 1344 -15.89 39.94 4.95
N THR D 1345 -16.55 40.90 4.31
CA THR D 1345 -17.75 40.66 3.52
C THR D 1345 -17.37 40.16 2.13
N GLY D 1346 -18.38 39.67 1.41
CA GLY D 1346 -18.16 39.21 0.06
C GLY D 1346 -17.75 40.35 -0.87
N ALA D 1347 -17.14 39.97 -1.99
CA ALA D 1347 -16.66 40.97 -2.94
C ALA D 1347 -16.89 40.57 -4.40
N ASP D 1348 -17.60 39.47 -4.67
CA ASP D 1348 -17.87 39.09 -6.04
C ASP D 1348 -18.75 40.13 -6.72
N GLU D 1349 -18.55 40.34 -8.01
CA GLU D 1349 -19.22 41.46 -8.66
C GLU D 1349 -20.61 41.09 -9.14
N VAL D 1350 -20.70 40.13 -10.05
CA VAL D 1350 -21.98 39.68 -10.59
C VAL D 1350 -21.98 38.16 -10.66
N HIS D 1351 -23.01 37.54 -10.10
CA HIS D 1351 -23.03 36.08 -10.03
C HIS D 1351 -23.78 35.47 -11.22
N LEU D 1352 -25.08 35.70 -11.30
CA LEU D 1352 -25.83 35.27 -12.47
C LEU D 1352 -26.60 36.41 -13.11
N ALA D 1353 -27.47 37.07 -12.34
CA ALA D 1353 -28.11 38.31 -12.74
C ALA D 1353 -28.20 39.31 -11.61
N GLN D 1354 -27.73 38.96 -10.41
CA GLN D 1354 -27.68 39.87 -9.29
C GLN D 1354 -26.46 40.77 -9.42
N TYR D 1355 -26.14 41.52 -8.37
CA TYR D 1355 -24.96 42.36 -8.39
C TYR D 1355 -24.54 42.72 -6.98
N LEU D 1356 -23.28 43.13 -6.85
CA LEU D 1356 -22.70 43.56 -5.59
C LEU D 1356 -21.83 44.78 -5.87
N ILE D 1357 -22.31 45.96 -5.49
CA ILE D 1357 -21.58 47.19 -5.73
C ILE D 1357 -20.63 47.41 -4.56
N ARG D 1358 -19.33 47.33 -4.82
CA ARG D 1358 -18.38 47.58 -3.76
C ARG D 1358 -18.46 49.03 -3.30
N ASP D 1359 -18.22 49.23 -2.01
CA ASP D 1359 -18.30 50.57 -1.45
C ASP D 1359 -17.19 51.44 -2.02
N ALA D 1360 -17.55 52.64 -2.44
CA ALA D 1360 -16.60 53.62 -2.92
C ALA D 1360 -16.72 54.95 -2.21
N SER D 1361 -17.62 55.06 -1.23
CA SER D 1361 -17.76 56.28 -0.47
C SER D 1361 -16.53 56.49 0.40
N PRO D 1362 -16.32 57.71 0.90
CA PRO D 1362 -15.16 57.95 1.77
C PRO D 1362 -15.15 57.10 3.02
N LEU D 1363 -16.28 56.51 3.40
CA LEU D 1363 -16.36 55.69 4.61
C LEU D 1363 -16.02 54.25 4.27
N ARG D 1364 -14.78 54.04 3.83
CA ARG D 1364 -14.36 52.69 3.51
C ARG D 1364 -14.04 51.87 4.76
N GLY D 1365 -13.22 52.42 5.65
CA GLY D 1365 -12.75 51.72 6.82
C GLY D 1365 -13.43 52.08 8.13
N CYS D 1366 -14.59 52.73 8.10
CA CYS D 1366 -15.34 53.09 9.28
C CYS D 1366 -16.70 52.40 9.22
N LEU D 1367 -17.61 52.80 10.11
CA LEU D 1367 -18.98 52.26 10.13
C LEU D 1367 -18.97 50.75 10.24
N PRO D 1368 -18.73 50.20 11.43
CA PRO D 1368 -18.48 48.77 11.57
C PRO D 1368 -19.63 47.94 11.02
N LEU D 1369 -19.28 46.81 10.40
CA LEU D 1369 -20.24 45.98 9.69
C LEU D 1369 -20.68 44.80 10.55
N PRO E 1 37.97 100.65 -49.10
CA PRO E 1 38.27 101.86 -48.33
C PRO E 1 38.95 101.51 -47.02
N ALA E 2 40.25 101.20 -47.12
CA ALA E 2 40.98 100.74 -45.95
C ALA E 2 40.99 101.79 -44.84
N GLY E 3 41.20 103.05 -45.21
CA GLY E 3 41.23 104.12 -44.24
C GLY E 3 42.57 104.37 -43.59
N ILE E 4 43.57 103.51 -43.85
CA ILE E 4 44.88 103.75 -43.30
C ILE E 4 45.50 104.98 -43.96
N ILE E 5 46.54 105.51 -43.33
CA ILE E 5 47.20 106.70 -43.87
C ILE E 5 47.79 106.36 -45.23
N PRO E 6 47.56 107.18 -46.26
CA PRO E 6 48.07 106.85 -47.59
C PRO E 6 49.59 106.80 -47.61
N THR E 7 50.13 105.91 -48.44
CA THR E 7 51.57 105.76 -48.54
C THR E 7 52.18 106.87 -49.40
N GLY E 8 51.60 107.11 -50.56
CA GLY E 8 52.10 108.14 -51.45
C GLY E 8 50.97 108.78 -52.22
N ASN E 9 51.12 110.07 -52.49
CA ASN E 9 50.13 110.80 -53.25
C ASN E 9 50.28 110.48 -54.73
N VAL E 10 49.15 110.35 -55.41
CA VAL E 10 49.10 110.07 -56.85
C VAL E 10 49.05 111.41 -57.58
N LEU E 11 49.84 111.51 -58.65
CA LEU E 11 49.98 112.76 -59.37
C LEU E 11 48.96 112.93 -60.49
N SER E 12 48.70 111.86 -61.25
CA SER E 12 47.81 111.98 -62.39
C SER E 12 46.37 112.15 -61.95
N THR E 13 45.67 113.09 -62.57
CA THR E 13 44.25 113.31 -62.36
C THR E 13 43.59 113.17 -63.72
N ILE E 14 43.26 111.92 -64.09
CA ILE E 14 42.62 111.64 -65.36
C ILE E 14 41.41 110.75 -65.09
N GLU E 15 40.52 110.70 -66.08
CA GLU E 15 39.28 109.96 -65.98
C GLU E 15 39.61 108.47 -66.02
N VAL E 16 39.61 107.83 -64.85
CA VAL E 16 40.08 106.46 -64.75
C VAL E 16 39.12 105.49 -65.43
N CYS E 17 37.83 105.80 -65.44
CA CYS E 17 36.84 104.84 -65.93
C CYS E 17 37.02 104.53 -67.41
N ALA E 18 37.71 105.39 -68.16
CA ALA E 18 38.03 105.06 -69.54
C ALA E 18 38.96 103.85 -69.60
N HIS E 19 40.06 103.90 -68.85
CA HIS E 19 41.04 102.83 -68.81
C HIS E 19 40.69 101.90 -67.65
N ARG E 20 39.55 101.26 -67.76
CA ARG E 20 39.09 100.31 -66.76
C ARG E 20 39.69 98.92 -66.96
N CYS E 21 40.13 98.59 -68.16
CA CYS E 21 40.68 97.27 -68.46
C CYS E 21 42.08 97.06 -67.89
N ILE E 22 42.54 97.95 -67.02
CA ILE E 22 43.77 97.73 -66.26
C ILE E 22 43.30 97.49 -64.83
N PHE E 23 44.22 97.20 -63.93
CA PHE E 23 43.90 96.87 -62.54
C PHE E 23 43.16 95.55 -62.52
N ASP E 24 42.64 95.16 -61.35
CA ASP E 24 41.95 93.88 -61.25
C ASP E 24 40.57 94.05 -60.68
N PHE E 25 40.35 95.11 -59.92
CA PHE E 25 39.06 95.34 -59.28
C PHE E 25 38.76 96.82 -59.33
N PHE E 26 37.79 97.20 -60.16
CA PHE E 26 37.43 98.59 -60.37
C PHE E 26 36.04 98.81 -59.81
N LYS E 27 35.95 99.60 -58.74
CA LYS E 27 34.68 99.94 -58.12
C LYS E 27 34.51 101.45 -58.14
N GLN E 28 33.46 101.92 -58.81
CA GLN E 28 33.14 103.33 -58.89
C GLN E 28 31.85 103.59 -58.13
N ILE E 29 31.86 104.61 -57.28
CA ILE E 29 30.68 104.98 -56.50
C ILE E 29 30.44 106.46 -56.64
N ARG E 30 29.17 106.85 -56.50
CA ARG E 30 28.79 108.26 -56.52
C ARG E 30 29.18 108.85 -55.16
N SER E 31 28.81 110.11 -54.91
CA SER E 31 29.28 110.93 -53.81
C SER E 31 29.41 110.16 -52.48
N ASP E 32 28.51 109.22 -52.25
CA ASP E 32 28.64 108.34 -51.10
C ASP E 32 27.80 107.10 -51.36
N ASP E 33 28.04 106.08 -50.54
CA ASP E 33 27.29 104.83 -50.67
C ASP E 33 27.12 104.22 -49.29
N ASN E 34 26.05 103.45 -49.13
CA ASN E 34 25.75 102.87 -47.84
C ASN E 34 26.67 101.69 -47.51
N SER E 35 27.37 101.14 -48.49
CA SER E 35 28.21 99.98 -48.24
C SER E 35 29.60 100.34 -47.73
N LEU E 36 29.96 101.62 -47.69
CA LEU E 36 31.27 102.00 -47.20
C LEU E 36 31.41 101.86 -45.69
N TYR E 37 30.30 101.78 -44.96
CA TYR E 37 30.32 101.76 -43.50
C TYR E 37 29.86 100.39 -43.02
N SER E 38 30.80 99.45 -42.97
CA SER E 38 30.54 98.13 -42.41
C SER E 38 31.73 97.75 -41.56
N ALA E 39 31.47 97.33 -40.32
CA ALA E 39 32.54 97.00 -39.38
C ALA E 39 32.46 95.56 -38.89
N GLN E 40 31.76 94.69 -39.59
CA GLN E 40 31.69 93.30 -39.17
C GLN E 40 33.07 92.66 -39.22
N PHE E 41 33.34 91.81 -38.24
CA PHE E 41 34.62 91.13 -38.15
C PHE E 41 34.39 89.76 -37.53
N ASP E 42 35.46 88.99 -37.42
CA ASP E 42 35.43 87.69 -36.77
C ASP E 42 36.42 87.70 -35.62
N ILE E 43 35.98 87.16 -34.49
CA ILE E 43 36.77 87.15 -33.27
C ILE E 43 37.06 85.71 -32.88
N LEU E 44 38.32 85.43 -32.56
CA LEU E 44 38.73 84.15 -32.01
C LEU E 44 38.77 84.29 -30.50
N LEU E 45 37.92 83.53 -29.81
CA LEU E 45 37.69 83.72 -28.38
C LEU E 45 38.63 82.88 -27.53
N GLY E 46 39.81 82.55 -28.03
CA GLY E 46 40.75 81.78 -27.27
C GLY E 46 40.81 80.33 -27.72
N THR E 47 41.88 79.66 -27.37
CA THR E 47 42.09 78.27 -27.73
C THR E 47 42.33 77.45 -26.48
N TYR E 48 41.91 76.19 -26.52
CA TYR E 48 42.03 75.28 -25.39
C TYR E 48 42.75 74.03 -25.82
N CYS E 49 43.75 73.63 -25.05
CA CYS E 49 44.49 72.39 -25.29
C CYS E 49 44.65 71.67 -23.97
N ASN E 50 44.80 70.35 -24.04
CA ASN E 50 44.92 69.53 -22.84
C ASN E 50 46.30 68.90 -22.77
N THR E 51 46.73 68.61 -21.56
CA THR E 51 48.01 67.95 -21.29
C THR E 51 47.72 66.56 -20.77
N LEU E 52 48.29 65.56 -21.42
CA LEU E 52 48.07 64.18 -20.99
C LEU E 52 48.65 63.95 -19.61
N ASN E 53 48.01 63.04 -18.87
CA ASN E 53 48.53 62.60 -17.58
C ASN E 53 49.32 61.31 -17.81
N PHE E 54 50.62 61.36 -17.50
CA PHE E 54 51.50 60.24 -17.75
C PHE E 54 51.43 59.27 -16.57
N VAL E 55 51.19 58.00 -16.88
CA VAL E 55 51.11 56.95 -15.87
C VAL E 55 52.48 56.34 -15.72
N ARG E 56 52.87 56.06 -14.48
CA ARG E 56 54.09 55.32 -14.20
C ARG E 56 53.72 53.93 -13.70
N PHE E 57 54.35 52.92 -14.29
CA PHE E 57 53.92 51.55 -14.07
C PHE E 57 53.99 51.17 -12.61
N LEU E 58 55.01 51.65 -11.90
CA LEU E 58 55.17 51.27 -10.51
C LEU E 58 54.04 51.81 -9.65
N GLU E 59 53.55 53.03 -9.94
CA GLU E 59 52.49 53.58 -9.12
C GLU E 59 51.23 52.75 -9.20
N LEU E 60 50.99 52.08 -10.33
CA LEU E 60 49.81 51.23 -10.43
C LEU E 60 49.89 50.10 -9.42
N GLY E 61 48.72 49.70 -8.93
CA GLY E 61 48.66 48.56 -8.03
C GLY E 61 48.99 47.25 -8.68
N LEU E 62 48.96 47.18 -10.01
CA LEU E 62 49.29 45.95 -10.72
C LEU E 62 50.76 45.60 -10.60
N SER E 63 51.63 46.57 -10.33
CA SER E 63 53.06 46.32 -10.31
C SER E 63 53.46 45.31 -9.24
N VAL E 64 52.63 45.11 -8.22
CA VAL E 64 52.96 44.17 -7.16
C VAL E 64 52.96 42.73 -7.64
N ALA E 65 52.41 42.46 -8.81
CA ALA E 65 52.34 41.10 -9.32
C ALA E 65 53.58 40.68 -10.10
N CYS E 66 54.53 41.59 -10.33
CA CYS E 66 55.69 41.23 -11.12
C CYS E 66 56.92 41.90 -10.52
N ILE E 67 58.05 41.19 -10.62
CA ILE E 67 59.34 41.70 -10.20
C ILE E 67 60.11 42.06 -11.45
N CYS E 68 60.22 43.35 -11.73
CA CYS E 68 60.87 43.84 -12.93
C CYS E 68 62.37 43.91 -12.71
N THR E 69 63.14 43.63 -13.78
CA THR E 69 64.59 43.69 -13.70
C THR E 69 65.14 44.14 -15.04
N LYS E 70 65.94 45.20 -15.02
CA LYS E 70 66.52 45.72 -16.25
C LYS E 70 67.67 44.83 -16.70
N PHE E 71 67.77 44.63 -18.01
CA PHE E 71 68.75 43.72 -18.57
C PHE E 71 69.10 44.17 -19.98
N PRO E 72 70.13 45.01 -20.13
CA PRO E 72 70.38 45.65 -21.44
C PRO E 72 70.61 44.68 -22.58
N GLU E 73 71.27 43.56 -22.33
CA GLU E 73 71.61 42.63 -23.40
C GLU E 73 70.59 41.50 -23.55
N LEU E 74 69.32 41.85 -23.62
CA LEU E 74 68.32 40.83 -23.82
C LEU E 74 68.13 40.50 -25.29
N ALA E 75 68.69 41.29 -26.20
CA ALA E 75 68.73 40.89 -27.60
C ALA E 75 69.66 39.71 -27.83
N TYR E 76 70.35 39.26 -26.79
CA TYR E 76 71.37 38.23 -26.92
C TYR E 76 71.07 36.97 -26.12
N VAL E 77 69.84 36.53 -26.06
CA VAL E 77 69.51 35.32 -25.32
C VAL E 77 68.63 34.44 -26.18
N ARG E 78 68.95 33.15 -26.25
CA ARG E 78 68.08 32.23 -26.96
C ARG E 78 66.96 31.71 -26.08
N ASP E 79 67.29 31.12 -24.95
CA ASP E 79 66.33 30.58 -23.99
C ASP E 79 66.93 30.59 -22.60
N GLY E 80 66.67 31.63 -21.81
CA GLY E 80 67.00 31.59 -20.41
C GLY E 80 66.06 30.66 -19.69
N VAL E 81 66.52 30.13 -18.55
CA VAL E 81 65.79 29.09 -17.84
C VAL E 81 65.86 29.33 -16.33
N ILE E 82 65.02 28.62 -15.57
CA ILE E 82 65.03 28.71 -14.12
C ILE E 82 65.09 27.31 -13.51
N GLN E 83 65.72 27.23 -12.34
CA GLN E 83 65.82 25.99 -11.58
C GLN E 83 64.98 26.04 -10.32
N PHE E 84 64.74 24.87 -9.75
CA PHE E 84 64.11 24.74 -8.45
C PHE E 84 64.69 23.53 -7.74
N GLU E 85 64.73 23.59 -6.41
CA GLU E 85 65.00 22.41 -5.58
C GLU E 85 63.92 22.38 -4.50
N VAL E 86 62.77 21.82 -4.82
CA VAL E 86 61.65 21.76 -3.90
C VAL E 86 61.56 20.34 -3.37
N GLN E 87 61.35 20.21 -2.07
CA GLN E 87 61.43 18.94 -1.37
C GLN E 87 60.15 18.67 -0.59
N GLN E 88 60.06 17.47 -0.03
CA GLN E 88 58.88 17.01 0.68
C GLN E 88 59.26 16.07 1.81
N PRO E 89 58.85 16.37 3.04
CA PRO E 89 59.12 15.50 4.17
C PRO E 89 58.10 14.37 4.25
N MET E 90 58.18 13.58 5.34
CA MET E 90 57.43 12.34 5.39
C MET E 90 56.83 12.03 6.75
N ILE E 91 56.29 10.82 6.82
CA ILE E 91 55.25 10.37 7.73
C ILE E 91 55.27 8.84 7.55
N ALA E 92 54.76 8.08 8.52
CA ALA E 92 54.88 6.61 8.48
C ALA E 92 53.55 5.90 8.75
N ARG E 93 53.35 4.72 8.13
CA ARG E 93 52.14 3.88 8.26
C ARG E 93 52.43 2.56 8.93
N ASP E 94 51.46 2.10 9.71
CA ASP E 94 51.46 0.84 10.45
C ASP E 94 51.03 -0.31 9.53
N GLY E 95 51.19 -1.53 10.03
CA GLY E 95 50.79 -2.69 9.28
C GLY E 95 51.76 -2.96 8.16
N PRO E 96 51.32 -3.70 7.15
CA PRO E 96 52.18 -4.06 6.02
C PRO E 96 52.32 -2.91 5.04
N HIS E 97 52.58 -1.72 5.56
CA HIS E 97 52.54 -0.51 4.79
C HIS E 97 53.97 -0.08 4.46
N PRO E 98 54.30 0.06 3.19
CA PRO E 98 55.71 0.13 2.80
C PRO E 98 56.43 1.29 3.46
N VAL E 99 57.67 1.04 3.84
CA VAL E 99 58.55 2.14 4.22
C VAL E 99 58.68 3.08 3.03
N ASP E 100 58.18 4.29 3.17
CA ASP E 100 58.13 5.22 2.06
C ASP E 100 59.08 6.40 2.26
N GLN E 101 59.56 6.90 1.12
CA GLN E 101 60.76 7.73 1.04
C GLN E 101 60.42 9.17 0.73
N PRO E 102 60.93 10.13 1.52
CA PRO E 102 60.84 11.52 1.08
C PRO E 102 61.59 11.72 -0.22
N VAL E 103 61.23 12.77 -0.93
CA VAL E 103 61.72 12.94 -2.29
C VAL E 103 62.24 14.35 -2.45
N HIS E 104 63.29 14.47 -3.26
CA HIS E 104 63.83 15.75 -3.66
C HIS E 104 63.46 15.97 -5.11
N ASN E 105 62.81 17.10 -5.39
CA ASN E 105 62.31 17.38 -6.73
C ASN E 105 63.09 18.53 -7.32
N TYR E 106 63.60 18.32 -8.53
CA TYR E 106 64.33 19.36 -9.26
C TYR E 106 63.55 19.71 -10.52
N MET E 107 63.16 20.97 -10.64
CA MET E 107 62.31 21.43 -11.72
C MET E 107 62.99 22.58 -12.45
N VAL E 108 62.76 22.65 -13.76
CA VAL E 108 63.34 23.70 -14.60
C VAL E 108 62.27 24.24 -15.54
N LYS E 109 62.06 25.55 -15.49
CA LYS E 109 61.27 26.28 -16.48
C LYS E 109 62.21 27.12 -17.33
N ARG E 110 61.65 27.82 -18.30
CA ARG E 110 62.43 28.58 -19.27
C ARG E 110 61.81 29.95 -19.46
N ILE E 111 62.62 30.92 -19.93
CA ILE E 111 62.06 32.24 -20.19
C ILE E 111 61.32 32.21 -21.53
N HIS E 112 60.58 33.28 -21.78
CA HIS E 112 59.86 33.47 -23.02
C HIS E 112 60.01 34.92 -23.45
N LYS E 113 60.38 35.14 -24.71
CA LYS E 113 60.72 36.47 -25.19
C LYS E 113 59.55 37.10 -25.94
N ARG E 114 59.28 38.36 -25.63
CA ARG E 114 58.28 39.16 -26.32
C ARG E 114 58.85 40.54 -26.57
N SER E 115 58.08 41.38 -27.26
CA SER E 115 58.55 42.71 -27.60
C SER E 115 57.38 43.68 -27.61
N LEU E 116 57.70 44.96 -27.51
CA LEU E 116 56.73 46.04 -27.58
C LEU E 116 57.14 47.02 -28.66
N SER E 117 56.17 47.50 -29.42
CA SER E 117 56.44 48.40 -30.53
C SER E 117 55.48 49.58 -30.50
N ALA E 118 55.96 50.71 -30.98
CA ALA E 118 55.13 51.89 -31.15
C ALA E 118 55.67 52.69 -32.32
N ALA E 119 54.78 53.43 -32.97
CA ALA E 119 55.14 54.20 -34.14
C ALA E 119 55.14 55.68 -33.83
N PHE E 120 55.82 56.44 -34.68
CA PHE E 120 56.01 57.87 -34.47
C PHE E 120 56.44 58.46 -35.79
N ALA E 121 55.57 59.23 -36.43
CA ALA E 121 55.84 59.75 -37.77
C ALA E 121 56.30 61.19 -37.70
N ILE E 122 57.02 61.62 -38.73
CA ILE E 122 57.41 63.01 -38.89
C ILE E 122 57.11 63.43 -40.31
N ALA E 123 56.48 64.59 -40.47
CA ALA E 123 56.14 65.08 -41.80
C ALA E 123 57.39 65.51 -42.54
N SER E 124 57.34 65.42 -43.88
CA SER E 124 58.50 65.73 -44.70
C SER E 124 58.93 67.18 -44.53
N GLU E 125 57.97 68.10 -44.51
CA GLU E 125 58.30 69.51 -44.33
C GLU E 125 59.01 69.75 -43.01
N ALA E 126 58.67 68.98 -41.98
CA ALA E 126 59.39 69.08 -40.71
C ALA E 126 60.86 68.70 -40.88
N LEU E 127 61.13 67.62 -41.62
CA LEU E 127 62.51 67.25 -41.88
C LEU E 127 63.23 68.34 -42.64
N SER E 128 62.58 68.93 -43.65
CA SER E 128 63.20 70.00 -44.41
C SER E 128 63.52 71.19 -43.54
N LEU E 129 62.60 71.56 -42.64
CA LEU E 129 62.85 72.68 -41.74
C LEU E 129 63.97 72.38 -40.77
N LEU E 130 64.07 71.14 -40.30
CA LEU E 130 65.14 70.77 -39.39
C LEU E 130 66.45 70.47 -40.12
N SER E 131 66.46 70.53 -41.45
CA SER E 131 67.62 70.22 -42.25
C SER E 131 68.15 71.44 -43.01
N ASN E 132 68.27 72.57 -42.31
CA ASN E 132 68.63 73.82 -42.98
C ASN E 132 70.11 73.87 -43.36
N THR E 133 71.00 73.40 -42.47
CA THR E 133 72.45 73.57 -42.59
C THR E 133 72.83 75.06 -42.69
N TYR E 134 72.34 75.83 -41.72
CA TYR E 134 72.76 77.23 -41.52
C TYR E 134 72.49 78.09 -42.76
N VAL E 135 71.38 77.81 -43.43
CA VAL E 135 71.00 78.59 -44.61
C VAL E 135 69.83 79.52 -44.36
N ASP E 136 69.07 79.36 -43.28
CA ASP E 136 67.91 80.17 -43.01
C ASP E 136 68.12 80.94 -41.70
N GLY E 137 67.05 81.57 -41.22
CA GLY E 137 67.16 82.45 -40.07
C GLY E 137 66.34 83.71 -40.27
N THR E 138 65.51 83.72 -41.31
CA THR E 138 64.54 84.79 -41.47
C THR E 138 63.47 84.69 -40.38
N GLU E 139 62.76 85.80 -40.17
CA GLU E 139 61.83 85.88 -39.05
C GLU E 139 60.63 84.96 -39.19
N ILE E 140 60.36 84.45 -40.39
CA ILE E 140 59.16 83.63 -40.58
C ILE E 140 59.54 82.16 -40.47
N ASP E 141 60.79 81.83 -40.80
CA ASP E 141 61.21 80.43 -40.72
C ASP E 141 61.46 80.00 -39.28
N SER E 142 61.85 80.93 -38.41
CA SER E 142 62.07 80.56 -37.02
C SER E 142 60.78 80.04 -36.39
N SER E 143 59.65 80.68 -36.69
CA SER E 143 58.38 80.23 -36.14
C SER E 143 58.05 78.82 -36.61
N LEU E 144 58.25 78.54 -37.90
CA LEU E 144 57.98 77.20 -38.40
C LEU E 144 58.90 76.16 -37.76
N ARG E 145 60.18 76.50 -37.62
CA ARG E 145 61.09 75.56 -36.97
C ARG E 145 60.66 75.29 -35.54
N ILE E 146 60.23 76.33 -34.83
CA ILE E 146 59.76 76.16 -33.47
C ILE E 146 58.53 75.27 -33.44
N ARG E 147 57.60 75.48 -34.38
CA ARG E 147 56.40 74.65 -34.41
C ARG E 147 56.74 73.19 -34.67
N ALA E 148 57.69 72.95 -35.59
CA ALA E 148 58.10 71.58 -35.86
C ALA E 148 58.71 70.94 -34.62
N ILE E 149 59.57 71.67 -33.91
CA ILE E 149 60.18 71.13 -32.70
C ILE E 149 59.12 70.85 -31.65
N GLN E 150 58.18 71.78 -31.47
CA GLN E 150 57.09 71.54 -30.53
C GLN E 150 56.35 70.27 -30.86
N GLN E 151 55.97 70.10 -32.13
CA GLN E 151 55.19 68.93 -32.50
C GLN E 151 55.98 67.66 -32.28
N MET E 152 57.26 67.66 -32.64
CA MET E 152 58.07 66.46 -32.45
C MET E 152 58.20 66.11 -30.98
N ALA E 153 58.44 67.12 -30.13
CA ALA E 153 58.58 66.85 -28.70
C ALA E 153 57.27 66.34 -28.10
N ARG E 154 56.16 67.02 -28.42
CA ARG E 154 54.86 66.63 -27.89
C ARG E 154 54.52 65.22 -28.32
N ASN E 155 54.86 64.87 -29.54
CA ASN E 155 54.56 63.54 -30.05
C ASN E 155 55.47 62.50 -29.39
N LEU E 156 56.77 62.82 -29.22
CA LEU E 156 57.71 61.87 -28.60
C LEU E 156 57.36 61.60 -27.15
N ARG E 157 56.83 62.59 -26.44
CA ARG E 157 56.44 62.36 -25.05
C ARG E 157 55.42 61.22 -24.95
N THR E 158 54.35 61.30 -25.74
CA THR E 158 53.33 60.25 -25.69
C THR E 158 53.89 58.93 -26.20
N VAL E 159 54.73 58.97 -27.23
CA VAL E 159 55.31 57.71 -27.72
C VAL E 159 56.08 57.03 -26.61
N LEU E 160 56.90 57.78 -25.87
CA LEU E 160 57.69 57.17 -24.82
C LEU E 160 56.79 56.66 -23.71
N ASP E 161 55.75 57.44 -23.39
CA ASP E 161 54.78 57.03 -22.38
C ASP E 161 54.04 55.76 -22.76
N SER E 162 53.93 55.46 -24.06
CA SER E 162 53.17 54.30 -24.48
C SER E 162 53.74 53.01 -23.92
N PHE E 163 55.06 52.93 -23.72
CA PHE E 163 55.64 51.71 -23.16
C PHE E 163 55.20 51.53 -21.71
N GLU E 164 55.24 52.60 -20.92
CA GLU E 164 54.72 52.54 -19.56
C GLU E 164 53.27 52.14 -19.55
N ARG E 165 52.50 52.65 -20.50
CA ARG E 165 51.09 52.29 -20.53
C ARG E 165 50.85 50.85 -20.97
N GLY E 166 51.72 50.30 -21.81
CA GLY E 166 51.49 49.00 -22.38
C GLY E 166 52.10 47.85 -21.60
N THR E 167 53.01 48.16 -20.67
CA THR E 167 53.54 47.10 -19.82
C THR E 167 52.43 46.45 -19.00
N ALA E 168 51.51 47.26 -18.46
CA ALA E 168 50.37 46.73 -17.74
C ALA E 168 49.49 45.88 -18.65
N ASP E 169 49.32 46.32 -19.91
CA ASP E 169 48.56 45.52 -20.86
C ASP E 169 49.20 44.15 -21.05
N GLN E 170 50.51 44.12 -21.21
CA GLN E 170 51.18 42.84 -21.41
C GLN E 170 51.02 41.94 -20.20
N LEU E 171 51.13 42.51 -18.99
CA LEU E 171 50.93 41.67 -17.81
C LEU E 171 49.51 41.13 -17.74
N LEU E 172 48.51 41.95 -18.01
CA LEU E 172 47.15 41.43 -17.99
C LEU E 172 46.97 40.32 -19.02
N GLY E 173 47.55 40.50 -20.20
CA GLY E 173 47.46 39.45 -21.20
C GLY E 173 48.08 38.14 -20.73
N VAL E 174 49.29 38.22 -20.18
CA VAL E 174 49.96 36.98 -19.78
C VAL E 174 49.24 36.34 -18.59
N LEU E 175 48.75 37.15 -17.65
CA LEU E 175 48.05 36.58 -16.51
C LEU E 175 46.74 35.93 -16.92
N LEU E 176 45.99 36.55 -17.85
CA LEU E 176 44.80 35.89 -18.36
C LEU E 176 45.14 34.57 -19.04
N GLU E 177 46.16 34.57 -19.89
CA GLU E 177 46.45 33.30 -20.57
C GLU E 177 47.12 32.31 -19.64
N LYS E 178 47.46 32.70 -18.41
CA LYS E 178 48.09 31.81 -17.46
C LYS E 178 47.16 31.31 -16.37
N ALA E 179 46.02 31.94 -16.17
CA ALA E 179 45.17 31.64 -15.02
C ALA E 179 44.15 30.58 -15.36
N PRO E 180 44.14 29.45 -14.66
CA PRO E 180 43.05 28.49 -14.83
C PRO E 180 41.80 28.95 -14.12
N PRO E 181 40.62 28.55 -14.58
CA PRO E 181 39.39 29.07 -14.01
C PRO E 181 39.21 28.63 -12.56
N LEU E 182 38.55 29.48 -11.77
CA LEU E 182 38.34 29.15 -10.37
C LEU E 182 37.44 27.93 -10.22
N SER E 183 36.38 27.85 -11.02
CA SER E 183 35.39 26.79 -10.86
C SER E 183 36.02 25.40 -10.95
N LEU E 184 37.12 25.26 -11.68
CA LEU E 184 37.85 24.00 -11.71
C LEU E 184 38.94 23.92 -10.64
N LEU E 185 39.76 24.96 -10.52
CA LEU E 185 40.90 24.89 -9.61
C LEU E 185 40.48 24.70 -8.16
N SER E 186 39.38 25.33 -7.72
CA SER E 186 38.99 25.18 -6.33
C SER E 186 38.70 23.73 -5.96
N PRO E 187 37.89 22.97 -6.69
CA PRO E 187 37.72 21.55 -6.34
C PRO E 187 38.92 20.69 -6.66
N ILE E 188 39.67 20.95 -7.73
CA ILE E 188 40.83 20.11 -8.03
C ILE E 188 41.79 20.07 -6.86
N ASN E 189 42.11 21.24 -6.29
CA ASN E 189 43.02 21.28 -5.15
C ASN E 189 42.38 20.80 -3.86
N LYS E 190 41.06 20.68 -3.80
CA LYS E 190 40.39 20.53 -2.51
C LYS E 190 39.45 19.32 -2.48
N PHE E 191 38.98 18.87 -3.64
CA PHE E 191 38.39 17.54 -3.74
C PHE E 191 39.44 16.45 -3.88
N GLN E 192 40.65 16.81 -4.29
CA GLN E 192 41.77 15.86 -4.37
C GLN E 192 42.66 16.10 -3.17
N PRO E 193 42.77 15.15 -2.27
CA PRO E 193 43.67 15.32 -1.12
C PRO E 193 45.13 15.34 -1.54
N GLU E 194 45.58 14.35 -2.30
CA GLU E 194 47.00 14.24 -2.64
C GLU E 194 47.28 14.28 -4.14
N GLY E 195 46.63 13.45 -4.94
CA GLY E 195 47.06 13.19 -6.28
C GLY E 195 47.16 11.70 -6.51
N HIS E 196 47.70 11.33 -7.68
CA HIS E 196 47.71 9.95 -8.16
C HIS E 196 46.29 9.38 -8.12
N LEU E 197 45.34 10.23 -8.48
CA LEU E 197 43.94 9.86 -8.42
C LEU E 197 43.60 8.89 -9.55
N ASN E 198 42.64 8.03 -9.25
CA ASN E 198 42.29 6.84 -10.01
C ASN E 198 41.03 7.10 -10.83
N ARG E 199 40.43 6.05 -11.40
CA ARG E 199 39.33 6.26 -12.34
C ARG E 199 38.14 6.97 -11.69
N VAL E 200 37.77 6.61 -10.46
CA VAL E 200 36.65 7.30 -9.81
C VAL E 200 37.03 8.71 -9.40
N ALA E 201 38.17 8.83 -8.75
CA ALA E 201 38.60 10.13 -8.27
C ALA E 201 38.67 11.09 -9.43
N ARG E 202 39.36 10.70 -10.49
CA ARG E 202 39.31 11.47 -11.72
C ARG E 202 37.88 11.66 -12.19
N ALA E 203 37.07 10.61 -12.06
CA ALA E 203 35.76 10.55 -12.70
C ALA E 203 34.84 11.67 -12.26
N ALA E 204 34.70 11.89 -10.96
CA ALA E 204 33.86 13.04 -10.66
C ALA E 204 34.52 14.03 -9.73
N LEU E 205 35.85 13.99 -9.62
CA LEU E 205 36.53 15.26 -9.66
C LEU E 205 36.11 16.00 -10.93
N LEU E 206 36.17 15.30 -12.06
CA LEU E 206 35.55 15.74 -13.31
C LEU E 206 34.10 16.18 -13.13
N SER E 207 33.24 15.29 -12.63
CA SER E 207 31.82 15.63 -12.62
C SER E 207 31.50 16.76 -11.62
N ASP E 208 32.24 16.88 -10.52
CA ASP E 208 32.03 18.04 -9.67
C ASP E 208 32.51 19.30 -10.36
N LEU E 209 33.55 19.19 -11.19
CA LEU E 209 33.84 20.31 -12.09
C LEU E 209 32.60 20.67 -12.88
N LYS E 210 31.88 19.64 -13.35
CA LYS E 210 30.72 19.92 -14.20
C LYS E 210 29.65 20.66 -13.42
N ARG E 211 29.30 20.15 -12.24
CA ARG E 211 28.32 20.85 -11.42
C ARG E 211 28.75 22.26 -11.07
N ARG E 212 29.98 22.41 -10.62
CA ARG E 212 30.41 23.71 -10.15
C ARG E 212 30.38 24.74 -11.27
N VAL E 213 30.83 24.35 -12.46
CA VAL E 213 30.79 25.29 -13.58
C VAL E 213 29.36 25.56 -14.00
N CYS E 214 28.46 24.59 -13.81
CA CYS E 214 27.05 24.88 -14.11
C CYS E 214 26.43 25.81 -13.07
N ALA E 215 26.93 25.79 -11.84
CA ALA E 215 26.31 26.55 -10.76
C ALA E 215 27.03 27.87 -10.53
N ASP E 216 28.31 27.82 -10.22
CA ASP E 216 29.09 29.02 -9.88
C ASP E 216 29.62 29.62 -11.17
N MET E 217 28.71 30.04 -12.03
CA MET E 217 29.08 30.60 -13.32
C MET E 217 29.08 32.12 -13.33
N PHE E 218 27.98 32.74 -12.94
CA PHE E 218 27.80 34.19 -12.97
C PHE E 218 27.50 34.70 -11.58
N PHE E 219 28.27 34.21 -10.62
CA PHE E 219 27.99 34.45 -9.21
C PHE E 219 27.79 35.91 -8.85
N MET E 220 28.47 36.85 -9.50
CA MET E 220 28.32 38.24 -9.09
C MET E 220 27.01 38.87 -9.55
N THR E 221 26.41 38.37 -10.64
CA THR E 221 25.14 38.89 -11.09
C THR E 221 23.97 37.97 -10.76
N ARG E 222 24.25 36.76 -10.30
CA ARG E 222 23.18 35.87 -9.83
C ARG E 222 22.92 36.08 -8.35
N HIS E 223 23.93 35.91 -7.52
CA HIS E 223 23.81 36.11 -6.08
C HIS E 223 24.17 37.53 -5.69
N ALA E 224 23.58 38.51 -6.37
CA ALA E 224 23.87 39.90 -6.07
C ALA E 224 23.20 40.37 -4.81
N ARG E 225 22.07 39.76 -4.44
CA ARG E 225 21.30 40.21 -3.29
C ARG E 225 21.85 39.68 -1.97
N GLU E 226 22.86 38.80 -2.00
CA GLU E 226 23.43 38.26 -0.76
C GLU E 226 24.87 38.72 -0.64
N PRO E 227 25.14 39.84 0.02
CA PRO E 227 26.54 40.25 0.24
C PRO E 227 27.35 39.19 0.94
N ARG E 228 26.73 38.39 1.79
CA ARG E 228 27.49 37.44 2.58
C ARG E 228 28.17 36.40 1.70
N LEU E 229 27.48 35.87 0.70
CA LEU E 229 28.08 34.84 -0.14
C LEU E 229 29.28 35.39 -0.91
N ILE E 230 29.25 36.68 -1.25
CA ILE E 230 30.30 37.24 -2.09
C ILE E 230 31.65 37.12 -1.40
N SER E 231 31.72 37.61 -0.16
CA SER E 231 32.92 37.40 0.64
C SER E 231 33.13 35.93 0.97
N ALA E 232 32.09 35.10 0.87
CA ALA E 232 32.22 33.68 1.16
C ALA E 232 33.01 32.93 0.10
N TYR E 233 32.86 33.26 -1.17
CA TYR E 233 33.75 32.65 -2.17
C TYR E 233 34.98 33.49 -2.48
N LEU E 234 34.99 34.80 -2.20
CA LEU E 234 36.20 35.56 -2.47
C LEU E 234 37.36 35.07 -1.62
N SER E 235 37.10 34.82 -0.34
CA SER E 235 38.14 34.26 0.52
C SER E 235 38.56 32.88 0.05
N ASP E 236 37.64 32.12 -0.54
CA ASP E 236 38.01 30.86 -1.16
C ASP E 236 38.95 31.07 -2.34
N MET E 237 38.64 32.07 -3.18
CA MET E 237 39.48 32.34 -4.34
C MET E 237 40.88 32.73 -3.92
N VAL E 238 41.01 33.64 -2.95
CA VAL E 238 42.34 34.05 -2.54
C VAL E 238 43.05 32.91 -1.82
N SER E 239 42.33 32.13 -1.03
CA SER E 239 42.95 31.00 -0.33
C SER E 239 42.80 29.71 -1.13
N CYS E 240 43.13 29.77 -2.42
CA CYS E 240 43.21 28.56 -3.23
C CYS E 240 44.40 28.54 -4.18
N THR E 241 45.11 29.65 -4.35
CA THR E 241 46.35 29.70 -5.10
C THR E 241 47.54 29.64 -4.15
N GLN E 242 48.57 28.94 -4.58
CA GLN E 242 49.74 28.83 -3.74
C GLN E 242 50.60 30.08 -3.87
N PRO E 243 51.14 30.58 -2.77
CA PRO E 243 51.97 31.79 -2.84
C PRO E 243 53.26 31.55 -3.59
N SER E 244 54.05 32.60 -3.77
CA SER E 244 55.31 32.47 -4.50
C SER E 244 56.50 32.84 -3.63
N VAL E 245 57.68 32.95 -4.23
CA VAL E 245 58.89 33.23 -3.48
C VAL E 245 58.78 34.58 -2.78
N MET E 246 59.41 34.68 -1.62
CA MET E 246 59.33 35.89 -0.80
C MET E 246 60.67 36.63 -0.75
N VAL E 247 61.53 36.42 -1.72
CA VAL E 247 62.79 37.13 -1.79
C VAL E 247 62.51 38.58 -2.18
N SER E 248 63.01 39.52 -1.38
CA SER E 248 62.80 40.94 -1.63
C SER E 248 63.62 41.75 -0.65
N ARG E 249 63.75 43.03 -0.95
CA ARG E 249 64.29 44.02 -0.03
C ARG E 249 63.23 45.02 0.40
N ILE E 250 62.46 45.53 -0.56
CA ILE E 250 61.36 46.44 -0.30
C ILE E 250 60.14 45.94 -1.06
N THR E 251 58.98 45.96 -0.41
CA THR E 251 57.76 45.44 -1.00
C THR E 251 56.66 46.48 -0.89
N HIS E 252 55.56 46.20 -1.57
CA HIS E 252 54.37 47.03 -1.47
C HIS E 252 53.75 46.83 -0.10
N THR E 253 53.67 47.89 0.69
CA THR E 253 53.11 47.81 2.03
C THR E 253 52.21 48.99 2.29
N ASN E 254 51.28 48.82 3.21
CA ASN E 254 50.36 49.88 3.60
C ASN E 254 51.11 50.90 4.44
N THR E 255 50.39 51.95 4.86
CA THR E 255 51.01 52.97 5.70
C THR E 255 51.46 52.41 7.03
N ARG E 256 50.64 51.54 7.64
CA ARG E 256 50.98 50.99 8.95
C ARG E 256 52.28 50.18 8.90
N GLY E 257 52.44 49.36 7.86
CA GLY E 257 53.66 48.59 7.74
C GLY E 257 53.42 47.14 7.33
N ARG E 258 52.16 46.73 7.29
CA ARG E 258 51.84 45.38 6.86
C ARG E 258 52.03 45.26 5.36
N GLN E 259 52.69 44.19 4.92
CA GLN E 259 52.97 44.01 3.51
C GLN E 259 51.79 43.36 2.80
N VAL E 260 51.68 43.64 1.51
CA VAL E 260 50.55 43.15 0.72
C VAL E 260 50.87 41.75 0.19
N ASP E 261 49.83 41.08 -0.31
CA ASP E 261 49.97 39.69 -0.75
C ASP E 261 49.56 39.46 -2.20
N GLY E 262 48.98 40.43 -2.88
CA GLY E 262 48.64 40.23 -4.27
C GLY E 262 47.76 41.37 -4.78
N VAL E 263 47.28 41.19 -6.00
CA VAL E 263 46.42 42.14 -6.67
C VAL E 263 45.17 41.43 -7.15
N LEU E 264 44.05 42.14 -7.15
CA LEU E 264 42.77 41.60 -7.55
C LEU E 264 42.17 42.59 -8.55
N VAL E 265 42.43 42.36 -9.84
CA VAL E 265 42.08 43.32 -10.87
C VAL E 265 40.69 43.02 -11.41
N THR E 266 39.87 44.06 -11.52
CA THR E 266 38.46 43.92 -11.87
C THR E 266 38.09 44.87 -12.99
N THR E 267 36.80 44.98 -13.26
CA THR E 267 36.25 46.10 -14.02
C THR E 267 35.70 47.12 -13.04
N ALA E 268 35.56 48.36 -13.50
CA ALA E 268 35.19 49.45 -12.62
C ALA E 268 33.87 49.19 -11.91
N THR E 269 32.88 48.66 -12.63
CA THR E 269 31.59 48.36 -12.01
C THR E 269 31.75 47.33 -10.90
N LEU E 270 32.54 46.29 -11.16
CA LEU E 270 32.80 45.29 -10.12
C LEU E 270 33.52 45.93 -8.94
N LYS E 271 34.46 46.84 -9.21
CA LYS E 271 35.14 47.51 -8.11
C LYS E 271 34.14 48.25 -7.24
N ARG E 272 33.21 48.98 -7.85
CA ARG E 272 32.21 49.70 -7.07
C ARG E 272 31.35 48.74 -6.26
N GLN E 273 30.92 47.64 -6.89
CA GLN E 273 30.05 46.69 -6.20
C GLN E 273 30.74 46.08 -4.99
N LEU E 274 31.99 45.64 -5.15
CA LEU E 274 32.71 45.09 -4.01
C LEU E 274 33.00 46.14 -2.95
N LEU E 275 33.37 47.35 -3.36
CA LEU E 275 33.77 48.33 -2.37
C LEU E 275 32.61 48.91 -1.59
N GLN E 276 31.38 48.89 -2.13
CA GLN E 276 30.29 49.53 -1.41
C GLN E 276 29.95 48.78 -0.13
N GLY E 277 29.80 47.46 -0.20
CA GLY E 277 29.37 46.74 1.00
C GLY E 277 29.95 45.36 1.23
N ILE E 278 30.82 44.88 0.34
CA ILE E 278 31.30 43.51 0.47
C ILE E 278 32.59 43.48 1.27
N LEU E 279 33.62 44.13 0.75
CA LEU E 279 34.93 44.16 1.38
C LEU E 279 35.11 45.47 2.12
N GLN E 280 35.94 45.43 3.17
CA GLN E 280 36.22 46.60 3.98
C GLN E 280 37.61 47.14 3.65
N ILE E 281 37.69 48.45 3.46
CA ILE E 281 38.94 49.07 3.08
C ILE E 281 39.91 49.00 4.25
N ASP E 282 41.15 48.60 3.97
CA ASP E 282 42.17 48.55 5.00
C ASP E 282 43.01 49.82 5.03
N ASP E 283 43.26 50.42 3.87
CA ASP E 283 44.08 51.61 3.79
C ASP E 283 43.78 52.29 2.46
N THR E 284 44.21 53.54 2.34
CA THR E 284 44.00 54.32 1.12
C THR E 284 45.28 54.61 0.37
N ALA E 285 46.43 54.59 1.03
CA ALA E 285 47.71 54.85 0.39
C ALA E 285 48.69 53.75 0.76
N ALA E 286 49.60 53.45 -0.17
CA ALA E 286 50.54 52.35 0.01
C ALA E 286 51.96 52.82 -0.30
N ASP E 287 52.91 52.16 0.33
CA ASP E 287 54.32 52.41 0.06
C ASP E 287 54.80 51.43 -0.99
N VAL E 288 55.36 51.96 -2.07
CA VAL E 288 55.68 51.18 -3.26
C VAL E 288 57.14 51.39 -3.60
N PRO E 289 57.86 50.38 -4.09
CA PRO E 289 59.21 50.63 -4.59
C PRO E 289 59.15 51.41 -5.89
N VAL E 290 60.21 52.17 -6.15
CA VAL E 290 60.32 52.95 -7.37
C VAL E 290 61.42 52.45 -8.30
N THR E 291 62.57 52.02 -7.76
CA THR E 291 63.70 51.60 -8.58
C THR E 291 63.36 50.26 -9.20
N TYR E 292 63.54 50.15 -10.52
CA TYR E 292 63.30 48.89 -11.21
C TYR E 292 64.25 47.83 -10.67
N GLY E 293 65.53 48.19 -10.56
CA GLY E 293 66.52 47.25 -10.11
C GLY E 293 67.20 46.62 -11.29
N GLU E 294 68.38 47.08 -11.63
CA GLU E 294 69.06 46.64 -12.83
C GLU E 294 70.13 45.62 -12.49
N MET E 295 70.56 44.89 -13.51
CA MET E 295 71.68 43.98 -13.38
C MET E 295 72.44 43.99 -14.70
N VAL E 296 73.77 43.90 -14.60
CA VAL E 296 74.65 44.09 -15.74
C VAL E 296 75.74 43.04 -15.69
N LEU E 297 76.38 42.82 -16.83
CA LEU E 297 77.49 41.88 -16.94
C LEU E 297 78.81 42.63 -16.93
N GLN E 298 79.77 42.15 -16.17
CA GLN E 298 81.09 42.77 -16.14
C GLN E 298 82.09 41.81 -15.52
N GLY E 299 83.37 42.12 -15.72
CA GLY E 299 84.44 41.39 -15.10
C GLY E 299 84.47 39.91 -15.42
N THR E 300 84.60 39.08 -14.38
CA THR E 300 84.66 37.64 -14.60
C THR E 300 83.40 37.13 -15.27
N ASN E 301 82.25 37.75 -14.99
CA ASN E 301 81.03 37.39 -15.71
C ASN E 301 81.17 37.66 -17.19
N LEU E 302 81.70 38.83 -17.56
CA LEU E 302 81.88 39.17 -18.97
C LEU E 302 82.84 38.20 -19.64
N VAL E 303 83.97 37.92 -19.00
CA VAL E 303 84.97 37.08 -19.64
C VAL E 303 84.47 35.65 -19.75
N THR E 304 83.77 35.16 -18.73
CA THR E 304 83.14 33.85 -18.83
C THR E 304 82.10 33.85 -19.93
N ALA E 305 81.38 34.95 -20.09
CA ALA E 305 80.47 35.04 -21.21
C ALA E 305 81.19 34.87 -22.53
N LEU E 306 82.05 35.83 -22.88
CA LEU E 306 82.70 35.83 -24.18
C LEU E 306 83.51 34.57 -24.44
N VAL E 307 84.49 34.28 -23.58
CA VAL E 307 85.34 33.11 -23.73
C VAL E 307 84.52 31.83 -23.67
N MET E 308 83.62 31.73 -22.69
CA MET E 308 82.94 30.52 -22.31
C MET E 308 81.87 30.07 -23.29
N GLY E 309 80.78 30.80 -23.41
CA GLY E 309 79.54 30.19 -23.79
C GLY E 309 78.60 29.93 -22.65
N LYS E 310 78.85 30.54 -21.49
CA LYS E 310 77.95 30.58 -20.35
C LYS E 310 78.20 31.87 -19.60
N ALA E 311 77.21 32.30 -18.82
CA ALA E 311 77.39 33.43 -17.93
C ALA E 311 76.36 33.32 -16.82
N VAL E 312 76.52 34.12 -15.77
CA VAL E 312 75.85 33.82 -14.52
C VAL E 312 75.50 35.10 -13.79
N ARG E 313 74.50 35.02 -12.91
CA ARG E 313 74.28 36.11 -11.96
C ARG E 313 75.26 36.01 -10.80
N ASN E 352 61.61 53.97 -1.22
CA ASN E 352 60.22 53.77 -1.56
C ASN E 352 59.49 55.10 -1.51
N ALA E 353 58.31 55.13 -2.12
CA ALA E 353 57.50 56.33 -2.18
C ALA E 353 56.06 56.00 -1.82
N ARG E 354 55.32 57.02 -1.40
CA ARG E 354 53.93 56.87 -1.02
C ARG E 354 53.03 57.19 -2.21
N VAL E 355 52.06 56.33 -2.46
CA VAL E 355 51.16 56.48 -3.61
C VAL E 355 49.73 56.22 -3.15
N PRO E 356 48.73 56.93 -3.67
CA PRO E 356 47.34 56.67 -3.30
C PRO E 356 46.75 55.52 -4.10
N ALA E 357 46.43 54.43 -3.41
CA ALA E 357 45.75 53.29 -4.02
C ALA E 357 45.09 52.50 -2.91
N ASP E 358 43.89 51.98 -3.18
CA ASP E 358 43.08 51.38 -2.15
C ASP E 358 43.47 49.93 -1.89
N LEU E 359 43.57 49.58 -0.60
CA LEU E 359 43.92 48.25 -0.16
C LEU E 359 42.75 47.66 0.63
N VAL E 360 42.35 46.45 0.27
CA VAL E 360 41.28 45.77 0.98
C VAL E 360 41.83 44.47 1.55
N ILE E 361 41.16 43.98 2.59
CA ILE E 361 41.56 42.76 3.28
C ILE E 361 40.47 41.74 3.09
N VAL E 362 40.84 40.55 2.61
CA VAL E 362 39.91 39.46 2.38
C VAL E 362 40.50 38.20 3.00
N GLY E 363 39.64 37.42 3.64
CA GLY E 363 40.13 36.28 4.40
C GLY E 363 41.07 36.75 5.48
N ASP E 364 42.37 36.49 5.29
CA ASP E 364 43.40 36.99 6.19
C ASP E 364 44.56 37.63 5.42
N LYS E 365 44.35 37.94 4.14
CA LYS E 365 45.40 38.48 3.29
C LYS E 365 45.03 39.88 2.84
N LEU E 366 46.05 40.70 2.63
CA LEU E 366 45.88 42.09 2.22
C LEU E 366 46.24 42.22 0.75
N VAL E 367 45.28 42.62 -0.07
CA VAL E 367 45.45 42.63 -1.51
C VAL E 367 45.06 44.00 -2.08
N PHE E 368 45.79 44.44 -3.09
CA PHE E 368 45.37 45.59 -3.87
C PHE E 368 44.06 45.28 -4.56
N LEU E 369 43.23 46.29 -4.75
CA LEU E 369 41.99 46.14 -5.49
C LEU E 369 41.99 47.20 -6.59
N GLU E 370 42.60 46.87 -7.72
CA GLU E 370 42.75 47.80 -8.82
C GLU E 370 41.78 47.43 -9.94
N ALA E 371 41.08 48.43 -10.45
CA ALA E 371 40.17 48.28 -11.57
C ALA E 371 40.56 49.23 -12.68
N LEU E 372 41.85 49.21 -13.03
CA LEU E 372 42.45 50.23 -13.86
C LEU E 372 41.77 50.33 -15.22
N GLU E 373 40.99 51.41 -15.39
CA GLU E 373 40.32 51.76 -16.65
C GLU E 373 40.50 53.19 -17.05
N ARG E 374 40.74 54.09 -16.11
CA ARG E 374 40.95 55.49 -16.42
C ARG E 374 42.42 55.79 -16.62
N ARG E 375 43.29 55.18 -15.81
CA ARG E 375 44.72 55.37 -15.98
C ARG E 375 45.18 54.81 -17.32
N VAL E 376 44.66 53.64 -17.70
CA VAL E 376 45.06 52.96 -18.93
C VAL E 376 43.79 52.52 -19.63
N TYR E 377 43.91 52.29 -20.94
CA TYR E 377 42.80 51.85 -21.79
C TYR E 377 41.70 52.89 -21.93
N GLN E 378 41.98 54.15 -21.61
CA GLN E 378 40.99 55.21 -21.70
C GLN E 378 41.33 56.08 -22.89
N ALA E 379 40.33 56.36 -23.72
CA ALA E 379 40.48 57.23 -24.88
C ALA E 379 41.54 56.72 -25.83
N THR E 380 41.83 55.42 -25.77
CA THR E 380 42.75 54.77 -26.70
C THR E 380 42.02 53.63 -27.38
N ARG E 381 42.52 53.25 -28.55
CA ARG E 381 41.78 52.33 -29.41
C ARG E 381 41.92 50.87 -28.97
N VAL E 382 42.48 50.60 -27.79
CA VAL E 382 42.69 49.24 -27.34
C VAL E 382 41.52 48.80 -26.49
N ALA E 383 40.92 47.66 -26.85
CA ALA E 383 39.82 47.12 -26.07
C ALA E 383 40.32 46.59 -24.74
N TYR E 384 39.51 46.80 -23.72
CA TYR E 384 39.89 46.38 -22.38
C TYR E 384 39.81 44.86 -22.27
N PRO E 385 40.86 44.19 -21.79
CA PRO E 385 40.70 42.77 -21.42
C PRO E 385 39.84 42.65 -20.17
N LEU E 386 39.66 41.43 -19.66
CA LEU E 386 38.70 41.10 -18.61
C LEU E 386 37.26 41.25 -19.06
N ILE E 387 37.02 41.50 -20.35
CA ILE E 387 35.68 41.60 -20.88
C ILE E 387 35.57 40.55 -21.98
N GLY E 388 36.21 39.41 -21.76
CA GLY E 388 36.16 38.32 -22.72
C GLY E 388 34.77 37.74 -22.86
N ASN E 389 34.65 36.88 -23.86
CA ASN E 389 33.37 36.28 -24.23
C ASN E 389 33.34 34.81 -23.85
N ILE E 390 32.14 34.24 -23.83
CA ILE E 390 31.97 32.81 -23.63
C ILE E 390 30.93 32.30 -24.61
N ASP E 391 30.94 30.99 -24.82
CA ASP E 391 30.03 30.33 -25.75
C ASP E 391 29.30 29.20 -25.04
N ILE E 392 27.99 29.18 -25.19
CA ILE E 392 27.13 28.16 -24.59
C ILE E 392 26.20 27.64 -25.67
N THR E 393 26.02 26.33 -25.72
CA THR E 393 25.19 25.69 -26.74
C THR E 393 23.91 25.19 -26.10
N PHE E 394 22.79 25.38 -26.80
CA PHE E 394 21.49 24.97 -26.31
C PHE E 394 20.92 23.86 -27.18
N ILE E 395 20.21 22.93 -26.55
CA ILE E 395 19.63 21.77 -27.21
C ILE E 395 18.16 21.67 -26.82
N MET E 396 17.32 21.31 -27.79
CA MET E 396 15.88 21.25 -27.60
C MET E 396 15.29 20.15 -28.50
N PRO E 397 14.65 19.14 -27.93
CA PRO E 397 13.94 18.18 -28.76
C PRO E 397 12.74 18.82 -29.41
N MET E 398 12.43 18.36 -30.62
CA MET E 398 11.51 19.09 -31.48
C MET E 398 10.23 18.33 -31.80
N GLY E 399 10.33 17.14 -32.35
CA GLY E 399 9.13 16.43 -32.75
C GLY E 399 8.82 15.22 -31.91
N VAL E 400 9.44 15.12 -30.73
CA VAL E 400 9.36 13.91 -29.93
C VAL E 400 7.93 13.68 -29.47
N PHE E 401 7.46 12.44 -29.63
CA PHE E 401 6.15 12.02 -29.17
C PHE E 401 6.35 10.94 -28.12
N GLN E 402 5.79 11.14 -26.94
CA GLN E 402 5.98 10.22 -25.83
C GLN E 402 5.24 8.92 -26.13
N ALA E 403 5.99 7.89 -26.51
CA ALA E 403 5.38 6.69 -27.05
C ALA E 403 4.52 5.97 -26.01
N ASN E 404 5.07 5.72 -24.83
CA ASN E 404 4.33 4.97 -23.83
C ASN E 404 3.08 5.76 -23.44
N SER E 405 1.92 5.10 -23.47
CA SER E 405 0.67 5.83 -23.52
C SER E 405 0.28 6.42 -22.17
N MET E 406 0.97 6.02 -21.09
CA MET E 406 0.92 6.73 -19.81
C MET E 406 1.54 8.12 -19.82
N ASP E 407 2.59 8.37 -20.58
CA ASP E 407 3.13 9.71 -20.55
C ASP E 407 2.17 10.74 -21.13
N ARG E 408 0.95 10.31 -21.50
CA ARG E 408 -0.05 11.17 -22.11
C ARG E 408 -1.24 11.31 -21.16
N TYR E 409 -1.31 12.48 -20.52
CA TYR E 409 -2.16 12.68 -19.34
C TYR E 409 -2.28 14.17 -19.05
N THR E 410 -3.49 14.65 -18.70
CA THR E 410 -3.78 16.09 -18.67
C THR E 410 -4.03 16.63 -17.27
N ARG E 411 -3.58 17.87 -17.02
CA ARG E 411 -3.40 18.39 -15.67
C ARG E 411 -4.64 19.16 -15.17
N HIS E 412 -5.71 19.22 -15.96
CA HIS E 412 -7.06 19.60 -15.59
C HIS E 412 -7.97 19.16 -16.72
N ALA E 413 -9.03 18.42 -16.37
CA ALA E 413 -10.04 18.10 -17.39
C ALA E 413 -10.42 19.36 -18.14
N GLY E 414 -10.56 20.46 -17.40
CA GLY E 414 -10.40 21.77 -17.98
C GLY E 414 -9.02 22.36 -17.76
N ASP E 415 -7.94 21.76 -18.26
CA ASP E 415 -6.75 22.57 -18.49
C ASP E 415 -6.98 23.55 -19.60
N PHE E 416 -7.08 23.01 -20.81
CA PHE E 416 -7.18 23.78 -22.03
C PHE E 416 -8.32 23.07 -22.72
N SER E 417 -9.53 23.39 -22.31
CA SER E 417 -10.70 22.78 -22.90
C SER E 417 -11.12 23.61 -24.10
N THR E 418 -11.74 22.94 -25.07
CA THR E 418 -12.08 23.63 -26.30
C THR E 418 -13.55 23.48 -26.60
N VAL E 419 -13.99 24.06 -27.71
CA VAL E 419 -15.32 23.80 -28.24
C VAL E 419 -15.33 22.62 -29.19
N SER E 420 -14.17 22.16 -29.65
CA SER E 420 -14.11 21.00 -30.52
C SER E 420 -14.42 19.72 -29.76
N GLU E 421 -15.03 18.76 -30.46
CA GLU E 421 -15.36 17.48 -29.85
C GLU E 421 -14.14 16.60 -29.64
N GLN E 422 -13.05 16.87 -30.36
CA GLN E 422 -11.80 16.14 -30.20
C GLN E 422 -10.73 17.11 -29.72
N ASP E 423 -10.07 16.76 -28.64
CA ASP E 423 -9.06 17.64 -28.05
C ASP E 423 -7.88 17.78 -28.99
N PRO E 424 -7.55 18.98 -29.45
CA PRO E 424 -6.40 19.17 -30.34
C PRO E 424 -5.07 19.20 -29.59
N ARG E 425 -4.91 18.27 -28.65
CA ARG E 425 -3.65 18.10 -27.95
C ARG E 425 -3.22 16.65 -27.87
N GLN E 426 -4.08 15.70 -28.20
CA GLN E 426 -3.64 14.32 -28.32
C GLN E 426 -2.74 14.13 -29.53
N PHE E 427 -2.82 15.02 -30.51
CA PHE E 427 -2.02 14.88 -31.72
C PHE E 427 -0.54 15.10 -31.41
N PRO E 428 0.34 14.40 -32.10
CA PRO E 428 1.77 14.56 -31.85
C PRO E 428 2.20 15.99 -32.14
N PRO E 429 3.09 16.54 -31.33
CA PRO E 429 3.55 17.90 -31.56
C PRO E 429 4.38 18.01 -32.81
N GLN E 430 4.37 19.21 -33.39
CA GLN E 430 5.15 19.47 -34.60
C GLN E 430 6.02 20.71 -34.51
N GLY E 431 6.07 21.38 -33.37
CA GLY E 431 6.87 22.58 -33.23
C GLY E 431 7.38 22.71 -31.82
N ILE E 432 8.27 23.68 -31.64
CA ILE E 432 8.84 23.98 -30.33
C ILE E 432 8.83 25.49 -30.15
N PHE E 433 8.44 25.93 -28.96
CA PHE E 433 8.37 27.35 -28.62
C PHE E 433 9.39 27.67 -27.55
N PHE E 434 10.13 28.76 -27.74
CA PHE E 434 11.10 29.21 -26.75
C PHE E 434 11.20 30.72 -26.85
N TYR E 435 12.01 31.30 -25.99
CA TYR E 435 12.12 32.75 -25.86
C TYR E 435 13.35 33.28 -26.59
N ASN E 436 13.17 34.42 -27.23
CA ASN E 436 14.23 35.09 -27.96
C ASN E 436 15.16 35.79 -26.97
N LYS E 437 16.08 36.61 -27.48
CA LYS E 437 16.99 37.34 -26.61
C LYS E 437 16.24 38.34 -25.74
N ASP E 438 15.28 39.06 -26.31
CA ASP E 438 14.56 40.09 -25.58
C ASP E 438 13.27 39.59 -24.94
N GLY E 439 12.95 38.32 -25.08
CA GLY E 439 11.75 37.77 -24.48
C GLY E 439 10.59 37.60 -25.42
N ILE E 440 10.76 37.88 -26.71
CA ILE E 440 9.70 37.66 -27.68
C ILE E 440 9.62 36.16 -27.96
N LEU E 441 8.40 35.63 -27.94
CA LEU E 441 8.19 34.22 -28.19
C LEU E 441 8.43 33.92 -29.66
N THR E 442 9.28 32.91 -29.93
CA THR E 442 9.61 32.51 -31.29
C THR E 442 9.36 31.02 -31.44
N GLN E 443 9.10 30.60 -32.67
CA GLN E 443 8.64 29.25 -32.93
C GLN E 443 9.47 28.58 -34.01
N LEU E 444 9.82 27.33 -33.79
CA LEU E 444 10.45 26.47 -34.79
C LEU E 444 9.48 25.35 -35.15
N THR E 445 9.09 25.30 -36.41
CA THR E 445 8.25 24.22 -36.90
C THR E 445 9.07 23.31 -37.80
N LEU E 446 8.51 22.14 -38.11
CA LEU E 446 9.24 21.15 -38.89
C LEU E 446 9.64 21.70 -40.24
N ARG E 447 8.96 22.73 -40.73
CA ARG E 447 9.31 23.34 -42.00
C ARG E 447 10.75 23.82 -42.03
N ASP E 448 11.34 24.12 -40.87
CA ASP E 448 12.71 24.63 -40.85
C ASP E 448 13.72 23.54 -41.16
N ALA E 449 13.43 22.29 -40.81
CA ALA E 449 14.37 21.20 -41.06
C ALA E 449 14.46 20.83 -42.53
N MET E 450 13.71 21.50 -43.39
CA MET E 450 13.76 21.24 -44.82
C MET E 450 15.12 21.53 -45.42
N GLY E 451 15.87 22.46 -44.83
CA GLY E 451 17.19 22.75 -45.34
C GLY E 451 18.23 21.71 -45.03
N THR E 452 17.94 20.79 -44.11
CA THR E 452 18.89 19.76 -43.74
C THR E 452 18.46 18.37 -44.16
N ILE E 453 17.18 18.02 -43.98
CA ILE E 453 16.73 16.66 -44.30
C ILE E 453 16.37 16.48 -45.76
N CYS E 454 16.20 17.56 -46.52
CA CYS E 454 15.84 17.45 -47.93
C CYS E 454 17.02 17.74 -48.84
N HIS E 455 18.22 17.32 -48.44
CA HIS E 455 19.41 17.50 -49.25
C HIS E 455 19.78 16.18 -49.91
N SER E 456 20.67 16.25 -50.89
CA SER E 456 21.16 15.05 -51.54
C SER E 456 21.93 14.16 -50.57
N SER E 457 22.42 14.71 -49.46
CA SER E 457 23.21 13.94 -48.52
C SER E 457 22.42 12.82 -47.86
N LEU E 458 21.09 12.86 -47.92
CA LEU E 458 20.29 11.78 -47.34
C LEU E 458 20.47 10.47 -48.09
N LEU E 459 21.05 10.51 -49.29
CA LEU E 459 21.24 9.33 -50.13
C LEU E 459 22.70 9.19 -50.51
N ASP E 460 23.58 9.27 -49.52
CA ASP E 460 25.02 9.18 -49.75
C ASP E 460 25.58 7.97 -49.00
N VAL E 461 24.93 6.82 -49.13
CA VAL E 461 25.30 5.63 -48.36
C VAL E 461 26.56 4.95 -48.86
N GLU E 462 27.12 5.38 -49.98
CA GLU E 462 28.22 4.63 -50.58
C GLU E 462 29.40 4.50 -49.63
N ALA E 463 29.77 5.59 -48.97
CA ALA E 463 30.84 5.51 -47.98
C ALA E 463 30.47 4.55 -46.86
N THR E 464 29.22 4.59 -46.42
CA THR E 464 28.78 3.68 -45.37
C THR E 464 28.87 2.23 -45.82
N LEU E 465 28.47 1.94 -47.07
CA LEU E 465 28.61 0.59 -47.58
C LEU E 465 30.07 0.15 -47.60
N VAL E 466 30.96 1.01 -48.07
CA VAL E 466 32.36 0.65 -48.13
C VAL E 466 32.90 0.38 -46.74
N ALA E 467 32.51 1.19 -45.77
CA ALA E 467 32.96 0.96 -44.39
C ALA E 467 32.42 -0.35 -43.84
N LEU E 468 31.13 -0.65 -44.08
CA LEU E 468 30.55 -1.85 -43.52
C LEU E 468 31.12 -3.11 -44.16
N ARG E 469 31.44 -3.06 -45.45
CA ARG E 469 31.87 -4.27 -46.14
C ARG E 469 33.23 -4.78 -45.66
N GLN E 470 33.95 -4.00 -44.86
CA GLN E 470 35.25 -4.38 -44.36
C GLN E 470 35.20 -4.80 -42.89
N GLN E 471 34.13 -5.47 -42.48
CA GLN E 471 34.04 -5.97 -41.12
C GLN E 471 33.97 -7.50 -41.12
N HIS E 472 33.80 -8.09 -39.95
CA HIS E 472 33.66 -9.53 -39.83
C HIS E 472 32.20 -9.91 -40.06
N LEU E 473 31.93 -10.65 -41.12
CA LEU E 473 30.59 -11.08 -41.48
C LEU E 473 30.50 -12.59 -41.39
N ASP E 474 29.45 -13.08 -40.75
CA ASP E 474 29.18 -14.52 -40.74
C ASP E 474 28.18 -14.90 -41.82
N ARG E 475 28.11 -16.19 -42.11
CA ARG E 475 27.16 -16.70 -43.08
C ARG E 475 25.76 -16.69 -42.47
N GLN E 476 24.96 -15.69 -42.83
CA GLN E 476 23.59 -15.60 -42.35
C GLN E 476 22.65 -16.17 -43.41
N CYS E 477 21.43 -16.52 -42.99
CA CYS E 477 20.47 -17.10 -43.90
C CYS E 477 20.02 -16.10 -44.97
N TYR E 478 19.55 -16.60 -46.09
CA TYR E 478 19.26 -15.74 -47.23
C TYR E 478 17.78 -15.79 -47.61
N PHE E 479 16.90 -15.77 -46.61
CA PHE E 479 15.49 -15.90 -46.94
C PHE E 479 14.86 -14.58 -47.35
N GLY E 480 15.00 -13.55 -46.51
CA GLY E 480 14.36 -12.28 -46.75
C GLY E 480 15.09 -11.32 -47.66
N VAL E 481 16.23 -11.73 -48.23
CA VAL E 481 17.08 -10.81 -48.97
C VAL E 481 17.36 -11.30 -50.37
N TYR E 482 16.82 -12.45 -50.77
CA TYR E 482 17.10 -13.04 -52.07
C TYR E 482 15.79 -13.15 -52.85
N VAL E 483 15.86 -12.86 -54.14
CA VAL E 483 14.72 -12.96 -55.04
C VAL E 483 15.10 -13.86 -56.19
N ALA E 484 14.17 -14.71 -56.61
CA ALA E 484 14.42 -15.73 -57.61
C ALA E 484 13.70 -15.38 -58.91
N GLU E 485 13.75 -16.31 -59.86
CA GLU E 485 13.10 -16.16 -61.15
C GLU E 485 12.14 -17.32 -61.37
N GLY E 486 11.08 -17.06 -62.15
CA GLY E 486 10.09 -18.09 -62.40
C GLY E 486 10.65 -19.21 -63.25
N THR E 487 9.92 -20.32 -63.30
CA THR E 487 10.38 -21.51 -64.01
C THR E 487 9.24 -22.11 -64.82
N GLU E 488 8.42 -21.24 -65.42
CA GLU E 488 7.38 -21.61 -66.38
C GLU E 488 6.62 -22.88 -65.98
N ASP E 489 6.31 -22.97 -64.70
CA ASP E 489 5.58 -24.09 -64.15
C ASP E 489 4.13 -23.68 -63.87
N THR E 490 3.37 -24.59 -63.26
CA THR E 490 1.97 -24.37 -62.97
C THR E 490 1.73 -23.73 -61.61
N LEU E 491 2.74 -23.10 -61.02
CA LEU E 491 2.60 -22.34 -59.78
C LEU E 491 2.29 -23.24 -58.58
N ASP E 492 2.13 -24.54 -58.81
CA ASP E 492 1.96 -25.48 -57.72
C ASP E 492 3.24 -26.23 -57.41
N VAL E 493 3.86 -26.81 -58.42
CA VAL E 493 5.12 -27.51 -58.22
C VAL E 493 6.19 -26.54 -57.73
N GLN E 494 6.13 -25.29 -58.19
CA GLN E 494 7.05 -24.29 -57.68
C GLN E 494 6.84 -24.06 -56.18
N MET E 495 5.59 -23.99 -55.74
CA MET E 495 5.34 -23.83 -54.31
C MET E 495 5.80 -25.04 -53.51
N GLY E 496 5.55 -26.24 -54.04
CA GLY E 496 6.04 -27.43 -53.37
C GLY E 496 7.55 -27.44 -53.24
N ARG E 497 8.25 -27.09 -54.32
CA ARG E 497 9.70 -27.02 -54.27
C ARG E 497 10.16 -25.97 -53.27
N PHE E 498 9.48 -24.82 -53.22
CA PHE E 498 9.84 -23.81 -52.24
C PHE E 498 9.67 -24.33 -50.83
N MET E 499 8.57 -25.04 -50.57
CA MET E 499 8.36 -25.59 -49.24
C MET E 499 9.45 -26.58 -48.87
N GLU E 500 9.80 -27.47 -49.79
CA GLU E 500 10.82 -28.47 -49.50
C GLU E 500 12.18 -27.81 -49.25
N THR E 501 12.55 -26.84 -50.08
CA THR E 501 13.83 -26.16 -49.87
C THR E 501 13.83 -25.38 -48.58
N TRP E 502 12.69 -24.78 -48.24
CA TRP E 502 12.59 -23.88 -47.10
C TRP E 502 12.44 -24.63 -45.79
N ALA E 503 12.11 -25.92 -45.83
CA ALA E 503 12.05 -26.70 -44.59
C ALA E 503 13.39 -26.67 -43.86
N ASP E 504 14.49 -26.73 -44.60
CA ASP E 504 15.82 -26.72 -44.01
C ASP E 504 16.65 -25.51 -44.42
N MET E 505 16.07 -24.57 -45.18
CA MET E 505 16.78 -23.35 -45.51
C MET E 505 17.01 -22.48 -44.28
N MET E 506 16.33 -22.81 -43.19
CA MET E 506 16.33 -21.96 -42.01
C MET E 506 17.00 -22.68 -40.85
N PRO E 507 18.33 -22.60 -40.72
CA PRO E 507 18.99 -23.14 -39.52
C PRO E 507 18.89 -22.23 -38.31
N HIS E 508 18.54 -20.97 -38.52
CA HIS E 508 18.32 -20.00 -37.47
C HIS E 508 17.23 -19.06 -37.93
N HIS E 509 17.13 -17.96 -37.31
CA HIS E 509 15.97 -17.17 -37.67
C HIS E 509 16.38 -15.78 -38.14
N PRO E 510 15.76 -15.25 -39.18
CA PRO E 510 16.21 -13.99 -39.76
C PRO E 510 15.93 -12.83 -38.85
N HIS E 511 16.77 -11.80 -38.94
CA HIS E 511 16.68 -10.73 -37.97
C HIS E 511 15.66 -9.65 -38.35
N TRP E 512 14.78 -9.90 -39.32
CA TRP E 512 13.94 -8.83 -39.83
C TRP E 512 12.46 -8.97 -39.47
N VAL E 513 12.10 -9.90 -38.59
CA VAL E 513 10.77 -9.80 -38.00
C VAL E 513 10.84 -9.26 -36.58
N ASN E 514 12.05 -8.94 -36.09
CA ASN E 514 12.22 -8.31 -34.80
C ASN E 514 11.85 -6.83 -34.88
N GLU E 515 10.64 -6.60 -35.36
CA GLU E 515 10.03 -5.27 -35.43
C GLU E 515 9.27 -4.95 -34.16
N HIS E 516 9.45 -5.76 -33.13
CA HIS E 516 8.56 -5.79 -31.99
C HIS E 516 9.15 -5.13 -30.76
N LEU E 517 10.46 -5.20 -30.62
CA LEU E 517 11.16 -4.70 -29.45
C LEU E 517 10.67 -3.30 -29.13
N THR E 518 10.59 -2.96 -27.85
CA THR E 518 10.34 -1.57 -27.56
C THR E 518 11.57 -0.77 -27.95
N ILE E 519 11.50 0.56 -27.82
CA ILE E 519 12.63 1.39 -28.20
C ILE E 519 13.90 0.90 -27.52
N LEU E 520 13.83 0.61 -26.23
CA LEU E 520 15.03 0.37 -25.45
C LEU E 520 15.58 -1.02 -25.72
N GLN E 521 14.71 -1.99 -26.00
CA GLN E 521 15.19 -3.34 -26.31
C GLN E 521 16.02 -3.30 -27.57
N PHE E 522 15.54 -2.56 -28.57
CA PHE E 522 16.30 -2.33 -29.78
C PHE E 522 17.58 -1.56 -29.50
N ILE E 523 17.49 -0.56 -28.62
CA ILE E 523 18.60 0.38 -28.44
C ILE E 523 19.79 -0.28 -27.73
N ALA E 524 19.54 -1.16 -26.77
CA ALA E 524 20.61 -1.67 -25.94
C ALA E 524 21.69 -2.31 -26.80
N PRO E 525 22.97 -2.15 -26.45
CA PRO E 525 24.04 -2.60 -27.37
C PRO E 525 24.07 -4.10 -27.56
N SER E 526 23.10 -4.80 -27.01
CA SER E 526 22.70 -6.12 -27.47
C SER E 526 22.51 -6.23 -28.97
N ASN E 527 21.51 -5.54 -29.50
CA ASN E 527 20.79 -6.02 -30.66
C ASN E 527 21.72 -6.13 -31.86
N PRO E 528 21.85 -7.31 -32.46
CA PRO E 528 22.75 -7.45 -33.62
C PRO E 528 22.32 -6.62 -34.81
N ARG E 529 21.05 -6.25 -34.92
CA ARG E 529 20.61 -5.37 -35.99
C ARG E 529 20.91 -3.90 -35.69
N LEU E 530 21.30 -3.58 -34.46
CA LEU E 530 21.54 -2.19 -34.11
C LEU E 530 22.66 -1.59 -34.94
N ARG E 531 23.75 -2.32 -35.12
CA ARG E 531 24.87 -1.81 -35.90
C ARG E 531 24.55 -1.72 -37.39
N PHE E 532 23.35 -2.13 -37.81
CA PHE E 532 22.94 -2.01 -39.19
C PHE E 532 21.79 -1.04 -39.38
N GLU E 533 21.44 -0.26 -38.37
CA GLU E 533 20.39 0.73 -38.46
C GLU E 533 21.05 2.10 -38.38
N LEU E 534 21.44 2.63 -39.54
CA LEU E 534 22.20 3.87 -39.58
C LEU E 534 21.45 5.02 -40.23
N ASN E 535 21.00 4.83 -41.33
CA ASN E 535 20.37 5.92 -42.06
C ASN E 535 18.85 5.74 -42.05
N PRO E 536 18.08 6.75 -41.61
CA PRO E 536 16.64 6.54 -41.49
C PRO E 536 15.90 6.33 -42.81
N ALA E 537 16.59 6.40 -43.94
CA ALA E 537 15.95 6.17 -45.23
C ALA E 537 16.51 4.95 -45.94
N PHE E 538 17.13 4.02 -45.22
CA PHE E 538 17.70 2.83 -45.83
C PHE E 538 17.60 1.65 -44.88
N ASP E 539 17.62 0.45 -45.45
CA ASP E 539 17.78 -0.80 -44.73
C ASP E 539 19.09 -1.45 -45.13
N PHE E 540 19.91 -1.78 -44.15
CA PHE E 540 21.16 -2.49 -44.38
C PHE E 540 20.99 -3.93 -43.92
N PHE E 541 21.35 -4.86 -44.78
CA PHE E 541 21.26 -6.27 -44.44
C PHE E 541 22.50 -6.99 -44.94
N VAL E 542 22.53 -8.29 -44.73
CA VAL E 542 23.60 -9.16 -45.20
C VAL E 542 23.06 -10.00 -46.33
N ALA E 543 23.68 -9.92 -47.50
CA ALA E 543 23.20 -10.60 -48.69
C ALA E 543 24.31 -11.38 -49.38
N PRO E 544 23.96 -12.40 -50.15
CA PRO E 544 24.96 -13.09 -50.96
C PRO E 544 25.64 -12.12 -51.93
N GLY E 545 26.96 -12.26 -52.02
CA GLY E 545 27.74 -11.39 -52.88
C GLY E 545 27.90 -11.95 -54.28
N ASP E 546 28.17 -11.04 -55.21
CA ASP E 546 28.42 -11.40 -56.61
C ASP E 546 27.27 -12.19 -57.20
N VAL E 547 26.04 -11.82 -56.85
CA VAL E 547 24.85 -12.47 -57.36
C VAL E 547 23.99 -11.40 -58.02
N ASP E 548 23.60 -11.65 -59.26
CA ASP E 548 22.79 -10.71 -60.03
C ASP E 548 21.33 -11.05 -59.79
N LEU E 549 20.67 -10.27 -58.95
CA LEU E 549 19.27 -10.49 -58.68
C LEU E 549 18.43 -10.05 -59.89
N PRO E 550 17.44 -10.85 -60.30
CA PRO E 550 17.08 -12.15 -59.73
C PRO E 550 17.97 -13.27 -60.25
N GLY E 551 18.16 -14.30 -59.45
CA GLY E 551 19.01 -15.40 -59.83
C GLY E 551 18.23 -16.70 -59.99
N PRO E 552 18.94 -17.82 -59.98
CA PRO E 552 18.28 -19.12 -60.13
C PRO E 552 17.56 -19.54 -58.87
N GLN E 553 16.94 -20.71 -58.89
CA GLN E 553 16.20 -21.19 -57.73
C GLN E 553 17.14 -21.43 -56.54
N ARG E 554 18.29 -22.03 -56.79
CA ARG E 554 19.23 -22.33 -55.71
C ARG E 554 20.16 -21.14 -55.51
N PRO E 555 20.22 -20.55 -54.32
CA PRO E 555 21.14 -19.44 -54.09
C PRO E 555 22.58 -19.92 -54.14
N PRO E 556 23.37 -19.43 -55.09
CA PRO E 556 24.76 -19.88 -55.19
C PRO E 556 25.55 -19.49 -53.95
N GLU E 557 26.50 -20.36 -53.60
CA GLU E 557 27.34 -20.12 -52.43
C GLU E 557 28.34 -19.00 -52.75
N ALA E 558 28.43 -18.02 -51.86
CA ALA E 558 29.37 -16.93 -52.05
C ALA E 558 29.63 -16.26 -50.71
N MET E 559 30.70 -15.48 -50.67
CA MET E 559 31.03 -14.73 -49.47
C MET E 559 29.98 -13.65 -49.23
N PRO E 560 29.37 -13.59 -48.05
CA PRO E 560 28.32 -12.59 -47.82
C PRO E 560 28.87 -11.19 -47.84
N THR E 561 28.04 -10.25 -48.29
CA THR E 561 28.36 -8.84 -48.27
C THR E 561 27.15 -8.07 -47.73
N VAL E 562 27.34 -6.78 -47.50
CA VAL E 562 26.29 -5.92 -46.96
C VAL E 562 25.77 -5.04 -48.08
N ASN E 563 24.45 -5.08 -48.28
CA ASN E 563 23.78 -4.25 -49.26
C ASN E 563 22.78 -3.35 -48.57
N ALA E 564 22.36 -2.32 -49.27
CA ALA E 564 21.38 -1.37 -48.75
C ALA E 564 20.16 -1.37 -49.67
N THR E 565 19.02 -0.98 -49.10
CA THR E 565 17.80 -0.85 -49.88
C THR E 565 16.98 0.32 -49.35
N LEU E 566 16.40 1.06 -50.26
CA LEU E 566 15.70 2.29 -49.91
C LEU E 566 14.39 1.98 -49.19
N ARG E 567 14.13 2.71 -48.11
CA ARG E 567 12.87 2.63 -47.38
C ARG E 567 11.88 3.58 -48.03
N ILE E 568 11.12 3.08 -48.99
CA ILE E 568 10.22 3.95 -49.74
C ILE E 568 9.13 4.50 -48.83
N ILE E 569 8.54 3.66 -48.01
CA ILE E 569 7.46 4.04 -47.13
C ILE E 569 8.04 4.51 -45.81
N ASN E 570 7.51 5.61 -45.26
CA ASN E 570 7.96 6.03 -43.94
C ASN E 570 7.55 5.06 -42.85
N GLY E 571 6.45 4.35 -43.04
CA GLY E 571 6.04 3.35 -42.08
C GLY E 571 6.87 2.11 -42.06
N ASN E 572 7.74 1.93 -43.06
CA ASN E 572 8.64 0.79 -43.09
C ASN E 572 9.72 0.87 -42.02
N ILE E 573 9.86 2.01 -41.36
CA ILE E 573 10.82 2.12 -40.26
C ILE E 573 10.47 1.09 -39.20
N PRO E 574 11.44 0.40 -38.60
CA PRO E 574 11.10 -0.62 -37.61
C PRO E 574 10.26 -0.05 -36.49
N VAL E 575 9.30 -0.84 -36.02
CA VAL E 575 8.33 -0.36 -35.04
C VAL E 575 8.99 0.18 -33.78
N PRO E 576 10.05 -0.42 -33.23
CA PRO E 576 10.68 0.19 -32.06
C PRO E 576 11.06 1.65 -32.25
N LEU E 577 11.32 2.07 -33.48
CA LEU E 577 11.64 3.48 -33.72
C LEU E 577 10.39 4.32 -33.98
N CYS E 578 9.34 3.73 -34.55
CA CYS E 578 8.11 4.45 -34.87
C CYS E 578 6.93 3.61 -34.41
N PRO E 579 6.49 3.76 -33.16
CA PRO E 579 5.64 2.74 -32.55
C PRO E 579 4.21 2.70 -33.07
N ILE E 580 3.42 1.82 -32.47
CA ILE E 580 2.01 1.71 -32.80
C ILE E 580 1.23 2.92 -32.30
N SER E 581 1.46 3.34 -31.06
CA SER E 581 0.65 4.42 -30.48
C SER E 581 0.85 5.71 -31.25
N PHE E 582 2.09 5.99 -31.65
CA PHE E 582 2.34 7.20 -32.42
C PHE E 582 1.60 7.16 -33.75
N ARG E 583 1.65 6.03 -34.44
CA ARG E 583 0.95 5.93 -35.72
C ARG E 583 -0.55 6.08 -35.53
N ASP E 584 -1.09 5.49 -34.47
CA ASP E 584 -2.53 5.61 -34.23
C ASP E 584 -2.94 7.05 -33.93
N CYS E 585 -2.17 7.75 -33.11
CA CYS E 585 -2.52 9.15 -32.85
C CYS E 585 -2.40 9.99 -34.11
N ARG E 586 -1.34 9.76 -34.91
CA ARG E 586 -1.25 10.49 -36.16
C ARG E 586 -2.45 10.21 -37.05
N GLY E 587 -2.82 8.94 -37.18
CA GLY E 587 -3.99 8.61 -37.99
C GLY E 587 -5.25 9.29 -37.49
N THR E 588 -5.44 9.32 -36.17
CA THR E 588 -6.56 10.08 -35.62
C THR E 588 -6.50 11.52 -36.07
N GLN E 589 -5.30 12.10 -36.11
CA GLN E 589 -5.16 13.48 -36.54
C GLN E 589 -5.59 13.66 -38.00
N LEU E 590 -5.16 12.76 -38.88
CA LEU E 590 -5.50 12.92 -40.29
C LEU E 590 -7.01 12.89 -40.51
N GLY E 591 -7.70 11.95 -39.88
CA GLY E 591 -9.12 11.81 -40.10
C GLY E 591 -9.95 12.57 -39.09
N LEU E 592 -9.78 13.90 -39.05
CA LEU E 592 -10.51 14.68 -38.06
C LEU E 592 -11.96 14.91 -38.50
N GLY E 593 -12.15 15.55 -39.65
CA GLY E 593 -13.48 15.78 -40.19
C GLY E 593 -13.82 14.94 -41.40
N ARG E 594 -12.94 14.03 -41.81
CA ARG E 594 -13.18 13.24 -43.01
C ARG E 594 -14.32 12.26 -42.78
N HIS E 595 -14.70 11.58 -43.86
CA HIS E 595 -15.81 10.64 -43.79
C HIS E 595 -15.46 9.48 -42.88
N THR E 596 -16.47 8.97 -42.18
CA THR E 596 -16.31 7.82 -41.31
C THR E 596 -17.41 6.81 -41.62
N MET E 597 -17.21 5.59 -41.15
CA MET E 597 -18.14 4.51 -41.44
C MET E 597 -19.11 4.34 -40.28
N THR E 598 -20.40 4.39 -40.59
CA THR E 598 -21.41 4.21 -39.57
C THR E 598 -21.28 2.81 -38.96
N PRO E 599 -21.56 2.68 -37.66
CA PRO E 599 -21.27 1.40 -36.97
C PRO E 599 -21.97 0.20 -37.56
N ALA E 600 -23.13 0.36 -38.20
CA ALA E 600 -23.82 -0.79 -38.76
C ALA E 600 -22.97 -1.46 -39.84
N THR E 601 -22.42 -0.68 -40.75
CA THR E 601 -21.58 -1.26 -41.80
C THR E 601 -20.31 -1.84 -41.21
N ILE E 602 -19.75 -1.20 -40.18
CA ILE E 602 -18.56 -1.76 -39.54
C ILE E 602 -18.89 -3.13 -38.97
N LYS E 603 -20.04 -3.27 -38.33
CA LYS E 603 -20.39 -4.54 -37.72
C LYS E 603 -20.62 -5.62 -38.77
N ALA E 604 -21.44 -5.32 -39.79
CA ALA E 604 -21.72 -6.33 -40.81
C ALA E 604 -20.46 -6.72 -41.57
N VAL E 605 -19.64 -5.73 -41.95
CA VAL E 605 -18.39 -5.99 -42.64
C VAL E 605 -17.45 -6.82 -41.77
N LYS E 606 -17.34 -6.46 -40.49
CA LYS E 606 -16.47 -7.21 -39.60
C LYS E 606 -16.91 -8.66 -39.50
N ASP E 607 -18.22 -8.89 -39.39
CA ASP E 607 -18.69 -10.27 -39.36
C ASP E 607 -18.33 -11.00 -40.64
N THR E 608 -18.57 -10.41 -41.80
CA THR E 608 -18.37 -11.17 -43.03
C THR E 608 -16.90 -11.43 -43.34
N PHE E 609 -16.00 -10.45 -43.16
CA PHE E 609 -14.58 -10.79 -43.27
C PHE E 609 -14.17 -11.81 -42.24
N GLU E 610 -14.63 -11.61 -41.02
CA GLU E 610 -14.41 -12.55 -39.95
C GLU E 610 -14.99 -13.91 -40.29
N ASP E 611 -16.01 -13.96 -41.15
CA ASP E 611 -16.85 -15.13 -41.26
C ASP E 611 -16.10 -16.30 -41.86
N ARG E 612 -16.51 -17.50 -41.48
CA ARG E 612 -16.14 -18.71 -42.19
C ARG E 612 -17.35 -19.43 -42.73
N ALA E 613 -18.51 -18.77 -42.68
CA ALA E 613 -19.70 -19.17 -43.41
C ALA E 613 -19.51 -19.07 -44.91
N TYR E 614 -18.58 -18.24 -45.34
CA TYR E 614 -18.50 -17.80 -46.73
C TYR E 614 -18.51 -19.01 -47.64
N PRO E 615 -19.62 -19.28 -48.33
CA PRO E 615 -19.72 -20.53 -49.08
C PRO E 615 -18.74 -20.57 -50.24
N THR E 616 -18.19 -21.75 -50.50
CA THR E 616 -17.25 -21.89 -51.60
C THR E 616 -17.89 -21.61 -52.95
N ILE E 617 -19.21 -21.61 -53.04
CA ILE E 617 -19.85 -21.21 -54.29
C ILE E 617 -19.55 -19.74 -54.59
N PHE E 618 -19.47 -18.90 -53.55
CA PHE E 618 -19.13 -17.51 -53.76
C PHE E 618 -17.72 -17.36 -54.32
N TYR E 619 -16.75 -18.05 -53.71
CA TYR E 619 -15.41 -18.04 -54.26
C TYR E 619 -15.39 -18.53 -55.69
N MET E 620 -16.15 -19.59 -55.98
CA MET E 620 -16.18 -20.12 -57.34
C MET E 620 -16.68 -19.08 -58.32
N LEU E 621 -17.78 -18.41 -57.99
CA LEU E 621 -18.32 -17.39 -58.88
C LEU E 621 -17.33 -16.24 -59.06
N GLU E 622 -16.72 -15.79 -57.96
CA GLU E 622 -15.77 -14.69 -58.06
C GLU E 622 -14.60 -15.08 -58.96
N ALA E 623 -14.11 -16.31 -58.83
CA ALA E 623 -12.98 -16.73 -59.65
C ALA E 623 -13.38 -16.84 -61.12
N VAL E 624 -14.53 -17.44 -61.41
CA VAL E 624 -14.87 -17.71 -62.80
C VAL E 624 -15.26 -16.44 -63.53
N ILE E 625 -15.96 -15.52 -62.85
CA ILE E 625 -16.28 -14.24 -63.46
C ILE E 625 -15.01 -13.47 -63.78
N HIS E 626 -14.06 -13.46 -62.84
CA HIS E 626 -12.75 -12.85 -63.01
C HIS E 626 -12.84 -11.41 -63.50
N GLY E 627 -13.80 -10.68 -62.95
CA GLY E 627 -13.85 -9.23 -63.11
C GLY E 627 -14.01 -8.74 -64.52
N ASN E 628 -14.94 -9.32 -65.27
CA ASN E 628 -15.25 -8.87 -66.62
C ASN E 628 -16.64 -8.27 -66.63
N GLU E 629 -16.75 -7.06 -67.19
CA GLU E 629 -18.04 -6.38 -67.19
C GLU E 629 -19.07 -7.16 -67.99
N ARG E 630 -18.68 -7.74 -69.12
CA ARG E 630 -19.62 -8.52 -69.91
C ARG E 630 -20.07 -9.77 -69.15
N ASN E 631 -19.14 -10.44 -68.46
CA ASN E 631 -19.53 -11.62 -67.68
C ASN E 631 -20.44 -11.23 -66.52
N PHE E 632 -20.05 -10.23 -65.74
CA PHE E 632 -20.87 -9.84 -64.60
C PHE E 632 -22.24 -9.39 -65.05
N CYS E 633 -22.31 -8.54 -66.07
CA CYS E 633 -23.59 -7.98 -66.46
C CYS E 633 -24.49 -9.03 -67.08
N ALA E 634 -23.96 -10.21 -67.38
CA ALA E 634 -24.79 -11.32 -67.82
C ALA E 634 -25.50 -12.02 -66.67
N LEU E 635 -24.90 -12.05 -65.47
CA LEU E 635 -25.38 -12.85 -64.36
C LEU E 635 -26.08 -12.01 -63.30
N LEU E 636 -26.77 -10.95 -63.71
CA LEU E 636 -27.41 -10.09 -62.73
C LEU E 636 -28.45 -10.82 -61.91
N ARG E 637 -29.25 -11.67 -62.56
CA ARG E 637 -30.33 -12.34 -61.84
C ARG E 637 -29.76 -13.30 -60.81
N LEU E 638 -28.82 -14.15 -61.22
CA LEU E 638 -28.28 -15.12 -60.29
C LEU E 638 -27.53 -14.45 -59.14
N LEU E 639 -26.74 -13.43 -59.45
CA LEU E 639 -26.02 -12.73 -58.40
C LEU E 639 -26.97 -12.00 -57.46
N THR E 640 -28.03 -11.42 -58.00
CA THR E 640 -29.03 -10.77 -57.16
C THR E 640 -29.68 -11.76 -56.22
N GLN E 641 -30.06 -12.93 -56.73
CA GLN E 641 -30.61 -13.96 -55.87
C GLN E 641 -29.60 -14.38 -54.81
N CYS E 642 -28.34 -14.53 -55.22
CA CYS E 642 -27.29 -14.95 -54.31
C CYS E 642 -27.14 -13.97 -53.14
N ILE E 643 -27.01 -12.68 -53.45
CA ILE E 643 -26.74 -11.70 -52.41
C ILE E 643 -28.00 -11.42 -51.59
N ARG E 644 -29.13 -11.17 -52.27
CA ARG E 644 -30.40 -10.99 -51.55
C ARG E 644 -30.65 -12.16 -50.61
N GLY E 645 -30.30 -13.37 -51.04
CA GLY E 645 -30.35 -14.48 -50.12
C GLY E 645 -29.40 -14.27 -48.96
N TYR E 646 -28.10 -14.33 -49.23
CA TYR E 646 -27.12 -14.44 -48.16
C TYR E 646 -27.25 -13.29 -47.16
N TRP E 647 -27.87 -12.18 -47.55
CA TRP E 647 -28.00 -11.08 -46.61
C TRP E 647 -29.18 -11.27 -45.66
N GLU E 648 -30.41 -11.30 -46.18
CA GLU E 648 -31.54 -11.24 -45.26
C GLU E 648 -31.74 -12.61 -44.66
N GLN E 649 -30.64 -13.30 -44.45
CA GLN E 649 -30.69 -14.55 -43.72
C GLN E 649 -29.48 -14.76 -42.84
N SER E 650 -28.45 -13.93 -42.96
CA SER E 650 -27.39 -13.86 -41.96
C SER E 650 -26.89 -12.46 -41.69
N HIS E 651 -27.40 -11.43 -42.38
CA HIS E 651 -26.94 -10.06 -42.23
C HIS E 651 -25.42 -9.97 -42.32
N ARG E 652 -24.88 -10.51 -43.40
CA ARG E 652 -23.46 -10.41 -43.70
C ARG E 652 -23.31 -10.09 -45.18
N VAL E 653 -22.35 -9.26 -45.49
CA VAL E 653 -22.17 -8.78 -46.85
C VAL E 653 -21.31 -9.76 -47.62
N ALA E 654 -21.75 -10.11 -48.82
CA ALA E 654 -21.05 -11.08 -49.65
C ALA E 654 -20.35 -10.35 -50.80
N PHE E 655 -19.37 -11.05 -51.38
CA PHE E 655 -18.59 -10.56 -52.53
C PHE E 655 -17.77 -9.33 -52.20
N VAL E 656 -17.65 -8.98 -50.92
CA VAL E 656 -16.77 -7.88 -50.53
C VAL E 656 -15.30 -8.21 -50.72
N ASN E 657 -14.98 -9.42 -51.17
CA ASN E 657 -13.57 -9.80 -51.32
C ASN E 657 -12.91 -9.05 -52.48
N ASN E 658 -13.39 -9.28 -53.70
CA ASN E 658 -12.76 -8.72 -54.88
C ASN E 658 -13.23 -7.29 -55.12
N PHE E 659 -12.26 -6.43 -55.46
CA PHE E 659 -12.57 -5.04 -55.70
C PHE E 659 -13.52 -4.88 -56.89
N HIS E 660 -13.26 -5.61 -57.98
CA HIS E 660 -14.16 -5.48 -59.12
C HIS E 660 -15.41 -6.30 -58.88
N MET E 661 -15.96 -6.20 -57.70
CA MET E 661 -17.24 -6.78 -57.37
C MET E 661 -18.16 -5.75 -56.74
N LEU E 662 -17.63 -4.90 -55.86
CA LEU E 662 -18.49 -3.91 -55.25
C LEU E 662 -18.65 -2.69 -56.14
N MET E 663 -17.69 -2.41 -57.02
CA MET E 663 -17.94 -1.39 -58.04
C MET E 663 -19.08 -1.82 -58.95
N TYR E 664 -19.02 -3.05 -59.45
CA TYR E 664 -20.10 -3.52 -60.30
C TYR E 664 -21.41 -3.53 -59.55
N ILE E 665 -21.40 -3.96 -58.29
CA ILE E 665 -22.64 -4.02 -57.51
C ILE E 665 -23.22 -2.62 -57.33
N THR E 666 -22.38 -1.67 -56.91
CA THR E 666 -22.88 -0.32 -56.67
C THR E 666 -23.32 0.37 -57.96
N THR E 667 -22.72 0.01 -59.09
CA THR E 667 -23.08 0.68 -60.34
C THR E 667 -24.33 0.07 -60.96
N TYR E 668 -24.53 -1.24 -60.81
CA TYR E 668 -25.65 -1.91 -61.47
C TYR E 668 -26.77 -2.28 -60.50
N LEU E 669 -26.46 -3.06 -59.47
CA LEU E 669 -27.44 -3.44 -58.45
C LEU E 669 -27.58 -2.38 -57.37
N GLY E 670 -27.83 -1.14 -57.77
CA GLY E 670 -27.93 -0.09 -56.78
C GLY E 670 -29.25 0.63 -56.83
N ASN E 671 -30.00 0.43 -57.90
CA ASN E 671 -31.23 1.18 -58.12
C ASN E 671 -32.44 0.54 -57.46
N GLY E 672 -32.26 -0.58 -56.75
CA GLY E 672 -33.37 -1.14 -56.00
C GLY E 672 -33.49 -2.64 -56.09
N GLU E 673 -32.65 -3.28 -56.90
CA GLU E 673 -32.69 -4.74 -56.99
C GLU E 673 -32.38 -5.37 -55.64
N LEU E 674 -31.35 -4.89 -54.98
CA LEU E 674 -31.02 -5.30 -53.63
C LEU E 674 -31.88 -4.57 -52.62
N PRO E 675 -31.97 -5.06 -51.38
CA PRO E 675 -32.73 -4.34 -50.36
C PRO E 675 -32.11 -2.98 -50.07
N GLU E 676 -32.78 -2.23 -49.20
CA GLU E 676 -32.30 -0.90 -48.86
C GLU E 676 -30.95 -0.93 -48.15
N VAL E 677 -30.77 -1.83 -47.20
CA VAL E 677 -29.59 -1.78 -46.34
C VAL E 677 -28.32 -2.21 -47.08
N CYS E 678 -28.40 -3.25 -47.91
CA CYS E 678 -27.18 -3.81 -48.51
C CYS E 678 -26.47 -2.78 -49.38
N ILE E 679 -27.20 -2.18 -50.31
CA ILE E 679 -26.59 -1.18 -51.18
C ILE E 679 -26.06 -0.02 -50.35
N ASN E 680 -26.68 0.25 -49.21
CA ASN E 680 -26.14 1.28 -48.33
C ASN E 680 -24.76 0.88 -47.81
N ILE E 681 -24.59 -0.38 -47.42
CA ILE E 681 -23.28 -0.84 -46.94
C ILE E 681 -22.26 -0.75 -48.06
N TYR E 682 -22.62 -1.20 -49.26
CA TYR E 682 -21.67 -1.14 -50.37
C TYR E 682 -21.30 0.30 -50.71
N ARG E 683 -22.29 1.18 -50.76
CA ARG E 683 -22.02 2.58 -51.02
C ARG E 683 -21.14 3.16 -49.92
N ASP E 684 -21.33 2.71 -48.67
CA ASP E 684 -20.52 3.21 -47.59
C ASP E 684 -19.07 2.80 -47.75
N LEU E 685 -18.81 1.54 -48.11
CA LEU E 685 -17.44 1.14 -48.37
C LEU E 685 -16.82 1.94 -49.50
N LEU E 686 -17.56 2.11 -50.59
CA LEU E 686 -17.08 2.93 -51.70
C LEU E 686 -16.75 4.35 -51.26
N GLN E 687 -17.64 4.94 -50.45
CA GLN E 687 -17.41 6.29 -49.99
C GLN E 687 -16.18 6.39 -49.12
N HIS E 688 -15.97 5.40 -48.25
CA HIS E 688 -14.77 5.42 -47.44
C HIS E 688 -13.52 5.34 -48.30
N VAL E 689 -13.54 4.51 -49.34
CA VAL E 689 -12.40 4.42 -50.24
C VAL E 689 -12.14 5.77 -50.89
N ARG E 690 -13.19 6.41 -51.39
CA ARG E 690 -12.98 7.69 -52.06
C ARG E 690 -12.57 8.79 -51.09
N ALA E 691 -13.01 8.72 -49.84
CA ALA E 691 -12.57 9.68 -48.84
C ALA E 691 -11.08 9.51 -48.55
N LEU E 692 -10.60 8.26 -48.48
CA LEU E 692 -9.16 8.05 -48.34
C LEU E 692 -8.41 8.62 -49.53
N ARG E 693 -8.95 8.42 -50.74
CA ARG E 693 -8.33 9.01 -51.93
C ARG E 693 -8.26 10.52 -51.82
N GLN E 694 -9.35 11.15 -51.36
CA GLN E 694 -9.37 12.59 -51.23
C GLN E 694 -8.35 13.08 -50.21
N THR E 695 -8.20 12.34 -49.10
CA THR E 695 -7.20 12.71 -48.12
C THR E 695 -5.79 12.63 -48.71
N ILE E 696 -5.52 11.60 -49.50
CA ILE E 696 -4.22 11.53 -50.16
C ILE E 696 -4.01 12.76 -51.04
N THR E 697 -5.04 13.15 -51.78
CA THR E 697 -4.91 14.32 -52.64
C THR E 697 -4.67 15.59 -51.84
N ASP E 698 -5.31 15.71 -50.68
CA ASP E 698 -5.26 16.94 -49.92
C ASP E 698 -3.85 17.26 -49.45
N PHE E 699 -3.17 16.28 -48.86
CA PHE E 699 -1.91 16.54 -48.18
C PHE E 699 -0.74 16.74 -49.12
N THR E 700 -0.91 16.55 -50.41
CA THR E 700 0.14 16.87 -51.37
C THR E 700 -0.15 18.20 -52.03
N ILE E 701 0.86 18.76 -52.67
CA ILE E 701 0.78 20.05 -53.33
C ILE E 701 0.96 19.84 -54.83
N GLN E 702 -0.05 20.20 -55.59
CA GLN E 702 -0.07 19.92 -57.02
C GLN E 702 0.87 20.86 -57.76
N GLY E 703 1.06 20.57 -59.04
CA GLY E 703 1.86 21.41 -59.91
C GLY E 703 3.34 21.13 -59.91
N GLU E 704 3.80 20.20 -59.10
CA GLU E 704 5.23 19.86 -59.02
C GLU E 704 5.40 18.44 -59.54
N GLY E 705 5.58 18.32 -60.84
CA GLY E 705 5.83 17.02 -61.46
C GLY E 705 7.18 16.99 -62.15
N HIS E 706 7.93 15.93 -61.95
CA HIS E 706 9.29 15.82 -62.48
C HIS E 706 9.41 14.55 -63.31
N ASN E 707 9.76 14.71 -64.58
CA ASN E 707 10.07 13.61 -65.48
C ASN E 707 8.88 12.64 -65.58
N GLY E 708 7.75 13.18 -66.02
CA GLY E 708 6.57 12.37 -66.26
C GLY E 708 6.04 11.65 -65.05
N GLU E 709 6.06 12.30 -63.89
CA GLU E 709 5.51 11.74 -62.66
C GLU E 709 4.61 12.79 -62.03
N THR E 710 3.34 12.44 -61.85
CA THR E 710 2.43 13.38 -61.22
C THR E 710 2.79 13.55 -59.75
N SER E 711 2.38 14.69 -59.19
CA SER E 711 2.78 15.03 -57.83
C SER E 711 2.29 13.99 -56.82
N GLU E 712 1.05 13.54 -56.96
CA GLU E 712 0.53 12.51 -56.06
C GLU E 712 1.43 11.28 -56.07
N ALA E 713 1.78 10.79 -57.26
CA ALA E 713 2.66 9.63 -57.35
C ALA E 713 4.04 9.92 -56.77
N LEU E 714 4.51 11.16 -56.88
CA LEU E 714 5.79 11.51 -56.29
C LEU E 714 5.72 11.61 -54.77
N ASN E 715 4.53 11.76 -54.20
CA ASN E 715 4.36 11.84 -52.76
C ASN E 715 3.92 10.53 -52.15
N ASN E 716 2.80 9.98 -52.59
CA ASN E 716 2.25 8.77 -52.01
C ASN E 716 2.74 7.56 -52.80
N ILE E 717 2.14 6.41 -52.48
CA ILE E 717 2.35 5.19 -53.24
C ILE E 717 1.06 4.68 -53.86
N LEU E 718 -0.04 4.75 -53.12
CA LEU E 718 -1.32 4.29 -53.66
C LEU E 718 -1.71 5.05 -54.91
N THR E 719 -1.15 6.23 -55.13
CA THR E 719 -1.33 6.95 -56.37
C THR E 719 -0.17 6.77 -57.33
N ASP E 720 0.81 5.94 -56.98
CA ASP E 720 1.95 5.66 -57.85
C ASP E 720 1.58 4.53 -58.80
N ASP E 721 1.72 4.78 -60.10
CA ASP E 721 1.34 3.76 -61.08
C ASP E 721 2.34 2.63 -61.16
N THR E 722 3.59 2.84 -60.75
CA THR E 722 4.57 1.77 -60.78
C THR E 722 4.16 0.62 -59.86
N PHE E 723 3.65 0.95 -58.69
CA PHE E 723 3.22 -0.07 -57.74
C PHE E 723 1.88 -0.64 -58.18
N ILE E 724 1.71 -1.95 -58.03
CA ILE E 724 0.53 -2.62 -58.56
C ILE E 724 -0.17 -3.42 -57.47
N ALA E 725 -1.44 -3.72 -57.72
CA ALA E 725 -2.29 -4.36 -56.73
C ALA E 725 -1.79 -5.76 -56.41
N PRO E 726 -2.12 -6.28 -55.23
CA PRO E 726 -1.70 -7.66 -54.90
C PRO E 726 -2.24 -8.71 -55.85
N ILE E 727 -3.47 -8.56 -56.34
CA ILE E 727 -4.03 -9.48 -57.31
C ILE E 727 -4.58 -8.68 -58.48
N LEU E 728 -4.40 -9.20 -59.68
CA LEU E 728 -4.81 -8.52 -60.91
C LEU E 728 -5.87 -9.35 -61.61
N TRP E 729 -6.95 -8.69 -62.02
CA TRP E 729 -7.96 -9.35 -62.82
C TRP E 729 -7.86 -9.00 -64.30
N ASP E 730 -7.32 -7.83 -64.63
CA ASP E 730 -7.17 -7.42 -66.01
C ASP E 730 -5.71 -7.07 -66.26
N CYS E 731 -5.41 -6.85 -67.53
CA CYS E 731 -4.05 -6.52 -67.94
C CYS E 731 -3.82 -5.02 -68.01
N ASP E 732 -4.84 -4.20 -67.75
CA ASP E 732 -4.70 -2.77 -67.91
C ASP E 732 -3.69 -2.18 -66.94
N ALA E 733 -3.66 -2.67 -65.70
CA ALA E 733 -2.71 -2.14 -64.73
C ALA E 733 -1.28 -2.27 -65.23
N LEU E 734 -0.98 -3.34 -65.97
CA LEU E 734 0.35 -3.48 -66.53
C LEU E 734 0.60 -2.44 -67.61
N ILE E 735 -0.42 -2.11 -68.41
CA ILE E 735 -0.27 -1.06 -69.41
C ILE E 735 0.08 0.25 -68.74
N TYR E 736 -0.69 0.61 -67.71
CA TYR E 736 -0.44 1.85 -67.00
C TYR E 736 0.95 1.84 -66.37
N ARG E 737 1.35 0.71 -65.80
CA ARG E 737 2.65 0.65 -65.14
C ARG E 737 3.79 0.85 -66.13
N ASP E 738 3.80 0.09 -67.22
CA ASP E 738 4.93 0.19 -68.15
C ASP E 738 4.82 1.38 -69.08
N GLU E 739 3.72 2.14 -69.02
CA GLU E 739 3.69 3.42 -69.73
C GLU E 739 4.08 4.59 -68.84
N ALA E 740 3.63 4.57 -67.58
CA ALA E 740 3.81 5.73 -66.71
C ALA E 740 5.27 5.90 -66.31
N ALA E 741 5.95 4.82 -65.93
CA ALA E 741 7.30 4.99 -65.42
C ALA E 741 8.26 5.33 -66.55
N ARG E 742 8.52 4.37 -67.43
CA ARG E 742 9.14 4.64 -68.73
C ARG E 742 10.55 5.24 -68.60
N ASP E 743 10.95 5.57 -67.38
CA ASP E 743 12.27 6.15 -67.12
C ASP E 743 13.02 5.37 -66.06
N ARG E 744 12.32 4.91 -65.02
CA ARG E 744 12.89 3.95 -64.10
C ARG E 744 12.87 2.59 -64.77
N LEU E 745 14.06 2.04 -65.01
CA LEU E 745 14.24 0.86 -65.86
C LEU E 745 13.31 -0.26 -65.44
N PRO E 746 12.27 -0.54 -66.21
CA PRO E 746 11.31 -1.56 -65.82
C PRO E 746 11.65 -2.92 -66.43
N ALA E 747 11.13 -3.96 -65.79
CA ALA E 747 11.32 -5.32 -66.26
C ALA E 747 10.30 -6.20 -65.55
N ILE E 748 9.63 -7.04 -66.32
CA ILE E 748 8.56 -7.89 -65.81
C ILE E 748 8.83 -9.32 -66.24
N ARG E 749 8.64 -10.26 -65.33
CA ARG E 749 8.81 -11.68 -65.61
C ARG E 749 7.51 -12.40 -65.33
N VAL E 750 6.97 -13.06 -66.35
CA VAL E 750 5.71 -13.77 -66.21
C VAL E 750 5.95 -15.26 -66.39
N SER E 751 6.18 -15.97 -65.29
CA SER E 751 6.38 -17.41 -65.30
C SER E 751 7.45 -17.81 -66.31
N GLY E 752 8.68 -17.39 -66.01
CA GLY E 752 9.80 -17.72 -66.86
C GLY E 752 10.25 -16.59 -67.75
N ARG E 753 9.85 -16.63 -69.03
CA ARG E 753 10.29 -15.64 -69.99
C ARG E 753 9.80 -14.24 -69.59
N ASN E 754 10.43 -13.24 -70.18
CA ASN E 754 10.22 -11.84 -69.81
C ASN E 754 9.20 -11.21 -70.74
N GLY E 755 8.34 -10.36 -70.19
CA GLY E 755 7.34 -9.67 -70.98
C GLY E 755 6.05 -10.45 -71.10
N TYR E 756 4.96 -9.71 -71.23
CA TYR E 756 3.64 -10.30 -71.35
C TYR E 756 3.14 -10.21 -72.79
N GLN E 757 2.07 -10.95 -73.07
CA GLN E 757 1.51 -11.02 -74.41
C GLN E 757 0.08 -10.52 -74.50
N ALA E 758 -0.76 -10.86 -73.51
CA ALA E 758 -2.11 -10.31 -73.38
C ALA E 758 -2.98 -10.63 -74.60
N LEU E 759 -3.25 -11.93 -74.78
CA LEU E 759 -4.16 -12.40 -75.81
C LEU E 759 -5.52 -12.64 -75.18
N HIS E 760 -6.49 -11.81 -75.54
CA HIS E 760 -7.80 -11.87 -74.92
C HIS E 760 -8.70 -12.85 -75.66
N PHE E 761 -9.91 -13.05 -75.12
CA PHE E 761 -10.98 -13.78 -75.80
C PHE E 761 -10.57 -15.23 -76.11
N VAL E 762 -10.37 -15.98 -75.03
CA VAL E 762 -10.16 -17.42 -75.13
C VAL E 762 -11.49 -18.09 -74.81
N ASP E 763 -11.89 -19.04 -75.65
CA ASP E 763 -13.21 -19.63 -75.60
C ASP E 763 -13.09 -21.16 -75.54
N MET E 764 -14.22 -21.81 -75.81
CA MET E 764 -14.31 -23.26 -75.72
C MET E 764 -13.20 -23.92 -76.52
N ALA E 765 -12.97 -23.42 -77.73
CA ALA E 765 -12.10 -24.11 -78.69
C ALA E 765 -10.67 -24.21 -78.19
N GLY E 766 -10.12 -23.12 -77.66
CA GLY E 766 -8.71 -23.08 -77.37
C GLY E 766 -8.35 -22.77 -75.94
N HIS E 767 -9.08 -23.33 -74.97
CA HIS E 767 -8.83 -22.97 -73.58
C HIS E 767 -7.41 -23.34 -73.15
N ASN E 768 -6.98 -24.58 -73.43
CA ASN E 768 -5.60 -25.00 -73.19
C ASN E 768 -5.16 -24.73 -71.75
N PHE E 769 -5.81 -25.46 -70.84
CA PHE E 769 -5.55 -25.26 -69.41
C PHE E 769 -4.08 -25.35 -69.07
N GLN E 770 -3.36 -26.28 -69.69
CA GLN E 770 -1.93 -26.44 -69.46
C GLN E 770 -1.14 -25.62 -70.48
N ARG E 771 -1.07 -24.32 -70.22
CA ARG E 771 -0.31 -23.40 -71.05
C ARG E 771 0.94 -22.98 -70.29
N ARG E 772 2.08 -23.02 -70.97
CA ARG E 772 3.36 -22.78 -70.32
C ARG E 772 4.06 -21.51 -70.77
N ASP E 773 3.48 -20.74 -71.68
CA ASP E 773 4.11 -19.52 -72.15
C ASP E 773 3.62 -18.34 -71.30
N ASN E 774 3.87 -17.13 -71.75
CA ASN E 774 3.54 -15.91 -71.02
C ASN E 774 2.32 -15.20 -71.61
N VAL E 775 1.31 -15.95 -72.02
CA VAL E 775 0.09 -15.37 -72.55
C VAL E 775 -0.88 -15.12 -71.40
N LEU E 776 -1.43 -13.92 -71.34
CA LEU E 776 -2.36 -13.54 -70.30
C LEU E 776 -3.72 -13.22 -70.90
N ILE E 777 -4.77 -13.64 -70.20
CA ILE E 777 -6.14 -13.50 -70.68
C ILE E 777 -6.64 -12.13 -70.25
N HIS E 778 -6.77 -11.22 -71.22
CA HIS E 778 -7.15 -9.85 -70.89
C HIS E 778 -8.64 -9.73 -70.62
N GLY E 779 -9.46 -10.50 -71.32
CA GLY E 779 -10.90 -10.38 -71.19
C GLY E 779 -11.50 -9.63 -72.36
N ARG E 780 -12.82 -9.67 -72.48
CA ARG E 780 -13.48 -9.03 -73.62
C ARG E 780 -13.75 -7.56 -73.34
N PRO E 781 -13.22 -6.65 -74.12
CA PRO E 781 -13.69 -5.26 -74.05
C PRO E 781 -15.17 -5.22 -74.40
N VAL E 782 -15.88 -4.30 -73.74
CA VAL E 782 -17.34 -4.29 -73.87
C VAL E 782 -17.79 -3.57 -75.13
N ARG E 783 -17.35 -2.33 -75.32
CA ARG E 783 -17.77 -1.53 -76.48
C ARG E 783 -16.68 -1.53 -77.54
N GLY E 784 -16.50 -2.66 -78.20
CA GLY E 784 -15.47 -2.72 -79.23
C GLY E 784 -15.44 -4.08 -79.87
N ASP E 785 -14.41 -4.29 -80.69
CA ASP E 785 -14.20 -5.53 -81.40
C ASP E 785 -12.93 -6.20 -80.91
N THR E 786 -13.00 -7.51 -80.67
CA THR E 786 -11.83 -8.23 -80.17
C THR E 786 -10.82 -8.45 -81.29
N GLY E 787 -11.20 -9.21 -82.32
CA GLY E 787 -10.33 -9.45 -83.45
C GLY E 787 -9.04 -10.15 -83.05
N GLN E 788 -8.08 -10.07 -83.96
CA GLN E 788 -6.74 -10.59 -83.74
C GLN E 788 -5.65 -9.54 -83.86
N ALA E 789 -5.73 -8.68 -84.87
CA ALA E 789 -4.76 -7.61 -85.03
C ALA E 789 -5.09 -6.37 -84.21
N ILE E 790 -6.29 -6.31 -83.63
CA ILE E 790 -6.70 -5.17 -82.81
C ILE E 790 -5.84 -5.14 -81.56
N PRO E 791 -5.17 -4.03 -81.27
CA PRO E 791 -4.32 -3.99 -80.08
C PRO E 791 -5.14 -3.84 -78.81
N ILE E 792 -4.50 -4.18 -77.69
CA ILE E 792 -5.14 -4.14 -76.39
C ILE E 792 -5.42 -2.69 -76.00
N THR E 793 -6.45 -2.48 -75.18
CA THR E 793 -6.78 -1.19 -74.63
C THR E 793 -7.23 -1.34 -73.19
N PRO E 794 -6.93 -0.37 -72.33
CA PRO E 794 -7.36 -0.46 -70.94
C PRO E 794 -8.87 -0.51 -70.83
N HIS E 795 -9.35 -1.32 -69.89
CA HIS E 795 -10.79 -1.44 -69.68
C HIS E 795 -11.35 -0.20 -69.01
N HIS E 796 -10.69 0.28 -67.97
CA HIS E 796 -11.21 1.32 -67.11
C HIS E 796 -10.25 2.49 -67.02
N ASP E 797 -10.72 3.55 -66.39
CA ASP E 797 -9.92 4.76 -66.26
C ASP E 797 -8.76 4.53 -65.29
N ARG E 798 -7.79 5.44 -65.35
CA ARG E 798 -6.64 5.36 -64.46
C ARG E 798 -7.05 5.44 -62.98
N GLU E 799 -8.15 6.14 -62.69
CA GLU E 799 -8.57 6.28 -61.30
C GLU E 799 -8.97 4.94 -60.70
N TRP E 800 -9.45 4.02 -61.54
CA TRP E 800 -9.84 2.70 -61.05
C TRP E 800 -8.65 1.99 -60.41
N GLY E 801 -7.48 2.10 -61.02
CA GLY E 801 -6.30 1.51 -60.41
C GLY E 801 -6.01 2.06 -59.03
N ILE E 802 -6.15 3.39 -58.88
CA ILE E 802 -5.88 4.02 -57.59
C ILE E 802 -6.88 3.53 -56.55
N LEU E 803 -8.15 3.48 -56.90
CA LEU E 803 -9.15 2.99 -55.96
C LEU E 803 -8.87 1.54 -55.58
N SER E 804 -8.49 0.72 -56.54
CA SER E 804 -8.19 -0.67 -56.25
C SER E 804 -7.02 -0.79 -55.28
N LYS E 805 -5.96 -0.03 -55.53
CA LYS E 805 -4.79 -0.10 -54.65
C LYS E 805 -5.16 0.33 -53.24
N ILE E 806 -5.92 1.42 -53.11
CA ILE E 806 -6.31 1.89 -51.79
C ILE E 806 -7.15 0.82 -51.09
N TYR E 807 -8.13 0.27 -51.79
CA TYR E 807 -8.96 -0.77 -51.21
C TYR E 807 -8.11 -1.92 -50.70
N TYR E 808 -7.38 -2.57 -51.59
CA TYR E 808 -6.67 -3.79 -51.23
C TYR E 808 -5.61 -3.55 -50.16
N TYR E 809 -4.99 -2.37 -50.15
CA TYR E 809 -3.89 -2.14 -49.23
C TYR E 809 -4.30 -1.43 -47.94
N ILE E 810 -5.56 -1.02 -47.81
CA ILE E 810 -5.96 -0.42 -46.55
C ILE E 810 -7.18 -1.12 -45.98
N VAL E 811 -8.27 -1.16 -46.74
CA VAL E 811 -9.54 -1.60 -46.15
C VAL E 811 -9.51 -3.09 -45.86
N ILE E 812 -9.00 -3.90 -46.79
CA ILE E 812 -8.95 -5.34 -46.56
C ILE E 812 -8.12 -5.71 -45.33
N PRO E 813 -6.88 -5.25 -45.17
CA PRO E 813 -6.15 -5.58 -43.94
C PRO E 813 -6.73 -4.91 -42.71
N ALA E 814 -7.39 -3.75 -42.84
CA ALA E 814 -7.94 -3.10 -41.67
C ALA E 814 -9.02 -3.93 -41.00
N PHE E 815 -9.74 -4.73 -41.79
CA PHE E 815 -10.75 -5.59 -41.21
C PHE E 815 -10.24 -7.01 -40.97
N SER E 816 -9.49 -7.56 -41.92
CA SER E 816 -8.97 -8.91 -41.74
C SER E 816 -7.97 -8.98 -40.61
N ARG E 817 -7.13 -7.97 -40.46
CA ARG E 817 -6.07 -7.97 -39.46
C ARG E 817 -5.14 -9.17 -39.66
N GLY E 818 -4.64 -9.30 -40.88
CA GLY E 818 -3.63 -10.28 -41.17
C GLY E 818 -4.08 -11.72 -41.19
N SER E 819 -5.39 -11.98 -41.24
CA SER E 819 -5.88 -13.34 -41.36
C SER E 819 -6.12 -13.77 -42.79
N CYS E 820 -6.51 -12.84 -43.66
CA CYS E 820 -6.79 -13.18 -45.05
C CYS E 820 -5.51 -13.58 -45.77
N CYS E 821 -5.66 -14.49 -46.74
CA CYS E 821 -4.54 -15.01 -47.51
C CYS E 821 -4.91 -14.99 -48.99
N THR E 822 -3.92 -14.73 -49.85
CA THR E 822 -4.15 -14.76 -51.28
C THR E 822 -3.88 -16.16 -51.82
N MET E 823 -4.76 -16.60 -52.71
CA MET E 823 -4.66 -17.95 -53.26
C MET E 823 -4.85 -17.95 -54.76
N GLY E 824 -4.31 -19.00 -55.38
CA GLY E 824 -4.49 -19.26 -56.78
C GLY E 824 -5.46 -20.40 -57.02
N VAL E 825 -6.21 -20.29 -58.11
CA VAL E 825 -7.32 -21.20 -58.38
C VAL E 825 -6.86 -22.32 -59.29
N ARG E 826 -7.64 -23.40 -59.27
CA ARG E 826 -7.42 -24.56 -60.14
C ARG E 826 -8.57 -24.59 -61.14
N TYR E 827 -8.38 -23.96 -62.29
CA TYR E 827 -9.45 -23.91 -63.28
C TYR E 827 -9.76 -25.27 -63.87
N ASP E 828 -8.72 -26.05 -64.20
CA ASP E 828 -8.96 -27.37 -64.77
C ASP E 828 -9.75 -28.26 -63.83
N ARG E 829 -9.64 -28.02 -62.52
CA ARG E 829 -10.42 -28.74 -61.53
C ARG E 829 -11.73 -28.06 -61.20
N LEU E 830 -11.97 -26.85 -61.69
CA LEU E 830 -13.18 -26.11 -61.36
C LEU E 830 -14.22 -26.20 -62.46
N TYR E 831 -13.83 -25.86 -63.69
CA TYR E 831 -14.78 -25.77 -64.79
C TYR E 831 -15.58 -27.05 -65.00
N PRO E 832 -14.99 -28.25 -64.97
CA PRO E 832 -15.83 -29.44 -65.09
C PRO E 832 -16.89 -29.56 -64.01
N ALA E 833 -16.59 -29.13 -62.79
CA ALA E 833 -17.59 -29.16 -61.73
C ALA E 833 -18.62 -28.05 -61.85
N LEU E 834 -18.38 -27.05 -62.71
CA LEU E 834 -19.33 -25.99 -62.92
C LEU E 834 -20.29 -26.31 -64.08
N GLN E 835 -20.12 -27.46 -64.73
CA GLN E 835 -20.90 -27.80 -65.89
C GLN E 835 -22.04 -28.77 -65.59
N ALA E 836 -22.34 -29.00 -64.33
CA ALA E 836 -23.35 -29.98 -63.94
C ALA E 836 -24.52 -29.25 -63.29
N VAL E 837 -25.44 -28.77 -64.13
CA VAL E 837 -26.64 -28.09 -63.67
C VAL E 837 -27.84 -28.99 -63.95
N ILE E 838 -28.77 -29.05 -63.01
CA ILE E 838 -29.84 -30.03 -63.07
C ILE E 838 -31.17 -29.32 -63.20
N VAL E 839 -31.18 -28.20 -63.91
CA VAL E 839 -32.46 -27.53 -64.19
C VAL E 839 -33.37 -28.50 -64.91
N PRO E 840 -34.64 -28.61 -64.54
CA PRO E 840 -35.54 -29.54 -65.20
C PRO E 840 -36.08 -28.94 -66.50
N GLU E 841 -36.96 -29.69 -67.15
CA GLU E 841 -37.62 -29.25 -68.37
C GLU E 841 -39.05 -28.84 -68.01
N ILE E 842 -39.26 -27.54 -67.88
CA ILE E 842 -40.59 -27.04 -67.53
C ILE E 842 -41.53 -27.20 -68.73
N PRO E 843 -42.76 -27.67 -68.54
CA PRO E 843 -43.71 -27.70 -69.65
C PRO E 843 -44.07 -26.28 -70.10
N ALA E 844 -44.47 -26.19 -71.37
CA ALA E 844 -44.92 -24.91 -71.90
C ALA E 844 -46.23 -24.49 -71.25
N ASP E 845 -46.48 -23.18 -71.25
CA ASP E 845 -47.66 -22.60 -70.62
C ASP E 845 -47.77 -23.00 -69.16
N GLU E 846 -46.62 -23.04 -68.48
CA GLU E 846 -46.56 -23.35 -67.06
C GLU E 846 -45.76 -22.28 -66.34
N GLU E 847 -46.14 -22.00 -65.11
CA GLU E 847 -45.47 -20.99 -64.31
C GLU E 847 -44.19 -21.54 -63.72
N ALA E 848 -43.15 -20.71 -63.70
CA ALA E 848 -41.88 -21.13 -63.13
C ALA E 848 -42.03 -21.32 -61.63
N PRO E 849 -41.65 -22.48 -61.09
CA PRO E 849 -41.75 -22.67 -59.64
C PRO E 849 -40.79 -21.75 -58.91
N THR E 850 -41.20 -21.32 -57.71
CA THR E 850 -40.39 -20.42 -56.90
C THR E 850 -39.93 -21.05 -55.60
N THR E 851 -40.86 -21.53 -54.78
CA THR E 851 -40.50 -22.20 -53.55
C THR E 851 -39.82 -23.53 -53.84
N PRO E 852 -38.85 -23.93 -53.01
CA PRO E 852 -38.11 -25.17 -53.27
C PRO E 852 -38.82 -26.44 -52.78
N GLU E 853 -40.09 -26.38 -52.42
CA GLU E 853 -40.79 -27.57 -51.97
C GLU E 853 -41.45 -28.34 -53.11
N ASP E 854 -41.67 -27.70 -54.26
CA ASP E 854 -42.27 -28.50 -55.32
C ASP E 854 -41.19 -29.27 -56.07
N PRO E 855 -41.54 -30.43 -56.65
CA PRO E 855 -40.52 -31.24 -57.34
C PRO E 855 -39.92 -30.56 -58.55
N ARG E 856 -40.57 -29.56 -59.13
CA ARG E 856 -40.05 -28.90 -60.31
C ARG E 856 -38.94 -27.90 -59.99
N HIS E 857 -38.78 -27.53 -58.73
CA HIS E 857 -37.73 -26.59 -58.36
C HIS E 857 -36.35 -27.25 -58.51
N PRO E 858 -35.35 -26.52 -59.00
CA PRO E 858 -34.00 -27.12 -59.12
C PRO E 858 -33.35 -27.41 -57.79
N LEU E 859 -33.82 -26.80 -56.70
CA LEU E 859 -33.28 -27.06 -55.38
C LEU E 859 -34.12 -28.05 -54.59
N HIS E 860 -35.12 -28.66 -55.23
CA HIS E 860 -35.98 -29.61 -54.56
C HIS E 860 -35.24 -30.90 -54.26
N ALA E 861 -35.80 -31.69 -53.35
CA ALA E 861 -35.23 -32.98 -52.98
C ALA E 861 -34.97 -33.86 -54.18
N HIS E 862 -35.92 -33.87 -55.13
CA HIS E 862 -35.87 -34.87 -56.19
C HIS E 862 -34.69 -34.65 -57.13
N GLN E 863 -34.31 -33.39 -57.35
CA GLN E 863 -33.32 -33.07 -58.37
C GLN E 863 -31.95 -32.71 -57.79
N LEU E 864 -31.66 -33.13 -56.57
CA LEU E 864 -30.32 -32.99 -56.00
C LEU E 864 -29.59 -34.30 -56.24
N VAL E 865 -28.81 -34.34 -57.33
CA VAL E 865 -28.00 -35.50 -57.64
C VAL E 865 -26.59 -35.23 -57.14
N PRO E 866 -25.90 -36.22 -56.58
CA PRO E 866 -24.57 -35.97 -56.02
C PRO E 866 -23.62 -35.45 -57.07
N ASN E 867 -22.70 -34.58 -56.63
CA ASN E 867 -21.58 -34.15 -57.46
C ASN E 867 -22.05 -33.34 -58.66
N SER E 868 -22.76 -32.26 -58.36
CA SER E 868 -23.28 -31.36 -59.37
C SER E 868 -23.13 -29.93 -58.90
N LEU E 869 -23.71 -28.99 -59.64
CA LEU E 869 -23.77 -27.63 -59.14
C LEU E 869 -24.89 -27.47 -58.13
N ASN E 870 -25.98 -28.22 -58.29
CA ASN E 870 -27.11 -28.10 -57.38
C ASN E 870 -26.71 -28.50 -55.96
N VAL E 871 -25.86 -29.53 -55.84
CA VAL E 871 -25.40 -29.89 -54.50
C VAL E 871 -24.52 -28.79 -53.93
N TYR E 872 -23.84 -28.02 -54.77
CA TYR E 872 -23.12 -26.86 -54.27
C TYR E 872 -24.06 -25.79 -53.75
N PHE E 873 -25.05 -25.44 -54.56
CA PHE E 873 -25.95 -24.35 -54.19
C PHE E 873 -26.83 -24.71 -53.01
N HIS E 874 -27.25 -25.97 -52.90
CA HIS E 874 -27.96 -26.42 -51.73
C HIS E 874 -27.03 -26.65 -50.55
N ASN E 875 -25.79 -27.06 -50.83
CA ASN E 875 -24.74 -27.04 -49.83
C ASN E 875 -24.32 -25.61 -49.55
N ALA E 876 -25.06 -24.66 -50.09
CA ALA E 876 -25.12 -23.29 -49.61
C ALA E 876 -26.54 -22.73 -49.62
N HIS E 877 -27.54 -23.54 -49.95
CA HIS E 877 -28.96 -23.14 -49.98
C HIS E 877 -29.15 -21.72 -50.52
N LEU E 878 -28.86 -21.55 -51.80
CA LEU E 878 -29.24 -20.34 -52.50
C LEU E 878 -30.45 -20.62 -53.37
N THR E 879 -31.61 -20.14 -52.93
CA THR E 879 -32.85 -20.35 -53.66
C THR E 879 -32.75 -19.62 -54.99
N VAL E 880 -32.50 -20.38 -56.06
CA VAL E 880 -32.30 -19.83 -57.38
C VAL E 880 -33.24 -20.53 -58.35
N ASP E 881 -33.50 -19.88 -59.47
CA ASP E 881 -34.45 -20.38 -60.44
C ASP E 881 -33.72 -21.02 -61.62
N GLY E 882 -34.49 -21.62 -62.52
CA GLY E 882 -33.90 -22.35 -63.62
C GLY E 882 -33.06 -21.46 -64.53
N ASP E 883 -33.59 -20.30 -64.90
CA ASP E 883 -32.84 -19.37 -65.74
C ASP E 883 -31.60 -18.86 -65.03
N ALA E 884 -31.69 -18.62 -63.72
CA ALA E 884 -30.54 -18.16 -62.96
C ALA E 884 -29.38 -19.13 -63.11
N LEU E 885 -29.63 -20.42 -62.90
CA LEU E 885 -28.57 -21.41 -63.09
C LEU E 885 -28.18 -21.54 -64.56
N LEU E 886 -29.14 -21.40 -65.46
CA LEU E 886 -28.84 -21.57 -66.89
C LEU E 886 -27.95 -20.46 -67.43
N THR E 887 -27.88 -19.33 -66.74
CA THR E 887 -27.03 -18.23 -67.21
C THR E 887 -25.55 -18.62 -67.22
N LEU E 888 -25.16 -19.65 -66.45
CA LEU E 888 -23.77 -20.08 -66.44
C LEU E 888 -23.29 -20.47 -67.83
N GLN E 889 -24.18 -21.02 -68.66
CA GLN E 889 -23.77 -21.38 -70.01
C GLN E 889 -23.32 -20.17 -70.79
N GLU E 890 -24.06 -19.06 -70.71
CA GLU E 890 -23.64 -17.85 -71.40
C GLU E 890 -22.40 -17.27 -70.75
N LEU E 891 -22.21 -17.52 -69.46
CA LEU E 891 -20.93 -17.17 -68.85
C LEU E 891 -19.78 -17.92 -69.51
N MET E 892 -20.01 -19.19 -69.84
CA MET E 892 -18.97 -20.11 -70.30
C MET E 892 -18.35 -19.62 -71.62
N GLY E 893 -18.87 -18.53 -72.17
CA GLY E 893 -18.32 -17.99 -73.41
C GLY E 893 -16.91 -17.48 -73.27
N ASP E 894 -16.56 -17.01 -72.07
CA ASP E 894 -15.21 -16.56 -71.76
C ASP E 894 -14.69 -17.31 -70.55
N MET E 895 -13.37 -17.37 -70.39
CA MET E 895 -12.75 -18.15 -69.33
C MET E 895 -11.51 -17.44 -68.81
N ALA E 896 -10.86 -18.12 -67.87
CA ALA E 896 -9.49 -17.81 -67.47
C ALA E 896 -8.72 -19.12 -67.43
N GLU E 897 -7.58 -19.16 -68.10
CA GLU E 897 -6.84 -20.43 -68.21
C GLU E 897 -6.27 -20.84 -66.87
N ARG E 898 -5.37 -20.04 -66.31
CA ARG E 898 -4.76 -20.38 -65.04
C ARG E 898 -4.14 -19.13 -64.41
N THR E 899 -4.08 -19.12 -63.10
CA THR E 899 -3.42 -18.03 -62.40
C THR E 899 -1.91 -18.15 -62.53
N THR E 900 -1.24 -17.01 -62.57
CA THR E 900 0.19 -16.97 -62.81
C THR E 900 0.83 -15.93 -61.90
N ALA E 901 2.12 -16.11 -61.66
CA ALA E 901 2.89 -15.26 -60.75
C ALA E 901 3.61 -14.19 -61.56
N ILE E 902 3.29 -12.94 -61.30
CA ILE E 902 3.89 -11.80 -62.00
C ILE E 902 4.81 -11.09 -61.03
N LEU E 903 6.07 -10.97 -61.39
CA LEU E 903 7.06 -10.23 -60.60
C LEU E 903 7.52 -9.03 -61.42
N VAL E 904 7.14 -7.84 -60.99
CA VAL E 904 7.52 -6.62 -61.68
C VAL E 904 8.65 -5.96 -60.91
N SER E 905 9.51 -5.26 -61.64
CA SER E 905 10.69 -4.63 -61.06
C SER E 905 10.84 -3.25 -61.65
N SER E 906 11.52 -2.37 -60.93
CA SER E 906 11.72 -1.01 -61.38
C SER E 906 12.81 -0.36 -60.54
N ALA E 907 13.15 0.86 -60.91
CA ALA E 907 14.08 1.69 -60.18
C ALA E 907 13.32 2.68 -59.32
N PRO E 908 13.95 3.20 -58.25
CA PRO E 908 13.26 4.18 -57.42
C PRO E 908 12.91 5.43 -58.22
N ASP E 909 11.83 6.08 -57.80
CA ASP E 909 11.26 7.18 -58.58
C ASP E 909 12.27 8.31 -58.76
N ALA E 910 11.89 9.26 -59.62
CA ALA E 910 12.78 10.36 -59.96
C ALA E 910 13.13 11.24 -58.78
N GLY E 911 12.34 11.18 -57.71
CA GLY E 911 12.65 12.00 -56.54
C GLY E 911 13.95 11.60 -55.87
N ALA E 912 14.15 10.30 -55.67
CA ALA E 912 15.34 9.80 -54.97
C ALA E 912 16.32 9.12 -55.91
N ALA E 913 16.22 9.37 -57.21
CA ALA E 913 17.09 8.71 -58.18
C ALA E 913 18.42 9.44 -58.20
N THR E 914 19.31 9.06 -57.30
CA THR E 914 20.66 9.56 -57.34
C THR E 914 21.54 8.59 -58.14
N ALA E 915 22.83 8.88 -58.25
CA ALA E 915 23.71 8.05 -59.06
C ALA E 915 24.00 6.70 -58.41
N THR E 916 23.76 6.56 -57.11
CA THR E 916 24.09 5.32 -56.41
C THR E 916 22.88 4.50 -56.00
N THR E 917 21.66 5.05 -56.09
CA THR E 917 20.48 4.25 -55.81
C THR E 917 19.85 3.67 -57.06
N ARG E 918 20.38 3.98 -58.25
CA ARG E 918 19.82 3.42 -59.46
C ARG E 918 20.08 1.92 -59.55
N ASN E 919 21.23 1.45 -59.07
CA ASN E 919 21.46 0.02 -58.97
C ASN E 919 20.47 -0.62 -58.01
N MET E 920 20.14 0.08 -56.93
CA MET E 920 19.17 -0.39 -55.97
C MET E 920 17.80 -0.47 -56.64
N ARG E 921 17.14 -1.62 -56.52
CA ARG E 921 15.87 -1.84 -57.19
C ARG E 921 14.84 -2.34 -56.18
N ILE E 922 13.58 -2.26 -56.56
CA ILE E 922 12.48 -2.75 -55.73
C ILE E 922 11.75 -3.84 -56.50
N TYR E 923 11.54 -4.98 -55.85
CA TYR E 923 10.88 -6.12 -56.44
C TYR E 923 9.59 -6.39 -55.67
N ASP E 924 8.48 -6.50 -56.40
CA ASP E 924 7.22 -6.86 -55.76
C ASP E 924 6.38 -7.65 -56.75
N GLY E 925 5.52 -8.52 -56.21
CA GLY E 925 4.81 -9.49 -57.01
C GLY E 925 3.30 -9.34 -56.90
N ALA E 926 2.62 -10.00 -57.83
CA ALA E 926 1.17 -10.00 -57.85
C ALA E 926 0.69 -11.30 -58.47
N LEU E 927 -0.49 -11.73 -58.04
CA LEU E 927 -1.11 -12.95 -58.56
C LEU E 927 -2.13 -12.56 -59.60
N TYR E 928 -1.85 -12.87 -60.85
CA TYR E 928 -2.81 -12.65 -61.91
C TYR E 928 -3.91 -13.69 -61.79
N HIS E 929 -5.17 -13.25 -61.89
CA HIS E 929 -6.33 -14.13 -61.78
C HIS E 929 -6.31 -14.91 -60.47
N GLY E 930 -5.81 -14.29 -59.40
CA GLY E 930 -5.78 -14.90 -58.09
C GLY E 930 -7.02 -14.57 -57.28
N LEU E 931 -7.03 -15.06 -56.05
CA LEU E 931 -8.14 -14.87 -55.14
C LEU E 931 -7.63 -14.57 -53.75
N ILE E 932 -8.50 -13.98 -52.94
CA ILE E 932 -8.22 -13.70 -51.54
C ILE E 932 -9.32 -14.30 -50.70
N MET E 933 -8.97 -15.20 -49.80
CA MET E 933 -9.97 -15.78 -48.92
C MET E 933 -9.98 -14.99 -47.62
N MET E 934 -11.17 -14.57 -47.19
CA MET E 934 -11.28 -13.78 -45.97
C MET E 934 -10.79 -14.55 -44.76
N ALA E 935 -11.28 -15.78 -44.58
CA ALA E 935 -10.85 -16.57 -43.46
C ALA E 935 -10.87 -18.03 -43.85
N TYR E 936 -10.03 -18.82 -43.19
CA TYR E 936 -9.81 -20.20 -43.57
C TYR E 936 -10.44 -21.13 -42.56
N GLN E 937 -11.26 -22.04 -43.05
CA GLN E 937 -11.75 -23.17 -42.27
C GLN E 937 -11.07 -24.43 -42.78
N ALA E 938 -10.54 -25.24 -41.85
CA ALA E 938 -9.67 -26.37 -42.09
C ALA E 938 -10.39 -27.68 -42.21
N TYR E 939 -11.67 -27.70 -41.92
CA TYR E 939 -12.34 -28.90 -41.46
C TYR E 939 -13.52 -29.20 -42.36
N ASP E 940 -13.55 -28.54 -43.51
CA ASP E 940 -14.67 -28.53 -44.44
C ASP E 940 -14.47 -29.70 -45.41
N GLU E 941 -15.51 -30.52 -45.58
CA GLU E 941 -15.34 -31.82 -46.25
C GLU E 941 -16.26 -32.05 -47.44
N THR E 942 -17.01 -31.03 -47.90
CA THR E 942 -17.64 -31.14 -49.21
C THR E 942 -16.61 -30.95 -50.30
N ILE E 943 -15.59 -30.17 -49.99
CA ILE E 943 -14.42 -30.03 -50.83
C ILE E 943 -13.25 -30.57 -50.03
N ALA E 944 -12.59 -31.58 -50.56
CA ALA E 944 -11.36 -32.02 -49.94
C ALA E 944 -10.38 -30.86 -49.91
N THR E 945 -9.54 -30.82 -48.88
CA THR E 945 -8.64 -29.70 -48.72
C THR E 945 -7.80 -29.53 -49.98
N GLY E 946 -7.72 -28.30 -50.47
CA GLY E 946 -6.92 -28.01 -51.63
C GLY E 946 -7.49 -28.53 -52.94
N THR E 947 -8.79 -28.75 -53.02
CA THR E 947 -9.36 -29.22 -54.28
C THR E 947 -9.38 -28.11 -55.32
N PHE E 948 -9.73 -26.89 -54.94
CA PHE E 948 -9.84 -25.80 -55.89
C PHE E 948 -8.80 -24.72 -55.71
N PHE E 949 -8.46 -24.37 -54.48
CA PHE E 949 -7.58 -23.25 -54.20
C PHE E 949 -6.35 -23.71 -53.43
N TYR E 950 -5.21 -23.10 -53.75
CA TYR E 950 -4.00 -23.37 -53.02
C TYR E 950 -3.37 -22.05 -52.57
N PRO E 951 -2.71 -22.04 -51.41
CA PRO E 951 -2.19 -20.77 -50.88
C PRO E 951 -0.96 -20.32 -51.66
N VAL E 952 -1.02 -19.10 -52.18
CA VAL E 952 0.15 -18.46 -52.79
C VAL E 952 0.26 -17.06 -52.22
N PRO E 953 0.79 -16.90 -51.00
CA PRO E 953 0.78 -15.58 -50.35
C PRO E 953 1.98 -14.74 -50.79
N VAL E 954 1.71 -13.58 -51.36
CA VAL E 954 2.75 -12.59 -51.65
C VAL E 954 2.30 -11.24 -51.09
N ASN E 955 2.57 -11.03 -49.80
CA ASN E 955 2.79 -9.80 -49.03
C ASN E 955 2.98 -10.20 -47.57
N PRO E 956 3.73 -9.43 -46.79
CA PRO E 956 3.61 -9.57 -45.34
C PRO E 956 2.20 -9.32 -44.85
N LEU E 957 1.45 -8.45 -45.53
CA LEU E 957 0.06 -8.18 -45.14
C LEU E 957 -0.80 -9.43 -45.28
N PHE E 958 -0.61 -10.18 -46.36
CA PHE E 958 -1.48 -11.29 -46.71
C PHE E 958 -0.88 -12.63 -46.34
N ALA E 959 0.12 -12.64 -45.47
CA ALA E 959 0.64 -13.90 -44.96
C ALA E 959 -0.47 -14.66 -44.26
N CYS E 960 -0.40 -15.98 -44.34
CA CYS E 960 -1.47 -16.86 -43.85
C CYS E 960 -0.86 -18.12 -43.25
N PRO E 961 -0.41 -18.04 -41.99
CA PRO E 961 0.12 -19.24 -41.35
C PRO E 961 -0.94 -20.31 -41.16
N GLU E 962 -2.19 -19.92 -41.28
CA GLU E 962 -3.32 -20.82 -41.08
C GLU E 962 -3.81 -21.43 -42.38
N HIS E 963 -3.66 -20.72 -43.51
CA HIS E 963 -4.18 -21.23 -44.77
C HIS E 963 -3.31 -22.32 -45.38
N LEU E 964 -2.09 -22.51 -44.87
CA LEU E 964 -1.17 -23.43 -45.51
C LEU E 964 -1.59 -24.89 -45.36
N ALA E 965 -2.61 -25.17 -44.55
CA ALA E 965 -3.11 -26.53 -44.51
C ALA E 965 -3.71 -26.95 -45.84
N SER E 966 -4.17 -26.01 -46.66
CA SER E 966 -4.69 -26.35 -47.98
C SER E 966 -3.60 -26.88 -48.91
N LEU E 967 -2.34 -26.63 -48.60
CA LEU E 967 -1.26 -27.11 -49.45
C LEU E 967 -1.17 -28.63 -49.38
N ARG E 968 -0.96 -29.24 -50.54
CA ARG E 968 -0.83 -30.70 -50.59
C ARG E 968 0.48 -31.13 -49.95
N GLY E 969 0.39 -32.10 -49.05
CA GLY E 969 1.57 -32.59 -48.37
C GLY E 969 2.19 -31.57 -47.43
N MET E 970 1.44 -31.15 -46.42
CA MET E 970 1.97 -30.28 -45.38
C MET E 970 2.14 -31.07 -44.09
N THR E 971 3.36 -31.08 -43.58
CA THR E 971 3.69 -31.79 -42.36
C THR E 971 3.67 -30.85 -41.17
N ASN E 972 4.05 -31.38 -40.01
CA ASN E 972 4.04 -30.57 -38.82
C ASN E 972 5.08 -29.46 -38.87
N ALA E 973 6.33 -29.81 -39.18
CA ALA E 973 7.44 -28.86 -39.09
C ALA E 973 7.23 -27.70 -40.04
N ARG E 974 6.77 -27.98 -41.27
CA ARG E 974 6.74 -26.93 -42.26
C ARG E 974 5.72 -25.85 -41.92
N ARG E 975 4.52 -26.23 -41.48
CA ARG E 975 3.53 -25.22 -41.10
C ARG E 975 3.94 -24.51 -39.82
N VAL E 976 4.44 -25.27 -38.85
CA VAL E 976 4.71 -24.64 -37.57
C VAL E 976 5.93 -23.75 -37.67
N LEU E 977 6.77 -23.98 -38.68
CA LEU E 977 7.88 -23.09 -38.97
C LEU E 977 7.44 -21.99 -39.93
N ALA E 978 6.37 -22.25 -40.67
CA ALA E 978 5.82 -21.24 -41.54
C ALA E 978 5.17 -20.13 -40.77
N LYS E 979 4.82 -20.37 -39.51
CA LYS E 979 4.09 -19.31 -38.85
C LYS E 979 5.05 -18.19 -38.44
N MET E 980 6.36 -18.42 -38.59
CA MET E 980 7.37 -17.44 -38.20
C MET E 980 7.47 -16.25 -39.13
N VAL E 981 7.82 -16.49 -40.38
CA VAL E 981 8.07 -15.45 -41.38
C VAL E 981 7.02 -15.64 -42.45
N PRO E 982 6.51 -14.56 -43.03
CA PRO E 982 5.52 -14.70 -44.07
C PRO E 982 6.05 -15.58 -45.17
N PRO E 983 5.49 -16.79 -45.33
CA PRO E 983 6.06 -17.75 -46.27
C PRO E 983 5.86 -17.26 -47.69
N ILE E 984 6.63 -16.25 -48.06
CA ILE E 984 6.51 -15.58 -49.35
C ILE E 984 7.58 -16.16 -50.27
N PRO E 985 7.21 -16.78 -51.40
CA PRO E 985 8.20 -17.43 -52.24
C PRO E 985 9.23 -16.43 -52.74
N PRO E 986 10.50 -16.85 -52.87
CA PRO E 986 11.51 -15.93 -53.39
C PRO E 986 11.26 -15.50 -54.82
N PHE E 987 10.47 -16.24 -55.59
CA PHE E 987 10.16 -15.81 -56.95
C PHE E 987 9.02 -14.82 -57.02
N LEU E 988 8.62 -14.25 -55.88
CA LEU E 988 7.63 -13.18 -55.84
C LEU E 988 8.13 -11.98 -55.06
N GLY E 989 9.43 -11.88 -54.87
CA GLY E 989 10.01 -10.78 -54.13
C GLY E 989 10.18 -11.13 -52.66
N ALA E 990 11.25 -10.62 -52.06
CA ALA E 990 11.54 -10.87 -50.67
C ALA E 990 11.19 -9.64 -49.83
N ASN E 991 11.23 -9.82 -48.51
CA ASN E 991 10.85 -8.74 -47.62
C ASN E 991 11.74 -7.52 -47.79
N HIS E 992 13.05 -7.73 -47.87
CA HIS E 992 13.97 -6.60 -47.88
C HIS E 992 14.10 -5.95 -49.25
N HIS E 993 13.48 -6.51 -50.29
CA HIS E 993 13.49 -5.88 -51.59
C HIS E 993 12.11 -5.43 -52.05
N ALA E 994 11.09 -5.58 -51.22
CA ALA E 994 9.74 -5.21 -51.62
C ALA E 994 9.41 -3.81 -51.15
N THR E 995 8.17 -3.39 -51.42
CA THR E 995 7.69 -2.09 -50.98
C THR E 995 7.02 -2.19 -49.62
N ILE E 996 6.02 -3.06 -49.49
CA ILE E 996 5.35 -3.29 -48.22
C ILE E 996 6.14 -4.35 -47.47
N ARG E 997 6.74 -3.95 -46.35
CA ARG E 997 7.65 -4.84 -45.64
C ARG E 997 7.03 -5.31 -44.34
N GLN E 998 7.81 -6.03 -43.55
CA GLN E 998 7.32 -6.60 -42.31
C GLN E 998 6.71 -5.57 -41.36
N PRO E 999 7.34 -4.43 -41.07
CA PRO E 999 6.81 -3.56 -40.01
C PRO E 999 5.37 -3.12 -40.22
N VAL E 1000 4.95 -2.83 -41.45
CA VAL E 1000 3.57 -2.39 -41.64
C VAL E 1000 2.61 -3.56 -41.41
N ALA E 1001 3.01 -4.78 -41.77
CA ALA E 1001 2.19 -5.94 -41.45
C ALA E 1001 2.08 -6.14 -39.94
N TYR E 1002 3.20 -6.02 -39.24
CA TYR E 1002 3.19 -6.00 -37.79
C TYR E 1002 2.20 -4.98 -37.28
N HIS E 1003 2.23 -3.78 -37.85
CA HIS E 1003 1.33 -2.72 -37.45
C HIS E 1003 -0.13 -3.16 -37.62
N VAL E 1004 -0.50 -3.58 -38.82
CA VAL E 1004 -1.90 -3.87 -39.09
C VAL E 1004 -2.39 -5.05 -38.25
N THR E 1005 -1.51 -5.99 -37.93
CA THR E 1005 -1.94 -7.13 -37.13
C THR E 1005 -1.82 -6.90 -35.63
N HIS E 1006 -1.24 -5.78 -35.21
CA HIS E 1006 -1.04 -5.52 -33.79
C HIS E 1006 -1.53 -4.13 -33.41
N SER E 1007 -1.73 -3.25 -34.37
CA SER E 1007 -2.28 -1.93 -34.10
C SER E 1007 -3.68 -2.11 -33.60
N LYS E 1008 -4.10 -1.22 -32.72
CA LYS E 1008 -5.31 -1.50 -31.97
C LYS E 1008 -5.99 -0.23 -31.51
N SER E 1009 -6.81 0.35 -32.38
CA SER E 1009 -7.65 1.46 -31.96
C SER E 1009 -9.12 1.24 -32.31
N ASP E 1010 -9.42 1.04 -33.59
CA ASP E 1010 -10.78 1.09 -34.10
C ASP E 1010 -10.72 0.63 -35.56
N PHE E 1011 -11.81 0.80 -36.29
CA PHE E 1011 -11.81 0.46 -37.69
C PHE E 1011 -11.80 1.66 -38.61
N ASN E 1012 -11.99 2.87 -38.08
CA ASN E 1012 -11.76 4.07 -38.87
C ASN E 1012 -10.36 4.62 -38.62
N THR E 1013 -10.02 4.85 -37.36
CA THR E 1013 -8.70 5.35 -37.02
C THR E 1013 -7.61 4.43 -37.57
N LEU E 1014 -7.85 3.12 -37.57
CA LEU E 1014 -6.86 2.21 -38.13
C LEU E 1014 -6.66 2.46 -39.62
N THR E 1015 -7.76 2.67 -40.36
CA THR E 1015 -7.63 2.94 -41.78
C THR E 1015 -6.88 4.22 -42.04
N TYR E 1016 -7.21 5.29 -41.30
CA TYR E 1016 -6.51 6.55 -41.53
C TYR E 1016 -5.05 6.44 -41.13
N SER E 1017 -4.75 5.72 -40.05
CA SER E 1017 -3.37 5.53 -39.68
C SER E 1017 -2.60 4.79 -40.76
N LEU E 1018 -3.19 3.73 -41.32
CA LEU E 1018 -2.54 2.99 -42.39
C LEU E 1018 -2.29 3.89 -43.59
N LEU E 1019 -3.28 4.71 -43.95
CA LEU E 1019 -3.07 5.65 -45.03
C LEU E 1019 -1.93 6.61 -44.72
N GLY E 1020 -1.87 7.08 -43.48
CA GLY E 1020 -0.73 7.89 -43.08
C GLY E 1020 0.58 7.13 -43.18
N GLY E 1021 0.52 5.81 -43.09
CA GLY E 1021 1.73 5.02 -43.27
C GLY E 1021 2.28 5.14 -44.68
N TYR E 1022 1.41 5.13 -45.69
CA TYR E 1022 1.85 5.05 -47.09
C TYR E 1022 2.17 6.44 -47.64
N PHE E 1023 3.18 7.07 -47.06
CA PHE E 1023 3.73 8.31 -47.61
C PHE E 1023 5.22 8.12 -47.81
N LYS E 1024 5.70 8.49 -48.99
CA LYS E 1024 7.09 8.22 -49.33
C LYS E 1024 8.03 8.99 -48.43
N PHE E 1025 9.22 8.41 -48.21
CA PHE E 1025 10.28 9.07 -47.48
C PHE E 1025 11.34 9.65 -48.39
N THR E 1026 11.09 9.67 -49.69
CA THR E 1026 11.95 10.36 -50.63
C THR E 1026 12.01 11.85 -50.29
N PRO E 1027 13.18 12.48 -50.39
CA PRO E 1027 13.28 13.89 -50.00
C PRO E 1027 12.28 14.81 -50.68
N ILE E 1028 11.91 14.55 -51.94
CA ILE E 1028 10.84 15.35 -52.53
C ILE E 1028 9.53 15.14 -51.77
N SER E 1029 9.23 13.89 -51.43
CA SER E 1029 8.04 13.61 -50.63
C SER E 1029 8.13 14.26 -49.27
N LEU E 1030 9.34 14.31 -48.69
CA LEU E 1030 9.52 15.03 -47.45
C LEU E 1030 9.20 16.51 -47.62
N THR E 1031 9.62 17.08 -48.75
CA THR E 1031 9.28 18.48 -49.03
C THR E 1031 7.77 18.68 -49.05
N HIS E 1032 7.07 17.80 -49.76
CA HIS E 1032 5.61 17.93 -49.84
C HIS E 1032 4.98 17.84 -48.45
N GLN E 1033 5.36 16.82 -47.68
CA GLN E 1033 4.74 16.61 -46.37
C GLN E 1033 5.03 17.77 -45.44
N LEU E 1034 6.27 18.26 -45.43
CA LEU E 1034 6.61 19.34 -44.51
C LEU E 1034 5.92 20.64 -44.90
N ARG E 1035 5.82 20.93 -46.20
CA ARG E 1035 5.11 22.13 -46.61
C ARG E 1035 3.64 22.06 -46.25
N THR E 1036 3.02 20.90 -46.44
CA THR E 1036 1.59 20.81 -46.19
C THR E 1036 1.26 20.93 -44.71
N GLY E 1037 1.96 20.18 -43.86
CA GLY E 1037 1.67 20.20 -42.44
C GLY E 1037 1.70 18.82 -41.83
N PHE E 1038 1.95 17.82 -42.66
CA PHE E 1038 2.06 16.45 -42.20
C PHE E 1038 3.27 16.30 -41.27
N HIS E 1039 3.23 15.25 -40.45
CA HIS E 1039 4.32 14.97 -39.53
C HIS E 1039 4.93 13.61 -39.84
N PRO E 1040 6.01 13.55 -40.61
CA PRO E 1040 6.60 12.25 -40.93
C PRO E 1040 7.15 11.59 -39.68
N GLY E 1041 7.31 10.27 -39.76
CA GLY E 1041 7.75 9.51 -38.61
C GLY E 1041 9.21 9.70 -38.29
N ILE E 1042 9.61 10.94 -37.99
CA ILE E 1042 10.99 11.24 -37.65
C ILE E 1042 10.98 12.45 -36.72
N ALA E 1043 11.98 12.52 -35.85
CA ALA E 1043 12.10 13.62 -34.89
C ALA E 1043 13.45 14.29 -35.06
N PHE E 1044 13.56 15.49 -34.53
CA PHE E 1044 14.77 16.29 -34.64
C PHE E 1044 15.21 16.78 -33.28
N THR E 1045 16.50 17.00 -33.14
CA THR E 1045 17.06 17.73 -32.01
C THR E 1045 17.84 18.92 -32.57
N VAL E 1046 17.56 20.10 -32.02
CA VAL E 1046 18.14 21.35 -32.52
C VAL E 1046 19.31 21.73 -31.63
N VAL E 1047 20.37 22.24 -32.24
CA VAL E 1047 21.55 22.70 -31.52
C VAL E 1047 21.87 24.10 -32.00
N ARG E 1048 22.11 25.01 -31.06
CA ARG E 1048 22.38 26.40 -31.38
C ARG E 1048 23.44 26.93 -30.42
N GLN E 1049 24.43 27.63 -30.94
CA GLN E 1049 25.52 28.16 -30.14
C GLN E 1049 25.31 29.65 -29.90
N ASP E 1050 25.63 30.10 -28.69
CA ASP E 1050 25.39 31.48 -28.29
C ASP E 1050 26.66 32.10 -27.75
N ARG E 1051 26.69 33.42 -27.74
CA ARG E 1051 27.79 34.20 -27.18
C ARG E 1051 27.27 35.08 -26.06
N PHE E 1052 28.16 35.44 -25.14
CA PHE E 1052 27.84 36.37 -24.07
C PHE E 1052 29.08 37.15 -23.68
N ALA E 1053 28.89 38.44 -23.42
CA ALA E 1053 29.98 39.28 -22.92
C ALA E 1053 29.96 39.23 -21.40
N THR E 1054 31.08 38.83 -20.81
CA THR E 1054 31.17 38.64 -19.37
C THR E 1054 32.31 39.47 -18.81
N GLU E 1055 32.06 40.08 -17.67
CA GLU E 1055 33.10 40.78 -16.93
C GLU E 1055 33.78 39.82 -15.97
N GLN E 1056 35.09 39.67 -16.14
CA GLN E 1056 35.84 38.64 -15.44
C GLN E 1056 36.45 39.21 -14.17
N LEU E 1057 37.20 38.37 -13.48
CA LEU E 1057 37.72 38.69 -12.16
C LEU E 1057 39.04 37.94 -11.99
N LEU E 1058 40.15 38.68 -11.96
CA LEU E 1058 41.47 38.08 -11.93
C LEU E 1058 42.15 38.38 -10.61
N TYR E 1059 42.93 37.42 -10.12
CA TYR E 1059 43.71 37.58 -8.91
C TYR E 1059 45.11 37.04 -9.17
N ALA E 1060 46.12 37.76 -8.70
CA ALA E 1060 47.50 37.35 -8.89
C ALA E 1060 48.26 37.49 -7.57
N GLU E 1061 49.23 36.59 -7.37
CA GLU E 1061 50.00 36.60 -6.15
C GLU E 1061 51.14 37.61 -6.26
N ARG E 1062 51.95 37.73 -5.22
CA ARG E 1062 52.94 38.81 -5.17
C ARG E 1062 54.03 38.61 -6.21
N ALA E 1063 54.85 37.57 -6.04
CA ALA E 1063 55.94 37.32 -6.98
C ALA E 1063 55.49 36.39 -8.08
N SER E 1064 54.46 36.77 -8.83
CA SER E 1064 53.87 35.82 -9.77
C SER E 1064 54.72 35.66 -11.01
N GLU E 1065 55.52 36.66 -11.38
CA GLU E 1065 56.12 36.65 -12.69
C GLU E 1065 57.40 37.47 -12.68
N SER E 1066 58.47 36.89 -13.21
CA SER E 1066 59.72 37.60 -13.39
C SER E 1066 59.73 38.22 -14.78
N TYR E 1067 60.15 39.48 -14.87
CA TYR E 1067 59.88 40.31 -16.03
C TYR E 1067 61.13 41.12 -16.35
N PHE E 1068 61.80 40.75 -17.44
CA PHE E 1068 63.07 41.36 -17.81
C PHE E 1068 62.86 42.35 -18.95
N VAL E 1069 63.39 43.56 -18.78
CA VAL E 1069 63.22 44.65 -19.73
C VAL E 1069 64.55 44.89 -20.42
N GLY E 1070 64.51 44.96 -21.74
CA GLY E 1070 65.72 45.17 -22.52
C GLY E 1070 66.00 46.64 -22.80
N GLN E 1071 66.59 46.91 -23.97
CA GLN E 1071 66.97 48.26 -24.35
C GLN E 1071 66.33 48.61 -25.68
N ILE E 1072 65.93 49.87 -25.83
CA ILE E 1072 65.15 50.30 -26.98
C ILE E 1072 66.07 50.59 -28.16
N GLN E 1073 65.59 50.27 -29.35
CA GLN E 1073 66.24 50.65 -30.59
C GLN E 1073 65.20 51.15 -31.57
N VAL E 1074 65.61 52.04 -32.46
CA VAL E 1074 64.70 52.67 -33.39
C VAL E 1074 64.92 52.08 -34.77
N HIS E 1075 63.87 52.14 -35.59
CA HIS E 1075 63.95 51.66 -36.97
C HIS E 1075 63.44 52.75 -37.89
N HIS E 1076 64.19 53.00 -38.96
CA HIS E 1076 63.93 54.09 -39.88
C HIS E 1076 63.34 53.54 -41.17
N HIS E 1077 62.26 54.16 -41.65
CA HIS E 1077 61.70 53.75 -42.93
C HIS E 1077 60.83 54.87 -43.48
N ASP E 1078 60.68 54.88 -44.82
CA ASP E 1078 59.90 55.91 -45.47
C ASP E 1078 58.42 55.54 -45.48
N ALA E 1079 57.57 56.57 -45.56
CA ALA E 1079 56.13 56.41 -45.55
C ALA E 1079 55.53 57.38 -46.56
N ILE E 1080 54.21 57.54 -46.51
CA ILE E 1080 53.52 58.30 -47.55
C ILE E 1080 53.84 59.80 -47.43
N GLY E 1081 53.83 60.34 -46.23
CA GLY E 1081 54.06 61.75 -46.05
C GLY E 1081 55.51 62.06 -45.73
N GLY E 1082 56.04 61.33 -44.76
CA GLY E 1082 57.43 61.50 -44.38
C GLY E 1082 58.04 60.16 -44.03
N VAL E 1083 58.73 60.10 -42.90
CA VAL E 1083 59.35 58.87 -42.45
C VAL E 1083 58.60 58.37 -41.22
N ASN E 1084 58.68 57.06 -41.00
CA ASN E 1084 58.07 56.42 -39.84
C ASN E 1084 59.18 55.91 -38.93
N PHE E 1085 59.07 56.20 -37.64
CA PHE E 1085 60.03 55.72 -36.67
C PHE E 1085 59.35 54.67 -35.81
N THR E 1086 59.92 53.47 -35.78
CA THR E 1086 59.36 52.36 -35.03
C THR E 1086 60.29 52.09 -33.85
N LEU E 1087 59.83 52.39 -32.65
CA LEU E 1087 60.57 52.12 -31.43
C LEU E 1087 60.18 50.74 -30.91
N THR E 1088 61.15 49.84 -30.85
CA THR E 1088 60.91 48.49 -30.36
C THR E 1088 61.79 48.23 -29.15
N GLN E 1089 61.34 47.31 -28.30
CA GLN E 1089 62.06 46.97 -27.09
C GLN E 1089 61.77 45.53 -26.70
N PRO E 1090 62.75 44.64 -26.74
CA PRO E 1090 62.51 43.24 -26.40
C PRO E 1090 62.50 43.02 -24.90
N ARG E 1091 61.67 42.05 -24.49
CA ARG E 1091 61.51 41.75 -23.07
C ARG E 1091 61.15 40.28 -22.91
N ALA E 1092 61.36 39.77 -21.70
CA ALA E 1092 61.14 38.37 -21.41
C ALA E 1092 60.43 38.22 -20.07
N HIS E 1093 59.59 37.18 -19.97
CA HIS E 1093 58.78 36.95 -18.78
C HIS E 1093 58.83 35.47 -18.41
N VAL E 1094 58.81 35.19 -17.10
CA VAL E 1094 58.92 33.82 -16.56
C VAL E 1094 57.97 33.63 -15.41
N ASP E 1095 57.23 32.52 -15.42
CA ASP E 1095 56.32 32.18 -14.32
C ASP E 1095 57.11 31.43 -13.25
N LEU E 1096 57.49 32.14 -12.20
CA LEU E 1096 58.28 31.53 -11.13
C LEU E 1096 57.40 31.02 -9.99
N GLY E 1097 56.35 30.29 -10.33
CA GLY E 1097 55.43 29.73 -9.36
C GLY E 1097 55.46 28.21 -9.40
N VAL E 1098 55.68 27.61 -8.23
CA VAL E 1098 55.65 26.15 -8.14
C VAL E 1098 54.26 25.63 -8.48
N GLY E 1099 53.24 26.26 -7.92
CA GLY E 1099 51.87 25.88 -8.24
C GLY E 1099 51.23 26.84 -9.21
N TYR E 1100 49.97 27.19 -8.96
CA TYR E 1100 49.26 28.19 -9.75
C TYR E 1100 49.22 29.49 -8.95
N THR E 1101 49.56 30.59 -9.60
CA THR E 1101 49.62 31.88 -8.94
C THR E 1101 48.65 32.90 -9.53
N ALA E 1102 47.64 32.45 -10.27
CA ALA E 1102 46.70 33.35 -10.89
C ALA E 1102 45.41 32.62 -11.19
N VAL E 1103 44.28 33.23 -10.83
CA VAL E 1103 42.97 32.59 -10.96
C VAL E 1103 42.00 33.59 -11.58
N CYS E 1104 41.28 33.17 -12.62
CA CYS E 1104 40.27 34.01 -13.24
C CYS E 1104 38.91 33.34 -13.12
N ALA E 1105 37.89 34.15 -12.85
CA ALA E 1105 36.54 33.63 -12.66
C ALA E 1105 35.53 34.64 -13.19
N THR E 1106 34.67 34.18 -14.10
CA THR E 1106 33.67 35.06 -14.66
C THR E 1106 32.66 35.45 -13.59
N ALA E 1107 32.38 36.75 -13.47
CA ALA E 1107 31.56 37.26 -12.40
C ALA E 1107 30.20 37.73 -12.89
N ALA E 1108 30.15 38.63 -13.86
CA ALA E 1108 28.90 39.23 -14.28
C ALA E 1108 28.60 38.88 -15.73
N LEU E 1109 27.37 39.20 -16.13
CA LEU E 1109 26.88 38.99 -17.49
C LEU E 1109 26.51 40.34 -18.09
N ARG E 1110 27.03 40.62 -19.28
CA ARG E 1110 26.63 41.79 -20.05
C ARG E 1110 25.72 41.36 -21.19
N CYS E 1111 25.41 42.29 -22.07
CA CYS E 1111 24.42 42.03 -23.10
C CYS E 1111 24.80 40.81 -23.95
N PRO E 1112 23.88 39.87 -24.17
CA PRO E 1112 24.18 38.76 -25.08
C PRO E 1112 24.36 39.26 -26.51
N LEU E 1113 25.59 39.12 -27.02
CA LEU E 1113 25.88 39.62 -28.36
C LEU E 1113 25.03 38.93 -29.41
N THR E 1114 24.91 37.61 -29.32
CA THR E 1114 24.21 36.85 -30.35
C THR E 1114 22.71 36.89 -30.12
N ASP E 1115 21.99 36.45 -31.13
CA ASP E 1115 20.54 36.30 -31.06
C ASP E 1115 20.21 34.86 -30.74
N MET E 1116 19.17 34.66 -29.94
CA MET E 1116 18.64 33.32 -29.74
C MET E 1116 17.52 33.04 -30.75
N GLY E 1117 17.81 33.29 -32.01
CA GLY E 1117 16.82 33.31 -33.05
C GLY E 1117 16.51 31.95 -33.62
N ASN E 1118 15.80 31.96 -34.74
CA ASN E 1118 15.40 30.75 -35.45
C ASN E 1118 15.76 30.93 -36.92
N THR E 1119 17.02 30.64 -37.25
CA THR E 1119 17.48 30.68 -38.63
C THR E 1119 18.01 29.29 -38.96
N ALA E 1120 17.19 28.52 -39.67
CA ALA E 1120 17.55 27.13 -39.95
C ALA E 1120 18.82 27.07 -40.79
N GLN E 1121 19.70 26.15 -40.41
CA GLN E 1121 20.92 25.93 -41.16
C GLN E 1121 20.56 25.39 -42.53
N ASN E 1122 21.13 25.99 -43.56
CA ASN E 1122 20.90 25.54 -44.93
C ASN E 1122 22.09 24.72 -45.38
N LEU E 1123 21.83 23.51 -45.84
CA LEU E 1123 22.89 22.58 -46.20
C LEU E 1123 23.21 22.62 -47.69
N PHE E 1124 22.56 23.48 -48.45
CA PHE E 1124 22.86 23.62 -49.87
C PHE E 1124 24.12 24.41 -50.15
N PHE E 1125 24.73 25.00 -49.12
CA PHE E 1125 25.96 25.74 -49.30
C PHE E 1125 27.16 24.84 -49.54
N SER E 1126 27.02 23.54 -49.34
CA SER E 1126 28.13 22.61 -49.49
C SER E 1126 28.04 21.90 -50.82
N ARG E 1127 29.19 21.69 -51.44
CA ARG E 1127 29.28 20.97 -52.70
C ARG E 1127 30.28 19.83 -52.54
N GLY E 1128 30.01 18.74 -53.25
CA GLY E 1128 30.91 17.60 -53.18
C GLY E 1128 30.17 16.28 -53.09
N GLY E 1129 28.98 16.30 -52.51
CA GLY E 1129 28.19 15.09 -52.43
C GLY E 1129 27.75 14.62 -53.80
N VAL E 1130 27.25 13.39 -53.84
CA VAL E 1130 26.77 12.82 -55.10
C VAL E 1130 25.48 13.53 -55.48
N PRO E 1131 25.43 14.19 -56.62
CA PRO E 1131 24.21 14.91 -57.03
C PRO E 1131 23.11 13.94 -57.46
N MET E 1132 21.89 14.45 -57.42
CA MET E 1132 20.78 13.68 -57.95
C MET E 1132 20.89 13.60 -59.47
N LEU E 1133 20.29 12.54 -60.02
CA LEU E 1133 20.48 12.26 -61.44
C LEU E 1133 19.90 13.37 -62.30
N HIS E 1134 18.71 13.87 -61.96
CA HIS E 1134 18.05 14.89 -62.75
C HIS E 1134 18.39 16.27 -62.17
N ASP E 1135 18.97 17.13 -63.01
CA ASP E 1135 19.37 18.45 -62.54
C ASP E 1135 18.17 19.29 -62.12
N ASN E 1136 17.08 19.23 -62.89
CA ASN E 1136 15.92 20.03 -62.55
C ASN E 1136 15.37 19.66 -61.19
N VAL E 1137 15.51 18.41 -60.78
CA VAL E 1137 15.06 18.00 -59.45
C VAL E 1137 15.84 18.75 -58.38
N THR E 1138 17.17 18.78 -58.50
CA THR E 1138 17.98 19.50 -57.53
C THR E 1138 17.66 20.99 -57.56
N GLU E 1139 17.46 21.55 -58.75
CA GLU E 1139 17.15 22.97 -58.85
C GLU E 1139 15.84 23.28 -58.15
N SER E 1140 14.80 22.49 -58.39
CA SER E 1140 13.51 22.72 -57.73
C SER E 1140 13.63 22.55 -56.23
N LEU E 1141 14.40 21.55 -55.79
CA LEU E 1141 14.56 21.31 -54.37
C LEU E 1141 15.23 22.50 -53.69
N ARG E 1142 16.28 23.03 -54.31
CA ARG E 1142 16.93 24.22 -53.77
C ARG E 1142 15.98 25.41 -53.76
N ARG E 1143 15.22 25.60 -54.84
CA ARG E 1143 14.30 26.72 -54.90
C ARG E 1143 13.26 26.64 -53.80
N ILE E 1144 12.73 25.45 -53.54
CA ILE E 1144 11.77 25.29 -52.45
C ILE E 1144 12.42 25.56 -51.11
N THR E 1145 13.62 25.02 -50.89
CA THR E 1145 14.30 25.25 -49.62
C THR E 1145 14.54 26.73 -49.37
N ALA E 1146 14.82 27.49 -50.43
CA ALA E 1146 15.05 28.91 -50.27
C ALA E 1146 13.83 29.62 -49.70
N SER E 1147 12.65 29.27 -50.20
CA SER E 1147 11.43 29.80 -49.63
C SER E 1147 11.28 29.35 -48.19
N GLY E 1148 10.72 30.21 -47.34
CA GLY E 1148 10.61 29.89 -45.93
C GLY E 1148 11.93 29.85 -45.20
N GLY E 1149 12.90 30.65 -45.62
CA GLY E 1149 14.18 30.69 -44.94
C GLY E 1149 14.80 32.07 -45.07
N ARG E 1150 15.76 32.35 -44.19
CA ARG E 1150 16.45 33.62 -44.22
C ARG E 1150 17.66 33.59 -45.15
N LEU E 1151 18.57 32.64 -44.92
CA LEU E 1151 19.84 32.60 -45.62
C LEU E 1151 19.78 31.56 -46.73
N ASN E 1152 20.29 31.94 -47.90
CA ASN E 1152 20.24 31.09 -49.08
C ASN E 1152 21.39 31.48 -49.99
N PRO E 1153 21.87 30.56 -50.81
CA PRO E 1153 22.81 30.96 -51.87
C PRO E 1153 22.14 31.90 -52.85
N THR E 1154 22.95 32.77 -53.45
CA THR E 1154 22.43 33.71 -54.41
C THR E 1154 21.86 32.97 -55.62
N GLU E 1155 20.85 33.59 -56.24
CA GLU E 1155 20.12 32.93 -57.32
C GLU E 1155 21.00 32.48 -58.49
N PRO E 1156 21.92 33.29 -59.03
CA PRO E 1156 22.70 32.82 -60.18
C PRO E 1156 23.55 31.60 -59.90
N LEU E 1157 23.83 31.30 -58.63
CA LEU E 1157 24.62 30.13 -58.24
C LEU E 1157 25.96 30.12 -58.96
N PRO E 1158 26.90 30.99 -58.58
CA PRO E 1158 28.14 31.10 -59.33
C PRO E 1158 29.08 29.95 -59.00
N ILE E 1159 29.53 29.25 -60.04
CA ILE E 1159 30.54 28.22 -59.87
C ILE E 1159 31.90 28.85 -59.62
N PHE E 1160 32.82 28.04 -59.11
CA PHE E 1160 34.15 28.51 -58.72
C PHE E 1160 34.03 29.65 -57.71
N GLY E 1161 33.32 29.38 -56.62
CA GLY E 1161 33.10 30.38 -55.60
C GLY E 1161 32.71 29.74 -54.28
N GLY E 1162 32.52 30.59 -53.29
CA GLY E 1162 32.16 30.17 -51.95
C GLY E 1162 30.70 30.27 -51.60
N LEU E 1163 29.87 30.79 -52.50
CA LEU E 1163 28.42 30.86 -52.30
C LEU E 1163 28.07 31.70 -51.07
N ARG E 1164 28.51 32.94 -51.09
CA ARG E 1164 28.20 33.78 -49.95
C ARG E 1164 26.73 34.21 -49.98
N PRO E 1165 26.04 34.18 -48.85
CA PRO E 1165 24.63 34.58 -48.83
C PRO E 1165 24.48 36.06 -49.13
N ALA E 1166 23.32 36.42 -49.68
CA ALA E 1166 23.06 37.80 -50.02
C ALA E 1166 23.03 38.66 -48.76
N THR E 1167 23.80 39.75 -48.78
CA THR E 1167 23.80 40.66 -47.65
C THR E 1167 22.47 41.38 -47.56
N SER E 1168 22.01 41.60 -46.33
CA SER E 1168 20.71 42.20 -46.09
C SER E 1168 20.87 43.62 -45.57
N ALA E 1169 19.74 44.26 -45.28
CA ALA E 1169 19.74 45.60 -44.72
C ALA E 1169 20.01 45.50 -43.22
N GLY E 1170 19.72 46.59 -42.50
CA GLY E 1170 20.08 46.73 -41.10
C GLY E 1170 19.80 45.55 -40.20
N ILE E 1171 20.60 45.43 -39.15
CA ILE E 1171 20.44 44.36 -38.17
C ILE E 1171 19.59 44.86 -37.01
N ALA E 1172 18.72 43.99 -36.50
CA ALA E 1172 17.77 44.44 -35.48
C ALA E 1172 18.32 44.26 -34.08
N ARG E 1173 18.65 43.02 -33.70
CA ARG E 1173 18.89 42.75 -32.30
C ARG E 1173 20.12 41.88 -32.06
N GLY E 1174 21.05 41.83 -32.99
CA GLY E 1174 22.30 41.13 -32.79
C GLY E 1174 22.57 40.12 -33.89
N GLN E 1175 23.71 39.46 -33.76
CA GLN E 1175 24.12 38.47 -34.74
C GLN E 1175 23.24 37.23 -34.64
N ALA E 1176 22.57 36.89 -35.73
CA ALA E 1176 21.72 35.71 -35.75
C ALA E 1176 22.57 34.45 -35.64
N SER E 1177 22.10 33.50 -34.85
CA SER E 1177 22.82 32.26 -34.60
C SER E 1177 22.10 31.11 -35.31
N VAL E 1178 22.85 30.32 -36.04
CA VAL E 1178 22.27 29.22 -36.81
C VAL E 1178 21.89 28.08 -35.89
N CYS E 1179 20.80 27.40 -36.23
CA CYS E 1179 20.35 26.21 -35.52
C CYS E 1179 20.47 25.01 -36.43
N GLU E 1180 21.21 23.99 -35.97
CA GLU E 1180 21.45 22.79 -36.75
C GLU E 1180 20.53 21.67 -36.28
N PHE E 1181 20.00 20.91 -37.22
CA PHE E 1181 19.06 19.84 -36.93
C PHE E 1181 19.74 18.49 -37.08
N VAL E 1182 19.46 17.58 -36.15
CA VAL E 1182 19.96 16.21 -36.19
C VAL E 1182 18.76 15.28 -36.12
N ALA E 1183 18.72 14.29 -37.02
CA ALA E 1183 17.62 13.34 -37.02
C ALA E 1183 17.69 12.42 -35.81
N MET E 1184 16.54 11.89 -35.42
CA MET E 1184 16.43 11.06 -34.21
C MET E 1184 15.05 10.40 -34.22
N PRO E 1185 14.92 9.24 -33.58
CA PRO E 1185 13.64 8.51 -33.62
C PRO E 1185 12.54 9.27 -32.90
N VAL E 1186 11.31 9.03 -33.33
CA VAL E 1186 10.16 9.69 -32.72
C VAL E 1186 9.95 9.21 -31.30
N SER E 1187 9.95 7.89 -31.09
CA SER E 1187 9.73 7.34 -29.76
C SER E 1187 11.03 7.36 -28.99
N THR E 1188 11.67 8.51 -29.03
CA THR E 1188 12.90 8.72 -28.28
C THR E 1188 12.51 9.17 -26.90
N ASP E 1189 13.29 8.76 -25.91
CA ASP E 1189 13.18 9.34 -24.59
C ASP E 1189 13.07 10.85 -24.71
N LEU E 1190 11.97 11.40 -24.21
CA LEU E 1190 11.87 12.85 -24.14
C LEU E 1190 12.48 13.41 -22.87
N GLN E 1191 12.38 12.67 -21.76
CA GLN E 1191 12.94 13.15 -20.52
C GLN E 1191 14.46 13.11 -20.55
N TYR E 1192 15.03 12.82 -21.74
CA TYR E 1192 16.48 12.88 -21.92
C TYR E 1192 16.99 14.30 -22.14
N PHE E 1193 16.09 15.25 -22.39
CA PHE E 1193 16.55 16.55 -22.83
C PHE E 1193 16.34 17.67 -21.82
N ARG E 1194 16.03 17.36 -20.58
CA ARG E 1194 15.92 18.44 -19.61
C ARG E 1194 17.11 18.52 -18.66
N THR E 1195 18.32 18.19 -19.14
CA THR E 1195 19.56 18.64 -18.51
C THR E 1195 20.65 18.92 -19.53
N ALA E 1196 21.86 19.13 -19.03
CA ALA E 1196 23.03 19.16 -19.88
C ALA E 1196 23.26 17.75 -20.41
N CYS E 1197 22.67 17.47 -21.56
CA CYS E 1197 22.84 16.21 -22.26
C CYS E 1197 23.84 16.40 -23.38
N ASN E 1198 23.99 15.39 -24.22
CA ASN E 1198 24.89 15.47 -25.36
C ASN E 1198 24.13 15.26 -26.65
N PRO E 1199 24.27 16.15 -27.63
CA PRO E 1199 23.45 16.04 -28.85
C PRO E 1199 23.70 14.78 -29.63
N ARG E 1200 24.89 14.18 -29.51
CA ARG E 1200 25.18 12.98 -30.28
C ARG E 1200 24.32 11.81 -29.84
N GLY E 1201 23.72 11.88 -28.66
CA GLY E 1201 22.93 10.81 -28.12
C GLY E 1201 23.72 9.79 -27.32
N ARG E 1202 25.04 9.74 -27.53
CA ARG E 1202 25.93 8.93 -26.74
C ARG E 1202 27.13 9.78 -26.40
N ALA E 1203 27.26 10.17 -25.14
CA ALA E 1203 28.32 11.12 -24.80
C ALA E 1203 29.68 10.48 -25.00
N SER E 1204 30.67 11.35 -25.21
CA SER E 1204 32.04 10.96 -25.36
C SER E 1204 32.87 12.06 -24.73
N GLY E 1205 34.16 12.06 -25.02
CA GLY E 1205 35.04 13.11 -24.55
C GLY E 1205 36.39 12.58 -24.13
N MET E 1206 37.39 13.45 -24.27
CA MET E 1206 38.76 13.10 -23.97
C MET E 1206 38.97 12.82 -22.49
N LEU E 1207 38.03 13.27 -21.66
CA LEU E 1207 38.15 13.16 -20.22
C LEU E 1207 38.07 11.73 -19.72
N TYR E 1208 38.02 10.74 -20.61
CA TYR E 1208 37.51 9.42 -20.29
C TYR E 1208 38.57 8.34 -20.52
N MET E 1209 39.48 8.15 -19.56
CA MET E 1209 40.49 7.08 -19.63
C MET E 1209 40.86 6.65 -18.23
N GLY E 1210 42.07 6.09 -18.13
CA GLY E 1210 42.75 5.82 -16.89
C GLY E 1210 43.66 4.60 -16.93
N ASP E 1211 43.46 3.70 -17.89
CA ASP E 1211 44.30 2.52 -17.94
C ASP E 1211 44.93 2.27 -19.30
N ARG E 1212 44.23 2.57 -20.39
CA ARG E 1212 44.74 2.36 -21.73
C ARG E 1212 44.71 3.68 -22.49
N ASP E 1213 45.29 3.67 -23.68
CA ASP E 1213 45.40 4.87 -24.50
C ASP E 1213 44.40 4.91 -25.64
N ALA E 1214 44.09 3.75 -26.24
CA ALA E 1214 43.12 3.68 -27.34
C ALA E 1214 41.72 3.44 -26.78
N ASP E 1215 41.34 4.29 -25.83
CA ASP E 1215 40.02 4.23 -25.22
C ASP E 1215 39.09 5.30 -25.74
N ILE E 1216 39.62 6.36 -26.38
CA ILE E 1216 38.78 7.40 -26.93
C ILE E 1216 37.95 6.94 -28.12
N GLU E 1217 38.46 6.02 -28.92
CA GLU E 1217 37.67 5.55 -30.05
C GLU E 1217 36.54 4.61 -29.65
N ALA E 1218 36.79 3.67 -28.74
CA ALA E 1218 35.74 2.73 -28.38
C ALA E 1218 34.64 3.39 -27.57
N ILE E 1219 34.97 4.40 -26.77
CA ILE E 1219 33.95 5.14 -26.06
C ILE E 1219 33.00 5.81 -27.03
N MET E 1220 33.53 6.45 -28.06
CA MET E 1220 32.70 7.30 -28.89
C MET E 1220 31.96 6.51 -29.97
N PHE E 1221 32.43 5.32 -30.33
CA PHE E 1221 31.86 4.61 -31.46
C PHE E 1221 31.56 3.14 -31.24
N ASP E 1222 32.16 2.47 -30.27
CA ASP E 1222 31.95 1.04 -30.10
C ASP E 1222 30.54 0.81 -29.60
N HIS E 1223 29.71 0.16 -30.42
CA HIS E 1223 28.31 -0.07 -30.08
C HIS E 1223 28.01 -1.51 -29.67
N THR E 1224 28.99 -2.40 -29.69
CA THR E 1224 28.81 -3.66 -28.97
C THR E 1224 28.87 -3.42 -27.48
N GLN E 1225 29.37 -2.24 -27.09
CA GLN E 1225 29.66 -1.84 -25.73
C GLN E 1225 28.85 -0.64 -25.30
N SER E 1226 29.41 0.04 -24.31
CA SER E 1226 28.64 0.86 -23.50
C SER E 1226 28.28 2.22 -24.03
N ASP E 1227 27.15 2.69 -23.74
CA ASP E 1227 27.08 4.11 -23.72
C ASP E 1227 27.74 4.54 -22.44
N VAL E 1228 28.80 5.33 -22.58
CA VAL E 1228 29.58 5.69 -21.42
C VAL E 1228 28.81 6.71 -20.57
N ALA E 1229 27.88 7.44 -21.15
CA ALA E 1229 27.20 8.44 -20.34
C ALA E 1229 26.06 7.82 -19.53
N TYR E 1230 25.06 7.30 -20.23
CA TYR E 1230 23.82 6.84 -19.63
C TYR E 1230 23.90 5.33 -19.72
N THR E 1231 24.58 4.70 -18.79
CA THR E 1231 24.73 3.26 -18.95
C THR E 1231 23.49 2.45 -18.67
N ASP E 1232 22.56 2.61 -19.57
CA ASP E 1232 21.35 1.83 -19.66
C ASP E 1232 21.22 1.27 -21.08
N ARG E 1233 21.73 1.99 -22.08
CA ARG E 1233 21.50 1.60 -23.46
C ARG E 1233 22.79 1.91 -24.21
N ALA E 1234 22.82 1.59 -25.50
CA ALA E 1234 24.00 1.86 -26.31
C ALA E 1234 24.13 3.32 -26.66
N THR E 1235 23.02 3.92 -27.10
CA THR E 1235 23.00 5.31 -27.53
C THR E 1235 21.55 5.72 -27.71
N LEU E 1236 21.24 6.95 -27.34
CA LEU E 1236 19.85 7.38 -27.36
C LEU E 1236 19.26 7.25 -28.75
N ASN E 1237 19.91 7.84 -29.75
CA ASN E 1237 19.44 7.70 -31.11
C ASN E 1237 20.45 6.90 -31.91
N PRO E 1238 20.06 5.78 -32.51
CA PRO E 1238 20.99 5.00 -33.33
C PRO E 1238 21.18 5.56 -34.73
N TRP E 1239 20.79 6.80 -34.98
CA TRP E 1239 20.94 7.40 -36.28
C TRP E 1239 22.09 8.39 -36.35
N ALA E 1240 22.65 8.79 -35.21
CA ALA E 1240 23.71 9.78 -35.20
C ALA E 1240 24.80 9.43 -34.20
N SER E 1241 25.06 8.14 -33.99
CA SER E 1241 26.08 7.73 -33.04
C SER E 1241 26.99 6.62 -33.52
N GLN E 1242 26.68 5.93 -34.61
CA GLN E 1242 27.54 4.86 -35.08
C GLN E 1242 28.73 5.43 -35.85
N LYS E 1243 29.58 4.53 -36.33
CA LYS E 1243 30.79 4.92 -37.05
C LYS E 1243 30.45 5.70 -38.32
N HIS E 1244 29.43 5.29 -39.05
CA HIS E 1244 29.10 5.93 -40.31
C HIS E 1244 27.59 6.14 -40.43
N SER E 1245 26.96 6.52 -39.33
CA SER E 1245 25.54 6.81 -39.38
C SER E 1245 25.29 8.12 -40.11
N TYR E 1246 24.02 8.44 -40.32
CA TYR E 1246 23.65 9.66 -41.03
C TYR E 1246 24.18 10.89 -40.31
N GLY E 1247 23.96 10.97 -39.00
CA GLY E 1247 24.45 12.11 -38.25
C GLY E 1247 25.95 12.27 -38.35
N ASP E 1248 26.69 11.17 -38.24
CA ASP E 1248 28.14 11.27 -38.31
C ASP E 1248 28.61 11.59 -39.72
N ARG E 1249 27.94 11.03 -40.73
CA ARG E 1249 28.31 11.37 -42.10
C ARG E 1249 27.99 12.81 -42.44
N LEU E 1250 27.11 13.45 -41.68
CA LEU E 1250 26.68 14.80 -41.99
C LEU E 1250 27.50 15.87 -41.29
N TYR E 1251 28.00 15.61 -40.10
CA TYR E 1251 28.60 16.67 -39.30
C TYR E 1251 30.04 16.43 -38.88
N ASN E 1252 30.51 15.18 -38.87
CA ASN E 1252 31.87 14.91 -38.44
C ASN E 1252 32.87 15.64 -39.33
N GLY E 1253 33.82 16.31 -38.70
CA GLY E 1253 34.77 17.10 -39.45
C GLY E 1253 35.77 16.28 -40.26
N THR E 1254 36.02 15.03 -39.85
CA THR E 1254 37.01 14.21 -40.54
C THR E 1254 36.59 13.95 -41.98
N TYR E 1255 35.32 13.63 -42.21
CA TYR E 1255 34.86 13.40 -43.58
C TYR E 1255 34.82 14.68 -44.39
N ASN E 1256 34.72 15.83 -43.73
CA ASN E 1256 34.82 17.13 -44.40
C ASN E 1256 33.76 17.27 -45.49
N LEU E 1257 32.51 16.93 -45.16
CA LEU E 1257 31.45 17.09 -46.14
C LEU E 1257 31.07 18.54 -46.33
N THR E 1258 31.05 19.32 -45.25
CA THR E 1258 30.60 20.69 -45.28
C THR E 1258 31.74 21.69 -45.34
N GLY E 1259 32.85 21.32 -46.00
CA GLY E 1259 34.00 22.20 -46.03
C GLY E 1259 33.73 23.51 -46.76
N ALA E 1260 33.07 23.45 -47.91
CA ALA E 1260 32.83 24.65 -48.70
C ALA E 1260 31.78 25.56 -48.10
N SER E 1261 31.00 25.08 -47.15
CA SER E 1261 29.96 25.92 -46.56
C SER E 1261 30.60 26.93 -45.62
N PRO E 1262 30.36 28.23 -45.81
CA PRO E 1262 30.95 29.23 -44.93
C PRO E 1262 30.23 29.39 -43.60
N ILE E 1263 29.17 28.65 -43.36
CA ILE E 1263 28.36 28.84 -42.16
C ILE E 1263 28.88 27.95 -41.04
N TYR E 1264 29.12 28.55 -39.89
CA TYR E 1264 29.58 27.80 -38.73
C TYR E 1264 28.53 26.78 -38.32
N SER E 1265 28.99 25.56 -38.01
CA SER E 1265 28.09 24.49 -37.60
C SER E 1265 28.20 24.29 -36.11
N PRO E 1266 27.15 24.61 -35.34
CA PRO E 1266 27.28 24.59 -33.87
C PRO E 1266 27.54 23.22 -33.29
N CYS E 1267 27.17 22.14 -33.99
CA CYS E 1267 27.39 20.80 -33.46
C CYS E 1267 28.62 20.14 -34.06
N PHE E 1268 29.48 20.91 -34.73
CA PHE E 1268 30.72 20.35 -35.24
C PHE E 1268 31.63 19.90 -34.12
N LYS E 1269 31.65 20.62 -33.01
CA LYS E 1269 32.57 20.27 -31.92
C LYS E 1269 32.10 19.04 -31.16
N PHE E 1270 30.83 18.67 -31.26
CA PHE E 1270 30.32 17.49 -30.56
C PHE E 1270 30.56 16.19 -31.31
N PHE E 1271 30.95 16.26 -32.57
CA PHE E 1271 31.10 15.07 -33.39
C PHE E 1271 32.52 14.77 -33.80
N THR E 1272 33.41 15.76 -33.77
CA THR E 1272 34.77 15.57 -34.25
C THR E 1272 35.66 15.06 -33.13
N PRO E 1273 36.33 13.92 -33.30
CA PRO E 1273 37.25 13.42 -32.25
C PRO E 1273 38.44 14.37 -32.12
N ALA E 1274 38.65 14.88 -30.92
CA ALA E 1274 39.73 15.83 -30.68
C ALA E 1274 41.08 15.12 -30.67
N GLU E 1275 42.12 15.88 -31.02
CA GLU E 1275 43.48 15.35 -31.00
C GLU E 1275 43.90 15.06 -29.57
N VAL E 1276 44.83 14.11 -29.40
CA VAL E 1276 45.22 13.60 -28.09
C VAL E 1276 46.74 13.56 -27.95
N ASN E 1277 47.22 13.93 -26.76
CA ASN E 1277 48.44 13.37 -26.19
C ASN E 1277 48.07 12.74 -24.85
N THR E 1278 48.42 11.47 -24.67
CA THR E 1278 48.06 10.73 -23.46
C THR E 1278 49.12 10.82 -22.37
N ASN E 1279 50.18 11.60 -22.57
CA ASN E 1279 51.27 11.64 -21.61
C ASN E 1279 50.82 12.24 -20.28
N CYS E 1280 50.20 13.41 -20.32
CA CYS E 1280 49.83 14.11 -19.10
C CYS E 1280 48.61 13.45 -18.46
N ASN E 1281 48.52 13.59 -17.14
CA ASN E 1281 47.36 13.10 -16.43
C ASN E 1281 46.12 13.93 -16.80
N THR E 1282 44.95 13.37 -16.50
CA THR E 1282 43.70 14.00 -16.93
C THR E 1282 43.50 15.37 -16.29
N LEU E 1283 43.94 15.55 -15.05
CA LEU E 1283 43.61 16.76 -14.33
C LEU E 1283 44.35 17.96 -14.90
N ASP E 1284 45.67 17.84 -15.05
CA ASP E 1284 46.43 18.94 -15.62
C ASP E 1284 46.03 19.18 -17.06
N ARG E 1285 45.77 18.11 -17.83
CA ARG E 1285 45.30 18.28 -19.19
C ARG E 1285 44.01 19.07 -19.24
N LEU E 1286 43.06 18.74 -18.37
CA LEU E 1286 41.79 19.45 -18.35
C LEU E 1286 41.98 20.91 -17.97
N LEU E 1287 42.84 21.18 -16.98
CA LEU E 1287 43.15 22.56 -16.64
C LEU E 1287 43.76 23.28 -17.83
N MET E 1288 44.56 22.59 -18.64
CA MET E 1288 45.10 23.18 -19.85
C MET E 1288 43.98 23.52 -20.83
N GLU E 1289 43.00 22.64 -20.95
CA GLU E 1289 41.92 22.88 -21.91
C GLU E 1289 40.90 23.89 -21.40
N ALA E 1290 40.93 24.25 -20.13
CA ALA E 1290 39.91 25.13 -19.57
C ALA E 1290 40.19 26.60 -19.80
N LYS E 1291 41.39 26.98 -20.23
CA LYS E 1291 41.69 28.39 -20.44
C LYS E 1291 40.93 28.92 -21.64
N ALA E 1292 41.24 30.17 -21.99
CA ALA E 1292 40.55 30.86 -23.07
C ALA E 1292 40.94 30.28 -24.42
N VAL E 1293 40.18 29.28 -24.87
CA VAL E 1293 40.42 28.70 -26.19
C VAL E 1293 40.07 29.72 -27.26
N ALA E 1294 40.81 29.67 -28.37
CA ALA E 1294 40.56 30.58 -29.47
C ALA E 1294 39.16 30.37 -30.04
N SER E 1295 38.57 31.46 -30.53
CA SER E 1295 37.19 31.41 -30.99
C SER E 1295 37.06 30.54 -32.23
N GLN E 1296 35.82 30.16 -32.53
CA GLN E 1296 35.52 29.34 -33.71
C GLN E 1296 34.28 29.85 -34.43
N SER E 1297 33.98 31.14 -34.33
CA SER E 1297 32.83 31.72 -34.99
C SER E 1297 33.25 33.08 -35.53
N SER E 1298 32.26 33.88 -35.93
CA SER E 1298 32.49 35.20 -36.49
C SER E 1298 31.83 36.23 -35.60
N THR E 1299 32.37 37.45 -35.62
CA THR E 1299 31.83 38.51 -34.79
C THR E 1299 31.28 39.68 -35.58
N ASP E 1300 32.01 40.19 -36.57
CA ASP E 1300 31.57 41.36 -37.30
C ASP E 1300 30.52 41.07 -38.37
N THR E 1301 30.32 39.80 -38.72
CA THR E 1301 29.37 39.47 -39.77
C THR E 1301 27.96 39.46 -39.18
N GLU E 1302 26.99 38.94 -39.93
CA GLU E 1302 25.61 38.92 -39.48
C GLU E 1302 24.99 37.53 -39.56
N TYR E 1303 25.80 36.48 -39.72
CA TYR E 1303 25.24 35.14 -39.83
C TYR E 1303 26.06 34.08 -39.12
N GLN E 1304 26.99 34.45 -38.27
CA GLN E 1304 27.84 33.49 -37.56
C GLN E 1304 28.58 32.60 -38.56
N PHE E 1305 29.44 33.24 -39.35
CA PHE E 1305 30.23 32.52 -40.34
C PHE E 1305 31.36 31.77 -39.66
N LYS E 1306 32.06 30.95 -40.44
CA LYS E 1306 33.23 30.24 -39.95
C LYS E 1306 34.31 31.25 -39.55
N ARG E 1307 35.21 30.80 -38.69
CA ARG E 1307 36.22 31.69 -38.15
C ARG E 1307 37.09 32.24 -39.28
N PRO E 1308 37.15 33.55 -39.46
CA PRO E 1308 37.99 34.12 -40.50
C PRO E 1308 39.46 33.92 -40.17
N PRO E 1309 40.29 33.58 -41.15
CA PRO E 1309 41.70 33.35 -40.87
C PRO E 1309 42.38 34.60 -40.32
N GLY E 1310 43.27 34.39 -39.36
CA GLY E 1310 44.00 35.48 -38.76
C GLY E 1310 43.26 36.23 -37.69
N SER E 1311 42.01 35.90 -37.41
CA SER E 1311 41.27 36.56 -36.36
C SER E 1311 41.68 36.01 -35.00
N THR E 1312 42.02 36.91 -34.08
CA THR E 1312 42.53 36.53 -32.77
C THR E 1312 41.65 37.14 -31.69
N GLU E 1313 40.76 36.32 -31.12
CA GLU E 1313 40.02 36.71 -29.93
C GLU E 1313 39.79 35.47 -29.10
N MET E 1314 39.88 35.62 -27.78
CA MET E 1314 39.85 34.51 -26.85
C MET E 1314 38.48 34.43 -26.19
N THR E 1315 37.92 33.22 -26.11
CA THR E 1315 36.64 32.99 -25.48
C THR E 1315 36.73 31.79 -24.55
N GLN E 1316 36.47 32.01 -23.27
CA GLN E 1316 36.35 30.89 -22.34
C GLN E 1316 35.20 30.00 -22.81
N ASP E 1317 35.45 28.69 -22.87
CA ASP E 1317 34.54 27.77 -23.54
C ASP E 1317 34.19 26.62 -22.60
N PRO E 1318 33.21 26.79 -21.73
CA PRO E 1318 32.64 25.65 -21.02
C PRO E 1318 31.71 24.90 -21.95
N CYS E 1319 31.23 23.74 -21.47
CA CYS E 1319 30.39 22.83 -22.26
C CYS E 1319 30.95 22.62 -23.66
N GLY E 1320 32.25 22.80 -23.82
CA GLY E 1320 32.94 22.51 -25.06
C GLY E 1320 34.00 21.48 -24.78
N LEU E 1321 34.50 21.48 -23.54
CA LEU E 1321 35.39 20.44 -23.06
C LEU E 1321 34.63 19.33 -22.33
N PHE E 1322 33.44 19.61 -21.82
CA PHE E 1322 32.63 18.59 -21.20
C PHE E 1322 31.72 17.85 -22.18
N GLN E 1323 31.66 18.30 -23.43
CA GLN E 1323 30.86 17.66 -24.46
C GLN E 1323 29.40 17.59 -24.03
N GLU E 1324 28.86 18.73 -23.61
CA GLU E 1324 27.51 18.81 -23.12
C GLU E 1324 26.83 20.07 -23.63
N ALA E 1325 25.50 20.03 -23.64
CA ALA E 1325 24.68 21.14 -24.12
C ALA E 1325 23.50 21.33 -23.17
N TYR E 1326 23.32 22.55 -22.72
CA TYR E 1326 22.28 22.84 -21.75
C TYR E 1326 20.95 23.12 -22.46
N PRO E 1327 19.83 22.72 -21.89
CA PRO E 1327 18.54 23.01 -22.51
C PRO E 1327 17.94 24.29 -21.95
N PRO E 1328 17.38 25.14 -22.79
CA PRO E 1328 16.75 26.37 -22.31
C PRO E 1328 15.28 26.12 -22.02
N LEU E 1329 14.61 27.15 -21.51
CA LEU E 1329 13.17 27.07 -21.27
C LEU E 1329 12.45 26.97 -22.60
N CYS E 1330 11.97 25.78 -22.93
CA CYS E 1330 11.28 25.54 -24.18
C CYS E 1330 10.07 24.67 -23.92
N SER E 1331 9.06 24.82 -24.78
CA SER E 1331 7.86 24.02 -24.62
C SER E 1331 7.20 23.82 -25.97
N SER E 1332 6.39 22.78 -26.05
CA SER E 1332 5.73 22.47 -27.31
C SER E 1332 4.39 23.16 -27.48
N ASP E 1333 3.98 23.99 -26.53
CA ASP E 1333 2.72 24.69 -26.64
C ASP E 1333 2.85 26.04 -25.95
N ALA E 1334 2.57 27.11 -26.69
CA ALA E 1334 2.64 28.44 -26.11
C ALA E 1334 1.65 28.63 -24.97
N ALA E 1335 0.57 27.85 -24.93
CA ALA E 1335 -0.43 28.01 -23.88
C ALA E 1335 0.15 27.71 -22.51
N MET E 1336 0.91 26.62 -22.38
CA MET E 1336 1.48 26.24 -21.10
C MET E 1336 2.72 27.04 -20.75
N LEU E 1337 3.22 27.86 -21.65
CA LEU E 1337 4.44 28.61 -21.37
C LEU E 1337 4.19 29.79 -20.44
N ARG E 1338 2.94 30.18 -20.25
CA ARG E 1338 2.61 31.29 -19.36
C ARG E 1338 1.43 30.90 -18.49
N THR E 1339 1.41 31.42 -17.26
CA THR E 1339 0.32 31.18 -16.33
C THR E 1339 -0.42 32.48 -16.03
N ALA E 1340 -1.65 32.34 -15.53
CA ALA E 1340 -2.54 33.48 -15.33
C ALA E 1340 -2.46 33.99 -13.89
N HIS E 1341 -1.34 34.64 -13.60
CA HIS E 1341 -1.16 35.23 -12.27
C HIS E 1341 -0.46 36.59 -12.32
N ALA E 1342 -0.12 37.10 -13.49
CA ALA E 1342 0.64 38.36 -13.63
C ALA E 1342 1.95 38.28 -12.87
N GLY E 1343 2.82 37.38 -13.33
CA GLY E 1343 4.05 37.11 -12.63
C GLY E 1343 4.86 36.01 -13.28
N GLU E 1344 5.29 35.03 -12.48
CA GLU E 1344 6.15 33.96 -12.96
C GLU E 1344 5.55 33.25 -14.16
N THR E 1345 6.41 32.54 -14.89
CA THR E 1345 5.98 31.76 -16.04
C THR E 1345 5.47 30.40 -15.58
N GLY E 1346 4.83 29.68 -16.50
CA GLY E 1346 4.27 28.39 -16.16
C GLY E 1346 5.32 27.37 -15.77
N ALA E 1347 4.90 26.41 -14.96
CA ALA E 1347 5.78 25.32 -14.55
C ALA E 1347 5.20 23.96 -14.88
N ASP E 1348 4.01 23.91 -15.47
CA ASP E 1348 3.42 22.66 -15.93
C ASP E 1348 4.40 21.94 -16.87
N GLU E 1349 4.61 20.65 -16.60
CA GLU E 1349 5.64 19.92 -17.33
C GLU E 1349 5.17 19.39 -18.67
N VAL E 1350 4.25 18.43 -18.63
CA VAL E 1350 3.67 17.89 -19.84
C VAL E 1350 2.17 17.93 -19.67
N HIS E 1351 1.48 18.56 -20.61
CA HIS E 1351 0.04 18.73 -20.44
C HIS E 1351 -0.73 17.56 -21.00
N LEU E 1352 -0.63 17.30 -22.29
CA LEU E 1352 -1.35 16.12 -22.76
C LEU E 1352 -0.43 15.21 -23.55
N ALA E 1353 0.14 15.75 -24.61
CA ALA E 1353 1.25 15.16 -25.33
C ALA E 1353 2.30 16.21 -25.61
N GLN E 1354 2.04 17.46 -25.24
CA GLN E 1354 3.03 18.53 -25.29
C GLN E 1354 3.95 18.39 -24.08
N TYR E 1355 4.87 19.33 -23.92
CA TYR E 1355 5.88 19.21 -22.88
C TYR E 1355 6.53 20.56 -22.68
N LEU E 1356 7.10 20.77 -21.50
CA LEU E 1356 7.74 22.04 -21.17
C LEU E 1356 9.04 21.72 -20.45
N ILE E 1357 10.14 21.78 -21.20
CA ILE E 1357 11.47 21.54 -20.66
C ILE E 1357 11.97 22.84 -20.07
N ARG E 1358 12.18 22.88 -18.76
CA ARG E 1358 12.58 24.12 -18.14
C ARG E 1358 14.07 24.35 -18.28
N ASP E 1359 14.47 25.58 -18.00
CA ASP E 1359 15.85 25.98 -18.16
C ASP E 1359 16.73 25.25 -17.16
N ALA E 1360 17.79 24.63 -17.67
CA ALA E 1360 18.86 24.09 -16.84
C ALA E 1360 20.20 24.71 -17.17
N SER E 1361 20.25 25.64 -18.12
CA SER E 1361 21.47 26.32 -18.48
C SER E 1361 21.88 27.26 -17.35
N PRO E 1362 23.14 27.70 -17.34
CA PRO E 1362 23.58 28.61 -16.27
C PRO E 1362 22.79 29.90 -16.19
N LEU E 1363 21.85 30.14 -17.09
CA LEU E 1363 21.09 31.39 -17.12
C LEU E 1363 19.72 31.18 -16.48
N ARG E 1364 19.71 31.05 -15.16
CA ARG E 1364 18.46 30.97 -14.42
C ARG E 1364 17.87 32.33 -14.10
N GLY E 1365 18.66 33.22 -13.49
CA GLY E 1365 18.20 34.51 -13.04
C GLY E 1365 18.46 35.68 -13.96
N CYS E 1366 18.82 35.44 -15.21
CA CYS E 1366 19.07 36.49 -16.18
C CYS E 1366 18.07 36.35 -17.33
N LEU E 1367 18.29 37.14 -18.39
CA LEU E 1367 17.47 37.08 -19.59
C LEU E 1367 15.99 37.27 -19.27
N PRO E 1368 15.56 38.50 -18.98
CA PRO E 1368 14.19 38.71 -18.48
C PRO E 1368 13.15 38.20 -19.46
N LEU E 1369 12.05 37.70 -18.90
CA LEU E 1369 11.00 37.06 -19.68
C LEU E 1369 9.93 38.05 -20.09
N PRO F 1 -27.00 120.16 8.48
CA PRO F 1 -26.73 120.76 9.80
C PRO F 1 -25.37 120.28 10.30
N ALA F 2 -24.36 121.14 10.20
CA ALA F 2 -23.02 120.71 10.54
C ALA F 2 -22.25 121.70 11.42
N GLY F 3 -22.92 122.69 11.99
CA GLY F 3 -22.33 123.53 13.01
C GLY F 3 -21.15 124.38 12.55
N ILE F 4 -21.21 124.90 11.33
CA ILE F 4 -20.21 125.83 10.83
C ILE F 4 -20.72 127.25 11.06
N ILE F 5 -19.81 128.14 11.44
CA ILE F 5 -20.14 129.55 11.47
C ILE F 5 -20.63 129.97 10.08
N PRO F 6 -21.81 130.58 9.97
CA PRO F 6 -22.31 130.94 8.64
C PRO F 6 -21.40 131.94 7.94
N THR F 7 -21.27 131.77 6.62
CA THR F 7 -20.47 132.69 5.83
C THR F 7 -21.15 134.04 5.65
N GLY F 8 -22.45 134.04 5.37
CA GLY F 8 -23.17 135.28 5.19
C GLY F 8 -24.56 135.26 5.78
N ASN F 9 -24.96 136.37 6.41
CA ASN F 9 -26.30 136.48 6.95
C ASN F 9 -27.30 136.62 5.81
N VAL F 10 -28.47 136.03 5.98
CA VAL F 10 -29.51 136.04 4.95
C VAL F 10 -30.48 137.17 5.23
N LEU F 11 -30.79 137.94 4.19
CA LEU F 11 -31.77 139.01 4.29
C LEU F 11 -33.11 138.52 3.76
N SER F 12 -34.13 139.38 3.85
CA SER F 12 -35.44 139.13 3.25
C SER F 12 -36.05 137.82 3.77
N THR F 13 -36.35 137.84 5.07
CA THR F 13 -36.95 136.68 5.71
C THR F 13 -38.38 136.51 5.21
N ILE F 14 -38.53 135.70 4.17
CA ILE F 14 -39.80 135.52 3.47
C ILE F 14 -40.04 134.02 3.36
N GLU F 15 -41.31 133.65 3.18
CA GLU F 15 -41.70 132.25 3.06
C GLU F 15 -40.84 131.56 2.02
N VAL F 16 -40.20 130.46 2.42
CA VAL F 16 -39.33 129.73 1.51
C VAL F 16 -40.00 128.50 0.90
N CYS F 17 -40.97 127.91 1.60
CA CYS F 17 -41.61 126.71 1.09
C CYS F 17 -42.40 126.96 -0.18
N ALA F 18 -42.89 128.19 -0.37
CA ALA F 18 -43.62 128.50 -1.59
C ALA F 18 -42.73 128.38 -2.82
N HIS F 19 -41.55 128.98 -2.78
CA HIS F 19 -40.61 128.93 -3.89
C HIS F 19 -39.58 127.83 -3.66
N ARG F 20 -40.07 126.59 -3.66
CA ARG F 20 -39.19 125.43 -3.53
C ARG F 20 -38.88 124.77 -4.86
N CYS F 21 -39.34 125.34 -5.97
CA CYS F 21 -38.93 124.85 -7.29
C CYS F 21 -37.43 125.02 -7.49
N ILE F 22 -36.91 126.18 -7.09
CA ILE F 22 -35.47 126.41 -7.04
C ILE F 22 -34.90 125.59 -5.89
N PHE F 23 -33.57 125.55 -5.80
CA PHE F 23 -32.81 124.68 -4.89
C PHE F 23 -32.82 123.25 -5.41
N ASP F 24 -31.90 122.44 -4.91
CA ASP F 24 -31.79 121.06 -5.34
C ASP F 24 -32.09 120.07 -4.22
N PHE F 25 -32.35 120.55 -3.00
CA PHE F 25 -32.69 119.68 -1.89
C PHE F 25 -33.36 120.51 -0.83
N PHE F 26 -34.59 120.17 -0.47
CA PHE F 26 -35.39 120.99 0.42
C PHE F 26 -35.94 120.14 1.55
N LYS F 27 -35.68 120.56 2.77
CA LYS F 27 -36.17 119.90 3.98
C LYS F 27 -36.66 120.96 4.94
N GLN F 28 -37.81 120.72 5.56
CA GLN F 28 -38.33 121.59 6.61
C GLN F 28 -38.72 120.72 7.80
N ILE F 29 -37.98 120.85 8.87
CA ILE F 29 -38.26 120.17 10.13
C ILE F 29 -39.24 121.03 10.92
N ARG F 30 -40.26 120.38 11.48
CA ARG F 30 -41.32 121.13 12.15
C ARG F 30 -40.75 121.92 13.33
N SER F 31 -40.29 121.23 14.36
CA SER F 31 -39.63 121.88 15.48
C SER F 31 -38.21 121.38 15.69
N ASP F 32 -38.05 120.08 15.82
CA ASP F 32 -36.75 119.44 15.94
C ASP F 32 -36.92 117.98 15.55
N ASP F 33 -35.81 117.32 15.27
CA ASP F 33 -35.90 115.97 14.76
C ASP F 33 -34.60 115.25 15.02
N ASN F 34 -34.68 113.93 15.18
CA ASN F 34 -33.49 113.14 15.47
C ASN F 34 -32.62 112.90 14.25
N SER F 35 -33.09 113.26 13.05
CA SER F 35 -32.23 113.17 11.88
C SER F 35 -31.12 114.21 11.94
N LEU F 36 -31.38 115.35 12.57
CA LEU F 36 -30.32 116.33 12.77
C LEU F 36 -29.19 115.75 13.62
N TYR F 37 -29.54 115.03 14.67
CA TYR F 37 -28.55 114.55 15.64
C TYR F 37 -28.01 113.18 15.24
N SER F 38 -27.50 113.11 14.02
CA SER F 38 -26.83 111.92 13.51
C SER F 38 -25.41 112.29 13.12
N ALA F 39 -24.48 111.38 13.38
CA ALA F 39 -23.07 111.63 13.10
C ALA F 39 -22.40 110.44 12.44
N GLN F 40 -23.11 109.71 11.58
CA GLN F 40 -22.50 108.62 10.85
C GLN F 40 -21.35 109.15 10.01
N PHE F 41 -20.17 108.57 10.20
CA PHE F 41 -18.99 109.03 9.48
C PHE F 41 -18.26 107.83 8.94
N ASP F 42 -17.53 108.05 7.85
CA ASP F 42 -16.81 107.00 7.16
C ASP F 42 -15.34 107.02 7.55
N ILE F 43 -14.74 105.84 7.68
CA ILE F 43 -13.42 105.71 8.24
C ILE F 43 -12.55 104.84 7.35
N LEU F 44 -11.29 105.23 7.21
CA LEU F 44 -10.28 104.47 6.50
C LEU F 44 -9.26 103.98 7.50
N LEU F 45 -8.97 102.68 7.48
CA LEU F 45 -8.20 102.03 8.53
C LEU F 45 -6.75 101.77 8.13
N GLY F 46 -6.13 102.68 7.40
CA GLY F 46 -4.75 102.47 7.04
C GLY F 46 -4.60 101.66 5.78
N THR F 47 -3.48 101.85 5.09
CA THR F 47 -3.23 101.19 3.82
C THR F 47 -1.95 100.35 3.94
N TYR F 48 -1.82 99.38 3.05
CA TYR F 48 -0.71 98.45 3.08
C TYR F 48 -0.14 98.29 1.68
N CYS F 49 1.18 98.36 1.59
CA CYS F 49 1.91 98.16 0.34
C CYS F 49 3.03 97.17 0.58
N ASN F 50 3.40 96.45 -0.46
CA ASN F 50 4.50 95.49 -0.37
C ASN F 50 5.70 96.00 -1.12
N THR F 51 6.86 95.41 -0.81
CA THR F 51 8.12 95.76 -1.45
C THR F 51 8.70 94.53 -2.12
N LEU F 52 9.19 94.71 -3.34
CA LEU F 52 9.77 93.59 -4.07
C LEU F 52 11.16 93.26 -3.53
N ASN F 53 11.55 92.01 -3.70
CA ASN F 53 12.87 91.53 -3.29
C ASN F 53 13.70 91.26 -4.55
N PHE F 54 14.64 92.16 -4.83
CA PHE F 54 15.43 92.07 -6.04
C PHE F 54 16.38 90.88 -5.97
N VAL F 55 16.53 90.20 -7.09
CA VAL F 55 17.39 89.03 -7.19
C VAL F 55 18.59 89.37 -8.05
N ARG F 56 19.77 89.01 -7.55
CA ARG F 56 21.02 89.17 -8.29
C ARG F 56 21.41 87.81 -8.86
N PHE F 57 21.79 87.82 -10.13
CA PHE F 57 22.03 86.55 -10.82
C PHE F 57 23.15 85.76 -10.16
N LEU F 58 24.22 86.45 -9.74
CA LEU F 58 25.35 85.77 -9.13
C LEU F 58 24.96 85.11 -7.83
N GLU F 59 23.99 85.68 -7.12
CA GLU F 59 23.50 85.10 -5.88
C GLU F 59 22.99 83.69 -6.09
N LEU F 60 22.37 83.40 -7.23
CA LEU F 60 21.80 82.09 -7.48
C LEU F 60 22.90 81.04 -7.59
N GLY F 61 22.53 79.80 -7.28
CA GLY F 61 23.43 78.70 -7.50
C GLY F 61 23.61 78.31 -8.94
N LEU F 62 22.75 78.81 -9.82
CA LEU F 62 22.90 78.54 -11.25
C LEU F 62 24.08 79.26 -11.85
N SER F 63 24.60 80.30 -11.20
CA SER F 63 25.70 81.07 -11.76
C SER F 63 26.94 80.22 -11.93
N VAL F 64 27.06 79.12 -11.20
CA VAL F 64 28.25 78.27 -11.27
C VAL F 64 28.33 77.51 -12.58
N ALA F 65 27.26 77.51 -13.38
CA ALA F 65 27.22 76.74 -14.61
C ALA F 65 27.61 77.55 -15.83
N CYS F 66 27.99 78.81 -15.67
CA CYS F 66 28.28 79.64 -16.83
C CYS F 66 29.37 80.64 -16.47
N ILE F 67 30.11 81.06 -17.50
CA ILE F 67 31.15 82.06 -17.37
C ILE F 67 30.68 83.30 -18.10
N CYS F 68 30.15 84.26 -17.36
CA CYS F 68 29.63 85.48 -17.95
C CYS F 68 30.77 86.46 -18.21
N THR F 69 30.65 87.21 -19.30
CA THR F 69 31.63 88.24 -19.61
C THR F 69 30.99 89.30 -20.50
N LYS F 70 31.27 90.56 -20.20
CA LYS F 70 30.73 91.65 -21.00
C LYS F 70 31.44 91.71 -22.34
N PHE F 71 30.76 92.32 -23.31
CA PHE F 71 31.33 92.45 -24.64
C PHE F 71 30.60 93.58 -25.37
N PRO F 72 31.01 94.82 -25.16
CA PRO F 72 30.23 95.95 -25.70
C PRO F 72 30.05 95.90 -27.22
N GLU F 73 31.05 95.42 -27.95
CA GLU F 73 30.96 95.40 -29.41
C GLU F 73 30.42 94.07 -29.92
N LEU F 74 29.28 93.64 -29.38
CA LEU F 74 28.74 92.35 -29.78
C LEU F 74 27.97 92.43 -31.09
N ALA F 75 27.30 93.57 -31.35
CA ALA F 75 26.45 93.67 -32.54
C ALA F 75 27.24 93.61 -33.84
N TYR F 76 28.57 93.74 -33.79
CA TYR F 76 29.36 93.75 -35.01
C TYR F 76 30.08 92.44 -35.28
N VAL F 77 29.77 91.37 -34.54
CA VAL F 77 30.45 90.09 -34.73
C VAL F 77 29.68 89.28 -35.77
N ARG F 78 30.38 88.84 -36.81
CA ARG F 78 29.75 87.94 -37.77
C ARG F 78 29.57 86.55 -37.16
N ASP F 79 30.67 85.91 -36.76
CA ASP F 79 30.58 84.64 -36.04
C ASP F 79 31.86 84.45 -35.24
N GLY F 80 31.75 84.61 -33.92
CA GLY F 80 32.87 84.29 -33.06
C GLY F 80 33.19 82.81 -33.15
N VAL F 81 34.43 82.45 -32.85
CA VAL F 81 34.91 81.09 -33.03
C VAL F 81 35.72 80.70 -31.81
N ILE F 82 35.63 79.43 -31.43
CA ILE F 82 36.43 78.87 -30.35
C ILE F 82 37.12 77.63 -30.89
N GLN F 83 38.28 77.29 -30.32
CA GLN F 83 39.10 76.23 -30.87
C GLN F 83 39.54 75.26 -29.79
N PHE F 84 39.82 74.04 -30.22
CA PHE F 84 40.24 72.96 -29.33
C PHE F 84 41.34 72.15 -29.99
N GLU F 85 42.32 71.72 -29.19
CA GLU F 85 43.38 70.82 -29.64
C GLU F 85 43.54 69.75 -28.58
N VAL F 86 43.04 68.55 -28.84
CA VAL F 86 43.07 67.46 -27.88
C VAL F 86 43.89 66.33 -28.47
N GLN F 87 44.83 65.82 -27.68
CA GLN F 87 45.64 64.69 -28.09
C GLN F 87 45.29 63.46 -27.27
N GLN F 88 45.52 62.29 -27.83
CA GLN F 88 45.11 61.06 -27.20
C GLN F 88 46.30 60.19 -26.86
N PRO F 89 46.20 59.37 -25.83
CA PRO F 89 47.33 58.50 -25.44
C PRO F 89 47.44 57.26 -26.33
N MET F 90 48.36 56.36 -25.98
CA MET F 90 48.57 55.14 -26.72
C MET F 90 49.03 54.00 -25.82
N ILE F 91 48.70 52.78 -26.22
CA ILE F 91 49.25 51.57 -25.63
C ILE F 91 50.04 50.85 -26.70
N ALA F 92 51.29 50.51 -26.39
CA ALA F 92 52.15 49.78 -27.31
C ALA F 92 51.88 48.28 -27.21
N ARG F 93 51.87 47.61 -28.35
CA ARG F 93 51.61 46.18 -28.38
C ARG F 93 52.57 45.53 -29.38
N ASP F 94 52.30 44.27 -29.68
CA ASP F 94 53.13 43.50 -30.60
C ASP F 94 52.24 42.60 -31.46
N GLY F 95 52.89 41.68 -32.17
CA GLY F 95 52.19 40.74 -33.00
C GLY F 95 52.00 41.25 -34.41
N PRO F 96 51.21 40.54 -35.18
CA PRO F 96 50.95 40.92 -36.58
C PRO F 96 49.89 42.01 -36.71
N HIS F 97 50.05 43.06 -35.91
CA HIS F 97 49.13 44.18 -35.95
C HIS F 97 49.87 45.42 -36.43
N PRO F 98 49.31 46.18 -37.36
CA PRO F 98 49.96 47.42 -37.78
C PRO F 98 50.15 48.34 -36.59
N VAL F 99 51.39 48.81 -36.42
CA VAL F 99 51.71 49.68 -35.30
C VAL F 99 50.91 50.97 -35.42
N ASP F 100 50.42 51.45 -34.28
CA ASP F 100 49.61 52.66 -34.25
C ASP F 100 50.45 53.90 -33.98
N GLN F 101 49.97 55.02 -34.51
CA GLN F 101 50.64 56.30 -34.37
C GLN F 101 49.74 57.25 -33.60
N PRO F 102 50.31 58.07 -32.71
CA PRO F 102 49.48 58.94 -31.89
C PRO F 102 48.77 59.98 -32.74
N VAL F 103 47.58 60.35 -32.29
CA VAL F 103 46.68 61.19 -33.08
C VAL F 103 46.41 62.48 -32.32
N HIS F 104 46.17 63.55 -33.06
CA HIS F 104 45.69 64.80 -32.50
C HIS F 104 44.33 65.11 -33.09
N ASN F 105 43.50 65.79 -32.32
CA ASN F 105 42.19 66.22 -32.78
C ASN F 105 42.10 67.73 -32.70
N TYR F 106 41.56 68.34 -33.75
CA TYR F 106 41.27 69.76 -33.79
C TYR F 106 39.78 69.95 -33.97
N MET F 107 39.17 70.70 -33.07
CA MET F 107 37.73 70.95 -33.11
C MET F 107 37.49 72.45 -33.07
N VAL F 108 36.43 72.89 -33.74
CA VAL F 108 36.09 74.30 -33.85
C VAL F 108 34.59 74.48 -33.61
N LYS F 109 34.26 75.42 -32.74
CA LYS F 109 32.86 75.76 -32.47
C LYS F 109 32.65 77.25 -32.68
N ARG F 110 31.39 77.62 -32.91
CA ARG F 110 31.03 79.00 -33.17
C ARG F 110 29.93 79.44 -32.23
N ILE F 111 29.88 80.75 -31.98
CA ILE F 111 28.92 81.29 -31.03
C ILE F 111 27.52 81.24 -31.63
N HIS F 112 26.52 81.40 -30.77
CA HIS F 112 25.12 81.44 -31.15
C HIS F 112 24.47 82.62 -30.45
N LYS F 113 23.74 83.43 -31.20
CA LYS F 113 23.26 84.71 -30.71
C LYS F 113 21.80 84.64 -30.31
N ARG F 114 21.49 85.17 -29.12
CA ARG F 114 20.13 85.28 -28.63
C ARG F 114 19.91 86.72 -28.16
N SER F 115 18.77 86.95 -27.52
CA SER F 115 18.42 88.31 -27.12
C SER F 115 17.50 88.28 -25.92
N LEU F 116 17.32 89.44 -25.32
CA LEU F 116 16.40 89.66 -24.20
C LEU F 116 15.69 90.98 -24.39
N SER F 117 14.40 91.00 -24.06
CA SER F 117 13.60 92.20 -24.28
C SER F 117 12.61 92.38 -23.13
N ALA F 118 12.48 93.62 -22.70
CA ALA F 118 11.49 93.98 -21.69
C ALA F 118 10.87 95.32 -22.07
N ALA F 119 9.65 95.53 -21.58
CA ALA F 119 8.88 96.70 -21.97
C ALA F 119 8.66 97.61 -20.77
N PHE F 120 8.13 98.79 -21.08
CA PHE F 120 8.06 99.88 -20.09
C PHE F 120 7.11 100.93 -20.64
N ALA F 121 6.05 101.24 -19.90
CA ALA F 121 5.00 102.11 -20.41
C ALA F 121 4.87 103.36 -19.57
N ILE F 122 4.41 104.43 -20.20
CA ILE F 122 4.14 105.70 -19.53
C ILE F 122 2.78 106.21 -20.02
N ALA F 123 1.96 106.67 -19.09
CA ALA F 123 0.66 107.23 -19.46
C ALA F 123 0.83 108.64 -20.00
N SER F 124 -0.15 109.06 -20.81
CA SER F 124 -0.08 110.36 -21.47
C SER F 124 -0.07 111.50 -20.45
N GLU F 125 -0.92 111.39 -19.42
CA GLU F 125 -0.96 112.45 -18.41
C GLU F 125 0.39 112.63 -17.75
N ALA F 126 1.13 111.54 -17.58
CA ALA F 126 2.47 111.64 -17.01
C ALA F 126 3.38 112.47 -17.90
N LEU F 127 3.31 112.25 -19.22
CA LEU F 127 4.10 113.07 -20.14
C LEU F 127 3.68 114.53 -20.06
N SER F 128 2.37 114.79 -20.04
CA SER F 128 1.92 116.17 -19.97
C SER F 128 2.41 116.86 -18.71
N LEU F 129 2.40 116.13 -17.59
CA LEU F 129 2.91 116.69 -16.34
C LEU F 129 4.41 116.90 -16.42
N LEU F 130 5.17 115.90 -16.84
CA LEU F 130 6.61 116.04 -16.83
C LEU F 130 7.14 116.97 -17.91
N SER F 131 6.27 117.44 -18.81
CA SER F 131 6.68 118.35 -19.89
C SER F 131 6.46 119.80 -19.49
N ASN F 132 6.58 120.14 -18.20
CA ASN F 132 6.41 121.55 -17.81
C ASN F 132 7.68 122.35 -18.08
N THR F 133 8.78 121.98 -17.42
CA THR F 133 10.06 122.70 -17.51
C THR F 133 9.89 124.17 -17.09
N TYR F 134 9.60 124.33 -15.79
CA TYR F 134 9.53 125.64 -15.13
C TYR F 134 8.36 126.48 -15.67
N VAL F 135 7.16 125.89 -15.62
CA VAL F 135 5.94 126.62 -15.98
C VAL F 135 4.96 126.52 -14.81
N ASP F 136 5.24 125.61 -13.89
CA ASP F 136 4.31 125.28 -12.81
C ASP F 136 4.99 125.45 -11.46
N GLY F 137 4.33 124.93 -10.42
CA GLY F 137 4.76 125.13 -9.05
C GLY F 137 3.60 125.44 -8.13
N THR F 138 2.38 125.28 -8.64
CA THR F 138 1.19 125.42 -7.82
C THR F 138 1.14 124.29 -6.79
N GLU F 139 0.24 124.42 -5.82
CA GLU F 139 0.18 123.49 -4.70
C GLU F 139 -0.72 122.30 -4.98
N ILE F 140 -1.25 122.17 -6.19
CA ILE F 140 -2.10 121.05 -6.55
C ILE F 140 -1.44 120.12 -7.56
N ASP F 141 -0.81 120.66 -8.60
CA ASP F 141 -0.15 119.80 -9.57
C ASP F 141 1.15 119.21 -9.07
N SER F 142 1.77 119.83 -8.05
CA SER F 142 3.04 119.31 -7.55
C SER F 142 2.88 117.89 -7.03
N SER F 143 1.80 117.63 -6.30
CA SER F 143 1.57 116.28 -5.79
C SER F 143 1.40 115.29 -6.93
N LEU F 144 0.70 115.67 -7.99
CA LEU F 144 0.55 114.77 -9.12
C LEU F 144 1.88 114.50 -9.81
N ARG F 145 2.72 115.53 -9.94
CA ARG F 145 4.06 115.30 -10.49
C ARG F 145 4.84 114.33 -9.63
N ILE F 146 4.75 114.49 -8.31
CA ILE F 146 5.45 113.58 -7.41
C ILE F 146 4.94 112.15 -7.60
N ARG F 147 3.63 111.98 -7.72
CA ARG F 147 3.08 110.65 -7.93
C ARG F 147 3.56 110.05 -9.24
N ALA F 148 3.60 110.86 -10.30
CA ALA F 148 4.06 110.37 -11.59
C ALA F 148 5.52 109.92 -11.51
N ILE F 149 6.37 110.71 -10.84
CA ILE F 149 7.77 110.35 -10.72
C ILE F 149 7.93 109.08 -9.88
N GLN F 150 7.15 108.96 -8.80
CA GLN F 150 7.23 107.74 -7.99
C GLN F 150 6.84 106.53 -8.80
N GLN F 151 5.77 106.64 -9.59
CA GLN F 151 5.39 105.51 -10.43
C GLN F 151 6.48 105.20 -11.45
N MET F 152 7.11 106.24 -11.99
CA MET F 152 8.19 106.03 -12.93
C MET F 152 9.30 105.21 -12.31
N ALA F 153 9.73 105.60 -11.11
CA ALA F 153 10.82 104.91 -10.46
C ALA F 153 10.44 103.48 -10.10
N ARG F 154 9.23 103.29 -9.55
CA ARG F 154 8.81 101.95 -9.15
C ARG F 154 8.71 101.04 -10.36
N ASN F 155 8.35 101.60 -11.51
CA ASN F 155 8.26 100.80 -12.72
C ASN F 155 9.64 100.47 -13.27
N LEU F 156 10.53 101.45 -13.29
CA LEU F 156 11.85 101.25 -13.88
C LEU F 156 12.67 100.27 -13.07
N ARG F 157 12.50 100.26 -11.74
CA ARG F 157 13.26 99.33 -10.93
C ARG F 157 12.93 97.88 -11.28
N THR F 158 11.64 97.57 -11.42
CA THR F 158 11.26 96.22 -11.81
C THR F 158 11.71 95.92 -13.23
N VAL F 159 11.64 96.90 -14.12
CA VAL F 159 12.12 96.66 -15.48
C VAL F 159 13.58 96.24 -15.46
N LEU F 160 14.40 96.97 -14.70
CA LEU F 160 15.81 96.59 -14.56
C LEU F 160 15.95 95.21 -13.96
N ASP F 161 15.19 94.91 -12.91
CA ASP F 161 15.29 93.60 -12.28
C ASP F 161 14.93 92.49 -13.24
N SER F 162 14.15 92.81 -14.28
CA SER F 162 13.72 91.77 -15.20
C SER F 162 14.89 91.07 -15.89
N PHE F 163 15.91 91.82 -16.30
CA PHE F 163 17.02 91.19 -17.00
C PHE F 163 17.76 90.22 -16.11
N GLU F 164 18.02 90.61 -14.85
CA GLU F 164 18.64 89.70 -13.92
C GLU F 164 17.78 88.47 -13.70
N ARG F 165 16.46 88.66 -13.57
CA ARG F 165 15.60 87.52 -13.34
C ARG F 165 15.50 86.63 -14.56
N GLY F 166 15.74 87.17 -15.75
CA GLY F 166 15.56 86.41 -16.98
C GLY F 166 16.83 85.75 -17.49
N THR F 167 17.98 86.20 -17.00
CA THR F 167 19.22 85.54 -17.38
C THR F 167 19.21 84.07 -16.94
N ALA F 168 18.73 83.82 -15.72
CA ALA F 168 18.60 82.44 -15.26
C ALA F 168 17.64 81.66 -16.15
N ASP F 169 16.57 82.32 -16.62
CA ASP F 169 15.65 81.63 -17.52
C ASP F 169 16.33 81.25 -18.82
N GLN F 170 17.14 82.16 -19.36
CA GLN F 170 17.86 81.84 -20.59
C GLN F 170 18.82 80.68 -20.38
N LEU F 171 19.52 80.68 -19.25
CA LEU F 171 20.42 79.57 -18.96
C LEU F 171 19.68 78.25 -18.87
N LEU F 172 18.53 78.24 -18.18
CA LEU F 172 17.77 77.01 -18.09
C LEU F 172 17.31 76.56 -19.46
N GLY F 173 16.85 77.50 -20.29
CA GLY F 173 16.39 77.11 -21.61
C GLY F 173 17.49 76.47 -22.45
N VAL F 174 18.66 77.10 -22.47
CA VAL F 174 19.75 76.56 -23.29
C VAL F 174 20.21 75.21 -22.73
N LEU F 175 20.28 75.08 -21.40
CA LEU F 175 20.73 73.83 -20.83
C LEU F 175 19.73 72.70 -21.06
N LEU F 176 18.43 72.98 -21.01
CA LEU F 176 17.46 71.94 -21.37
C LEU F 176 17.58 71.55 -22.83
N GLU F 177 17.68 72.53 -23.73
CA GLU F 177 17.75 72.13 -25.14
C GLU F 177 19.10 71.52 -25.51
N LYS F 178 20.07 71.58 -24.61
CA LYS F 178 21.39 71.02 -24.88
C LYS F 178 21.63 69.64 -24.26
N ALA F 179 20.76 69.18 -23.38
CA ALA F 179 21.06 68.01 -22.56
C ALA F 179 20.44 66.77 -23.14
N PRO F 180 21.21 65.73 -23.46
CA PRO F 180 20.63 64.45 -23.85
C PRO F 180 20.06 63.73 -22.65
N PRO F 181 19.12 62.83 -22.84
CA PRO F 181 18.51 62.14 -21.70
C PRO F 181 19.51 61.24 -20.99
N LEU F 182 19.32 61.09 -19.68
CA LEU F 182 20.20 60.20 -18.93
C LEU F 182 20.06 58.76 -19.40
N SER F 183 18.83 58.30 -19.60
CA SER F 183 18.60 56.90 -19.93
C SER F 183 19.27 56.50 -21.23
N LEU F 184 19.58 57.47 -22.10
CA LEU F 184 20.29 57.19 -23.33
C LEU F 184 21.78 57.46 -23.21
N LEU F 185 22.18 58.44 -22.40
CA LEU F 185 23.59 58.76 -22.30
C LEU F 185 24.36 57.75 -21.47
N SER F 186 23.74 57.23 -20.42
CA SER F 186 24.46 56.33 -19.53
C SER F 186 24.91 55.04 -20.22
N PRO F 187 24.05 54.27 -20.89
CA PRO F 187 24.55 53.06 -21.56
C PRO F 187 25.56 53.34 -22.65
N ILE F 188 25.41 54.44 -23.39
CA ILE F 188 26.32 54.71 -24.51
C ILE F 188 27.75 54.85 -24.02
N ASN F 189 27.95 55.60 -22.95
CA ASN F 189 29.31 55.81 -22.43
C ASN F 189 29.86 54.59 -21.71
N LYS F 190 29.04 53.57 -21.47
CA LYS F 190 29.49 52.39 -20.73
C LYS F 190 29.64 51.16 -21.58
N PHE F 191 28.64 50.82 -22.40
CA PHE F 191 28.67 49.57 -23.13
C PHE F 191 29.69 49.57 -24.25
N GLN F 192 29.85 50.66 -25.00
CA GLN F 192 30.90 50.72 -26.00
C GLN F 192 32.15 51.31 -25.37
N PRO F 193 33.30 50.65 -25.50
CA PRO F 193 34.53 51.25 -24.94
C PRO F 193 34.91 52.55 -25.62
N GLU F 194 35.07 52.53 -26.94
CA GLU F 194 35.49 53.72 -27.67
C GLU F 194 34.47 54.15 -28.72
N GLY F 195 34.07 53.27 -29.61
CA GLY F 195 33.13 53.63 -30.65
C GLY F 195 33.49 52.94 -31.94
N HIS F 196 32.81 53.34 -33.01
CA HIS F 196 32.93 52.72 -34.32
C HIS F 196 32.61 51.23 -34.25
N LEU F 197 31.58 50.92 -33.48
CA LEU F 197 31.15 49.55 -33.32
C LEU F 197 30.59 49.01 -34.63
N ASN F 198 30.75 47.71 -34.83
CA ASN F 198 30.22 47.05 -36.01
C ASN F 198 28.71 46.86 -35.89
N ARG F 199 28.13 46.13 -36.83
CA ARG F 199 26.68 46.02 -36.90
C ARG F 199 26.11 45.36 -35.65
N VAL F 200 26.67 44.22 -35.24
CA VAL F 200 26.03 43.41 -34.21
C VAL F 200 26.15 44.09 -32.85
N ALA F 201 27.31 44.69 -32.56
CA ALA F 201 27.46 45.41 -31.31
C ALA F 201 26.49 46.58 -31.26
N ARG F 202 26.32 47.27 -32.38
CA ARG F 202 25.36 48.37 -32.42
C ARG F 202 23.94 47.87 -32.19
N ALA F 203 23.59 46.72 -32.76
CA ALA F 203 22.24 46.18 -32.57
C ALA F 203 21.99 45.81 -31.12
N ALA F 204 22.95 45.11 -30.49
CA ALA F 204 22.80 44.78 -29.09
C ALA F 204 22.67 46.04 -28.24
N LEU F 205 23.47 47.06 -28.57
CA LEU F 205 23.38 48.33 -27.86
C LEU F 205 22.00 48.95 -28.01
N LEU F 206 21.44 48.90 -29.23
CA LEU F 206 20.10 49.48 -29.43
C LEU F 206 19.06 48.75 -28.60
N SER F 207 19.13 47.42 -28.55
CA SER F 207 18.18 46.70 -27.71
C SER F 207 18.34 47.09 -26.24
N ASP F 208 19.59 47.25 -25.79
CA ASP F 208 19.81 47.67 -24.41
C ASP F 208 19.19 49.04 -24.16
N LEU F 209 19.38 49.98 -25.08
CA LEU F 209 18.79 51.30 -24.90
C LEU F 209 17.27 51.22 -24.87
N LYS F 210 16.69 50.41 -25.74
CA LYS F 210 15.24 50.27 -25.77
C LYS F 210 14.72 49.80 -24.41
N ARG F 211 15.32 48.75 -23.88
CA ARG F 211 14.88 48.23 -22.59
C ARG F 211 15.10 49.25 -21.48
N ARG F 212 16.25 49.93 -21.48
CA ARG F 212 16.54 50.88 -20.42
C ARG F 212 15.55 52.05 -20.43
N VAL F 213 15.23 52.57 -21.62
CA VAL F 213 14.26 53.66 -21.69
C VAL F 213 12.89 53.18 -21.26
N CYS F 214 12.50 51.97 -21.65
CA CYS F 214 11.21 51.45 -21.22
C CYS F 214 11.17 51.27 -19.70
N ALA F 215 12.33 51.08 -19.07
CA ALA F 215 12.33 50.79 -17.63
C ALA F 215 12.42 52.06 -16.78
N ASP F 216 13.49 52.82 -16.94
CA ASP F 216 13.80 53.91 -16.00
C ASP F 216 13.38 55.25 -16.59
N MET F 217 12.08 55.50 -16.56
CA MET F 217 11.55 56.75 -17.09
C MET F 217 10.86 57.62 -16.05
N PHE F 218 10.40 57.05 -14.94
CA PHE F 218 9.73 57.84 -13.93
C PHE F 218 10.27 57.45 -12.56
N PHE F 219 11.60 57.46 -12.42
CA PHE F 219 12.19 56.72 -11.32
C PHE F 219 11.65 57.17 -9.97
N MET F 220 11.67 58.48 -9.73
CA MET F 220 11.37 59.04 -8.43
C MET F 220 9.92 58.85 -7.99
N THR F 221 9.03 58.51 -8.91
CA THR F 221 7.67 58.16 -8.55
C THR F 221 7.48 56.66 -8.44
N ARG F 222 8.16 55.87 -9.26
CA ARG F 222 8.07 54.42 -9.15
C ARG F 222 8.83 53.91 -7.94
N HIS F 223 10.14 54.18 -7.88
CA HIS F 223 10.95 53.73 -6.75
C HIS F 223 11.08 54.80 -5.67
N ALA F 224 9.95 55.36 -5.24
CA ALA F 224 9.99 56.36 -4.19
C ALA F 224 10.18 55.75 -2.82
N ARG F 225 9.76 54.50 -2.63
CA ARG F 225 9.82 53.89 -1.31
C ARG F 225 11.23 53.49 -0.91
N GLU F 226 12.13 53.29 -1.88
CA GLU F 226 13.49 52.86 -1.56
C GLU F 226 14.44 54.05 -1.62
N PRO F 227 14.97 54.52 -0.50
CA PRO F 227 15.89 55.67 -0.52
C PRO F 227 17.28 55.34 -1.05
N ARG F 228 17.60 54.07 -1.28
CA ARG F 228 18.94 53.73 -1.75
C ARG F 228 19.09 53.78 -3.25
N LEU F 229 18.06 53.41 -4.00
CA LEU F 229 18.15 53.47 -5.45
C LEU F 229 18.27 54.92 -5.93
N ILE F 230 17.56 55.84 -5.28
CA ILE F 230 17.66 57.25 -5.65
C ILE F 230 19.12 57.68 -5.68
N SER F 231 19.80 57.57 -4.54
CA SER F 231 21.22 57.88 -4.47
C SER F 231 22.07 56.94 -5.31
N ALA F 232 21.54 55.78 -5.67
CA ALA F 232 22.27 54.86 -6.52
C ALA F 232 22.41 55.36 -7.94
N TYR F 233 21.39 56.03 -8.49
CA TYR F 233 21.56 56.51 -9.86
C TYR F 233 21.82 58.01 -9.91
N LEU F 234 21.63 58.75 -8.82
CA LEU F 234 22.11 60.13 -8.82
C LEU F 234 23.62 60.15 -9.02
N SER F 235 24.33 59.23 -8.36
CA SER F 235 25.75 59.10 -8.59
C SER F 235 26.05 58.71 -10.03
N ASP F 236 25.23 57.84 -10.63
CA ASP F 236 25.42 57.48 -12.03
C ASP F 236 25.24 58.70 -12.93
N MET F 237 24.18 59.47 -12.71
CA MET F 237 23.95 60.70 -13.47
C MET F 237 25.14 61.63 -13.34
N VAL F 238 25.60 61.86 -12.12
CA VAL F 238 26.65 62.83 -11.91
C VAL F 238 27.96 62.36 -12.54
N SER F 239 28.32 61.10 -12.33
CA SER F 239 29.56 60.58 -12.91
C SER F 239 29.33 59.92 -14.27
N CYS F 240 28.65 60.64 -15.16
CA CYS F 240 28.50 60.20 -16.55
C CYS F 240 28.69 61.31 -17.55
N THR F 241 28.90 62.54 -17.09
CA THR F 241 29.14 63.67 -17.96
C THR F 241 30.56 64.19 -17.78
N GLN F 242 31.18 64.49 -18.87
CA GLN F 242 32.57 64.90 -18.81
C GLN F 242 32.68 66.34 -18.30
N PRO F 243 33.72 66.65 -17.54
CA PRO F 243 33.92 68.03 -17.12
C PRO F 243 34.39 68.90 -18.27
N SER F 244 34.61 70.18 -18.01
CA SER F 244 34.99 71.15 -19.03
C SER F 244 36.28 71.84 -18.61
N VAL F 245 36.65 72.90 -19.33
CA VAL F 245 37.94 73.52 -19.12
C VAL F 245 38.03 74.09 -17.71
N MET F 246 39.27 74.22 -17.23
CA MET F 246 39.54 74.66 -15.87
C MET F 246 40.15 76.06 -15.80
N VAL F 247 40.21 76.78 -16.92
CA VAL F 247 40.77 78.12 -16.89
C VAL F 247 39.84 79.03 -16.10
N SER F 248 40.39 79.68 -15.07
CA SER F 248 39.63 80.57 -14.21
C SER F 248 40.60 81.22 -13.23
N ARG F 249 40.12 82.27 -12.58
CA ARG F 249 40.85 82.92 -11.51
C ARG F 249 40.18 82.75 -10.16
N ILE F 250 38.89 83.12 -10.06
CA ILE F 250 38.10 82.93 -8.86
C ILE F 250 36.86 82.14 -9.23
N THR F 251 36.52 81.16 -8.40
CA THR F 251 35.44 80.24 -8.72
C THR F 251 34.51 80.15 -7.52
N HIS F 252 33.48 79.31 -7.64
CA HIS F 252 32.53 79.09 -6.57
C HIS F 252 33.10 78.06 -5.59
N THR F 253 33.24 78.46 -4.34
CA THR F 253 33.79 77.59 -3.31
C THR F 253 32.90 77.62 -2.09
N ASN F 254 32.96 76.55 -1.31
CA ASN F 254 32.21 76.45 -0.08
C ASN F 254 32.96 77.21 1.02
N THR F 255 32.47 77.10 2.26
CA THR F 255 33.10 77.83 3.36
C THR F 255 34.52 77.34 3.61
N ARG F 256 34.72 76.02 3.60
CA ARG F 256 36.04 75.47 3.86
C ARG F 256 37.04 75.88 2.78
N GLY F 257 36.62 75.85 1.52
CA GLY F 257 37.49 76.22 0.44
C GLY F 257 37.50 75.22 -0.70
N ARG F 258 36.69 74.17 -0.56
CA ARG F 258 36.63 73.15 -1.60
C ARG F 258 35.95 73.69 -2.84
N GLN F 259 36.49 73.33 -4.01
CA GLN F 259 35.87 73.70 -5.27
C GLN F 259 34.56 72.94 -5.47
N VAL F 260 33.54 73.65 -5.93
CA VAL F 260 32.30 72.99 -6.32
C VAL F 260 32.44 72.55 -7.77
N ASP F 261 31.58 71.60 -8.18
CA ASP F 261 31.75 70.98 -9.48
C ASP F 261 30.55 71.10 -10.40
N GLY F 262 29.36 71.33 -9.87
CA GLY F 262 28.22 71.43 -10.74
C GLY F 262 27.01 71.98 -10.02
N VAL F 263 25.91 72.06 -10.76
CA VAL F 263 24.63 72.50 -10.23
C VAL F 263 23.59 71.46 -10.58
N LEU F 264 22.69 71.18 -9.64
CA LEU F 264 21.64 70.20 -9.81
C LEU F 264 20.32 70.92 -9.60
N VAL F 265 19.71 71.38 -10.68
CA VAL F 265 18.51 72.20 -10.62
C VAL F 265 17.28 71.30 -10.78
N THR F 266 16.33 71.46 -9.87
CA THR F 266 15.14 70.63 -9.87
C THR F 266 13.96 71.44 -9.35
N THR F 267 12.83 70.77 -9.14
CA THR F 267 11.64 71.41 -8.61
C THR F 267 11.68 71.36 -7.09
N ALA F 268 10.91 72.27 -6.47
CA ALA F 268 10.91 72.37 -5.01
C ALA F 268 10.51 71.06 -4.36
N THR F 269 9.48 70.39 -4.90
CA THR F 269 9.04 69.12 -4.33
C THR F 269 10.16 68.09 -4.36
N LEU F 270 10.85 68.00 -5.50
CA LEU F 270 11.97 67.06 -5.58
C LEU F 270 13.10 67.48 -4.66
N LYS F 271 13.32 68.78 -4.48
CA LYS F 271 14.37 69.22 -3.57
C LYS F 271 14.07 68.76 -2.15
N ARG F 272 12.81 68.90 -1.71
CA ARG F 272 12.44 68.40 -0.41
C ARG F 272 12.60 66.89 -0.33
N GLN F 273 12.21 66.18 -1.38
CA GLN F 273 12.34 64.73 -1.38
C GLN F 273 13.79 64.30 -1.22
N LEU F 274 14.70 64.97 -1.93
CA LEU F 274 16.12 64.64 -1.82
C LEU F 274 16.67 65.00 -0.45
N LEU F 275 16.36 66.19 0.05
CA LEU F 275 16.97 66.63 1.29
C LEU F 275 16.38 65.98 2.53
N GLN F 276 15.21 65.34 2.42
CA GLN F 276 14.61 64.74 3.61
C GLN F 276 15.45 63.59 4.15
N GLY F 277 15.72 62.60 3.31
CA GLY F 277 16.43 61.43 3.81
C GLY F 277 17.43 60.79 2.87
N ILE F 278 17.61 61.36 1.68
CA ILE F 278 18.43 60.68 0.67
C ILE F 278 19.85 61.24 0.69
N LEU F 279 19.99 62.52 0.39
CA LEU F 279 21.29 63.16 0.33
C LEU F 279 21.61 63.83 1.66
N GLN F 280 22.89 64.13 1.85
CA GLN F 280 23.37 64.75 3.08
C GLN F 280 23.93 66.13 2.77
N ILE F 281 23.65 67.08 3.66
CA ILE F 281 24.09 68.45 3.47
C ILE F 281 25.60 68.53 3.71
N ASP F 282 26.30 69.21 2.80
CA ASP F 282 27.73 69.43 2.98
C ASP F 282 28.02 70.80 3.61
N ASP F 283 27.25 71.81 3.22
CA ASP F 283 27.38 73.13 3.80
C ASP F 283 26.12 73.91 3.53
N THR F 284 25.95 75.02 4.24
CA THR F 284 24.79 75.86 4.09
C THR F 284 25.12 77.26 3.58
N ALA F 285 26.40 77.61 3.47
CA ALA F 285 26.80 78.90 2.94
C ALA F 285 27.90 78.68 1.91
N ALA F 286 27.96 79.57 0.94
CA ALA F 286 28.89 79.41 -0.17
C ALA F 286 29.52 80.75 -0.53
N ASP F 287 30.64 80.67 -1.24
CA ASP F 287 31.36 81.84 -1.71
C ASP F 287 31.31 81.86 -3.23
N VAL F 288 30.79 82.94 -3.80
CA VAL F 288 30.61 83.02 -5.24
C VAL F 288 31.19 84.34 -5.74
N PRO F 289 31.68 84.41 -6.98
CA PRO F 289 32.22 85.68 -7.48
C PRO F 289 31.13 86.71 -7.65
N VAL F 290 31.55 87.98 -7.60
CA VAL F 290 30.62 89.10 -7.69
C VAL F 290 30.84 89.97 -8.91
N THR F 291 31.89 89.72 -9.69
CA THR F 291 32.18 90.52 -10.88
C THR F 291 32.12 89.64 -12.13
N TYR F 292 31.69 90.25 -13.24
CA TYR F 292 31.64 89.49 -14.48
C TYR F 292 33.02 89.28 -15.07
N GLY F 293 33.74 90.37 -15.33
CA GLY F 293 34.98 90.26 -16.05
C GLY F 293 34.73 90.61 -17.51
N GLU F 294 35.05 91.84 -17.88
CA GLU F 294 34.76 92.35 -19.21
C GLU F 294 36.00 92.30 -20.07
N MET F 295 35.79 92.47 -21.37
CA MET F 295 36.90 92.57 -22.30
C MET F 295 36.44 93.41 -23.49
N VAL F 296 37.35 94.23 -24.00
CA VAL F 296 37.07 95.13 -25.11
C VAL F 296 38.25 95.07 -26.07
N LEU F 297 37.99 95.46 -27.31
CA LEU F 297 39.00 95.49 -28.35
C LEU F 297 39.53 96.91 -28.50
N GLN F 298 40.85 97.05 -28.52
CA GLN F 298 41.48 98.36 -28.62
C GLN F 298 42.86 98.22 -29.24
N GLY F 299 43.34 99.32 -29.79
CA GLY F 299 44.69 99.35 -30.34
C GLY F 299 44.85 98.43 -31.53
N THR F 300 45.87 97.58 -31.47
CA THR F 300 46.19 96.73 -32.61
C THR F 300 45.03 95.82 -32.96
N ASN F 301 44.30 95.33 -31.95
CA ASN F 301 43.14 94.50 -32.23
C ASN F 301 42.10 95.28 -33.02
N LEU F 302 41.87 96.53 -32.62
CA LEU F 302 40.90 97.36 -33.32
C LEU F 302 41.32 97.61 -34.77
N VAL F 303 42.60 97.94 -34.99
CA VAL F 303 43.02 98.24 -36.36
C VAL F 303 42.94 96.99 -37.21
N THR F 304 43.26 95.82 -36.64
CA THR F 304 43.15 94.58 -37.39
C THR F 304 41.70 94.31 -37.77
N ALA F 305 40.78 94.50 -36.82
CA ALA F 305 39.37 94.28 -37.13
C ALA F 305 38.87 95.26 -38.17
N LEU F 306 39.33 96.50 -38.14
CA LEU F 306 38.87 97.50 -39.09
C LEU F 306 39.40 97.29 -40.49
N VAL F 307 40.67 96.93 -40.65
CA VAL F 307 41.26 96.87 -41.98
C VAL F 307 41.27 95.47 -42.59
N MET F 308 41.38 94.42 -41.78
CA MET F 308 41.44 93.07 -42.31
C MET F 308 40.15 92.29 -42.14
N GLY F 309 39.35 92.61 -41.13
CA GLY F 309 38.13 91.90 -40.87
C GLY F 309 38.24 90.75 -39.90
N LYS F 310 39.34 90.65 -39.16
CA LYS F 310 39.54 89.59 -38.18
C LYS F 310 40.11 90.18 -36.91
N ALA F 311 40.00 89.42 -35.82
CA ALA F 311 40.42 89.90 -34.51
C ALA F 311 40.57 88.68 -33.60
N VAL F 312 41.43 88.79 -32.60
CA VAL F 312 41.67 87.69 -31.69
C VAL F 312 41.76 88.22 -30.26
N ARG F 313 41.27 87.42 -29.31
CA ARG F 313 41.28 87.81 -27.92
C ARG F 313 42.70 87.94 -27.40
N ASN F 352 35.23 88.11 -3.30
CA ASN F 352 34.30 87.01 -3.14
C ASN F 352 33.42 87.28 -1.93
N ALA F 353 32.17 86.81 -2.00
CA ALA F 353 31.15 87.18 -1.03
C ALA F 353 30.43 85.96 -0.48
N ARG F 354 29.86 86.11 0.71
CA ARG F 354 29.11 85.05 1.35
C ARG F 354 27.68 85.02 0.79
N VAL F 355 27.16 83.82 0.56
CA VAL F 355 25.83 83.67 -0.03
C VAL F 355 25.11 82.51 0.64
N PRO F 356 23.87 82.70 1.08
CA PRO F 356 23.10 81.59 1.66
C PRO F 356 22.59 80.67 0.56
N ALA F 357 23.18 79.48 0.48
CA ALA F 357 22.75 78.48 -0.50
C ALA F 357 23.13 77.11 0.04
N ASP F 358 22.32 76.11 -0.27
CA ASP F 358 22.58 74.76 0.21
C ASP F 358 23.47 73.99 -0.75
N LEU F 359 24.41 73.24 -0.19
CA LEU F 359 25.34 72.44 -0.96
C LEU F 359 25.24 70.99 -0.50
N VAL F 360 25.28 70.08 -1.47
CA VAL F 360 25.15 68.67 -1.21
C VAL F 360 26.34 67.95 -1.84
N ILE F 361 26.70 66.80 -1.27
CA ILE F 361 27.79 65.99 -1.77
C ILE F 361 27.20 64.68 -2.28
N VAL F 362 27.43 64.40 -3.56
CA VAL F 362 26.95 63.19 -4.20
C VAL F 362 28.14 62.50 -4.87
N GLY F 363 28.16 61.17 -4.80
CA GLY F 363 29.31 60.44 -5.30
C GLY F 363 30.57 60.90 -4.60
N ASP F 364 31.40 61.66 -5.31
CA ASP F 364 32.60 62.25 -4.73
C ASP F 364 32.74 63.72 -5.12
N LYS F 365 31.66 64.35 -5.56
CA LYS F 365 31.69 65.73 -6.01
C LYS F 365 30.70 66.57 -5.21
N LEU F 366 31.01 67.86 -5.10
CA LEU F 366 30.19 68.81 -4.36
C LEU F 366 29.42 69.66 -5.35
N VAL F 367 28.09 69.62 -5.28
CA VAL F 367 27.24 70.27 -6.26
C VAL F 367 26.21 71.15 -5.56
N PHE F 368 25.94 72.30 -6.16
CA PHE F 368 24.80 73.11 -5.75
C PHE F 368 23.51 72.34 -5.99
N LEU F 369 22.52 72.56 -5.14
CA LEU F 369 21.22 71.95 -5.29
C LEU F 369 20.18 73.06 -5.27
N GLU F 370 19.79 73.54 -6.44
CA GLU F 370 18.90 74.68 -6.55
C GLU F 370 17.53 74.23 -7.00
N ALA F 371 16.50 74.77 -6.37
CA ALA F 371 15.10 74.55 -6.72
C ALA F 371 14.43 75.88 -6.93
N LEU F 372 15.05 76.73 -7.74
CA LEU F 372 14.67 78.13 -7.85
C LEU F 372 13.28 78.25 -8.45
N GLU F 373 12.30 78.49 -7.59
CA GLU F 373 10.93 78.82 -7.96
C GLU F 373 10.37 79.99 -7.18
N ARG F 374 10.92 80.31 -6.02
CA ARG F 374 10.46 81.46 -5.26
C ARG F 374 11.24 82.72 -5.64
N ARG F 375 12.55 82.61 -5.77
CA ARG F 375 13.33 83.77 -6.18
C ARG F 375 12.97 84.21 -7.59
N VAL F 376 12.74 83.26 -8.49
CA VAL F 376 12.38 83.54 -9.86
C VAL F 376 11.20 82.65 -10.23
N TYR F 377 10.41 83.11 -11.20
CA TYR F 377 9.21 82.42 -11.69
C TYR F 377 8.07 82.44 -10.68
N GLN F 378 8.12 83.31 -9.68
CA GLN F 378 7.06 83.40 -8.69
C GLN F 378 6.22 84.63 -8.95
N ALA F 379 4.91 84.44 -9.01
CA ALA F 379 3.96 85.54 -9.21
C ALA F 379 4.23 86.31 -10.49
N THR F 380 4.86 85.65 -11.47
CA THR F 380 5.09 86.23 -12.78
C THR F 380 4.52 85.30 -13.83
N ARG F 381 3.96 85.88 -14.89
CA ARG F 381 3.10 85.16 -15.81
C ARG F 381 3.85 84.16 -16.69
N VAL F 382 5.11 83.86 -16.39
CA VAL F 382 5.89 82.92 -17.17
C VAL F 382 5.77 81.54 -16.53
N ALA F 383 5.74 80.51 -17.37
CA ALA F 383 5.71 79.15 -16.87
C ALA F 383 7.12 78.67 -16.54
N TYR F 384 7.23 77.95 -15.45
CA TYR F 384 8.52 77.45 -15.01
C TYR F 384 8.92 76.26 -15.87
N PRO F 385 10.12 76.25 -16.45
CA PRO F 385 10.58 75.03 -17.13
C PRO F 385 10.82 73.91 -16.14
N LEU F 386 11.31 72.77 -16.61
CA LEU F 386 11.41 71.54 -15.84
C LEU F 386 10.04 70.95 -15.49
N ILE F 387 9.00 71.42 -16.15
CA ILE F 387 7.67 70.83 -16.00
C ILE F 387 7.26 70.34 -17.38
N GLY F 388 8.23 69.87 -18.15
CA GLY F 388 7.98 69.48 -19.52
C GLY F 388 7.03 68.30 -19.62
N ASN F 389 6.50 68.11 -20.82
CA ASN F 389 5.52 67.09 -21.11
C ASN F 389 6.16 66.01 -21.99
N ILE F 390 5.58 64.81 -21.95
CA ILE F 390 6.04 63.73 -22.80
C ILE F 390 4.84 63.13 -23.50
N ASP F 391 5.09 62.48 -24.64
CA ASP F 391 4.06 61.89 -25.46
C ASP F 391 4.30 60.39 -25.55
N ILE F 392 3.25 59.61 -25.30
CA ILE F 392 3.29 58.15 -25.40
C ILE F 392 2.11 57.69 -26.22
N THR F 393 2.36 56.79 -27.16
CA THR F 393 1.32 56.29 -28.05
C THR F 393 0.97 54.85 -27.68
N PHE F 394 -0.31 54.60 -27.46
CA PHE F 394 -0.79 53.28 -27.08
C PHE F 394 -1.41 52.59 -28.29
N ILE F 395 -1.23 51.28 -28.36
CA ILE F 395 -1.70 50.48 -29.47
C ILE F 395 -2.52 49.31 -28.93
N MET F 396 -3.62 48.99 -29.61
CA MET F 396 -4.54 47.96 -29.14
C MET F 396 -5.19 47.32 -30.37
N PRO F 397 -5.23 46.00 -30.46
CA PRO F 397 -6.00 45.35 -31.52
C PRO F 397 -7.46 45.25 -31.16
N MET F 398 -8.32 45.28 -32.18
CA MET F 398 -9.76 45.41 -31.97
C MET F 398 -10.52 44.13 -32.31
N GLY F 399 -10.39 43.62 -33.53
CA GLY F 399 -11.26 42.53 -33.93
C GLY F 399 -10.53 41.26 -34.28
N VAL F 400 -9.34 41.05 -33.72
CA VAL F 400 -8.56 39.87 -34.08
C VAL F 400 -9.31 38.63 -33.64
N PHE F 401 -9.21 37.57 -34.43
CA PHE F 401 -9.73 36.26 -34.09
C PHE F 401 -8.59 35.27 -34.23
N GLN F 402 -8.14 34.73 -33.10
CA GLN F 402 -6.99 33.83 -33.11
C GLN F 402 -7.38 32.52 -33.78
N ALA F 403 -6.97 32.39 -35.05
CA ALA F 403 -7.56 31.40 -35.95
C ALA F 403 -7.27 29.98 -35.50
N ASN F 404 -6.04 29.69 -35.09
CA ASN F 404 -5.63 28.32 -34.81
C ASN F 404 -6.51 27.72 -33.71
N SER F 405 -6.94 26.48 -33.94
CA SER F 405 -7.90 25.84 -33.04
C SER F 405 -7.30 25.58 -31.68
N MET F 406 -5.98 25.42 -31.60
CA MET F 406 -5.35 25.10 -30.32
C MET F 406 -5.33 26.31 -29.38
N ASP F 407 -5.26 27.52 -29.92
CA ASP F 407 -5.15 28.70 -29.08
C ASP F 407 -6.46 29.09 -28.42
N ARG F 408 -7.59 28.59 -28.91
CA ARG F 408 -8.88 28.87 -28.28
C ARG F 408 -9.14 27.86 -27.17
N TYR F 409 -8.42 28.05 -26.06
CA TYR F 409 -8.48 27.16 -24.91
C TYR F 409 -8.91 27.93 -23.67
N THR F 410 -9.61 27.24 -22.77
CA THR F 410 -10.04 27.82 -21.51
C THR F 410 -9.24 27.22 -20.37
N ARG F 411 -8.76 28.09 -19.47
CA ARG F 411 -7.85 27.64 -18.41
C ARG F 411 -8.54 26.69 -17.44
N HIS F 412 -9.86 26.71 -17.38
CA HIS F 412 -10.58 25.74 -16.56
C HIS F 412 -11.92 25.45 -17.22
N ALA F 413 -12.57 24.39 -16.76
CA ALA F 413 -13.80 23.93 -17.42
C ALA F 413 -14.94 24.92 -17.21
N GLY F 414 -15.34 25.13 -15.97
CA GLY F 414 -16.39 26.09 -15.68
C GLY F 414 -15.85 27.45 -15.30
N ASP F 415 -15.06 28.07 -16.19
CA ASP F 415 -14.53 29.41 -15.94
C ASP F 415 -15.59 30.47 -15.94
N PHE F 416 -16.19 30.72 -17.10
CA PHE F 416 -17.22 31.74 -17.24
C PHE F 416 -18.41 31.05 -17.88
N SER F 417 -19.20 30.37 -17.06
CA SER F 417 -20.37 29.68 -17.58
C SER F 417 -21.53 30.65 -17.71
N THR F 418 -22.56 30.21 -18.43
CA THR F 418 -23.74 31.01 -18.64
C THR F 418 -25.00 30.16 -18.49
N VAL F 419 -26.14 30.73 -18.86
CA VAL F 419 -27.38 29.97 -18.91
C VAL F 419 -27.71 29.49 -20.32
N SER F 420 -27.23 30.18 -21.35
CA SER F 420 -27.54 29.80 -22.72
C SER F 420 -26.90 28.46 -23.06
N GLU F 421 -27.56 27.71 -23.96
CA GLU F 421 -27.01 26.46 -24.45
C GLU F 421 -25.80 26.68 -25.33
N GLN F 422 -25.63 27.88 -25.88
CA GLN F 422 -24.46 28.24 -26.65
C GLN F 422 -23.70 29.33 -25.91
N ASP F 423 -22.43 29.09 -25.63
CA ASP F 423 -21.64 30.08 -24.91
C ASP F 423 -21.46 31.31 -25.78
N PRO F 424 -21.84 32.49 -25.30
CA PRO F 424 -21.63 33.70 -26.11
C PRO F 424 -20.22 34.23 -25.93
N ARG F 425 -19.24 33.33 -26.01
CA ARG F 425 -17.85 33.72 -26.02
C ARG F 425 -17.06 33.07 -27.13
N GLN F 426 -17.56 32.00 -27.74
CA GLN F 426 -16.87 31.41 -28.88
C GLN F 426 -17.02 32.29 -30.11
N PHE F 427 -17.99 33.19 -30.11
CA PHE F 427 -18.16 34.10 -31.23
C PHE F 427 -16.98 35.05 -31.33
N PRO F 428 -16.57 35.43 -32.53
CA PRO F 428 -15.43 36.32 -32.68
C PRO F 428 -15.69 37.65 -32.01
N PRO F 429 -14.70 38.20 -31.31
CA PRO F 429 -14.92 39.46 -30.59
C PRO F 429 -15.12 40.62 -31.54
N GLN F 430 -15.76 41.66 -31.04
CA GLN F 430 -16.02 42.86 -31.81
C GLN F 430 -15.66 44.15 -31.10
N GLY F 431 -15.43 44.13 -29.79
CA GLY F 431 -15.13 45.34 -29.07
C GLY F 431 -13.90 45.15 -28.21
N ILE F 432 -13.36 46.28 -27.74
CA ILE F 432 -12.18 46.30 -26.90
C ILE F 432 -12.46 47.20 -25.70
N PHE F 433 -12.09 46.74 -24.52
CA PHE F 433 -12.35 47.45 -23.28
C PHE F 433 -11.04 47.87 -22.63
N PHE F 434 -10.93 49.13 -22.25
CA PHE F 434 -9.74 49.63 -21.56
C PHE F 434 -10.18 50.63 -20.52
N TYR F 435 -9.22 51.23 -19.84
CA TYR F 435 -9.49 52.16 -18.75
C TYR F 435 -9.21 53.59 -19.15
N ASN F 436 -10.04 54.49 -18.65
CA ASN F 436 -9.95 55.91 -18.97
C ASN F 436 -8.86 56.56 -18.12
N LYS F 437 -8.84 57.89 -18.12
CA LYS F 437 -7.86 58.60 -17.30
C LYS F 437 -8.18 58.45 -15.82
N ASP F 438 -9.45 58.52 -15.46
CA ASP F 438 -9.85 58.49 -14.06
C ASP F 438 -10.13 57.07 -13.55
N GLY F 439 -9.91 56.05 -14.38
CA GLY F 439 -10.25 54.70 -14.00
C GLY F 439 -11.62 54.25 -14.45
N ILE F 440 -12.25 54.97 -15.36
CA ILE F 440 -13.59 54.63 -15.83
C ILE F 440 -13.46 53.66 -17.01
N LEU F 441 -14.23 52.58 -16.97
CA LEU F 441 -14.25 51.64 -18.06
C LEU F 441 -14.86 52.28 -19.30
N THR F 442 -14.27 52.01 -20.47
CA THR F 442 -14.77 52.52 -21.73
C THR F 442 -14.72 51.42 -22.77
N GLN F 443 -15.40 51.66 -23.89
CA GLN F 443 -15.55 50.65 -24.93
C GLN F 443 -15.33 51.25 -26.30
N LEU F 444 -14.66 50.49 -27.16
CA LEU F 444 -14.56 50.79 -28.59
C LEU F 444 -15.11 49.60 -29.37
N THR F 445 -16.26 49.79 -30.01
CA THR F 445 -16.79 48.80 -30.92
C THR F 445 -16.38 49.17 -32.34
N LEU F 446 -16.64 48.25 -33.27
CA LEU F 446 -16.32 48.51 -34.66
C LEU F 446 -17.06 49.72 -35.22
N ARG F 447 -18.20 50.09 -34.60
CA ARG F 447 -18.97 51.21 -35.11
C ARG F 447 -18.16 52.49 -35.17
N ASP F 448 -17.12 52.60 -34.34
CA ASP F 448 -16.31 53.81 -34.36
C ASP F 448 -15.36 53.87 -35.56
N ALA F 449 -15.00 52.73 -36.14
CA ALA F 449 -14.15 52.73 -37.32
C ALA F 449 -14.89 53.21 -38.56
N MET F 450 -16.21 53.35 -38.49
CA MET F 450 -17.00 53.78 -39.63
C MET F 450 -16.58 55.15 -40.13
N GLY F 451 -15.96 55.97 -39.27
CA GLY F 451 -15.45 57.24 -39.74
C GLY F 451 -14.18 57.15 -40.56
N THR F 452 -13.51 56.02 -40.54
CA THR F 452 -12.25 55.84 -41.25
C THR F 452 -12.36 54.90 -42.43
N ILE F 453 -13.02 53.75 -42.25
CA ILE F 453 -13.06 52.77 -43.32
C ILE F 453 -14.16 53.05 -44.34
N CYS F 454 -15.19 53.82 -43.96
CA CYS F 454 -16.30 54.13 -44.86
C CYS F 454 -16.11 55.47 -45.55
N HIS F 455 -14.88 55.86 -45.82
CA HIS F 455 -14.59 57.08 -46.56
C HIS F 455 -14.43 56.76 -48.03
N SER F 456 -14.45 57.79 -48.87
CA SER F 456 -14.21 57.60 -50.29
C SER F 456 -12.79 57.17 -50.58
N SER F 457 -11.87 57.31 -49.62
CA SER F 457 -10.47 56.97 -49.84
C SER F 457 -10.24 55.48 -50.01
N LEU F 458 -11.18 54.64 -49.59
CA LEU F 458 -11.02 53.20 -49.74
C LEU F 458 -11.05 52.77 -51.20
N LEU F 459 -11.45 53.66 -52.11
CA LEU F 459 -11.53 53.33 -53.52
C LEU F 459 -10.69 54.30 -54.34
N ASP F 460 -9.45 54.52 -53.93
CA ASP F 460 -8.57 55.48 -54.59
C ASP F 460 -7.35 54.76 -55.14
N VAL F 461 -7.58 53.64 -55.84
CA VAL F 461 -6.47 52.83 -56.34
C VAL F 461 -5.72 53.48 -57.48
N GLU F 462 -6.19 54.61 -58.01
CA GLU F 462 -5.60 55.15 -59.24
C GLU F 462 -4.11 55.43 -59.08
N ALA F 463 -3.72 56.06 -57.98
CA ALA F 463 -2.30 56.29 -57.74
C ALA F 463 -1.56 54.95 -57.58
N THR F 464 -2.16 54.01 -56.87
CA THR F 464 -1.51 52.71 -56.69
C THR F 464 -1.33 51.99 -58.02
N LEU F 465 -2.34 52.01 -58.87
CA LEU F 465 -2.21 51.41 -60.18
C LEU F 465 -1.12 52.09 -61.00
N VAL F 466 -1.11 53.42 -60.99
CA VAL F 466 -0.06 54.14 -61.71
C VAL F 466 1.31 53.68 -61.25
N ALA F 467 1.52 53.68 -59.94
CA ALA F 467 2.84 53.32 -59.40
C ALA F 467 3.20 51.89 -59.74
N LEU F 468 2.24 50.96 -59.63
CA LEU F 468 2.53 49.56 -59.94
C LEU F 468 2.88 49.37 -61.41
N ARG F 469 2.34 50.21 -62.29
CA ARG F 469 2.55 49.99 -63.71
C ARG F 469 3.98 50.25 -64.18
N GLN F 470 4.84 50.86 -63.36
CA GLN F 470 6.22 51.11 -63.78
C GLN F 470 7.20 50.18 -63.09
N GLN F 471 6.85 48.91 -62.92
CA GLN F 471 7.83 47.98 -62.38
C GLN F 471 8.18 46.93 -63.42
N HIS F 472 8.98 45.95 -63.03
CA HIS F 472 9.35 44.87 -63.94
C HIS F 472 8.20 43.87 -63.99
N LEU F 473 7.66 43.65 -65.18
CA LEU F 473 6.53 42.74 -65.37
C LEU F 473 6.93 41.62 -66.31
N ASP F 474 6.67 40.39 -65.89
CA ASP F 474 6.93 39.22 -66.72
C ASP F 474 5.63 38.73 -67.34
N ARG F 475 5.73 38.18 -68.54
CA ARG F 475 4.56 37.73 -69.29
C ARG F 475 3.98 36.50 -68.61
N GLN F 476 2.93 36.69 -67.82
CA GLN F 476 2.21 35.61 -67.19
C GLN F 476 1.12 35.11 -68.12
N CYS F 477 0.75 33.83 -67.94
CA CYS F 477 -0.40 33.29 -68.65
C CYS F 477 -1.64 34.11 -68.34
N TYR F 478 -2.60 34.08 -69.25
CA TYR F 478 -3.77 34.94 -69.17
C TYR F 478 -5.04 34.12 -69.03
N PHE F 479 -5.01 33.06 -68.22
CA PHE F 479 -6.17 32.20 -68.12
C PHE F 479 -7.22 32.77 -67.19
N GLY F 480 -6.82 33.21 -66.01
CA GLY F 480 -7.77 33.66 -65.02
C GLY F 480 -8.18 35.12 -65.11
N VAL F 481 -7.65 35.87 -66.07
CA VAL F 481 -7.87 37.31 -66.12
C VAL F 481 -8.37 37.79 -67.48
N TYR F 482 -8.67 36.89 -68.40
CA TYR F 482 -9.10 37.25 -69.74
C TYR F 482 -10.50 36.71 -69.98
N VAL F 483 -11.36 37.54 -70.57
CA VAL F 483 -12.74 37.19 -70.88
C VAL F 483 -12.97 37.41 -72.36
N ALA F 484 -13.51 36.40 -73.02
CA ALA F 484 -13.78 36.45 -74.45
C ALA F 484 -15.28 36.59 -74.70
N GLU F 485 -15.66 36.55 -75.97
CA GLU F 485 -17.04 36.64 -76.38
C GLU F 485 -17.47 35.35 -77.06
N GLY F 486 -18.78 35.10 -77.05
CA GLY F 486 -19.29 33.91 -77.68
C GLY F 486 -19.07 33.93 -79.19
N THR F 487 -18.83 32.75 -79.74
CA THR F 487 -18.49 32.61 -81.15
C THR F 487 -19.64 32.05 -81.99
N GLU F 488 -20.87 32.08 -81.46
CA GLU F 488 -22.06 31.68 -82.21
C GLU F 488 -21.97 30.22 -82.65
N ASP F 489 -21.88 29.33 -81.67
CA ASP F 489 -21.87 27.90 -81.94
C ASP F 489 -22.78 27.18 -80.95
N THR F 490 -22.70 25.85 -80.92
CA THR F 490 -23.64 25.04 -80.16
C THR F 490 -23.05 24.50 -78.86
N LEU F 491 -22.17 25.25 -78.23
CA LEU F 491 -21.58 24.94 -76.92
C LEU F 491 -20.73 23.69 -76.92
N ASP F 492 -20.64 22.97 -78.04
CA ASP F 492 -19.77 21.80 -78.09
C ASP F 492 -18.49 22.13 -78.83
N VAL F 493 -18.62 22.72 -80.01
CA VAL F 493 -17.44 23.21 -80.73
C VAL F 493 -16.68 24.20 -79.85
N GLN F 494 -17.40 25.08 -79.17
CA GLN F 494 -16.74 26.07 -78.34
C GLN F 494 -15.95 25.44 -77.21
N MET F 495 -16.57 24.50 -76.47
CA MET F 495 -15.86 23.88 -75.37
C MET F 495 -14.70 23.02 -75.85
N GLY F 496 -14.88 22.33 -76.98
CA GLY F 496 -13.78 21.56 -77.53
C GLY F 496 -12.60 22.44 -77.91
N ARG F 497 -12.88 23.55 -78.60
CA ARG F 497 -11.82 24.48 -78.96
C ARG F 497 -11.15 25.03 -77.71
N PHE F 498 -11.94 25.36 -76.68
CA PHE F 498 -11.37 25.88 -75.45
C PHE F 498 -10.45 24.85 -74.80
N MET F 499 -10.87 23.60 -74.75
CA MET F 499 -10.01 22.58 -74.15
C MET F 499 -8.72 22.40 -74.93
N GLU F 500 -8.83 22.38 -76.26
CA GLU F 500 -7.61 22.23 -77.07
C GLU F 500 -6.66 23.39 -76.85
N THR F 501 -7.18 24.61 -76.77
CA THR F 501 -6.32 25.75 -76.46
C THR F 501 -5.74 25.63 -75.05
N TRP F 502 -6.56 25.23 -74.08
CA TRP F 502 -6.20 25.17 -72.68
C TRP F 502 -5.19 24.08 -72.38
N ALA F 503 -5.02 23.11 -73.29
CA ALA F 503 -4.01 22.07 -73.07
C ALA F 503 -2.63 22.67 -72.87
N ASP F 504 -2.37 23.86 -73.44
CA ASP F 504 -1.06 24.48 -73.34
C ASP F 504 -1.15 25.99 -73.10
N MET F 505 -2.34 26.49 -72.76
CA MET F 505 -2.49 27.92 -72.48
C MET F 505 -1.65 28.34 -71.28
N MET F 506 -1.66 27.53 -70.22
CA MET F 506 -0.96 27.88 -68.99
C MET F 506 0.36 27.11 -68.93
N PRO F 507 1.50 27.80 -69.02
CA PRO F 507 2.78 27.10 -68.87
C PRO F 507 3.21 26.87 -67.43
N HIS F 508 2.45 27.37 -66.46
CA HIS F 508 2.78 27.18 -65.06
C HIS F 508 1.49 27.14 -64.25
N HIS F 509 1.63 27.25 -62.93
CA HIS F 509 0.50 27.15 -62.03
C HIS F 509 -0.05 28.54 -61.75
N PRO F 510 -1.32 28.83 -62.04
CA PRO F 510 -1.86 30.16 -61.79
C PRO F 510 -1.75 30.51 -60.31
N HIS F 511 -1.50 31.79 -60.04
CA HIS F 511 -1.27 32.24 -58.67
C HIS F 511 -2.54 32.47 -57.88
N TRP F 512 -3.71 32.33 -58.48
CA TRP F 512 -4.96 32.48 -57.76
C TRP F 512 -5.55 31.14 -57.35
N VAL F 513 -4.79 30.06 -57.48
CA VAL F 513 -5.27 28.72 -57.13
C VAL F 513 -4.70 28.31 -55.79
N ASN F 514 -3.43 28.64 -55.55
CA ASN F 514 -2.72 28.21 -54.35
C ASN F 514 -3.21 29.01 -53.13
N GLU F 515 -4.43 28.70 -52.71
CA GLU F 515 -4.97 29.28 -51.49
C GLU F 515 -4.82 28.37 -50.28
N HIS F 516 -4.16 27.23 -50.44
CA HIS F 516 -3.89 26.35 -49.31
C HIS F 516 -2.84 26.93 -48.37
N LEU F 517 -2.17 28.00 -48.76
CA LEU F 517 -1.11 28.57 -47.93
C LEU F 517 -1.68 29.08 -46.61
N THR F 518 -1.02 28.73 -45.52
CA THR F 518 -1.36 29.28 -44.23
C THR F 518 -0.85 30.72 -44.13
N ILE F 519 -1.27 31.41 -43.07
CA ILE F 519 -0.91 32.82 -42.91
C ILE F 519 0.60 32.98 -42.88
N LEU F 520 1.30 32.10 -42.18
CA LEU F 520 2.77 32.22 -42.09
C LEU F 520 3.41 32.09 -43.46
N GLN F 521 2.93 31.16 -44.28
CA GLN F 521 3.52 31.00 -45.61
C GLN F 521 3.12 32.15 -46.53
N PHE F 522 1.90 32.63 -46.41
CA PHE F 522 1.46 33.75 -47.24
C PHE F 522 2.28 35.00 -46.95
N ILE F 523 2.55 35.27 -45.67
CA ILE F 523 3.31 36.46 -45.29
C ILE F 523 4.76 36.37 -45.74
N ALA F 524 5.31 35.16 -45.82
CA ALA F 524 6.75 35.01 -46.02
C ALA F 524 7.20 35.74 -47.28
N PRO F 525 8.40 36.35 -47.26
CA PRO F 525 8.83 37.19 -48.38
C PRO F 525 8.92 36.45 -49.70
N SER F 526 9.19 35.14 -49.69
CA SER F 526 9.33 34.41 -50.94
C SER F 526 8.04 34.32 -51.73
N ASN F 527 6.91 34.64 -51.12
CA ASN F 527 5.63 34.59 -51.82
C ASN F 527 5.60 35.63 -52.92
N PRO F 528 5.39 35.25 -54.18
CA PRO F 528 5.32 36.24 -55.26
C PRO F 528 4.02 37.00 -55.29
N ARG F 529 2.98 36.52 -54.61
CA ARG F 529 1.70 37.21 -54.60
C ARG F 529 1.63 38.32 -53.57
N LEU F 530 2.60 38.38 -52.65
CA LEU F 530 2.51 39.35 -51.56
C LEU F 530 2.51 40.79 -52.09
N ARG F 531 3.41 41.09 -53.02
CA ARG F 531 3.55 42.48 -53.47
C ARG F 531 2.38 42.95 -54.31
N PHE F 532 1.34 42.13 -54.50
CA PHE F 532 0.17 42.53 -55.26
C PHE F 532 -1.09 42.59 -54.42
N GLU F 533 -0.96 42.55 -53.10
CA GLU F 533 -2.11 42.56 -52.20
C GLU F 533 -2.00 43.80 -51.32
N LEU F 534 -2.64 44.88 -51.77
CA LEU F 534 -2.53 46.15 -51.06
C LEU F 534 -3.85 46.61 -50.47
N ASN F 535 -4.84 46.79 -51.24
CA ASN F 535 -6.06 47.18 -50.57
C ASN F 535 -6.81 45.96 -50.06
N PRO F 536 -7.67 46.12 -49.06
CA PRO F 536 -8.56 45.02 -48.69
C PRO F 536 -9.77 44.90 -49.58
N ALA F 537 -10.03 45.90 -50.43
CA ALA F 537 -11.21 45.92 -51.28
C ALA F 537 -10.89 45.66 -52.74
N PHE F 538 -9.68 45.21 -53.06
CA PHE F 538 -9.27 45.15 -54.46
C PHE F 538 -8.43 43.91 -54.70
N ASP F 539 -8.49 43.40 -55.92
CA ASP F 539 -7.66 42.30 -56.37
C ASP F 539 -6.79 42.82 -57.51
N PHE F 540 -5.48 42.75 -57.33
CA PHE F 540 -4.54 43.21 -58.33
C PHE F 540 -3.90 42.02 -59.02
N PHE F 541 -3.84 42.08 -60.35
CA PHE F 541 -3.31 40.98 -61.13
C PHE F 541 -2.53 41.54 -62.31
N VAL F 542 -2.09 40.64 -63.19
CA VAL F 542 -1.41 40.99 -64.42
C VAL F 542 -2.31 40.62 -65.58
N ALA F 543 -2.59 41.59 -66.43
CA ALA F 543 -3.58 41.45 -67.49
C ALA F 543 -3.01 41.96 -68.82
N PRO F 544 -3.55 41.51 -69.95
CA PRO F 544 -3.00 41.92 -71.24
C PRO F 544 -3.22 43.40 -71.42
N GLY F 545 -2.25 44.07 -72.03
CA GLY F 545 -2.33 45.50 -72.25
C GLY F 545 -3.23 45.86 -73.42
N ASP F 546 -3.74 47.09 -73.38
CA ASP F 546 -4.54 47.71 -74.45
C ASP F 546 -5.50 46.71 -75.09
N VAL F 547 -6.27 46.01 -74.26
CA VAL F 547 -7.30 45.10 -74.72
C VAL F 547 -8.60 45.43 -73.99
N ASP F 548 -9.66 45.65 -74.76
CA ASP F 548 -10.96 45.96 -74.18
C ASP F 548 -11.75 44.68 -73.98
N LEU F 549 -12.21 44.47 -72.76
CA LEU F 549 -12.91 43.20 -72.60
C LEU F 549 -14.41 43.38 -72.90
N PRO F 550 -15.07 42.37 -73.48
CA PRO F 550 -14.50 41.10 -73.92
C PRO F 550 -13.74 41.23 -75.23
N GLY F 551 -12.73 40.38 -75.41
CA GLY F 551 -11.93 40.42 -76.61
C GLY F 551 -12.17 39.23 -77.51
N PRO F 552 -11.31 39.04 -78.50
CA PRO F 552 -11.49 37.92 -79.42
C PRO F 552 -11.21 36.58 -78.76
N GLN F 553 -11.46 35.49 -79.49
CA GLN F 553 -11.24 34.16 -78.93
C GLN F 553 -9.78 33.93 -78.59
N ARG F 554 -8.87 34.29 -79.49
CA ARG F 554 -7.45 34.13 -79.24
C ARG F 554 -6.93 35.39 -78.58
N PRO F 555 -6.39 35.32 -77.36
CA PRO F 555 -5.91 36.52 -76.68
C PRO F 555 -4.79 37.17 -77.45
N PRO F 556 -4.99 38.40 -77.92
CA PRO F 556 -3.96 39.06 -78.74
C PRO F 556 -2.71 39.33 -77.93
N GLU F 557 -1.57 39.30 -78.62
CA GLU F 557 -0.29 39.53 -77.99
C GLU F 557 -0.13 41.01 -77.66
N ALA F 558 0.26 41.30 -76.42
CA ALA F 558 0.46 42.68 -75.99
C ALA F 558 1.40 42.67 -74.80
N MET F 559 1.96 43.84 -74.53
CA MET F 559 2.80 44.00 -73.35
C MET F 559 1.95 43.81 -72.10
N PRO F 560 2.40 43.01 -71.13
CA PRO F 560 1.62 42.83 -69.91
C PRO F 560 1.57 44.10 -69.11
N THR F 561 0.46 44.28 -68.39
CA THR F 561 0.25 45.44 -67.55
C THR F 561 -0.51 45.00 -66.31
N VAL F 562 -0.63 45.90 -65.35
CA VAL F 562 -1.26 45.60 -64.08
C VAL F 562 -2.62 46.29 -64.04
N ASN F 563 -3.66 45.51 -63.82
CA ASN F 563 -5.02 46.02 -63.64
C ASN F 563 -5.51 45.66 -62.25
N ALA F 564 -6.70 46.15 -61.92
CA ALA F 564 -7.29 45.89 -60.62
C ALA F 564 -8.77 45.60 -60.81
N THR F 565 -9.33 44.83 -59.87
CA THR F 565 -10.75 44.50 -59.90
C THR F 565 -11.28 44.58 -58.48
N LEU F 566 -12.56 44.90 -58.35
CA LEU F 566 -13.18 45.14 -57.07
C LEU F 566 -13.65 43.82 -56.44
N ARG F 567 -13.35 43.66 -55.15
CA ARG F 567 -13.78 42.48 -54.39
C ARG F 567 -15.19 42.76 -53.89
N ILE F 568 -16.20 42.39 -54.66
CA ILE F 568 -17.57 42.71 -54.28
C ILE F 568 -17.94 42.00 -52.98
N ILE F 569 -17.60 40.75 -52.87
CA ILE F 569 -17.90 39.96 -51.69
C ILE F 569 -16.85 40.27 -50.64
N ASN F 570 -17.21 40.13 -49.37
CA ASN F 570 -16.18 40.19 -48.33
C ASN F 570 -15.43 38.89 -48.19
N GLY F 571 -16.05 37.77 -48.55
CA GLY F 571 -15.41 36.47 -48.50
C GLY F 571 -14.46 36.18 -49.62
N ASN F 572 -14.43 37.01 -50.66
CA ASN F 572 -13.47 36.85 -51.73
C ASN F 572 -12.05 37.19 -51.29
N ILE F 573 -11.89 37.74 -50.10
CA ILE F 573 -10.55 37.93 -49.53
C ILE F 573 -9.85 36.58 -49.49
N PRO F 574 -8.58 36.50 -49.90
CA PRO F 574 -7.92 35.19 -49.94
C PRO F 574 -7.94 34.52 -48.58
N VAL F 575 -8.09 33.19 -48.60
CA VAL F 575 -8.32 32.45 -47.36
C VAL F 575 -7.22 32.68 -46.32
N PRO F 576 -5.93 32.72 -46.66
CA PRO F 576 -4.93 32.90 -45.60
C PRO F 576 -5.13 34.16 -44.78
N LEU F 577 -5.79 35.18 -45.33
CA LEU F 577 -6.06 36.40 -44.58
C LEU F 577 -7.34 36.31 -43.76
N CYS F 578 -8.37 35.65 -44.29
CA CYS F 578 -9.63 35.47 -43.58
C CYS F 578 -9.92 33.97 -43.52
N PRO F 579 -9.48 33.28 -42.47
CA PRO F 579 -9.39 31.82 -42.53
C PRO F 579 -10.73 31.12 -42.54
N ILE F 580 -10.71 29.80 -42.68
CA ILE F 580 -11.94 29.03 -42.66
C ILE F 580 -12.55 29.01 -41.26
N SER F 581 -11.73 28.80 -40.23
CA SER F 581 -12.25 28.65 -38.89
C SER F 581 -12.99 29.91 -38.44
N PHE F 582 -12.43 31.08 -38.75
CA PHE F 582 -13.12 32.32 -38.40
C PHE F 582 -14.44 32.43 -39.14
N ARG F 583 -14.47 32.07 -40.42
CA ARG F 583 -15.71 32.15 -41.16
C ARG F 583 -16.77 31.24 -40.55
N ASP F 584 -16.38 30.04 -40.15
CA ASP F 584 -17.37 29.14 -39.58
C ASP F 584 -17.84 29.60 -38.21
N CYS F 585 -16.94 30.18 -37.40
CA CYS F 585 -17.40 30.71 -36.11
C CYS F 585 -18.36 31.87 -36.31
N ARG F 586 -18.08 32.74 -37.28
CA ARG F 586 -19.02 33.82 -37.57
C ARG F 586 -20.35 33.26 -38.04
N GLY F 587 -20.32 32.22 -38.87
CA GLY F 587 -21.56 31.59 -39.28
C GLY F 587 -22.34 31.05 -38.10
N THR F 588 -21.65 30.40 -37.17
CA THR F 588 -22.32 29.92 -35.96
C THR F 588 -22.97 31.07 -35.22
N GLN F 589 -22.28 32.21 -35.13
CA GLN F 589 -22.88 33.38 -34.48
C GLN F 589 -24.13 33.82 -35.21
N LEU F 590 -24.13 33.76 -36.55
CA LEU F 590 -25.31 34.17 -37.30
C LEU F 590 -26.51 33.32 -36.93
N GLY F 591 -26.37 32.00 -37.00
CA GLY F 591 -27.50 31.13 -36.78
C GLY F 591 -27.67 30.71 -35.33
N LEU F 592 -27.82 31.70 -34.45
CA LEU F 592 -27.98 31.38 -33.03
C LEU F 592 -29.37 30.78 -32.77
N GLY F 593 -30.41 31.46 -33.21
CA GLY F 593 -31.77 30.98 -33.03
C GLY F 593 -32.54 30.73 -34.31
N ARG F 594 -31.93 30.91 -35.47
CA ARG F 594 -32.67 30.78 -36.71
C ARG F 594 -33.01 29.32 -36.98
N HIS F 595 -33.86 29.11 -37.98
CA HIS F 595 -34.33 27.78 -38.30
C HIS F 595 -33.19 26.88 -38.74
N THR F 596 -33.28 25.60 -38.41
CA THR F 596 -32.28 24.60 -38.75
C THR F 596 -32.96 23.40 -39.39
N MET F 597 -32.16 22.56 -40.03
CA MET F 597 -32.67 21.34 -40.64
C MET F 597 -32.62 20.20 -39.61
N THR F 598 -33.73 19.49 -39.47
CA THR F 598 -33.76 18.32 -38.62
C THR F 598 -32.84 17.25 -39.21
N PRO F 599 -32.22 16.41 -38.37
CA PRO F 599 -31.20 15.49 -38.88
C PRO F 599 -31.69 14.56 -39.97
N ALA F 600 -32.96 14.17 -39.96
CA ALA F 600 -33.45 13.26 -40.98
C ALA F 600 -33.30 13.86 -42.38
N THR F 601 -33.70 15.13 -42.53
CA THR F 601 -33.60 15.75 -43.83
C THR F 601 -32.15 15.94 -44.26
N ILE F 602 -31.27 16.27 -43.32
CA ILE F 602 -29.85 16.38 -43.65
C ILE F 602 -29.34 15.05 -44.17
N LYS F 603 -29.65 13.96 -43.46
CA LYS F 603 -29.16 12.66 -43.89
C LYS F 603 -29.70 12.28 -45.26
N ALA F 604 -31.01 12.45 -45.48
CA ALA F 604 -31.59 12.05 -46.76
C ALA F 604 -31.03 12.88 -47.91
N VAL F 605 -30.98 14.19 -47.71
CA VAL F 605 -30.47 15.08 -48.74
C VAL F 605 -29.01 14.81 -49.04
N LYS F 606 -28.18 14.61 -48.02
CA LYS F 606 -26.78 14.28 -48.26
C LYS F 606 -26.65 12.97 -49.02
N ASP F 607 -27.43 11.96 -48.61
CA ASP F 607 -27.31 10.66 -49.25
C ASP F 607 -27.72 10.74 -50.73
N THR F 608 -28.77 11.51 -51.04
CA THR F 608 -29.14 11.63 -52.44
C THR F 608 -28.18 12.53 -53.21
N PHE F 609 -27.43 13.39 -52.52
CA PHE F 609 -26.45 14.20 -53.23
C PHE F 609 -25.16 13.44 -53.51
N GLU F 610 -24.85 12.44 -52.70
CA GLU F 610 -23.67 11.62 -52.95
C GLU F 610 -24.01 10.30 -53.62
N ASP F 611 -25.23 10.13 -54.11
CA ASP F 611 -25.62 8.89 -54.78
C ASP F 611 -25.06 8.89 -56.19
N ARG F 612 -24.24 7.88 -56.51
CA ARG F 612 -23.69 7.75 -57.84
C ARG F 612 -24.57 6.96 -58.78
N ALA F 613 -25.63 6.32 -58.28
CA ALA F 613 -26.57 5.57 -59.10
C ALA F 613 -27.82 6.36 -59.38
N TYR F 614 -27.73 7.68 -59.38
CA TYR F 614 -28.89 8.51 -59.63
C TYR F 614 -29.41 8.24 -61.05
N PRO F 615 -30.64 7.80 -61.22
CA PRO F 615 -31.12 7.44 -62.55
C PRO F 615 -31.13 8.63 -63.48
N THR F 616 -30.73 8.39 -64.72
CA THR F 616 -30.77 9.44 -65.73
C THR F 616 -32.18 9.78 -66.16
N ILE F 617 -33.17 8.98 -65.76
CA ILE F 617 -34.56 9.33 -66.03
C ILE F 617 -34.87 10.70 -65.44
N PHE F 618 -34.45 10.92 -64.19
CA PHE F 618 -34.74 12.20 -63.55
C PHE F 618 -34.08 13.35 -64.29
N TYR F 619 -32.84 13.16 -64.74
CA TYR F 619 -32.18 14.23 -65.49
C TYR F 619 -32.92 14.52 -66.78
N MET F 620 -33.34 13.48 -67.49
CA MET F 620 -34.04 13.71 -68.75
C MET F 620 -35.36 14.43 -68.51
N LEU F 621 -36.12 14.03 -67.50
CA LEU F 621 -37.38 14.71 -67.22
C LEU F 621 -37.14 16.15 -66.80
N GLU F 622 -36.12 16.40 -65.97
CA GLU F 622 -35.82 17.76 -65.58
C GLU F 622 -35.48 18.61 -66.80
N ALA F 623 -34.71 18.05 -67.74
CA ALA F 623 -34.36 18.81 -68.93
C ALA F 623 -35.59 19.09 -69.79
N VAL F 624 -36.45 18.09 -69.98
CA VAL F 624 -37.59 18.29 -70.88
C VAL F 624 -38.59 19.24 -70.28
N ILE F 625 -38.93 19.08 -69.00
CA ILE F 625 -39.87 19.98 -68.35
C ILE F 625 -39.35 21.40 -68.42
N HIS F 626 -38.05 21.57 -68.17
CA HIS F 626 -37.37 22.87 -68.21
C HIS F 626 -38.13 23.93 -67.42
N GLY F 627 -38.71 23.51 -66.29
CA GLY F 627 -39.25 24.45 -65.33
C GLY F 627 -40.36 25.34 -65.83
N ASN F 628 -41.34 24.76 -66.50
CA ASN F 628 -42.55 25.47 -66.88
C ASN F 628 -43.73 24.91 -66.11
N GLU F 629 -44.52 25.79 -65.50
CA GLU F 629 -45.64 25.32 -64.68
C GLU F 629 -46.64 24.53 -65.50
N ARG F 630 -46.92 24.98 -66.73
CA ARG F 630 -47.87 24.27 -67.57
C ARG F 630 -47.40 22.85 -67.89
N ASN F 631 -46.12 22.70 -68.21
CA ASN F 631 -45.60 21.36 -68.47
C ASN F 631 -45.63 20.51 -67.21
N PHE F 632 -45.22 21.07 -66.07
CA PHE F 632 -45.15 20.28 -64.85
C PHE F 632 -46.53 19.81 -64.41
N CYS F 633 -47.51 20.71 -64.39
CA CYS F 633 -48.81 20.35 -63.85
C CYS F 633 -49.48 19.25 -64.66
N ALA F 634 -49.04 19.03 -65.89
CA ALA F 634 -49.64 18.00 -66.72
C ALA F 634 -48.95 16.65 -66.56
N LEU F 635 -47.82 16.59 -65.86
CA LEU F 635 -47.12 15.34 -65.61
C LEU F 635 -47.27 14.90 -64.16
N LEU F 636 -48.36 15.33 -63.51
CA LEU F 636 -48.49 15.15 -62.08
C LEU F 636 -48.49 13.68 -61.68
N ARG F 637 -49.24 12.85 -62.41
CA ARG F 637 -49.31 11.43 -62.05
C ARG F 637 -47.96 10.76 -62.23
N LEU F 638 -47.31 11.00 -63.38
CA LEU F 638 -46.05 10.34 -63.64
C LEU F 638 -44.99 10.74 -62.62
N LEU F 639 -44.92 12.04 -62.30
CA LEU F 639 -43.94 12.48 -61.32
C LEU F 639 -44.25 11.96 -59.93
N THR F 640 -45.53 11.93 -59.55
CA THR F 640 -45.91 11.35 -58.27
C THR F 640 -45.44 9.91 -58.17
N GLN F 641 -45.74 9.12 -59.19
CA GLN F 641 -45.35 7.70 -59.15
C GLN F 641 -43.84 7.57 -59.15
N CYS F 642 -43.15 8.39 -59.92
CA CYS F 642 -41.69 8.29 -60.00
C CYS F 642 -41.05 8.61 -58.67
N ILE F 643 -41.51 9.68 -58.01
CA ILE F 643 -40.92 10.07 -56.73
C ILE F 643 -41.26 9.02 -55.66
N ARG F 644 -42.50 8.55 -55.61
CA ARG F 644 -42.85 7.53 -54.64
C ARG F 644 -42.02 6.27 -54.84
N GLY F 645 -41.82 5.87 -56.10
CA GLY F 645 -41.00 4.71 -56.36
C GLY F 645 -39.55 4.91 -55.95
N TYR F 646 -39.00 6.09 -56.22
CA TYR F 646 -37.60 6.32 -55.86
C TYR F 646 -37.43 6.47 -54.36
N TRP F 647 -38.49 6.84 -53.65
CA TRP F 647 -38.32 7.00 -52.20
C TRP F 647 -38.39 5.67 -51.47
N GLU F 648 -39.53 4.99 -51.54
CA GLU F 648 -39.69 3.81 -50.71
C GLU F 648 -39.01 2.61 -51.35
N GLN F 649 -37.79 2.81 -51.81
CA GLN F 649 -36.88 1.74 -52.17
C GLN F 649 -35.46 1.97 -51.70
N SER F 650 -35.04 3.22 -51.49
CA SER F 650 -33.75 3.51 -50.92
C SER F 650 -33.76 4.70 -49.96
N HIS F 651 -34.93 5.22 -49.61
CA HIS F 651 -35.05 6.34 -48.67
C HIS F 651 -34.22 7.53 -49.11
N ARG F 652 -34.32 7.86 -50.39
CA ARG F 652 -33.64 9.00 -50.96
C ARG F 652 -34.66 9.93 -51.60
N VAL F 653 -34.45 11.20 -51.45
CA VAL F 653 -35.35 12.17 -52.05
C VAL F 653 -34.89 12.43 -53.48
N ALA F 654 -35.85 12.78 -54.34
CA ALA F 654 -35.57 12.98 -55.76
C ALA F 654 -35.95 14.39 -56.17
N PHE F 655 -35.39 14.82 -57.30
CA PHE F 655 -35.65 16.12 -57.91
C PHE F 655 -35.20 17.29 -57.04
N VAL F 656 -34.33 17.04 -56.08
CA VAL F 656 -33.78 18.11 -55.25
C VAL F 656 -32.74 18.86 -56.05
N ASN F 657 -32.45 18.36 -57.24
CA ASN F 657 -31.45 18.97 -58.11
C ASN F 657 -31.82 20.40 -58.48
N ASN F 658 -33.03 20.59 -59.01
CA ASN F 658 -33.40 21.81 -59.69
C ASN F 658 -34.37 22.63 -58.85
N PHE F 659 -34.22 23.95 -58.90
CA PHE F 659 -35.03 24.79 -58.04
C PHE F 659 -36.48 24.85 -58.50
N HIS F 660 -36.73 24.98 -59.80
CA HIS F 660 -38.13 24.95 -60.22
C HIS F 660 -38.66 23.54 -60.26
N MET F 661 -38.37 22.78 -59.25
CA MET F 661 -39.02 21.49 -59.07
C MET F 661 -39.55 21.34 -57.67
N LEU F 662 -38.81 21.78 -56.66
CA LEU F 662 -39.32 21.63 -55.31
C LEU F 662 -40.26 22.77 -54.94
N MET F 663 -40.12 23.93 -55.60
CA MET F 663 -41.21 24.91 -55.55
C MET F 663 -42.51 24.26 -55.98
N TYR F 664 -42.49 23.62 -57.15
CA TYR F 664 -43.70 22.99 -57.67
C TYR F 664 -44.14 21.83 -56.81
N ILE F 665 -43.19 21.01 -56.34
CA ILE F 665 -43.56 19.87 -55.52
C ILE F 665 -44.23 20.34 -54.24
N THR F 666 -43.62 21.29 -53.55
CA THR F 666 -44.23 21.75 -52.30
C THR F 666 -45.54 22.48 -52.56
N THR F 667 -45.70 23.11 -53.73
CA THR F 667 -46.93 23.82 -54.00
C THR F 667 -48.07 22.87 -54.30
N TYR F 668 -47.85 21.89 -55.17
CA TYR F 668 -48.91 21.01 -55.64
C TYR F 668 -48.95 19.69 -54.91
N LEU F 669 -47.86 18.93 -54.92
CA LEU F 669 -47.82 17.62 -54.29
C LEU F 669 -47.57 17.74 -52.79
N GLY F 670 -48.35 18.58 -52.12
CA GLY F 670 -48.10 18.80 -50.72
C GLY F 670 -49.31 18.49 -49.87
N ASN F 671 -50.41 18.14 -50.53
CA ASN F 671 -51.67 17.91 -49.84
C ASN F 671 -51.89 16.45 -49.49
N GLY F 672 -50.94 15.58 -49.81
CA GLY F 672 -51.07 14.19 -49.42
C GLY F 672 -50.81 13.20 -50.52
N GLU F 673 -50.55 13.69 -51.74
CA GLU F 673 -50.23 12.77 -52.84
C GLU F 673 -48.96 12.00 -52.54
N LEU F 674 -47.97 12.64 -51.98
CA LEU F 674 -46.74 12.02 -51.53
C LEU F 674 -46.88 11.54 -50.09
N PRO F 675 -46.04 10.61 -49.65
CA PRO F 675 -46.13 10.14 -48.27
C PRO F 675 -45.89 11.28 -47.29
N GLU F 676 -46.10 10.98 -46.01
CA GLU F 676 -45.95 11.99 -44.97
C GLU F 676 -44.53 12.52 -44.86
N VAL F 677 -43.53 11.71 -45.14
CA VAL F 677 -42.16 12.10 -44.85
C VAL F 677 -41.55 12.92 -45.97
N CYS F 678 -41.76 12.55 -47.24
CA CYS F 678 -41.11 13.23 -48.35
C CYS F 678 -41.48 14.72 -48.37
N ILE F 679 -42.78 15.01 -48.25
CA ILE F 679 -43.20 16.40 -48.25
C ILE F 679 -42.60 17.13 -47.06
N ASN F 680 -42.37 16.42 -45.95
CA ASN F 680 -41.69 17.07 -44.83
C ASN F 680 -40.26 17.45 -45.20
N ILE F 681 -39.57 16.60 -45.95
CA ILE F 681 -38.20 16.93 -46.37
C ILE F 681 -38.21 18.14 -47.29
N TYR F 682 -39.11 18.14 -48.28
CA TYR F 682 -39.16 19.27 -49.21
C TYR F 682 -39.51 20.56 -48.47
N ARG F 683 -40.53 20.50 -47.62
CA ARG F 683 -40.92 21.67 -46.86
C ARG F 683 -39.80 22.13 -45.93
N ASP F 684 -39.01 21.20 -45.40
CA ASP F 684 -37.91 21.59 -44.53
C ASP F 684 -36.83 22.33 -45.31
N LEU F 685 -36.47 21.83 -46.48
CA LEU F 685 -35.52 22.57 -47.32
C LEU F 685 -36.05 23.95 -47.64
N LEU F 686 -37.32 24.04 -48.01
CA LEU F 686 -37.89 25.33 -48.37
C LEU F 686 -37.89 26.28 -47.18
N GLN F 687 -38.24 25.77 -46.00
CA GLN F 687 -38.25 26.61 -44.81
C GLN F 687 -36.86 27.12 -44.48
N HIS F 688 -35.85 26.26 -44.65
CA HIS F 688 -34.49 26.72 -44.41
C HIS F 688 -34.10 27.82 -45.39
N VAL F 689 -34.48 27.67 -46.65
CA VAL F 689 -34.17 28.72 -47.63
C VAL F 689 -34.81 30.04 -47.21
N ARG F 690 -36.09 29.98 -46.80
CA ARG F 690 -36.75 31.22 -46.41
C ARG F 690 -36.16 31.80 -45.13
N ALA F 691 -35.67 30.94 -44.23
CA ALA F 691 -34.99 31.45 -43.05
C ALA F 691 -33.70 32.18 -43.43
N LEU F 692 -32.97 31.67 -44.42
CA LEU F 692 -31.79 32.38 -44.88
C LEU F 692 -32.16 33.74 -45.46
N ARG F 693 -33.23 33.79 -46.25
CA ARG F 693 -33.69 35.06 -46.77
C ARG F 693 -34.03 36.03 -45.64
N GLN F 694 -34.73 35.54 -44.62
CA GLN F 694 -35.08 36.38 -43.49
C GLN F 694 -33.83 36.87 -42.77
N THR F 695 -32.81 36.03 -42.65
CA THR F 695 -31.56 36.48 -42.01
C THR F 695 -30.90 37.58 -42.82
N ILE F 696 -30.89 37.47 -44.15
CA ILE F 696 -30.34 38.56 -44.96
C ILE F 696 -31.12 39.84 -44.72
N THR F 697 -32.45 39.74 -44.61
CA THR F 697 -33.24 40.94 -44.32
C THR F 697 -32.92 41.49 -42.93
N ASP F 698 -32.64 40.61 -41.98
CA ASP F 698 -32.52 41.03 -40.59
C ASP F 698 -31.29 41.90 -40.36
N PHE F 699 -30.18 41.58 -41.00
CA PHE F 699 -28.92 42.24 -40.71
C PHE F 699 -28.66 43.47 -41.56
N THR F 700 -29.67 44.00 -42.22
CA THR F 700 -29.56 45.23 -42.97
C THR F 700 -30.54 46.25 -42.41
N ILE F 701 -30.33 47.50 -42.78
CA ILE F 701 -31.19 48.60 -42.37
C ILE F 701 -31.96 49.08 -43.59
N GLN F 702 -33.27 48.94 -43.56
CA GLN F 702 -34.09 49.31 -44.70
C GLN F 702 -34.29 50.82 -44.74
N GLY F 703 -34.86 51.29 -45.85
CA GLY F 703 -35.18 52.68 -46.01
C GLY F 703 -34.08 53.54 -46.60
N GLU F 704 -32.93 52.97 -46.94
CA GLU F 704 -31.83 53.72 -47.52
C GLU F 704 -31.58 53.19 -48.93
N GLY F 705 -32.31 53.74 -49.89
CA GLY F 705 -32.14 53.34 -51.28
C GLY F 705 -31.59 54.47 -52.12
N HIS F 706 -30.68 54.15 -53.03
CA HIS F 706 -30.03 55.15 -53.87
C HIS F 706 -30.14 54.75 -55.32
N ASN F 707 -30.57 55.69 -56.16
CA ASN F 707 -30.63 55.50 -57.61
C ASN F 707 -31.44 54.26 -57.98
N GLY F 708 -32.57 54.08 -57.29
CA GLY F 708 -33.43 52.95 -57.58
C GLY F 708 -32.82 51.61 -57.25
N GLU F 709 -32.17 51.51 -56.10
CA GLU F 709 -31.61 50.25 -55.61
C GLU F 709 -32.05 50.07 -54.17
N THR F 710 -32.83 49.01 -53.91
CA THR F 710 -33.31 48.79 -52.56
C THR F 710 -32.14 48.46 -51.63
N SER F 711 -32.34 48.70 -50.33
CA SER F 711 -31.25 48.57 -49.37
C SER F 711 -30.69 47.16 -49.35
N GLU F 712 -31.55 46.15 -49.40
CA GLU F 712 -31.08 44.77 -49.41
C GLU F 712 -30.09 44.54 -50.54
N ALA F 713 -30.46 44.95 -51.76
CA ALA F 713 -29.58 44.74 -52.90
C ALA F 713 -28.30 45.56 -52.78
N LEU F 714 -28.37 46.69 -52.07
CA LEU F 714 -27.17 47.49 -51.85
C LEU F 714 -26.26 46.89 -50.80
N ASN F 715 -26.79 46.04 -49.93
CA ASN F 715 -26.01 45.39 -48.88
C ASN F 715 -25.50 44.03 -49.32
N ASN F 716 -26.39 43.13 -49.68
CA ASN F 716 -26.02 41.76 -49.99
C ASN F 716 -25.85 41.58 -51.50
N ILE F 717 -25.68 40.32 -51.90
CA ILE F 717 -25.67 39.95 -53.31
C ILE F 717 -26.85 39.05 -53.66
N LEU F 718 -27.16 38.09 -52.79
CA LEU F 718 -28.27 37.18 -53.09
C LEU F 718 -29.59 37.92 -53.24
N THR F 719 -29.68 39.14 -52.72
CA THR F 719 -30.85 39.99 -52.95
C THR F 719 -30.58 41.06 -53.99
N ASP F 720 -29.48 40.95 -54.72
CA ASP F 720 -29.16 41.89 -55.79
C ASP F 720 -29.69 41.34 -57.09
N ASP F 721 -30.56 42.10 -57.75
CA ASP F 721 -31.20 41.61 -58.97
C ASP F 721 -30.22 41.53 -60.14
N THR F 722 -29.13 42.29 -60.09
CA THR F 722 -28.15 42.22 -61.17
C THR F 722 -27.51 40.85 -61.26
N PHE F 723 -27.15 40.28 -60.10
CA PHE F 723 -26.53 38.97 -60.08
C PHE F 723 -27.55 37.91 -60.44
N ILE F 724 -27.19 37.00 -61.34
CA ILE F 724 -28.15 36.03 -61.86
C ILE F 724 -27.71 34.62 -61.50
N ALA F 725 -28.68 33.72 -61.46
CA ALA F 725 -28.45 32.36 -61.05
C ALA F 725 -27.54 31.64 -62.03
N PRO F 726 -26.88 30.56 -61.59
CA PRO F 726 -26.03 29.81 -62.53
C PRO F 726 -26.79 29.26 -63.72
N ILE F 727 -28.02 28.80 -63.53
CA ILE F 727 -28.83 28.26 -64.62
C ILE F 727 -30.18 28.96 -64.64
N LEU F 728 -30.67 29.23 -65.84
CA LEU F 728 -31.93 29.93 -66.03
C LEU F 728 -32.89 29.03 -66.78
N TRP F 729 -34.13 28.94 -66.29
CA TRP F 729 -35.15 28.18 -66.99
C TRP F 729 -36.13 29.05 -67.76
N ASP F 730 -36.27 30.31 -67.38
CA ASP F 730 -37.14 31.23 -68.06
C ASP F 730 -36.42 32.57 -68.21
N CYS F 731 -37.02 33.46 -69.00
CA CYS F 731 -36.41 34.74 -69.30
C CYS F 731 -36.75 35.81 -68.27
N ASP F 732 -37.47 35.46 -67.20
CA ASP F 732 -37.86 36.48 -66.22
C ASP F 732 -36.65 37.10 -65.54
N ALA F 733 -35.64 36.29 -65.21
CA ALA F 733 -34.48 36.82 -64.49
C ALA F 733 -33.79 37.90 -65.31
N LEU F 734 -33.66 37.70 -66.62
CA LEU F 734 -33.07 38.72 -67.46
C LEU F 734 -33.92 39.98 -67.49
N ILE F 735 -35.25 39.83 -67.50
CA ILE F 735 -36.13 40.99 -67.49
C ILE F 735 -35.90 41.80 -66.21
N TYR F 736 -35.92 41.12 -65.07
CA TYR F 736 -35.73 41.81 -63.79
C TYR F 736 -34.36 42.46 -63.73
N ARG F 737 -33.32 41.80 -64.23
CA ARG F 737 -31.99 42.39 -64.20
C ARG F 737 -31.92 43.63 -65.08
N ASP F 738 -32.35 43.52 -66.33
CA ASP F 738 -32.26 44.64 -67.26
C ASP F 738 -33.17 45.79 -66.87
N GLU F 739 -34.18 45.55 -66.02
CA GLU F 739 -34.99 46.66 -65.53
C GLU F 739 -34.47 47.24 -64.22
N ALA F 740 -33.87 46.40 -63.37
CA ALA F 740 -33.49 46.86 -62.04
C ALA F 740 -32.25 47.74 -62.08
N ALA F 741 -31.23 47.34 -62.85
CA ALA F 741 -29.99 48.10 -62.81
C ALA F 741 -30.16 49.45 -63.49
N ARG F 742 -30.34 49.43 -64.81
CA ARG F 742 -30.84 50.58 -65.57
C ARG F 742 -29.94 51.81 -65.45
N ASP F 743 -28.91 51.72 -64.63
CA ASP F 743 -27.96 52.82 -64.48
C ASP F 743 -26.53 52.36 -64.58
N ARG F 744 -26.20 51.21 -64.04
CA ARG F 744 -24.89 50.60 -64.20
C ARG F 744 -24.85 49.99 -65.59
N LEU F 745 -23.97 50.52 -66.44
CA LEU F 745 -23.95 50.23 -67.87
C LEU F 745 -24.01 48.73 -68.13
N PRO F 746 -25.15 48.22 -68.58
CA PRO F 746 -25.28 46.78 -68.77
C PRO F 746 -24.97 46.37 -70.21
N ALA F 747 -24.63 45.09 -70.35
CA ALA F 747 -24.36 44.50 -71.65
C ALA F 747 -24.46 43.00 -71.53
N ILE F 748 -25.13 42.37 -72.48
CA ILE F 748 -25.39 40.94 -72.44
C ILE F 748 -25.03 40.35 -73.80
N ARG F 749 -24.35 39.20 -73.78
CA ARG F 749 -23.92 38.54 -75.00
C ARG F 749 -24.50 37.13 -75.00
N VAL F 750 -25.46 36.88 -75.90
CA VAL F 750 -26.09 35.57 -75.97
C VAL F 750 -25.68 34.88 -77.26
N SER F 751 -24.58 34.13 -77.21
CA SER F 751 -24.12 33.34 -78.34
C SER F 751 -23.96 34.20 -79.59
N GLY F 752 -23.04 35.14 -79.52
CA GLY F 752 -22.80 36.01 -80.66
C GLY F 752 -23.31 37.42 -80.47
N ARG F 753 -24.46 37.73 -81.07
CA ARG F 753 -24.99 39.08 -81.04
C ARG F 753 -25.34 39.48 -79.60
N ASN F 754 -25.67 40.77 -79.45
CA ASN F 754 -25.97 41.35 -78.16
C ASN F 754 -27.48 41.46 -77.98
N GLY F 755 -27.95 41.12 -76.79
CA GLY F 755 -29.36 41.18 -76.49
C GLY F 755 -30.11 39.93 -76.91
N TYR F 756 -31.22 39.68 -76.24
CA TYR F 756 -32.02 38.50 -76.49
C TYR F 756 -33.28 38.88 -77.25
N GLN F 757 -34.09 37.87 -77.55
CA GLN F 757 -35.32 38.08 -78.31
C GLN F 757 -36.54 37.51 -77.62
N ALA F 758 -36.41 36.39 -76.92
CA ALA F 758 -37.46 35.83 -76.09
C ALA F 758 -38.72 35.51 -76.90
N LEU F 759 -38.58 34.55 -77.80
CA LEU F 759 -39.71 34.00 -78.56
C LEU F 759 -40.15 32.73 -77.86
N HIS F 760 -41.38 32.74 -77.34
CA HIS F 760 -41.88 31.65 -76.54
C HIS F 760 -42.80 30.74 -77.34
N PHE F 761 -43.09 29.57 -76.76
CA PHE F 761 -44.11 28.65 -77.27
C PHE F 761 -43.77 28.16 -78.68
N VAL F 762 -42.68 27.42 -78.76
CA VAL F 762 -42.26 26.76 -80.00
C VAL F 762 -42.64 25.28 -79.90
N ASP F 763 -43.18 24.74 -80.98
CA ASP F 763 -43.68 23.37 -81.03
C ASP F 763 -43.06 22.63 -82.22
N MET F 764 -43.60 21.44 -82.49
CA MET F 764 -43.09 20.62 -83.59
C MET F 764 -43.12 21.31 -84.94
N ALA F 765 -43.98 22.32 -85.11
CA ALA F 765 -44.03 23.02 -86.38
C ALA F 765 -42.68 23.64 -86.73
N GLY F 766 -42.06 24.33 -85.77
CA GLY F 766 -40.83 25.04 -86.06
C GLY F 766 -39.72 24.85 -85.05
N HIS F 767 -39.55 23.63 -84.53
CA HIS F 767 -38.62 23.44 -83.41
C HIS F 767 -37.21 23.89 -83.75
N ASN F 768 -36.68 23.45 -84.89
CA ASN F 768 -35.40 23.92 -85.41
C ASN F 768 -34.28 23.78 -84.38
N PHE F 769 -33.95 22.51 -84.10
CA PHE F 769 -32.98 22.19 -83.06
C PHE F 769 -31.67 22.95 -83.26
N GLN F 770 -31.21 23.07 -84.50
CA GLN F 770 -29.92 23.73 -84.76
C GLN F 770 -30.18 25.19 -85.14
N ARG F 771 -30.70 25.94 -84.17
CA ARG F 771 -30.91 27.36 -84.33
C ARG F 771 -29.62 28.10 -84.02
N ARG F 772 -29.24 29.01 -84.92
CA ARG F 772 -27.99 29.74 -84.79
C ARG F 772 -28.16 31.13 -84.20
N ASP F 773 -29.39 31.64 -84.13
CA ASP F 773 -29.63 33.02 -83.74
C ASP F 773 -29.53 33.15 -82.23
N ASN F 774 -29.98 34.27 -81.69
CA ASN F 774 -29.94 34.56 -80.26
C ASN F 774 -31.35 34.60 -79.67
N VAL F 775 -32.18 33.66 -80.06
CA VAL F 775 -33.55 33.59 -79.58
C VAL F 775 -33.62 32.58 -78.43
N LEU F 776 -34.27 32.97 -77.35
CA LEU F 776 -34.42 32.12 -76.18
C LEU F 776 -35.88 31.72 -75.99
N ILE F 777 -36.09 30.49 -75.55
CA ILE F 777 -37.44 29.96 -75.36
C ILE F 777 -37.90 30.35 -73.96
N HIS F 778 -38.98 31.14 -73.90
CA HIS F 778 -39.46 31.61 -72.61
C HIS F 778 -40.42 30.62 -71.97
N GLY F 779 -41.24 29.96 -72.78
CA GLY F 779 -42.22 29.04 -72.26
C GLY F 779 -43.63 29.54 -72.38
N ARG F 780 -44.61 28.65 -72.27
CA ARG F 780 -46.00 29.03 -72.41
C ARG F 780 -46.48 29.67 -71.12
N PRO F 781 -46.95 30.92 -71.14
CA PRO F 781 -47.41 31.56 -69.90
C PRO F 781 -48.62 30.84 -69.34
N VAL F 782 -48.92 31.16 -68.08
CA VAL F 782 -49.98 30.45 -67.37
C VAL F 782 -51.36 31.06 -67.65
N ARG F 783 -51.58 32.31 -67.22
CA ARG F 783 -52.87 32.97 -67.40
C ARG F 783 -52.78 33.98 -68.54
N GLY F 784 -52.74 33.46 -69.76
CA GLY F 784 -52.69 34.40 -70.87
C GLY F 784 -52.67 33.69 -72.20
N ASP F 785 -52.54 34.50 -73.24
CA ASP F 785 -52.44 34.05 -74.61
C ASP F 785 -51.05 34.37 -75.13
N THR F 786 -50.41 33.38 -75.77
CA THR F 786 -49.06 33.56 -76.27
C THR F 786 -49.02 34.65 -77.33
N GLY F 787 -49.68 34.41 -78.46
CA GLY F 787 -49.69 35.38 -79.53
C GLY F 787 -48.30 35.59 -80.12
N GLN F 788 -48.19 36.66 -80.89
CA GLN F 788 -46.92 37.07 -81.48
C GLN F 788 -46.56 38.51 -81.16
N ALA F 789 -47.54 39.42 -81.18
CA ALA F 789 -47.29 40.81 -80.83
C ALA F 789 -47.39 41.06 -79.34
N ILE F 790 -47.85 40.09 -78.56
CA ILE F 790 -47.94 40.28 -77.11
C ILE F 790 -46.54 40.29 -76.51
N PRO F 791 -46.15 41.33 -75.79
CA PRO F 791 -44.81 41.36 -75.20
C PRO F 791 -44.67 40.32 -74.10
N ILE F 792 -43.43 39.92 -73.88
CA ILE F 792 -43.13 38.93 -72.85
C ILE F 792 -43.36 39.54 -71.48
N THR F 793 -43.82 38.72 -70.53
CA THR F 793 -43.97 39.13 -69.15
C THR F 793 -43.35 38.07 -68.24
N PRO F 794 -42.80 38.49 -67.12
CA PRO F 794 -42.19 37.51 -66.19
C PRO F 794 -43.21 36.52 -65.69
N HIS F 795 -42.77 35.26 -65.56
CA HIS F 795 -43.67 34.23 -65.05
C HIS F 795 -44.05 34.47 -63.61
N HIS F 796 -43.07 34.82 -62.78
CA HIS F 796 -43.23 34.74 -61.34
C HIS F 796 -42.89 36.07 -60.69
N ASP F 797 -43.07 36.10 -59.38
CA ASP F 797 -42.81 37.28 -58.57
C ASP F 797 -41.31 37.52 -58.48
N ARG F 798 -40.94 38.70 -57.98
CA ARG F 798 -39.53 39.04 -57.83
C ARG F 798 -38.85 38.18 -56.78
N GLU F 799 -39.56 37.82 -55.71
CA GLU F 799 -38.96 37.01 -54.66
C GLU F 799 -38.48 35.67 -55.17
N TRP F 800 -39.06 35.17 -56.27
CA TRP F 800 -38.63 33.91 -56.83
C TRP F 800 -37.16 33.94 -57.23
N GLY F 801 -36.72 35.05 -57.82
CA GLY F 801 -35.32 35.17 -58.18
C GLY F 801 -34.41 35.09 -56.98
N ILE F 802 -34.76 35.80 -55.90
CA ILE F 802 -33.92 35.79 -54.71
C ILE F 802 -33.89 34.39 -54.10
N LEU F 803 -35.04 33.73 -54.04
CA LEU F 803 -35.06 32.38 -53.49
C LEU F 803 -34.20 31.44 -54.32
N SER F 804 -34.29 31.55 -55.65
CA SER F 804 -33.46 30.70 -56.50
C SER F 804 -31.99 30.96 -56.28
N LYS F 805 -31.60 32.24 -56.18
CA LYS F 805 -30.19 32.55 -55.96
C LYS F 805 -29.72 31.97 -54.64
N ILE F 806 -30.51 32.13 -53.58
CA ILE F 806 -30.12 31.61 -52.27
C ILE F 806 -29.95 30.10 -52.35
N TYR F 807 -30.92 29.42 -52.95
CA TYR F 807 -30.83 27.97 -53.08
C TYR F 807 -29.54 27.59 -53.79
N TYR F 808 -29.40 28.00 -55.05
CA TYR F 808 -28.30 27.54 -55.88
C TYR F 808 -26.94 27.95 -55.33
N TYR F 809 -26.86 29.04 -54.58
CA TYR F 809 -25.56 29.53 -54.15
C TYR F 809 -25.23 29.21 -52.71
N ILE F 810 -26.16 28.67 -51.92
CA ILE F 810 -25.88 28.25 -50.56
C ILE F 810 -26.17 26.77 -50.35
N VAL F 811 -27.42 26.36 -50.60
CA VAL F 811 -27.80 25.01 -50.21
C VAL F 811 -27.10 23.97 -51.10
N ILE F 812 -27.05 24.20 -52.40
CA ILE F 812 -26.39 23.25 -53.30
C ILE F 812 -24.91 23.09 -52.96
N PRO F 813 -24.11 24.14 -52.84
CA PRO F 813 -22.70 23.94 -52.48
C PRO F 813 -22.49 23.45 -51.07
N ALA F 814 -23.44 23.70 -50.16
CA ALA F 814 -23.26 23.24 -48.78
C ALA F 814 -23.38 21.73 -48.69
N PHE F 815 -24.18 21.14 -49.57
CA PHE F 815 -24.37 19.71 -49.53
C PHE F 815 -23.49 18.96 -50.53
N SER F 816 -23.36 19.47 -51.74
CA SER F 816 -22.52 18.81 -52.73
C SER F 816 -21.05 18.91 -52.36
N ARG F 817 -20.63 20.02 -51.79
CA ARG F 817 -19.23 20.28 -51.45
C ARG F 817 -18.34 20.16 -52.69
N GLY F 818 -18.72 20.91 -53.72
CA GLY F 818 -17.88 21.00 -54.90
C GLY F 818 -17.83 19.77 -55.76
N SER F 819 -18.74 18.81 -55.57
CA SER F 819 -18.79 17.65 -56.44
C SER F 819 -19.78 17.83 -57.58
N CYS F 820 -20.82 18.63 -57.38
CA CYS F 820 -21.80 18.87 -58.42
C CYS F 820 -21.20 19.68 -59.56
N CYS F 821 -21.71 19.44 -60.76
CA CYS F 821 -21.23 20.11 -61.97
C CYS F 821 -22.43 20.61 -62.76
N THR F 822 -22.24 21.72 -63.47
CA THR F 822 -23.29 22.23 -64.33
C THR F 822 -23.01 21.87 -65.78
N MET F 823 -24.06 21.44 -66.49
CA MET F 823 -23.92 20.98 -67.86
C MET F 823 -25.09 21.42 -68.72
N GLY F 824 -24.81 21.49 -70.02
CA GLY F 824 -25.82 21.78 -71.00
C GLY F 824 -26.23 20.51 -71.74
N VAL F 825 -27.52 20.43 -72.06
CA VAL F 825 -28.13 19.23 -72.61
C VAL F 825 -27.96 19.23 -74.12
N ARG F 826 -28.19 18.06 -74.70
CA ARG F 826 -28.21 17.88 -76.15
C ARG F 826 -29.62 17.46 -76.53
N TYR F 827 -30.48 18.44 -76.80
CA TYR F 827 -31.89 18.14 -77.01
C TYR F 827 -32.12 17.34 -78.29
N ASP F 828 -31.37 17.65 -79.36
CA ASP F 828 -31.56 16.92 -80.60
C ASP F 828 -31.30 15.43 -80.44
N ARG F 829 -30.53 15.04 -79.43
CA ARG F 829 -30.26 13.65 -79.12
C ARG F 829 -31.16 13.11 -78.01
N LEU F 830 -31.94 13.98 -77.37
CA LEU F 830 -32.82 13.54 -76.30
C LEU F 830 -34.24 13.33 -76.81
N TYR F 831 -34.80 14.32 -77.49
CA TYR F 831 -36.21 14.25 -77.89
C TYR F 831 -36.52 13.01 -78.73
N PRO F 832 -35.73 12.62 -79.72
CA PRO F 832 -36.03 11.36 -80.43
C PRO F 832 -36.05 10.16 -79.52
N ALA F 833 -35.21 10.12 -78.49
CA ALA F 833 -35.22 9.00 -77.56
C ALA F 833 -36.45 9.01 -76.65
N LEU F 834 -37.24 10.08 -76.67
CA LEU F 834 -38.43 10.17 -75.85
C LEU F 834 -39.69 9.88 -76.68
N GLN F 835 -39.54 9.40 -77.90
CA GLN F 835 -40.66 9.11 -78.77
C GLN F 835 -41.10 7.65 -78.71
N ALA F 836 -40.40 6.83 -77.93
CA ALA F 836 -40.64 5.39 -77.93
C ALA F 836 -41.31 5.01 -76.62
N VAL F 837 -42.64 5.01 -76.61
CA VAL F 837 -43.43 4.54 -75.50
C VAL F 837 -44.22 3.32 -75.96
N ILE F 838 -44.21 2.26 -75.15
CA ILE F 838 -44.72 0.97 -75.58
C ILE F 838 -45.95 0.62 -74.76
N VAL F 839 -46.74 1.63 -74.42
CA VAL F 839 -47.99 1.35 -73.71
C VAL F 839 -48.84 0.42 -74.57
N PRO F 840 -49.36 -0.67 -74.02
CA PRO F 840 -50.18 -1.57 -74.83
C PRO F 840 -51.59 -1.04 -75.01
N GLU F 841 -52.40 -1.75 -75.79
CA GLU F 841 -53.78 -1.36 -76.04
C GLU F 841 -54.70 -2.20 -75.17
N ILE F 842 -55.08 -1.64 -74.03
CA ILE F 842 -55.94 -2.37 -73.09
C ILE F 842 -57.37 -2.38 -73.61
N PRO F 843 -58.04 -3.54 -73.63
CA PRO F 843 -59.43 -3.57 -74.06
C PRO F 843 -60.36 -2.89 -73.08
N ALA F 844 -61.50 -2.44 -73.60
CA ALA F 844 -62.50 -1.80 -72.76
C ALA F 844 -63.16 -2.82 -71.82
N ASP F 845 -63.90 -2.29 -70.85
CA ASP F 845 -64.53 -3.10 -69.81
C ASP F 845 -63.50 -3.97 -69.08
N GLU F 846 -62.28 -3.45 -68.98
CA GLU F 846 -61.17 -4.14 -68.35
C GLU F 846 -60.43 -3.18 -67.43
N GLU F 847 -60.00 -3.70 -66.28
CA GLU F 847 -59.27 -2.90 -65.30
C GLU F 847 -57.82 -2.72 -65.76
N ALA F 848 -57.29 -1.52 -65.50
CA ALA F 848 -55.92 -1.22 -65.90
C ALA F 848 -54.94 -1.95 -64.99
N PRO F 849 -54.00 -2.72 -65.54
CA PRO F 849 -53.10 -3.49 -64.69
C PRO F 849 -52.21 -2.56 -63.87
N THR F 850 -51.88 -3.01 -62.66
CA THR F 850 -51.05 -2.24 -61.74
C THR F 850 -49.70 -2.90 -61.49
N THR F 851 -49.69 -4.15 -61.05
CA THR F 851 -48.44 -4.86 -60.85
C THR F 851 -47.76 -5.13 -62.19
N PRO F 852 -46.43 -5.09 -62.23
CA PRO F 852 -45.72 -5.38 -63.47
C PRO F 852 -45.59 -6.86 -63.80
N GLU F 853 -46.22 -7.74 -63.03
CA GLU F 853 -46.12 -9.18 -63.30
C GLU F 853 -46.98 -9.61 -64.48
N ASP F 854 -48.17 -9.04 -64.65
CA ASP F 854 -48.98 -9.47 -65.78
C ASP F 854 -48.44 -8.90 -67.08
N PRO F 855 -48.61 -9.61 -68.19
CA PRO F 855 -48.07 -9.12 -69.47
C PRO F 855 -48.66 -7.80 -69.94
N ARG F 856 -49.84 -7.43 -69.48
CA ARG F 856 -50.45 -6.18 -69.94
C ARG F 856 -49.76 -4.94 -69.38
N HIS F 857 -48.89 -5.09 -68.39
CA HIS F 857 -48.23 -3.94 -67.80
C HIS F 857 -47.15 -3.40 -68.74
N PRO F 858 -46.95 -2.08 -68.77
CA PRO F 858 -45.89 -1.52 -69.62
C PRO F 858 -44.50 -2.01 -69.26
N LEU F 859 -44.25 -2.32 -67.99
CA LEU F 859 -42.93 -2.73 -67.53
C LEU F 859 -42.73 -4.23 -67.55
N HIS F 860 -43.71 -5.00 -68.01
CA HIS F 860 -43.52 -6.43 -68.14
C HIS F 860 -42.49 -6.73 -69.21
N ALA F 861 -41.78 -7.85 -69.04
CA ALA F 861 -40.70 -8.18 -69.95
C ALA F 861 -41.20 -8.39 -71.37
N HIS F 862 -42.48 -8.75 -71.54
CA HIS F 862 -43.02 -8.99 -72.87
C HIS F 862 -43.02 -7.71 -73.70
N GLN F 863 -43.42 -6.59 -73.12
CA GLN F 863 -43.50 -5.33 -73.82
C GLN F 863 -42.29 -4.44 -73.57
N LEU F 864 -41.17 -5.03 -73.18
CA LEU F 864 -39.96 -4.26 -72.87
C LEU F 864 -39.03 -4.42 -74.06
N VAL F 865 -39.25 -3.61 -75.09
CA VAL F 865 -38.47 -3.67 -76.32
C VAL F 865 -37.20 -2.84 -76.17
N PRO F 866 -36.08 -3.29 -76.71
CA PRO F 866 -34.84 -2.50 -76.60
C PRO F 866 -34.97 -1.14 -77.26
N ASN F 867 -34.25 -0.17 -76.70
CA ASN F 867 -34.17 1.19 -77.23
C ASN F 867 -35.53 1.88 -77.22
N SER F 868 -36.08 1.99 -76.02
CA SER F 868 -37.36 2.67 -75.84
C SER F 868 -37.36 3.32 -74.47
N LEU F 869 -38.32 4.22 -74.25
CA LEU F 869 -38.42 4.82 -72.93
C LEU F 869 -38.71 3.76 -71.87
N ASN F 870 -39.35 2.66 -72.26
CA ASN F 870 -39.67 1.62 -71.29
C ASN F 870 -38.42 0.99 -70.70
N VAL F 871 -37.42 0.69 -71.53
CA VAL F 871 -36.20 0.12 -70.97
C VAL F 871 -35.49 1.15 -70.09
N TYR F 872 -35.55 2.43 -70.47
CA TYR F 872 -34.98 3.46 -69.61
C TYR F 872 -35.61 3.41 -68.22
N PHE F 873 -36.94 3.36 -68.16
CA PHE F 873 -37.61 3.29 -66.87
C PHE F 873 -37.27 2.00 -66.13
N HIS F 874 -37.16 0.90 -66.85
CA HIS F 874 -36.86 -0.36 -66.17
C HIS F 874 -35.45 -0.39 -65.62
N ASN F 875 -34.54 0.34 -66.23
CA ASN F 875 -33.18 0.41 -65.70
C ASN F 875 -33.18 1.02 -64.30
N ALA F 876 -34.01 2.04 -64.09
CA ALA F 876 -34.14 2.64 -62.77
C ALA F 876 -34.98 1.82 -61.83
N HIS F 877 -35.53 0.69 -62.29
CA HIS F 877 -36.32 -0.21 -61.45
C HIS F 877 -37.50 0.52 -60.82
N LEU F 878 -38.21 1.27 -61.65
CA LEU F 878 -39.39 2.00 -61.24
C LEU F 878 -40.62 1.37 -61.87
N THR F 879 -41.79 1.78 -61.40
CA THR F 879 -43.06 1.31 -61.93
C THR F 879 -43.90 2.51 -62.32
N VAL F 880 -44.47 2.47 -63.52
CA VAL F 880 -45.35 3.52 -64.01
C VAL F 880 -46.55 2.87 -64.70
N ASP F 881 -47.63 3.64 -64.83
CA ASP F 881 -48.82 3.17 -65.50
C ASP F 881 -48.84 3.65 -66.94
N GLY F 882 -49.75 3.07 -67.74
CA GLY F 882 -49.79 3.38 -69.15
C GLY F 882 -50.10 4.85 -69.42
N ASP F 883 -51.11 5.39 -68.74
CA ASP F 883 -51.45 6.79 -68.93
C ASP F 883 -50.33 7.71 -68.45
N ALA F 884 -49.59 7.29 -67.43
CA ALA F 884 -48.45 8.08 -66.96
C ALA F 884 -47.47 8.30 -68.10
N LEU F 885 -47.09 7.24 -68.79
CA LEU F 885 -46.20 7.41 -69.94
C LEU F 885 -46.90 8.07 -71.11
N LEU F 886 -48.23 7.95 -71.19
CA LEU F 886 -48.97 8.60 -72.26
C LEU F 886 -48.92 10.12 -72.14
N THR F 887 -48.82 10.62 -70.91
CA THR F 887 -48.77 12.06 -70.70
C THR F 887 -47.55 12.73 -71.33
N LEU F 888 -46.53 11.95 -71.70
CA LEU F 888 -45.37 12.53 -72.35
C LEU F 888 -45.73 13.23 -73.65
N GLN F 889 -46.71 12.69 -74.40
CA GLN F 889 -47.11 13.33 -75.64
C GLN F 889 -47.67 14.71 -75.39
N GLU F 890 -48.49 14.86 -74.37
CA GLU F 890 -48.99 16.17 -73.99
C GLU F 890 -47.85 17.08 -73.56
N LEU F 891 -46.88 16.53 -72.82
CA LEU F 891 -45.67 17.29 -72.50
C LEU F 891 -44.99 17.80 -73.74
N MET F 892 -45.05 17.03 -74.82
CA MET F 892 -44.27 17.31 -76.01
C MET F 892 -44.74 18.56 -76.75
N GLY F 893 -45.93 19.07 -76.42
CA GLY F 893 -46.44 20.24 -77.11
C GLY F 893 -45.55 21.46 -76.94
N ASP F 894 -44.86 21.56 -75.81
CA ASP F 894 -43.91 22.63 -75.55
C ASP F 894 -42.51 22.03 -75.48
N MET F 895 -41.54 22.72 -76.09
CA MET F 895 -40.19 22.19 -76.15
C MET F 895 -39.17 23.28 -75.90
N ALA F 896 -37.92 22.85 -75.76
CA ALA F 896 -36.77 23.74 -75.65
C ALA F 896 -35.77 23.34 -76.73
N GLU F 897 -35.32 24.34 -77.50
CA GLU F 897 -34.47 24.02 -78.65
C GLU F 897 -33.11 23.51 -78.20
N ARG F 898 -32.33 24.35 -77.53
CA ARG F 898 -30.98 23.96 -77.14
C ARG F 898 -30.48 24.90 -76.06
N THR F 899 -29.47 24.44 -75.34
CA THR F 899 -28.88 25.26 -74.29
C THR F 899 -27.87 26.24 -74.90
N THR F 900 -27.73 27.39 -74.25
CA THR F 900 -26.86 28.45 -74.73
C THR F 900 -26.20 29.15 -73.55
N ALA F 901 -25.08 29.80 -73.84
CA ALA F 901 -24.24 30.42 -72.83
C ALA F 901 -24.52 31.91 -72.79
N ILE F 902 -24.88 32.42 -71.62
CA ILE F 902 -25.18 33.84 -71.42
C ILE F 902 -24.06 34.45 -70.60
N LEU F 903 -23.49 35.54 -71.11
CA LEU F 903 -22.47 36.30 -70.40
C LEU F 903 -23.01 37.70 -70.17
N VAL F 904 -23.36 38.00 -68.93
CA VAL F 904 -23.87 39.32 -68.58
C VAL F 904 -22.74 40.09 -67.90
N SER F 905 -22.80 41.41 -68.03
CA SER F 905 -21.77 42.28 -67.47
C SER F 905 -22.43 43.55 -66.99
N SER F 906 -21.80 44.20 -66.02
CA SER F 906 -22.37 45.42 -65.47
C SER F 906 -21.29 46.20 -64.74
N ALA F 907 -21.58 47.47 -64.51
CA ALA F 907 -20.74 48.31 -63.69
C ALA F 907 -21.03 48.07 -62.21
N PRO F 908 -20.09 48.35 -61.32
CA PRO F 908 -20.35 48.17 -59.89
C PRO F 908 -21.47 49.08 -59.43
N ASP F 909 -22.16 48.63 -58.38
CA ASP F 909 -23.37 49.28 -57.91
C ASP F 909 -23.10 50.73 -57.49
N ALA F 910 -24.19 51.46 -57.29
CA ALA F 910 -24.09 52.88 -56.96
C ALA F 910 -23.36 53.12 -55.65
N GLY F 911 -23.30 52.11 -54.77
CA GLY F 911 -22.58 52.26 -53.53
C GLY F 911 -21.08 52.42 -53.72
N ALA F 912 -20.48 51.68 -54.65
CA ALA F 912 -19.03 51.75 -54.85
C ALA F 912 -18.65 52.45 -56.13
N ALA F 913 -19.56 53.23 -56.70
CA ALA F 913 -19.35 53.80 -58.04
C ALA F 913 -18.55 55.08 -57.89
N THR F 914 -17.23 54.96 -57.91
CA THR F 914 -16.37 56.14 -57.95
C THR F 914 -15.87 56.35 -59.37
N ALA F 915 -15.25 57.50 -59.61
CA ALA F 915 -14.91 57.91 -60.96
C ALA F 915 -13.93 56.95 -61.64
N THR F 916 -13.22 56.14 -60.87
CA THR F 916 -12.28 55.19 -61.46
C THR F 916 -12.77 53.75 -61.44
N THR F 917 -13.88 53.45 -60.77
CA THR F 917 -14.39 52.09 -60.76
C THR F 917 -15.44 51.84 -61.84
N ARG F 918 -15.91 52.88 -62.53
CA ARG F 918 -16.87 52.65 -63.60
C ARG F 918 -16.25 51.88 -64.75
N ASN F 919 -14.98 52.13 -65.05
CA ASN F 919 -14.29 51.33 -66.06
C ASN F 919 -14.12 49.90 -65.60
N MET F 920 -13.94 49.71 -64.30
CA MET F 920 -13.83 48.39 -63.70
C MET F 920 -15.19 47.70 -63.75
N ARG F 921 -15.26 46.56 -64.42
CA ARG F 921 -16.55 45.90 -64.64
C ARG F 921 -16.50 44.48 -64.11
N ILE F 922 -17.67 43.89 -63.92
CA ILE F 922 -17.80 42.52 -63.45
C ILE F 922 -18.47 41.71 -64.55
N TYR F 923 -17.90 40.54 -64.85
CA TYR F 923 -18.47 39.60 -65.80
C TYR F 923 -18.78 38.30 -65.08
N ASP F 924 -19.95 37.76 -65.35
CA ASP F 924 -20.30 36.44 -64.86
C ASP F 924 -21.24 35.77 -65.85
N GLY F 925 -21.22 34.44 -65.85
CA GLY F 925 -21.92 33.66 -66.85
C GLY F 925 -23.08 32.87 -66.28
N ALA F 926 -23.89 32.34 -67.19
CA ALA F 926 -25.01 31.49 -66.84
C ALA F 926 -25.40 30.67 -68.06
N LEU F 927 -25.86 29.46 -67.80
CA LEU F 927 -26.26 28.53 -68.85
C LEU F 927 -27.78 28.56 -68.97
N TYR F 928 -28.29 29.06 -70.07
CA TYR F 928 -29.71 29.02 -70.33
C TYR F 928 -30.12 27.60 -70.70
N HIS F 929 -31.15 27.09 -70.04
CA HIS F 929 -31.66 25.74 -70.30
C HIS F 929 -30.59 24.69 -70.10
N GLY F 930 -29.93 24.74 -68.94
CA GLY F 930 -28.91 23.75 -68.61
C GLY F 930 -29.25 22.99 -67.35
N LEU F 931 -28.50 21.94 -67.06
CA LEU F 931 -28.74 21.12 -65.89
C LEU F 931 -27.55 21.16 -64.95
N ILE F 932 -27.77 20.60 -63.76
CA ILE F 932 -26.72 20.33 -62.79
C ILE F 932 -26.88 18.89 -62.36
N MET F 933 -25.79 18.13 -62.36
CA MET F 933 -25.88 16.79 -61.82
C MET F 933 -25.06 16.70 -60.54
N MET F 934 -25.61 15.99 -59.55
CA MET F 934 -24.99 15.97 -58.24
C MET F 934 -23.70 15.17 -58.22
N ALA F 935 -23.69 13.98 -58.79
CA ALA F 935 -22.50 13.14 -58.79
C ALA F 935 -22.35 12.50 -60.15
N TYR F 936 -21.13 12.12 -60.47
CA TYR F 936 -20.79 11.59 -61.78
C TYR F 936 -20.29 10.16 -61.65
N GLN F 937 -20.84 9.27 -62.47
CA GLN F 937 -20.45 7.87 -62.49
C GLN F 937 -19.88 7.58 -63.88
N ALA F 938 -18.59 7.23 -63.92
CA ALA F 938 -17.92 6.93 -65.18
C ALA F 938 -17.96 5.45 -65.52
N TYR F 939 -18.45 4.61 -64.63
CA TYR F 939 -18.41 3.17 -64.81
C TYR F 939 -19.80 2.58 -65.01
N ASP F 940 -20.80 3.41 -65.29
CA ASP F 940 -22.13 2.94 -65.65
C ASP F 940 -22.17 2.85 -67.17
N GLU F 941 -22.08 1.63 -67.69
CA GLU F 941 -21.94 1.44 -69.12
C GLU F 941 -23.27 1.25 -69.84
N THR F 942 -24.40 1.25 -69.12
CA THR F 942 -25.67 1.06 -69.79
C THR F 942 -26.00 2.21 -70.72
N ILE F 943 -25.39 3.37 -70.51
CA ILE F 943 -25.55 4.52 -71.38
C ILE F 943 -24.17 5.02 -71.77
N ALA F 944 -23.96 5.24 -73.06
CA ALA F 944 -22.66 5.72 -73.54
C ALA F 944 -22.34 7.06 -72.91
N THR F 945 -21.05 7.26 -72.63
CA THR F 945 -20.62 8.51 -72.00
C THR F 945 -20.90 9.69 -72.92
N GLY F 946 -21.45 10.76 -72.35
CA GLY F 946 -21.75 11.94 -73.12
C GLY F 946 -22.81 11.75 -74.18
N THR F 947 -23.80 10.90 -73.91
CA THR F 947 -24.89 10.71 -74.86
C THR F 947 -25.87 11.87 -74.84
N PHE F 948 -26.14 12.43 -73.67
CA PHE F 948 -27.14 13.48 -73.52
C PHE F 948 -26.56 14.79 -73.01
N PHE F 949 -25.60 14.73 -72.10
CA PHE F 949 -25.09 15.90 -71.40
C PHE F 949 -23.60 16.04 -71.60
N TYR F 950 -23.15 17.29 -71.75
CA TYR F 950 -21.73 17.58 -71.84
C TYR F 950 -21.38 18.67 -70.84
N PRO F 951 -20.18 18.60 -70.23
CA PRO F 951 -19.85 19.50 -69.13
C PRO F 951 -19.51 20.91 -69.62
N VAL F 952 -20.23 21.89 -69.11
CA VAL F 952 -19.92 23.30 -69.32
C VAL F 952 -19.91 23.99 -67.96
N PRO F 953 -18.84 23.87 -67.18
CA PRO F 953 -18.86 24.38 -65.80
C PRO F 953 -18.62 25.88 -65.78
N VAL F 954 -19.58 26.63 -65.24
CA VAL F 954 -19.36 28.05 -65.02
C VAL F 954 -19.68 28.50 -63.59
N ASN F 955 -18.72 28.27 -62.71
CA ASN F 955 -18.45 28.88 -61.41
C ASN F 955 -17.27 28.17 -60.79
N PRO F 956 -16.51 28.82 -59.93
CA PRO F 956 -15.58 28.06 -59.08
C PRO F 956 -16.30 27.05 -58.20
N LEU F 957 -17.54 27.33 -57.78
CA LEU F 957 -18.29 26.40 -56.95
C LEU F 957 -18.63 25.13 -57.71
N PHE F 958 -19.04 25.26 -58.97
CA PHE F 958 -19.54 24.15 -59.76
C PHE F 958 -18.48 23.55 -60.66
N ALA F 959 -17.21 23.78 -60.36
CA ALA F 959 -16.15 23.07 -61.06
C ALA F 959 -16.26 21.58 -60.76
N CYS F 960 -15.93 20.77 -61.76
CA CYS F 960 -16.23 19.34 -61.74
C CYS F 960 -15.11 18.56 -62.41
N PRO F 961 -14.04 18.26 -61.68
CA PRO F 961 -12.88 17.61 -62.33
C PRO F 961 -13.22 16.26 -62.93
N GLU F 962 -14.03 15.45 -62.25
CA GLU F 962 -14.35 14.12 -62.75
C GLU F 962 -15.33 14.18 -63.90
N HIS F 963 -16.23 15.17 -63.90
CA HIS F 963 -17.25 15.24 -64.93
C HIS F 963 -16.65 15.50 -66.31
N LEU F 964 -15.41 15.97 -66.39
CA LEU F 964 -14.79 16.25 -67.67
C LEU F 964 -14.59 15.01 -68.53
N ALA F 965 -14.69 13.81 -67.94
CA ALA F 965 -14.61 12.60 -68.76
C ALA F 965 -15.79 12.50 -69.72
N SER F 966 -16.92 13.13 -69.41
CA SER F 966 -18.06 13.10 -70.31
C SER F 966 -17.82 13.85 -71.60
N LEU F 967 -16.82 14.73 -71.65
CA LEU F 967 -16.51 15.44 -72.87
C LEU F 967 -15.90 14.49 -73.89
N ARG F 968 -16.14 14.79 -75.16
CA ARG F 968 -15.61 13.96 -76.24
C ARG F 968 -14.12 14.22 -76.42
N GLY F 969 -13.32 13.16 -76.37
CA GLY F 969 -11.90 13.27 -76.58
C GLY F 969 -11.15 13.89 -75.42
N MET F 970 -11.14 13.20 -74.28
CA MET F 970 -10.42 13.65 -73.09
C MET F 970 -9.30 12.66 -72.80
N THR F 971 -8.09 13.18 -72.58
CA THR F 971 -6.92 12.36 -72.33
C THR F 971 -6.47 12.51 -70.88
N ASN F 972 -5.44 11.75 -70.51
CA ASN F 972 -4.89 11.84 -69.17
C ASN F 972 -4.26 13.21 -68.92
N ALA F 973 -3.63 13.79 -69.93
CA ALA F 973 -2.97 15.07 -69.76
C ALA F 973 -3.96 16.16 -69.37
N ARG F 974 -5.08 16.24 -70.07
CA ARG F 974 -6.09 17.25 -69.74
C ARG F 974 -6.67 17.01 -68.36
N ARG F 975 -6.93 15.75 -68.00
CA ARG F 975 -7.49 15.46 -66.69
C ARG F 975 -6.54 15.86 -65.58
N VAL F 976 -5.24 15.53 -65.72
CA VAL F 976 -4.29 15.87 -64.67
C VAL F 976 -4.01 17.36 -64.63
N LEU F 977 -4.15 18.06 -65.76
CA LEU F 977 -3.98 19.50 -65.74
C LEU F 977 -5.17 20.18 -65.06
N ALA F 978 -6.38 19.69 -65.32
CA ALA F 978 -7.58 20.25 -64.71
C ALA F 978 -7.77 19.79 -63.27
N LYS F 979 -7.02 18.79 -62.82
CA LYS F 979 -7.15 18.35 -61.43
C LYS F 979 -6.84 19.47 -60.45
N MET F 980 -6.02 20.43 -60.84
CA MET F 980 -5.63 21.52 -59.95
C MET F 980 -6.30 22.84 -60.24
N VAL F 981 -6.64 23.14 -61.49
CA VAL F 981 -7.22 24.41 -61.88
C VAL F 981 -8.67 24.18 -62.26
N PRO F 982 -9.62 24.97 -61.74
CA PRO F 982 -11.01 24.83 -62.16
C PRO F 982 -11.21 25.31 -63.58
N PRO F 983 -11.56 24.44 -64.50
CA PRO F 983 -11.66 24.85 -65.90
C PRO F 983 -12.95 25.60 -66.19
N ILE F 984 -12.86 26.90 -66.36
CA ILE F 984 -13.99 27.74 -66.73
C ILE F 984 -13.65 28.42 -68.06
N PRO F 985 -14.41 28.19 -69.12
CA PRO F 985 -14.06 28.75 -70.42
C PRO F 985 -14.07 30.27 -70.39
N PRO F 986 -13.17 30.91 -71.12
CA PRO F 986 -13.09 32.38 -71.07
C PRO F 986 -14.32 33.07 -71.65
N PHE F 987 -15.14 32.39 -72.44
CA PHE F 987 -16.34 33.05 -72.93
C PHE F 987 -17.46 33.05 -71.91
N LEU F 988 -17.21 32.56 -70.69
CA LEU F 988 -18.19 32.57 -69.62
C LEU F 988 -17.70 33.33 -68.41
N GLY F 989 -16.66 34.12 -68.56
CA GLY F 989 -16.13 34.93 -67.47
C GLY F 989 -14.99 34.24 -66.76
N ALA F 990 -13.98 35.01 -66.39
CA ALA F 990 -12.81 34.51 -65.73
C ALA F 990 -12.91 34.75 -64.23
N ASN F 991 -12.02 34.10 -63.48
CA ASN F 991 -12.08 34.18 -62.03
C ASN F 991 -11.82 35.60 -61.54
N HIS F 992 -10.76 36.23 -62.02
CA HIS F 992 -10.39 37.53 -61.50
C HIS F 992 -11.34 38.64 -61.91
N HIS F 993 -12.35 38.35 -62.73
CA HIS F 993 -13.38 39.32 -63.05
C HIS F 993 -14.76 38.94 -62.56
N ALA F 994 -14.96 37.71 -62.10
CA ALA F 994 -16.28 37.25 -61.72
C ALA F 994 -16.65 37.74 -60.32
N THR F 995 -17.92 37.55 -59.96
CA THR F 995 -18.39 37.91 -58.64
C THR F 995 -18.02 36.85 -57.61
N ILE F 996 -18.49 35.63 -57.81
CA ILE F 996 -18.08 34.50 -56.97
C ILE F 996 -16.70 34.07 -57.43
N ARG F 997 -15.76 33.98 -56.50
CA ARG F 997 -14.38 33.76 -56.85
C ARG F 997 -13.87 32.47 -56.23
N GLN F 998 -12.58 32.20 -56.45
CA GLN F 998 -11.97 30.99 -55.90
C GLN F 998 -12.10 30.86 -54.39
N PRO F 999 -11.82 31.89 -53.58
CA PRO F 999 -11.76 31.67 -52.13
C PRO F 999 -13.03 31.05 -51.55
N VAL F 1000 -14.21 31.46 -52.01
CA VAL F 1000 -15.43 30.89 -51.45
C VAL F 1000 -15.56 29.42 -51.85
N ALA F 1001 -15.13 29.08 -53.06
CA ALA F 1001 -15.14 27.66 -53.46
C ALA F 1001 -14.19 26.85 -52.60
N TYR F 1002 -13.00 27.39 -52.34
CA TYR F 1002 -12.08 26.69 -51.44
C TYR F 1002 -12.69 26.55 -50.06
N HIS F 1003 -13.43 27.57 -49.62
CA HIS F 1003 -14.06 27.51 -48.32
C HIS F 1003 -15.11 26.41 -48.25
N VAL F 1004 -15.92 26.26 -49.30
CA VAL F 1004 -16.93 25.21 -49.26
C VAL F 1004 -16.29 23.84 -49.40
N THR F 1005 -15.19 23.73 -50.15
CA THR F 1005 -14.64 22.43 -50.46
C THR F 1005 -13.64 21.93 -49.44
N HIS F 1006 -13.23 22.76 -48.48
CA HIS F 1006 -12.21 22.35 -47.51
C HIS F 1006 -12.63 22.60 -46.07
N SER F 1007 -13.89 22.91 -45.83
CA SER F 1007 -14.40 23.09 -44.47
C SER F 1007 -15.17 21.85 -44.07
N LYS F 1008 -14.78 21.26 -42.94
CA LYS F 1008 -15.49 20.10 -42.39
C LYS F 1008 -16.00 20.53 -41.02
N SER F 1009 -17.14 21.22 -41.01
CA SER F 1009 -17.74 21.65 -39.75
C SER F 1009 -19.11 21.04 -39.52
N ASP F 1010 -20.07 21.29 -40.41
CA ASP F 1010 -21.45 20.87 -40.21
C ASP F 1010 -22.21 21.19 -41.49
N PHE F 1011 -23.53 21.03 -41.45
CA PHE F 1011 -24.36 21.38 -42.60
C PHE F 1011 -25.23 22.60 -42.38
N ASN F 1012 -25.70 22.84 -41.15
CA ASN F 1012 -26.43 24.06 -40.88
C ASN F 1012 -25.48 25.25 -40.78
N THR F 1013 -24.50 25.15 -39.88
CA THR F 1013 -23.54 26.22 -39.72
C THR F 1013 -22.80 26.50 -41.01
N LEU F 1014 -22.62 25.49 -41.86
CA LEU F 1014 -22.00 25.74 -43.15
C LEU F 1014 -22.86 26.67 -43.99
N THR F 1015 -24.18 26.45 -44.01
CA THR F 1015 -25.05 27.31 -44.77
C THR F 1015 -25.04 28.73 -44.21
N TYR F 1016 -25.12 28.87 -42.89
CA TYR F 1016 -25.11 30.22 -42.34
C TYR F 1016 -23.79 30.92 -42.57
N SER F 1017 -22.67 30.19 -42.46
CA SER F 1017 -21.38 30.79 -42.75
C SER F 1017 -21.31 31.24 -44.19
N LEU F 1018 -21.81 30.43 -45.12
CA LEU F 1018 -21.82 30.85 -46.51
C LEU F 1018 -22.64 32.09 -46.71
N LEU F 1019 -23.79 32.18 -46.05
CA LEU F 1019 -24.58 33.40 -46.13
C LEU F 1019 -23.80 34.58 -45.59
N GLY F 1020 -23.11 34.39 -44.47
CA GLY F 1020 -22.27 35.46 -43.95
C GLY F 1020 -21.18 35.85 -44.92
N GLY F 1021 -20.74 34.92 -45.76
CA GLY F 1021 -19.77 35.25 -46.77
C GLY F 1021 -20.31 36.26 -47.77
N TYR F 1022 -21.57 36.09 -48.18
CA TYR F 1022 -22.16 36.92 -49.22
C TYR F 1022 -22.70 38.23 -48.65
N PHE F 1023 -21.79 39.08 -48.18
CA PHE F 1023 -22.12 40.44 -47.82
C PHE F 1023 -21.16 41.37 -48.53
N LYS F 1024 -21.69 42.38 -49.19
CA LYS F 1024 -20.85 43.27 -49.97
C LYS F 1024 -19.89 44.02 -49.07
N PHE F 1025 -18.73 44.36 -49.63
CA PHE F 1025 -17.70 45.08 -48.91
C PHE F 1025 -17.69 46.56 -49.32
N THR F 1026 -18.73 46.98 -50.04
CA THR F 1026 -18.89 48.38 -50.40
C THR F 1026 -19.04 49.24 -49.15
N PRO F 1027 -18.51 50.47 -49.15
CA PRO F 1027 -18.66 51.32 -47.97
C PRO F 1027 -20.09 51.52 -47.51
N ILE F 1028 -21.07 51.62 -48.40
CA ILE F 1028 -22.45 51.66 -47.93
C ILE F 1028 -22.82 50.35 -47.25
N SER F 1029 -22.47 49.23 -47.88
CA SER F 1029 -22.74 47.94 -47.27
C SER F 1029 -22.00 47.79 -45.96
N LEU F 1030 -20.77 48.31 -45.90
CA LEU F 1030 -20.02 48.27 -44.66
C LEU F 1030 -20.73 49.09 -43.58
N THR F 1031 -21.31 50.23 -43.97
CA THR F 1031 -22.09 51.01 -43.02
C THR F 1031 -23.25 50.18 -42.48
N HIS F 1032 -23.99 49.53 -43.37
CA HIS F 1032 -25.12 48.69 -42.93
C HIS F 1032 -24.65 47.64 -41.92
N GLN F 1033 -23.62 46.88 -42.28
CA GLN F 1033 -23.18 45.79 -41.41
C GLN F 1033 -22.69 46.32 -40.07
N LEU F 1034 -21.87 47.37 -40.07
CA LEU F 1034 -21.34 47.88 -38.82
C LEU F 1034 -22.45 48.40 -37.92
N ARG F 1035 -23.43 49.10 -38.49
CA ARG F 1035 -24.54 49.58 -37.69
C ARG F 1035 -25.32 48.41 -37.10
N THR F 1036 -25.56 47.37 -37.89
CA THR F 1036 -26.40 46.27 -37.42
C THR F 1036 -25.77 45.52 -36.26
N GLY F 1037 -24.52 45.11 -36.41
CA GLY F 1037 -23.86 44.31 -35.40
C GLY F 1037 -23.00 43.23 -36.00
N PHE F 1038 -23.08 43.11 -37.32
CA PHE F 1038 -22.29 42.13 -38.06
C PHE F 1038 -20.81 42.45 -37.94
N HIS F 1039 -19.97 41.43 -38.12
CA HIS F 1039 -18.53 41.59 -38.06
C HIS F 1039 -17.92 41.31 -39.42
N PRO F 1040 -17.63 42.33 -40.23
CA PRO F 1040 -17.00 42.08 -41.52
C PRO F 1040 -15.61 41.50 -41.32
N GLY F 1041 -15.14 40.77 -42.31
CA GLY F 1041 -13.89 40.05 -42.19
C GLY F 1041 -12.67 40.95 -42.25
N ILE F 1042 -12.52 41.82 -41.26
CA ILE F 1042 -11.37 42.74 -41.22
C ILE F 1042 -11.20 43.17 -39.77
N ALA F 1043 -9.95 43.36 -39.35
CA ALA F 1043 -9.63 43.70 -37.99
C ALA F 1043 -8.78 44.96 -37.94
N PHE F 1044 -9.02 45.76 -36.91
CA PHE F 1044 -8.41 47.09 -36.80
C PHE F 1044 -7.40 47.13 -35.66
N THR F 1045 -6.37 47.93 -35.84
CA THR F 1045 -5.45 48.28 -34.77
C THR F 1045 -5.54 49.78 -34.53
N VAL F 1046 -5.73 50.17 -33.28
CA VAL F 1046 -5.96 51.56 -32.91
C VAL F 1046 -4.67 52.16 -32.38
N VAL F 1047 -4.47 53.45 -32.62
CA VAL F 1047 -3.31 54.18 -32.16
C VAL F 1047 -3.79 55.46 -31.49
N ARG F 1048 -3.28 55.74 -30.30
CA ARG F 1048 -3.72 56.90 -29.54
C ARG F 1048 -2.54 57.52 -28.83
N GLN F 1049 -2.37 58.82 -28.95
CA GLN F 1049 -1.25 59.53 -28.36
C GLN F 1049 -1.70 60.28 -27.12
N ASP F 1050 -0.89 60.21 -26.06
CA ASP F 1050 -1.23 60.83 -24.79
C ASP F 1050 -0.09 61.72 -24.31
N ARG F 1051 -0.45 62.73 -23.53
CA ARG F 1051 0.52 63.63 -22.92
C ARG F 1051 0.52 63.44 -21.42
N PHE F 1052 1.68 63.61 -20.80
CA PHE F 1052 1.78 63.52 -19.36
C PHE F 1052 2.67 64.63 -18.83
N ALA F 1053 2.23 65.29 -17.77
CA ALA F 1053 2.99 66.36 -17.14
C ALA F 1053 4.03 65.74 -16.23
N THR F 1054 5.30 65.94 -16.56
CA THR F 1054 6.40 65.34 -15.83
C THR F 1054 7.33 66.41 -15.29
N GLU F 1055 7.91 66.12 -14.13
CA GLU F 1055 8.89 67.00 -13.52
C GLU F 1055 10.28 66.46 -13.82
N GLN F 1056 11.10 67.27 -14.48
CA GLN F 1056 12.42 66.85 -14.92
C GLN F 1056 13.46 67.21 -13.86
N LEU F 1057 14.70 66.88 -14.17
CA LEU F 1057 15.82 67.10 -13.26
C LEU F 1057 17.08 67.26 -14.08
N LEU F 1058 17.76 68.39 -13.93
CA LEU F 1058 18.90 68.73 -14.77
C LEU F 1058 20.16 68.85 -13.95
N TYR F 1059 21.28 68.47 -14.55
CA TYR F 1059 22.59 68.60 -13.95
C TYR F 1059 23.57 69.19 -14.97
N ALA F 1060 24.32 70.19 -14.56
CA ALA F 1060 25.27 70.86 -15.43
C ALA F 1060 26.61 71.01 -14.71
N GLU F 1061 27.69 70.81 -15.45
CA GLU F 1061 29.03 70.92 -14.86
C GLU F 1061 29.39 72.38 -14.67
N ARG F 1062 30.65 72.63 -14.30
CA ARG F 1062 31.03 73.96 -13.87
C ARG F 1062 31.05 74.95 -15.02
N ALA F 1063 31.95 74.78 -15.97
CA ALA F 1063 31.97 75.70 -17.10
C ALA F 1063 31.25 75.12 -18.31
N SER F 1064 29.93 74.96 -18.19
CA SER F 1064 29.17 74.35 -19.28
C SER F 1064 29.00 75.33 -20.44
N GLU F 1065 28.83 76.61 -20.16
CA GLU F 1065 28.52 77.57 -21.19
C GLU F 1065 29.36 78.83 -21.03
N SER F 1066 29.85 79.34 -22.14
CA SER F 1066 30.46 80.66 -22.17
C SER F 1066 29.41 81.67 -22.61
N TYR F 1067 29.14 82.64 -21.75
CA TYR F 1067 28.00 83.54 -21.92
C TYR F 1067 28.50 84.96 -22.12
N PHE F 1068 28.11 85.57 -23.23
CA PHE F 1068 28.50 86.93 -23.57
C PHE F 1068 27.28 87.84 -23.50
N VAL F 1069 27.41 88.96 -22.81
CA VAL F 1069 26.34 89.93 -22.68
C VAL F 1069 26.77 91.20 -23.40
N GLY F 1070 25.83 91.80 -24.12
CA GLY F 1070 26.09 92.99 -24.90
C GLY F 1070 25.75 94.27 -24.16
N GLN F 1071 25.37 95.28 -24.91
CA GLN F 1071 25.02 96.59 -24.38
C GLN F 1071 23.55 96.85 -24.64
N ILE F 1072 22.83 97.25 -23.59
CA ILE F 1072 21.39 97.46 -23.71
C ILE F 1072 21.11 98.69 -24.54
N GLN F 1073 20.00 98.67 -25.27
CA GLN F 1073 19.56 99.80 -26.06
C GLN F 1073 18.05 99.93 -25.91
N VAL F 1074 17.54 101.14 -26.09
CA VAL F 1074 16.16 101.47 -25.82
C VAL F 1074 15.49 101.88 -27.12
N HIS F 1075 14.30 101.35 -27.36
CA HIS F 1075 13.51 101.65 -28.54
C HIS F 1075 12.34 102.54 -28.15
N HIS F 1076 12.37 103.79 -28.59
CA HIS F 1076 11.28 104.72 -28.37
C HIS F 1076 10.15 104.38 -29.33
N HIS F 1077 8.94 104.20 -28.80
CA HIS F 1077 7.86 103.63 -29.59
C HIS F 1077 6.51 104.10 -29.06
N ASP F 1078 5.70 104.69 -29.94
CA ASP F 1078 4.38 105.16 -29.55
C ASP F 1078 3.45 104.00 -29.28
N ALA F 1079 2.49 104.23 -28.38
CA ALA F 1079 1.64 103.16 -27.86
C ALA F 1079 0.20 103.66 -27.87
N ILE F 1080 -0.68 102.92 -27.20
CA ILE F 1080 -2.10 103.24 -27.24
C ILE F 1080 -2.39 104.57 -26.54
N GLY F 1081 -1.87 104.76 -25.34
CA GLY F 1081 -2.16 105.97 -24.60
C GLY F 1081 -1.00 106.92 -24.54
N GLY F 1082 0.20 106.37 -24.41
CA GLY F 1082 1.40 107.17 -24.29
C GLY F 1082 2.53 106.62 -25.13
N VAL F 1083 3.67 106.38 -24.49
CA VAL F 1083 4.83 105.84 -25.16
C VAL F 1083 5.23 104.54 -24.48
N ASN F 1084 5.86 103.66 -25.25
CA ASN F 1084 6.34 102.39 -24.75
C ASN F 1084 7.84 102.31 -25.00
N PHE F 1085 8.59 102.07 -23.94
CA PHE F 1085 10.03 101.91 -24.05
C PHE F 1085 10.34 100.42 -24.03
N THR F 1086 11.03 99.96 -25.06
CA THR F 1086 11.43 98.57 -25.19
C THR F 1086 12.94 98.51 -24.98
N LEU F 1087 13.37 97.84 -23.92
CA LEU F 1087 14.79 97.65 -23.66
C LEU F 1087 15.19 96.28 -24.18
N THR F 1088 16.19 96.24 -25.05
CA THR F 1088 16.69 95.01 -25.63
C THR F 1088 18.18 94.90 -25.36
N GLN F 1089 18.65 93.66 -25.21
CA GLN F 1089 20.05 93.38 -24.95
C GLN F 1089 20.45 92.13 -25.73
N PRO F 1090 21.48 92.19 -26.56
CA PRO F 1090 21.90 90.99 -27.29
C PRO F 1090 22.91 90.18 -26.50
N ARG F 1091 22.81 88.85 -26.63
CA ARG F 1091 23.68 87.94 -25.91
C ARG F 1091 24.09 86.79 -26.83
N ALA F 1092 25.19 86.14 -26.50
CA ALA F 1092 25.65 84.99 -27.24
C ALA F 1092 26.20 83.96 -26.28
N HIS F 1093 26.05 82.68 -26.65
CA HIS F 1093 26.44 81.58 -25.78
C HIS F 1093 27.18 80.52 -26.58
N VAL F 1094 28.18 79.92 -25.94
CA VAL F 1094 28.98 78.85 -26.54
C VAL F 1094 29.11 77.72 -25.53
N ASP F 1095 29.08 76.49 -26.05
CA ASP F 1095 29.23 75.30 -25.21
C ASP F 1095 30.68 74.81 -25.29
N LEU F 1096 31.47 75.16 -24.29
CA LEU F 1096 32.88 74.80 -24.27
C LEU F 1096 33.16 73.48 -23.55
N GLY F 1097 32.41 72.46 -23.90
CA GLY F 1097 32.67 71.13 -23.38
C GLY F 1097 33.07 70.17 -24.48
N VAL F 1098 34.15 69.42 -24.28
CA VAL F 1098 34.58 68.46 -25.30
C VAL F 1098 33.52 67.38 -25.48
N GLY F 1099 33.00 66.85 -24.38
CA GLY F 1099 31.96 65.85 -24.46
C GLY F 1099 30.59 66.43 -24.21
N TYR F 1100 29.80 65.79 -23.37
CA TYR F 1100 28.50 66.29 -22.96
C TYR F 1100 28.61 66.81 -21.54
N THR F 1101 28.09 68.00 -21.30
CA THR F 1101 28.20 68.64 -19.99
C THR F 1101 26.85 68.95 -19.37
N ALA F 1102 25.80 68.24 -19.76
CA ALA F 1102 24.47 68.51 -19.22
C ALA F 1102 23.58 67.30 -19.46
N VAL F 1103 22.94 66.82 -18.41
CA VAL F 1103 22.13 65.61 -18.47
C VAL F 1103 20.79 65.87 -17.79
N CYS F 1104 19.71 65.54 -18.48
CA CYS F 1104 18.36 65.66 -17.92
C CYS F 1104 17.68 64.31 -17.91
N ALA F 1105 16.87 64.08 -16.89
CA ALA F 1105 16.15 62.81 -16.78
C ALA F 1105 14.79 63.06 -16.17
N THR F 1106 13.76 62.51 -16.80
CA THR F 1106 12.42 62.60 -16.24
C THR F 1106 12.39 61.91 -14.88
N ALA F 1107 11.74 62.54 -13.92
CA ALA F 1107 11.74 62.06 -12.55
C ALA F 1107 10.37 61.64 -12.05
N ALA F 1108 9.39 62.54 -12.11
CA ALA F 1108 8.09 62.28 -11.50
C ALA F 1108 6.99 62.43 -12.54
N LEU F 1109 5.79 61.99 -12.16
CA LEU F 1109 4.61 62.08 -13.01
C LEU F 1109 3.54 62.89 -12.30
N ARG F 1110 3.07 63.94 -12.95
CA ARG F 1110 1.94 64.70 -12.48
C ARG F 1110 0.68 64.22 -13.20
N CYS F 1111 -0.40 64.98 -13.08
CA CYS F 1111 -1.67 64.58 -13.67
C CYS F 1111 -1.55 64.47 -15.19
N PRO F 1112 -2.03 63.39 -15.79
CA PRO F 1112 -2.02 63.29 -17.26
C PRO F 1112 -2.90 64.35 -17.89
N LEU F 1113 -2.28 65.24 -18.67
CA LEU F 1113 -3.00 66.37 -19.22
C LEU F 1113 -4.10 65.96 -20.20
N THR F 1114 -3.98 64.82 -20.84
CA THR F 1114 -4.93 64.44 -21.87
C THR F 1114 -5.86 63.36 -21.37
N ASP F 1115 -6.90 63.13 -22.15
CA ASP F 1115 -7.89 62.09 -21.87
C ASP F 1115 -7.53 60.86 -22.67
N MET F 1116 -7.57 59.70 -22.02
CA MET F 1116 -7.45 58.44 -22.74
C MET F 1116 -8.81 57.93 -23.18
N GLY F 1117 -9.57 58.79 -23.85
CA GLY F 1117 -10.95 58.52 -24.19
C GLY F 1117 -11.09 57.76 -25.50
N ASN F 1118 -12.33 57.77 -26.01
CA ASN F 1118 -12.69 57.08 -27.24
C ASN F 1118 -13.32 58.09 -28.18
N THR F 1119 -12.49 58.79 -28.93
CA THR F 1119 -12.98 59.75 -29.92
C THR F 1119 -12.36 59.35 -31.25
N ALA F 1120 -13.17 58.68 -32.09
CA ALA F 1120 -12.66 58.21 -33.37
C ALA F 1120 -12.35 59.38 -34.29
N GLN F 1121 -11.32 59.22 -35.10
CA GLN F 1121 -10.95 60.23 -36.06
C GLN F 1121 -11.95 60.21 -37.22
N ASN F 1122 -12.49 61.36 -37.56
CA ASN F 1122 -13.41 61.48 -38.68
C ASN F 1122 -12.64 61.91 -39.91
N LEU F 1123 -12.61 61.06 -40.93
CA LEU F 1123 -11.83 61.32 -42.12
C LEU F 1123 -12.53 62.24 -43.11
N PHE F 1124 -13.74 62.70 -42.79
CA PHE F 1124 -14.47 63.57 -43.69
C PHE F 1124 -14.00 65.01 -43.63
N PHE F 1125 -13.02 65.30 -42.79
CA PHE F 1125 -12.48 66.65 -42.74
C PHE F 1125 -11.58 66.96 -43.91
N SER F 1126 -11.19 65.96 -44.69
CA SER F 1126 -10.24 66.13 -45.76
C SER F 1126 -10.95 66.20 -47.11
N ARG F 1127 -10.34 66.94 -48.02
CA ARG F 1127 -10.85 67.07 -49.39
C ARG F 1127 -9.70 66.82 -50.35
N GLY F 1128 -10.03 66.28 -51.52
CA GLY F 1128 -9.03 66.07 -52.54
C GLY F 1128 -9.12 64.74 -53.24
N GLY F 1129 -9.58 63.71 -52.53
CA GLY F 1129 -9.72 62.41 -53.13
C GLY F 1129 -10.79 62.38 -54.21
N VAL F 1130 -10.79 61.31 -54.99
CA VAL F 1130 -11.78 61.14 -56.05
C VAL F 1130 -13.15 60.93 -55.39
N PRO F 1131 -14.13 61.77 -55.66
CA PRO F 1131 -15.44 61.60 -55.03
C PRO F 1131 -16.23 60.50 -55.71
N MET F 1132 -17.28 60.07 -55.03
CA MET F 1132 -18.23 59.16 -55.61
C MET F 1132 -19.13 59.89 -56.62
N LEU F 1133 -19.67 59.12 -57.57
CA LEU F 1133 -20.46 59.71 -58.64
C LEU F 1133 -21.67 60.44 -58.10
N HIS F 1134 -22.42 59.81 -57.21
CA HIS F 1134 -23.70 60.34 -56.75
C HIS F 1134 -23.47 61.15 -55.48
N ASP F 1135 -23.74 62.45 -55.55
CA ASP F 1135 -23.52 63.31 -54.40
C ASP F 1135 -24.42 62.92 -53.24
N ASN F 1136 -25.64 62.46 -53.51
CA ASN F 1136 -26.51 62.05 -52.41
C ASN F 1136 -25.89 60.88 -51.65
N VAL F 1137 -25.13 60.02 -52.32
CA VAL F 1137 -24.47 58.92 -51.61
C VAL F 1137 -23.45 59.47 -50.62
N THR F 1138 -22.61 60.39 -51.06
CA THR F 1138 -21.62 60.96 -50.15
C THR F 1138 -22.28 61.71 -49.01
N GLU F 1139 -23.35 62.46 -49.31
CA GLU F 1139 -24.05 63.18 -48.25
C GLU F 1139 -24.62 62.21 -47.23
N SER F 1140 -25.26 61.14 -47.69
CA SER F 1140 -25.81 60.15 -46.77
C SER F 1140 -24.71 59.50 -45.95
N LEU F 1141 -23.58 59.20 -46.59
CA LEU F 1141 -22.49 58.54 -45.88
C LEU F 1141 -21.93 59.43 -44.79
N ARG F 1142 -21.75 60.73 -45.09
CA ARG F 1142 -21.30 61.67 -44.08
C ARG F 1142 -22.32 61.80 -42.96
N ARG F 1143 -23.61 61.83 -43.31
CA ARG F 1143 -24.63 61.97 -42.28
C ARG F 1143 -24.65 60.76 -41.35
N ILE F 1144 -24.48 59.56 -41.92
CA ILE F 1144 -24.45 58.36 -41.08
C ILE F 1144 -23.23 58.37 -40.16
N THR F 1145 -22.05 58.61 -40.73
CA THR F 1145 -20.86 58.56 -39.89
C THR F 1145 -20.87 59.68 -38.86
N ALA F 1146 -21.61 60.75 -39.13
CA ALA F 1146 -21.74 61.81 -38.14
C ALA F 1146 -22.51 61.33 -36.92
N SER F 1147 -23.60 60.59 -37.14
CA SER F 1147 -24.34 60.04 -36.02
C SER F 1147 -23.46 59.08 -35.25
N GLY F 1148 -23.67 59.01 -33.94
CA GLY F 1148 -22.85 58.15 -33.11
C GLY F 1148 -21.39 58.54 -33.06
N GLY F 1149 -21.09 59.83 -33.00
CA GLY F 1149 -19.73 60.28 -32.91
C GLY F 1149 -19.65 61.59 -32.14
N ARG F 1150 -18.43 61.93 -31.74
CA ARG F 1150 -18.20 63.17 -31.03
C ARG F 1150 -17.97 64.35 -31.95
N LEU F 1151 -16.95 64.25 -32.81
CA LEU F 1151 -16.51 65.36 -33.63
C LEU F 1151 -16.94 65.15 -35.07
N ASN F 1152 -17.44 66.20 -35.69
CA ASN F 1152 -17.98 66.15 -37.04
C ASN F 1152 -17.83 67.52 -37.67
N PRO F 1153 -17.76 67.60 -38.99
CA PRO F 1153 -17.82 68.90 -39.64
C PRO F 1153 -19.18 69.56 -39.40
N THR F 1154 -19.16 70.89 -39.40
CA THR F 1154 -20.40 71.64 -39.26
C THR F 1154 -21.34 71.32 -40.42
N GLU F 1155 -22.63 71.27 -40.12
CA GLU F 1155 -23.59 70.77 -41.11
C GLU F 1155 -23.69 71.58 -42.40
N PRO F 1156 -23.45 72.90 -42.44
CA PRO F 1156 -23.49 73.58 -43.74
C PRO F 1156 -22.45 73.11 -44.72
N LEU F 1157 -21.33 72.54 -44.25
CA LEU F 1157 -20.20 72.19 -45.09
C LEU F 1157 -19.76 73.41 -45.88
N PRO F 1158 -19.12 74.37 -45.24
CA PRO F 1158 -18.87 75.67 -45.90
C PRO F 1158 -17.82 75.53 -46.98
N ILE F 1159 -18.24 75.71 -48.23
CA ILE F 1159 -17.29 75.77 -49.33
C ILE F 1159 -16.33 76.92 -49.09
N PHE F 1160 -15.07 76.70 -49.45
CA PHE F 1160 -14.01 77.70 -49.26
C PHE F 1160 -13.83 78.00 -47.76
N GLY F 1161 -13.44 76.97 -47.01
CA GLY F 1161 -13.25 77.10 -45.58
C GLY F 1161 -12.33 76.02 -45.06
N GLY F 1162 -12.25 75.94 -43.73
CA GLY F 1162 -11.39 75.00 -43.06
C GLY F 1162 -12.05 73.79 -42.44
N LEU F 1163 -13.37 73.73 -42.41
CA LEU F 1163 -14.11 72.59 -41.86
C LEU F 1163 -13.76 72.38 -40.39
N ARG F 1164 -14.08 73.34 -39.61
CA ARG F 1164 -13.73 73.19 -38.20
C ARG F 1164 -14.87 72.52 -37.43
N PRO F 1165 -14.56 71.54 -36.60
CA PRO F 1165 -15.61 70.90 -35.80
C PRO F 1165 -16.26 71.88 -34.84
N ALA F 1166 -17.56 71.71 -34.64
CA ALA F 1166 -18.32 72.62 -33.81
C ALA F 1166 -17.85 72.52 -32.37
N THR F 1167 -17.53 73.66 -31.76
CA THR F 1167 -17.10 73.66 -30.37
C THR F 1167 -18.26 73.34 -29.45
N SER F 1168 -17.95 72.70 -28.34
CA SER F 1168 -18.94 72.23 -27.39
C SER F 1168 -18.86 73.06 -26.11
N ALA F 1169 -19.67 72.66 -25.13
CA ALA F 1169 -19.63 73.29 -23.82
C ALA F 1169 -18.46 72.72 -23.02
N GLY F 1170 -18.45 72.98 -21.72
CA GLY F 1170 -17.32 72.64 -20.87
C GLY F 1170 -16.73 71.25 -21.02
N ILE F 1171 -15.42 71.17 -20.86
CA ILE F 1171 -14.69 69.91 -20.94
C ILE F 1171 -14.60 69.33 -19.54
N ALA F 1172 -14.81 68.01 -19.43
CA ALA F 1172 -14.93 67.40 -18.10
C ALA F 1172 -13.58 66.97 -17.54
N ARG F 1173 -12.86 66.11 -18.26
CA ARG F 1173 -11.72 65.44 -17.65
C ARG F 1173 -10.46 65.55 -18.49
N GLY F 1174 -10.32 66.61 -19.27
CA GLY F 1174 -9.10 66.87 -19.98
C GLY F 1174 -9.29 66.83 -21.49
N GLN F 1175 -8.23 67.21 -22.18
CA GLN F 1175 -8.26 67.25 -23.64
C GLN F 1175 -8.45 65.84 -24.20
N ALA F 1176 -9.41 65.69 -25.10
CA ALA F 1176 -9.72 64.40 -25.68
C ALA F 1176 -8.71 64.07 -26.78
N SER F 1177 -8.25 62.84 -26.80
CA SER F 1177 -7.23 62.39 -27.74
C SER F 1177 -7.87 61.50 -28.79
N VAL F 1178 -7.59 61.79 -30.06
CA VAL F 1178 -8.20 61.03 -31.14
C VAL F 1178 -7.49 59.68 -31.30
N CYS F 1179 -8.25 58.68 -31.73
CA CYS F 1179 -7.71 57.36 -32.00
C CYS F 1179 -7.91 57.06 -33.48
N GLU F 1180 -6.81 56.81 -34.18
CA GLU F 1180 -6.84 56.49 -35.60
C GLU F 1180 -6.84 54.98 -35.77
N PHE F 1181 -7.55 54.49 -36.77
CA PHE F 1181 -7.68 53.06 -37.03
C PHE F 1181 -6.87 52.66 -38.24
N VAL F 1182 -6.27 51.47 -38.18
CA VAL F 1182 -5.55 50.89 -39.31
C VAL F 1182 -6.14 49.52 -39.57
N ALA F 1183 -6.47 49.25 -40.84
CA ALA F 1183 -7.01 47.95 -41.20
C ALA F 1183 -5.91 46.90 -41.26
N MET F 1184 -6.27 45.66 -40.98
CA MET F 1184 -5.32 44.56 -40.97
C MET F 1184 -6.09 43.24 -40.96
N PRO F 1185 -5.46 42.14 -41.38
CA PRO F 1185 -6.19 40.88 -41.51
C PRO F 1185 -6.68 40.36 -40.17
N VAL F 1186 -7.77 39.59 -40.22
CA VAL F 1186 -8.39 39.12 -38.99
C VAL F 1186 -7.47 38.18 -38.23
N SER F 1187 -6.89 37.20 -38.92
CA SER F 1187 -6.02 36.22 -38.26
C SER F 1187 -4.61 36.80 -38.18
N THR F 1188 -4.48 37.83 -37.36
CA THR F 1188 -3.19 38.44 -37.09
C THR F 1188 -2.63 37.85 -35.81
N ASP F 1189 -1.33 37.53 -35.82
CA ASP F 1189 -0.71 36.93 -34.64
C ASP F 1189 -0.90 37.84 -33.44
N LEU F 1190 -1.73 37.41 -32.49
CA LEU F 1190 -2.06 38.26 -31.36
C LEU F 1190 -0.85 38.53 -30.48
N GLN F 1191 0.10 37.59 -30.44
CA GLN F 1191 1.23 37.75 -29.53
C GLN F 1191 2.10 38.93 -29.92
N TYR F 1192 1.94 39.45 -31.13
CA TYR F 1192 2.72 40.59 -31.55
C TYR F 1192 2.37 41.83 -30.74
N PHE F 1193 1.14 41.95 -30.28
CA PHE F 1193 0.70 43.15 -29.58
C PHE F 1193 0.91 43.10 -28.08
N ARG F 1194 1.46 42.01 -27.55
CA ARG F 1194 1.69 41.95 -26.11
C ARG F 1194 2.99 42.63 -25.69
N THR F 1195 3.78 43.12 -26.64
CA THR F 1195 5.00 43.83 -26.33
C THR F 1195 5.07 45.14 -27.10
N ALA F 1196 6.20 45.83 -27.05
CA ALA F 1196 6.32 47.10 -27.73
C ALA F 1196 6.38 46.87 -29.23
N CYS F 1197 5.23 46.93 -29.88
CA CYS F 1197 5.15 46.65 -31.31
C CYS F 1197 5.18 47.94 -32.10
N ASN F 1198 4.99 47.83 -33.41
CA ASN F 1198 4.99 48.95 -34.31
C ASN F 1198 3.72 48.94 -35.15
N PRO F 1199 2.93 50.02 -35.16
CA PRO F 1199 1.64 49.98 -35.85
C PRO F 1199 1.76 49.75 -37.34
N ARG F 1200 2.90 50.08 -37.94
CA ARG F 1200 3.06 49.85 -39.37
C ARG F 1200 3.05 48.36 -39.71
N GLY F 1201 3.34 47.51 -38.73
CA GLY F 1201 3.43 46.09 -38.94
C GLY F 1201 4.83 45.59 -39.24
N ARG F 1202 5.69 46.47 -39.75
CA ARG F 1202 7.07 46.10 -40.07
C ARG F 1202 7.99 47.18 -39.51
N ALA F 1203 8.83 46.79 -38.56
CA ALA F 1203 9.67 47.75 -37.88
C ALA F 1203 10.55 48.49 -38.87
N SER F 1204 10.65 49.81 -38.71
CA SER F 1204 11.41 50.65 -39.62
C SER F 1204 12.17 51.68 -38.80
N GLY F 1205 12.71 52.68 -39.47
CA GLY F 1205 13.37 53.79 -38.81
C GLY F 1205 14.80 53.96 -39.29
N MET F 1206 15.45 54.99 -38.74
CA MET F 1206 16.83 55.33 -39.05
C MET F 1206 17.84 54.46 -38.32
N LEU F 1207 17.43 53.76 -37.27
CA LEU F 1207 18.34 53.14 -36.34
C LEU F 1207 19.12 51.97 -36.92
N TYR F 1208 18.77 51.51 -38.13
CA TYR F 1208 19.40 50.35 -38.73
C TYR F 1208 20.13 50.80 -39.99
N MET F 1209 21.46 50.73 -39.96
CA MET F 1209 22.31 51.15 -41.06
C MET F 1209 23.68 50.51 -40.83
N GLY F 1210 24.68 50.89 -41.63
CA GLY F 1210 26.03 50.43 -41.40
C GLY F 1210 26.85 50.17 -42.65
N ASP F 1211 26.19 50.10 -43.79
CA ASP F 1211 26.92 49.81 -45.02
C ASP F 1211 26.67 50.81 -46.13
N ARG F 1212 25.45 51.33 -46.25
CA ARG F 1212 25.10 52.20 -47.36
C ARG F 1212 24.20 53.32 -46.86
N ASP F 1213 23.81 54.18 -47.79
CA ASP F 1213 22.98 55.34 -47.49
C ASP F 1213 21.54 55.18 -47.94
N ALA F 1214 21.30 54.46 -49.04
CA ALA F 1214 19.95 54.22 -49.54
C ALA F 1214 19.38 52.92 -48.97
N ASP F 1215 19.45 52.83 -47.65
CA ASP F 1215 18.91 51.68 -46.93
C ASP F 1215 17.66 52.04 -46.14
N ILE F 1216 17.45 53.33 -45.85
CA ILE F 1216 16.27 53.73 -45.09
C ILE F 1216 14.98 53.46 -45.88
N GLU F 1217 15.03 53.55 -47.20
CA GLU F 1217 13.90 53.14 -48.01
C GLU F 1217 13.84 51.64 -48.23
N ALA F 1218 14.98 50.95 -48.23
CA ALA F 1218 14.97 49.51 -48.41
C ALA F 1218 14.43 48.79 -47.19
N ILE F 1219 14.73 49.26 -45.99
CA ILE F 1219 14.20 48.64 -44.78
C ILE F 1219 12.69 48.81 -44.71
N MET F 1220 12.21 50.02 -44.98
CA MET F 1220 10.83 50.36 -44.68
C MET F 1220 9.85 49.80 -45.70
N PHE F 1221 10.24 49.70 -46.97
CA PHE F 1221 9.28 49.36 -48.00
C PHE F 1221 9.63 48.14 -48.83
N ASP F 1222 10.90 47.82 -49.01
CA ASP F 1222 11.30 46.70 -49.86
C ASP F 1222 10.88 45.39 -49.20
N HIS F 1223 9.89 44.72 -49.76
CA HIS F 1223 9.36 43.50 -49.19
C HIS F 1223 9.98 42.23 -49.75
N THR F 1224 10.97 42.35 -50.64
CA THR F 1224 11.65 41.15 -51.10
C THR F 1224 12.38 40.46 -49.96
N GLN F 1225 13.00 41.22 -49.07
CA GLN F 1225 13.72 40.67 -47.94
C GLN F 1225 12.88 40.79 -46.68
N SER F 1226 13.21 39.96 -45.69
CA SER F 1226 12.37 39.81 -44.52
C SER F 1226 12.41 41.05 -43.64
N ASP F 1227 11.47 41.11 -42.71
CA ASP F 1227 11.43 42.19 -41.73
C ASP F 1227 12.69 42.19 -40.90
N VAL F 1228 13.10 43.38 -40.47
CA VAL F 1228 14.33 43.49 -39.70
C VAL F 1228 14.18 42.90 -38.31
N ALA F 1229 13.07 43.14 -37.62
CA ALA F 1229 12.96 42.79 -36.20
C ALA F 1229 12.47 41.37 -35.99
N TYR F 1230 11.26 41.05 -36.45
CA TYR F 1230 10.74 39.69 -36.37
C TYR F 1230 11.25 38.93 -37.57
N THR F 1231 12.40 38.30 -37.38
CA THR F 1231 13.22 37.88 -38.51
C THR F 1231 12.77 36.57 -39.13
N ASP F 1232 11.48 36.41 -39.43
CA ASP F 1232 11.05 35.26 -40.20
C ASP F 1232 9.88 35.57 -41.12
N ARG F 1233 9.50 36.83 -41.28
CA ARG F 1233 8.35 37.16 -42.10
C ARG F 1233 8.55 38.55 -42.68
N ALA F 1234 7.78 38.83 -43.73
CA ALA F 1234 7.90 40.12 -44.40
C ALA F 1234 7.30 41.24 -43.56
N THR F 1235 6.00 41.14 -43.27
CA THR F 1235 5.33 42.16 -42.50
C THR F 1235 4.14 41.54 -41.78
N LEU F 1236 3.70 42.19 -40.71
CA LEU F 1236 2.57 41.65 -39.97
C LEU F 1236 1.29 41.74 -40.78
N ASN F 1237 0.97 42.93 -41.30
CA ASN F 1237 -0.19 43.07 -42.15
C ASN F 1237 0.25 43.64 -43.50
N PRO F 1238 -0.09 42.99 -44.59
CA PRO F 1238 0.36 43.47 -45.89
C PRO F 1238 -0.59 44.48 -46.48
N TRP F 1239 -1.50 45.00 -45.66
CA TRP F 1239 -2.39 46.06 -46.10
C TRP F 1239 -1.90 47.45 -45.72
N ALA F 1240 -0.91 47.55 -44.85
CA ALA F 1240 -0.44 48.85 -44.40
C ALA F 1240 1.07 48.90 -44.30
N SER F 1241 1.77 48.19 -45.19
CA SER F 1241 3.23 48.19 -45.15
C SER F 1241 3.89 48.36 -46.51
N GLN F 1242 3.23 48.07 -47.62
CA GLN F 1242 3.86 48.21 -48.92
C GLN F 1242 3.97 49.68 -49.30
N LYS F 1243 4.60 49.92 -50.45
CA LYS F 1243 4.88 51.29 -50.87
C LYS F 1243 3.61 52.08 -51.11
N HIS F 1244 2.54 51.42 -51.52
CA HIS F 1244 1.30 52.13 -51.85
C HIS F 1244 0.09 51.38 -51.33
N SER F 1245 0.22 50.74 -50.18
CA SER F 1245 -0.90 50.02 -49.62
C SER F 1245 -1.93 51.00 -49.08
N TYR F 1246 -3.02 50.46 -48.55
CA TYR F 1246 -4.12 51.29 -48.06
C TYR F 1246 -3.66 52.19 -46.93
N GLY F 1247 -3.05 51.61 -45.90
CA GLY F 1247 -2.58 52.40 -44.79
C GLY F 1247 -1.60 53.48 -45.21
N ASP F 1248 -0.64 53.12 -46.07
CA ASP F 1248 0.33 54.11 -46.51
C ASP F 1248 -0.32 55.19 -47.35
N ARG F 1249 -1.23 54.81 -48.24
CA ARG F 1249 -1.93 55.82 -49.02
C ARG F 1249 -2.76 56.74 -48.15
N LEU F 1250 -3.14 56.29 -46.96
CA LEU F 1250 -4.08 57.07 -46.16
C LEU F 1250 -3.41 57.91 -45.08
N TYR F 1251 -2.25 57.50 -44.57
CA TYR F 1251 -1.65 58.19 -43.43
C TYR F 1251 -0.26 58.72 -43.69
N ASN F 1252 0.40 58.32 -44.76
CA ASN F 1252 1.76 58.80 -45.00
C ASN F 1252 1.73 60.30 -45.28
N GLY F 1253 2.76 61.00 -44.82
CA GLY F 1253 2.80 62.44 -45.00
C GLY F 1253 3.14 62.90 -46.39
N THR F 1254 3.80 62.06 -47.19
CA THR F 1254 4.24 62.51 -48.50
C THR F 1254 3.05 62.78 -49.42
N TYR F 1255 2.08 61.88 -49.45
CA TYR F 1255 0.92 62.07 -50.31
C TYR F 1255 0.00 63.17 -49.83
N ASN F 1256 0.01 63.46 -48.53
CA ASN F 1256 -0.76 64.57 -47.97
C ASN F 1256 -2.24 64.47 -48.31
N LEU F 1257 -2.81 63.28 -48.09
CA LEU F 1257 -4.22 63.09 -48.40
C LEU F 1257 -5.11 63.80 -47.39
N THR F 1258 -4.71 63.79 -46.12
CA THR F 1258 -5.50 64.37 -45.04
C THR F 1258 -4.99 65.75 -44.65
N GLY F 1259 -4.46 66.49 -45.62
CA GLY F 1259 -3.88 67.79 -45.32
C GLY F 1259 -4.88 68.79 -44.78
N ALA F 1260 -6.04 68.90 -45.43
CA ALA F 1260 -7.02 69.90 -45.04
C ALA F 1260 -7.62 69.64 -43.66
N SER F 1261 -7.51 68.42 -43.14
CA SER F 1261 -8.11 68.12 -41.85
C SER F 1261 -7.29 68.77 -40.74
N PRO F 1262 -7.89 69.64 -39.93
CA PRO F 1262 -7.13 70.25 -38.82
C PRO F 1262 -6.82 69.27 -37.71
N ILE F 1263 -7.41 68.08 -37.70
CA ILE F 1263 -7.20 67.16 -36.60
C ILE F 1263 -5.88 66.42 -36.76
N TYR F 1264 -5.19 66.27 -35.65
CA TYR F 1264 -3.88 65.63 -35.60
C TYR F 1264 -4.03 64.13 -35.71
N SER F 1265 -3.23 63.52 -36.58
CA SER F 1265 -3.27 62.07 -36.76
C SER F 1265 -2.16 61.44 -35.95
N PRO F 1266 -2.46 60.67 -34.91
CA PRO F 1266 -1.41 60.16 -34.02
C PRO F 1266 -0.45 59.21 -34.69
N CYS F 1267 -0.84 58.59 -35.80
CA CYS F 1267 0.04 57.65 -36.49
C CYS F 1267 0.73 58.27 -37.68
N PHE F 1268 0.85 59.60 -37.73
CA PHE F 1268 1.56 60.24 -38.83
C PHE F 1268 3.07 60.08 -38.66
N LYS F 1269 3.54 59.91 -37.43
CA LYS F 1269 4.97 59.78 -37.22
C LYS F 1269 5.48 58.37 -37.44
N PHE F 1270 4.60 57.41 -37.69
CA PHE F 1270 5.02 56.03 -37.93
C PHE F 1270 5.09 55.69 -39.40
N PHE F 1271 4.41 56.43 -40.26
CA PHE F 1271 4.36 56.12 -41.68
C PHE F 1271 5.16 57.07 -42.56
N THR F 1272 5.73 58.12 -41.98
CA THR F 1272 6.44 59.12 -42.78
C THR F 1272 7.94 58.86 -42.70
N PRO F 1273 8.62 58.62 -43.83
CA PRO F 1273 10.08 58.48 -43.79
C PRO F 1273 10.72 59.80 -43.42
N ALA F 1274 11.56 59.78 -42.38
CA ALA F 1274 12.20 60.99 -41.91
C ALA F 1274 13.36 61.37 -42.82
N GLU F 1275 13.60 62.68 -42.92
CA GLU F 1275 14.69 63.20 -43.72
C GLU F 1275 16.04 62.83 -43.11
N VAL F 1276 17.06 62.69 -43.96
CA VAL F 1276 18.32 62.11 -43.56
C VAL F 1276 19.51 62.82 -44.21
N ASN F 1277 20.49 63.16 -43.38
CA ASN F 1277 21.85 63.49 -43.78
C ASN F 1277 22.79 62.46 -43.16
N THR F 1278 23.43 61.65 -44.00
CA THR F 1278 24.10 60.45 -43.52
C THR F 1278 25.53 60.69 -43.02
N ASN F 1279 25.95 61.94 -42.87
CA ASN F 1279 27.33 62.21 -42.47
C ASN F 1279 27.62 61.71 -41.06
N CYS F 1280 26.73 62.00 -40.11
CA CYS F 1280 26.98 61.61 -38.73
C CYS F 1280 26.77 60.11 -38.54
N ASN F 1281 27.41 59.57 -37.52
CA ASN F 1281 27.23 58.17 -37.18
C ASN F 1281 25.88 57.98 -36.48
N THR F 1282 25.50 56.71 -36.31
CA THR F 1282 24.16 56.40 -35.79
C THR F 1282 23.97 56.87 -34.35
N LEU F 1283 24.98 56.70 -33.50
CA LEU F 1283 24.80 57.00 -32.07
C LEU F 1283 24.62 58.49 -31.83
N ASP F 1284 25.49 59.31 -32.41
CA ASP F 1284 25.34 60.75 -32.23
C ASP F 1284 24.04 61.24 -32.83
N ARG F 1285 23.64 60.65 -33.96
CA ARG F 1285 22.33 60.96 -34.52
C ARG F 1285 21.22 60.64 -33.53
N LEU F 1286 21.27 59.47 -32.92
CA LEU F 1286 20.21 59.07 -31.99
C LEU F 1286 20.17 60.04 -30.82
N LEU F 1287 21.33 60.49 -30.36
CA LEU F 1287 21.37 61.49 -29.30
C LEU F 1287 20.77 62.82 -29.76
N MET F 1288 21.09 63.27 -30.98
CA MET F 1288 20.59 64.56 -31.44
C MET F 1288 19.09 64.52 -31.68
N GLU F 1289 18.55 63.36 -32.04
CA GLU F 1289 17.11 63.24 -32.17
C GLU F 1289 16.44 62.95 -30.84
N ALA F 1290 17.19 62.81 -29.76
CA ALA F 1290 16.61 62.50 -28.46
C ALA F 1290 16.30 63.73 -27.62
N LYS F 1291 16.67 64.92 -28.09
CA LYS F 1291 16.49 66.12 -27.28
C LYS F 1291 15.00 66.47 -27.18
N ALA F 1292 14.71 67.59 -26.52
CA ALA F 1292 13.34 68.03 -26.34
C ALA F 1292 12.80 68.61 -27.65
N VAL F 1293 12.25 67.75 -28.51
CA VAL F 1293 11.75 68.21 -29.80
C VAL F 1293 10.44 68.98 -29.60
N ALA F 1294 10.16 69.88 -30.53
CA ALA F 1294 8.91 70.64 -30.49
C ALA F 1294 7.72 69.72 -30.68
N SER F 1295 6.60 70.12 -30.08
CA SER F 1295 5.42 69.27 -30.09
C SER F 1295 4.79 69.24 -31.47
N GLN F 1296 3.90 68.26 -31.67
CA GLN F 1296 3.16 68.12 -32.92
C GLN F 1296 1.67 68.02 -32.64
N SER F 1297 1.18 68.77 -31.66
CA SER F 1297 -0.22 68.71 -31.29
C SER F 1297 -0.63 70.08 -30.75
N SER F 1298 -1.77 70.12 -30.07
CA SER F 1298 -2.26 71.35 -29.47
C SER F 1298 -2.55 71.11 -27.99
N THR F 1299 -2.45 72.16 -27.21
CA THR F 1299 -2.61 72.06 -25.77
C THR F 1299 -3.81 72.78 -25.23
N ASP F 1300 -4.22 73.89 -25.84
CA ASP F 1300 -5.35 74.66 -25.32
C ASP F 1300 -6.70 74.24 -25.88
N THR F 1301 -6.74 73.66 -27.07
CA THR F 1301 -8.00 73.29 -27.69
C THR F 1301 -8.57 72.06 -27.00
N GLU F 1302 -9.73 71.60 -27.47
CA GLU F 1302 -10.44 70.49 -26.83
C GLU F 1302 -10.47 69.24 -27.69
N TYR F 1303 -9.68 69.18 -28.77
CA TYR F 1303 -9.74 68.01 -29.64
C TYR F 1303 -8.38 67.56 -30.15
N GLN F 1304 -7.28 68.10 -29.63
CA GLN F 1304 -5.94 67.72 -30.07
C GLN F 1304 -5.77 67.96 -31.57
N PHE F 1305 -5.91 69.23 -31.93
CA PHE F 1305 -5.75 69.67 -33.31
C PHE F 1305 -4.28 69.59 -33.73
N LYS F 1306 -4.04 69.85 -35.01
CA LYS F 1306 -2.67 69.95 -35.50
C LYS F 1306 -1.96 71.12 -34.82
N ARG F 1307 -0.64 71.07 -34.82
CA ARG F 1307 0.13 72.09 -34.13
C ARG F 1307 -0.07 73.44 -34.82
N PRO F 1308 -0.58 74.46 -34.13
CA PRO F 1308 -0.73 75.76 -34.76
C PRO F 1308 0.63 76.37 -35.06
N PRO F 1309 0.74 77.14 -36.14
CA PRO F 1309 2.01 77.81 -36.42
C PRO F 1309 2.33 78.84 -35.35
N GLY F 1310 3.62 79.00 -35.08
CA GLY F 1310 4.07 79.98 -34.11
C GLY F 1310 3.98 79.53 -32.67
N SER F 1311 3.56 78.30 -32.41
CA SER F 1311 3.48 77.76 -31.05
C SER F 1311 4.76 77.00 -30.75
N THR F 1312 5.45 77.37 -29.67
CA THR F 1312 6.73 76.77 -29.30
C THR F 1312 6.59 76.17 -27.90
N GLU F 1313 6.48 74.84 -27.84
CA GLU F 1313 6.49 74.11 -26.59
C GLU F 1313 7.35 72.86 -26.79
N MET F 1314 8.37 72.70 -25.97
CA MET F 1314 9.28 71.57 -26.10
C MET F 1314 8.75 70.41 -25.27
N THR F 1315 8.62 69.23 -25.88
CA THR F 1315 8.16 68.03 -25.20
C THR F 1315 9.12 66.90 -25.52
N GLN F 1316 9.70 66.30 -24.48
CA GLN F 1316 10.53 65.11 -24.68
C GLN F 1316 9.66 63.97 -25.19
N ASP F 1317 10.12 63.29 -26.24
CA ASP F 1317 9.29 62.35 -26.97
C ASP F 1317 9.97 60.98 -27.11
N PRO F 1318 9.81 60.11 -26.12
CA PRO F 1318 10.21 58.71 -26.31
C PRO F 1318 9.29 58.04 -27.31
N CYS F 1319 9.64 56.81 -27.66
CA CYS F 1319 8.91 55.99 -28.64
C CYS F 1319 8.55 56.80 -29.89
N GLY F 1320 9.35 57.80 -30.21
CA GLY F 1320 9.19 58.56 -31.43
C GLY F 1320 10.45 58.47 -32.25
N LEU F 1321 11.58 58.26 -31.57
CA LEU F 1321 12.83 57.91 -32.22
C LEU F 1321 13.04 56.41 -32.30
N PHE F 1322 12.29 55.63 -31.51
CA PHE F 1322 12.34 54.18 -31.59
C PHE F 1322 11.27 53.60 -32.51
N GLN F 1323 10.32 54.41 -32.95
CA GLN F 1323 9.25 53.95 -33.82
C GLN F 1323 8.53 52.75 -33.22
N GLU F 1324 7.91 52.98 -32.06
CA GLU F 1324 7.23 51.91 -31.35
C GLU F 1324 6.08 52.50 -30.53
N ALA F 1325 5.16 51.62 -30.14
CA ALA F 1325 4.02 52.00 -29.32
C ALA F 1325 3.84 50.97 -28.23
N TYR F 1326 3.57 51.43 -27.03
CA TYR F 1326 3.39 50.49 -25.94
C TYR F 1326 1.92 50.12 -25.81
N PRO F 1327 1.60 48.86 -25.50
CA PRO F 1327 0.19 48.47 -25.37
C PRO F 1327 -0.30 48.64 -23.95
N PRO F 1328 -1.46 49.26 -23.76
CA PRO F 1328 -1.98 49.44 -22.40
C PRO F 1328 -2.82 48.25 -21.96
N LEU F 1329 -3.28 48.28 -20.72
CA LEU F 1329 -4.12 47.20 -20.20
C LEU F 1329 -5.45 47.24 -20.93
N CYS F 1330 -5.67 46.28 -21.84
CA CYS F 1330 -6.88 46.23 -22.63
C CYS F 1330 -7.39 44.80 -22.69
N SER F 1331 -8.69 44.66 -22.88
CA SER F 1331 -9.29 43.33 -23.02
C SER F 1331 -10.49 43.41 -23.94
N SER F 1332 -10.81 42.27 -24.53
CA SER F 1332 -11.97 42.21 -25.40
C SER F 1332 -13.25 41.88 -24.66
N ASP F 1333 -13.18 41.67 -23.35
CA ASP F 1333 -14.37 41.41 -22.57
C ASP F 1333 -14.23 42.01 -21.20
N ALA F 1334 -15.20 42.83 -20.82
CA ALA F 1334 -15.18 43.48 -19.51
C ALA F 1334 -15.24 42.49 -18.36
N ALA F 1335 -15.71 41.26 -18.60
CA ALA F 1335 -15.83 40.31 -17.51
C ALA F 1335 -14.47 39.96 -16.92
N MET F 1336 -13.48 39.68 -17.75
CA MET F 1336 -12.17 39.26 -17.25
C MET F 1336 -11.26 40.43 -16.94
N LEU F 1337 -11.68 41.65 -17.23
CA LEU F 1337 -10.84 42.80 -16.94
C LEU F 1337 -10.69 43.04 -15.45
N ARG F 1338 -11.54 42.44 -14.62
CA ARG F 1338 -11.45 42.57 -13.18
C ARG F 1338 -11.78 41.23 -12.53
N THR F 1339 -11.15 40.95 -11.40
CA THR F 1339 -11.40 39.74 -10.66
C THR F 1339 -12.24 40.03 -9.42
N ALA F 1340 -12.80 38.97 -8.84
CA ALA F 1340 -13.68 39.08 -7.69
C ALA F 1340 -12.91 38.81 -6.40
N HIS F 1341 -12.01 39.74 -6.09
CA HIS F 1341 -11.23 39.63 -4.87
C HIS F 1341 -11.03 40.96 -4.14
N ALA F 1342 -11.67 42.03 -4.58
CA ALA F 1342 -11.55 43.35 -3.96
C ALA F 1342 -10.09 43.78 -3.86
N GLY F 1343 -9.48 43.96 -5.04
CA GLY F 1343 -8.07 44.25 -5.11
C GLY F 1343 -7.54 44.33 -6.53
N GLU F 1344 -6.44 43.61 -6.79
CA GLU F 1344 -5.82 43.63 -8.09
C GLU F 1344 -6.81 43.22 -9.18
N THR F 1345 -6.50 43.62 -10.41
CA THR F 1345 -7.31 43.29 -11.56
C THR F 1345 -6.97 41.90 -12.10
N GLY F 1346 -7.81 41.42 -13.01
CA GLY F 1346 -7.58 40.11 -13.59
C GLY F 1346 -6.34 40.08 -14.46
N ALA F 1347 -5.79 38.87 -14.62
CA ALA F 1347 -4.60 38.71 -15.44
C ALA F 1347 -4.61 37.45 -16.29
N ASP F 1348 -5.77 36.82 -16.48
CA ASP F 1348 -5.84 35.66 -17.35
C ASP F 1348 -5.63 36.08 -18.80
N GLU F 1349 -4.87 35.28 -19.54
CA GLU F 1349 -4.44 35.70 -20.86
C GLU F 1349 -5.55 35.56 -21.90
N VAL F 1350 -6.03 34.35 -22.13
CA VAL F 1350 -7.09 34.09 -23.09
C VAL F 1350 -8.08 33.13 -22.45
N HIS F 1351 -9.37 33.47 -22.52
CA HIS F 1351 -10.34 32.57 -21.88
C HIS F 1351 -10.96 31.59 -22.86
N LEU F 1352 -11.73 32.06 -23.83
CA LEU F 1352 -12.21 31.10 -24.83
C LEU F 1352 -11.83 31.55 -26.23
N ALA F 1353 -12.26 32.76 -26.59
CA ALA F 1353 -11.82 33.44 -27.79
C ALA F 1353 -11.54 34.91 -27.54
N GLN F 1354 -11.89 35.43 -26.36
CA GLN F 1354 -11.52 36.77 -25.97
C GLN F 1354 -10.06 36.77 -25.53
N TYR F 1355 -9.55 37.93 -25.14
CA TYR F 1355 -8.12 38.04 -24.87
C TYR F 1355 -7.87 39.25 -23.99
N LEU F 1356 -6.83 39.14 -23.17
CA LEU F 1356 -6.45 40.20 -22.23
C LEU F 1356 -4.98 40.50 -22.44
N ILE F 1357 -4.68 41.73 -22.84
CA ILE F 1357 -3.32 42.16 -23.11
C ILE F 1357 -2.82 42.89 -21.87
N ARG F 1358 -1.95 42.25 -21.09
CA ARG F 1358 -1.37 42.91 -19.95
C ARG F 1358 -0.52 44.08 -20.40
N ASP F 1359 -0.58 45.16 -19.62
CA ASP F 1359 0.11 46.38 -20.01
C ASP F 1359 1.62 46.20 -20.00
N ALA F 1360 2.29 46.92 -20.89
CA ALA F 1360 3.74 46.97 -20.94
C ALA F 1360 4.26 48.40 -21.04
N SER F 1361 3.38 49.38 -20.92
CA SER F 1361 3.78 50.77 -21.02
C SER F 1361 4.60 51.17 -19.80
N PRO F 1362 5.37 52.26 -19.91
CA PRO F 1362 6.12 52.74 -18.74
C PRO F 1362 5.24 53.09 -17.55
N LEU F 1363 3.93 53.25 -17.77
CA LEU F 1363 3.01 53.61 -16.70
C LEU F 1363 2.45 52.34 -16.07
N ARG F 1364 3.34 51.59 -15.42
CA ARG F 1364 2.93 50.37 -14.75
C ARG F 1364 2.39 50.63 -13.34
N GLY F 1365 3.03 51.51 -12.58
CA GLY F 1365 2.64 51.74 -11.20
C GLY F 1365 1.86 53.01 -10.95
N CYS F 1366 1.28 53.58 -12.00
CA CYS F 1366 0.53 54.82 -11.91
C CYS F 1366 -0.87 54.60 -12.51
N LEU F 1367 -1.58 55.70 -12.72
CA LEU F 1367 -2.93 55.67 -13.30
C LEU F 1367 -3.86 54.76 -12.52
N PRO F 1368 -4.33 55.19 -11.35
CA PRO F 1368 -5.03 54.29 -10.44
C PRO F 1368 -6.27 53.67 -11.09
N LEU F 1369 -6.66 52.52 -10.55
CA LEU F 1369 -7.70 51.70 -11.18
C LEU F 1369 -8.95 51.63 -10.31
N ILE G 2 82.59 -0.92 25.61
CA ILE G 2 82.08 -0.89 27.00
C ILE G 2 83.24 -0.81 27.98
N PRO G 3 83.46 0.34 28.63
CA PRO G 3 84.41 0.36 29.75
C PRO G 3 83.86 -0.44 30.92
N ALA G 4 84.51 -1.57 31.21
CA ALA G 4 83.98 -2.51 32.19
C ALA G 4 83.94 -1.89 33.59
N GLY G 5 85.11 -1.53 34.13
CA GLY G 5 85.17 -0.93 35.44
C GLY G 5 84.63 -1.81 36.55
N ILE G 6 84.82 -3.12 36.45
CA ILE G 6 84.37 -4.08 37.44
C ILE G 6 85.36 -5.25 37.43
N ILE G 7 85.29 -6.09 38.46
CA ILE G 7 86.14 -7.28 38.48
C ILE G 7 85.77 -8.18 37.30
N PRO G 8 86.73 -8.85 36.67
CA PRO G 8 86.38 -9.72 35.53
C PRO G 8 85.60 -10.94 35.99
N THR G 9 84.35 -10.74 36.39
CA THR G 9 83.50 -11.80 36.91
C THR G 9 84.18 -12.54 38.05
N GLY G 10 84.83 -13.65 37.74
CA GLY G 10 85.48 -14.42 38.78
C GLY G 10 84.49 -15.13 39.67
N ASN G 11 83.84 -16.18 39.15
CA ASN G 11 82.81 -16.94 39.87
C ASN G 11 81.63 -16.04 40.23
N VAL G 12 80.92 -15.63 39.18
CA VAL G 12 79.70 -14.83 39.32
C VAL G 12 78.71 -15.58 40.21
N LEU G 13 78.39 -14.99 41.35
CA LEU G 13 77.36 -15.51 42.25
C LEU G 13 76.12 -14.66 42.04
N SER G 14 75.08 -15.26 41.49
CA SER G 14 73.84 -14.52 41.24
C SER G 14 73.03 -14.41 42.52
N THR G 15 72.04 -13.53 42.49
CA THR G 15 71.22 -13.21 43.65
C THR G 15 69.92 -14.01 43.64
N ILE G 16 69.61 -14.65 44.76
CA ILE G 16 68.35 -15.34 44.93
C ILE G 16 67.30 -14.34 45.40
N GLU G 17 66.15 -14.32 44.73
CA GLU G 17 65.10 -13.36 45.02
C GLU G 17 63.86 -14.10 45.53
N VAL G 18 63.56 -13.92 46.81
CA VAL G 18 62.31 -14.42 47.40
C VAL G 18 61.20 -13.46 47.04
N CYS G 19 60.12 -14.01 46.49
CA CYS G 19 59.09 -13.22 45.81
C CYS G 19 57.72 -13.70 46.26
N ILE G 24 57.03 -12.87 47.02
CA ILE G 24 55.89 -13.29 47.81
C ILE G 24 54.70 -12.43 47.45
N PHE G 27 53.63 -13.06 46.96
CA PHE G 27 52.49 -12.31 46.44
C PHE G 27 51.69 -11.74 47.61
N PHE G 28 52.30 -10.74 48.23
CA PHE G 28 51.63 -9.75 49.04
C PHE G 28 50.49 -9.19 48.19
N ARG G 58 89.22 -24.14 35.51
CA ARG G 58 90.48 -23.72 34.93
C ARG G 58 91.26 -24.97 34.52
N PHE G 59 92.28 -24.77 33.68
CA PHE G 59 93.08 -25.88 33.18
C PHE G 59 94.09 -26.39 34.19
N LEU G 60 94.93 -25.49 34.72
CA LEU G 60 96.03 -25.91 35.56
C LEU G 60 95.54 -26.60 36.83
N GLU G 61 94.48 -26.07 37.44
CA GLU G 61 93.95 -26.67 38.66
C GLU G 61 93.46 -28.10 38.43
N LEU G 62 93.08 -28.44 37.20
CA LEU G 62 92.68 -29.79 36.89
C LEU G 62 93.89 -30.73 36.95
N GLY G 63 93.62 -31.99 37.29
CA GLY G 63 94.68 -32.99 37.34
C GLY G 63 95.26 -33.34 35.99
N LEU G 64 94.55 -33.02 34.91
CA LEU G 64 95.04 -33.28 33.56
C LEU G 64 96.20 -32.38 33.17
N SER G 65 96.36 -31.22 33.83
CA SER G 65 97.43 -30.30 33.46
C SER G 65 98.81 -30.91 33.66
N VAL G 66 98.91 -31.96 34.49
CA VAL G 66 100.20 -32.61 34.72
C VAL G 66 100.62 -33.48 33.54
N ALA G 67 99.80 -33.58 32.50
CA ALA G 67 100.19 -34.28 31.29
C ALA G 67 100.74 -33.35 30.21
N CYS G 68 100.86 -32.06 30.50
CA CYS G 68 101.31 -31.10 29.51
C CYS G 68 102.17 -30.04 30.17
N ILE G 69 102.95 -29.35 29.36
CA ILE G 69 103.77 -28.24 29.80
C ILE G 69 103.31 -27.01 29.02
N CYS G 70 102.46 -26.21 29.64
CA CYS G 70 101.90 -25.03 28.99
C CYS G 70 102.94 -23.93 28.91
N THR G 71 102.96 -23.22 27.78
CA THR G 71 103.87 -22.09 27.61
C THR G 71 103.25 -21.08 26.67
N LYS G 72 103.54 -19.80 26.92
CA LYS G 72 102.98 -18.72 26.12
C LYS G 72 103.85 -18.45 24.91
N PHE G 73 103.20 -18.03 23.83
CA PHE G 73 103.88 -17.80 22.55
C PHE G 73 103.16 -16.67 21.82
N PRO G 74 103.46 -15.42 22.18
CA PRO G 74 102.71 -14.29 21.58
C PRO G 74 102.80 -14.22 20.07
N GLU G 75 103.96 -14.50 19.50
CA GLU G 75 104.15 -14.40 18.04
C GLU G 75 103.86 -15.72 17.35
N LEU G 76 102.67 -16.27 17.57
CA LEU G 76 102.28 -17.55 17.00
C LEU G 76 101.48 -17.41 15.71
N ALA G 77 100.65 -16.37 15.59
CA ALA G 77 99.81 -16.22 14.41
C ALA G 77 100.63 -16.01 13.14
N TYR G 78 101.82 -15.44 13.24
CA TYR G 78 102.67 -15.20 12.09
C TYR G 78 103.61 -16.37 11.80
N VAL G 79 103.48 -17.47 12.53
CA VAL G 79 104.32 -18.64 12.31
C VAL G 79 103.91 -19.30 11.01
N ARG G 80 104.86 -19.46 10.10
CA ARG G 80 104.59 -20.07 8.81
C ARG G 80 104.55 -21.60 8.93
N ASP G 81 108.71 -20.62 9.98
CA ASP G 81 108.58 -21.96 10.53
C ASP G 81 109.76 -22.27 11.46
N GLY G 82 109.48 -22.87 12.60
CA GLY G 82 110.50 -23.22 13.58
C GLY G 82 110.42 -24.68 13.96
N VAL G 83 111.57 -25.23 14.37
CA VAL G 83 111.66 -26.62 14.80
C VAL G 83 112.54 -26.69 16.05
N ILE G 84 112.39 -27.78 16.79
CA ILE G 84 113.13 -28.01 18.02
C ILE G 84 113.79 -29.39 17.95
N GLN G 85 115.03 -29.46 18.43
CA GLN G 85 115.86 -30.64 18.32
C GLN G 85 116.13 -31.24 19.69
N PHE G 86 116.58 -32.49 19.69
CA PHE G 86 117.03 -33.17 20.90
C PHE G 86 118.27 -34.01 20.56
N GLU G 87 119.14 -34.20 21.55
CA GLU G 87 120.44 -34.79 21.35
C GLU G 87 120.72 -35.86 22.40
N VAL G 88 119.75 -36.75 22.61
CA VAL G 88 119.91 -37.80 23.61
C VAL G 88 121.09 -38.69 23.24
N GLN G 89 121.94 -38.95 24.24
CA GLN G 89 123.12 -39.78 24.04
C GLN G 89 122.89 -41.14 24.68
N GLN G 90 123.41 -42.19 24.04
CA GLN G 90 123.25 -43.53 24.55
C GLN G 90 124.26 -43.78 25.67
N PRO G 91 123.83 -44.16 26.86
CA PRO G 91 124.79 -44.41 27.95
C PRO G 91 125.65 -45.62 27.65
N MET G 92 126.89 -45.57 28.13
CA MET G 92 127.86 -46.63 27.99
C MET G 92 128.40 -47.07 29.35
N ILE G 93 128.48 -48.38 29.53
CA ILE G 93 129.02 -48.94 30.76
C ILE G 93 130.54 -48.84 30.72
N ALA G 94 131.14 -48.54 31.87
CA ALA G 94 132.59 -48.36 31.97
C ALA G 94 133.25 -49.72 32.18
N ARG G 95 133.36 -50.46 31.08
CA ARG G 95 134.04 -51.76 31.08
C ARG G 95 135.55 -51.52 31.12
N ASP G 96 136.22 -52.12 32.11
CA ASP G 96 137.65 -51.88 32.29
C ASP G 96 138.49 -52.61 31.27
N GLY G 97 137.94 -53.65 30.62
CA GLY G 97 138.68 -54.46 29.70
C GLY G 97 139.25 -53.70 28.52
N PRO G 98 140.56 -53.86 28.28
CA PRO G 98 141.21 -53.16 27.17
C PRO G 98 140.83 -53.72 25.81
N HIS G 99 139.61 -53.45 25.36
CA HIS G 99 139.11 -53.91 24.07
C HIS G 99 138.55 -52.70 23.32
N PRO G 100 139.39 -52.02 22.53
CA PRO G 100 138.96 -50.74 21.93
C PRO G 100 138.02 -50.92 20.74
N VAL G 101 136.73 -51.06 21.02
CA VAL G 101 135.74 -51.19 19.96
C VAL G 101 134.59 -50.21 20.20
N ASP G 102 134.49 -49.70 21.42
CA ASP G 102 133.37 -48.85 21.81
C ASP G 102 133.47 -47.47 21.16
N GLN G 103 132.31 -46.91 20.82
CA GLN G 103 132.21 -45.57 20.25
C GLN G 103 130.85 -44.95 20.58
N PRO G 104 130.80 -43.95 21.45
CA PRO G 104 129.54 -43.30 21.77
C PRO G 104 128.82 -42.80 20.53
N VAL G 105 127.49 -42.83 20.60
CA VAL G 105 126.63 -42.37 19.52
C VAL G 105 125.65 -41.36 20.06
N HIS G 106 125.39 -40.30 19.29
CA HIS G 106 124.43 -39.26 19.64
C HIS G 106 123.33 -39.22 18.60
N ASN G 107 122.09 -39.26 19.06
CA ASN G 107 120.94 -39.21 18.18
C ASN G 107 120.41 -37.78 18.06
N TYR G 108 119.81 -37.47 16.91
CA TYR G 108 119.31 -36.12 16.62
C TYR G 108 117.91 -36.26 16.05
N MET G 109 116.91 -36.10 16.92
CA MET G 109 115.51 -36.09 16.51
C MET G 109 114.99 -34.66 16.51
N VAL G 110 114.14 -34.34 15.53
CA VAL G 110 113.54 -33.02 15.40
C VAL G 110 112.03 -33.19 15.41
N LYS G 111 111.35 -32.23 16.02
CA LYS G 111 109.91 -32.30 16.24
C LYS G 111 109.19 -31.24 15.44
N ARG G 112 108.04 -31.62 14.86
CA ARG G 112 107.18 -30.67 14.20
C ARG G 112 106.30 -29.97 15.23
N ILE G 113 105.79 -28.80 14.88
CA ILE G 113 105.09 -27.95 15.83
C ILE G 113 103.59 -28.18 15.76
N HIS G 114 103.09 -28.55 14.58
CA HIS G 114 101.66 -28.73 14.33
C HIS G 114 100.89 -27.43 14.59
N LYS G 115 99.58 -27.45 14.40
CA LYS G 115 98.77 -26.25 14.56
C LYS G 115 97.35 -26.59 15.00
N ARG G 116 96.88 -25.96 16.07
CA ARG G 116 95.51 -26.07 16.55
C ARG G 116 94.94 -24.68 16.76
N SER G 117 93.64 -24.61 17.03
CA SER G 117 93.00 -23.35 17.34
C SER G 117 91.68 -23.63 18.05
N LEU G 118 91.17 -22.60 18.73
CA LEU G 118 89.84 -22.64 19.31
C LEU G 118 89.09 -21.41 18.87
N SER G 119 87.85 -21.59 18.43
CA SER G 119 86.99 -20.49 18.01
C SER G 119 85.62 -20.65 18.65
N ALA G 120 84.99 -19.51 18.91
CA ALA G 120 83.61 -19.51 19.40
C ALA G 120 82.91 -18.25 18.95
N ALA G 121 81.59 -18.32 18.94
CA ALA G 121 80.75 -17.19 18.61
C ALA G 121 80.27 -16.51 19.89
N PHE G 122 80.08 -15.21 19.80
CA PHE G 122 79.62 -14.44 20.94
C PHE G 122 78.69 -13.35 20.44
N ALA G 123 77.39 -13.63 20.49
CA ALA G 123 76.38 -12.74 19.94
C ALA G 123 76.19 -11.52 20.83
N ILE G 124 76.22 -10.36 20.22
CA ILE G 124 75.81 -9.11 20.85
C ILE G 124 74.39 -8.79 20.39
N ALA G 125 73.49 -8.61 21.36
CA ALA G 125 72.19 -8.08 21.02
C ALA G 125 72.33 -6.61 20.62
N SER G 126 71.43 -6.17 19.76
CA SER G 126 71.38 -4.75 19.44
C SER G 126 71.19 -3.92 20.70
N GLU G 127 70.53 -4.51 21.71
CA GLU G 127 70.25 -3.80 22.96
C GLU G 127 71.49 -3.65 23.83
N ALA G 128 72.32 -4.69 23.91
CA ALA G 128 73.50 -4.61 24.75
C ALA G 128 74.54 -3.66 24.15
N LEU G 129 74.83 -3.80 22.86
CA LEU G 129 75.67 -2.82 22.19
C LEU G 129 74.99 -1.46 22.17
N SER G 130 73.67 -1.45 22.24
CA SER G 130 72.94 -0.20 22.37
C SER G 130 73.40 0.56 23.61
N LEU G 131 73.24 -0.07 24.76
CA LEU G 131 73.66 0.55 26.00
C LEU G 131 75.16 0.83 25.99
N LEU G 132 75.93 -0.11 25.47
CA LEU G 132 77.34 0.11 25.14
C LEU G 132 77.61 1.50 24.57
N SER G 133 76.90 1.88 23.51
CA SER G 133 77.26 3.07 22.77
C SER G 133 77.32 4.32 23.65
N ASN G 134 76.40 4.45 24.61
CA ASN G 134 76.40 5.63 25.47
C ASN G 134 77.45 5.53 26.57
N THR G 135 77.73 4.31 27.04
CA THR G 135 78.66 4.16 28.17
C THR G 135 80.10 4.51 27.79
N TYR G 136 80.48 4.35 26.53
CA TYR G 136 81.80 4.79 26.10
C TYR G 136 81.97 6.29 26.25
N VAL G 137 80.88 7.05 26.24
CA VAL G 137 80.90 8.49 26.42
C VAL G 137 80.12 8.84 27.69
N ASP G 138 80.20 7.97 28.69
CA ASP G 138 79.43 8.13 29.91
C ASP G 138 79.65 9.52 30.52
N GLY G 139 78.55 10.18 30.87
CA GLY G 139 78.57 11.55 31.32
C GLY G 139 77.42 11.74 32.31
N THR G 140 77.02 13.00 32.52
CA THR G 140 75.87 13.27 33.38
C THR G 140 74.61 12.57 32.85
N GLU G 141 74.50 12.41 31.54
CA GLU G 141 73.43 11.65 30.94
C GLU G 141 73.79 10.16 30.99
N ILE G 142 73.02 9.33 30.30
CA ILE G 142 73.24 7.88 30.21
C ILE G 142 73.14 7.26 31.60
N ASP G 143 71.98 6.67 31.90
CA ASP G 143 71.66 6.19 33.25
C ASP G 143 72.72 5.23 33.79
N SER G 144 73.16 5.50 35.02
CA SER G 144 74.23 4.71 35.61
C SER G 144 73.76 3.31 36.00
N SER G 145 72.54 3.21 36.54
CA SER G 145 71.97 1.88 36.82
C SER G 145 71.86 1.08 35.54
N LEU G 146 71.49 1.75 34.45
CA LEU G 146 71.46 1.13 33.13
C LEU G 146 72.83 0.59 32.74
N ARG G 147 73.86 1.44 32.83
CA ARG G 147 75.20 1.04 32.44
C ARG G 147 75.67 -0.16 33.26
N ILE G 148 75.44 -0.12 34.57
CA ILE G 148 75.93 -1.21 35.41
C ILE G 148 75.15 -2.49 35.14
N ARG G 149 73.83 -2.39 34.88
CA ARG G 149 73.05 -3.59 34.57
C ARG G 149 73.61 -4.29 33.35
N ALA G 150 73.80 -3.56 32.25
CA ALA G 150 74.23 -4.25 31.03
C ALA G 150 75.70 -4.64 31.11
N ILE G 151 76.53 -3.85 31.79
CA ILE G 151 77.93 -4.27 31.89
C ILE G 151 78.02 -5.57 32.67
N GLN G 152 77.19 -5.72 33.71
CA GLN G 152 77.14 -6.97 34.45
C GLN G 152 76.71 -8.13 33.56
N GLN G 153 75.57 -7.96 32.86
CA GLN G 153 75.07 -9.05 32.02
C GLN G 153 76.05 -9.40 30.91
N MET G 154 76.58 -8.38 30.23
CA MET G 154 77.45 -8.57 29.09
C MET G 154 78.78 -9.18 29.50
N ALA G 155 79.38 -8.72 30.59
CA ALA G 155 80.61 -9.33 31.08
C ALA G 155 80.36 -10.75 31.54
N ARG G 156 79.18 -11.02 32.11
CA ARG G 156 78.82 -12.39 32.46
C ARG G 156 78.87 -13.29 31.24
N ASN G 157 78.17 -12.89 30.17
CA ASN G 157 78.16 -13.69 28.95
C ASN G 157 79.56 -13.82 28.36
N LEU G 158 80.32 -12.72 28.35
CA LEU G 158 81.66 -12.73 27.77
C LEU G 158 82.55 -13.71 28.52
N ARG G 159 82.47 -13.72 29.84
CA ARG G 159 83.33 -14.61 30.60
C ARG G 159 82.86 -16.05 30.52
N THR G 160 81.56 -16.29 30.33
CA THR G 160 81.10 -17.64 30.05
C THR G 160 81.72 -18.15 28.74
N VAL G 161 81.64 -17.34 27.69
CA VAL G 161 82.21 -17.75 26.42
C VAL G 161 83.72 -17.94 26.50
N SER G 162 84.40 -17.05 27.24
CA SER G 162 85.84 -17.19 27.40
C SER G 162 86.18 -18.43 28.22
N ASP G 163 85.38 -18.73 29.24
CA ASP G 163 85.57 -19.93 30.04
C ASP G 163 85.42 -21.18 29.21
N SER G 164 84.53 -21.14 28.22
CA SER G 164 84.37 -22.26 27.32
C SER G 164 85.71 -22.70 26.70
N PHE G 165 86.60 -21.75 26.41
CA PHE G 165 87.86 -22.08 25.75
C PHE G 165 88.73 -23.00 26.61
N GLU G 166 88.99 -22.62 27.86
CA GLU G 166 89.82 -23.49 28.67
C GLU G 166 89.06 -24.74 29.11
N ARG G 167 87.73 -24.67 29.15
CA ARG G 167 86.98 -25.91 29.36
C ARG G 167 87.22 -26.91 28.23
N GLY G 168 87.24 -26.44 26.99
CA GLY G 168 87.45 -27.31 25.85
C GLY G 168 88.90 -27.63 25.55
N THR G 169 89.81 -26.85 26.14
CA THR G 169 91.24 -27.10 25.91
C THR G 169 91.64 -28.47 26.46
N ALA G 170 91.22 -28.77 27.69
CA ALA G 170 91.49 -30.08 28.25
C ALA G 170 90.81 -31.18 27.44
N ASP G 171 89.62 -30.88 26.93
CA ASP G 171 88.92 -31.84 26.09
C ASP G 171 89.74 -32.19 24.85
N GLN G 172 90.27 -31.17 24.19
CA GLN G 172 91.10 -31.41 23.01
C GLN G 172 92.38 -32.16 23.37
N LEU G 173 93.00 -31.80 24.49
CA LEU G 173 94.24 -32.46 24.88
C LEU G 173 94.00 -33.94 25.18
N LEU G 174 92.95 -34.25 25.93
CA LEU G 174 92.66 -35.65 26.21
C LEU G 174 92.25 -36.38 24.94
N GLY G 175 91.55 -35.70 24.03
CA GLY G 175 91.20 -36.33 22.77
C GLY G 175 92.41 -36.73 21.97
N VAL G 176 93.38 -35.82 21.84
CA VAL G 176 94.59 -36.16 21.09
C VAL G 176 95.41 -37.21 21.84
N LEU G 177 95.37 -37.19 23.18
CA LEU G 177 96.08 -38.22 23.95
C LEU G 177 95.50 -39.60 23.66
N LEU G 178 94.18 -39.71 23.65
CA LEU G 178 93.55 -40.97 23.23
C LEU G 178 93.89 -41.32 21.80
N GLU G 179 93.92 -40.31 20.91
CA GLU G 179 94.29 -40.51 19.52
C GLU G 179 95.72 -41.02 19.36
N LYS G 180 96.60 -40.78 20.32
CA LYS G 180 98.01 -41.16 20.22
C LYS G 180 98.35 -42.25 21.23
N ALA G 181 97.42 -43.17 21.46
CA ALA G 181 97.62 -44.16 22.50
C ALA G 181 97.47 -45.59 21.98
N PRO G 182 98.53 -46.40 22.04
CA PRO G 182 98.41 -47.82 21.68
C PRO G 182 97.91 -48.65 22.86
N PRO G 183 97.40 -49.85 22.60
CA PRO G 183 96.83 -50.65 23.69
C PRO G 183 97.88 -51.30 24.56
N LEU G 184 97.46 -51.64 25.79
CA LEU G 184 98.31 -52.44 26.68
C LEU G 184 98.57 -53.82 26.09
N SER G 185 97.49 -54.53 25.72
CA SER G 185 97.60 -55.94 25.36
C SER G 185 98.43 -56.15 24.09
N LEU G 186 98.70 -55.09 23.34
CA LEU G 186 99.55 -55.19 22.15
C LEU G 186 100.95 -54.67 22.40
N LEU G 187 101.09 -53.56 23.14
CA LEU G 187 102.41 -52.99 23.40
C LEU G 187 103.21 -53.86 24.37
N SER G 188 102.58 -54.29 25.46
CA SER G 188 103.33 -55.01 26.49
C SER G 188 103.96 -56.30 26.00
N PRO G 189 103.27 -57.19 25.27
CA PRO G 189 103.96 -58.40 24.80
C PRO G 189 105.15 -58.14 23.90
N ILE G 190 105.08 -57.12 23.04
CA ILE G 190 106.21 -56.82 22.18
C ILE G 190 107.39 -56.33 23.02
N ASN G 191 107.12 -55.43 23.96
CA ASN G 191 108.17 -54.86 24.79
C ASN G 191 108.79 -55.91 25.71
N LYS G 192 108.01 -56.90 26.14
CA LYS G 192 108.48 -57.86 27.12
C LYS G 192 109.26 -59.00 26.47
N PHE G 193 108.63 -59.68 25.51
CA PHE G 193 109.15 -60.88 24.87
C PHE G 193 110.03 -60.51 23.68
N GLN G 194 111.09 -59.78 23.98
CA GLN G 194 112.10 -59.41 23.00
C GLN G 194 113.39 -59.10 23.73
N PRO G 195 114.29 -60.09 23.89
CA PRO G 195 115.54 -59.81 24.62
C PRO G 195 116.44 -58.83 23.91
N GLU G 196 116.76 -59.06 22.64
CA GLU G 196 117.63 -58.15 21.91
C GLU G 196 117.03 -57.66 20.61
N GLY G 197 116.21 -58.47 19.94
CA GLY G 197 115.65 -58.14 18.65
C GLY G 197 116.13 -59.11 17.59
N HIS G 198 115.60 -58.91 16.37
CA HIS G 198 115.89 -59.78 15.23
C HIS G 198 115.64 -61.24 15.59
N LEU G 199 114.45 -61.50 16.14
CA LEU G 199 114.08 -62.79 16.67
C LEU G 199 113.59 -63.78 15.62
N ASN G 200 113.74 -63.44 14.34
CA ASN G 200 113.41 -64.29 13.18
C ASN G 200 112.02 -64.91 13.26
N ARG G 201 111.80 -66.00 12.53
CA ARG G 201 110.45 -66.52 12.34
C ARG G 201 109.92 -67.24 13.58
N VAL G 202 110.73 -68.09 14.21
CA VAL G 202 110.20 -68.96 15.26
C VAL G 202 109.82 -68.15 16.50
N ALA G 203 110.68 -67.22 16.91
CA ALA G 203 110.32 -66.37 18.03
C ALA G 203 109.24 -65.36 17.66
N ARG G 204 109.12 -65.00 16.37
CA ARG G 204 107.97 -64.22 15.94
C ARG G 204 106.68 -65.00 16.11
N ALA G 205 106.72 -66.32 15.87
CA ALA G 205 105.56 -67.16 16.14
C ALA G 205 105.27 -67.28 17.63
N ALA G 206 106.33 -67.33 18.45
CA ALA G 206 106.13 -67.31 19.90
C ALA G 206 105.45 -66.03 20.33
N LEU G 207 105.94 -64.89 19.86
CA LEU G 207 105.33 -63.59 20.15
C LEU G 207 103.91 -63.53 19.59
N LEU G 208 103.68 -64.17 18.45
CA LEU G 208 102.37 -64.34 17.84
C LEU G 208 101.37 -64.97 18.80
N SER G 209 101.68 -66.21 19.22
CA SER G 209 100.82 -66.91 20.16
C SER G 209 100.66 -66.14 21.45
N ASP G 210 101.70 -65.41 21.84
CA ASP G 210 101.60 -64.59 23.02
C ASP G 210 100.60 -63.46 22.86
N LEU G 211 100.68 -62.75 21.74
CA LEU G 211 99.73 -61.67 21.51
C LEU G 211 98.32 -62.23 21.48
N LYS G 212 98.16 -63.42 20.88
CA LYS G 212 96.89 -64.13 20.93
C LYS G 212 96.41 -64.34 22.36
N ARG G 213 97.26 -64.93 23.21
CA ARG G 213 96.82 -65.27 24.55
C ARG G 213 96.57 -64.03 25.40
N ARG G 214 97.39 -62.99 25.24
CA ARG G 214 97.18 -61.76 25.99
C ARG G 214 95.88 -61.08 25.59
N VAL G 215 95.62 -60.99 24.28
CA VAL G 215 94.39 -60.36 23.82
C VAL G 215 93.18 -61.15 24.30
N CYS G 216 93.22 -62.48 24.19
CA CYS G 216 92.12 -63.28 24.71
C CYS G 216 92.03 -63.20 26.22
N ALA G 217 93.12 -62.80 26.89
CA ALA G 217 93.20 -62.86 28.35
C ALA G 217 92.49 -61.72 29.05
N ASP G 218 92.70 -60.47 28.62
CA ASP G 218 92.14 -59.35 29.38
C ASP G 218 91.65 -58.27 28.41
N MET G 219 90.39 -58.39 28.00
CA MET G 219 89.66 -57.36 27.28
C MET G 219 88.62 -56.65 28.13
N PHE G 220 87.93 -57.39 28.98
CA PHE G 220 86.94 -56.84 29.92
C PHE G 220 87.34 -57.21 31.35
N PHE G 221 88.63 -57.09 31.64
CA PHE G 221 89.19 -57.68 32.85
C PHE G 221 88.81 -56.92 34.13
N MET G 222 88.40 -55.66 34.03
CA MET G 222 87.74 -55.00 35.17
C MET G 222 86.45 -55.71 35.56
N THR G 223 85.56 -55.95 34.61
CA THR G 223 84.32 -56.66 34.90
C THR G 223 84.52 -58.16 34.95
N ARG G 224 85.68 -58.67 34.53
CA ARG G 224 85.93 -60.10 34.58
C ARG G 224 86.34 -60.54 35.98
N HIS G 225 87.48 -60.05 36.46
CA HIS G 225 87.95 -60.37 37.80
C HIS G 225 87.60 -59.25 38.77
N ALA G 226 86.30 -58.95 38.84
CA ALA G 226 85.82 -57.91 39.75
C ALA G 226 85.86 -58.37 41.20
N ARG G 227 85.70 -59.67 41.46
CA ARG G 227 85.71 -60.19 42.82
C ARG G 227 87.11 -60.54 43.32
N GLU G 228 88.15 -60.34 42.50
CA GLU G 228 89.52 -60.63 42.89
C GLU G 228 90.35 -59.37 42.74
N PRO G 229 90.38 -58.52 43.78
CA PRO G 229 91.08 -57.24 43.66
C PRO G 229 92.58 -57.37 43.45
N ARG G 230 93.18 -58.51 43.77
CA ARG G 230 94.62 -58.66 43.62
C ARG G 230 95.04 -58.59 42.16
N LEU G 231 94.28 -59.21 41.26
CA LEU G 231 94.60 -59.13 39.83
C LEU G 231 94.56 -57.70 39.33
N ILE G 232 93.64 -56.88 39.87
CA ILE G 232 93.58 -55.48 39.49
C ILE G 232 94.90 -54.78 39.77
N SER G 233 95.45 -54.96 40.97
CA SER G 233 96.70 -54.31 41.30
C SER G 233 97.84 -54.79 40.40
N ALA G 234 97.89 -56.09 40.11
CA ALA G 234 98.95 -56.61 39.24
C ALA G 234 98.85 -56.03 37.84
N TYR G 235 97.65 -55.98 37.27
CA TYR G 235 97.49 -55.42 35.93
C TYR G 235 97.81 -53.93 35.89
N LEU G 236 97.39 -53.17 36.92
CA LEU G 236 97.73 -51.75 36.94
C LEU G 236 99.23 -51.53 37.10
N SER G 237 99.89 -52.35 37.92
CA SER G 237 101.34 -52.24 38.04
C SER G 237 102.03 -52.55 36.72
N ASP G 238 101.55 -53.57 36.00
CA ASP G 238 102.10 -53.86 34.68
C ASP G 238 101.87 -52.72 33.71
N MET G 239 100.65 -52.16 33.73
CA MET G 239 100.34 -50.98 32.91
C MET G 239 101.33 -49.86 33.17
N VAL G 240 101.53 -49.52 34.44
CA VAL G 240 102.20 -48.27 34.76
C VAL G 240 103.71 -48.42 34.59
N SER G 241 104.24 -49.62 34.81
CA SER G 241 105.65 -49.92 34.58
C SER G 241 105.86 -50.58 33.21
N CYS G 242 105.37 -49.92 32.16
CA CYS G 242 105.56 -50.43 30.81
C CYS G 242 105.95 -49.34 29.82
N THR G 243 105.82 -48.07 30.17
CA THR G 243 106.10 -46.96 29.27
C THR G 243 107.37 -46.24 29.72
N GLN G 244 108.22 -45.89 28.76
CA GLN G 244 109.45 -45.19 29.05
C GLN G 244 109.17 -43.73 29.37
N PRO G 245 109.96 -43.11 30.24
CA PRO G 245 109.74 -41.69 30.57
C PRO G 245 110.21 -40.75 29.47
N SER G 246 110.16 -39.45 29.73
CA SER G 246 110.57 -38.43 28.79
C SER G 246 111.59 -37.50 29.45
N VAL G 247 111.94 -36.43 28.74
CA VAL G 247 112.91 -35.46 29.26
C VAL G 247 112.35 -34.81 30.52
N MET G 248 113.23 -34.59 31.51
CA MET G 248 112.83 -34.11 32.82
C MET G 248 113.01 -32.60 32.97
N VAL G 249 113.18 -31.88 31.87
CA VAL G 249 113.40 -30.43 31.94
C VAL G 249 112.14 -29.77 32.46
N SER G 250 112.27 -29.03 33.56
CA SER G 250 111.15 -28.37 34.21
C SER G 250 111.70 -27.39 35.24
N ARG G 251 110.83 -26.49 35.68
CA ARG G 251 111.14 -25.56 36.76
C ARG G 251 110.32 -25.83 38.01
N ILE G 252 108.99 -25.84 37.89
CA ILE G 252 108.10 -26.24 38.97
C ILE G 252 107.07 -27.19 38.39
N THR G 253 106.81 -28.29 39.10
CA THR G 253 105.93 -29.33 38.62
C THR G 253 104.86 -29.62 39.67
N HIS G 254 103.95 -30.53 39.32
CA HIS G 254 102.85 -30.89 40.21
C HIS G 254 103.37 -31.78 41.33
N THR G 255 103.11 -31.39 42.57
CA THR G 255 103.57 -32.10 43.75
C THR G 255 102.40 -32.26 44.72
N ASN G 256 102.55 -33.19 45.65
CA ASN G 256 101.58 -33.36 46.72
C ASN G 256 101.76 -32.28 47.77
N THR G 257 100.98 -32.36 48.85
CA THR G 257 101.13 -31.41 49.94
C THR G 257 102.46 -31.61 50.65
N ARG G 258 102.92 -32.86 50.75
CA ARG G 258 104.22 -33.12 51.36
C ARG G 258 105.34 -32.49 50.56
N GLY G 259 105.29 -32.60 49.24
CA GLY G 259 106.32 -32.03 48.39
C GLY G 259 106.79 -32.97 47.31
N ARG G 260 106.48 -34.25 47.45
CA ARG G 260 106.90 -35.24 46.47
C ARG G 260 106.20 -35.00 45.13
N GLN G 261 106.99 -34.90 44.08
CA GLN G 261 106.46 -34.64 42.75
C GLN G 261 105.81 -35.89 42.17
N VAL G 262 104.68 -35.68 41.48
CA VAL G 262 103.93 -36.78 40.89
C VAL G 262 104.58 -37.18 39.58
N ASP G 263 104.23 -38.37 39.08
CA ASP G 263 104.90 -38.91 37.90
C ASP G 263 104.00 -39.06 36.68
N GLY G 264 102.71 -38.84 36.81
CA GLY G 264 101.83 -38.93 35.64
C GLY G 264 100.39 -38.74 36.03
N VAL G 265 99.52 -38.99 35.06
CA VAL G 265 98.07 -38.84 35.22
C VAL G 265 97.38 -40.07 34.66
N LEU G 266 96.30 -40.49 35.32
CA LEU G 266 95.46 -41.58 34.87
C LEU G 266 94.04 -41.07 34.69
N VAL G 267 93.43 -41.37 33.56
CA VAL G 267 92.11 -40.85 33.21
C VAL G 267 91.16 -42.01 32.98
N THR G 268 89.95 -41.89 33.54
CA THR G 268 88.90 -42.88 33.37
C THR G 268 87.56 -42.20 33.63
N THR G 269 86.50 -42.98 33.78
CA THR G 269 85.18 -42.49 34.10
C THR G 269 84.90 -42.69 35.59
N ALA G 270 83.95 -41.91 36.11
CA ALA G 270 83.67 -41.92 37.54
C ALA G 270 83.27 -43.30 38.04
N THR G 271 82.65 -44.12 37.19
CA THR G 271 82.23 -45.45 37.62
C THR G 271 83.42 -46.29 38.06
N LEU G 272 84.34 -46.57 37.13
CA LEU G 272 85.54 -47.31 37.49
C LEU G 272 86.43 -46.52 38.44
N LYS G 273 86.34 -45.19 38.46
CA LYS G 273 87.07 -44.43 39.47
C LYS G 273 86.63 -44.84 40.87
N ARG G 274 85.31 -44.84 41.11
CA ARG G 274 84.80 -45.28 42.40
C ARG G 274 85.13 -46.75 42.66
N GLN G 275 85.02 -47.57 41.61
CA GLN G 275 85.32 -48.99 41.76
C GLN G 275 86.77 -49.20 42.22
N LEU G 276 87.70 -48.41 41.69
CA LEU G 276 89.10 -48.56 42.05
C LEU G 276 89.37 -47.95 43.43
N LEU G 277 88.72 -46.82 43.74
CA LEU G 277 89.02 -46.14 44.99
C LEU G 277 88.43 -46.86 46.21
N GLN G 278 87.30 -47.57 46.03
CA GLN G 278 86.60 -48.09 47.19
C GLN G 278 87.46 -49.11 47.96
N GLY G 279 88.05 -50.07 47.27
CA GLY G 279 88.79 -51.11 47.96
C GLY G 279 90.04 -51.61 47.27
N ILE G 280 90.39 -51.03 46.12
CA ILE G 280 91.51 -51.53 45.35
C ILE G 280 92.75 -50.69 45.62
N LEU G 281 92.64 -49.38 45.41
CA LEU G 281 93.74 -48.45 45.58
C LEU G 281 93.60 -47.70 46.90
N GLN G 282 94.71 -47.09 47.33
CA GLN G 282 94.77 -46.37 48.59
C GLN G 282 94.89 -44.87 48.33
N ILE G 283 94.27 -44.08 49.19
CA ILE G 283 94.34 -42.63 49.07
C ILE G 283 95.66 -42.14 49.65
N ASP G 284 96.41 -41.39 48.85
CA ASP G 284 97.65 -40.79 49.34
C ASP G 284 97.41 -39.42 49.95
N ASP G 285 96.57 -38.60 49.32
CA ASP G 285 96.25 -37.27 49.82
C ASP G 285 95.03 -36.78 49.04
N THR G 286 94.50 -35.62 49.46
CA THR G 286 93.34 -35.03 48.83
C THR G 286 93.66 -33.81 47.98
N ALA G 287 94.73 -33.09 48.30
CA ALA G 287 95.11 -31.88 47.58
C ALA G 287 96.54 -32.00 47.06
N ALA G 288 96.86 -31.15 46.09
CA ALA G 288 98.17 -31.17 45.45
C ALA G 288 98.60 -29.75 45.14
N ASP G 289 99.91 -29.58 44.94
CA ASP G 289 100.47 -28.29 44.58
C ASP G 289 100.73 -28.21 43.08
N VAL G 290 100.17 -27.19 42.45
CA VAL G 290 100.19 -27.06 40.99
C VAL G 290 100.72 -25.69 40.63
N PRO G 291 101.53 -25.56 39.58
CA PRO G 291 101.96 -24.23 39.13
C PRO G 291 100.78 -23.39 38.64
N VAL G 292 101.01 -22.07 38.63
CA VAL G 292 100.00 -21.11 38.21
C VAL G 292 100.33 -20.47 36.88
N THR G 293 101.39 -20.91 36.19
CA THR G 293 101.77 -20.30 34.93
C THR G 293 101.77 -21.33 33.79
N ALA G 355 100.04 -23.65 43.48
CA ALA G 355 98.66 -23.52 43.94
C ALA G 355 98.17 -24.84 44.54
N ARG G 356 97.49 -24.74 45.67
CA ARG G 356 96.93 -25.90 46.36
C ARG G 356 95.51 -26.12 45.88
N VAL G 357 95.30 -27.22 45.14
CA VAL G 357 94.01 -27.56 44.57
C VAL G 357 93.66 -28.97 45.06
N PRO G 358 92.41 -29.24 45.45
CA PRO G 358 92.04 -30.61 45.82
C PRO G 358 92.15 -31.54 44.63
N ALA G 359 92.84 -32.67 44.84
CA ALA G 359 92.99 -33.66 43.78
C ALA G 359 93.45 -34.97 44.39
N ASP G 360 92.72 -36.04 44.11
CA ASP G 360 93.12 -37.37 44.58
C ASP G 360 94.36 -37.83 43.83
N LEU G 361 95.13 -38.70 44.50
CA LEU G 361 96.35 -39.25 43.90
C LEU G 361 96.67 -40.57 44.56
N VAL G 362 97.17 -41.51 43.76
CA VAL G 362 97.40 -42.89 44.18
C VAL G 362 98.75 -43.34 43.64
N ILE G 363 99.46 -44.11 44.45
CA ILE G 363 100.72 -44.72 44.04
C ILE G 363 100.42 -46.10 43.47
N VAL G 364 101.00 -46.39 42.30
CA VAL G 364 100.88 -47.68 41.65
C VAL G 364 102.27 -48.14 41.26
N GLY G 365 102.55 -49.43 41.47
CA GLY G 365 103.89 -49.94 41.23
C GLY G 365 104.90 -49.25 42.13
N ASP G 366 105.73 -48.38 41.54
CA ASP G 366 106.68 -47.60 42.31
C ASP G 366 106.56 -46.11 42.03
N LYS G 367 105.50 -45.68 41.34
CA LYS G 367 105.35 -44.29 40.94
C LYS G 367 103.98 -43.78 41.33
N LEU G 368 103.89 -42.46 41.45
CA LEU G 368 102.69 -41.78 41.92
C LEU G 368 101.95 -41.17 40.73
N VAL G 369 100.64 -41.39 40.66
CA VAL G 369 99.85 -41.00 39.51
C VAL G 369 98.57 -40.31 39.96
N PHE G 370 98.20 -39.26 39.23
CA PHE G 370 96.88 -38.65 39.39
C PHE G 370 95.80 -39.61 38.90
N LEU G 371 94.71 -39.67 39.64
CA LEU G 371 93.54 -40.47 39.27
C LEU G 371 92.44 -39.49 38.90
N GLU G 372 92.28 -39.25 37.61
CA GLU G 372 91.30 -38.30 37.11
C GLU G 372 90.13 -39.03 36.49
N ALA G 373 88.92 -38.60 36.82
CA ALA G 373 87.68 -39.11 36.26
C ALA G 373 86.87 -37.96 35.71
N LEU G 374 87.49 -37.14 34.87
CA LEU G 374 86.92 -35.84 34.53
C LEU G 374 85.63 -36.03 33.75
N GLU G 375 84.52 -35.98 34.46
CA GLU G 375 83.20 -36.18 33.87
C GLU G 375 82.23 -35.13 34.39
N ARG G 376 82.53 -34.56 35.55
CA ARG G 376 81.60 -33.64 36.19
C ARG G 376 81.93 -32.19 35.90
N ARG G 377 83.22 -31.83 35.95
CA ARG G 377 83.60 -30.46 35.64
C ARG G 377 83.30 -30.13 34.18
N VAL G 378 83.53 -31.08 33.28
CA VAL G 378 83.20 -30.94 31.87
C VAL G 378 82.54 -32.23 31.42
N TYR G 379 81.80 -32.15 30.31
CA TYR G 379 80.91 -33.19 29.77
C TYR G 379 79.61 -33.32 30.54
N GLN G 380 79.29 -32.33 31.38
CA GLN G 380 77.98 -32.26 32.02
C GLN G 380 77.19 -31.11 31.41
N ALA G 381 75.91 -31.36 31.17
CA ALA G 381 75.00 -30.32 30.70
C ALA G 381 75.53 -29.68 29.42
N THR G 382 75.98 -30.53 28.51
CA THR G 382 76.53 -30.11 27.23
C THR G 382 76.20 -31.16 26.18
N ARG G 383 76.18 -30.74 24.92
CA ARG G 383 75.82 -31.61 23.81
C ARG G 383 77.04 -32.19 23.10
N VAL G 384 78.13 -32.41 23.83
CA VAL G 384 79.33 -33.02 23.29
C VAL G 384 79.46 -34.43 23.86
N ALA G 385 79.68 -35.40 22.99
CA ALA G 385 79.81 -36.78 23.43
C ALA G 385 81.11 -36.99 24.16
N TYR G 386 81.04 -37.69 25.28
CA TYR G 386 82.24 -38.02 26.04
C TYR G 386 83.00 -39.15 25.34
N PRO G 387 84.31 -39.01 25.13
CA PRO G 387 85.09 -40.13 24.58
C PRO G 387 85.20 -41.29 25.56
N LEU G 388 85.97 -42.31 25.20
CA LEU G 388 86.14 -43.55 25.96
C LEU G 388 84.90 -44.43 25.94
N ILE G 389 83.91 -44.11 25.12
CA ILE G 389 82.66 -44.87 25.09
C ILE G 389 82.46 -45.39 23.68
N GLY G 390 83.55 -45.73 23.00
CA GLY G 390 83.46 -46.19 21.63
C GLY G 390 82.64 -47.45 21.47
N ASN G 391 83.21 -48.58 21.95
CA ASN G 391 82.69 -49.96 21.97
C ASN G 391 83.76 -50.90 21.43
N ILE G 392 83.35 -52.07 20.96
CA ILE G 392 84.26 -53.02 20.32
C ILE G 392 83.59 -53.69 19.14
N ASP G 393 84.36 -54.53 18.44
CA ASP G 393 83.85 -55.40 17.37
C ASP G 393 84.26 -56.81 17.78
N ILE G 394 83.30 -57.60 18.25
CA ILE G 394 83.56 -58.95 18.71
C ILE G 394 82.73 -59.94 17.91
N THR G 395 83.29 -61.12 17.68
CA THR G 395 82.62 -62.20 16.97
C THR G 395 82.64 -63.44 17.85
N PHE G 396 81.51 -64.14 17.92
CA PHE G 396 81.38 -65.37 18.68
C PHE G 396 81.04 -66.51 17.74
N ILE G 397 81.53 -67.70 18.05
CA ILE G 397 81.34 -68.88 17.21
C ILE G 397 80.73 -70.00 18.05
N MET G 398 79.85 -70.78 17.42
CA MET G 398 79.16 -71.89 18.07
C MET G 398 78.97 -73.05 17.11
N PRO G 399 79.54 -74.23 17.39
CA PRO G 399 79.16 -75.42 16.63
C PRO G 399 77.69 -75.76 16.86
N MET G 400 77.06 -76.32 15.83
CA MET G 400 75.62 -76.51 15.82
C MET G 400 75.21 -77.98 15.81
N GLY G 401 75.66 -78.75 14.82
CA GLY G 401 75.17 -80.11 14.67
C GLY G 401 76.25 -81.17 14.48
N VAL G 402 77.38 -81.01 15.17
CA VAL G 402 78.47 -81.97 15.02
C VAL G 402 78.18 -83.23 15.82
N PHE G 403 78.88 -84.31 15.47
CA PHE G 403 78.71 -85.61 16.12
C PHE G 403 80.07 -86.25 16.30
N GLN G 404 80.24 -86.96 17.42
CA GLN G 404 81.49 -87.65 17.71
C GLN G 404 81.54 -88.95 16.92
N ALA G 405 82.34 -88.96 15.86
CA ALA G 405 82.44 -90.16 15.02
C ALA G 405 83.02 -91.34 15.78
N ASN G 406 84.05 -91.10 16.59
CA ASN G 406 84.70 -92.18 17.31
C ASN G 406 83.76 -92.78 18.36
N SER G 407 83.76 -94.11 18.46
CA SER G 407 82.94 -94.77 19.47
C SER G 407 83.53 -94.59 20.86
N MET G 408 84.86 -94.53 20.97
CA MET G 408 85.50 -94.33 22.27
C MET G 408 85.21 -92.95 22.85
N ASP G 409 84.91 -91.96 22.01
CA ASP G 409 84.51 -90.65 22.50
C ASP G 409 83.12 -90.66 23.12
N ARG G 410 82.33 -91.71 22.85
CA ARG G 410 80.97 -91.80 23.39
C ARG G 410 81.01 -92.58 24.70
N TYR G 411 81.60 -91.95 25.71
CA TYR G 411 81.79 -92.54 27.02
C TYR G 411 81.14 -91.66 28.08
N THR G 412 80.46 -92.30 29.03
CA THR G 412 79.82 -91.59 30.13
C THR G 412 80.67 -91.71 31.39
N ARG G 413 80.67 -90.64 32.19
CA ARG G 413 81.50 -90.62 33.39
C ARG G 413 81.02 -91.64 34.42
N HIS G 414 79.71 -91.79 34.57
CA HIS G 414 79.14 -92.74 35.52
C HIS G 414 77.99 -93.48 34.84
N ALA G 415 77.58 -94.58 35.46
CA ALA G 415 76.49 -95.37 34.89
C ALA G 415 75.16 -94.65 35.02
N GLY G 416 74.74 -94.35 36.25
CA GLY G 416 73.47 -93.70 36.49
C GLY G 416 73.53 -92.19 36.58
N ASP G 417 73.98 -91.54 35.51
CA ASP G 417 74.02 -90.07 35.50
C ASP G 417 72.64 -89.49 35.21
N PHE G 418 72.10 -89.79 34.03
CA PHE G 418 70.81 -89.27 33.58
C PHE G 418 70.01 -90.43 33.01
N SER G 419 69.24 -91.09 33.87
CA SER G 419 68.43 -92.25 33.49
C SER G 419 66.98 -91.84 33.24
N THR G 420 66.33 -92.58 32.36
CA THR G 420 64.93 -92.32 32.02
C THR G 420 64.09 -93.57 32.22
N VAL G 421 62.82 -93.51 31.82
CA VAL G 421 61.94 -94.67 31.96
C VAL G 421 61.82 -95.48 30.66
N SER G 422 62.19 -94.91 29.52
CA SER G 422 62.08 -95.61 28.25
C SER G 422 63.14 -96.71 28.15
N GLU G 423 62.81 -97.75 27.37
CA GLU G 423 63.78 -98.82 27.14
C GLU G 423 65.01 -98.31 26.42
N GLN G 424 64.83 -97.46 25.42
CA GLN G 424 65.93 -96.85 24.68
C GLN G 424 66.19 -95.47 25.23
N ASP G 425 67.45 -95.18 25.52
CA ASP G 425 67.82 -93.85 25.99
C ASP G 425 67.48 -92.83 24.93
N PRO G 426 66.74 -91.76 25.27
CA PRO G 426 66.57 -90.66 24.32
C PRO G 426 67.81 -89.77 24.31
N ARG G 427 68.97 -90.41 24.30
CA ARG G 427 70.26 -89.73 24.39
C ARG G 427 71.28 -90.26 23.39
N GLN G 428 71.10 -91.47 22.86
CA GLN G 428 72.03 -92.02 21.89
C GLN G 428 72.08 -91.18 20.62
N PHE G 429 71.07 -90.37 20.39
CA PHE G 429 70.83 -89.78 19.10
C PHE G 429 71.79 -88.62 18.85
N PRO G 430 72.09 -88.32 17.59
CA PRO G 430 72.96 -87.16 17.32
C PRO G 430 72.29 -85.88 17.78
N PRO G 431 73.06 -84.90 18.25
CA PRO G 431 72.46 -83.63 18.65
C PRO G 431 71.89 -82.88 17.47
N GLN G 432 70.81 -82.13 17.75
CA GLN G 432 70.13 -81.34 16.74
C GLN G 432 69.94 -79.88 17.13
N GLY G 433 70.33 -79.48 18.33
CA GLY G 433 70.19 -78.11 18.77
C GLY G 433 71.35 -77.71 19.66
N ILE G 434 71.43 -76.42 19.94
CA ILE G 434 72.47 -75.86 20.78
C ILE G 434 71.83 -74.96 21.84
N PHE G 435 72.31 -75.07 23.07
CA PHE G 435 71.81 -74.28 24.19
C PHE G 435 72.92 -73.37 24.69
N PHE G 436 72.57 -72.11 24.97
CA PHE G 436 73.50 -71.18 25.57
C PHE G 436 72.71 -70.18 26.41
N TYR G 437 73.39 -69.19 26.96
CA TYR G 437 72.81 -68.27 27.91
C TYR G 437 72.65 -66.88 27.29
N ASN G 438 71.55 -66.22 27.62
CA ASN G 438 71.31 -64.86 27.18
C ASN G 438 71.97 -63.87 28.13
N LYS G 439 71.88 -62.58 27.80
CA LYS G 439 72.46 -61.56 28.65
C LYS G 439 71.73 -61.44 29.97
N ASP G 440 70.46 -61.83 30.02
CA ASP G 440 69.69 -61.86 31.26
C ASP G 440 69.76 -63.21 31.96
N GLY G 441 70.53 -64.15 31.42
CA GLY G 441 70.67 -65.46 32.02
C GLY G 441 69.59 -66.44 31.65
N ILE G 442 68.61 -66.06 30.83
CA ILE G 442 67.55 -66.97 30.43
C ILE G 442 68.09 -67.94 29.38
N LEU G 443 67.51 -69.13 29.34
CA LEU G 443 67.95 -70.15 28.42
C LEU G 443 67.60 -69.75 26.99
N THR G 444 68.53 -69.96 26.07
CA THR G 444 68.33 -69.65 24.66
C THR G 444 68.67 -70.88 23.82
N GLN G 445 67.93 -71.06 22.73
CA GLN G 445 68.03 -72.26 21.91
C GLN G 445 68.10 -71.89 20.43
N LEU G 446 69.05 -72.51 19.73
CA LEU G 446 69.15 -72.44 18.28
C LEU G 446 69.02 -73.84 17.71
N THR G 447 68.05 -74.04 16.83
CA THR G 447 67.76 -75.35 16.27
C THR G 447 67.98 -75.34 14.76
N LEU G 448 67.92 -76.54 14.17
CA LEU G 448 68.12 -76.68 12.74
C LEU G 448 67.02 -76.01 11.93
N ARG G 449 65.87 -75.73 12.56
CA ARG G 449 64.83 -74.95 11.88
C ARG G 449 65.31 -73.54 11.59
N ASP G 450 66.32 -73.06 12.33
CA ASP G 450 66.90 -71.76 12.05
C ASP G 450 67.90 -71.80 10.90
N ALA G 451 68.22 -72.98 10.37
CA ALA G 451 69.23 -73.11 9.33
C ALA G 451 68.71 -72.75 7.94
N MET G 452 67.40 -72.82 7.72
CA MET G 452 66.86 -72.56 6.38
C MET G 452 67.14 -71.14 5.91
N GLY G 453 67.42 -70.21 6.81
CA GLY G 453 67.80 -68.87 6.40
C GLY G 453 69.10 -68.79 5.64
N THR G 454 69.94 -69.82 5.73
CA THR G 454 71.21 -69.87 5.02
C THR G 454 71.31 -71.06 4.08
N ILE G 455 70.94 -72.26 4.55
CA ILE G 455 71.12 -73.48 3.75
C ILE G 455 70.05 -73.65 2.69
N CYS G 456 68.87 -73.03 2.86
CA CYS G 456 67.72 -73.29 2.01
C CYS G 456 67.53 -72.26 0.91
N HIS G 457 68.61 -71.68 0.40
CA HIS G 457 68.53 -70.70 -0.66
C HIS G 457 69.00 -71.30 -1.99
N SER G 458 68.53 -70.70 -3.08
CA SER G 458 68.96 -71.14 -4.41
C SER G 458 70.43 -70.81 -4.67
N SER G 459 71.04 -69.97 -3.82
CA SER G 459 72.46 -69.67 -3.96
C SER G 459 73.35 -70.88 -3.74
N LEU G 460 72.80 -71.96 -3.17
CA LEU G 460 73.55 -73.19 -2.98
C LEU G 460 73.94 -73.85 -4.29
N LEU G 461 73.35 -73.43 -5.41
CA LEU G 461 73.59 -74.05 -6.70
C LEU G 461 74.21 -73.04 -7.67
N ASP G 462 75.22 -72.30 -7.21
CA ASP G 462 75.85 -71.26 -8.01
C ASP G 462 77.29 -71.64 -8.34
N VAL G 463 77.50 -72.89 -8.76
CA VAL G 463 78.84 -73.42 -8.97
C VAL G 463 79.41 -73.09 -10.35
N GLU G 464 78.69 -72.31 -11.16
CA GLU G 464 79.15 -72.03 -12.52
C GLU G 464 80.49 -71.30 -12.50
N ALA G 465 80.59 -70.20 -11.75
CA ALA G 465 81.84 -69.48 -11.67
C ALA G 465 82.94 -70.33 -11.03
N THR G 466 82.57 -71.19 -10.10
CA THR G 466 83.57 -72.07 -9.48
C THR G 466 84.11 -73.07 -10.49
N LEU G 467 83.24 -73.65 -11.33
CA LEU G 467 83.72 -74.53 -12.39
C LEU G 467 84.60 -73.78 -13.38
N VAL G 468 84.22 -72.54 -13.71
CA VAL G 468 85.04 -71.75 -14.63
C VAL G 468 86.42 -71.49 -14.03
N ALA G 469 86.47 -71.14 -12.75
CA ALA G 469 87.75 -70.87 -12.10
C ALA G 469 88.60 -72.13 -11.98
N LEU G 470 87.97 -73.25 -11.63
CA LEU G 470 88.71 -74.49 -11.41
C LEU G 470 89.15 -75.14 -12.73
N ARG G 471 88.47 -74.83 -13.83
CA ARG G 471 88.94 -75.27 -15.15
C ARG G 471 90.23 -74.59 -15.55
N GLN G 472 90.63 -73.53 -14.84
CA GLN G 472 91.86 -72.79 -15.15
C GLN G 472 93.07 -73.34 -14.40
N GLN G 473 93.05 -74.60 -14.02
CA GLN G 473 94.16 -75.22 -13.31
C GLN G 473 94.78 -76.32 -14.16
N HIS G 474 95.83 -76.94 -13.63
CA HIS G 474 96.54 -77.99 -14.34
C HIS G 474 95.78 -79.30 -14.21
N LEU G 475 95.26 -79.79 -15.34
CA LEU G 475 94.48 -81.01 -15.39
C LEU G 475 95.32 -82.14 -15.97
N ASP G 476 95.40 -83.24 -15.25
CA ASP G 476 96.14 -84.42 -15.69
C ASP G 476 95.18 -85.47 -16.22
N ARG G 477 95.65 -86.24 -17.19
CA ARG G 477 94.85 -87.30 -17.81
C ARG G 477 94.66 -88.43 -16.81
N GLN G 478 93.46 -88.56 -16.27
CA GLN G 478 93.12 -89.61 -15.33
C GLN G 478 92.13 -90.59 -15.98
N CYS G 479 91.77 -91.61 -15.22
CA CYS G 479 90.95 -92.69 -15.76
C CYS G 479 89.54 -92.19 -16.07
N TYR G 480 88.98 -92.72 -17.16
CA TYR G 480 87.67 -92.30 -17.66
C TYR G 480 86.58 -93.31 -17.34
N PHE G 481 86.82 -94.21 -16.39
CA PHE G 481 85.86 -95.30 -16.15
C PHE G 481 84.59 -94.79 -15.46
N GLY G 482 84.74 -93.95 -14.44
CA GLY G 482 83.62 -93.57 -13.61
C GLY G 482 82.92 -92.28 -13.97
N VAL G 483 83.31 -91.61 -15.04
CA VAL G 483 82.71 -90.32 -15.41
C VAL G 483 82.21 -90.37 -16.85
N TYR G 484 82.25 -91.55 -17.45
CA TYR G 484 81.90 -91.72 -18.85
C TYR G 484 80.69 -92.63 -18.99
N VAL G 485 79.78 -92.25 -19.89
CA VAL G 485 78.59 -93.04 -20.20
C VAL G 485 78.57 -93.31 -21.70
N ALA G 486 78.35 -94.56 -22.06
CA ALA G 486 78.26 -94.98 -23.45
C ALA G 486 76.80 -95.24 -23.81
N GLU G 487 76.57 -95.73 -25.02
CA GLU G 487 75.24 -96.10 -25.49
C GLU G 487 75.19 -97.60 -25.76
N GLY G 488 73.96 -98.11 -25.86
CA GLY G 488 73.79 -99.49 -26.25
C GLY G 488 74.27 -99.71 -27.67
N THR G 489 74.84 -100.90 -27.92
CA THR G 489 75.46 -101.23 -29.19
C THR G 489 74.63 -102.22 -30.01
N GLU G 490 73.33 -102.34 -29.71
CA GLU G 490 72.42 -103.22 -30.45
C GLU G 490 72.93 -104.66 -30.46
N ASP G 491 73.10 -105.21 -29.26
CA ASP G 491 73.65 -106.56 -29.12
C ASP G 491 72.83 -107.37 -28.13
N THR G 492 73.30 -108.57 -27.78
CA THR G 492 72.60 -109.47 -26.88
C THR G 492 73.15 -109.45 -25.47
N LEU G 493 73.82 -108.36 -25.08
CA LEU G 493 74.40 -108.14 -23.75
C LEU G 493 75.48 -109.15 -23.40
N ASP G 494 75.85 -110.05 -24.31
CA ASP G 494 76.92 -111.01 -24.06
C ASP G 494 78.24 -110.55 -24.68
N VAL G 495 78.23 -110.27 -25.99
CA VAL G 495 79.41 -109.68 -26.62
C VAL G 495 79.69 -108.31 -26.04
N GLN G 496 78.65 -107.63 -25.54
CA GLN G 496 78.85 -106.36 -24.86
C GLN G 496 79.69 -106.54 -23.61
N MET G 497 79.35 -107.52 -22.77
CA MET G 497 80.17 -107.81 -21.61
C MET G 497 81.55 -108.29 -22.01
N GLY G 498 81.65 -108.99 -23.14
CA GLY G 498 82.93 -109.40 -23.68
C GLY G 498 83.87 -108.23 -23.95
N ARG G 499 83.51 -107.33 -24.86
CA ARG G 499 84.43 -106.23 -25.12
C ARG G 499 84.51 -105.27 -23.94
N PHE G 500 83.50 -105.26 -23.05
CA PHE G 500 83.62 -104.46 -21.84
C PHE G 500 84.74 -104.96 -20.95
N MET G 501 84.80 -106.28 -20.71
CA MET G 501 85.89 -106.79 -19.88
C MET G 501 87.22 -106.63 -20.61
N GLU G 502 87.22 -106.78 -21.93
CA GLU G 502 88.47 -106.64 -22.68
C GLU G 502 89.03 -105.22 -22.56
N THR G 503 88.17 -104.21 -22.65
CA THR G 503 88.67 -102.84 -22.49
C THR G 503 88.94 -102.51 -21.04
N TRP G 504 88.20 -103.10 -20.11
CA TRP G 504 88.33 -102.78 -18.70
C TRP G 504 89.55 -103.43 -18.06
N ALA G 505 90.09 -104.49 -18.67
CA ALA G 505 91.25 -105.16 -18.07
C ALA G 505 92.47 -104.25 -17.99
N ASP G 506 92.53 -103.19 -18.81
CA ASP G 506 93.73 -102.35 -18.85
C ASP G 506 93.44 -100.86 -18.95
N MET G 507 92.18 -100.42 -18.90
CA MET G 507 91.90 -99.01 -19.14
C MET G 507 92.09 -98.16 -17.89
N MET G 508 92.32 -98.76 -16.73
CA MET G 508 92.78 -98.02 -15.57
C MET G 508 94.30 -97.92 -15.61
N PRO G 509 94.88 -96.73 -15.77
CA PRO G 509 96.32 -96.59 -15.60
C PRO G 509 96.75 -96.47 -14.15
N HIS G 510 95.81 -96.41 -13.22
CA HIS G 510 96.08 -96.32 -11.79
C HIS G 510 94.80 -96.64 -11.04
N HIS G 511 94.82 -96.47 -9.72
CA HIS G 511 93.65 -96.76 -8.92
C HIS G 511 92.67 -95.58 -8.96
N PRO G 512 91.39 -95.82 -9.26
CA PRO G 512 90.43 -94.72 -9.31
C PRO G 512 90.32 -93.99 -7.98
N HIS G 513 90.12 -92.67 -8.07
CA HIS G 513 90.09 -91.82 -6.87
C HIS G 513 88.83 -92.01 -6.04
N TRP G 514 87.73 -92.47 -6.65
CA TRP G 514 86.43 -92.54 -5.99
C TRP G 514 86.18 -93.90 -5.34
N VAL G 515 87.23 -94.65 -5.03
CA VAL G 515 87.10 -95.99 -4.47
C VAL G 515 87.56 -96.04 -3.02
N ASN G 516 88.60 -95.27 -2.68
CA ASN G 516 89.22 -95.33 -1.35
C ASN G 516 88.30 -94.70 -0.31
N GLU G 517 87.20 -95.38 -0.02
CA GLU G 517 86.30 -94.99 1.06
C GLU G 517 86.73 -95.57 2.39
N HIS G 518 87.82 -96.35 2.43
CA HIS G 518 88.42 -96.79 3.67
C HIS G 518 89.07 -95.65 4.43
N LEU G 519 89.28 -94.52 3.77
CA LEU G 519 90.12 -93.45 4.30
C LEU G 519 89.41 -92.79 5.48
N THR G 520 90.16 -92.52 6.54
CA THR G 520 89.56 -91.99 7.77
C THR G 520 89.54 -90.46 7.72
N ILE G 521 89.10 -89.84 8.82
CA ILE G 521 88.91 -88.39 8.83
C ILE G 521 90.24 -87.67 8.70
N LEU G 522 91.20 -87.99 9.58
CA LEU G 522 92.49 -87.29 9.56
C LEU G 522 93.26 -87.60 8.29
N GLN G 523 93.21 -88.85 7.84
CA GLN G 523 93.91 -89.22 6.61
C GLN G 523 93.31 -88.53 5.40
N PHE G 524 91.98 -88.40 5.35
CA PHE G 524 91.34 -87.65 4.27
C PHE G 524 91.71 -86.18 4.32
N ILE G 525 91.67 -85.58 5.52
CA ILE G 525 91.96 -84.17 5.67
C ILE G 525 93.45 -83.88 5.50
N ALA G 526 94.30 -84.89 5.65
CA ALA G 526 95.74 -84.69 5.49
C ALA G 526 96.04 -84.14 4.10
N PRO G 527 96.95 -83.17 4.00
CA PRO G 527 97.12 -82.45 2.72
C PRO G 527 97.58 -83.34 1.56
N SER G 528 98.11 -84.53 1.84
CA SER G 528 98.55 -85.42 0.78
C SER G 528 97.41 -85.92 -0.10
N ASN G 529 96.17 -85.82 0.36
CA ASN G 529 95.04 -86.31 -0.42
C ASN G 529 94.79 -85.40 -1.61
N PRO G 530 94.84 -85.92 -2.85
CA PRO G 530 94.56 -85.05 -4.01
C PRO G 530 93.08 -84.73 -4.17
N ARG G 531 92.18 -85.46 -3.52
CA ARG G 531 90.75 -85.23 -3.67
C ARG G 531 90.23 -84.10 -2.79
N LEU G 532 91.07 -83.56 -1.90
CA LEU G 532 90.63 -82.46 -1.04
C LEU G 532 90.27 -81.22 -1.85
N ARG G 533 91.06 -80.92 -2.88
CA ARG G 533 90.80 -79.76 -3.73
C ARG G 533 89.63 -79.98 -4.67
N PHE G 534 89.07 -81.18 -4.74
CA PHE G 534 87.90 -81.46 -5.55
C PHE G 534 86.64 -81.62 -4.72
N GLU G 535 86.69 -81.29 -3.44
CA GLU G 535 85.52 -81.31 -2.55
C GLU G 535 85.17 -79.87 -2.22
N LEU G 536 84.21 -79.31 -2.94
CA LEU G 536 83.89 -77.89 -2.85
C LEU G 536 82.51 -77.65 -2.25
N ASN G 537 81.47 -78.23 -2.84
CA ASN G 537 80.09 -78.01 -2.41
C ASN G 537 79.48 -79.31 -1.88
N PRO G 538 78.70 -79.26 -0.80
CA PRO G 538 78.07 -80.48 -0.30
C PRO G 538 77.15 -81.14 -1.29
N ALA G 539 76.49 -80.37 -2.16
CA ALA G 539 75.57 -80.90 -3.14
C ALA G 539 76.25 -81.28 -4.45
N PHE G 540 77.56 -81.05 -4.57
CA PHE G 540 78.25 -81.21 -5.83
C PHE G 540 79.50 -82.08 -5.65
N ASP G 541 79.68 -82.99 -6.60
CA ASP G 541 80.87 -83.83 -6.67
C ASP G 541 81.69 -83.41 -7.87
N PHE G 542 82.93 -82.99 -7.62
CA PHE G 542 83.81 -82.47 -8.66
C PHE G 542 84.74 -83.57 -9.15
N PHE G 543 84.78 -83.78 -10.46
CA PHE G 543 85.60 -84.81 -11.06
C PHE G 543 86.18 -84.29 -12.37
N VAL G 544 87.07 -85.09 -12.96
CA VAL G 544 87.69 -84.77 -14.23
C VAL G 544 86.94 -85.52 -15.33
N ALA G 545 86.48 -84.79 -16.33
CA ALA G 545 85.64 -85.33 -17.39
C ALA G 545 86.21 -84.95 -18.74
N PRO G 546 85.93 -85.74 -19.78
CA PRO G 546 86.39 -85.39 -21.13
C PRO G 546 85.82 -84.06 -21.58
N GLY G 547 86.62 -83.31 -22.32
CA GLY G 547 86.23 -82.00 -22.80
C GLY G 547 85.50 -82.09 -24.13
N ASP G 548 84.46 -81.28 -24.27
CA ASP G 548 83.66 -81.22 -25.51
C ASP G 548 83.13 -82.60 -25.90
N VAL G 549 82.70 -83.37 -24.91
CA VAL G 549 82.13 -84.70 -25.12
C VAL G 549 80.73 -84.70 -24.54
N ASP G 550 79.75 -84.97 -25.38
CA ASP G 550 78.35 -84.98 -24.95
C ASP G 550 77.99 -86.33 -24.36
N LEU G 551 77.31 -86.32 -23.22
CA LEU G 551 76.88 -87.53 -22.53
C LEU G 551 75.52 -87.98 -23.08
N PRO G 552 75.37 -89.26 -23.47
CA PRO G 552 76.45 -90.25 -23.47
C PRO G 552 77.32 -90.16 -24.71
N GLY G 553 78.57 -90.59 -24.61
CA GLY G 553 79.47 -90.63 -25.74
C GLY G 553 79.52 -92.01 -26.36
N PRO G 554 80.28 -92.15 -27.44
CA PRO G 554 80.39 -93.46 -28.10
C PRO G 554 81.08 -94.48 -27.20
N GLN G 555 81.05 -95.73 -27.65
CA GLN G 555 81.64 -96.81 -26.86
C GLN G 555 83.14 -96.58 -26.67
N ARG G 556 83.83 -96.15 -27.73
CA ARG G 556 85.23 -95.78 -27.61
C ARG G 556 85.32 -94.34 -27.14
N PRO G 557 85.91 -94.07 -25.98
CA PRO G 557 85.98 -92.69 -25.48
C PRO G 557 86.94 -91.86 -26.32
N PRO G 558 86.46 -90.79 -26.93
CA PRO G 558 87.35 -89.93 -27.71
C PRO G 558 88.40 -89.26 -26.84
N GLU G 559 89.59 -89.09 -27.40
CA GLU G 559 90.70 -88.47 -26.67
C GLU G 559 90.63 -86.96 -26.81
N ALA G 560 90.62 -86.28 -25.67
CA ALA G 560 90.54 -84.83 -25.64
C ALA G 560 91.19 -84.34 -24.35
N MET G 561 91.46 -83.04 -24.30
CA MET G 561 92.03 -82.45 -23.11
C MET G 561 91.04 -82.59 -21.95
N PRO G 562 91.43 -83.21 -20.84
CA PRO G 562 90.46 -83.43 -19.75
C PRO G 562 90.16 -82.13 -19.01
N THR G 563 88.87 -81.86 -18.83
CA THR G 563 88.39 -80.71 -18.07
C THR G 563 87.70 -81.19 -16.80
N VAL G 564 87.16 -80.24 -16.04
CA VAL G 564 86.51 -80.52 -14.77
C VAL G 564 85.00 -80.38 -14.95
N ASN G 565 84.25 -81.32 -14.40
CA ASN G 565 82.80 -81.29 -14.44
C ASN G 565 82.25 -81.61 -13.06
N ALA G 566 81.05 -81.10 -12.79
CA ALA G 566 80.40 -81.26 -11.50
C ALA G 566 79.04 -81.91 -11.68
N THR G 567 78.63 -82.67 -10.68
CA THR G 567 77.34 -83.34 -10.68
C THR G 567 76.59 -83.03 -9.40
N LEU G 568 75.26 -83.01 -9.50
CA LEU G 568 74.43 -82.78 -8.33
C LEU G 568 74.31 -84.04 -7.49
N ARG G 569 74.37 -83.87 -6.17
CA ARG G 569 74.34 -85.00 -5.25
C ARG G 569 72.92 -85.12 -4.69
N ILE G 570 72.13 -86.02 -5.26
CA ILE G 570 70.75 -86.19 -4.84
C ILE G 570 70.68 -86.84 -3.47
N ILE G 571 71.43 -87.91 -3.24
CA ILE G 571 71.40 -88.64 -1.98
C ILE G 571 72.31 -87.95 -0.97
N ASN G 572 71.78 -87.71 0.23
CA ASN G 572 72.58 -87.12 1.28
C ASN G 572 73.68 -88.06 1.77
N GLY G 573 73.53 -89.37 1.55
CA GLY G 573 74.56 -90.33 1.90
C GLY G 573 75.65 -90.50 0.86
N ASN G 574 75.51 -89.86 -0.30
CA ASN G 574 76.54 -89.97 -1.34
C ASN G 574 77.81 -89.22 -0.98
N ILE G 575 77.80 -88.44 0.09
CA ILE G 575 79.02 -87.81 0.59
C ILE G 575 79.95 -88.90 1.08
N PRO G 576 81.28 -88.73 0.96
CA PRO G 576 82.20 -89.79 1.37
C PRO G 576 82.06 -90.14 2.84
N VAL G 577 82.22 -91.42 3.15
CA VAL G 577 82.07 -91.93 4.52
C VAL G 577 83.14 -91.41 5.48
N PRO G 578 84.35 -91.01 5.05
CA PRO G 578 85.22 -90.28 5.99
C PRO G 578 84.57 -89.01 6.50
N LEU G 579 83.69 -88.41 5.70
CA LEU G 579 83.01 -87.18 6.06
C LEU G 579 81.63 -87.44 6.64
N CYS G 580 81.06 -88.61 6.38
CA CYS G 580 79.81 -89.05 7.02
C CYS G 580 80.02 -90.49 7.49
N PRO G 581 80.49 -90.67 8.72
CA PRO G 581 80.91 -92.01 9.16
C PRO G 581 79.73 -92.96 9.32
N ILE G 582 80.08 -94.24 9.41
CA ILE G 582 79.08 -95.30 9.52
C ILE G 582 78.36 -95.24 10.85
N SER G 583 79.09 -94.91 11.93
CA SER G 583 78.48 -94.87 13.26
C SER G 583 77.39 -93.81 13.32
N PHE G 584 77.64 -92.64 12.71
CA PHE G 584 76.63 -91.59 12.67
C PHE G 584 75.37 -92.07 11.94
N ARG G 585 75.55 -92.75 10.80
CA ARG G 585 74.40 -93.24 10.06
C ARG G 585 73.63 -94.29 10.84
N ASP G 586 74.35 -95.18 11.53
CA ASP G 586 73.69 -96.21 12.33
C ASP G 586 72.91 -95.59 13.49
N CYS G 587 73.50 -94.60 14.16
CA CYS G 587 72.79 -93.91 15.23
C CYS G 587 71.56 -93.20 14.70
N ARG G 588 71.67 -92.57 13.53
CA ARG G 588 70.51 -91.91 12.93
C ARG G 588 69.43 -92.92 12.58
N GLY G 589 69.81 -94.09 12.06
CA GLY G 589 68.83 -95.12 11.76
C GLY G 589 68.14 -95.63 13.01
N THR G 590 68.92 -95.83 14.08
CA THR G 590 68.33 -96.17 15.37
C THR G 590 67.35 -95.09 15.82
N GLN G 591 67.69 -93.82 15.55
CA GLN G 591 66.79 -92.73 15.88
C GLN G 591 65.49 -92.79 15.08
N LEU G 592 65.58 -93.17 13.80
CA LEU G 592 64.38 -93.20 12.96
C LEU G 592 63.45 -94.32 13.40
N GLY G 593 63.99 -95.52 13.61
CA GLY G 593 63.19 -96.67 13.98
C GLY G 593 63.09 -96.94 15.47
N LEU G 594 62.46 -96.03 16.22
CA LEU G 594 62.28 -96.24 17.65
C LEU G 594 61.16 -97.23 17.92
N GLY G 595 59.93 -96.86 17.57
CA GLY G 595 58.78 -97.70 17.80
C GLY G 595 58.19 -98.36 16.58
N ARG G 596 58.84 -98.24 15.41
CA ARG G 596 58.29 -98.80 14.20
C ARG G 596 58.44 -100.32 14.21
N HIS G 597 57.83 -100.95 13.21
CA HIS G 597 57.81 -102.41 13.13
C HIS G 597 59.22 -102.95 12.92
N THR G 598 59.49 -104.12 13.50
CA THR G 598 60.82 -104.71 13.43
C THR G 598 60.76 -106.19 13.07
N MET G 599 61.89 -106.87 13.15
CA MET G 599 61.98 -108.30 12.86
C MET G 599 61.92 -109.11 14.13
N THR G 600 61.03 -110.10 14.16
CA THR G 600 61.12 -111.14 15.17
C THR G 600 62.35 -112.00 14.87
N PRO G 601 63.00 -112.56 15.90
CA PRO G 601 64.26 -113.29 15.66
C PRO G 601 64.12 -114.45 14.67
N ALA G 602 62.98 -115.14 14.65
CA ALA G 602 62.84 -116.31 13.79
C ALA G 602 62.92 -115.93 12.32
N THR G 603 62.16 -114.92 11.90
CA THR G 603 62.16 -114.55 10.49
C THR G 603 63.52 -114.01 10.07
N ILE G 604 64.18 -113.23 10.92
CA ILE G 604 65.46 -112.65 10.54
C ILE G 604 66.53 -113.74 10.44
N LYS G 605 66.51 -114.71 11.36
CA LYS G 605 67.51 -115.77 11.28
C LYS G 605 67.25 -116.68 10.08
N ALA G 606 65.99 -116.94 9.75
CA ALA G 606 65.69 -117.74 8.56
C ALA G 606 66.13 -117.02 7.29
N VAL G 607 65.86 -115.71 7.22
CA VAL G 607 66.24 -114.93 6.05
C VAL G 607 67.76 -114.90 5.91
N LYS G 608 68.48 -114.71 7.01
CA LYS G 608 69.93 -114.72 6.93
C LYS G 608 70.47 -116.09 6.53
N ASP G 609 69.88 -117.16 7.08
CA ASP G 609 70.34 -118.49 6.74
C ASP G 609 70.14 -118.79 5.25
N THR G 610 69.03 -118.32 4.68
CA THR G 610 68.82 -118.55 3.25
C THR G 610 69.66 -117.62 2.38
N PHE G 611 69.98 -116.41 2.87
CA PHE G 611 70.77 -115.48 2.04
C PHE G 611 72.24 -115.89 1.99
N GLU G 612 72.81 -116.30 3.12
CA GLU G 612 74.16 -116.86 3.09
C GLU G 612 74.17 -118.34 2.71
N ASP G 613 73.10 -118.84 2.12
CA ASP G 613 73.08 -120.21 1.61
C ASP G 613 73.74 -120.25 0.23
N ARG G 614 74.71 -121.14 0.08
CA ARG G 614 75.40 -121.32 -1.19
C ARG G 614 74.87 -122.51 -1.98
N ALA G 615 74.20 -123.46 -1.32
CA ALA G 615 73.61 -124.61 -1.98
C ALA G 615 72.18 -124.35 -2.43
N TYR G 616 71.82 -123.09 -2.67
CA TYR G 616 70.50 -122.73 -3.13
C TYR G 616 70.28 -123.31 -4.53
N PRO G 617 69.25 -124.13 -4.73
CA PRO G 617 69.04 -124.73 -6.06
C PRO G 617 68.71 -123.68 -7.11
N THR G 618 69.13 -123.96 -8.34
CA THR G 618 68.75 -123.11 -9.47
C THR G 618 67.29 -123.28 -9.86
N ILE G 619 66.59 -124.27 -9.29
CA ILE G 619 65.21 -124.53 -9.66
C ILE G 619 64.35 -123.28 -9.46
N PHE G 620 64.45 -122.68 -8.28
CA PHE G 620 63.76 -121.43 -8.03
C PHE G 620 64.18 -120.37 -9.04
N TYR G 621 65.45 -120.37 -9.43
CA TYR G 621 65.96 -119.35 -10.34
C TYR G 621 65.31 -119.43 -11.72
N MET G 622 65.30 -120.60 -12.36
CA MET G 622 64.76 -120.61 -13.71
C MET G 622 63.23 -120.61 -13.69
N LEU G 623 62.61 -121.10 -12.61
CA LEU G 623 61.18 -120.90 -12.49
C LEU G 623 60.83 -119.42 -12.38
N GLU G 624 61.60 -118.65 -11.62
CA GLU G 624 61.37 -117.21 -11.55
C GLU G 624 61.63 -116.55 -12.91
N ALA G 625 62.66 -117.01 -13.61
CA ALA G 625 62.94 -116.45 -14.93
C ALA G 625 61.79 -116.71 -15.91
N VAL G 626 61.23 -117.91 -15.90
CA VAL G 626 60.16 -118.25 -16.81
C VAL G 626 58.87 -117.51 -16.44
N ILE G 627 58.56 -117.45 -15.14
CA ILE G 627 57.39 -116.72 -14.69
C ILE G 627 57.52 -115.23 -15.04
N HIS G 628 58.73 -114.69 -14.87
CA HIS G 628 59.06 -113.31 -15.23
C HIS G 628 58.04 -112.31 -14.69
N GLY G 629 57.57 -112.54 -13.48
CA GLY G 629 56.68 -111.61 -12.83
C GLY G 629 55.37 -111.37 -13.56
N ASN G 630 54.71 -112.44 -14.00
CA ASN G 630 53.42 -112.35 -14.66
C ASN G 630 52.36 -112.96 -13.75
N GLU G 631 51.31 -112.18 -13.48
CA GLU G 631 50.25 -112.65 -12.58
C GLU G 631 49.51 -113.85 -13.16
N ARG G 632 49.23 -113.83 -14.46
CA ARG G 632 48.53 -114.95 -15.09
C ARG G 632 49.38 -116.22 -15.03
N ASN G 633 50.69 -116.09 -15.28
CA ASN G 633 51.58 -117.26 -15.20
C ASN G 633 51.62 -117.81 -13.77
N PHE G 634 51.72 -116.93 -12.78
CA PHE G 634 51.72 -117.38 -11.39
C PHE G 634 50.40 -118.04 -11.02
N CYS G 635 49.30 -117.56 -11.61
CA CYS G 635 47.97 -118.08 -11.28
C CYS G 635 47.73 -119.49 -11.79
N ALA G 636 48.60 -120.01 -12.67
CA ALA G 636 48.45 -121.36 -13.20
C ALA G 636 49.43 -122.35 -12.58
N LEU G 637 50.25 -121.90 -11.62
CA LEU G 637 51.28 -122.75 -11.01
C LEU G 637 51.19 -122.71 -9.49
N LEU G 638 49.98 -122.77 -8.95
CA LEU G 638 49.83 -122.73 -7.50
C LEU G 638 50.34 -124.02 -6.86
N ARG G 639 49.94 -125.17 -7.40
CA ARG G 639 50.27 -126.45 -6.78
C ARG G 639 51.76 -126.73 -6.84
N LEU G 640 52.38 -126.50 -8.01
CA LEU G 640 53.81 -126.75 -8.14
C LEU G 640 54.62 -125.84 -7.22
N LEU G 641 54.26 -124.56 -7.16
CA LEU G 641 54.97 -123.63 -6.29
C LEU G 641 54.80 -124.01 -4.82
N THR G 642 53.59 -124.39 -4.44
CA THR G 642 53.35 -124.82 -3.06
C THR G 642 54.19 -126.03 -2.71
N GLN G 643 54.21 -127.03 -3.59
CA GLN G 643 55.00 -128.24 -3.33
C GLN G 643 56.48 -127.93 -3.26
N CYS G 644 56.98 -127.08 -4.17
CA CYS G 644 58.40 -126.73 -4.16
C CYS G 644 58.76 -125.99 -2.88
N ILE G 645 57.93 -125.04 -2.46
CA ILE G 645 58.21 -124.27 -1.25
C ILE G 645 58.19 -125.18 -0.03
N ARG G 646 57.19 -126.05 0.08
CA ARG G 646 57.12 -126.96 1.21
C ARG G 646 58.33 -127.88 1.24
N GLY G 647 58.70 -128.45 0.09
CA GLY G 647 59.84 -129.36 0.03
C GLY G 647 61.14 -128.67 0.40
N TYR G 648 61.32 -127.43 -0.05
CA TYR G 648 62.54 -126.71 0.30
C TYR G 648 62.56 -126.30 1.77
N TRP G 649 61.40 -125.98 2.35
CA TRP G 649 61.38 -125.50 3.73
C TRP G 649 61.55 -126.64 4.72
N GLU G 650 60.69 -127.67 4.64
CA GLU G 650 60.82 -128.73 5.62
C GLU G 650 61.89 -129.73 5.19
N GLN G 651 63.04 -129.21 4.78
CA GLN G 651 64.27 -129.99 4.63
C GLN G 651 65.51 -129.28 5.14
N SER G 652 65.52 -127.94 5.18
CA SER G 652 66.64 -127.18 5.71
C SER G 652 66.20 -125.96 6.51
N HIS G 653 64.89 -125.75 6.69
CA HIS G 653 64.35 -124.60 7.42
C HIS G 653 64.82 -123.28 6.79
N ARG G 654 64.72 -123.20 5.47
CA ARG G 654 65.13 -122.02 4.72
C ARG G 654 63.97 -121.54 3.86
N VAL G 655 63.68 -120.24 3.93
CA VAL G 655 62.63 -119.66 3.10
C VAL G 655 63.13 -119.51 1.67
N ALA G 656 62.22 -119.66 0.71
CA ALA G 656 62.57 -119.67 -0.70
C ALA G 656 61.89 -118.51 -1.42
N PHE G 657 62.40 -118.22 -2.62
CA PHE G 657 61.82 -117.25 -3.56
C PHE G 657 61.77 -115.83 -2.98
N VAL G 658 62.67 -115.51 -2.05
CA VAL G 658 62.70 -114.17 -1.50
C VAL G 658 63.35 -113.18 -2.46
N ASN G 659 64.04 -113.69 -3.49
CA ASN G 659 64.76 -112.82 -4.42
C ASN G 659 63.79 -111.93 -5.20
N ASN G 660 62.93 -112.54 -6.01
CA ASN G 660 62.08 -111.77 -6.92
C ASN G 660 61.01 -111.03 -6.14
N PHE G 661 60.85 -109.73 -6.44
CA PHE G 661 59.83 -108.94 -5.77
C PHE G 661 58.43 -109.31 -6.23
N HIS G 662 58.25 -109.62 -7.52
CA HIS G 662 56.95 -110.08 -7.99
C HIS G 662 56.75 -111.56 -7.70
N MET G 663 57.07 -111.97 -6.48
CA MET G 663 56.86 -113.31 -5.97
C MET G 663 56.26 -113.31 -4.57
N LEU G 664 56.67 -112.37 -3.72
CA LEU G 664 56.32 -112.39 -2.30
C LEU G 664 54.92 -111.90 -2.01
N MET G 665 54.52 -110.76 -2.60
CA MET G 665 53.14 -110.33 -2.43
C MET G 665 52.17 -111.26 -3.12
N TYR G 666 52.58 -111.90 -4.22
CA TYR G 666 51.76 -112.96 -4.80
C TYR G 666 51.57 -114.11 -3.81
N ILE G 667 52.66 -114.52 -3.16
CA ILE G 667 52.57 -115.59 -2.17
C ILE G 667 51.61 -115.19 -1.05
N THR G 668 51.76 -113.98 -0.52
CA THR G 668 50.92 -113.55 0.59
C THR G 668 49.45 -113.46 0.17
N THR G 669 49.18 -112.92 -1.02
CA THR G 669 47.80 -112.72 -1.44
C THR G 669 47.10 -114.04 -1.74
N TYR G 670 47.72 -114.90 -2.54
CA TYR G 670 47.05 -116.14 -2.93
C TYR G 670 47.38 -117.28 -1.98
N LEU G 671 48.66 -117.61 -1.84
CA LEU G 671 49.10 -118.68 -0.95
C LEU G 671 49.24 -118.15 0.48
N GLY G 672 48.13 -117.64 1.00
CA GLY G 672 48.09 -117.10 2.34
C GLY G 672 46.92 -117.61 3.15
N ASN G 673 46.13 -118.50 2.56
CA ASN G 673 44.97 -119.06 3.23
C ASN G 673 45.32 -120.23 4.16
N GLY G 674 46.57 -120.71 4.11
CA GLY G 674 46.97 -121.82 4.96
C GLY G 674 47.52 -123.00 4.18
N GLU G 675 47.72 -122.81 2.87
CA GLU G 675 48.30 -123.87 2.05
C GLU G 675 49.72 -124.21 2.51
N LEU G 676 50.52 -123.20 2.78
CA LEU G 676 51.88 -123.31 3.24
C LEU G 676 51.92 -123.47 4.75
N PRO G 677 53.04 -123.93 5.31
CA PRO G 677 53.19 -123.93 6.77
C PRO G 677 53.05 -122.53 7.34
N GLU G 678 52.44 -122.46 8.52
CA GLU G 678 52.14 -121.17 9.14
C GLU G 678 53.41 -120.38 9.45
N VAL G 679 54.56 -121.04 9.55
CA VAL G 679 55.81 -120.35 9.85
C VAL G 679 56.25 -119.51 8.65
N CYS G 680 56.18 -120.06 7.44
CA CYS G 680 56.60 -119.32 6.25
C CYS G 680 55.68 -118.13 5.99
N ILE G 681 54.37 -118.33 6.14
CA ILE G 681 53.43 -117.24 5.93
C ILE G 681 53.70 -116.10 6.90
N ASN G 682 54.03 -116.44 8.15
CA ASN G 682 54.40 -115.41 9.12
C ASN G 682 55.65 -114.65 8.67
N ILE G 683 56.63 -115.36 8.11
CA ILE G 683 57.86 -114.71 7.65
C ILE G 683 57.54 -113.72 6.53
N TYR G 684 56.79 -114.17 5.53
CA TYR G 684 56.45 -113.30 4.41
C TYR G 684 55.63 -112.09 4.87
N ARG G 685 54.65 -112.32 5.75
CA ARG G 685 53.82 -111.23 6.23
C ARG G 685 54.64 -110.23 7.03
N ASP G 686 55.59 -110.70 7.85
CA ASP G 686 56.42 -109.79 8.62
C ASP G 686 57.34 -108.99 7.70
N LEU G 687 57.87 -109.62 6.65
CA LEU G 687 58.70 -108.89 5.71
C LEU G 687 57.91 -107.79 5.00
N LEU G 688 56.68 -108.12 4.59
CA LEU G 688 55.85 -107.10 3.93
C LEU G 688 55.47 -106.01 4.92
N GLN G 689 55.25 -106.37 6.19
CA GLN G 689 54.97 -105.37 7.22
C GLN G 689 56.16 -104.45 7.40
N HIS G 690 57.37 -104.99 7.34
CA HIS G 690 58.56 -104.15 7.41
C HIS G 690 58.63 -103.19 6.23
N VAL G 691 58.31 -103.68 5.03
CA VAL G 691 58.34 -102.82 3.85
C VAL G 691 57.34 -101.68 3.99
N ARG G 692 56.12 -102.01 4.42
CA ARG G 692 55.10 -100.98 4.58
C ARG G 692 55.44 -100.03 5.72
N ALA G 693 56.10 -100.54 6.78
CA ALA G 693 56.53 -99.67 7.86
C ALA G 693 57.61 -98.71 7.40
N LEU G 694 58.54 -99.17 6.56
CA LEU G 694 59.54 -98.27 5.98
C LEU G 694 58.88 -97.21 5.12
N ARG G 695 57.87 -97.60 4.33
CA ARG G 695 57.14 -96.61 3.55
C ARG G 695 56.45 -95.59 4.45
N GLN G 696 55.86 -96.05 5.56
CA GLN G 696 55.22 -95.15 6.50
C GLN G 696 56.21 -94.21 7.15
N THR G 697 57.41 -94.71 7.49
CA THR G 697 58.45 -93.86 8.02
C THR G 697 58.82 -92.78 7.02
N ILE G 698 58.92 -93.14 5.74
CA ILE G 698 59.20 -92.15 4.70
C ILE G 698 58.09 -91.09 4.66
N THR G 699 56.83 -91.53 4.67
CA THR G 699 55.72 -90.61 4.52
C THR G 699 55.59 -89.68 5.73
N ASP G 700 55.87 -90.19 6.93
CA ASP G 700 55.69 -89.38 8.13
C ASP G 700 56.67 -88.22 8.19
N PHE G 701 57.84 -88.39 7.58
CA PHE G 701 58.91 -87.40 7.67
C PHE G 701 58.84 -86.34 6.57
N THR G 702 57.81 -86.36 5.74
CA THR G 702 57.58 -85.31 4.76
C THR G 702 56.34 -84.51 5.14
N ILE G 703 56.18 -83.36 4.50
CA ILE G 703 55.05 -82.48 4.73
C ILE G 703 54.18 -82.51 3.48
N GLN G 704 52.94 -82.95 3.63
CA GLN G 704 52.06 -83.09 2.49
C GLN G 704 51.43 -81.75 2.12
N GLY G 705 50.86 -81.69 0.92
CA GLY G 705 50.12 -80.54 0.48
C GLY G 705 50.90 -79.47 -0.26
N GLU G 706 52.22 -79.62 -0.39
CA GLU G 706 53.05 -78.64 -1.08
C GLU G 706 53.74 -79.32 -2.27
N GLY G 707 53.04 -79.34 -3.40
CA GLY G 707 53.56 -79.92 -4.63
C GLY G 707 53.77 -78.84 -5.67
N HIS G 708 54.90 -78.92 -6.37
CA HIS G 708 55.27 -77.92 -7.37
C HIS G 708 55.61 -78.60 -8.69
N ASN G 709 55.21 -77.95 -9.79
CA ASN G 709 55.48 -78.44 -11.15
C ASN G 709 54.88 -79.82 -11.39
N GLY G 710 53.79 -80.13 -10.69
CA GLY G 710 53.17 -81.43 -10.84
C GLY G 710 53.85 -82.56 -10.09
N GLU G 711 54.82 -82.25 -9.24
CA GLU G 711 55.52 -83.25 -8.43
C GLU G 711 55.03 -83.16 -7.00
N THR G 712 54.48 -84.25 -6.49
CA THR G 712 53.99 -84.29 -5.12
C THR G 712 55.15 -84.28 -4.14
N SER G 713 54.88 -83.77 -2.94
CA SER G 713 55.90 -83.76 -1.88
C SER G 713 56.33 -85.16 -1.51
N GLU G 714 55.44 -86.15 -1.69
CA GLU G 714 55.77 -87.52 -1.35
C GLU G 714 56.94 -88.02 -2.18
N ALA G 715 56.99 -87.63 -3.46
CA ALA G 715 58.14 -87.94 -4.29
C ALA G 715 59.20 -86.85 -4.23
N LEU G 716 58.80 -85.61 -3.90
CA LEU G 716 59.73 -84.50 -3.89
C LEU G 716 60.72 -84.58 -2.73
N ASN G 717 60.33 -85.19 -1.61
CA ASN G 717 61.22 -85.27 -0.45
C ASN G 717 62.15 -86.48 -0.52
N ASN G 718 61.59 -87.67 -0.67
CA ASN G 718 62.35 -88.91 -0.64
C ASN G 718 62.74 -89.31 -2.07
N ILE G 719 63.56 -90.36 -2.18
CA ILE G 719 64.03 -90.84 -3.47
C ILE G 719 63.39 -92.18 -3.84
N LEU G 720 63.16 -93.05 -2.85
CA LEU G 720 62.49 -94.32 -3.13
C LEU G 720 61.03 -94.12 -3.52
N THR G 721 60.49 -92.93 -3.29
CA THR G 721 59.11 -92.62 -3.63
C THR G 721 58.99 -91.75 -4.87
N ASP G 722 60.12 -91.43 -5.52
CA ASP G 722 60.12 -90.60 -6.71
C ASP G 722 59.95 -91.47 -7.94
N ASP G 723 59.03 -91.06 -8.82
CA ASP G 723 58.69 -91.87 -9.99
C ASP G 723 59.75 -91.81 -11.09
N THR G 724 60.56 -90.76 -11.11
CA THR G 724 61.59 -90.65 -12.14
C THR G 724 62.64 -91.75 -12.01
N PHE G 725 63.05 -92.06 -10.79
CA PHE G 725 64.01 -93.14 -10.57
C PHE G 725 63.29 -94.48 -10.63
N ILE G 726 64.02 -95.52 -11.04
CA ILE G 726 63.44 -96.82 -11.32
C ILE G 726 64.20 -97.90 -10.55
N ALA G 727 63.55 -99.07 -10.45
CA ALA G 727 64.13 -100.20 -9.74
C ALA G 727 65.28 -100.80 -10.54
N PRO G 728 66.20 -101.51 -9.87
CA PRO G 728 67.31 -102.13 -10.62
C PRO G 728 66.88 -103.15 -11.65
N ILE G 729 65.80 -103.90 -11.40
CA ILE G 729 65.27 -104.87 -12.34
C ILE G 729 63.81 -104.56 -12.58
N LEU G 730 63.42 -104.48 -13.85
CA LEU G 730 62.05 -104.19 -14.25
C LEU G 730 61.49 -105.40 -14.98
N TRP G 731 60.35 -105.89 -14.51
CA TRP G 731 59.68 -107.02 -15.15
C TRP G 731 58.53 -106.62 -16.05
N ASP G 732 57.85 -105.51 -15.74
CA ASP G 732 56.75 -105.01 -16.55
C ASP G 732 57.06 -103.59 -17.00
N CYS G 733 56.39 -103.17 -18.08
CA CYS G 733 56.60 -101.84 -18.63
C CYS G 733 55.87 -100.75 -17.86
N ASP G 734 55.07 -101.12 -16.85
CA ASP G 734 54.32 -100.13 -16.08
C ASP G 734 55.24 -99.12 -15.42
N ALA G 735 56.41 -99.57 -14.95
CA ALA G 735 57.35 -98.66 -14.29
C ALA G 735 57.84 -97.58 -15.24
N LEU G 736 58.17 -97.97 -16.49
CA LEU G 736 58.66 -96.99 -17.46
C LEU G 736 57.57 -96.00 -17.83
N ILE G 737 56.33 -96.47 -17.98
CA ILE G 737 55.21 -95.57 -18.27
C ILE G 737 55.01 -94.59 -17.13
N TYR G 738 55.06 -95.07 -15.89
CA TYR G 738 54.98 -94.19 -14.74
C TYR G 738 56.10 -93.16 -14.77
N ARG G 739 57.33 -93.60 -15.07
CA ARG G 739 58.48 -92.71 -15.02
C ARG G 739 58.38 -91.61 -16.07
N ASP G 740 58.04 -91.97 -17.31
CA ASP G 740 58.01 -90.95 -18.35
C ASP G 740 56.68 -90.19 -18.42
N GLU G 741 55.68 -90.58 -17.62
CA GLU G 741 54.46 -89.79 -17.52
C GLU G 741 54.47 -88.84 -16.32
N ALA G 742 55.08 -89.26 -15.20
CA ALA G 742 54.94 -88.51 -13.96
C ALA G 742 55.67 -87.16 -14.01
N ALA G 743 56.79 -87.08 -14.73
CA ALA G 743 57.61 -85.87 -14.65
C ALA G 743 57.08 -84.77 -15.55
N ARG G 744 57.11 -84.98 -16.87
CA ARG G 744 56.59 -84.05 -17.87
C ARG G 744 57.36 -82.73 -17.91
N ASP G 745 58.33 -82.57 -17.01
CA ASP G 745 59.19 -81.38 -17.01
C ASP G 745 60.65 -81.80 -16.97
N ARG G 746 60.93 -82.90 -16.27
CA ARG G 746 62.27 -83.48 -16.25
C ARG G 746 62.60 -83.98 -17.65
N LEU G 747 63.60 -83.35 -18.28
CA LEU G 747 64.00 -83.71 -19.63
C LEU G 747 64.40 -85.18 -19.68
N PRO G 748 63.59 -86.03 -20.30
CA PRO G 748 63.85 -87.48 -20.21
C PRO G 748 64.70 -87.99 -21.35
N ALA G 749 65.32 -89.16 -21.15
CA ALA G 749 66.09 -89.81 -22.20
C ALA G 749 66.19 -91.30 -21.84
N ILE G 750 65.60 -92.14 -22.70
CA ILE G 750 65.60 -93.58 -22.50
C ILE G 750 66.32 -94.23 -23.66
N ARG G 751 67.25 -95.13 -23.35
CA ARG G 751 68.05 -95.80 -24.37
C ARG G 751 67.92 -97.30 -24.20
N VAL G 752 67.50 -97.98 -25.27
CA VAL G 752 67.34 -99.43 -25.24
C VAL G 752 68.34 -100.05 -26.22
N SER G 753 69.55 -100.32 -25.75
CA SER G 753 70.59 -100.95 -26.58
C SER G 753 70.63 -100.34 -27.98
N GLY G 754 70.97 -99.05 -28.02
CA GLY G 754 71.00 -98.32 -29.27
C GLY G 754 69.83 -97.37 -29.46
N ARG G 755 68.84 -97.81 -30.24
CA ARG G 755 67.65 -97.01 -30.51
C ARG G 755 67.05 -96.45 -29.23
N ASN G 756 66.40 -95.30 -29.35
CA ASN G 756 65.77 -94.61 -28.22
C ASN G 756 64.28 -94.93 -28.20
N GLY G 757 63.78 -95.30 -27.03
CA GLY G 757 62.37 -95.58 -26.87
C GLY G 757 62.05 -97.06 -26.97
N TYR G 758 60.94 -97.45 -26.35
CA TYR G 758 60.48 -98.84 -26.35
C TYR G 758 59.19 -98.95 -27.16
N GLN G 759 58.68 -100.18 -27.25
CA GLN G 759 57.42 -100.47 -27.92
C GLN G 759 56.38 -101.09 -27.00
N ALA G 760 56.82 -101.90 -26.03
CA ALA G 760 55.93 -102.58 -25.09
C ALA G 760 54.92 -103.46 -25.84
N LEU G 761 55.47 -104.44 -26.55
CA LEU G 761 54.68 -105.44 -27.25
C LEU G 761 54.59 -106.69 -26.38
N HIS G 762 53.38 -107.06 -26.00
CA HIS G 762 53.14 -108.15 -25.07
C HIS G 762 52.54 -109.35 -25.78
N PHE G 763 52.40 -110.45 -25.02
CA PHE G 763 51.76 -111.68 -25.47
C PHE G 763 52.45 -112.22 -26.74
N VAL G 764 53.72 -112.55 -26.57
CA VAL G 764 54.49 -113.25 -27.59
C VAL G 764 54.18 -114.75 -27.48
N ASP G 765 53.96 -115.39 -28.62
CA ASP G 765 53.49 -116.76 -28.66
C ASP G 765 54.57 -117.68 -29.22
N MET G 766 54.22 -118.96 -29.40
CA MET G 766 55.17 -119.97 -29.83
C MET G 766 55.74 -119.67 -31.21
N ALA G 767 54.89 -119.21 -32.13
CA ALA G 767 55.33 -118.97 -33.50
C ALA G 767 56.38 -117.87 -33.57
N GLY G 768 56.23 -116.81 -32.78
CA GLY G 768 57.09 -115.66 -32.91
C GLY G 768 57.95 -115.34 -31.71
N HIS G 769 58.54 -116.36 -31.07
CA HIS G 769 59.37 -116.11 -29.91
C HIS G 769 60.53 -115.17 -30.24
N ASN G 770 61.27 -115.47 -31.31
CA ASN G 770 62.32 -114.60 -31.85
C ASN G 770 63.29 -114.19 -30.74
N PHE G 771 64.00 -115.21 -30.23
CA PHE G 771 64.98 -114.97 -29.17
C PHE G 771 66.05 -113.98 -29.61
N GLN G 772 66.42 -114.00 -30.88
CA GLN G 772 67.45 -113.09 -31.41
C GLN G 772 66.81 -111.83 -31.99
N ARG G 773 65.97 -111.19 -31.19
CA ARG G 773 65.32 -109.95 -31.58
C ARG G 773 66.20 -108.77 -31.18
N ARG G 774 66.44 -107.86 -32.13
CA ARG G 774 67.31 -106.72 -31.90
C ARG G 774 66.58 -105.40 -31.77
N ASP G 775 65.30 -105.33 -32.15
CA ASP G 775 64.56 -104.08 -32.10
C ASP G 775 64.15 -103.78 -30.66
N ASN G 776 63.33 -102.74 -30.47
CA ASN G 776 62.94 -102.26 -29.15
C ASN G 776 61.60 -102.79 -28.70
N VAL G 777 61.29 -104.04 -29.03
CA VAL G 777 60.09 -104.70 -28.54
C VAL G 777 60.37 -105.27 -27.15
N LEU G 778 59.59 -104.85 -26.16
CA LEU G 778 59.71 -105.36 -24.80
C LEU G 778 58.42 -106.06 -24.41
N ILE G 779 58.56 -107.25 -23.83
CA ILE G 779 57.41 -108.08 -23.46
C ILE G 779 56.84 -107.50 -22.17
N HIS G 780 55.72 -106.78 -22.29
CA HIS G 780 55.08 -106.21 -21.12
C HIS G 780 54.41 -107.28 -20.26
N GLY G 781 53.92 -108.33 -20.87
CA GLY G 781 53.23 -109.39 -20.16
C GLY G 781 51.73 -109.35 -20.42
N ARG G 782 51.11 -110.53 -20.29
CA ARG G 782 49.68 -110.66 -20.56
C ARG G 782 48.88 -110.12 -19.38
N PRO G 783 47.91 -109.23 -19.60
CA PRO G 783 47.00 -108.84 -18.53
C PRO G 783 46.11 -110.02 -18.13
N VAL G 784 45.68 -110.00 -16.87
CA VAL G 784 44.83 -111.06 -16.36
C VAL G 784 43.37 -110.75 -16.68
N ARG G 785 42.86 -109.63 -16.16
CA ARG G 785 41.48 -109.24 -16.36
C ARG G 785 41.38 -108.24 -17.51
N GLY G 786 41.71 -108.73 -18.70
CA GLY G 786 41.67 -107.88 -19.88
C GLY G 786 42.01 -108.67 -21.12
N ASP G 787 42.02 -107.96 -22.25
CA ASP G 787 42.31 -108.54 -23.55
C ASP G 787 43.63 -108.01 -24.07
N THR G 788 44.46 -108.90 -24.61
CA THR G 788 45.73 -108.49 -25.19
C THR G 788 45.52 -107.58 -26.38
N GLY G 789 44.93 -108.10 -27.45
CA GLY G 789 44.69 -107.32 -28.64
C GLY G 789 45.98 -106.91 -29.33
N GLN G 790 45.83 -106.03 -30.31
CA GLN G 790 46.98 -105.47 -31.01
C GLN G 790 46.98 -103.95 -31.01
N ALA G 791 45.83 -103.31 -31.16
CA ALA G 791 45.73 -101.85 -31.13
C ALA G 791 45.45 -101.31 -29.74
N ILE G 792 45.28 -102.19 -28.75
CA ILE G 792 44.97 -101.79 -27.38
C ILE G 792 46.20 -101.14 -26.77
N PRO G 793 46.09 -99.92 -26.22
CA PRO G 793 47.25 -99.31 -25.57
C PRO G 793 47.65 -100.07 -24.31
N ILE G 794 48.95 -99.98 -23.99
CA ILE G 794 49.49 -100.71 -22.86
C ILE G 794 49.03 -100.06 -21.56
N THR G 795 48.55 -100.89 -20.63
CA THR G 795 48.07 -100.42 -19.34
C THR G 795 48.91 -101.03 -18.22
N PRO G 796 49.13 -100.30 -17.14
CA PRO G 796 49.92 -100.84 -16.02
C PRO G 796 49.24 -102.04 -15.38
N HIS G 797 50.05 -103.01 -14.95
CA HIS G 797 49.51 -104.19 -14.28
C HIS G 797 49.04 -103.86 -12.87
N HIS G 798 49.74 -102.97 -12.18
CA HIS G 798 49.50 -102.72 -10.76
C HIS G 798 49.39 -101.22 -10.51
N ASP G 799 49.22 -100.86 -9.24
CA ASP G 799 49.06 -99.48 -8.81
C ASP G 799 50.42 -98.80 -8.69
N ARG G 800 50.39 -97.49 -8.41
CA ARG G 800 51.61 -96.73 -8.20
C ARG G 800 52.39 -97.24 -6.98
N GLU G 801 51.66 -97.66 -5.93
CA GLU G 801 52.30 -98.14 -4.71
C GLU G 801 53.18 -99.36 -4.96
N TRP G 802 52.87 -100.16 -5.98
CA TRP G 802 53.69 -101.33 -6.28
C TRP G 802 55.13 -100.92 -6.60
N GLY G 803 55.29 -99.87 -7.40
CA GLY G 803 56.63 -99.43 -7.75
C GLY G 803 57.41 -98.90 -6.56
N ILE G 804 56.74 -98.13 -5.70
CA ILE G 804 57.39 -97.62 -4.50
C ILE G 804 57.84 -98.77 -3.61
N LEU G 805 56.95 -99.76 -3.42
CA LEU G 805 57.30 -100.92 -2.61
C LEU G 805 58.47 -101.69 -3.21
N SER G 806 58.46 -101.86 -4.54
CA SER G 806 59.53 -102.59 -5.20
C SER G 806 60.87 -101.87 -5.03
N LYS G 807 60.87 -100.55 -5.23
CA LYS G 807 62.11 -99.79 -5.07
C LYS G 807 62.61 -99.86 -3.63
N ILE G 808 61.70 -99.70 -2.67
CA ILE G 808 62.08 -99.75 -1.25
C ILE G 808 62.67 -101.12 -0.92
N TYR G 809 62.01 -102.19 -1.37
CA TYR G 809 62.50 -103.53 -1.12
C TYR G 809 63.88 -103.73 -1.73
N TYR G 810 64.02 -103.44 -3.02
CA TYR G 810 65.27 -103.71 -3.72
C TYR G 810 66.42 -102.87 -3.20
N TYR G 811 66.14 -101.68 -2.69
CA TYR G 811 67.20 -100.78 -2.23
C TYR G 811 67.39 -100.79 -0.71
N ILE G 812 66.58 -101.54 0.03
CA ILE G 812 66.79 -101.64 1.47
C ILE G 812 66.94 -103.09 1.90
N VAL G 813 65.91 -103.90 1.65
CA VAL G 813 65.88 -105.25 2.22
C VAL G 813 66.96 -106.13 1.61
N ILE G 814 67.06 -106.13 0.27
CA ILE G 814 68.03 -107.00 -0.39
C ILE G 814 69.47 -106.63 -0.03
N PRO G 815 69.91 -105.37 -0.15
CA PRO G 815 71.30 -105.06 0.20
C PRO G 815 71.62 -105.26 1.67
N ALA G 816 70.66 -105.02 2.57
CA ALA G 816 70.93 -105.17 4.00
C ALA G 816 71.16 -106.61 4.39
N PHE G 817 70.44 -107.55 3.76
CA PHE G 817 70.64 -108.96 4.05
C PHE G 817 71.80 -109.56 3.28
N SER G 818 71.98 -109.15 2.02
CA SER G 818 73.08 -109.68 1.23
C SER G 818 74.42 -109.05 1.63
N ARG G 819 74.40 -107.80 2.07
CA ARG G 819 75.62 -107.08 2.48
C ARG G 819 76.63 -107.02 1.35
N GLY G 820 76.16 -106.62 0.17
CA GLY G 820 77.04 -106.51 -0.98
C GLY G 820 77.57 -107.83 -1.49
N SER G 821 76.75 -108.87 -1.50
CA SER G 821 77.15 -110.18 -2.00
C SER G 821 76.32 -110.64 -3.18
N CYS G 822 75.02 -110.39 -3.16
CA CYS G 822 74.16 -110.76 -4.28
C CYS G 822 74.50 -109.92 -5.51
N CYS G 823 74.27 -110.51 -6.68
CA CYS G 823 74.63 -109.87 -7.94
C CYS G 823 73.45 -109.94 -8.90
N THR G 824 73.35 -108.93 -9.75
CA THR G 824 72.31 -108.85 -10.77
C THR G 824 72.90 -109.19 -12.13
N MET G 825 72.10 -109.81 -12.98
CA MET G 825 72.55 -110.19 -14.31
C MET G 825 71.36 -110.52 -15.19
N GLY G 826 71.65 -110.98 -16.39
CA GLY G 826 70.63 -111.41 -17.32
C GLY G 826 70.61 -112.92 -17.49
N VAL G 827 69.55 -113.40 -18.13
CA VAL G 827 69.36 -114.82 -18.36
C VAL G 827 69.61 -115.12 -19.82
N ARG G 828 69.71 -116.41 -20.14
CA ARG G 828 69.92 -116.89 -21.50
C ARG G 828 68.71 -117.76 -21.84
N TYR G 829 67.68 -117.13 -22.43
CA TYR G 829 66.46 -117.84 -22.76
C TYR G 829 66.66 -118.85 -23.89
N ASP G 830 67.53 -118.52 -24.86
CA ASP G 830 67.73 -119.40 -26.00
C ASP G 830 68.31 -120.76 -25.58
N ARG G 831 68.92 -120.84 -24.40
CA ARG G 831 69.39 -122.10 -23.84
C ARG G 831 68.47 -122.67 -22.78
N LEU G 832 67.73 -121.80 -22.07
CA LEU G 832 66.89 -122.26 -20.97
C LEU G 832 65.56 -122.83 -21.47
N TYR G 833 64.91 -122.12 -22.38
CA TYR G 833 63.59 -122.53 -22.82
C TYR G 833 63.58 -123.89 -23.52
N PRO G 834 64.48 -124.18 -24.48
CA PRO G 834 64.51 -125.54 -25.04
C PRO G 834 64.79 -126.61 -24.00
N ALA G 835 65.59 -126.29 -22.98
CA ALA G 835 65.84 -127.24 -21.89
C ALA G 835 64.62 -127.39 -20.98
N LEU G 836 63.61 -126.53 -21.11
CA LEU G 836 62.41 -126.58 -20.29
C LEU G 836 61.35 -127.53 -20.85
N GLN G 837 61.59 -128.15 -22.00
CA GLN G 837 60.59 -128.96 -22.67
C GLN G 837 60.74 -130.45 -22.41
N ALA G 838 61.58 -130.84 -21.45
CA ALA G 838 61.87 -132.25 -21.18
C ALA G 838 61.19 -132.66 -19.87
N VAL G 839 59.92 -133.05 -19.95
CA VAL G 839 59.16 -133.55 -18.82
C VAL G 839 58.87 -135.02 -19.07
N ILE G 840 59.08 -135.85 -18.04
CA ILE G 840 59.03 -137.30 -18.20
C ILE G 840 57.88 -137.84 -17.35
N VAL G 841 56.81 -137.07 -17.23
CA VAL G 841 55.65 -137.58 -16.49
C VAL G 841 55.07 -138.78 -17.24
N PRO G 842 54.74 -139.87 -16.56
CA PRO G 842 54.27 -141.07 -17.25
C PRO G 842 52.78 -141.00 -17.54
N GLU G 843 52.26 -142.09 -18.10
CA GLU G 843 50.84 -142.22 -18.44
C GLU G 843 50.18 -143.05 -17.36
N ILE G 844 49.48 -142.38 -16.45
CA ILE G 844 48.81 -143.07 -15.35
C ILE G 844 47.65 -143.89 -15.89
N PRO G 845 47.40 -145.09 -15.38
CA PRO G 845 46.24 -145.86 -15.84
C PRO G 845 44.94 -145.18 -15.46
N ALA G 846 43.91 -145.42 -16.28
CA ALA G 846 42.62 -144.80 -16.06
C ALA G 846 41.99 -145.30 -14.76
N ASP G 847 41.32 -144.38 -14.06
CA ASP G 847 40.70 -144.66 -12.77
C ASP G 847 41.70 -145.24 -11.78
N GLU G 848 42.88 -144.63 -11.70
CA GLU G 848 43.92 -145.04 -10.77
C GLU G 848 44.42 -143.83 -10.00
N GLU G 849 44.82 -144.07 -8.76
CA GLU G 849 45.28 -143.00 -7.89
C GLU G 849 46.61 -142.44 -8.36
N ALA G 850 46.78 -141.13 -8.20
CA ALA G 850 48.03 -140.48 -8.59
C ALA G 850 49.10 -140.76 -7.54
N PRO G 851 50.25 -141.32 -7.92
CA PRO G 851 51.27 -141.62 -6.93
C PRO G 851 51.81 -140.36 -6.26
N THR G 852 52.11 -140.47 -4.97
CA THR G 852 52.63 -139.36 -4.17
C THR G 852 54.07 -139.60 -3.72
N THR G 853 54.32 -140.73 -3.06
CA THR G 853 55.66 -141.05 -2.63
C THR G 853 56.55 -141.38 -3.83
N PRO G 854 57.82 -140.95 -3.81
CA PRO G 854 58.71 -141.21 -4.94
C PRO G 854 59.29 -142.62 -5.00
N GLU G 855 58.82 -143.54 -4.14
CA GLU G 855 59.36 -144.89 -4.14
C GLU G 855 58.79 -145.76 -5.24
N ASP G 856 57.54 -145.48 -5.69
CA ASP G 856 56.98 -146.30 -6.75
C ASP G 856 57.48 -145.86 -8.12
N PRO G 857 57.56 -146.77 -9.08
CA PRO G 857 58.02 -146.38 -10.43
C PRO G 857 57.10 -145.40 -11.12
N ARG G 858 55.83 -145.33 -10.72
CA ARG G 858 54.90 -144.40 -11.37
C ARG G 858 55.21 -142.95 -11.05
N HIS G 859 55.93 -142.68 -9.97
CA HIS G 859 56.29 -141.31 -9.65
C HIS G 859 57.28 -140.78 -10.69
N PRO G 860 57.07 -139.55 -11.20
CA PRO G 860 58.01 -139.01 -12.20
C PRO G 860 59.40 -138.79 -11.66
N LEU G 861 59.57 -138.67 -10.34
CA LEU G 861 60.87 -138.47 -9.72
C LEU G 861 61.56 -139.77 -9.37
N HIS G 862 60.98 -140.91 -9.73
CA HIS G 862 61.59 -142.20 -9.45
C HIS G 862 62.82 -142.40 -10.32
N ALA G 863 63.76 -143.21 -9.81
CA ALA G 863 64.99 -143.49 -10.55
C ALA G 863 64.71 -144.21 -11.86
N HIS G 864 63.62 -144.98 -11.93
CA HIS G 864 63.27 -145.67 -13.17
C HIS G 864 62.95 -144.68 -14.27
N GLN G 865 62.26 -143.59 -13.94
CA GLN G 865 61.87 -142.57 -14.91
C GLN G 865 62.71 -141.30 -14.79
N LEU G 866 63.98 -141.42 -14.42
CA LEU G 866 64.90 -140.30 -14.31
C LEU G 866 65.91 -140.43 -15.45
N VAL G 867 65.59 -139.83 -16.60
CA VAL G 867 66.46 -139.85 -17.77
C VAL G 867 67.38 -138.64 -17.69
N PRO G 868 68.66 -138.77 -18.07
CA PRO G 868 69.55 -137.59 -18.05
C PRO G 868 69.08 -136.52 -19.02
N ASN G 869 69.43 -135.28 -18.70
CA ASN G 869 69.11 -134.10 -19.50
C ASN G 869 67.59 -133.93 -19.63
N SER G 870 66.94 -133.84 -18.48
CA SER G 870 65.50 -133.62 -18.41
C SER G 870 65.19 -132.92 -17.09
N LEU G 871 64.01 -132.31 -17.03
CA LEU G 871 63.63 -131.55 -15.85
C LEU G 871 63.67 -132.38 -14.57
N ASN G 872 63.35 -133.68 -14.66
CA ASN G 872 63.25 -134.50 -13.47
C ASN G 872 64.58 -134.64 -12.75
N VAL G 873 65.68 -134.78 -13.50
CA VAL G 873 66.97 -134.84 -12.83
C VAL G 873 67.33 -133.48 -12.24
N TYR G 874 66.87 -132.39 -12.85
CA TYR G 874 67.08 -131.07 -12.26
C TYR G 874 66.38 -130.96 -10.91
N PHE G 875 65.14 -131.45 -10.82
CA PHE G 875 64.46 -131.44 -9.53
C PHE G 875 65.13 -132.38 -8.55
N HIS G 876 65.58 -133.55 -8.99
CA HIS G 876 66.24 -134.48 -8.11
C HIS G 876 67.57 -133.94 -7.59
N ASN G 877 68.20 -133.04 -8.35
CA ASN G 877 69.42 -132.39 -7.87
C ASN G 877 69.13 -131.56 -6.62
N ALA G 878 67.94 -130.95 -6.56
CA ALA G 878 67.53 -130.18 -5.40
C ALA G 878 66.85 -131.03 -4.33
N HIS G 879 66.62 -132.32 -4.61
CA HIS G 879 65.99 -133.24 -3.65
C HIS G 879 64.62 -132.71 -3.20
N LEU G 880 63.77 -132.42 -4.18
CA LEU G 880 62.42 -131.93 -3.93
C LEU G 880 61.40 -132.93 -4.49
N THR G 881 60.18 -132.86 -3.97
CA THR G 881 59.11 -133.76 -4.35
C THR G 881 58.01 -132.99 -5.06
N VAL G 882 57.68 -133.43 -6.28
CA VAL G 882 56.63 -132.82 -7.09
C VAL G 882 55.78 -133.93 -7.69
N ASP G 883 54.58 -133.54 -8.13
CA ASP G 883 53.62 -134.48 -8.69
C ASP G 883 53.61 -134.38 -10.22
N GLY G 884 52.81 -135.25 -10.84
CA GLY G 884 52.72 -135.25 -12.29
C GLY G 884 52.08 -133.99 -12.84
N ASP G 885 50.98 -133.54 -12.22
CA ASP G 885 50.31 -132.33 -12.70
C ASP G 885 51.16 -131.09 -12.47
N ALA G 886 51.97 -131.09 -11.40
CA ALA G 886 52.87 -129.96 -11.16
C ALA G 886 53.85 -129.79 -12.31
N LEU G 887 54.39 -130.90 -12.83
CA LEU G 887 55.28 -130.80 -13.97
C LEU G 887 54.53 -130.56 -15.25
N LEU G 888 53.29 -131.06 -15.33
CA LEU G 888 52.47 -130.85 -16.52
C LEU G 888 52.05 -129.40 -16.68
N THR G 889 52.01 -128.64 -15.58
CA THR G 889 51.66 -127.23 -15.68
C THR G 889 52.63 -126.43 -16.54
N LEU G 890 53.83 -126.96 -16.77
CA LEU G 890 54.81 -126.28 -17.61
C LEU G 890 54.30 -126.10 -19.03
N GLN G 891 53.49 -127.04 -19.53
CA GLN G 891 53.02 -126.96 -20.91
C GLN G 891 52.15 -125.73 -21.13
N GLU G 892 51.31 -125.37 -20.15
CA GLU G 892 50.52 -124.16 -20.26
C GLU G 892 51.26 -122.92 -19.77
N LEU G 893 52.26 -123.09 -18.89
CA LEU G 893 53.09 -121.95 -18.50
C LEU G 893 53.91 -121.45 -19.68
N MET G 894 54.35 -122.36 -20.55
CA MET G 894 55.16 -122.01 -21.72
C MET G 894 54.44 -121.07 -22.68
N GLY G 895 53.11 -121.01 -22.62
CA GLY G 895 52.38 -120.14 -23.53
C GLY G 895 52.82 -118.69 -23.44
N ASP G 896 53.02 -118.20 -22.23
CA ASP G 896 53.68 -116.91 -22.04
C ASP G 896 55.19 -117.13 -21.98
N MET G 897 55.92 -116.25 -22.66
CA MET G 897 57.37 -116.34 -22.73
C MET G 897 57.99 -114.96 -22.70
N ALA G 898 59.25 -114.92 -22.25
CA ALA G 898 60.06 -113.71 -22.25
C ALA G 898 61.17 -113.90 -23.28
N GLU G 899 61.35 -112.90 -24.13
CA GLU G 899 62.25 -113.04 -25.27
C GLU G 899 63.70 -113.09 -24.82
N ARG G 900 64.19 -112.01 -24.22
CA ARG G 900 65.58 -111.91 -23.80
C ARG G 900 65.73 -110.67 -22.93
N THR G 901 66.69 -110.73 -22.01
CA THR G 901 66.98 -109.60 -21.15
C THR G 901 67.67 -108.49 -21.94
N THR G 902 67.39 -107.25 -21.55
CA THR G 902 67.93 -106.09 -22.23
C THR G 902 68.33 -105.04 -21.20
N ALA G 903 69.25 -104.17 -21.61
CA ALA G 903 69.78 -103.12 -20.74
C ALA G 903 69.12 -101.80 -21.08
N ILE G 904 68.57 -101.14 -20.06
CA ILE G 904 67.80 -99.91 -20.24
C ILE G 904 68.57 -98.80 -19.52
N LEU G 905 68.98 -97.78 -20.25
CA LEU G 905 69.65 -96.62 -19.66
C LEU G 905 68.72 -95.43 -19.76
N VAL G 906 68.29 -94.92 -18.61
CA VAL G 906 67.35 -93.79 -18.53
C VAL G 906 68.05 -92.64 -17.84
N SER G 907 67.79 -91.43 -18.33
CA SER G 907 68.32 -90.22 -17.72
C SER G 907 67.26 -89.13 -17.73
N SER G 908 67.38 -88.20 -16.78
CA SER G 908 66.43 -87.10 -16.68
C SER G 908 67.14 -85.87 -16.13
N ALA G 909 66.55 -84.72 -16.40
CA ALA G 909 67.05 -83.46 -15.88
C ALA G 909 66.89 -83.41 -14.36
N PRO G 910 67.68 -82.57 -13.68
CA PRO G 910 67.54 -82.47 -12.23
C PRO G 910 66.16 -82.01 -11.81
N ASP G 911 65.73 -82.49 -10.64
CA ASP G 911 64.38 -82.22 -10.17
C ASP G 911 64.17 -80.74 -9.93
N ALA G 912 62.92 -80.33 -10.00
CA ALA G 912 62.58 -78.94 -9.76
C ALA G 912 62.95 -78.48 -8.36
N GLY G 913 63.20 -79.40 -7.42
CA GLY G 913 63.70 -78.96 -6.13
C GLY G 913 65.04 -78.25 -6.22
N ALA G 914 65.87 -78.65 -7.20
CA ALA G 914 67.19 -78.06 -7.40
C ALA G 914 67.48 -77.83 -8.88
N ALA G 915 66.47 -77.52 -9.66
CA ALA G 915 66.63 -77.24 -11.09
C ALA G 915 66.73 -75.73 -11.29
N THR G 916 67.91 -75.26 -11.70
CA THR G 916 68.11 -73.86 -12.00
C THR G 916 68.66 -73.69 -13.41
N ALA G 917 69.08 -72.48 -13.77
CA ALA G 917 69.53 -72.22 -15.13
C ALA G 917 70.76 -73.04 -15.50
N THR G 918 71.66 -73.27 -14.54
CA THR G 918 72.92 -73.96 -14.83
C THR G 918 72.88 -75.46 -14.51
N THR G 919 72.00 -75.89 -13.60
CA THR G 919 71.95 -77.30 -13.24
C THR G 919 71.30 -78.16 -14.31
N ARG G 920 70.48 -77.55 -15.18
CA ARG G 920 69.79 -78.34 -16.21
C ARG G 920 70.78 -78.97 -17.18
N ASN G 921 71.97 -78.40 -17.31
CA ASN G 921 72.99 -79.00 -18.17
C ASN G 921 73.43 -80.36 -17.65
N MET G 922 73.59 -80.48 -16.33
CA MET G 922 74.01 -81.75 -15.74
C MET G 922 72.81 -82.68 -15.64
N ARG G 923 73.02 -83.94 -16.02
CA ARG G 923 71.96 -84.94 -16.07
C ARG G 923 72.38 -86.18 -15.29
N ILE G 924 71.39 -86.86 -14.72
CA ILE G 924 71.60 -88.05 -13.90
C ILE G 924 71.34 -89.28 -14.78
N TYR G 925 72.34 -90.16 -14.87
CA TYR G 925 72.28 -91.33 -15.74
C TYR G 925 72.34 -92.60 -14.90
N ASP G 926 71.34 -93.46 -15.09
CA ASP G 926 71.33 -94.76 -14.42
C ASP G 926 70.70 -95.79 -15.33
N GLY G 927 71.05 -97.06 -15.10
CA GLY G 927 70.60 -98.15 -15.93
C GLY G 927 69.82 -99.19 -15.13
N ALA G 928 69.05 -100.00 -15.87
CA ALA G 928 68.29 -101.09 -15.28
C ALA G 928 68.24 -102.24 -16.26
N LEU G 929 67.95 -103.43 -15.74
CA LEU G 929 67.95 -104.66 -16.52
C LEU G 929 66.52 -105.18 -16.62
N TYR G 930 65.93 -105.06 -17.81
CA TYR G 930 64.62 -105.62 -18.07
C TYR G 930 64.73 -107.12 -18.26
N HIS G 931 63.91 -107.88 -17.54
CA HIS G 931 63.95 -109.34 -17.54
C HIS G 931 65.30 -109.87 -17.06
N GLY G 932 65.96 -109.14 -16.17
CA GLY G 932 67.17 -109.60 -15.54
C GLY G 932 66.89 -110.48 -14.34
N LEU G 933 67.95 -111.03 -13.76
CA LEU G 933 67.81 -111.94 -12.63
C LEU G 933 68.91 -111.68 -11.61
N ILE G 934 68.61 -111.99 -10.36
CA ILE G 934 69.53 -111.83 -9.23
C ILE G 934 69.61 -113.14 -8.48
N MET G 935 70.83 -113.58 -8.17
CA MET G 935 71.02 -114.71 -7.27
C MET G 935 71.78 -114.23 -6.03
N MET G 936 71.39 -114.77 -4.87
CA MET G 936 71.89 -114.26 -3.60
C MET G 936 73.36 -114.62 -3.38
N ALA G 937 73.77 -115.84 -3.73
CA ALA G 937 75.12 -116.30 -3.45
C ALA G 937 75.70 -116.99 -4.67
N TYR G 938 77.00 -116.84 -4.88
CA TYR G 938 77.68 -117.46 -6.00
C TYR G 938 78.34 -118.77 -5.56
N GLN G 939 78.12 -119.82 -6.34
CA GLN G 939 78.81 -121.09 -6.16
C GLN G 939 79.63 -121.38 -7.42
N ALA G 940 80.89 -121.77 -7.22
CA ALA G 940 81.78 -122.05 -8.34
C ALA G 940 82.24 -123.50 -8.37
N TYR G 941 82.09 -124.24 -7.28
CA TYR G 941 82.51 -125.63 -7.21
C TYR G 941 81.39 -126.61 -7.51
N ASP G 942 80.22 -126.11 -7.89
CA ASP G 942 79.10 -126.96 -8.29
C ASP G 942 79.29 -127.32 -9.76
N GLU G 943 79.84 -128.51 -10.01
CA GLU G 943 80.10 -128.96 -11.37
C GLU G 943 78.92 -129.70 -11.99
N THR G 944 77.81 -129.83 -11.26
CA THR G 944 76.60 -130.43 -11.85
C THR G 944 76.07 -129.60 -13.00
N ILE G 945 76.17 -128.28 -12.91
CA ILE G 945 75.76 -127.36 -13.97
C ILE G 945 76.98 -126.60 -14.43
N ALA G 946 77.20 -126.59 -15.74
CA ALA G 946 78.37 -125.90 -16.29
C ALA G 946 78.30 -124.41 -15.99
N THR G 947 79.48 -123.81 -15.80
CA THR G 947 79.55 -122.40 -15.43
C THR G 947 79.01 -121.53 -16.57
N GLY G 948 78.13 -120.60 -16.22
CA GLY G 948 77.57 -119.69 -17.21
C GLY G 948 76.72 -120.37 -18.26
N THR G 949 75.99 -121.42 -17.89
CA THR G 949 75.11 -122.08 -18.86
C THR G 949 73.85 -121.27 -19.10
N PHE G 950 73.28 -120.67 -18.06
CA PHE G 950 72.02 -119.95 -18.16
C PHE G 950 72.12 -118.47 -17.82
N PHE G 951 73.08 -118.06 -16.99
CA PHE G 951 73.20 -116.68 -16.57
C PHE G 951 74.61 -116.16 -16.84
N TYR G 952 74.69 -114.89 -17.27
CA TYR G 952 75.95 -114.22 -17.51
C TYR G 952 75.93 -112.90 -16.74
N PRO G 953 76.97 -112.60 -15.96
CA PRO G 953 76.92 -111.45 -15.05
C PRO G 953 76.97 -110.12 -15.79
N VAL G 954 75.92 -109.32 -15.62
CA VAL G 954 75.86 -107.95 -16.12
C VAL G 954 75.45 -107.03 -14.97
N PRO G 955 76.34 -106.80 -13.99
CA PRO G 955 75.96 -106.01 -12.82
C PRO G 955 76.18 -104.53 -13.06
N VAL G 956 75.11 -103.74 -12.94
CA VAL G 956 75.20 -102.28 -12.96
C VAL G 956 74.47 -101.74 -11.73
N ASN G 957 75.18 -101.67 -10.60
CA ASN G 957 74.79 -101.10 -9.33
C ASN G 957 76.03 -101.00 -8.44
N PRO G 958 76.27 -99.88 -7.76
CA PRO G 958 77.27 -99.90 -6.69
C PRO G 958 76.93 -100.88 -5.60
N LEU G 959 75.63 -101.02 -5.27
CA LEU G 959 75.22 -101.91 -4.19
C LEU G 959 75.37 -103.38 -4.59
N PHE G 960 75.02 -103.72 -5.83
CA PHE G 960 75.03 -105.11 -6.29
C PHE G 960 76.34 -105.48 -6.96
N ALA G 961 77.44 -104.84 -6.58
CA ALA G 961 78.75 -105.22 -7.11
C ALA G 961 79.07 -106.65 -6.69
N CYS G 962 79.48 -107.46 -7.65
CA CYS G 962 79.69 -108.90 -7.44
C CYS G 962 81.08 -109.27 -7.96
N PRO G 963 82.12 -109.08 -7.15
CA PRO G 963 83.47 -109.46 -7.60
C PRO G 963 83.61 -110.95 -7.89
N GLU G 964 82.92 -111.80 -7.13
CA GLU G 964 83.06 -113.24 -7.36
C GLU G 964 82.17 -113.74 -8.48
N HIS G 965 81.01 -113.12 -8.69
CA HIS G 965 80.07 -113.60 -9.70
C HIS G 965 80.58 -113.42 -11.13
N LEU G 966 81.67 -112.66 -11.31
CA LEU G 966 82.22 -112.46 -12.64
C LEU G 966 82.84 -113.73 -13.21
N ALA G 967 83.04 -114.76 -12.38
CA ALA G 967 83.56 -116.03 -12.87
C ALA G 967 82.56 -116.75 -13.78
N SER G 968 81.27 -116.38 -13.71
CA SER G 968 80.28 -116.99 -14.57
C SER G 968 80.42 -116.55 -16.02
N LEU G 969 81.21 -115.52 -16.29
CA LEU G 969 81.30 -114.94 -17.62
C LEU G 969 82.47 -115.54 -18.39
N ARG G 970 82.27 -115.70 -19.70
CA ARG G 970 83.28 -116.33 -20.54
C ARG G 970 84.52 -115.45 -20.67
N GLY G 971 85.65 -116.08 -20.94
CA GLY G 971 86.92 -115.38 -21.04
C GLY G 971 87.39 -114.77 -19.73
N MET G 972 87.30 -115.52 -18.63
CA MET G 972 87.66 -115.04 -17.31
C MET G 972 89.10 -115.42 -17.00
N THR G 973 89.87 -114.44 -16.53
CA THR G 973 91.29 -114.61 -16.21
C THR G 973 91.54 -114.16 -14.78
N ASN G 974 92.82 -114.22 -14.38
CA ASN G 974 93.21 -113.73 -13.06
C ASN G 974 93.34 -112.21 -13.02
N ALA G 975 93.73 -111.60 -14.14
CA ALA G 975 93.88 -110.15 -14.18
C ALA G 975 92.55 -109.44 -13.94
N ARG G 976 91.48 -109.91 -14.58
CA ARG G 976 90.17 -109.30 -14.37
C ARG G 976 89.72 -109.45 -12.92
N ARG G 977 90.00 -110.60 -12.31
CA ARG G 977 89.58 -110.84 -10.93
C ARG G 977 90.34 -109.93 -9.97
N VAL G 978 91.67 -109.84 -10.14
CA VAL G 978 92.46 -109.00 -9.24
C VAL G 978 92.15 -107.53 -9.45
N LEU G 979 91.77 -107.13 -10.67
CA LEU G 979 91.41 -105.74 -10.91
C LEU G 979 90.03 -105.42 -10.35
N ALA G 980 89.08 -106.35 -10.45
CA ALA G 980 87.72 -106.09 -9.99
C ALA G 980 87.55 -106.31 -8.50
N LYS G 981 88.49 -106.97 -7.83
CA LYS G 981 88.41 -107.12 -6.38
C LYS G 981 88.42 -105.78 -5.67
N MET G 982 89.05 -104.76 -6.27
CA MET G 982 89.13 -103.43 -5.68
C MET G 982 88.22 -102.41 -6.35
N VAL G 983 87.87 -102.60 -7.62
CA VAL G 983 87.05 -101.66 -8.37
C VAL G 983 85.80 -102.39 -8.81
N PRO G 984 84.61 -101.87 -8.49
CA PRO G 984 83.37 -102.53 -8.92
C PRO G 984 83.20 -102.47 -10.42
N PRO G 985 82.87 -103.58 -11.07
CA PRO G 985 82.69 -103.58 -12.53
C PRO G 985 81.31 -103.09 -12.92
N ILE G 986 81.25 -101.97 -13.63
CA ILE G 986 80.01 -101.40 -14.11
C ILE G 986 80.21 -100.96 -15.55
N PRO G 987 79.41 -101.45 -16.50
CA PRO G 987 79.61 -101.06 -17.90
C PRO G 987 79.31 -99.59 -18.09
N PRO G 988 80.09 -98.90 -18.94
CA PRO G 988 79.82 -97.47 -19.17
C PRO G 988 78.47 -97.19 -19.79
N PHE G 989 77.95 -98.10 -20.61
CA PHE G 989 76.69 -97.87 -21.32
C PHE G 989 75.46 -98.04 -20.44
N LEU G 990 75.65 -98.28 -19.13
CA LEU G 990 74.53 -98.47 -18.22
C LEU G 990 74.58 -97.50 -17.04
N GLY G 991 75.43 -96.48 -17.11
CA GLY G 991 75.49 -95.49 -16.06
C GLY G 991 76.78 -95.50 -15.27
N ALA G 992 77.49 -94.38 -15.27
CA ALA G 992 78.74 -94.26 -14.52
C ALA G 992 78.45 -94.00 -13.04
N ASN G 993 79.43 -94.34 -12.21
CA ASN G 993 79.27 -94.18 -10.77
C ASN G 993 79.06 -92.72 -10.39
N HIS G 994 79.88 -91.82 -10.95
CA HIS G 994 79.74 -90.41 -10.64
C HIS G 994 78.45 -89.82 -11.19
N HIS G 995 77.82 -90.49 -12.15
CA HIS G 995 76.61 -89.99 -12.78
C HIS G 995 75.36 -90.78 -12.44
N ALA G 996 75.48 -91.84 -11.64
CA ALA G 996 74.33 -92.61 -11.21
C ALA G 996 73.79 -92.06 -9.89
N THR G 997 72.52 -92.35 -9.62
CA THR G 997 71.92 -91.95 -8.34
C THR G 997 72.61 -92.66 -7.19
N ILE G 998 72.61 -93.99 -7.21
CA ILE G 998 73.33 -94.77 -6.22
C ILE G 998 74.82 -94.68 -6.54
N ARG G 999 75.63 -94.37 -5.54
CA ARG G 999 77.06 -94.16 -5.71
C ARG G 999 77.85 -95.13 -4.83
N GLN G 1000 79.16 -94.96 -4.84
CA GLN G 1000 80.03 -95.83 -4.05
C GLN G 1000 79.82 -95.76 -2.54
N PRO G 1001 79.74 -94.59 -1.90
CA PRO G 1001 79.76 -94.58 -0.42
C PRO G 1001 78.60 -95.32 0.23
N VAL G 1002 77.41 -95.32 -0.38
CA VAL G 1002 76.31 -96.07 0.21
C VAL G 1002 76.59 -97.56 0.16
N ALA G 1003 77.17 -98.04 -0.95
CA ALA G 1003 77.57 -99.43 -1.02
C ALA G 1003 78.65 -99.76 0.00
N TYR G 1004 79.61 -98.85 0.18
CA TYR G 1004 80.64 -99.06 1.20
C TYR G 1004 80.03 -99.12 2.59
N HIS G 1005 79.05 -98.26 2.87
CA HIS G 1005 78.38 -98.27 4.16
C HIS G 1005 77.65 -99.58 4.38
N VAL G 1006 76.93 -100.07 3.37
CA VAL G 1006 76.13 -101.28 3.57
C VAL G 1006 77.04 -102.51 3.65
N THR G 1007 78.23 -102.46 3.03
CA THR G 1007 79.10 -103.62 3.04
C THR G 1007 80.08 -103.63 4.21
N HIS G 1008 80.14 -102.56 5.01
CA HIS G 1008 81.11 -102.49 6.11
C HIS G 1008 80.47 -102.10 7.43
N SER G 1009 79.14 -102.16 7.53
CA SER G 1009 78.43 -101.87 8.77
C SER G 1009 77.96 -103.17 9.38
N LYS G 1010 78.39 -103.43 10.63
CA LYS G 1010 77.94 -104.61 11.38
C LYS G 1010 77.43 -104.12 12.73
N SER G 1011 76.17 -103.67 12.75
CA SER G 1011 75.48 -103.30 13.97
C SER G 1011 74.23 -104.12 14.21
N ASP G 1012 73.34 -104.17 13.24
CA ASP G 1012 72.10 -104.95 13.29
C ASP G 1012 71.54 -104.96 11.87
N PHE G 1013 70.30 -105.42 11.72
CA PHE G 1013 69.63 -105.41 10.43
C PHE G 1013 68.43 -104.47 10.41
N ASN G 1014 67.65 -104.42 11.49
CA ASN G 1014 66.61 -103.39 11.60
C ASN G 1014 67.23 -102.01 11.60
N THR G 1015 68.25 -101.80 12.44
CA THR G 1015 68.96 -100.53 12.46
C THR G 1015 69.63 -100.26 11.13
N LEU G 1016 70.19 -101.30 10.50
CA LEU G 1016 70.80 -101.12 9.18
C LEU G 1016 69.77 -100.67 8.15
N THR G 1017 68.58 -101.28 8.17
CA THR G 1017 67.54 -100.89 7.22
C THR G 1017 67.08 -99.47 7.45
N TYR G 1018 66.89 -99.09 8.72
CA TYR G 1018 66.43 -97.73 9.00
C TYR G 1018 67.50 -96.70 8.67
N SER G 1019 68.78 -97.04 8.90
CA SER G 1019 69.86 -96.14 8.51
C SER G 1019 69.94 -95.99 7.00
N LEU G 1020 69.73 -97.08 6.27
CA LEU G 1020 69.70 -97.00 4.82
C LEU G 1020 68.55 -96.13 4.34
N LEU G 1021 67.38 -96.28 4.96
CA LEU G 1021 66.23 -95.43 4.61
C LEU G 1021 66.53 -93.97 4.89
N GLY G 1022 67.16 -93.68 6.03
CA GLY G 1022 67.57 -92.31 6.31
C GLY G 1022 68.58 -91.79 5.32
N GLY G 1023 69.42 -92.68 4.77
CA GLY G 1023 70.32 -92.28 3.71
C GLY G 1023 69.59 -91.88 2.44
N TYR G 1024 68.44 -92.52 2.19
CA TYR G 1024 67.66 -92.28 0.98
C TYR G 1024 66.77 -91.05 1.16
N PHE G 1025 67.41 -89.89 1.14
CA PHE G 1025 66.70 -88.62 1.24
C PHE G 1025 67.38 -87.57 0.38
N LYS G 1026 66.58 -86.77 -0.32
CA LYS G 1026 67.12 -85.76 -1.22
C LYS G 1026 67.78 -84.62 -0.45
N PHE G 1027 68.76 -83.99 -1.10
CA PHE G 1027 69.42 -82.81 -0.56
C PHE G 1027 68.90 -81.52 -1.18
N THR G 1028 67.90 -81.61 -2.06
CA THR G 1028 67.35 -80.42 -2.67
C THR G 1028 66.81 -79.48 -1.60
N PRO G 1029 66.88 -78.16 -1.82
CA PRO G 1029 66.47 -77.22 -0.76
C PRO G 1029 65.05 -77.44 -0.28
N ILE G 1030 64.13 -77.85 -1.15
CA ILE G 1030 62.78 -78.19 -0.70
C ILE G 1030 62.83 -79.42 0.20
N SER G 1031 63.60 -80.44 -0.20
CA SER G 1031 63.73 -81.62 0.64
C SER G 1031 64.40 -81.27 1.97
N LEU G 1032 65.42 -80.42 1.93
CA LEU G 1032 66.08 -79.99 3.17
C LEU G 1032 65.10 -79.27 4.08
N THR G 1033 64.28 -78.38 3.52
CA THR G 1033 63.21 -77.75 4.29
C THR G 1033 62.30 -78.81 4.90
N HIS G 1034 61.98 -79.85 4.12
CA HIS G 1034 61.12 -80.92 4.62
C HIS G 1034 61.72 -81.57 5.86
N GLN G 1035 62.99 -82.02 5.76
CA GLN G 1035 63.59 -82.72 6.89
C GLN G 1035 63.75 -81.79 8.09
N LEU G 1036 64.21 -80.56 7.85
CA LEU G 1036 64.46 -79.64 8.96
C LEU G 1036 63.17 -79.25 9.67
N ARG G 1037 62.07 -79.09 8.92
CA ARG G 1037 60.80 -78.75 9.56
C ARG G 1037 60.21 -79.95 10.28
N THR G 1038 60.27 -81.13 9.67
CA THR G 1038 59.73 -82.33 10.29
C THR G 1038 60.53 -82.72 11.53
N GLY G 1039 61.85 -82.68 11.42
CA GLY G 1039 62.70 -83.01 12.55
C GLY G 1039 63.84 -83.94 12.22
N PHE G 1040 63.93 -84.39 10.97
CA PHE G 1040 65.00 -85.27 10.56
C PHE G 1040 66.34 -84.54 10.60
N HIS G 1041 67.40 -85.31 10.82
CA HIS G 1041 68.75 -84.76 10.96
C HIS G 1041 69.59 -85.15 9.74
N PRO G 1042 69.83 -84.24 8.81
CA PRO G 1042 70.71 -84.55 7.68
C PRO G 1042 72.14 -84.79 8.14
N GLY G 1043 72.95 -85.31 7.22
CA GLY G 1043 74.35 -85.55 7.51
C GLY G 1043 75.21 -84.33 7.30
N ILE G 1044 74.75 -83.17 7.74
CA ILE G 1044 75.50 -81.93 7.62
C ILE G 1044 75.44 -81.20 8.96
N ALA G 1045 76.59 -80.69 9.40
CA ALA G 1045 76.70 -79.93 10.63
C ALA G 1045 76.92 -78.46 10.31
N PHE G 1046 76.62 -77.60 11.27
CA PHE G 1046 76.69 -76.17 11.08
C PHE G 1046 77.47 -75.51 12.21
N THR G 1047 77.77 -74.23 12.00
CA THR G 1047 78.22 -73.34 13.06
C THR G 1047 77.57 -71.98 12.85
N VAL G 1048 77.41 -71.24 13.94
CA VAL G 1048 76.78 -69.92 13.90
C VAL G 1048 77.77 -68.90 14.42
N VAL G 1049 77.77 -67.74 13.78
CA VAL G 1049 78.64 -66.62 14.13
C VAL G 1049 77.78 -65.42 14.45
N ARG G 1050 78.10 -64.71 15.53
CA ARG G 1050 77.22 -63.68 16.07
C ARG G 1050 78.04 -62.46 16.44
N GLN G 1051 77.51 -61.29 16.11
CA GLN G 1051 78.14 -60.01 16.45
C GLN G 1051 77.43 -59.39 17.65
N ASP G 1052 78.21 -58.83 18.57
CA ASP G 1052 77.66 -58.23 19.77
C ASP G 1052 78.37 -56.93 20.09
N ARG G 1053 77.60 -55.96 20.58
CA ARG G 1053 78.09 -54.62 20.84
C ARG G 1053 78.18 -54.41 22.35
N PHE G 1054 79.37 -54.06 22.83
CA PHE G 1054 79.59 -53.86 24.25
C PHE G 1054 80.17 -52.49 24.51
N ALA G 1055 79.56 -51.76 25.44
CA ALA G 1055 80.15 -50.51 25.91
C ALA G 1055 81.43 -50.82 26.68
N THR G 1056 82.46 -50.01 26.45
CA THR G 1056 83.80 -50.30 26.96
C THR G 1056 84.33 -49.10 27.74
N GLU G 1057 84.87 -49.36 28.92
CA GLU G 1057 85.58 -48.36 29.70
C GLU G 1057 87.08 -48.55 29.52
N GLN G 1058 87.81 -47.44 29.55
CA GLN G 1058 89.25 -47.45 29.30
C GLN G 1058 90.00 -46.77 30.42
N LEU G 1059 91.23 -47.23 30.63
CA LEU G 1059 92.16 -46.62 31.57
C LEU G 1059 93.39 -46.19 30.79
N LEU G 1060 93.88 -44.99 31.03
CA LEU G 1060 94.99 -44.44 30.28
C LEU G 1060 95.99 -43.77 31.22
N TYR G 1061 97.27 -44.09 31.00
CA TYR G 1061 98.39 -43.37 31.58
C TYR G 1061 99.14 -42.68 30.46
N ALA G 1062 99.41 -41.39 30.60
CA ALA G 1062 99.96 -40.62 29.49
C ALA G 1062 101.41 -40.25 29.72
N GLU G 1063 101.71 -39.34 30.66
CA GLU G 1063 103.01 -39.05 31.28
C GLU G 1063 102.91 -37.82 32.17
N ARG G 1064 104.01 -37.48 32.83
CA ARG G 1064 104.16 -36.14 33.38
C ARG G 1064 104.49 -35.16 32.26
N ALA G 1065 105.63 -35.36 31.59
CA ALA G 1065 106.02 -34.50 30.48
C ALA G 1065 105.81 -35.24 29.16
N SER G 1066 104.57 -35.16 28.67
CA SER G 1066 104.20 -35.82 27.43
C SER G 1066 103.89 -34.86 26.30
N GLU G 1067 103.68 -33.59 26.59
CA GLU G 1067 103.27 -32.63 25.57
C GLU G 1067 103.68 -31.22 26.00
N SER G 1068 104.17 -30.45 25.03
CA SER G 1068 104.47 -29.03 25.24
C SER G 1068 103.42 -28.21 24.53
N TYR G 1069 102.70 -27.38 25.29
CA TYR G 1069 101.48 -26.73 24.83
C TYR G 1069 101.76 -25.25 24.60
N PHE G 1070 101.80 -24.83 23.34
CA PHE G 1070 102.02 -23.44 22.98
C PHE G 1070 100.68 -22.75 22.78
N VAL G 1071 100.49 -21.62 23.44
CA VAL G 1071 99.23 -20.89 23.41
C VAL G 1071 99.46 -19.54 22.73
N GLY G 1072 98.51 -19.14 21.88
CA GLY G 1072 98.58 -17.87 21.19
C GLY G 1072 97.84 -16.77 21.93
N GLN G 1073 97.50 -15.72 21.19
CA GLN G 1073 96.79 -14.57 21.72
C GLN G 1073 95.35 -14.58 21.24
N ILE G 1074 94.46 -14.05 22.07
CA ILE G 1074 93.06 -13.92 21.69
C ILE G 1074 92.91 -12.88 20.60
N GLN G 1075 92.12 -13.20 19.58
CA GLN G 1075 91.79 -12.23 18.54
C GLN G 1075 90.30 -12.24 18.29
N VAL G 1076 89.78 -11.08 17.90
CA VAL G 1076 88.35 -10.84 17.76
C VAL G 1076 88.03 -10.63 16.29
N HIS G 1077 86.92 -11.21 15.85
CA HIS G 1077 86.37 -10.96 14.52
C HIS G 1077 84.95 -10.43 14.70
N HIS G 1078 84.73 -9.18 14.34
CA HIS G 1078 83.39 -8.60 14.38
C HIS G 1078 82.71 -8.81 13.03
N HIS G 1079 81.63 -9.58 13.05
CA HIS G 1079 80.85 -9.86 11.84
C HIS G 1079 79.38 -9.65 12.14
N ASP G 1080 78.67 -9.02 11.21
CA ASP G 1080 77.28 -8.69 11.43
C ASP G 1080 76.40 -9.94 11.41
N ALA G 1081 75.18 -9.79 11.92
CA ALA G 1081 74.26 -10.91 12.04
C ALA G 1081 72.83 -10.39 11.83
N ILE G 1082 71.86 -11.25 12.13
CA ILE G 1082 70.46 -10.95 11.87
C ILE G 1082 69.95 -9.88 12.83
N GLY G 1083 70.27 -10.00 14.11
CA GLY G 1083 69.78 -9.09 15.12
C GLY G 1083 70.80 -8.10 15.60
N GLY G 1084 72.07 -8.49 15.55
CA GLY G 1084 73.17 -7.60 15.86
C GLY G 1084 74.39 -7.97 15.06
N VAL G 1085 75.56 -8.01 15.69
CA VAL G 1085 76.75 -8.54 15.07
C VAL G 1085 77.27 -9.66 15.96
N ASN G 1086 78.25 -10.41 15.45
CA ASN G 1086 78.82 -11.53 16.18
C ASN G 1086 80.31 -11.30 16.37
N PHE G 1087 80.75 -11.36 17.61
CA PHE G 1087 82.17 -11.30 17.95
C PHE G 1087 82.70 -12.72 17.95
N THR G 1088 83.66 -13.00 17.07
CA THR G 1088 84.27 -14.32 16.97
C THR G 1088 85.60 -14.31 17.70
N LEU G 1089 85.70 -15.11 18.76
CA LEU G 1089 86.90 -15.17 19.59
C LEU G 1089 87.73 -16.36 19.13
N THR G 1090 88.95 -16.09 18.67
CA THR G 1090 89.80 -17.12 18.09
C THR G 1090 91.19 -17.07 18.71
N GLN G 1091 91.71 -18.22 19.11
CA GLN G 1091 93.04 -18.33 19.67
C GLN G 1091 93.77 -19.51 19.03
N PRO G 1092 94.87 -19.29 18.31
CA PRO G 1092 95.67 -20.40 17.80
C PRO G 1092 96.52 -21.02 18.91
N ARG G 1093 96.97 -22.24 18.65
CA ARG G 1093 97.75 -22.99 19.61
C ARG G 1093 98.39 -24.18 18.92
N ALA G 1094 99.43 -24.73 19.54
CA ALA G 1094 100.20 -25.80 18.93
C ALA G 1094 100.54 -26.87 19.97
N HIS G 1095 100.69 -28.10 19.51
CA HIS G 1095 101.00 -29.23 20.36
C HIS G 1095 102.21 -29.97 19.82
N VAL G 1096 103.10 -30.39 20.71
CA VAL G 1096 104.27 -31.18 20.37
C VAL G 1096 104.40 -32.31 21.38
N ASP G 1097 104.59 -33.53 20.90
CA ASP G 1097 104.78 -34.69 21.76
C ASP G 1097 106.28 -34.90 21.94
N LEU G 1098 106.80 -34.46 23.08
CA LEU G 1098 108.23 -34.55 23.37
C LEU G 1098 108.56 -35.87 24.09
N GLY G 1099 108.06 -36.95 23.51
CA GLY G 1099 108.25 -38.28 24.08
C GLY G 1099 109.35 -39.03 23.36
N VAL G 1100 110.10 -39.83 24.12
CA VAL G 1100 111.15 -40.66 23.53
C VAL G 1100 110.55 -41.94 22.96
N GLY G 1101 109.82 -42.68 23.80
CA GLY G 1101 109.17 -43.90 23.36
C GLY G 1101 107.66 -43.75 23.37
N TYR G 1102 106.96 -44.83 23.70
CA TYR G 1102 105.49 -44.83 23.73
C TYR G 1102 105.06 -44.32 25.11
N THR G 1103 104.82 -43.01 25.19
CA THR G 1103 104.47 -42.38 26.45
C THR G 1103 103.11 -42.84 26.98
N ALA G 1104 102.08 -42.78 26.15
CA ALA G 1104 100.70 -42.99 26.59
C ALA G 1104 100.20 -44.36 26.15
N VAL G 1105 99.60 -45.10 27.08
CA VAL G 1105 99.06 -46.42 26.81
C VAL G 1105 97.67 -46.52 27.44
N CYS G 1106 96.70 -47.02 26.68
CA CYS G 1106 95.34 -47.20 27.15
C CYS G 1106 94.77 -48.51 26.59
N ALA G 1107 93.90 -49.15 27.37
CA ALA G 1107 93.23 -50.36 26.90
C ALA G 1107 91.79 -50.37 27.38
N THR G 1108 90.93 -51.06 26.63
CA THR G 1108 89.56 -51.28 27.08
C THR G 1108 89.57 -52.10 28.36
N ALA G 1109 88.78 -51.68 29.33
CA ALA G 1109 88.84 -52.25 30.67
C ALA G 1109 87.54 -52.91 31.09
N ALA G 1110 86.41 -52.22 31.01
CA ALA G 1110 85.17 -52.68 31.62
C ALA G 1110 84.07 -52.83 30.57
N LEU G 1111 82.93 -53.37 31.04
CA LEU G 1111 81.80 -53.74 30.22
C LEU G 1111 80.56 -52.91 30.47
N ARG G 1112 80.29 -52.55 31.73
CA ARG G 1112 79.06 -51.90 32.17
C ARG G 1112 77.84 -52.60 31.57
N CYS G 1113 76.76 -51.86 31.35
CA CYS G 1113 75.55 -52.47 30.81
C CYS G 1113 75.80 -52.90 29.37
N PRO G 1114 75.61 -54.19 29.04
CA PRO G 1114 75.79 -54.65 27.66
C PRO G 1114 74.66 -54.15 26.78
N LEU G 1115 74.97 -53.18 25.91
CA LEU G 1115 73.92 -52.52 25.15
C LEU G 1115 73.29 -53.44 24.11
N THR G 1116 74.01 -54.48 23.70
CA THR G 1116 73.48 -55.45 22.74
C THR G 1116 72.70 -56.53 23.48
N ASP G 1117 72.22 -57.52 22.72
CA ASP G 1117 71.50 -58.66 23.26
C ASP G 1117 72.23 -59.94 22.90
N MET G 1118 72.16 -60.92 23.79
CA MET G 1118 72.64 -62.27 23.50
C MET G 1118 71.55 -63.07 22.80
N GLY G 1119 70.99 -62.50 21.74
CA GLY G 1119 69.80 -63.04 21.10
C GLY G 1119 70.11 -64.20 20.18
N ASN G 1120 69.03 -64.77 19.64
CA ASN G 1120 69.09 -65.91 18.72
C ASN G 1120 68.25 -65.56 17.50
N THR G 1121 68.87 -64.87 16.53
CA THR G 1121 68.21 -64.49 15.29
C THR G 1121 69.02 -65.02 14.12
N ALA G 1122 68.39 -65.82 13.28
CA ALA G 1122 69.07 -66.38 12.12
C ALA G 1122 69.28 -65.30 11.05
N GLN G 1123 70.44 -65.34 10.42
CA GLN G 1123 70.78 -64.37 9.37
C GLN G 1123 70.08 -64.77 8.08
N ASN G 1124 69.03 -64.04 7.70
CA ASN G 1124 68.29 -64.35 6.50
C ASN G 1124 69.11 -64.02 5.26
N LEU G 1125 69.11 -64.94 4.29
CA LEU G 1125 69.85 -64.78 3.05
C LEU G 1125 68.98 -64.34 1.89
N PHE G 1126 67.66 -64.38 2.03
CA PHE G 1126 66.77 -63.95 0.97
C PHE G 1126 66.83 -62.46 0.70
N PHE G 1127 67.46 -61.68 1.58
CA PHE G 1127 67.67 -60.26 1.34
C PHE G 1127 68.59 -59.99 0.17
N SER G 1128 69.40 -60.97 -0.24
CA SER G 1128 70.46 -60.75 -1.22
C SER G 1128 69.96 -61.04 -2.63
N ARG G 1129 70.43 -60.24 -3.58
CA ARG G 1129 70.12 -60.40 -4.99
C ARG G 1129 71.40 -60.32 -5.80
N GLY G 1130 71.42 -61.03 -6.92
CA GLY G 1130 72.59 -61.06 -7.77
C GLY G 1130 72.99 -62.47 -8.16
N GLY G 1131 72.76 -63.43 -7.28
CA GLY G 1131 73.05 -64.81 -7.59
C GLY G 1131 72.09 -65.35 -8.64
N VAL G 1132 72.49 -66.48 -9.23
CA VAL G 1132 71.72 -67.10 -10.30
C VAL G 1132 70.37 -67.56 -9.73
N PRO G 1133 69.26 -67.09 -10.29
CA PRO G 1133 67.95 -67.47 -9.76
C PRO G 1133 67.54 -68.87 -10.22
N MET G 1134 66.52 -69.39 -9.55
CA MET G 1134 65.96 -70.68 -9.92
C MET G 1134 65.06 -70.57 -11.14
N LEU G 1135 64.90 -71.70 -11.84
CA LEU G 1135 64.10 -71.73 -13.06
C LEU G 1135 62.65 -71.35 -12.79
N HIS G 1136 62.05 -71.89 -11.73
CA HIS G 1136 60.65 -71.67 -11.43
C HIS G 1136 60.52 -70.65 -10.30
N ASP G 1137 59.71 -69.61 -10.53
CA ASP G 1137 59.55 -68.56 -9.53
C ASP G 1137 58.66 -68.98 -8.37
N ASN G 1138 57.68 -69.86 -8.64
CA ASN G 1138 56.76 -70.28 -7.59
C ASN G 1138 57.48 -71.01 -6.46
N VAL G 1139 58.45 -71.87 -6.80
CA VAL G 1139 59.21 -72.58 -5.78
C VAL G 1139 60.03 -71.59 -4.96
N THR G 1140 60.60 -70.57 -5.63
CA THR G 1140 61.35 -69.54 -4.91
C THR G 1140 60.46 -68.77 -3.94
N GLU G 1141 59.24 -68.42 -4.39
CA GLU G 1141 58.31 -67.72 -3.51
C GLU G 1141 57.91 -68.60 -2.33
N SER G 1142 57.69 -69.89 -2.58
CA SER G 1142 57.36 -70.81 -1.49
C SER G 1142 58.52 -70.91 -0.49
N LEU G 1143 59.76 -70.97 -0.99
CA LEU G 1143 60.92 -71.01 -0.12
C LEU G 1143 61.02 -69.74 0.72
N ARG G 1144 60.79 -68.58 0.10
CA ARG G 1144 60.83 -67.32 0.83
C ARG G 1144 59.75 -67.28 1.90
N ARG G 1145 58.54 -67.76 1.57
CA ARG G 1145 57.47 -67.80 2.55
C ARG G 1145 57.80 -68.72 3.72
N ILE G 1146 58.37 -69.89 3.43
CA ILE G 1146 58.73 -70.82 4.49
C ILE G 1146 59.83 -70.23 5.37
N THR G 1147 60.83 -69.61 4.76
CA THR G 1147 61.88 -68.96 5.53
C THR G 1147 61.32 -67.82 6.38
N ALA G 1148 60.27 -67.16 5.90
CA ALA G 1148 59.64 -66.09 6.68
C ALA G 1148 59.09 -66.65 7.99
N SER G 1149 58.47 -67.81 7.95
CA SER G 1149 57.95 -68.43 9.17
C SER G 1149 59.10 -68.91 10.05
N GLY G 1150 58.91 -68.78 11.36
CA GLY G 1150 59.94 -69.17 12.31
C GLY G 1150 61.10 -68.24 12.42
N GLY G 1151 60.94 -66.97 12.01
CA GLY G 1151 62.02 -66.01 12.08
C GLY G 1151 61.51 -64.68 12.58
N ARG G 1152 62.44 -63.90 13.14
CA ARG G 1152 62.10 -62.59 13.70
C ARG G 1152 62.26 -61.46 12.70
N LEU G 1153 63.21 -61.58 11.77
CA LEU G 1153 63.42 -60.58 10.73
C LEU G 1153 63.23 -61.23 9.37
N ASN G 1154 62.38 -60.64 8.54
CA ASN G 1154 62.05 -61.21 7.24
C ASN G 1154 61.78 -60.07 6.27
N PRO G 1155 61.93 -60.31 4.97
CA PRO G 1155 61.70 -59.23 4.00
C PRO G 1155 60.24 -58.83 3.97
N THR G 1156 60.00 -57.57 3.61
CA THR G 1156 58.63 -57.08 3.51
C THR G 1156 57.90 -57.82 2.40
N GLU G 1157 56.63 -58.14 2.67
CA GLU G 1157 55.84 -58.88 1.69
C GLU G 1157 55.65 -58.16 0.35
N PRO G 1158 55.44 -56.84 0.28
CA PRO G 1158 55.24 -56.22 -1.05
C PRO G 1158 56.46 -56.30 -1.95
N LEU G 1159 57.66 -56.53 -1.38
CA LEU G 1159 58.92 -56.57 -2.11
C LEU G 1159 59.08 -55.30 -2.94
N PRO G 1160 59.31 -54.15 -2.30
CA PRO G 1160 59.42 -52.89 -3.05
C PRO G 1160 60.68 -52.87 -3.91
N ILE G 1161 60.49 -52.88 -5.22
CA ILE G 1161 61.64 -52.80 -6.13
C ILE G 1161 62.28 -51.42 -6.05
N PHE G 1162 63.55 -51.36 -6.47
CA PHE G 1162 64.35 -50.14 -6.37
C PHE G 1162 64.41 -49.66 -4.91
N GLY G 1163 64.98 -50.50 -4.06
CA GLY G 1163 65.10 -50.19 -2.65
C GLY G 1163 65.93 -51.24 -1.96
N GLY G 1164 66.24 -50.97 -0.68
CA GLY G 1164 67.07 -51.84 0.10
C GLY G 1164 66.37 -53.01 0.75
N LEU G 1165 65.05 -53.12 0.60
CA LEU G 1165 64.27 -54.20 1.21
C LEU G 1165 64.46 -54.25 2.73
N ARG G 1166 64.17 -53.11 3.37
CA ARG G 1166 64.33 -53.00 4.80
C ARG G 1166 63.39 -53.95 5.53
N PRO G 1167 63.83 -54.55 6.63
CA PRO G 1167 62.99 -55.51 7.35
C PRO G 1167 61.77 -54.83 7.95
N ALA G 1168 60.71 -55.60 8.10
CA ALA G 1168 59.47 -55.10 8.69
C ALA G 1168 59.72 -54.69 10.14
N THR G 1169 59.08 -53.61 10.57
CA THR G 1169 59.29 -53.09 11.91
C THR G 1169 58.60 -53.95 12.95
N SER G 1170 58.92 -53.67 14.21
CA SER G 1170 58.29 -54.36 15.33
C SER G 1170 57.77 -53.33 16.34
N ALA G 1171 57.33 -53.80 17.50
CA ALA G 1171 56.92 -52.91 18.58
C ALA G 1171 58.15 -52.37 19.29
N GLY G 1172 57.95 -51.77 20.46
CA GLY G 1172 59.09 -51.33 21.25
C GLY G 1172 60.06 -52.47 21.50
N ILE G 1173 61.35 -52.19 21.36
CA ILE G 1173 62.38 -53.21 21.50
C ILE G 1173 62.30 -53.84 22.88
N ALA G 1174 62.41 -55.17 22.92
CA ALA G 1174 62.25 -55.90 24.18
C ALA G 1174 63.35 -55.53 25.17
N ARG G 1175 64.61 -55.83 24.83
CA ARG G 1175 65.69 -55.59 25.78
C ARG G 1175 66.97 -55.06 25.11
N GLY G 1176 66.88 -54.54 23.89
CA GLY G 1176 68.02 -54.00 23.20
C GLY G 1176 68.17 -54.60 21.81
N GLN G 1177 69.18 -54.09 21.10
CA GLN G 1177 69.39 -54.48 19.70
C GLN G 1177 69.68 -55.98 19.60
N ALA G 1178 68.99 -56.64 18.67
CA ALA G 1178 69.18 -58.07 18.47
C ALA G 1178 70.49 -58.34 17.75
N SER G 1179 71.00 -59.57 17.92
CA SER G 1179 72.25 -60.00 17.32
C SER G 1179 71.97 -61.08 16.27
N VAL G 1180 72.54 -60.89 15.08
CA VAL G 1180 72.32 -61.81 13.97
C VAL G 1180 73.22 -63.03 14.12
N CYS G 1181 72.80 -64.15 13.53
CA CYS G 1181 73.54 -65.39 13.58
C CYS G 1181 73.62 -65.98 12.16
N GLU G 1182 74.82 -66.05 11.61
CA GLU G 1182 75.05 -66.58 10.27
C GLU G 1182 75.55 -68.02 10.37
N PHE G 1183 75.14 -68.85 9.41
CA PHE G 1183 75.37 -70.29 9.46
C PHE G 1183 76.42 -70.69 8.44
N VAL G 1184 77.32 -71.58 8.86
CA VAL G 1184 78.38 -72.13 8.01
C VAL G 1184 78.36 -73.65 8.16
N ALA G 1185 78.44 -74.35 7.03
CA ALA G 1185 78.30 -75.80 7.02
C ALA G 1185 79.64 -76.49 7.31
N MET G 1186 79.54 -77.75 7.74
CA MET G 1186 80.69 -78.59 8.04
C MET G 1186 80.21 -80.04 8.14
N PRO G 1187 81.13 -81.00 8.13
CA PRO G 1187 80.73 -82.40 8.33
C PRO G 1187 80.18 -82.63 9.73
N VAL G 1188 79.28 -83.61 9.83
CA VAL G 1188 78.81 -84.02 11.16
C VAL G 1188 79.94 -84.56 12.00
N SER G 1189 80.89 -85.28 11.38
CA SER G 1189 82.08 -85.74 12.08
C SER G 1189 83.08 -84.60 12.07
N THR G 1190 83.03 -83.77 13.11
CA THR G 1190 83.88 -82.61 13.23
C THR G 1190 84.68 -82.71 14.53
N ASP G 1191 85.97 -82.42 14.45
CA ASP G 1191 86.83 -82.44 15.62
C ASP G 1191 86.40 -81.37 16.61
N LEU G 1192 85.78 -81.79 17.72
CA LEU G 1192 85.10 -80.83 18.59
C LEU G 1192 86.07 -80.10 19.53
N GLN G 1193 87.18 -80.73 19.92
CA GLN G 1193 88.13 -80.04 20.80
C GLN G 1193 88.80 -78.87 20.09
N TYR G 1194 88.67 -78.77 18.77
CA TYR G 1194 89.02 -77.54 18.07
C TYR G 1194 88.23 -76.37 18.63
N PHE G 1195 86.91 -76.55 18.79
CA PHE G 1195 86.03 -75.47 19.22
C PHE G 1195 86.05 -75.25 20.73
N ARG G 1196 86.67 -76.14 21.50
CA ARG G 1196 86.80 -75.92 22.94
C ARG G 1196 87.70 -74.73 23.26
N THR G 1197 88.57 -74.33 22.34
CA THR G 1197 89.50 -73.24 22.59
C THR G 1197 89.24 -72.09 21.62
N ALA G 1198 90.14 -71.10 21.62
CA ALA G 1198 90.01 -69.96 20.72
C ALA G 1198 90.21 -70.46 19.30
N CYS G 1199 89.13 -70.61 18.57
CA CYS G 1199 89.10 -71.27 17.27
C CYS G 1199 88.92 -70.23 16.17
N ASN G 1200 88.85 -70.71 14.93
CA ASN G 1200 88.73 -69.79 13.81
C ASN G 1200 87.41 -69.99 13.08
N PRO G 1201 86.78 -68.90 12.63
CA PRO G 1201 85.53 -69.06 11.86
C PRO G 1201 85.70 -69.87 10.60
N ARG G 1202 86.82 -69.70 9.89
CA ARG G 1202 87.06 -70.47 8.69
C ARG G 1202 87.41 -71.91 9.01
N GLY G 1203 88.18 -72.12 10.09
CA GLY G 1203 88.69 -73.42 10.45
C GLY G 1203 90.17 -73.60 10.23
N ARG G 1204 90.88 -72.56 9.78
CA ARG G 1204 92.32 -72.66 9.55
C ARG G 1204 92.95 -71.30 9.84
N ALA G 1205 94.06 -71.32 10.58
CA ALA G 1205 94.80 -70.08 10.82
C ALA G 1205 95.42 -69.58 9.52
N SER G 1206 95.25 -68.29 9.27
CA SER G 1206 95.65 -67.71 7.99
C SER G 1206 96.02 -66.25 8.21
N GLU G 1326 90.09 -64.95 14.67
CA GLU G 1326 89.56 -65.94 15.60
C GLU G 1326 88.28 -65.43 16.22
N ALA G 1327 87.27 -66.31 16.27
CA ALA G 1327 86.03 -66.04 16.99
C ALA G 1327 86.07 -66.84 18.28
N TYR G 1328 85.98 -66.15 19.40
CA TYR G 1328 86.09 -66.82 20.69
C TYR G 1328 84.77 -67.48 21.06
N PRO G 1329 84.75 -68.79 21.31
CA PRO G 1329 83.50 -69.46 21.63
C PRO G 1329 83.19 -69.36 23.11
N PRO G 1330 81.99 -68.91 23.47
CA PRO G 1330 81.54 -68.98 24.86
C PRO G 1330 80.98 -70.34 25.24
N LEU G 1331 80.45 -70.41 26.46
CA LEU G 1331 79.89 -71.65 26.98
C LEU G 1331 78.62 -72.01 26.23
N CYS G 1332 78.41 -73.31 26.01
CA CYS G 1332 77.24 -73.78 25.28
C CYS G 1332 76.99 -75.24 25.61
N SER G 1333 75.78 -75.70 25.28
CA SER G 1333 75.42 -77.10 25.40
C SER G 1333 74.53 -77.49 24.24
N SER G 1334 74.70 -78.72 23.75
CA SER G 1334 73.82 -79.29 22.75
C SER G 1334 72.67 -80.06 23.37
N ASP G 1335 72.58 -80.07 24.70
CA ASP G 1335 71.43 -80.62 25.40
C ASP G 1335 71.07 -79.66 26.53
N ALA G 1336 69.79 -79.57 26.84
CA ALA G 1336 69.33 -78.67 27.89
C ALA G 1336 69.89 -79.06 29.25
N ALA G 1337 69.96 -80.37 29.52
CA ALA G 1337 70.39 -80.85 30.84
C ALA G 1337 71.82 -80.42 31.14
N MET G 1338 72.71 -80.53 30.15
CA MET G 1338 74.11 -80.20 30.41
C MET G 1338 74.29 -78.70 30.65
N LEU G 1339 73.50 -77.87 29.97
CA LEU G 1339 73.60 -76.43 30.19
C LEU G 1339 73.19 -76.05 31.60
N ARG G 1340 72.11 -76.65 32.11
CA ARG G 1340 71.67 -76.32 33.45
C ARG G 1340 72.59 -76.94 34.51
N THR G 1341 73.18 -78.11 34.22
CA THR G 1341 74.11 -78.69 35.17
C THR G 1341 75.51 -78.12 35.03
N ALA G 1342 75.72 -77.22 34.06
CA ALA G 1342 77.02 -76.59 33.89
C ALA G 1342 77.35 -75.63 35.02
N HIS G 1343 76.40 -75.34 35.91
CA HIS G 1343 76.69 -74.50 37.07
C HIS G 1343 77.77 -75.11 37.95
N ALA G 1344 77.96 -76.43 37.86
CA ALA G 1344 79.01 -77.15 38.59
C ALA G 1344 78.88 -76.93 40.09
N GLY G 1345 77.71 -77.22 40.64
CA GLY G 1345 77.50 -77.14 42.07
C GLY G 1345 78.43 -78.07 42.84
N GLU G 1346 78.34 -79.36 42.57
CA GLU G 1346 79.25 -80.34 43.16
C GLU G 1346 80.42 -80.63 42.23
N THR G 1347 81.07 -79.55 41.80
CA THR G 1347 82.22 -79.61 40.90
C THR G 1347 81.92 -80.44 39.66
N GLY G 1348 80.72 -80.23 39.12
CA GLY G 1348 80.26 -81.01 37.98
C GLY G 1348 80.66 -80.44 36.64
N ALA G 1349 81.67 -81.04 36.00
CA ALA G 1349 82.14 -80.62 34.69
C ALA G 1349 81.89 -81.74 33.68
N ASP G 1350 81.22 -81.40 32.59
CA ASP G 1350 80.91 -82.36 31.54
C ASP G 1350 81.27 -81.76 30.19
N GLU G 1351 81.84 -82.58 29.31
CA GLU G 1351 82.17 -82.18 27.95
C GLU G 1351 81.35 -82.93 26.91
N VAL G 1352 81.26 -84.25 27.03
CA VAL G 1352 80.37 -85.08 26.23
C VAL G 1352 79.86 -86.21 27.12
N HIS G 1353 78.55 -86.44 27.10
CA HIS G 1353 78.00 -87.53 27.90
C HIS G 1353 78.00 -88.82 27.10
N LEU G 1354 77.26 -88.87 26.00
CA LEU G 1354 77.50 -89.86 24.95
C LEU G 1354 77.73 -89.21 23.60
N ALA G 1355 76.80 -88.38 23.13
CA ALA G 1355 76.89 -87.77 21.80
C ALA G 1355 76.58 -86.29 21.76
N GLN G 1356 75.86 -85.74 22.74
CA GLN G 1356 75.71 -84.30 22.86
C GLN G 1356 76.96 -83.72 23.52
N TYR G 1357 77.10 -82.39 23.45
CA TYR G 1357 78.34 -81.78 23.91
C TYR G 1357 78.04 -80.56 24.79
N LEU G 1358 78.98 -80.28 25.68
CA LEU G 1358 78.93 -79.14 26.60
C LEU G 1358 80.28 -78.44 26.54
N ILE G 1359 80.34 -77.33 25.81
CA ILE G 1359 81.60 -76.64 25.55
C ILE G 1359 81.78 -75.54 26.58
N ARG G 1360 82.96 -75.51 27.20
CA ARG G 1360 83.26 -74.49 28.19
C ARG G 1360 83.46 -73.13 27.55
N ASP G 1361 83.32 -72.08 28.36
CA ASP G 1361 83.48 -70.71 27.88
C ASP G 1361 84.95 -70.39 27.66
N ALA G 1362 85.31 -70.10 26.42
CA ALA G 1362 86.63 -69.59 26.07
C ALA G 1362 86.61 -68.13 25.68
N SER G 1363 85.43 -67.51 25.64
CA SER G 1363 85.30 -66.10 25.30
C SER G 1363 85.83 -65.23 26.44
N PRO G 1364 86.15 -63.97 26.15
CA PRO G 1364 86.62 -63.08 27.22
C PRO G 1364 85.61 -62.89 28.34
N LEU G 1365 84.31 -63.07 28.07
CA LEU G 1365 83.28 -62.92 29.08
C LEU G 1365 83.17 -64.21 29.91
N ARG G 1366 84.25 -64.48 30.65
CA ARG G 1366 84.30 -65.69 31.46
C ARG G 1366 83.64 -65.48 32.83
N GLY G 1367 84.04 -64.42 33.53
CA GLY G 1367 83.51 -64.16 34.85
C GLY G 1367 82.44 -63.08 34.86
N CYS G 1368 81.91 -62.74 33.69
CA CYS G 1368 80.88 -61.72 33.54
C CYS G 1368 79.54 -62.38 33.24
N LEU G 1369 78.53 -61.53 32.99
CA LEU G 1369 77.19 -61.97 32.59
C LEU G 1369 76.62 -62.98 33.59
N PRO G 1370 76.22 -62.54 34.79
CA PRO G 1370 75.76 -63.49 35.81
C PRO G 1370 74.57 -64.30 35.33
N LEU G 1371 74.54 -65.56 35.74
CA LEU G 1371 73.50 -66.49 35.32
C LEU G 1371 72.35 -66.53 36.31
N SER H 1 -81.27 -48.61 -5.64
CA SER H 1 -82.06 -47.44 -5.97
C SER H 1 -83.44 -47.50 -5.33
N ASN H 2 -84.11 -48.63 -5.50
CA ASN H 2 -85.47 -48.79 -4.99
C ASN H 2 -85.58 -50.03 -4.12
N PRO H 3 -86.20 -49.92 -2.94
CA PRO H 3 -86.59 -48.62 -2.39
C PRO H 3 -85.68 -48.13 -1.27
N THR H 4 -85.37 -46.83 -1.30
CA THR H 4 -84.74 -46.13 -0.18
C THR H 4 -85.43 -44.83 0.26
N THR H 5 -86.09 -44.07 -0.62
CA THR H 5 -86.21 -44.28 -2.07
C THR H 5 -85.53 -43.17 -2.86
N PHE H 6 -85.64 -41.94 -2.36
CA PHE H 6 -85.05 -40.80 -3.06
C PHE H 6 -84.67 -39.78 -2.00
N SER H 7 -83.42 -39.30 -2.06
CA SER H 7 -82.91 -38.36 -1.09
C SER H 7 -83.66 -37.05 -1.20
N VAL H 8 -84.38 -36.67 -0.14
CA VAL H 8 -85.15 -35.45 -0.15
C VAL H 8 -84.62 -34.52 0.92
N GLU H 9 -83.77 -35.05 1.80
CA GLU H 9 -83.05 -34.23 2.78
C GLU H 9 -83.99 -33.40 3.65
N ALA H 10 -84.76 -33.99 4.57
CA ALA H 10 -84.61 -35.32 5.22
C ALA H 10 -83.20 -35.71 5.67
N ILE H 11 -83.13 -36.76 6.49
CA ILE H 11 -81.86 -37.26 7.01
C ILE H 11 -81.83 -38.78 6.87
N ALA H 12 -82.54 -39.31 5.87
CA ALA H 12 -82.54 -40.77 5.73
C ALA H 12 -81.13 -41.28 5.44
N ALA H 13 -80.42 -40.79 4.41
CA ALA H 13 -80.97 -40.22 3.19
C ALA H 13 -81.01 -41.39 2.21
N TYR H 14 -79.81 -41.84 1.81
CA TYR H 14 -79.48 -43.22 1.43
C TYR H 14 -78.03 -43.20 0.94
N THR H 15 -77.36 -44.35 0.92
CA THR H 15 -75.91 -44.28 0.78
C THR H 15 -75.50 -43.80 -0.61
N PRO H 16 -75.70 -44.57 -1.73
CA PRO H 16 -75.68 -43.91 -3.04
C PRO H 16 -77.10 -43.70 -3.54
N VAL H 17 -77.57 -42.49 -3.88
CA VAL H 17 -76.87 -41.30 -4.38
C VAL H 17 -76.21 -41.73 -5.68
N ALA H 18 -77.08 -41.93 -6.66
CA ALA H 18 -76.70 -42.41 -7.99
C ALA H 18 -77.40 -41.56 -9.04
N LEU H 19 -77.36 -40.24 -8.84
CA LEU H 19 -77.99 -39.32 -9.77
C LEU H 19 -76.96 -38.46 -10.49
N ILE H 20 -77.39 -37.81 -11.56
CA ILE H 20 -76.66 -36.70 -12.16
C ILE H 20 -77.66 -35.59 -12.41
N ARG H 21 -77.17 -34.36 -12.62
CA ARG H 21 -78.00 -33.17 -12.77
C ARG H 21 -78.87 -32.97 -11.54
N LEU H 22 -78.25 -32.98 -10.36
CA LEU H 22 -79.05 -32.79 -9.16
C LEU H 22 -79.35 -31.30 -8.96
N LEU H 23 -80.54 -30.87 -9.41
CA LEU H 23 -81.10 -29.59 -8.99
C LEU H 23 -81.79 -29.85 -7.66
N ASN H 24 -81.11 -30.55 -6.76
CA ASN H 24 -81.82 -31.24 -5.71
C ASN H 24 -81.39 -30.75 -4.36
N ALA H 25 -80.08 -30.81 -4.09
CA ALA H 25 -79.60 -30.33 -2.81
C ALA H 25 -80.28 -28.98 -2.69
N SER H 26 -80.07 -28.12 -3.67
CA SER H 26 -80.91 -26.93 -3.79
C SER H 26 -81.11 -26.56 -5.23
N GLY H 27 -82.36 -26.38 -5.68
CA GLY H 27 -83.55 -26.91 -5.06
C GLY H 27 -84.11 -26.23 -3.83
N PRO H 28 -85.27 -26.69 -3.40
CA PRO H 28 -85.73 -26.40 -2.05
C PRO H 28 -85.20 -27.43 -1.08
N LEU H 29 -85.30 -27.16 0.23
CA LEU H 29 -84.90 -28.14 1.22
C LEU H 29 -86.07 -28.68 2.03
N GLN H 30 -86.91 -27.83 2.67
CA GLN H 30 -86.81 -26.37 2.77
C GLN H 30 -87.36 -25.90 4.10
N PRO H 31 -86.57 -25.99 5.17
CA PRO H 31 -85.21 -26.53 5.31
C PRO H 31 -85.18 -28.01 5.65
N GLY H 32 -84.04 -28.46 6.17
CA GLY H 32 -83.95 -29.79 6.76
C GLY H 32 -84.92 -29.95 7.91
N HIS H 33 -85.55 -31.11 8.00
CA HIS H 33 -86.64 -31.32 8.97
C HIS H 33 -86.11 -31.61 10.36
N ARG H 34 -87.00 -32.05 11.25
CA ARG H 34 -86.70 -32.19 12.68
C ARG H 34 -86.06 -33.55 12.94
N VAL H 35 -84.76 -33.65 12.68
CA VAL H 35 -84.00 -34.87 12.98
C VAL H 35 -82.66 -34.42 13.57
N ASP H 36 -81.89 -35.36 14.14
CA ASP H 36 -80.71 -35.05 14.94
C ASP H 36 -79.55 -34.43 14.16
N ILE H 37 -79.20 -35.04 13.02
CA ILE H 37 -78.20 -34.63 12.02
C ILE H 37 -76.79 -34.79 12.59
N ALA H 38 -75.83 -35.12 11.71
CA ALA H 38 -74.39 -35.21 11.95
C ALA H 38 -73.77 -35.93 10.78
N ASP H 39 -74.36 -37.06 10.42
CA ASP H 39 -74.00 -37.86 9.25
C ASP H 39 -75.19 -38.72 8.81
N ALA H 40 -75.92 -38.35 7.75
CA ALA H 40 -75.82 -37.13 6.92
C ALA H 40 -74.53 -36.96 6.14
N ARG H 41 -73.66 -36.10 6.64
CA ARG H 41 -72.55 -35.55 5.87
C ARG H 41 -71.68 -36.65 5.28
N SER H 42 -71.48 -37.75 6.00
CA SER H 42 -70.59 -38.82 5.55
C SER H 42 -71.31 -39.87 4.71
N ILE H 43 -72.56 -40.19 5.07
CA ILE H 43 -73.37 -41.02 4.20
C ILE H 43 -73.58 -40.25 2.91
N TYR H 44 -73.54 -38.92 3.00
CA TYR H 44 -73.53 -38.09 1.81
C TYR H 44 -72.21 -38.29 1.09
N THR H 45 -71.16 -38.53 1.87
CA THR H 45 -69.82 -38.65 1.32
C THR H 45 -69.68 -39.83 0.37
N VAL H 46 -69.81 -41.03 0.92
CA VAL H 46 -69.40 -42.24 0.22
C VAL H 46 -70.33 -42.43 -0.98
N GLY H 47 -71.47 -41.77 -0.93
CA GLY H 47 -72.43 -41.83 -2.01
C GLY H 47 -72.23 -40.79 -3.09
N ALA H 48 -71.91 -39.55 -2.72
CA ALA H 48 -71.65 -38.55 -3.74
C ALA H 48 -70.38 -38.89 -4.49
N ALA H 49 -69.47 -39.60 -3.81
CA ALA H 49 -68.29 -40.11 -4.51
C ALA H 49 -68.68 -41.16 -5.56
N ALA H 50 -69.61 -42.04 -5.22
CA ALA H 50 -70.13 -42.96 -6.21
C ALA H 50 -70.87 -42.22 -7.31
N SER H 51 -71.46 -41.06 -7.00
CA SER H 51 -72.35 -40.35 -7.89
C SER H 51 -71.68 -39.89 -9.18
N ALA H 52 -70.35 -39.86 -9.22
CA ALA H 52 -69.64 -39.66 -10.48
C ALA H 52 -68.60 -40.74 -10.72
N ALA H 53 -68.15 -41.44 -9.68
CA ALA H 53 -67.30 -42.62 -9.91
C ALA H 53 -68.01 -43.61 -10.82
N ARG H 54 -69.25 -43.96 -10.50
CA ARG H 54 -70.07 -44.75 -11.40
C ARG H 54 -70.48 -43.96 -12.64
N ALA H 55 -70.70 -42.65 -12.52
CA ALA H 55 -71.20 -41.88 -13.65
C ALA H 55 -70.13 -41.69 -14.71
N ARG H 56 -68.93 -42.19 -14.49
CA ARG H 56 -67.97 -42.16 -15.60
C ARG H 56 -68.44 -43.05 -16.73
N ALA H 57 -68.44 -44.38 -16.54
CA ALA H 57 -68.85 -45.33 -17.57
C ALA H 57 -68.36 -44.91 -18.96
N ASN H 58 -68.94 -43.84 -19.50
CA ASN H 58 -68.44 -43.22 -20.72
C ASN H 58 -67.22 -42.37 -20.37
N HIS H 59 -66.77 -41.54 -21.30
CA HIS H 59 -65.48 -40.87 -21.15
C HIS H 59 -64.34 -41.84 -20.90
N ASN H 60 -64.58 -43.12 -21.16
CA ASN H 60 -63.48 -44.03 -21.40
C ASN H 60 -63.46 -44.42 -22.87
N ALA H 61 -64.44 -43.90 -23.62
CA ALA H 61 -64.48 -44.02 -25.07
C ALA H 61 -63.67 -42.88 -25.68
N ASN H 62 -63.13 -42.02 -24.84
CA ASN H 62 -62.18 -41.03 -25.32
C ASN H 62 -60.78 -41.34 -24.82
N THR H 63 -60.69 -41.86 -23.60
CA THR H 63 -59.41 -42.16 -22.95
C THR H 63 -58.67 -43.26 -23.70
N ILE H 64 -57.33 -43.42 -23.60
CA ILE H 64 -56.35 -42.83 -22.64
C ILE H 64 -56.45 -43.49 -21.28
N ARG H 65 -55.96 -44.72 -21.22
CA ARG H 65 -55.76 -45.39 -19.95
C ARG H 65 -54.58 -44.76 -19.25
N ARG H 66 -54.29 -45.20 -18.04
CA ARG H 66 -53.33 -44.48 -17.22
C ARG H 66 -51.92 -44.79 -17.67
N THR H 67 -50.95 -44.47 -16.84
CA THR H 67 -49.61 -44.95 -17.09
C THR H 67 -49.09 -45.48 -15.76
N ALA H 68 -47.84 -45.92 -15.70
CA ALA H 68 -47.31 -46.29 -14.40
C ALA H 68 -47.10 -45.08 -13.52
N MET H 69 -47.55 -43.90 -13.96
CA MET H 69 -47.40 -42.66 -13.22
C MET H 69 -45.92 -42.35 -13.14
N PHE H 70 -45.22 -43.20 -12.39
CA PHE H 70 -43.78 -43.26 -12.27
C PHE H 70 -43.27 -44.64 -12.64
N ALA H 71 -41.99 -44.92 -12.39
CA ALA H 71 -41.52 -46.28 -12.53
C ALA H 71 -40.63 -46.65 -11.36
N GLU H 72 -40.89 -47.82 -10.79
CA GLU H 72 -39.87 -48.70 -10.24
C GLU H 72 -40.41 -50.08 -10.46
N THR H 73 -39.71 -51.11 -9.99
CA THR H 73 -40.06 -52.46 -10.38
C THR H 73 -41.57 -52.66 -10.26
N ASP H 74 -42.31 -52.76 -11.39
CA ASP H 74 -41.84 -52.93 -12.79
C ASP H 74 -41.11 -54.25 -12.86
N PRO H 75 -41.89 -55.33 -12.89
CA PRO H 75 -41.36 -56.67 -12.63
C PRO H 75 -40.15 -57.06 -13.48
N MET H 76 -39.81 -56.37 -14.57
CA MET H 76 -38.58 -56.78 -15.21
C MET H 76 -37.40 -55.93 -14.76
N THR H 77 -37.35 -54.67 -15.19
CA THR H 77 -36.37 -53.71 -14.72
C THR H 77 -34.93 -54.17 -15.02
N TRP H 78 -34.75 -55.37 -15.55
CA TRP H 78 -33.40 -55.90 -15.71
C TRP H 78 -32.89 -55.61 -17.11
N LEU H 79 -33.82 -55.35 -18.02
CA LEU H 79 -33.48 -54.69 -19.27
C LEU H 79 -34.55 -53.67 -19.55
N ARG H 80 -35.40 -53.40 -18.56
CA ARG H 80 -36.53 -52.57 -18.93
C ARG H 80 -37.26 -51.91 -17.74
N PRO H 81 -36.71 -50.83 -17.18
CA PRO H 81 -37.52 -49.81 -16.50
C PRO H 81 -38.16 -48.81 -17.43
N THR H 82 -38.91 -47.91 -16.81
CA THR H 82 -39.99 -47.17 -17.43
C THR H 82 -39.90 -45.72 -16.99
N VAL H 83 -40.78 -44.88 -17.53
CA VAL H 83 -41.34 -43.75 -16.80
C VAL H 83 -42.82 -43.66 -17.12
N GLY H 84 -43.63 -43.34 -16.11
CA GLY H 84 -45.03 -43.05 -16.29
C GLY H 84 -45.22 -41.65 -16.86
N LEU H 85 -46.32 -41.48 -17.59
CA LEU H 85 -46.60 -40.26 -18.37
C LEU H 85 -46.68 -38.98 -17.58
N ARG H 86 -46.28 -37.93 -18.27
CA ARG H 86 -47.06 -36.70 -18.35
C ARG H 86 -47.33 -36.38 -19.82
N ARG H 87 -48.60 -36.40 -20.20
CA ARG H 87 -49.07 -36.47 -21.58
C ARG H 87 -49.82 -35.19 -21.93
N THR H 88 -49.09 -34.17 -22.33
CA THR H 88 -49.72 -32.95 -22.78
C THR H 88 -50.55 -33.19 -24.03
N PHE H 89 -50.46 -34.37 -24.64
CA PHE H 89 -51.30 -34.57 -25.80
C PHE H 89 -52.75 -34.48 -25.37
N ASN H 90 -53.54 -33.96 -26.27
CA ASN H 90 -54.89 -33.52 -25.98
C ASN H 90 -55.84 -34.68 -26.22
N PRO H 91 -56.21 -35.44 -25.18
CA PRO H 91 -56.62 -36.82 -25.39
C PRO H 91 -58.11 -36.99 -25.68
N ARG H 92 -58.42 -37.50 -26.87
CA ARG H 92 -59.80 -37.67 -27.30
C ARG H 92 -60.08 -38.97 -28.06
N ILE H 93 -59.09 -39.83 -28.30
CA ILE H 93 -59.16 -41.00 -29.19
C ILE H 93 -59.77 -40.70 -30.55
N ILE H 94 -60.49 -39.57 -30.66
CA ILE H 94 -61.15 -39.14 -31.89
C ILE H 94 -62.08 -40.22 -32.42
N SER I 1 -107.30 -1.33 -20.14
CA SER I 1 -107.17 -0.76 -21.47
C SER I 1 -108.39 0.08 -21.82
N ASN I 2 -109.57 -0.52 -21.71
CA ASN I 2 -110.80 0.17 -22.10
C ASN I 2 -111.84 0.07 -21.00
N PRO I 3 -112.57 1.17 -20.72
CA PRO I 3 -112.17 2.48 -21.23
C PRO I 3 -111.55 3.38 -20.17
N THR I 4 -110.51 4.11 -20.57
CA THR I 4 -109.93 5.19 -19.77
C THR I 4 -109.72 6.51 -20.53
N THR I 5 -109.43 6.51 -21.84
CA THR I 5 -109.27 5.35 -22.71
C THR I 5 -107.84 5.22 -23.22
N PHE I 6 -107.20 6.35 -23.51
CA PHE I 6 -105.83 6.32 -24.00
C PHE I 6 -105.18 7.66 -23.63
N SER I 7 -103.95 7.60 -23.16
CA SER I 7 -103.25 8.78 -22.65
C SER I 7 -103.03 9.77 -23.77
N VAL I 8 -103.60 10.97 -23.63
CA VAL I 8 -103.46 11.99 -24.66
C VAL I 8 -102.81 13.22 -24.03
N GLU I 9 -102.79 13.28 -22.69
CA GLU I 9 -102.06 14.31 -21.98
C GLU I 9 -102.49 15.73 -22.36
N ALA I 10 -103.69 16.19 -21.98
CA ALA I 10 -104.58 15.73 -20.88
C ALA I 10 -103.91 15.41 -19.53
N ILE I 11 -104.74 15.27 -18.50
CA ILE I 11 -104.27 14.95 -17.16
C ILE I 11 -105.15 13.84 -16.56
N ALA I 12 -105.72 12.98 -17.41
CA ALA I 12 -106.58 11.94 -16.86
C ALA I 12 -105.80 11.01 -15.93
N ALA I 13 -104.72 10.33 -16.37
CA ALA I 13 -104.49 9.90 -17.74
C ALA I 13 -104.95 8.45 -17.82
N TYR I 14 -104.17 7.55 -17.21
CA TYR I 14 -104.57 6.26 -16.65
C TYR I 14 -103.30 5.56 -16.19
N THR I 15 -103.38 4.70 -15.17
CA THR I 15 -102.13 4.27 -14.54
C THR I 15 -101.33 3.32 -15.44
N PRO I 16 -101.86 2.18 -15.91
CA PRO I 16 -101.19 1.49 -17.01
C PRO I 16 -101.90 1.72 -18.34
N VAL I 17 -101.32 2.33 -19.38
CA VAL I 17 -99.92 2.57 -19.72
C VAL I 17 -99.29 1.21 -19.91
N ALA I 18 -99.54 0.66 -21.09
CA ALA I 18 -99.04 -0.65 -21.48
C ALA I 18 -98.51 -0.58 -22.91
N LEU I 19 -97.75 0.47 -23.21
CA LEU I 19 -97.14 0.64 -24.52
C LEU I 19 -95.63 0.51 -24.40
N ILE I 20 -94.90 0.71 -25.50
CA ILE I 20 -93.44 0.69 -25.47
C ILE I 20 -92.90 1.36 -26.73
N ARG I 21 -91.70 1.95 -26.63
CA ARG I 21 -91.10 2.69 -27.72
C ARG I 21 -92.09 3.72 -28.23
N LEU I 22 -92.73 4.41 -27.30
CA LEU I 22 -93.78 5.37 -27.62
C LEU I 22 -93.21 6.70 -28.08
N LEU I 23 -93.30 6.97 -29.38
CA LEU I 23 -92.97 8.28 -29.91
C LEU I 23 -94.19 9.17 -29.75
N ASN I 24 -94.75 9.20 -28.54
CA ASN I 24 -96.03 9.85 -28.33
C ASN I 24 -95.86 11.09 -27.47
N ALA I 25 -95.04 10.99 -26.43
CA ALA I 25 -94.77 12.14 -25.58
C ALA I 25 -94.20 13.25 -26.43
N SER I 26 -93.30 12.90 -27.35
CA SER I 26 -92.81 13.89 -28.31
C SER I 26 -92.41 13.32 -29.66
N GLY I 27 -93.33 13.31 -30.62
CA GLY I 27 -94.74 13.52 -30.33
C GLY I 27 -95.26 14.94 -30.22
N PRO I 28 -96.55 15.10 -30.44
CA PRO I 28 -97.20 16.37 -30.12
C PRO I 28 -97.81 16.33 -28.72
N LEU I 29 -98.17 17.49 -28.18
CA LEU I 29 -98.82 17.53 -26.87
C LEU I 29 -100.25 18.06 -26.92
N GLN I 30 -100.50 19.28 -27.43
CA GLN I 30 -99.53 20.26 -27.91
C GLN I 30 -99.99 21.68 -27.61
N PRO I 31 -99.74 22.18 -26.39
CA PRO I 31 -99.18 21.56 -25.19
C PRO I 31 -100.25 21.01 -24.24
N GLY I 32 -99.87 20.81 -22.98
CA GLY I 32 -100.80 20.38 -21.96
C GLY I 32 -101.95 21.36 -21.77
N HIS I 33 -103.12 20.84 -21.46
CA HIS I 33 -104.34 21.65 -21.43
C HIS I 33 -104.54 22.27 -20.05
N ARG I 34 -105.70 22.87 -19.81
CA ARG I 34 -105.96 23.68 -18.62
C ARG I 34 -106.48 22.78 -17.50
N VAL I 35 -105.57 22.16 -16.75
CA VAL I 35 -105.94 21.37 -15.58
C VAL I 35 -104.93 21.73 -14.48
N ASP I 36 -104.99 21.06 -13.33
CA ASP I 36 -104.17 21.42 -12.18
C ASP I 36 -102.71 20.98 -12.30
N ILE I 37 -102.50 19.66 -12.47
CA ILE I 37 -101.18 19.03 -12.59
C ILE I 37 -100.48 18.97 -11.23
N ALA I 38 -99.80 17.85 -10.98
CA ALA I 38 -98.92 17.63 -9.83
C ALA I 38 -98.43 16.19 -9.88
N ASP I 39 -99.37 15.26 -10.00
CA ASP I 39 -99.06 13.87 -10.31
C ASP I 39 -100.30 13.21 -10.92
N ALA I 40 -100.38 13.06 -12.26
CA ALA I 40 -99.47 13.52 -13.31
C ALA I 40 -98.07 12.89 -13.27
N ARG I 41 -97.09 13.64 -12.77
CA ARG I 41 -95.70 13.24 -12.87
C ARG I 41 -95.45 11.87 -12.25
N SER I 42 -95.90 11.66 -11.01
CA SER I 42 -95.66 10.40 -10.33
C SER I 42 -96.39 9.25 -11.01
N ILE I 43 -97.68 9.44 -11.28
CA ILE I 43 -98.51 8.39 -11.85
C ILE I 43 -97.98 8.06 -13.25
N TYR I 44 -97.26 9.01 -13.85
CA TYR I 44 -96.66 8.74 -15.14
C TYR I 44 -95.54 7.72 -15.01
N THR I 45 -94.52 8.04 -14.21
CA THR I 45 -93.33 7.20 -14.15
C THR I 45 -93.63 5.85 -13.50
N VAL I 46 -94.51 5.85 -12.50
CA VAL I 46 -94.79 4.63 -11.75
C VAL I 46 -95.39 3.59 -12.69
N GLY I 47 -96.02 4.07 -13.77
CA GLY I 47 -96.58 3.18 -14.76
C GLY I 47 -95.64 2.96 -15.92
N ALA I 48 -94.83 3.97 -16.24
CA ALA I 48 -93.89 3.87 -17.34
C ALA I 48 -92.87 2.77 -17.06
N ALA I 49 -92.40 2.71 -15.81
CA ALA I 49 -91.44 1.67 -15.43
C ALA I 49 -92.06 0.29 -15.58
N ALA I 50 -93.31 0.14 -15.15
CA ALA I 50 -94.00 -1.13 -15.32
C ALA I 50 -94.22 -1.47 -16.79
N SER I 51 -94.47 -0.47 -17.62
CA SER I 51 -94.70 -0.67 -19.04
C SER I 51 -93.43 -0.99 -19.80
N ALA I 52 -92.28 -0.96 -19.14
CA ALA I 52 -91.05 -1.50 -19.70
C ALA I 52 -90.72 -2.85 -19.07
N ALA I 53 -90.95 -2.99 -17.76
CA ALA I 53 -90.81 -4.29 -17.13
C ALA I 53 -91.77 -5.30 -17.74
N ARG I 54 -93.03 -4.89 -17.94
CA ARG I 54 -93.96 -5.71 -18.70
C ARG I 54 -93.60 -5.76 -20.18
N ALA I 55 -92.99 -4.71 -20.72
CA ALA I 55 -92.57 -4.74 -22.12
C ALA I 55 -91.51 -5.79 -22.36
N ARG I 56 -90.74 -6.16 -21.34
CA ARG I 56 -89.87 -7.29 -21.52
C ARG I 56 -90.72 -8.52 -21.79
N ALA I 57 -91.48 -8.99 -20.79
CA ALA I 57 -92.31 -10.19 -20.89
C ALA I 57 -91.59 -11.29 -21.67
N ASN I 58 -91.42 -11.07 -22.98
CA ASN I 58 -90.53 -11.86 -23.81
C ASN I 58 -89.10 -11.43 -23.49
N HIS I 59 -88.15 -11.82 -24.33
CA HIS I 59 -86.72 -11.72 -24.03
C HIS I 59 -86.39 -12.71 -22.93
N ASN I 60 -87.43 -13.35 -22.37
CA ASN I 60 -87.28 -14.37 -21.35
C ASN I 60 -87.23 -15.75 -21.96
N ALA I 61 -87.39 -15.84 -23.28
CA ALA I 61 -87.04 -17.03 -24.02
C ALA I 61 -85.54 -16.95 -24.32
N ASN I 62 -84.90 -15.88 -23.88
CA ASN I 62 -83.48 -15.69 -24.08
C ASN I 62 -82.76 -15.65 -22.73
N THR I 63 -83.40 -15.05 -21.73
CA THR I 63 -82.98 -15.25 -20.34
C THR I 63 -83.35 -16.68 -19.99
N ILE I 64 -82.75 -17.34 -18.98
CA ILE I 64 -82.01 -16.88 -17.78
C ILE I 64 -82.90 -16.38 -16.68
N ARG I 65 -83.26 -17.31 -15.81
CA ARG I 65 -83.75 -16.90 -14.50
C ARG I 65 -82.63 -16.12 -13.85
N ARG I 66 -82.96 -15.16 -13.00
CA ARG I 66 -81.93 -14.52 -12.22
C ARG I 66 -81.43 -15.54 -11.22
N THR I 67 -80.49 -15.14 -10.37
CA THR I 67 -80.12 -16.01 -9.27
C THR I 67 -80.07 -15.16 -8.03
N ALA I 68 -79.46 -15.67 -6.99
CA ALA I 68 -79.27 -14.87 -5.80
C ALA I 68 -78.31 -13.71 -6.03
N MET I 69 -77.53 -13.70 -7.12
CA MET I 69 -76.47 -12.71 -7.35
C MET I 69 -75.58 -12.66 -6.13
N PHE I 70 -76.08 -12.00 -5.10
CA PHE I 70 -75.59 -12.02 -3.73
C PHE I 70 -76.09 -13.35 -3.20
N ALA I 71 -76.18 -13.54 -1.88
CA ALA I 71 -77.13 -14.50 -1.33
C ALA I 71 -77.17 -14.46 0.18
N GLU I 72 -78.01 -15.32 0.73
CA GLU I 72 -78.06 -15.68 2.14
C GLU I 72 -78.51 -17.12 2.20
N THR I 73 -78.50 -17.74 3.38
CA THR I 73 -79.19 -19.02 3.53
C THR I 73 -80.61 -18.86 3.00
N ASP I 74 -81.03 -19.60 1.95
CA ASP I 74 -80.51 -20.90 1.46
C ASP I 74 -80.58 -21.93 2.55
N PRO I 75 -81.79 -22.45 2.80
CA PRO I 75 -82.05 -23.19 4.03
C PRO I 75 -81.14 -24.38 4.30
N MET I 76 -80.31 -24.81 3.37
CA MET I 76 -79.42 -25.89 3.77
C MET I 76 -78.08 -25.45 4.27
N THR I 77 -77.22 -25.00 3.36
CA THR I 77 -75.89 -24.48 3.68
C THR I 77 -75.01 -25.49 4.39
N TRP I 78 -75.51 -26.64 4.80
CA TRP I 78 -74.72 -27.41 5.76
C TRP I 78 -74.05 -28.62 5.11
N LEU I 79 -74.30 -28.84 3.83
CA LEU I 79 -73.61 -29.90 3.12
C LEU I 79 -73.30 -29.42 1.71
N ARG I 80 -73.54 -28.15 1.45
CA ARG I 80 -73.54 -27.66 0.09
C ARG I 80 -73.41 -26.16 0.11
N PRO I 81 -72.63 -25.59 -0.79
CA PRO I 81 -72.29 -24.17 -0.71
C PRO I 81 -73.50 -23.29 -0.92
N THR I 82 -73.34 -22.04 -0.52
CA THR I 82 -74.21 -20.99 -0.94
C THR I 82 -73.36 -19.78 -1.30
N VAL I 83 -73.27 -19.51 -2.61
CA VAL I 83 -72.77 -18.24 -3.10
C VAL I 83 -73.51 -17.96 -4.41
N GLY I 84 -73.49 -16.69 -4.84
CA GLY I 84 -74.19 -16.28 -6.03
C GLY I 84 -73.30 -15.66 -7.10
N LEU I 85 -73.90 -14.73 -7.85
CA LEU I 85 -73.37 -14.25 -9.12
C LEU I 85 -72.74 -12.87 -9.02
N ARG I 86 -71.86 -12.59 -9.97
CA ARG I 86 -71.86 -11.28 -10.60
C ARG I 86 -72.10 -11.47 -12.09
N ARG I 87 -72.93 -10.61 -12.66
CA ARG I 87 -73.50 -10.89 -13.98
C ARG I 87 -72.67 -10.21 -15.07
N THR I 88 -71.52 -10.81 -15.35
CA THR I 88 -70.65 -10.35 -16.43
C THR I 88 -70.58 -11.29 -17.62
N PHE I 89 -71.51 -12.23 -17.74
CA PHE I 89 -71.66 -12.98 -18.97
C PHE I 89 -72.76 -12.37 -19.82
N ASN I 90 -73.09 -13.05 -20.90
CA ASN I 90 -74.19 -12.66 -21.77
C ASN I 90 -75.25 -13.74 -21.84
N PRO I 91 -76.50 -13.43 -21.60
CA PRO I 91 -77.58 -14.40 -21.86
C PRO I 91 -78.26 -14.27 -23.22
N ARG I 92 -78.14 -15.25 -24.13
CA ARG I 92 -78.71 -15.05 -25.47
C ARG I 92 -79.38 -16.25 -26.15
N ILE I 93 -79.39 -17.45 -25.58
CA ILE I 93 -79.99 -18.70 -26.11
C ILE I 93 -79.61 -19.08 -27.54
N ILE I 94 -79.16 -18.11 -28.35
CA ILE I 94 -79.14 -18.23 -29.81
C ILE I 94 -80.46 -18.82 -30.28
N SER J 1 -91.51 26.28 -66.16
CA SER J 1 -90.66 25.72 -67.19
C SER J 1 -90.91 26.40 -68.54
N ASN J 2 -92.16 26.34 -69.01
CA ASN J 2 -92.48 26.89 -70.30
C ASN J 2 -93.71 27.79 -70.21
N PRO J 3 -93.69 28.95 -70.90
CA PRO J 3 -92.49 29.42 -71.57
C PRO J 3 -91.79 30.58 -70.84
N THR J 4 -90.47 30.50 -70.73
CA THR J 4 -89.65 31.63 -70.27
C THR J 4 -88.42 31.94 -71.13
N THR J 5 -87.76 30.97 -71.79
CA THR J 5 -88.09 29.55 -71.85
C THR J 5 -87.02 28.68 -71.20
N PHE J 6 -85.75 29.02 -71.43
CA PHE J 6 -84.65 28.24 -70.86
C PHE J 6 -83.43 29.16 -70.77
N SER J 7 -82.71 29.06 -69.66
CA SER J 7 -81.60 29.97 -69.39
C SER J 7 -80.48 29.74 -70.38
N VAL J 8 -80.15 30.77 -71.16
CA VAL J 8 -79.10 30.65 -72.16
C VAL J 8 -78.02 31.68 -71.86
N GLU J 9 -78.35 32.65 -71.02
CA GLU J 9 -77.37 33.59 -70.52
C GLU J 9 -76.66 34.35 -71.63
N ALA J 10 -77.32 35.28 -72.35
CA ALA J 10 -78.55 36.03 -72.02
C ALA J 10 -78.66 36.61 -70.59
N ILE J 11 -79.64 37.49 -70.38
CA ILE J 11 -79.88 38.04 -69.05
C ILE J 11 -81.38 38.03 -68.74
N ALA J 12 -82.14 37.12 -69.34
CA ALA J 12 -83.59 37.17 -69.11
C ALA J 12 -83.90 37.02 -67.62
N ALA J 13 -83.41 36.00 -66.91
CA ALA J 13 -83.14 34.68 -67.45
C ALA J 13 -84.36 33.84 -67.14
N TYR J 14 -84.52 33.49 -65.85
CA TYR J 14 -85.77 33.18 -65.16
C TYR J 14 -85.41 32.69 -63.75
N THR J 15 -86.35 32.72 -62.81
CA THR J 15 -85.93 32.41 -61.44
C THR J 15 -85.79 30.90 -61.19
N PRO J 16 -86.82 30.06 -61.42
CA PRO J 16 -86.57 28.61 -61.45
C PRO J 16 -86.60 28.08 -62.88
N VAL J 17 -85.54 27.46 -63.44
CA VAL J 17 -84.29 26.96 -62.87
C VAL J 17 -84.61 25.81 -61.92
N ALA J 18 -84.80 24.65 -62.52
CA ALA J 18 -85.05 23.40 -61.81
C ALA J 18 -84.20 22.30 -62.43
N LEU J 19 -82.92 22.61 -62.67
CA LEU J 19 -81.98 21.65 -63.23
C LEU J 19 -81.07 21.13 -62.12
N ILE J 20 -80.09 20.31 -62.48
CA ILE J 20 -79.11 19.84 -61.50
C ILE J 20 -77.88 19.29 -62.22
N ARG J 21 -76.71 19.42 -61.61
CA ARG J 21 -75.45 18.97 -62.19
C ARG J 21 -75.32 19.55 -63.59
N LEU J 22 -75.64 20.83 -63.74
CA LEU J 22 -75.66 21.46 -65.04
C LEU J 22 -74.25 21.70 -65.55
N LEU J 23 -73.87 21.01 -66.62
CA LEU J 23 -72.64 21.34 -67.34
C LEU J 23 -72.99 22.41 -68.37
N ASN J 24 -73.66 23.46 -67.92
CA ASN J 24 -74.26 24.43 -68.84
C ASN J 24 -73.60 25.79 -68.68
N ALA J 25 -73.47 26.25 -67.44
CA ALA J 25 -72.87 27.55 -67.20
C ALA J 25 -71.45 27.57 -67.76
N SER J 26 -70.70 26.50 -67.56
CA SER J 26 -69.41 26.39 -68.21
C SER J 26 -69.03 24.94 -68.51
N GLY J 27 -69.39 24.43 -69.69
CA GLY J 27 -70.33 25.07 -70.60
C GLY J 27 -69.85 26.20 -71.49
N PRO J 28 -70.51 26.41 -72.62
CA PRO J 28 -70.31 27.65 -73.37
C PRO J 28 -71.18 28.78 -72.85
N LEU J 29 -70.81 30.03 -73.14
CA LEU J 29 -71.65 31.17 -72.81
C LEU J 29 -72.17 31.88 -74.06
N GLN J 30 -71.33 32.35 -74.99
CA GLN J 30 -69.86 32.36 -74.97
C GLN J 30 -69.33 33.56 -75.73
N PRO J 31 -69.28 34.74 -75.09
CA PRO J 31 -69.73 35.11 -73.74
C PRO J 31 -71.12 35.74 -73.73
N GLY J 32 -71.46 36.38 -72.62
CA GLY J 32 -72.72 37.09 -72.48
C GLY J 32 -72.95 38.17 -73.50
N HIS J 33 -74.21 38.37 -73.89
CA HIS J 33 -74.57 39.30 -74.96
C HIS J 33 -74.61 40.74 -74.47
N ARG J 34 -75.19 41.63 -75.27
CA ARG J 34 -75.13 43.07 -75.03
C ARG J 34 -76.37 43.53 -74.26
N VAL J 35 -76.40 43.24 -72.96
CA VAL J 35 -77.45 43.74 -72.08
C VAL J 35 -76.75 44.23 -70.81
N ASP J 36 -77.50 44.77 -69.85
CA ASP J 36 -76.93 45.57 -68.77
C ASP J 36 -76.06 44.80 -67.79
N ILE J 37 -76.64 43.80 -67.10
CA ILE J 37 -76.13 42.98 -65.98
C ILE J 37 -76.23 43.76 -64.67
N ALA J 38 -76.41 43.01 -63.57
CA ALA J 38 -76.28 43.45 -62.18
C ALA J 38 -76.84 42.35 -61.28
N ASP J 39 -78.11 42.01 -61.51
CA ASP J 39 -78.76 40.83 -60.94
C ASP J 39 -79.96 40.40 -61.79
N ALA J 40 -79.84 39.34 -62.60
CA ALA J 40 -78.68 38.47 -62.85
C ALA J 40 -78.18 37.70 -61.63
N ARG J 41 -77.04 38.15 -61.09
CA ARG J 41 -76.28 37.37 -60.12
C ARG J 41 -77.13 36.89 -58.95
N SER J 42 -77.93 37.77 -58.36
CA SER J 42 -78.73 37.39 -57.20
C SER J 42 -79.75 36.32 -57.55
N ILE J 43 -80.51 36.55 -58.63
CA ILE J 43 -81.55 35.61 -59.03
C ILE J 43 -80.91 34.28 -59.42
N TYR J 44 -79.67 34.31 -59.89
CA TYR J 44 -79.00 33.07 -60.22
C TYR J 44 -78.80 32.20 -58.99
N THR J 45 -78.20 32.76 -57.94
CA THR J 45 -77.88 31.96 -56.76
C THR J 45 -79.14 31.59 -56.00
N VAL J 46 -80.09 32.52 -55.89
CA VAL J 46 -81.29 32.27 -55.10
C VAL J 46 -82.10 31.18 -55.79
N GLY J 47 -81.84 30.99 -57.08
CA GLY J 47 -82.51 29.94 -57.82
C GLY J 47 -81.75 28.64 -57.77
N ALA J 48 -80.42 28.70 -57.86
CA ALA J 48 -79.59 27.52 -57.84
C ALA J 48 -79.75 26.81 -56.50
N ALA J 49 -79.82 27.58 -55.41
CA ALA J 49 -79.99 26.99 -54.09
C ALA J 49 -81.30 26.20 -54.01
N ALA J 50 -82.37 26.76 -54.56
CA ALA J 50 -83.62 26.02 -54.66
C ALA J 50 -83.47 24.80 -55.54
N SER J 51 -82.74 24.91 -56.63
CA SER J 51 -82.52 23.81 -57.57
C SER J 51 -81.55 22.78 -57.03
N ALA J 52 -81.02 22.98 -55.82
CA ALA J 52 -80.32 21.93 -55.09
C ALA J 52 -81.20 21.38 -53.99
N ALA J 53 -81.91 22.25 -53.26
CA ALA J 53 -82.88 21.77 -52.29
C ALA J 53 -83.97 20.94 -52.95
N ARG J 54 -84.48 21.42 -54.08
CA ARG J 54 -85.42 20.62 -54.85
C ARG J 54 -84.74 19.44 -55.55
N ALA J 55 -83.45 19.56 -55.85
CA ALA J 55 -82.71 18.43 -56.40
C ALA J 55 -82.57 17.30 -55.39
N ARG J 56 -82.61 17.62 -54.10
CA ARG J 56 -82.62 16.56 -53.10
C ARG J 56 -83.88 15.73 -53.29
N ALA J 57 -85.04 16.31 -53.00
CA ALA J 57 -86.35 15.67 -53.13
C ALA J 57 -86.31 14.21 -52.68
N ASN J 58 -85.62 13.37 -53.44
CA ASN J 58 -85.29 12.01 -53.04
C ASN J 58 -84.14 12.08 -52.03
N HIS J 59 -83.48 10.96 -51.78
CA HIS J 59 -82.48 10.84 -50.73
C HIS J 59 -83.17 10.90 -49.38
N ASN J 60 -84.49 11.09 -49.39
CA ASN J 60 -85.28 11.15 -48.17
C ASN J 60 -85.89 9.79 -47.84
N ALA J 61 -85.84 8.85 -48.77
CA ALA J 61 -86.17 7.47 -48.48
C ALA J 61 -84.96 6.83 -47.82
N ASN J 62 -83.99 7.65 -47.43
CA ASN J 62 -82.76 7.20 -46.82
C ASN J 62 -82.66 7.76 -45.41
N THR J 63 -83.06 9.02 -45.25
CA THR J 63 -83.27 9.60 -43.93
C THR J 63 -84.43 8.85 -43.27
N ILE J 64 -84.52 8.74 -41.93
CA ILE J 64 -83.74 9.36 -40.85
C ILE J 64 -83.97 10.87 -40.81
N ARG J 65 -85.18 11.24 -40.40
CA ARG J 65 -85.57 12.65 -40.34
C ARG J 65 -84.67 13.43 -39.39
N ARG J 66 -84.79 14.76 -39.40
CA ARG J 66 -83.98 15.61 -38.56
C ARG J 66 -84.53 15.65 -37.15
N THR J 67 -83.79 16.23 -36.21
CA THR J 67 -84.23 16.29 -34.83
C THR J 67 -83.98 17.66 -34.23
N ALA J 68 -84.11 17.77 -32.91
CA ALA J 68 -83.93 19.03 -32.22
C ALA J 68 -82.48 19.50 -32.19
N MET J 69 -81.52 18.61 -32.44
CA MET J 69 -80.11 18.96 -32.44
C MET J 69 -79.66 19.48 -31.08
N PHE J 70 -80.22 20.61 -30.67
CA PHE J 70 -79.95 21.21 -29.37
C PHE J 70 -80.99 20.77 -28.35
N ALA J 71 -81.03 21.43 -27.20
CA ALA J 71 -81.99 21.12 -26.15
C ALA J 71 -82.87 22.32 -25.90
N GLU J 72 -84.17 22.15 -26.11
CA GLU J 72 -85.14 23.24 -25.92
C GLU J 72 -86.56 22.70 -25.94
N THR J 73 -87.46 23.36 -25.22
CA THR J 73 -88.88 23.01 -25.24
C THR J 73 -89.41 23.12 -26.66
N ASP J 74 -90.06 22.11 -27.25
CA ASP J 74 -90.53 20.84 -26.65
C ASP J 74 -91.52 21.09 -25.53
N PRO J 75 -92.76 21.42 -25.90
CA PRO J 75 -93.73 21.97 -24.95
C PRO J 75 -94.08 21.08 -23.78
N MET J 76 -93.48 19.89 -23.62
CA MET J 76 -93.83 19.15 -22.41
C MET J 76 -92.85 19.43 -21.28
N THR J 77 -91.65 18.86 -21.36
CA THR J 77 -90.55 19.17 -20.44
C THR J 77 -90.89 19.01 -18.97
N TRP J 78 -92.09 18.56 -18.63
CA TRP J 78 -92.41 18.50 -17.21
C TRP J 78 -92.51 17.08 -16.73
N LEU J 79 -92.17 16.11 -17.59
CA LEU J 79 -92.06 14.74 -17.12
C LEU J 79 -90.89 14.04 -17.80
N ARG J 80 -90.12 14.78 -18.57
CA ARG J 80 -88.88 14.27 -19.15
C ARG J 80 -88.06 15.41 -19.73
N PRO J 81 -86.74 15.40 -19.54
CA PRO J 81 -85.90 16.42 -20.15
C PRO J 81 -85.76 16.19 -21.65
N THR J 82 -85.23 17.20 -22.32
CA THR J 82 -85.01 17.14 -23.76
C THR J 82 -83.52 17.18 -24.06
N VAL J 83 -83.13 16.37 -25.05
CA VAL J 83 -81.72 16.24 -25.44
C VAL J 83 -81.66 16.13 -26.95
N GLY J 84 -80.67 16.78 -27.53
CA GLY J 84 -80.49 16.78 -28.97
C GLY J 84 -79.48 15.74 -29.44
N LEU J 85 -79.43 15.60 -30.75
CA LEU J 85 -78.49 14.71 -31.43
C LEU J 85 -77.41 15.55 -32.06
N ARG J 86 -76.16 15.29 -31.70
CA ARG J 86 -75.10 15.74 -32.60
C ARG J 86 -75.00 14.78 -33.78
N ARG J 87 -75.18 15.32 -34.97
CA ARG J 87 -75.42 14.52 -36.17
C ARG J 87 -74.10 13.88 -36.61
N THR J 88 -73.68 12.88 -35.82
CA THR J 88 -72.46 12.15 -36.10
C THR J 88 -72.68 10.76 -36.67
N PHE J 89 -73.92 10.30 -36.73
CA PHE J 89 -74.22 8.97 -37.24
C PHE J 89 -74.30 8.99 -38.77
N ASN J 90 -74.58 7.82 -39.33
CA ASN J 90 -74.74 7.69 -40.77
C ASN J 90 -76.21 7.53 -41.12
N PRO J 91 -76.87 8.57 -41.62
CA PRO J 91 -78.29 8.44 -41.96
C PRO J 91 -78.51 7.77 -43.29
N ARG J 92 -78.87 6.48 -43.29
CA ARG J 92 -79.15 5.78 -44.55
C ARG J 92 -80.38 4.89 -44.54
N ILE J 93 -80.86 4.43 -43.38
CA ILE J 93 -82.02 3.55 -43.22
C ILE J 93 -81.95 2.30 -44.12
N ILE J 94 -81.11 2.34 -45.15
CA ILE J 94 -80.92 1.28 -46.14
C ILE J 94 -82.18 0.48 -46.44
N SER K 1 -49.69 7.06 -97.32
CA SER K 1 -49.23 5.69 -97.27
C SER K 1 -48.61 5.26 -98.60
N ASN K 2 -49.46 5.15 -99.62
CA ASN K 2 -49.00 4.69 -100.92
C ASN K 2 -49.28 5.73 -101.99
N PRO K 3 -48.35 5.93 -102.93
CA PRO K 3 -47.00 5.35 -102.82
C PRO K 3 -45.92 6.35 -102.41
N THR K 4 -45.03 5.94 -101.51
CA THR K 4 -43.84 6.72 -101.19
C THR K 4 -42.50 5.95 -101.15
N THR K 5 -42.45 4.65 -100.81
CA THR K 5 -43.56 3.78 -100.40
C THR K 5 -43.56 3.47 -98.91
N PHE K 6 -42.36 3.20 -98.37
CA PHE K 6 -42.25 2.82 -96.96
C PHE K 6 -40.82 3.14 -96.53
N SER K 7 -40.68 3.76 -95.35
CA SER K 7 -39.38 4.10 -94.81
C SER K 7 -38.50 2.86 -94.73
N VAL K 8 -37.42 2.84 -95.50
CA VAL K 8 -36.48 1.71 -95.48
C VAL K 8 -35.12 2.25 -95.07
N GLU K 9 -35.00 3.58 -95.04
CA GLU K 9 -33.87 4.28 -94.43
C GLU K 9 -32.51 3.76 -94.90
N ALA K 10 -32.11 4.01 -96.16
CA ALA K 10 -32.54 5.05 -97.11
C ALA K 10 -32.74 6.47 -96.55
N ILE K 11 -32.92 7.43 -97.46
CA ILE K 11 -33.12 8.81 -97.06
C ILE K 11 -34.32 9.40 -97.80
N ALA K 12 -35.33 8.57 -98.08
CA ALA K 12 -36.46 9.10 -98.83
C ALA K 12 -37.16 10.24 -98.06
N ALA K 13 -37.56 10.06 -96.79
CA ALA K 13 -37.87 8.78 -96.18
C ALA K 13 -39.38 8.58 -96.33
N TYR K 14 -40.16 9.34 -95.55
CA TYR K 14 -41.47 9.90 -95.89
C TYR K 14 -42.08 10.52 -94.63
N THR K 15 -42.94 11.52 -94.77
CA THR K 15 -43.24 12.37 -93.62
C THR K 15 -44.10 11.67 -92.55
N PRO K 16 -45.36 11.24 -92.81
CA PRO K 16 -45.93 10.19 -91.97
C PRO K 16 -45.90 8.86 -92.71
N VAL K 17 -45.28 7.76 -92.23
CA VAL K 17 -44.93 7.37 -90.86
C VAL K 17 -46.25 7.11 -90.14
N ALA K 18 -46.74 5.89 -90.33
CA ALA K 18 -48.07 5.49 -89.90
C ALA K 18 -48.01 4.13 -89.19
N LEU K 19 -47.01 3.95 -88.34
CA LEU K 19 -46.86 2.70 -87.61
C LEU K 19 -46.92 2.95 -86.11
N ILE K 20 -46.70 1.92 -85.31
CA ILE K 20 -46.65 2.08 -83.87
C ILE K 20 -45.87 0.93 -83.25
N ARG K 21 -45.12 1.23 -82.19
CA ARG K 21 -44.27 0.24 -81.52
C ARG K 21 -43.40 -0.46 -82.55
N LEU K 22 -42.81 0.32 -83.45
CA LEU K 22 -42.07 -0.25 -84.56
C LEU K 22 -40.75 -0.85 -84.09
N LEU K 23 -40.60 -2.16 -84.24
CA LEU K 23 -39.31 -2.80 -84.04
C LEU K 23 -38.56 -2.72 -85.36
N ASN K 24 -38.53 -1.54 -85.96
CA ASN K 24 -38.10 -1.41 -87.35
C ASN K 24 -36.82 -0.62 -87.44
N ALA K 25 -36.73 0.48 -86.70
CA ALA K 25 -35.50 1.27 -86.66
C ALA K 25 -34.35 0.36 -86.24
N SER K 26 -34.61 -0.55 -85.29
CA SER K 26 -33.64 -1.59 -85.01
C SER K 26 -34.26 -2.83 -84.39
N GLY K 27 -34.47 -3.86 -85.20
CA GLY K 27 -34.37 -3.76 -86.65
C GLY K 27 -33.00 -3.72 -87.29
N PRO K 28 -32.96 -3.91 -88.60
CA PRO K 28 -31.74 -3.65 -89.36
C PRO K 28 -31.75 -2.27 -90.00
N LEU K 29 -30.61 -1.80 -90.48
CA LEU K 29 -30.55 -0.52 -91.17
C LEU K 29 -30.18 -0.65 -92.65
N GLN K 30 -29.04 -1.26 -93.01
CA GLN K 30 -27.99 -1.79 -92.14
C GLN K 30 -26.63 -1.66 -92.81
N PRO K 31 -26.05 -0.46 -92.81
CA PRO K 31 -26.53 0.82 -92.31
C PRO K 31 -27.16 1.69 -93.38
N GLY K 32 -27.33 2.98 -93.09
CA GLY K 32 -27.84 3.93 -94.05
C GLY K 32 -26.99 4.00 -95.30
N HIS K 33 -27.64 4.14 -96.46
CA HIS K 33 -26.96 4.06 -97.75
C HIS K 33 -26.27 5.37 -98.13
N ARG K 34 -25.81 5.46 -99.38
CA ARG K 34 -24.97 6.57 -99.84
C ARG K 34 -25.87 7.72 -100.30
N VAL K 35 -26.33 8.53 -99.35
CA VAL K 35 -27.08 9.74 -99.64
C VAL K 35 -26.55 10.81 -98.70
N ASP K 36 -26.97 12.06 -98.86
CA ASP K 36 -26.36 13.20 -98.16
C ASP K 36 -26.59 13.24 -96.65
N ILE K 37 -27.87 13.18 -96.23
CA ILE K 37 -28.45 13.19 -94.88
C ILE K 37 -28.33 14.58 -94.27
N ALA K 38 -29.24 14.91 -93.36
CA ALA K 38 -29.24 16.12 -92.52
C ALA K 38 -30.57 16.20 -91.78
N ASP K 39 -31.66 16.12 -92.54
CA ASP K 39 -32.99 15.95 -91.99
C ASP K 39 -33.89 15.32 -93.06
N ALA K 40 -34.13 13.99 -93.03
CA ALA K 40 -33.61 12.96 -92.12
C ALA K 40 -34.03 13.13 -90.66
N ARG K 41 -33.13 13.60 -89.81
CA ARG K 41 -33.34 13.60 -88.38
C ARG K 41 -34.63 14.31 -87.99
N SER K 42 -34.84 15.53 -88.51
CA SER K 42 -36.01 16.31 -88.14
C SER K 42 -37.29 15.68 -88.66
N ILE K 43 -37.29 15.28 -89.93
CA ILE K 43 -38.50 14.79 -90.57
C ILE K 43 -38.86 13.46 -89.92
N TYR K 44 -37.88 12.78 -89.32
CA TYR K 44 -38.18 11.55 -88.61
C TYR K 44 -38.97 11.84 -87.35
N THR K 45 -38.45 12.73 -86.50
CA THR K 45 -39.09 12.98 -85.20
C THR K 45 -40.45 13.64 -85.38
N VAL K 46 -40.55 14.59 -86.31
CA VAL K 46 -41.78 15.34 -86.49
C VAL K 46 -42.89 14.39 -86.92
N GLY K 47 -42.50 13.29 -87.56
CA GLY K 47 -43.46 12.30 -87.99
C GLY K 47 -43.73 11.28 -86.91
N ALA K 48 -42.69 10.90 -86.17
CA ALA K 48 -42.82 9.90 -85.11
C ALA K 48 -43.76 10.40 -84.04
N ALA K 49 -43.62 11.68 -83.67
CA ALA K 49 -44.49 12.26 -82.65
C ALA K 49 -45.94 12.22 -83.09
N ALA K 50 -46.19 12.55 -84.36
CA ALA K 50 -47.55 12.42 -84.89
C ALA K 50 -48.02 10.98 -84.89
N SER K 51 -47.14 10.04 -85.19
CA SER K 51 -47.45 8.63 -85.23
C SER K 51 -47.74 8.05 -83.86
N ALA K 52 -47.47 8.80 -82.79
CA ALA K 52 -47.84 8.41 -81.44
C ALA K 52 -49.05 9.19 -80.96
N ALA K 53 -49.15 10.48 -81.31
CA ALA K 53 -50.34 11.25 -80.99
C ALA K 53 -51.56 10.64 -81.66
N ARG K 54 -51.43 10.24 -82.92
CA ARG K 54 -52.51 9.50 -83.55
C ARG K 54 -52.59 8.07 -83.03
N ALA K 55 -51.46 7.45 -82.69
CA ALA K 55 -51.51 6.12 -82.10
C ALA K 55 -52.31 6.11 -80.82
N ARG K 56 -52.46 7.27 -80.17
CA ARG K 56 -53.39 7.38 -79.07
C ARG K 56 -54.78 7.06 -79.60
N ALA K 57 -55.33 7.93 -80.46
CA ALA K 57 -56.65 7.76 -81.05
C ALA K 57 -57.65 7.14 -80.09
N ASN K 58 -57.51 5.84 -79.84
CA ASN K 58 -58.27 5.16 -78.81
C ASN K 58 -57.63 5.48 -77.46
N HIS K 59 -57.96 4.70 -76.43
CA HIS K 59 -57.65 5.06 -75.05
C HIS K 59 -58.43 6.31 -74.67
N ASN K 60 -59.29 6.77 -75.58
CA ASN K 60 -60.14 7.92 -75.35
C ASN K 60 -61.57 7.51 -75.02
N ALA K 61 -61.85 6.21 -75.11
CA ALA K 61 -63.07 5.66 -74.55
C ALA K 61 -62.85 5.38 -73.07
N ASN K 62 -61.65 5.70 -72.59
CA ASN K 62 -61.28 5.49 -71.20
C ASN K 62 -61.17 6.84 -70.49
N THR K 63 -60.74 7.87 -71.21
CA THR K 63 -60.85 9.24 -70.74
C THR K 63 -62.33 9.60 -70.68
N ILE K 64 -62.78 10.54 -69.84
CA ILE K 64 -62.08 11.48 -68.93
C ILE K 64 -61.29 12.50 -69.72
N ARG K 65 -62.03 13.40 -70.37
CA ARG K 65 -61.47 14.45 -71.20
C ARG K 65 -60.55 15.37 -70.40
N ARG K 66 -59.77 16.19 -71.08
CA ARG K 66 -58.92 17.17 -70.43
C ARG K 66 -59.77 18.27 -69.79
N THR K 67 -59.13 19.15 -69.02
CA THR K 67 -59.86 20.23 -68.37
C THR K 67 -59.06 21.52 -68.46
N ALA K 68 -59.45 22.52 -67.67
CA ALA K 68 -58.75 23.78 -67.64
C ALA K 68 -57.40 23.71 -66.92
N MET K 69 -57.11 22.62 -66.20
CA MET K 69 -55.89 22.50 -65.42
C MET K 69 -55.75 23.61 -64.40
N PHE K 70 -55.49 24.81 -64.90
CA PHE K 70 -55.28 25.99 -64.08
C PHE K 70 -56.57 26.80 -63.96
N ALA K 71 -56.48 28.01 -63.45
CA ALA K 71 -57.65 28.86 -63.28
C ALA K 71 -57.53 30.08 -64.17
N GLU K 72 -58.51 30.24 -65.06
CA GLU K 72 -58.55 31.39 -65.97
C GLU K 72 -59.91 31.46 -66.65
N THR K 73 -60.30 32.65 -67.10
CA THR K 73 -61.52 32.82 -67.88
C THR K 73 -61.41 31.96 -69.15
N ASP K 74 -62.39 31.10 -69.46
CA ASP K 74 -63.75 30.95 -68.90
C ASP K 74 -64.49 32.26 -69.10
N PRO K 75 -64.98 32.48 -70.32
CA PRO K 75 -65.59 33.78 -70.65
C PRO K 75 -66.79 34.15 -69.79
N MET K 76 -67.19 33.33 -68.82
CA MET K 76 -68.34 33.70 -68.02
C MET K 76 -67.93 34.41 -66.73
N THR K 77 -67.38 33.68 -65.76
CA THR K 77 -66.64 34.25 -64.63
C THR K 77 -67.36 35.29 -63.79
N TRP K 78 -68.62 35.61 -64.06
CA TRP K 78 -69.19 36.68 -63.24
C TRP K 78 -70.36 36.19 -62.41
N LEU K 79 -70.52 34.87 -62.32
CA LEU K 79 -71.42 34.31 -61.33
C LEU K 79 -70.84 33.03 -60.77
N ARG K 80 -69.57 32.75 -61.08
CA ARG K 80 -68.93 31.55 -60.57
C ARG K 80 -67.43 31.61 -60.77
N PRO K 81 -66.65 31.36 -59.71
CA PRO K 81 -65.19 31.36 -59.85
C PRO K 81 -64.71 30.13 -60.61
N THR K 82 -63.45 30.19 -61.04
CA THR K 82 -62.89 29.17 -61.91
C THR K 82 -61.69 28.51 -61.24
N VAL K 83 -61.65 27.18 -61.32
CA VAL K 83 -60.54 26.40 -60.79
C VAL K 83 -60.29 25.23 -61.71
N GLY K 84 -59.09 24.68 -61.66
CA GLY K 84 -58.74 23.53 -62.44
C GLY K 84 -58.52 22.30 -61.59
N LEU K 85 -58.35 21.16 -62.26
CA LEU K 85 -58.14 19.87 -61.61
C LEU K 85 -56.67 19.53 -61.71
N ARG K 86 -56.01 19.43 -60.56
CA ARG K 86 -54.68 18.88 -60.57
C ARG K 86 -54.74 17.39 -60.90
N ARG K 87 -54.16 17.04 -62.05
CA ARG K 87 -54.40 15.74 -62.67
C ARG K 87 -53.69 14.65 -61.88
N THR K 88 -54.31 14.28 -60.76
CA THR K 88 -53.83 13.18 -59.94
C THR K 88 -54.77 11.97 -59.93
N PHE K 89 -55.97 12.09 -60.48
CA PHE K 89 -56.91 10.99 -60.51
C PHE K 89 -56.52 9.99 -61.60
N ASN K 90 -57.14 8.81 -61.54
CA ASN K 90 -56.87 7.78 -62.52
C ASN K 90 -57.93 7.84 -63.62
N PRO K 91 -57.60 8.30 -64.82
CA PRO K 91 -58.61 8.35 -65.89
C PRO K 91 -58.81 6.99 -66.54
N ARG K 92 -59.89 6.30 -66.19
CA ARG K 92 -60.20 5.02 -66.83
C ARG K 92 -61.67 4.84 -67.17
N ILE K 93 -62.60 5.55 -66.53
CA ILE K 93 -64.05 5.53 -66.71
C ILE K 93 -64.62 4.11 -66.73
N ILE K 94 -63.78 3.10 -66.95
CA ILE K 94 -64.14 1.69 -67.02
C ILE K 94 -65.47 1.44 -67.74
N SER L 1 -23.96 -40.18 -83.17
CA SER L 1 -24.28 -41.03 -82.02
C SER L 1 -23.74 -42.44 -82.20
N ASN L 2 -23.97 -43.01 -83.38
CA ASN L 2 -23.56 -44.38 -83.64
C ASN L 2 -22.83 -44.48 -84.97
N PRO L 3 -21.81 -45.35 -85.08
CA PRO L 3 -21.28 -46.07 -83.92
C PRO L 3 -19.98 -45.49 -83.40
N THR L 4 -19.90 -45.24 -82.09
CA THR L 4 -18.61 -44.89 -81.50
C THR L 4 -18.27 -45.59 -80.17
N THR L 5 -19.22 -45.98 -79.31
CA THR L 5 -20.67 -45.91 -79.50
C THR L 5 -21.37 -45.19 -78.37
N PHE L 6 -20.88 -45.37 -77.14
CA PHE L 6 -21.51 -44.77 -75.97
C PHE L 6 -20.44 -44.63 -74.89
N SER L 7 -20.45 -43.50 -74.18
CA SER L 7 -19.40 -43.18 -73.25
C SER L 7 -19.41 -44.13 -72.07
N VAL L 8 -18.35 -44.92 -71.93
CA VAL L 8 -18.26 -45.90 -70.86
C VAL L 8 -17.09 -45.56 -69.94
N GLU L 9 -16.07 -44.88 -70.47
CA GLU L 9 -14.95 -44.40 -69.67
C GLU L 9 -14.19 -45.52 -68.96
N ALA L 10 -13.41 -46.35 -69.65
CA ALA L 10 -12.76 -46.16 -70.98
C ALA L 10 -12.15 -44.78 -71.29
N ILE L 11 -11.44 -44.70 -72.40
CA ILE L 11 -10.82 -43.45 -72.82
C ILE L 11 -11.04 -43.21 -74.31
N ALA L 12 -12.12 -43.75 -74.89
CA ALA L 12 -12.25 -43.61 -76.33
C ALA L 12 -12.36 -42.14 -76.75
N ALA L 13 -13.29 -41.34 -76.19
CA ALA L 13 -14.61 -41.77 -75.77
C ALA L 13 -15.57 -41.43 -76.90
N TYR L 14 -15.89 -40.13 -77.03
CA TYR L 14 -16.37 -39.45 -78.24
C TYR L 14 -16.71 -38.02 -77.88
N THR L 15 -16.63 -37.09 -78.84
CA THR L 15 -16.74 -35.69 -78.44
C THR L 15 -18.19 -35.27 -78.18
N PRO L 16 -19.17 -35.57 -79.06
CA PRO L 16 -20.57 -35.46 -78.66
C PRO L 16 -21.19 -36.82 -78.36
N VAL L 17 -21.61 -37.20 -77.13
CA VAL L 17 -21.89 -36.41 -75.93
C VAL L 17 -23.07 -35.49 -76.20
N ALA L 18 -24.26 -36.11 -76.16
CA ALA L 18 -25.53 -35.44 -76.33
C ALA L 18 -26.53 -35.97 -75.31
N LEU L 19 -26.07 -36.14 -74.07
CA LEU L 19 -26.93 -36.61 -72.99
C LEU L 19 -27.24 -35.45 -72.06
N ILE L 20 -28.17 -35.64 -71.12
CA ILE L 20 -28.54 -34.58 -70.19
C ILE L 20 -28.71 -35.16 -68.79
N ARG L 21 -28.38 -34.37 -67.78
CA ARG L 21 -28.58 -34.74 -66.38
C ARG L 21 -28.09 -36.15 -66.10
N LEU L 22 -26.91 -36.49 -66.63
CA LEU L 22 -26.44 -37.86 -66.61
C LEU L 22 -26.00 -38.27 -65.21
N LEU L 23 -26.68 -39.28 -64.64
CA LEU L 23 -26.21 -39.92 -63.43
C LEU L 23 -25.27 -41.04 -63.85
N ASN L 24 -24.34 -40.73 -64.75
CA ASN L 24 -23.56 -41.75 -65.42
C ASN L 24 -22.13 -41.75 -64.90
N ALA L 25 -21.55 -40.56 -64.75
CA ALA L 25 -20.22 -40.48 -64.16
C ALA L 25 -20.28 -41.17 -62.80
N SER L 26 -21.28 -40.84 -61.99
CA SER L 26 -21.37 -41.53 -60.71
C SER L 26 -22.81 -41.86 -60.33
N GLY L 27 -23.29 -43.03 -60.74
CA GLY L 27 -22.61 -43.87 -61.71
C GLY L 27 -21.46 -44.75 -61.27
N PRO L 28 -21.22 -45.81 -62.01
CA PRO L 28 -19.99 -46.58 -61.84
C PRO L 28 -18.90 -46.08 -62.77
N LEU L 29 -17.65 -46.44 -62.52
CA LEU L 29 -16.58 -46.07 -63.42
C LEU L 29 -15.92 -47.26 -64.13
N GLN L 30 -15.39 -48.27 -63.42
CA GLN L 30 -15.28 -48.38 -61.96
C GLN L 30 -14.04 -49.19 -61.59
N PRO L 31 -12.84 -48.59 -61.71
CA PRO L 31 -12.46 -47.29 -62.23
C PRO L 31 -12.05 -47.33 -63.69
N GLY L 32 -11.35 -46.27 -64.14
CA GLY L 32 -10.83 -46.21 -65.49
C GLY L 32 -9.86 -47.33 -65.80
N HIS L 33 -9.89 -47.83 -67.03
CA HIS L 33 -9.13 -49.01 -67.41
C HIS L 33 -7.68 -48.68 -67.71
N ARG L 34 -6.94 -49.64 -68.28
CA ARG L 34 -5.49 -49.52 -68.46
C ARG L 34 -5.21 -48.90 -69.83
N VAL L 35 -5.39 -47.59 -69.93
CA VAL L 35 -4.99 -46.83 -71.11
C VAL L 35 -4.30 -45.57 -70.56
N ASP L 36 -3.84 -44.68 -71.44
CA ASP L 36 -2.90 -43.62 -71.07
C ASP L 36 -3.47 -42.53 -70.17
N ILE L 37 -4.49 -41.81 -70.68
CA ILE L 37 -5.19 -40.63 -70.14
C ILE L 37 -4.37 -39.38 -70.38
N ALA L 38 -5.06 -38.24 -70.50
CA ALA L 38 -4.52 -36.89 -70.50
C ALA L 38 -5.62 -35.94 -70.97
N ASP L 39 -6.17 -36.22 -72.15
CA ASP L 39 -7.36 -35.56 -72.67
C ASP L 39 -8.00 -36.48 -73.71
N ALA L 40 -9.10 -37.17 -73.40
CA ALA L 40 -9.80 -37.28 -72.11
C ALA L 40 -10.37 -35.96 -71.58
N ARG L 41 -9.72 -35.41 -70.55
CA ARG L 41 -10.30 -34.35 -69.73
C ARG L 41 -10.83 -33.18 -70.54
N SER L 42 -10.00 -32.63 -71.43
CA SER L 42 -10.42 -31.48 -72.23
C SER L 42 -11.58 -31.86 -73.14
N ILE L 43 -11.46 -32.98 -73.82
CA ILE L 43 -12.50 -33.44 -74.73
C ILE L 43 -13.77 -33.71 -73.94
N TYR L 44 -13.62 -34.12 -72.68
CA TYR L 44 -14.80 -34.33 -71.85
C TYR L 44 -15.57 -33.04 -71.64
N THR L 45 -14.92 -32.04 -71.06
CA THR L 45 -15.61 -30.81 -70.74
C THR L 45 -16.07 -30.09 -72.00
N VAL L 46 -15.29 -30.22 -73.10
CA VAL L 46 -15.55 -29.47 -74.33
C VAL L 46 -16.86 -29.97 -74.91
N GLY L 47 -17.22 -31.20 -74.61
CA GLY L 47 -18.47 -31.75 -75.08
C GLY L 47 -19.57 -31.60 -74.04
N ALA L 48 -19.19 -31.65 -72.77
CA ALA L 48 -20.18 -31.58 -71.70
C ALA L 48 -20.88 -30.23 -71.74
N ALA L 49 -20.11 -29.16 -71.92
CA ALA L 49 -20.70 -27.82 -71.99
C ALA L 49 -21.60 -27.69 -73.22
N ALA L 50 -21.18 -28.25 -74.35
CA ALA L 50 -22.02 -28.24 -75.54
C ALA L 50 -23.31 -29.01 -75.33
N SER L 51 -23.25 -30.15 -74.65
CA SER L 51 -24.41 -30.98 -74.39
C SER L 51 -25.37 -30.35 -73.39
N ALA L 52 -24.95 -29.28 -72.72
CA ALA L 52 -25.85 -28.46 -71.91
C ALA L 52 -26.37 -27.29 -72.73
N ALA L 53 -25.52 -26.66 -73.53
CA ALA L 53 -25.99 -25.65 -74.46
C ALA L 53 -26.99 -26.24 -75.45
N ARG L 54 -26.70 -27.42 -75.99
CA ARG L 54 -27.68 -28.14 -76.78
C ARG L 54 -28.82 -28.69 -75.93
N ALA L 55 -28.58 -28.91 -74.64
CA ALA L 55 -29.67 -29.31 -73.75
C ALA L 55 -30.69 -28.20 -73.58
N ARG L 56 -30.26 -26.95 -73.69
CA ARG L 56 -31.21 -25.86 -73.61
C ARG L 56 -32.20 -26.01 -74.76
N ALA L 57 -31.74 -25.80 -76.00
CA ALA L 57 -32.55 -25.96 -77.21
C ALA L 57 -33.97 -25.43 -77.02
N ASN L 58 -34.75 -26.15 -76.21
CA ASN L 58 -36.03 -25.68 -75.72
C ASN L 58 -35.74 -24.68 -74.60
N HIS L 59 -36.75 -24.38 -73.78
CA HIS L 59 -36.68 -23.32 -72.78
C HIS L 59 -36.67 -21.97 -73.47
N ASN L 60 -36.60 -22.00 -74.81
CA ASN L 60 -36.62 -20.78 -75.61
C ASN L 60 -38.02 -20.42 -76.05
N ALA L 61 -39.00 -21.24 -75.70
CA ALA L 61 -40.40 -20.89 -75.89
C ALA L 61 -40.85 -20.05 -74.72
N ASN L 62 -39.92 -19.75 -73.80
CA ASN L 62 -40.21 -18.95 -72.63
C ASN L 62 -39.45 -17.63 -72.70
N THR L 63 -38.27 -17.64 -73.30
CA THR L 63 -37.59 -16.40 -73.68
C THR L 63 -38.41 -15.75 -74.78
N ILE L 64 -38.41 -14.42 -74.97
CA ILE L 64 -37.63 -13.33 -74.33
C ILE L 64 -36.18 -13.42 -74.77
N ARG L 65 -35.93 -13.00 -76.01
CA ARG L 65 -34.60 -13.05 -76.62
C ARG L 65 -33.62 -12.20 -75.85
N ARG L 66 -32.34 -12.31 -76.20
CA ARG L 66 -31.30 -11.53 -75.56
C ARG L 66 -31.25 -10.14 -76.17
N THR L 67 -30.44 -9.25 -75.62
CA THR L 67 -30.35 -7.89 -76.13
C THR L 67 -28.91 -7.39 -76.13
N ALA L 68 -28.73 -6.09 -76.36
CA ALA L 68 -27.41 -5.49 -76.38
C ALA L 68 -26.79 -5.38 -75.00
N MET L 69 -27.57 -5.56 -73.93
CA MET L 69 -27.06 -5.55 -72.56
C MET L 69 -26.42 -4.21 -72.22
N PHE L 70 -25.31 -3.90 -72.85
CA PHE L 70 -24.71 -2.57 -72.77
C PHE L 70 -25.22 -1.71 -73.91
N ALA L 71 -24.57 -0.59 -74.16
CA ALA L 71 -24.96 0.33 -75.23
C ALA L 71 -23.83 0.47 -76.22
N GLU L 72 -24.14 0.26 -77.50
CA GLU L 72 -23.17 0.42 -78.58
C GLU L 72 -23.86 0.40 -79.93
N THR L 73 -23.22 0.95 -80.96
CA THR L 73 -23.72 0.88 -82.32
C THR L 73 -23.78 -0.59 -82.77
N ASP L 74 -24.91 -1.09 -83.28
CA ASP L 74 -26.15 -0.38 -83.69
C ASP L 74 -25.87 0.60 -84.81
N PRO L 75 -25.77 0.08 -86.04
CA PRO L 75 -25.36 0.91 -87.17
C PRO L 75 -26.23 2.11 -87.46
N MET L 76 -27.31 2.35 -86.70
CA MET L 76 -28.03 3.59 -86.97
C MET L 76 -27.53 4.73 -86.11
N THR L 77 -27.90 4.75 -84.83
CA THR L 77 -27.38 5.70 -83.84
C THR L 77 -27.49 7.16 -84.26
N TRP L 78 -28.12 7.46 -85.39
CA TRP L 78 -28.09 8.85 -85.82
C TRP L 78 -29.49 9.45 -85.79
N LEU L 79 -30.46 8.69 -85.27
CA LEU L 79 -31.75 9.28 -85.00
C LEU L 79 -32.35 8.73 -83.72
N ARG L 80 -31.55 8.01 -82.94
CA ARG L 80 -31.93 7.59 -81.60
C ARG L 80 -30.73 6.99 -80.88
N PRO L 81 -30.56 7.24 -79.58
CA PRO L 81 -29.46 6.65 -78.84
C PRO L 81 -29.69 5.18 -78.54
N THR L 82 -28.72 4.56 -77.88
CA THR L 82 -28.75 3.14 -77.57
C THR L 82 -28.61 2.94 -76.07
N VAL L 83 -29.38 1.99 -75.54
CA VAL L 83 -29.26 1.57 -74.15
C VAL L 83 -29.47 0.07 -74.08
N GLY L 84 -29.03 -0.53 -72.99
CA GLY L 84 -29.14 -1.96 -72.80
C GLY L 84 -30.14 -2.33 -71.73
N LEU L 85 -30.26 -3.64 -71.50
CA LEU L 85 -31.19 -4.19 -70.52
C LEU L 85 -30.34 -4.83 -69.44
N ARG L 86 -30.36 -4.28 -68.24
CA ARG L 86 -29.80 -5.04 -67.13
C ARG L 86 -30.72 -6.20 -66.81
N ARG L 87 -30.23 -7.41 -67.06
CA ARG L 87 -31.08 -8.60 -67.11
C ARG L 87 -31.52 -8.97 -65.71
N THR L 88 -32.44 -8.15 -65.18
CA THR L 88 -33.01 -8.37 -63.86
C THR L 88 -34.46 -8.81 -63.89
N PHE L 89 -35.08 -8.88 -65.06
CA PHE L 89 -36.46 -9.32 -65.17
C PHE L 89 -36.53 -10.83 -65.26
N ASN L 90 -37.75 -11.35 -65.10
CA ASN L 90 -37.97 -12.79 -65.20
C ASN L 90 -38.37 -13.14 -66.63
N PRO L 91 -37.48 -13.73 -67.43
CA PRO L 91 -37.86 -14.08 -68.79
C PRO L 91 -38.69 -15.34 -68.83
N ARG L 92 -40.00 -15.21 -68.97
CA ARG L 92 -40.88 -16.38 -69.02
C ARG L 92 -41.96 -16.30 -70.08
N ILE L 93 -42.34 -15.12 -70.58
CA ILE L 93 -43.38 -14.85 -71.57
C ILE L 93 -44.68 -15.59 -71.29
N ILE L 94 -44.63 -16.61 -70.44
CA ILE L 94 -45.78 -17.44 -70.04
C ILE L 94 -46.76 -17.69 -71.18
N SER M 1 -39.43 -67.71 -37.15
CA SER M 1 -40.49 -67.39 -36.21
C SER M 1 -40.97 -68.64 -35.48
N ASN M 2 -41.18 -69.71 -36.25
CA ASN M 2 -41.70 -70.94 -35.69
C ASN M 2 -40.81 -72.13 -36.06
N PRO M 3 -40.61 -73.08 -35.14
CA PRO M 3 -41.04 -72.93 -33.75
C PRO M 3 -39.89 -72.59 -32.80
N THR M 4 -40.11 -71.61 -31.94
CA THR M 4 -39.17 -71.36 -30.85
C THR M 4 -39.76 -71.06 -29.45
N THR M 5 -41.00 -70.55 -29.31
CA THR M 5 -41.93 -70.13 -30.35
C THR M 5 -42.18 -68.63 -30.31
N PHE M 6 -42.37 -68.09 -29.10
CA PHE M 6 -42.70 -66.67 -28.96
C PHE M 6 -42.10 -66.16 -27.66
N SER M 7 -41.46 -64.99 -27.72
CA SER M 7 -40.77 -64.41 -26.59
C SER M 7 -41.76 -64.01 -25.52
N VAL M 8 -41.68 -64.62 -24.34
CA VAL M 8 -42.57 -64.30 -23.24
C VAL M 8 -41.72 -63.83 -22.07
N GLU M 9 -40.41 -64.05 -22.14
CA GLU M 9 -39.48 -63.51 -21.17
C GLU M 9 -39.82 -63.97 -19.74
N ALA M 10 -39.64 -65.25 -19.39
CA ALA M 10 -38.77 -66.29 -19.98
C ALA M 10 -37.34 -65.88 -20.31
N ILE M 11 -36.49 -66.88 -20.51
CA ILE M 11 -35.07 -66.63 -20.80
C ILE M 11 -34.65 -67.52 -21.97
N ALA M 12 -35.60 -67.87 -22.84
CA ALA M 12 -35.20 -68.72 -23.97
C ALA M 12 -34.19 -67.99 -24.87
N ALA M 13 -34.47 -66.78 -25.39
CA ALA M 13 -35.82 -66.26 -25.61
C ALA M 13 -36.16 -66.61 -27.06
N TYR M 14 -35.49 -65.94 -28.01
CA TYR M 14 -35.12 -66.45 -29.34
C TYR M 14 -34.47 -65.30 -30.09
N THR M 15 -33.49 -65.56 -30.98
CA THR M 15 -32.63 -64.46 -31.38
C THR M 15 -33.43 -63.41 -32.15
N PRO M 16 -33.94 -63.66 -33.39
CA PRO M 16 -35.05 -62.81 -33.84
C PRO M 16 -36.36 -63.55 -33.62
N VAL M 17 -37.35 -63.04 -32.88
CA VAL M 17 -37.68 -61.64 -32.60
C VAL M 17 -37.91 -61.03 -33.95
N ALA M 18 -39.14 -61.22 -34.44
CA ALA M 18 -39.52 -60.72 -35.75
C ALA M 18 -40.82 -59.94 -35.64
N LEU M 19 -40.97 -59.17 -34.56
CA LEU M 19 -42.22 -58.47 -34.31
C LEU M 19 -42.16 -57.00 -34.67
N ILE M 20 -43.33 -56.41 -34.87
CA ILE M 20 -43.50 -54.97 -34.68
C ILE M 20 -44.52 -54.84 -33.58
N ARG M 21 -44.52 -53.70 -32.89
CA ARG M 21 -45.46 -53.42 -31.80
C ARG M 21 -45.28 -54.38 -30.64
N LEU M 22 -44.09 -54.39 -30.03
CA LEU M 22 -44.03 -55.16 -28.80
C LEU M 22 -44.69 -54.33 -27.70
N LEU M 23 -46.00 -54.46 -27.62
CA LEU M 23 -46.73 -54.07 -26.42
C LEU M 23 -46.58 -55.27 -25.48
N ASN M 24 -45.35 -55.77 -25.39
CA ASN M 24 -45.05 -57.09 -24.89
C ASN M 24 -44.06 -57.03 -23.75
N ALA M 25 -43.01 -56.21 -23.91
CA ALA M 25 -41.99 -56.09 -22.88
C ALA M 25 -42.70 -55.80 -21.57
N SER M 26 -43.64 -54.86 -21.61
CA SER M 26 -44.77 -54.84 -20.70
C SER M 26 -45.81 -53.80 -21.11
N GLY M 27 -47.07 -54.19 -21.18
CA GLY M 27 -47.50 -55.57 -21.06
C GLY M 27 -47.39 -56.15 -19.68
N PRO M 28 -47.48 -57.47 -19.59
CA PRO M 28 -47.07 -58.16 -18.37
C PRO M 28 -45.66 -58.70 -18.47
N LEU M 29 -45.07 -59.12 -17.35
CA LEU M 29 -43.79 -59.82 -17.40
C LEU M 29 -43.88 -61.27 -16.88
N GLN M 30 -44.34 -61.52 -15.65
CA GLN M 30 -44.69 -60.57 -14.60
C GLN M 30 -44.44 -61.17 -13.22
N PRO M 31 -43.16 -61.33 -12.82
CA PRO M 31 -41.88 -61.04 -13.46
C PRO M 31 -41.26 -62.23 -14.17
N GLY M 32 -39.98 -62.13 -14.49
CA GLY M 32 -39.25 -63.24 -15.07
C GLY M 32 -39.17 -64.42 -14.13
N HIS M 33 -39.20 -65.63 -14.69
CA HIS M 33 -39.23 -66.85 -13.89
C HIS M 33 -37.83 -67.25 -13.41
N ARG M 34 -37.69 -68.48 -12.92
CA ARG M 34 -36.49 -68.91 -12.22
C ARG M 34 -35.50 -69.52 -13.20
N VAL M 35 -34.64 -68.67 -13.80
CA VAL M 35 -33.52 -69.13 -14.62
C VAL M 35 -32.34 -68.22 -14.23
N ASP M 36 -31.16 -68.46 -14.82
CA ASP M 36 -29.91 -67.82 -14.43
C ASP M 36 -29.79 -66.34 -14.82
N ILE M 37 -30.03 -66.04 -16.11
CA ILE M 37 -30.01 -64.74 -16.81
C ILE M 37 -28.62 -64.11 -16.80
N ALA M 38 -28.35 -63.33 -17.86
CA ALA M 38 -27.15 -62.50 -18.07
C ALA M 38 -27.17 -62.09 -19.53
N ASP M 39 -27.37 -63.09 -20.38
CA ASP M 39 -27.72 -62.93 -21.78
C ASP M 39 -28.39 -64.22 -22.28
N ALA M 40 -29.71 -64.33 -22.34
CA ALA M 40 -30.74 -63.36 -21.97
C ALA M 40 -30.73 -62.09 -22.82
N ARG M 41 -30.11 -61.04 -22.30
CA ARG M 41 -30.22 -59.70 -22.86
C ARG M 41 -29.74 -59.62 -24.30
N SER M 42 -28.60 -60.25 -24.60
CA SER M 42 -28.01 -60.26 -25.93
C SER M 42 -29.01 -60.70 -27.00
N ILE M 43 -29.70 -61.79 -26.70
CA ILE M 43 -30.67 -62.38 -27.61
C ILE M 43 -31.72 -61.34 -27.97
N TYR M 44 -32.10 -60.52 -26.99
CA TYR M 44 -33.06 -59.46 -27.25
C TYR M 44 -32.40 -58.36 -28.08
N THR M 45 -31.13 -58.08 -27.81
CA THR M 45 -30.40 -57.04 -28.53
C THR M 45 -30.39 -57.29 -30.03
N VAL M 46 -29.70 -58.35 -30.43
CA VAL M 46 -29.37 -58.61 -31.83
C VAL M 46 -30.64 -58.72 -32.63
N GLY M 47 -31.54 -59.57 -32.16
CA GLY M 47 -32.72 -59.90 -32.91
C GLY M 47 -33.80 -58.85 -32.83
N ALA M 48 -33.81 -58.02 -31.79
CA ALA M 48 -34.75 -56.92 -31.80
C ALA M 48 -34.29 -55.93 -32.86
N ALA M 49 -32.99 -55.65 -32.93
CA ALA M 49 -32.51 -54.73 -33.96
C ALA M 49 -32.67 -55.33 -35.34
N ALA M 50 -32.55 -56.65 -35.44
CA ALA M 50 -32.94 -57.29 -36.69
C ALA M 50 -34.40 -57.03 -36.97
N SER M 51 -35.27 -57.20 -35.97
CA SER M 51 -36.68 -56.87 -36.02
C SER M 51 -36.92 -55.45 -36.42
N ALA M 52 -35.87 -54.67 -36.54
CA ALA M 52 -35.93 -53.31 -37.01
C ALA M 52 -35.52 -53.22 -38.47
N ALA M 53 -34.32 -53.72 -38.77
CA ALA M 53 -33.84 -53.72 -40.14
C ALA M 53 -34.79 -54.46 -41.07
N ARG M 54 -35.23 -55.67 -40.69
CA ARG M 54 -36.21 -56.35 -41.53
C ARG M 54 -37.60 -55.77 -41.38
N ALA M 55 -37.89 -55.11 -40.24
CA ALA M 55 -39.15 -54.39 -40.15
C ALA M 55 -39.24 -53.32 -41.21
N ARG M 56 -38.11 -52.90 -41.76
CA ARG M 56 -38.28 -51.95 -42.84
C ARG M 56 -38.65 -52.52 -44.20
N ALA M 57 -37.71 -53.15 -44.89
CA ALA M 57 -37.83 -53.22 -46.35
C ALA M 57 -38.30 -51.88 -46.91
N ASN M 58 -39.52 -51.47 -46.57
CA ASN M 58 -40.17 -50.26 -47.04
C ASN M 58 -39.71 -48.98 -46.34
N HIS M 59 -40.46 -47.90 -46.54
CA HIS M 59 -40.03 -46.51 -46.34
C HIS M 59 -38.94 -46.15 -47.33
N ASN M 60 -38.63 -47.06 -48.24
CA ASN M 60 -37.73 -46.75 -49.33
C ASN M 60 -38.49 -46.35 -50.58
N ALA M 61 -39.82 -46.30 -50.48
CA ALA M 61 -40.64 -45.90 -51.62
C ALA M 61 -40.75 -44.38 -51.69
N ASN M 62 -40.13 -43.69 -50.72
CA ASN M 62 -40.22 -42.23 -50.69
C ASN M 62 -38.87 -41.58 -50.41
N THR M 63 -37.93 -42.35 -49.87
CA THR M 63 -36.52 -42.02 -50.09
C THR M 63 -36.28 -42.23 -51.58
N ILE M 64 -35.42 -41.49 -52.27
CA ILE M 64 -34.33 -40.61 -51.84
C ILE M 64 -33.26 -41.49 -51.22
N ARG M 65 -32.60 -42.24 -52.11
CA ARG M 65 -31.56 -43.17 -51.70
C ARG M 65 -30.40 -42.42 -51.06
N ARG M 66 -29.39 -43.16 -50.63
CA ARG M 66 -28.22 -42.53 -50.00
C ARG M 66 -27.44 -41.76 -51.04
N THR M 67 -26.36 -41.10 -50.63
CA THR M 67 -25.65 -40.24 -51.56
C THR M 67 -24.16 -40.52 -51.58
N ALA M 68 -23.45 -39.82 -52.47
CA ALA M 68 -22.00 -39.80 -52.44
C ALA M 68 -21.45 -39.26 -51.13
N MET M 69 -22.27 -38.50 -50.40
CA MET M 69 -21.98 -38.15 -49.02
C MET M 69 -20.82 -37.19 -48.79
N PHE M 70 -19.74 -37.35 -49.55
CA PHE M 70 -18.55 -36.50 -49.43
C PHE M 70 -17.81 -36.15 -50.69
N ALA M 71 -16.66 -35.55 -50.43
CA ALA M 71 -15.56 -35.41 -51.34
C ALA M 71 -14.53 -36.49 -51.04
N GLU M 72 -14.52 -37.56 -51.85
CA GLU M 72 -13.50 -38.59 -51.84
C GLU M 72 -13.77 -39.57 -52.95
N THR M 73 -12.75 -40.30 -53.40
CA THR M 73 -12.91 -41.28 -54.46
C THR M 73 -13.87 -42.39 -54.04
N ASP M 74 -14.95 -42.69 -54.80
CA ASP M 74 -15.36 -42.15 -56.12
C ASP M 74 -14.29 -42.36 -57.19
N PRO M 75 -14.25 -43.58 -57.73
CA PRO M 75 -13.08 -44.04 -58.48
C PRO M 75 -12.70 -43.22 -59.70
N MET M 76 -13.42 -42.16 -60.09
CA MET M 76 -12.82 -41.36 -61.15
C MET M 76 -12.08 -40.16 -60.58
N THR M 77 -12.83 -39.17 -60.07
CA THR M 77 -12.27 -37.96 -59.47
C THR M 77 -11.28 -37.25 -60.39
N TRP M 78 -11.15 -37.68 -61.64
CA TRP M 78 -10.14 -37.05 -62.49
C TRP M 78 -10.77 -36.24 -63.60
N LEU M 79 -12.09 -36.12 -63.60
CA LEU M 79 -12.72 -35.23 -64.57
C LEU M 79 -13.85 -34.45 -63.92
N ARG M 80 -13.97 -34.56 -62.60
CA ARG M 80 -14.87 -33.73 -61.81
C ARG M 80 -14.61 -33.94 -60.32
N PRO M 81 -14.58 -32.87 -59.54
CA PRO M 81 -14.44 -33.02 -58.09
C PRO M 81 -15.70 -33.58 -57.47
N THR M 82 -15.54 -34.07 -56.25
CA THR M 82 -16.57 -34.74 -55.48
C THR M 82 -17.10 -33.81 -54.40
N VAL M 83 -18.42 -33.86 -54.19
CA VAL M 83 -19.10 -33.05 -53.17
C VAL M 83 -20.24 -33.88 -52.62
N GLY M 84 -20.56 -33.67 -51.34
CA GLY M 84 -21.54 -34.49 -50.66
C GLY M 84 -22.87 -33.82 -50.38
N LEU M 85 -23.94 -34.57 -50.64
CA LEU M 85 -25.31 -34.14 -50.41
C LEU M 85 -25.63 -34.26 -48.92
N ARG M 86 -25.49 -33.15 -48.22
CA ARG M 86 -26.08 -32.96 -46.92
C ARG M 86 -27.55 -32.61 -47.10
N ARG M 87 -28.44 -33.42 -46.53
CA ARG M 87 -29.80 -33.61 -47.06
C ARG M 87 -30.83 -32.67 -46.42
N THR M 88 -30.69 -31.35 -46.71
CA THR M 88 -31.64 -30.36 -46.16
C THR M 88 -33.00 -30.47 -46.80
N PHE M 89 -33.06 -30.93 -48.02
CA PHE M 89 -34.30 -31.26 -48.65
C PHE M 89 -35.12 -32.17 -47.73
N ASN M 90 -36.42 -32.02 -47.83
CA ASN M 90 -37.34 -32.87 -47.11
C ASN M 90 -37.52 -34.15 -47.91
N PRO M 91 -36.81 -35.24 -47.58
CA PRO M 91 -36.73 -36.36 -48.53
C PRO M 91 -37.99 -37.21 -48.56
N ARG M 92 -38.82 -36.95 -49.58
CA ARG M 92 -40.15 -37.51 -49.66
C ARG M 92 -40.51 -38.08 -51.03
N ILE M 93 -39.95 -37.54 -52.12
CA ILE M 93 -40.35 -37.83 -53.50
C ILE M 93 -41.87 -37.66 -53.66
N ILE M 94 -42.52 -37.12 -52.64
CA ILE M 94 -43.96 -36.83 -52.61
C ILE M 94 -44.82 -37.84 -53.38
N MET N 1 -15.23 -45.59 34.65
CA MET N 1 -15.04 -47.03 34.82
C MET N 1 -14.56 -47.31 36.25
N ASN N 2 -14.07 -46.23 36.88
CA ASN N 2 -13.65 -46.31 38.28
C ASN N 2 -14.77 -46.76 39.18
N ALA N 3 -16.03 -46.45 38.82
CA ALA N 3 -17.17 -46.89 39.61
C ALA N 3 -17.25 -48.40 39.72
N HIS N 4 -16.77 -49.13 38.72
CA HIS N 4 -16.77 -50.59 38.77
C HIS N 4 -15.64 -51.12 39.65
N LEU N 5 -14.46 -50.49 39.60
CA LEU N 5 -13.36 -50.89 40.47
C LEU N 5 -13.70 -50.63 41.93
N ALA N 6 -14.30 -49.48 42.22
CA ALA N 6 -14.56 -49.04 43.58
C ALA N 6 -15.70 -49.80 44.25
N ASN N 7 -16.48 -50.58 43.51
CA ASN N 7 -17.60 -51.30 44.09
C ASN N 7 -17.23 -52.74 44.44
N GLU N 8 -16.36 -53.37 43.65
CA GLU N 8 -15.96 -54.73 43.97
C GLU N 8 -15.06 -54.80 45.20
N VAL N 9 -14.40 -53.69 45.56
CA VAL N 9 -13.70 -53.64 46.84
C VAL N 9 -14.70 -53.74 47.98
N GLN N 10 -15.81 -53.02 47.89
CA GLN N 10 -16.85 -53.12 48.90
C GLN N 10 -17.50 -54.49 48.92
N TYR N 11 -17.75 -55.06 47.75
CA TYR N 11 -18.35 -56.40 47.68
C TYR N 11 -17.43 -57.49 48.22
N ASP N 12 -16.11 -57.36 48.00
CA ASP N 12 -15.17 -58.37 48.46
C ASP N 12 -15.14 -58.46 49.98
N LEU N 13 -15.18 -57.31 50.65
CA LEU N 13 -15.04 -57.25 52.10
C LEU N 13 -16.33 -57.57 52.85
N GLY N 14 -17.33 -58.12 52.17
CA GLY N 14 -18.56 -58.50 52.83
C GLY N 14 -19.45 -57.33 53.20
N HIS N 15 -19.94 -56.61 52.19
CA HIS N 15 -20.85 -55.49 52.42
C HIS N 15 -21.93 -55.44 51.33
N PRO N 16 -25.09 -64.52 51.99
CA PRO N 16 -24.54 -64.48 50.64
C PRO N 16 -25.42 -63.70 49.67
N SER N 17 -24.79 -63.02 48.71
CA SER N 17 -25.51 -62.22 47.73
C SER N 17 -24.71 -62.22 46.43
N SER N 18 -25.07 -61.32 45.52
CA SER N 18 -24.38 -61.20 44.24
C SER N 18 -24.17 -59.73 43.92
N LEU N 19 -23.56 -59.46 42.76
CA LEU N 19 -23.27 -58.11 42.31
C LEU N 19 -23.30 -58.07 40.80
N VAL N 20 -24.07 -57.15 40.24
CA VAL N 20 -24.23 -57.04 38.79
C VAL N 20 -23.76 -55.66 38.36
N HIS N 21 -22.79 -55.63 37.46
CA HIS N 21 -22.33 -54.38 36.89
C HIS N 21 -23.27 -53.96 35.76
N VAL N 22 -23.88 -52.79 35.90
CA VAL N 22 -24.93 -52.34 35.00
C VAL N 22 -24.56 -50.97 34.44
N ILE N 23 -24.72 -50.80 33.13
CA ILE N 23 -24.55 -49.51 32.48
C ILE N 23 -25.93 -48.99 32.11
N ILE N 24 -26.35 -47.90 32.75
CA ILE N 24 -27.60 -47.25 32.39
C ILE N 24 -27.33 -46.27 31.26
N SER N 25 -28.22 -46.24 30.28
CA SER N 25 -28.10 -45.28 29.21
C SER N 25 -28.64 -43.92 29.65
N SER N 26 -28.40 -42.90 28.82
CA SER N 26 -28.95 -41.58 29.10
C SER N 26 -30.47 -41.62 29.11
N GLU N 27 -31.07 -42.42 28.23
CA GLU N 27 -32.50 -42.38 28.01
C GLU N 27 -33.30 -43.11 29.07
N CYS N 28 -32.77 -44.21 29.63
CA CYS N 28 -33.43 -44.80 30.79
C CYS N 28 -33.47 -43.83 31.95
N LEU N 29 -32.35 -43.16 32.22
CA LEU N 29 -32.32 -42.12 33.25
C LEU N 29 -33.34 -41.04 32.96
N ALA N 30 -33.43 -40.61 31.70
CA ALA N 30 -34.35 -39.55 31.33
C ALA N 30 -35.80 -39.95 31.54
N ALA N 31 -36.23 -41.05 30.93
CA ALA N 31 -37.61 -41.50 31.09
C ALA N 31 -37.91 -41.87 32.52
N ALA N 32 -36.89 -42.12 33.35
CA ALA N 32 -37.10 -42.14 34.78
C ALA N 32 -37.48 -40.75 35.30
N GLY N 33 -37.11 -39.70 34.59
CA GLY N 33 -37.49 -38.35 34.95
C GLY N 33 -36.42 -37.59 35.72
N ILE N 34 -35.14 -37.82 35.40
CA ILE N 34 -34.10 -37.21 36.20
C ILE N 34 -33.32 -36.20 35.38
N PRO N 35 -32.64 -35.27 36.05
CA PRO N 35 -31.60 -34.47 35.38
C PRO N 35 -30.32 -35.27 35.18
N LEU N 36 -29.83 -35.29 33.94
CA LEU N 36 -28.57 -35.94 33.63
C LEU N 36 -27.37 -35.13 34.10
N ALA N 37 -27.30 -33.85 33.76
CA ALA N 37 -26.11 -33.06 34.05
C ALA N 37 -26.10 -32.54 35.48
N ALA N 38 -27.11 -32.87 36.27
CA ALA N 38 -27.11 -32.47 37.68
C ALA N 38 -26.22 -33.38 38.51
N LEU N 39 -25.80 -34.52 37.95
CA LEU N 39 -25.20 -35.60 38.72
C LEU N 39 -23.76 -35.35 39.15
N MET N 40 -23.03 -34.50 38.44
CA MET N 40 -21.58 -34.53 38.54
C MET N 40 -20.99 -33.39 39.35
N ARG N 41 -21.79 -32.36 39.63
CA ARG N 41 -21.29 -31.22 40.38
C ARG N 41 -20.60 -31.64 41.67
N ALA N 42 -13.64 -38.93 40.38
CA ALA N 42 -14.85 -38.63 39.61
C ALA N 42 -16.00 -39.53 40.06
N ASN N 43 -15.85 -40.14 41.23
CA ASN N 43 -16.87 -41.02 41.77
C ASN N 43 -18.08 -40.22 42.23
N PHE N 44 -19.20 -40.94 42.44
CA PHE N 44 -20.43 -40.31 42.91
C PHE N 44 -21.14 -41.29 43.85
N GLN N 45 -21.55 -40.80 45.01
CA GLN N 45 -22.21 -41.65 46.00
C GLN N 45 -23.68 -41.81 45.66
N VAL N 46 -24.14 -43.06 45.59
CA VAL N 46 -25.54 -43.39 45.32
C VAL N 46 -26.00 -44.40 46.35
N GLU N 47 -27.16 -44.14 46.95
CA GLU N 47 -27.74 -45.05 47.93
C GLU N 47 -28.59 -46.10 47.22
N ILE N 48 -28.32 -47.37 47.53
CA ILE N 48 -28.97 -48.50 46.85
C ILE N 48 -29.54 -49.44 47.90
N GLN N 49 -30.78 -49.88 47.70
CA GLN N 49 -31.42 -50.85 48.57
C GLN N 49 -32.25 -51.81 47.74
N THR N 50 -32.52 -52.98 48.32
CA THR N 50 -33.24 -54.06 47.64
C THR N 50 -34.51 -54.38 48.40
N ARG N 51 -35.51 -54.89 47.69
CA ARG N 51 -36.82 -55.18 48.24
C ARG N 51 -37.12 -56.68 48.17
N ALA N 52 -37.85 -57.17 49.18
CA ALA N 52 -38.26 -58.57 49.26
C ALA N 52 -39.52 -58.80 48.43
N HIS N 53 -40.15 -59.95 48.63
CA HIS N 53 -41.29 -60.40 47.81
C HIS N 53 -42.57 -60.33 48.61
N ALA N 54 -43.47 -59.42 48.21
CA ALA N 54 -44.82 -59.31 48.77
C ALA N 54 -44.80 -59.25 50.29
N THR N 55 -43.72 -58.72 50.86
CA THR N 55 -43.53 -58.70 52.31
C THR N 55 -43.39 -57.29 52.86
N GLY N 56 -42.76 -56.38 52.11
CA GLY N 56 -42.56 -55.01 52.53
C GLY N 56 -41.23 -54.77 53.19
N ASP N 57 -40.65 -55.77 53.84
CA ASP N 57 -39.33 -55.63 54.43
C ASP N 57 -38.28 -55.48 53.34
N CYS N 58 -37.33 -54.59 53.58
CA CYS N 58 -36.33 -54.28 52.57
C CYS N 58 -34.98 -54.04 53.24
N THR N 59 -33.92 -54.23 52.46
CA THR N 59 -32.58 -53.96 52.95
C THR N 59 -32.43 -52.47 53.24
N PRO N 60 -31.82 -52.09 54.36
CA PRO N 60 -31.60 -50.67 54.64
C PRO N 60 -30.68 -50.04 53.59
N TRP N 61 -30.83 -48.73 53.45
CA TRP N 61 -30.07 -47.99 52.44
C TRP N 61 -28.57 -48.15 52.66
N CYS N 62 -27.86 -48.49 51.59
CA CYS N 62 -26.41 -48.65 51.61
C CYS N 62 -25.79 -47.77 50.53
N THR N 63 -24.75 -47.04 50.90
CA THR N 63 -24.09 -46.12 49.98
C THR N 63 -23.15 -46.88 49.05
N ALA N 64 -23.41 -46.79 47.75
CA ALA N 64 -22.55 -47.37 46.73
C ALA N 64 -21.92 -46.24 45.92
N PHE N 65 -20.94 -46.60 45.10
CA PHE N 65 -20.21 -45.65 44.28
C PHE N 65 -20.69 -45.71 42.85
N ALA N 66 -20.69 -44.54 42.20
CA ALA N 66 -21.19 -44.42 40.84
C ALA N 66 -20.32 -43.42 40.07
N ALA N 67 -20.32 -43.56 38.75
CA ALA N 67 -19.61 -42.62 37.89
C ALA N 67 -20.30 -42.60 36.54
N TYR N 68 -20.99 -41.50 36.24
CA TYR N 68 -21.59 -41.30 34.93
C TYR N 68 -20.47 -41.17 33.90
N VAL N 69 -20.34 -42.16 33.03
CA VAL N 69 -19.23 -42.11 32.07
C VAL N 69 -19.46 -40.94 31.12
N PRO N 70 -18.53 -40.01 31.05
CA PRO N 70 -18.73 -38.83 30.23
C PRO N 70 -18.24 -39.00 28.80
N ALA N 71 -18.75 -40.00 28.11
CA ALA N 71 -18.30 -40.32 26.76
C ALA N 71 -19.25 -41.30 26.10
N ASP N 72 -18.85 -41.87 24.97
CA ASP N 72 -19.50 -43.09 24.50
C ASP N 72 -19.41 -44.14 25.60
N ALA N 73 -20.57 -44.59 26.08
CA ALA N 73 -20.60 -45.41 27.29
C ALA N 73 -19.82 -46.71 27.13
N VAL N 74 -20.12 -47.47 26.07
CA VAL N 74 -19.41 -48.72 25.86
C VAL N 74 -17.98 -48.46 25.39
N GLY N 75 -17.79 -47.42 24.57
CA GLY N 75 -16.47 -47.09 24.06
C GLY N 75 -15.45 -46.79 25.13
N GLU N 76 -15.89 -46.26 26.28
CA GLU N 76 -14.96 -46.06 27.38
C GLU N 76 -14.37 -47.38 27.87
N LEU N 77 -15.20 -48.40 28.03
CA LEU N 77 -14.70 -49.71 28.44
C LEU N 77 -13.85 -50.33 27.33
N LEU N 78 -14.34 -50.30 26.10
CA LEU N 78 -13.66 -50.99 25.02
C LEU N 78 -12.35 -50.31 24.63
N ALA N 79 -12.38 -48.98 24.46
CA ALA N 79 -11.23 -48.23 23.95
C ALA N 79 -10.92 -47.07 24.88
N PRO N 80 -10.09 -47.30 25.89
CA PRO N 80 -9.64 -46.19 26.74
C PRO N 80 -8.73 -45.24 25.96
N VAL N 81 -8.74 -43.98 26.39
CA VAL N 81 -8.02 -42.92 25.71
C VAL N 81 -6.89 -42.45 26.62
N VAL N 82 -5.67 -42.50 26.11
CA VAL N 82 -4.53 -41.95 26.84
C VAL N 82 -4.58 -40.42 26.73
N PRO N 83 -4.55 -39.69 27.84
CA PRO N 83 -4.55 -38.22 27.74
C PRO N 83 -3.37 -37.68 26.97
N ALA N 84 -2.21 -38.33 27.03
CA ALA N 84 -1.05 -37.88 26.26
C ALA N 84 -1.21 -38.24 24.78
N HIS N 85 -1.85 -39.37 24.49
CA HIS N 85 -2.00 -39.86 23.13
C HIS N 85 -3.48 -40.09 22.82
N PRO N 86 -4.19 -39.08 22.30
CA PRO N 86 -5.63 -39.25 22.08
C PRO N 86 -5.99 -40.09 20.87
N GLY N 87 -5.18 -40.06 19.81
CA GLY N 87 -5.50 -40.83 18.62
C GLY N 87 -4.97 -42.25 18.66
N LEU N 88 -4.98 -42.87 19.85
CA LEU N 88 -4.41 -44.20 20.01
C LEU N 88 -5.43 -45.27 19.65
N LEU N 89 -6.62 -45.20 20.26
CA LEU N 89 -7.69 -46.15 19.97
C LEU N 89 -8.87 -45.42 19.36
N PRO N 90 -8.94 -45.29 18.04
CA PRO N 90 -10.12 -44.70 17.42
C PRO N 90 -11.34 -45.59 17.55
N ARG N 91 -12.51 -44.96 17.57
CA ARG N 91 -13.77 -45.66 17.85
C ARG N 91 -14.92 -44.82 17.34
N ALA N 92 -16.07 -45.48 17.17
CA ALA N 92 -17.30 -44.81 16.81
C ALA N 92 -17.92 -44.14 18.05
N SER N 93 -18.90 -43.28 17.80
CA SER N 93 -19.54 -42.57 18.89
C SER N 93 -20.76 -43.34 19.39
N SER N 94 -21.11 -43.09 20.65
CA SER N 94 -22.23 -43.77 21.29
C SER N 94 -22.71 -42.92 22.46
N ALA N 95 -23.90 -43.26 22.97
CA ALA N 95 -24.49 -42.55 24.08
C ALA N 95 -23.68 -42.77 25.36
N GLY N 96 -23.98 -41.97 26.38
CA GLY N 96 -23.29 -42.08 27.64
C GLY N 96 -24.22 -42.08 28.83
N GLY N 97 -23.92 -42.93 29.82
CA GLY N 97 -24.73 -43.05 31.01
C GLY N 97 -23.88 -43.30 32.25
N LEU N 98 -24.57 -43.65 33.33
CA LEU N 98 -23.88 -43.87 34.58
C LEU N 98 -23.44 -45.32 34.74
N PHE N 99 -22.40 -45.51 35.54
CA PHE N 99 -21.90 -46.83 35.90
C PHE N 99 -22.28 -47.12 37.35
N VAL N 100 -23.15 -48.11 37.54
CA VAL N 100 -23.55 -48.54 38.88
C VAL N 100 -23.54 -50.06 38.92
N SER N 101 -22.85 -50.63 39.91
CA SER N 101 -22.98 -52.04 40.21
C SER N 101 -24.16 -52.24 41.15
N LEU N 102 -24.91 -53.32 40.93
CA LEU N 102 -26.13 -53.55 41.68
C LEU N 102 -26.07 -54.88 42.41
N PRO N 103 -26.37 -54.89 43.71
CA PRO N 103 -26.36 -56.16 44.46
C PRO N 103 -27.60 -56.98 44.19
N VAL N 104 -27.43 -58.31 44.24
CA VAL N 104 -28.50 -59.26 44.05
C VAL N 104 -28.54 -60.19 45.25
N VAL N 105 -29.69 -60.26 45.91
CA VAL N 105 -29.85 -61.13 47.06
C VAL N 105 -29.95 -62.58 46.59
N CYS N 106 -29.26 -63.48 47.29
CA CYS N 106 -29.18 -64.89 46.92
C CYS N 106 -29.60 -65.75 48.10
N ASP N 107 -29.60 -67.07 47.86
CA ASP N 107 -29.89 -68.08 48.86
C ASP N 107 -28.77 -69.11 48.84
N ALA N 108 -28.89 -70.11 49.73
CA ALA N 108 -28.05 -71.29 49.62
C ALA N 108 -28.40 -72.03 48.34
N GLN N 109 -27.37 -72.37 47.55
CA GLN N 109 -27.56 -72.78 46.16
C GLN N 109 -28.34 -71.69 45.43
N GLY N 110 -27.69 -70.54 45.31
CA GLY N 110 -28.31 -69.29 44.90
C GLY N 110 -29.26 -69.34 43.72
N VAL N 111 -30.53 -69.05 43.97
CA VAL N 111 -31.55 -68.89 42.94
C VAL N 111 -32.21 -67.54 43.18
N TYR N 112 -31.94 -66.57 42.30
CA TYR N 112 -32.53 -65.26 42.44
C TYR N 112 -34.02 -65.31 42.15
N ASP N 113 -34.78 -64.51 42.88
CA ASP N 113 -36.24 -64.50 42.74
C ASP N 113 -36.66 -63.31 41.89
N PRO N 114 -37.16 -63.53 40.67
CA PRO N 114 -37.65 -62.42 39.87
C PRO N 114 -38.96 -61.88 40.44
N TYR N 115 -39.29 -60.65 40.03
CA TYR N 115 -40.38 -59.82 40.56
C TYR N 115 -39.99 -59.15 41.88
N ALA N 116 -38.71 -59.22 42.25
CA ALA N 116 -38.18 -58.45 43.36
C ALA N 116 -37.31 -57.32 42.81
N VAL N 117 -37.40 -56.16 43.45
CA VAL N 117 -36.87 -54.92 42.90
C VAL N 117 -35.62 -54.50 43.66
N ALA N 118 -34.56 -54.20 42.93
CA ALA N 118 -33.40 -53.51 43.45
C ALA N 118 -33.52 -52.03 43.13
N ALA N 119 -33.51 -51.17 44.15
CA ALA N 119 -33.88 -49.78 44.02
C ALA N 119 -32.64 -48.89 43.93
N LEU N 120 -32.69 -47.91 43.02
CA LEU N 120 -31.69 -46.88 42.93
C LEU N 120 -32.22 -45.58 43.54
N ARG N 121 -31.31 -44.64 43.81
CA ARG N 121 -31.70 -43.29 44.18
C ARG N 121 -30.57 -42.36 43.82
N LEU N 122 -30.78 -41.52 42.81
CA LEU N 122 -29.79 -40.55 42.38
C LEU N 122 -30.08 -39.21 43.05
N ALA N 123 -29.18 -38.77 43.92
CA ALA N 123 -29.33 -37.53 44.66
C ALA N 123 -28.31 -36.52 44.11
N TRP N 124 -28.78 -35.63 43.24
CA TRP N 124 -27.93 -34.63 42.61
C TRP N 124 -27.92 -33.31 43.38
N GLY N 125 -28.57 -33.26 44.53
CA GLY N 125 -28.60 -32.04 45.30
C GLY N 125 -29.25 -32.26 46.65
N SER N 126 -29.46 -31.16 47.36
CA SER N 126 -30.09 -31.20 48.66
C SER N 126 -31.61 -31.26 48.53
N GLY N 127 -32.24 -31.94 49.48
CA GLY N 127 -33.68 -32.06 49.49
C GLY N 127 -34.20 -33.22 48.67
N ALA N 128 -35.40 -33.70 49.00
CA ALA N 128 -35.98 -34.82 48.26
C ALA N 128 -36.45 -34.39 46.87
N SER N 129 -36.70 -33.09 46.65
CA SER N 129 -37.10 -32.61 45.34
C SER N 129 -36.02 -32.86 44.30
N CYS N 130 -34.76 -33.00 44.72
CA CYS N 130 -33.64 -33.25 43.84
C CYS N 130 -33.20 -34.71 43.88
N ALA N 131 -34.16 -35.62 44.01
CA ALA N 131 -33.86 -37.04 44.07
C ALA N 131 -34.98 -37.83 43.40
N ARG N 132 -34.59 -38.85 42.65
CA ARG N 132 -35.54 -39.76 42.00
C ARG N 132 -35.15 -41.19 42.33
N VAL N 133 -36.12 -42.09 42.23
CA VAL N 133 -35.94 -43.51 42.55
C VAL N 133 -36.19 -44.31 41.29
N ILE N 134 -35.19 -45.08 40.86
CA ILE N 134 -35.29 -45.94 39.68
C ILE N 134 -35.30 -47.38 40.17
N LEU N 135 -36.24 -48.16 39.66
CA LEU N 135 -36.48 -49.52 40.12
C LEU N 135 -35.88 -50.52 39.13
N PHE N 136 -35.36 -51.62 39.66
CA PHE N 136 -34.77 -52.69 38.84
C PHE N 136 -35.15 -54.04 39.42
N SER N 137 -36.03 -54.75 38.71
CA SER N 137 -36.33 -56.12 39.07
C SER N 137 -35.16 -57.02 38.70
N TYR N 138 -35.12 -58.20 39.33
CA TYR N 138 -34.07 -59.17 39.02
C TYR N 138 -34.24 -59.78 37.63
N ASP N 139 -35.41 -59.65 37.03
CA ASP N 139 -35.56 -60.02 35.62
C ASP N 139 -34.71 -59.12 34.73
N GLU N 140 -34.64 -57.83 35.06
CA GLU N 140 -33.86 -56.87 34.27
C GLU N 140 -32.36 -57.12 34.40
N LEU N 141 -31.90 -57.42 35.62
CA LEU N 141 -30.47 -57.37 35.92
C LEU N 141 -29.71 -58.54 35.27
N VAL N 142 -30.24 -59.74 35.36
CA VAL N 142 -29.51 -60.95 35.01
C VAL N 142 -30.00 -61.44 33.66
N PRO N 143 -29.18 -61.36 32.60
CA PRO N 143 -29.53 -62.01 31.34
C PRO N 143 -29.23 -63.50 31.42
N PRO N 144 -29.68 -64.30 30.44
CA PRO N 144 -29.40 -65.74 30.49
C PRO N 144 -27.92 -66.07 30.42
N ASN N 145 -27.21 -65.54 29.42
CA ASN N 145 -25.82 -65.90 29.19
C ASN N 145 -25.00 -64.66 28.89
N THR N 146 -23.69 -64.76 29.13
CA THR N 146 -22.76 -63.70 28.78
C THR N 146 -22.37 -63.81 27.30
N ARG N 147 -21.61 -62.82 26.85
CA ARG N 147 -21.25 -62.71 25.43
C ARG N 147 -19.75 -62.43 25.29
N TYR N 148 -18.93 -63.22 25.99
CA TYR N 148 -17.48 -63.08 25.88
C TYR N 148 -16.98 -63.49 24.51
N ALA N 149 -17.78 -64.19 23.72
CA ALA N 149 -17.36 -64.65 22.40
C ALA N 149 -17.05 -63.48 21.46
N ALA N 150 -17.87 -62.42 21.48
CA ALA N 150 -17.63 -61.26 20.63
C ALA N 150 -16.43 -60.44 21.06
N ASP N 151 -15.89 -60.68 22.26
CA ASP N 151 -14.72 -59.96 22.72
C ASP N 151 -13.42 -60.46 22.09
N SER N 152 -13.43 -61.68 21.53
CA SER N 152 -12.20 -62.26 20.97
C SER N 152 -11.69 -61.45 19.79
N THR N 153 -12.56 -60.73 19.09
CA THR N 153 -12.15 -59.93 17.95
C THR N 153 -11.59 -58.57 18.36
N ARG N 154 -11.67 -58.22 19.64
CA ARG N 154 -11.33 -56.86 20.07
C ARG N 154 -9.84 -56.71 20.35
N ILE N 155 -9.25 -57.68 21.05
CA ILE N 155 -7.81 -57.65 21.30
C ILE N 155 -7.06 -57.74 19.98
N MET N 156 -7.66 -58.40 18.99
CA MET N 156 -7.08 -58.43 17.64
C MET N 156 -6.97 -57.03 17.04
N ARG N 157 -8.00 -56.21 17.17
CA ARG N 157 -7.93 -54.84 16.67
C ARG N 157 -7.03 -53.98 17.55
N VAL N 158 -6.98 -54.23 18.85
CA VAL N 158 -6.13 -53.43 19.74
C VAL N 158 -4.66 -53.68 19.44
N CYS N 159 -4.30 -54.93 19.13
CA CYS N 159 -2.92 -55.22 18.74
C CYS N 159 -2.54 -54.48 17.45
N ARG N 160 -3.45 -54.44 16.48
CA ARG N 160 -3.21 -53.68 15.26
C ARG N 160 -3.09 -52.18 15.55
N HIS N 161 -3.95 -51.65 16.41
CA HIS N 161 -3.92 -50.23 16.73
C HIS N 161 -2.66 -49.82 17.47
N LEU N 162 -2.14 -50.66 18.37
CA LEU N 162 -0.89 -50.32 19.04
C LEU N 162 0.30 -50.36 18.08
N CYS N 163 0.34 -51.37 17.21
CA CYS N 163 1.36 -51.38 16.16
C CYS N 163 1.23 -50.18 15.26
N ARG N 164 0.01 -49.68 15.07
CA ARG N 164 -0.23 -48.48 14.29
C ARG N 164 0.26 -47.23 15.01
N TYR N 165 -0.02 -47.11 16.32
CA TYR N 165 0.33 -45.88 17.03
C TYR N 165 1.81 -45.81 17.36
N VAL N 166 2.43 -46.95 17.68
CA VAL N 166 3.88 -46.95 17.87
C VAL N 166 4.57 -46.66 16.54
N ALA N 167 4.02 -47.16 15.43
CA ALA N 167 4.44 -46.70 14.12
C ALA N 167 4.05 -45.23 13.88
N LEU N 168 3.07 -44.71 14.59
CA LEU N 168 2.86 -43.27 14.53
C LEU N 168 4.01 -42.52 15.16
N LEU N 169 4.43 -42.93 16.36
CA LEU N 169 5.43 -42.18 17.10
C LEU N 169 6.82 -42.41 16.54
N GLY N 170 7.15 -43.65 16.22
CA GLY N 170 8.39 -44.03 15.57
C GLY N 170 9.70 -43.69 16.19
N ALA N 171 10.49 -42.85 15.52
CA ALA N 171 11.76 -42.44 16.10
C ALA N 171 11.58 -41.75 17.44
N ALA N 172 10.42 -41.12 17.68
CA ALA N 172 10.10 -40.54 18.97
C ALA N 172 9.51 -41.54 19.95
N ALA N 173 9.15 -42.73 19.49
CA ALA N 173 8.54 -43.70 20.37
C ALA N 173 9.54 -44.18 21.42
N PRO N 174 9.07 -44.45 22.65
CA PRO N 174 9.94 -45.09 23.62
C PRO N 174 10.40 -46.45 23.12
N PRO N 175 11.63 -46.86 23.42
CA PRO N 175 12.15 -48.12 22.87
C PRO N 175 11.32 -49.33 23.27
N ALA N 176 10.73 -49.35 24.46
CA ALA N 176 9.87 -50.47 24.84
C ALA N 176 8.68 -50.58 23.89
N ALA N 177 8.03 -49.46 23.57
CA ALA N 177 6.95 -49.47 22.60
C ALA N 177 7.43 -49.86 21.21
N LYS N 178 8.64 -49.44 20.82
CA LYS N 178 9.18 -49.81 19.52
C LYS N 178 9.38 -51.32 19.42
N GLU N 179 9.85 -51.95 20.50
CA GLU N 179 9.97 -53.40 20.53
C GLU N 179 8.59 -54.07 20.51
N ALA N 180 7.65 -53.52 21.29
CA ALA N 180 6.33 -54.13 21.40
C ALA N 180 5.58 -54.08 20.07
N ALA N 181 5.75 -53.00 19.30
CA ALA N 181 5.08 -52.91 18.01
C ALA N 181 5.52 -54.02 17.06
N ALA N 182 6.82 -54.29 16.98
CA ALA N 182 7.31 -55.37 16.15
C ALA N 182 6.85 -56.73 16.69
N HIS N 183 6.90 -56.91 18.00
CA HIS N 183 6.56 -58.21 18.57
C HIS N 183 5.08 -58.53 18.43
N LEU N 184 4.21 -57.51 18.51
CA LEU N 184 2.79 -57.74 18.27
C LEU N 184 2.50 -57.87 16.78
N SER N 185 3.28 -57.19 15.93
CA SER N 185 3.11 -57.33 14.48
C SER N 185 3.47 -58.73 14.00
N MET N 186 4.49 -59.34 14.61
CA MET N 186 4.86 -60.70 14.22
C MET N 186 3.73 -61.69 14.53
N GLY N 187 2.99 -61.46 15.62
CA GLY N 187 1.93 -62.35 16.03
C GLY N 187 0.59 -62.15 15.35
N LEU N 188 0.52 -61.24 14.36
CA LEU N 188 -0.73 -60.99 13.65
C LEU N 188 -0.96 -62.03 12.56
N PRO N 189 -10.49 -50.29 10.57
CA PRO N 189 -11.76 -50.59 11.25
C PRO N 189 -11.73 -50.20 12.72
N PRO N 190 -12.85 -49.74 13.26
CA PRO N 190 -12.86 -49.24 14.63
C PRO N 190 -13.23 -50.30 15.66
N ILE N 191 -13.04 -49.91 16.91
CA ILE N 191 -13.72 -50.60 18.01
C ILE N 191 -15.13 -50.03 18.06
N SER N 192 -16.05 -50.65 17.30
CA SER N 192 -17.41 -50.15 17.19
C SER N 192 -18.26 -50.82 18.26
N PRO N 193 -18.78 -50.07 19.23
CA PRO N 193 -19.53 -50.72 20.32
C PRO N 193 -20.92 -51.18 19.93
N GLU N 194 -21.54 -50.57 18.92
CA GLU N 194 -22.90 -50.92 18.55
C GLU N 194 -23.00 -52.24 17.81
N GLU N 195 -21.95 -52.63 17.07
CA GLU N 195 -21.94 -53.95 16.44
C GLU N 195 -22.02 -55.07 17.47
N GLN N 196 -21.41 -54.85 18.63
CA GLN N 196 -21.37 -55.87 19.69
C GLN N 196 -22.70 -55.97 20.41
N LEU N 197 -23.40 -54.85 20.59
CA LEU N 197 -24.71 -54.88 21.22
C LEU N 197 -25.72 -55.64 20.38
N THR N 198 -25.51 -55.68 19.06
CA THR N 198 -26.41 -56.38 18.15
C THR N 198 -25.77 -57.65 17.58
N ALA N 199 -24.70 -58.15 18.18
CA ALA N 199 -24.06 -59.37 17.69
C ALA N 199 -24.93 -60.57 18.03
N PRO N 200 -25.37 -61.35 17.04
CA PRO N 200 -26.28 -62.48 17.31
C PRO N 200 -25.55 -63.78 17.68
N GLY N 201 -25.00 -63.79 18.89
CA GLY N 201 -24.36 -64.98 19.40
C GLY N 201 -23.89 -64.83 20.84
N GLY N 202 -24.21 -65.82 21.68
CA GLY N 202 -23.85 -65.80 23.08
C GLY N 202 -22.67 -66.70 23.38
N ASP N 203 -22.60 -67.16 24.63
CA ASP N 203 -21.53 -68.05 25.05
C ASP N 203 -21.88 -69.51 24.83
N THR N 204 -23.08 -69.93 25.26
CA THR N 204 -23.51 -71.30 25.05
C THR N 204 -23.65 -71.63 23.57
N THR N 205 -24.20 -70.71 22.78
CA THR N 205 -24.28 -70.92 21.33
C THR N 205 -22.88 -71.00 20.72
N ALA N 206 -21.92 -70.24 21.26
CA ALA N 206 -20.53 -70.35 20.84
C ALA N 206 -19.86 -71.61 21.35
N ALA N 207 -20.22 -72.07 22.55
CA ALA N 207 -19.67 -73.33 23.06
C ALA N 207 -20.16 -74.51 22.23
N GLN N 208 -21.40 -74.45 21.74
CA GLN N 208 -21.90 -75.51 20.88
C GLN N 208 -21.21 -75.53 19.52
N ASP N 209 -20.60 -74.41 19.11
CA ASP N 209 -19.86 -74.35 17.86
C ASP N 209 -18.61 -75.22 17.87
N VAL N 210 -18.11 -75.60 19.04
CA VAL N 210 -16.98 -76.52 19.12
C VAL N 210 -17.44 -77.97 18.94
N SER N 211 -18.55 -78.32 19.59
CA SER N 211 -19.11 -79.67 19.44
C SER N 211 -19.62 -79.90 18.01
N ILE N 212 -20.22 -78.89 17.40
CA ILE N 212 -20.69 -79.03 16.03
C ILE N 212 -19.54 -79.03 15.03
N ALA N 213 -18.37 -78.53 15.42
CA ALA N 213 -17.23 -78.46 14.50
C ALA N 213 -16.35 -79.70 14.57
N GLN N 214 -16.01 -80.14 15.78
CA GLN N 214 -15.06 -81.25 15.92
C GLN N 214 -15.64 -82.56 15.38
N GLU N 215 -16.89 -82.87 15.73
CA GLU N 215 -17.52 -84.11 15.29
C GLU N 215 -17.75 -84.13 13.79
N ASN N 216 -17.90 -82.97 13.14
CA ASN N 216 -17.99 -82.91 11.70
C ASN N 216 -16.63 -82.99 11.01
N GLU N 217 -15.61 -82.35 11.59
CA GLU N 217 -14.25 -82.49 11.08
C GLU N 217 -13.77 -83.94 11.15
N GLU N 218 -14.14 -84.67 12.21
CA GLU N 218 -13.74 -86.07 12.31
C GLU N 218 -14.28 -86.88 11.13
N ILE N 219 -15.58 -86.73 10.83
CA ILE N 219 -16.17 -87.50 9.74
C ILE N 219 -15.64 -87.03 8.38
N LEU N 220 -15.46 -85.73 8.20
CA LEU N 220 -14.95 -85.23 6.93
C LEU N 220 -13.48 -85.59 6.71
N ALA N 221 -12.71 -85.82 7.78
CA ALA N 221 -11.38 -86.39 7.65
C ALA N 221 -11.42 -87.89 7.39
N LEU N 222 -12.36 -88.62 8.01
CA LEU N 222 -12.56 -90.03 7.70
C LEU N 222 -12.98 -90.26 6.25
N VAL N 223 -13.65 -89.28 5.64
CA VAL N 223 -14.05 -89.42 4.24
C VAL N 223 -12.83 -89.62 3.35
N GLN N 224 -11.77 -88.83 3.56
CA GLN N 224 -10.54 -89.02 2.81
C GLN N 224 -9.90 -90.37 3.13
N ARG N 225 -9.90 -90.75 4.40
CA ARG N 225 -9.25 -91.98 4.82
C ARG N 225 -10.28 -93.04 5.25
N ARG N 226 6.60 -64.92 26.29
CA ARG N 226 5.85 -63.67 26.38
C ARG N 226 4.71 -63.63 25.38
N SER N 227 3.48 -63.77 25.88
CA SER N 227 2.30 -63.79 25.03
C SER N 227 1.98 -62.38 24.52
N LEU N 228 1.00 -62.32 23.62
CA LEU N 228 0.59 -61.03 23.05
C LEU N 228 0.05 -60.09 24.12
N VAL N 229 -0.58 -60.63 25.17
CA VAL N 229 -1.08 -59.79 26.25
C VAL N 229 0.06 -59.09 26.98
N GLU N 230 1.16 -59.81 27.21
CA GLU N 230 2.31 -59.19 27.88
C GLU N 230 2.93 -58.08 27.03
N TRP N 231 3.00 -58.28 25.71
CA TRP N 231 3.52 -57.23 24.84
C TRP N 231 2.56 -56.05 24.77
N LEU N 232 1.25 -56.31 24.84
CA LEU N 232 0.29 -55.22 24.96
C LEU N 232 0.51 -54.45 26.27
N ASP N 233 0.84 -55.16 27.34
CA ASP N 233 1.11 -54.52 28.63
C ASP N 233 2.25 -53.51 28.53
N ARG N 234 3.37 -53.90 27.93
CA ARG N 234 4.50 -53.00 27.81
C ARG N 234 4.30 -51.92 26.76
N GLY N 235 3.43 -52.15 25.78
CA GLY N 235 3.05 -51.09 24.87
C GLY N 235 2.27 -50.01 25.60
N TRP N 236 1.32 -50.42 26.43
CA TRP N 236 0.54 -49.46 27.20
C TRP N 236 1.39 -48.78 28.27
N GLU N 237 2.30 -49.52 28.90
CA GLU N 237 3.17 -48.95 29.92
C GLU N 237 4.25 -48.05 29.34
N ALA N 238 4.50 -48.11 28.03
CA ALA N 238 5.45 -47.23 27.38
C ALA N 238 4.78 -46.01 26.76
N LEU N 239 3.65 -46.19 26.09
CA LEU N 239 2.95 -45.05 25.50
C LEU N 239 2.38 -44.13 26.57
N ALA N 240 1.88 -44.70 27.66
CA ALA N 240 1.33 -43.90 28.76
C ALA N 240 2.37 -43.64 29.85
N GLY N 241 2.90 -44.71 30.44
CA GLY N 241 3.91 -44.57 31.47
C GLY N 241 3.45 -44.96 32.85
N GLY N 242 2.39 -45.76 32.94
CA GLY N 242 1.87 -46.16 34.23
C GLY N 242 0.96 -47.36 34.10
N ASP N 243 0.52 -47.85 35.26
CA ASP N 243 -0.39 -49.01 35.29
C ASP N 243 -1.83 -48.58 35.02
N ARG N 244 -2.33 -47.63 35.81
CA ARG N 244 -3.71 -47.16 35.70
C ARG N 244 -4.68 -48.34 35.76
N PRO N 245 -4.95 -48.88 36.96
CA PRO N 245 -5.84 -50.05 37.06
C PRO N 245 -7.14 -49.93 36.28
N ASP N 246 -7.52 -48.72 35.87
CA ASP N 246 -8.60 -48.58 34.89
C ASP N 246 -8.23 -49.25 33.57
N TRP N 247 -6.99 -49.09 33.13
CA TRP N 247 -6.57 -49.67 31.86
C TRP N 247 -6.17 -51.14 31.99
N LEU N 248 -6.03 -51.65 33.21
CA LEU N 248 -5.77 -53.07 33.38
C LEU N 248 -6.94 -53.91 32.88
N TRP N 249 -8.15 -53.54 33.28
CA TRP N 249 -9.32 -54.34 32.93
C TRP N 249 -9.78 -54.10 31.50
N SER N 250 -9.33 -53.04 30.84
CA SER N 250 -9.81 -52.83 29.48
C SER N 250 -9.24 -53.83 28.49
N ARG N 251 -8.00 -54.27 28.68
CA ARG N 251 -7.29 -55.06 27.69
C ARG N 251 -7.76 -56.51 27.60
N ARG N 252 -8.41 -57.03 28.64
CA ARG N 252 -8.80 -58.44 28.65
C ARG N 252 -10.26 -58.61 28.30
N SER N 253 -10.76 -59.83 28.44
CA SER N 253 -12.10 -60.18 27.95
C SER N 253 -13.18 -59.44 28.74
N ILE N 254 -14.07 -58.76 28.00
CA ILE N 254 -15.21 -58.04 28.55
C ILE N 254 -16.45 -58.46 27.76
N SER N 255 -17.49 -58.86 28.47
CA SER N 255 -18.77 -59.19 27.85
C SER N 255 -19.72 -58.00 27.99
N VAL N 256 -20.27 -57.54 26.88
CA VAL N 256 -21.14 -56.37 26.84
C VAL N 256 -22.52 -56.85 26.42
N VAL N 257 -23.38 -57.13 27.40
CA VAL N 257 -24.71 -57.68 27.15
C VAL N 257 -25.72 -56.55 27.16
N LEU N 258 -26.53 -56.48 26.12
CA LEU N 258 -27.55 -55.44 25.99
C LEU N 258 -28.87 -55.93 26.56
N ARG N 259 -29.48 -55.10 27.41
CA ARG N 259 -30.77 -55.44 28.01
C ARG N 259 -31.78 -54.33 27.76
N HIS N 260 -32.94 -54.42 28.40
CA HIS N 260 -33.96 -53.39 28.28
C HIS N 260 -34.67 -53.18 29.61
N HIS N 261 -35.00 -51.93 29.89
CA HIS N 261 -35.63 -51.55 31.14
C HIS N 261 -37.14 -51.52 30.98
N TYR N 262 -37.84 -52.24 31.85
CA TYR N 262 -39.29 -52.37 31.70
C TYR N 262 -40.01 -51.06 32.04
N GLY N 263 -39.52 -50.33 33.04
CA GLY N 263 -40.22 -49.14 33.48
C GLY N 263 -40.21 -48.02 32.45
N THR N 264 -39.13 -47.92 31.67
CA THR N 264 -38.93 -46.78 30.79
C THR N 264 -38.75 -47.17 29.32
N LYS N 265 -38.86 -48.46 29.00
CA LYS N 265 -38.73 -48.95 27.62
C LYS N 265 -37.38 -48.62 27.01
N GLN N 266 -36.42 -48.23 27.82
CA GLN N 266 -35.09 -47.89 27.30
C GLN N 266 -34.10 -49.01 27.57
N ARG N 267 -33.02 -49.00 26.80
CA ARG N 267 -32.00 -50.03 26.90
C ARG N 267 -30.98 -49.68 27.97
N PHE N 268 -30.44 -50.73 28.59
CA PHE N 268 -29.29 -50.59 29.48
C PHE N 268 -28.42 -51.83 29.30
N VAL N 269 -27.14 -51.68 29.65
CA VAL N 269 -26.12 -52.68 29.32
C VAL N 269 -25.60 -53.30 30.61
N VAL N 270 -25.56 -54.63 30.64
CA VAL N 270 -24.94 -55.38 31.72
C VAL N 270 -23.55 -55.82 31.24
N VAL N 271 -22.53 -55.54 32.04
CA VAL N 271 -21.14 -55.78 31.67
C VAL N 271 -20.53 -56.74 32.67
N SER N 272 -19.89 -57.79 32.17
CA SER N 272 -19.17 -58.74 32.99
C SER N 272 -17.73 -58.83 32.51
N TYR N 273 -16.82 -58.89 33.45
CA TYR N 273 -15.41 -58.84 33.15
C TYR N 273 -14.78 -60.23 33.30
N GLU N 274 -13.45 -60.29 33.19
CA GLU N 274 -12.68 -61.52 33.40
C GLU N 274 -12.05 -61.59 34.79
N ASN N 275 -11.53 -60.47 35.29
CA ASN N 275 -10.94 -60.38 36.62
C ASN N 275 -11.92 -59.78 37.63
N SER N 276 -13.20 -60.08 37.48
CA SER N 276 -14.25 -59.50 38.31
C SER N 276 -14.81 -60.55 39.26
N VAL N 277 -14.88 -60.19 40.54
CA VAL N 277 -15.51 -61.07 41.54
C VAL N 277 -17.03 -61.09 41.34
N ALA N 278 -17.58 -60.04 40.75
CA ALA N 278 -19.02 -59.91 40.59
C ALA N 278 -19.53 -60.90 39.55
N TRP N 279 -20.83 -60.83 39.26
CA TRP N 279 -21.45 -61.81 38.37
C TRP N 279 -20.89 -61.70 36.96
N GLY N 280 -20.76 -62.86 36.31
CA GLY N 280 -20.26 -62.95 34.96
C GLY N 280 -18.75 -63.07 34.85
N GLY N 281 -18.02 -62.81 35.94
CA GLY N 281 -16.58 -62.94 35.89
C GLY N 281 -16.14 -64.38 35.94
N ARG N 282 -14.97 -64.64 35.36
CA ARG N 282 -14.40 -65.98 35.39
C ARG N 282 -13.73 -66.32 36.71
N ARG N 283 -13.51 -65.33 37.56
CA ARG N 283 -13.06 -65.54 38.93
C ARG N 283 -14.21 -65.11 39.84
N ALA N 284 -15.13 -66.04 40.09
CA ALA N 284 -16.32 -65.79 40.88
C ALA N 284 -16.39 -66.78 42.04
N ARG N 285 -17.25 -66.47 43.01
CA ARG N 285 -17.37 -67.26 44.22
C ARG N 285 -18.72 -67.99 44.26
N PRO N 286 -18.72 -69.28 44.61
CA PRO N 286 -19.98 -70.02 44.63
C PRO N 286 -20.81 -69.65 45.84
N PRO N 287 -22.14 -69.79 45.76
CA PRO N 287 -22.91 -70.28 44.61
C PRO N 287 -23.13 -69.23 43.52
N LEU N 288 -23.52 -69.68 42.33
CA LEU N 288 -23.73 -68.80 41.19
C LEU N 288 -25.22 -68.49 41.03
N LEU N 289 -25.50 -67.47 40.22
CA LEU N 289 -26.87 -67.09 39.93
C LEU N 289 -27.51 -68.07 38.97
N SER N 290 -28.70 -68.56 39.32
CA SER N 290 -29.42 -69.52 38.50
C SER N 290 -30.87 -69.07 38.37
N SER N 291 -31.40 -69.14 37.15
CA SER N 291 -32.77 -68.69 36.86
C SER N 291 -33.74 -69.88 36.96
N ALA N 292 -33.67 -70.58 38.09
CA ALA N 292 -34.57 -71.71 38.29
C ALA N 292 -35.99 -71.26 38.57
N LEU N 293 -36.17 -70.25 39.43
CA LEU N 293 -37.51 -69.73 39.70
C LEU N 293 -38.13 -69.12 38.46
N ALA N 294 -37.35 -68.30 37.73
CA ALA N 294 -37.86 -67.63 36.55
C ALA N 294 -38.24 -68.62 35.45
N THR N 295 -37.65 -69.80 35.43
CA THR N 295 -38.04 -70.81 34.46
C THR N 295 -39.21 -71.64 34.95
N ALA N 296 -39.20 -72.04 36.23
CA ALA N 296 -40.25 -72.90 36.75
C ALA N 296 -41.58 -72.19 36.83
N LEU N 297 -41.62 -70.97 37.37
CA LEU N 297 -42.86 -70.23 37.49
C LEU N 297 -43.49 -69.93 36.14
N THR N 298 -42.68 -69.84 35.08
CA THR N 298 -43.19 -69.55 33.75
C THR N 298 -43.62 -70.82 33.02
N GLU N 299 -42.86 -71.91 33.15
CA GLU N 299 -43.23 -73.14 32.47
C GLU N 299 -44.41 -73.84 33.15
N ALA N 300 -44.58 -73.62 34.46
CA ALA N 300 -45.75 -74.20 35.12
C ALA N 300 -47.04 -73.55 34.65
N CYS N 301 -47.00 -72.24 34.35
CA CYS N 301 -48.17 -71.54 33.83
C CYS N 301 -48.33 -71.70 32.32
N ALA N 302 -47.23 -71.90 31.58
CA ALA N 302 -47.34 -72.12 30.15
C ALA N 302 -47.95 -73.48 29.83
N ALA N 303 -47.71 -74.49 30.68
CA ALA N 303 -48.30 -75.80 30.46
C ALA N 303 -49.81 -75.79 30.67
N GLU N 304 -50.32 -74.96 31.57
CA GLU N 304 -51.75 -74.86 31.83
C GLU N 304 -52.42 -73.73 31.07
N ARG N 305 -51.66 -72.97 30.26
CA ARG N 305 -52.20 -71.84 29.50
C ARG N 305 -52.88 -70.83 30.41
N VAL N 306 -52.27 -70.56 31.57
CA VAL N 306 -52.82 -69.62 32.55
C VAL N 306 -51.91 -68.41 32.60
N VAL N 307 -52.52 -67.21 32.59
CA VAL N 307 -51.74 -65.98 32.50
C VAL N 307 -51.18 -65.57 33.86
N ARG N 308 -51.77 -66.03 34.96
CA ARG N 308 -51.33 -65.64 36.28
C ARG N 308 -51.19 -66.90 37.15
N PRO N 309 -50.10 -67.03 37.92
CA PRO N 309 -49.91 -68.23 38.75
C PRO N 309 -50.93 -68.38 39.87
N HIS N 310 -51.67 -67.33 40.22
CA HIS N 310 -52.65 -67.44 41.29
C HIS N 310 -53.85 -68.28 40.88
N GLN N 311 -54.16 -68.34 39.59
CA GLN N 311 -55.25 -69.16 39.08
C GLN N 311 -54.84 -70.61 38.82
N LEU N 312 -53.57 -70.94 39.04
CA LEU N 312 -53.10 -72.30 38.83
C LEU N 312 -53.79 -73.27 39.79
N SER N 313 -54.03 -74.48 39.31
CA SER N 313 -54.66 -75.49 40.14
C SER N 313 -53.77 -75.84 41.34
N PRO N 314 -54.37 -76.23 42.47
CA PRO N 314 -53.56 -76.55 43.66
C PRO N 314 -52.57 -77.69 43.42
N ALA N 315 -52.89 -78.63 42.53
CA ALA N 315 -51.95 -79.71 42.23
C ALA N 315 -50.67 -79.18 41.62
N GLY N 316 -50.76 -78.09 40.84
CA GLY N 316 -49.55 -77.49 40.28
C GLY N 316 -48.84 -76.56 41.25
N GLN N 317 -49.59 -75.90 42.14
CA GLN N 317 -48.95 -75.06 43.14
C GLN N 317 -48.17 -75.89 44.15
N ALA N 318 -48.71 -77.06 44.52
CA ALA N 318 -48.02 -77.93 45.46
C ALA N 318 -46.69 -78.43 44.91
N GLU N 319 -46.60 -78.70 43.61
CA GLU N 319 -45.34 -79.12 43.01
C GLU N 319 -44.27 -78.04 43.15
N LEU N 320 -44.62 -76.78 42.84
CA LEU N 320 -43.66 -75.70 42.98
C LEU N 320 -43.32 -75.43 44.44
N LEU N 321 -44.29 -75.57 45.35
CA LEU N 321 -44.00 -75.42 46.77
C LEU N 321 -43.03 -76.49 47.26
N LEU N 322 -43.21 -77.74 46.82
CA LEU N 322 -42.30 -78.80 47.19
C LEU N 322 -40.90 -78.56 46.62
N ARG N 323 -40.83 -78.19 45.34
CA ARG N 323 -39.53 -77.95 44.72
C ARG N 323 -38.88 -76.70 45.29
N PHE N 324 -39.62 -75.61 45.40
CA PHE N 324 -39.09 -74.33 45.83
C PHE N 324 -39.79 -73.86 47.10
N PRO N 325 -39.11 -73.93 48.26
CA PRO N 325 -39.75 -73.51 49.51
C PRO N 325 -39.80 -72.01 49.74
N ALA N 326 -39.21 -71.21 48.84
CA ALA N 326 -39.22 -69.76 49.02
C ALA N 326 -40.52 -69.11 48.56
N LEU N 327 -41.37 -69.84 47.83
CA LEU N 327 -42.62 -69.29 47.30
C LEU N 327 -43.78 -69.42 48.28
N GLU N 328 -43.49 -69.60 49.56
CA GLU N 328 -44.56 -69.76 50.55
C GLU N 328 -45.31 -68.45 50.78
N VAL N 329 -44.55 -67.35 50.95
CA VAL N 329 -45.19 -66.05 51.22
C VAL N 329 -46.07 -65.58 50.07
N PRO N 330 -45.61 -65.54 48.81
CA PRO N 330 -46.45 -65.00 47.73
C PRO N 330 -47.59 -65.92 47.32
N LEU N 331 -47.71 -67.11 47.91
CA LEU N 331 -48.76 -68.05 47.56
C LEU N 331 -49.71 -68.37 48.70
N ARG N 332 -49.26 -68.26 49.95
CA ARG N 332 -50.05 -68.66 51.11
C ARG N 332 -50.10 -67.53 52.14
N HIS N 333 -50.42 -66.33 51.70
CA HIS N 333 -50.56 -65.19 52.59
C HIS N 333 -51.91 -64.51 52.35
N PRO N 334 -52.65 -64.20 53.41
CA PRO N 334 -53.99 -63.61 53.23
C PRO N 334 -53.97 -62.20 52.67
N ARG N 335 -53.21 -61.31 53.29
CA ARG N 335 -53.17 -59.89 52.93
C ARG N 335 -51.72 -59.42 52.81
N PRO N 336 -51.02 -59.80 51.75
CA PRO N 336 -49.67 -59.25 51.54
C PRO N 336 -49.74 -57.76 51.27
N VAL N 337 -48.73 -57.04 51.77
CA VAL N 337 -48.68 -55.60 51.57
C VAL N 337 -48.45 -55.23 50.11
N LEU N 338 -47.89 -56.14 49.32
CA LEU N 338 -47.66 -55.93 47.91
C LEU N 338 -48.42 -56.97 47.09
N PRO N 339 -48.88 -56.61 45.90
CA PRO N 339 -49.54 -57.60 45.04
C PRO N 339 -48.55 -58.62 44.53
N PRO N 340 -48.66 -59.87 44.99
CA PRO N 340 -47.67 -60.88 44.59
C PRO N 340 -47.78 -61.27 43.13
N PHE N 341 -46.65 -61.69 42.57
CA PHE N 341 -46.55 -62.13 41.18
C PHE N 341 -47.01 -61.05 40.21
N ASP N 342 -46.66 -59.81 40.50
CA ASP N 342 -46.95 -58.67 39.64
C ASP N 342 -45.67 -57.88 39.40
N ILE N 343 -45.77 -56.90 38.49
CA ILE N 343 -44.63 -56.08 38.10
C ILE N 343 -44.64 -54.73 38.77
N ALA N 344 -45.83 -54.14 38.93
CA ALA N 344 -45.99 -52.77 39.45
C ALA N 344 -46.35 -52.74 40.92
N ALA N 345 -45.79 -53.66 41.73
CA ALA N 345 -46.11 -53.71 43.15
C ALA N 345 -45.72 -52.42 43.85
N GLU N 346 -44.53 -51.90 43.57
CA GLU N 346 -44.14 -50.59 44.09
C GLU N 346 -45.06 -49.50 43.57
N VAL N 347 -45.37 -49.56 42.27
CA VAL N 347 -46.24 -48.59 41.64
C VAL N 347 -47.62 -48.63 42.26
N ALA N 348 -48.08 -49.82 42.65
CA ALA N 348 -49.36 -49.93 43.34
C ALA N 348 -49.27 -49.40 44.77
N PHE N 349 -48.20 -49.74 45.49
CA PHE N 349 -48.09 -49.41 46.91
C PHE N 349 -47.99 -47.90 47.14
N THR N 350 -47.17 -47.21 46.34
CA THR N 350 -47.04 -45.77 46.51
C THR N 350 -48.37 -45.05 46.29
N ALA N 351 -49.13 -45.47 45.28
CA ALA N 351 -50.42 -44.85 45.04
C ALA N 351 -51.48 -45.30 46.06
N ARG N 352 -51.35 -46.50 46.65
CA ARG N 352 -52.11 -46.80 47.86
C ARG N 352 -51.90 -45.71 48.91
N ILE N 353 -50.63 -45.41 49.20
CA ILE N 353 -50.34 -44.40 50.21
C ILE N 353 -50.91 -43.06 49.80
N HIS N 354 -50.79 -42.71 48.52
CA HIS N 354 -51.31 -41.42 48.03
C HIS N 354 -52.82 -41.32 48.23
N LEU N 355 -53.56 -42.37 47.87
CA LEU N 355 -55.01 -42.35 48.03
C LEU N 355 -55.41 -42.31 49.50
N ALA N 356 -54.70 -43.05 50.35
CA ALA N 356 -54.97 -42.99 51.78
C ALA N 356 -54.75 -41.60 52.34
N CYS N 357 -53.67 -40.94 51.93
CA CYS N 357 -53.43 -39.55 52.31
C CYS N 357 -54.49 -38.60 51.78
N LEU N 358 -54.97 -38.82 50.56
CA LEU N 358 -56.05 -38.00 50.01
C LEU N 358 -57.31 -38.09 50.88
N ARG N 359 -57.75 -39.31 51.18
CA ARG N 359 -58.96 -39.46 51.97
C ARG N 359 -58.75 -39.00 53.41
N ALA N 360 -57.54 -39.14 53.95
CA ALA N 360 -57.25 -38.59 55.27
C ALA N 360 -57.42 -37.08 55.29
N LEU N 361 -56.97 -36.38 54.24
CA LEU N 361 -57.22 -34.95 54.13
C LEU N 361 -58.70 -34.66 54.03
N GLY N 362 -59.41 -35.41 53.19
CA GLY N 362 -60.82 -35.10 52.94
C GLY N 362 -61.70 -35.26 54.15
N GLN N 363 -61.56 -36.38 54.87
CA GLN N 363 -62.40 -36.62 56.03
C GLN N 363 -62.18 -35.58 57.13
N ALA N 364 -60.93 -35.22 57.41
CA ALA N 364 -60.66 -34.20 58.41
C ALA N 364 -61.02 -32.79 57.93
N ILE N 365 -61.02 -32.55 56.62
CA ILE N 365 -61.50 -31.26 56.13
C ILE N 365 -63.00 -31.14 56.31
N ARG N 366 -63.76 -32.18 55.96
CA ARG N 366 -65.20 -32.11 56.17
C ARG N 366 -65.55 -32.08 57.65
N ALA N 367 -64.70 -32.69 58.49
CA ALA N 367 -64.96 -32.66 59.93
C ALA N 367 -64.88 -31.24 60.50
N ALA N 368 -63.92 -30.44 60.05
CA ALA N 368 -63.71 -29.10 60.60
C ALA N 368 -64.66 -28.07 60.04
N LEU N 369 -65.40 -28.37 58.96
CA LEU N 369 -66.30 -27.41 58.34
C LEU N 369 -67.68 -28.01 58.14
N GLN N 370 -68.12 -28.87 59.05
CA GLN N 370 -69.45 -29.47 58.95
C GLN N 370 -70.52 -28.43 59.23
N GLY N 371 -70.53 -27.89 60.44
CA GLY N 371 -71.45 -26.81 60.76
C GLY N 371 -70.88 -25.46 60.39
N GLY N 372 -71.77 -24.47 60.27
CA GLY N 372 -71.39 -23.13 59.88
C GLY N 372 -70.46 -22.48 60.88
N PRO N 373 -69.20 -22.29 60.50
CA PRO N 373 -68.21 -21.74 61.42
C PRO N 373 -68.06 -20.24 61.31
N ARG N 374 -67.28 -19.67 62.22
CA ARG N 374 -66.78 -18.29 62.10
C ARG N 374 -65.26 -18.37 62.12
N ILE N 375 -64.65 -18.24 60.95
CA ILE N 375 -63.20 -18.42 60.82
C ILE N 375 -62.51 -17.15 61.28
N SER N 376 -62.16 -17.10 62.56
CA SER N 376 -61.40 -15.98 63.09
C SER N 376 -59.90 -16.20 62.88
N GLN N 377 -59.17 -15.11 62.79
CA GLN N 377 -57.74 -15.18 62.53
C GLN N 377 -56.96 -15.45 63.82
N ARG N 378 -56.01 -16.36 63.73
CA ARG N 378 -55.10 -16.65 64.83
C ARG N 378 -53.73 -16.03 64.58
N LEU N 379 -53.61 -15.25 63.50
CA LEU N 379 -52.41 -14.49 63.18
C LEU N 379 -52.74 -13.01 63.24
N ARG N 380 -51.70 -12.17 63.23
CA ARG N 380 -51.87 -10.73 63.36
C ARG N 380 -51.26 -10.12 62.10
N TYR N 381 -52.11 -9.61 61.22
CA TYR N 381 -51.64 -8.90 60.04
C TYR N 381 -52.45 -7.62 59.94
N ASP N 382 -51.77 -6.48 59.99
CA ASP N 382 -52.46 -5.22 60.06
C ASP N 382 -52.92 -4.79 58.67
N PHE N 383 -54.20 -4.48 58.55
CA PHE N 383 -54.85 -4.24 57.29
C PHE N 383 -54.76 -2.77 56.90
N GLY N 384 -55.41 -2.41 55.79
CA GLY N 384 -55.53 -1.04 55.37
C GLY N 384 -56.96 -0.73 54.96
N PRO N 385 -57.30 0.56 54.91
CA PRO N 385 -58.68 0.92 54.52
C PRO N 385 -59.05 0.43 53.13
N ASP N 386 -58.12 0.45 52.18
CA ASP N 386 -58.38 -0.10 50.86
C ASP N 386 -58.26 -1.62 50.84
N GLN N 387 -57.61 -2.21 51.83
CA GLN N 387 -57.37 -3.65 51.85
C GLN N 387 -58.60 -4.44 52.28
N ARG N 388 -59.63 -3.78 52.82
CA ARG N 388 -60.87 -4.48 53.12
C ARG N 388 -61.51 -5.03 51.86
N ALA N 389 -61.48 -4.26 50.77
CA ALA N 389 -62.01 -4.75 49.50
C ALA N 389 -61.28 -6.01 49.05
N TRP N 390 -60.00 -6.15 49.40
CA TRP N 390 -59.25 -7.33 49.01
C TRP N 390 -59.70 -8.57 49.76
N LEU N 391 -60.18 -8.41 51.00
CA LEU N 391 -60.78 -9.53 51.69
C LEU N 391 -62.23 -9.75 51.27
N GLY N 392 -62.87 -8.71 50.72
CA GLY N 392 -64.25 -8.83 50.32
C GLY N 392 -64.48 -9.91 49.27
N GLU N 393 -63.64 -9.95 48.23
CA GLU N 393 -63.81 -10.99 47.22
C GLU N 393 -63.20 -12.30 47.69
N VAL N 394 -62.28 -12.27 48.65
CA VAL N 394 -61.80 -13.52 49.26
C VAL N 394 -62.95 -14.24 49.95
N THR N 395 -63.84 -13.48 50.59
CA THR N 395 -65.02 -14.09 51.20
C THR N 395 -65.84 -14.86 50.17
N ARG N 396 -66.15 -14.23 49.03
CA ARG N 396 -66.86 -14.92 47.97
C ARG N 396 -66.06 -16.08 47.41
N ARG N 397 -64.74 -15.94 47.37
CA ARG N 397 -63.83 -16.90 46.79
C ARG N 397 -63.70 -18.18 47.61
N PHE N 398 -63.90 -18.09 48.92
CA PHE N 398 -63.50 -19.17 49.84
C PHE N 398 -63.91 -20.58 49.40
N PRO N 399 -65.16 -20.86 49.01
CA PRO N 399 -65.55 -22.26 48.78
C PRO N 399 -64.75 -22.96 47.69
N ILE N 400 -64.35 -22.27 46.63
CA ILE N 400 -63.69 -22.95 45.51
C ILE N 400 -62.31 -23.46 45.92
N LEU N 401 -61.59 -22.68 46.75
CA LEU N 401 -60.30 -23.13 47.26
C LEU N 401 -60.38 -24.52 47.88
N LEU N 402 -61.45 -24.78 48.63
CA LEU N 402 -61.53 -26.03 49.37
C LEU N 402 -61.48 -27.25 48.47
N GLU N 403 -62.24 -27.23 47.37
CA GLU N 403 -62.20 -28.37 46.46
C GLU N 403 -60.94 -28.35 45.60
N ASN N 404 -60.47 -27.16 45.22
CA ASN N 404 -59.26 -27.09 44.41
C ASN N 404 -58.04 -27.62 45.14
N LEU N 405 -58.00 -27.52 46.47
CA LEU N 405 -56.89 -28.06 47.24
C LEU N 405 -56.75 -29.56 46.99
N MET N 406 -57.85 -30.29 47.15
CA MET N 406 -57.81 -31.73 46.91
C MET N 406 -57.64 -32.06 45.44
N ARG N 407 -58.16 -31.23 44.53
CA ARG N 407 -57.89 -31.42 43.12
C ARG N 407 -56.38 -31.41 42.86
N ALA N 408 -55.68 -30.44 43.43
CA ALA N 408 -54.22 -30.39 43.29
C ALA N 408 -53.55 -31.59 43.95
N VAL N 409 -53.98 -31.95 45.16
CA VAL N 409 -53.29 -33.02 45.89
C VAL N 409 -53.43 -34.35 45.15
N GLU N 410 -54.61 -34.61 44.57
CA GLU N 410 -54.77 -35.83 43.79
C GLU N 410 -54.09 -35.73 42.44
N GLY N 411 -53.97 -34.52 41.89
CA GLY N 411 -53.35 -34.36 40.59
C GLY N 411 -51.85 -34.61 40.59
N THR N 412 -51.19 -34.56 41.75
CA THR N 412 -49.76 -34.77 41.81
C THR N 412 -49.42 -36.23 41.51
N ALA N 413 -48.26 -36.42 40.87
CA ALA N 413 -47.78 -37.76 40.59
C ALA N 413 -47.42 -38.48 41.90
N PRO N 414 -47.76 -39.76 42.01
CA PRO N 414 -47.48 -40.48 43.27
C PRO N 414 -46.01 -40.51 43.64
N ASP N 415 -45.10 -40.60 42.67
CA ASP N 415 -43.68 -40.53 42.99
C ASP N 415 -43.26 -39.11 43.33
N ALA N 416 -43.86 -38.12 42.67
CA ALA N 416 -43.56 -36.72 42.92
C ALA N 416 -44.41 -36.11 44.03
N PHE N 417 -45.40 -36.84 44.54
CA PHE N 417 -46.18 -36.32 45.65
C PHE N 417 -45.40 -36.33 46.95
N PHE N 418 -44.39 -37.21 47.05
CA PHE N 418 -43.65 -37.38 48.28
C PHE N 418 -42.57 -36.32 48.48
N HIS N 419 -42.66 -35.20 47.76
CA HIS N 419 -41.82 -34.05 48.02
C HIS N 419 -42.56 -32.94 48.77
N THR N 420 -43.85 -33.11 49.01
CA THR N 420 -44.64 -32.11 49.71
C THR N 420 -44.33 -32.14 51.21
N ALA N 421 -44.79 -31.09 51.90
CA ALA N 421 -44.69 -31.07 53.36
C ALA N 421 -45.60 -32.10 54.01
N TYR N 422 -46.78 -32.35 53.43
CA TYR N 422 -47.72 -33.29 54.03
C TYR N 422 -47.18 -34.71 54.01
N ALA N 423 -46.65 -35.16 52.87
CA ALA N 423 -46.10 -36.51 52.79
C ALA N 423 -44.88 -36.67 53.69
N LEU N 424 -44.01 -35.66 53.72
CA LEU N 424 -42.81 -35.71 54.55
C LEU N 424 -43.12 -35.54 56.04
N ALA N 425 -44.31 -35.06 56.38
CA ALA N 425 -44.75 -35.07 57.76
C ALA N 425 -45.41 -36.39 58.15
N VAL N 426 -46.22 -36.97 57.26
CA VAL N 426 -46.81 -38.27 57.53
C VAL N 426 -45.72 -39.33 57.69
N LEU N 427 -44.69 -39.27 56.84
CA LEU N 427 -43.58 -40.21 56.95
C LEU N 427 -42.81 -40.02 58.26
N ALA N 428 -42.69 -38.79 58.74
CA ALA N 428 -42.09 -38.55 60.04
C ALA N 428 -42.95 -39.08 61.18
N HIS N 429 -44.27 -39.04 61.02
CA HIS N 429 -45.19 -39.63 61.99
C HIS N 429 -45.12 -41.13 62.03
N LEU N 430 -45.07 -41.79 60.87
CA LEU N 430 -45.11 -43.24 60.83
C LEU N 430 -43.84 -43.86 61.40
N GLY N 431 -42.71 -43.15 61.34
CA GLY N 431 -41.52 -43.62 62.03
C GLY N 431 -41.68 -43.60 63.53
N GLY N 432 -42.42 -42.62 64.05
CA GLY N 432 -42.73 -42.53 65.46
C GLY N 432 -43.83 -43.46 65.93
N ARG N 433 -44.45 -44.19 65.03
CA ARG N 433 -45.48 -45.16 65.38
C ARG N 433 -44.91 -46.56 65.46
N VAL N 434 -36.33 -42.10 63.49
CA VAL N 434 -35.85 -42.03 62.12
C VAL N 434 -36.15 -40.67 61.51
N VAL N 435 -35.46 -40.35 60.43
CA VAL N 435 -35.61 -39.07 59.73
C VAL N 435 -36.00 -39.36 58.29
N PRO N 436 -37.00 -38.68 57.73
CA PRO N 436 -37.32 -38.87 56.32
C PRO N 436 -36.16 -38.46 55.42
N LEU N 437 -36.10 -39.12 54.26
CA LEU N 437 -35.02 -38.90 53.32
C LEU N 437 -35.06 -37.48 52.77
N GLY N 438 -33.88 -36.97 52.43
CA GLY N 438 -33.74 -35.63 51.89
C GLY N 438 -33.45 -34.55 52.92
N ASP N 439 -33.64 -34.84 54.20
CA ASP N 439 -33.39 -33.89 55.29
C ASP N 439 -34.16 -32.59 55.08
N ASP N 440 -35.39 -32.72 54.58
CA ASP N 440 -36.23 -31.55 54.38
C ASP N 440 -36.78 -31.02 55.70
N LEU N 441 -36.99 -31.89 56.68
CA LEU N 441 -37.48 -31.43 57.97
C LEU N 441 -36.39 -30.67 58.72
N PRO N 442 -36.77 -29.70 59.56
CA PRO N 442 -35.78 -28.98 60.35
C PRO N 442 -35.16 -29.87 61.42
N ALA N 443 -33.95 -29.49 61.84
CA ALA N 443 -33.25 -30.22 62.90
C ALA N 443 -33.94 -30.07 64.25
N ARG N 444 -34.76 -29.03 64.42
CA ARG N 444 -35.55 -28.83 65.63
C ARG N 444 -37.02 -29.15 65.40
N PHE N 445 -37.28 -30.19 64.60
CA PHE N 445 -38.66 -30.54 64.24
C PHE N 445 -39.32 -31.40 65.32
N ALA N 446 -38.56 -31.84 66.33
CA ALA N 446 -39.07 -32.68 67.39
C ALA N 446 -38.86 -32.08 68.78
N ASP N 447 -38.92 -30.76 68.88
CA ASP N 447 -38.69 -30.07 70.16
C ASP N 447 -39.98 -29.65 70.84
N SER N 448 -40.78 -28.82 70.18
CA SER N 448 -42.03 -28.31 70.74
C SER N 448 -43.08 -28.18 69.65
N ASP N 449 -44.35 -28.35 70.05
CA ASP N 449 -45.47 -28.46 69.13
C ASP N 449 -45.74 -27.19 68.33
N GLY N 450 -44.92 -26.15 68.47
CA GLY N 450 -45.11 -24.92 67.73
C GLY N 450 -44.39 -24.82 66.40
N HIS N 451 -43.46 -25.72 66.13
CA HIS N 451 -42.70 -25.67 64.88
C HIS N 451 -43.47 -26.36 63.76
N TYR N 452 -44.32 -25.63 63.05
CA TYR N 452 -45.07 -26.20 61.94
C TYR N 452 -44.25 -26.16 60.66
N VAL N 453 -44.57 -27.08 59.75
CA VAL N 453 -44.00 -27.11 58.41
C VAL N 453 -45.13 -26.88 57.43
N PHE N 454 -44.95 -25.94 56.51
CA PHE N 454 -46.03 -25.44 55.67
C PHE N 454 -45.85 -25.83 54.21
N ASP N 455 -46.99 -26.02 53.55
CA ASP N 455 -47.09 -26.00 52.10
C ASP N 455 -47.72 -24.68 51.68
N TYR N 456 -47.63 -24.38 50.39
CA TYR N 456 -48.03 -23.08 49.88
C TYR N 456 -48.75 -23.24 48.55
N TYR N 457 -50.05 -23.01 48.56
CA TYR N 457 -50.91 -23.21 47.40
C TYR N 457 -51.38 -21.86 46.88
N SER N 458 -51.93 -21.86 45.67
CA SER N 458 -52.51 -20.64 45.13
C SER N 458 -53.74 -20.27 45.93
N THR N 459 -54.20 -19.03 45.77
CA THR N 459 -55.48 -18.70 46.38
C THR N 459 -56.64 -19.22 45.54
N SER N 460 -56.82 -18.69 44.33
CA SER N 460 -58.05 -18.89 43.60
C SER N 460 -57.84 -19.75 42.36
N GLY N 461 -58.26 -21.00 42.45
CA GLY N 461 -58.18 -21.82 41.27
C GLY N 461 -57.14 -22.92 41.40
N ASP N 462 -56.14 -22.87 40.53
CA ASP N 462 -55.17 -23.94 40.43
C ASP N 462 -54.22 -23.88 41.61
N THR N 463 -54.64 -24.43 42.74
CA THR N 463 -53.75 -24.50 43.88
C THR N 463 -52.54 -25.33 43.49
N LEU N 464 -51.35 -24.80 43.73
CA LEU N 464 -50.12 -25.48 43.38
C LEU N 464 -49.23 -25.65 44.60
N ARG N 465 -48.54 -26.78 44.62
CA ARG N 465 -47.31 -26.89 45.38
C ARG N 465 -46.30 -25.96 44.72
N LEU N 466 -45.89 -24.93 45.46
CA LEU N 466 -45.01 -23.89 44.94
C LEU N 466 -43.72 -23.85 45.75
N ASN N 467 -43.14 -25.02 45.99
CA ASN N 467 -42.03 -25.15 46.91
C ASN N 467 -41.02 -26.15 46.37
N ASN N 468 -39.74 -25.81 46.49
CA ASN N 468 -38.68 -26.80 46.31
C ASN N 468 -38.66 -27.77 47.50
N ARG N 469 -38.41 -27.22 48.68
CA ARG N 469 -38.33 -27.83 49.98
C ARG N 469 -39.50 -27.39 50.84
N PRO N 470 -40.11 -28.31 51.58
CA PRO N 470 -41.16 -27.89 52.53
C PRO N 470 -40.61 -26.87 53.51
N ILE N 471 -41.42 -25.85 53.78
CA ILE N 471 -40.99 -24.68 54.53
C ILE N 471 -41.54 -24.79 55.95
N ALA N 472 -40.65 -24.75 56.93
CA ALA N 472 -41.02 -24.86 58.33
C ALA N 472 -41.00 -23.48 58.97
N VAL N 473 -42.12 -23.06 59.52
CA VAL N 473 -42.23 -21.79 60.23
C VAL N 473 -42.71 -22.08 61.64
N ALA N 474 -41.94 -21.66 62.64
CA ALA N 474 -42.26 -21.90 64.03
C ALA N 474 -43.22 -20.85 64.55
N MET N 475 -44.23 -21.29 65.30
CA MET N 475 -45.12 -20.31 65.93
C MET N 475 -45.27 -20.57 67.43
N ASP N 476 -46.21 -19.87 68.05
CA ASP N 476 -46.41 -19.95 69.50
C ASP N 476 -47.85 -20.27 69.84
N GLU N 477 -55.05 -17.74 71.74
CA GLU N 477 -55.21 -16.46 71.05
C GLU N 477 -54.30 -16.27 69.80
N GLN N 478 -53.97 -15.04 69.42
CA GLN N 478 -53.11 -14.87 68.25
C GLN N 478 -51.75 -15.52 68.51
N SER N 479 -51.08 -15.95 67.44
CA SER N 479 -49.78 -16.61 67.55
C SER N 479 -48.83 -15.99 66.55
N LYS N 480 -47.54 -15.92 66.90
CA LYS N 480 -46.61 -15.23 66.03
C LYS N 480 -45.79 -16.21 65.19
N CYS N 481 -45.46 -15.79 63.98
CA CYS N 481 -44.69 -16.57 63.04
C CYS N 481 -43.23 -16.11 63.00
N ARG N 482 -42.35 -16.98 62.53
CA ARG N 482 -40.93 -16.70 62.52
C ARG N 482 -40.22 -17.73 61.66
N PHE N 483 -39.31 -17.27 60.81
CA PHE N 483 -38.48 -18.18 60.04
C PHE N 483 -37.41 -18.82 60.94
N MET N 484 -36.77 -19.86 60.43
CA MET N 484 -35.67 -20.48 61.16
C MET N 484 -34.49 -20.75 60.23
N GLU N 485 -33.40 -21.28 60.78
CA GLU N 485 -32.12 -21.32 60.08
C GLU N 485 -32.17 -22.26 58.87
N ALA N 486 -31.05 -22.32 58.16
CA ALA N 486 -30.95 -23.17 56.97
C ALA N 486 -29.49 -23.49 56.66
N PRO N 487 -32.95 -24.35 44.37
CA PRO N 487 -31.92 -24.01 45.37
C PRO N 487 -32.45 -23.10 46.49
N ARG N 488 -33.57 -22.41 46.23
CA ARG N 488 -34.21 -21.52 47.18
C ARG N 488 -35.54 -21.07 46.59
N ARG N 489 -36.49 -20.77 47.45
CA ARG N 489 -37.88 -20.58 47.08
C ARG N 489 -38.40 -19.30 47.71
N VAL N 490 -39.48 -18.76 47.15
CA VAL N 490 -39.93 -17.43 47.56
C VAL N 490 -40.91 -17.50 48.71
N CYS N 491 -41.72 -18.55 48.80
CA CYS N 491 -42.48 -18.74 50.03
C CYS N 491 -41.56 -18.87 51.24
N GLU N 492 -40.26 -19.03 51.02
CA GLU N 492 -39.28 -18.93 52.09
C GLU N 492 -38.98 -17.49 52.46
N GLN N 493 -39.53 -16.51 51.72
CA GLN N 493 -39.40 -15.10 52.10
C GLN N 493 -40.53 -14.62 53.01
N TYR N 494 -41.76 -15.09 52.76
CA TYR N 494 -42.96 -14.49 53.33
C TYR N 494 -43.67 -15.47 54.24
N LEU N 495 -44.24 -14.96 55.32
CA LEU N 495 -44.90 -15.79 56.31
C LEU N 495 -46.22 -16.31 55.77
N PRO N 496 -46.76 -17.37 56.38
CA PRO N 496 -48.09 -17.85 55.97
C PRO N 496 -49.15 -16.77 56.16
N GLY N 497 -50.01 -16.63 55.15
CA GLY N 497 -51.06 -15.64 55.21
C GLY N 497 -50.59 -14.21 55.30
N GLU N 498 -49.31 -13.97 55.00
CA GLU N 498 -48.75 -12.63 55.16
C GLU N 498 -49.21 -11.69 54.05
N SER N 499 -49.42 -12.21 52.85
CA SER N 499 -49.74 -11.39 51.70
C SER N 499 -50.86 -12.03 50.89
N TYR N 500 -51.28 -11.31 49.85
CA TYR N 500 -52.31 -11.81 48.96
C TYR N 500 -51.81 -12.99 48.15
N ALA N 501 -52.77 -13.75 47.61
CA ALA N 501 -52.51 -14.91 46.77
C ALA N 501 -51.69 -15.97 47.50
N TYR N 502 -51.96 -16.13 48.79
CA TYR N 502 -51.36 -17.18 49.61
C TYR N 502 -52.44 -18.13 50.09
N LEU N 503 -52.28 -19.42 49.81
CA LEU N 503 -52.92 -20.43 50.65
C LEU N 503 -51.84 -21.32 51.23
N CYS N 504 -51.89 -21.50 52.54
CA CYS N 504 -50.83 -22.17 53.28
C CYS N 504 -51.37 -23.42 53.95
N LEU N 505 -50.61 -24.50 53.85
CA LEU N 505 -51.03 -25.81 54.38
C LEU N 505 -49.92 -26.32 55.28
N GLY N 506 -50.14 -26.25 56.59
CA GLY N 506 -49.13 -26.63 57.57
C GLY N 506 -49.54 -27.87 58.36
N PHE N 507 -48.53 -28.58 58.87
CA PHE N 507 -48.74 -29.80 59.64
C PHE N 507 -47.71 -29.91 60.76
N ASN N 508 -48.09 -30.61 61.84
CA ASN N 508 -47.29 -30.70 63.06
C ASN N 508 -47.04 -32.16 63.38
N ARG N 509 -46.29 -32.39 64.46
CA ARG N 509 -46.06 -33.75 64.94
C ARG N 509 -47.27 -34.30 65.68
N ARG N 510 -48.23 -33.44 66.04
CA ARG N 510 -49.52 -33.94 66.49
C ARG N 510 -50.38 -34.33 65.31
N LEU N 511 -49.88 -34.07 64.10
CA LEU N 511 -50.51 -34.42 62.83
C LEU N 511 -51.81 -33.61 62.70
N CYS N 512 -51.84 -32.46 63.37
CA CYS N 512 -52.95 -31.53 63.29
C CYS N 512 -52.59 -30.43 62.31
N GLY N 513 -53.40 -30.28 61.25
CA GLY N 513 -53.13 -29.35 60.20
C GLY N 513 -53.87 -28.02 60.36
N ILE N 514 -53.50 -27.07 59.53
CA ILE N 514 -54.13 -25.75 59.50
C ILE N 514 -53.97 -25.19 58.09
N VAL N 515 -55.02 -24.52 57.61
CA VAL N 515 -55.04 -23.93 56.28
C VAL N 515 -55.11 -22.42 56.45
N VAL N 516 -54.00 -21.74 56.18
CA VAL N 516 -53.86 -20.31 56.42
C VAL N 516 -54.18 -19.57 55.14
N PHE N 517 -55.17 -18.69 55.20
CA PHE N 517 -55.65 -17.87 54.10
C PHE N 517 -55.10 -16.46 54.21
N PRO N 518 -55.08 -15.71 53.10
CA PRO N 518 -54.45 -14.38 53.14
C PRO N 518 -55.15 -13.47 54.13
N GLY N 519 -54.37 -12.95 55.08
CA GLY N 519 -54.89 -12.14 56.16
C GLY N 519 -54.87 -12.82 57.51
N GLY N 520 -54.33 -14.03 57.61
CA GLY N 520 -54.26 -14.75 58.87
C GLY N 520 -55.48 -15.56 59.23
N PHE N 521 -56.53 -15.53 58.40
CA PHE N 521 -57.73 -16.29 58.69
C PHE N 521 -57.47 -17.77 58.43
N ALA N 522 -57.74 -18.61 59.44
CA ALA N 522 -57.45 -20.03 59.34
C ALA N 522 -58.28 -20.80 60.35
N PHE N 523 -58.26 -22.12 60.22
CA PHE N 523 -58.92 -23.01 61.17
C PHE N 523 -58.09 -24.28 61.29
N THR N 524 -57.91 -24.75 62.52
CA THR N 524 -57.11 -25.94 62.77
C THR N 524 -57.84 -27.19 62.31
N ILE N 525 -57.08 -28.15 61.79
CA ILE N 525 -57.61 -29.39 61.27
C ILE N 525 -56.86 -30.54 61.94
N ASN N 526 -57.60 -31.55 62.41
CA ASN N 526 -57.00 -32.73 63.01
C ASN N 526 -57.09 -33.87 62.01
N ILE N 527 -56.01 -34.11 61.27
CA ILE N 527 -55.98 -35.20 60.31
C ILE N 527 -55.88 -36.56 61.03
N ALA N 528 -55.46 -36.56 62.30
CA ALA N 528 -55.04 -37.79 62.98
C ALA N 528 -56.17 -38.76 63.20
N ALA N 529 -57.39 -38.27 63.30
CA ALA N 529 -58.54 -39.12 63.59
C ALA N 529 -59.07 -39.84 62.36
N TYR N 530 -58.40 -39.71 61.21
CA TYR N 530 -58.93 -40.28 59.97
C TYR N 530 -57.90 -41.04 59.14
N LEU N 531 -56.61 -40.82 59.33
CA LEU N 531 -55.60 -41.56 58.58
C LEU N 531 -55.59 -43.01 59.05
N SER N 532 -55.96 -43.94 58.17
CA SER N 532 -56.11 -45.34 58.52
C SER N 532 -55.14 -46.17 57.67
N LEU N 533 -53.91 -46.34 58.19
CA LEU N 533 -52.90 -47.16 57.57
C LEU N 533 -52.51 -48.28 58.53
N SER N 534 -52.56 -49.52 58.04
CA SER N 534 -52.24 -50.66 58.88
C SER N 534 -50.75 -50.68 59.23
N ASP N 535 -50.44 -51.35 60.33
CA ASP N 535 -49.07 -51.42 60.87
C ASP N 535 -48.08 -52.05 59.88
N PRO N 536 -48.38 -53.19 59.23
CA PRO N 536 -47.42 -53.72 58.26
C PRO N 536 -47.17 -52.79 57.08
N VAL N 537 -48.23 -52.20 56.52
CA VAL N 537 -48.05 -51.21 55.47
C VAL N 537 -47.28 -50.00 56.01
N ALA N 538 -47.56 -49.63 57.27
CA ALA N 538 -46.84 -48.52 57.89
C ALA N 538 -45.34 -48.78 57.91
N ARG N 539 -44.93 -49.96 58.37
CA ARG N 539 -43.51 -50.27 58.43
C ARG N 539 -42.90 -50.46 57.06
N ALA N 540 -43.63 -51.03 56.11
CA ALA N 540 -43.14 -51.13 54.74
C ALA N 540 -42.87 -49.76 54.12
N ALA N 541 -43.72 -48.78 54.42
CA ALA N 541 -43.47 -47.42 53.98
C ALA N 541 -42.32 -46.76 54.74
N VAL N 542 -42.23 -47.00 56.04
CA VAL N 542 -41.19 -46.37 56.85
C VAL N 542 -39.80 -46.85 56.40
N LEU N 543 -39.62 -48.16 56.28
CA LEU N 543 -38.32 -48.70 55.90
C LEU N 543 -37.93 -48.30 54.48
N ARG N 544 -38.88 -47.79 53.69
CA ARG N 544 -38.60 -47.35 52.33
C ARG N 544 -38.31 -45.85 52.25
N PHE N 545 -38.99 -45.04 53.05
CA PHE N 545 -38.98 -43.59 52.86
C PHE N 545 -38.32 -42.82 54.00
N CYS N 546 -37.55 -43.47 54.85
CA CYS N 546 -36.81 -42.76 55.89
C CYS N 546 -35.36 -43.25 55.89
N ARG N 547 -34.59 -42.77 56.87
CA ARG N 547 -33.22 -43.20 57.05
C ARG N 547 -32.95 -43.34 58.54
N LYS N 548 -32.24 -44.41 58.92
CA LYS N 548 -31.99 -44.68 60.32
C LYS N 548 -31.04 -43.62 60.90
N VAL N 549 -31.37 -43.15 62.10
CA VAL N 549 -30.55 -42.14 62.76
C VAL N 549 -29.31 -42.79 63.37
N SER N 550 -28.14 -42.24 63.07
CA SER N 550 -26.89 -42.75 63.61
C SER N 550 -26.80 -42.49 65.11
N MET O 1 -70.29 -9.31 52.17
CA MET O 1 -69.03 -9.97 51.88
C MET O 1 -67.86 -9.27 52.57
N ASP O 2 -68.18 -8.29 53.41
CA ASP O 2 -67.13 -7.60 54.13
C ASP O 2 -66.78 -8.35 55.41
N PRO O 3 -65.50 -8.66 55.63
CA PRO O 3 -65.09 -9.31 56.88
C PRO O 3 -65.37 -8.41 58.06
N TYR O 4 -65.75 -9.02 59.18
CA TYR O 4 -66.10 -8.24 60.37
C TYR O 4 -64.83 -7.69 61.03
N CYS O 5 -64.87 -6.41 61.39
CA CYS O 5 -63.75 -5.77 62.06
C CYS O 5 -64.30 -4.69 62.98
N PRO O 6 -64.15 -4.83 64.30
CA PRO O 6 -64.72 -3.83 65.22
C PRO O 6 -64.11 -2.45 65.08
N PHE O 7 -62.83 -2.34 64.73
CA PHE O 7 -62.12 -1.06 64.77
C PHE O 7 -61.97 -0.48 63.39
N ASP O 8 -62.07 0.86 63.29
CA ASP O 8 -62.05 1.53 62.00
C ASP O 8 -60.65 1.90 61.55
N ALA O 9 -59.95 2.74 62.33
CA ALA O 9 -58.61 3.20 61.96
C ALA O 9 -58.00 3.93 63.14
N LEU O 10 -56.66 3.91 63.21
CA LEU O 10 -55.90 4.51 64.30
C LEU O 10 -54.59 5.09 63.77
N ASP O 11 -53.91 5.88 64.61
CA ASP O 11 -52.92 6.86 64.16
C ASP O 11 -51.95 7.27 65.26
N VAL O 12 -50.68 6.81 65.18
CA VAL O 12 -49.53 7.44 65.87
C VAL O 12 -48.25 7.32 65.01
N TRP O 13 -47.79 8.46 64.46
CA TRP O 13 -47.05 8.55 63.20
C TRP O 13 -45.79 7.69 63.10
N GLU O 14 -45.32 7.55 61.86
CA GLU O 14 -44.36 6.53 61.45
C GLU O 14 -42.96 7.12 61.39
N HIS O 15 -42.34 7.31 62.54
CA HIS O 15 -40.93 7.68 62.55
C HIS O 15 -40.09 6.43 62.29
N ARG O 16 -39.24 6.50 61.26
CA ARG O 16 -38.51 5.31 60.83
C ARG O 16 -37.58 4.78 61.91
N ARG O 17 -37.09 5.66 62.79
CA ARG O 17 -36.16 5.23 63.82
C ARG O 17 -36.88 4.50 64.95
N PHE O 18 -38.08 4.97 65.31
CA PHE O 18 -38.76 4.54 66.53
C PHE O 18 -39.61 3.29 66.33
N ILE O 19 -39.26 2.45 65.37
CA ILE O 19 -40.01 1.21 65.15
C ILE O 19 -39.87 0.32 66.37
N VAL O 20 -41.00 -0.02 66.98
CA VAL O 20 -41.06 -0.93 68.12
C VAL O 20 -42.21 -1.91 67.88
N ALA O 21 -42.12 -3.07 68.53
CA ALA O 21 -43.16 -4.10 68.46
C ALA O 21 -43.41 -4.51 67.01
N ASP O 22 -42.39 -5.14 66.42
CA ASP O 22 -42.38 -5.36 64.99
C ASP O 22 -43.49 -6.31 64.57
N SER O 23 -44.59 -5.74 64.08
CA SER O 23 -45.65 -6.50 63.44
C SER O 23 -45.50 -6.38 61.93
N ARG O 24 -46.32 -7.14 61.21
CA ARG O 24 -46.24 -7.18 59.76
C ARG O 24 -47.61 -6.85 59.15
N ASN O 25 -47.60 -5.92 58.22
CA ASN O 25 -48.81 -5.46 57.55
C ASN O 25 -49.17 -6.43 56.44
N PHE O 26 -50.44 -6.39 56.05
CA PHE O 26 -50.92 -7.20 54.94
C PHE O 26 -50.52 -6.53 53.64
N ILE O 27 -49.63 -7.16 52.91
CA ILE O 27 -49.07 -6.59 51.70
C ILE O 27 -50.04 -6.79 50.56
N THR O 28 -50.38 -5.69 49.88
CA THR O 28 -51.39 -5.75 48.85
C THR O 28 -50.85 -5.21 47.53
N PRO O 29 -51.41 -5.61 46.43
CA PRO O 29 -50.97 -5.07 45.14
C PRO O 29 -51.55 -3.69 44.87
N GLU O 30 -51.04 -3.03 43.83
CA GLU O 30 -51.51 -1.70 43.46
C GLU O 30 -52.55 -1.70 42.36
N PHE O 31 -52.97 -2.88 41.88
CA PHE O 31 -53.91 -2.91 40.77
C PHE O 31 -55.33 -3.18 41.27
N PRO O 32 -56.33 -2.62 40.60
CA PRO O 32 -57.72 -2.87 40.98
C PRO O 32 -58.07 -4.36 40.94
N ARG O 33 -58.87 -4.77 41.93
CA ARG O 33 -59.13 -6.17 42.25
C ARG O 33 -59.82 -6.95 41.15
N ASP O 34 -60.53 -6.29 40.23
CA ASP O 34 -61.39 -7.00 39.29
C ASP O 34 -60.62 -8.00 38.44
N PHE O 35 -59.30 -7.87 38.32
CA PHE O 35 -58.57 -8.69 37.36
C PHE O 35 -57.77 -9.75 38.04
N TRP O 36 -57.87 -9.77 39.37
CA TRP O 36 -57.45 -10.86 40.23
C TRP O 36 -58.51 -11.94 40.05
N MET O 37 -58.55 -12.55 38.86
CA MET O 37 -59.79 -13.15 38.40
C MET O 37 -60.16 -14.42 39.17
N SER O 38 -61.27 -15.02 38.75
CA SER O 38 -61.98 -16.00 39.55
C SER O 38 -61.24 -17.34 39.61
N PRO O 39 -61.51 -18.14 40.65
CA PRO O 39 -60.93 -19.49 40.73
C PRO O 39 -61.62 -20.44 39.77
N VAL O 40 -60.84 -21.05 38.88
CA VAL O 40 -61.34 -22.08 37.98
C VAL O 40 -60.31 -23.21 37.92
N PHE O 41 -60.76 -24.42 38.24
CA PHE O 41 -60.03 -25.65 37.95
C PHE O 41 -60.97 -26.54 37.15
N ASN O 42 -60.55 -26.94 35.96
CA ASN O 42 -61.41 -27.74 35.10
C ASN O 42 -60.83 -29.14 34.96
N LEU O 43 -61.71 -30.13 34.93
CA LEU O 43 -61.27 -31.51 34.89
C LEU O 43 -60.79 -31.88 33.48
N PRO O 44 -59.88 -32.83 33.35
CA PRO O 44 -59.76 -33.55 32.09
C PRO O 44 -60.92 -34.51 31.92
N ARG O 45 -61.56 -34.43 30.75
CA ARG O 45 -62.72 -35.28 30.48
C ARG O 45 -62.37 -36.75 30.51
N GLU O 46 -61.19 -37.12 29.99
CA GLU O 46 -60.72 -38.48 30.13
C GLU O 46 -60.54 -38.78 31.61
N THR O 47 -61.36 -39.68 32.11
CA THR O 47 -61.52 -39.91 33.53
C THR O 47 -60.61 -41.05 33.94
N ALA O 48 -60.35 -41.15 35.25
CA ALA O 48 -59.63 -42.29 35.78
C ALA O 48 -60.26 -43.61 35.33
N ALA O 49 -61.59 -43.63 35.18
CA ALA O 49 -62.27 -44.81 34.66
C ALA O 49 -62.09 -44.95 33.16
N GLU O 50 -62.13 -43.83 32.41
CA GLU O 50 -62.03 -43.89 30.96
C GLU O 50 -60.67 -44.36 30.48
N GLN O 51 -59.59 -43.91 31.13
CA GLN O 51 -58.26 -44.42 30.81
C GLN O 51 -58.16 -45.91 31.09
N VAL O 52 -58.84 -46.38 32.15
CA VAL O 52 -58.91 -47.82 32.40
C VAL O 52 -59.54 -48.54 31.23
N VAL O 53 -60.65 -48.02 30.70
CA VAL O 53 -61.32 -48.66 29.57
C VAL O 53 -60.40 -48.70 28.35
N VAL O 54 -59.77 -47.56 28.04
CA VAL O 54 -58.93 -47.48 26.85
C VAL O 54 -57.74 -48.43 26.96
N LEU O 55 -57.04 -48.39 28.10
CA LEU O 55 -55.85 -49.23 28.26
C LEU O 55 -56.21 -50.71 28.38
N GLN O 56 -57.37 -51.04 28.95
CA GLN O 56 -57.82 -52.43 28.94
C GLN O 56 -58.17 -52.91 27.54
N ALA O 57 -58.80 -52.07 26.72
CA ALA O 57 -59.03 -52.44 25.33
C ALA O 57 -57.70 -52.68 24.61
N GLN O 58 -56.71 -51.82 24.84
CA GLN O 58 -55.38 -52.03 24.28
C GLN O 58 -54.72 -53.32 24.78
N ARG O 59 -54.85 -53.63 26.07
CA ARG O 59 -54.29 -54.87 26.61
C ARG O 59 -54.95 -56.09 25.96
N THR O 60 -56.27 -56.08 25.84
CA THR O 60 -56.97 -57.20 25.21
C THR O 60 -56.67 -57.32 23.72
N ALA O 61 -56.40 -56.20 23.04
CA ALA O 61 -55.96 -56.26 21.65
C ALA O 61 -54.56 -56.84 21.53
N ALA O 62 -53.67 -56.47 22.45
CA ALA O 62 -52.30 -56.98 22.42
C ALA O 62 -52.24 -58.46 22.78
N ALA O 63 -53.13 -58.93 23.65
CA ALA O 63 -53.16 -60.34 24.02
C ALA O 63 -53.48 -61.23 22.83
N ALA O 64 -54.37 -60.79 21.93
CA ALA O 64 -54.68 -61.56 20.73
C ALA O 64 -53.45 -61.71 19.84
N ALA O 65 -52.69 -60.63 19.66
CA ALA O 65 -51.46 -60.71 18.87
C ALA O 65 -50.43 -61.61 19.54
N LEU O 66 -50.31 -61.53 20.88
CA LEU O 66 -49.40 -62.41 21.58
C LEU O 66 -49.78 -63.88 21.37
N GLU O 67 -51.08 -64.19 21.45
CA GLU O 67 -51.52 -65.56 21.21
C GLU O 67 -51.31 -65.98 19.77
N ASN O 68 -51.51 -65.07 18.81
CA ASN O 68 -51.21 -65.38 17.42
C ASN O 68 -49.73 -65.73 17.24
N ALA O 69 -48.85 -64.93 17.82
CA ALA O 69 -47.42 -65.22 17.73
C ALA O 69 -47.07 -66.55 18.41
N ALA O 70 -47.68 -66.82 19.57
CA ALA O 70 -47.42 -68.07 20.27
C ALA O 70 -47.86 -69.27 19.44
N MET O 71 -49.05 -69.20 18.85
CA MET O 71 -49.53 -70.29 18.01
C MET O 71 -48.73 -70.43 16.72
N GLN O 72 -48.15 -69.33 16.23
CA GLN O 72 -47.25 -69.43 15.09
C GLN O 72 -45.94 -70.11 15.49
N ALA O 73 -45.45 -69.83 16.70
CA ALA O 73 -44.22 -70.43 17.19
C ALA O 73 -44.43 -71.76 17.90
N ALA O 74 -45.68 -72.14 18.18
CA ALA O 74 -45.94 -73.42 18.83
C ALA O 74 -45.88 -74.59 17.87
N GLU O 75 -45.80 -74.34 16.57
CA GLU O 75 -45.81 -75.42 15.58
C GLU O 75 -44.40 -75.81 15.14
N LEU O 76 -43.40 -75.01 15.50
CA LEU O 76 -42.02 -75.37 15.20
C LEU O 76 -41.57 -76.69 15.82
N PRO O 77 -41.86 -77.00 17.09
CA PRO O 77 -41.51 -78.33 17.61
C PRO O 77 -42.15 -79.46 16.85
N VAL O 78 -43.36 -79.26 16.31
CA VAL O 78 -43.96 -80.27 15.44
C VAL O 78 -43.21 -80.36 14.13
N ASP O 79 -42.76 -79.22 13.58
CA ASP O 79 -41.99 -79.24 12.35
C ASP O 79 -40.70 -80.02 12.50
N ILE O 80 -39.99 -79.84 13.61
CA ILE O 80 -38.71 -80.52 13.77
C ILE O 80 -38.90 -82.04 13.73
N GLU O 81 -39.87 -82.55 14.47
CA GLU O 81 -40.12 -83.98 14.56
C GLU O 81 -40.86 -84.52 13.34
N ARG O 82 -41.45 -83.66 12.52
CA ARG O 82 -42.04 -84.07 11.25
C ARG O 82 -41.05 -84.10 10.12
N ARG O 83 -40.00 -83.26 10.17
CA ARG O 83 -39.02 -83.19 9.10
C ARG O 83 -37.82 -84.08 9.35
N LEU O 84 -37.36 -84.22 10.60
CA LEU O 84 -36.11 -84.93 10.85
C LEU O 84 -36.28 -86.44 10.97
N ARG O 85 -37.44 -86.92 11.43
CA ARG O 85 -37.67 -88.35 11.56
C ARG O 85 -37.57 -89.09 10.22
N PRO O 86 -38.21 -88.60 9.14
CA PRO O 86 -37.98 -89.26 7.84
C PRO O 86 -36.53 -89.23 7.39
N ILE O 87 -35.80 -88.16 7.69
CA ILE O 87 -34.39 -88.11 7.34
C ILE O 87 -33.59 -89.12 8.14
N GLU O 88 -33.91 -89.28 9.43
CA GLU O 88 -33.25 -90.30 10.24
C GLU O 88 -33.55 -91.70 9.72
N ARG O 89 -34.79 -91.95 9.29
CA ARG O 89 -35.11 -93.25 8.70
C ARG O 89 -34.34 -93.48 7.40
N ASN O 90 -34.23 -92.44 6.56
CA ASN O 90 -33.47 -92.58 5.32
C ASN O 90 -32.01 -92.89 5.61
N VAL O 91 -31.42 -92.23 6.62
CA VAL O 91 -30.06 -92.55 7.01
C VAL O 91 -29.96 -93.97 7.53
N HIS O 92 -30.96 -94.42 8.31
CA HIS O 92 -31.00 -95.80 8.78
C HIS O 92 -31.08 -96.80 7.64
N GLU O 93 -31.69 -96.43 6.51
CA GLU O 93 -31.78 -97.35 5.37
C GLU O 93 -30.39 -97.75 4.86
N ILE O 94 -29.38 -96.91 5.09
CA ILE O 94 -28.03 -97.23 4.68
C ILE O 94 -27.35 -98.08 5.74
N TRP P 1 -40.00 10.05 57.29
CA TRP P 1 -41.37 9.87 57.73
C TRP P 1 -42.24 9.26 56.64
N GLU P 2 -43.46 8.89 57.03
CA GLU P 2 -44.43 8.27 56.15
C GLU P 2 -45.76 8.15 56.90
N HIS P 3 -46.86 8.08 56.15
CA HIS P 3 -48.20 8.06 56.71
C HIS P 3 -49.07 7.02 56.02
N ARG P 4 -49.92 6.37 56.81
CA ARG P 4 -50.93 5.47 56.28
C ARG P 4 -51.97 5.25 57.37
N ARG P 5 -53.13 4.73 56.95
CA ARG P 5 -54.14 4.33 57.92
C ARG P 5 -53.78 2.98 58.52
N PHE P 6 -54.58 2.53 59.47
CA PHE P 6 -54.26 1.30 60.19
C PHE P 6 -55.53 0.58 60.57
N ILE P 7 -55.48 -0.75 60.59
CA ILE P 7 -56.56 -1.58 61.10
C ILE P 7 -55.97 -2.54 62.12
N VAL P 8 -56.58 -2.61 63.29
CA VAL P 8 -56.06 -3.41 64.39
C VAL P 8 -56.34 -4.89 64.12
N ALA P 9 -55.32 -5.72 64.24
CA ALA P 9 -55.44 -7.16 64.04
C ALA P 9 -55.86 -7.79 65.36
N ASP P 10 -57.17 -7.77 65.63
CA ASP P 10 -57.74 -8.36 66.83
C ASP P 10 -58.18 -9.79 66.56
N SER P 11 -58.19 -10.59 67.63
CA SER P 11 -58.65 -11.98 67.52
C SER P 11 -60.14 -12.08 67.20
N ARG P 12 -60.90 -10.99 67.35
CA ARG P 12 -62.31 -11.00 67.03
C ARG P 12 -62.59 -10.84 65.54
N ASN P 13 -61.57 -10.56 64.73
CA ASN P 13 -61.76 -10.42 63.28
C ASN P 13 -62.00 -11.80 62.66
N PHE P 14 -63.26 -12.12 62.40
CA PHE P 14 -63.63 -13.38 61.79
C PHE P 14 -64.10 -13.14 60.35
N ILE P 15 -64.43 -14.24 59.67
CA ILE P 15 -64.86 -14.19 58.28
C ILE P 15 -65.99 -15.19 58.10
N THR P 16 -66.96 -14.83 57.26
CA THR P 16 -68.18 -15.61 57.06
C THR P 16 -68.36 -15.95 55.59
N PRO P 17 -67.91 -17.12 55.15
CA PRO P 17 -68.18 -17.55 53.78
C PRO P 17 -69.57 -18.16 53.65
N GLU P 18 -69.96 -18.38 52.39
CA GLU P 18 -71.24 -18.97 52.05
C GLU P 18 -71.02 -20.30 51.36
N PHE P 19 -71.75 -21.33 51.81
CA PHE P 19 -71.57 -22.60 51.13
C PHE P 19 -72.80 -22.97 50.32
N PRO P 20 -72.62 -23.46 49.10
CA PRO P 20 -73.76 -24.00 48.34
C PRO P 20 -74.32 -25.25 49.01
N ARG P 21 -75.62 -25.48 48.77
CA ARG P 21 -76.31 -26.59 49.39
C ARG P 21 -75.75 -27.93 48.93
N ASP P 22 -75.28 -28.02 47.69
CA ASP P 22 -74.71 -29.24 47.14
C ASP P 22 -73.18 -29.21 47.09
N PHE P 23 -72.57 -28.32 47.87
CA PHE P 23 -71.13 -28.15 47.84
C PHE P 23 -70.41 -29.40 48.38
N TRP P 24 -70.86 -29.92 49.52
CA TRP P 24 -70.16 -31.03 50.16
C TRP P 24 -70.45 -32.37 49.52
N MET P 25 -71.47 -32.47 48.67
CA MET P 25 -71.77 -33.73 47.97
C MET P 25 -71.03 -33.75 46.62
N SER P 26 -69.72 -33.63 46.70
CA SER P 26 -68.86 -33.64 45.53
C SER P 26 -68.23 -35.01 45.32
N PRO P 27 -67.98 -35.40 44.07
CA PRO P 27 -67.30 -36.68 43.81
C PRO P 27 -65.83 -36.70 44.16
N VAL P 28 -65.30 -35.60 44.71
CA VAL P 28 -63.89 -35.50 45.06
C VAL P 28 -63.67 -35.61 46.56
N PHE P 29 -64.47 -34.90 47.36
CA PHE P 29 -64.42 -35.09 48.80
C PHE P 29 -64.81 -36.51 49.20
N ASN P 30 -65.71 -37.15 48.46
CA ASN P 30 -66.21 -38.48 48.79
C ASN P 30 -65.50 -39.48 47.88
N LEU P 31 -64.44 -40.10 48.39
CA LEU P 31 -63.62 -41.02 47.62
C LEU P 31 -63.71 -42.44 48.19
N PRO P 32 -63.84 -43.44 47.32
CA PRO P 32 -63.84 -44.83 47.80
C PRO P 32 -62.43 -45.28 48.17
N ARG P 33 -62.36 -46.48 48.72
CA ARG P 33 -61.06 -47.00 49.16
C ARG P 33 -60.16 -47.37 47.99
N GLU P 34 -60.73 -47.60 46.82
CA GLU P 34 -59.96 -47.97 45.63
C GLU P 34 -60.56 -47.26 44.42
N THR P 35 -59.77 -46.38 43.80
CA THR P 35 -60.22 -45.65 42.62
C THR P 35 -59.50 -46.18 41.37
N ALA P 36 -60.00 -45.78 40.20
CA ALA P 36 -59.44 -46.24 38.94
C ALA P 36 -58.20 -45.45 38.51
N ALA P 37 -57.95 -44.30 39.14
CA ALA P 37 -56.75 -43.53 38.80
C ALA P 37 -55.49 -44.33 39.08
N GLU P 38 -55.48 -45.06 40.20
CA GLU P 38 -54.35 -45.93 40.49
C GLU P 38 -54.29 -47.11 39.53
N GLN P 39 -55.45 -47.66 39.17
CA GLN P 39 -55.47 -48.77 38.21
C GLN P 39 -54.86 -48.36 36.89
N VAL P 40 -55.06 -47.10 36.48
CA VAL P 40 -54.41 -46.59 35.27
C VAL P 40 -52.90 -46.65 35.44
N VAL P 41 -52.39 -46.23 36.59
CA VAL P 41 -50.95 -46.19 36.80
C VAL P 41 -50.36 -47.59 36.79
N VAL P 42 -51.07 -48.56 37.37
CA VAL P 42 -50.59 -49.95 37.35
C VAL P 42 -50.61 -50.51 35.93
N LEU P 43 -51.71 -50.31 35.22
CA LEU P 43 -51.88 -50.92 33.91
C LEU P 43 -50.93 -50.32 32.88
N GLN P 44 -50.69 -49.01 32.94
CA GLN P 44 -49.70 -48.40 32.05
C GLN P 44 -48.31 -48.96 32.31
N ALA P 45 -47.93 -49.12 33.58
CA ALA P 45 -46.63 -49.68 33.91
C ALA P 45 -46.51 -51.12 33.42
N GLN P 46 -47.57 -51.91 33.56
CA GLN P 46 -47.53 -53.28 33.07
C GLN P 46 -47.39 -53.32 31.55
N ARG P 47 -48.10 -52.43 30.85
CA ARG P 47 -47.97 -52.38 29.39
C ARG P 47 -46.55 -51.99 28.98
N THR P 48 -45.97 -50.99 29.66
CA THR P 48 -44.59 -50.60 29.36
C THR P 48 -43.59 -51.71 29.69
N ALA P 49 -43.86 -52.51 30.71
CA ALA P 49 -43.01 -53.66 31.02
C ALA P 49 -43.08 -54.70 29.91
N ALA P 50 -44.31 -55.01 29.46
CA ALA P 50 -44.47 -55.92 28.33
C ALA P 50 -43.79 -55.41 27.08
N ALA P 51 -43.77 -54.08 26.86
CA ALA P 51 -43.11 -53.54 25.68
C ALA P 51 -41.62 -53.88 25.66
N ALA P 52 -40.93 -53.71 26.78
CA ALA P 52 -39.50 -54.03 26.83
C ALA P 52 -39.26 -55.53 26.83
N ALA P 53 -40.14 -56.30 27.48
CA ALA P 53 -40.05 -57.75 27.38
C ALA P 53 -40.18 -58.22 25.94
N LEU P 54 -40.96 -57.52 25.12
CA LEU P 54 -41.07 -57.87 23.71
C LEU P 54 -39.74 -57.73 22.99
N GLU P 55 -39.02 -56.63 23.23
CA GLU P 55 -37.70 -56.48 22.62
C GLU P 55 -36.69 -57.50 23.13
N ASN P 56 -36.74 -57.81 24.43
CA ASN P 56 -35.86 -58.86 24.95
C ASN P 56 -36.15 -60.19 24.27
N ALA P 57 -37.43 -60.55 24.13
CA ALA P 57 -37.79 -61.78 23.44
C ALA P 57 -37.41 -61.75 21.97
N ALA P 58 -37.52 -60.60 21.31
CA ALA P 58 -37.12 -60.50 19.92
C ALA P 58 -35.63 -60.73 19.77
N MET P 59 -34.82 -60.15 20.65
CA MET P 59 -33.39 -60.36 20.51
C MET P 59 -33.02 -61.78 20.91
N GLN P 60 -33.83 -62.42 21.77
CA GLN P 60 -33.63 -63.84 22.06
C GLN P 60 -33.95 -64.71 20.85
N ALA P 61 -35.05 -64.44 20.16
CA ALA P 61 -35.56 -65.29 19.10
C ALA P 61 -34.99 -64.96 17.73
N ALA P 62 -34.19 -63.91 17.61
CA ALA P 62 -33.57 -63.60 16.33
C ALA P 62 -32.57 -64.66 15.89
N GLU P 63 -32.17 -65.58 16.77
CA GLU P 63 -31.20 -66.61 16.44
C GLU P 63 -31.83 -67.84 15.81
N LEU P 64 -33.16 -67.93 15.74
CA LEU P 64 -33.79 -69.09 15.14
C LEU P 64 -33.41 -69.31 13.68
N PRO P 65 -33.40 -68.30 12.80
CA PRO P 65 -32.85 -68.52 11.46
C PRO P 65 -31.35 -68.77 11.46
N VAL P 66 -30.64 -68.40 12.52
CA VAL P 66 -29.20 -68.57 12.56
C VAL P 66 -28.82 -69.97 13.03
N ASP P 67 -29.54 -70.49 14.02
CA ASP P 67 -29.21 -71.80 14.59
C ASP P 67 -29.44 -72.93 13.60
N ILE P 68 -30.31 -72.73 12.61
CA ILE P 68 -30.65 -73.80 11.68
C ILE P 68 -29.59 -73.98 10.59
N GLU P 69 -28.96 -72.88 10.16
CA GLU P 69 -28.01 -72.96 9.04
C GLU P 69 -26.79 -73.80 9.41
N ARG P 70 -26.19 -73.55 10.55
CA ARG P 70 -24.95 -74.21 10.94
C ARG P 70 -25.16 -75.61 11.47
N ARG P 71 -26.40 -76.05 11.65
CA ARG P 71 -26.68 -77.45 11.97
C ARG P 71 -26.96 -78.29 10.74
N LEU P 72 -27.20 -77.66 9.59
CA LEU P 72 -27.50 -78.39 8.37
C LEU P 72 -26.33 -78.34 7.37
N ARG P 73 -25.66 -77.19 7.25
CA ARG P 73 -24.59 -77.07 6.27
C ARG P 73 -23.44 -78.06 6.48
N PRO P 74 -22.90 -78.27 7.69
CA PRO P 74 -21.81 -79.24 7.84
C PRO P 74 -22.20 -80.68 7.59
N ILE P 75 -23.50 -80.97 7.48
CA ILE P 75 -23.96 -82.31 7.14
C ILE P 75 -24.23 -82.35 5.63
N GLU P 76 -24.65 -81.21 5.07
CA GLU P 76 -24.81 -81.12 3.62
C GLU P 76 -23.47 -81.30 2.92
N ARG P 77 -22.43 -80.65 3.41
CA ARG P 77 -21.11 -80.86 2.82
C ARG P 77 -20.57 -82.25 3.14
N ASN P 78 -21.01 -82.84 4.25
CA ASN P 78 -20.62 -84.21 4.57
C ASN P 78 -21.18 -85.19 3.57
N VAL P 79 -22.46 -85.02 3.18
CA VAL P 79 -23.08 -85.91 2.20
C VAL P 79 -22.47 -85.69 0.82
N HIS P 80 -22.26 -84.44 0.44
CA HIS P 80 -21.67 -84.11 -0.86
C HIS P 80 -20.17 -84.38 -0.86
N GLN Q 1 -20.78 -108.32 -14.21
CA GLN Q 1 -20.98 -106.97 -14.72
C GLN Q 1 -22.21 -106.32 -14.09
N ARG Q 2 -23.33 -107.02 -14.14
CA ARG Q 2 -24.58 -106.50 -13.60
C ARG Q 2 -24.64 -106.51 -12.08
N THR Q 3 -23.72 -107.20 -11.42
CA THR Q 3 -23.78 -107.30 -9.96
C THR Q 3 -23.23 -106.04 -9.31
N GLY Q 4 -21.95 -105.74 -9.53
CA GLY Q 4 -21.33 -104.58 -8.89
C GLY Q 4 -21.84 -103.26 -9.42
N ARG Q 5 -22.26 -103.21 -10.69
CA ARG Q 5 -22.78 -101.98 -11.24
C ARG Q 5 -24.18 -101.66 -10.73
N SER Q 6 -24.96 -102.68 -10.38
CA SER Q 6 -26.27 -102.46 -9.79
C SER Q 6 -26.22 -102.33 -8.27
N ALA Q 7 -25.16 -102.84 -7.64
CA ALA Q 7 -25.04 -102.69 -6.19
C ALA Q 7 -24.78 -101.25 -5.78
N LEU Q 8 -24.07 -100.48 -6.62
CA LEU Q 8 -23.78 -99.10 -6.30
C LEU Q 8 -24.96 -98.17 -6.58
N ALA Q 9 -25.97 -98.65 -7.31
CA ALA Q 9 -27.12 -97.83 -7.62
C ALA Q 9 -27.92 -97.45 -6.37
N VAL Q 10 -27.99 -98.35 -5.38
CA VAL Q 10 -28.70 -98.03 -4.14
C VAL Q 10 -28.04 -96.86 -3.44
N LEU Q 11 -26.70 -96.90 -3.32
CA LEU Q 11 -25.96 -95.79 -2.74
C LEU Q 11 -26.06 -94.52 -3.57
N ILE Q 12 -26.07 -94.63 -4.90
CA ILE Q 12 -26.24 -93.45 -5.75
C ILE Q 12 -27.58 -92.79 -5.47
N ARG Q 13 -28.66 -93.58 -5.46
CA ARG Q 13 -29.98 -93.05 -5.16
C ARG Q 13 -30.07 -92.49 -3.75
N ALA Q 14 -29.39 -93.11 -2.79
CA ALA Q 14 -29.38 -92.61 -1.41
C ALA Q 14 -28.70 -91.25 -1.32
N CYS Q 15 -27.51 -91.11 -1.91
CA CYS Q 15 -26.75 -89.87 -1.78
C CYS Q 15 -27.37 -88.73 -2.57
N TYR Q 16 -27.79 -88.99 -3.81
CA TYR Q 16 -28.34 -87.90 -4.63
C TYR Q 16 -29.71 -87.46 -4.16
N ARG Q 17 -30.34 -88.20 -3.25
CA ARG Q 17 -31.58 -87.74 -2.62
C ARG Q 17 -31.35 -87.18 -1.23
N LEU Q 18 -30.30 -87.64 -0.53
CA LEU Q 18 -29.90 -86.97 0.70
C LEU Q 18 -29.38 -85.57 0.43
N GLN Q 19 -28.84 -85.34 -0.77
CA GLN Q 19 -28.45 -83.98 -1.14
C GLN Q 19 -29.66 -83.07 -1.23
N GLN Q 20 -30.80 -83.60 -1.64
CA GLN Q 20 -31.99 -82.76 -1.69
C GLN Q 20 -32.69 -82.69 -0.35
N GLN Q 21 -32.66 -83.77 0.46
CA GLN Q 21 -33.42 -83.78 1.71
C GLN Q 21 -33.02 -82.63 2.62
N LEU Q 22 -31.73 -82.33 2.68
CA LEU Q 22 -31.25 -81.23 3.50
C LEU Q 22 -31.50 -79.87 2.85
N GLN Q 23 -31.53 -79.79 1.52
CA GLN Q 23 -31.92 -78.54 0.87
C GLN Q 23 -33.38 -78.19 1.20
N ARG Q 24 -34.26 -79.19 1.20
CA ARG Q 24 -35.64 -78.95 1.63
C ARG Q 24 -35.72 -78.42 3.05
N THR Q 25 -34.94 -79.00 3.97
CA THR Q 25 -34.92 -78.48 5.33
C THR Q 25 -34.32 -77.08 5.42
N ARG Q 26 -33.36 -76.76 4.55
CA ARG Q 26 -32.89 -75.38 4.47
C ARG Q 26 -34.01 -74.43 4.08
N ARG Q 27 -34.78 -74.79 3.06
CA ARG Q 27 -35.84 -73.90 2.60
C ARG Q 27 -37.04 -73.91 3.53
N ALA Q 28 -37.45 -75.08 4.00
CA ALA Q 28 -38.68 -75.19 4.80
C ALA Q 28 -38.56 -74.59 6.19
N LEU Q 29 -37.37 -74.57 6.78
CA LEU Q 29 -37.17 -74.05 8.12
C LEU Q 29 -36.83 -72.57 8.14
N LEU Q 30 -36.62 -71.94 6.98
CA LEU Q 30 -36.39 -70.51 6.89
C LEU Q 30 -37.62 -69.72 6.47
N HIS Q 31 -38.52 -70.32 5.69
CA HIS Q 31 -39.79 -69.69 5.37
C HIS Q 31 -40.77 -69.74 6.53
N HIS Q 32 -40.43 -70.46 7.61
CA HIS Q 32 -41.30 -70.59 8.77
C HIS Q 32 -40.87 -69.70 9.92
N SER Q 33 -39.57 -69.57 10.17
CA SER Q 33 -39.10 -68.69 11.24
C SER Q 33 -39.32 -67.21 10.89
N ASP Q 34 -39.27 -66.88 9.60
CA ASP Q 34 -39.60 -65.52 9.17
C ASP Q 34 -41.01 -65.13 9.58
N ALA Q 35 -41.95 -66.07 9.57
CA ALA Q 35 -43.29 -65.80 10.09
C ALA Q 35 -43.25 -65.46 11.57
N VAL Q 36 -42.43 -66.17 12.34
CA VAL Q 36 -42.31 -65.88 13.77
C VAL Q 36 -41.73 -64.48 13.98
N LEU Q 37 -40.71 -64.13 13.20
CA LEU Q 37 -40.15 -62.78 13.28
C LEU Q 37 -41.19 -61.72 12.92
N THR Q 38 -41.96 -61.95 11.86
CA THR Q 38 -42.99 -61.00 11.47
C THR Q 38 -44.06 -60.88 12.55
N SER Q 39 -44.39 -61.99 13.21
CA SER Q 39 -45.41 -61.95 14.25
C SER Q 39 -44.92 -61.18 15.49
N LEU Q 40 -43.69 -61.46 15.94
CA LEU Q 40 -43.11 -60.68 17.02
C LEU Q 40 -43.08 -59.20 16.65
N HIS Q 41 -42.74 -58.91 15.40
CA HIS Q 41 -42.67 -57.56 14.89
C HIS Q 41 -44.03 -56.87 14.91
N HIS Q 42 -45.08 -57.59 14.50
CA HIS Q 42 -46.44 -57.06 14.57
C HIS Q 42 -46.87 -56.81 16.00
N VAL Q 43 -46.53 -57.72 16.92
CA VAL Q 43 -46.86 -57.49 18.32
C VAL Q 43 -46.17 -56.24 18.84
N ARG Q 44 -44.91 -56.02 18.44
CA ARG Q 44 -44.27 -54.74 18.76
C ARG Q 44 -45.01 -53.57 18.14
N MET Q 45 -45.57 -53.75 16.95
CA MET Q 45 -46.37 -52.66 16.37
C MET Q 45 -47.54 -52.31 17.27
N LEU Q 46 -48.26 -53.30 17.80
CA LEU Q 46 -49.47 -53.02 18.56
C LEU Q 46 -49.20 -52.11 19.75
N LEU Q 47 -47.97 -52.05 20.22
CA LEU Q 47 -47.62 -51.14 21.30
C LEU Q 47 -46.94 -49.90 20.75
N GLN R 1 -8.26 -109.98 1.69
CA GLN R 1 -9.22 -110.00 2.79
C GLN R 1 -9.28 -108.64 3.49
N ARG R 2 -8.11 -108.12 3.86
CA ARG R 2 -8.03 -106.87 4.61
C ARG R 2 -8.37 -105.65 3.77
N THR R 3 -8.47 -105.79 2.45
CA THR R 3 -8.75 -104.62 1.62
C THR R 3 -10.23 -104.25 1.66
N GLY R 4 -11.10 -105.16 1.21
CA GLY R 4 -12.51 -104.86 1.16
C GLY R 4 -13.18 -104.82 2.51
N ARG R 5 -12.65 -105.55 3.49
CA ARG R 5 -13.24 -105.55 4.83
C ARG R 5 -12.90 -104.28 5.59
N SER R 6 -11.77 -103.64 5.26
CA SER R 6 -11.43 -102.36 5.87
C SER R 6 -11.93 -101.17 5.07
N ALA R 7 -12.17 -101.34 3.77
CA ALA R 7 -12.72 -100.23 2.98
C ALA R 7 -14.13 -99.85 3.43
N LEU R 8 -14.96 -100.85 3.77
CA LEU R 8 -16.33 -100.56 4.19
C LEU R 8 -16.40 -99.93 5.57
N ALA R 9 -15.32 -100.01 6.35
CA ALA R 9 -15.31 -99.42 7.68
C ALA R 9 -15.46 -97.91 7.65
N VAL R 10 -14.94 -97.25 6.61
CA VAL R 10 -15.09 -95.80 6.51
C VAL R 10 -16.56 -95.42 6.39
N LEU R 11 -17.28 -96.08 5.48
CA LEU R 11 -18.72 -95.85 5.34
C LEU R 11 -19.49 -96.28 6.57
N ILE R 12 -19.08 -97.35 7.24
CA ILE R 12 -19.72 -97.77 8.49
C ILE R 12 -19.61 -96.67 9.54
N ARG R 13 -18.40 -96.14 9.73
CA ARG R 13 -18.18 -95.07 10.68
C ARG R 13 -18.91 -93.79 10.29
N ALA R 14 -19.02 -93.52 8.99
CA ALA R 14 -19.77 -92.35 8.53
C ALA R 14 -21.26 -92.48 8.83
N CYS R 15 -21.85 -93.64 8.50
CA CYS R 15 -23.30 -93.80 8.66
C CYS R 15 -23.70 -93.90 10.12
N TYR R 16 -22.97 -94.68 10.92
CA TYR R 16 -23.34 -94.83 12.33
C TYR R 16 -23.14 -93.56 13.13
N ARG R 17 -22.45 -92.56 12.57
CA ARG R 17 -22.33 -91.27 13.24
C ARG R 17 -23.25 -90.22 12.63
N LEU R 18 -23.59 -90.35 11.35
CA LEU R 18 -24.65 -89.52 10.78
C LEU R 18 -26.00 -89.87 11.38
N GLN R 19 -26.16 -91.10 11.87
CA GLN R 19 -27.37 -91.46 12.60
C GLN R 19 -27.49 -90.70 13.91
N GLN R 20 -26.37 -90.42 14.56
CA GLN R 20 -26.40 -89.72 15.85
C GLN R 20 -26.36 -88.21 15.70
N GLN R 21 -25.74 -87.70 14.63
CA GLN R 21 -25.68 -86.25 14.42
C GLN R 21 -27.07 -85.67 14.23
N LEU R 22 -27.96 -86.37 13.54
CA LEU R 22 -29.33 -85.93 13.41
C LEU R 22 -30.10 -86.03 14.72
N GLN R 23 -29.81 -87.03 15.56
CA GLN R 23 -30.43 -87.10 16.88
C GLN R 23 -30.03 -85.91 17.74
N ARG R 24 -28.75 -85.53 17.69
CA ARG R 24 -28.29 -84.38 18.46
C ARG R 24 -28.99 -83.10 18.02
N THR R 25 -29.16 -82.91 16.71
CA THR R 25 -29.93 -81.77 16.24
C THR R 25 -31.40 -81.85 16.64
N ARG R 26 -31.95 -83.06 16.69
CA ARG R 26 -33.33 -83.22 17.15
C ARG R 26 -33.49 -82.77 18.60
N ARG R 27 -32.55 -83.14 19.46
CA ARG R 27 -32.67 -82.77 20.88
C ARG R 27 -32.26 -81.33 21.13
N ALA R 28 -31.13 -80.90 20.56
CA ALA R 28 -30.62 -79.57 20.85
C ALA R 28 -31.49 -78.45 20.29
N LEU R 29 -32.25 -78.70 19.23
CA LEU R 29 -33.11 -77.67 18.63
C LEU R 29 -34.52 -77.66 19.22
N LEU R 30 -34.86 -78.63 20.08
CA LEU R 30 -36.14 -78.63 20.76
C LEU R 30 -36.08 -78.01 22.15
N HIS R 31 -34.95 -78.12 22.83
CA HIS R 31 -34.80 -77.49 24.14
C HIS R 31 -34.42 -76.02 24.04
N HIS R 32 -34.24 -75.50 22.82
CA HIS R 32 -33.95 -74.09 22.60
C HIS R 32 -35.17 -73.29 22.18
N SER R 33 -36.00 -73.83 21.28
CA SER R 33 -37.22 -73.14 20.90
C SER R 33 -38.26 -73.17 22.02
N ASP R 34 -38.22 -74.19 22.88
CA ASP R 34 -39.05 -74.19 24.06
C ASP R 34 -38.74 -73.00 24.97
N ALA R 35 -37.49 -72.57 25.02
CA ALA R 35 -37.16 -71.34 25.73
C ALA R 35 -37.84 -70.14 25.08
N VAL R 36 -37.93 -70.12 23.75
CA VAL R 36 -38.63 -69.03 23.06
C VAL R 36 -40.10 -69.03 23.44
N LEU R 37 -40.72 -70.23 23.45
CA LEU R 37 -42.13 -70.32 23.83
C LEU R 37 -42.35 -69.89 25.29
N THR R 38 -41.45 -70.30 26.19
CA THR R 38 -41.54 -69.89 27.58
C THR R 38 -41.39 -68.38 27.72
N SER R 39 -40.48 -67.77 26.96
CA SER R 39 -40.33 -66.33 26.99
C SER R 39 -41.57 -65.62 26.47
N LEU R 40 -42.19 -66.15 25.41
CA LEU R 40 -43.42 -65.56 24.91
C LEU R 40 -44.54 -65.63 25.95
N HIS R 41 -44.68 -66.79 26.60
CA HIS R 41 -45.68 -66.91 27.65
C HIS R 41 -45.37 -65.99 28.82
N HIS R 42 -44.09 -65.82 29.17
CA HIS R 42 -43.70 -64.89 30.20
C HIS R 42 -44.08 -63.46 29.84
N VAL R 43 -43.84 -63.06 28.59
CA VAL R 43 -44.22 -61.72 28.14
C VAL R 43 -45.71 -61.53 28.26
N ARG R 44 -46.50 -62.53 27.86
CA ARG R 44 -47.95 -62.42 28.06
C ARG R 44 -48.31 -62.36 29.54
N MET R 45 -47.56 -63.07 30.38
CA MET R 45 -47.81 -63.06 31.83
C MET R 45 -47.51 -61.70 32.43
N LEU R 46 -46.61 -60.92 31.81
CA LEU R 46 -46.46 -59.53 32.22
C LEU R 46 -47.74 -58.74 32.03
N LEU R 47 -48.60 -59.15 31.09
CA LEU R 47 -49.89 -58.50 30.88
C LEU R 47 -51.00 -59.30 31.53
N ALA S 1 81.12 -16.38 7.27
CA ALA S 1 82.11 -15.41 7.73
C ALA S 1 83.49 -15.75 7.17
N MET S 2 84.03 -16.87 7.62
CA MET S 2 85.33 -17.35 7.19
C MET S 2 85.17 -18.57 6.29
N PRO S 3 86.10 -18.80 5.37
CA PRO S 3 86.06 -20.03 4.57
C PRO S 3 86.13 -21.26 5.46
N PHE S 4 85.33 -22.27 5.14
CA PHE S 4 85.34 -23.49 5.93
C PHE S 4 86.58 -24.29 5.57
N GLU S 5 87.62 -24.06 6.35
CA GLU S 5 88.88 -24.75 6.15
C GLU S 5 88.86 -26.21 6.60
N ILE S 6 89.39 -27.09 5.75
CA ILE S 6 89.53 -28.51 6.06
C ILE S 6 91.00 -28.87 5.98
N GLU S 7 91.49 -29.55 7.03
CA GLU S 7 92.88 -29.99 7.12
C GLU S 7 92.89 -31.51 7.21
N VAL S 8 93.46 -32.17 6.20
CA VAL S 8 93.58 -33.63 6.18
C VAL S 8 95.01 -34.01 6.53
N LEU S 9 95.16 -34.98 7.42
CA LEU S 9 96.48 -35.37 7.92
C LEU S 9 97.09 -36.38 6.96
N LEU S 10 98.16 -35.98 6.27
CA LEU S 10 98.93 -36.92 5.50
C LEU S 10 99.74 -37.81 6.44
N PRO S 11 99.76 -39.13 6.24
CA PRO S 11 100.47 -40.00 7.17
C PRO S 11 101.97 -39.76 7.21
N GLY S 12 102.56 -39.25 6.13
CA GLY S 12 103.99 -38.98 6.10
C GLY S 12 104.86 -40.18 5.79
N GLU S 13 104.28 -41.36 5.61
CA GLU S 13 105.02 -42.57 5.30
C GLU S 13 104.90 -42.98 3.84
N LEU S 14 104.34 -42.13 2.99
CA LEU S 14 104.23 -42.43 1.57
C LEU S 14 105.61 -42.40 0.93
N SER S 15 105.73 -43.12 -0.19
CA SER S 15 106.98 -43.11 -0.93
C SER S 15 107.21 -41.74 -1.54
N PRO S 16 108.48 -41.33 -1.69
CA PRO S 16 108.75 -39.99 -2.24
C PRO S 16 108.12 -39.75 -3.60
N ALA S 17 108.03 -40.77 -4.44
CA ALA S 17 107.42 -40.61 -5.76
C ALA S 17 105.93 -40.30 -5.71
N GLU S 18 105.22 -40.76 -4.68
CA GLU S 18 103.79 -40.51 -4.56
C GLU S 18 103.45 -39.13 -4.05
N THR S 19 104.37 -38.48 -3.33
CA THR S 19 104.13 -37.11 -2.89
C THR S 19 103.92 -36.20 -4.09
N SER S 20 104.70 -36.39 -5.15
CA SER S 20 104.50 -35.64 -6.38
C SER S 20 103.15 -35.97 -7.01
N ALA S 21 102.73 -37.23 -6.94
CA ALA S 21 101.43 -37.62 -7.49
C ALA S 21 100.30 -36.90 -6.76
N LEU S 22 100.39 -36.79 -5.44
CA LEU S 22 99.42 -35.98 -4.71
C LEU S 22 99.54 -34.51 -5.08
N GLN S 23 100.76 -34.02 -5.25
CA GLN S 23 100.98 -32.60 -5.52
C GLN S 23 100.34 -32.18 -6.83
N LYS S 24 100.49 -33.00 -7.88
CA LYS S 24 99.87 -32.65 -9.16
C LYS S 24 98.35 -32.68 -9.08
N CYS S 25 97.79 -33.41 -8.11
CA CYS S 25 96.36 -33.38 -7.83
C CYS S 25 96.06 -32.16 -6.97
N GLU S 26 96.19 -30.99 -7.59
CA GLU S 26 96.21 -29.74 -6.86
C GLU S 26 94.87 -29.01 -6.86
N GLY S 27 94.01 -29.29 -7.84
CA GLY S 27 92.73 -28.62 -7.92
C GLY S 27 91.60 -29.60 -8.18
N LYS S 28 91.72 -30.80 -7.63
CA LYS S 28 90.73 -31.84 -7.82
C LYS S 28 89.58 -31.68 -6.83
N ILE S 29 88.52 -32.45 -7.06
CA ILE S 29 87.31 -32.39 -6.25
C ILE S 29 87.23 -33.64 -5.39
N ILE S 30 86.92 -33.45 -4.11
CA ILE S 30 86.79 -34.55 -3.16
C ILE S 30 85.55 -34.32 -2.32
N THR S 31 84.84 -35.41 -2.00
CA THR S 31 83.60 -35.34 -1.25
C THR S 31 83.79 -35.84 0.17
N PHE S 32 83.05 -35.26 1.10
CA PHE S 32 83.09 -35.66 2.51
C PHE S 32 81.74 -36.23 2.90
N SER S 33 81.68 -36.75 4.12
CA SER S 33 80.42 -37.29 4.65
C SER S 33 79.70 -36.25 5.51
N THR S 34 80.42 -35.61 6.43
CA THR S 34 79.84 -34.55 7.26
C THR S 34 80.81 -33.39 7.43
N LEU S 35 81.66 -33.15 6.42
CA LEU S 35 82.67 -32.10 6.46
C LEU S 35 83.61 -32.26 7.65
N ARG S 36 83.47 -31.38 8.65
CA ARG S 36 84.29 -31.24 9.85
C ARG S 36 85.72 -30.85 9.48
N HIS S 37 86.36 -30.06 10.34
CA HIS S 37 87.62 -29.41 9.98
C HIS S 37 88.75 -30.41 9.88
N ARG S 38 88.87 -31.30 10.86
CA ARG S 38 89.88 -32.36 10.81
C ARG S 38 89.25 -33.63 10.26
N ALA S 39 89.82 -34.15 9.18
CA ALA S 39 89.34 -35.37 8.56
C ALA S 39 90.53 -36.20 8.08
N SER S 40 90.32 -37.51 8.04
CA SER S 40 91.35 -38.44 7.62
C SER S 40 91.14 -38.83 6.16
N LEU S 41 92.25 -39.16 5.48
CA LEU S 41 92.17 -39.54 4.08
C LEU S 41 91.44 -40.87 3.89
N VAL S 42 91.27 -41.65 4.96
CA VAL S 42 90.43 -42.84 4.86
C VAL S 42 88.97 -42.44 4.67
N ASP S 43 88.58 -41.27 5.17
CA ASP S 43 87.20 -40.81 5.05
C ASP S 43 86.89 -40.24 3.67
N ILE S 44 87.89 -40.09 2.80
CA ILE S 44 87.68 -39.53 1.47
C ILE S 44 87.99 -40.51 0.36
N ALA S 45 88.58 -41.66 0.67
CA ALA S 45 88.95 -42.61 -0.35
C ALA S 45 87.72 -43.38 -0.83
N LEU S 46 87.96 -44.37 -1.70
CA LEU S 46 86.88 -45.22 -2.19
C LEU S 46 86.25 -46.05 -1.08
N SER S 47 86.95 -46.27 0.03
CA SER S 47 86.37 -47.00 1.15
C SER S 47 85.14 -46.29 1.70
N SER S 48 85.20 -44.96 1.79
CA SER S 48 84.04 -44.20 2.23
C SER S 48 82.87 -44.31 1.25
N TYR S 49 83.13 -44.72 0.02
CA TYR S 49 82.08 -44.94 -0.97
C TYR S 49 81.50 -46.35 -0.92
N TYR S 50 82.09 -47.25 -0.11
CA TYR S 50 81.60 -48.62 -0.03
C TYR S 50 80.19 -48.63 0.55
N ILE S 51 79.24 -49.13 -0.23
CA ILE S 51 77.85 -49.23 0.21
C ILE S 51 77.53 -50.59 0.79
N ASN S 52 78.05 -51.65 0.19
CA ASN S 52 77.66 -53.02 0.53
C ASN S 52 78.88 -53.93 0.54
N GLY S 53 80.03 -53.40 0.91
CA GLY S 53 81.24 -54.18 0.95
C GLY S 53 81.83 -54.40 -0.43
N ALA S 54 81.23 -53.77 -1.44
CA ALA S 54 81.66 -53.87 -2.82
C ALA S 54 81.75 -52.46 -3.40
N PRO S 55 82.60 -52.26 -4.40
CA PRO S 55 82.69 -50.94 -5.04
C PRO S 55 81.34 -50.53 -5.61
N PRO S 56 80.89 -49.32 -5.31
CA PRO S 56 79.56 -48.88 -5.77
C PRO S 56 79.46 -48.87 -7.28
N ASP S 57 78.25 -49.17 -7.76
CA ASP S 57 77.94 -49.08 -9.17
C ASP S 57 77.71 -47.62 -9.56
N THR S 58 77.26 -47.41 -10.80
CA THR S 58 77.05 -46.04 -11.27
C THR S 58 75.89 -45.37 -10.53
N LEU S 59 74.74 -46.03 -10.44
CA LEU S 59 73.60 -45.43 -9.75
C LEU S 59 73.93 -45.11 -8.30
N SER S 60 74.55 -46.07 -7.61
CA SER S 60 74.91 -45.84 -6.21
C SER S 60 75.91 -44.70 -6.08
N LEU S 61 76.85 -44.58 -7.02
CA LEU S 61 77.83 -43.50 -6.94
C LEU S 61 77.18 -42.15 -7.24
N LEU S 62 76.20 -42.11 -8.14
CA LEU S 62 75.42 -40.90 -8.31
C LEU S 62 74.69 -40.51 -7.02
N GLU S 63 74.08 -41.49 -6.37
CA GLU S 63 73.39 -41.20 -5.10
C GLU S 63 74.38 -40.71 -4.06
N ALA S 64 75.57 -41.30 -4.01
CA ALA S 64 76.59 -40.86 -3.06
C ALA S 64 77.01 -39.42 -3.34
N TYR S 65 77.25 -39.09 -4.61
CA TYR S 65 77.65 -37.73 -4.95
C TYR S 65 76.54 -36.73 -4.63
N ARG S 66 75.28 -37.12 -4.81
CA ARG S 66 74.19 -36.24 -4.44
C ARG S 66 74.09 -36.07 -2.93
N MET S 67 74.28 -37.15 -2.18
CA MET S 67 74.13 -37.14 -0.73
C MET S 67 75.30 -36.47 -0.02
N ARG S 68 76.50 -36.59 -0.55
CA ARG S 68 77.70 -36.11 0.13
C ARG S 68 78.00 -34.66 -0.25
N PHE S 69 78.90 -34.04 0.50
CA PHE S 69 79.23 -32.63 0.36
C PHE S 69 80.58 -32.49 -0.34
N ALA S 70 80.61 -31.71 -1.41
CA ALA S 70 81.80 -31.57 -2.23
C ALA S 70 82.84 -30.68 -1.54
N ALA S 71 84.09 -30.88 -1.92
CA ALA S 71 85.19 -30.04 -1.45
C ALA S 71 86.30 -30.06 -2.50
N VAL S 72 87.15 -29.04 -2.45
CA VAL S 72 88.20 -28.84 -3.45
C VAL S 72 89.54 -28.67 -2.72
N ILE S 73 90.58 -29.32 -3.26
CA ILE S 73 91.92 -29.18 -2.72
C ILE S 73 92.57 -27.93 -3.31
N THR S 74 93.30 -27.17 -2.49
CA THR S 74 93.90 -25.93 -2.98
C THR S 74 95.41 -25.82 -2.76
N ARG S 75 95.97 -26.22 -1.62
CA ARG S 75 97.41 -26.42 -1.51
C ARG S 75 97.70 -27.81 -0.96
N VAL S 76 98.76 -28.43 -1.48
CA VAL S 76 99.28 -29.68 -0.94
C VAL S 76 100.74 -29.47 -0.59
N ILE S 77 101.02 -29.10 0.65
CA ILE S 77 102.40 -28.98 1.11
C ILE S 77 102.76 -30.33 1.74
N PRO S 78 104.04 -30.68 1.86
CA PRO S 78 104.39 -32.02 2.35
C PRO S 78 103.82 -32.31 3.73
N GLY S 79 102.99 -33.34 3.81
CA GLY S 79 102.41 -33.78 5.07
C GLY S 79 101.06 -33.16 5.40
N LYS S 80 100.59 -32.21 4.60
CA LYS S 80 99.37 -31.46 4.91
C LYS S 80 98.53 -31.30 3.65
N LEU S 81 97.22 -31.27 3.80
CA LEU S 81 96.29 -31.11 2.70
C LEU S 81 95.33 -29.97 3.01
N LEU S 82 95.12 -29.10 2.03
CA LEU S 82 94.25 -27.94 2.19
C LEU S 82 92.95 -28.23 1.45
N ALA S 83 91.82 -28.06 2.11
CA ALA S 83 90.54 -28.19 1.42
C ALA S 83 89.61 -27.06 1.84
N HIS S 84 88.73 -26.69 0.91
CA HIS S 84 87.70 -25.70 1.15
C HIS S 84 86.36 -26.30 0.80
N ALA S 85 85.32 -25.86 1.51
CA ALA S 85 83.99 -26.39 1.28
C ALA S 85 83.42 -25.85 -0.03
N ILE S 86 82.57 -26.66 -0.67
CA ILE S 86 81.90 -26.30 -1.91
C ILE S 86 80.41 -26.51 -1.72
N GLY S 87 79.62 -25.52 -2.12
CA GLY S 87 78.18 -25.61 -2.00
C GLY S 87 77.62 -25.27 -0.64
N VAL S 88 78.49 -25.14 0.37
CA VAL S 88 78.03 -24.73 1.69
C VAL S 88 77.50 -23.31 1.66
N GLY S 89 78.18 -22.41 0.95
CA GLY S 89 77.87 -21.00 0.96
C GLY S 89 78.92 -20.15 1.65
N THR S 90 79.86 -20.77 2.35
CA THR S 90 80.96 -20.02 2.94
C THR S 90 81.81 -19.39 1.84
N PRO S 91 82.25 -18.16 2.01
CA PRO S 91 83.09 -17.54 0.99
C PRO S 91 84.48 -18.16 0.97
N THR S 92 85.00 -18.33 -0.23
CA THR S 92 86.31 -18.93 -0.44
C THR S 92 87.08 -18.02 -1.39
N PRO S 93 88.12 -17.32 -0.92
CA PRO S 93 88.88 -16.44 -1.81
C PRO S 93 89.83 -17.24 -2.69
N GLY S 94 89.85 -16.93 -3.98
CA GLY S 94 90.80 -17.55 -4.89
C GLY S 94 90.54 -19.02 -5.16
N LEU S 95 89.42 -19.33 -5.80
CA LEU S 95 89.12 -20.71 -6.17
C LEU S 95 89.79 -21.05 -7.48
N PHE S 96 90.16 -22.32 -7.60
CA PHE S 96 90.71 -22.83 -8.84
C PHE S 96 90.49 -24.33 -8.88
N ILE S 97 90.22 -24.85 -10.08
CA ILE S 97 90.03 -26.27 -10.29
C ILE S 97 90.73 -26.67 -11.58
N GLN S 98 90.99 -27.96 -11.72
CA GLN S 98 91.55 -28.53 -12.94
C GLN S 98 90.50 -29.44 -13.56
N ASN S 99 90.22 -29.23 -14.85
CA ASN S 99 89.21 -30.05 -15.52
C ASN S 99 89.76 -31.44 -15.82
N THR S 100 89.13 -32.44 -15.23
CA THR S 100 89.46 -33.84 -15.50
C THR S 100 88.71 -34.39 -16.69
N SER S 101 87.77 -33.63 -17.26
CA SER S 101 87.04 -34.09 -18.42
C SER S 101 87.93 -34.06 -19.65
N PRO S 102 87.66 -34.93 -20.64
CA PRO S 102 88.42 -34.89 -21.89
C PRO S 102 87.97 -33.82 -22.86
N VAL S 103 87.14 -32.88 -22.41
CA VAL S 103 86.54 -31.89 -23.30
C VAL S 103 86.99 -30.50 -22.88
N ASP S 104 87.15 -29.63 -23.87
CA ASP S 104 87.59 -28.26 -23.63
C ASP S 104 86.54 -27.49 -22.84
N LEU S 105 87.01 -26.54 -22.04
CA LEU S 105 86.16 -25.65 -21.29
C LEU S 105 86.27 -24.25 -21.87
N CYS S 106 85.14 -23.55 -21.93
CA CYS S 106 85.10 -22.15 -22.31
C CYS S 106 84.73 -21.31 -21.10
N ASN S 107 85.12 -20.04 -21.14
CA ASN S 107 84.72 -19.16 -20.06
C ASN S 107 83.22 -18.95 -20.11
N GLY S 108 82.59 -18.94 -18.93
CA GLY S 108 81.16 -18.74 -18.82
C GLY S 108 80.34 -20.00 -18.71
N ASP S 109 80.91 -21.17 -18.93
CA ASP S 109 80.15 -22.39 -18.74
C ASP S 109 79.90 -22.65 -17.26
N TYR S 110 78.94 -23.51 -16.98
CA TYR S 110 78.75 -24.02 -15.63
C TYR S 110 79.47 -25.35 -15.50
N ILE S 111 79.52 -25.86 -14.28
CA ILE S 111 80.23 -27.09 -13.97
C ILE S 111 79.26 -28.08 -13.34
N CYS S 112 79.24 -29.29 -13.88
CA CYS S 112 78.44 -30.39 -13.34
C CYS S 112 79.37 -31.56 -13.05
N LEU S 113 79.14 -32.22 -11.91
CA LEU S 113 79.96 -33.35 -11.50
C LEU S 113 79.19 -34.64 -11.66
N LEU S 114 79.83 -35.62 -12.30
CA LEU S 114 79.34 -36.99 -12.37
C LEU S 114 80.53 -37.93 -12.29
N PRO S 115 80.35 -39.13 -11.77
CA PRO S 115 81.48 -40.04 -11.58
C PRO S 115 82.07 -40.46 -12.91
N PRO S 116 83.36 -40.75 -12.95
CA PRO S 116 83.99 -41.16 -14.21
C PRO S 116 83.36 -42.43 -14.75
N VAL S 117 83.13 -42.43 -16.07
CA VAL S 117 82.56 -43.57 -16.76
C VAL S 117 83.42 -43.88 -17.97
N TYR S 118 84.59 -43.24 -18.02
CA TYR S 118 85.53 -43.40 -19.13
C TYR S 118 86.66 -44.36 -18.79
N GLY S 119 86.41 -45.29 -17.88
CA GLY S 119 87.38 -46.28 -17.49
C GLY S 119 88.20 -45.96 -16.25
N SER S 120 87.81 -44.95 -15.47
CA SER S 120 88.54 -44.54 -14.27
C SER S 120 89.99 -44.22 -14.59
N ALA S 121 90.18 -43.22 -15.45
CA ALA S 121 91.51 -42.91 -15.96
C ALA S 121 92.44 -42.43 -14.86
N ASP S 122 92.00 -41.47 -14.04
CA ASP S 122 92.86 -40.92 -13.00
C ASP S 122 93.24 -41.98 -11.97
N SER S 123 92.25 -42.45 -11.22
CA SER S 123 92.38 -43.58 -10.29
C SER S 123 93.69 -43.51 -9.49
N ILE S 124 93.83 -42.42 -8.73
CA ILE S 124 95.03 -42.25 -7.91
C ILE S 124 95.09 -43.37 -6.88
N ARG S 125 96.13 -44.20 -7.00
CA ARG S 125 96.29 -45.39 -6.17
C ARG S 125 97.39 -45.13 -5.14
N LEU S 126 97.09 -45.38 -3.87
CA LEU S 126 98.05 -45.25 -2.78
C LEU S 126 98.38 -46.66 -2.29
N ASP S 127 99.43 -47.25 -2.85
CA ASP S 127 99.79 -48.61 -2.48
C ASP S 127 100.34 -48.70 -1.06
N SER S 128 101.07 -47.68 -0.62
CA SER S 128 101.69 -47.73 0.69
C SER S 128 100.63 -47.81 1.79
N VAL S 129 99.67 -46.89 1.79
CA VAL S 129 98.56 -46.99 2.73
C VAL S 129 97.62 -48.14 2.36
N GLY S 130 97.31 -48.28 1.07
CA GLY S 130 96.40 -49.31 0.63
C GLY S 130 94.99 -48.79 0.38
N LEU S 131 94.90 -47.62 -0.25
CA LEU S 131 93.61 -46.97 -0.49
C LEU S 131 93.52 -46.51 -1.93
N GLU S 132 92.31 -46.16 -2.35
CA GLU S 132 92.03 -45.75 -3.71
C GLU S 132 91.33 -44.39 -3.70
N ILE S 133 91.79 -43.48 -4.55
CA ILE S 133 91.21 -42.15 -4.69
C ILE S 133 90.64 -42.02 -6.09
N VAL S 134 89.39 -41.61 -6.19
CA VAL S 134 88.71 -41.37 -7.45
C VAL S 134 88.22 -39.93 -7.48
N PHE S 135 88.42 -39.27 -8.61
CA PHE S 135 88.02 -37.88 -8.75
C PHE S 135 86.87 -37.75 -9.73
N PRO S 136 85.82 -37.02 -9.40
CA PRO S 136 84.69 -36.86 -10.34
C PRO S 136 85.11 -36.08 -11.57
N LEU S 137 84.43 -36.37 -12.68
CA LEU S 137 84.70 -35.67 -13.93
C LEU S 137 83.91 -34.37 -13.98
N THR S 138 84.54 -33.31 -14.48
CA THR S 138 83.93 -31.98 -14.51
C THR S 138 83.43 -31.71 -15.91
N ILE S 139 82.15 -31.98 -16.13
CA ILE S 139 81.50 -31.79 -17.42
C ILE S 139 80.66 -30.51 -17.36
N PRO S 140 80.76 -29.63 -18.34
CA PRO S 140 79.95 -28.40 -18.32
C PRO S 140 78.48 -28.71 -18.53
N GLN S 141 77.65 -27.73 -18.20
CA GLN S 141 76.23 -27.83 -18.49
C GLN S 141 76.02 -27.83 -20.01
N THR S 142 74.79 -28.16 -20.41
CA THR S 142 74.41 -28.40 -21.80
C THR S 142 75.17 -29.57 -22.42
N LEU S 143 75.92 -30.31 -21.61
CA LEU S 143 76.68 -31.46 -22.09
C LEU S 143 76.29 -32.70 -21.29
N MET S 144 75.90 -32.49 -20.03
CA MET S 144 75.64 -33.62 -19.14
C MET S 144 74.53 -34.51 -19.67
N ARG S 145 73.43 -33.92 -20.10
CA ARG S 145 72.30 -34.71 -20.61
C ARG S 145 72.72 -35.56 -21.80
N GLU S 146 73.41 -34.95 -22.76
CA GLU S 146 73.83 -35.67 -23.96
C GLU S 146 74.78 -36.80 -23.64
N ILE S 147 75.78 -36.56 -22.78
CA ILE S 147 76.78 -37.58 -22.50
C ILE S 147 76.17 -38.72 -21.70
N ILE S 148 75.28 -38.43 -20.75
CA ILE S 148 74.67 -39.52 -19.99
C ILE S 148 73.73 -40.32 -20.89
N ALA S 149 73.03 -39.65 -21.80
CA ALA S 149 72.18 -40.37 -22.75
C ALA S 149 73.03 -41.28 -23.64
N LYS S 150 74.17 -40.78 -24.11
CA LYS S 150 75.05 -41.62 -24.93
C LYS S 150 75.60 -42.80 -24.13
N VAL S 151 75.98 -42.57 -22.87
CA VAL S 151 76.51 -43.64 -22.05
C VAL S 151 75.47 -44.73 -21.85
N VAL S 152 74.24 -44.34 -21.50
CA VAL S 152 73.20 -45.34 -21.28
C VAL S 152 72.84 -46.05 -22.59
N ALA S 153 72.84 -45.33 -23.71
CA ALA S 153 72.55 -45.95 -25.00
C ALA S 153 73.59 -47.01 -25.34
N ARG S 154 74.87 -46.65 -25.21
CA ARG S 154 75.92 -47.62 -25.52
C ARG S 154 75.90 -48.79 -24.54
N ALA S 155 75.57 -48.54 -23.27
CA ALA S 155 75.47 -49.62 -22.31
C ALA S 155 74.35 -50.59 -22.70
N VAL S 156 73.21 -50.06 -23.13
CA VAL S 156 72.11 -50.92 -23.54
C VAL S 156 72.49 -51.72 -24.79
N GLU S 157 73.12 -51.06 -25.78
CA GLU S 157 73.46 -51.74 -27.02
C GLU S 157 74.53 -52.79 -26.81
N ASP S 158 75.45 -52.58 -25.86
CA ASP S 158 76.55 -53.51 -25.64
C ASP S 158 76.07 -54.89 -25.22
N LEU S 159 74.90 -54.99 -24.59
CA LEU S 159 74.37 -56.27 -24.16
C LEU S 159 73.67 -56.98 -25.31
N ASN S 160 82.37 -51.97 -18.02
CA ASN S 160 80.92 -52.11 -18.09
C ASN S 160 80.36 -52.64 -16.77
N LEU S 161 80.11 -51.73 -15.84
CA LEU S 161 79.57 -52.07 -14.53
C LEU S 161 78.23 -51.38 -14.25
N MET S 162 77.65 -50.73 -15.24
CA MET S 162 76.44 -49.93 -15.06
C MET S 162 75.16 -50.71 -15.34
N PHE S 163 75.18 -52.02 -15.11
CA PHE S 163 73.98 -52.83 -15.36
C PHE S 163 72.81 -52.37 -14.50
N SER S 164 73.07 -51.71 -13.37
CA SER S 164 71.99 -51.25 -12.51
C SER S 164 71.11 -50.22 -13.21
N ILE S 165 71.74 -49.24 -13.88
CA ILE S 165 70.96 -48.20 -14.54
C ILE S 165 70.19 -48.77 -15.73
N ASN S 166 70.81 -49.71 -16.45
CA ASN S 166 70.10 -50.36 -17.56
C ASN S 166 68.89 -51.12 -17.07
N GLU S 167 69.05 -51.89 -15.99
CA GLU S 167 67.93 -52.61 -15.43
C GLU S 167 66.84 -51.65 -14.95
N GLY S 168 67.24 -50.56 -14.29
CA GLY S 168 66.26 -49.60 -13.80
C GLY S 168 65.47 -48.96 -14.92
N CYS S 169 66.16 -48.51 -15.98
CA CYS S 169 65.46 -47.87 -17.08
C CYS S 169 64.56 -48.86 -17.82
N LEU S 170 65.03 -50.10 -18.00
CA LEU S 170 64.20 -51.10 -18.68
C LEU S 170 62.95 -51.42 -17.87
N LEU S 171 63.09 -51.62 -16.56
CA LEU S 171 61.96 -52.03 -15.74
C LEU S 171 60.92 -50.92 -15.66
N ILE S 172 61.36 -49.69 -15.39
CA ILE S 172 60.43 -48.59 -15.16
C ILE S 172 59.72 -48.20 -16.46
N LEU S 173 60.45 -48.19 -17.57
CA LEU S 173 59.92 -47.60 -18.80
C LEU S 173 59.18 -48.59 -19.68
N ALA S 174 59.48 -49.89 -19.58
CA ALA S 174 58.91 -50.88 -20.47
C ALA S 174 57.96 -51.84 -19.75
N LEU S 175 58.43 -52.50 -18.69
CA LEU S 175 57.64 -53.58 -18.09
C LEU S 175 56.35 -53.05 -17.47
N ILE S 176 56.42 -51.91 -16.80
CA ILE S 176 55.23 -51.33 -16.16
C ILE S 176 54.35 -50.63 -17.19
N PRO S 177 54.86 -49.71 -18.01
CA PRO S 177 53.97 -49.05 -18.99
C PRO S 177 53.73 -49.96 -20.18
N ARG S 178 52.46 -50.32 -20.40
CA ARG S 178 52.10 -51.25 -21.47
C ARG S 178 51.74 -50.55 -22.77
N LEU S 179 52.29 -49.34 -23.01
CA LEU S 179 52.13 -48.56 -24.23
C LEU S 179 50.68 -48.13 -24.48
N LEU S 180 49.77 -48.35 -23.53
CA LEU S 180 48.39 -47.91 -23.69
C LEU S 180 47.98 -47.11 -22.46
N ALA S 181 48.83 -46.17 -22.06
CA ALA S 181 48.63 -45.39 -20.84
C ALA S 181 48.44 -46.33 -19.65
N LEU S 182 49.46 -47.16 -19.43
CA LEU S 182 49.48 -48.21 -18.41
C LEU S 182 48.44 -49.29 -18.66
N LEU S 183 47.84 -49.33 -19.86
CA LEU S 183 46.80 -50.29 -20.20
C LEU S 183 45.64 -50.25 -19.21
N ILE S 184 45.31 -49.04 -18.74
CA ILE S 184 44.26 -48.86 -17.76
C ILE S 184 43.72 -47.45 -17.85
N PRO S 185 44.59 -46.42 -17.81
CA PRO S 185 44.09 -45.04 -17.91
C PRO S 185 43.36 -44.74 -19.20
N ARG S 186 43.78 -45.35 -20.33
CA ARG S 186 43.09 -45.10 -21.59
C ARG S 186 41.64 -45.55 -21.54
N LEU S 187 41.39 -46.74 -20.98
CA LEU S 187 40.02 -47.21 -20.84
C LEU S 187 39.28 -46.49 -19.72
N LEU S 188 39.98 -46.15 -18.63
CA LEU S 188 39.34 -45.49 -17.51
C LEU S 188 38.82 -44.10 -17.91
N ALA S 189 39.62 -43.35 -18.66
CA ALA S 189 39.23 -42.01 -19.09
C ALA S 189 38.26 -42.03 -20.26
N LEU S 190 38.00 -43.18 -20.85
CA LEU S 190 37.06 -43.29 -21.96
C LEU S 190 35.62 -43.27 -21.46
N VAL S 191 52.04 -33.89 -29.05
CA VAL S 191 51.78 -35.20 -29.63
C VAL S 191 50.43 -35.73 -29.13
N THR S 192 49.37 -34.96 -29.35
CA THR S 192 48.04 -35.38 -28.95
C THR S 192 47.43 -36.34 -29.96
N ARG S 193 47.82 -37.60 -29.88
CA ARG S 193 47.34 -38.63 -30.80
C ARG S 193 46.94 -39.86 -30.01
N GLU S 194 45.97 -40.60 -30.56
CA GLU S 194 45.47 -41.83 -29.94
C GLU S 194 45.68 -43.06 -30.80
N ALA S 195 45.49 -42.96 -32.11
CA ALA S 195 45.68 -44.08 -33.02
C ALA S 195 47.17 -44.22 -33.32
N ALA S 196 47.50 -45.04 -34.33
CA ALA S 196 48.87 -45.27 -34.76
C ALA S 196 49.70 -45.90 -33.65
N GLN S 197 49.87 -45.16 -32.54
CA GLN S 197 50.59 -45.70 -31.39
C GLN S 197 49.88 -46.91 -30.82
N LEU S 198 48.54 -46.85 -30.74
CA LEU S 198 47.78 -47.96 -30.16
C LEU S 198 47.90 -49.22 -31.01
N ILE S 199 47.85 -49.07 -32.34
CA ILE S 199 47.89 -50.25 -33.22
C ILE S 199 49.21 -50.98 -33.06
N HIS S 200 50.33 -50.25 -33.07
CA HIS S 200 51.62 -50.87 -32.81
C HIS S 200 51.69 -51.49 -31.42
N PRO S 201 51.18 -50.85 -30.36
CA PRO S 201 51.29 -51.45 -29.02
C PRO S 201 50.64 -52.81 -28.90
N GLU S 202 49.51 -53.04 -29.59
CA GLU S 202 48.82 -54.32 -29.49
C GLU S 202 49.68 -55.45 -30.05
N ALA S 203 50.33 -55.23 -31.19
CA ALA S 203 51.22 -56.24 -31.75
C ALA S 203 52.39 -56.54 -30.82
N PRO S 204 53.09 -55.56 -30.25
CA PRO S 204 54.23 -55.85 -29.37
C PRO S 204 53.77 -56.25 -27.99
N MET S 205 53.96 -57.53 -27.65
CA MET S 205 53.61 -58.04 -26.32
C MET S 205 54.52 -59.23 -26.03
N LEU S 206 55.57 -58.99 -25.24
CA LEU S 206 56.54 -60.03 -24.92
C LEU S 206 56.19 -60.79 -23.65
N MET S 207 55.14 -60.40 -22.94
CA MET S 207 54.76 -61.07 -21.70
C MET S 207 53.29 -60.81 -21.38
N LEU S 208 42.64 -53.33 -8.32
CA LEU S 208 43.63 -53.29 -7.24
C LEU S 208 45.08 -53.28 -7.74
N PRO S 209 45.44 -54.16 -8.68
CA PRO S 209 46.82 -54.10 -9.21
C PRO S 209 47.16 -52.78 -9.89
N ILE S 210 46.17 -52.09 -10.45
CA ILE S 210 46.42 -50.81 -11.10
C ILE S 210 46.94 -49.80 -10.09
N TYR S 211 46.32 -49.75 -8.91
CA TYR S 211 46.80 -48.93 -7.80
C TYR S 211 48.29 -49.11 -7.56
N GLU S 212 48.68 -50.35 -7.25
CA GLU S 212 50.08 -50.62 -6.92
C GLU S 212 51.01 -50.33 -8.08
N THR S 213 50.62 -50.73 -9.30
CA THR S 213 51.51 -50.54 -10.44
C THR S 213 51.72 -49.06 -10.73
N ILE S 214 50.66 -48.24 -10.66
CA ILE S 214 50.83 -46.84 -10.96
C ILE S 214 51.63 -46.14 -9.86
N SER S 215 51.38 -46.50 -8.60
CA SER S 215 52.13 -45.88 -7.52
C SER S 215 53.62 -46.23 -7.62
N SER S 216 53.93 -47.50 -7.85
CA SER S 216 55.32 -47.92 -7.98
C SER S 216 55.97 -47.25 -9.18
N TRP S 217 55.26 -47.19 -10.31
CA TRP S 217 55.83 -46.58 -11.50
C TRP S 217 56.15 -45.11 -11.26
N ILE S 218 55.20 -44.35 -10.72
CA ILE S 218 55.43 -42.92 -10.54
C ILE S 218 56.54 -42.69 -9.54
N SER S 219 56.56 -43.43 -8.43
CA SER S 219 57.61 -43.24 -7.44
C SER S 219 58.99 -43.56 -8.02
N THR S 220 59.11 -44.72 -8.68
CA THR S 220 60.40 -45.13 -9.22
C THR S 220 60.86 -44.17 -10.31
N SER S 221 59.95 -43.76 -11.20
CA SER S 221 60.31 -42.84 -12.27
C SER S 221 60.78 -41.50 -11.71
N SER S 222 60.04 -40.95 -10.75
CA SER S 222 60.40 -39.65 -10.21
C SER S 222 61.72 -39.72 -9.45
N ARG S 223 61.94 -40.81 -8.70
CA ARG S 223 63.21 -40.94 -7.99
C ARG S 223 64.38 -41.12 -8.95
N LEU S 224 64.18 -41.89 -10.04
CA LEU S 224 65.22 -42.03 -11.04
C LEU S 224 65.54 -40.70 -11.70
N GLY S 225 64.51 -39.90 -11.98
CA GLY S 225 64.75 -38.57 -12.52
C GLY S 225 65.48 -37.67 -11.55
N ASP S 226 65.13 -37.76 -10.26
CA ASP S 226 65.76 -36.93 -9.25
C ASP S 226 67.24 -37.29 -9.09
N THR S 227 67.56 -38.58 -8.94
CA THR S 227 68.95 -38.97 -8.78
C THR S 227 69.77 -38.66 -10.04
N LEU S 228 69.17 -38.75 -11.22
CA LEU S 228 69.82 -38.28 -12.43
C LEU S 228 69.39 -36.86 -12.71
N GLY S 229 69.51 -36.00 -11.70
CA GLY S 229 69.08 -34.61 -11.81
C GLY S 229 70.02 -33.65 -11.12
N THR S 230 71.31 -33.96 -11.11
CA THR S 230 72.28 -33.08 -10.46
C THR S 230 72.36 -31.74 -11.16
N ARG S 231 72.58 -30.68 -10.38
CA ARG S 231 72.57 -29.32 -10.89
C ARG S 231 73.97 -28.73 -10.89
N ALA S 232 74.12 -27.63 -11.62
CA ALA S 232 75.41 -26.96 -11.73
C ALA S 232 75.84 -26.38 -10.39
N ILE S 233 77.14 -26.46 -10.11
CA ILE S 233 77.69 -26.03 -8.84
C ILE S 233 78.72 -24.91 -9.01
N LEU S 234 79.55 -24.98 -10.04
CA LEU S 234 80.62 -24.01 -10.22
C LEU S 234 80.49 -23.29 -11.56
N ARG S 235 81.06 -22.09 -11.59
CA ARG S 235 81.06 -21.23 -12.76
C ARG S 235 82.50 -20.88 -13.10
N VAL S 236 82.96 -21.31 -14.28
CA VAL S 236 84.30 -20.95 -14.73
C VAL S 236 84.29 -19.47 -15.12
N CYS S 237 85.04 -18.66 -14.37
CA CYS S 237 85.01 -17.21 -14.54
C CYS S 237 86.46 -16.72 -14.56
N VAL S 238 87.01 -16.60 -15.75
CA VAL S 238 88.43 -16.31 -15.93
C VAL S 238 88.62 -14.81 -16.16
N PHE S 239 89.48 -14.20 -15.36
CA PHE S 239 89.84 -12.79 -15.52
C PHE S 239 91.30 -12.71 -15.96
N ASP S 240 91.53 -12.04 -17.09
CA ASP S 240 92.87 -11.85 -17.64
C ASP S 240 93.58 -13.20 -17.82
N GLY S 241 92.97 -14.04 -18.65
CA GLY S 241 93.50 -15.35 -18.92
C GLY S 241 92.92 -15.94 -20.19
N PRO S 242 93.29 -17.18 -20.50
CA PRO S 242 92.80 -17.81 -21.73
C PRO S 242 91.30 -18.07 -21.66
N SER S 243 90.62 -17.78 -22.77
CA SER S 243 89.19 -18.02 -22.85
C SER S 243 88.88 -19.51 -22.78
N THR S 244 89.68 -20.34 -23.42
CA THR S 244 89.48 -21.77 -23.44
C THR S 244 90.37 -22.46 -22.41
N VAL S 245 89.84 -23.50 -21.80
CA VAL S 245 90.54 -24.27 -20.77
C VAL S 245 90.53 -25.72 -21.21
N HIS S 246 91.62 -26.15 -21.84
CA HIS S 246 91.75 -27.52 -22.31
C HIS S 246 91.94 -28.47 -21.12
N PRO S 247 91.73 -29.76 -21.33
CA PRO S 247 92.01 -30.72 -20.25
C PRO S 247 93.44 -30.61 -19.78
N GLY S 248 93.62 -30.72 -18.46
CA GLY S 248 94.92 -30.55 -17.85
C GLY S 248 95.28 -29.11 -17.51
N ASP S 249 94.39 -28.16 -17.76
CA ASP S 249 94.68 -26.75 -17.54
C ASP S 249 94.12 -26.28 -16.20
N ARG S 250 94.47 -25.06 -15.84
CA ARG S 250 94.03 -24.44 -14.59
C ARG S 250 93.07 -23.30 -14.88
N THR S 251 92.03 -23.20 -14.06
CA THR S 251 91.02 -22.16 -14.27
C THR S 251 90.47 -21.70 -12.93
N ALA S 252 90.01 -20.45 -12.89
CA ALA S 252 89.37 -19.91 -11.70
C ALA S 252 87.87 -20.05 -11.81
N VAL S 253 87.21 -20.32 -10.68
CA VAL S 253 85.78 -20.54 -10.63
C VAL S 253 85.18 -19.77 -9.47
N ILE S 254 83.86 -19.56 -9.55
CA ILE S 254 83.10 -18.92 -8.50
C ILE S 254 81.89 -19.80 -8.18
N GLN S 255 81.54 -19.84 -6.90
CA GLN S 255 80.43 -20.69 -6.46
C GLN S 255 79.12 -20.14 -6.99
N VAL S 256 78.20 -21.06 -7.29
CA VAL S 256 76.88 -20.71 -7.80
C VAL S 256 75.83 -21.70 -7.28
N ALA T 1 37.13 -25.03 68.08
CA ALA T 1 38.18 -24.02 68.06
C ALA T 1 38.29 -23.37 66.68
N MET T 2 38.95 -24.07 65.76
CA MET T 2 39.11 -23.60 64.40
C MET T 2 38.48 -24.58 63.42
N PRO T 3 38.05 -24.12 62.25
CA PRO T 3 37.51 -25.04 61.25
C PRO T 3 38.55 -26.09 60.87
N PHE T 4 38.07 -27.31 60.65
CA PHE T 4 38.95 -28.41 60.28
C PHE T 4 39.20 -28.37 58.78
N GLU T 5 40.24 -27.63 58.40
CA GLU T 5 40.57 -27.49 56.99
C GLU T 5 41.20 -28.76 56.45
N ILE T 6 40.74 -29.17 55.27
CA ILE T 6 41.19 -30.40 54.62
C ILE T 6 41.64 -30.04 53.22
N GLU T 7 42.86 -30.44 52.87
CA GLU T 7 43.48 -30.11 51.59
C GLU T 7 43.73 -31.42 50.85
N VAL T 8 43.28 -31.46 49.60
CA VAL T 8 43.51 -32.61 48.73
C VAL T 8 44.38 -32.16 47.57
N LEU T 9 45.45 -32.91 47.30
CA LEU T 9 46.47 -32.48 46.35
C LEU T 9 46.13 -33.03 44.98
N LEU T 10 45.87 -32.14 44.03
CA LEU T 10 45.63 -32.57 42.66
C LEU T 10 46.93 -33.06 42.03
N PRO T 11 46.91 -34.20 41.34
CA PRO T 11 48.11 -34.65 40.61
C PRO T 11 48.65 -33.60 39.65
N GLY T 12 47.79 -32.77 39.06
CA GLY T 12 48.23 -31.74 38.14
C GLY T 12 48.35 -32.19 36.70
N GLU T 13 48.09 -33.46 36.40
CA GLU T 13 48.10 -33.96 35.04
C GLU T 13 46.71 -34.04 34.44
N LEU T 14 45.70 -33.48 35.11
CA LEU T 14 44.34 -33.51 34.62
C LEU T 14 44.22 -32.66 33.35
N SER T 15 43.31 -33.09 32.46
CA SER T 15 43.09 -32.36 31.23
C SER T 15 42.54 -30.97 31.52
N PRO T 16 42.96 -29.97 30.73
CA PRO T 16 42.45 -28.61 30.96
C PRO T 16 40.94 -28.49 30.91
N ALA T 17 40.27 -29.24 30.04
CA ALA T 17 38.82 -29.18 29.93
C ALA T 17 38.12 -29.80 31.13
N GLU T 18 38.67 -30.84 31.73
CA GLU T 18 38.10 -31.43 32.93
C GLU T 18 38.43 -30.65 34.19
N THR T 19 39.52 -29.89 34.17
CA THR T 19 39.84 -28.99 35.29
C THR T 19 38.67 -28.04 35.55
N SER T 20 38.14 -27.43 34.49
CA SER T 20 36.98 -26.56 34.63
C SER T 20 35.79 -27.34 35.17
N ALA T 21 35.67 -28.61 34.79
CA ALA T 21 34.65 -29.46 35.39
C ALA T 21 34.87 -29.63 36.88
N LEU T 22 36.11 -29.44 37.34
CA LEU T 22 36.35 -29.52 38.78
C LEU T 22 36.01 -28.22 39.50
N GLN T 23 36.27 -27.06 38.89
CA GLN T 23 35.82 -25.85 39.58
C GLN T 23 34.30 -25.76 39.60
N LYS T 24 33.63 -26.19 38.53
CA LYS T 24 32.17 -26.16 38.58
C LYS T 24 31.66 -27.09 39.69
N CYS T 25 32.50 -28.03 40.14
CA CYS T 25 32.26 -28.75 41.38
C CYS T 25 32.80 -27.90 42.53
N GLU T 26 31.98 -26.94 42.94
CA GLU T 26 32.43 -25.90 43.84
C GLU T 26 31.85 -26.03 45.24
N GLY T 27 30.65 -26.60 45.39
CA GLY T 27 30.04 -26.68 46.70
C GLY T 27 29.31 -27.97 47.02
N LYS T 28 29.65 -29.06 46.33
CA LYS T 28 29.05 -30.35 46.63
C LYS T 28 29.78 -31.02 47.79
N ILE T 29 29.29 -32.20 48.15
CA ILE T 29 29.67 -32.88 49.39
C ILE T 29 30.52 -34.09 49.08
N ILE T 30 31.59 -34.27 49.85
CA ILE T 30 32.51 -35.39 49.69
C ILE T 30 32.69 -36.08 51.04
N THR T 31 32.79 -37.41 51.02
CA THR T 31 32.87 -38.20 52.24
C THR T 31 34.29 -38.68 52.49
N PHE T 32 34.64 -38.79 53.76
CA PHE T 32 35.98 -39.19 54.19
C PHE T 32 35.90 -40.40 55.12
N SER T 33 37.03 -41.06 55.30
CA SER T 33 37.10 -42.24 56.16
C SER T 33 37.64 -41.92 57.55
N THR T 34 38.75 -41.18 57.64
CA THR T 34 39.35 -40.86 58.93
C THR T 34 39.79 -39.41 59.00
N LEU T 35 39.08 -38.51 58.32
CA LEU T 35 39.36 -37.09 58.31
C LEU T 35 40.80 -36.80 57.86
N ARG T 36 41.61 -36.25 58.75
CA ARG T 36 43.01 -35.92 58.50
C ARG T 36 43.13 -34.73 57.54
N HIS T 37 44.10 -33.86 57.78
CA HIS T 37 44.24 -32.64 56.97
C HIS T 37 44.61 -32.96 55.53
N ARG T 38 45.63 -33.79 55.33
CA ARG T 38 46.10 -34.12 53.99
C ARG T 38 45.41 -35.39 53.50
N ALA T 39 44.86 -35.32 52.29
CA ALA T 39 44.19 -36.46 51.68
C ALA T 39 44.41 -36.44 50.18
N SER T 40 44.24 -37.60 49.55
CA SER T 40 44.38 -37.75 48.11
C SER T 40 43.03 -37.97 47.47
N LEU T 41 42.96 -37.71 46.16
CA LEU T 41 41.71 -37.90 45.42
C LEU T 41 41.21 -39.33 45.50
N VAL T 42 42.11 -40.30 45.64
CA VAL T 42 41.71 -41.70 45.66
C VAL T 42 40.84 -42.01 46.87
N ASP T 43 40.97 -41.23 47.95
CA ASP T 43 40.19 -41.47 49.15
C ASP T 43 38.75 -40.99 49.03
N ILE T 44 38.45 -40.12 48.07
CA ILE T 44 37.12 -39.53 47.95
C ILE T 44 36.33 -40.09 46.79
N ALA T 45 36.98 -40.78 45.85
CA ALA T 45 36.31 -41.28 44.66
C ALA T 45 35.51 -42.55 44.99
N LEU T 46 34.99 -43.18 43.95
CA LEU T 46 34.34 -44.48 44.12
C LEU T 46 35.30 -45.57 44.55
N SER T 47 36.61 -45.32 44.46
CA SER T 47 37.59 -46.32 44.89
C SER T 47 37.38 -46.69 46.35
N SER T 48 37.09 -45.71 47.20
CA SER T 48 36.83 -45.98 48.61
C SER T 48 35.50 -46.70 48.82
N TYR T 49 34.65 -46.77 47.79
CA TYR T 49 33.28 -47.24 47.96
C TYR T 49 33.08 -48.70 47.54
N TYR T 50 34.11 -49.37 47.03
CA TYR T 50 33.98 -50.79 46.73
C TYR T 50 33.76 -51.59 48.01
N ILE T 51 32.82 -52.53 47.95
CA ILE T 51 32.53 -53.40 49.08
C ILE T 51 33.05 -54.81 48.85
N ASN T 52 32.96 -55.31 47.63
CA ASN T 52 33.41 -56.66 47.31
C ASN T 52 34.20 -56.62 46.00
N GLY T 53 34.91 -55.52 45.76
CA GLY T 53 35.60 -55.34 44.50
C GLY T 53 34.64 -54.96 43.40
N ALA T 54 33.42 -54.63 43.76
CA ALA T 54 32.35 -54.25 42.85
C ALA T 54 31.71 -52.97 43.35
N PRO T 55 31.12 -52.18 42.47
CA PRO T 55 30.43 -50.96 42.90
C PRO T 55 29.34 -51.30 43.90
N PRO T 56 29.19 -50.50 44.95
CA PRO T 56 28.24 -50.85 46.01
C PRO T 56 26.79 -50.78 45.54
N ASP T 57 25.95 -51.60 46.14
CA ASP T 57 24.53 -51.55 45.91
C ASP T 57 23.93 -50.35 46.65
N THR T 58 22.60 -50.23 46.60
CA THR T 58 21.96 -49.12 47.29
C THR T 58 22.10 -49.23 48.81
N LEU T 59 21.87 -50.43 49.35
CA LEU T 59 21.96 -50.62 50.80
C LEU T 59 23.39 -50.38 51.29
N SER T 60 24.37 -50.99 50.62
CA SER T 60 25.75 -50.84 51.04
C SER T 60 26.22 -49.40 50.93
N LEU T 61 25.73 -48.66 49.93
CA LEU T 61 26.16 -47.28 49.76
C LEU T 61 25.49 -46.35 50.78
N LEU T 62 24.23 -46.62 51.15
CA LEU T 62 23.65 -45.93 52.29
C LEU T 62 24.43 -46.22 53.56
N GLU T 63 24.84 -47.47 53.76
CA GLU T 63 25.64 -47.81 54.92
C GLU T 63 26.97 -47.08 54.91
N ALA T 64 27.61 -46.98 53.75
CA ALA T 64 28.87 -46.25 53.64
C ALA T 64 28.70 -44.79 53.96
N TYR T 65 27.64 -44.16 53.43
CA TYR T 65 27.35 -42.78 53.80
C TYR T 65 27.10 -42.64 55.29
N ARG T 66 26.50 -43.66 55.90
CA ARG T 66 26.29 -43.64 57.35
C ARG T 66 27.61 -43.68 58.11
N MET T 67 28.49 -44.60 57.76
CA MET T 67 29.70 -44.87 58.53
C MET T 67 30.78 -43.81 58.33
N ARG T 68 30.91 -43.27 57.12
CA ARG T 68 31.95 -42.31 56.80
C ARG T 68 31.59 -40.92 57.33
N PHE T 69 32.50 -39.98 57.13
CA PHE T 69 32.32 -38.62 57.63
C PHE T 69 32.22 -37.67 56.44
N ALA T 70 31.17 -36.86 56.41
CA ALA T 70 30.94 -35.96 55.30
C ALA T 70 31.90 -34.78 55.36
N ALA T 71 32.17 -34.22 54.18
CA ALA T 71 32.95 -33.00 54.05
C ALA T 71 32.42 -32.25 52.85
N VAL T 72 32.64 -30.93 52.87
CA VAL T 72 32.07 -30.03 51.88
C VAL T 72 33.21 -29.34 51.15
N ILE T 73 33.12 -29.32 49.82
CA ILE T 73 34.09 -28.56 49.04
C ILE T 73 33.69 -27.08 49.06
N THR T 74 34.66 -26.22 49.31
CA THR T 74 34.42 -24.79 49.46
C THR T 74 35.10 -23.99 48.36
N ARG T 75 36.40 -24.16 48.17
CA ARG T 75 37.13 -23.43 47.15
C ARG T 75 38.16 -24.33 46.50
N VAL T 76 38.22 -24.28 45.16
CA VAL T 76 39.21 -25.03 44.41
C VAL T 76 40.03 -24.09 43.55
N ILE T 77 41.35 -24.17 43.67
CA ILE T 77 42.28 -23.42 42.82
C ILE T 77 43.16 -24.44 42.09
N PRO T 78 43.79 -24.07 40.96
CA PRO T 78 44.54 -25.06 40.17
C PRO T 78 45.56 -25.84 40.99
N GLY T 79 45.34 -27.14 41.11
CA GLY T 79 46.23 -28.01 41.84
C GLY T 79 45.89 -28.22 43.30
N LYS T 80 44.92 -27.49 43.84
CA LYS T 80 44.57 -27.57 45.24
C LYS T 80 43.06 -27.80 45.39
N LEU T 81 42.69 -28.66 46.33
CA LEU T 81 41.29 -28.97 46.59
C LEU T 81 41.06 -28.86 48.09
N LEU T 82 40.37 -27.79 48.49
CA LEU T 82 40.28 -27.40 49.90
C LEU T 82 38.85 -27.52 50.41
N ALA T 83 38.68 -28.22 51.53
CA ALA T 83 37.35 -28.55 52.04
C ALA T 83 37.27 -28.26 53.53
N HIS T 84 36.07 -28.44 54.07
CA HIS T 84 35.78 -28.32 55.49
C HIS T 84 35.08 -29.57 55.98
N ALA T 85 35.21 -29.86 57.26
CA ALA T 85 34.52 -31.00 57.85
C ALA T 85 33.08 -30.65 58.19
N ILE T 86 32.20 -31.64 58.08
CA ILE T 86 30.77 -31.44 58.32
C ILE T 86 30.29 -32.47 59.33
N GLY T 87 29.61 -32.00 60.38
CA GLY T 87 29.03 -32.86 61.38
C GLY T 87 29.94 -33.21 62.54
N VAL T 88 31.24 -32.93 62.42
CA VAL T 88 32.18 -33.31 63.47
C VAL T 88 31.99 -32.45 64.71
N GLY T 89 31.62 -31.18 64.53
CA GLY T 89 31.43 -30.27 65.63
C GLY T 89 32.40 -29.10 65.69
N THR T 90 33.49 -29.13 64.93
CA THR T 90 34.37 -27.97 64.85
C THR T 90 33.59 -26.81 64.23
N PRO T 91 33.90 -25.57 64.61
CA PRO T 91 33.16 -24.45 64.00
C PRO T 91 33.57 -24.26 62.55
N THR T 92 32.70 -24.70 61.67
CA THR T 92 32.80 -24.42 60.23
C THR T 92 31.73 -23.39 59.94
N PRO T 93 32.03 -22.10 60.09
CA PRO T 93 30.97 -21.09 60.02
C PRO T 93 30.58 -20.78 58.58
N GLY T 94 29.27 -20.78 58.32
CA GLY T 94 28.75 -20.29 57.06
C GLY T 94 29.11 -21.07 55.82
N LEU T 95 28.53 -22.25 55.66
CA LEU T 95 28.80 -23.01 54.46
C LEU T 95 27.93 -22.54 53.30
N PHE T 96 28.19 -23.08 52.13
CA PHE T 96 27.36 -22.84 50.97
C PHE T 96 27.35 -24.10 50.10
N ILE T 97 26.16 -24.45 49.61
CA ILE T 97 25.92 -25.75 49.01
C ILE T 97 25.27 -25.56 47.64
N GLN T 98 25.53 -26.51 46.76
CA GLN T 98 24.84 -26.63 45.48
C GLN T 98 23.82 -27.76 45.60
N ASN T 99 22.54 -27.41 45.55
CA ASN T 99 21.51 -28.42 45.69
C ASN T 99 21.45 -29.29 44.44
N THR T 100 21.74 -30.58 44.61
CA THR T 100 21.81 -31.51 43.49
C THR T 100 20.50 -32.23 43.24
N SER T 101 19.51 -32.10 44.12
CA SER T 101 18.26 -32.82 43.96
C SER T 101 17.47 -32.27 42.77
N PRO T 102 16.63 -33.09 42.15
CA PRO T 102 15.73 -32.59 41.10
C PRO T 102 14.56 -31.78 41.63
N VAL T 103 14.56 -31.44 42.92
CA VAL T 103 13.45 -30.73 43.54
C VAL T 103 13.93 -29.36 44.00
N ASP T 104 12.98 -28.44 44.11
CA ASP T 104 13.27 -27.09 44.58
C ASP T 104 13.57 -27.10 46.08
N LEU T 105 14.38 -26.14 46.51
CA LEU T 105 14.74 -25.99 47.91
C LEU T 105 14.31 -24.60 48.39
N CYS T 106 13.58 -24.58 49.51
CA CYS T 106 13.13 -23.33 50.11
C CYS T 106 13.87 -23.09 51.43
N ASN T 107 13.89 -21.83 51.84
CA ASN T 107 14.60 -21.45 53.05
C ASN T 107 13.96 -22.08 54.27
N GLY T 108 14.78 -22.36 55.28
CA GLY T 108 14.33 -22.98 56.51
C GLY T 108 14.27 -24.48 56.48
N ASP T 109 14.44 -25.10 55.32
CA ASP T 109 14.41 -26.55 55.22
C ASP T 109 15.68 -27.15 55.80
N TYR T 110 15.61 -28.44 56.11
CA TYR T 110 16.78 -29.20 56.54
C TYR T 110 17.35 -29.98 55.37
N ILE T 111 18.48 -30.64 55.61
CA ILE T 111 19.24 -31.30 54.56
C ILE T 111 19.37 -32.79 54.89
N CYS T 112 18.98 -33.63 53.94
CA CYS T 112 19.08 -35.07 54.05
C CYS T 112 19.91 -35.61 52.89
N LEU T 113 20.77 -36.58 53.16
CA LEU T 113 21.73 -37.07 52.19
C LEU T 113 21.42 -38.51 51.80
N LEU T 114 21.41 -38.77 50.50
CA LEU T 114 21.28 -40.13 49.98
C LEU T 114 21.89 -40.16 48.59
N PRO T 115 22.40 -41.31 48.16
CA PRO T 115 23.06 -41.40 46.85
C PRO T 115 22.04 -41.31 45.72
N PRO T 116 22.49 -41.09 44.49
CA PRO T 116 21.56 -41.00 43.36
C PRO T 116 20.75 -42.27 43.17
N VAL T 117 19.47 -42.09 42.83
CA VAL T 117 18.58 -43.19 42.48
C VAL T 117 17.91 -42.83 41.16
N TYR T 118 18.48 -41.85 40.46
CA TYR T 118 17.95 -41.37 39.19
C TYR T 118 18.86 -41.72 38.02
N GLY T 119 19.63 -42.79 38.15
CA GLY T 119 20.51 -43.23 37.09
C GLY T 119 21.92 -42.68 37.13
N SER T 120 22.37 -42.13 38.25
CA SER T 120 23.71 -41.57 38.40
C SER T 120 23.96 -40.47 37.36
N ALA T 121 23.15 -39.40 37.48
CA ALA T 121 23.20 -38.33 36.50
C ALA T 121 24.53 -37.59 36.53
N ASP T 122 24.98 -37.21 37.73
CA ASP T 122 26.21 -36.41 37.85
C ASP T 122 27.42 -37.18 37.31
N SER T 123 27.80 -38.25 38.01
CA SER T 123 28.84 -39.19 37.58
C SER T 123 30.07 -38.46 37.04
N ILE T 124 30.73 -37.71 37.93
CA ILE T 124 31.94 -37.01 37.55
C ILE T 124 33.01 -38.03 37.19
N ARG T 125 33.50 -37.96 35.96
CA ARG T 125 34.41 -38.96 35.40
C ARG T 125 35.77 -38.33 35.16
N LEU T 126 36.81 -38.90 35.77
CA LEU T 126 38.19 -38.46 35.60
C LEU T 126 38.91 -39.50 34.75
N ASP T 127 38.86 -39.29 33.42
CA ASP T 127 39.48 -40.26 32.51
C ASP T 127 41.00 -40.23 32.61
N SER T 128 41.58 -39.04 32.78
CA SER T 128 43.04 -38.94 32.82
C SER T 128 43.61 -39.70 34.00
N VAL T 129 43.09 -39.44 35.21
CA VAL T 129 43.52 -40.20 36.38
C VAL T 129 42.95 -41.61 36.33
N GLY T 130 41.69 -41.75 35.93
CA GLY T 130 41.05 -43.05 35.87
C GLY T 130 40.20 -43.37 37.08
N LEU T 131 39.49 -42.36 37.60
CA LEU T 131 38.70 -42.49 38.80
C LEU T 131 37.29 -41.96 38.56
N GLU T 132 36.36 -42.42 39.39
CA GLU T 132 34.95 -42.04 39.32
C GLU T 132 34.58 -41.34 40.61
N ILE T 133 33.84 -40.24 40.52
CA ILE T 133 33.39 -39.50 41.69
C ILE T 133 31.88 -39.36 41.63
N VAL T 134 31.22 -39.69 42.74
CA VAL T 134 29.78 -39.54 42.87
C VAL T 134 29.52 -38.62 44.07
N PHE T 135 28.40 -37.90 44.02
CA PHE T 135 28.07 -36.93 45.05
C PHE T 135 26.71 -37.21 45.65
N PRO T 136 26.55 -37.06 46.96
CA PRO T 136 25.24 -37.33 47.58
C PRO T 136 24.18 -36.35 47.10
N LEU T 137 22.97 -36.86 46.96
CA LEU T 137 21.84 -36.03 46.56
C LEU T 137 21.29 -35.29 47.76
N THR T 138 21.27 -33.97 47.68
CA THR T 138 20.86 -33.10 48.79
C THR T 138 19.36 -32.84 48.68
N ILE T 139 18.59 -33.58 49.45
CA ILE T 139 17.13 -33.45 49.46
C ILE T 139 16.72 -32.81 50.78
N PRO T 140 15.69 -31.96 50.79
CA PRO T 140 15.17 -31.46 52.06
C PRO T 140 14.38 -32.54 52.78
N GLN T 141 14.06 -32.25 54.04
CA GLN T 141 13.19 -33.14 54.79
C GLN T 141 11.78 -33.10 54.23
N THR T 142 10.92 -33.95 54.80
CA THR T 142 9.55 -34.17 54.35
C THR T 142 9.49 -34.69 52.92
N LEU T 143 10.63 -35.14 52.37
CA LEU T 143 10.68 -35.63 51.00
C LEU T 143 11.35 -37.00 50.97
N MET T 144 12.21 -37.28 51.95
CA MET T 144 12.97 -38.52 51.96
C MET T 144 12.07 -39.74 52.04
N ARG T 145 11.07 -39.69 52.93
CA ARG T 145 10.22 -40.87 53.15
C ARG T 145 9.50 -41.27 51.88
N GLU T 146 8.80 -40.33 51.25
CA GLU T 146 8.02 -40.69 50.07
C GLU T 146 8.91 -40.97 48.87
N ILE T 147 10.08 -40.34 48.77
CA ILE T 147 10.93 -40.63 47.62
C ILE T 147 11.51 -42.04 47.73
N ILE T 148 11.93 -42.45 48.92
CA ILE T 148 12.44 -43.81 49.07
C ILE T 148 11.30 -44.82 48.91
N ALA T 149 10.11 -44.49 49.44
CA ALA T 149 8.97 -45.38 49.25
C ALA T 149 8.64 -45.54 47.77
N LYS T 150 8.65 -44.44 47.02
CA LYS T 150 8.32 -44.53 45.60
C LYS T 150 9.38 -45.28 44.81
N VAL T 151 10.67 -45.07 45.11
CA VAL T 151 11.71 -45.76 44.36
C VAL T 151 11.65 -47.26 44.63
N VAL T 152 11.43 -47.64 45.90
CA VAL T 152 11.35 -49.06 46.19
C VAL T 152 10.09 -49.67 45.58
N ALA T 153 8.98 -48.93 45.59
CA ALA T 153 7.75 -49.42 44.97
C ALA T 153 7.93 -49.62 43.48
N ARG T 154 8.56 -48.66 42.79
CA ARG T 154 8.77 -48.79 41.36
C ARG T 154 9.70 -49.94 41.02
N ALA T 155 10.77 -50.12 41.81
CA ALA T 155 11.66 -51.25 41.55
C ALA T 155 10.96 -52.57 41.77
N VAL T 156 10.12 -52.66 42.81
CA VAL T 156 9.35 -53.89 43.03
C VAL T 156 8.39 -54.14 41.88
N GLU T 157 7.71 -53.09 41.42
CA GLU T 157 6.73 -53.23 40.35
C GLU T 157 7.39 -53.59 39.03
N ASP T 158 8.63 -53.13 38.82
CA ASP T 158 9.35 -53.45 37.60
C ASP T 158 9.64 -54.93 37.46
N LEU T 159 9.71 -55.65 38.58
CA LEU T 159 9.93 -57.09 38.54
C LEU T 159 8.62 -57.85 38.37
N ASN T 160 18.62 -50.14 37.46
CA ASN T 160 17.86 -51.07 38.28
C ASN T 160 18.78 -52.05 39.01
N LEU T 161 19.68 -51.50 39.82
CA LEU T 161 20.65 -52.27 40.58
C LEU T 161 20.29 -52.40 42.05
N MET T 162 19.05 -52.06 42.42
CA MET T 162 18.64 -52.00 43.81
C MET T 162 17.87 -53.26 44.22
N PHE T 163 18.28 -54.42 43.68
CA PHE T 163 17.64 -55.67 44.07
C PHE T 163 17.89 -56.02 45.53
N SER T 164 18.95 -55.48 46.14
CA SER T 164 19.29 -55.84 47.50
C SER T 164 18.20 -55.43 48.48
N ILE T 165 17.76 -54.16 48.40
CA ILE T 165 16.72 -53.70 49.31
C ILE T 165 15.41 -54.40 49.00
N ASN T 166 15.14 -54.70 47.73
CA ASN T 166 13.93 -55.43 47.38
C ASN T 166 13.90 -56.79 48.06
N GLU T 167 14.99 -57.56 47.94
CA GLU T 167 15.02 -58.87 48.57
C GLU T 167 14.98 -58.76 50.08
N GLY T 168 15.63 -57.74 50.64
CA GLY T 168 15.60 -57.56 52.08
C GLY T 168 14.21 -57.28 52.60
N CYS T 169 13.49 -56.37 51.93
CA CYS T 169 12.14 -56.03 52.39
C CYS T 169 11.18 -57.18 52.17
N LEU T 170 11.30 -57.90 51.04
CA LEU T 170 10.44 -59.04 50.81
C LEU T 170 10.68 -60.13 51.85
N LEU T 171 11.95 -60.38 52.20
CA LEU T 171 12.27 -61.45 53.13
C LEU T 171 11.74 -61.15 54.53
N ILE T 172 11.90 -59.90 54.99
CA ILE T 172 11.57 -59.60 56.37
C ILE T 172 10.06 -59.42 56.54
N LEU T 173 9.39 -58.90 55.53
CA LEU T 173 8.03 -58.41 55.75
C LEU T 173 6.98 -59.47 55.45
N ALA T 174 7.26 -60.42 54.56
CA ALA T 174 6.28 -61.41 54.14
C ALA T 174 6.64 -62.83 54.55
N LEU T 175 7.85 -63.28 54.22
CA LEU T 175 8.22 -64.67 54.43
C LEU T 175 8.19 -65.03 55.92
N ILE T 176 8.72 -64.16 56.76
CA ILE T 176 8.81 -64.45 58.19
C ILE T 176 7.45 -64.21 58.86
N PRO T 177 6.78 -63.06 58.67
CA PRO T 177 5.49 -62.86 59.33
C PRO T 177 4.38 -63.54 58.55
N ARG T 178 3.66 -64.45 59.21
CA ARG T 178 2.62 -65.23 58.57
C ARG T 178 1.24 -64.59 58.66
N LEU T 179 1.18 -63.27 58.83
CA LEU T 179 -0.04 -62.47 58.91
C LEU T 179 -0.91 -62.82 60.11
N LEU T 180 -0.45 -63.70 61.00
CA LEU T 180 -1.22 -64.08 62.18
C LEU T 180 -0.37 -63.89 63.42
N ALA T 181 0.26 -62.72 63.54
CA ALA T 181 1.21 -62.42 64.60
C ALA T 181 2.32 -63.47 64.64
N LEU T 182 3.01 -63.59 63.50
CA LEU T 182 4.05 -64.58 63.26
C LEU T 182 3.54 -66.01 63.37
N LEU T 183 2.21 -66.20 63.36
CA LEU T 183 1.59 -67.51 63.49
C LEU T 183 2.06 -68.23 64.75
N ILE T 184 2.23 -67.47 65.83
CA ILE T 184 2.69 -68.03 67.10
C ILE T 184 2.24 -67.12 68.24
N PRO T 185 2.55 -65.82 68.18
CA PRO T 185 2.16 -64.93 69.27
C PRO T 185 0.66 -64.86 69.49
N ARG T 186 -0.14 -64.96 68.43
CA ARG T 186 -1.59 -64.88 68.59
C ARG T 186 -2.12 -66.02 69.44
N LEU T 187 -1.61 -67.24 69.23
CA LEU T 187 -2.04 -68.37 70.05
C LEU T 187 -1.41 -68.31 71.44
N LEU T 188 -0.16 -67.85 71.54
CA LEU T 188 0.50 -67.78 72.84
C LEU T 188 -0.20 -66.79 73.77
N ALA T 189 -0.62 -65.65 73.25
CA ALA T 189 -1.28 -64.64 74.06
C ALA T 189 -2.75 -64.96 74.35
N LEU T 190 -3.32 -65.94 73.67
CA LEU T 190 -4.71 -66.30 73.88
C LEU T 190 -4.87 -67.16 75.14
N VAL T 191 -5.65 -49.47 65.01
CA VAL T 191 -6.41 -50.48 64.28
C VAL T 191 -6.58 -51.73 65.13
N THR T 192 -7.28 -51.58 66.25
CA THR T 192 -7.50 -52.70 67.17
C THR T 192 -8.55 -53.65 66.64
N ARG T 193 -8.13 -54.62 65.82
CA ARG T 193 -9.02 -55.62 65.27
C ARG T 193 -8.29 -56.95 65.19
N GLU T 194 -9.07 -58.03 65.20
CA GLU T 194 -8.52 -59.39 65.14
C GLU T 194 -9.03 -60.17 63.95
N ALA T 195 -10.31 -60.04 63.59
CA ALA T 195 -10.88 -60.77 62.48
C ALA T 195 -10.51 -60.11 61.16
N ALA T 196 -11.16 -60.53 60.08
CA ALA T 196 -10.93 -60.01 58.73
C ALA T 196 -9.50 -60.26 58.27
N GLN T 197 -8.53 -59.65 58.95
CA GLN T 197 -7.13 -59.86 58.59
C GLN T 197 -6.72 -61.31 58.78
N LEU T 198 -7.18 -61.93 59.87
CA LEU T 198 -6.86 -63.34 60.10
C LEU T 198 -7.54 -64.24 59.07
N ILE T 199 -8.78 -63.92 58.69
CA ILE T 199 -9.49 -64.74 57.72
C ILE T 199 -8.81 -64.68 56.36
N HIS T 200 -8.50 -63.48 55.89
CA HIS T 200 -7.72 -63.35 54.66
C HIS T 200 -6.37 -64.02 54.77
N PRO T 201 -5.65 -63.96 55.89
CA PRO T 201 -4.34 -64.62 55.96
C PRO T 201 -4.39 -66.11 55.70
N GLU T 202 -5.46 -66.80 56.12
CA GLU T 202 -5.54 -68.24 55.92
C GLU T 202 -5.56 -68.59 54.44
N ALA T 203 -6.36 -67.86 53.65
CA ALA T 203 -6.40 -68.10 52.21
C ALA T 203 -5.05 -67.85 51.54
N PRO T 204 -4.37 -66.73 51.79
CA PRO T 204 -3.07 -66.48 51.15
C PRO T 204 -1.97 -67.28 51.84
N MET T 205 -1.52 -68.35 51.18
CA MET T 205 -0.42 -69.17 51.71
C MET T 205 0.28 -69.80 50.51
N LEU T 206 1.37 -69.18 50.07
CA LEU T 206 2.16 -69.70 48.95
C LEU T 206 3.29 -70.60 49.40
N MET T 207 3.49 -70.76 50.71
CA MET T 207 4.57 -71.60 51.23
C MET T 207 4.24 -72.11 52.63
N LEU T 208 10.55 -73.78 69.68
CA LEU T 208 11.97 -73.53 69.49
C LEU T 208 12.29 -72.70 68.23
N PRO T 209 11.73 -73.06 67.05
CA PRO T 209 11.98 -72.22 65.87
C PRO T 209 11.45 -70.81 66.03
N ILE T 210 10.42 -70.62 66.86
CA ILE T 210 9.82 -69.29 67.03
C ILE T 210 10.85 -68.33 67.60
N TYR T 211 11.66 -68.79 68.55
CA TYR T 211 12.73 -67.98 69.13
C TYR T 211 13.61 -67.38 68.04
N GLU T 212 14.25 -68.26 67.27
CA GLU T 212 15.19 -67.81 66.27
C GLU T 212 14.51 -66.94 65.23
N THR T 213 13.31 -67.33 64.78
CA THR T 213 12.68 -66.58 63.71
C THR T 213 12.29 -65.18 64.17
N ILE T 214 11.74 -65.04 65.39
CA ILE T 214 11.35 -63.71 65.83
C ILE T 214 12.57 -62.86 66.13
N SER T 215 13.62 -63.46 66.70
CA SER T 215 14.85 -62.71 66.96
C SER T 215 15.47 -62.19 65.67
N SER T 216 15.59 -63.07 64.67
CA SER T 216 16.13 -62.64 63.38
C SER T 216 15.25 -61.60 62.73
N TRP T 217 13.94 -61.77 62.79
CA TRP T 217 13.02 -60.82 62.16
C TRP T 217 13.16 -59.44 62.80
N ILE T 218 13.10 -59.37 64.13
CA ILE T 218 13.17 -58.07 64.79
C ILE T 218 14.54 -57.42 64.56
N SER T 219 15.62 -58.21 64.64
CA SER T 219 16.94 -57.62 64.46
C SER T 219 17.12 -57.09 63.05
N THR T 220 16.74 -57.89 62.04
CA THR T 220 16.87 -57.45 60.66
C THR T 220 16.01 -56.24 60.37
N SER T 221 14.77 -56.24 60.88
CA SER T 221 13.89 -55.09 60.65
C SER T 221 14.44 -53.84 61.29
N SER T 222 14.97 -53.96 62.51
CA SER T 222 15.51 -52.80 63.20
C SER T 222 16.74 -52.26 62.48
N ARG T 223 17.62 -53.16 62.00
CA ARG T 223 18.79 -52.69 61.26
C ARG T 223 18.39 -52.03 59.95
N LEU T 224 17.42 -52.60 59.24
CA LEU T 224 16.97 -52.02 57.99
C LEU T 224 16.32 -50.66 58.21
N GLY T 225 15.57 -50.51 59.30
CA GLY T 225 15.03 -49.20 59.64
C GLY T 225 16.11 -48.21 60.00
N ASP T 226 17.13 -48.66 60.74
CA ASP T 226 18.20 -47.77 61.14
C ASP T 226 18.98 -47.26 59.94
N THR T 227 19.32 -48.14 58.99
CA THR T 227 20.05 -47.69 57.82
C THR T 227 19.19 -46.81 56.90
N LEU T 228 17.89 -47.06 56.83
CA LEU T 228 16.98 -46.15 56.15
C LEU T 228 16.39 -45.17 57.16
N GLY T 229 17.24 -44.56 57.97
CA GLY T 229 16.78 -43.66 59.02
C GLY T 229 17.65 -42.44 59.17
N THR T 230 18.24 -41.97 58.07
CA THR T 230 19.18 -40.86 58.14
C THR T 230 18.50 -39.58 58.64
N ARG T 231 19.23 -38.78 59.38
CA ARG T 231 18.72 -37.56 59.97
C ARG T 231 19.30 -36.33 59.27
N ALA T 232 18.70 -35.18 59.56
CA ALA T 232 19.16 -33.93 58.99
C ALA T 232 20.53 -33.55 59.56
N ILE T 233 21.37 -32.98 58.70
CA ILE T 233 22.71 -32.55 59.07
C ILE T 233 22.93 -31.06 58.84
N LEU T 234 22.21 -30.47 57.89
CA LEU T 234 22.34 -29.06 57.58
C LEU T 234 20.97 -28.41 57.46
N ARG T 235 20.94 -27.11 57.72
CA ARG T 235 19.75 -26.28 57.49
C ARG T 235 20.09 -25.20 56.49
N VAL T 236 19.29 -25.09 55.44
CA VAL T 236 19.40 -23.97 54.51
C VAL T 236 18.92 -22.72 55.23
N CYS T 237 19.80 -21.73 55.34
CA CYS T 237 19.49 -20.51 56.08
C CYS T 237 19.92 -19.33 55.22
N VAL T 238 19.02 -18.86 54.38
CA VAL T 238 19.32 -17.82 53.40
C VAL T 238 19.18 -16.46 54.07
N PHE T 239 20.24 -15.67 54.02
CA PHE T 239 20.21 -14.27 54.44
C PHE T 239 20.37 -13.41 53.19
N ASP T 240 19.37 -12.55 52.96
CA ASP T 240 19.43 -11.57 51.87
C ASP T 240 19.64 -12.25 50.52
N GLY T 241 18.72 -13.16 50.20
CA GLY T 241 18.79 -13.90 48.97
C GLY T 241 17.45 -14.49 48.60
N PRO T 242 17.44 -15.29 47.53
CA PRO T 242 16.18 -15.91 47.10
C PRO T 242 15.75 -17.00 48.07
N SER T 243 14.49 -16.91 48.50
CA SER T 243 13.91 -17.99 49.28
C SER T 243 13.90 -19.29 48.49
N THR T 244 13.57 -19.20 47.21
CA THR T 244 13.58 -20.34 46.31
C THR T 244 15.00 -20.63 45.83
N VAL T 245 15.41 -21.88 45.93
CA VAL T 245 16.72 -22.34 45.49
C VAL T 245 16.48 -23.49 44.52
N HIS T 246 16.49 -23.17 43.22
CA HIS T 246 16.29 -24.17 42.20
C HIS T 246 17.49 -25.11 42.15
N PRO T 247 17.32 -26.33 41.61
CA PRO T 247 18.48 -27.17 41.37
C PRO T 247 19.47 -26.45 40.46
N GLY T 248 20.75 -26.60 40.78
CA GLY T 248 21.77 -25.86 40.08
C GLY T 248 22.08 -24.50 40.66
N ASP T 249 21.36 -24.08 41.71
CA ASP T 249 21.56 -22.78 42.33
C ASP T 249 22.42 -22.91 43.58
N ARG T 250 22.94 -21.77 44.03
CA ARG T 250 23.79 -21.70 45.20
C ARG T 250 23.00 -21.19 46.40
N THR T 251 23.25 -21.79 47.56
CA THR T 251 22.58 -21.38 48.79
C THR T 251 23.53 -21.58 49.97
N ALA T 252 23.30 -20.81 51.03
CA ALA T 252 24.11 -20.91 52.24
C ALA T 252 23.36 -21.68 53.31
N VAL T 253 24.11 -22.48 54.07
CA VAL T 253 23.53 -23.38 55.07
C VAL T 253 24.28 -23.19 56.39
N ILE T 254 23.66 -23.68 57.46
CA ILE T 254 24.22 -23.65 58.80
C ILE T 254 24.16 -25.04 59.40
N GLN T 255 25.22 -25.43 60.10
CA GLN T 255 25.33 -26.76 60.65
C GLN T 255 24.30 -27.00 61.74
N VAL T 256 23.69 -28.19 61.71
CA VAL T 256 22.68 -28.56 62.68
C VAL T 256 22.83 -30.04 63.07
N ALA U 1 73.22 -8.33 -0.35
CA ALA U 1 73.72 -9.69 -0.35
C ALA U 1 73.45 -10.38 1.00
N MET U 2 72.34 -10.03 1.65
CA MET U 2 71.91 -10.86 2.77
C MET U 2 70.39 -11.03 2.70
N PRO U 3 69.77 -11.73 3.67
CA PRO U 3 68.38 -12.16 3.47
C PRO U 3 67.40 -11.02 3.25
N PHE U 4 66.37 -11.31 2.48
CA PHE U 4 65.25 -10.39 2.28
C PHE U 4 64.43 -10.40 3.55
N GLU U 5 64.80 -9.56 4.50
CA GLU U 5 64.15 -9.53 5.80
C GLU U 5 62.70 -9.09 5.66
N ILE U 6 61.80 -9.85 6.26
CA ILE U 6 60.36 -9.62 6.20
C ILE U 6 59.81 -9.69 7.61
N GLU U 7 59.02 -8.69 7.98
CA GLU U 7 58.45 -8.59 9.32
C GLU U 7 56.94 -8.69 9.25
N VAL U 8 56.38 -9.58 10.05
CA VAL U 8 54.95 -9.76 10.16
C VAL U 8 54.51 -9.21 11.51
N LEU U 9 53.64 -8.20 11.48
CA LEU U 9 53.24 -7.51 12.69
C LEU U 9 52.02 -8.18 13.30
N LEU U 10 52.21 -8.82 14.44
CA LEU U 10 51.13 -9.54 15.09
C LEU U 10 50.13 -8.55 15.69
N PRO U 11 48.85 -8.63 15.35
CA PRO U 11 47.84 -7.99 16.20
C PRO U 11 47.79 -8.71 17.54
N GLY U 12 48.20 -8.01 18.59
CA GLY U 12 48.67 -8.68 19.79
C GLY U 12 47.63 -8.89 20.88
N GLU U 13 46.34 -8.61 20.63
CA GLU U 13 45.29 -9.10 21.52
C GLU U 13 45.38 -10.60 21.72
N ILE U 14 46.16 -11.27 20.88
CA ILE U 14 46.61 -12.63 21.14
C ILE U 14 47.00 -12.73 22.61
N SER U 15 46.46 -13.74 23.28
CA SER U 15 46.70 -13.89 24.70
C SER U 15 48.19 -14.11 24.96
N PRO U 16 48.69 -13.68 26.13
CA PRO U 16 50.12 -13.89 26.42
C PRO U 16 50.51 -15.36 26.37
N ALA U 17 49.61 -16.26 26.76
CA ALA U 17 49.88 -17.68 26.61
C ALA U 17 50.04 -18.05 25.13
N GLU U 18 49.19 -17.49 24.27
CA GLU U 18 49.30 -17.80 22.84
C GLU U 18 50.53 -17.15 22.22
N THR U 19 50.92 -15.96 22.71
CA THR U 19 52.18 -15.38 22.25
C THR U 19 53.36 -16.24 22.66
N SER U 20 53.33 -16.77 23.89
CA SER U 20 54.37 -17.68 24.34
C SER U 20 54.38 -18.94 23.48
N ALA U 21 53.19 -19.43 23.09
CA ALA U 21 53.11 -20.58 22.21
C ALA U 21 53.74 -20.29 20.86
N LEU U 22 53.47 -19.11 20.30
CA LEU U 22 54.09 -18.72 19.04
C LEU U 22 55.60 -18.66 19.17
N GLN U 23 56.10 -18.11 20.28
CA GLN U 23 57.53 -18.10 20.52
C GLN U 23 58.08 -19.52 20.62
N LYS U 24 57.32 -20.42 21.25
CA LYS U 24 57.74 -21.81 21.40
C LYS U 24 57.80 -22.53 20.06
N CYS U 25 56.89 -22.21 19.15
CA CYS U 25 56.85 -22.84 17.84
C CYS U 25 57.79 -22.17 16.86
N GLU U 26 58.80 -21.48 17.35
CA GLU U 26 59.78 -20.82 16.50
C GLU U 26 60.59 -21.86 15.74
N GLY U 27 60.88 -21.56 14.48
CA GLY U 27 61.78 -22.33 13.66
C GLY U 27 61.14 -23.01 12.47
N LYS U 28 59.82 -22.99 12.36
CA LYS U 28 59.13 -23.71 11.30
C LYS U 28 59.15 -22.89 10.00
N ILE U 29 58.32 -23.28 9.05
CA ILE U 29 58.30 -22.66 7.73
C ILE U 29 56.92 -22.05 7.49
N ILE U 30 56.91 -20.82 6.98
CA ILE U 30 55.67 -20.15 6.58
C ILE U 30 55.90 -19.52 5.22
N THR U 31 54.87 -19.53 4.38
CA THR U 31 54.98 -19.08 3.00
C THR U 31 54.20 -17.79 2.80
N PHE U 32 54.64 -16.99 1.85
CA PHE U 32 54.05 -15.71 1.49
C PHE U 32 53.56 -15.72 0.05
N SER U 33 52.59 -14.86 -0.21
CA SER U 33 52.19 -14.50 -1.56
C SER U 33 52.38 -13.00 -1.73
N THR U 34 52.99 -12.59 -2.84
CA THR U 34 53.31 -11.20 -3.12
C THR U 34 54.15 -10.61 -1.98
N LEU U 35 55.36 -11.13 -1.88
CA LEU U 35 56.23 -10.89 -0.73
C LEU U 35 56.38 -9.40 -0.42
N ARG U 36 56.26 -9.09 0.86
CA ARG U 36 56.29 -7.73 1.36
C ARG U 36 57.35 -7.63 2.46
N HIS U 37 58.07 -6.51 2.46
CA HIS U 37 58.99 -6.26 3.57
C HIS U 37 58.24 -6.25 4.90
N ARG U 38 57.02 -5.73 4.91
CA ARG U 38 56.14 -5.78 6.06
C ARG U 38 54.87 -6.50 5.62
N ALA U 39 54.54 -7.58 6.30
CA ALA U 39 53.30 -8.29 6.02
C ALA U 39 52.40 -8.21 7.24
N SER U 40 51.27 -8.92 7.21
CA SER U 40 50.37 -8.98 8.35
C SER U 40 50.18 -10.42 8.77
N LEU U 41 49.85 -10.60 10.05
CA LEU U 41 49.68 -11.95 10.60
C LEU U 41 48.62 -12.72 9.85
N VAL U 42 47.53 -12.05 9.48
CA VAL U 42 46.46 -12.69 8.74
C VAL U 42 46.98 -13.25 7.41
N ASP U 43 48.04 -12.67 6.85
CA ASP U 43 48.54 -13.11 5.54
C ASP U 43 49.02 -14.55 5.58
N ILE U 44 49.60 -14.97 6.71
CA ILE U 44 50.10 -16.34 6.86
C ILE U 44 49.05 -17.34 7.28
N ALA U 45 47.95 -16.87 7.87
CA ALA U 45 46.96 -17.78 8.41
C ALA U 45 46.36 -18.65 7.31
N LEU U 46 45.69 -19.72 7.75
CA LEU U 46 45.04 -20.63 6.83
C LEU U 46 44.00 -19.94 5.96
N SER U 47 43.49 -18.79 6.41
CA SER U 47 42.49 -18.08 5.63
C SER U 47 43.02 -17.69 4.25
N SER U 48 44.28 -17.21 4.19
CA SER U 48 44.89 -16.93 2.90
C SER U 48 45.02 -18.19 2.06
N TYR U 49 45.27 -19.33 2.71
CA TYR U 49 45.42 -20.58 1.98
C TYR U 49 44.14 -21.01 1.29
N TYR U 50 43.00 -20.39 1.62
CA TYR U 50 41.73 -20.88 1.14
C TYR U 50 41.67 -20.95 -0.37
N ILE U 51 41.69 -22.18 -0.90
CA ILE U 51 41.01 -22.41 -2.16
C ILE U 51 39.56 -22.04 -1.90
N ASN U 52 38.87 -21.61 -2.94
CA ASN U 52 37.69 -20.76 -2.81
C ASN U 52 36.77 -21.11 -1.64
N GLY U 53 36.69 -20.22 -0.66
CA GLY U 53 35.74 -20.42 0.42
C GLY U 53 36.12 -21.60 1.29
N ALA U 54 36.07 -22.80 0.71
CA ALA U 54 36.24 -24.05 1.42
C ALA U 54 37.65 -24.18 1.98
N PRO U 55 37.81 -24.91 3.09
CA PRO U 55 39.15 -25.35 3.47
C PRO U 55 39.76 -26.19 2.37
N PRO U 56 40.98 -25.87 1.94
CA PRO U 56 41.56 -26.55 0.78
C PRO U 56 41.82 -28.03 1.06
N ASP U 57 41.77 -28.82 -0.01
CA ASP U 57 42.04 -30.24 0.05
C ASP U 57 43.54 -30.48 -0.09
N THR U 58 43.93 -31.76 -0.02
CA THR U 58 45.35 -32.10 -0.07
C THR U 58 46.00 -31.66 -1.38
N LEU U 59 45.39 -32.00 -2.51
CA LEU U 59 45.95 -31.59 -3.80
C LEU U 59 45.92 -30.07 -3.95
N SER U 60 44.86 -29.44 -3.47
CA SER U 60 44.81 -27.99 -3.51
C SER U 60 45.91 -27.37 -2.65
N LEU U 61 46.19 -27.97 -1.48
CA LEU U 61 47.26 -27.46 -0.63
C LEU U 61 48.64 -27.66 -1.27
N LEU U 62 48.88 -28.80 -1.93
CA LEU U 62 50.17 -28.95 -2.60
C LEU U 62 50.30 -27.93 -3.72
N GLU U 63 49.21 -27.67 -4.44
CA GLU U 63 49.23 -26.65 -5.48
C GLU U 63 49.55 -25.29 -4.89
N ALA U 64 48.92 -24.94 -3.76
CA ALA U 64 49.17 -23.64 -3.15
C ALA U 64 50.61 -23.52 -2.66
N TYR U 65 51.12 -24.56 -2.00
CA TYR U 65 52.50 -24.52 -1.53
C TYR U 65 53.49 -24.45 -2.68
N ARG U 66 53.18 -25.06 -3.81
CA ARG U 66 53.98 -24.90 -5.01
C ARG U 66 53.71 -23.58 -5.72
N MET U 67 52.72 -22.81 -5.26
CA MET U 67 52.42 -21.53 -5.89
C MET U 67 53.13 -20.38 -5.21
N ARG U 68 53.28 -20.42 -3.89
CA ARG U 68 53.71 -19.29 -3.10
C ARG U 68 55.20 -19.43 -2.77
N PHE U 69 55.82 -18.32 -2.39
CA PHE U 69 57.23 -18.32 -1.99
C PHE U 69 57.32 -18.66 -0.51
N ALA U 70 58.12 -19.66 -0.17
CA ALA U 70 58.29 -20.05 1.21
C ALA U 70 59.26 -19.11 1.92
N ALA U 71 59.24 -19.18 3.25
CA ALA U 71 60.14 -18.39 4.08
C ALA U 71 60.35 -19.12 5.39
N VAL U 72 61.45 -18.79 6.07
CA VAL U 72 61.81 -19.45 7.32
C VAL U 72 61.70 -18.44 8.45
N ILE U 73 61.03 -18.86 9.52
CA ILE U 73 60.93 -18.05 10.73
C ILE U 73 62.21 -18.22 11.53
N THR U 74 62.75 -17.11 12.03
CA THR U 74 64.08 -17.12 12.64
C THR U 74 64.21 -16.35 13.95
N ARG U 75 63.29 -15.43 14.25
CA ARG U 75 63.32 -14.74 15.53
C ARG U 75 61.93 -14.24 15.85
N VAL U 76 61.47 -14.52 17.07
CA VAL U 76 60.18 -14.04 17.54
C VAL U 76 60.48 -13.02 18.64
N ILE U 77 60.64 -11.77 18.24
CA ILE U 77 60.42 -10.67 19.17
C ILE U 77 58.90 -10.50 19.17
N PRO U 78 58.23 -10.73 20.28
CA PRO U 78 56.78 -10.89 20.23
C PRO U 78 56.09 -9.70 19.58
N GLY U 79 55.15 -10.00 18.67
CA GLY U 79 54.38 -9.01 17.96
C GLY U 79 54.89 -8.65 16.57
N LYS U 80 56.21 -8.66 16.38
CA LYS U 80 56.77 -8.62 15.05
C LYS U 80 57.41 -9.97 14.74
N LEU U 81 57.01 -10.54 13.61
CA LEU U 81 57.43 -11.89 13.27
C LEU U 81 58.55 -11.79 12.26
N LEU U 82 59.76 -12.18 12.65
CA LEU U 82 60.95 -12.00 11.84
C LEU U 82 61.21 -13.28 11.06
N ALA U 83 61.28 -13.15 9.73
CA ALA U 83 61.46 -14.30 8.85
C ALA U 83 62.44 -13.95 7.74
N HIS U 84 62.98 -14.98 7.12
CA HIS U 84 63.95 -14.86 6.04
C HIS U 84 63.42 -15.54 4.79
N ALA U 85 63.50 -14.84 3.66
CA ALA U 85 63.08 -15.41 2.39
C ALA U 85 64.10 -16.42 1.91
N ILE U 86 63.62 -17.58 1.47
CA ILE U 86 64.49 -18.67 1.10
C ILE U 86 64.38 -19.05 -0.38
N GLY U 87 63.17 -19.05 -0.95
CA GLY U 87 63.02 -19.43 -2.34
C GLY U 87 63.76 -18.50 -3.28
N VAL U 88 63.65 -17.19 -3.03
CA VAL U 88 64.42 -16.22 -3.81
C VAL U 88 65.91 -16.41 -3.54
N GLY U 89 66.72 -16.01 -4.51
CA GLY U 89 68.15 -16.28 -4.50
C GLY U 89 68.97 -15.45 -3.55
N THR U 90 68.36 -14.60 -2.73
CA THR U 90 69.15 -13.78 -1.81
C THR U 90 69.88 -14.68 -0.81
N PRO U 91 71.16 -14.45 -0.58
CA PRO U 91 71.89 -15.31 0.36
C PRO U 91 71.49 -15.04 1.80
N THR U 92 71.69 -16.07 2.63
CA THR U 92 71.36 -16.01 4.06
C THR U 92 72.42 -16.81 4.80
N PRO U 93 73.01 -16.27 5.87
CA PRO U 93 74.17 -16.92 6.48
C PRO U 93 73.88 -18.21 7.24
N GLY U 94 72.96 -18.16 8.20
CA GLY U 94 72.67 -19.32 9.03
C GLY U 94 71.19 -19.57 9.17
N LEU U 95 70.75 -20.74 8.73
CA LEU U 95 69.34 -21.11 8.78
C LEU U 95 69.15 -22.24 9.79
N PHE U 96 67.99 -22.23 10.43
CA PHE U 96 67.74 -23.17 11.49
C PHE U 96 66.26 -23.52 11.54
N ILE U 97 65.95 -24.80 11.40
CA ILE U 97 64.57 -25.29 11.48
C ILE U 97 64.56 -26.51 12.38
N GLN U 98 63.41 -26.78 12.98
CA GLN U 98 63.20 -28.03 13.71
C GLN U 98 62.38 -28.96 12.84
N ASN U 99 62.67 -30.26 12.95
CA ASN U 99 62.04 -31.24 12.09
C ASN U 99 60.56 -31.35 12.45
N THR U 100 59.70 -30.74 11.63
CA THR U 100 58.27 -30.80 11.81
C THR U 100 57.74 -31.97 10.97
N SER U 101 57.96 -33.17 11.48
CA SER U 101 57.55 -34.40 10.84
C SER U 101 57.84 -35.56 11.79
N PRO U 102 57.18 -36.71 11.59
CA PRO U 102 57.50 -37.90 12.38
C PRO U 102 58.63 -38.76 11.82
N VAL U 103 59.42 -38.25 10.89
CA VAL U 103 60.44 -39.03 10.20
C VAL U 103 61.81 -38.44 10.51
N ASP U 104 62.74 -39.31 10.89
CA ASP U 104 64.10 -38.87 11.17
C ASP U 104 64.77 -38.31 9.92
N LEU U 105 65.65 -37.35 10.13
CA LEU U 105 66.36 -36.68 9.04
C LEU U 105 67.84 -37.05 9.09
N CYS U 106 68.39 -37.40 7.93
CA CYS U 106 69.81 -37.70 7.82
C CYS U 106 70.56 -36.49 7.27
N ASN U 107 71.88 -36.50 7.46
CA ASN U 107 72.72 -35.35 7.12
C ASN U 107 72.97 -35.34 5.61
N GLY U 108 72.20 -34.54 4.89
CA GLY U 108 72.46 -34.36 3.47
C GLY U 108 71.22 -34.43 2.58
N ASP U 109 70.10 -34.89 3.14
CA ASP U 109 68.91 -35.09 2.34
C ASP U 109 68.30 -33.75 1.92
N TYR U 110 67.41 -33.80 0.94
CA TYR U 110 66.68 -32.62 0.48
C TYR U 110 65.37 -32.49 1.23
N ILE U 111 65.02 -31.25 1.58
CA ILE U 111 63.84 -30.93 2.36
C ILE U 111 62.76 -30.38 1.44
N CYS U 112 61.52 -30.84 1.65
CA CYS U 112 60.39 -30.45 0.83
C CYS U 112 59.16 -30.28 1.72
N LEU U 113 58.16 -29.58 1.19
CA LEU U 113 57.01 -29.14 1.97
C LEU U 113 55.76 -29.86 1.52
N LEU U 114 55.09 -30.56 2.45
CA LEU U 114 53.81 -31.20 2.19
C LEU U 114 52.86 -30.86 3.32
N PRO U 115 51.58 -30.67 3.01
CA PRO U 115 50.61 -30.41 4.07
C PRO U 115 50.39 -31.65 4.91
N PRO U 116 49.90 -31.48 6.15
CA PRO U 116 49.78 -32.64 7.05
C PRO U 116 48.86 -33.73 6.53
N VAL U 117 49.43 -34.90 6.30
CA VAL U 117 48.67 -36.06 5.85
C VAL U 117 48.95 -37.32 6.65
N PHE U 118 49.98 -37.32 7.50
CA PHE U 118 50.30 -38.51 8.28
C PHE U 118 49.32 -38.72 9.42
N GLY U 119 48.72 -37.64 9.93
CA GLY U 119 47.81 -37.77 11.04
C GLY U 119 47.87 -36.57 11.95
N SER U 120 46.75 -36.25 12.59
CA SER U 120 46.64 -35.09 13.47
C SER U 120 46.95 -33.81 12.71
N ALA U 121 47.09 -32.71 13.45
CA ALA U 121 47.35 -31.41 12.83
C ALA U 121 47.90 -30.48 13.90
N ASP U 122 49.12 -30.02 13.72
CA ASP U 122 49.71 -29.07 14.66
C ASP U 122 49.55 -27.64 14.17
N GLU U 123 48.66 -26.88 14.80
CA GLU U 123 48.41 -25.50 14.44
C GLU U 123 48.32 -24.64 15.69
N ILE U 124 48.50 -23.34 15.49
CA ILE U 124 48.26 -22.34 16.52
C ILE U 124 46.89 -21.74 16.25
N ARG U 125 45.94 -22.01 17.14
CA ARG U 125 44.57 -21.55 16.98
C ARG U 125 44.44 -20.30 17.84
N LEU U 126 44.64 -19.14 17.21
CA LEU U 126 44.67 -17.87 17.92
C LEU U 126 43.25 -17.44 18.24
N ASP U 127 42.79 -17.75 19.45
CA ASP U 127 41.44 -17.44 19.89
C ASP U 127 41.11 -15.96 19.81
N SER U 128 42.10 -15.08 19.88
CA SER U 128 41.82 -13.64 19.97
C SER U 128 41.32 -13.09 18.64
N VAL U 129 41.98 -13.42 17.54
CA VAL U 129 41.51 -13.04 16.22
C VAL U 129 40.55 -14.05 15.61
N GLY U 130 40.47 -15.26 16.13
CA GLY U 130 39.73 -16.29 15.44
C GLY U 130 40.43 -16.78 14.20
N LEU U 131 41.76 -16.70 14.16
CA LEU U 131 42.55 -17.20 13.05
C LEU U 131 43.46 -18.32 13.53
N GLU U 132 43.60 -19.34 12.69
CA GLU U 132 44.50 -20.44 12.95
C GLU U 132 45.52 -20.53 11.82
N ILE U 133 46.75 -20.87 12.18
CA ILE U 133 47.87 -20.92 11.24
C ILE U 133 48.35 -22.36 11.15
N VAL U 134 48.40 -22.89 9.94
CA VAL U 134 48.85 -24.25 9.71
C VAL U 134 50.29 -24.22 9.19
N PHE U 135 51.09 -25.16 9.67
CA PHE U 135 52.50 -25.23 9.34
C PHE U 135 52.76 -26.39 8.41
N PRO U 136 53.43 -26.17 7.28
CA PRO U 136 53.72 -27.28 6.37
C PRO U 136 54.58 -28.34 7.03
N LEU U 137 54.31 -29.59 6.69
CA LEU U 137 55.06 -30.73 7.21
C LEU U 137 56.28 -30.93 6.34
N THR U 138 57.46 -30.91 6.96
CA THR U 138 58.73 -31.02 6.25
C THR U 138 59.07 -32.49 6.04
N ILE U 139 59.29 -32.88 4.79
CA ILE U 139 59.50 -34.28 4.46
C ILE U 139 60.80 -34.44 3.68
N PRO U 140 61.64 -35.41 4.03
CA PRO U 140 62.87 -35.64 3.27
C PRO U 140 62.55 -36.09 1.85
N GLN U 141 63.49 -35.82 0.95
CA GLN U 141 63.38 -36.31 -0.41
C GLN U 141 63.39 -37.84 -0.41
N THR U 142 62.83 -38.41 -1.49
CA THR U 142 62.66 -39.84 -1.71
C THR U 142 61.63 -40.46 -0.78
N LEU U 143 61.08 -39.69 0.16
CA LEU U 143 59.90 -40.09 0.92
C LEU U 143 58.65 -39.37 0.42
N MET U 144 58.77 -38.07 0.12
CA MET U 144 57.71 -37.37 -0.59
C MET U 144 57.35 -38.09 -1.88
N ARG U 145 58.32 -38.74 -2.50
CA ARG U 145 58.04 -39.48 -3.73
C ARG U 145 56.99 -40.56 -3.48
N GLU U 146 57.20 -41.36 -2.44
CA GLU U 146 56.22 -42.38 -2.07
C GLU U 146 54.91 -41.75 -1.65
N ILE U 147 54.96 -40.62 -0.93
CA ILE U 147 53.73 -39.98 -0.45
C ILE U 147 52.88 -39.50 -1.63
N ILE U 148 53.52 -38.82 -2.60
CA ILE U 148 52.78 -38.34 -3.76
C ILE U 148 52.32 -39.51 -4.60
N ALA U 149 53.13 -40.58 -4.69
CA ALA U 149 52.68 -41.78 -5.39
C ALA U 149 51.38 -42.30 -4.79
N LYS U 150 51.36 -42.48 -3.47
CA LYS U 150 50.17 -43.01 -2.82
C LYS U 150 48.98 -42.08 -2.98
N VAL U 151 49.18 -40.77 -2.83
CA VAL U 151 48.03 -39.86 -2.88
C VAL U 151 47.48 -39.77 -4.30
N VAL U 152 48.36 -39.78 -5.31
CA VAL U 152 47.89 -39.75 -6.68
C VAL U 152 47.16 -41.04 -7.03
N ALA U 153 47.67 -42.18 -6.54
CA ALA U 153 47.00 -43.45 -6.78
C ALA U 153 45.62 -43.48 -6.12
N ARG U 154 45.52 -42.95 -4.90
CA ARG U 154 44.22 -42.88 -4.25
C ARG U 154 43.27 -41.98 -5.04
N ALA U 155 43.77 -40.83 -5.51
CA ALA U 155 42.92 -39.93 -6.29
C ALA U 155 42.43 -40.60 -7.57
N VAL U 156 43.31 -41.31 -8.27
CA VAL U 156 42.91 -41.92 -9.54
C VAL U 156 41.94 -43.08 -9.29
N GLU U 157 42.15 -43.86 -8.21
CA GLU U 157 41.23 -44.95 -7.95
C GLU U 157 39.86 -44.43 -7.52
N ARG U 158 39.84 -43.29 -6.82
CA ARG U 158 38.57 -42.75 -6.37
C ARG U 158 37.81 -42.09 -7.51
N THR U 159 38.52 -41.42 -8.42
CA THR U 159 37.85 -40.81 -9.57
C THR U 159 37.53 -41.82 -10.66
N ALA U 160 38.17 -42.99 -10.65
CA ALA U 160 37.85 -44.01 -11.65
C ALA U 160 36.44 -44.58 -11.43
N ALA U 161 36.06 -44.79 -10.17
CA ALA U 161 34.75 -45.34 -9.85
C ALA U 161 34.16 -44.66 -8.62
N ASP U 162 45.77 -46.34 4.12
CA ASP U 162 47.06 -46.24 3.46
C ASP U 162 48.19 -46.36 4.47
N VAL U 163 49.20 -47.16 4.13
CA VAL U 163 50.36 -47.37 4.98
C VAL U 163 51.62 -47.13 4.15
N ILE U 164 52.63 -46.56 4.79
CA ILE U 164 53.90 -46.28 4.13
C ILE U 164 55.03 -46.86 4.97
N CYS U 165 56.11 -47.26 4.32
CA CYS U 165 57.25 -47.88 4.98
C CYS U 165 58.49 -47.02 4.75
N TYR U 166 59.18 -46.68 5.84
CA TYR U 166 60.45 -45.95 5.75
C TYR U 166 61.23 -46.25 7.02
N ASN U 167 62.23 -47.13 6.91
CA ASN U 167 63.09 -47.50 8.03
C ASN U 167 62.26 -47.96 9.23
N GLY U 168 61.24 -48.76 8.95
CA GLY U 168 60.35 -49.22 9.99
C GLY U 168 59.36 -48.17 10.39
N ARG U 169 58.66 -48.45 11.50
CA ARG U 169 57.69 -47.53 12.10
C ARG U 169 56.63 -47.12 11.08
N ARG U 170 55.83 -48.11 10.69
CA ARG U 170 54.78 -47.91 9.70
C ARG U 170 53.91 -46.71 10.04
N TYR U 171 53.65 -45.87 9.05
CA TYR U 171 52.79 -44.70 9.20
C TYR U 171 51.52 -44.88 8.40
N GLU U 172 50.40 -44.44 8.98
CA GLU U 172 49.09 -44.52 8.34
C GLU U 172 48.75 -43.18 7.73
N LEU U 173 48.54 -43.18 6.41
CA LEU U 173 48.24 -41.97 5.68
C LEU U 173 46.77 -41.61 5.82
N GLU U 174 46.49 -40.31 5.87
CA GLU U 174 45.15 -39.80 6.15
C GLU U 174 44.78 -38.67 5.19
N THR U 175 44.97 -38.93 3.89
CA THR U 175 44.65 -37.93 2.88
C THR U 175 43.20 -37.51 2.95
N ASN U 176 42.96 -36.20 2.88
CA ASN U 176 41.60 -35.66 2.90
C ASN U 176 41.17 -35.28 1.48
N LEU U 177 40.78 -36.30 0.73
CA LEU U 177 40.27 -36.14 -0.62
C LEU U 177 38.76 -35.94 -0.54
N GLN U 178 38.32 -34.70 -0.66
CA GLN U 178 36.89 -34.38 -0.60
C GLN U 178 36.55 -33.37 -1.69
N HIS U 179 37.05 -33.62 -2.89
CA HIS U 179 36.87 -32.66 -3.97
C HIS U 179 37.30 -33.29 -5.29
N ARG U 180 36.52 -33.06 -6.34
CA ARG U 180 36.84 -33.55 -7.68
C ARG U 180 36.72 -32.42 -8.70
N ASP U 181 37.77 -31.59 -8.78
CA ASP U 181 38.01 -30.73 -9.93
C ASP U 181 39.45 -30.80 -10.42
N GLY U 182 40.41 -30.99 -9.51
CA GLY U 182 41.80 -31.09 -9.89
C GLY U 182 42.29 -32.48 -10.21
N SER U 183 41.48 -33.51 -9.95
CA SER U 183 41.86 -34.87 -10.27
C SER U 183 42.07 -35.03 -11.77
N ASP U 184 41.18 -34.44 -12.58
CA ASP U 184 41.34 -34.51 -14.03
C ASP U 184 42.63 -33.82 -14.46
N ALA U 185 42.96 -32.69 -13.82
CA ALA U 185 44.22 -32.01 -14.14
C ALA U 185 45.42 -32.87 -13.80
N ALA U 186 45.37 -33.58 -12.67
CA ALA U 186 46.46 -34.48 -12.31
C ALA U 186 46.59 -35.61 -13.32
N ILE U 187 45.47 -36.19 -13.73
CA ILE U 187 45.51 -37.25 -14.73
C ILE U 187 46.06 -36.72 -16.05
N ARG U 188 45.66 -35.49 -16.42
CA ARG U 188 46.16 -34.89 -17.64
C ARG U 188 47.67 -34.69 -17.58
N THR U 189 48.17 -34.21 -16.45
CA THR U 189 49.61 -34.04 -16.32
C THR U 189 50.33 -35.39 -16.42
N LEU U 190 49.77 -36.42 -15.78
CA LEU U 190 50.39 -37.74 -15.83
C LEU U 190 50.43 -38.28 -17.26
N VAL U 191 49.32 -38.15 -17.99
CA VAL U 191 49.29 -38.69 -19.34
C VAL U 191 50.19 -37.88 -20.27
N LEU U 192 50.26 -36.57 -20.08
CA LEU U 192 51.19 -35.77 -20.86
C LEU U 192 52.63 -36.18 -20.59
N ASN U 193 52.97 -36.43 -19.33
CA ASN U 193 54.30 -36.93 -19.02
C ASN U 193 54.56 -38.29 -19.68
N LEU U 194 53.53 -39.13 -19.75
CA LEU U 194 53.68 -40.42 -20.41
C LEU U 194 53.96 -40.25 -21.90
N MET U 195 53.04 -39.57 -22.62
CA MET U 195 53.06 -39.62 -24.07
C MET U 195 54.35 -39.05 -24.66
N PHE U 196 55.05 -38.20 -23.92
CA PHE U 196 56.25 -37.58 -24.47
C PHE U 196 57.39 -38.58 -24.64
N SER U 197 57.29 -39.77 -24.07
CA SER U 197 58.30 -40.80 -24.26
C SER U 197 57.74 -42.17 -24.61
N ILE U 198 56.53 -42.48 -24.13
CA ILE U 198 56.04 -43.87 -24.05
C ILE U 198 56.30 -44.62 -25.34
N ASN U 199 55.83 -44.09 -26.47
CA ASN U 199 55.86 -44.84 -27.71
C ASN U 199 57.28 -45.24 -28.09
N GLU U 200 58.13 -44.24 -28.38
CA GLU U 200 59.48 -44.54 -28.83
C GLU U 200 60.26 -45.33 -27.80
N GLY U 201 60.29 -44.84 -26.55
CA GLY U 201 61.10 -45.49 -25.54
C GLY U 201 60.68 -46.92 -25.28
N THR U 202 59.39 -47.13 -25.01
CA THR U 202 58.92 -48.45 -24.65
C THR U 202 59.00 -49.41 -25.82
N THR U 203 58.67 -48.97 -27.04
CA THR U 203 58.79 -49.86 -28.19
C THR U 203 60.24 -50.29 -28.40
N LEU U 204 61.17 -49.34 -28.36
CA LEU U 204 62.57 -49.67 -28.62
C LEU U 204 63.12 -50.60 -27.53
N ILE U 205 62.98 -50.22 -26.26
CA ILE U 205 63.54 -51.07 -25.22
C ILE U 205 62.70 -52.32 -24.98
N LEU U 206 61.48 -52.39 -25.53
CA LEU U 206 60.73 -53.64 -25.54
C LEU U 206 61.30 -54.60 -26.57
N THR U 207 61.70 -54.07 -27.74
CA THR U 207 62.47 -54.89 -28.66
C THR U 207 63.76 -55.38 -28.01
N LEU U 208 64.45 -54.49 -27.28
CA LEU U 208 65.66 -54.88 -26.57
C LEU U 208 65.40 -55.98 -25.55
N ILE U 209 64.36 -55.84 -24.72
CA ILE U 209 64.10 -56.83 -23.70
C ILE U 209 63.63 -58.14 -24.32
N THR U 210 62.87 -58.09 -25.41
CA THR U 210 62.48 -59.30 -26.12
C THR U 210 63.72 -60.02 -26.67
N ARG U 211 64.71 -59.25 -27.11
CA ARG U 211 66.00 -59.85 -27.45
C ARG U 211 66.64 -60.48 -26.22
N LEU U 212 66.55 -59.82 -25.07
CA LEU U 212 67.15 -60.34 -23.85
C LEU U 212 66.42 -61.60 -23.36
N LEU U 213 65.09 -61.53 -23.28
CA LEU U 213 64.31 -62.65 -22.76
C LEU U 213 64.01 -63.67 -23.85
N ARG U 214 64.82 -37.25 -34.80
CA ARG U 214 64.96 -37.91 -33.50
C ARG U 214 65.78 -39.18 -33.60
N PHE U 215 66.97 -39.16 -33.04
CA PHE U 215 67.83 -40.34 -33.08
C PHE U 215 67.29 -41.40 -32.13
N PRO U 216 67.00 -42.61 -32.61
CA PRO U 216 66.49 -43.65 -31.73
C PRO U 216 67.52 -44.06 -30.68
N ILE U 217 67.00 -44.57 -29.56
CA ILE U 217 67.80 -45.09 -28.44
C ILE U 217 68.45 -43.94 -27.68
N TYR U 218 68.54 -42.76 -28.31
CA TYR U 218 69.21 -41.63 -27.71
C TYR U 218 68.25 -40.49 -27.35
N GLU U 219 67.49 -39.99 -28.31
CA GLU U 219 66.57 -38.88 -28.03
C GLU U 219 65.47 -39.30 -27.08
N ALA U 220 64.96 -40.54 -27.21
CA ALA U 220 63.94 -41.03 -26.30
C ALA U 220 64.45 -41.01 -24.87
N ILE U 221 65.74 -41.28 -24.67
CA ILE U 221 66.30 -41.24 -23.33
C ILE U 221 66.29 -39.81 -22.78
N SER U 222 66.75 -38.85 -23.58
CA SER U 222 66.75 -37.46 -23.11
C SER U 222 65.35 -37.01 -22.75
N SER U 223 64.38 -37.34 -23.62
CA SER U 223 62.98 -37.06 -23.30
C SER U 223 62.57 -37.76 -22.01
N TRP U 224 63.06 -38.96 -21.76
CA TRP U 224 62.69 -39.70 -20.56
C TRP U 224 63.16 -38.98 -19.31
N ILE U 225 64.44 -38.58 -19.27
CA ILE U 225 64.92 -37.83 -18.11
C ILE U 225 64.18 -36.51 -17.95
N SER U 226 63.94 -35.80 -19.06
CA SER U 226 63.23 -34.53 -18.96
C SER U 226 61.84 -34.73 -18.38
N THR U 227 61.11 -35.73 -18.88
CA THR U 227 59.76 -35.99 -18.40
C THR U 227 59.76 -36.45 -16.95
N SER U 228 60.73 -37.28 -16.56
CA SER U 228 60.80 -37.73 -15.17
C SER U 228 61.04 -36.55 -14.24
N SER U 229 61.94 -35.64 -14.62
CA SER U 229 62.21 -34.47 -13.78
C SER U 229 60.97 -33.57 -13.69
N ARG U 230 60.30 -33.35 -14.82
CA ARG U 230 59.10 -32.51 -14.79
C ARG U 230 58.00 -33.15 -13.95
N LEU U 231 57.82 -34.47 -14.08
CA LEU U 231 56.84 -35.16 -13.26
C LEU U 231 57.19 -35.06 -11.78
N GLY U 232 58.48 -35.17 -11.46
CA GLY U 232 58.90 -35.09 -10.07
C GLY U 232 58.62 -33.73 -9.45
N ASP U 233 58.95 -32.65 -10.16
CA ASP U 233 58.82 -31.33 -9.54
C ASP U 233 57.44 -30.72 -9.82
N THR U 234 56.62 -31.33 -10.66
CA THR U 234 55.28 -30.78 -10.81
C THR U 234 54.31 -31.35 -9.78
N LEU U 235 54.20 -32.68 -9.73
CA LEU U 235 53.27 -33.31 -8.81
C LEU U 235 53.76 -33.25 -7.37
N GLY U 236 55.01 -32.84 -7.15
CA GLY U 236 55.54 -32.69 -5.81
C GLY U 236 55.94 -31.27 -5.50
N THR U 237 57.18 -31.08 -5.04
CA THR U 237 57.72 -29.76 -4.75
C THR U 237 59.16 -29.68 -5.24
N ARG U 238 59.74 -28.49 -5.10
CA ARG U 238 61.04 -28.19 -5.70
C ARG U 238 62.22 -28.68 -4.90
N ALA U 239 62.03 -29.22 -3.70
CA ALA U 239 63.15 -29.57 -2.81
C ALA U 239 64.03 -28.34 -2.56
N ILE U 240 63.42 -27.34 -1.91
CA ILE U 240 64.02 -26.02 -1.83
C ILE U 240 65.25 -26.01 -0.93
N LEU U 241 65.26 -26.88 0.09
CA LEU U 241 66.29 -26.81 1.12
C LEU U 241 67.11 -28.10 1.14
N ARG U 242 68.28 -28.01 1.76
CA ARG U 242 69.18 -29.16 1.90
C ARG U 242 69.88 -29.04 3.25
N VAL U 243 69.67 -30.03 4.11
CA VAL U 243 70.18 -29.99 5.47
C VAL U 243 71.68 -30.27 5.46
N CYS U 244 72.42 -29.48 6.21
CA CYS U 244 73.87 -29.67 6.31
C CYS U 244 74.32 -29.10 7.66
N VAL U 245 74.48 -29.96 8.66
CA VAL U 245 75.02 -29.58 9.95
C VAL U 245 76.45 -30.10 10.04
N PHE U 246 77.37 -29.22 10.40
CA PHE U 246 78.79 -29.53 10.25
C PHE U 246 79.29 -30.35 11.44
N ASP U 247 79.13 -29.82 12.65
CA ASP U 247 79.52 -30.52 13.87
C ASP U 247 78.26 -30.73 14.71
N GLY U 248 77.92 -31.99 14.95
CA GLY U 248 76.74 -32.32 15.71
C GLY U 248 76.24 -33.72 15.41
N PRO U 249 75.01 -34.02 15.85
CA PRO U 249 74.47 -35.36 15.63
C PRO U 249 74.29 -35.67 14.15
N SER U 250 74.48 -36.94 13.80
CA SER U 250 74.33 -37.36 12.42
C SER U 250 72.87 -37.32 12.00
N THR U 251 71.97 -37.86 12.82
CA THR U 251 70.55 -37.85 12.55
C THR U 251 69.85 -37.01 13.61
N VAL U 252 68.83 -36.27 13.17
CA VAL U 252 68.13 -35.31 14.03
C VAL U 252 66.69 -35.75 14.21
N HIS U 253 66.30 -35.96 15.46
CA HIS U 253 64.95 -36.39 15.78
C HIS U 253 63.96 -35.26 15.54
N PRO U 254 62.67 -35.59 15.43
CA PRO U 254 61.66 -34.53 15.31
C PRO U 254 61.73 -33.56 16.46
N GLY U 255 61.57 -32.27 16.16
CA GLY U 255 61.70 -31.23 17.15
C GLY U 255 63.12 -30.79 17.41
N ASP U 256 64.09 -31.29 16.67
CA ASP U 256 65.48 -30.89 16.84
C ASP U 256 65.86 -29.82 15.82
N ARG U 257 66.48 -28.76 16.33
CA ARG U 257 66.83 -27.59 15.53
C ARG U 257 68.10 -27.86 14.74
N THR U 258 68.03 -27.71 13.42
CA THR U 258 69.08 -28.15 12.52
C THR U 258 69.50 -27.01 11.59
N ALA U 259 70.78 -27.02 11.20
CA ALA U 259 71.27 -26.05 10.23
C ALA U 259 71.01 -26.55 8.81
N VAL U 260 70.55 -25.65 7.96
CA VAL U 260 70.18 -25.97 6.58
C VAL U 260 70.83 -24.95 5.66
N ILE U 261 71.05 -25.35 4.40
CA ILE U 261 71.53 -24.45 3.37
C ILE U 261 70.57 -24.50 2.19
N GLN U 262 70.44 -23.37 1.51
CA GLN U 262 69.47 -23.24 0.44
C GLN U 262 70.02 -23.82 -0.86
N VAL U 263 69.15 -24.48 -1.61
CA VAL U 263 69.53 -25.05 -2.91
C VAL U 263 68.49 -24.67 -3.94
N ALA V 1 26.61 -20.53 74.46
CA ALA V 1 27.30 -21.71 73.95
C ALA V 1 28.27 -22.25 75.00
N MET V 2 27.72 -22.81 76.07
CA MET V 2 28.52 -23.32 77.16
C MET V 2 27.99 -24.70 77.57
N PRO V 3 28.85 -25.73 77.57
CA PRO V 3 28.39 -27.04 78.05
C PRO V 3 27.87 -26.98 79.47
N PHE V 4 26.79 -27.70 79.71
CA PHE V 4 26.15 -27.72 81.03
C PHE V 4 27.01 -28.58 81.94
N GLU V 5 27.97 -27.95 82.59
CA GLU V 5 28.84 -28.66 83.51
C GLU V 5 28.00 -29.22 84.66
N ILE V 6 28.32 -30.43 85.08
CA ILE V 6 27.57 -31.13 86.12
C ILE V 6 28.56 -31.52 87.19
N GLU V 7 28.38 -30.99 88.39
CA GLU V 7 29.28 -31.23 89.51
C GLU V 7 28.54 -31.93 90.64
N VAL V 8 29.05 -33.07 91.07
CA VAL V 8 28.50 -33.84 92.18
C VAL V 8 29.55 -33.95 93.27
N LEU V 9 29.13 -33.71 94.50
CA LEU V 9 30.06 -33.60 95.62
C LEU V 9 30.42 -34.98 96.15
N LEU V 10 31.70 -35.17 96.44
CA LEU V 10 32.14 -36.40 97.08
C LEU V 10 32.23 -36.18 98.59
N PRO V 11 31.50 -36.96 99.39
CA PRO V 11 31.59 -36.80 100.84
C PRO V 11 33.01 -37.00 101.34
N GLY V 12 33.36 -36.28 102.40
CA GLY V 12 34.74 -36.25 102.87
C GLY V 12 35.19 -37.46 103.66
N GLU V 13 34.27 -38.35 104.01
CA GLU V 13 34.62 -39.53 104.80
C GLU V 13 35.06 -40.71 103.93
N ILE V 14 35.13 -40.52 102.62
CA ILE V 14 35.47 -41.62 101.72
C ILE V 14 36.97 -41.89 101.84
N SER V 15 37.34 -43.17 101.75
CA SER V 15 38.74 -43.55 101.89
C SER V 15 39.55 -43.08 100.68
N PRO V 16 40.82 -42.72 100.89
CA PRO V 16 41.66 -42.28 99.76
C PRO V 16 41.82 -43.33 98.68
N ALA V 17 41.86 -44.61 99.03
CA ALA V 17 41.96 -45.65 98.02
C ALA V 17 40.75 -45.63 97.11
N GLU V 18 39.56 -45.40 97.67
CA GLU V 18 38.37 -45.28 96.85
C GLU V 18 38.45 -44.04 95.96
N THR V 19 39.05 -42.95 96.46
CA THR V 19 39.25 -41.78 95.62
C THR V 19 40.14 -42.09 94.44
N SER V 20 41.23 -42.84 94.69
CA SER V 20 42.10 -43.26 93.60
C SER V 20 41.36 -44.16 92.62
N ALA V 21 40.51 -45.04 93.12
CA ALA V 21 39.72 -45.90 92.25
C ALA V 21 38.78 -45.07 91.38
N LEU V 22 38.15 -44.05 91.96
CA LEU V 22 37.28 -43.17 91.19
C LEU V 22 38.07 -42.41 90.12
N GLN V 23 39.27 -41.93 90.47
CA GLN V 23 40.13 -41.28 89.48
C GLN V 23 40.47 -42.23 88.34
N LYS V 24 40.85 -43.47 88.68
CA LYS V 24 41.17 -44.45 87.63
C LYS V 24 39.95 -44.78 86.79
N CYS V 25 38.76 -44.69 87.36
CA CYS V 25 37.53 -44.95 86.64
C CYS V 25 37.02 -43.74 85.87
N GLU V 26 37.86 -42.73 85.69
CA GLU V 26 37.47 -41.54 84.97
C GLU V 26 37.15 -41.85 83.51
N GLY V 27 36.12 -41.18 82.99
CA GLY V 27 35.77 -41.26 81.59
C GLY V 27 34.59 -42.15 81.27
N LYS V 28 33.99 -42.79 82.26
CA LYS V 28 32.82 -43.62 82.02
C LYS V 28 31.55 -42.78 82.13
N ILE V 29 30.39 -43.43 82.16
CA ILE V 29 29.11 -42.75 82.02
C ILE V 29 28.32 -42.94 83.31
N ILE V 30 27.65 -41.86 83.74
CA ILE V 30 26.67 -41.92 84.80
C ILE V 30 25.44 -41.16 84.35
N THR V 31 24.26 -41.72 84.64
CA THR V 31 23.00 -41.13 84.21
C THR V 31 22.31 -40.47 85.38
N PHE V 32 21.54 -39.42 85.08
CA PHE V 32 20.87 -38.63 86.11
C PHE V 32 19.38 -38.57 85.85
N SER V 33 18.63 -38.36 86.93
CA SER V 33 17.21 -38.06 86.86
C SER V 33 16.98 -36.69 87.49
N THR V 34 16.15 -35.87 86.83
CA THR V 34 15.93 -34.48 87.23
C THR V 34 17.26 -33.75 87.38
N LEU V 35 17.93 -33.62 86.23
CA LEU V 35 19.29 -33.09 86.19
C LEU V 35 19.36 -31.71 86.83
N ARG V 36 20.35 -31.53 87.71
CA ARG V 36 20.52 -30.28 88.45
C ARG V 36 21.98 -29.85 88.39
N HIS V 37 22.21 -28.60 88.78
CA HIS V 37 23.56 -28.04 88.73
C HIS V 37 24.49 -28.69 89.73
N ARG V 38 23.98 -29.08 90.90
CA ARG V 38 24.80 -29.65 91.96
C ARG V 38 24.03 -30.78 92.62
N ALA V 39 24.30 -32.01 92.21
CA ALA V 39 23.61 -33.18 92.71
C ALA V 39 24.41 -33.83 93.83
N SER V 40 23.96 -35.01 94.27
CA SER V 40 24.60 -35.76 95.34
C SER V 40 24.89 -37.18 94.87
N LEU V 41 25.88 -37.80 95.50
CA LEU V 41 26.37 -39.10 95.04
C LEU V 41 25.29 -40.17 95.16
N VAL V 42 24.28 -39.94 96.00
CA VAL V 42 23.18 -40.90 96.09
C VAL V 42 22.45 -41.01 94.77
N ASP V 43 22.46 -39.95 93.95
CA ASP V 43 21.78 -40.00 92.67
C ASP V 43 22.47 -40.97 91.71
N ILE V 44 23.81 -41.03 91.74
CA ILE V 44 24.54 -41.79 90.74
C ILE V 44 24.59 -43.29 91.03
N ALA V 45 24.50 -43.69 92.29
CA ALA V 45 24.61 -45.09 92.64
C ALA V 45 23.37 -45.85 92.19
N LEU V 46 23.47 -47.18 92.21
CA LEU V 46 22.33 -48.01 91.84
C LEU V 46 21.19 -47.93 92.84
N SER V 47 21.42 -47.30 94.00
CA SER V 47 20.32 -47.04 94.93
C SER V 47 19.18 -46.29 94.24
N SER V 48 19.51 -45.33 93.38
CA SER V 48 18.47 -44.67 92.60
C SER V 48 17.85 -45.61 91.58
N TYR V 49 18.61 -46.60 91.10
CA TYR V 49 18.09 -47.54 90.11
C TYR V 49 17.00 -48.43 90.68
N TYR V 50 16.87 -48.51 92.00
CA TYR V 50 15.97 -49.45 92.66
C TYR V 50 14.51 -49.32 92.25
N ILE V 51 13.99 -50.38 91.61
CA ILE V 51 12.55 -50.55 91.54
C ILE V 51 12.07 -50.85 92.96
N ASN V 52 10.76 -50.71 93.19
CA ASN V 52 10.19 -50.88 94.52
C ASN V 52 10.72 -52.14 95.18
N GLY V 53 11.49 -51.97 96.24
CA GLY V 53 12.08 -53.08 96.96
C GLY V 53 13.29 -53.71 96.29
N ALA V 54 13.06 -54.43 95.19
CA ALA V 54 14.07 -55.28 94.59
C ALA V 54 15.04 -54.49 93.73
N PRO V 55 16.26 -54.99 93.55
CA PRO V 55 17.17 -54.39 92.58
C PRO V 55 16.65 -54.61 91.17
N PRO V 56 17.03 -53.75 90.23
CA PRO V 56 16.43 -53.82 88.89
C PRO V 56 16.84 -55.07 88.12
N ASP V 57 15.98 -55.47 87.20
CA ASP V 57 16.25 -56.54 86.26
C ASP V 57 16.81 -55.94 84.97
N THR V 58 17.08 -56.80 83.99
CA THR V 58 17.63 -56.32 82.73
C THR V 58 16.66 -55.38 82.02
N LEU V 59 15.41 -55.81 81.84
CA LEU V 59 14.43 -54.97 81.16
C LEU V 59 14.21 -53.67 81.92
N SER V 60 14.16 -53.74 83.25
CA SER V 60 14.02 -52.52 84.05
C SER V 60 15.24 -51.63 83.91
N LEU V 61 16.43 -52.21 83.79
CA LEU V 61 17.59 -51.37 83.60
C LEU V 61 17.57 -50.68 82.24
N LEU V 62 17.14 -51.40 81.19
CA LEU V 62 17.00 -50.76 79.88
C LEU V 62 15.97 -49.63 79.93
N GLU V 63 14.83 -49.86 80.60
CA GLU V 63 13.82 -48.81 80.68
C GLU V 63 14.35 -47.60 81.45
N ALA V 64 15.10 -47.83 82.54
CA ALA V 64 15.66 -46.71 83.28
C ALA V 64 16.70 -45.96 82.44
N TYR V 65 17.54 -46.68 81.70
CA TYR V 65 18.54 -46.04 80.87
C TYR V 65 17.93 -45.20 79.76
N ARG V 66 16.87 -45.70 79.12
CA ARG V 66 16.13 -44.87 78.17
C ARG V 66 15.25 -43.85 78.88
N MET V 67 15.18 -43.90 80.21
CA MET V 67 14.35 -42.95 80.95
C MET V 67 15.14 -41.75 81.41
N ARG V 68 16.40 -41.93 81.79
CA ARG V 68 17.14 -40.94 82.54
C ARG V 68 18.12 -40.20 81.64
N PHE V 69 18.71 -39.14 82.20
CA PHE V 69 19.63 -38.27 81.47
C PHE V 69 21.06 -38.68 81.76
N ALA V 70 21.75 -39.21 80.75
CA ALA V 70 23.12 -39.64 80.90
C ALA V 70 24.07 -38.44 80.90
N ALA V 71 25.22 -38.63 81.55
CA ALA V 71 26.24 -37.59 81.60
C ALA V 71 27.61 -38.24 81.51
N VAL V 72 28.58 -37.49 81.00
CA VAL V 72 29.94 -37.97 80.82
C VAL V 72 30.82 -37.30 81.86
N ILE V 73 31.39 -38.10 82.76
CA ILE V 73 32.37 -37.58 83.70
C ILE V 73 33.59 -37.11 82.93
N THR V 74 34.18 -36.00 83.37
CA THR V 74 35.30 -35.42 82.66
C THR V 74 36.48 -35.04 83.54
N ARG V 75 36.31 -34.94 84.86
CA ARG V 75 37.39 -34.56 85.74
C ARG V 75 37.08 -35.03 87.15
N VAL V 76 38.13 -35.39 87.89
CA VAL V 76 37.99 -35.84 89.28
C VAL V 76 38.88 -34.91 90.10
N ILE V 77 38.26 -33.90 90.70
CA ILE V 77 38.94 -32.98 91.60
C ILE V 77 38.70 -33.48 93.02
N PRO V 78 39.66 -33.38 93.94
CA PRO V 78 39.44 -33.86 95.30
C PRO V 78 38.18 -33.29 95.93
N GLY V 79 37.20 -34.15 96.17
CA GLY V 79 35.92 -33.79 96.76
C GLY V 79 34.79 -33.64 95.76
N LYS V 80 35.08 -33.52 94.47
CA LYS V 80 34.05 -33.25 93.48
C LYS V 80 34.29 -34.06 92.22
N LEU V 81 33.21 -34.30 91.47
CA LEU V 81 33.27 -34.96 90.18
C LEU V 81 32.58 -34.08 89.16
N LEU V 82 33.23 -33.84 88.03
CA LEU V 82 32.76 -32.91 87.02
C LEU V 82 32.29 -33.69 85.80
N ALA V 83 31.03 -33.49 85.42
CA ALA V 83 30.46 -34.16 84.26
C ALA V 83 29.78 -33.14 83.38
N HIS V 84 29.34 -33.60 82.21
CA HIS V 84 28.65 -32.76 81.24
C HIS V 84 27.46 -33.50 80.67
N ALA V 85 26.33 -32.82 80.60
CA ALA V 85 25.12 -33.43 80.07
C ALA V 85 25.25 -33.67 78.57
N ILE V 86 24.80 -34.83 78.13
CA ILE V 86 24.90 -35.20 76.72
C ILE V 86 23.53 -35.41 76.07
N GLY V 87 22.52 -35.84 76.83
CA GLY V 87 21.20 -35.98 76.25
C GLY V 87 20.65 -34.66 75.74
N VAL V 88 20.97 -33.57 76.45
CA VAL V 88 20.52 -32.26 76.02
C VAL V 88 21.32 -31.81 74.80
N GLY V 89 20.83 -30.75 74.16
CA GLY V 89 21.46 -30.21 72.99
C GLY V 89 22.63 -29.27 73.23
N THR V 90 23.04 -29.09 74.48
CA THR V 90 24.14 -28.19 74.78
C THR V 90 25.44 -28.74 74.19
N PRO V 91 26.15 -27.95 73.39
CA PRO V 91 27.37 -28.46 72.76
C PRO V 91 28.48 -28.66 73.76
N THR V 92 29.41 -29.56 73.42
CA THR V 92 30.59 -29.82 74.24
C THR V 92 31.80 -29.87 73.31
N PRO V 93 32.85 -29.10 73.58
CA PRO V 93 34.00 -29.06 72.67
C PRO V 93 34.76 -30.37 72.58
N GLY V 94 35.22 -30.87 73.73
CA GLY V 94 36.00 -32.09 73.73
C GLY V 94 35.51 -33.11 74.73
N LEU V 95 35.09 -34.26 74.23
CA LEU V 95 34.59 -35.35 75.07
C LEU V 95 35.50 -36.55 74.93
N PHE V 96 35.74 -37.22 76.05
CA PHE V 96 36.59 -38.41 76.05
C PHE V 96 35.93 -39.48 76.90
N ILE V 97 35.73 -40.65 76.31
CA ILE V 97 35.08 -41.77 76.98
C ILE V 97 35.96 -43.00 76.88
N GLN V 98 35.76 -43.94 77.80
CA GLN V 98 36.52 -45.18 77.83
C GLN V 98 35.68 -46.30 77.25
N ASN V 99 36.35 -47.23 76.56
CA ASN V 99 35.67 -48.39 76.00
C ASN V 99 35.31 -49.36 77.13
N THR V 100 34.11 -49.23 77.67
CA THR V 100 33.62 -50.14 78.70
C THR V 100 32.79 -51.23 78.00
N SER V 101 33.51 -52.20 77.46
CA SER V 101 32.93 -53.33 76.75
C SER V 101 34.05 -54.30 76.39
N PRO V 102 33.72 -55.56 76.10
CA PRO V 102 34.71 -56.48 75.55
C PRO V 102 34.87 -56.41 74.04
N VAL V 103 34.35 -55.37 73.39
CA VAL V 103 34.33 -55.27 71.94
C VAL V 103 35.06 -53.99 71.52
N ASP V 104 35.78 -54.07 70.41
CA ASP V 104 36.47 -52.90 69.89
C ASP V 104 35.49 -51.99 69.15
N LEU V 105 35.89 -50.75 68.95
CA LEU V 105 35.07 -49.76 68.25
C LEU V 105 35.76 -49.34 66.97
N CYS V 106 35.03 -49.39 65.87
CA CYS V 106 35.50 -48.86 64.59
C CYS V 106 35.14 -47.38 64.50
N ASN V 107 36.01 -46.62 63.85
CA ASN V 107 35.87 -45.16 63.80
C ASN V 107 34.62 -44.78 63.02
N GLY V 108 33.59 -44.32 63.72
CA GLY V 108 32.40 -43.82 63.07
C GLY V 108 31.10 -44.40 63.57
N ASP V 109 31.18 -45.47 64.37
CA ASP V 109 29.96 -46.14 64.81
C ASP V 109 29.29 -45.37 65.94
N TYR V 110 27.96 -45.53 66.02
CA TYR V 110 27.18 -44.93 67.08
C TYR V 110 27.28 -45.78 68.34
N ILE V 111 27.35 -45.13 69.49
CA ILE V 111 27.54 -45.80 70.77
C ILE V 111 26.23 -45.77 71.55
N CYS V 112 25.87 -46.91 72.12
CA CYS V 112 24.67 -47.02 72.96
C CYS V 112 25.07 -47.62 74.30
N LEU V 113 24.18 -47.45 75.29
CA LEU V 113 24.44 -47.80 76.67
C LEU V 113 23.47 -48.86 77.13
N LEU V 114 23.99 -49.93 77.71
CA LEU V 114 23.20 -51.04 78.18
C LEU V 114 23.82 -51.59 79.46
N PRO V 115 23.04 -52.08 80.42
CA PRO V 115 23.59 -52.70 81.66
C PRO V 115 24.42 -53.90 81.38
N PRO V 116 25.32 -54.24 82.31
CA PRO V 116 26.16 -55.44 82.16
C PRO V 116 25.41 -56.73 82.02
N VAL V 117 25.50 -57.33 80.81
CA VAL V 117 24.85 -58.60 80.52
C VAL V 117 25.81 -59.59 79.91
N PHE V 118 26.96 -59.17 79.38
CA PHE V 118 27.91 -60.11 78.81
C PHE V 118 28.51 -61.01 79.88
N GLY V 119 28.74 -60.47 81.07
CA GLY V 119 29.31 -61.24 82.16
C GLY V 119 29.91 -60.34 83.22
N SER V 120 29.68 -60.70 84.48
CA SER V 120 30.18 -59.92 85.62
C SER V 120 29.66 -58.49 85.57
N ALA V 121 30.24 -57.61 86.39
CA ALA V 121 29.83 -56.22 86.43
C ALA V 121 30.99 -55.41 86.99
N ASP V 122 31.64 -54.62 86.13
CA ASP V 122 32.73 -53.76 86.59
C ASP V 122 32.17 -52.63 87.44
N GLU V 123 32.26 -52.76 88.77
CA GLU V 123 31.54 -51.88 89.65
C GLU V 123 32.47 -51.36 90.73
N ILE V 124 32.20 -50.13 91.17
CA ILE V 124 32.95 -49.49 92.24
C ILE V 124 32.10 -49.55 93.50
N ARG V 125 32.63 -50.16 94.55
CA ARG V 125 31.87 -50.46 95.76
C ARG V 125 32.43 -49.61 96.88
N LEU V 126 31.75 -48.51 97.19
CA LEU V 126 32.20 -47.57 98.20
C LEU V 126 31.73 -48.03 99.57
N ASP V 127 32.66 -48.56 100.37
CA ASP V 127 32.34 -49.08 101.69
C ASP V 127 32.08 -48.00 102.73
N SER V 128 32.72 -46.83 102.61
CA SER V 128 32.57 -45.80 103.63
C SER V 128 31.13 -45.33 103.74
N VAL V 129 30.43 -45.26 102.61
CA VAL V 129 29.02 -44.86 102.61
C VAL V 129 28.09 -46.04 102.36
N GLY V 130 28.61 -47.21 101.99
CA GLY V 130 27.77 -48.35 101.73
C GLY V 130 27.05 -48.31 100.40
N LEU V 131 27.56 -47.53 99.44
CA LEU V 131 26.97 -47.43 98.12
C LEU V 131 27.91 -48.01 97.08
N GLU V 132 27.32 -48.62 96.06
CA GLU V 132 28.05 -49.22 94.94
C GLU V 132 27.51 -48.66 93.62
N ILE V 133 28.40 -48.49 92.65
CA ILE V 133 28.12 -47.70 91.46
C ILE V 133 28.32 -48.54 90.21
N VAL V 134 27.27 -48.65 89.39
CA VAL V 134 27.31 -49.42 88.15
C VAL V 134 27.68 -48.50 87.00
N PHE V 135 28.50 -49.01 86.09
CA PHE V 135 28.91 -48.28 84.90
C PHE V 135 28.33 -48.94 83.66
N PRO V 136 27.56 -48.21 82.86
CA PRO V 136 26.92 -48.82 81.69
C PRO V 136 27.92 -49.30 80.65
N LEU V 137 27.53 -50.33 79.92
CA LEU V 137 28.35 -50.91 78.88
C LEU V 137 28.15 -50.13 77.59
N THR V 138 29.26 -49.79 76.93
CA THR V 138 29.22 -49.03 75.69
C THR V 138 29.32 -50.00 74.52
N ILE V 139 28.31 -49.99 73.66
CA ILE V 139 28.22 -50.97 72.58
C ILE V 139 27.95 -50.29 71.25
N PRO V 140 28.67 -50.66 70.19
CA PRO V 140 28.37 -50.08 68.87
C PRO V 140 27.02 -50.54 68.34
N GLN V 141 26.49 -49.77 67.40
CA GLN V 141 25.29 -50.17 66.70
C GLN V 141 25.55 -51.42 65.88
N THR V 142 24.46 -52.03 65.41
CA THR V 142 24.42 -53.31 64.71
C THR V 142 24.88 -54.46 65.59
N LEU V 143 25.23 -54.22 66.85
CA LEU V 143 25.51 -55.27 67.81
C LEU V 143 24.51 -55.29 68.95
N MET V 144 24.20 -54.11 69.52
CA MET V 144 23.12 -54.03 70.49
C MET V 144 21.81 -54.50 69.88
N ARG V 145 21.64 -54.34 68.58
CA ARG V 145 20.44 -54.84 67.92
C ARG V 145 20.30 -56.35 68.15
N GLU V 146 21.37 -57.10 67.86
CA GLU V 146 21.34 -58.53 68.10
C GLU V 146 21.22 -58.84 69.58
N ILE V 147 21.87 -58.05 70.44
CA ILE V 147 21.80 -58.30 71.88
C ILE V 147 20.37 -58.19 72.38
N ILE V 148 19.70 -57.09 72.05
CA ILE V 148 18.33 -56.88 72.51
C ILE V 148 17.40 -57.89 71.87
N ALA V 149 17.65 -58.27 70.61
CA ALA V 149 16.85 -59.31 69.99
C ALA V 149 16.93 -60.60 70.79
N LYS V 150 18.14 -61.00 71.17
CA LYS V 150 18.30 -62.21 71.98
C LYS V 150 17.62 -62.07 73.33
N VAL V 151 17.75 -60.89 73.95
CA VAL V 151 17.17 -60.68 75.28
C VAL V 151 15.66 -60.82 75.24
N VAL V 152 15.01 -60.12 74.30
CA VAL V 152 13.56 -60.13 74.26
C VAL V 152 13.05 -61.49 73.79
N ALA V 153 13.81 -62.17 72.91
CA ALA V 153 13.43 -63.52 72.53
C ALA V 153 13.44 -64.44 73.74
N ARG V 154 14.50 -64.38 74.54
CA ARG V 154 14.57 -65.20 75.74
C ARG V 154 13.43 -64.88 76.69
N ALA V 155 13.12 -63.59 76.86
CA ALA V 155 12.04 -63.20 77.75
C ALA V 155 10.69 -63.73 77.29
N VAL V 156 10.41 -63.62 75.98
CA VAL V 156 9.10 -64.04 75.49
C VAL V 156 8.96 -65.55 75.51
N GLU V 157 10.06 -66.29 75.28
CA GLU V 157 9.93 -67.74 75.37
C GLU V 157 9.88 -68.21 76.81
N ARG V 158 10.47 -67.46 77.74
CA ARG V 158 10.31 -67.78 79.14
C ARG V 158 8.88 -67.52 79.61
N THR V 159 8.28 -66.42 79.14
CA THR V 159 6.90 -66.12 79.53
C THR V 159 5.88 -66.91 78.74
N ALA V 160 6.27 -67.54 77.64
CA ALA V 160 5.33 -68.37 76.88
C ALA V 160 4.91 -69.59 77.67
N ALA V 161 5.85 -70.20 78.40
CA ALA V 161 5.55 -71.37 79.22
C ALA V 161 6.05 -71.18 80.65
N ASP V 162 22.72 -68.67 75.34
CA ASP V 162 22.75 -67.43 74.58
C ASP V 162 24.17 -67.06 74.19
N VAL V 163 24.55 -67.39 72.95
CA VAL V 163 25.87 -67.10 72.41
C VAL V 163 25.72 -66.19 71.21
N ILE V 164 26.48 -65.10 71.20
CA ILE V 164 26.37 -64.07 70.17
C ILE V 164 27.61 -64.11 69.29
N CYS V 165 27.44 -63.81 68.01
CA CYS V 165 28.50 -63.86 67.02
C CYS V 165 28.85 -62.44 66.59
N TYR V 166 30.12 -62.06 66.73
CA TYR V 166 30.59 -60.77 66.23
C TYR V 166 32.09 -60.89 66.00
N ASN V 167 32.48 -61.07 64.74
CA ASN V 167 33.88 -61.15 64.34
C ASN V 167 34.64 -62.19 65.18
N GLY V 168 34.08 -63.40 65.21
CA GLY V 168 34.64 -64.45 66.04
C GLY V 168 34.36 -64.21 67.51
N ARG V 169 35.23 -64.81 68.33
CA ARG V 169 35.27 -64.61 69.79
C ARG V 169 33.86 -64.67 70.39
N ARG V 170 33.28 -65.86 70.34
CA ARG V 170 31.92 -66.07 70.82
C ARG V 170 31.74 -65.56 72.25
N TYR V 171 30.67 -64.80 72.47
CA TYR V 171 30.34 -64.29 73.80
C TYR V 171 29.04 -64.93 74.30
N GLU V 172 28.97 -65.19 75.61
CA GLU V 172 27.80 -65.78 76.24
C GLU V 172 27.07 -64.70 77.05
N LEU V 173 25.77 -64.58 76.82
CA LEU V 173 24.96 -63.58 77.51
C LEU V 173 24.53 -64.09 78.88
N GLU V 174 24.20 -63.14 79.76
CA GLU V 174 23.82 -63.44 81.14
C GLU V 174 22.59 -62.63 81.53
N THR V 175 21.57 -62.66 80.68
CA THR V 175 20.36 -61.89 80.92
C THR V 175 19.74 -62.26 82.27
N ASN V 176 19.52 -61.25 83.11
CA ASN V 176 19.13 -61.47 84.51
C ASN V 176 17.63 -61.24 84.67
N LEU V 177 16.85 -62.23 84.25
CA LEU V 177 15.39 -62.11 84.21
C LEU V 177 14.77 -62.82 85.40
N GLN V 178 14.21 -62.05 86.33
CA GLN V 178 13.46 -62.61 87.47
C GLN V 178 12.21 -61.77 87.75
N HIS V 179 11.48 -61.41 86.70
CA HIS V 179 10.23 -60.69 86.88
C HIS V 179 9.34 -60.91 85.68
N ARG V 180 8.03 -60.89 85.92
CA ARG V 180 7.03 -60.96 84.84
C ARG V 180 6.05 -59.81 85.05
N ASP V 181 6.45 -58.63 84.62
CA ASP V 181 5.56 -57.48 84.48
C ASP V 181 5.74 -56.77 83.15
N GLY V 182 6.98 -56.64 82.68
CA GLY V 182 7.28 -55.98 81.44
C GLY V 182 7.21 -56.85 80.22
N SER V 183 7.06 -58.16 80.40
CA SER V 183 6.87 -59.05 79.27
C SER V 183 5.59 -58.71 78.52
N ASP V 184 4.52 -58.41 79.26
CA ASP V 184 3.27 -58.00 78.63
C ASP V 184 3.45 -56.72 77.83
N ALA V 185 4.17 -55.75 78.40
CA ALA V 185 4.41 -54.50 77.68
C ALA V 185 5.24 -54.75 76.42
N ALA V 186 6.25 -55.62 76.52
CA ALA V 186 7.06 -55.94 75.34
C ALA V 186 6.23 -56.60 74.26
N ILE V 187 5.36 -57.53 74.65
CA ILE V 187 4.48 -58.19 73.67
C ILE V 187 3.56 -57.16 73.03
N ARG V 188 3.01 -56.26 73.84
CA ARG V 188 2.13 -55.23 73.29
C ARG V 188 2.87 -54.33 72.30
N THR V 189 4.11 -53.95 72.63
CA THR V 189 4.88 -53.12 71.72
C THR V 189 5.16 -53.86 70.42
N LEU V 190 5.55 -55.12 70.50
CA LEU V 190 5.84 -55.88 69.28
C LEU V 190 4.59 -56.03 68.42
N VAL V 191 3.45 -56.33 69.04
CA VAL V 191 2.24 -56.57 68.26
C VAL V 191 1.73 -55.25 67.66
N LEU V 192 1.87 -54.13 68.38
CA LEU V 192 1.44 -52.86 67.81
C LEU V 192 2.36 -52.42 66.68
N ASN V 193 3.66 -52.71 66.81
CA ASN V 193 4.58 -52.45 65.71
C ASN V 193 4.22 -53.29 64.49
N LEU V 194 3.83 -54.54 64.70
CA LEU V 194 3.46 -55.40 63.59
C LEU V 194 2.18 -54.94 62.91
N MET V 195 1.12 -54.70 63.70
CA MET V 195 -0.22 -54.60 63.14
C MET V 195 -0.38 -53.38 62.23
N PHE V 196 0.40 -52.32 62.46
CA PHE V 196 0.24 -51.12 61.65
C PHE V 196 0.64 -51.32 60.20
N SER V 197 1.31 -52.43 59.88
CA SER V 197 1.75 -52.72 58.51
C SER V 197 1.33 -54.10 58.03
N ILE V 198 1.32 -55.09 58.93
CA ILE V 198 1.34 -56.50 58.55
C ILE V 198 0.32 -56.79 57.46
N ASN V 199 -0.94 -56.43 57.68
CA ASN V 199 -2.02 -56.80 56.77
C ASN V 199 -1.73 -56.34 55.34
N GLU V 200 -1.71 -55.02 55.13
CA GLU V 200 -1.56 -54.50 53.77
C GLU V 200 -0.22 -54.89 53.17
N GLY V 201 0.88 -54.63 53.91
CA GLY V 201 2.19 -54.87 53.34
C GLY V 201 2.41 -56.32 52.97
N THR V 202 2.11 -57.24 53.91
CA THR V 202 2.36 -58.64 53.66
C THR V 202 1.42 -59.20 52.62
N THR V 203 0.16 -58.76 52.59
CA THR V 203 -0.74 -59.24 51.54
C THR V 203 -0.22 -58.82 50.16
N LEU V 204 0.14 -57.54 50.02
CA LEU V 204 0.59 -57.05 48.71
C LEU V 204 1.87 -57.76 48.28
N ILE V 205 2.89 -57.78 49.13
CA ILE V 205 4.15 -58.36 48.68
C ILE V 205 4.13 -59.88 48.72
N LEU V 206 3.17 -60.50 49.40
CA LEU V 206 2.97 -61.93 49.30
C LEU V 206 2.33 -62.30 47.97
N THR V 207 1.39 -61.48 47.50
CA THR V 207 0.90 -61.65 46.13
C THR V 207 2.04 -61.48 45.14
N LEU V 208 2.90 -60.48 45.37
CA LEU V 208 4.05 -60.28 44.49
C LEU V 208 5.00 -61.47 44.49
N ILE V 209 5.33 -62.00 45.67
CA ILE V 209 6.25 -63.13 45.73
C ILE V 209 5.61 -64.40 45.17
N THR V 210 4.30 -64.58 45.37
CA THR V 210 3.61 -65.71 44.74
C THR V 210 3.66 -65.61 43.23
N ARG V 211 3.54 -64.38 42.70
CA ARG V 211 3.84 -64.18 41.28
C ARG V 211 5.27 -64.57 40.96
N LEU V 212 6.21 -64.21 41.84
CA LEU V 212 7.62 -64.53 41.60
C LEU V 212 7.88 -66.03 41.68
N LEU V 213 7.39 -66.67 42.74
CA LEU V 213 7.66 -68.10 42.94
C LEU V 213 6.76 -68.95 42.05
N ARG V 214 -5.20 -44.40 51.37
CA ARG V 214 -3.98 -45.19 51.46
C ARG V 214 -3.62 -45.80 50.11
N PHE V 215 -2.58 -45.28 49.49
CA PHE V 215 -2.16 -45.80 48.19
C PHE V 215 -1.40 -47.11 48.39
N PRO V 216 -1.81 -48.19 47.74
CA PRO V 216 -1.11 -49.47 47.92
C PRO V 216 0.32 -49.41 47.40
N ILE V 217 1.16 -50.25 48.00
CA ILE V 217 2.58 -50.41 47.66
C ILE V 217 3.36 -49.17 48.09
N TYR V 218 2.66 -48.08 48.41
CA TYR V 218 3.28 -46.81 48.72
C TYR V 218 3.19 -46.46 50.20
N GLU V 219 1.97 -46.40 50.75
CA GLU V 219 1.80 -46.06 52.16
C GLU V 219 2.28 -47.18 53.06
N ALA V 220 2.13 -48.43 52.62
CA ALA V 220 2.57 -49.57 53.43
C ALA V 220 4.07 -49.51 53.67
N ILE V 221 4.84 -49.13 52.65
CA ILE V 221 6.29 -49.05 52.81
C ILE V 221 6.65 -47.97 53.82
N SER V 222 6.09 -46.77 53.68
CA SER V 222 6.41 -45.69 54.61
C SER V 222 6.04 -46.06 56.03
N SER V 223 4.87 -46.68 56.21
CA SER V 223 4.49 -47.18 57.53
C SER V 223 5.48 -48.22 58.03
N TRP V 224 6.01 -49.06 57.13
CA TRP V 224 6.97 -50.07 57.54
C TRP V 224 8.25 -49.45 58.09
N ILE V 225 8.81 -48.49 57.35
CA ILE V 225 10.01 -47.82 57.87
C ILE V 225 9.71 -47.08 59.16
N SER V 226 8.55 -46.42 59.26
CA SER V 226 8.21 -45.72 60.48
C SER V 226 8.15 -46.67 61.67
N THR V 227 7.46 -47.80 61.51
CA THR V 227 7.32 -48.77 62.58
C THR V 227 8.67 -49.41 62.92
N SER V 228 9.49 -49.70 61.91
CA SER V 228 10.80 -50.28 62.17
C SER V 228 11.67 -49.32 62.96
N SER V 229 11.65 -48.04 62.60
CA SER V 229 12.42 -47.05 63.35
C SER V 229 11.91 -46.94 64.78
N ARG V 230 10.59 -46.93 64.97
CA ARG V 230 10.04 -46.83 66.31
C ARG V 230 10.42 -48.03 67.16
N LEU V 231 10.34 -49.24 66.60
CA LEU V 231 10.66 -50.43 67.38
C LEU V 231 12.15 -50.51 67.68
N GLY V 232 12.99 -50.05 66.74
CA GLY V 232 14.42 -50.00 67.02
C GLY V 232 14.74 -49.00 68.12
N ASP V 233 14.02 -47.88 68.15
CA ASP V 233 14.27 -46.85 69.15
C ASP V 233 13.73 -47.20 70.52
N THR V 234 12.61 -47.94 70.59
CA THR V 234 11.98 -48.21 71.87
C THR V 234 12.60 -49.41 72.59
N LEU V 235 12.71 -50.55 71.89
CA LEU V 235 13.27 -51.73 72.51
C LEU V 235 14.75 -51.59 72.82
N GLY V 236 15.43 -50.63 72.20
CA GLY V 236 16.86 -50.47 72.39
C GLY V 236 17.26 -49.13 73.00
N THR V 237 18.26 -48.50 72.40
CA THR V 237 18.80 -47.24 72.89
C THR V 237 18.88 -46.24 71.74
N ARG V 238 18.74 -44.97 72.08
CA ARG V 238 18.53 -43.91 71.09
C ARG V 238 19.78 -43.56 70.29
N ALA V 239 20.90 -44.27 70.47
CA ALA V 239 22.14 -43.99 69.75
C ALA V 239 22.59 -42.56 69.98
N ILE V 240 22.92 -42.27 71.24
CA ILE V 240 23.16 -40.89 71.67
C ILE V 240 24.50 -40.38 71.17
N LEU V 241 25.50 -41.26 71.06
CA LEU V 241 26.87 -40.83 70.81
C LEU V 241 27.43 -41.49 69.56
N ARG V 242 28.43 -40.83 68.97
CA ARG V 242 29.10 -41.30 67.78
C ARG V 242 30.58 -40.96 67.91
N VAL V 243 31.44 -41.97 67.81
CA VAL V 243 32.87 -41.79 68.05
C VAL V 243 33.51 -41.07 66.87
N CYS V 244 34.51 -40.23 67.17
CA CYS V 244 35.24 -39.51 66.13
C CYS V 244 36.64 -39.24 66.67
N VAL V 245 37.61 -40.04 66.25
CA VAL V 245 39.02 -39.81 66.57
C VAL V 245 39.69 -39.27 65.32
N PHE V 246 40.41 -38.15 65.47
CA PHE V 246 41.03 -37.50 64.32
C PHE V 246 42.32 -38.20 63.93
N ASP V 247 43.30 -38.20 64.83
CA ASP V 247 44.59 -38.85 64.60
C ASP V 247 44.74 -39.98 65.60
N GLY V 248 44.96 -41.19 65.10
CA GLY V 248 45.13 -42.34 65.94
C GLY V 248 44.70 -43.64 65.28
N PRO V 249 44.70 -44.73 66.04
CA PRO V 249 44.30 -46.03 65.48
C PRO V 249 42.85 -46.03 65.02
N SER V 250 42.60 -46.76 63.94
CA SER V 250 41.24 -46.87 63.42
C SER V 250 40.33 -47.58 64.43
N THR V 251 40.83 -48.63 65.06
CA THR V 251 40.07 -49.38 66.06
C THR V 251 40.69 -49.17 67.44
N VAL V 252 39.85 -49.18 68.46
CA VAL V 252 40.27 -48.96 69.84
C VAL V 252 39.89 -50.19 70.67
N HIS V 253 40.87 -50.72 71.39
CA HIS V 253 40.66 -51.86 72.26
C HIS V 253 40.03 -51.41 73.58
N PRO V 254 39.42 -52.33 74.32
CA PRO V 254 38.81 -51.96 75.60
C PRO V 254 39.83 -51.32 76.52
N GLY V 255 39.37 -50.31 77.28
CA GLY V 255 40.24 -49.57 78.16
C GLY V 255 40.99 -48.42 77.50
N ASP V 256 40.66 -48.07 76.26
CA ASP V 256 41.32 -46.99 75.56
C ASP V 256 40.49 -45.72 75.63
N ARG V 257 41.12 -44.60 75.29
CA ARG V 257 40.47 -43.30 75.31
C ARG V 257 40.14 -42.87 73.89
N THR V 258 38.89 -42.45 73.66
CA THR V 258 38.44 -42.01 72.35
C THR V 258 37.68 -40.70 72.49
N ALA V 259 37.80 -39.84 71.48
CA ALA V 259 36.96 -38.67 71.38
C ALA V 259 35.64 -39.04 70.74
N VAL V 260 34.55 -38.51 71.29
CA VAL V 260 33.20 -38.85 70.84
C VAL V 260 32.43 -37.57 70.58
N ILE V 261 31.51 -37.62 69.63
CA ILE V 261 30.70 -36.48 69.26
C ILE V 261 29.23 -36.82 69.47
N GLN V 262 28.49 -35.84 69.98
CA GLN V 262 27.07 -36.02 70.25
C GLN V 262 26.27 -36.13 68.95
N VAL V 263 25.31 -37.03 68.93
CA VAL V 263 24.40 -37.17 67.81
C VAL V 263 22.96 -37.29 68.32
N PHE W 1 32.73 -9.72 77.83
CA PHE W 1 32.29 -9.42 76.46
C PHE W 1 32.36 -10.61 75.50
N LYS W 2 31.56 -11.64 75.76
CA LYS W 2 31.33 -12.73 74.81
C LYS W 2 29.85 -13.04 74.76
N SER W 3 29.32 -13.29 73.56
CA SER W 3 27.91 -13.63 73.40
C SER W 3 27.68 -14.28 72.04
N THR W 4 26.61 -15.06 71.94
CA THR W 4 26.25 -15.76 70.71
C THR W 4 24.74 -15.71 70.52
N THR W 5 24.30 -15.61 69.27
CA THR W 5 22.89 -15.60 68.91
C THR W 5 22.81 -15.95 67.42
N GLN W 6 21.70 -16.55 66.99
CA GLN W 6 21.48 -16.86 65.59
C GLN W 6 20.04 -16.54 65.20
N LEU W 7 19.86 -16.13 63.94
CA LEU W 7 18.61 -15.58 63.47
C LEU W 7 18.25 -16.21 62.13
N ILE W 8 16.99 -16.02 61.73
CA ILE W 8 16.53 -16.45 60.41
C ILE W 8 15.51 -15.44 59.90
N GLN W 9 15.60 -15.12 58.61
CA GLN W 9 14.59 -14.34 57.93
C GLN W 9 14.07 -15.12 56.73
N GLN W 10 12.79 -14.94 56.42
CA GLN W 10 12.18 -15.62 55.28
C GLN W 10 11.01 -14.79 54.79
N VAL W 11 10.84 -14.71 53.47
CA VAL W 11 9.71 -13.99 52.91
C VAL W 11 8.43 -14.77 53.15
N SER W 12 7.43 -14.11 53.70
CA SER W 12 6.14 -14.74 53.98
C SER W 12 5.10 -13.64 54.08
N LEU W 13 3.82 -14.00 53.92
CA LEU W 13 2.75 -13.04 53.75
C LEU W 13 2.17 -12.65 55.10
N THR W 14 2.05 -11.33 55.35
CA THR W 14 1.63 -10.84 56.66
C THR W 14 0.14 -11.06 56.90
N ASP W 15 -0.64 -11.20 55.84
CA ASP W 15 -2.08 -11.43 56.00
C ASP W 15 -2.32 -12.59 56.96
N PHE W 16 -1.49 -13.63 56.84
CA PHE W 16 -1.32 -14.57 57.94
C PHE W 16 -0.28 -14.02 58.90
N PHE W 17 -0.61 -13.96 60.18
CA PHE W 17 0.32 -13.48 61.21
C PHE W 17 0.75 -12.03 60.93
N ARG W 18 -0.20 -11.12 61.14
CA ARG W 18 0.16 -9.71 61.22
C ARG W 18 1.14 -9.51 62.37
N PRO W 19 2.42 -9.23 62.11
CA PRO W 19 3.40 -9.20 63.22
C PRO W 19 3.18 -8.07 64.20
N ASP W 20 2.77 -6.89 63.71
CA ASP W 20 2.72 -5.70 64.55
C ASP W 20 1.75 -5.88 65.70
N ILE W 21 0.59 -6.47 65.44
CA ILE W 21 -0.40 -6.63 66.51
C ILE W 21 0.11 -7.59 67.57
N GLU W 22 0.95 -8.54 67.18
CA GLU W 22 1.46 -9.52 68.13
C GLU W 22 2.32 -8.86 69.19
N HIS W 23 2.44 -9.54 70.33
CA HIS W 23 3.31 -9.08 71.39
C HIS W 23 4.76 -9.11 70.93
N ALA W 24 5.66 -8.61 71.78
CA ALA W 24 7.05 -8.48 71.40
C ALA W 24 7.67 -9.83 71.04
N GLY W 25 7.39 -10.86 71.83
CA GLY W 25 7.97 -12.16 71.58
C GLY W 25 6.98 -13.29 71.57
N SER W 26 6.93 -14.03 70.47
CA SER W 26 6.02 -15.15 70.31
C SER W 26 6.79 -16.27 69.62
N THR W 27 6.06 -17.28 69.17
CA THR W 27 6.63 -18.42 68.45
C THR W 27 6.04 -18.41 67.05
N VAL W 28 6.87 -18.09 66.06
CA VAL W 28 6.43 -17.95 64.68
C VAL W 28 6.68 -19.26 63.94
N LEU W 29 5.71 -19.68 63.14
CA LEU W 29 5.75 -20.97 62.48
C LEU W 29 5.41 -20.82 61.01
N ILE W 30 6.13 -21.54 60.16
CA ILE W 30 5.98 -21.46 58.71
C ILE W 30 5.27 -22.70 58.21
N LEU W 31 4.49 -22.54 57.14
CA LEU W 31 3.67 -23.60 56.55
C LEU W 31 4.37 -24.15 55.33
N ARG W 32 5.35 -25.03 55.54
CA ARG W 32 6.07 -25.65 54.43
C ARG W 32 5.40 -27.00 54.15
N HIS W 33 4.37 -26.97 53.31
CA HIS W 33 3.71 -28.22 52.96
C HIS W 33 4.50 -28.94 51.87
N PRO W 34 4.68 -30.26 52.01
CA PRO W 34 5.54 -30.99 51.06
C PRO W 34 5.04 -30.98 49.62
N THR W 35 3.75 -30.72 49.40
CA THR W 35 3.24 -30.74 48.04
C THR W 35 3.92 -29.72 47.13
N ASP W 36 4.38 -28.58 47.68
CA ASP W 36 4.77 -27.42 46.88
C ASP W 36 5.98 -27.67 45.99
N LEU W 37 6.45 -28.91 45.89
CA LEU W 37 7.60 -29.26 45.07
C LEU W 37 7.24 -30.39 44.10
N PRO W 38 6.43 -30.11 43.08
CA PRO W 38 6.09 -31.12 42.08
C PRO W 38 6.97 -31.11 40.83
N ALA W 39 7.94 -30.20 40.76
CA ALA W 39 8.70 -29.96 39.54
C ALA W 39 9.79 -31.02 39.39
N LEU W 40 9.34 -32.24 39.15
CA LEU W 40 10.23 -33.38 38.96
C LEU W 40 9.49 -34.44 38.16
N ALA W 41 10.22 -35.47 37.72
CA ALA W 41 9.61 -36.54 36.96
C ALA W 41 8.59 -37.32 37.79
N ARG W 42 8.67 -37.20 39.11
CA ARG W 42 7.76 -37.93 39.99
C ARG W 42 6.49 -37.14 40.31
N HIS W 43 6.55 -35.81 40.27
CA HIS W 43 5.41 -34.94 40.57
C HIS W 43 4.85 -35.26 41.95
N ARG W 44 5.70 -35.09 42.95
CA ARG W 44 5.37 -35.46 44.33
C ARG W 44 4.45 -34.41 44.92
N ALA W 45 3.15 -34.61 44.69
CA ALA W 45 2.11 -33.67 45.11
C ALA W 45 0.96 -34.45 45.71
N PRO W 46 1.14 -35.04 46.90
CA PRO W 46 0.10 -35.90 47.47
C PRO W 46 -1.20 -35.16 47.63
N PRO W 47 -2.23 -35.51 46.84
CA PRO W 47 -3.51 -34.82 46.96
C PRO W 47 -4.23 -35.20 48.25
N GLY W 48 -4.29 -36.48 48.52
CA GLY W 48 -4.98 -37.00 49.68
C GLY W 48 -6.27 -37.71 49.30
N ARG W 49 -6.66 -38.67 50.12
CA ARG W 49 -7.89 -39.41 49.87
C ARG W 49 -9.11 -38.52 50.10
N GLN W 50 -10.09 -38.62 49.21
CA GLN W 50 -11.29 -37.79 49.18
C GLN W 50 -10.97 -36.34 49.52
N THR W 51 -9.99 -35.81 48.79
CA THR W 51 -9.42 -34.49 49.03
C THR W 51 -10.32 -33.36 48.55
N GLU W 52 -11.57 -33.66 48.16
CA GLU W 52 -12.46 -32.61 47.67
C GLU W 52 -12.71 -31.56 48.73
N ARG W 53 -12.97 -31.99 49.97
CA ARG W 53 -13.10 -31.04 51.06
C ARG W 53 -11.78 -30.32 51.32
N LEU W 54 -10.67 -31.06 51.29
CA LEU W 54 -9.35 -30.43 51.34
C LEU W 54 -9.20 -29.42 50.22
N ALA W 55 -9.49 -29.82 48.99
CA ALA W 55 -9.34 -28.93 47.86
C ALA W 55 -10.11 -27.63 48.08
N GLU W 56 -11.40 -27.76 48.40
CA GLU W 56 -12.23 -26.57 48.58
C GLU W 56 -11.74 -25.71 49.73
N ALA W 57 -11.41 -26.32 50.86
CA ALA W 57 -11.09 -25.55 52.05
C ALA W 57 -9.73 -24.87 51.93
N TRP W 58 -8.68 -25.64 51.63
CA TRP W 58 -7.36 -25.04 51.44
C TRP W 58 -7.38 -24.06 50.29
N GLY W 59 -8.11 -24.38 49.22
CA GLY W 59 -8.33 -23.40 48.18
C GLY W 59 -8.83 -22.10 48.75
N GLN W 60 -10.09 -22.06 49.21
CA GLN W 60 -10.69 -20.80 49.62
C GLN W 60 -9.84 -20.09 50.67
N LEU W 61 -9.12 -20.87 51.48
CA LEU W 61 -8.25 -20.27 52.49
C LEU W 61 -7.14 -19.49 51.80
N LEU W 62 -6.48 -20.11 50.82
CA LEU W 62 -5.48 -19.41 50.04
C LEU W 62 -6.10 -18.31 49.19
N GLU W 63 -7.36 -18.50 48.78
CA GLU W 63 -7.97 -17.60 47.82
C GLU W 63 -8.23 -16.25 48.45
N ALA W 64 -9.04 -16.22 49.52
CA ALA W 64 -9.32 -14.95 50.16
C ALA W 64 -8.07 -14.32 50.74
N SER W 65 -7.02 -15.11 50.95
CA SER W 65 -5.74 -14.62 51.43
C SER W 65 -5.09 -13.69 50.40
N ARG W 66 2.28 -21.79 49.79
CA ARG W 66 3.66 -21.44 50.10
C ARG W 66 3.94 -21.55 51.59
N ALA W 67 5.03 -20.91 52.03
CA ALA W 67 5.42 -20.92 53.43
C ALA W 67 4.84 -19.69 54.11
N TYR W 68 3.71 -19.87 54.79
CA TYR W 68 3.07 -18.76 55.49
C TYR W 68 3.42 -18.78 56.97
N VAL W 69 3.72 -17.61 57.50
CA VAL W 69 4.03 -17.47 58.92
C VAL W 69 2.73 -17.41 59.71
N THR W 70 2.68 -18.17 60.81
CA THR W 70 1.54 -18.15 61.72
C THR W 70 2.05 -18.37 63.14
N SER W 71 1.42 -17.72 64.10
CA SER W 71 1.81 -17.91 65.50
C SER W 71 0.86 -18.88 66.20
N LEU W 72 1.28 -19.31 67.38
CA LEU W 72 0.39 -20.08 68.23
C LEU W 72 -0.87 -19.30 68.59
N SER W 73 -0.74 -18.00 68.82
CA SER W 73 -1.90 -17.17 69.13
C SER W 73 -2.92 -17.24 68.00
N PHE W 74 -2.45 -17.19 66.75
CA PHE W 74 -3.35 -17.37 65.61
C PHE W 74 -3.99 -18.75 65.63
N ILE W 75 -3.20 -19.79 65.85
CA ILE W 75 -3.75 -21.14 65.89
C ILE W 75 -4.65 -21.31 67.11
N ALA W 76 -4.27 -20.72 68.24
CA ALA W 76 -5.12 -20.77 69.42
C ALA W 76 -6.45 -20.08 69.17
N ALA W 77 -6.42 -18.94 68.48
CA ALA W 77 -7.66 -18.26 68.13
C ALA W 77 -8.51 -19.11 67.20
N CYS W 78 -7.89 -19.74 66.21
CA CYS W 78 -8.65 -20.61 65.31
C CYS W 78 -9.16 -21.85 66.01
N ARG W 79 -8.36 -22.46 66.87
CA ARG W 79 -8.74 -23.67 67.59
C ARG W 79 -9.37 -23.36 68.94
N ALA W 80 -9.79 -22.11 69.14
CA ALA W 80 -10.44 -21.73 70.38
C ALA W 80 -11.76 -22.46 70.59
N GLU W 81 -12.47 -22.76 69.50
CA GLU W 81 -13.76 -23.43 69.62
C GLU W 81 -13.63 -24.85 70.14
N GLU W 82 -12.48 -25.49 69.94
CA GLU W 82 -12.26 -26.86 70.39
C GLU W 82 -11.39 -26.96 71.64
N TYR W 83 -10.69 -25.88 71.99
CA TYR W 83 -9.91 -25.88 73.22
C TYR W 83 -10.81 -26.02 74.44
N THR W 84 -10.32 -26.73 75.46
CA THR W 84 -11.10 -26.91 76.67
C THR W 84 -11.38 -25.57 77.35
N ASP W 85 -10.36 -24.72 77.46
CA ASP W 85 -10.55 -23.41 78.07
C ASP W 85 -11.42 -22.54 77.19
N LYS W 86 -12.34 -21.79 77.80
CA LYS W 86 -13.26 -20.95 77.05
C LYS W 86 -12.92 -19.47 77.16
N GLN W 87 -12.63 -18.98 78.37
CA GLN W 87 -12.47 -17.55 78.58
C GLN W 87 -11.27 -17.01 77.79
N ALA W 88 -10.13 -17.68 77.89
CA ALA W 88 -8.97 -17.27 77.10
C ALA W 88 -9.22 -17.51 75.61
N ALA W 89 -9.94 -18.57 75.27
CA ALA W 89 -10.23 -18.87 73.87
C ALA W 89 -11.11 -17.80 73.25
N GLU W 90 -12.25 -17.49 73.89
CA GLU W 90 -13.15 -16.45 73.37
C GLU W 90 -12.46 -15.10 73.41
N ALA W 91 -11.65 -14.88 74.43
CA ALA W 91 -10.81 -13.70 74.54
C ALA W 91 -9.93 -13.51 73.30
N ASN W 92 -9.18 -14.56 72.98
CA ASN W 92 -8.27 -14.52 71.84
C ASN W 92 -9.05 -14.36 70.55
N ARG W 93 -10.23 -14.96 70.46
CA ARG W 93 -11.04 -14.80 69.26
C ARG W 93 -11.51 -13.35 69.09
N THR W 94 -11.94 -12.72 70.19
CA THR W 94 -12.34 -11.32 70.09
C THR W 94 -11.18 -10.46 69.63
N ALA W 95 -10.01 -10.64 70.22
CA ALA W 95 -8.85 -9.86 69.80
C ALA W 95 -8.47 -10.17 68.35
N ILE W 96 -8.56 -11.46 67.98
CA ILE W 96 -8.11 -11.90 66.66
C ILE W 96 -8.98 -11.28 65.58
N VAL W 97 -10.28 -11.16 65.85
CA VAL W 97 -11.23 -10.66 64.85
C VAL W 97 -11.41 -9.16 64.97
N SER W 98 -10.88 -8.56 66.03
CA SER W 98 -10.99 -7.12 66.20
C SER W 98 -9.71 -6.38 65.88
N ALA W 99 -8.59 -7.06 65.66
CA ALA W 99 -7.33 -6.37 65.46
C ALA W 99 -6.57 -6.74 64.19
N TYR W 100 -6.79 -7.91 63.59
CA TYR W 100 -5.94 -8.30 62.46
C TYR W 100 -6.55 -7.89 61.13
N GLY W 101 -5.88 -8.35 60.06
CA GLY W 101 -6.31 -8.23 58.68
C GLY W 101 -6.88 -6.88 58.31
N CYS W 102 -7.88 -6.88 57.44
CA CYS W 102 -8.60 -5.65 57.16
C CYS W 102 -10.06 -5.77 57.61
N SER W 103 -10.80 -6.73 57.04
CA SER W 103 -12.20 -6.94 57.39
C SER W 103 -12.61 -8.40 57.47
N ARG W 104 -11.78 -9.34 57.02
CA ARG W 104 -12.17 -10.72 56.81
C ARG W 104 -11.72 -11.66 57.92
N MET W 105 -11.68 -11.19 59.17
CA MET W 105 -11.08 -12.00 60.23
C MET W 105 -11.95 -13.20 60.59
N GLY W 106 -13.25 -12.99 60.78
CA GLY W 106 -14.11 -14.13 61.04
C GLY W 106 -14.02 -15.15 59.94
N ALA W 107 -14.00 -14.67 58.69
CA ALA W 107 -13.90 -15.57 57.55
C ALA W 107 -12.60 -16.37 57.58
N ARG W 108 -11.46 -15.70 57.81
CA ARG W 108 -10.19 -16.40 57.79
C ARG W 108 -10.10 -17.43 58.90
N LEU W 109 -10.57 -17.07 60.09
CA LEU W 109 -10.52 -18.01 61.20
C LEU W 109 -11.37 -19.24 60.91
N ILE W 110 -12.61 -19.03 60.45
CA ILE W 110 -13.49 -20.18 60.25
C ILE W 110 -13.01 -21.03 59.08
N ARG W 111 -12.48 -20.39 58.03
CA ARG W 111 -12.00 -21.13 56.87
C ARG W 111 -10.74 -21.93 57.20
N PHE W 112 -9.87 -21.38 58.06
CA PHE W 112 -8.69 -22.15 58.46
C PHE W 112 -9.09 -23.32 59.35
N SER W 113 -10.08 -23.12 60.21
CA SER W 113 -10.58 -24.23 61.03
C SER W 113 -11.14 -25.34 60.14
N GLU W 114 -11.97 -24.96 59.17
CA GLU W 114 -12.50 -25.95 58.24
C GLU W 114 -11.39 -26.61 57.44
N CYS W 115 -10.36 -25.83 57.08
CA CYS W 115 -9.24 -26.38 56.32
C CYS W 115 -8.45 -27.40 57.12
N LEU W 116 -8.19 -27.13 58.40
CA LEU W 116 -7.45 -28.09 59.22
C LEU W 116 -8.29 -29.33 59.49
N ARG W 117 -9.60 -29.16 59.64
CA ARG W 117 -10.46 -30.34 59.77
C ARG W 117 -10.45 -31.15 58.48
N ALA W 118 -10.45 -30.48 57.33
CA ALA W 118 -10.30 -31.19 56.05
C ALA W 118 -8.95 -31.90 55.98
N MET W 119 -7.91 -31.27 56.54
CA MET W 119 -6.61 -31.94 56.65
C MET W 119 -6.79 -33.27 57.38
N VAL W 120 -7.41 -33.22 58.56
CA VAL W 120 -7.42 -34.41 59.41
C VAL W 120 -8.30 -35.51 58.83
N GLN W 121 -9.44 -35.18 58.22
CA GLN W 121 -10.26 -36.24 57.63
C GLN W 121 -9.57 -36.90 56.45
N CYS W 122 -8.92 -36.12 55.59
CA CYS W 122 -8.37 -36.64 54.34
C CYS W 122 -7.08 -37.42 54.53
N HIS W 123 -6.79 -37.86 55.75
CA HIS W 123 -5.64 -38.72 56.08
C HIS W 123 -4.33 -37.96 55.91
N VAL W 124 -4.41 -36.69 55.55
CA VAL W 124 -3.23 -35.81 55.48
C VAL W 124 -3.17 -35.06 56.80
N PHE W 125 -2.52 -35.69 57.76
CA PHE W 125 -2.56 -35.20 59.13
C PHE W 125 -1.87 -33.83 59.21
N PRO W 126 -2.41 -32.89 60.00
CA PRO W 126 -1.90 -31.51 59.97
C PRO W 126 -0.44 -31.35 60.38
N HIS W 127 0.24 -32.44 60.73
CA HIS W 127 1.65 -32.34 61.07
C HIS W 127 2.49 -32.41 59.81
N ARG W 128 3.80 -32.62 59.99
CA ARG W 128 4.88 -32.83 59.01
C ARG W 128 5.06 -31.58 58.15
N PHE W 129 4.08 -30.68 58.22
CA PHE W 129 4.26 -29.26 57.97
C PHE W 129 4.05 -28.60 59.31
N ILE W 130 3.91 -27.27 59.35
CA ILE W 130 3.91 -26.50 60.60
C ILE W 130 5.35 -26.51 61.09
N SER W 131 6.26 -25.99 60.28
CA SER W 131 7.66 -25.93 60.67
C SER W 131 7.88 -24.76 61.60
N PHE W 132 8.68 -24.98 62.64
CA PHE W 132 9.06 -23.91 63.55
C PHE W 132 9.97 -22.91 62.83
N PHE W 133 9.61 -21.64 62.88
CA PHE W 133 10.46 -20.63 62.25
C PHE W 133 11.41 -19.99 63.25
N GLY W 134 10.89 -19.36 64.28
CA GLY W 134 11.73 -18.61 65.19
C GLY W 134 10.94 -17.99 66.31
N SER W 135 11.54 -16.97 66.95
CA SER W 135 11.01 -16.42 68.18
C SER W 135 10.52 -14.98 68.06
N LEU W 136 10.34 -14.46 66.84
CA LEU W 136 9.71 -13.16 66.61
C LEU W 136 10.57 -12.00 67.06
N LEU W 137 10.81 -11.05 66.17
CA LEU W 137 11.67 -9.90 66.45
C LEU W 137 11.15 -8.70 65.67
N GLU W 138 12.03 -7.71 65.47
CA GLU W 138 11.67 -6.39 64.94
C GLU W 138 10.89 -6.40 63.63
N TYR W 139 10.85 -7.54 62.94
CA TYR W 139 10.26 -7.71 61.62
C TYR W 139 10.63 -6.60 60.64
N THR W 140 9.93 -6.53 59.52
CA THR W 140 10.10 -5.44 58.56
C THR W 140 8.75 -4.86 58.17
N ILE W 141 7.72 -5.70 58.27
CA ILE W 141 6.37 -5.45 57.74
C ILE W 141 6.45 -4.79 56.37
N GLN W 142 6.90 -5.56 55.38
CA GLN W 142 6.75 -5.20 53.99
C GLN W 142 5.28 -5.38 53.68
N ASP W 143 4.49 -4.32 53.85
CA ASP W 143 3.08 -4.29 53.47
C ASP W 143 2.39 -5.62 53.79
N ASN W 144 2.39 -6.52 52.81
CA ASN W 144 1.83 -7.85 52.96
C ASN W 144 2.87 -8.95 53.16
N LEU W 145 4.15 -8.67 52.96
CA LEU W 145 5.21 -9.65 53.25
C LEU W 145 5.84 -9.47 54.62
N CYS W 146 5.99 -10.60 55.29
CA CYS W 146 6.53 -10.71 56.63
C CYS W 146 7.98 -11.17 56.49
N ASN W 147 8.87 -10.23 56.24
CA ASN W 147 10.30 -10.53 56.32
C ASN W 147 10.73 -10.56 57.78
N ILE W 148 10.17 -11.53 58.50
CA ILE W 148 10.20 -11.52 59.95
C ILE W 148 11.56 -11.96 60.45
N THR W 149 12.21 -11.09 61.22
CA THR W 149 13.37 -11.50 62.00
C THR W 149 12.91 -12.33 63.18
N ALA W 150 13.59 -13.45 63.42
CA ALA W 150 13.17 -14.35 64.47
C ALA W 150 14.34 -15.22 64.91
N VAL W 151 14.39 -15.51 66.21
CA VAL W 151 15.42 -16.37 66.78
C VAL W 151 14.95 -17.81 66.60
N ALA W 152 15.52 -18.51 65.62
CA ALA W 152 15.11 -19.88 65.35
C ALA W 152 15.52 -20.81 66.48
N LYS W 153 16.82 -20.91 66.73
CA LYS W 153 17.36 -21.76 67.77
C LYS W 153 18.33 -20.95 68.63
N GLY W 154 18.72 -21.52 69.76
CA GLY W 154 19.65 -20.88 70.66
C GLY W 154 18.96 -20.21 71.81
N PRO W 155 19.74 -19.63 72.71
CA PRO W 155 19.16 -18.99 73.90
C PRO W 155 18.37 -17.75 73.56
N GLN W 156 17.32 -17.53 74.34
CA GLN W 156 16.51 -16.32 74.26
C GLN W 156 17.25 -15.23 75.05
N GLU W 157 16.61 -14.07 75.23
CA GLU W 157 17.15 -12.94 76.01
C GLU W 157 18.60 -12.63 75.64
N ALA W 158 18.99 -12.96 74.41
CA ALA W 158 20.33 -12.68 73.93
C ALA W 158 20.35 -11.78 72.70
N ALA W 159 19.22 -11.57 72.04
CA ALA W 159 19.15 -10.66 70.90
C ALA W 159 19.06 -9.22 71.41
N ARG W 160 18.81 -8.30 70.48
CA ARG W 160 18.71 -6.87 70.77
C ARG W 160 17.73 -6.28 69.78
N THR W 161 16.53 -5.96 70.26
CA THR W 161 15.55 -5.25 69.46
C THR W 161 15.49 -3.82 69.94
N ASP W 162 15.76 -2.88 69.04
CA ASP W 162 15.78 -1.47 69.42
C ASP W 162 14.37 -0.94 69.68
N LYS W 163 13.37 -1.48 69.01
CA LYS W 163 11.99 -0.98 69.13
C LYS W 163 11.24 -1.65 70.27
N THR W 164 11.83 -1.66 71.46
CA THR W 164 11.15 -2.17 72.65
C THR W 164 11.80 -1.54 73.87
N SER W 165 11.10 -1.62 75.00
CA SER W 165 11.51 -0.88 76.19
C SER W 165 12.85 -1.40 76.75
N THR W 166 12.97 -2.71 76.90
CA THR W 166 14.06 -3.31 77.68
C THR W 166 15.17 -3.94 76.83
N ARG W 167 15.27 -3.57 75.56
CA ARG W 167 16.26 -4.05 74.60
C ARG W 167 16.08 -5.51 74.26
N ARG W 168 15.24 -6.23 74.97
CA ARG W 168 15.31 -7.68 75.00
C ARG W 168 13.91 -8.26 74.98
N VAL W 169 13.79 -9.45 74.40
CA VAL W 169 12.50 -10.04 74.09
C VAL W 169 12.39 -11.41 74.72
N THR W 170 11.27 -11.66 75.38
CA THR W 170 10.97 -12.97 75.93
C THR W 170 9.62 -13.44 75.44
N ALA W 171 9.49 -14.75 75.28
CA ALA W 171 8.33 -15.33 74.63
C ALA W 171 7.11 -15.35 75.55
N ASN W 172 5.93 -15.34 74.94
CA ASN W 172 4.68 -15.51 75.66
C ASN W 172 3.70 -16.27 74.78
N ILE W 173 2.75 -16.94 75.44
CA ILE W 173 1.81 -17.83 74.75
C ILE W 173 0.44 -17.68 75.37
N PRO W 174 -0.61 -17.71 74.54
CA PRO W 174 -1.97 -17.76 75.09
C PRO W 174 -2.17 -19.00 75.94
N ALA W 175 -2.95 -18.83 77.02
CA ALA W 175 -3.10 -19.89 78.01
C ALA W 175 -3.76 -21.13 77.42
N CYS W 176 -4.56 -20.97 76.36
CA CYS W 176 -5.23 -22.13 75.77
C CYS W 176 -4.23 -23.10 75.17
N VAL W 177 -3.18 -22.58 74.55
CA VAL W 177 -2.18 -23.41 73.88
C VAL W 177 -1.11 -23.90 74.87
N PHE W 178 -1.30 -23.65 76.16
CA PHE W 178 -0.32 -24.02 77.16
C PHE W 178 -0.71 -25.35 77.80
N TRP W 179 0.29 -26.23 77.97
CA TRP W 179 0.06 -27.54 78.53
C TRP W 179 1.29 -27.95 79.33
N ASP W 180 1.08 -28.34 80.59
CA ASP W 180 2.17 -28.67 81.50
C ASP W 180 1.86 -30.03 82.12
N VAL W 181 2.64 -31.05 81.73
CA VAL W 181 2.28 -32.42 82.02
C VAL W 181 2.66 -32.86 83.43
N ASP W 182 3.74 -32.31 83.99
CA ASP W 182 4.33 -32.91 85.19
C ASP W 182 3.37 -32.85 86.37
N LYS W 183 2.75 -31.69 86.61
CA LYS W 183 1.79 -31.62 87.70
C LYS W 183 0.56 -32.48 87.45
N ASP W 184 0.06 -32.49 86.21
CA ASP W 184 -1.05 -33.37 85.89
C ASP W 184 -0.65 -34.83 86.03
N LEU W 185 0.57 -35.18 85.62
CA LEU W 185 1.09 -36.51 85.84
C LEU W 185 1.60 -36.71 87.26
N HIS W 186 1.63 -35.64 88.06
CA HIS W 186 2.09 -35.72 89.46
C HIS W 186 3.50 -36.31 89.51
N LEU W 187 4.36 -35.88 88.60
CA LEU W 187 5.70 -36.45 88.44
C LEU W 187 6.71 -35.31 88.35
N SER W 188 7.32 -34.97 89.49
CA SER W 188 8.41 -34.00 89.58
C SER W 188 7.99 -32.59 89.20
N ALA W 189 8.81 -31.61 89.55
CA ALA W 189 8.56 -30.23 89.20
C ALA W 189 9.82 -29.53 88.69
N ASP W 190 10.99 -30.07 89.02
CA ASP W 190 12.25 -29.43 88.72
C ASP W 190 13.04 -30.22 87.68
N GLY W 191 14.15 -29.62 87.26
CA GLY W 191 15.05 -30.23 86.31
C GLY W 191 15.07 -29.49 85.00
N LEU W 192 15.82 -30.05 84.06
CA LEU W 192 15.89 -29.52 82.70
C LEU W 192 14.59 -29.87 81.99
N LYS W 193 13.75 -28.87 81.77
CA LYS W 193 12.37 -29.06 81.32
C LYS W 193 12.31 -28.79 79.82
N HIS W 194 11.84 -29.79 79.07
CA HIS W 194 11.83 -29.66 77.61
C HIS W 194 10.51 -29.08 77.12
N VAL W 195 10.56 -28.46 75.96
CA VAL W 195 9.43 -27.73 75.38
C VAL W 195 8.98 -28.45 74.12
N PHE W 196 7.70 -28.79 74.05
CA PHE W 196 7.16 -29.58 72.95
C PHE W 196 5.93 -28.91 72.36
N LEU W 197 5.78 -29.04 71.05
CA LEU W 197 4.53 -28.79 70.35
C LEU W 197 3.89 -30.12 70.01
N VAL W 198 2.62 -30.28 70.37
CA VAL W 198 1.91 -31.54 70.19
C VAL W 198 0.63 -31.28 69.42
N PHE W 199 0.31 -32.19 68.49
CA PHE W 199 -0.96 -32.19 67.78
C PHE W 199 -1.83 -33.29 68.37
N VAL W 200 -3.01 -32.93 68.84
CA VAL W 200 -3.94 -33.87 69.45
C VAL W 200 -5.09 -34.10 68.49
N TYR W 201 -5.26 -35.35 68.06
CA TYR W 201 -6.22 -35.70 67.03
C TYR W 201 -7.48 -36.26 67.65
N THR W 202 -8.62 -35.88 67.08
CA THR W 202 -9.94 -36.34 67.53
C THR W 202 -10.70 -36.84 66.30
N GLN W 203 -10.52 -38.13 65.98
CA GLN W 203 -11.23 -38.72 64.86
C GLN W 203 -12.68 -38.98 65.25
N ARG W 204 -13.61 -38.53 64.39
CA ARG W 204 -15.04 -38.66 64.64
C ARG W 204 -15.39 -38.09 66.01
N ARG W 205 -15.87 -38.95 66.91
CA ARG W 205 -16.23 -38.56 68.27
C ARG W 205 -17.16 -37.35 68.25
N GLN W 206 -18.25 -37.50 67.49
CA GLN W 206 -19.19 -36.41 67.21
C GLN W 206 -18.55 -35.32 66.35
N ARG W 207 -17.66 -35.74 65.44
CA ARG W 207 -17.20 -34.92 64.31
C ARG W 207 -16.46 -33.65 64.77
N GLU W 208 -15.29 -33.85 65.39
CA GLU W 208 -14.38 -32.76 65.66
C GLU W 208 -13.09 -32.92 64.86
N GLY W 209 -12.12 -32.04 65.12
CA GLY W 209 -10.88 -32.03 64.36
C GLY W 209 -9.62 -32.35 65.15
N VAL W 210 -8.71 -31.38 65.23
CA VAL W 210 -7.39 -31.56 65.80
C VAL W 210 -7.03 -30.31 66.59
N ARG W 211 -6.26 -30.49 67.67
CA ARG W 211 -5.83 -29.37 68.50
C ARG W 211 -4.31 -29.35 68.60
N LEU W 212 -3.79 -28.13 68.73
CA LEU W 212 -2.36 -27.88 68.94
C LEU W 212 -2.12 -27.32 70.34
N HIS W 213 -1.11 -27.87 71.01
CA HIS W 213 -0.73 -27.43 72.33
C HIS W 213 0.77 -27.22 72.38
N LEU W 214 1.20 -26.29 73.24
CA LEU W 214 2.60 -26.11 73.56
C LEU W 214 2.85 -26.88 74.86
N ALA W 215 3.16 -28.16 74.73
CA ALA W 215 3.32 -29.04 75.87
C ALA W 215 4.70 -28.88 76.49
N LEU W 216 4.73 -28.83 77.81
CA LEU W 216 5.97 -28.70 78.57
C LEU W 216 6.19 -29.99 79.34
N SER W 217 7.28 -30.69 79.03
CA SER W 217 7.54 -32.00 79.62
C SER W 217 9.03 -32.17 79.87
N GLN W 218 9.39 -32.85 80.97
CA GLN W 218 10.78 -33.17 81.27
C GLN W 218 11.24 -34.47 80.65
N LEU W 219 10.33 -35.26 80.08
CA LEU W 219 10.70 -36.58 79.58
C LEU W 219 11.59 -36.46 78.35
N ASN W 220 12.13 -37.61 77.94
CA ASN W 220 12.94 -37.65 76.74
C ASN W 220 12.08 -37.39 75.50
N GLU W 221 12.75 -36.91 74.45
CA GLU W 221 12.07 -36.79 73.16
C GLU W 221 11.61 -38.17 72.67
N GLN W 222 12.44 -39.19 72.87
CA GLN W 222 11.99 -40.55 72.62
C GLN W 222 10.86 -40.93 73.56
N CYS W 223 10.94 -40.48 74.80
CA CYS W 223 9.91 -40.75 75.80
C CYS W 223 8.73 -39.82 75.53
N PHE W 224 7.82 -39.73 76.51
CA PHE W 224 6.68 -38.81 76.47
C PHE W 224 5.64 -39.27 75.47
N GLY W 225 5.95 -40.32 74.71
CA GLY W 225 4.95 -40.91 73.83
C GLY W 225 3.83 -41.58 74.60
N ARG W 226 4.18 -42.37 75.62
CA ARG W 226 3.16 -43.00 76.44
C ARG W 226 2.42 -41.96 77.28
N GLY W 227 3.11 -40.90 77.70
CA GLY W 227 2.45 -39.86 78.47
C GLY W 227 1.29 -39.25 77.72
N ILE W 228 1.46 -39.05 76.41
CA ILE W 228 0.32 -38.67 75.57
C ILE W 228 -0.63 -39.84 75.40
N GLY W 229 -0.08 -41.05 75.20
CA GLY W 229 -0.93 -42.23 75.13
C GLY W 229 -1.69 -42.45 76.43
N PHE W 230 -1.04 -42.20 77.56
CA PHE W 230 -1.70 -42.17 78.85
C PHE W 230 -2.46 -40.86 78.99
N LEU W 231 -3.36 -40.82 79.99
CA LEU W 231 -4.11 -39.60 80.31
C LEU W 231 -5.03 -39.22 79.15
N LEU W 232 -4.45 -38.75 78.05
CA LEU W 232 -5.25 -38.42 76.87
C LEU W 232 -5.93 -39.65 76.31
N GLY W 233 -5.21 -40.77 76.20
CA GLY W 233 -5.83 -42.02 75.80
C GLY W 233 -6.62 -42.70 76.89
N ALA W 234 -6.43 -42.29 78.15
CA ALA W 234 -7.22 -42.80 79.26
C ALA W 234 -8.61 -42.17 79.32
N ARG W 235 -8.73 -40.90 78.93
CA ARG W 235 -10.02 -40.20 78.93
C ARG W 235 -10.68 -40.43 77.56
N ILE W 236 -11.43 -41.53 77.48
CA ILE W 236 -12.16 -41.88 76.28
C ILE W 236 -13.24 -42.89 76.60
N CYS W 237 -6.16 -44.77 66.63
CA CYS W 237 -5.00 -44.92 65.75
C CYS W 237 -4.54 -43.55 65.23
N MET W 238 -3.23 -43.31 65.32
CA MET W 238 -2.63 -42.02 64.98
C MET W 238 -3.38 -40.87 65.68
N TYR W 239 -3.34 -40.91 67.01
CA TYR W 239 -4.07 -39.93 67.81
C TYR W 239 -3.26 -38.67 68.10
N ALA W 240 -1.93 -38.70 67.92
CA ALA W 240 -1.14 -37.55 68.31
C ALA W 240 0.19 -37.56 67.58
N ALA W 241 0.83 -36.39 67.57
CA ALA W 241 2.16 -36.21 66.97
C ALA W 241 2.82 -35.05 67.69
N TYR W 242 4.11 -35.19 68.02
CA TYR W 242 4.83 -34.19 68.78
C TYR W 242 6.24 -34.00 68.24
N THR W 243 6.85 -32.88 68.60
CA THR W 243 8.21 -32.55 68.20
C THR W 243 8.88 -31.74 69.31
N LEU W 244 10.15 -32.07 69.55
CA LEU W 244 10.97 -31.29 70.49
C LEU W 244 11.36 -29.98 69.81
N ILE W 245 11.25 -28.89 70.55
CA ILE W 245 11.46 -27.55 70.02
C ILE W 245 12.51 -26.79 70.81
N GLY W 246 12.46 -26.84 72.13
CA GLY W 246 13.45 -26.13 72.92
C GLY W 246 13.53 -26.70 74.32
N THR W 247 14.55 -26.26 75.03
CA THR W 247 14.77 -26.65 76.41
C THR W 247 14.99 -25.41 77.25
N ILE W 248 14.58 -25.48 78.52
CA ILE W 248 14.88 -24.42 79.47
C ILE W 248 16.02 -24.89 80.36
N PRO W 249 17.17 -24.23 80.32
CA PRO W 249 18.33 -24.69 81.10
C PRO W 249 18.32 -24.28 82.56
N SER W 250 17.35 -23.47 82.99
CA SER W 250 17.32 -23.02 84.37
C SER W 250 16.92 -24.17 85.30
N GLU W 251 17.24 -23.98 86.58
CA GLU W 251 16.95 -24.99 87.60
C GLU W 251 15.44 -25.21 87.74
N SER W 252 14.68 -24.12 87.74
CA SER W 252 13.23 -24.19 87.93
C SER W 252 12.56 -23.26 86.92
N VAL W 253 11.37 -23.65 86.47
CA VAL W 253 10.62 -22.83 85.54
C VAL W 253 9.88 -21.74 86.30
N ARG W 254 9.79 -20.55 85.70
CA ARG W 254 9.06 -19.43 86.26
C ARG W 254 8.03 -18.96 85.23
N TYR W 255 6.84 -18.62 85.71
CA TYR W 255 5.76 -18.19 84.85
C TYR W 255 5.34 -16.78 85.21
N THR W 256 4.48 -16.20 84.37
CA THR W 256 3.88 -14.91 84.66
C THR W 256 2.61 -14.81 83.85
N ARG W 257 1.46 -14.95 84.51
CA ARG W 257 0.17 -14.80 83.87
C ARG W 257 -0.30 -13.35 83.85
N ARG W 258 0.66 -12.41 83.87
CA ARG W 258 0.32 -10.99 83.92
C ARG W 258 -0.52 -10.59 82.72
N MET W 259 -1.33 -9.56 82.91
CA MET W 259 -2.25 -9.13 81.87
C MET W 259 -1.49 -8.49 80.72
N GLU W 260 -1.92 -8.78 79.50
CA GLU W 260 -1.26 -8.27 78.29
C GLU W 260 -2.26 -7.56 77.40
N ARG W 261 -1.80 -6.47 76.77
CA ARG W 261 -2.62 -5.72 75.83
C ARG W 261 -2.31 -6.19 74.42
N PHE W 262 -3.23 -6.98 73.85
CA PHE W 262 -2.98 -7.54 72.53
C PHE W 262 -3.31 -6.54 71.43
N GLY W 263 -4.58 -6.17 71.32
CA GLY W 263 -5.04 -5.23 70.33
C GLY W 263 -6.12 -4.33 70.87
N GLY W 264 -6.11 -4.10 72.18
CA GLY W 264 -7.20 -3.45 72.86
C GLY W 264 -8.15 -4.39 73.57
N TYR W 265 -7.86 -5.69 73.54
CA TYR W 265 -8.69 -6.69 74.23
C TYR W 265 -7.80 -7.55 75.10
N ASN W 266 -8.42 -8.50 75.77
CA ASN W 266 -7.74 -9.36 76.73
C ASN W 266 -7.11 -10.61 76.11
N VAL W 267 -5.88 -10.91 76.53
CA VAL W 267 -5.21 -12.19 76.26
C VAL W 267 -4.41 -12.60 77.49
N PRO W 268 -4.59 -13.83 77.98
CA PRO W 268 -3.79 -14.30 79.11
C PRO W 268 -2.46 -14.92 78.71
N THR W 269 -1.44 -14.10 78.48
CA THR W 269 -0.13 -14.61 78.12
C THR W 269 0.54 -15.30 79.31
N ILE W 270 1.54 -16.12 79.02
CA ILE W 270 2.18 -16.97 80.02
C ILE W 270 3.57 -16.44 80.38
N TRP W 271 4.23 -15.76 79.43
CA TRP W 271 5.48 -15.05 79.68
C TRP W 271 6.57 -16.01 80.18
N LEU W 272 6.92 -16.95 79.30
CA LEU W 272 8.06 -17.82 79.58
C LEU W 272 9.34 -17.00 79.66
N GLU W 273 10.23 -17.41 80.56
CA GLU W 273 11.46 -16.68 80.83
C GLU W 273 12.66 -17.61 80.69
N GLY W 274 13.67 -17.16 79.95
CA GLY W 274 14.94 -17.86 79.85
C GLY W 274 14.85 -19.25 79.26
N VAL W 275 14.41 -19.35 78.01
CA VAL W 275 14.30 -20.63 77.31
C VAL W 275 15.32 -20.64 76.18
N VAL W 276 15.87 -21.80 75.89
CA VAL W 276 16.84 -21.97 74.81
C VAL W 276 16.22 -22.88 73.76
N TRP W 277 16.05 -22.36 72.55
CA TRP W 277 15.43 -23.10 71.47
C TRP W 277 16.40 -24.11 70.87
N GLY W 278 15.85 -25.16 70.28
CA GLY W 278 16.63 -26.22 69.67
C GLY W 278 15.80 -27.12 68.78
N GLY W 279 16.04 -28.42 68.85
CA GLY W 279 15.24 -29.38 68.13
C GLY W 279 15.67 -29.52 66.67
N THR W 280 15.17 -30.58 66.05
CA THR W 280 15.50 -30.90 64.65
C THR W 280 14.25 -31.13 63.80
N ASN W 281 13.09 -30.66 64.27
CA ASN W 281 11.84 -30.70 63.50
C ASN W 281 11.51 -32.11 63.02
N THR W 282 11.58 -33.05 63.96
CA THR W 282 11.18 -34.43 63.71
C THR W 282 9.84 -34.67 64.39
N TRP W 283 8.84 -35.06 63.61
CA TRP W 283 7.48 -35.19 64.10
C TRP W 283 7.25 -36.64 64.53
N ASN W 284 7.34 -36.87 65.84
CA ASN W 284 7.10 -38.19 66.40
C ASN W 284 5.60 -38.42 66.49
N GLU W 285 5.07 -39.22 65.58
CA GLU W 285 3.64 -39.51 65.53
C GLU W 285 3.37 -40.83 66.24
N CYS W 286 2.32 -40.87 67.04
CA CYS W 286 1.98 -42.06 67.81
C CYS W 286 0.59 -42.57 67.42
N PHE X 1 80.14 2.00 5.60
CA PHE X 1 81.02 1.74 4.47
C PHE X 1 81.52 0.31 4.28
N LYS X 2 80.62 -0.61 3.93
CA LYS X 2 80.97 -1.86 3.29
C LYS X 2 80.08 -2.06 2.06
N SER X 3 80.63 -2.70 1.02
CA SER X 3 79.95 -2.78 -0.26
C SER X 3 80.36 -4.06 -1.00
N THR X 4 79.54 -4.46 -1.97
CA THR X 4 79.75 -5.69 -2.74
C THR X 4 79.41 -5.44 -4.20
N THR X 5 80.03 -6.21 -5.10
CA THR X 5 79.77 -6.13 -6.54
C THR X 5 80.46 -7.30 -7.22
N GLN X 6 79.83 -7.84 -8.27
CA GLN X 6 80.37 -8.95 -9.04
C GLN X 6 80.37 -8.58 -10.52
N LEU X 7 81.37 -9.06 -11.27
CA LEU X 7 81.50 -8.76 -12.68
C LEU X 7 82.21 -9.92 -13.39
N ILE X 8 82.23 -9.84 -14.73
CA ILE X 8 82.84 -10.88 -15.55
C ILE X 8 83.27 -10.25 -16.88
N GLN X 9 84.25 -10.88 -17.52
CA GLN X 9 84.75 -10.44 -18.82
C GLN X 9 85.00 -11.65 -19.72
N GLN X 10 84.96 -11.41 -21.02
CA GLN X 10 85.17 -12.48 -22.01
C GLN X 10 85.61 -11.84 -23.31
N VAL X 11 86.51 -12.52 -24.03
CA VAL X 11 86.92 -12.04 -25.35
C VAL X 11 86.00 -12.62 -26.41
N SER X 12 85.58 -11.77 -27.34
CA SER X 12 84.62 -12.17 -28.37
C SER X 12 84.89 -11.33 -29.61
N LEU X 13 83.93 -11.29 -30.53
CA LEU X 13 84.05 -10.56 -31.79
C LEU X 13 83.17 -9.32 -31.75
N THR X 14 83.73 -8.18 -32.17
CA THR X 14 83.01 -6.92 -32.08
C THR X 14 81.86 -6.83 -33.07
N ASP X 15 81.98 -7.49 -34.22
CA ASP X 15 81.00 -7.32 -35.30
C ASP X 15 79.60 -7.68 -34.82
N PHE X 16 79.46 -8.77 -34.08
CA PHE X 16 78.22 -8.99 -33.34
C PHE X 16 78.20 -8.08 -32.12
N PHE X 17 77.07 -7.40 -31.92
CA PHE X 17 76.82 -6.63 -30.70
C PHE X 17 77.93 -5.58 -30.50
N ARG X 18 77.91 -4.60 -31.39
CA ARG X 18 78.78 -3.44 -31.26
C ARG X 18 78.43 -2.70 -29.97
N PRO X 19 79.28 -2.75 -28.93
CA PRO X 19 78.88 -2.18 -27.64
C PRO X 19 78.67 -0.67 -27.67
N ASP X 20 79.46 0.05 -28.46
CA ASP X 20 79.39 1.51 -28.47
C ASP X 20 78.02 1.99 -28.92
N ILE X 21 77.44 1.34 -29.92
CA ILE X 21 76.13 1.76 -30.40
C ILE X 21 75.06 1.47 -29.35
N GLU X 22 75.23 0.38 -28.60
CA GLU X 22 74.29 0.04 -27.55
C GLU X 22 74.33 1.07 -26.43
N HIS X 23 73.19 1.21 -25.73
CA HIS X 23 73.13 2.08 -24.57
C HIS X 23 74.13 1.62 -23.52
N ALA X 24 74.37 2.47 -22.51
CA ALA X 24 75.36 2.14 -21.49
C ALA X 24 74.95 0.92 -20.67
N GLY X 25 73.66 0.64 -20.60
CA GLY X 25 73.19 -0.53 -19.88
C GLY X 25 72.29 -1.41 -20.72
N SER X 26 72.74 -2.63 -20.98
CA SER X 26 72.01 -3.55 -21.85
C SER X 26 72.07 -4.94 -21.24
N THR X 27 71.69 -5.94 -22.03
CA THR X 27 71.66 -7.34 -21.61
C THR X 27 72.47 -8.13 -22.63
N VAL X 28 73.69 -8.48 -22.26
CA VAL X 28 74.63 -9.12 -23.16
C VAL X 28 74.46 -10.62 -23.11
N LEU X 29 74.68 -11.26 -24.23
CA LEU X 29 74.52 -12.68 -24.29
C LEU X 29 75.62 -13.28 -25.15
N ILE X 30 76.06 -14.50 -24.78
CA ILE X 30 77.08 -15.24 -25.51
C ILE X 30 76.46 -16.45 -26.20
N LEU X 31 76.84 -16.66 -27.46
CA LEU X 31 76.34 -17.79 -28.27
C LEU X 31 77.22 -19.01 -28.00
N ARG X 32 76.94 -19.70 -26.89
CA ARG X 32 77.69 -20.90 -26.53
C ARG X 32 76.88 -22.11 -26.98
N HIS X 33 77.01 -22.45 -28.25
CA HIS X 33 76.35 -23.65 -28.76
C HIS X 33 77.12 -24.89 -28.33
N PRO X 34 76.43 -25.97 -27.96
CA PRO X 34 77.14 -27.19 -27.52
C PRO X 34 77.99 -27.83 -28.60
N THR X 35 77.75 -27.52 -29.88
CA THR X 35 78.49 -28.15 -30.96
C THR X 35 79.95 -27.71 -31.02
N ASP X 36 80.34 -26.68 -30.28
CA ASP X 36 81.72 -26.21 -30.31
C ASP X 36 82.68 -27.09 -29.51
N LEU X 37 82.21 -28.23 -28.99
CA LEU X 37 83.03 -29.12 -28.16
C LEU X 37 83.00 -30.54 -28.70
N PRO X 38 83.56 -30.78 -29.89
CA PRO X 38 83.63 -32.15 -30.43
C PRO X 38 84.95 -32.86 -30.21
N ALA X 39 85.87 -32.28 -29.44
CA ALA X 39 87.22 -32.85 -29.29
C ALA X 39 87.24 -33.86 -28.14
N LEU X 40 86.61 -35.00 -28.40
CA LEU X 40 86.60 -36.11 -27.45
C LEU X 40 86.39 -37.40 -28.23
N ALA X 41 86.42 -38.52 -27.50
CA ALA X 41 86.23 -39.81 -28.14
C ALA X 41 84.84 -39.96 -28.72
N ARG X 42 83.86 -39.20 -28.22
CA ARG X 42 82.50 -39.29 -28.70
C ARG X 42 82.17 -38.24 -29.77
N HIS X 43 82.94 -37.16 -29.84
CA HIS X 43 82.79 -36.12 -30.87
C HIS X 43 81.37 -35.56 -30.86
N ARG X 44 81.04 -34.92 -29.74
CA ARG X 44 79.69 -34.41 -29.50
C ARG X 44 79.54 -33.04 -30.19
N ALA X 45 78.96 -33.06 -31.38
CA ALA X 45 78.61 -31.84 -32.12
C ALA X 45 77.34 -32.13 -32.89
N PRO X 46 76.19 -32.08 -32.23
CA PRO X 46 74.93 -32.51 -32.86
C PRO X 46 74.62 -31.70 -34.10
N PRO X 47 74.57 -32.34 -35.27
CA PRO X 47 74.22 -31.61 -36.50
C PRO X 47 72.76 -31.20 -36.53
N GLY X 48 71.87 -32.14 -36.24
CA GLY X 48 70.45 -31.91 -36.29
C GLY X 48 69.81 -32.54 -37.51
N ARG X 49 68.53 -32.88 -37.39
CA ARG X 49 67.79 -33.48 -38.49
C ARG X 49 67.67 -32.51 -39.65
N GLN X 50 67.90 -33.01 -40.86
CA GLN X 50 67.91 -32.22 -42.10
C GLN X 50 68.54 -30.84 -41.87
N THR X 51 69.76 -30.88 -41.35
CA THR X 51 70.51 -29.69 -40.98
C THR X 51 71.07 -28.92 -42.17
N GLU X 52 70.64 -29.26 -43.39
CA GLU X 52 71.16 -28.58 -44.58
C GLU X 52 70.85 -27.09 -44.54
N ARG X 53 69.60 -26.74 -44.22
CA ARG X 53 69.25 -25.34 -44.07
C ARG X 53 70.03 -24.70 -42.93
N LEU X 54 70.15 -25.42 -41.81
CA LEU X 54 71.00 -24.97 -40.72
C LEU X 54 72.42 -24.72 -41.20
N ALA X 55 72.99 -25.70 -41.89
CA ALA X 55 74.37 -25.58 -42.34
C ALA X 55 74.54 -24.34 -43.21
N GLU X 56 73.69 -24.19 -44.22
CA GLU X 56 73.82 -23.06 -45.13
C GLU X 56 73.66 -21.73 -44.39
N ALA X 57 72.58 -21.59 -43.61
CA ALA X 57 72.30 -20.32 -42.97
C ALA X 57 73.39 -19.94 -41.97
N TRP X 58 73.74 -20.86 -41.07
CA TRP X 58 74.75 -20.56 -40.06
C TRP X 58 76.12 -20.34 -40.69
N GLY X 59 76.45 -21.13 -41.73
CA GLY X 59 77.73 -20.95 -42.37
C GLY X 59 77.87 -19.61 -43.05
N GLN X 60 76.85 -19.20 -43.81
CA GLN X 60 76.92 -17.89 -44.45
C GLN X 60 76.89 -16.76 -43.42
N LEU X 61 76.14 -16.95 -42.32
CA LEU X 61 76.12 -15.95 -41.25
C LEU X 61 77.51 -15.79 -40.64
N LEU X 62 78.22 -16.90 -40.42
CA LEU X 62 79.54 -16.82 -39.82
C LEU X 62 80.57 -16.28 -40.81
N GLU X 63 80.47 -16.68 -42.08
CA GLU X 63 81.45 -16.25 -43.08
C GLU X 63 81.30 -14.76 -43.38
N ALA X 64 80.05 -14.29 -43.53
CA ALA X 64 79.84 -12.85 -43.73
C ALA X 64 80.26 -12.05 -42.52
N SER X 65 80.20 -12.65 -41.33
CA SER X 65 80.61 -12.00 -40.09
C SER X 65 82.09 -11.66 -40.12
N ARG X 66 81.68 -19.65 -32.19
CA ARG X 66 82.16 -19.41 -30.83
C ARG X 66 81.14 -18.63 -30.02
N ALA X 67 81.56 -18.18 -28.84
CA ALA X 67 80.68 -17.43 -27.94
C ALA X 67 80.57 -15.99 -28.45
N TYR X 68 79.56 -15.75 -29.29
CA TYR X 68 79.36 -14.43 -29.86
C TYR X 68 78.51 -13.56 -28.95
N VAL X 69 78.98 -12.35 -28.69
CA VAL X 69 78.25 -11.39 -27.88
C VAL X 69 77.01 -10.95 -28.65
N THR X 70 75.91 -10.76 -27.93
CA THR X 70 74.62 -10.46 -28.54
C THR X 70 73.71 -9.77 -27.53
N SER X 71 73.13 -8.65 -27.93
CA SER X 71 72.15 -7.97 -27.10
C SER X 71 70.74 -8.35 -27.51
N LEU X 72 69.81 -8.19 -26.57
CA LEU X 72 68.40 -8.36 -26.91
C LEU X 72 67.93 -7.32 -27.91
N SER X 73 68.53 -6.13 -27.88
CA SER X 73 68.21 -5.12 -28.89
C SER X 73 68.58 -5.61 -30.28
N PHE X 74 69.74 -6.26 -30.40
CA PHE X 74 70.10 -6.90 -31.66
C PHE X 74 69.09 -7.98 -32.03
N ILE X 75 68.70 -8.80 -31.05
CA ILE X 75 67.71 -9.84 -31.32
C ILE X 75 66.37 -9.21 -31.67
N ALA X 76 65.96 -8.18 -30.92
CA ALA X 76 64.71 -7.48 -31.24
C ALA X 76 64.74 -6.92 -32.65
N ALA X 77 65.92 -6.56 -33.14
CA ALA X 77 66.03 -6.10 -34.51
C ALA X 77 65.95 -7.25 -35.49
N CYS X 78 66.54 -8.39 -35.15
CA CYS X 78 66.54 -9.55 -36.04
C CYS X 78 65.13 -10.08 -36.29
N ARG X 79 64.30 -10.14 -35.25
CA ARG X 79 62.99 -10.75 -35.33
C ARG X 79 61.88 -9.72 -35.54
N ALA X 80 62.25 -8.51 -35.97
CA ALA X 80 61.29 -7.40 -36.03
C ALA X 80 60.14 -7.68 -36.98
N GLU X 81 60.29 -8.67 -37.88
CA GLU X 81 59.23 -8.95 -38.84
C GLU X 81 58.14 -9.86 -38.25
N GLU X 82 58.37 -10.46 -37.08
CA GLU X 82 57.29 -11.21 -36.44
C GLU X 82 56.82 -10.62 -35.10
N TYR X 83 57.53 -9.64 -34.53
CA TYR X 83 57.05 -9.01 -33.31
C TYR X 83 55.67 -8.40 -33.54
N THR X 84 54.79 -8.56 -32.55
CA THR X 84 53.44 -8.01 -32.67
C THR X 84 53.48 -6.50 -32.83
N ASP X 85 54.35 -5.84 -32.07
CA ASP X 85 54.53 -4.41 -32.24
C ASP X 85 55.24 -4.12 -33.56
N LYS X 86 54.72 -3.16 -34.31
CA LYS X 86 55.31 -2.78 -35.60
C LYS X 86 56.16 -1.52 -35.51
N GLN X 87 55.67 -0.49 -34.80
CA GLN X 87 56.37 0.79 -34.78
C GLN X 87 57.75 0.66 -34.15
N ALA X 88 57.83 0.08 -32.95
CA ALA X 88 59.12 -0.06 -32.29
C ALA X 88 60.01 -1.06 -33.02
N ALA X 89 59.42 -2.11 -33.58
CA ALA X 89 60.21 -3.08 -34.35
C ALA X 89 60.81 -2.44 -35.59
N GLU X 90 60.00 -1.66 -36.32
CA GLU X 90 60.51 -0.97 -37.51
C GLU X 90 61.56 0.06 -37.11
N ALA X 91 61.34 0.74 -35.98
CA ALA X 91 62.30 1.74 -35.52
C ALA X 91 63.63 1.11 -35.13
N ASN X 92 63.58 -0.04 -34.44
CA ASN X 92 64.79 -0.76 -34.10
C ASN X 92 65.48 -1.27 -35.36
N ARG X 93 64.70 -1.75 -36.33
CA ARG X 93 65.28 -2.17 -37.60
C ARG X 93 66.00 -1.01 -38.27
N THR X 94 65.38 0.17 -38.28
CA THR X 94 66.04 1.34 -38.87
C THR X 94 67.32 1.68 -38.14
N ALA X 95 67.29 1.65 -36.80
CA ALA X 95 68.47 1.99 -36.02
C ALA X 95 69.61 1.00 -36.28
N ILE X 96 69.27 -0.29 -36.40
CA ILE X 96 70.30 -1.31 -36.58
C ILE X 96 70.82 -1.32 -38.01
N VAL X 97 69.98 -0.96 -38.98
CA VAL X 97 70.43 -0.93 -40.37
C VAL X 97 71.01 0.44 -40.68
N SER X 98 71.07 1.30 -39.67
CA SER X 98 71.75 2.57 -39.81
C SER X 98 72.95 2.76 -38.88
N ALA X 99 73.17 1.86 -37.92
CA ALA X 99 74.15 2.15 -36.88
C ALA X 99 75.26 1.11 -36.70
N TYR X 100 74.96 -0.20 -36.76
CA TYR X 100 75.95 -1.19 -36.34
C TYR X 100 77.01 -1.40 -37.43
N GLY X 101 77.86 -2.41 -37.19
CA GLY X 101 78.75 -3.00 -38.17
C GLY X 101 79.47 -2.02 -39.08
N CYS X 102 79.68 -2.42 -40.33
CA CYS X 102 80.18 -1.47 -41.32
C CYS X 102 79.19 -1.26 -42.45
N SER X 103 78.88 -2.33 -43.19
CA SER X 103 77.98 -2.20 -44.34
C SER X 103 77.00 -3.35 -44.54
N ARG X 104 77.18 -4.50 -43.88
CA ARG X 104 76.41 -5.70 -44.15
C ARG X 104 75.23 -5.84 -43.20
N MET X 105 74.57 -4.72 -42.91
CA MET X 105 73.75 -4.59 -41.73
C MET X 105 72.48 -5.44 -41.82
N GLY X 106 71.62 -5.12 -42.78
CA GLY X 106 70.41 -5.91 -42.95
C GLY X 106 70.69 -7.30 -43.48
N ALA X 107 71.80 -7.45 -44.20
CA ALA X 107 72.19 -8.78 -44.68
C ALA X 107 72.48 -9.72 -43.51
N ARG X 108 73.24 -9.23 -42.53
CA ARG X 108 73.50 -10.00 -41.31
C ARG X 108 72.20 -10.24 -40.55
N LEU X 109 71.32 -9.23 -40.51
CA LEU X 109 70.03 -9.42 -39.85
C LEU X 109 69.22 -10.57 -40.47
N ILE X 110 69.06 -10.54 -41.79
CA ILE X 110 68.24 -11.55 -42.46
C ILE X 110 68.91 -12.91 -42.38
N ARG X 111 70.24 -12.94 -42.44
CA ARG X 111 70.96 -14.19 -42.25
C ARG X 111 70.69 -14.77 -40.88
N PHE X 112 70.70 -13.93 -39.84
CA PHE X 112 70.41 -14.43 -38.49
C PHE X 112 68.98 -14.93 -38.37
N SER X 113 68.03 -14.20 -38.98
CA SER X 113 66.64 -14.63 -38.90
C SER X 113 66.45 -15.98 -39.59
N GLU X 114 67.03 -16.13 -40.77
CA GLU X 114 66.96 -17.42 -41.47
C GLU X 114 67.68 -18.52 -40.69
N CYS X 115 68.77 -18.16 -40.01
CA CYS X 115 69.48 -19.15 -39.19
C CYS X 115 68.63 -19.61 -38.02
N LEU X 116 67.91 -18.69 -37.37
CA LEU X 116 67.01 -19.07 -36.29
C LEU X 116 65.87 -19.94 -36.79
N ARG X 117 65.30 -19.60 -37.95
CA ARG X 117 64.25 -20.43 -38.51
C ARG X 117 64.79 -21.82 -38.84
N ALA X 118 66.04 -21.89 -39.32
CA ALA X 118 66.68 -23.17 -39.53
C ALA X 118 66.88 -23.91 -38.21
N MET X 119 67.24 -23.18 -37.16
CA MET X 119 67.39 -23.78 -35.84
C MET X 119 66.10 -24.51 -35.45
N VAL X 120 64.97 -23.81 -35.53
CA VAL X 120 63.72 -24.41 -35.08
C VAL X 120 63.28 -25.54 -36.03
N GLN X 121 63.49 -25.37 -37.34
CA GLN X 121 62.98 -26.36 -38.28
C GLN X 121 63.83 -27.63 -38.27
N CYS X 122 65.11 -27.51 -37.93
CA CYS X 122 65.99 -28.68 -37.85
C CYS X 122 65.97 -29.36 -36.49
N HIS X 123 64.98 -29.04 -35.66
CA HIS X 123 64.70 -29.74 -34.41
C HIS X 123 65.79 -29.53 -33.37
N VAL X 124 66.86 -28.84 -33.73
CA VAL X 124 67.83 -28.34 -32.74
C VAL X 124 67.43 -26.90 -32.48
N PHE X 125 66.50 -26.73 -31.56
CA PHE X 125 65.81 -25.47 -31.41
C PHE X 125 66.80 -24.37 -31.01
N PRO X 126 66.61 -23.06 -31.40
CA PRO X 126 67.45 -22.00 -30.81
C PRO X 126 67.50 -21.89 -29.27
N HIS X 127 66.93 -22.81 -28.50
CA HIS X 127 67.12 -22.76 -27.06
C HIS X 127 68.44 -23.46 -26.68
N ARG X 128 68.73 -23.53 -25.38
CA ARG X 128 69.76 -24.36 -24.75
C ARG X 128 71.16 -23.85 -25.08
N PHE X 129 71.27 -22.91 -26.00
CA PHE X 129 72.47 -22.10 -26.11
C PHE X 129 72.03 -20.68 -25.86
N ILE X 130 72.89 -19.71 -26.14
CA ILE X 130 72.50 -18.36 -25.76
C ILE X 130 72.53 -18.23 -24.23
N SER X 131 73.70 -18.51 -23.63
CA SER X 131 73.91 -18.31 -22.20
C SER X 131 74.00 -16.83 -21.89
N PHE X 132 73.45 -16.42 -20.75
CA PHE X 132 73.48 -15.02 -20.37
C PHE X 132 74.91 -14.62 -20.00
N PHE X 133 75.38 -13.50 -20.54
CA PHE X 133 76.73 -13.05 -20.24
C PHE X 133 76.74 -12.03 -19.11
N GLY X 134 76.08 -10.90 -19.31
CA GLY X 134 76.13 -9.84 -18.33
C GLY X 134 75.26 -8.67 -18.73
N SER X 135 75.54 -7.53 -18.10
CA SER X 135 74.71 -6.35 -18.26
C SER X 135 75.41 -5.21 -18.98
N LEU X 136 76.58 -5.47 -19.57
CA LEU X 136 77.39 -4.46 -20.24
C LEU X 136 77.98 -3.45 -19.27
N LEU X 137 79.27 -3.18 -19.43
CA LEU X 137 80.01 -2.25 -18.56
C LEU X 137 80.93 -1.46 -19.48
N GLU X 138 81.97 -0.85 -18.90
CA GLU X 138 82.89 0.03 -19.62
C GLU X 138 83.50 -0.62 -20.86
N TYR X 139 83.32 -1.93 -21.02
CA TYR X 139 83.80 -2.75 -22.14
C TYR X 139 85.25 -2.49 -22.52
N THR X 140 85.70 -3.07 -23.63
CA THR X 140 87.04 -2.79 -24.12
C THR X 140 87.03 -2.37 -25.58
N ILE X 141 86.25 -3.07 -26.41
CA ILE X 141 86.26 -2.93 -27.86
C ILE X 141 87.69 -2.81 -28.37
N GLN X 142 88.43 -3.92 -28.32
CA GLN X 142 89.83 -3.94 -28.76
C GLN X 142 89.87 -4.45 -30.19
N ASP X 143 90.07 -3.53 -31.13
CA ASP X 143 90.11 -3.84 -32.56
C ASP X 143 88.86 -4.58 -32.99
N ASN X 144 88.99 -5.87 -33.32
CA ASN X 144 87.84 -6.72 -33.56
C ASN X 144 87.45 -7.56 -32.34
N LEU X 145 88.31 -7.62 -31.34
CA LEU X 145 87.99 -8.37 -30.13
C LEU X 145 87.10 -7.54 -29.22
N CYS X 146 86.05 -8.17 -28.70
CA CYS X 146 85.08 -7.50 -27.83
C CYS X 146 85.23 -8.05 -26.42
N ASN X 147 86.17 -7.48 -25.66
CA ASN X 147 86.34 -7.84 -24.25
C ASN X 147 85.44 -6.99 -23.36
N ILE X 148 84.14 -7.11 -23.58
CA ILE X 148 83.19 -6.28 -22.84
C ILE X 148 83.06 -6.82 -21.43
N THR X 149 83.33 -5.96 -20.45
CA THR X 149 83.01 -6.29 -19.06
C THR X 149 81.52 -6.14 -18.83
N ALA X 150 80.98 -6.95 -17.94
CA ALA X 150 79.54 -6.94 -17.71
C ALA X 150 79.22 -7.60 -16.38
N VAL X 151 78.21 -7.07 -15.70
CA VAL X 151 77.74 -7.62 -14.43
C VAL X 151 76.96 -8.90 -14.74
N ALA X 152 77.58 -10.05 -14.45
CA ALA X 152 76.93 -11.32 -14.73
C ALA X 152 75.74 -11.55 -13.80
N LYS X 153 75.99 -11.62 -12.50
CA LYS X 153 74.96 -11.78 -11.50
C LYS X 153 75.09 -10.66 -10.46
N GLY X 154 74.23 -10.70 -9.45
CA GLY X 154 74.28 -9.73 -8.39
C GLY X 154 73.58 -8.44 -8.75
N PRO X 155 73.65 -7.46 -7.85
CA PRO X 155 72.90 -6.21 -8.06
C PRO X 155 73.46 -5.37 -9.19
N GLN X 156 72.56 -4.66 -9.85
CA GLN X 156 72.92 -3.66 -10.85
C GLN X 156 73.25 -2.36 -10.11
N GLU X 157 73.61 -1.31 -10.85
CA GLU X 157 73.95 0.01 -10.30
C GLU X 157 74.86 -0.11 -9.08
N ALA X 158 75.70 -1.14 -9.09
CA ALA X 158 76.67 -1.36 -8.02
C ALA X 158 78.10 -1.32 -8.50
N ALA X 159 78.37 -1.47 -9.80
CA ALA X 159 79.70 -1.31 -10.35
C ALA X 159 80.00 0.18 -10.52
N ARG X 160 81.11 0.49 -11.17
CA ARG X 160 81.52 1.88 -11.36
C ARG X 160 82.00 2.09 -12.79
N THR X 161 81.18 2.77 -13.59
CA THR X 161 81.49 3.08 -14.97
C THR X 161 81.96 4.53 -15.05
N ASP X 162 83.23 4.72 -15.44
CA ASP X 162 83.79 6.06 -15.50
C ASP X 162 83.27 6.85 -16.68
N LYS X 163 83.02 6.20 -17.82
CA LYS X 163 82.60 6.89 -19.04
C LYS X 163 81.09 7.07 -19.07
N THR X 164 80.54 7.61 -17.99
CA THR X 164 79.12 7.91 -17.89
C THR X 164 78.95 9.17 -17.08
N SER X 165 77.81 9.84 -17.27
CA SER X 165 77.53 11.08 -16.55
C SER X 165 77.36 10.81 -15.06
N THR X 166 76.52 9.85 -14.71
CA THR X 166 76.20 9.55 -13.31
C THR X 166 77.02 8.41 -12.74
N ARG X 167 78.00 7.90 -13.48
CA ARG X 167 78.94 6.88 -13.04
C ARG X 167 78.27 5.53 -12.77
N ARG X 168 76.97 5.40 -13.05
CA ARG X 168 76.25 4.17 -12.83
C ARG X 168 75.39 3.88 -14.05
N VAL X 169 75.01 2.62 -14.22
CA VAL X 169 74.29 2.17 -15.40
C VAL X 169 73.05 1.40 -14.98
N THR X 170 72.07 1.37 -15.88
CA THR X 170 70.90 0.52 -15.74
C THR X 170 70.58 -0.10 -17.10
N ALA X 171 70.17 -1.36 -17.08
CA ALA X 171 69.84 -2.04 -18.30
C ALA X 171 68.56 -1.48 -18.91
N ASN X 172 68.49 -1.51 -20.23
CA ASN X 172 67.28 -1.10 -20.95
C ASN X 172 67.10 -1.98 -22.17
N ILE X 173 65.85 -2.08 -22.62
CA ILE X 173 65.46 -3.06 -23.63
C ILE X 173 64.43 -2.44 -24.56
N PRO X 174 64.51 -2.75 -25.85
CA PRO X 174 63.48 -2.29 -26.78
C PRO X 174 62.10 -2.78 -26.37
N ALA X 175 61.10 -1.94 -26.64
CA ALA X 175 59.74 -2.24 -26.21
C ALA X 175 59.21 -3.52 -26.84
N CYS X 176 59.82 -3.96 -27.94
CA CYS X 176 59.34 -5.16 -28.63
C CYS X 176 59.57 -6.40 -27.78
N VAL X 177 60.63 -6.42 -26.99
CA VAL X 177 61.00 -7.59 -26.21
C VAL X 177 60.50 -7.51 -24.77
N PHE X 178 59.52 -6.65 -24.52
CA PHE X 178 59.01 -6.42 -23.17
C PHE X 178 57.65 -7.08 -23.00
N TRP X 179 57.53 -7.92 -21.96
CA TRP X 179 56.26 -8.46 -21.50
C TRP X 179 56.12 -8.31 -19.99
N ASP X 180 54.94 -7.86 -19.57
CA ASP X 180 54.47 -7.96 -18.20
C ASP X 180 53.17 -8.76 -18.23
N VAL X 181 53.30 -10.09 -18.13
CA VAL X 181 52.13 -10.94 -18.28
C VAL X 181 51.15 -10.73 -17.12
N ASP X 182 51.64 -10.27 -15.96
CA ASP X 182 50.79 -10.11 -14.79
C ASP X 182 49.58 -9.24 -15.08
N LYS X 183 49.79 -8.10 -15.74
CA LYS X 183 48.61 -7.34 -16.17
C LYS X 183 47.87 -8.08 -17.26
N ASP X 184 48.58 -8.71 -18.20
CA ASP X 184 47.91 -9.45 -19.26
C ASP X 184 47.12 -10.63 -18.70
N LEU X 185 47.68 -11.34 -17.74
CA LEU X 185 46.88 -12.35 -17.05
C LEU X 185 46.07 -11.78 -15.90
N HIS X 186 46.30 -10.51 -15.53
CA HIS X 186 45.44 -9.77 -14.62
C HIS X 186 45.35 -10.44 -13.24
N LEU X 187 46.51 -10.73 -12.68
CA LEU X 187 46.65 -11.23 -11.30
C LEU X 187 47.81 -10.49 -10.68
N SER X 188 47.51 -9.64 -9.69
CA SER X 188 48.51 -8.92 -8.90
C SER X 188 49.31 -7.91 -9.72
N ALA X 189 49.90 -6.93 -9.03
CA ALA X 189 50.74 -5.93 -9.69
C ALA X 189 52.04 -5.74 -8.93
N ASP X 190 52.04 -6.03 -7.62
CA ASP X 190 53.18 -5.78 -6.76
C ASP X 190 53.87 -7.08 -6.38
N GLY X 191 55.00 -6.94 -5.68
CA GLY X 191 55.76 -8.05 -5.18
C GLY X 191 57.16 -8.06 -5.74
N LEU X 192 57.92 -9.09 -5.34
CA LEU X 192 59.24 -9.32 -5.88
C LEU X 192 59.06 -9.88 -7.29
N LYS X 193 59.72 -9.28 -8.26
CA LYS X 193 59.38 -9.48 -9.66
C LYS X 193 60.56 -10.18 -10.33
N HIS X 194 60.33 -11.39 -10.83
CA HIS X 194 61.38 -12.18 -11.45
C HIS X 194 61.55 -11.78 -12.92
N VAL X 195 62.75 -12.04 -13.44
CA VAL X 195 63.10 -11.72 -14.82
C VAL X 195 63.31 -13.03 -15.58
N PHE X 196 62.59 -13.19 -16.68
CA PHE X 196 62.64 -14.41 -17.47
C PHE X 196 63.07 -14.10 -18.90
N LEU X 197 63.79 -15.04 -19.50
CA LEU X 197 64.01 -15.09 -20.94
C LEU X 197 63.17 -16.21 -21.53
N VAL X 198 62.29 -15.85 -22.46
CA VAL X 198 61.32 -16.76 -23.04
C VAL X 198 61.61 -16.87 -24.53
N PHE X 199 61.58 -18.11 -25.04
CA PHE X 199 61.57 -18.37 -26.47
C PHE X 199 60.20 -18.90 -26.82
N VAL X 200 59.52 -18.26 -27.77
CA VAL X 200 58.25 -18.75 -28.30
C VAL X 200 58.50 -19.35 -29.68
N TYR X 201 57.95 -20.54 -29.93
CA TYR X 201 58.18 -21.19 -31.21
C TYR X 201 56.84 -21.30 -31.90
N THR X 202 56.85 -21.21 -33.22
CA THR X 202 55.65 -21.31 -34.03
C THR X 202 55.92 -22.33 -35.14
N GLN X 203 55.68 -23.59 -34.84
CA GLN X 203 55.71 -24.62 -35.88
C GLN X 203 54.61 -24.33 -36.89
N ARG X 204 54.90 -24.57 -38.17
CA ARG X 204 54.01 -24.27 -39.29
C ARG X 204 53.34 -22.90 -39.12
N ARG X 205 52.01 -22.86 -39.06
CA ARG X 205 51.26 -21.62 -38.92
C ARG X 205 51.59 -20.65 -40.03
N GLN X 206 51.46 -21.14 -41.27
CA GLN X 206 51.85 -20.39 -42.46
C GLN X 206 53.33 -19.99 -42.41
N ARG X 207 54.15 -20.91 -41.90
CA ARG X 207 55.61 -20.81 -41.96
C ARG X 207 56.13 -19.56 -41.24
N GLU X 208 55.90 -19.53 -39.93
CA GLU X 208 56.44 -18.46 -39.09
C GLU X 208 57.83 -18.85 -38.58
N GLY X 209 58.35 -18.06 -37.64
CA GLY X 209 59.65 -18.33 -37.07
C GLY X 209 59.63 -18.37 -35.54
N VAL X 210 60.70 -17.89 -34.92
CA VAL X 210 60.87 -17.99 -33.48
C VAL X 210 61.28 -16.62 -32.96
N ARG X 211 61.10 -16.41 -31.65
CA ARG X 211 61.13 -15.07 -31.09
C ARG X 211 61.72 -15.08 -29.68
N LEU X 212 62.34 -13.95 -29.31
CA LEU X 212 62.95 -13.75 -28.00
C LEU X 212 62.42 -12.50 -27.31
N HIS X 213 62.08 -12.67 -26.03
CA HIS X 213 61.49 -11.63 -25.20
C HIS X 213 61.97 -11.69 -23.76
N LEU X 214 61.52 -10.68 -23.01
CA LEU X 214 61.63 -10.63 -21.56
C LEU X 214 60.21 -10.74 -20.99
N ALA X 215 59.92 -11.85 -20.34
CA ALA X 215 58.69 -12.00 -19.59
C ALA X 215 58.96 -11.68 -18.13
N LEU X 216 58.19 -10.73 -17.61
CA LEU X 216 58.28 -10.34 -16.21
C LEU X 216 57.07 -10.93 -15.48
N SER X 217 57.33 -11.76 -14.48
CA SER X 217 56.26 -12.42 -13.75
C SER X 217 56.68 -12.68 -12.31
N GLN X 218 55.74 -12.57 -11.39
CA GLN X 218 55.97 -12.98 -10.01
C GLN X 218 55.77 -14.46 -9.81
N LEU X 219 55.42 -15.19 -10.86
CA LEU X 219 55.20 -16.63 -10.73
C LEU X 219 56.51 -17.37 -10.49
N ASN X 220 56.40 -18.57 -9.95
CA ASN X 220 57.55 -19.43 -9.70
C ASN X 220 58.26 -19.76 -11.00
N GLU X 221 59.54 -20.12 -10.87
CA GLU X 221 60.27 -20.67 -12.00
C GLU X 221 59.64 -21.98 -12.46
N GLN X 222 59.24 -22.84 -11.50
CA GLN X 222 58.44 -24.01 -11.84
C GLN X 222 57.12 -23.61 -12.45
N CYS X 223 56.48 -22.60 -11.89
CA CYS X 223 55.23 -22.07 -12.42
C CYS X 223 55.54 -21.27 -13.67
N PHE X 224 54.53 -20.58 -14.20
CA PHE X 224 54.66 -19.71 -15.37
C PHE X 224 54.87 -20.54 -16.62
N GLY X 225 55.13 -21.84 -16.46
CA GLY X 225 55.11 -22.73 -17.61
C GLY X 225 53.70 -22.93 -18.13
N ARG X 226 52.75 -23.16 -17.22
CA ARG X 226 51.35 -23.17 -17.61
C ARG X 226 50.92 -21.81 -18.16
N GLY X 227 51.45 -20.73 -17.59
CA GLY X 227 51.07 -19.41 -18.06
C GLY X 227 51.46 -19.16 -19.50
N ILE X 228 52.64 -19.67 -19.89
CA ILE X 228 53.02 -19.62 -21.30
C ILE X 228 52.18 -20.60 -22.11
N GLY X 229 51.95 -21.80 -21.57
CA GLY X 229 50.98 -22.69 -22.17
C GLY X 229 49.60 -22.06 -22.21
N PHE X 230 49.25 -21.30 -21.18
CA PHE X 230 48.12 -20.40 -21.23
C PHE X 230 48.37 -19.20 -22.14
N LEU X 231 47.26 -18.53 -22.51
CA LEU X 231 47.25 -17.25 -23.21
C LEU X 231 47.81 -17.41 -24.61
N LEU X 232 49.11 -17.71 -24.66
CA LEU X 232 49.72 -18.01 -25.93
C LEU X 232 49.09 -19.25 -26.55
N GLY X 233 48.88 -20.30 -25.73
CA GLY X 233 48.24 -21.50 -26.21
C GLY X 233 46.74 -21.41 -26.38
N ALA X 234 46.08 -20.52 -25.64
CA ALA X 234 44.66 -20.29 -25.82
C ALA X 234 44.36 -19.48 -27.08
N ARG X 235 45.34 -18.73 -27.58
CA ARG X 235 45.19 -17.96 -28.81
C ARG X 235 45.73 -18.79 -29.96
N ILE X 236 44.84 -19.60 -30.53
CA ILE X 236 45.20 -20.48 -31.65
C ILE X 236 43.93 -20.96 -32.35
N CYS X 237 52.93 -29.04 -29.04
CA CYS X 237 54.12 -29.60 -28.42
C CYS X 237 55.32 -28.70 -28.66
N MET X 238 56.27 -28.72 -27.71
CA MET X 238 57.50 -27.93 -27.75
C MET X 238 57.27 -26.52 -28.30
N TYR X 239 56.26 -25.86 -27.74
CA TYR X 239 55.88 -24.54 -28.18
C TYR X 239 56.76 -23.43 -27.61
N ALA X 240 57.43 -23.65 -26.49
CA ALA X 240 58.19 -22.57 -25.86
C ALA X 240 59.23 -23.13 -24.91
N ALA X 241 60.14 -22.25 -24.50
CA ALA X 241 61.19 -22.59 -23.53
C ALA X 241 61.61 -21.31 -22.83
N TYR X 242 61.72 -21.34 -21.51
CA TYR X 242 62.00 -20.15 -20.72
C TYR X 242 63.01 -20.43 -19.62
N THR X 243 63.64 -19.37 -19.13
CA THR X 243 64.65 -19.46 -18.08
C THR X 243 64.62 -18.23 -17.19
N LEU X 244 65.29 -18.33 -16.05
CA LEU X 244 65.38 -17.25 -15.07
C LEU X 244 66.79 -16.66 -15.07
N ILE X 245 66.87 -15.34 -15.13
CA ILE X 245 68.14 -14.64 -15.15
C ILE X 245 68.25 -13.61 -14.02
N GLY X 246 67.18 -12.89 -13.71
CA GLY X 246 67.29 -11.84 -12.71
C GLY X 246 66.06 -11.72 -11.84
N THR X 247 66.24 -11.03 -10.71
CA THR X 247 65.14 -10.76 -9.79
C THR X 247 65.13 -9.27 -9.46
N ILE X 248 63.94 -8.73 -9.22
CA ILE X 248 63.81 -7.32 -8.84
C ILE X 248 63.19 -7.26 -7.44
N PRO X 249 63.96 -6.96 -6.41
CA PRO X 249 63.43 -6.89 -5.05
C PRO X 249 62.81 -5.56 -4.67
N SER X 250 62.57 -4.66 -5.62
CA SER X 250 62.04 -3.36 -5.29
C SER X 250 60.58 -3.46 -4.83
N GLU X 251 60.03 -2.32 -4.44
CA GLU X 251 58.67 -2.29 -3.92
C GLU X 251 57.65 -2.53 -5.03
N SER X 252 57.60 -1.62 -5.99
CA SER X 252 56.71 -1.76 -7.14
C SER X 252 57.55 -1.59 -8.40
N VAL X 253 57.26 -2.41 -9.41
CA VAL X 253 58.03 -2.34 -10.64
C VAL X 253 57.81 -0.99 -11.32
N ARG X 254 58.90 -0.35 -11.69
CA ARG X 254 58.87 0.97 -12.28
C ARG X 254 59.60 0.93 -13.62
N TYR X 255 58.91 1.34 -14.67
CA TYR X 255 59.44 1.29 -16.03
C TYR X 255 59.56 2.71 -16.57
N THR X 256 60.29 2.84 -17.67
CA THR X 256 60.47 4.15 -18.30
C THR X 256 60.47 3.96 -19.81
N ARG X 257 59.33 4.20 -20.45
CA ARG X 257 59.23 4.16 -21.89
C ARG X 257 59.80 5.40 -22.55
N ARG X 258 60.63 6.15 -21.82
CA ARG X 258 61.17 7.40 -22.33
C ARG X 258 61.96 7.16 -23.60
N MET X 259 61.78 8.08 -24.54
CA MET X 259 62.53 8.06 -25.78
C MET X 259 64.04 8.08 -25.57
N GLU X 260 64.74 7.16 -26.23
CA GLU X 260 66.18 6.97 -26.07
C GLU X 260 66.89 7.05 -27.42
N ARG X 261 67.81 8.00 -27.54
CA ARG X 261 68.55 8.22 -28.79
C ARG X 261 69.65 7.17 -28.90
N PHE X 262 69.42 6.17 -29.75
CA PHE X 262 70.28 5.00 -29.81
C PHE X 262 71.49 5.22 -30.71
N GLY X 263 71.24 5.42 -32.01
CA GLY X 263 72.30 5.59 -32.98
C GLY X 263 71.96 6.60 -34.06
N GLY X 264 71.12 7.57 -33.75
CA GLY X 264 70.59 8.49 -34.73
C GLY X 264 69.13 8.27 -35.07
N TYR X 265 68.47 7.33 -34.41
CA TYR X 265 67.06 7.07 -34.67
C TYR X 265 66.34 6.72 -33.38
N ASN X 266 65.03 6.57 -33.51
CA ASN X 266 64.16 6.42 -32.36
C ASN X 266 63.97 4.97 -31.95
N VAL X 267 64.30 4.66 -30.69
CA VAL X 267 64.11 3.35 -30.07
C VAL X 267 63.42 3.53 -28.71
N PRO X 268 62.25 2.92 -28.50
CA PRO X 268 61.59 3.01 -27.18
C PRO X 268 62.09 2.00 -26.15
N THR X 269 63.16 2.34 -25.43
CA THR X 269 63.68 1.46 -24.40
C THR X 269 62.77 1.46 -23.17
N ILE X 270 62.93 0.43 -22.33
CA ILE X 270 62.03 0.23 -21.19
C ILE X 270 62.65 0.80 -19.91
N TRP X 271 63.98 0.74 -19.79
CA TRP X 271 64.70 1.37 -18.69
C TRP X 271 64.23 0.84 -17.33
N LEU X 272 64.51 -0.44 -17.10
CA LEU X 272 64.30 -0.99 -15.76
C LEU X 272 65.30 -0.38 -14.78
N GLU X 273 64.89 -0.28 -13.52
CA GLU X 273 65.70 0.33 -12.48
C GLU X 273 65.81 -0.63 -11.30
N GLY X 274 67.02 -0.81 -10.80
CA GLY X 274 67.23 -1.62 -9.61
C GLY X 274 66.96 -3.09 -9.81
N VAL X 275 67.80 -3.77 -10.58
CA VAL X 275 67.66 -5.20 -10.84
C VAL X 275 68.86 -5.91 -10.23
N VAL X 276 68.65 -7.15 -9.79
CA VAL X 276 69.73 -7.99 -9.28
C VAL X 276 69.78 -9.24 -10.15
N TRP X 277 70.89 -9.39 -10.87
CA TRP X 277 71.01 -10.49 -11.82
C TRP X 277 71.43 -11.76 -11.09
N GLY X 278 71.12 -12.90 -11.71
CA GLY X 278 71.43 -14.18 -11.13
C GLY X 278 71.03 -15.35 -12.02
N GLY X 279 70.37 -16.34 -11.44
CA GLY X 279 69.86 -17.45 -12.21
C GLY X 279 70.89 -18.56 -12.40
N THR X 280 70.40 -19.72 -12.83
CA THR X 280 71.23 -20.90 -13.01
C THR X 280 71.20 -21.43 -14.43
N ASN X 281 70.68 -20.65 -15.38
CA ASN X 281 70.76 -20.94 -16.81
C ASN X 281 70.27 -22.35 -17.13
N THR X 282 69.12 -22.70 -16.55
CA THR X 282 68.42 -23.93 -16.88
C THR X 282 67.14 -23.54 -17.62
N TRP X 283 66.99 -24.02 -18.85
CA TRP X 283 65.91 -23.55 -19.71
C TRP X 283 64.75 -24.53 -19.61
N ASN X 284 63.72 -24.13 -18.86
CA ASN X 284 62.51 -24.94 -18.73
C ASN X 284 61.77 -24.95 -20.07
N GLU X 285 61.75 -26.10 -20.73
CA GLU X 285 61.12 -26.26 -22.03
C GLU X 285 59.75 -26.88 -21.84
N CYS X 286 58.73 -26.24 -22.39
CA CYS X 286 57.36 -26.73 -22.28
C CYS X 286 56.83 -27.21 -23.62
#